data_8FNW
#
_entry.id   8FNW
#
_cell.length_a   1.00
_cell.length_b   1.00
_cell.length_c   1.00
_cell.angle_alpha   90.00
_cell.angle_beta   90.00
_cell.angle_gamma   90.00
#
_symmetry.space_group_name_H-M   'P 1'
#
loop_
_entity.id
_entity.type
_entity.pdbx_description
1 polymer 'Adenosine deaminase'
2 polymer 'Archaeal ATPase'
3 non-polymer 'ZINC ION'
#
loop_
_entity_poly.entity_id
_entity_poly.type
_entity_poly.pdbx_seq_one_letter_code
_entity_poly.pdbx_strand_id
1 'polypeptide(L)'
;MERFLLNSTVLLYRLSTVSLDEVSLDERVESSVFLAQYEQARSLPDHVAKSAWSYLVQQIKQRNMKLGPVAILRLIAEKF
IKNEKGGPKIDLPMFSEWQTLMSRVSCLPIIACHQVFNPGPASQEYSFRWPLYPYHPTVEDYITRECLHETHQHLNGSTS
AEECWLDALKHPEACLRDFEKGWASQEMKQLCAQIDPSLTPRIFKDRLQIACNIREILCRVAQGVELPEWIASMQNPQQL
ANSTILHNGREYGFATVWPIDDKYSQESEFCWLTGLLEKWRFNAPEGLERLLWIYLLIQNQYLTLLVQRDDFFGFEQFQN
YTMTELREETEKSYLSRFKHAHGAGVYSQVRYLEGRFAPKSDPNKMQKLLFSVLRGYWEYLSAHMSMEWVHEKPLTISQV
LDNLELVEPHGKCVELALVPHFIKRKPKNGEAYPHALLFKDLKNQAAILMDMLKSEPRLTGWIRGVDAAANEMHAPPELF
CPLFRVLAKSGIAHFTYHVGEDFPHLISGIRSIDDALRFLPLRNGDRLGHCTAIGITPSIWKRSLPLSLSMTKETRLLDL
VFIWRELRSHPELLRYASDAAIEAVRLAHKVFSLEEEVSITTLDQVFEMRGLLAESEGLLSELNEPLKPKSLWLEEYERA
RELVKTTGMKRPLKLYKQWLTSDNVRKQRAEYVEVALEYLPDEAVVALQQAVMAKMADRNIAIECPPTSNTRISQYRNVS
EHHIFRWMGLPGEAIEGDVPMSICLGSDDPGIFAADLKSEFYHLFVVLTRKFGLSPADALRKVAEVNENGRIYRFHDVS
;
A,B,C,D,E,F,G,H,I,J,K,L
2 'polypeptide(L)'
;MTDSVQTETTKGKIIINLFAPNLSGSTKEDDLIQKSLRDQLVESIRNSIAYPDTDKFAGLTRFIDEPGRNVFFVDGTRGA
GKTTFINSVVKSLNSDQDDVKVNIKCLPTIDPTKLPRHEPILVTVTARLNKMVSDKLKGYWASNDYRKQKEQWQNHLAQL
QRGLHLLTDKEYKPEYFSDALKLDAQLDYSIGGQDLSEIFEELVKRACEILDCKAILITFDDIDTQFDAGWDVLESIRKF
FNSRKLVVVATGDLRLYSQLIRGKQYENYSKTLLEQEKESVRLAERGYMVEHLEQQYLLKLFPVQKRIQLKTMLQLVGEK
GKAGKEEIKVKTEPSMQDIDAIDVRQAIGDAVREGLNLREGSDADMYVNELLKQPVRLLMQVLQDFYTKKYHATSVKLDG
KQSRNERPDELSVPNLLRNALYGSMLSNIYRAGLNYEQHRFGMDSLCKDIFTYVKQDRDFNTGFYLRPQSESEALRNCSI
YLASQVSENCQGSLSKFLQMLLVGCGSVSIFNQFVTELARAENDREKFEQLISEYVAYMSVGRIESASHWANRCCAVVAN
SPNDEKIGVFLGMVQLNRKSRQNMPEGYKKFNIDTENGLAKAAMASSLSTVASNNLMDFCSVFNLIGAIADISACRCERS
AITNAFNKVIAQTTCIVPPWSEAAVRAEMKGSSKSADNDAAVLDVDLDPKDDGVIDESQQDDATEFSDAITKVEQWLKNV
NEIEIGIRPSALLIGKVWSRFYFNLNNVADQHKTRLYRNAEHGRMASQSNAAKIMRFNVLAFLHAVLVEESLYHSVSDRE
YIGEGLRLNPVTSVDEFEKKIKIIGEKLKADNKTWKNTHPLFFLLISCPILHPFIFPIGGINCSVKALNKETSFNKLIDE
IVGDKLLSDEEWDYLTKNNDQKTNTRQQIFQNTITSLNSSTIVGASYDKDTPARKTKSPSLGDSEEK
;
M,N,O,P,Q,R,S
#
loop_
_chem_comp.id
_chem_comp.type
_chem_comp.name
_chem_comp.formula
ZN non-polymer 'ZINC ION' 'Zn 2'
#
# COMPACT_ATOMS: atom_id res chain seq x y z
N MET A 1 5.46 57.12 56.95
CA MET A 1 6.14 58.34 56.42
C MET A 1 6.07 59.49 57.42
N GLU A 2 5.10 59.39 58.34
CA GLU A 2 4.87 60.45 59.31
C GLU A 2 6.17 60.98 59.90
N ARG A 3 7.07 60.07 60.27
CA ARG A 3 8.31 60.49 60.92
C ARG A 3 9.13 61.42 60.04
N PHE A 4 8.80 61.55 58.75
CA PHE A 4 9.37 62.66 57.99
C PHE A 4 9.00 64.02 58.58
N LEU A 5 7.71 64.27 58.81
CA LEU A 5 7.26 65.55 59.31
C LEU A 5 7.87 65.89 60.66
N LEU A 6 8.49 64.92 61.33
CA LEU A 6 9.18 65.15 62.58
C LEU A 6 10.69 65.13 62.44
N ASN A 7 11.21 64.52 61.37
CA ASN A 7 12.65 64.46 61.12
C ASN A 7 12.85 64.81 59.65
N SER A 8 13.29 66.03 59.38
CA SER A 8 13.46 66.47 58.00
C SER A 8 14.41 67.66 57.97
N THR A 9 15.55 67.50 57.31
CA THR A 9 16.53 68.58 57.22
C THR A 9 16.03 69.70 56.30
N VAL A 10 15.52 69.35 55.12
CA VAL A 10 15.04 70.37 54.20
C VAL A 10 13.85 71.11 54.78
N LEU A 11 12.90 70.36 55.37
CA LEU A 11 11.79 71.01 56.05
C LEU A 11 12.29 71.89 57.17
N LEU A 12 13.33 71.44 57.88
CA LEU A 12 13.91 72.27 58.93
C LEU A 12 14.37 73.61 58.37
N TYR A 13 15.16 73.57 57.29
CA TYR A 13 15.57 74.82 56.64
C TYR A 13 14.37 75.68 56.31
N ARG A 14 13.39 75.09 55.63
CA ARG A 14 12.30 75.87 55.07
C ARG A 14 11.48 76.53 56.17
N LEU A 15 11.15 75.76 57.21
CA LEU A 15 10.37 76.32 58.31
C LEU A 15 11.16 77.37 59.08
N SER A 16 12.44 77.12 59.35
CA SER A 16 13.26 78.10 60.05
C SER A 16 13.49 79.36 59.22
N THR A 17 13.37 79.27 57.90
CA THR A 17 13.66 80.41 57.02
C THR A 17 12.44 81.24 56.67
N VAL A 18 11.27 80.61 56.50
CA VAL A 18 10.07 81.37 56.17
C VAL A 18 9.57 82.10 57.41
N SER A 19 8.90 83.23 57.17
CA SER A 19 8.38 84.03 58.27
C SER A 19 7.23 83.31 58.97
N LEU A 20 6.88 83.82 60.15
CA LEU A 20 5.89 83.16 61.00
C LEU A 20 4.45 83.47 60.61
N ASP A 21 4.19 84.60 59.94
CA ASP A 21 2.84 84.95 59.50
C ASP A 21 2.62 84.60 58.03
N GLU A 22 3.46 83.74 57.45
CA GLU A 22 3.32 83.39 56.05
C GLU A 22 2.03 82.62 55.79
N VAL A 23 1.79 81.55 56.56
CA VAL A 23 0.61 80.73 56.39
C VAL A 23 0.64 80.05 55.03
N SER A 24 -0.09 78.94 54.88
CA SER A 24 -0.27 78.25 53.60
C SER A 24 1.07 77.78 53.03
N LEU A 25 1.68 76.83 53.75
CA LEU A 25 2.92 76.20 53.33
C LEU A 25 2.72 74.72 53.00
N ASP A 26 1.49 74.31 52.69
CA ASP A 26 1.19 72.89 52.51
C ASP A 26 2.00 72.28 51.39
N GLU A 27 2.04 72.97 50.24
CA GLU A 27 2.75 72.42 49.09
C GLU A 27 4.23 72.24 49.40
N ARG A 28 4.84 73.22 50.06
CA ARG A 28 6.26 73.12 50.34
C ARG A 28 6.55 72.06 51.40
N VAL A 29 5.65 71.89 52.37
CA VAL A 29 5.83 70.79 53.32
C VAL A 29 5.77 69.45 52.59
N GLU A 30 4.83 69.30 51.66
CA GLU A 30 4.72 68.06 50.90
C GLU A 30 5.97 67.82 50.07
N SER A 31 6.47 68.86 49.40
CA SER A 31 7.66 68.71 48.57
C SER A 31 8.87 68.38 49.43
N SER A 32 8.99 69.02 50.59
CA SER A 32 10.04 68.68 51.53
C SER A 32 9.94 67.22 51.95
N VAL A 33 8.72 66.72 52.15
CA VAL A 33 8.54 65.31 52.50
C VAL A 33 9.05 64.42 51.39
N PHE A 34 8.73 64.77 50.14
CA PHE A 34 9.20 63.95 49.03
C PHE A 34 10.72 63.99 48.90
N LEU A 35 11.33 65.15 49.14
CA LEU A 35 12.80 65.21 49.13
C LEU A 35 13.37 64.37 50.26
N ALA A 36 12.75 64.42 51.44
CA ALA A 36 13.23 63.65 52.57
C ALA A 36 13.18 62.16 52.28
N GLN A 37 12.08 61.68 51.69
CA GLN A 37 12.02 60.27 51.32
C GLN A 37 13.04 59.94 50.24
N TYR A 38 13.22 60.83 49.25
CA TYR A 38 14.22 60.57 48.23
C TYR A 38 15.59 60.39 48.86
N GLU A 39 15.89 61.19 49.88
CA GLU A 39 17.18 61.06 50.55
C GLU A 39 17.24 59.80 51.40
N GLN A 40 16.20 59.54 52.19
CA GLN A 40 16.25 58.52 53.23
C GLN A 40 15.86 57.15 52.71
N ALA A 41 14.61 57.02 52.28
CA ALA A 41 14.07 55.77 51.75
C ALA A 41 14.00 55.93 50.24
N ARG A 42 15.14 55.72 49.58
CA ARG A 42 15.19 55.88 48.14
C ARG A 42 14.35 54.83 47.43
N SER A 43 14.29 53.62 47.97
CA SER A 43 13.62 52.49 47.34
C SER A 43 12.12 52.71 47.13
N LEU A 44 11.49 53.60 47.89
CA LEU A 44 10.06 53.80 47.73
C LEU A 44 9.77 54.22 46.31
N PRO A 45 8.82 53.59 45.62
CA PRO A 45 8.77 53.71 44.16
C PRO A 45 8.03 54.94 43.65
N ASP A 46 8.31 56.10 44.24
CA ASP A 46 7.94 57.36 43.61
C ASP A 46 6.45 57.60 43.53
N HIS A 47 5.62 56.61 43.90
CA HIS A 47 4.17 56.78 43.82
C HIS A 47 3.53 56.45 45.16
N VAL A 48 4.15 55.53 45.89
CA VAL A 48 3.67 55.24 47.24
C VAL A 48 3.70 56.50 48.07
N ALA A 49 4.70 57.35 47.85
CA ALA A 49 4.80 58.60 48.60
C ALA A 49 3.61 59.50 48.32
N LYS A 50 3.30 59.73 47.05
CA LYS A 50 2.17 60.60 46.72
C LYS A 50 0.88 60.03 47.26
N SER A 51 0.70 58.71 47.13
CA SER A 51 -0.53 58.10 47.64
C SER A 51 -0.64 58.29 49.15
N ALA A 52 0.42 57.93 49.88
CA ALA A 52 0.38 58.02 51.33
C ALA A 52 0.18 59.46 51.79
N TRP A 53 0.74 60.42 51.06
CA TRP A 53 0.53 61.81 51.45
C TRP A 53 -0.91 62.23 51.22
N SER A 54 -1.48 61.87 50.07
CA SER A 54 -2.89 62.13 49.84
C SER A 54 -3.71 61.59 51.00
N TYR A 55 -3.39 60.38 51.45
CA TYR A 55 -4.03 59.84 52.64
C TYR A 55 -3.83 60.75 53.84
N LEU A 56 -2.59 60.91 54.31
CA LEU A 56 -2.34 61.67 55.51
C LEU A 56 -3.16 62.95 55.51
N VAL A 57 -3.10 63.70 54.40
CA VAL A 57 -3.87 64.93 54.33
C VAL A 57 -5.36 64.65 54.41
N GLN A 58 -5.80 63.54 53.80
CA GLN A 58 -7.23 63.22 53.82
C GLN A 58 -7.71 62.96 55.24
N GLN A 59 -6.96 62.16 56.00
CA GLN A 59 -7.34 61.91 57.39
C GLN A 59 -7.33 63.20 58.19
N ILE A 60 -6.32 64.04 57.98
CA ILE A 60 -6.27 65.31 58.69
C ILE A 60 -7.55 66.10 58.44
N LYS A 61 -7.95 66.21 57.18
CA LYS A 61 -9.13 67.00 56.86
C LYS A 61 -10.41 66.31 57.34
N GLN A 62 -10.45 64.98 57.32
CA GLN A 62 -11.60 64.29 57.91
C GLN A 62 -11.76 64.68 59.37
N ARG A 63 -10.68 64.57 60.15
CA ARG A 63 -10.73 64.93 61.56
C ARG A 63 -10.78 66.44 61.75
N ASN A 64 -10.76 67.21 60.66
CA ASN A 64 -11.07 68.63 60.71
C ASN A 64 -9.96 69.40 61.42
N MET A 65 -8.72 68.99 61.18
CA MET A 65 -7.57 69.48 61.90
C MET A 65 -6.51 69.95 60.91
N LYS A 66 -5.50 70.63 61.43
CA LYS A 66 -4.45 71.21 60.61
C LYS A 66 -3.21 70.32 60.63
N LEU A 67 -2.48 70.32 59.51
CA LEU A 67 -1.17 69.68 59.48
C LEU A 67 -0.33 70.28 60.58
N GLY A 68 -0.02 69.50 61.61
CA GLY A 68 0.63 70.03 62.77
C GLY A 68 1.32 68.98 63.60
N PRO A 69 2.09 69.42 64.60
CA PRO A 69 2.73 68.45 65.49
C PRO A 69 1.70 67.63 66.21
N VAL A 70 0.67 68.30 66.71
CA VAL A 70 -0.41 67.61 67.39
C VAL A 70 -1.11 66.65 66.43
N ALA A 71 -1.27 67.05 65.17
CA ALA A 71 -1.92 66.15 64.21
C ALA A 71 -1.10 64.88 64.02
N ILE A 72 0.18 65.02 63.71
CA ILE A 72 0.99 63.85 63.42
C ILE A 72 1.14 62.98 64.66
N LEU A 73 1.38 63.61 65.81
CA LEU A 73 1.52 62.85 67.05
C LEU A 73 0.23 62.14 67.41
N ARG A 74 -0.92 62.78 67.19
CA ARG A 74 -2.19 62.13 67.44
C ARG A 74 -2.35 60.89 66.57
N LEU A 75 -2.07 61.04 65.28
CA LEU A 75 -2.17 59.89 64.39
C LEU A 75 -1.25 58.77 64.86
N ILE A 76 -0.01 59.12 65.21
CA ILE A 76 0.97 58.12 65.62
C ILE A 76 0.52 57.42 66.90
N ALA A 77 0.08 58.19 67.89
CA ALA A 77 -0.33 57.59 69.16
C ALA A 77 -1.53 56.68 68.96
N GLU A 78 -2.54 57.16 68.24
CA GLU A 78 -3.69 56.32 67.94
C GLU A 78 -3.26 55.04 67.25
N LYS A 79 -2.30 55.13 66.33
CA LYS A 79 -1.87 53.95 65.58
C LYS A 79 -1.09 52.96 66.43
N PHE A 80 -0.22 53.45 67.31
CA PHE A 80 0.74 52.60 68.00
C PHE A 80 0.38 52.30 69.45
N ILE A 81 0.16 53.31 70.26
CA ILE A 81 0.18 53.15 71.71
C ILE A 81 -1.22 52.88 72.22
N LYS A 82 -1.36 51.86 73.06
CA LYS A 82 -2.60 51.56 73.74
C LYS A 82 -2.38 51.54 75.25
N ASN A 83 -3.41 51.88 76.03
CA ASN A 83 -3.35 51.80 77.48
C ASN A 83 -3.93 50.45 77.91
N GLU A 84 -3.14 49.68 78.63
CA GLU A 84 -3.53 48.34 79.02
C GLU A 84 -2.98 48.04 80.40
N LYS A 85 -3.81 47.39 81.23
CA LYS A 85 -3.36 46.91 82.53
C LYS A 85 -2.86 48.07 83.39
N GLY A 86 -1.62 48.48 83.19
CA GLY A 86 -0.65 49.46 83.66
C GLY A 86 -0.07 50.31 82.56
N GLY A 87 -0.38 51.60 82.58
CA GLY A 87 0.27 52.56 81.73
C GLY A 87 0.08 52.30 80.25
N PRO A 88 0.52 53.24 79.44
CA PRO A 88 0.48 53.04 77.98
C PRO A 88 1.46 51.96 77.54
N LYS A 89 1.13 51.30 76.44
CA LYS A 89 1.96 50.21 75.94
C LYS A 89 1.89 50.19 74.41
N ILE A 90 2.70 49.32 73.84
CA ILE A 90 2.86 49.23 72.40
C ILE A 90 2.32 47.88 71.93
N ASP A 91 1.46 47.92 70.91
CA ASP A 91 0.87 46.69 70.39
C ASP A 91 1.96 45.72 69.96
N LEU A 92 1.78 44.46 70.31
CA LEU A 92 2.76 43.45 69.94
C LEU A 92 3.05 43.47 68.44
N PRO A 93 2.06 43.44 67.55
CA PRO A 93 2.38 43.44 66.12
C PRO A 93 3.15 44.67 65.67
N MET A 94 2.87 45.83 66.25
CA MET A 94 3.45 47.09 65.80
C MET A 94 4.76 47.43 66.49
N PHE A 95 5.26 46.57 67.38
CA PHE A 95 6.41 46.95 68.18
C PHE A 95 7.65 47.19 67.33
N SER A 96 7.90 46.31 66.36
CA SER A 96 9.09 46.47 65.52
C SER A 96 9.02 47.76 64.72
N GLU A 97 7.85 48.06 64.15
CA GLU A 97 7.69 49.30 63.40
C GLU A 97 7.87 50.49 64.31
N TRP A 98 7.33 50.42 65.51
CA TRP A 98 7.55 51.48 66.49
C TRP A 98 9.03 51.67 66.78
N GLN A 99 9.78 50.58 66.82
CA GLN A 99 11.24 50.69 66.97
C GLN A 99 11.86 51.38 65.77
N THR A 100 11.39 51.03 64.57
CA THR A 100 11.89 51.70 63.37
C THR A 100 11.65 53.20 63.46
N LEU A 101 10.45 53.60 63.87
CA LEU A 101 10.15 55.02 64.05
C LEU A 101 11.03 55.63 65.12
N MET A 102 11.25 54.91 66.22
CA MET A 102 12.19 55.37 67.24
C MET A 102 13.55 55.67 66.64
N SER A 103 13.97 54.87 65.67
CA SER A 103 15.24 55.11 64.97
C SER A 103 15.29 56.49 64.34
N ARG A 104 14.18 57.22 64.29
CA ARG A 104 14.12 58.52 63.65
C ARG A 104 13.52 59.62 64.53
N VAL A 105 12.76 59.27 65.56
CA VAL A 105 11.92 60.23 66.27
C VAL A 105 12.05 60.06 67.77
N SER A 106 11.78 61.15 68.50
CA SER A 106 11.69 61.11 69.95
C SER A 106 10.26 60.79 70.38
N CYS A 107 10.16 59.96 71.42
CA CYS A 107 8.87 59.44 71.86
C CYS A 107 8.20 60.29 72.93
N LEU A 108 8.91 61.23 73.55
CA LEU A 108 8.27 62.05 74.58
C LEU A 108 7.08 62.82 74.02
N PRO A 109 7.19 63.51 72.88
CA PRO A 109 6.00 64.20 72.34
C PRO A 109 4.86 63.25 72.06
N ILE A 110 5.17 62.09 71.51
CA ILE A 110 4.13 61.12 71.17
C ILE A 110 3.42 60.66 72.43
N ILE A 111 4.18 60.38 73.49
CA ILE A 111 3.61 59.89 74.73
C ILE A 111 2.72 60.96 75.36
N ALA A 112 3.20 62.20 75.35
CA ALA A 112 2.37 63.27 75.89
C ALA A 112 1.07 63.42 75.11
N CYS A 113 1.15 63.35 73.78
CA CYS A 113 -0.05 63.45 72.97
C CYS A 113 -1.01 62.32 73.29
N HIS A 114 -0.49 61.11 73.42
CA HIS A 114 -1.33 59.99 73.83
C HIS A 114 -2.02 60.29 75.14
N GLN A 115 -1.25 60.66 76.17
CA GLN A 115 -1.87 60.88 77.47
C GLN A 115 -2.97 61.93 77.38
N VAL A 116 -2.71 63.03 76.69
CA VAL A 116 -3.67 64.13 76.68
C VAL A 116 -4.93 63.73 75.94
N PHE A 117 -4.80 63.10 74.77
CA PHE A 117 -5.94 62.89 73.90
C PHE A 117 -6.67 61.57 74.15
N ASN A 118 -6.08 60.65 74.89
CA ASN A 118 -6.77 59.41 75.22
C ASN A 118 -6.19 58.82 76.48
N PRO A 119 -6.22 59.54 77.59
CA PRO A 119 -5.64 59.03 78.83
C PRO A 119 -6.36 57.76 79.29
N GLY A 120 -5.59 56.89 79.92
CA GLY A 120 -6.14 55.69 80.50
C GLY A 120 -6.98 56.01 81.71
N PRO A 121 -7.26 55.01 82.54
CA PRO A 121 -8.04 55.27 83.76
C PRO A 121 -7.36 56.32 84.61
N ALA A 122 -8.17 57.23 85.17
CA ALA A 122 -7.66 58.25 86.05
C ALA A 122 -7.49 57.70 87.46
N SER A 123 -6.80 56.57 87.57
CA SER A 123 -6.55 55.95 88.86
C SER A 123 -5.08 55.61 89.09
N GLN A 124 -4.30 55.35 88.04
CA GLN A 124 -2.86 55.18 88.14
C GLN A 124 -2.23 56.51 87.73
N GLU A 125 -1.75 57.26 88.71
CA GLU A 125 -0.97 58.45 88.41
C GLU A 125 0.27 58.01 87.63
N TYR A 126 0.32 58.32 86.34
CA TYR A 126 1.44 57.90 85.52
C TYR A 126 2.60 58.87 85.68
N SER A 127 3.80 58.32 85.86
CA SER A 127 5.03 59.08 85.82
C SER A 127 5.78 58.70 84.55
N PHE A 128 6.38 59.69 83.90
CA PHE A 128 7.06 59.43 82.64
C PHE A 128 8.09 58.33 82.78
N ARG A 129 8.07 57.39 81.84
CA ARG A 129 9.05 56.33 81.77
C ARG A 129 9.32 56.03 80.31
N TRP A 130 10.58 55.98 79.94
CA TRP A 130 10.94 55.65 78.57
C TRP A 130 11.74 54.36 78.53
N PRO A 131 11.68 53.61 77.42
CA PRO A 131 10.77 53.82 76.29
C PRO A 131 9.40 53.21 76.58
N LEU A 132 8.46 53.34 75.66
CA LEU A 132 7.20 52.62 75.77
C LEU A 132 7.43 51.16 75.41
N TYR A 133 6.49 50.30 75.78
CA TYR A 133 6.72 48.87 75.68
C TYR A 133 5.45 48.12 75.30
N PRO A 134 5.58 46.92 74.75
CA PRO A 134 4.43 46.02 74.60
C PRO A 134 4.23 45.21 75.86
N TYR A 135 3.17 44.40 75.84
CA TYR A 135 2.80 43.56 76.97
C TYR A 135 2.67 42.10 76.55
N HIS A 136 3.29 41.22 77.30
CA HIS A 136 2.96 39.81 77.23
C HIS A 136 3.09 39.20 78.62
N PRO A 137 2.02 38.58 79.14
CA PRO A 137 2.08 38.09 80.53
C PRO A 137 3.18 37.07 80.75
N THR A 138 3.44 36.20 79.78
CA THR A 138 4.51 35.22 79.94
C THR A 138 5.84 35.92 80.11
N VAL A 139 6.10 36.92 79.27
CA VAL A 139 7.34 37.68 79.37
C VAL A 139 7.42 38.40 80.70
N GLU A 140 6.30 39.00 81.14
CA GLU A 140 6.32 39.74 82.38
C GLU A 140 6.62 38.83 83.56
N ASP A 141 5.99 37.67 83.60
CA ASP A 141 6.27 36.72 84.67
C ASP A 141 7.71 36.24 84.61
N TYR A 142 8.23 36.03 83.39
CA TYR A 142 9.61 35.60 83.26
C TYR A 142 10.57 36.64 83.83
N ILE A 143 10.37 37.90 83.47
CA ILE A 143 11.25 38.95 83.97
C ILE A 143 11.11 39.06 85.48
N THR A 144 9.88 38.91 86.00
CA THR A 144 9.69 38.93 87.44
C THR A 144 10.49 37.83 88.11
N ARG A 145 10.43 36.62 87.56
CA ARG A 145 11.13 35.48 88.15
C ARG A 145 12.65 35.66 88.09
N GLU A 146 13.18 35.93 86.90
CA GLU A 146 14.62 35.89 86.70
C GLU A 146 15.27 37.25 86.49
N CYS A 147 14.50 38.28 86.16
CA CYS A 147 15.07 39.58 85.88
C CYS A 147 16.03 39.49 84.70
N LEU A 148 16.53 40.64 84.24
CA LEU A 148 17.34 40.69 83.03
C LEU A 148 18.79 40.99 83.41
N HIS A 149 19.70 40.83 82.45
CA HIS A 149 21.12 40.90 82.70
C HIS A 149 21.82 41.65 81.57
N GLU A 150 22.44 42.78 81.91
CA GLU A 150 23.09 43.65 80.93
C GLU A 150 24.59 43.39 80.89
N THR A 151 25.12 43.23 79.69
CA THR A 151 26.54 42.97 79.48
C THR A 151 27.17 43.89 78.43
N HIS A 152 26.36 44.53 77.59
CA HIS A 152 26.88 45.38 76.52
C HIS A 152 26.16 46.73 76.60
N GLN A 153 26.77 47.68 77.31
CA GLN A 153 26.26 49.05 77.40
C GLN A 153 27.45 49.97 77.18
N HIS A 154 27.75 50.26 75.91
CA HIS A 154 28.90 51.10 75.56
C HIS A 154 28.61 51.99 74.37
N LEU A 155 27.34 52.17 74.01
CA LEU A 155 27.02 52.87 72.77
C LEU A 155 27.23 54.38 72.92
N ASN A 156 26.67 54.96 73.97
CA ASN A 156 26.78 56.40 74.25
C ASN A 156 26.99 56.54 75.76
N GLY A 157 28.25 56.47 76.19
CA GLY A 157 28.51 56.42 77.61
C GLY A 157 27.81 55.22 78.20
N SER A 158 26.75 55.48 78.97
CA SER A 158 25.85 54.41 79.38
C SER A 158 24.36 54.77 79.35
N THR A 159 23.98 55.83 78.65
CA THR A 159 22.61 56.35 78.65
C THR A 159 22.04 56.39 77.24
N SER A 160 20.73 56.60 77.18
CA SER A 160 20.05 56.83 75.92
C SER A 160 20.38 58.21 75.38
N ALA A 161 20.14 58.39 74.08
CA ALA A 161 20.42 59.66 73.42
C ALA A 161 19.46 60.76 73.84
N GLU A 162 18.23 60.43 74.24
CA GLU A 162 17.23 61.46 74.52
C GLU A 162 17.68 62.40 75.63
N GLU A 163 18.13 61.88 76.76
CA GLU A 163 18.56 62.73 77.86
C GLU A 163 19.78 63.57 77.50
N CYS A 164 20.57 63.13 76.52
CA CYS A 164 21.74 63.91 76.13
C CYS A 164 21.34 65.21 75.45
N TRP A 165 20.21 65.22 74.74
CA TRP A 165 19.71 66.46 74.17
C TRP A 165 19.35 67.47 75.27
N LEU A 166 18.70 66.99 76.33
CA LEU A 166 18.44 67.86 77.47
C LEU A 166 19.73 68.31 78.13
N ASP A 167 20.71 67.41 78.24
CA ASP A 167 22.02 67.81 78.76
C ASP A 167 22.63 68.91 77.91
N ALA A 168 22.42 68.84 76.59
CA ALA A 168 22.87 69.89 75.69
C ALA A 168 22.18 71.21 76.03
N LEU A 169 20.86 71.18 76.14
CA LEU A 169 20.12 72.39 76.52
C LEU A 169 20.61 72.93 77.86
N LYS A 170 21.09 72.04 78.74
CA LYS A 170 21.60 72.47 80.03
C LYS A 170 22.98 73.10 79.92
N HIS A 171 23.82 72.56 79.03
CA HIS A 171 25.16 73.09 78.78
C HIS A 171 25.34 73.28 77.28
N PRO A 172 24.57 74.17 76.67
CA PRO A 172 24.73 74.39 75.22
C PRO A 172 26.14 74.78 74.84
N GLU A 173 26.79 75.58 75.68
CA GLU A 173 28.18 75.96 75.41
C GLU A 173 29.10 74.75 75.44
N ALA A 174 28.88 73.80 76.34
CA ALA A 174 29.73 72.62 76.39
C ALA A 174 29.58 71.80 75.11
N CYS A 175 28.35 71.65 74.63
CA CYS A 175 28.12 70.87 73.43
C CYS A 175 28.70 71.57 72.20
N LEU A 176 28.60 72.89 72.14
CA LEU A 176 29.27 73.60 71.06
C LEU A 176 30.78 73.43 71.16
N ARG A 177 31.32 73.46 72.37
CA ARG A 177 32.75 73.27 72.54
C ARG A 177 33.18 71.92 72.00
N ASP A 178 32.45 70.87 72.37
CA ASP A 178 32.75 69.53 71.86
C ASP A 178 32.60 69.49 70.35
N PHE A 179 31.52 70.07 69.84
CA PHE A 179 31.26 70.10 68.41
C PHE A 179 32.43 70.70 67.65
N GLU A 180 32.87 71.87 68.09
CA GLU A 180 34.01 72.53 67.47
C GLU A 180 35.28 71.69 67.59
N LYS A 181 35.59 71.24 68.80
CA LYS A 181 36.75 70.38 69.03
C LYS A 181 36.38 69.00 68.51
N GLY A 182 36.65 68.80 67.23
CA GLY A 182 36.15 67.67 66.48
C GLY A 182 35.74 68.14 65.11
N TRP A 183 35.26 69.39 65.02
CA TRP A 183 35.10 70.03 63.73
C TRP A 183 36.40 70.12 62.96
N ALA A 184 37.55 70.05 63.64
CA ALA A 184 38.82 69.97 62.93
C ALA A 184 39.10 68.57 62.43
N SER A 185 38.28 67.59 62.79
CA SER A 185 38.49 66.21 62.37
C SER A 185 37.86 65.95 61.01
N GLN A 186 38.41 64.95 60.30
CA GLN A 186 37.94 64.65 58.96
C GLN A 186 36.65 63.85 58.97
N GLU A 187 36.61 62.72 59.69
CA GLU A 187 35.48 61.81 59.61
C GLU A 187 34.16 62.55 59.82
N MET A 188 34.10 63.41 60.82
CA MET A 188 32.84 64.10 61.11
C MET A 188 32.51 65.11 60.02
N LYS A 189 33.50 65.59 59.27
CA LYS A 189 33.18 66.33 58.06
C LYS A 189 32.12 65.58 57.27
N GLN A 190 32.44 64.36 56.88
CA GLN A 190 31.52 63.56 56.09
C GLN A 190 30.26 63.23 56.87
N LEU A 191 30.40 62.87 58.15
CA LEU A 191 29.20 62.57 58.92
C LEU A 191 28.19 63.70 58.86
N CYS A 192 28.63 64.91 59.19
CA CYS A 192 27.73 66.05 59.23
C CYS A 192 27.24 66.42 57.84
N ALA A 193 28.13 66.36 56.84
CA ALA A 193 27.71 66.71 55.48
C ALA A 193 26.64 65.75 54.99
N GLN A 194 26.77 64.47 55.33
CA GLN A 194 25.83 63.48 54.83
C GLN A 194 24.53 63.49 55.61
N ILE A 195 24.56 63.85 56.89
CA ILE A 195 23.31 64.01 57.64
C ILE A 195 22.60 65.28 57.22
N ASP A 196 23.24 66.43 57.42
CA ASP A 196 22.71 67.73 57.02
C ASP A 196 23.79 68.44 56.21
N PRO A 197 23.57 68.71 54.92
CA PRO A 197 24.65 69.30 54.12
C PRO A 197 25.28 70.54 54.74
N SER A 198 24.50 71.59 54.97
CA SER A 198 25.00 72.84 55.53
C SER A 198 24.71 72.91 57.02
N LEU A 199 25.39 72.08 57.80
CA LEU A 199 25.13 72.03 59.24
C LEU A 199 25.93 73.12 59.97
N THR A 200 27.27 73.00 59.96
CA THR A 200 28.17 74.05 60.42
C THR A 200 28.04 74.40 61.90
N PRO A 201 29.11 74.87 62.54
CA PRO A 201 29.05 75.10 63.99
C PRO A 201 28.28 76.35 64.40
N ARG A 202 28.39 77.42 63.64
CA ARG A 202 27.58 78.59 63.98
C ARG A 202 26.10 78.22 63.96
N ILE A 203 25.67 77.49 62.94
CA ILE A 203 24.26 77.10 62.92
C ILE A 203 23.99 76.04 63.98
N PHE A 204 25.01 75.29 64.38
CA PHE A 204 24.85 74.40 65.53
C PHE A 204 24.42 75.18 66.75
N LYS A 205 25.18 76.23 67.08
CA LYS A 205 24.82 77.08 68.21
C LYS A 205 23.47 77.75 67.97
N ASP A 206 23.22 78.20 66.75
CA ASP A 206 21.97 78.89 66.47
C ASP A 206 20.78 77.99 66.71
N ARG A 207 20.82 76.76 66.18
CA ARG A 207 19.73 75.83 66.40
C ARG A 207 19.58 75.52 67.87
N LEU A 208 20.69 75.31 68.59
CA LEU A 208 20.58 75.00 70.01
C LEU A 208 19.86 76.11 70.76
N GLN A 209 20.28 77.36 70.54
CA GLN A 209 19.69 78.45 71.30
C GLN A 209 18.27 78.72 70.84
N ILE A 210 18.01 78.55 69.55
CA ILE A 210 16.64 78.67 69.06
C ILE A 210 15.75 77.68 69.77
N ALA A 211 16.23 76.44 69.92
CA ALA A 211 15.46 75.43 70.61
C ALA A 211 15.22 75.84 72.06
N CYS A 212 16.25 76.36 72.72
CA CYS A 212 16.05 76.85 74.09
C CYS A 212 14.95 77.90 74.12
N ASN A 213 14.99 78.84 73.18
CA ASN A 213 14.04 79.93 73.17
C ASN A 213 12.62 79.43 72.91
N ILE A 214 12.48 78.50 71.97
CA ILE A 214 11.17 77.92 71.68
C ILE A 214 10.64 77.17 72.88
N ARG A 215 11.48 76.37 73.52
CA ARG A 215 11.04 75.70 74.75
C ARG A 215 10.50 76.72 75.74
N GLU A 216 11.24 77.82 75.95
CA GLU A 216 10.79 78.83 76.89
C GLU A 216 9.43 79.40 76.49
N ILE A 217 9.31 79.82 75.22
CA ILE A 217 8.12 80.51 74.78
C ILE A 217 6.91 79.58 74.86
N LEU A 218 7.08 78.35 74.37
CA LEU A 218 6.00 77.38 74.42
C LEU A 218 5.65 77.01 75.86
N CYS A 219 6.63 77.06 76.76
CA CYS A 219 6.30 76.85 78.18
C CYS A 219 5.45 77.98 78.71
N ARG A 220 5.77 79.21 78.32
CA ARG A 220 4.96 80.34 78.77
C ARG A 220 3.53 80.19 78.28
N VAL A 221 3.35 79.85 77.01
CA VAL A 221 1.99 79.71 76.50
C VAL A 221 1.30 78.50 77.15
N ALA A 222 2.01 77.41 77.39
CA ALA A 222 1.41 76.26 78.05
C ALA A 222 0.91 76.62 79.44
N GLN A 223 1.73 77.33 80.21
CA GLN A 223 1.27 77.86 81.48
C GLN A 223 0.20 78.93 81.29
N GLY A 224 0.02 79.41 80.07
CA GLY A 224 -1.04 80.36 79.77
C GLY A 224 -0.81 81.70 80.43
N VAL A 225 0.39 82.26 80.27
CA VAL A 225 0.78 83.47 80.98
C VAL A 225 1.07 84.55 79.92
N GLU A 226 0.02 85.27 79.55
CA GLU A 226 0.10 86.65 79.10
C GLU A 226 0.83 86.87 77.77
N LEU A 227 1.44 85.83 77.19
CA LEU A 227 2.08 85.98 75.89
C LEU A 227 2.88 87.28 75.84
N PRO A 228 4.04 87.33 76.49
CA PRO A 228 4.78 88.60 76.63
C PRO A 228 4.85 89.41 75.33
N GLU A 229 4.90 90.74 75.48
CA GLU A 229 4.66 91.61 74.33
C GLU A 229 5.77 91.55 73.30
N TRP A 230 6.98 91.15 73.70
CA TRP A 230 8.03 91.00 72.71
C TRP A 230 7.75 89.85 71.75
N ILE A 231 6.71 89.05 72.02
CA ILE A 231 6.27 88.08 71.03
C ILE A 231 5.88 88.77 69.74
N ALA A 232 5.24 89.94 69.83
CA ALA A 232 4.88 90.68 68.63
C ALA A 232 6.11 91.00 67.80
N SER A 233 7.19 91.45 68.45
CA SER A 233 8.44 91.67 67.73
C SER A 233 8.98 90.38 67.14
N MET A 234 8.89 89.28 67.90
CA MET A 234 9.26 87.97 67.36
C MET A 234 8.43 87.69 66.11
N GLN A 235 9.12 87.66 64.96
CA GLN A 235 8.47 87.37 63.68
C GLN A 235 9.18 86.29 62.87
N ASN A 236 10.51 86.24 62.88
CA ASN A 236 11.24 85.31 62.04
C ASN A 236 12.00 84.33 62.92
N PRO A 237 11.99 83.03 62.59
CA PRO A 237 12.66 82.06 63.47
C PRO A 237 14.13 82.38 63.70
N GLN A 238 14.77 82.99 62.71
CA GLN A 238 16.17 83.36 62.86
C GLN A 238 16.40 84.30 64.03
N GLN A 239 15.36 85.03 64.44
CA GLN A 239 15.50 85.90 65.61
C GLN A 239 15.85 85.09 66.86
N LEU A 240 15.40 83.85 66.93
CA LEU A 240 15.68 82.95 68.05
C LEU A 240 17.12 82.49 68.10
N ALA A 241 17.98 82.98 67.20
CA ALA A 241 19.38 82.60 67.19
C ALA A 241 20.22 83.46 68.13
N ASN A 242 19.59 84.35 68.89
CA ASN A 242 20.31 85.25 69.79
C ASN A 242 19.72 85.13 71.19
N SER A 243 20.55 85.44 72.19
CA SER A 243 20.16 85.26 73.58
C SER A 243 19.08 86.24 74.02
N THR A 244 18.89 87.33 73.29
CA THR A 244 17.87 88.32 73.63
C THR A 244 17.19 88.80 72.36
N ILE A 245 15.93 89.21 72.50
CA ILE A 245 15.15 89.77 71.41
C ILE A 245 15.03 91.27 71.62
N LEU A 246 15.02 92.01 70.52
CA LEU A 246 14.91 93.45 70.53
C LEU A 246 13.53 93.84 70.03
N HIS A 247 12.69 94.36 70.94
CA HIS A 247 11.32 94.74 70.59
C HIS A 247 11.28 96.17 70.06
N ASN A 248 11.64 97.13 70.91
CA ASN A 248 11.78 98.54 70.53
C ASN A 248 12.86 99.14 71.43
N GLY A 249 14.11 99.11 70.96
CA GLY A 249 15.21 99.68 71.72
C GLY A 249 15.74 98.76 72.81
N ARG A 250 14.84 98.05 73.49
CA ARG A 250 15.21 97.17 74.59
C ARG A 250 15.51 95.77 74.07
N GLU A 251 16.41 95.09 74.78
CA GLU A 251 16.73 93.68 74.50
C GLU A 251 16.14 92.84 75.62
N TYR A 252 15.07 92.11 75.32
CA TYR A 252 14.36 91.31 76.29
C TYR A 252 14.93 89.90 76.38
N GLY A 253 15.28 89.49 77.59
CA GLY A 253 15.70 88.12 77.80
C GLY A 253 14.51 87.17 77.90
N PHE A 254 14.66 86.01 77.29
CA PHE A 254 13.61 85.00 77.28
C PHE A 254 13.48 84.24 78.58
N ALA A 255 14.51 84.27 79.43
CA ALA A 255 14.48 83.52 80.69
C ALA A 255 13.17 83.75 81.43
N THR A 256 12.71 82.71 82.11
CA THR A 256 11.43 82.73 82.80
C THR A 256 11.47 81.73 83.94
N VAL A 257 10.32 81.49 84.55
CA VAL A 257 10.22 80.65 85.75
C VAL A 257 9.45 79.37 85.42
N TRP A 258 9.98 78.27 85.92
CA TRP A 258 9.51 76.92 85.74
C TRP A 258 9.25 76.27 87.10
N PRO A 259 8.17 75.49 87.24
CA PRO A 259 7.83 74.98 88.58
C PRO A 259 8.91 74.14 89.23
N ILE A 260 9.70 73.42 88.43
CA ILE A 260 10.59 72.40 88.96
C ILE A 260 12.01 72.94 89.06
N ASP A 261 12.78 72.38 90.00
CA ASP A 261 14.18 72.78 90.15
C ASP A 261 15.01 72.40 88.93
N ASP A 262 14.93 71.13 88.52
CA ASP A 262 15.68 70.66 87.36
C ASP A 262 14.91 71.10 86.12
N LYS A 263 15.18 72.31 85.65
CA LYS A 263 14.43 72.86 84.52
C LYS A 263 14.65 72.09 83.24
N TYR A 264 15.75 71.35 83.12
CA TYR A 264 16.06 70.55 81.95
C TYR A 264 15.71 69.09 82.15
N SER A 265 14.92 68.76 83.17
CA SER A 265 14.55 67.38 83.43
C SER A 265 13.60 66.88 82.36
N GLN A 266 13.70 65.59 82.06
CA GLN A 266 12.74 64.97 81.16
C GLN A 266 11.32 65.08 81.72
N GLU A 267 11.17 64.98 83.04
CA GLU A 267 9.87 65.16 83.66
C GLU A 267 9.36 66.58 83.45
N SER A 268 10.26 67.56 83.55
CA SER A 268 9.88 68.94 83.25
C SER A 268 9.42 69.07 81.81
N GLU A 269 10.20 68.53 80.87
CA GLU A 269 9.79 68.51 79.47
C GLU A 269 8.39 67.94 79.34
N PHE A 270 8.13 66.82 80.01
CA PHE A 270 6.89 66.10 79.80
C PHE A 270 5.70 66.87 80.36
N CYS A 271 5.84 67.41 81.57
CA CYS A 271 4.76 68.23 82.13
C CYS A 271 4.49 69.44 81.25
N TRP A 272 5.56 70.10 80.80
CA TRP A 272 5.39 71.23 79.91
C TRP A 272 4.62 70.86 78.66
N LEU A 273 5.03 69.77 78.01
CA LEU A 273 4.39 69.39 76.76
C LEU A 273 2.94 69.00 76.98
N THR A 274 2.65 68.31 78.08
CA THR A 274 1.27 67.97 78.39
C THR A 274 0.43 69.22 78.56
N GLY A 275 0.94 70.20 79.32
CA GLY A 275 0.21 71.44 79.49
C GLY A 275 -0.03 72.15 78.16
N LEU A 276 1.00 72.22 77.33
CA LEU A 276 0.86 72.86 76.03
C LEU A 276 -0.23 72.18 75.21
N LEU A 277 -0.17 70.85 75.12
CA LEU A 277 -1.13 70.13 74.30
C LEU A 277 -2.55 70.28 74.81
N GLU A 278 -2.75 70.20 76.13
CA GLU A 278 -4.11 70.35 76.65
C GLU A 278 -4.62 71.77 76.40
N LYS A 279 -3.75 72.77 76.51
CA LYS A 279 -4.14 74.11 76.07
C LYS A 279 -4.53 74.10 74.60
N TRP A 280 -3.88 73.24 73.81
CA TRP A 280 -3.98 73.27 72.36
C TRP A 280 -4.94 72.21 71.83
N ARG A 281 -5.79 71.67 72.70
CA ARG A 281 -6.61 70.51 72.34
C ARG A 281 -7.49 70.79 71.12
N PHE A 282 -8.14 71.97 71.09
CA PHE A 282 -9.07 72.26 70.01
C PHE A 282 -8.45 72.99 68.83
N ASN A 283 -7.54 73.95 69.06
CA ASN A 283 -6.95 74.69 67.97
C ASN A 283 -5.62 75.27 68.42
N ALA A 284 -4.88 75.83 67.46
CA ALA A 284 -3.50 76.22 67.67
C ALA A 284 -3.20 77.47 66.88
N PRO A 285 -2.42 78.40 67.43
CA PRO A 285 -1.85 79.46 66.59
C PRO A 285 -0.81 78.92 65.63
N GLU A 286 -0.81 79.47 64.42
CA GLU A 286 0.07 78.98 63.37
C GLU A 286 1.53 79.24 63.70
N GLY A 287 1.84 80.43 64.19
CA GLY A 287 3.21 80.73 64.54
C GLY A 287 3.76 79.75 65.57
N LEU A 288 2.97 79.49 66.62
CA LEU A 288 3.45 78.62 67.68
C LEU A 288 3.52 77.17 67.23
N GLU A 289 2.59 76.73 66.39
CA GLU A 289 2.66 75.35 65.91
C GLU A 289 3.84 75.16 64.97
N ARG A 290 4.17 76.17 64.17
CA ARG A 290 5.41 76.10 63.39
C ARG A 290 6.63 76.12 64.30
N LEU A 291 6.55 76.89 65.39
CA LEU A 291 7.63 76.89 66.36
C LEU A 291 7.85 75.47 66.88
N LEU A 292 6.76 74.74 67.12
CA LEU A 292 6.87 73.39 67.64
C LEU A 292 7.37 72.44 66.55
N TRP A 293 6.93 72.62 65.31
CA TRP A 293 7.62 71.98 64.19
C TRP A 293 9.12 72.07 64.34
N ILE A 294 9.66 73.29 64.29
CA ILE A 294 11.10 73.45 64.25
C ILE A 294 11.74 72.89 65.51
N TYR A 295 11.03 73.00 66.63
CA TYR A 295 11.52 72.45 67.88
C TYR A 295 11.76 70.95 67.77
N LEU A 296 10.74 70.21 67.35
CA LEU A 296 10.89 68.77 67.22
C LEU A 296 11.93 68.42 66.16
N LEU A 297 11.94 69.16 65.05
CA LEU A 297 12.89 68.86 63.99
C LEU A 297 14.32 69.01 64.45
N ILE A 298 14.61 70.08 65.20
CA ILE A 298 15.96 70.26 65.72
C ILE A 298 16.29 69.17 66.72
N GLN A 299 15.36 68.86 67.62
CA GLN A 299 15.58 67.71 68.50
C GLN A 299 16.06 66.51 67.70
N ASN A 300 15.27 66.13 66.69
CA ASN A 300 15.56 64.89 65.98
C ASN A 300 16.89 64.98 65.24
N GLN A 301 17.15 66.09 64.57
CA GLN A 301 18.41 66.22 63.84
C GLN A 301 19.59 66.07 64.79
N TYR A 302 19.52 66.73 65.94
CA TYR A 302 20.57 66.62 66.93
C TYR A 302 20.73 65.18 67.39
N LEU A 303 19.62 64.51 67.68
CA LEU A 303 19.69 63.15 68.21
C LEU A 303 20.30 62.21 67.20
N THR A 304 19.91 62.31 65.92
CA THR A 304 20.58 61.52 64.90
C THR A 304 22.07 61.81 64.92
N LEU A 305 22.46 63.04 64.58
CA LEU A 305 23.89 63.31 64.48
C LEU A 305 24.66 62.70 65.65
N LEU A 306 24.11 62.83 66.86
CA LEU A 306 24.77 62.25 68.02
C LEU A 306 24.89 60.73 67.87
N VAL A 307 23.78 60.04 67.56
CA VAL A 307 23.85 58.59 67.54
C VAL A 307 24.76 58.10 66.42
N GLN A 308 24.63 58.65 65.22
CA GLN A 308 25.53 58.23 64.15
C GLN A 308 26.97 58.68 64.37
N ARG A 309 27.25 59.56 65.32
CA ARG A 309 28.64 59.81 65.66
C ARG A 309 29.30 58.51 66.09
N THR A 322 34.21 64.22 74.45
CA THR A 322 34.94 63.76 75.63
C THR A 322 34.61 64.62 76.84
N MET A 323 34.25 65.89 76.61
CA MET A 323 33.96 66.79 77.71
C MET A 323 32.47 66.76 78.07
N THR A 324 31.61 66.61 77.06
CA THR A 324 30.23 66.25 77.35
C THR A 324 30.15 64.88 78.02
N GLU A 325 31.23 64.11 77.91
CA GLU A 325 31.34 62.87 78.68
C GLU A 325 31.87 63.16 80.08
N LEU A 326 32.81 64.10 80.19
CA LEU A 326 33.38 64.43 81.50
C LEU A 326 32.31 65.01 82.42
N ARG A 327 31.40 65.81 81.87
CA ARG A 327 30.33 66.38 82.69
C ARG A 327 29.45 65.30 83.33
N GLU A 328 29.50 64.08 82.81
CA GLU A 328 28.83 62.93 83.42
C GLU A 328 29.69 62.25 84.49
N GLU A 329 30.68 62.95 85.02
CA GLU A 329 31.58 62.41 86.03
C GLU A 329 31.08 62.72 87.45
N THR A 330 29.77 62.87 87.61
CA THR A 330 29.15 63.11 88.90
C THR A 330 28.28 61.92 89.27
N GLU A 331 27.97 61.81 90.56
CA GLU A 331 27.09 60.74 91.02
C GLU A 331 25.63 61.16 90.89
N LYS A 332 25.28 61.69 89.73
CA LYS A 332 23.90 61.96 89.35
C LYS A 332 23.47 61.11 88.16
N SER A 333 24.26 61.14 87.08
CA SER A 333 23.94 60.33 85.91
C SER A 333 23.97 58.85 86.24
N TYR A 334 24.95 58.42 87.05
CA TYR A 334 25.04 57.01 87.40
C TYR A 334 23.84 56.58 88.21
N LEU A 335 23.43 57.39 89.19
CA LEU A 335 22.20 57.13 89.91
C LEU A 335 21.02 57.06 88.97
N SER A 336 21.00 57.92 87.95
CA SER A 336 19.91 57.91 86.99
C SER A 336 19.85 56.59 86.23
N ARG A 337 20.99 56.16 85.67
CA ARG A 337 21.02 54.86 85.01
C ARG A 337 20.56 53.75 85.95
N PHE A 338 21.00 53.81 87.21
CA PHE A 338 20.64 52.74 88.13
C PHE A 338 19.15 52.73 88.43
N LYS A 339 18.58 53.91 88.69
CA LYS A 339 17.15 53.99 88.95
C LYS A 339 16.36 53.53 87.75
N HIS A 340 16.77 53.93 86.55
CA HIS A 340 16.06 53.49 85.35
C HIS A 340 16.15 51.99 85.18
N ALA A 341 17.36 51.43 85.33
CA ALA A 341 17.51 49.99 85.22
C ALA A 341 16.59 49.28 86.19
N HIS A 342 16.50 49.80 87.42
CA HIS A 342 15.44 49.36 88.32
C HIS A 342 14.10 49.82 87.77
N GLY A 343 13.10 48.94 87.84
CA GLY A 343 11.80 49.27 87.30
C GLY A 343 10.98 50.14 88.23
N ALA A 344 9.70 50.28 87.93
CA ALA A 344 8.77 50.96 88.82
C ALA A 344 8.33 50.09 89.98
N GLY A 345 8.54 48.77 89.89
CA GLY A 345 8.26 47.88 90.99
C GLY A 345 9.37 47.89 92.01
N VAL A 346 9.13 47.18 93.12
CA VAL A 346 10.09 47.17 94.21
C VAL A 346 11.34 46.41 93.82
N TYR A 347 11.19 45.31 93.09
CA TYR A 347 12.32 44.52 92.62
C TYR A 347 12.86 45.14 91.35
N SER A 348 14.18 45.22 91.24
CA SER A 348 14.79 45.73 90.01
C SER A 348 14.54 44.75 88.87
N GLN A 349 14.33 45.30 87.67
CA GLN A 349 14.01 44.44 86.52
C GLN A 349 15.24 43.73 86.00
N VAL A 350 16.40 44.39 86.04
CA VAL A 350 17.67 43.78 85.66
C VAL A 350 18.30 43.23 86.93
N ARG A 351 18.81 42.01 86.86
CA ARG A 351 19.51 41.45 88.01
C ARG A 351 20.96 41.92 88.04
N TYR A 352 21.68 41.70 86.96
CA TYR A 352 23.14 41.85 86.95
C TYR A 352 23.50 42.84 85.85
N LEU A 353 24.06 43.99 86.23
CA LEU A 353 24.44 45.05 85.31
C LEU A 353 25.95 45.12 85.17
N GLU A 354 26.43 45.13 83.93
CA GLU A 354 27.81 45.47 83.60
C GLU A 354 27.86 46.90 83.10
N GLY A 355 28.53 47.77 83.85
CA GLY A 355 28.92 49.17 83.87
C GLY A 355 30.26 49.35 83.17
N ARG A 356 30.20 49.76 81.90
CA ARG A 356 31.40 49.92 81.08
C ARG A 356 31.73 51.40 80.99
N PHE A 357 33.02 51.72 81.14
CA PHE A 357 33.44 53.10 81.36
C PHE A 357 34.79 53.34 80.71
N ALA A 358 34.96 54.54 80.16
CA ALA A 358 36.19 54.87 79.47
C ALA A 358 37.28 55.26 80.48
N PRO A 359 38.45 54.61 80.46
CA PRO A 359 39.54 55.05 81.34
C PRO A 359 40.11 56.37 80.87
N LYS A 360 40.69 57.11 81.81
CA LYS A 360 41.32 58.38 81.50
C LYS A 360 42.82 58.24 81.71
N SER A 361 43.56 59.27 81.31
CA SER A 361 45.01 59.24 81.45
C SER A 361 45.52 59.71 82.81
N ASP A 362 44.66 60.25 83.67
CA ASP A 362 45.10 60.90 84.91
C ASP A 362 44.53 60.18 86.13
N PRO A 363 45.37 59.84 87.12
CA PRO A 363 44.84 59.17 88.31
C PRO A 363 43.76 59.98 89.00
N ASN A 364 43.87 61.30 88.98
CA ASN A 364 42.83 62.13 89.56
C ASN A 364 41.49 61.89 88.89
N LYS A 365 41.48 61.86 87.56
CA LYS A 365 40.23 61.66 86.85
C LYS A 365 39.69 60.24 87.05
N MET A 366 40.56 59.24 87.06
CA MET A 366 40.05 57.90 87.33
C MET A 366 39.46 57.80 88.73
N GLN A 367 40.14 58.34 89.73
CA GLN A 367 39.59 58.25 91.08
C GLN A 367 38.29 59.04 91.19
N LYS A 368 38.20 60.18 90.50
CA LYS A 368 36.94 60.92 90.49
C LYS A 368 35.82 60.08 89.88
N LEU A 369 36.05 59.55 88.68
CA LEU A 369 35.02 58.77 88.00
C LEU A 369 34.60 57.57 88.84
N LEU A 370 35.58 56.87 89.40
CA LEU A 370 35.30 55.70 90.21
C LEU A 370 34.51 56.06 91.44
N PHE A 371 34.90 57.13 92.13
CA PHE A 371 34.14 57.55 93.30
C PHE A 371 32.72 57.90 92.91
N SER A 372 32.56 58.61 91.78
CA SER A 372 31.23 59.00 91.34
C SER A 372 30.35 57.79 91.12
N VAL A 373 30.84 56.83 90.34
CA VAL A 373 30.04 55.65 90.04
C VAL A 373 29.73 54.89 91.32
N LEU A 374 30.74 54.72 92.18
CA LEU A 374 30.55 53.93 93.39
C LEU A 374 29.54 54.59 94.31
N ARG A 375 29.69 55.90 94.54
CA ARG A 375 28.74 56.61 95.36
C ARG A 375 27.34 56.48 94.78
N GLY A 376 27.17 56.79 93.49
CA GLY A 376 25.85 56.71 92.88
C GLY A 376 25.21 55.35 93.09
N TYR A 377 25.99 54.28 92.93
CA TYR A 377 25.47 52.95 93.21
C TYR A 377 25.03 52.86 94.67
N TRP A 378 25.82 53.43 95.57
CA TRP A 378 25.46 53.39 96.98
C TRP A 378 24.13 54.09 97.24
N GLU A 379 23.93 55.27 96.66
CA GLU A 379 22.66 55.96 96.84
C GLU A 379 21.52 55.18 96.21
N TYR A 380 21.75 54.61 95.03
CA TYR A 380 20.72 53.81 94.40
C TYR A 380 20.26 52.70 95.34
N LEU A 381 21.23 52.03 95.97
CA LEU A 381 20.89 50.96 96.90
C LEU A 381 20.18 51.51 98.13
N SER A 382 20.71 52.59 98.70
CA SER A 382 20.14 53.16 99.91
C SER A 382 18.69 53.59 99.69
N ALA A 383 18.38 54.09 98.51
CA ALA A 383 17.03 54.51 98.18
C ALA A 383 16.05 53.36 98.17
N HIS A 384 16.54 52.12 98.18
CA HIS A 384 15.69 50.95 98.12
C HIS A 384 15.75 50.08 99.36
N MET A 385 16.86 50.09 100.11
CA MET A 385 17.03 49.19 101.24
C MET A 385 17.67 49.96 102.39
N SER A 386 17.21 49.66 103.60
CA SER A 386 17.54 50.42 104.80
C SER A 386 18.45 49.59 105.70
N MET A 387 19.50 50.22 106.19
CA MET A 387 20.42 49.56 107.12
C MET A 387 21.47 50.56 107.57
N GLU A 388 22.27 50.13 108.55
CA GLU A 388 23.32 50.96 109.11
C GLU A 388 24.45 51.10 108.11
N TRP A 389 24.62 52.30 107.57
CA TRP A 389 25.52 52.54 106.44
C TRP A 389 26.91 52.99 106.89
N VAL A 390 27.21 52.93 108.18
CA VAL A 390 28.52 53.32 108.68
C VAL A 390 28.78 54.78 108.33
N HIS A 391 29.41 55.03 107.19
CA HIS A 391 29.57 56.39 106.68
C HIS A 391 28.29 56.78 105.96
N GLU A 392 27.46 57.56 106.65
CA GLU A 392 26.16 57.93 106.11
C GLU A 392 26.31 58.81 104.88
N LYS A 393 27.34 59.63 104.84
CA LYS A 393 27.62 60.51 103.71
C LYS A 393 29.06 60.25 103.27
N PRO A 394 29.31 59.15 102.56
CA PRO A 394 30.69 58.83 102.17
C PRO A 394 31.28 59.93 101.29
N LEU A 395 32.58 60.19 101.48
CA LEU A 395 33.29 61.17 100.69
C LEU A 395 34.46 60.61 99.91
N THR A 396 34.94 59.41 100.23
CA THR A 396 36.07 58.81 99.53
C THR A 396 35.65 57.45 98.99
N ILE A 397 36.43 56.96 98.03
CA ILE A 397 36.16 55.64 97.47
C ILE A 397 36.25 54.58 98.55
N SER A 398 37.24 54.70 99.44
CA SER A 398 37.35 53.77 100.55
C SER A 398 36.10 53.79 101.40
N GLN A 399 35.58 54.98 101.71
CA GLN A 399 34.34 55.09 102.48
C GLN A 399 33.19 54.43 101.73
N VAL A 400 33.11 54.66 100.42
CA VAL A 400 32.02 54.07 99.65
C VAL A 400 32.09 52.56 99.74
N LEU A 401 33.27 51.99 99.54
CA LEU A 401 33.43 50.55 99.71
C LEU A 401 32.99 50.13 101.11
N ASP A 402 33.55 50.77 102.13
CA ASP A 402 33.14 50.50 103.51
C ASP A 402 31.62 50.38 103.60
N ASN A 403 30.90 51.30 102.98
CA ASN A 403 29.44 51.21 102.96
C ASN A 403 28.98 49.95 102.22
N LEU A 404 29.62 49.67 101.08
CA LEU A 404 29.08 48.69 100.14
C LEU A 404 29.27 47.25 100.60
N GLU A 405 30.38 46.92 101.25
CA GLU A 405 30.61 45.53 101.62
C GLU A 405 29.45 44.96 102.42
N LEU A 406 28.74 45.81 103.17
CA LEU A 406 27.63 45.37 104.00
C LEU A 406 26.46 44.81 103.20
N VAL A 407 26.46 45.02 101.89
CA VAL A 407 25.35 44.57 101.04
C VAL A 407 25.49 43.07 100.81
N GLU A 408 24.37 42.38 100.80
CA GLU A 408 24.32 40.96 100.47
C GLU A 408 23.59 40.75 99.15
N PRO A 409 23.93 39.68 98.41
CA PRO A 409 23.36 39.49 97.06
C PRO A 409 21.95 38.92 97.09
N HIS A 410 21.06 39.60 97.81
CA HIS A 410 19.67 39.16 97.85
C HIS A 410 19.05 39.19 96.47
N GLY A 411 19.34 40.23 95.69
CA GLY A 411 18.76 40.39 94.38
C GLY A 411 17.61 41.37 94.31
N LYS A 412 17.26 42.01 95.42
CA LYS A 412 16.25 43.06 95.36
C LYS A 412 16.65 44.16 94.38
N CYS A 413 17.94 44.48 94.34
CA CYS A 413 18.48 45.54 93.50
C CYS A 413 19.48 44.97 92.51
N VAL A 414 19.98 45.84 91.62
CA VAL A 414 20.91 45.42 90.59
C VAL A 414 22.28 45.16 91.19
N GLU A 415 23.08 44.35 90.52
CA GLU A 415 24.44 44.03 90.94
C GLU A 415 25.42 44.55 89.89
N LEU A 416 26.35 45.39 90.32
CA LEU A 416 27.19 46.15 89.40
C LEU A 416 28.56 45.49 89.20
N ALA A 417 28.99 45.42 87.94
CA ALA A 417 30.34 45.01 87.58
C ALA A 417 30.94 46.05 86.65
N LEU A 418 32.15 46.51 86.97
CA LEU A 418 32.74 47.65 86.28
C LEU A 418 33.84 47.20 85.34
N VAL A 419 33.77 47.67 84.11
CA VAL A 419 34.69 47.25 83.05
C VAL A 419 35.25 48.48 82.34
N PRO A 420 36.57 48.69 82.40
CA PRO A 420 37.14 49.80 81.63
C PRO A 420 37.29 49.47 80.15
N HIS A 421 37.13 50.50 79.34
CA HIS A 421 37.27 50.44 77.90
C HIS A 421 38.73 50.56 77.49
N PHE A 422 39.11 49.88 76.42
CA PHE A 422 40.42 50.09 75.82
C PHE A 422 40.16 50.55 74.40
N ILE A 423 40.37 51.84 74.15
CA ILE A 423 39.99 52.46 72.90
C ILE A 423 41.17 52.37 71.93
N LYS A 424 40.95 51.71 70.81
CA LYS A 424 42.01 51.51 69.82
C LYS A 424 41.93 52.58 68.74
N ARG A 425 42.97 53.40 68.66
CA ARG A 425 43.11 54.44 67.66
C ARG A 425 44.00 53.96 66.52
N LYS A 426 44.00 54.73 65.43
CA LYS A 426 44.79 54.36 64.27
C LYS A 426 46.28 54.55 64.57
N PRO A 427 47.14 53.76 63.92
CA PRO A 427 48.58 54.01 64.03
C PRO A 427 48.93 55.35 63.39
N LYS A 428 49.98 55.97 63.91
CA LYS A 428 50.39 57.29 63.46
C LYS A 428 51.53 57.18 62.45
N ASN A 429 51.86 58.31 61.81
CA ASN A 429 52.80 58.28 60.70
C ASN A 429 54.18 57.79 61.13
N GLY A 430 54.64 58.25 62.30
CA GLY A 430 55.98 57.92 62.76
C GLY A 430 56.01 57.25 64.12
N GLU A 431 56.51 56.02 64.16
CA GLU A 431 56.69 55.30 65.42
C GLU A 431 57.60 54.11 65.17
N ALA A 432 58.24 53.66 66.26
CA ALA A 432 59.19 52.56 66.14
C ALA A 432 58.55 51.33 65.54
N TYR A 433 57.40 50.91 66.08
CA TYR A 433 56.63 49.81 65.54
C TYR A 433 55.17 50.24 65.52
N PRO A 434 54.34 49.56 64.75
CA PRO A 434 52.94 49.99 64.63
C PRO A 434 52.25 50.10 65.98
N HIS A 435 51.46 51.16 66.13
CA HIS A 435 50.61 51.38 67.30
C HIS A 435 51.44 51.55 68.59
N ALA A 436 52.69 51.99 68.46
CA ALA A 436 53.54 52.13 69.63
C ALA A 436 53.02 53.20 70.58
N LEU A 437 52.63 54.36 70.04
CA LEU A 437 52.12 55.43 70.89
C LEU A 437 50.82 55.02 71.56
N LEU A 438 49.93 54.37 70.80
CA LEU A 438 48.70 53.86 71.40
C LEU A 438 49.02 52.88 72.52
N PHE A 439 50.01 52.02 72.29
CA PHE A 439 50.41 51.07 73.33
C PHE A 439 50.90 51.79 74.57
N LYS A 440 51.68 52.86 74.37
CA LYS A 440 52.16 53.63 75.52
C LYS A 440 51.00 54.23 76.29
N ASP A 441 50.04 54.81 75.57
CA ASP A 441 48.85 55.35 76.23
C ASP A 441 48.16 54.29 77.06
N LEU A 442 47.90 53.14 76.44
CA LEU A 442 47.18 52.09 77.13
C LEU A 442 47.97 51.58 78.32
N LYS A 443 49.30 51.50 78.19
CA LYS A 443 50.13 51.08 79.30
C LYS A 443 50.01 52.06 80.45
N ASN A 444 50.04 53.35 80.15
CA ASN A 444 49.83 54.35 81.18
C ASN A 444 48.52 54.12 81.91
N GLN A 445 47.43 54.02 81.15
CA GLN A 445 46.11 53.88 81.76
C GLN A 445 46.03 52.61 82.60
N ALA A 446 46.52 51.50 82.06
CA ALA A 446 46.45 50.22 82.76
C ALA A 446 47.30 50.25 84.03
N ALA A 447 48.48 50.85 83.97
CA ALA A 447 49.30 50.97 85.17
C ALA A 447 48.54 51.75 86.23
N ILE A 448 47.87 52.84 85.83
CA ILE A 448 47.10 53.60 86.81
C ILE A 448 46.02 52.73 87.42
N LEU A 449 45.32 51.96 86.58
CA LEU A 449 44.29 51.06 87.10
C LEU A 449 44.87 50.11 88.12
N MET A 450 46.02 49.52 87.78
CA MET A 450 46.70 48.57 88.65
C MET A 450 47.04 49.22 89.97
N ASP A 451 47.55 50.46 89.92
CA ASP A 451 47.94 51.14 91.16
C ASP A 451 46.73 51.45 92.01
N MET A 452 45.62 51.83 91.39
CA MET A 452 44.41 52.07 92.17
C MET A 452 43.95 50.78 92.84
N LEU A 453 44.02 49.66 92.13
CA LEU A 453 43.70 48.38 92.76
C LEU A 453 44.63 48.12 93.93
N LYS A 454 45.93 48.36 93.73
CA LYS A 454 46.93 48.23 94.79
C LYS A 454 46.47 48.99 96.02
N SER A 455 46.17 50.27 95.83
CA SER A 455 45.75 51.14 96.92
C SER A 455 44.48 50.64 97.59
N GLU A 456 43.50 50.20 96.81
CA GLU A 456 42.23 49.73 97.34
C GLU A 456 41.97 48.35 96.78
N PRO A 457 42.60 47.32 97.37
CA PRO A 457 42.42 45.96 96.83
C PRO A 457 40.97 45.53 96.76
N ARG A 458 40.11 46.05 97.64
CA ARG A 458 38.70 45.67 97.61
C ARG A 458 38.06 46.00 96.28
N LEU A 459 38.65 46.92 95.51
CA LEU A 459 38.11 47.27 94.21
C LEU A 459 38.07 46.11 93.24
N THR A 460 38.83 45.05 93.52
CA THR A 460 38.77 43.87 92.66
C THR A 460 37.37 43.29 92.59
N GLY A 461 36.54 43.55 93.59
CA GLY A 461 35.18 43.08 93.59
C GLY A 461 34.21 43.96 92.84
N TRP A 462 34.67 45.07 92.24
CA TRP A 462 33.77 45.94 91.51
C TRP A 462 34.29 46.23 90.11
N ILE A 463 35.60 46.40 89.98
CA ILE A 463 36.25 46.48 88.67
C ILE A 463 36.62 45.06 88.30
N ARG A 464 35.80 44.43 87.47
CA ARG A 464 36.00 43.04 87.08
C ARG A 464 35.98 42.98 85.55
N GLY A 465 37.13 42.68 84.97
CA GLY A 465 37.21 42.52 83.53
C GLY A 465 37.42 43.83 82.81
N VAL A 466 38.16 43.77 81.71
CA VAL A 466 38.44 44.94 80.87
C VAL A 466 37.96 44.60 79.48
N ASP A 467 37.32 45.56 78.82
CA ASP A 467 36.91 45.38 77.43
C ASP A 467 37.85 46.15 76.52
N ALA A 468 38.03 45.64 75.31
CA ALA A 468 38.83 46.29 74.27
C ALA A 468 37.89 46.67 73.13
N ALA A 469 37.53 47.95 73.07
CA ALA A 469 36.62 48.46 72.07
C ALA A 469 37.38 49.40 71.13
N ALA A 470 36.64 50.04 70.24
CA ALA A 470 36.74 50.99 69.13
C ALA A 470 37.04 50.28 67.82
N ASN A 471 37.16 51.04 66.73
CA ASN A 471 37.21 50.43 65.41
C ASN A 471 38.33 49.40 65.31
N GLU A 472 37.95 48.20 64.88
CA GLU A 472 38.86 47.06 64.92
C GLU A 472 40.10 47.29 64.07
N MET A 473 39.91 47.67 62.81
CA MET A 473 41.04 47.78 61.89
C MET A 473 42.11 48.73 62.40
N HIS A 474 41.74 49.67 63.27
CA HIS A 474 42.71 50.56 63.89
C HIS A 474 43.76 49.83 64.70
N ALA A 475 43.48 48.59 65.12
CA ALA A 475 44.45 47.80 65.87
C ALA A 475 44.05 46.34 65.92
N PRO A 476 44.98 45.41 65.70
CA PRO A 476 44.64 43.99 65.86
C PRO A 476 44.77 43.56 67.31
N PRO A 477 44.08 42.49 67.70
CA PRO A 477 44.02 42.15 69.13
C PRO A 477 45.37 41.85 69.76
N GLU A 478 46.29 41.24 69.02
CA GLU A 478 47.54 40.78 69.63
C GLU A 478 48.25 41.90 70.37
N LEU A 479 47.94 43.15 70.08
CA LEU A 479 48.54 44.26 70.81
C LEU A 479 48.16 44.24 72.28
N PHE A 480 47.01 43.66 72.62
CA PHE A 480 46.46 43.78 73.96
C PHE A 480 46.80 42.59 74.85
N CYS A 481 47.30 41.50 74.28
CA CYS A 481 47.56 40.30 75.09
C CYS A 481 48.45 40.59 76.27
N PRO A 482 49.60 41.25 76.11
CA PRO A 482 50.41 41.57 77.29
C PRO A 482 49.65 42.41 78.27
N LEU A 483 48.87 43.36 77.77
CA LEU A 483 48.03 44.18 78.64
C LEU A 483 47.09 43.31 79.45
N PHE A 484 46.38 42.41 78.77
CA PHE A 484 45.38 41.61 79.45
C PHE A 484 46.02 40.69 80.47
N ARG A 485 47.16 40.09 80.13
CA ARG A 485 47.84 39.19 81.05
C ARG A 485 48.34 39.93 82.27
N VAL A 486 48.94 41.11 82.06
CA VAL A 486 49.43 41.90 83.19
C VAL A 486 48.27 42.29 84.09
N LEU A 487 47.15 42.70 83.50
CA LEU A 487 45.98 43.05 84.29
C LEU A 487 45.47 41.83 85.05
N ALA A 488 45.44 40.68 84.39
CA ALA A 488 45.01 39.46 85.06
C ALA A 488 45.84 39.21 86.30
N LYS A 489 47.16 39.22 86.15
CA LYS A 489 48.01 39.01 87.32
C LYS A 489 47.78 40.11 88.35
N SER A 490 47.48 41.32 87.90
CA SER A 490 47.05 42.37 88.81
C SER A 490 45.83 41.94 89.62
N GLY A 491 44.94 41.15 89.03
CA GLY A 491 43.75 40.70 89.71
C GLY A 491 42.48 40.95 88.93
N ILE A 492 42.61 41.18 87.62
CA ILE A 492 41.47 41.42 86.75
C ILE A 492 41.05 40.08 86.16
N ALA A 493 39.99 39.50 86.71
CA ALA A 493 39.40 38.32 86.12
C ALA A 493 38.43 38.74 85.02
N HIS A 494 38.29 37.88 84.01
CA HIS A 494 37.39 38.08 82.90
C HIS A 494 37.97 39.14 81.95
N PHE A 495 37.71 38.99 80.65
CA PHE A 495 38.20 39.93 79.65
C PHE A 495 37.26 39.93 78.46
N THR A 496 37.31 41.01 77.68
CA THR A 496 36.43 41.16 76.53
C THR A 496 37.13 41.95 75.44
N TYR A 497 36.75 41.68 74.19
CA TYR A 497 37.38 42.35 73.05
C TYR A 497 36.40 42.33 71.88
N HIS A 498 36.14 43.48 71.30
CA HIS A 498 35.21 43.56 70.17
C HIS A 498 35.84 42.95 68.94
N VAL A 499 35.17 41.97 68.35
CA VAL A 499 35.65 41.30 67.15
C VAL A 499 34.48 41.02 66.22
N GLY A 500 34.77 41.00 64.92
CA GLY A 500 33.82 40.58 63.92
C GLY A 500 32.73 41.57 63.59
N GLU A 501 32.79 42.79 64.14
CA GLU A 501 31.72 43.76 63.90
C GLU A 501 31.85 44.39 62.51
N ASP A 502 32.99 45.03 62.24
CA ASP A 502 33.29 45.57 60.92
C ASP A 502 34.62 45.03 60.47
N PHE A 503 34.77 44.86 59.16
CA PHE A 503 35.95 44.24 58.58
C PHE A 503 36.04 44.59 57.10
N PRO A 504 37.25 44.62 56.54
CA PRO A 504 37.37 44.72 55.08
C PRO A 504 36.78 43.52 54.37
N HIS A 505 36.87 42.33 54.97
CA HIS A 505 36.33 41.12 54.36
C HIS A 505 35.87 40.16 55.45
N LEU A 506 34.89 39.35 55.11
CA LEU A 506 34.32 38.44 56.10
C LEU A 506 35.35 37.42 56.55
N ILE A 507 36.16 36.92 55.62
CA ILE A 507 37.28 36.08 56.00
C ILE A 507 38.19 36.83 56.95
N SER A 508 38.39 38.12 56.71
CA SER A 508 39.24 38.91 57.61
C SER A 508 38.65 38.94 59.01
N GLY A 509 37.35 39.16 59.12
CA GLY A 509 36.73 39.17 60.43
C GLY A 509 36.85 37.83 61.13
N ILE A 510 36.62 36.75 60.39
CA ILE A 510 36.75 35.41 60.97
C ILE A 510 38.17 35.18 61.46
N ARG A 511 39.15 35.54 60.63
CA ARG A 511 40.54 35.39 60.99
C ARG A 511 40.85 36.19 62.25
N SER A 512 40.35 37.42 62.33
CA SER A 512 40.57 38.24 63.50
C SER A 512 39.99 37.58 64.74
N ILE A 513 38.79 37.02 64.62
CA ILE A 513 38.18 36.35 65.76
C ILE A 513 39.06 35.21 66.24
N ASP A 514 39.53 34.37 65.31
CA ASP A 514 40.38 33.26 65.73
C ASP A 514 41.70 33.76 66.28
N ASP A 515 42.22 34.85 65.73
CA ASP A 515 43.43 35.43 66.29
C ASP A 515 43.22 35.77 67.75
N ALA A 516 42.14 36.47 68.05
CA ALA A 516 41.81 36.77 69.44
C ALA A 516 41.74 35.50 70.26
N LEU A 517 41.05 34.49 69.74
CA LEU A 517 40.88 33.24 70.49
C LEU A 517 42.22 32.64 70.83
N ARG A 518 43.07 32.45 69.82
CA ARG A 518 44.32 31.72 69.97
C ARG A 518 45.42 32.54 70.61
N PHE A 519 45.26 33.85 70.71
CA PHE A 519 46.27 34.72 71.28
C PHE A 519 45.87 35.31 72.61
N LEU A 520 44.62 35.77 72.75
CA LEU A 520 44.22 36.42 73.98
C LEU A 520 44.23 35.41 75.14
N PRO A 521 44.60 35.85 76.34
CA PRO A 521 44.59 34.95 77.50
C PRO A 521 43.18 34.74 78.05
N LEU A 522 42.28 34.30 77.18
CA LEU A 522 40.89 34.14 77.54
C LEU A 522 40.68 32.80 78.23
N ARG A 523 39.99 32.82 79.38
CA ARG A 523 39.76 31.64 80.18
C ARG A 523 38.35 31.11 79.96
N ASN A 524 38.00 30.06 80.69
CA ASN A 524 36.65 29.51 80.63
C ASN A 524 35.64 30.58 81.00
N GLY A 525 34.59 30.71 80.20
CA GLY A 525 33.49 31.60 80.50
C GLY A 525 33.65 33.03 80.05
N ASP A 526 34.81 33.41 79.53
CA ASP A 526 35.00 34.77 79.07
C ASP A 526 34.03 35.09 77.94
N ARG A 527 33.96 36.36 77.59
CA ARG A 527 33.04 36.86 76.59
C ARG A 527 33.76 37.74 75.59
N LEU A 528 33.43 37.59 74.31
CA LEU A 528 34.16 38.27 73.25
C LEU A 528 33.49 39.58 72.83
N GLY A 529 32.27 39.50 72.31
CA GLY A 529 31.60 40.67 71.78
C GLY A 529 30.63 40.37 70.66
N HIS A 530 30.51 41.27 69.69
CA HIS A 530 29.53 41.09 68.61
C HIS A 530 29.83 39.83 67.81
N CYS A 531 31.07 39.68 67.34
CA CYS A 531 31.46 38.52 66.53
C CYS A 531 30.52 38.34 65.34
N THR A 532 30.12 39.46 64.74
CA THR A 532 29.16 39.39 63.64
C THR A 532 29.70 38.63 62.45
N ALA A 533 31.02 38.49 62.36
CA ALA A 533 31.59 37.78 61.21
C ALA A 533 31.12 36.33 61.19
N ILE A 534 31.17 35.65 62.33
CA ILE A 534 30.77 34.25 62.41
C ILE A 534 29.27 34.08 62.49
N GLY A 535 28.52 35.17 62.44
CA GLY A 535 27.08 35.10 62.42
C GLY A 535 26.48 35.40 61.07
N ILE A 536 27.09 36.34 60.35
CA ILE A 536 26.54 36.79 59.09
C ILE A 536 26.82 35.73 58.01
N THR A 537 25.79 35.44 57.20
CA THR A 537 25.94 34.44 56.15
C THR A 537 26.57 35.06 54.91
N PRO A 538 27.25 34.25 54.09
CA PRO A 538 27.69 34.75 52.80
C PRO A 538 26.58 34.95 51.77
N SER A 539 25.40 34.36 51.95
CA SER A 539 24.26 34.78 51.15
C SER A 539 23.97 36.23 51.49
N ILE A 540 23.52 36.50 52.71
CA ILE A 540 23.39 37.88 53.15
C ILE A 540 24.70 38.29 53.81
N TRP A 541 25.70 38.54 52.97
CA TRP A 541 26.80 39.44 53.30
C TRP A 541 27.16 40.36 52.14
N LYS A 542 26.77 40.03 50.93
CA LYS A 542 27.06 40.82 49.73
C LYS A 542 25.77 40.95 48.95
N ARG A 543 25.18 42.14 48.99
CA ARG A 543 23.91 42.39 48.34
C ARG A 543 23.88 43.69 47.54
N SER A 544 24.73 44.65 47.88
CA SER A 544 24.83 45.91 47.14
C SER A 544 26.27 46.41 47.05
N LEU A 545 27.24 45.57 47.38
CA LEU A 545 28.63 46.00 47.51
C LEU A 545 29.44 45.62 46.26
N PRO A 546 30.55 46.30 46.01
CA PRO A 546 31.30 46.05 44.78
C PRO A 546 31.87 44.65 44.74
N LEU A 547 32.06 44.15 43.52
CA LEU A 547 32.50 42.77 43.33
C LEU A 547 33.90 42.53 43.86
N SER A 548 34.66 43.58 44.14
CA SER A 548 36.02 43.46 44.66
C SER A 548 36.18 44.39 45.85
N LEU A 549 37.12 44.05 46.73
CA LEU A 549 37.34 44.80 47.95
C LEU A 549 38.83 45.01 48.18
N SER A 550 39.27 46.26 48.11
CA SER A 550 40.67 46.58 48.36
C SER A 550 40.93 46.56 49.86
N MET A 551 42.07 45.98 50.25
CA MET A 551 42.44 45.82 51.65
C MET A 551 43.96 45.75 51.76
N THR A 552 44.43 45.80 53.00
CA THR A 552 45.86 45.92 53.25
C THR A 552 46.57 44.58 53.06
N LYS A 553 47.83 44.67 52.64
CA LYS A 553 48.62 43.48 52.36
C LYS A 553 48.79 42.62 53.61
N GLU A 554 49.05 43.25 54.76
CA GLU A 554 49.19 42.50 56.00
C GLU A 554 47.92 41.72 56.31
N THR A 555 46.77 42.39 56.20
CA THR A 555 45.51 41.72 56.45
C THR A 555 45.32 40.55 55.50
N ARG A 556 45.63 40.76 54.22
CA ARG A 556 45.48 39.69 53.24
C ARG A 556 46.35 38.50 53.61
N LEU A 557 47.62 38.74 53.94
CA LEU A 557 48.51 37.63 54.22
C LEU A 557 48.08 36.87 55.46
N LEU A 558 47.68 37.61 56.50
CA LEU A 558 47.19 36.94 57.70
C LEU A 558 45.95 36.10 57.39
N ASP A 559 45.03 36.64 56.59
CA ASP A 559 43.83 35.89 56.24
C ASP A 559 44.16 34.68 55.39
N LEU A 560 45.12 34.79 54.49
CA LEU A 560 45.51 33.65 53.67
C LEU A 560 46.11 32.55 54.53
N VAL A 561 46.96 32.91 55.48
CA VAL A 561 47.50 31.91 56.39
C VAL A 561 46.38 31.28 57.21
N PHE A 562 45.39 32.09 57.59
CA PHE A 562 44.24 31.56 58.30
C PHE A 562 43.46 30.55 57.46
N ILE A 563 43.23 30.87 56.20
CA ILE A 563 42.55 29.95 55.30
C ILE A 563 43.35 28.67 55.19
N TRP A 564 44.65 28.80 54.96
CA TRP A 564 45.55 27.65 55.01
C TRP A 564 45.26 26.77 56.21
N ARG A 565 45.44 27.33 57.41
CA ARG A 565 45.42 26.51 58.61
C ARG A 565 44.06 25.86 58.80
N GLU A 566 42.99 26.62 58.60
CA GLU A 566 41.66 26.07 58.83
C GLU A 566 41.28 25.02 57.80
N LEU A 567 41.68 25.17 56.54
CA LEU A 567 41.26 24.26 55.49
C LEU A 567 42.25 23.15 55.23
N ARG A 568 43.38 23.12 55.94
CA ARG A 568 44.32 22.03 55.78
C ARG A 568 43.67 20.68 56.03
N SER A 569 42.67 20.64 56.91
CA SER A 569 42.02 19.39 57.27
C SER A 569 40.77 19.10 56.44
N HIS A 570 40.39 19.98 55.51
CA HIS A 570 39.14 19.79 54.78
C HIS A 570 39.39 19.20 53.41
N PRO A 571 38.98 17.96 53.16
CA PRO A 571 39.21 17.36 51.84
C PRO A 571 38.52 18.10 50.71
N GLU A 572 37.40 18.76 51.00
CA GLU A 572 36.56 19.33 49.95
C GLU A 572 37.04 20.70 49.50
N LEU A 573 38.12 21.21 50.08
CA LEU A 573 38.54 22.58 49.82
C LEU A 573 40.07 22.65 49.67
N LEU A 574 40.72 21.52 49.48
CA LEU A 574 42.17 21.49 49.45
C LEU A 574 42.71 22.31 48.28
N ARG A 575 41.93 22.41 47.20
CA ARG A 575 42.29 23.31 46.12
C ARG A 575 42.43 24.74 46.62
N TYR A 576 41.42 25.22 47.34
CA TYR A 576 41.48 26.55 47.91
C TYR A 576 42.64 26.67 48.90
N ALA A 577 42.89 25.62 49.67
CA ALA A 577 43.97 25.69 50.66
C ALA A 577 45.33 25.84 49.98
N SER A 578 45.55 25.07 48.91
CA SER A 578 46.79 25.20 48.15
C SER A 578 46.91 26.59 47.53
N ASP A 579 45.79 27.11 47.02
CA ASP A 579 45.80 28.46 46.48
C ASP A 579 46.18 29.48 47.54
N ALA A 580 45.63 29.33 48.74
CA ALA A 580 46.00 30.22 49.83
C ALA A 580 47.49 30.11 50.13
N ALA A 581 48.00 28.89 50.16
CA ALA A 581 49.43 28.70 50.41
C ALA A 581 50.26 29.44 49.37
N ILE A 582 49.97 29.22 48.08
CA ILE A 582 50.77 29.82 47.03
C ILE A 582 50.72 31.34 47.13
N GLU A 583 49.52 31.89 47.25
CA GLU A 583 49.37 33.34 47.19
C GLU A 583 49.93 33.99 48.45
N ALA A 584 49.81 33.33 49.60
CA ALA A 584 50.43 33.84 50.81
C ALA A 584 51.95 33.88 50.67
N VAL A 585 52.52 32.84 50.07
CA VAL A 585 53.97 32.86 49.83
C VAL A 585 54.34 34.05 48.97
N ARG A 586 53.56 34.32 47.92
CA ARG A 586 53.90 35.42 47.02
C ARG A 586 53.80 36.76 47.74
N LEU A 587 52.71 36.96 48.49
CA LEU A 587 52.54 38.21 49.21
C LEU A 587 53.63 38.40 50.26
N ALA A 588 54.05 37.32 50.91
CA ALA A 588 55.16 37.42 51.84
C ALA A 588 56.45 37.81 51.12
N HIS A 589 56.70 37.19 49.97
CA HIS A 589 57.85 37.58 49.16
C HIS A 589 57.86 39.08 48.90
N LYS A 590 56.72 39.61 48.46
CA LYS A 590 56.66 41.04 48.15
C LYS A 590 56.77 41.90 49.40
N VAL A 591 55.98 41.61 50.43
CA VAL A 591 55.93 42.50 51.59
C VAL A 591 57.28 42.52 52.31
N PHE A 592 57.88 41.34 52.49
CA PHE A 592 59.19 41.25 53.10
C PHE A 592 60.33 41.43 52.11
N SER A 593 60.02 41.67 50.83
CA SER A 593 61.05 41.88 49.82
C SER A 593 62.02 40.70 49.79
N LEU A 594 61.46 39.50 49.94
CA LEU A 594 62.28 38.31 50.12
C LEU A 594 62.82 37.81 48.79
N GLU A 595 64.04 37.30 48.83
CA GLU A 595 64.64 36.62 47.69
C GLU A 595 64.87 35.15 47.95
N GLU A 596 65.14 34.77 49.19
CA GLU A 596 65.24 33.37 49.59
C GLU A 596 63.87 32.72 49.53
N GLU A 597 63.82 31.40 49.39
CA GLU A 597 62.58 30.66 49.41
C GLU A 597 62.13 30.53 50.85
N VAL A 598 60.88 30.90 51.10
CA VAL A 598 60.31 30.93 52.44
C VAL A 598 59.09 30.01 52.43
N SER A 599 59.01 29.11 53.42
CA SER A 599 57.94 28.14 53.46
C SER A 599 56.73 28.68 54.21
N ILE A 600 55.55 28.31 53.71
CA ILE A 600 54.32 28.58 54.46
C ILE A 600 54.49 28.21 55.91
N THR A 601 55.27 27.17 56.19
CA THR A 601 55.48 26.73 57.56
C THR A 601 56.14 27.83 58.39
N THR A 602 57.21 28.43 57.84
CA THR A 602 57.90 29.47 58.60
C THR A 602 57.07 30.75 58.64
N LEU A 603 56.28 31.03 57.60
CA LEU A 603 55.31 32.11 57.72
C LEU A 603 54.41 31.88 58.93
N ASP A 604 53.94 30.64 59.08
CA ASP A 604 53.04 30.30 60.16
C ASP A 604 53.72 30.48 61.51
N GLN A 605 54.98 30.03 61.61
CA GLN A 605 55.71 30.21 62.85
C GLN A 605 55.87 31.69 63.18
N VAL A 606 56.17 32.50 62.17
CA VAL A 606 56.26 33.94 62.36
C VAL A 606 54.95 34.47 62.93
N PHE A 607 53.85 34.13 62.29
CA PHE A 607 52.54 34.67 62.65
C PHE A 607 52.02 34.17 63.98
N GLU A 608 52.48 33.02 64.46
CA GLU A 608 52.07 32.57 65.77
C GLU A 608 52.72 33.40 66.90
N MET A 609 53.72 34.23 66.59
CA MET A 609 54.37 35.05 67.60
C MET A 609 53.68 36.39 67.79
N ARG A 610 52.58 36.64 67.09
CA ARG A 610 52.00 37.99 67.11
C ARG A 610 51.61 38.43 68.51
N GLY A 611 51.40 37.49 69.43
CA GLY A 611 51.09 37.86 70.80
C GLY A 611 52.26 38.41 71.59
N LEU A 612 53.47 38.31 71.06
CA LEU A 612 54.65 38.77 71.77
C LEU A 612 54.67 40.30 71.86
N LEU A 613 55.20 40.81 72.96
CA LEU A 613 55.42 42.24 73.09
C LEU A 613 56.49 42.70 72.10
N ALA A 614 56.24 43.81 71.44
CA ALA A 614 57.24 44.38 70.54
C ALA A 614 58.55 44.61 71.28
N GLU A 615 58.48 45.30 72.41
CA GLU A 615 59.67 45.66 73.19
C GLU A 615 59.98 44.62 74.25
N SER A 616 60.06 43.34 73.87
CA SER A 616 60.40 42.33 74.86
C SER A 616 61.89 42.02 74.87
N GLU A 617 62.40 41.45 73.77
CA GLU A 617 63.84 41.27 73.61
C GLU A 617 64.30 41.45 72.17
N GLY A 618 63.41 41.78 71.25
CA GLY A 618 63.79 41.95 69.86
C GLY A 618 63.71 43.39 69.43
N LEU A 619 63.35 44.26 70.37
CA LEU A 619 63.16 45.67 70.07
C LEU A 619 63.54 46.51 71.29
N SER A 631 57.30 45.74 87.46
CA SER A 631 57.50 44.47 88.12
C SER A 631 56.74 43.35 87.40
N LEU A 632 55.44 43.57 87.21
CA LEU A 632 54.61 42.57 86.56
C LEU A 632 54.87 42.49 85.06
N TRP A 633 55.62 43.43 84.50
CA TRP A 633 55.95 43.39 83.09
C TRP A 633 57.16 42.51 82.79
N LEU A 634 57.90 42.08 83.82
CA LEU A 634 59.10 41.30 83.59
C LEU A 634 58.78 39.99 82.89
N GLU A 635 57.69 39.35 83.27
CA GLU A 635 57.36 38.03 82.73
C GLU A 635 57.21 38.10 81.21
N GLU A 636 56.44 39.07 80.72
CA GLU A 636 56.28 39.24 79.29
C GLU A 636 57.51 39.83 78.62
N TYR A 637 58.26 40.68 79.32
CA TYR A 637 59.52 41.17 78.77
C TYR A 637 60.45 40.01 78.45
N GLU A 638 60.45 38.98 79.28
CA GLU A 638 61.26 37.80 79.04
C GLU A 638 60.52 36.73 78.24
N ARG A 639 59.22 36.90 78.00
CA ARG A 639 58.48 35.88 77.25
C ARG A 639 59.12 35.59 75.91
N ALA A 640 59.87 36.53 75.35
CA ALA A 640 60.61 36.25 74.13
C ALA A 640 61.87 35.45 74.38
N ARG A 641 62.27 35.30 75.65
CA ARG A 641 63.57 34.70 75.94
C ARG A 641 63.60 33.22 75.61
N GLU A 642 62.58 32.46 76.02
CA GLU A 642 62.55 31.04 75.69
C GLU A 642 62.39 30.83 74.19
N LEU A 643 61.62 31.69 73.54
CA LEU A 643 61.52 31.60 72.08
C LEU A 643 62.89 31.75 71.43
N VAL A 644 63.61 32.83 71.78
CA VAL A 644 64.94 33.00 71.20
C VAL A 644 65.87 31.86 71.61
N LYS A 645 65.66 31.29 72.79
CA LYS A 645 66.41 30.10 73.19
C LYS A 645 66.17 28.96 72.21
N THR A 646 64.94 28.79 71.76
CA THR A 646 64.66 27.82 70.71
C THR A 646 65.49 28.12 69.49
N THR A 647 66.46 27.23 69.21
CA THR A 647 67.46 27.52 68.18
C THR A 647 66.87 27.57 66.78
N GLY A 648 66.07 26.56 66.42
CA GLY A 648 65.60 26.40 65.06
C GLY A 648 64.56 27.41 64.61
N MET A 649 64.46 28.54 65.29
CA MET A 649 63.44 29.56 65.00
C MET A 649 64.09 30.87 64.56
N LYS A 650 65.34 30.80 64.11
CA LYS A 650 66.08 31.91 63.54
C LYS A 650 65.26 32.71 62.54
N ARG A 651 64.82 32.05 61.48
CA ARG A 651 64.15 32.74 60.38
C ARG A 651 62.87 33.38 60.90
N PRO A 652 62.06 32.69 61.71
CA PRO A 652 60.90 33.37 62.31
C PRO A 652 61.28 34.62 63.09
N LEU A 653 62.34 34.56 63.90
CA LEU A 653 62.78 35.76 64.61
C LEU A 653 63.09 36.89 63.66
N LYS A 654 63.96 36.65 62.69
CA LYS A 654 64.40 37.75 61.84
C LYS A 654 63.25 38.28 61.01
N LEU A 655 62.41 37.38 60.49
CA LEU A 655 61.29 37.80 59.67
C LEU A 655 60.30 38.63 60.48
N TYR A 656 60.00 38.21 61.70
CA TYR A 656 59.08 38.99 62.53
C TYR A 656 59.68 40.32 62.92
N LYS A 657 60.98 40.36 63.19
CA LYS A 657 61.62 41.63 63.48
C LYS A 657 61.54 42.56 62.27
N GLN A 658 61.70 42.02 61.07
CA GLN A 658 61.49 42.80 59.87
C GLN A 658 60.04 43.27 59.78
N TRP A 659 59.10 42.38 60.08
CA TRP A 659 57.69 42.71 60.07
C TRP A 659 57.39 43.90 60.98
N LEU A 660 58.03 43.94 62.14
CA LEU A 660 57.74 44.96 63.11
C LEU A 660 58.45 46.28 62.80
N THR A 661 59.73 46.21 62.43
CA THR A 661 60.58 47.39 62.33
C THR A 661 60.80 47.87 60.91
N SER A 662 60.97 46.97 59.95
CA SER A 662 61.38 47.38 58.61
C SER A 662 60.42 48.40 58.03
N ASP A 663 60.97 49.53 57.60
CA ASP A 663 60.17 50.54 56.92
C ASP A 663 59.54 49.96 55.66
N ASN A 664 60.33 49.23 54.88
CA ASN A 664 59.82 48.66 53.63
C ASN A 664 58.67 47.70 53.90
N VAL A 665 58.85 46.83 54.89
CA VAL A 665 57.79 45.88 55.22
C VAL A 665 56.56 46.63 55.72
N ARG A 666 56.75 47.72 56.47
CA ARG A 666 55.61 48.42 57.01
C ARG A 666 54.83 49.13 55.91
N LYS A 667 55.52 49.76 54.97
CA LYS A 667 54.84 50.37 53.83
C LYS A 667 54.13 49.31 52.99
N GLN A 668 54.78 48.16 52.78
CA GLN A 668 54.14 47.06 52.07
C GLN A 668 52.88 46.59 52.79
N ARG A 669 52.94 46.49 54.11
CA ARG A 669 51.78 46.09 54.89
C ARG A 669 50.64 47.09 54.72
N ALA A 670 50.96 48.38 54.76
CA ALA A 670 49.97 49.42 54.56
C ALA A 670 49.38 49.43 53.15
N GLU A 671 50.14 48.98 52.16
CA GLU A 671 49.67 48.96 50.78
C GLU A 671 48.31 48.29 50.64
N TYR A 672 47.58 48.61 49.58
CA TYR A 672 46.25 48.08 49.33
C TYR A 672 46.26 47.21 48.08
N VAL A 673 45.29 46.30 48.00
CA VAL A 673 45.09 45.49 46.80
C VAL A 673 43.73 44.80 46.90
N GLU A 674 43.15 44.47 45.75
CA GLU A 674 41.83 43.90 45.67
C GLU A 674 41.78 42.47 46.17
N VAL A 675 40.62 42.08 46.69
CA VAL A 675 40.17 40.71 46.78
C VAL A 675 38.94 40.59 45.90
N ALA A 676 38.99 39.68 44.94
CA ALA A 676 37.78 39.34 44.20
C ALA A 676 36.77 38.73 45.17
N LEU A 677 35.52 39.16 45.05
CA LEU A 677 34.51 38.74 46.01
C LEU A 677 34.49 37.22 46.16
N GLU A 678 34.22 36.50 45.09
CA GLU A 678 34.14 35.04 45.15
C GLU A 678 35.52 34.41 45.15
N TYR A 679 36.35 34.84 46.09
CA TYR A 679 37.61 34.16 46.31
C TYR A 679 37.37 32.74 46.80
N LEU A 680 36.38 32.56 47.66
CA LEU A 680 36.06 31.26 48.22
C LEU A 680 34.55 31.00 48.14
N PRO A 681 34.14 29.75 47.98
CA PRO A 681 32.70 29.45 48.00
C PRO A 681 32.08 29.74 49.35
N ASP A 682 30.81 30.13 49.33
CA ASP A 682 30.09 30.38 50.57
C ASP A 682 30.10 29.16 51.47
N GLU A 683 30.14 27.96 50.87
CA GLU A 683 30.32 26.76 51.66
C GLU A 683 31.65 26.82 52.41
N ALA A 684 32.71 27.25 51.73
CA ALA A 684 34.01 27.36 52.39
C ALA A 684 33.95 28.40 53.51
N VAL A 685 33.27 29.52 53.26
CA VAL A 685 33.13 30.53 54.29
C VAL A 685 32.43 29.95 55.50
N VAL A 686 31.38 29.17 55.26
CA VAL A 686 30.65 28.54 56.34
C VAL A 686 31.55 27.56 57.07
N ALA A 687 32.40 26.85 56.34
CA ALA A 687 33.33 25.91 56.97
C ALA A 687 34.28 26.65 57.90
N LEU A 688 34.82 27.77 57.43
CA LEU A 688 35.65 28.61 58.30
C LEU A 688 34.87 29.00 59.55
N GLN A 689 33.66 29.52 59.36
CA GLN A 689 32.84 29.91 60.50
C GLN A 689 32.67 28.75 61.46
N GLN A 690 32.40 27.57 60.94
CA GLN A 690 32.06 26.44 61.80
C GLN A 690 33.28 25.95 62.56
N ALA A 691 34.44 25.93 61.91
CA ALA A 691 35.67 25.69 62.64
C ALA A 691 35.82 26.69 63.77
N VAL A 692 35.46 27.95 63.51
CA VAL A 692 35.58 28.97 64.54
C VAL A 692 34.64 28.67 65.70
N MET A 693 33.39 28.33 65.42
CA MET A 693 32.47 28.01 66.51
C MET A 693 32.94 26.78 67.27
N ALA A 694 33.49 25.80 66.55
CA ALA A 694 34.02 24.62 67.22
C ALA A 694 35.11 25.00 68.21
N LYS A 695 36.09 25.79 67.75
CA LYS A 695 37.16 26.23 68.65
C LYS A 695 36.61 27.02 69.82
N MET A 696 35.76 28.00 69.54
CA MET A 696 35.12 28.74 70.62
C MET A 696 34.53 27.79 71.64
N ALA A 697 33.54 26.99 71.23
CA ALA A 697 32.83 26.13 72.15
C ALA A 697 33.81 25.26 72.92
N ASP A 698 34.89 24.84 72.26
CA ASP A 698 35.94 24.12 72.97
C ASP A 698 36.44 24.95 74.14
N ARG A 699 36.64 26.24 73.91
CA ARG A 699 37.19 27.10 74.95
C ARG A 699 36.13 27.73 75.84
N ASN A 700 34.86 27.48 75.59
CA ASN A 700 33.77 27.92 76.46
C ASN A 700 33.74 29.44 76.60
N ILE A 701 33.53 30.11 75.48
CA ILE A 701 33.49 31.58 75.41
C ILE A 701 32.13 31.99 74.89
N ALA A 702 31.63 33.13 75.38
CA ALA A 702 30.32 33.62 74.97
C ALA A 702 30.43 34.82 74.05
N ILE A 703 29.31 35.15 73.43
CA ILE A 703 29.23 36.17 72.39
C ILE A 703 28.10 37.11 72.75
N GLU A 704 28.42 38.35 73.11
CA GLU A 704 27.40 39.38 73.29
C GLU A 704 26.82 39.73 71.93
N CYS A 705 25.51 39.77 71.82
CA CYS A 705 24.82 40.02 70.56
C CYS A 705 23.77 41.11 70.72
N PRO A 706 24.11 42.37 70.52
CA PRO A 706 23.10 43.42 70.57
C PRO A 706 22.43 43.59 69.22
N PRO A 707 21.15 43.98 69.20
CA PRO A 707 20.49 44.19 67.91
C PRO A 707 20.91 45.51 67.29
N THR A 708 21.42 45.46 66.07
CA THR A 708 21.96 46.64 65.40
C THR A 708 21.11 47.04 64.21
N SER A 714 23.20 46.74 59.50
CA SER A 714 23.12 47.76 58.45
C SER A 714 22.51 47.19 57.18
N GLN A 715 23.01 46.04 56.75
CA GLN A 715 22.60 45.42 55.49
C GLN A 715 21.32 44.60 55.60
N TYR A 716 20.89 44.25 56.82
CA TYR A 716 19.63 43.53 56.99
C TYR A 716 18.49 44.43 56.53
N ARG A 717 17.61 43.88 55.68
CA ARG A 717 16.40 44.61 55.31
C ARG A 717 15.48 44.77 56.51
N ASN A 718 15.11 43.67 57.15
CA ASN A 718 14.41 43.69 58.41
C ASN A 718 15.20 42.86 59.43
N VAL A 719 14.85 43.03 60.70
CA VAL A 719 15.59 42.36 61.76
C VAL A 719 15.55 40.84 61.61
N SER A 720 14.58 40.32 60.85
CA SER A 720 14.38 38.88 60.77
C SER A 720 15.63 38.13 60.34
N GLU A 721 16.51 38.75 59.56
CA GLU A 721 17.73 38.10 59.12
C GLU A 721 18.87 38.23 60.12
N HIS A 722 18.64 38.87 61.26
CA HIS A 722 19.71 39.04 62.23
C HIS A 722 20.35 37.69 62.56
N HIS A 723 21.68 37.64 62.39
CA HIS A 723 22.44 36.42 62.61
C HIS A 723 22.22 35.83 63.99
N ILE A 724 21.61 36.57 64.91
CA ILE A 724 21.28 36.01 66.21
C ILE A 724 20.46 34.76 66.04
N PHE A 725 19.57 34.74 65.05
CA PHE A 725 18.71 33.58 64.85
C PHE A 725 19.52 32.38 64.36
N ARG A 726 20.46 32.59 63.45
CA ARG A 726 21.31 31.49 63.02
C ARG A 726 22.08 30.93 64.20
N TRP A 727 22.65 31.82 65.02
CA TRP A 727 23.31 31.36 66.24
C TRP A 727 22.32 30.66 67.17
N MET A 728 21.05 31.03 67.10
CA MET A 728 20.04 30.48 67.98
C MET A 728 19.44 29.19 67.44
N GLY A 729 19.81 28.79 66.23
CA GLY A 729 19.43 27.50 65.72
C GLY A 729 18.06 27.43 65.07
N LEU A 730 17.50 28.56 64.66
CA LEU A 730 16.16 28.56 64.11
C LEU A 730 16.16 27.82 62.77
N PRO A 731 15.17 26.95 62.52
CA PRO A 731 15.08 26.31 61.21
C PRO A 731 14.90 27.33 60.10
N GLY A 732 15.55 27.07 58.96
CA GLY A 732 15.57 28.00 57.86
C GLY A 732 16.64 29.04 57.94
N GLU A 733 17.29 29.20 59.08
CA GLU A 733 18.43 30.09 59.25
C GLU A 733 19.69 29.35 59.67
N ALA A 734 19.59 28.48 60.66
CA ALA A 734 20.71 27.67 61.07
C ALA A 734 21.24 26.87 59.89
N ILE A 735 22.53 26.54 59.95
CA ILE A 735 23.18 25.78 58.90
C ILE A 735 23.57 24.42 59.47
N GLU A 736 23.70 23.45 58.57
CA GLU A 736 23.85 22.06 59.01
C GLU A 736 25.08 21.87 59.89
N GLY A 737 26.21 22.45 59.51
CA GLY A 737 27.45 22.21 60.23
C GLY A 737 27.63 23.10 61.43
N ASP A 738 26.53 23.39 62.12
CA ASP A 738 26.55 24.46 63.11
C ASP A 738 26.63 23.91 64.52
N VAL A 739 26.84 24.82 65.46
CA VAL A 739 27.03 24.50 66.89
C VAL A 739 26.17 25.46 67.68
N PRO A 740 25.93 25.23 68.97
CA PRO A 740 25.52 26.33 69.85
C PRO A 740 26.72 27.20 70.20
N MET A 741 26.45 28.47 70.50
CA MET A 741 27.55 29.42 70.68
C MET A 741 27.47 30.28 71.94
N SER A 742 26.59 29.98 72.90
CA SER A 742 26.55 30.72 74.15
C SER A 742 26.44 32.22 73.87
N ILE A 743 25.30 32.59 73.31
CA ILE A 743 25.02 33.98 73.02
C ILE A 743 24.48 34.65 74.28
N CYS A 744 24.96 35.85 74.55
CA CYS A 744 24.52 36.67 75.66
C CYS A 744 23.97 37.97 75.12
N LEU A 745 23.25 38.68 75.98
CA LEU A 745 22.50 39.86 75.55
C LEU A 745 23.26 41.14 75.86
N GLY A 746 22.92 42.19 75.12
CA GLY A 746 23.51 43.50 75.31
C GLY A 746 22.64 44.60 74.75
N SER A 747 22.39 45.64 75.54
CA SER A 747 21.52 46.74 75.11
C SER A 747 22.39 47.82 74.48
N ASP A 748 22.70 47.61 73.20
CA ASP A 748 23.45 48.59 72.42
C ASP A 748 22.96 48.49 70.97
N ASP A 749 21.98 49.31 70.62
CA ASP A 749 21.51 49.40 69.24
C ASP A 749 21.93 50.74 68.67
N PRO A 750 22.84 50.78 67.69
CA PRO A 750 23.43 52.07 67.30
C PRO A 750 22.43 53.11 66.85
N GLY A 751 21.39 52.71 66.12
CA GLY A 751 20.56 53.64 65.41
C GLY A 751 19.18 53.83 65.98
N ILE A 752 19.07 53.91 67.30
CA ILE A 752 17.77 54.07 67.95
C ILE A 752 17.94 55.00 69.15
N PHE A 753 16.82 55.59 69.57
CA PHE A 753 16.77 56.45 70.74
C PHE A 753 16.01 55.73 71.84
N ALA A 754 16.50 55.87 73.08
CA ALA A 754 15.81 55.35 74.25
C ALA A 754 15.55 53.85 74.11
N ALA A 755 16.65 53.12 73.96
CA ALA A 755 16.61 51.66 73.89
C ALA A 755 17.02 51.07 75.23
N ASP A 756 16.52 49.86 75.48
CA ASP A 756 16.76 49.20 76.76
C ASP A 756 16.96 47.70 76.53
N LEU A 757 17.67 47.10 77.47
CA LEU A 757 17.86 45.66 77.44
C LEU A 757 16.52 44.94 77.36
N LYS A 758 15.55 45.35 78.18
CA LYS A 758 14.24 44.70 78.13
C LYS A 758 13.54 45.03 76.82
N SER A 759 13.84 46.19 76.24
CA SER A 759 13.33 46.49 74.91
C SER A 759 13.82 45.46 73.90
N GLU A 760 15.12 45.14 73.94
CA GLU A 760 15.65 44.12 73.05
C GLU A 760 15.03 42.77 73.34
N PHE A 761 14.85 42.45 74.63
CA PHE A 761 14.18 41.21 75.00
C PHE A 761 12.83 41.11 74.30
N TYR A 762 12.04 42.18 74.42
CA TYR A 762 10.71 42.17 73.83
C TYR A 762 10.81 42.05 72.32
N HIS A 763 11.78 42.75 71.73
CA HIS A 763 12.01 42.70 70.29
C HIS A 763 12.19 41.25 69.85
N LEU A 764 13.09 40.54 70.52
CA LEU A 764 13.37 39.16 70.16
C LEU A 764 12.13 38.31 70.35
N PHE A 765 11.42 38.49 71.47
CA PHE A 765 10.22 37.70 71.70
C PHE A 765 9.21 37.90 70.57
N VAL A 766 8.92 39.16 70.23
CA VAL A 766 7.87 39.43 69.25
C VAL A 766 8.27 38.90 67.89
N VAL A 767 9.54 39.10 67.50
CA VAL A 767 9.96 38.61 66.19
C VAL A 767 9.85 37.10 66.13
N LEU A 768 10.31 36.42 67.18
CA LEU A 768 10.15 34.97 67.22
C LEU A 768 8.70 34.57 67.06
N THR A 769 7.82 35.16 67.86
CA THR A 769 6.42 34.77 67.84
C THR A 769 5.77 35.03 66.50
N ARG A 770 6.03 36.19 65.89
CA ARG A 770 5.32 36.61 64.70
C ARG A 770 5.96 36.12 63.41
N LYS A 771 7.21 36.49 63.15
CA LYS A 771 7.83 36.12 61.88
C LYS A 771 8.14 34.63 61.81
N PHE A 772 8.45 34.00 62.92
CA PHE A 772 8.82 32.60 62.94
C PHE A 772 7.69 31.72 63.47
N GLY A 773 6.57 32.31 63.90
CA GLY A 773 5.42 31.54 64.30
C GLY A 773 5.59 30.71 65.55
N LEU A 774 6.67 30.90 66.30
CA LEU A 774 6.84 30.17 67.54
C LEU A 774 5.75 30.52 68.54
N SER A 775 5.32 29.53 69.30
CA SER A 775 4.34 29.78 70.34
C SER A 775 4.98 30.62 71.43
N PRO A 776 4.17 31.36 72.19
CA PRO A 776 4.75 32.25 73.21
C PRO A 776 5.72 31.54 74.13
N ALA A 777 5.43 30.30 74.54
CA ALA A 777 6.39 29.55 75.35
C ALA A 777 7.68 29.32 74.57
N ASP A 778 7.56 28.99 73.30
CA ASP A 778 8.74 28.73 72.48
C ASP A 778 9.63 29.97 72.39
N ALA A 779 9.04 31.10 72.05
CA ALA A 779 9.83 32.33 72.00
C ALA A 779 10.40 32.65 73.37
N LEU A 780 9.62 32.44 74.42
CA LEU A 780 10.07 32.78 75.76
C LEU A 780 11.33 32.02 76.12
N ARG A 781 11.32 30.70 75.97
CA ARG A 781 12.51 29.98 76.43
C ARG A 781 13.65 30.17 75.44
N LYS A 782 13.34 30.36 74.15
CA LYS A 782 14.40 30.71 73.20
C LYS A 782 15.20 31.91 73.70
N VAL A 783 14.51 32.99 74.02
CA VAL A 783 15.22 34.17 74.50
C VAL A 783 15.84 33.89 75.86
N ALA A 784 15.14 33.10 76.68
CA ALA A 784 15.59 32.87 78.04
C ALA A 784 16.94 32.17 78.07
N GLU A 785 17.28 31.30 77.10
CA GLU A 785 18.60 30.70 77.21
C GLU A 785 19.65 31.80 77.17
N VAL A 786 19.51 32.72 76.22
CA VAL A 786 20.49 33.80 76.08
C VAL A 786 20.52 34.64 77.34
N ASN A 787 19.35 34.99 77.86
CA ASN A 787 19.32 35.81 79.06
C ASN A 787 20.05 35.11 80.21
N GLU A 788 19.65 33.88 80.51
CA GLU A 788 20.25 33.17 81.64
C GLU A 788 21.72 32.91 81.41
N ASN A 789 22.12 32.71 80.16
CA ASN A 789 23.54 32.70 79.82
C ASN A 789 24.19 34.01 80.26
N GLY A 790 23.45 35.11 80.14
CA GLY A 790 23.97 36.38 80.63
C GLY A 790 24.34 36.30 82.10
N ARG A 791 23.45 35.75 82.92
CA ARG A 791 23.78 35.53 84.33
C ARG A 791 24.97 34.59 84.45
N ILE A 792 24.92 33.48 83.72
CA ILE A 792 25.89 32.41 83.87
C ILE A 792 27.30 32.96 83.63
N TYR A 793 27.47 33.73 82.57
CA TYR A 793 28.75 34.30 82.21
C TYR A 793 28.89 35.73 82.67
N ARG A 794 28.04 36.17 83.58
CA ARG A 794 28.32 37.37 84.35
C ARG A 794 29.76 37.34 84.82
N PHE A 795 30.39 38.51 84.83
CA PHE A 795 31.70 38.65 85.44
C PHE A 795 31.61 39.01 86.92
N HIS A 796 30.45 39.46 87.39
CA HIS A 796 30.30 39.91 88.77
C HIS A 796 30.88 38.87 89.72
N ASP A 797 31.33 39.36 90.87
CA ASP A 797 31.89 38.48 91.89
C ASP A 797 30.84 37.46 92.33
N VAL A 798 31.30 36.29 92.71
CA VAL A 798 30.41 35.24 93.21
C VAL A 798 30.46 35.23 94.73
N MET B 1 -19.69 0.92 99.68
CA MET B 1 -21.13 0.70 99.99
C MET B 1 -21.45 1.24 101.39
N GLU B 2 -20.41 1.38 102.21
CA GLU B 2 -20.60 1.89 103.56
C GLU B 2 -21.28 3.25 103.53
N ARG B 3 -21.12 3.98 102.43
CA ARG B 3 -21.74 5.29 102.30
C ARG B 3 -23.25 5.22 102.47
N PHE B 4 -23.85 4.06 102.20
CA PHE B 4 -25.29 3.94 102.34
C PHE B 4 -25.71 3.90 103.81
N LEU B 5 -24.86 3.39 104.69
CA LEU B 5 -25.12 3.38 106.11
C LEU B 5 -24.87 4.73 106.77
N LEU B 6 -24.32 5.70 106.03
CA LEU B 6 -24.08 7.03 106.57
C LEU B 6 -24.84 8.13 105.85
N ASN B 7 -25.36 7.85 104.65
CA ASN B 7 -26.11 8.85 103.88
C ASN B 7 -27.33 8.15 103.31
N SER B 8 -28.44 8.18 104.04
CA SER B 8 -29.67 7.53 103.60
C SER B 8 -30.85 8.20 104.28
N THR B 9 -31.73 8.82 103.48
CA THR B 9 -32.93 9.44 104.04
C THR B 9 -33.82 8.40 104.70
N VAL B 10 -33.92 7.22 104.09
CA VAL B 10 -34.78 6.17 104.66
C VAL B 10 -34.29 5.77 106.04
N LEU B 11 -32.99 5.47 106.15
CA LEU B 11 -32.43 5.07 107.42
C LEU B 11 -32.61 6.18 108.46
N LEU B 12 -32.26 7.41 108.11
CA LEU B 12 -32.39 8.51 109.05
C LEU B 12 -33.82 8.65 109.52
N TYR B 13 -34.77 8.66 108.58
CA TYR B 13 -36.17 8.80 108.95
C TYR B 13 -36.61 7.72 109.92
N ARG B 14 -36.37 6.46 109.58
CA ARG B 14 -36.86 5.39 110.43
C ARG B 14 -36.18 5.42 111.79
N LEU B 15 -34.87 5.63 111.81
CA LEU B 15 -34.18 5.68 113.08
C LEU B 15 -34.72 6.79 113.96
N SER B 16 -34.86 8.00 113.43
CA SER B 16 -35.44 9.10 114.17
C SER B 16 -36.86 8.81 114.61
N THR B 17 -37.59 7.96 113.89
CA THR B 17 -38.97 7.68 114.24
C THR B 17 -39.11 6.62 115.34
N VAL B 18 -38.35 5.54 115.26
CA VAL B 18 -38.55 4.41 116.17
C VAL B 18 -38.09 4.80 117.59
N SER B 19 -38.45 3.96 118.54
CA SER B 19 -38.08 4.18 119.93
C SER B 19 -36.60 3.87 120.15
N LEU B 20 -36.06 4.41 121.24
CA LEU B 20 -34.66 4.21 121.58
C LEU B 20 -34.39 2.85 122.21
N ASP B 21 -35.43 2.09 122.56
CA ASP B 21 -35.25 0.76 123.13
C ASP B 21 -35.74 -0.34 122.20
N GLU B 22 -35.85 -0.05 120.90
CA GLU B 22 -36.32 -1.05 119.95
C GLU B 22 -35.32 -2.19 119.84
N VAL B 23 -34.05 -1.87 119.58
CA VAL B 23 -32.99 -2.87 119.46
C VAL B 23 -33.27 -3.79 118.29
N SER B 24 -32.24 -4.46 117.79
CA SER B 24 -32.39 -5.49 116.76
C SER B 24 -33.08 -4.92 115.52
N LEU B 25 -32.39 -3.96 114.90
CA LEU B 25 -32.88 -3.30 113.70
C LEU B 25 -32.10 -3.72 112.46
N ASP B 26 -31.51 -4.92 112.48
CA ASP B 26 -30.52 -5.28 111.48
C ASP B 26 -31.15 -5.47 110.11
N GLU B 27 -32.16 -6.35 110.01
CA GLU B 27 -32.79 -6.62 108.73
C GLU B 27 -33.41 -5.36 108.15
N ARG B 28 -34.07 -4.57 109.00
CA ARG B 28 -34.73 -3.35 108.55
C ARG B 28 -33.70 -2.33 108.06
N VAL B 29 -32.56 -2.22 108.75
CA VAL B 29 -31.47 -1.37 108.28
C VAL B 29 -30.96 -1.86 106.94
N GLU B 30 -30.88 -3.18 106.77
CA GLU B 30 -30.48 -3.74 105.49
C GLU B 30 -31.45 -3.33 104.39
N SER B 31 -32.74 -3.38 104.69
CA SER B 31 -33.74 -2.90 103.73
C SER B 31 -33.50 -1.44 103.39
N SER B 32 -33.23 -0.62 104.41
CA SER B 32 -32.93 0.78 104.18
C SER B 32 -31.75 0.95 103.26
N VAL B 33 -30.69 0.16 103.48
CA VAL B 33 -29.48 0.30 102.67
C VAL B 33 -29.77 -0.09 101.22
N PHE B 34 -30.54 -1.16 101.03
CA PHE B 34 -30.93 -1.54 99.67
C PHE B 34 -31.71 -0.42 99.01
N LEU B 35 -32.67 0.16 99.73
CA LEU B 35 -33.46 1.25 99.15
C LEU B 35 -32.57 2.43 98.80
N ALA B 36 -31.65 2.79 99.71
CA ALA B 36 -30.81 3.97 99.50
C ALA B 36 -29.87 3.75 98.33
N GLN B 37 -29.27 2.58 98.22
CA GLN B 37 -28.39 2.31 97.08
C GLN B 37 -29.19 2.27 95.79
N TYR B 38 -30.42 1.74 95.83
CA TYR B 38 -31.26 1.82 94.65
C TYR B 38 -31.47 3.28 94.24
N GLU B 39 -31.79 4.13 95.21
CA GLU B 39 -32.08 5.53 94.91
C GLU B 39 -30.86 6.25 94.36
N GLN B 40 -29.69 6.01 94.96
CA GLN B 40 -28.49 6.77 94.61
C GLN B 40 -27.77 6.16 93.41
N ALA B 41 -27.32 4.92 93.55
CA ALA B 41 -26.68 4.18 92.47
C ALA B 41 -27.71 3.17 91.97
N ARG B 42 -28.59 3.62 91.08
CA ARG B 42 -29.58 2.73 90.50
C ARG B 42 -28.96 1.59 89.73
N SER B 43 -27.87 1.86 89.01
CA SER B 43 -27.32 0.92 88.04
C SER B 43 -26.77 -0.35 88.66
N LEU B 44 -26.61 -0.40 89.97
CA LEU B 44 -25.98 -1.57 90.57
C LEU B 44 -26.84 -2.80 90.31
N PRO B 45 -26.27 -3.91 89.85
CA PRO B 45 -27.11 -5.00 89.31
C PRO B 45 -27.75 -5.90 90.35
N ASP B 46 -28.31 -5.31 91.41
CA ASP B 46 -29.33 -5.98 92.20
C ASP B 46 -28.84 -7.16 93.03
N HIS B 47 -27.59 -7.57 92.86
CA HIS B 47 -27.08 -8.71 93.64
C HIS B 47 -25.73 -8.36 94.24
N VAL B 48 -25.01 -7.46 93.59
CA VAL B 48 -23.77 -6.96 94.17
C VAL B 48 -24.06 -6.29 95.51
N ALA B 49 -25.21 -5.62 95.61
CA ALA B 49 -25.60 -5.00 96.88
C ALA B 49 -25.77 -6.05 97.97
N LYS B 50 -26.49 -7.13 97.67
CA LYS B 50 -26.68 -8.18 98.65
C LYS B 50 -25.35 -8.78 99.06
N SER B 51 -24.48 -9.01 98.07
CA SER B 51 -23.17 -9.56 98.38
C SER B 51 -22.38 -8.62 99.29
N ALA B 52 -22.37 -7.32 98.97
CA ALA B 52 -21.61 -6.37 99.75
C ALA B 52 -22.15 -6.29 101.17
N TRP B 53 -23.47 -6.27 101.33
CA TRP B 53 -24.06 -6.24 102.67
C TRP B 53 -23.68 -7.48 103.46
N SER B 54 -23.75 -8.65 102.81
CA SER B 54 -23.38 -9.88 103.48
C SER B 54 -21.93 -9.85 103.92
N TYR B 55 -21.05 -9.33 103.06
CA TYR B 55 -19.64 -9.24 103.41
C TYR B 55 -19.41 -8.28 104.57
N LEU B 56 -20.10 -7.15 104.57
CA LEU B 56 -19.92 -6.19 105.65
C LEU B 56 -20.37 -6.79 106.98
N VAL B 57 -21.53 -7.43 106.99
CA VAL B 57 -22.00 -8.06 108.23
C VAL B 57 -21.05 -9.17 108.64
N GLN B 58 -20.49 -9.89 107.66
CA GLN B 58 -19.50 -10.92 107.95
C GLN B 58 -18.30 -10.32 108.67
N GLN B 59 -17.76 -9.23 108.13
CA GLN B 59 -16.63 -8.56 108.77
C GLN B 59 -16.99 -8.14 110.17
N ILE B 60 -18.17 -7.56 110.34
CA ILE B 60 -18.59 -7.05 111.64
C ILE B 60 -18.65 -8.19 112.66
N LYS B 61 -19.29 -9.30 112.28
CA LYS B 61 -19.46 -10.40 113.23
C LYS B 61 -18.11 -11.04 113.57
N GLN B 62 -17.25 -11.24 112.56
CA GLN B 62 -15.94 -11.82 112.86
C GLN B 62 -15.11 -10.90 113.74
N ARG B 63 -15.01 -9.62 113.40
CA ARG B 63 -14.25 -8.67 114.20
C ARG B 63 -15.00 -8.29 115.47
N ASN B 64 -16.14 -8.94 115.74
CA ASN B 64 -16.77 -8.91 117.06
C ASN B 64 -17.25 -7.51 117.40
N MET B 65 -17.96 -6.90 116.46
CA MET B 65 -18.57 -5.59 116.64
C MET B 65 -20.05 -5.65 116.34
N LYS B 66 -20.78 -4.68 116.87
CA LYS B 66 -22.17 -4.47 116.54
C LYS B 66 -22.26 -3.39 115.47
N LEU B 67 -23.18 -3.58 114.52
CA LEU B 67 -23.35 -2.62 113.45
C LEU B 67 -23.45 -1.24 114.09
N GLY B 68 -22.52 -0.34 113.74
CA GLY B 68 -22.35 0.92 114.43
C GLY B 68 -21.64 1.94 113.55
N PRO B 69 -21.86 3.24 113.80
CA PRO B 69 -20.96 4.22 113.18
C PRO B 69 -19.50 4.02 113.56
N VAL B 70 -19.22 3.61 114.79
CA VAL B 70 -17.83 3.32 115.14
C VAL B 70 -17.32 2.17 114.27
N ALA B 71 -18.14 1.13 114.11
CA ALA B 71 -17.74 0.00 113.28
C ALA B 71 -17.46 0.45 111.85
N ILE B 72 -18.39 1.19 111.25
CA ILE B 72 -18.25 1.59 109.87
C ILE B 72 -17.04 2.49 109.70
N LEU B 73 -16.87 3.44 110.63
CA LEU B 73 -15.74 4.36 110.57
C LEU B 73 -14.43 3.61 110.69
N ARG B 74 -14.36 2.63 111.58
CA ARG B 74 -13.15 1.84 111.75
C ARG B 74 -12.84 1.07 110.48
N LEU B 75 -13.85 0.45 109.87
CA LEU B 75 -13.64 -0.24 108.61
C LEU B 75 -13.10 0.73 107.55
N ILE B 76 -13.76 1.88 107.40
CA ILE B 76 -13.36 2.81 106.36
C ILE B 76 -11.95 3.32 106.61
N ALA B 77 -11.63 3.62 107.86
CA ALA B 77 -10.31 4.14 108.18
C ALA B 77 -9.22 3.11 107.91
N GLU B 78 -9.39 1.90 108.43
CA GLU B 78 -8.39 0.87 108.12
C GLU B 78 -8.30 0.63 106.63
N LYS B 79 -9.39 0.86 105.90
CA LYS B 79 -9.39 0.62 104.47
C LYS B 79 -8.66 1.73 103.71
N PHE B 80 -8.79 2.97 104.17
CA PHE B 80 -8.35 4.14 103.42
C PHE B 80 -7.12 4.82 104.00
N ILE B 81 -7.16 5.19 105.27
CA ILE B 81 -6.19 6.10 105.87
C ILE B 81 -5.04 5.29 106.45
N LYS B 82 -3.86 5.89 106.47
CA LYS B 82 -2.75 5.37 107.26
C LYS B 82 -2.08 6.53 107.97
N ASN B 83 -0.98 6.26 108.67
CA ASN B 83 -0.09 7.28 109.19
C ASN B 83 1.24 7.15 108.46
N GLU B 84 1.67 8.22 107.79
CA GLU B 84 2.87 8.19 106.98
C GLU B 84 3.63 9.48 107.14
N LYS B 85 4.94 9.37 107.37
CA LYS B 85 5.80 10.54 107.41
C LYS B 85 5.31 11.50 108.47
N GLY B 86 4.19 12.18 108.19
CA GLY B 86 3.58 13.08 109.13
C GLY B 86 2.07 12.98 109.10
N GLY B 87 1.47 12.71 110.26
CA GLY B 87 0.03 12.62 110.36
C GLY B 87 -0.54 11.54 109.48
N PRO B 88 -1.86 11.41 109.47
CA PRO B 88 -2.49 10.38 108.64
C PRO B 88 -2.46 10.75 107.16
N LYS B 89 -2.41 9.74 106.30
CA LYS B 89 -2.43 9.94 104.86
C LYS B 89 -3.22 8.82 104.19
N ILE B 90 -3.58 9.08 102.93
CA ILE B 90 -4.45 8.21 102.15
C ILE B 90 -3.62 7.42 101.15
N ASP B 91 -4.13 6.24 100.78
CA ASP B 91 -3.56 5.49 99.68
C ASP B 91 -3.67 6.27 98.38
N LEU B 92 -2.54 6.39 97.68
CA LEU B 92 -2.58 6.93 96.33
C LEU B 92 -3.58 6.18 95.45
N PRO B 93 -3.62 4.86 95.43
CA PRO B 93 -4.63 4.18 94.61
C PRO B 93 -6.05 4.51 95.01
N MET B 94 -6.31 4.81 96.28
CA MET B 94 -7.66 4.94 96.78
C MET B 94 -8.12 6.39 96.86
N PHE B 95 -7.33 7.33 96.37
CA PHE B 95 -7.67 8.75 96.50
C PHE B 95 -8.96 9.09 95.76
N SER B 96 -9.13 8.55 94.55
CA SER B 96 -10.34 8.82 93.77
C SER B 96 -11.57 8.28 94.49
N GLU B 97 -11.51 7.02 94.92
CA GLU B 97 -12.60 6.45 95.68
C GLU B 97 -12.90 7.28 96.92
N TRP B 98 -11.84 7.80 97.55
CA TRP B 98 -12.05 8.64 98.71
C TRP B 98 -12.84 9.89 98.35
N GLN B 99 -12.55 10.50 97.19
CA GLN B 99 -13.36 11.64 96.77
C GLN B 99 -14.81 11.22 96.54
N THR B 100 -15.00 10.06 95.91
CA THR B 100 -16.37 9.59 95.72
C THR B 100 -17.11 9.52 97.04
N LEU B 101 -16.44 9.03 98.08
CA LEU B 101 -17.08 8.99 99.40
C LEU B 101 -17.29 10.39 99.96
N MET B 102 -16.26 11.23 99.90
CA MET B 102 -16.36 12.57 100.46
C MET B 102 -17.46 13.36 99.78
N SER B 103 -17.84 12.97 98.57
CA SER B 103 -19.00 13.54 97.92
C SER B 103 -20.28 13.25 98.69
N ARG B 104 -20.26 12.31 99.63
CA ARG B 104 -21.46 11.85 100.31
C ARG B 104 -21.35 11.88 101.83
N VAL B 105 -20.15 11.89 102.38
CA VAL B 105 -19.95 11.72 103.82
C VAL B 105 -18.93 12.72 104.32
N SER B 106 -19.01 13.01 105.62
CA SER B 106 -18.04 13.88 106.28
C SER B 106 -16.80 13.08 106.70
N CYS B 107 -15.63 13.71 106.52
CA CYS B 107 -14.37 13.07 106.85
C CYS B 107 -14.03 13.14 108.33
N LEU B 108 -14.66 14.05 109.08
CA LEU B 108 -14.28 14.23 110.48
C LEU B 108 -14.46 12.97 111.31
N PRO B 109 -15.60 12.29 111.24
CA PRO B 109 -15.73 11.06 112.04
C PRO B 109 -14.70 10.01 111.66
N ILE B 110 -14.44 9.86 110.37
CA ILE B 110 -13.47 8.88 109.92
C ILE B 110 -12.09 9.23 110.49
N ILE B 111 -11.73 10.50 110.44
CA ILE B 111 -10.42 10.92 110.91
C ILE B 111 -10.30 10.68 112.41
N ALA B 112 -11.34 11.03 113.17
CA ALA B 112 -11.31 10.78 114.60
C ALA B 112 -11.15 9.30 114.89
N CYS B 113 -11.89 8.46 114.17
CA CYS B 113 -11.80 7.02 114.38
C CYS B 113 -10.41 6.50 114.05
N HIS B 114 -9.82 7.00 112.97
CA HIS B 114 -8.48 6.56 112.60
C HIS B 114 -7.50 6.90 113.70
N GLN B 115 -7.56 8.12 114.25
CA GLN B 115 -6.69 8.44 115.37
C GLN B 115 -6.95 7.53 116.55
N VAL B 116 -8.22 7.29 116.88
CA VAL B 116 -8.53 6.54 118.09
C VAL B 116 -8.01 5.11 117.99
N PHE B 117 -8.34 4.42 116.91
CA PHE B 117 -8.05 3.00 116.80
C PHE B 117 -6.70 2.72 116.16
N ASN B 118 -6.06 3.73 115.59
CA ASN B 118 -4.80 3.56 114.90
C ASN B 118 -4.08 4.91 114.90
N PRO B 119 -3.80 5.48 116.06
CA PRO B 119 -3.15 6.78 116.09
C PRO B 119 -1.74 6.71 115.52
N GLY B 120 -1.31 7.83 114.95
CA GLY B 120 0.05 7.96 114.49
C GLY B 120 0.99 7.97 115.67
N PRO B 121 2.29 8.12 115.41
CA PRO B 121 3.25 8.10 116.52
C PRO B 121 2.88 9.14 117.56
N ALA B 122 3.05 8.77 118.83
CA ALA B 122 2.71 9.67 119.91
C ALA B 122 3.85 10.66 120.09
N SER B 123 4.25 11.30 119.00
CA SER B 123 5.28 12.34 119.00
C SER B 123 4.93 13.53 118.14
N GLN B 124 3.87 13.45 117.35
CA GLN B 124 3.40 14.57 116.52
C GLN B 124 1.98 14.90 116.97
N GLU B 125 1.85 15.96 117.77
CA GLU B 125 0.51 16.36 118.20
C GLU B 125 -0.34 16.68 116.99
N TYR B 126 -1.33 15.84 116.72
CA TYR B 126 -2.17 16.01 115.54
C TYR B 126 -3.29 16.99 115.86
N SER B 127 -3.20 18.18 115.28
CA SER B 127 -4.31 19.13 115.26
C SER B 127 -5.11 18.87 114.00
N PHE B 128 -6.42 18.71 114.16
CA PHE B 128 -7.25 18.29 113.04
C PHE B 128 -7.05 19.24 111.86
N ARG B 129 -6.75 18.65 110.69
CA ARG B 129 -6.64 19.40 109.46
C ARG B 129 -7.47 18.71 108.39
N TRP B 130 -8.38 19.46 107.80
CA TRP B 130 -9.17 18.99 106.69
C TRP B 130 -8.65 19.57 105.40
N PRO B 131 -8.69 18.80 104.29
CA PRO B 131 -9.03 17.38 104.21
C PRO B 131 -7.80 16.51 104.40
N LEU B 132 -7.95 15.19 104.29
CA LEU B 132 -6.81 14.30 104.34
C LEU B 132 -6.19 14.18 102.95
N TYR B 133 -5.00 13.59 102.89
CA TYR B 133 -4.24 13.59 101.66
C TYR B 133 -3.46 12.29 101.49
N PRO B 134 -3.19 11.88 100.26
CA PRO B 134 -2.12 10.92 100.00
C PRO B 134 -0.80 11.68 99.97
N TYR B 135 0.27 10.94 99.69
CA TYR B 135 1.61 11.51 99.69
C TYR B 135 2.40 11.03 98.47
N HIS B 136 2.97 11.98 97.75
CA HIS B 136 4.05 11.68 96.83
C HIS B 136 5.17 12.68 97.06
N PRO B 137 6.40 12.22 97.27
CA PRO B 137 7.49 13.19 97.53
C PRO B 137 7.65 14.17 96.40
N THR B 138 7.47 13.74 95.15
CA THR B 138 7.67 14.64 94.02
C THR B 138 6.68 15.80 94.09
N VAL B 139 5.40 15.50 94.23
CA VAL B 139 4.40 16.56 94.28
C VAL B 139 4.62 17.42 95.50
N GLU B 140 4.97 16.81 96.64
CA GLU B 140 5.23 17.61 97.82
C GLU B 140 6.36 18.60 97.58
N ASP B 141 7.43 18.14 96.93
CA ASP B 141 8.56 19.01 96.65
C ASP B 141 8.16 20.14 95.73
N TYR B 142 7.37 19.83 94.69
CA TYR B 142 6.91 20.87 93.79
C TYR B 142 6.06 21.89 94.54
N ILE B 143 5.20 21.43 95.44
CA ILE B 143 4.40 22.35 96.22
C ILE B 143 5.29 23.26 97.04
N THR B 144 6.27 22.68 97.74
CA THR B 144 7.15 23.49 98.56
C THR B 144 7.91 24.51 97.73
N ARG B 145 8.50 24.08 96.62
CA ARG B 145 9.33 24.97 95.82
C ARG B 145 8.50 26.05 95.15
N GLU B 146 7.37 25.68 94.55
CA GLU B 146 6.59 26.58 93.72
C GLU B 146 5.25 26.99 94.34
N CYS B 147 4.75 26.23 95.31
CA CYS B 147 3.48 26.57 95.95
C CYS B 147 2.34 26.54 94.95
N LEU B 148 1.11 26.67 95.44
CA LEU B 148 -0.09 26.58 94.62
C LEU B 148 -0.66 27.96 94.36
N HIS B 149 -1.64 28.02 93.47
CA HIS B 149 -2.30 29.26 93.07
C HIS B 149 -3.77 28.98 92.81
N GLU B 150 -4.63 29.72 93.50
CA GLU B 150 -6.07 29.49 93.48
C GLU B 150 -6.77 30.57 92.69
N THR B 151 -7.55 30.13 91.71
CA THR B 151 -8.21 31.00 90.75
C THR B 151 -9.73 30.86 90.78
N HIS B 152 -10.24 29.71 91.24
CA HIS B 152 -11.69 29.47 91.18
C HIS B 152 -12.14 29.01 92.57
N GLN B 153 -12.67 29.95 93.35
CA GLN B 153 -13.26 29.63 94.65
C GLN B 153 -14.54 30.47 94.77
N HIS B 154 -15.66 29.88 94.34
CA HIS B 154 -16.91 30.61 94.36
C HIS B 154 -18.11 29.73 94.69
N LEU B 155 -17.90 28.47 95.06
CA LEU B 155 -19.01 27.53 95.15
C LEU B 155 -19.84 27.77 96.41
N ASN B 156 -19.24 27.59 97.58
CA ASN B 156 -19.91 27.82 98.85
C ASN B 156 -19.27 29.07 99.43
N GLY B 157 -19.75 30.23 98.99
CA GLY B 157 -19.01 31.43 99.25
C GLY B 157 -17.60 31.18 98.75
N SER B 158 -16.68 31.03 99.69
CA SER B 158 -15.38 30.46 99.39
C SER B 158 -14.92 29.50 100.47
N THR B 159 -15.82 29.03 101.33
CA THR B 159 -15.49 28.06 102.38
C THR B 159 -16.13 26.71 102.09
N SER B 160 -15.55 25.67 102.67
CA SER B 160 -16.04 24.32 102.46
C SER B 160 -17.43 24.17 103.07
N ALA B 161 -18.25 23.35 102.41
CA ALA B 161 -19.59 23.08 102.90
C ALA B 161 -19.60 22.44 104.28
N GLU B 162 -18.58 21.65 104.62
CA GLU B 162 -18.57 21.01 105.93
C GLU B 162 -18.69 22.02 107.06
N GLU B 163 -17.89 23.08 107.03
CA GLU B 163 -17.97 24.08 108.07
C GLU B 163 -19.36 24.68 108.17
N CYS B 164 -20.13 24.64 107.08
CA CYS B 164 -21.50 25.13 107.14
C CYS B 164 -22.34 24.33 108.11
N TRP B 165 -22.01 23.06 108.33
CA TRP B 165 -22.69 22.31 109.39
C TRP B 165 -22.49 22.95 110.75
N LEU B 166 -21.24 23.22 111.12
CA LEU B 166 -21.00 23.88 112.40
C LEU B 166 -21.63 25.26 112.41
N ASP B 167 -21.63 25.94 111.27
CA ASP B 167 -22.24 27.26 111.20
C ASP B 167 -23.73 27.19 111.50
N ALA B 168 -24.42 26.21 110.90
CA ALA B 168 -25.84 26.03 111.17
C ALA B 168 -26.08 25.67 112.63
N LEU B 169 -25.24 24.78 113.18
CA LEU B 169 -25.39 24.43 114.59
C LEU B 169 -25.16 25.64 115.49
N LYS B 170 -24.33 26.59 115.04
CA LYS B 170 -24.08 27.80 115.82
C LYS B 170 -25.24 28.77 115.69
N HIS B 171 -25.86 28.84 114.52
CA HIS B 171 -27.02 29.71 114.28
C HIS B 171 -28.14 28.91 113.64
N PRO B 172 -28.70 27.93 114.36
CA PRO B 172 -29.79 27.14 113.77
C PRO B 172 -30.96 28.00 113.34
N GLU B 173 -31.29 29.02 114.13
CA GLU B 173 -32.33 29.96 113.75
C GLU B 173 -32.00 30.69 112.46
N ALA B 174 -30.74 31.11 112.29
CA ALA B 174 -30.35 31.80 111.07
C ALA B 174 -30.50 30.87 109.87
N CYS B 175 -30.06 29.62 110.03
CA CYS B 175 -30.20 28.65 108.96
C CYS B 175 -31.68 28.38 108.66
N LEU B 176 -32.51 28.35 109.71
CA LEU B 176 -33.95 28.17 109.50
C LEU B 176 -34.53 29.31 108.67
N ARG B 177 -34.18 30.55 109.03
CA ARG B 177 -34.66 31.69 108.25
C ARG B 177 -34.20 31.60 106.81
N ASP B 178 -32.93 31.28 106.60
CA ASP B 178 -32.39 31.21 105.25
C ASP B 178 -33.11 30.13 104.45
N PHE B 179 -33.32 28.97 105.05
CA PHE B 179 -34.03 27.89 104.37
C PHE B 179 -35.43 28.32 104.00
N GLU B 180 -36.18 28.88 104.95
CA GLU B 180 -37.56 29.25 104.67
C GLU B 180 -37.62 30.29 103.57
N LYS B 181 -36.73 31.29 103.62
CA LYS B 181 -36.59 32.26 102.55
C LYS B 181 -35.87 31.55 101.40
N GLY B 182 -36.66 30.93 100.55
CA GLY B 182 -36.13 30.13 99.47
C GLY B 182 -36.94 28.86 99.31
N TRP B 183 -37.45 28.33 100.43
CA TRP B 183 -38.37 27.20 100.36
C TRP B 183 -39.59 27.51 99.50
N ALA B 184 -39.95 28.78 99.40
CA ALA B 184 -41.03 29.18 98.49
C ALA B 184 -40.62 29.01 97.03
N SER B 185 -39.33 29.10 96.72
CA SER B 185 -38.87 28.96 95.34
C SER B 185 -39.14 27.55 94.83
N GLN B 186 -39.78 27.47 93.67
CA GLN B 186 -40.00 26.16 93.05
C GLN B 186 -38.69 25.41 92.88
N GLU B 187 -37.63 26.12 92.50
CA GLU B 187 -36.32 25.50 92.36
C GLU B 187 -35.94 24.79 93.66
N MET B 188 -35.99 25.53 94.77
CA MET B 188 -35.73 24.92 96.07
C MET B 188 -36.73 23.81 96.37
N LYS B 189 -38.00 24.03 96.04
CA LYS B 189 -38.99 22.98 96.24
C LYS B 189 -38.61 21.73 95.46
N GLN B 190 -38.22 21.90 94.20
CA GLN B 190 -37.79 20.76 93.40
C GLN B 190 -36.62 20.05 94.07
N LEU B 191 -35.60 20.80 94.46
CA LEU B 191 -34.40 20.19 95.02
C LEU B 191 -34.71 19.45 96.30
N CYS B 192 -35.51 20.06 97.17
CA CYS B 192 -35.87 19.41 98.43
C CYS B 192 -36.66 18.13 98.16
N ALA B 193 -37.60 18.18 97.23
CA ALA B 193 -38.36 16.97 96.92
C ALA B 193 -37.43 15.87 96.44
N GLN B 194 -36.53 16.19 95.51
CA GLN B 194 -35.65 15.15 94.98
C GLN B 194 -34.75 14.58 96.07
N ILE B 195 -34.12 15.43 96.88
CA ILE B 195 -33.19 14.93 97.89
C ILE B 195 -33.92 14.16 98.96
N ASP B 196 -34.99 14.74 99.50
CA ASP B 196 -35.79 14.12 100.55
C ASP B 196 -37.24 14.49 100.29
N PRO B 197 -38.10 13.54 99.94
CA PRO B 197 -39.48 13.90 99.58
C PRO B 197 -40.17 14.81 100.58
N SER B 198 -40.28 14.39 101.83
CA SER B 198 -41.03 15.13 102.85
C SER B 198 -40.07 15.91 103.76
N LEU B 199 -39.37 16.88 103.17
CA LEU B 199 -38.35 17.62 103.91
C LEU B 199 -38.98 18.73 104.75
N THR B 200 -39.54 19.74 104.07
CA THR B 200 -40.26 20.87 104.67
C THR B 200 -39.49 21.58 105.78
N PRO B 201 -39.70 22.88 105.93
CA PRO B 201 -38.94 23.63 106.95
C PRO B 201 -39.18 23.16 108.36
N ARG B 202 -40.40 22.72 108.68
CA ARG B 202 -40.69 22.33 110.05
C ARG B 202 -39.81 21.17 110.49
N ILE B 203 -39.78 20.10 109.69
CA ILE B 203 -38.95 18.94 110.05
C ILE B 203 -37.49 19.27 109.83
N PHE B 204 -37.18 20.22 108.94
CA PHE B 204 -35.81 20.69 108.82
C PHE B 204 -35.30 21.23 110.15
N LYS B 205 -35.98 22.25 110.68
CA LYS B 205 -35.59 22.80 111.97
C LYS B 205 -35.67 21.74 113.06
N ASP B 206 -36.62 20.80 112.92
CA ASP B 206 -36.70 19.72 113.89
C ASP B 206 -35.38 18.96 113.95
N ARG B 207 -34.87 18.51 112.80
CA ARG B 207 -33.59 17.82 112.82
C ARG B 207 -32.46 18.74 113.28
N LEU B 208 -32.56 20.04 112.98
CA LEU B 208 -31.51 20.94 113.44
C LEU B 208 -31.42 20.94 114.97
N GLN B 209 -32.58 21.10 115.63
CA GLN B 209 -32.60 21.06 117.09
C GLN B 209 -32.18 19.69 117.60
N ILE B 210 -32.64 18.62 116.94
CA ILE B 210 -32.23 17.28 117.33
C ILE B 210 -30.72 17.17 117.28
N ALA B 211 -30.11 17.73 116.24
CA ALA B 211 -28.66 17.64 116.09
C ALA B 211 -27.95 18.37 117.22
N CYS B 212 -28.42 19.57 117.55
CA CYS B 212 -27.84 20.28 118.68
C CYS B 212 -27.95 19.43 119.95
N ASN B 213 -29.11 18.83 120.14
CA ASN B 213 -29.36 18.08 121.37
C ASN B 213 -28.49 16.83 121.43
N ILE B 214 -28.36 16.13 120.31
CA ILE B 214 -27.48 14.97 120.24
C ILE B 214 -26.06 15.38 120.55
N ARG B 215 -25.61 16.50 119.97
CA ARG B 215 -24.26 16.95 120.22
C ARG B 215 -24.03 17.18 121.71
N GLU B 216 -24.97 17.83 122.38
CA GLU B 216 -24.78 18.11 123.80
C GLU B 216 -24.84 16.82 124.63
N ILE B 217 -25.79 15.94 124.33
CA ILE B 217 -25.90 14.67 125.03
C ILE B 217 -24.58 13.91 124.94
N LEU B 218 -24.07 13.80 123.73
CA LEU B 218 -22.90 12.98 123.52
C LEU B 218 -21.64 13.70 123.97
N CYS B 219 -21.67 15.02 124.05
CA CYS B 219 -20.61 15.73 124.74
C CYS B 219 -20.59 15.34 126.22
N ARG B 220 -21.77 15.29 126.85
CA ARG B 220 -21.82 14.82 128.22
C ARG B 220 -21.18 13.45 128.33
N VAL B 221 -21.61 12.52 127.49
CA VAL B 221 -21.14 11.15 127.69
C VAL B 221 -19.66 11.03 127.36
N ALA B 222 -19.18 11.75 126.35
CA ALA B 222 -17.75 11.72 126.04
C ALA B 222 -16.93 12.25 127.20
N GLN B 223 -17.34 13.39 127.78
CA GLN B 223 -16.68 13.88 128.98
C GLN B 223 -16.94 13.00 130.18
N GLY B 224 -17.86 12.04 130.09
CA GLY B 224 -18.17 11.16 131.19
C GLY B 224 -18.65 11.95 132.39
N VAL B 225 -19.78 12.63 132.26
CA VAL B 225 -20.25 13.55 133.29
C VAL B 225 -21.63 13.07 133.74
N GLU B 226 -21.62 12.15 134.71
CA GLU B 226 -22.76 11.81 135.56
C GLU B 226 -24.03 11.39 134.84
N LEU B 227 -24.03 11.35 133.51
CA LEU B 227 -25.19 10.86 132.75
C LEU B 227 -26.49 11.36 133.39
N PRO B 228 -26.82 12.66 133.26
CA PRO B 228 -28.00 13.19 133.97
C PRO B 228 -29.26 12.36 133.83
N GLU B 229 -30.15 12.53 134.81
CA GLU B 229 -31.28 11.62 134.97
C GLU B 229 -32.24 11.66 133.79
N TRP B 230 -32.53 12.84 133.25
CA TRP B 230 -33.56 12.98 132.22
C TRP B 230 -33.33 12.07 131.02
N ILE B 231 -32.13 11.50 130.89
CA ILE B 231 -31.87 10.55 129.82
C ILE B 231 -32.85 9.39 129.90
N ALA B 232 -33.19 8.94 131.11
CA ALA B 232 -34.14 7.86 131.25
C ALA B 232 -35.48 8.21 130.65
N SER B 233 -35.97 9.43 130.91
CA SER B 233 -37.20 9.88 130.28
C SER B 233 -37.05 9.96 128.77
N MET B 234 -35.90 10.39 128.29
CA MET B 234 -35.66 10.49 126.85
C MET B 234 -35.78 9.09 126.25
N GLN B 235 -36.85 8.87 125.46
CA GLN B 235 -37.18 7.54 124.95
C GLN B 235 -37.36 7.48 123.44
N ASN B 236 -37.75 8.57 122.79
CA ASN B 236 -37.94 8.58 121.34
C ASN B 236 -37.16 9.74 120.74
N PRO B 237 -36.55 9.59 119.56
CA PRO B 237 -35.67 10.65 119.05
C PRO B 237 -36.38 11.98 118.87
N GLN B 238 -37.66 11.93 118.50
CA GLN B 238 -38.40 13.16 118.29
C GLN B 238 -38.39 14.06 119.52
N GLN B 239 -38.22 13.47 120.71
CA GLN B 239 -38.14 14.27 121.92
C GLN B 239 -37.02 15.29 121.84
N LEU B 240 -36.00 15.03 121.01
CA LEU B 240 -34.87 15.93 120.87
C LEU B 240 -35.15 17.04 119.87
N ALA B 241 -36.33 17.07 119.24
CA ALA B 241 -36.68 18.19 118.38
C ALA B 241 -36.94 19.47 119.16
N ASN B 242 -37.02 19.39 120.49
CA ASN B 242 -37.34 20.53 121.33
C ASN B 242 -36.09 20.98 122.09
N SER B 243 -36.07 22.25 122.46
CA SER B 243 -34.92 22.81 123.16
C SER B 243 -34.87 22.38 124.62
N THR B 244 -35.91 21.72 125.12
CA THR B 244 -35.95 21.25 126.50
C THR B 244 -36.65 19.90 126.55
N ILE B 245 -36.36 19.15 127.61
CA ILE B 245 -36.98 17.85 127.83
C ILE B 245 -37.70 17.85 129.18
N LEU B 246 -38.86 17.21 129.20
CA LEU B 246 -39.70 17.12 130.39
C LEU B 246 -39.55 15.72 130.95
N HIS B 247 -38.88 15.61 132.09
CA HIS B 247 -38.68 14.30 132.73
C HIS B 247 -39.83 13.96 133.66
N ASN B 248 -40.02 14.75 134.71
CA ASN B 248 -41.18 14.63 135.59
C ASN B 248 -41.64 16.03 135.95
N GLY B 249 -42.52 16.59 135.13
CA GLY B 249 -43.06 17.90 135.40
C GLY B 249 -42.05 19.03 135.20
N ARG B 250 -40.80 18.67 134.96
CA ARG B 250 -39.72 19.64 134.93
C ARG B 250 -38.99 19.61 133.59
N GLU B 251 -38.82 20.81 133.02
CA GLU B 251 -38.16 21.01 131.74
C GLU B 251 -36.69 21.28 131.99
N TYR B 252 -35.83 20.57 131.28
CA TYR B 252 -34.39 20.74 131.39
C TYR B 252 -33.79 21.20 130.08
N GLY B 253 -32.98 22.26 130.15
CA GLY B 253 -32.25 22.70 128.99
C GLY B 253 -31.08 21.77 128.68
N PHE B 254 -30.89 21.52 127.40
CA PHE B 254 -29.91 20.55 126.95
C PHE B 254 -28.48 21.08 127.03
N ALA B 255 -28.30 22.38 127.28
CA ALA B 255 -26.97 22.96 127.26
C ALA B 255 -26.12 22.41 128.39
N THR B 256 -24.82 22.28 128.13
CA THR B 256 -23.85 21.85 129.12
C THR B 256 -22.58 22.66 128.93
N VAL B 257 -21.54 22.29 129.67
CA VAL B 257 -20.27 22.99 129.64
C VAL B 257 -19.43 22.44 128.49
N TRP B 258 -18.55 23.28 127.96
CA TRP B 258 -17.63 22.87 126.93
C TRP B 258 -16.22 23.35 127.29
N PRO B 259 -15.22 22.47 127.24
CA PRO B 259 -13.87 22.91 127.64
C PRO B 259 -13.39 24.11 126.85
N ILE B 260 -13.70 24.16 125.57
CA ILE B 260 -13.24 25.25 124.71
C ILE B 260 -14.26 26.37 124.69
N ASP B 261 -13.78 27.58 124.44
CA ASP B 261 -14.67 28.73 124.28
C ASP B 261 -15.63 28.52 123.13
N ASP B 262 -15.11 28.15 121.96
CA ASP B 262 -15.93 27.95 120.76
C ASP B 262 -16.34 26.49 120.71
N LYS B 263 -17.44 26.18 121.40
CA LYS B 263 -17.98 24.82 121.36
C LYS B 263 -18.35 24.37 119.95
N TYR B 264 -18.61 25.32 119.04
CA TYR B 264 -18.98 25.01 117.68
C TYR B 264 -17.78 24.98 116.74
N SER B 265 -16.58 25.03 117.29
CA SER B 265 -15.38 24.94 116.47
C SER B 265 -15.19 23.53 115.96
N GLN B 266 -14.63 23.44 114.75
CA GLN B 266 -14.29 22.14 114.19
C GLN B 266 -13.34 21.38 115.11
N GLU B 267 -12.43 22.08 115.80
CA GLU B 267 -11.56 21.42 116.76
C GLU B 267 -12.36 20.86 117.92
N SER B 268 -13.35 21.61 118.39
CA SER B 268 -14.25 21.08 119.41
C SER B 268 -14.90 19.80 118.95
N GLU B 269 -15.49 19.84 117.75
CA GLU B 269 -16.10 18.64 117.19
C GLU B 269 -15.12 17.48 117.19
N PHE B 270 -13.91 17.72 116.68
CA PHE B 270 -12.96 16.63 116.50
C PHE B 270 -12.53 16.04 117.84
N CYS B 271 -12.13 16.89 118.79
CA CYS B 271 -11.68 16.39 120.08
C CYS B 271 -12.79 15.63 120.78
N TRP B 272 -13.99 16.18 120.74
CA TRP B 272 -15.14 15.47 121.30
C TRP B 272 -15.36 14.10 120.64
N LEU B 273 -15.30 14.04 119.32
CA LEU B 273 -15.48 12.77 118.64
C LEU B 273 -14.42 11.76 119.07
N THR B 274 -13.16 12.23 119.17
CA THR B 274 -12.10 11.34 119.61
C THR B 274 -12.38 10.81 121.01
N GLY B 275 -12.82 11.69 121.91
CA GLY B 275 -13.14 11.24 123.25
C GLY B 275 -14.24 10.20 123.26
N LEU B 276 -15.33 10.47 122.53
CA LEU B 276 -16.43 9.52 122.48
C LEU B 276 -15.97 8.18 121.95
N LEU B 277 -15.21 8.18 120.86
CA LEU B 277 -14.78 6.94 120.25
C LEU B 277 -13.83 6.17 121.16
N GLU B 278 -12.85 6.84 121.76
CA GLU B 278 -11.94 6.13 122.64
C GLU B 278 -12.69 5.56 123.85
N LYS B 279 -13.69 6.30 124.35
CA LYS B 279 -14.52 5.72 125.40
C LYS B 279 -15.23 4.47 124.93
N TRP B 280 -15.80 4.50 123.73
CA TRP B 280 -16.54 3.37 123.18
C TRP B 280 -15.65 2.41 122.40
N ARG B 281 -14.35 2.43 122.66
CA ARG B 281 -13.43 1.66 121.82
C ARG B 281 -13.83 0.19 121.79
N PHE B 282 -14.44 -0.31 122.86
CA PHE B 282 -14.79 -1.72 122.97
C PHE B 282 -16.28 -1.96 122.73
N ASN B 283 -17.14 -1.03 123.16
CA ASN B 283 -18.56 -1.13 122.87
C ASN B 283 -19.21 0.21 123.18
N ALA B 284 -20.51 0.32 122.89
CA ALA B 284 -21.26 1.54 123.12
C ALA B 284 -22.67 1.18 123.57
N PRO B 285 -23.31 2.01 124.38
CA PRO B 285 -24.73 1.81 124.64
C PRO B 285 -25.53 1.92 123.35
N GLU B 286 -26.52 1.04 123.20
CA GLU B 286 -27.29 1.03 121.96
C GLU B 286 -28.01 2.35 121.75
N GLY B 287 -28.58 2.91 122.81
CA GLY B 287 -29.30 4.18 122.65
C GLY B 287 -28.41 5.29 122.15
N LEU B 288 -27.29 5.51 122.82
CA LEU B 288 -26.39 6.58 122.38
C LEU B 288 -25.85 6.27 120.99
N GLU B 289 -25.64 5.01 120.68
CA GLU B 289 -25.07 4.65 119.38
C GLU B 289 -26.06 4.98 118.26
N ARG B 290 -27.35 4.65 118.48
CA ARG B 290 -28.41 5.07 117.56
C ARG B 290 -28.51 6.59 117.48
N LEU B 291 -28.24 7.27 118.59
CA LEU B 291 -28.09 8.73 118.51
C LEU B 291 -27.00 9.10 117.50
N LEU B 292 -25.85 8.41 117.57
CA LEU B 292 -24.73 8.76 116.69
C LEU B 292 -25.06 8.54 115.22
N TRP B 293 -25.63 7.39 114.89
CA TRP B 293 -26.12 7.23 113.52
C TRP B 293 -26.96 8.42 113.11
N ILE B 294 -27.93 8.79 113.93
CA ILE B 294 -28.85 9.84 113.53
C ILE B 294 -28.10 11.13 113.27
N TYR B 295 -27.18 11.48 114.18
CA TYR B 295 -26.40 12.71 113.99
C TYR B 295 -25.66 12.68 112.67
N LEU B 296 -24.88 11.62 112.44
CA LEU B 296 -24.05 11.58 111.25
C LEU B 296 -24.91 11.61 109.99
N LEU B 297 -26.00 10.86 110.00
CA LEU B 297 -26.90 10.83 108.86
C LEU B 297 -27.43 12.22 108.56
N ILE B 298 -27.95 12.90 109.58
CA ILE B 298 -28.52 14.22 109.37
C ILE B 298 -27.45 15.17 108.83
N GLN B 299 -26.25 15.09 109.39
CA GLN B 299 -25.16 15.92 108.90
C GLN B 299 -24.95 15.69 107.41
N ASN B 300 -24.85 14.42 107.02
CA ASN B 300 -24.66 14.12 105.60
C ASN B 300 -25.79 14.69 104.76
N GLN B 301 -27.04 14.49 105.20
CA GLN B 301 -28.16 14.91 104.38
C GLN B 301 -28.22 16.43 104.22
N TYR B 302 -28.03 17.15 105.32
CA TYR B 302 -28.05 18.61 105.23
C TYR B 302 -26.92 19.11 104.36
N LEU B 303 -25.70 18.62 104.61
CA LEU B 303 -24.58 19.03 103.79
C LEU B 303 -24.83 18.72 102.33
N THR B 304 -25.47 17.59 102.05
CA THR B 304 -25.85 17.26 100.69
C THR B 304 -26.74 18.36 100.10
N LEU B 305 -27.93 18.52 100.68
CA LEU B 305 -28.81 19.61 100.27
C LEU B 305 -28.02 20.88 99.99
N LEU B 306 -27.13 21.25 100.91
CA LEU B 306 -26.38 22.49 100.74
C LEU B 306 -25.58 22.47 99.45
N VAL B 307 -24.78 21.42 99.23
CA VAL B 307 -23.94 21.42 98.04
C VAL B 307 -24.80 21.43 96.78
N GLN B 308 -25.89 20.66 96.76
CA GLN B 308 -26.75 20.70 95.58
C GLN B 308 -27.51 22.01 95.46
N ARG B 309 -27.47 22.87 96.47
CA ARG B 309 -28.02 24.21 96.33
C ARG B 309 -27.50 24.85 95.06
N THR B 322 -28.53 33.84 101.49
CA THR B 322 -28.00 35.19 101.39
C THR B 322 -27.64 35.73 102.77
N MET B 323 -28.52 35.50 103.74
CA MET B 323 -28.31 36.03 105.08
C MET B 323 -27.22 35.25 105.82
N THR B 324 -27.20 33.93 105.65
CA THR B 324 -26.09 33.15 106.20
C THR B 324 -24.77 33.64 105.63
N GLU B 325 -24.73 33.93 104.33
CA GLU B 325 -23.52 34.46 103.73
C GLU B 325 -23.18 35.83 104.29
N LEU B 326 -24.19 36.67 104.51
CA LEU B 326 -23.97 37.95 105.18
C LEU B 326 -23.29 37.73 106.52
N ARG B 327 -23.70 36.70 107.24
CA ARG B 327 -23.10 36.40 108.53
C ARG B 327 -21.62 36.06 108.43
N GLU B 328 -21.12 35.76 107.22
CA GLU B 328 -19.71 35.57 106.98
C GLU B 328 -19.01 36.86 106.56
N GLU B 329 -19.57 38.02 106.89
CA GLU B 329 -19.00 39.31 106.54
C GLU B 329 -18.02 39.80 107.60
N THR B 330 -17.44 38.89 108.37
CA THR B 330 -16.48 39.23 109.40
C THR B 330 -15.10 38.75 109.00
N GLU B 331 -14.09 39.26 109.69
CA GLU B 331 -12.71 38.80 109.46
C GLU B 331 -12.40 37.59 110.32
N LYS B 332 -13.32 36.63 110.32
CA LYS B 332 -13.15 35.37 111.01
C LYS B 332 -13.23 34.19 110.05
N SER B 333 -14.31 34.10 109.27
CA SER B 333 -14.35 33.09 108.21
C SER B 333 -13.26 33.34 107.19
N TYR B 334 -13.02 34.61 106.85
CA TYR B 334 -11.96 34.94 105.90
C TYR B 334 -10.60 34.58 106.46
N LEU B 335 -10.36 34.89 107.74
CA LEU B 335 -9.09 34.55 108.37
C LEU B 335 -8.91 33.04 108.42
N SER B 336 -9.96 32.30 108.76
CA SER B 336 -9.91 30.85 108.74
C SER B 336 -9.62 30.35 107.34
N ARG B 337 -10.20 30.99 106.33
CA ARG B 337 -9.91 30.64 104.95
C ARG B 337 -8.44 30.79 104.65
N PHE B 338 -7.85 31.92 105.06
CA PHE B 338 -6.44 32.17 104.78
C PHE B 338 -5.56 31.19 105.52
N LYS B 339 -5.88 30.89 106.77
CA LYS B 339 -5.09 29.91 107.52
C LYS B 339 -5.21 28.53 106.90
N HIS B 340 -6.40 28.13 106.49
CA HIS B 340 -6.56 26.87 105.77
C HIS B 340 -5.73 26.88 104.49
N ALA B 341 -5.77 27.98 103.75
CA ALA B 341 -4.96 28.10 102.55
C ALA B 341 -3.50 27.86 102.87
N HIS B 342 -2.98 28.53 103.89
CA HIS B 342 -1.64 28.26 104.36
C HIS B 342 -1.58 26.86 104.96
N GLY B 343 -0.51 26.14 104.66
CA GLY B 343 -0.34 24.82 105.23
C GLY B 343 -0.03 24.89 106.71
N ALA B 344 0.51 23.81 107.26
CA ALA B 344 0.97 23.79 108.64
C ALA B 344 2.39 24.31 108.79
N GLY B 345 3.02 24.71 107.70
CA GLY B 345 4.39 25.20 107.74
C GLY B 345 4.48 26.71 107.74
N VAL B 346 5.72 27.20 107.85
CA VAL B 346 5.96 28.64 107.90
C VAL B 346 5.54 29.28 106.58
N TYR B 347 5.77 28.60 105.47
CA TYR B 347 5.50 29.14 104.15
C TYR B 347 4.12 28.69 103.70
N SER B 348 3.44 29.55 102.94
CA SER B 348 2.08 29.22 102.49
C SER B 348 2.13 28.34 101.25
N GLN B 349 1.37 27.24 101.30
CA GLN B 349 1.36 26.28 100.20
C GLN B 349 0.81 26.89 98.91
N VAL B 350 -0.24 27.70 99.00
CA VAL B 350 -0.76 28.45 97.87
C VAL B 350 -0.07 29.80 97.86
N ARG B 351 0.34 30.26 96.68
CA ARG B 351 1.13 31.48 96.61
C ARG B 351 0.23 32.63 96.18
N TYR B 352 -0.55 32.42 95.15
CA TYR B 352 -1.62 33.33 94.74
C TYR B 352 -2.95 32.80 95.23
N LEU B 353 -3.78 33.69 95.76
CA LEU B 353 -5.18 33.39 96.01
C LEU B 353 -5.99 34.55 95.46
N GLU B 354 -6.96 34.27 94.60
CA GLU B 354 -7.95 35.28 94.25
C GLU B 354 -9.26 34.90 94.91
N GLY B 355 -9.78 35.79 95.76
CA GLY B 355 -10.86 36.01 96.67
C GLY B 355 -12.06 36.57 95.92
N ARG B 356 -13.02 35.70 95.65
CA ARG B 356 -14.19 36.05 94.87
C ARG B 356 -15.36 36.30 95.80
N PHE B 357 -16.01 37.45 95.63
CA PHE B 357 -17.03 37.88 96.56
C PHE B 357 -18.25 38.43 95.82
N ALA B 358 -19.42 38.08 96.32
CA ALA B 358 -20.65 38.54 95.69
C ALA B 358 -20.91 40.00 96.06
N PRO B 359 -21.02 40.90 95.08
CA PRO B 359 -21.33 42.30 95.43
C PRO B 359 -22.75 42.46 95.93
N LYS B 360 -22.92 43.41 96.85
CA LYS B 360 -24.23 43.79 97.34
C LYS B 360 -24.72 45.02 96.60
N SER B 361 -25.95 45.43 96.89
CA SER B 361 -26.45 46.68 96.35
C SER B 361 -26.23 47.87 97.28
N ASP B 362 -25.63 47.66 98.45
CA ASP B 362 -25.50 48.71 99.45
C ASP B 362 -24.04 49.14 99.60
N PRO B 363 -23.71 50.43 99.47
CA PRO B 363 -22.32 50.85 99.70
C PRO B 363 -21.82 50.52 101.09
N ASN B 364 -22.68 50.63 102.10
CA ASN B 364 -22.26 50.30 103.46
C ASN B 364 -21.90 48.83 103.57
N LYS B 365 -22.71 47.96 102.97
CA LYS B 365 -22.39 46.54 102.97
C LYS B 365 -21.11 46.27 102.18
N MET B 366 -20.90 47.00 101.08
CA MET B 366 -19.60 46.91 100.41
C MET B 366 -18.48 47.18 101.39
N GLN B 367 -18.40 48.40 101.89
CA GLN B 367 -17.27 48.76 102.76
C GLN B 367 -17.16 47.79 103.92
N LYS B 368 -18.28 47.29 104.43
CA LYS B 368 -18.24 46.35 105.54
C LYS B 368 -17.55 45.05 105.13
N LEU B 369 -18.01 44.43 104.04
CA LEU B 369 -17.42 43.18 103.59
C LEU B 369 -15.96 43.36 103.21
N LEU B 370 -15.67 44.46 102.53
CA LEU B 370 -14.31 44.71 102.08
C LEU B 370 -13.38 44.90 103.27
N PHE B 371 -13.82 45.66 104.28
CA PHE B 371 -13.02 45.81 105.48
C PHE B 371 -12.85 44.48 106.18
N SER B 372 -13.90 43.66 106.20
CA SER B 372 -13.80 42.34 106.82
C SER B 372 -12.71 41.51 106.16
N VAL B 373 -12.79 41.39 104.84
CA VAL B 373 -11.81 40.55 104.12
C VAL B 373 -10.41 41.12 104.29
N LEU B 374 -10.27 42.44 104.15
CA LEU B 374 -8.95 43.04 104.24
C LEU B 374 -8.36 42.87 105.63
N ARG B 375 -9.19 43.00 106.67
CA ARG B 375 -8.68 42.90 108.03
C ARG B 375 -8.35 41.45 108.36
N GLY B 376 -9.15 40.51 107.87
CA GLY B 376 -8.76 39.12 107.99
C GLY B 376 -7.41 38.86 107.34
N TYR B 377 -7.19 39.44 106.16
CA TYR B 377 -5.91 39.28 105.47
C TYR B 377 -4.76 39.87 106.30
N TRP B 378 -4.98 41.08 106.81
CA TRP B 378 -3.95 41.74 107.60
C TRP B 378 -3.62 40.94 108.85
N GLU B 379 -4.64 40.44 109.54
CA GLU B 379 -4.41 39.60 110.70
C GLU B 379 -3.64 38.34 110.33
N TYR B 380 -4.03 37.72 109.21
CA TYR B 380 -3.36 36.51 108.77
C TYR B 380 -1.86 36.76 108.56
N LEU B 381 -1.53 37.83 107.84
CA LEU B 381 -0.11 38.12 107.60
C LEU B 381 0.60 38.49 108.90
N SER B 382 -0.06 39.29 109.74
CA SER B 382 0.56 39.73 110.99
C SER B 382 0.91 38.55 111.87
N ALA B 383 0.05 37.55 111.93
CA ALA B 383 0.33 36.34 112.70
C ALA B 383 1.54 35.59 112.16
N HIS B 384 1.99 35.90 110.95
CA HIS B 384 3.10 35.20 110.34
C HIS B 384 4.41 35.96 110.33
N MET B 385 4.39 37.26 110.06
CA MET B 385 5.62 38.05 110.01
C MET B 385 5.38 39.39 110.70
N SER B 386 6.47 39.95 111.23
CA SER B 386 6.42 41.13 112.08
C SER B 386 7.06 42.31 111.37
N MET B 387 6.31 43.41 111.27
CA MET B 387 6.85 44.66 110.77
C MET B 387 6.37 45.78 111.67
N GLU B 388 6.69 47.01 111.28
CA GLU B 388 6.05 48.17 111.89
C GLU B 388 4.69 48.37 111.21
N TRP B 389 3.62 48.24 111.99
CA TRP B 389 2.28 48.17 111.44
C TRP B 389 1.52 49.48 111.48
N VAL B 390 2.18 50.57 111.89
CA VAL B 390 1.54 51.88 111.89
C VAL B 390 0.29 51.81 112.74
N HIS B 391 -0.83 51.40 112.13
CA HIS B 391 -2.10 51.24 112.83
C HIS B 391 -2.15 49.82 113.37
N GLU B 392 -1.81 49.65 114.65
CA GLU B 392 -1.75 48.31 115.22
C GLU B 392 -3.14 47.70 115.33
N LYS B 393 -4.18 48.52 115.37
CA LYS B 393 -5.57 48.07 115.42
C LYS B 393 -6.32 48.79 114.31
N PRO B 394 -6.14 48.38 113.06
CA PRO B 394 -6.80 49.07 111.96
C PRO B 394 -8.31 49.04 112.12
N LEU B 395 -8.95 50.15 111.72
CA LEU B 395 -10.38 50.32 111.87
C LEU B 395 -11.10 50.62 110.57
N THR B 396 -10.42 51.18 109.58
CA THR B 396 -11.03 51.52 108.31
C THR B 396 -10.28 50.84 107.18
N ILE B 397 -10.91 50.81 106.02
CA ILE B 397 -10.25 50.29 104.83
C ILE B 397 -8.98 51.07 104.56
N SER B 398 -9.01 52.38 104.79
CA SER B 398 -7.82 53.20 104.60
C SER B 398 -6.70 52.74 105.52
N GLN B 399 -6.99 52.54 106.81
CA GLN B 399 -5.96 52.11 107.74
C GLN B 399 -5.42 50.75 107.36
N VAL B 400 -6.30 49.82 106.97
CA VAL B 400 -5.86 48.49 106.59
C VAL B 400 -4.94 48.58 105.37
N LEU B 401 -5.29 49.42 104.40
CA LEU B 401 -4.42 49.61 103.24
C LEU B 401 -3.09 50.20 103.65
N ASP B 402 -3.10 51.15 104.58
CA ASP B 402 -1.84 51.68 105.10
C ASP B 402 -0.97 50.54 105.63
N ASN B 403 -1.57 49.66 106.42
CA ASN B 403 -0.82 48.52 106.95
C ASN B 403 -0.28 47.65 105.83
N LEU B 404 -1.12 47.34 104.84
CA LEU B 404 -0.73 46.41 103.79
C LEU B 404 0.32 46.97 102.85
N GLU B 405 0.39 48.30 102.72
CA GLU B 405 1.35 48.90 101.80
C GLU B 405 2.77 48.41 102.04
N LEU B 406 3.15 48.18 103.29
CA LEU B 406 4.49 47.74 103.61
C LEU B 406 4.73 46.28 103.22
N VAL B 407 3.69 45.54 102.88
CA VAL B 407 3.83 44.11 102.59
C VAL B 407 4.56 43.94 101.26
N GLU B 408 5.60 43.11 101.27
CA GLU B 408 6.38 42.82 100.08
C GLU B 408 6.02 41.45 99.52
N PRO B 409 5.98 41.28 98.19
CA PRO B 409 5.68 39.96 97.63
C PRO B 409 6.88 39.02 97.70
N HIS B 410 7.36 38.78 98.92
CA HIS B 410 8.43 37.81 99.12
C HIS B 410 7.99 36.42 98.72
N GLY B 411 6.76 36.05 99.07
CA GLY B 411 6.22 34.73 98.78
C GLY B 411 6.03 33.84 99.98
N LYS B 412 6.45 34.27 101.17
CA LYS B 412 6.27 33.43 102.35
C LYS B 412 4.79 33.18 102.61
N CYS B 413 3.97 34.20 102.49
CA CYS B 413 2.53 34.11 102.66
C CYS B 413 1.84 34.24 101.31
N VAL B 414 0.52 34.12 101.32
CA VAL B 414 -0.25 34.22 100.09
C VAL B 414 -0.42 35.68 99.69
N GLU B 415 -0.62 35.91 98.40
CA GLU B 415 -0.94 37.22 97.85
C GLU B 415 -2.37 37.18 97.33
N LEU B 416 -3.16 38.18 97.73
CA LEU B 416 -4.60 38.16 97.51
C LEU B 416 -5.00 39.05 96.34
N ALA B 417 -5.96 38.59 95.56
CA ALA B 417 -6.56 39.34 94.47
C ALA B 417 -8.07 39.26 94.61
N LEU B 418 -8.72 40.42 94.70
CA LEU B 418 -10.14 40.46 95.00
C LEU B 418 -10.96 40.65 93.73
N VAL B 419 -12.05 39.90 93.63
CA VAL B 419 -12.88 39.90 92.41
C VAL B 419 -14.36 39.92 92.78
N PRO B 420 -15.09 40.95 92.39
CA PRO B 420 -16.55 40.93 92.58
C PRO B 420 -17.24 40.08 91.52
N HIS B 421 -18.23 39.31 91.97
CA HIS B 421 -19.08 38.52 91.11
C HIS B 421 -20.12 39.41 90.43
N PHE B 422 -20.76 38.86 89.40
CA PHE B 422 -22.00 39.43 88.89
C PHE B 422 -22.96 38.26 88.68
N ILE B 423 -24.00 38.21 89.49
CA ILE B 423 -24.98 37.13 89.44
C ILE B 423 -26.05 37.52 88.43
N LYS B 424 -26.26 36.69 87.42
CA LYS B 424 -27.23 36.95 86.37
C LYS B 424 -28.53 36.25 86.68
N ARG B 425 -29.63 37.00 86.65
CA ARG B 425 -30.96 36.48 86.96
C ARG B 425 -31.78 36.39 85.69
N LYS B 426 -32.76 35.49 85.70
CA LYS B 426 -33.59 35.28 84.53
C LYS B 426 -34.37 36.54 84.21
N PRO B 427 -34.64 36.79 82.93
CA PRO B 427 -35.40 37.99 82.57
C PRO B 427 -36.82 37.92 83.11
N LYS B 428 -37.38 39.08 83.42
CA LYS B 428 -38.69 39.16 84.02
C LYS B 428 -39.77 39.18 82.92
N ASN B 429 -41.02 39.07 83.35
CA ASN B 429 -42.12 38.98 82.40
C ASN B 429 -42.17 40.21 81.50
N GLY B 430 -42.04 41.38 82.09
CA GLY B 430 -42.15 42.62 81.36
C GLY B 430 -41.05 43.62 81.68
N GLU B 431 -40.47 44.21 80.64
CA GLU B 431 -39.46 45.25 80.80
C GLU B 431 -39.17 45.83 79.42
N ALA B 432 -38.63 47.06 79.43
CA ALA B 432 -38.41 47.76 78.17
C ALA B 432 -37.64 46.88 77.19
N TYR B 433 -36.56 46.28 77.65
CA TYR B 433 -35.75 45.36 76.88
C TYR B 433 -35.30 44.24 77.81
N PRO B 434 -34.93 43.09 77.27
CA PRO B 434 -34.59 41.95 78.12
C PRO B 434 -33.51 42.29 79.14
N HIS B 435 -33.71 41.80 80.36
CA HIS B 435 -32.75 41.98 81.45
C HIS B 435 -32.48 43.46 81.73
N ALA B 436 -33.44 44.34 81.45
CA ALA B 436 -33.25 45.74 81.76
C ALA B 436 -33.10 45.96 83.26
N LEU B 437 -33.98 45.36 84.05
CA LEU B 437 -33.90 45.53 85.50
C LEU B 437 -32.61 44.91 86.05
N LEU B 438 -32.24 43.75 85.52
CA LEU B 438 -30.98 43.13 85.93
C LEU B 438 -29.81 44.05 85.63
N PHE B 439 -29.80 44.64 84.43
CA PHE B 439 -28.74 45.58 84.09
C PHE B 439 -28.76 46.78 85.02
N LYS B 440 -29.94 47.22 85.44
CA LYS B 440 -30.03 48.36 86.34
C LYS B 440 -29.40 48.02 87.69
N ASP B 441 -29.73 46.85 88.22
CA ASP B 441 -29.12 46.42 89.49
C ASP B 441 -27.60 46.32 89.34
N LEU B 442 -27.14 45.72 88.25
CA LEU B 442 -25.71 45.58 88.03
C LEU B 442 -25.04 46.94 87.91
N LYS B 443 -25.72 47.88 87.25
CA LYS B 443 -25.18 49.23 87.12
C LYS B 443 -25.09 49.92 88.47
N ASN B 444 -26.10 49.73 89.32
CA ASN B 444 -26.01 50.25 90.68
C ASN B 444 -24.79 49.69 91.39
N GLN B 445 -24.63 48.37 91.34
CA GLN B 445 -23.51 47.75 92.04
C GLN B 445 -22.18 48.25 91.50
N ALA B 446 -22.07 48.37 90.18
CA ALA B 446 -20.84 48.84 89.56
C ALA B 446 -20.57 50.29 89.94
N ALA B 447 -21.61 51.11 90.00
CA ALA B 447 -21.44 52.49 90.43
C ALA B 447 -20.90 52.53 91.85
N ILE B 448 -21.43 51.68 92.73
CA ILE B 448 -20.93 51.63 94.09
C ILE B 448 -19.45 51.26 94.11
N LEU B 449 -19.08 50.22 93.37
CA LEU B 449 -17.68 49.79 93.34
C LEU B 449 -16.78 50.89 92.81
N MET B 450 -17.19 51.53 91.71
CA MET B 450 -16.42 52.63 91.16
C MET B 450 -16.27 53.76 92.16
N ASP B 451 -17.34 54.08 92.88
CA ASP B 451 -17.28 55.16 93.87
C ASP B 451 -16.30 54.81 94.97
N MET B 452 -16.32 53.56 95.43
CA MET B 452 -15.35 53.14 96.44
C MET B 452 -13.94 53.25 95.88
N LEU B 453 -13.76 52.92 94.61
CA LEU B 453 -12.45 53.06 93.99
C LEU B 453 -11.99 54.51 94.02
N LYS B 454 -12.86 55.44 93.64
CA LYS B 454 -12.49 56.85 93.65
C LYS B 454 -12.13 57.24 95.07
N SER B 455 -12.99 56.89 96.02
CA SER B 455 -12.73 57.21 97.42
C SER B 455 -11.41 56.66 97.90
N GLU B 456 -10.98 55.51 97.39
CA GLU B 456 -9.71 54.90 97.80
C GLU B 456 -9.03 54.35 96.56
N PRO B 457 -8.20 55.17 95.90
CA PRO B 457 -7.49 54.66 94.72
C PRO B 457 -6.62 53.46 95.01
N ARG B 458 -6.11 53.34 96.24
CA ARG B 458 -5.21 52.23 96.57
C ARG B 458 -5.89 50.88 96.45
N LEU B 459 -7.22 50.83 96.57
CA LEU B 459 -7.91 49.55 96.56
C LEU B 459 -7.73 48.79 95.25
N THR B 460 -7.36 49.47 94.17
CA THR B 460 -7.19 48.79 92.89
C THR B 460 -6.20 47.64 92.97
N GLY B 461 -5.10 47.82 93.69
CA GLY B 461 -4.11 46.78 93.82
C GLY B 461 -4.61 45.52 94.50
N TRP B 462 -5.85 45.51 94.96
CA TRP B 462 -6.41 44.35 95.63
C TRP B 462 -7.66 43.90 94.89
N ILE B 463 -8.47 44.86 94.45
CA ILE B 463 -9.59 44.60 93.57
C ILE B 463 -9.03 44.58 92.16
N ARG B 464 -8.66 43.39 91.69
CA ARG B 464 -8.00 43.22 90.40
C ARG B 464 -8.92 42.38 89.51
N GLY B 465 -9.70 43.06 88.68
CA GLY B 465 -10.59 42.37 87.77
C GLY B 465 -11.96 42.10 88.37
N VAL B 466 -12.91 41.75 87.53
CA VAL B 466 -14.29 41.50 87.93
C VAL B 466 -14.77 40.30 87.13
N ASP B 467 -15.61 39.45 87.76
CA ASP B 467 -16.11 38.27 87.07
C ASP B 467 -17.63 38.28 87.01
N ALA B 468 -18.17 37.76 85.92
CA ALA B 468 -19.61 37.58 85.75
C ALA B 468 -19.91 36.09 85.84
N ALA B 469 -20.54 35.68 86.94
CA ALA B 469 -20.78 34.28 87.23
C ALA B 469 -22.27 33.99 87.29
N ALA B 470 -22.62 32.78 87.72
CA ALA B 470 -24.00 32.31 87.90
C ALA B 470 -24.50 31.62 86.63
N ASN B 471 -25.74 31.17 86.64
CA ASN B 471 -26.25 30.33 85.56
C ASN B 471 -26.16 31.06 84.22
N GLU B 472 -25.64 30.36 83.22
CA GLU B 472 -25.35 30.99 81.92
C GLU B 472 -26.63 31.41 81.21
N MET B 473 -27.59 30.50 81.09
CA MET B 473 -28.77 30.76 80.27
C MET B 473 -29.58 31.95 80.77
N HIS B 474 -29.43 32.31 82.04
CA HIS B 474 -30.14 33.45 82.60
C HIS B 474 -29.72 34.78 81.99
N ALA B 475 -28.55 34.82 81.35
CA ALA B 475 -28.10 36.04 80.69
C ALA B 475 -26.93 35.74 79.76
N PRO B 476 -26.94 36.25 78.53
CA PRO B 476 -25.80 36.06 77.65
C PRO B 476 -24.76 37.14 77.89
N PRO B 477 -23.53 36.95 77.40
CA PRO B 477 -22.45 37.88 77.74
C PRO B 477 -22.71 39.30 77.28
N GLU B 478 -23.38 39.48 76.14
CA GLU B 478 -23.47 40.80 75.54
C GLU B 478 -24.06 41.83 76.49
N LEU B 479 -24.89 41.42 77.45
CA LEU B 479 -25.47 42.39 78.35
C LEU B 479 -24.42 43.09 79.19
N PHE B 480 -23.36 42.38 79.55
CA PHE B 480 -22.40 42.86 80.53
C PHE B 480 -21.30 43.73 79.94
N CYS B 481 -21.08 43.65 78.63
CA CYS B 481 -19.92 44.31 78.04
C CYS B 481 -19.83 45.77 78.40
N PRO B 482 -20.92 46.56 78.35
CA PRO B 482 -20.80 47.94 78.80
C PRO B 482 -20.28 48.06 80.21
N LEU B 483 -20.71 47.14 81.10
CA LEU B 483 -20.26 47.19 82.47
C LEU B 483 -18.76 46.94 82.56
N PHE B 484 -18.26 45.92 81.87
CA PHE B 484 -16.83 45.66 81.92
C PHE B 484 -16.03 46.80 81.31
N ARG B 485 -16.53 47.40 80.24
CA ARG B 485 -15.82 48.53 79.63
C ARG B 485 -15.74 49.70 80.60
N VAL B 486 -16.87 50.05 81.22
CA VAL B 486 -16.89 51.15 82.16
C VAL B 486 -15.96 50.86 83.32
N LEU B 487 -15.95 49.62 83.80
CA LEU B 487 -15.06 49.26 84.91
C LEU B 487 -13.61 49.37 84.48
N ALA B 488 -13.28 48.93 83.27
CA ALA B 488 -11.94 49.09 82.75
C ALA B 488 -11.52 50.56 82.81
N LYS B 489 -12.37 51.45 82.31
CA LYS B 489 -12.06 52.87 82.40
C LYS B 489 -11.96 53.31 83.85
N SER B 490 -12.73 52.71 84.75
CA SER B 490 -12.61 52.98 86.17
C SER B 490 -11.23 52.64 86.71
N GLY B 491 -10.62 51.58 86.19
CA GLY B 491 -9.32 51.15 86.66
C GLY B 491 -9.28 49.68 87.03
N ILE B 492 -10.22 48.90 86.54
CA ILE B 492 -10.28 47.46 86.79
C ILE B 492 -9.53 46.77 85.65
N ALA B 493 -8.32 46.30 85.93
CA ALA B 493 -7.60 45.47 84.99
C ALA B 493 -8.15 44.05 85.02
N HIS B 494 -8.19 43.43 83.85
CA HIS B 494 -8.53 42.01 83.74
C HIS B 494 -10.01 41.79 84.02
N PHE B 495 -10.60 40.78 83.37
CA PHE B 495 -12.02 40.51 83.51
C PHE B 495 -12.27 39.02 83.27
N THR B 496 -13.43 38.53 83.73
CA THR B 496 -13.73 37.11 83.63
C THR B 496 -15.22 36.88 83.47
N TYR B 497 -15.58 35.76 82.86
CA TYR B 497 -16.98 35.44 82.59
C TYR B 497 -17.15 33.93 82.57
N HIS B 498 -18.01 33.41 83.44
CA HIS B 498 -18.37 32.00 83.39
C HIS B 498 -19.02 31.69 82.04
N VAL B 499 -18.43 30.76 81.30
CA VAL B 499 -18.97 30.34 80.01
C VAL B 499 -18.66 28.87 79.81
N GLY B 500 -19.52 28.21 79.03
CA GLY B 500 -19.34 26.81 78.71
C GLY B 500 -19.79 25.85 79.79
N GLU B 501 -20.29 26.34 80.92
CA GLU B 501 -20.68 25.45 82.01
C GLU B 501 -21.91 24.64 81.64
N ASP B 502 -23.03 25.30 81.37
CA ASP B 502 -24.28 24.64 81.02
C ASP B 502 -24.85 25.30 79.78
N PHE B 503 -25.66 24.56 79.04
CA PHE B 503 -26.20 25.04 77.77
C PHE B 503 -27.32 24.12 77.31
N PRO B 504 -28.32 24.66 76.62
CA PRO B 504 -29.25 23.77 75.91
C PRO B 504 -28.55 22.85 74.94
N HIS B 505 -27.47 23.29 74.29
CA HIS B 505 -26.82 22.47 73.29
C HIS B 505 -25.33 22.81 73.22
N LEU B 506 -24.55 21.84 72.77
CA LEU B 506 -23.11 22.03 72.73
C LEU B 506 -22.74 23.17 71.80
N ILE B 507 -23.39 23.24 70.63
CA ILE B 507 -23.21 24.39 69.77
C ILE B 507 -23.63 25.65 70.50
N SER B 508 -24.67 25.56 71.34
CA SER B 508 -25.07 26.75 72.08
C SER B 508 -23.93 27.25 72.93
N GLY B 509 -23.26 26.34 73.65
CA GLY B 509 -22.13 26.76 74.46
C GLY B 509 -20.99 27.31 73.62
N ILE B 510 -20.71 26.67 72.49
CA ILE B 510 -19.60 27.13 71.65
C ILE B 510 -19.89 28.54 71.12
N ARG B 511 -21.10 28.74 70.62
CA ARG B 511 -21.51 30.04 70.13
C ARG B 511 -21.42 31.08 71.24
N SER B 512 -21.89 30.73 72.43
CA SER B 512 -21.80 31.65 73.55
C SER B 512 -20.34 32.03 73.82
N ILE B 513 -19.46 31.04 73.77
CA ILE B 513 -18.05 31.31 74.05
C ILE B 513 -17.47 32.27 73.02
N ASP B 514 -17.73 32.02 71.74
CA ASP B 514 -17.23 32.93 70.73
C ASP B 514 -17.85 34.33 70.87
N ASP B 515 -19.13 34.38 71.20
CA ASP B 515 -19.77 35.67 71.42
C ASP B 515 -19.07 36.43 72.53
N ALA B 516 -18.77 35.74 73.62
CA ALA B 516 -18.03 36.38 74.71
C ALA B 516 -16.70 36.90 74.21
N LEU B 517 -16.00 36.09 73.40
CA LEU B 517 -14.72 36.53 72.87
C LEU B 517 -14.88 37.83 72.08
N ARG B 518 -15.78 37.84 71.12
CA ARG B 518 -15.89 38.94 70.16
C ARG B 518 -16.86 40.03 70.61
N PHE B 519 -17.27 40.02 71.87
CA PHE B 519 -17.94 41.14 72.53
C PHE B 519 -17.16 41.72 73.69
N LEU B 520 -16.74 40.90 74.64
CA LEU B 520 -16.23 41.44 75.88
C LEU B 520 -14.88 42.13 75.66
N PRO B 521 -14.55 43.09 76.52
CA PRO B 521 -13.26 43.79 76.41
C PRO B 521 -12.10 42.97 76.98
N LEU B 522 -11.92 41.78 76.44
CA LEU B 522 -10.92 40.84 76.94
C LEU B 522 -9.57 41.18 76.33
N ARG B 523 -8.57 41.37 77.18
CA ARG B 523 -7.24 41.74 76.75
C ARG B 523 -6.26 40.59 76.96
N ASN B 524 -5.01 40.82 76.58
CA ASN B 524 -3.98 39.80 76.76
C ASN B 524 -3.87 39.41 78.22
N GLY B 525 -3.72 38.11 78.47
CA GLY B 525 -3.57 37.61 79.82
C GLY B 525 -4.86 37.43 80.59
N ASP B 526 -6.00 37.72 79.98
CA ASP B 526 -7.27 37.58 80.67
C ASP B 526 -7.67 36.11 80.75
N ARG B 527 -8.77 35.85 81.44
CA ARG B 527 -9.18 34.49 81.77
C ARG B 527 -10.70 34.37 81.75
N LEU B 528 -11.19 33.25 81.21
CA LEU B 528 -12.62 33.09 80.97
C LEU B 528 -13.32 32.31 82.08
N GLY B 529 -12.93 31.07 82.30
CA GLY B 529 -13.63 30.22 83.24
C GLY B 529 -13.69 28.76 82.83
N HIS B 530 -14.82 28.10 83.09
CA HIS B 530 -14.95 26.67 82.80
C HIS B 530 -14.81 26.39 81.31
N CYS B 531 -15.60 27.07 80.49
CA CYS B 531 -15.57 26.89 79.03
C CYS B 531 -15.72 25.41 78.68
N THR B 532 -16.55 24.71 79.44
CA THR B 532 -16.62 23.26 79.31
C THR B 532 -17.14 22.83 77.94
N ALA B 533 -17.86 23.70 77.25
CA ALA B 533 -18.39 23.33 75.94
C ALA B 533 -17.28 22.92 75.00
N ILE B 534 -16.22 23.73 74.91
CA ILE B 534 -15.08 23.42 74.07
C ILE B 534 -14.20 22.35 74.69
N GLY B 535 -14.61 21.78 75.82
CA GLY B 535 -13.86 20.71 76.44
C GLY B 535 -14.50 19.36 76.19
N ILE B 536 -15.82 19.32 76.21
CA ILE B 536 -16.50 18.04 76.09
C ILE B 536 -16.54 17.61 74.64
N THR B 537 -16.36 16.31 74.41
CA THR B 537 -16.44 15.78 73.06
C THR B 537 -17.88 15.51 72.67
N PRO B 538 -18.22 15.60 71.39
CA PRO B 538 -19.56 15.15 70.98
C PRO B 538 -19.77 13.68 71.28
N SER B 539 -18.72 12.88 71.15
CA SER B 539 -18.81 11.46 71.46
C SER B 539 -19.32 11.31 72.89
N ILE B 540 -18.51 11.72 73.87
CA ILE B 540 -19.04 11.82 75.22
C ILE B 540 -19.56 13.23 75.44
N TRP B 541 -20.70 13.52 74.83
CA TRP B 541 -21.62 14.56 75.29
C TRP B 541 -23.05 14.12 75.22
N LYS B 542 -23.38 13.15 74.38
CA LYS B 542 -24.71 12.60 74.23
C LYS B 542 -24.63 11.14 74.65
N ARG B 543 -25.02 10.88 75.90
CA ARG B 543 -24.96 9.53 76.45
C ARG B 543 -26.29 9.06 77.02
N SER B 544 -27.06 9.95 77.64
CA SER B 544 -28.41 9.63 78.09
C SER B 544 -29.40 10.70 77.64
N LEU B 545 -29.07 11.42 76.58
CA LEU B 545 -29.86 12.56 76.19
C LEU B 545 -30.88 12.18 75.14
N PRO B 546 -32.00 12.89 75.07
CA PRO B 546 -33.02 12.58 74.07
C PRO B 546 -32.51 12.87 72.66
N LEU B 547 -33.11 12.19 71.69
CA LEU B 547 -32.74 12.40 70.30
C LEU B 547 -33.02 13.82 69.83
N SER B 548 -33.83 14.57 70.58
CA SER B 548 -34.14 15.95 70.25
C SER B 548 -33.99 16.81 71.49
N LEU B 549 -33.55 18.04 71.29
CA LEU B 549 -33.41 19.02 72.36
C LEU B 549 -34.04 20.33 71.93
N SER B 550 -34.87 20.90 72.80
CA SER B 550 -35.56 22.14 72.52
C SER B 550 -34.84 23.30 73.21
N MET B 551 -34.84 24.45 72.55
CA MET B 551 -34.19 25.65 73.06
C MET B 551 -35.05 26.85 72.68
N THR B 552 -34.65 28.02 73.16
CA THR B 552 -35.29 29.24 72.75
C THR B 552 -35.02 29.49 71.28
N LYS B 553 -36.04 30.00 70.59
CA LYS B 553 -35.88 30.31 69.18
C LYS B 553 -34.71 31.25 68.97
N GLU B 554 -34.51 32.20 69.89
CA GLU B 554 -33.39 33.14 69.77
C GLU B 554 -32.06 32.40 69.85
N THR B 555 -31.94 31.46 70.79
CA THR B 555 -30.73 30.65 70.85
C THR B 555 -30.53 29.88 69.56
N ARG B 556 -31.61 29.30 69.04
CA ARG B 556 -31.50 28.54 67.79
C ARG B 556 -30.96 29.42 66.68
N LEU B 557 -31.52 30.62 66.52
CA LEU B 557 -31.07 31.51 65.46
C LEU B 557 -29.62 31.91 65.65
N LEU B 558 -29.25 32.27 66.87
CA LEU B 558 -27.87 32.65 67.12
C LEU B 558 -26.93 31.53 66.76
N ASP B 559 -27.26 30.30 67.16
CA ASP B 559 -26.41 29.17 66.86
C ASP B 559 -26.32 28.92 65.37
N LEU B 560 -27.44 29.05 64.65
CA LEU B 560 -27.41 28.83 63.21
C LEU B 560 -26.52 29.86 62.52
N VAL B 561 -26.65 31.14 62.92
CA VAL B 561 -25.81 32.18 62.36
C VAL B 561 -24.34 31.89 62.64
N PHE B 562 -24.05 31.48 63.87
CA PHE B 562 -22.70 31.11 64.24
C PHE B 562 -22.17 29.98 63.36
N ILE B 563 -23.00 28.95 63.17
CA ILE B 563 -22.59 27.83 62.33
C ILE B 563 -22.23 28.31 60.94
N TRP B 564 -23.08 29.16 60.36
CA TRP B 564 -22.77 29.67 59.03
C TRP B 564 -21.46 30.45 59.04
N ARG B 565 -21.31 31.36 59.99
CA ARG B 565 -20.10 32.17 60.04
C ARG B 565 -18.86 31.29 60.09
N GLU B 566 -18.88 30.27 60.93
CA GLU B 566 -17.70 29.44 61.12
C GLU B 566 -17.46 28.50 59.94
N LEU B 567 -18.49 27.83 59.44
CA LEU B 567 -18.33 26.78 58.46
C LEU B 567 -18.32 27.30 57.03
N ARG B 568 -18.53 28.61 56.85
CA ARG B 568 -18.45 29.18 55.52
C ARG B 568 -17.14 28.80 54.85
N SER B 569 -16.05 28.83 55.60
CA SER B 569 -14.71 28.66 55.06
C SER B 569 -14.26 27.20 55.01
N HIS B 570 -15.00 26.28 55.60
CA HIS B 570 -14.57 24.89 55.63
C HIS B 570 -15.08 24.13 54.41
N PRO B 571 -14.21 23.69 53.51
CA PRO B 571 -14.69 22.97 52.31
C PRO B 571 -15.48 21.73 52.65
N GLU B 572 -15.14 21.06 53.73
CA GLU B 572 -15.75 19.77 54.06
C GLU B 572 -17.14 19.91 54.68
N LEU B 573 -17.59 21.14 54.97
CA LEU B 573 -18.84 21.35 55.69
C LEU B 573 -19.71 22.41 55.02
N LEU B 574 -19.45 22.68 53.73
CA LEU B 574 -20.19 23.74 53.05
C LEU B 574 -21.67 23.39 52.92
N ARG B 575 -21.98 22.10 52.81
CA ARG B 575 -23.39 21.70 52.80
C ARG B 575 -24.06 22.13 54.10
N TYR B 576 -23.40 21.88 55.22
CA TYR B 576 -23.95 22.29 56.51
C TYR B 576 -24.07 23.81 56.57
N ALA B 577 -23.07 24.52 56.05
CA ALA B 577 -23.13 25.98 56.08
C ALA B 577 -24.34 26.49 55.29
N SER B 578 -24.57 25.93 54.11
CA SER B 578 -25.74 26.32 53.31
C SER B 578 -27.02 26.01 54.05
N ASP B 579 -27.11 24.82 54.63
CA ASP B 579 -28.31 24.45 55.37
C ASP B 579 -28.57 25.41 56.51
N ALA B 580 -27.53 25.75 57.26
CA ALA B 580 -27.67 26.67 58.38
C ALA B 580 -28.10 28.05 57.90
N ALA B 581 -27.51 28.53 56.80
CA ALA B 581 -27.91 29.83 56.26
C ALA B 581 -29.39 29.81 55.92
N ILE B 582 -29.85 28.76 55.27
CA ILE B 582 -31.25 28.67 54.86
C ILE B 582 -32.16 28.69 56.08
N GLU B 583 -31.87 27.81 57.05
CA GLU B 583 -32.73 27.70 58.22
C GLU B 583 -32.72 29.00 59.02
N ALA B 584 -31.57 29.65 59.13
CA ALA B 584 -31.49 30.90 59.87
C ALA B 584 -32.28 31.99 59.16
N VAL B 585 -32.24 32.02 57.83
CA VAL B 585 -33.06 32.99 57.11
C VAL B 585 -34.53 32.74 57.40
N ARG B 586 -34.94 31.48 57.38
CA ARG B 586 -36.34 31.15 57.71
C ARG B 586 -36.69 31.64 59.11
N LEU B 587 -35.83 31.31 60.08
CA LEU B 587 -36.11 31.62 61.48
C LEU B 587 -36.10 33.12 61.70
N ALA B 588 -35.27 33.86 60.97
CA ALA B 588 -35.32 35.31 61.03
C ALA B 588 -36.65 35.83 60.48
N HIS B 589 -37.07 35.30 59.33
CA HIS B 589 -38.35 35.69 58.77
C HIS B 589 -39.46 35.52 59.80
N LYS B 590 -39.39 34.46 60.59
CA LYS B 590 -40.44 34.23 61.58
C LYS B 590 -40.27 35.10 62.82
N VAL B 591 -39.11 35.04 63.47
CA VAL B 591 -38.90 35.79 64.71
C VAL B 591 -39.17 37.27 64.49
N PHE B 592 -38.65 37.83 63.39
CA PHE B 592 -38.84 39.24 63.09
C PHE B 592 -40.11 39.49 62.29
N SER B 593 -40.84 38.43 61.92
CA SER B 593 -42.12 38.59 61.24
C SER B 593 -41.97 39.47 60.01
N LEU B 594 -40.85 39.30 59.31
CA LEU B 594 -40.53 40.16 58.19
C LEU B 594 -41.36 39.77 56.97
N GLU B 595 -41.82 40.77 56.24
CA GLU B 595 -42.46 40.54 54.95
C GLU B 595 -41.49 40.71 53.79
N GLU B 596 -40.31 41.27 54.05
CA GLU B 596 -39.29 41.48 53.03
C GLU B 596 -38.28 40.34 53.10
N GLU B 597 -37.19 40.47 52.35
CA GLU B 597 -36.15 39.46 52.28
C GLU B 597 -34.93 39.93 53.04
N VAL B 598 -34.42 39.07 53.92
CA VAL B 598 -33.27 39.38 54.76
C VAL B 598 -32.17 38.37 54.44
N SER B 599 -30.98 38.87 54.13
CA SER B 599 -29.86 38.02 53.79
C SER B 599 -29.09 37.62 55.06
N ILE B 600 -28.41 36.48 54.97
CA ILE B 600 -27.60 36.01 56.08
C ILE B 600 -26.49 37.01 56.41
N THR B 601 -25.90 37.62 55.38
CA THR B 601 -24.89 38.65 55.64
C THR B 601 -25.48 39.77 56.48
N THR B 602 -26.65 40.26 56.12
CA THR B 602 -27.27 41.33 56.88
C THR B 602 -27.69 40.86 58.27
N LEU B 603 -28.10 39.61 58.40
CA LEU B 603 -28.41 39.09 59.73
C LEU B 603 -27.18 39.16 60.62
N ASP B 604 -26.03 38.73 60.11
CA ASP B 604 -24.80 38.88 60.87
C ASP B 604 -24.54 40.35 61.19
N GLN B 605 -24.77 41.23 60.21
CA GLN B 605 -24.63 42.65 60.46
C GLN B 605 -25.43 43.06 61.67
N VAL B 606 -26.65 42.51 61.80
CA VAL B 606 -27.46 42.79 62.99
C VAL B 606 -26.79 42.23 64.23
N PHE B 607 -26.40 40.96 64.19
CA PHE B 607 -26.01 40.28 65.42
C PHE B 607 -24.64 40.71 65.94
N GLU B 608 -23.84 41.44 65.17
CA GLU B 608 -22.68 42.03 65.85
C GLU B 608 -23.08 43.03 66.92
N MET B 609 -24.30 43.57 66.84
CA MET B 609 -24.65 44.75 67.63
C MET B 609 -25.29 44.40 68.96
N ARG B 610 -25.40 43.12 69.30
CA ARG B 610 -25.82 42.78 70.65
C ARG B 610 -24.90 43.37 71.70
N GLY B 611 -23.66 43.70 71.33
CA GLY B 611 -22.73 44.33 72.25
C GLY B 611 -22.99 45.80 72.50
N LEU B 612 -23.98 46.38 71.84
CA LEU B 612 -24.35 47.76 72.10
C LEU B 612 -25.23 47.85 73.33
N LEU B 613 -25.00 48.88 74.15
CA LEU B 613 -25.88 49.11 75.28
C LEU B 613 -27.28 49.40 74.78
N ALA B 614 -28.28 48.69 75.34
CA ALA B 614 -29.64 48.81 74.83
C ALA B 614 -30.12 50.24 74.89
N GLU B 615 -29.98 50.89 76.04
CA GLU B 615 -30.38 52.28 76.22
C GLU B 615 -29.22 53.22 75.96
N SER B 616 -28.55 53.07 74.82
CA SER B 616 -27.46 53.97 74.46
C SER B 616 -27.98 55.11 73.61
N GLU B 617 -28.47 54.79 72.41
CA GLU B 617 -29.01 55.82 71.52
C GLU B 617 -30.26 55.38 70.78
N GLY B 618 -30.69 54.13 70.92
CA GLY B 618 -31.80 53.62 70.14
C GLY B 618 -32.99 53.19 70.99
N LEU B 619 -32.85 53.31 72.31
CA LEU B 619 -33.87 52.86 73.23
C LEU B 619 -34.10 53.91 74.30
N SER B 631 -20.51 60.10 83.55
CA SER B 631 -19.38 60.61 82.78
C SER B 631 -18.74 59.50 81.95
N LEU B 632 -18.15 58.52 82.64
CA LEU B 632 -17.53 57.40 81.93
C LEU B 632 -18.54 56.64 81.09
N TRP B 633 -19.81 56.61 81.50
CA TRP B 633 -20.87 55.99 80.71
C TRP B 633 -21.13 56.74 79.42
N LEU B 634 -20.62 57.98 79.28
CA LEU B 634 -20.90 58.80 78.12
C LEU B 634 -20.41 58.14 76.84
N GLU B 635 -19.20 57.59 76.87
CA GLU B 635 -18.57 57.09 75.65
C GLU B 635 -19.36 55.94 75.06
N GLU B 636 -19.73 54.97 75.90
CA GLU B 636 -20.55 53.86 75.43
C GLU B 636 -21.99 54.28 75.17
N TYR B 637 -22.47 55.33 75.83
CA TYR B 637 -23.76 55.90 75.45
C TYR B 637 -23.72 56.37 74.00
N GLU B 638 -22.68 57.09 73.62
CA GLU B 638 -22.57 57.67 72.29
C GLU B 638 -22.04 56.69 71.26
N ARG B 639 -21.52 55.54 71.68
CA ARG B 639 -20.98 54.58 70.72
C ARG B 639 -21.92 54.34 69.55
N ALA B 640 -23.23 54.36 69.78
CA ALA B 640 -24.18 54.13 68.70
C ALA B 640 -24.23 55.29 67.72
N ARG B 641 -23.63 56.44 68.06
CA ARG B 641 -23.57 57.54 67.11
C ARG B 641 -22.83 57.15 65.84
N GLU B 642 -21.67 56.51 65.97
CA GLU B 642 -20.93 56.11 64.78
C GLU B 642 -21.70 55.07 63.99
N LEU B 643 -22.37 54.15 64.68
CA LEU B 643 -23.17 53.14 64.00
C LEU B 643 -24.25 53.78 63.16
N VAL B 644 -25.05 54.65 63.78
CA VAL B 644 -26.14 55.31 63.05
C VAL B 644 -25.58 56.21 61.97
N LYS B 645 -24.38 56.78 62.16
CA LYS B 645 -23.72 57.52 61.11
C LYS B 645 -23.46 56.65 59.89
N THR B 646 -23.00 55.42 60.12
CA THR B 646 -22.81 54.49 59.02
C THR B 646 -24.08 54.39 58.21
N THR B 647 -24.03 54.86 56.95
CA THR B 647 -25.24 55.03 56.17
C THR B 647 -25.90 53.69 55.84
N GLY B 648 -25.11 52.64 55.63
CA GLY B 648 -25.63 51.39 55.15
C GLY B 648 -26.24 50.48 56.20
N MET B 649 -26.18 50.84 57.48
CA MET B 649 -26.65 49.98 58.55
C MET B 649 -28.09 50.30 58.94
N LYS B 650 -28.87 50.81 57.99
CA LYS B 650 -30.28 51.14 58.17
C LYS B 650 -31.12 49.91 58.56
N ARG B 651 -31.19 48.95 57.66
CA ARG B 651 -31.97 47.73 57.89
C ARG B 651 -31.44 47.02 59.13
N PRO B 652 -30.12 46.87 59.27
CA PRO B 652 -29.60 46.25 60.49
C PRO B 652 -30.04 46.96 61.76
N LEU B 653 -29.94 48.27 61.80
CA LEU B 653 -30.28 49.01 63.01
C LEU B 653 -31.75 48.82 63.35
N LYS B 654 -32.63 48.92 62.34
CA LYS B 654 -34.05 48.75 62.63
C LYS B 654 -34.35 47.34 63.10
N LEU B 655 -33.70 46.33 62.49
CA LEU B 655 -33.98 44.97 62.90
C LEU B 655 -33.52 44.73 64.33
N TYR B 656 -32.36 45.29 64.70
CA TYR B 656 -31.87 45.12 66.06
C TYR B 656 -32.78 45.84 67.06
N LYS B 657 -33.28 47.02 66.68
CA LYS B 657 -34.23 47.71 67.54
C LYS B 657 -35.51 46.90 67.71
N GLN B 658 -35.99 46.31 66.61
CA GLN B 658 -37.12 45.39 66.69
C GLN B 658 -36.83 44.26 67.67
N TRP B 659 -35.62 43.69 67.57
CA TRP B 659 -35.23 42.61 68.46
C TRP B 659 -35.27 43.03 69.91
N LEU B 660 -34.76 44.22 70.22
CA LEU B 660 -34.71 44.66 71.60
C LEU B 660 -36.08 45.08 72.12
N THR B 661 -36.95 45.56 71.23
CA THR B 661 -38.18 46.24 71.62
C THR B 661 -39.44 45.52 71.18
N SER B 662 -39.51 45.06 69.94
CA SER B 662 -40.76 44.50 69.42
C SER B 662 -41.25 43.39 70.33
N ASP B 663 -42.46 43.58 70.87
CA ASP B 663 -43.01 42.62 71.81
C ASP B 663 -43.19 41.25 71.17
N ASN B 664 -43.70 41.23 69.94
CA ASN B 664 -43.86 39.95 69.24
C ASN B 664 -42.51 39.27 69.05
N VAL B 665 -41.50 40.05 68.69
CA VAL B 665 -40.16 39.49 68.51
C VAL B 665 -39.69 38.89 69.83
N ARG B 666 -39.89 39.59 70.94
CA ARG B 666 -39.45 39.07 72.23
C ARG B 666 -40.20 37.80 72.59
N LYS B 667 -41.52 37.78 72.35
CA LYS B 667 -42.30 36.60 72.65
C LYS B 667 -41.83 35.40 71.84
N GLN B 668 -41.60 35.58 70.54
CA GLN B 668 -41.21 34.44 69.74
C GLN B 668 -39.75 34.10 69.92
N ARG B 669 -38.94 35.04 70.42
CA ARG B 669 -37.63 34.68 70.95
C ARG B 669 -37.78 33.70 72.10
N ALA B 670 -38.66 34.01 73.04
CA ALA B 670 -38.94 33.11 74.15
C ALA B 670 -39.52 31.78 73.69
N GLU B 671 -40.22 31.77 72.56
CA GLU B 671 -40.81 30.55 72.03
C GLU B 671 -39.78 29.42 71.97
N TYR B 672 -40.25 28.19 72.04
CA TYR B 672 -39.41 27.01 72.11
C TYR B 672 -39.42 26.28 70.77
N VAL B 673 -38.28 25.70 70.42
CA VAL B 673 -38.14 24.97 69.16
C VAL B 673 -37.18 23.81 69.37
N GLU B 674 -37.53 22.66 68.81
CA GLU B 674 -36.73 21.44 68.93
C GLU B 674 -35.66 21.39 67.85
N VAL B 675 -34.61 20.61 68.10
CA VAL B 675 -33.55 20.37 67.14
C VAL B 675 -33.05 18.95 67.34
N ALA B 676 -32.69 18.29 66.24
CA ALA B 676 -32.17 16.93 66.32
C ALA B 676 -30.87 16.90 67.12
N LEU B 677 -30.75 15.88 67.97
CA LEU B 677 -29.51 15.72 68.73
C LEU B 677 -28.32 15.59 67.80
N GLU B 678 -28.42 14.74 66.79
CA GLU B 678 -27.38 14.61 65.77
C GLU B 678 -27.65 15.54 64.60
N TYR B 679 -27.89 16.81 64.90
CA TYR B 679 -28.16 17.79 63.85
C TYR B 679 -26.93 17.98 62.97
N LEU B 680 -25.74 17.96 63.57
CA LEU B 680 -24.50 18.08 62.82
C LEU B 680 -23.58 16.93 63.19
N PRO B 681 -22.57 16.64 62.37
CA PRO B 681 -21.66 15.54 62.70
C PRO B 681 -20.70 15.88 63.83
N ASP B 682 -20.25 14.82 64.50
CA ASP B 682 -19.22 14.97 65.53
C ASP B 682 -18.04 15.73 64.99
N GLU B 683 -17.65 15.45 63.75
CA GLU B 683 -16.53 16.15 63.14
C GLU B 683 -16.83 17.63 63.01
N ALA B 684 -18.06 17.98 62.63
CA ALA B 684 -18.43 19.39 62.54
C ALA B 684 -18.31 20.06 63.91
N VAL B 685 -18.83 19.42 64.94
CA VAL B 685 -18.70 19.97 66.28
C VAL B 685 -17.23 20.15 66.64
N VAL B 686 -16.41 19.15 66.30
CA VAL B 686 -15.00 19.20 66.62
C VAL B 686 -14.32 20.34 65.90
N ALA B 687 -14.68 20.55 64.63
CA ALA B 687 -14.10 21.65 63.87
C ALA B 687 -14.48 22.98 64.49
N LEU B 688 -15.74 23.12 64.91
CA LEU B 688 -16.14 24.35 65.60
C LEU B 688 -15.33 24.55 66.86
N GLN B 689 -15.19 23.50 67.66
CA GLN B 689 -14.36 23.59 68.86
C GLN B 689 -12.96 24.03 68.51
N GLN B 690 -12.37 23.42 67.49
CA GLN B 690 -11.00 23.74 67.13
C GLN B 690 -10.86 25.18 66.67
N ALA B 691 -11.84 25.69 65.94
CA ALA B 691 -11.80 27.08 65.54
C ALA B 691 -11.83 28.00 66.76
N VAL B 692 -12.71 27.69 67.71
CA VAL B 692 -12.78 28.52 68.92
C VAL B 692 -11.47 28.42 69.70
N MET B 693 -10.89 27.23 69.72
CA MET B 693 -9.61 27.02 70.39
C MET B 693 -8.51 27.85 69.74
N ALA B 694 -8.52 27.91 68.41
CA ALA B 694 -7.56 28.73 67.69
C ALA B 694 -7.74 30.20 68.01
N LYS B 695 -8.99 30.66 68.02
CA LYS B 695 -9.25 32.06 68.37
C LYS B 695 -8.78 32.35 69.80
N MET B 696 -9.10 31.45 70.72
CA MET B 696 -8.57 31.53 72.07
C MET B 696 -7.08 31.80 72.04
N ALA B 697 -6.32 30.87 71.47
CA ALA B 697 -4.86 31.00 71.48
C ALA B 697 -4.43 32.30 70.84
N ASP B 698 -5.14 32.72 69.80
CA ASP B 698 -4.81 33.98 69.14
C ASP B 698 -4.92 35.14 70.11
N ARG B 699 -5.99 35.18 70.90
CA ARG B 699 -6.21 36.28 71.84
C ARG B 699 -5.50 36.06 73.17
N ASN B 700 -4.83 34.94 73.35
CA ASN B 700 -4.07 34.67 74.58
C ASN B 700 -4.97 34.78 75.80
N ILE B 701 -6.06 34.03 75.78
CA ILE B 701 -7.08 34.05 76.83
C ILE B 701 -7.12 32.67 77.49
N ALA B 702 -7.01 32.64 78.82
CA ALA B 702 -6.87 31.38 79.53
C ALA B 702 -8.21 30.85 80.01
N ILE B 703 -8.20 29.60 80.49
CA ILE B 703 -9.42 28.88 80.83
C ILE B 703 -9.23 28.24 82.20
N GLU B 704 -10.16 28.48 83.11
CA GLU B 704 -10.17 27.79 84.41
C GLU B 704 -10.79 26.42 84.23
N CYS B 705 -10.19 25.40 84.83
CA CYS B 705 -10.72 24.03 84.75
C CYS B 705 -10.74 23.38 86.12
N PRO B 706 -11.80 23.59 86.91
CA PRO B 706 -11.97 22.80 88.12
C PRO B 706 -12.58 21.46 87.81
N PRO B 707 -12.53 20.50 88.74
CA PRO B 707 -13.14 19.19 88.50
C PRO B 707 -14.55 19.11 89.04
N THR B 708 -15.44 18.40 88.34
CA THR B 708 -16.83 18.26 88.79
C THR B 708 -17.21 16.80 89.03
N SER B 714 -20.86 16.14 85.13
CA SER B 714 -22.08 15.40 85.41
C SER B 714 -22.18 14.14 84.55
N GLN B 715 -21.89 14.29 83.25
CA GLN B 715 -22.00 13.19 82.31
C GLN B 715 -20.82 12.23 82.36
N TYR B 716 -19.70 12.61 82.97
CA TYR B 716 -18.55 11.72 83.09
C TYR B 716 -18.88 10.60 84.07
N ARG B 717 -18.48 9.37 83.73
CA ARG B 717 -18.69 8.25 84.65
C ARG B 717 -17.58 8.19 85.69
N ASN B 718 -16.33 8.08 85.26
CA ASN B 718 -15.19 8.22 86.16
C ASN B 718 -14.46 9.50 85.81
N VAL B 719 -13.56 9.92 86.70
CA VAL B 719 -12.89 11.19 86.51
C VAL B 719 -11.98 11.16 85.29
N SER B 720 -11.69 9.98 84.75
CA SER B 720 -10.74 9.86 83.65
C SER B 720 -11.15 10.65 82.41
N GLU B 721 -12.41 10.58 82.01
CA GLU B 721 -12.87 11.22 80.78
C GLU B 721 -13.10 12.72 80.94
N HIS B 722 -12.63 13.32 82.02
CA HIS B 722 -12.74 14.77 82.15
C HIS B 722 -12.00 15.47 81.03
N HIS B 723 -12.63 16.50 80.47
CA HIS B 723 -12.08 17.24 79.33
C HIS B 723 -10.77 17.93 79.66
N ILE B 724 -10.45 18.05 80.95
CA ILE B 724 -9.18 18.65 81.34
C ILE B 724 -8.04 17.92 80.64
N PHE B 725 -8.09 16.60 80.63
CA PHE B 725 -6.99 15.84 80.06
C PHE B 725 -6.90 16.05 78.55
N ARG B 726 -8.05 16.21 77.89
CA ARG B 726 -8.00 16.58 76.48
C ARG B 726 -7.27 17.88 76.28
N TRP B 727 -7.67 18.91 77.04
CA TRP B 727 -6.98 20.19 76.93
C TRP B 727 -5.51 20.06 77.30
N MET B 728 -5.18 19.07 78.11
CA MET B 728 -3.79 18.79 78.46
C MET B 728 -3.04 18.11 77.34
N GLY B 729 -3.70 17.31 76.52
CA GLY B 729 -3.04 16.65 75.41
C GLY B 729 -2.59 15.23 75.68
N LEU B 730 -3.30 14.51 76.53
CA LEU B 730 -2.93 13.13 76.81
C LEU B 730 -3.27 12.25 75.60
N PRO B 731 -2.71 11.05 75.50
CA PRO B 731 -3.06 10.18 74.37
C PRO B 731 -4.44 9.55 74.53
N GLY B 732 -5.06 9.26 73.40
CA GLY B 732 -6.33 8.56 73.38
C GLY B 732 -7.55 9.44 73.49
N GLU B 733 -7.40 10.71 73.86
CA GLU B 733 -8.53 11.63 73.93
C GLU B 733 -8.32 12.88 73.10
N ALA B 734 -7.10 13.42 73.07
CA ALA B 734 -6.85 14.63 72.29
C ALA B 734 -7.07 14.36 70.81
N ILE B 735 -7.60 15.37 70.12
CA ILE B 735 -7.92 15.24 68.71
C ILE B 735 -6.84 15.94 67.90
N GLU B 736 -6.68 15.48 66.66
CA GLU B 736 -5.61 15.98 65.80
C GLU B 736 -5.62 17.50 65.71
N GLY B 737 -6.80 18.10 65.63
CA GLY B 737 -6.90 19.52 65.37
C GLY B 737 -6.88 20.35 66.64
N ASP B 738 -6.40 19.75 67.73
CA ASP B 738 -6.39 20.44 69.01
C ASP B 738 -5.21 21.40 69.09
N VAL B 739 -5.36 22.42 69.94
CA VAL B 739 -4.40 23.51 70.09
C VAL B 739 -4.09 23.60 71.59
N PRO B 740 -2.90 24.01 72.01
CA PRO B 740 -2.69 24.19 73.46
C PRO B 740 -3.57 25.30 74.02
N MET B 741 -4.11 25.04 75.22
CA MET B 741 -5.29 25.74 75.70
C MET B 741 -5.07 26.70 76.87
N SER B 742 -3.85 26.88 77.36
CA SER B 742 -3.61 27.83 78.44
C SER B 742 -4.63 27.63 79.57
N ILE B 743 -4.51 26.45 80.19
CA ILE B 743 -5.41 26.05 81.26
C ILE B 743 -4.83 26.49 82.60
N CYS B 744 -5.72 26.86 83.51
CA CYS B 744 -5.40 27.16 84.89
C CYS B 744 -6.34 26.39 85.80
N LEU B 745 -5.96 26.29 87.07
CA LEU B 745 -6.66 25.42 88.00
C LEU B 745 -7.70 26.18 88.80
N GLY B 746 -8.69 25.43 89.29
CA GLY B 746 -9.69 25.95 90.18
C GLY B 746 -10.15 24.90 91.17
N SER B 747 -10.12 25.23 92.46
CA SER B 747 -10.52 24.28 93.51
C SER B 747 -12.02 24.46 93.77
N ASP B 748 -12.82 24.08 92.78
CA ASP B 748 -14.27 24.19 92.89
C ASP B 748 -14.87 22.90 92.32
N ASP B 749 -15.08 21.91 93.17
CA ASP B 749 -15.86 20.74 92.79
C ASP B 749 -17.27 20.89 93.36
N PRO B 750 -18.30 20.87 92.51
CA PRO B 750 -19.66 21.12 93.05
C PRO B 750 -20.06 20.13 94.12
N GLY B 751 -19.70 18.86 93.97
CA GLY B 751 -20.28 17.81 94.79
C GLY B 751 -19.33 17.08 95.70
N ILE B 752 -18.43 17.82 96.36
CA ILE B 752 -17.54 17.24 97.36
C ILE B 752 -17.49 18.15 98.56
N PHE B 753 -17.00 17.61 99.67
CA PHE B 753 -16.92 18.34 100.92
C PHE B 753 -15.46 18.46 101.35
N ALA B 754 -15.08 19.64 101.80
CA ALA B 754 -13.71 19.90 102.26
C ALA B 754 -12.72 19.62 101.13
N ALA B 755 -12.93 20.31 100.02
CA ALA B 755 -12.04 20.24 98.87
C ALA B 755 -11.11 21.45 98.85
N ASP B 756 -9.90 21.23 98.33
CA ASP B 756 -8.91 22.29 98.28
C ASP B 756 -8.03 22.11 97.05
N LEU B 757 -7.45 23.22 96.62
CA LEU B 757 -6.64 23.23 95.41
C LEU B 757 -5.60 22.12 95.43
N LYS B 758 -4.97 21.92 96.59
CA LYS B 758 -4.06 20.78 96.74
C LYS B 758 -4.79 19.46 96.57
N SER B 759 -6.06 19.41 97.01
CA SER B 759 -6.86 18.20 96.78
C SER B 759 -6.97 17.91 95.30
N GLU B 760 -7.40 18.89 94.51
CA GLU B 760 -7.53 18.67 93.08
C GLU B 760 -6.16 18.36 92.47
N PHE B 761 -5.10 18.96 93.00
CA PHE B 761 -3.77 18.74 92.46
C PHE B 761 -3.38 17.27 92.58
N TYR B 762 -3.45 16.74 93.80
CA TYR B 762 -3.15 15.32 93.96
C TYR B 762 -4.13 14.46 93.18
N HIS B 763 -5.38 14.90 93.07
CA HIS B 763 -6.36 14.12 92.32
C HIS B 763 -5.91 13.93 90.89
N LEU B 764 -5.57 15.04 90.22
CA LEU B 764 -5.11 14.97 88.85
C LEU B 764 -3.83 14.16 88.75
N PHE B 765 -2.91 14.37 89.69
CA PHE B 765 -1.67 13.61 89.66
C PHE B 765 -1.95 12.11 89.71
N VAL B 766 -2.83 11.70 90.62
CA VAL B 766 -3.12 10.28 90.79
C VAL B 766 -3.76 9.73 89.53
N VAL B 767 -4.72 10.45 88.97
CA VAL B 767 -5.38 9.96 87.75
C VAL B 767 -4.36 9.79 86.64
N LEU B 768 -3.52 10.81 86.43
CA LEU B 768 -2.52 10.72 85.38
C LEU B 768 -1.60 9.53 85.60
N THR B 769 -1.11 9.37 86.82
CA THR B 769 -0.18 8.29 87.11
C THR B 769 -0.81 6.93 86.91
N ARG B 770 -2.06 6.76 87.34
CA ARG B 770 -2.66 5.44 87.42
C ARG B 770 -3.44 5.07 86.17
N LYS B 771 -4.45 5.85 85.79
CA LYS B 771 -5.24 5.53 84.62
C LYS B 771 -4.46 5.66 83.33
N PHE B 772 -3.43 6.52 83.30
CA PHE B 772 -2.67 6.78 82.10
C PHE B 772 -1.26 6.24 82.17
N GLY B 773 -0.82 5.81 83.35
CA GLY B 773 0.48 5.19 83.49
C GLY B 773 1.66 6.12 83.35
N LEU B 774 1.43 7.42 83.27
CA LEU B 774 2.54 8.35 83.14
C LEU B 774 3.39 8.33 84.39
N SER B 775 4.69 8.60 84.21
CA SER B 775 5.61 8.58 85.33
C SER B 775 5.26 9.70 86.30
N PRO B 776 5.71 9.61 87.55
CA PRO B 776 5.53 10.73 88.48
C PRO B 776 6.10 12.02 87.90
N ALA B 777 7.24 11.94 87.24
CA ALA B 777 7.81 13.13 86.62
C ALA B 777 6.89 13.68 85.53
N ASP B 778 6.33 12.78 84.70
CA ASP B 778 5.45 13.23 83.64
C ASP B 778 4.21 13.92 84.20
N ALA B 779 3.54 13.26 85.14
CA ALA B 779 2.35 13.85 85.73
C ALA B 779 2.70 15.17 86.41
N LEU B 780 3.84 15.20 87.10
CA LEU B 780 4.22 16.41 87.83
C LEU B 780 4.45 17.57 86.88
N ARG B 781 5.22 17.35 85.80
CA ARG B 781 5.44 18.42 84.85
C ARG B 781 4.13 18.88 84.24
N LYS B 782 3.27 17.93 83.87
CA LYS B 782 2.04 18.32 83.18
C LYS B 782 1.13 19.14 84.09
N VAL B 783 0.99 18.72 85.36
CA VAL B 783 0.14 19.46 86.27
C VAL B 783 0.79 20.80 86.63
N ALA B 784 2.10 20.81 86.81
CA ALA B 784 2.80 22.06 87.03
C ALA B 784 2.56 23.03 85.89
N GLU B 785 2.32 22.50 84.68
CA GLU B 785 1.97 23.40 83.58
C GLU B 785 0.75 24.24 83.92
N VAL B 786 -0.35 23.61 84.29
CA VAL B 786 -1.57 24.34 84.60
C VAL B 786 -1.35 25.20 85.84
N ASN B 787 -0.66 24.66 86.85
CA ASN B 787 -0.41 25.42 88.05
C ASN B 787 0.34 26.71 87.74
N GLU B 788 1.39 26.60 86.92
CA GLU B 788 2.19 27.77 86.58
C GLU B 788 1.42 28.73 85.70
N ASN B 789 0.62 28.23 84.77
CA ASN B 789 -0.22 29.13 83.99
C ASN B 789 -1.15 29.91 84.92
N GLY B 790 -1.52 29.29 86.04
CA GLY B 790 -2.26 30.04 87.04
C GLY B 790 -1.56 31.33 87.41
N ARG B 791 -0.26 31.27 87.68
CA ARG B 791 0.47 32.48 88.03
C ARG B 791 0.75 33.33 86.80
N ILE B 792 0.83 32.70 85.63
CA ILE B 792 1.06 33.48 84.41
C ILE B 792 -0.11 34.40 84.17
N TYR B 793 -1.33 33.93 84.42
CA TYR B 793 -2.53 34.72 84.21
C TYR B 793 -3.14 35.23 85.51
N ARG B 794 -2.42 35.13 86.62
CA ARG B 794 -2.94 35.63 87.88
C ARG B 794 -3.37 37.08 87.74
N PHE B 795 -4.29 37.48 88.62
CA PHE B 795 -4.91 38.79 88.56
C PHE B 795 -4.25 39.80 89.47
N HIS B 796 -3.38 39.36 90.37
CA HIS B 796 -2.82 40.23 91.38
C HIS B 796 -2.09 41.41 90.75
N ASP B 797 -1.75 42.38 91.57
CA ASP B 797 -1.01 43.54 91.08
C ASP B 797 0.48 43.23 91.03
N VAL B 798 1.18 43.83 90.08
CA VAL B 798 2.62 43.61 89.93
C VAL B 798 3.37 44.61 90.80
N MET C 1 -27.92 -11.09 6.09
CA MET C 1 -28.32 -10.29 4.90
C MET C 1 -29.70 -10.73 4.48
N GLU C 2 -29.94 -12.03 4.67
CA GLU C 2 -31.25 -12.62 4.47
C GLU C 2 -32.37 -11.70 4.93
N ARG C 3 -32.21 -11.06 6.08
CA ARG C 3 -33.30 -10.29 6.67
C ARG C 3 -33.91 -9.33 5.67
N PHE C 4 -33.08 -8.68 4.86
CA PHE C 4 -33.59 -7.69 3.94
C PHE C 4 -34.55 -8.30 2.93
N LEU C 5 -34.24 -9.49 2.43
CA LEU C 5 -35.07 -10.15 1.45
C LEU C 5 -36.47 -10.44 1.99
N LEU C 6 -36.63 -10.42 3.30
CA LEU C 6 -37.93 -10.57 3.93
C LEU C 6 -38.47 -9.25 4.46
N ASN C 7 -37.63 -8.22 4.54
CA ASN C 7 -38.07 -6.90 4.96
C ASN C 7 -37.47 -5.87 4.01
N SER C 8 -38.26 -5.45 3.03
CA SER C 8 -37.80 -4.44 2.07
C SER C 8 -39.02 -3.80 1.42
N THR C 9 -39.27 -2.54 1.72
CA THR C 9 -40.40 -1.85 1.10
C THR C 9 -40.24 -1.81 -0.42
N VAL C 10 -39.02 -1.55 -0.90
CA VAL C 10 -38.79 -1.50 -2.34
C VAL C 10 -39.08 -2.86 -2.96
N LEU C 11 -38.63 -3.93 -2.30
CA LEU C 11 -38.91 -5.27 -2.80
C LEU C 11 -40.40 -5.49 -2.92
N LEU C 12 -41.15 -5.11 -1.88
CA LEU C 12 -42.60 -5.25 -1.92
C LEU C 12 -43.18 -4.48 -3.09
N TYR C 13 -42.74 -3.23 -3.25
CA TYR C 13 -43.25 -2.39 -4.32
C TYR C 13 -43.05 -3.08 -5.66
N ARG C 14 -41.83 -3.53 -5.92
CA ARG C 14 -41.52 -4.16 -7.20
C ARG C 14 -42.35 -5.41 -7.39
N LEU C 15 -42.34 -6.32 -6.41
CA LEU C 15 -43.07 -7.57 -6.56
C LEU C 15 -44.55 -7.32 -6.79
N SER C 16 -45.17 -6.46 -5.99
CA SER C 16 -46.58 -6.14 -6.15
C SER C 16 -46.91 -5.52 -7.49
N THR C 17 -46.12 -4.55 -7.94
CA THR C 17 -46.36 -3.91 -9.22
C THR C 17 -46.19 -4.84 -10.41
N VAL C 18 -45.15 -5.66 -10.41
CA VAL C 18 -44.80 -6.44 -11.58
C VAL C 18 -45.82 -7.56 -11.78
N SER C 19 -45.79 -8.17 -12.97
CA SER C 19 -46.77 -9.19 -13.32
C SER C 19 -46.36 -10.56 -12.78
N LEU C 20 -47.27 -11.53 -12.96
CA LEU C 20 -47.15 -12.86 -12.38
C LEU C 20 -46.40 -13.88 -13.25
N ASP C 21 -46.24 -13.64 -14.55
CA ASP C 21 -45.52 -14.60 -15.39
C ASP C 21 -44.24 -14.00 -15.99
N GLU C 22 -43.70 -12.96 -15.38
CA GLU C 22 -42.53 -12.29 -15.94
C GLU C 22 -41.26 -13.14 -15.78
N VAL C 23 -41.06 -13.71 -14.59
CA VAL C 23 -39.97 -14.64 -14.37
C VAL C 23 -38.63 -13.90 -14.38
N SER C 24 -37.59 -14.53 -13.83
CA SER C 24 -36.20 -14.08 -13.95
C SER C 24 -36.03 -12.68 -13.35
N LEU C 25 -36.22 -12.62 -12.04
CA LEU C 25 -36.24 -11.38 -11.29
C LEU C 25 -34.92 -11.10 -10.58
N ASP C 26 -33.97 -12.04 -10.65
CA ASP C 26 -32.84 -12.02 -9.72
C ASP C 26 -32.16 -10.65 -9.71
N GLU C 27 -32.00 -10.03 -10.88
CA GLU C 27 -31.31 -8.74 -10.92
C GLU C 27 -32.10 -7.68 -10.17
N ARG C 28 -33.42 -7.64 -10.38
CA ARG C 28 -34.27 -6.68 -9.71
C ARG C 28 -34.25 -6.91 -8.20
N VAL C 29 -34.32 -8.18 -7.81
CA VAL C 29 -34.26 -8.54 -6.40
C VAL C 29 -32.95 -8.06 -5.81
N GLU C 30 -31.86 -8.29 -6.50
CA GLU C 30 -30.55 -7.89 -6.01
C GLU C 30 -30.50 -6.39 -5.80
N SER C 31 -30.94 -5.63 -6.80
CA SER C 31 -30.98 -4.19 -6.68
C SER C 31 -31.80 -3.76 -5.48
N SER C 32 -33.01 -4.30 -5.36
CA SER C 32 -33.87 -3.93 -4.25
C SER C 32 -33.19 -4.23 -2.92
N VAL C 33 -32.51 -5.36 -2.84
CA VAL C 33 -31.82 -5.73 -1.61
C VAL C 33 -30.77 -4.70 -1.25
N PHE C 34 -29.97 -4.27 -2.23
CA PHE C 34 -28.95 -3.29 -1.90
C PHE C 34 -29.56 -1.95 -1.53
N LEU C 35 -30.60 -1.51 -2.23
CA LEU C 35 -31.26 -0.29 -1.82
C LEU C 35 -31.77 -0.40 -0.39
N ALA C 36 -32.40 -1.53 -0.05
CA ALA C 36 -32.90 -1.70 1.30
C ALA C 36 -31.78 -1.62 2.33
N GLN C 37 -30.81 -2.51 2.21
CA GLN C 37 -29.71 -2.50 3.18
C GLN C 37 -29.13 -1.10 3.30
N TYR C 38 -29.02 -0.36 2.19
CA TYR C 38 -28.59 1.02 2.30
C TYR C 38 -29.54 1.81 3.19
N GLU C 39 -30.84 1.61 3.01
CA GLU C 39 -31.79 2.39 3.81
C GLU C 39 -31.64 2.09 5.29
N GLN C 40 -31.67 0.81 5.66
CA GLN C 40 -31.64 0.46 7.08
C GLN C 40 -30.23 0.54 7.66
N ALA C 41 -29.33 -0.31 7.17
CA ALA C 41 -27.97 -0.38 7.68
C ALA C 41 -27.11 0.52 6.79
N ARG C 42 -26.96 1.78 7.23
CA ARG C 42 -26.12 2.72 6.50
C ARG C 42 -24.65 2.34 6.56
N SER C 43 -24.16 1.96 7.74
CA SER C 43 -22.73 1.84 8.00
C SER C 43 -22.06 0.71 7.25
N LEU C 44 -22.81 -0.21 6.65
CA LEU C 44 -22.18 -1.32 5.96
C LEU C 44 -21.24 -0.78 4.90
N PRO C 45 -19.97 -1.18 4.88
CA PRO C 45 -19.03 -0.53 3.95
C PRO C 45 -19.17 -1.01 2.51
N ASP C 46 -20.41 -1.23 2.09
CA ASP C 46 -20.79 -1.13 0.68
C ASP C 46 -20.18 -2.22 -0.20
N HIS C 47 -19.30 -3.05 0.34
CA HIS C 47 -18.68 -4.09 -0.46
C HIS C 47 -18.87 -5.42 0.25
N VAL C 48 -18.87 -5.36 1.58
CA VAL C 48 -19.39 -6.49 2.34
C VAL C 48 -20.75 -6.86 1.80
N ALA C 49 -21.49 -5.88 1.30
CA ALA C 49 -22.82 -6.14 0.76
C ALA C 49 -22.75 -7.10 -0.43
N LYS C 50 -21.93 -6.77 -1.42
CA LYS C 50 -21.77 -7.68 -2.56
C LYS C 50 -21.26 -9.02 -2.08
N SER C 51 -20.27 -9.01 -1.19
CA SER C 51 -19.73 -10.26 -0.70
C SER C 51 -20.84 -11.14 -0.15
N ALA C 52 -21.68 -10.57 0.71
CA ALA C 52 -22.72 -11.36 1.36
C ALA C 52 -23.75 -11.85 0.37
N TRP C 53 -24.24 -10.97 -0.51
CA TRP C 53 -25.24 -11.39 -1.47
C TRP C 53 -24.69 -12.50 -2.34
N SER C 54 -23.46 -12.33 -2.82
CA SER C 54 -22.83 -13.36 -3.63
C SER C 54 -22.74 -14.67 -2.87
N TYR C 55 -22.37 -14.62 -1.60
CA TYR C 55 -22.29 -15.84 -0.82
C TYR C 55 -23.65 -16.50 -0.72
N LEU C 56 -24.69 -15.68 -0.52
CA LEU C 56 -26.04 -16.21 -0.43
C LEU C 56 -26.43 -16.92 -1.71
N VAL C 57 -26.20 -16.25 -2.85
CA VAL C 57 -26.59 -16.84 -4.13
C VAL C 57 -25.78 -18.09 -4.40
N GLN C 58 -24.52 -18.09 -3.97
CA GLN C 58 -23.70 -19.30 -4.07
C GLN C 58 -24.35 -20.43 -3.29
N GLN C 59 -24.82 -20.13 -2.08
CA GLN C 59 -25.55 -21.13 -1.31
C GLN C 59 -26.76 -21.65 -2.08
N ILE C 60 -27.57 -20.72 -2.59
CA ILE C 60 -28.81 -21.11 -3.25
C ILE C 60 -28.51 -22.03 -4.42
N LYS C 61 -27.58 -21.62 -5.28
CA LYS C 61 -27.27 -22.41 -6.45
C LYS C 61 -26.66 -23.76 -6.07
N GLN C 62 -25.74 -23.76 -5.10
CA GLN C 62 -25.06 -25.01 -4.79
C GLN C 62 -26.02 -26.02 -4.20
N ARG C 63 -26.96 -25.55 -3.37
CA ARG C 63 -28.00 -26.41 -2.85
C ARG C 63 -29.16 -26.54 -3.81
N ASN C 64 -29.03 -25.97 -5.01
CA ASN C 64 -29.94 -26.25 -6.11
C ASN C 64 -31.32 -25.67 -5.81
N MET C 65 -31.35 -24.62 -5.01
CA MET C 65 -32.57 -23.90 -4.69
C MET C 65 -32.70 -22.70 -5.60
N LYS C 66 -33.88 -22.10 -5.57
CA LYS C 66 -34.18 -20.89 -6.32
C LYS C 66 -34.32 -19.74 -5.33
N LEU C 67 -33.88 -18.55 -5.76
CA LEU C 67 -34.05 -17.40 -4.90
C LEU C 67 -35.52 -17.33 -4.53
N GLY C 68 -35.82 -17.25 -3.24
CA GLY C 68 -37.18 -17.24 -2.78
C GLY C 68 -37.29 -17.41 -1.29
N PRO C 69 -38.42 -17.00 -0.73
CA PRO C 69 -38.54 -17.04 0.73
C PRO C 69 -38.33 -18.43 1.27
N VAL C 70 -38.65 -19.45 0.49
CA VAL C 70 -38.43 -20.82 0.94
C VAL C 70 -36.94 -21.05 1.21
N ALA C 71 -36.10 -20.71 0.24
CA ALA C 71 -34.67 -20.88 0.44
C ALA C 71 -34.15 -19.95 1.53
N ILE C 72 -34.73 -18.76 1.62
CA ILE C 72 -34.33 -17.84 2.68
C ILE C 72 -34.57 -18.49 4.03
N LEU C 73 -35.75 -19.04 4.22
CA LEU C 73 -36.08 -19.72 5.47
C LEU C 73 -35.20 -20.93 5.66
N ARG C 74 -34.93 -21.67 4.59
CA ARG C 74 -33.93 -22.74 4.65
C ARG C 74 -32.68 -22.27 5.36
N LEU C 75 -32.04 -21.25 4.81
CA LEU C 75 -30.77 -20.79 5.35
C LEU C 75 -30.94 -20.30 6.78
N ILE C 76 -32.00 -19.54 7.02
CA ILE C 76 -32.19 -18.97 8.36
C ILE C 76 -32.31 -20.08 9.39
N ALA C 77 -33.20 -21.04 9.14
CA ALA C 77 -33.42 -22.10 10.11
C ALA C 77 -32.17 -22.93 10.31
N GLU C 78 -31.56 -23.40 9.22
CA GLU C 78 -30.34 -24.18 9.40
C GLU C 78 -29.31 -23.39 10.17
N LYS C 79 -29.29 -22.07 10.02
CA LYS C 79 -28.31 -21.26 10.71
C LYS C 79 -28.63 -21.11 12.19
N PHE C 80 -29.91 -21.11 12.54
CA PHE C 80 -30.30 -20.72 13.89
C PHE C 80 -30.87 -21.86 14.72
N ILE C 81 -31.90 -22.53 14.25
CA ILE C 81 -32.74 -23.37 15.10
C ILE C 81 -32.22 -24.81 15.07
N LYS C 82 -32.06 -25.40 16.25
CA LYS C 82 -31.66 -26.79 16.39
C LYS C 82 -32.59 -27.53 17.33
N ASN C 83 -32.68 -28.85 17.17
CA ASN C 83 -33.53 -29.70 18.01
C ASN C 83 -32.67 -30.29 19.11
N GLU C 84 -33.08 -30.10 20.36
CA GLU C 84 -32.31 -30.59 21.50
C GLU C 84 -33.25 -30.95 22.64
N LYS C 85 -33.08 -32.16 23.18
CA LYS C 85 -33.88 -32.60 24.30
C LYS C 85 -35.36 -32.64 23.95
N GLY C 86 -36.07 -31.53 24.13
CA GLY C 86 -37.43 -31.03 24.04
C GLY C 86 -37.58 -29.88 23.06
N GLY C 87 -38.23 -30.15 21.93
CA GLY C 87 -38.49 -29.12 20.95
C GLY C 87 -37.23 -28.53 20.36
N PRO C 88 -37.38 -27.60 19.43
CA PRO C 88 -36.23 -26.93 18.84
C PRO C 88 -35.80 -25.73 19.67
N LYS C 89 -34.52 -25.37 19.55
CA LYS C 89 -33.97 -24.27 20.31
C LYS C 89 -33.09 -23.40 19.43
N ILE C 90 -32.64 -22.29 20.01
CA ILE C 90 -31.68 -21.39 19.42
C ILE C 90 -30.33 -21.63 20.08
N ASP C 91 -29.27 -21.68 19.27
CA ASP C 91 -27.94 -21.83 19.84
C ASP C 91 -27.57 -20.59 20.65
N LEU C 92 -26.86 -20.82 21.75
CA LEU C 92 -26.51 -19.73 22.65
C LEU C 92 -25.70 -18.64 21.96
N PRO C 93 -24.61 -18.95 21.25
CA PRO C 93 -23.83 -17.86 20.65
C PRO C 93 -24.61 -16.95 19.73
N MET C 94 -25.55 -17.48 18.95
CA MET C 94 -26.25 -16.68 17.95
C MET C 94 -27.56 -16.10 18.47
N PHE C 95 -27.82 -16.20 19.77
CA PHE C 95 -29.08 -15.69 20.31
C PHE C 95 -29.24 -14.20 20.02
N SER C 96 -28.24 -13.40 20.41
CA SER C 96 -28.28 -11.97 20.17
C SER C 96 -28.58 -11.66 18.72
N GLU C 97 -27.87 -12.33 17.82
CA GLU C 97 -28.18 -12.20 16.40
C GLU C 97 -29.66 -12.48 16.16
N TRP C 98 -30.19 -13.52 16.79
CA TRP C 98 -31.58 -13.87 16.55
C TRP C 98 -32.50 -12.72 16.90
N GLN C 99 -32.21 -12.01 17.99
CA GLN C 99 -33.06 -10.86 18.34
C GLN C 99 -32.85 -9.73 17.34
N THR C 100 -31.62 -9.53 16.91
CA THR C 100 -31.38 -8.55 15.86
C THR C 100 -32.28 -8.84 14.66
N LEU C 101 -32.45 -10.12 14.34
CA LEU C 101 -33.36 -10.50 13.26
C LEU C 101 -34.81 -10.26 13.64
N MET C 102 -35.26 -10.84 14.75
CA MET C 102 -36.66 -10.79 15.10
C MET C 102 -37.14 -9.35 15.25
N SER C 103 -36.24 -8.44 15.57
CA SER C 103 -36.56 -7.02 15.52
C SER C 103 -37.15 -6.62 14.19
N ARG C 104 -36.82 -7.34 13.12
CA ARG C 104 -37.24 -6.98 11.78
C ARG C 104 -38.12 -8.05 11.12
N VAL C 105 -38.12 -9.28 11.61
CA VAL C 105 -38.84 -10.36 10.97
C VAL C 105 -39.58 -11.20 12.00
N SER C 106 -40.60 -11.90 11.53
CA SER C 106 -41.36 -12.82 12.36
C SER C 106 -40.70 -14.20 12.39
N CYS C 107 -40.76 -14.82 13.57
CA CYS C 107 -40.20 -16.15 13.75
C CYS C 107 -41.09 -17.25 13.18
N LEU C 108 -42.41 -17.11 13.26
CA LEU C 108 -43.29 -18.23 12.96
C LEU C 108 -42.98 -18.89 11.63
N PRO C 109 -42.79 -18.15 10.54
CA PRO C 109 -42.42 -18.83 9.28
C PRO C 109 -41.16 -19.65 9.43
N ILE C 110 -40.18 -19.10 10.14
CA ILE C 110 -38.91 -19.80 10.34
C ILE C 110 -39.15 -21.07 11.13
N ILE C 111 -40.01 -20.98 12.14
CA ILE C 111 -40.29 -22.12 12.99
C ILE C 111 -40.93 -23.23 12.19
N ALA C 112 -41.90 -22.88 11.35
CA ALA C 112 -42.50 -23.88 10.48
C ALA C 112 -41.46 -24.47 9.56
N CYS C 113 -40.59 -23.64 9.01
CA CYS C 113 -39.49 -24.12 8.18
C CYS C 113 -38.69 -25.19 8.89
N HIS C 114 -38.25 -24.87 10.12
CA HIS C 114 -37.44 -25.81 10.87
C HIS C 114 -38.18 -27.10 11.14
N GLN C 115 -39.43 -27.00 11.61
CA GLN C 115 -40.17 -28.21 11.88
C GLN C 115 -40.31 -29.07 10.62
N VAL C 116 -40.57 -28.44 9.48
CA VAL C 116 -40.92 -29.20 8.29
C VAL C 116 -39.69 -29.91 7.72
N PHE C 117 -38.60 -29.17 7.49
CA PHE C 117 -37.45 -29.80 6.84
C PHE C 117 -36.39 -30.26 7.82
N ASN C 118 -36.61 -30.08 9.10
CA ASN C 118 -35.70 -30.59 10.11
C ASN C 118 -36.48 -30.79 11.40
N PRO C 119 -37.54 -31.58 11.36
CA PRO C 119 -38.24 -31.90 12.61
C PRO C 119 -37.34 -32.70 13.53
N GLY C 120 -37.57 -32.54 14.83
CA GLY C 120 -36.89 -33.34 15.81
C GLY C 120 -37.34 -34.78 15.72
N PRO C 121 -37.16 -35.54 16.79
CA PRO C 121 -37.70 -36.91 16.79
C PRO C 121 -39.19 -36.89 16.54
N ALA C 122 -39.67 -37.89 15.81
CA ALA C 122 -41.10 -38.00 15.55
C ALA C 122 -41.77 -38.60 16.77
N SER C 123 -41.50 -38.01 17.94
CA SER C 123 -42.07 -38.46 19.20
C SER C 123 -42.71 -37.35 20.00
N GLN C 124 -42.22 -36.12 19.92
CA GLN C 124 -42.82 -34.98 20.59
C GLN C 124 -43.72 -34.29 19.59
N GLU C 125 -45.03 -34.46 19.74
CA GLU C 125 -45.95 -33.65 18.95
C GLU C 125 -45.69 -32.20 19.29
N TYR C 126 -45.14 -31.44 18.35
CA TYR C 126 -44.82 -30.06 18.63
C TYR C 126 -46.06 -29.20 18.43
N SER C 127 -46.41 -28.44 19.45
CA SER C 127 -47.44 -27.42 19.37
C SER C 127 -46.77 -26.06 19.33
N PHE C 128 -47.13 -25.24 18.35
CA PHE C 128 -46.50 -23.94 18.21
C PHE C 128 -46.47 -23.20 19.54
N ARG C 129 -45.25 -22.85 19.96
CA ARG C 129 -45.06 -22.05 21.16
C ARG C 129 -44.00 -21.00 20.87
N TRP C 130 -44.41 -19.76 20.91
CA TRP C 130 -43.53 -18.66 20.59
C TRP C 130 -43.15 -17.90 21.86
N PRO C 131 -41.97 -17.25 21.87
CA PRO C 131 -40.97 -17.35 20.80
C PRO C 131 -40.13 -18.59 21.00
N LEU C 132 -39.20 -18.87 20.08
CA LEU C 132 -38.28 -19.97 20.26
C LEU C 132 -37.20 -19.54 21.26
N TYR C 133 -36.49 -20.51 21.82
CA TYR C 133 -35.53 -20.19 22.86
C TYR C 133 -34.26 -21.02 22.72
N PRO C 134 -33.14 -20.55 23.27
CA PRO C 134 -32.01 -21.44 23.53
C PRO C 134 -32.23 -22.27 24.79
N TYR C 135 -31.20 -23.02 25.14
CA TYR C 135 -31.22 -23.97 26.24
C TYR C 135 -30.02 -23.74 27.14
N HIS C 136 -30.25 -23.62 28.43
CA HIS C 136 -29.18 -23.81 29.38
C HIS C 136 -29.69 -24.52 30.62
N PRO C 137 -29.13 -25.67 30.96
CA PRO C 137 -29.66 -26.43 32.12
C PRO C 137 -29.67 -25.60 33.38
N THR C 138 -28.63 -24.81 33.62
CA THR C 138 -28.57 -24.00 34.82
C THR C 138 -29.73 -23.03 34.88
N VAL C 139 -29.91 -22.27 33.80
CA VAL C 139 -30.97 -21.28 33.77
C VAL C 139 -32.32 -21.95 33.93
N GLU C 140 -32.50 -23.08 33.25
CA GLU C 140 -33.77 -23.79 33.29
C GLU C 140 -34.09 -24.23 34.70
N ASP C 141 -33.09 -24.75 35.41
CA ASP C 141 -33.28 -25.13 36.79
C ASP C 141 -33.65 -23.91 37.65
N TYR C 142 -32.97 -22.79 37.42
CA TYR C 142 -33.29 -21.60 38.21
C TYR C 142 -34.73 -21.17 37.97
N ILE C 143 -35.16 -21.18 36.71
CA ILE C 143 -36.53 -20.79 36.42
C ILE C 143 -37.50 -21.73 37.12
N THR C 144 -37.23 -23.03 37.04
CA THR C 144 -38.11 -23.99 37.69
C THR C 144 -38.20 -23.72 39.19
N ARG C 145 -37.07 -23.46 39.82
CA ARG C 145 -37.07 -23.26 41.27
C ARG C 145 -37.75 -21.96 41.66
N GLU C 146 -37.40 -20.85 40.98
CA GLU C 146 -37.86 -19.53 41.37
C GLU C 146 -38.94 -18.97 40.47
N CYS C 147 -39.09 -19.47 39.25
CA CYS C 147 -40.01 -18.87 38.29
C CYS C 147 -39.61 -17.42 38.04
N LEU C 148 -40.20 -16.81 37.02
CA LEU C 148 -39.90 -15.44 36.67
C LEU C 148 -40.99 -14.51 37.18
N HIS C 149 -40.73 -13.21 37.08
CA HIS C 149 -41.56 -12.19 37.67
C HIS C 149 -41.68 -11.03 36.70
N GLU C 150 -42.88 -10.77 36.20
CA GLU C 150 -43.11 -9.76 35.19
C GLU C 150 -43.63 -8.48 35.83
N THR C 151 -42.96 -7.37 35.55
CA THR C 151 -43.30 -6.07 36.11
C THR C 151 -43.62 -5.02 35.05
N HIS C 152 -43.10 -5.17 33.83
CA HIS C 152 -43.23 -4.12 32.81
C HIS C 152 -43.74 -4.76 31.53
N GLN C 153 -45.05 -4.63 31.29
CA GLN C 153 -45.69 -5.11 30.06
C GLN C 153 -46.73 -4.08 29.65
N HIS C 154 -46.32 -3.11 28.83
CA HIS C 154 -47.21 -2.04 28.44
C HIS C 154 -47.03 -1.60 26.99
N LEU C 155 -46.37 -2.40 26.15
CA LEU C 155 -46.00 -1.91 24.82
C LEU C 155 -47.16 -1.99 23.83
N ASN C 156 -47.62 -3.19 23.51
CA ASN C 156 -48.68 -3.41 22.53
C ASN C 156 -49.83 -4.03 23.30
N GLY C 157 -50.63 -3.19 23.94
CA GLY C 157 -51.54 -3.70 24.94
C GLY C 157 -50.69 -4.42 25.96
N SER C 158 -50.78 -5.75 25.95
CA SER C 158 -49.80 -6.57 26.64
C SER C 158 -49.42 -7.79 25.81
N THR C 159 -49.81 -7.84 24.54
CA THR C 159 -49.51 -8.96 23.65
C THR C 159 -48.35 -8.61 22.72
N SER C 160 -47.83 -9.64 22.07
CA SER C 160 -46.83 -9.46 21.04
C SER C 160 -47.47 -9.14 19.70
N ALA C 161 -46.70 -8.47 18.84
CA ALA C 161 -47.24 -7.94 17.60
C ALA C 161 -47.78 -9.01 16.67
N GLU C 162 -47.09 -10.14 16.54
CA GLU C 162 -47.50 -11.14 15.55
C GLU C 162 -48.96 -11.54 15.73
N GLU C 163 -49.46 -11.53 16.96
CA GLU C 163 -50.88 -11.70 17.20
C GLU C 163 -51.71 -10.58 16.59
N CYS C 164 -51.26 -9.33 16.73
CA CYS C 164 -51.99 -8.21 16.17
C CYS C 164 -52.16 -8.32 14.67
N TRP C 165 -51.19 -8.96 14.00
CA TRP C 165 -51.34 -9.22 12.57
C TRP C 165 -52.61 -10.01 12.28
N LEU C 166 -52.75 -11.16 12.95
CA LEU C 166 -53.94 -11.97 12.75
C LEU C 166 -55.19 -11.24 13.23
N ASP C 167 -55.06 -10.44 14.28
CA ASP C 167 -56.21 -9.70 14.77
C ASP C 167 -56.73 -8.75 13.71
N ALA C 168 -55.83 -7.98 13.10
CA ALA C 168 -56.24 -7.10 12.01
C ALA C 168 -56.82 -7.91 10.87
N LEU C 169 -56.20 -9.04 10.52
CA LEU C 169 -56.74 -9.86 9.45
C LEU C 169 -58.17 -10.28 9.74
N LYS C 170 -58.46 -10.60 11.00
CA LYS C 170 -59.83 -10.86 11.41
C LYS C 170 -60.69 -9.61 11.24
N HIS C 171 -60.12 -8.45 11.57
CA HIS C 171 -60.88 -7.22 11.75
C HIS C 171 -60.33 -6.12 10.85
N PRO C 172 -60.03 -6.43 9.60
CA PRO C 172 -59.24 -5.50 8.79
C PRO C 172 -59.89 -4.13 8.68
N GLU C 173 -61.20 -4.09 8.53
CA GLU C 173 -61.93 -2.84 8.47
C GLU C 173 -61.62 -1.96 9.67
N ALA C 174 -61.64 -2.55 10.87
CA ALA C 174 -61.38 -1.78 12.08
C ALA C 174 -59.92 -1.38 12.18
N CYS C 175 -59.02 -2.26 11.73
CA CYS C 175 -57.62 -1.89 11.68
C CYS C 175 -57.43 -0.69 10.76
N LEU C 176 -58.12 -0.67 9.62
CA LEU C 176 -58.10 0.48 8.75
C LEU C 176 -58.65 1.70 9.46
N ARG C 177 -59.72 1.52 10.24
CA ARG C 177 -60.30 2.63 10.99
C ARG C 177 -59.26 3.24 11.93
N ASP C 178 -58.60 2.40 12.71
CA ASP C 178 -57.59 2.90 13.64
C ASP C 178 -56.48 3.59 12.89
N PHE C 179 -56.02 3.00 11.79
CA PHE C 179 -54.97 3.63 11.02
C PHE C 179 -55.38 5.02 10.57
N GLU C 180 -56.55 5.13 9.91
CA GLU C 180 -56.98 6.41 9.37
C GLU C 180 -57.19 7.44 10.47
N LYS C 181 -57.84 7.06 11.56
CA LYS C 181 -58.04 7.98 12.67
C LYS C 181 -56.72 8.04 13.43
N GLY C 182 -55.86 8.92 12.95
CA GLY C 182 -54.49 8.99 13.39
C GLY C 182 -53.58 9.26 12.21
N TRP C 183 -53.98 8.77 11.03
CA TRP C 183 -53.26 9.12 9.82
C TRP C 183 -53.24 10.63 9.60
N ALA C 184 -54.32 11.32 9.98
CA ALA C 184 -54.29 12.77 10.01
C ALA C 184 -53.24 13.30 10.97
N SER C 185 -52.91 12.55 12.01
CA SER C 185 -51.89 12.99 12.96
C SER C 185 -50.55 13.08 12.24
N GLN C 186 -49.88 14.22 12.43
CA GLN C 186 -48.62 14.44 11.74
C GLN C 186 -47.60 13.39 12.14
N GLU C 187 -47.53 13.06 13.44
CA GLU C 187 -46.57 12.07 13.90
C GLU C 187 -46.74 10.76 13.12
N MET C 188 -47.98 10.31 12.97
CA MET C 188 -48.21 9.12 12.16
C MET C 188 -47.82 9.38 10.71
N LYS C 189 -48.13 10.57 10.19
CA LYS C 189 -47.68 10.90 8.85
C LYS C 189 -46.17 10.79 8.75
N GLN C 190 -45.45 11.34 9.73
CA GLN C 190 -43.99 11.29 9.68
C GLN C 190 -43.50 9.85 9.69
N LEU C 191 -44.02 9.04 10.60
CA LEU C 191 -43.58 7.66 10.68
C LEU C 191 -43.87 6.91 9.39
N CYS C 192 -45.09 7.07 8.86
CA CYS C 192 -45.46 6.38 7.64
C CYS C 192 -44.54 6.77 6.48
N ALA C 193 -44.30 8.07 6.33
CA ALA C 193 -43.39 8.50 5.28
C ALA C 193 -42.00 7.91 5.50
N GLN C 194 -41.54 7.91 6.75
CA GLN C 194 -40.20 7.43 7.06
C GLN C 194 -40.03 5.98 6.67
N ILE C 195 -41.03 5.15 6.98
CA ILE C 195 -40.89 3.73 6.73
C ILE C 195 -41.27 3.39 5.29
N ASP C 196 -42.52 3.66 4.91
CA ASP C 196 -42.95 3.57 3.53
C ASP C 196 -43.34 4.97 3.08
N PRO C 197 -42.45 5.70 2.40
CA PRO C 197 -42.84 7.04 1.90
C PRO C 197 -44.23 7.05 1.29
N SER C 198 -44.50 6.17 0.34
CA SER C 198 -45.79 6.16 -0.35
C SER C 198 -46.69 5.05 0.20
N LEU C 199 -47.05 5.17 1.47
CA LEU C 199 -47.95 4.20 2.07
C LEU C 199 -49.41 4.55 1.81
N THR C 200 -49.87 5.66 2.39
CA THR C 200 -51.26 6.09 2.34
C THR C 200 -52.23 5.01 2.81
N PRO C 201 -53.36 5.39 3.41
CA PRO C 201 -54.32 4.37 3.83
C PRO C 201 -54.88 3.56 2.68
N ARG C 202 -54.90 4.12 1.48
CA ARG C 202 -55.41 3.36 0.35
C ARG C 202 -54.58 2.11 0.12
N ILE C 203 -53.26 2.27 -0.02
CA ILE C 203 -52.43 1.09 -0.20
C ILE C 203 -52.39 0.28 1.08
N PHE C 204 -52.56 0.92 2.23
CA PHE C 204 -52.73 0.16 3.47
C PHE C 204 -53.81 -0.91 3.30
N LYS C 205 -55.03 -0.47 3.04
CA LYS C 205 -56.14 -1.41 2.86
C LYS C 205 -55.89 -2.35 1.69
N ASP C 206 -55.29 -1.85 0.61
CA ASP C 206 -55.05 -2.69 -0.55
C ASP C 206 -54.15 -3.86 -0.18
N ARG C 207 -53.04 -3.58 0.48
CA ARG C 207 -52.14 -4.63 0.93
C ARG C 207 -52.87 -5.58 1.87
N LEU C 208 -53.73 -5.05 2.73
CA LEU C 208 -54.48 -5.93 3.61
C LEU C 208 -55.30 -6.93 2.81
N GLN C 209 -56.07 -6.42 1.85
CA GLN C 209 -56.90 -7.31 1.05
C GLN C 209 -56.05 -8.31 0.28
N ILE C 210 -54.95 -7.83 -0.28
CA ILE C 210 -54.04 -8.71 -1.00
C ILE C 210 -53.58 -9.84 -0.10
N ALA C 211 -53.17 -9.50 1.12
CA ALA C 211 -52.65 -10.52 2.02
C ALA C 211 -53.72 -11.54 2.36
N CYS C 212 -54.94 -11.07 2.62
CA CYS C 212 -56.02 -12.01 2.90
C CYS C 212 -56.21 -12.96 1.73
N ASN C 213 -56.24 -12.41 0.52
CA ASN C 213 -56.46 -13.23 -0.66
C ASN C 213 -55.34 -14.24 -0.82
N ILE C 214 -54.10 -13.80 -0.65
CA ILE C 214 -52.96 -14.69 -0.78
C ILE C 214 -53.06 -15.80 0.24
N ARG C 215 -53.40 -15.47 1.48
CA ARG C 215 -53.55 -16.49 2.49
C ARG C 215 -54.56 -17.53 2.07
N GLU C 216 -55.73 -17.09 1.62
CA GLU C 216 -56.77 -18.06 1.24
C GLU C 216 -56.29 -18.93 0.09
N ILE C 217 -55.67 -18.32 -0.91
CA ILE C 217 -55.22 -19.06 -2.09
C ILE C 217 -54.19 -20.11 -1.68
N LEU C 218 -53.23 -19.70 -0.87
CA LEU C 218 -52.17 -20.62 -0.49
C LEU C 218 -52.67 -21.67 0.48
N CYS C 219 -53.69 -21.38 1.28
CA CYS C 219 -54.31 -22.44 2.05
C CYS C 219 -54.97 -23.45 1.13
N ARG C 220 -55.63 -22.98 0.08
CA ARG C 220 -56.18 -23.90 -0.90
C ARG C 220 -55.09 -24.82 -1.44
N VAL C 221 -54.00 -24.23 -1.90
CA VAL C 221 -52.96 -25.06 -2.52
C VAL C 221 -52.30 -25.97 -1.48
N ALA C 222 -52.14 -25.49 -0.24
CA ALA C 222 -51.56 -26.32 0.80
C ALA C 222 -52.43 -27.54 1.06
N GLN C 223 -53.74 -27.36 1.08
CA GLN C 223 -54.64 -28.50 1.04
C GLN C 223 -54.59 -29.22 -0.28
N GLY C 224 -53.93 -28.63 -1.28
CA GLY C 224 -53.80 -29.25 -2.59
C GLY C 224 -55.13 -29.38 -3.28
N VAL C 225 -55.91 -28.30 -3.28
CA VAL C 225 -57.29 -28.36 -3.74
C VAL C 225 -57.34 -27.68 -5.11
N GLU C 226 -57.05 -28.47 -6.15
CA GLU C 226 -57.56 -28.28 -7.49
C GLU C 226 -57.33 -26.89 -8.08
N LEU C 227 -56.54 -26.05 -7.41
CA LEU C 227 -56.13 -24.78 -8.00
C LEU C 227 -57.29 -24.12 -8.73
N PRO C 228 -58.27 -23.56 -8.01
CA PRO C 228 -59.48 -23.05 -8.67
C PRO C 228 -59.21 -22.25 -9.92
N GLU C 229 -60.20 -22.20 -10.82
CA GLU C 229 -59.95 -21.77 -12.19
C GLU C 229 -59.46 -20.33 -12.27
N TRP C 230 -60.09 -19.41 -11.55
CA TRP C 230 -59.80 -17.99 -11.73
C TRP C 230 -58.33 -17.64 -11.55
N ILE C 231 -57.51 -18.56 -11.06
CA ILE C 231 -56.06 -18.33 -11.04
C ILE C 231 -55.57 -18.05 -12.46
N ALA C 232 -56.16 -18.71 -13.45
CA ALA C 232 -55.71 -18.51 -14.82
C ALA C 232 -55.82 -17.05 -15.23
N SER C 233 -56.95 -16.42 -14.91
CA SER C 233 -57.08 -14.99 -15.15
C SER C 233 -56.17 -14.18 -14.24
N MET C 234 -55.88 -14.70 -13.05
CA MET C 234 -55.08 -13.95 -12.08
C MET C 234 -53.69 -13.70 -12.65
N GLN C 235 -53.42 -12.45 -13.06
CA GLN C 235 -52.20 -12.11 -13.78
C GLN C 235 -51.38 -10.95 -13.19
N ASN C 236 -51.96 -10.09 -12.34
CA ASN C 236 -51.18 -9.03 -11.70
C ASN C 236 -51.47 -8.99 -10.21
N PRO C 237 -50.45 -8.79 -9.36
CA PRO C 237 -50.66 -8.93 -7.92
C PRO C 237 -51.70 -7.95 -7.41
N GLN C 238 -51.73 -6.77 -8.03
CA GLN C 238 -52.69 -5.75 -7.63
C GLN C 238 -54.11 -6.28 -7.61
N GLN C 239 -54.41 -7.27 -8.45
CA GLN C 239 -55.76 -7.79 -8.53
C GLN C 239 -56.24 -8.34 -7.20
N LEU C 240 -55.31 -8.72 -6.32
CA LEU C 240 -55.68 -9.24 -5.00
C LEU C 240 -56.06 -8.15 -4.01
N ALA C 241 -55.90 -6.88 -4.37
CA ALA C 241 -56.40 -5.81 -3.51
C ALA C 241 -57.91 -5.79 -3.46
N ASN C 242 -58.57 -6.56 -4.32
CA ASN C 242 -60.02 -6.70 -4.32
C ASN C 242 -60.40 -7.97 -3.56
N SER C 243 -61.54 -7.91 -2.88
CA SER C 243 -62.01 -9.06 -2.14
C SER C 243 -62.35 -10.23 -3.04
N THR C 244 -62.44 -10.01 -4.35
CA THR C 244 -62.86 -11.04 -5.29
C THR C 244 -62.08 -10.89 -6.59
N ILE C 245 -62.35 -11.79 -7.53
CA ILE C 245 -61.70 -11.79 -8.82
C ILE C 245 -62.75 -11.98 -9.92
N LEU C 246 -62.59 -11.23 -11.00
CA LEU C 246 -63.45 -11.29 -12.17
C LEU C 246 -62.74 -12.09 -13.25
N HIS C 247 -63.23 -13.29 -13.55
CA HIS C 247 -62.55 -14.13 -14.54
C HIS C 247 -63.09 -13.89 -15.95
N ASN C 248 -64.36 -14.23 -16.17
CA ASN C 248 -65.02 -13.91 -17.44
C ASN C 248 -66.45 -13.50 -17.07
N GLY C 249 -66.63 -12.23 -16.78
CA GLY C 249 -67.96 -11.75 -16.43
C GLY C 249 -68.38 -12.13 -15.03
N ARG C 250 -67.83 -13.22 -14.51
CA ARG C 250 -68.20 -13.74 -13.21
C ARG C 250 -67.14 -13.38 -12.17
N GLU C 251 -67.62 -12.94 -11.02
CA GLU C 251 -66.77 -12.50 -9.92
C GLU C 251 -66.62 -13.64 -8.93
N TYR C 252 -65.38 -13.95 -8.57
CA TYR C 252 -65.09 -15.10 -7.73
C TYR C 252 -64.47 -14.66 -6.41
N GLY C 253 -65.01 -15.18 -5.31
CA GLY C 253 -64.44 -14.93 -4.01
C GLY C 253 -63.24 -15.81 -3.74
N PHE C 254 -62.35 -15.30 -2.89
CA PHE C 254 -61.10 -16.01 -2.59
C PHE C 254 -61.23 -16.94 -1.40
N ALA C 255 -62.37 -16.94 -0.71
CA ALA C 255 -62.50 -17.72 0.51
C ALA C 255 -62.47 -19.22 0.21
N THR C 256 -61.86 -19.97 1.12
CA THR C 256 -61.86 -21.42 1.07
C THR C 256 -62.18 -21.96 2.46
N VAL C 257 -62.24 -23.28 2.57
CA VAL C 257 -62.59 -23.93 3.82
C VAL C 257 -61.33 -24.20 4.62
N TRP C 258 -61.46 -24.24 5.94
CA TRP C 258 -60.34 -24.39 6.84
C TRP C 258 -60.60 -25.54 7.82
N PRO C 259 -59.60 -26.38 8.10
CA PRO C 259 -59.82 -27.42 9.12
C PRO C 259 -60.15 -26.85 10.49
N ILE C 260 -59.53 -25.72 10.86
CA ILE C 260 -59.74 -25.13 12.17
C ILE C 260 -60.79 -24.04 12.08
N ASP C 261 -61.63 -23.94 13.13
CA ASP C 261 -62.66 -22.91 13.15
C ASP C 261 -62.05 -21.52 13.04
N ASP C 262 -61.09 -21.20 13.91
CA ASP C 262 -60.41 -19.91 13.85
C ASP C 262 -59.41 -19.96 12.73
N LYS C 263 -59.84 -19.50 11.55
CA LYS C 263 -58.92 -19.33 10.44
C LYS C 263 -57.84 -18.31 10.72
N TYR C 264 -57.94 -17.58 11.84
CA TYR C 264 -56.94 -16.60 12.24
C TYR C 264 -56.13 -17.03 13.45
N SER C 265 -56.18 -18.30 13.83
CA SER C 265 -55.42 -18.77 14.96
C SER C 265 -54.01 -19.15 14.55
N GLN C 266 -53.04 -18.65 15.34
CA GLN C 266 -51.64 -18.90 15.00
C GLN C 266 -51.38 -20.38 14.80
N GLU C 267 -52.08 -21.23 15.54
CA GLU C 267 -52.01 -22.66 15.28
C GLU C 267 -52.47 -22.97 13.87
N SER C 268 -53.58 -22.34 13.46
CA SER C 268 -54.08 -22.56 12.10
C SER C 268 -53.04 -22.20 11.06
N GLU C 269 -52.48 -20.99 11.13
CA GLU C 269 -51.49 -20.60 10.14
C GLU C 269 -50.24 -21.46 10.23
N PHE C 270 -49.85 -21.86 11.45
CA PHE C 270 -48.71 -22.76 11.56
C PHE C 270 -48.94 -24.02 10.75
N CYS C 271 -50.06 -24.68 10.99
CA CYS C 271 -50.40 -25.86 10.20
C CYS C 271 -50.39 -25.53 8.71
N TRP C 272 -50.92 -24.36 8.36
CA TRP C 272 -51.06 -23.97 6.96
C TRP C 272 -49.70 -23.87 6.28
N LEU C 273 -48.79 -23.10 6.85
CA LEU C 273 -47.47 -22.96 6.24
C LEU C 273 -46.72 -24.27 6.28
N THR C 274 -46.91 -25.07 7.33
CA THR C 274 -46.31 -26.39 7.35
C THR C 274 -46.72 -27.19 6.14
N GLY C 275 -48.02 -27.19 5.85
CA GLY C 275 -48.50 -27.91 4.67
C GLY C 275 -47.93 -27.34 3.38
N LEU C 276 -47.88 -26.01 3.28
CA LEU C 276 -47.30 -25.39 2.11
C LEU C 276 -45.89 -25.92 1.86
N LEU C 277 -45.08 -25.92 2.90
CA LEU C 277 -43.69 -26.36 2.75
C LEU C 277 -43.63 -27.85 2.43
N GLU C 278 -44.42 -28.65 3.14
CA GLU C 278 -44.41 -30.09 2.93
C GLU C 278 -44.85 -30.44 1.52
N LYS C 279 -45.59 -29.53 0.88
CA LYS C 279 -45.90 -29.73 -0.52
C LYS C 279 -44.76 -29.26 -1.42
N TRP C 280 -44.07 -28.20 -1.02
CA TRP C 280 -42.99 -27.67 -1.84
C TRP C 280 -41.63 -28.23 -1.45
N ARG C 281 -41.62 -29.43 -0.87
CA ARG C 281 -40.37 -30.06 -0.45
C ARG C 281 -39.24 -29.80 -1.43
N PHE C 282 -39.46 -30.10 -2.70
CA PHE C 282 -38.37 -30.13 -3.66
C PHE C 282 -38.42 -28.96 -4.63
N ASN C 283 -39.57 -28.29 -4.70
CA ASN C 283 -39.70 -27.09 -5.49
C ASN C 283 -41.05 -26.46 -5.18
N ALA C 284 -41.31 -25.33 -5.84
CA ALA C 284 -42.56 -24.63 -5.75
C ALA C 284 -42.79 -23.94 -7.09
N PRO C 285 -44.03 -23.64 -7.44
CA PRO C 285 -44.23 -22.75 -8.59
C PRO C 285 -43.58 -21.39 -8.38
N GLU C 286 -42.84 -20.97 -9.40
CA GLU C 286 -42.38 -19.59 -9.47
C GLU C 286 -43.49 -18.67 -8.99
N GLY C 287 -44.71 -18.94 -9.45
CA GLY C 287 -45.85 -18.20 -8.97
C GLY C 287 -46.05 -18.27 -7.47
N LEU C 288 -46.68 -19.34 -6.99
CA LEU C 288 -47.13 -19.30 -5.61
C LEU C 288 -46.00 -18.86 -4.69
N GLU C 289 -44.77 -19.08 -5.13
CA GLU C 289 -43.63 -18.46 -4.50
C GLU C 289 -43.74 -16.94 -4.45
N ARG C 290 -43.95 -16.29 -5.60
CA ARG C 290 -43.90 -14.83 -5.54
C ARG C 290 -44.93 -14.38 -4.54
N LEU C 291 -46.07 -15.08 -4.57
CA LEU C 291 -47.17 -14.67 -3.70
C LEU C 291 -46.80 -14.82 -2.23
N LEU C 292 -46.21 -15.96 -1.87
CA LEU C 292 -45.80 -16.15 -0.49
C LEU C 292 -44.81 -15.08 -0.07
N TRP C 293 -43.84 -14.79 -0.93
CA TRP C 293 -42.85 -13.77 -0.60
C TRP C 293 -43.53 -12.45 -0.32
N ILE C 294 -44.45 -12.04 -1.19
CA ILE C 294 -45.14 -10.77 -1.01
C ILE C 294 -45.91 -10.77 0.30
N TYR C 295 -46.62 -11.87 0.56
CA TYR C 295 -47.38 -12.00 1.80
C TYR C 295 -46.49 -11.77 3.01
N LEU C 296 -45.35 -12.45 3.04
CA LEU C 296 -44.44 -12.33 4.17
C LEU C 296 -43.92 -10.90 4.29
N LEU C 297 -43.54 -10.32 3.17
CA LEU C 297 -43.01 -8.96 3.20
C LEU C 297 -44.04 -8.00 3.77
N ILE C 298 -45.29 -8.12 3.34
CA ILE C 298 -46.33 -7.24 3.86
C ILE C 298 -46.49 -7.44 5.36
N GLN C 299 -46.51 -8.69 5.80
CA GLN C 299 -46.46 -8.93 7.25
C GLN C 299 -45.38 -8.08 7.89
N ASN C 300 -44.15 -8.18 7.39
CA ASN C 300 -43.05 -7.52 8.05
C ASN C 300 -43.24 -6.01 8.09
N GLN C 301 -43.67 -5.41 6.98
CA GLN C 301 -43.82 -3.97 6.96
C GLN C 301 -44.89 -3.52 7.95
N TYR C 302 -46.04 -4.19 7.95
CA TYR C 302 -47.07 -3.82 8.90
C TYR C 302 -46.59 -3.96 10.33
N LEU C 303 -45.91 -5.06 10.63
CA LEU C 303 -45.46 -5.28 12.00
C LEU C 303 -44.48 -4.21 12.41
N THR C 304 -43.56 -3.83 11.53
CA THR C 304 -42.65 -2.74 11.81
C THR C 304 -43.41 -1.48 12.13
N LEU C 305 -44.38 -1.14 11.29
CA LEU C 305 -45.21 0.03 11.56
C LEU C 305 -45.82 -0.05 12.95
N LEU C 306 -46.48 -1.16 13.25
CA LEU C 306 -47.19 -1.29 14.51
C LEU C 306 -46.24 -1.12 15.69
N VAL C 307 -45.12 -1.85 15.67
CA VAL C 307 -44.20 -1.76 16.80
C VAL C 307 -43.68 -0.35 16.94
N GLN C 308 -43.28 0.28 15.84
CA GLN C 308 -42.72 1.62 15.91
C GLN C 308 -43.76 2.66 16.28
N ARG C 309 -45.04 2.31 16.25
CA ARG C 309 -46.08 3.24 16.72
C ARG C 309 -45.70 3.77 18.09
N THR C 322 -56.65 2.82 18.80
CA THR C 322 -57.43 2.71 20.02
C THR C 322 -58.52 1.65 19.87
N MET C 323 -59.15 1.60 18.69
CA MET C 323 -60.25 0.67 18.48
C MET C 323 -59.75 -0.77 18.51
N THR C 324 -58.55 -1.01 17.97
CA THR C 324 -57.96 -2.34 18.08
C THR C 324 -57.77 -2.74 19.54
N GLU C 325 -57.28 -1.80 20.35
CA GLU C 325 -57.09 -2.08 21.77
C GLU C 325 -58.44 -2.32 22.45
N LEU C 326 -59.47 -1.58 22.05
CA LEU C 326 -60.81 -1.81 22.58
C LEU C 326 -61.27 -3.22 22.26
N ARG C 327 -61.05 -3.68 21.03
CA ARG C 327 -61.42 -5.03 20.66
C ARG C 327 -60.75 -6.07 21.53
N GLU C 328 -59.63 -5.73 22.16
CA GLU C 328 -58.95 -6.60 23.12
C GLU C 328 -59.65 -6.62 24.47
N GLU C 329 -60.88 -6.11 24.55
CA GLU C 329 -61.60 -5.99 25.81
C GLU C 329 -62.48 -7.21 26.07
N THR C 330 -62.08 -8.36 25.55
CA THR C 330 -62.77 -9.63 25.78
C THR C 330 -61.87 -10.53 26.60
N GLU C 331 -62.48 -11.54 27.23
CA GLU C 331 -61.70 -12.50 28.02
C GLU C 331 -61.09 -13.56 27.11
N LYS C 332 -60.45 -13.09 26.04
CA LYS C 332 -59.72 -13.94 25.12
C LYS C 332 -58.27 -13.50 25.01
N SER C 333 -58.04 -12.21 24.77
CA SER C 333 -56.68 -11.69 24.78
C SER C 333 -56.01 -11.98 26.11
N TYR C 334 -56.70 -11.72 27.21
CA TYR C 334 -56.09 -11.88 28.53
C TYR C 334 -55.88 -13.34 28.86
N LEU C 335 -56.85 -14.19 28.51
CA LEU C 335 -56.70 -15.62 28.73
C LEU C 335 -55.50 -16.16 27.96
N SER C 336 -55.35 -15.73 26.71
CA SER C 336 -54.18 -16.12 25.93
C SER C 336 -52.91 -15.58 26.57
N ARG C 337 -52.94 -14.35 27.04
CA ARG C 337 -51.79 -13.78 27.73
C ARG C 337 -51.36 -14.67 28.88
N PHE C 338 -52.34 -15.13 29.66
CA PHE C 338 -52.04 -15.93 30.84
C PHE C 338 -51.54 -17.30 30.46
N LYS C 339 -52.19 -17.93 29.48
CA LYS C 339 -51.74 -19.23 29.02
C LYS C 339 -50.32 -19.16 28.50
N HIS C 340 -50.02 -18.13 27.70
CA HIS C 340 -48.66 -17.93 27.22
C HIS C 340 -47.70 -17.70 28.37
N ALA C 341 -48.06 -16.84 29.31
CA ALA C 341 -47.21 -16.62 30.48
C ALA C 341 -46.86 -17.93 31.14
N HIS C 342 -47.88 -18.75 31.40
CA HIS C 342 -47.62 -20.12 31.81
C HIS C 342 -46.88 -20.85 30.70
N GLY C 343 -45.82 -21.56 31.07
CA GLY C 343 -45.08 -22.31 30.07
C GLY C 343 -45.90 -23.42 29.49
N ALA C 344 -45.26 -24.33 28.77
CA ALA C 344 -45.92 -25.54 28.32
C ALA C 344 -46.05 -26.58 29.42
N GLY C 345 -45.47 -26.32 30.59
CA GLY C 345 -45.47 -27.28 31.68
C GLY C 345 -46.59 -27.04 32.67
N VAL C 346 -46.73 -27.98 33.59
CA VAL C 346 -47.80 -27.92 34.58
C VAL C 346 -47.64 -26.71 35.47
N TYR C 347 -46.41 -26.40 35.88
CA TYR C 347 -46.13 -25.26 36.74
C TYR C 347 -45.94 -24.02 35.86
N SER C 348 -46.54 -22.91 36.28
CA SER C 348 -46.44 -21.68 35.52
C SER C 348 -45.03 -21.13 35.60
N GLN C 349 -44.46 -20.82 34.43
CA GLN C 349 -43.11 -20.24 34.40
C GLN C 349 -43.09 -18.90 35.12
N VAL C 350 -44.21 -18.19 35.10
CA VAL C 350 -44.36 -16.89 35.76
C VAL C 350 -44.93 -17.14 37.15
N ARG C 351 -44.34 -16.48 38.14
CA ARG C 351 -44.93 -16.50 39.49
C ARG C 351 -45.78 -15.26 39.73
N TYR C 352 -45.17 -14.08 39.66
CA TYR C 352 -45.86 -12.81 39.86
C TYR C 352 -45.95 -12.06 38.54
N LEU C 353 -47.14 -12.00 37.98
CA LEU C 353 -47.42 -11.22 36.78
C LEU C 353 -48.01 -9.87 37.18
N GLU C 354 -47.53 -8.82 36.52
CA GLU C 354 -48.15 -7.51 36.60
C GLU C 354 -48.64 -7.11 35.22
N GLY C 355 -49.95 -6.93 35.09
CA GLY C 355 -50.96 -6.57 34.10
C GLY C 355 -51.26 -5.08 34.11
N ARG C 356 -50.84 -4.38 33.08
CA ARG C 356 -51.04 -2.94 32.96
C ARG C 356 -52.11 -2.69 31.92
N PHE C 357 -53.00 -1.74 32.22
CA PHE C 357 -54.20 -1.55 31.42
C PHE C 357 -54.55 -0.07 31.35
N ALA C 358 -55.07 0.36 30.20
CA ALA C 358 -55.46 1.75 30.05
C ALA C 358 -56.84 1.97 30.67
N PRO C 359 -56.97 2.86 31.65
CA PRO C 359 -58.31 3.19 32.17
C PRO C 359 -59.06 4.07 31.19
N LYS C 360 -60.37 3.92 31.15
CA LYS C 360 -61.21 4.67 30.23
C LYS C 360 -62.06 5.69 30.99
N SER C 361 -62.28 6.83 30.35
CA SER C 361 -63.04 7.90 30.99
C SER C 361 -64.49 7.52 31.26
N ASP C 362 -64.92 6.30 30.89
CA ASP C 362 -66.27 5.84 31.13
C ASP C 362 -66.27 4.79 32.24
N PRO C 363 -67.08 4.96 33.29
CA PRO C 363 -67.18 3.87 34.29
C PRO C 363 -67.58 2.55 33.66
N ASN C 364 -68.48 2.60 32.69
CA ASN C 364 -68.90 1.37 32.02
C ASN C 364 -67.70 0.72 31.34
N LYS C 365 -66.89 1.50 30.64
CA LYS C 365 -65.74 0.91 29.96
C LYS C 365 -64.74 0.34 30.95
N MET C 366 -64.46 1.08 32.04
CA MET C 366 -63.56 0.53 33.04
C MET C 366 -64.08 -0.79 33.58
N GLN C 367 -65.38 -0.85 33.90
CA GLN C 367 -65.90 -2.06 34.50
C GLN C 367 -65.96 -3.21 33.50
N LYS C 368 -66.24 -2.92 32.23
CA LYS C 368 -66.16 -3.98 31.23
C LYS C 368 -64.75 -4.55 31.16
N LEU C 369 -63.74 -3.67 31.06
CA LEU C 369 -62.38 -4.18 30.99
C LEU C 369 -62.05 -5.01 32.22
N LEU C 370 -62.42 -4.50 33.39
CA LEU C 370 -62.08 -5.19 34.63
C LEU C 370 -62.76 -6.55 34.70
N PHE C 371 -64.05 -6.61 34.36
CA PHE C 371 -64.74 -7.89 34.37
C PHE C 371 -64.10 -8.86 33.39
N SER C 372 -63.77 -8.37 32.19
CA SER C 372 -63.17 -9.24 31.20
C SER C 372 -61.86 -9.84 31.72
N VAL C 373 -60.97 -8.98 32.21
CA VAL C 373 -59.67 -9.46 32.67
C VAL C 373 -59.84 -10.40 33.84
N LEU C 374 -60.73 -10.05 34.78
CA LEU C 374 -60.91 -10.89 35.95
C LEU C 374 -61.47 -12.25 35.57
N ARG C 375 -62.46 -12.28 34.68
CA ARG C 375 -63.01 -13.55 34.26
C ARG C 375 -61.97 -14.38 33.52
N GLY C 376 -61.14 -13.72 32.71
CA GLY C 376 -60.06 -14.44 32.05
C GLY C 376 -59.10 -15.07 33.05
N TYR C 377 -58.73 -14.31 34.07
CA TYR C 377 -57.84 -14.84 35.10
C TYR C 377 -58.49 -16.02 35.81
N TRP C 378 -59.77 -15.89 36.14
CA TRP C 378 -60.49 -16.98 36.75
C TRP C 378 -60.48 -18.22 35.86
N GLU C 379 -60.77 -18.04 34.58
CA GLU C 379 -60.85 -19.18 33.68
C GLU C 379 -59.50 -19.85 33.53
N TYR C 380 -58.43 -19.05 33.42
CA TYR C 380 -57.09 -19.62 33.39
C TYR C 380 -56.83 -20.46 34.63
N LEU C 381 -57.14 -19.91 35.80
CA LEU C 381 -56.91 -20.64 37.04
C LEU C 381 -57.72 -21.93 37.06
N SER C 382 -58.96 -21.87 36.59
CA SER C 382 -59.79 -23.06 36.51
C SER C 382 -59.17 -24.09 35.57
N ALA C 383 -58.60 -23.64 34.47
CA ALA C 383 -58.03 -24.53 33.47
C ALA C 383 -56.82 -25.29 33.99
N HIS C 384 -56.42 -25.06 35.23
CA HIS C 384 -55.34 -25.83 35.84
C HIS C 384 -55.73 -26.42 37.18
N MET C 385 -56.56 -25.75 37.96
CA MET C 385 -56.98 -26.21 39.27
C MET C 385 -58.46 -26.58 39.21
N SER C 386 -58.83 -27.57 40.00
CA SER C 386 -60.21 -28.01 40.12
C SER C 386 -60.66 -27.78 41.56
N MET C 387 -61.80 -27.10 41.74
CA MET C 387 -62.26 -26.76 43.07
C MET C 387 -63.66 -26.17 42.97
N GLU C 388 -64.37 -26.18 44.10
CA GLU C 388 -65.76 -25.74 44.13
C GLU C 388 -65.83 -24.25 43.86
N TRP C 389 -66.33 -23.87 42.68
CA TRP C 389 -66.18 -22.53 42.16
C TRP C 389 -67.38 -21.63 42.44
N VAL C 390 -68.27 -22.02 43.35
CA VAL C 390 -69.40 -21.18 43.73
C VAL C 390 -70.22 -20.86 42.49
N HIS C 391 -69.88 -19.76 41.82
CA HIS C 391 -70.48 -19.40 40.54
C HIS C 391 -69.68 -20.07 39.45
N GLU C 392 -70.23 -21.13 38.87
CA GLU C 392 -69.49 -21.89 37.87
C GLU C 392 -69.36 -21.11 36.56
N LYS C 393 -70.24 -20.13 36.34
CA LYS C 393 -70.15 -19.23 35.18
C LYS C 393 -70.46 -17.83 35.66
N PRO C 394 -69.54 -17.19 36.36
CA PRO C 394 -69.82 -15.86 36.92
C PRO C 394 -70.09 -14.86 35.80
N LEU C 395 -70.93 -13.87 36.11
CA LEU C 395 -71.33 -12.86 35.16
C LEU C 395 -71.01 -11.45 35.61
N THR C 396 -70.68 -11.25 36.89
CA THR C 396 -70.40 -9.92 37.41
C THR C 396 -69.06 -9.95 38.13
N ILE C 397 -68.46 -8.76 38.23
CA ILE C 397 -67.17 -8.65 38.90
C ILE C 397 -67.28 -9.16 40.32
N SER C 398 -68.42 -8.91 40.98
CA SER C 398 -68.60 -9.42 42.33
C SER C 398 -68.57 -10.95 42.34
N GLN C 399 -69.24 -11.57 41.39
CA GLN C 399 -69.23 -13.04 41.30
C GLN C 399 -67.81 -13.54 41.06
N VAL C 400 -67.08 -12.89 40.17
CA VAL C 400 -65.71 -13.31 39.88
C VAL C 400 -64.85 -13.20 41.13
N LEU C 401 -65.00 -12.09 41.87
CA LEU C 401 -64.30 -11.95 43.13
C LEU C 401 -64.66 -13.07 44.09
N ASP C 402 -65.95 -13.39 44.16
CA ASP C 402 -66.39 -14.50 45.00
C ASP C 402 -65.61 -15.77 44.66
N ASN C 403 -65.54 -16.07 43.37
CA ASN C 403 -64.83 -17.27 42.93
C ASN C 403 -63.35 -17.17 43.31
N LEU C 404 -62.74 -16.02 43.07
CA LEU C 404 -61.29 -15.89 43.14
C LEU C 404 -60.78 -15.82 44.57
N GLU C 405 -61.61 -15.40 45.52
CA GLU C 405 -61.14 -15.34 46.90
C GLU C 405 -60.65 -16.69 47.39
N LEU C 406 -61.12 -17.78 46.80
CA LEU C 406 -60.86 -19.12 47.30
C LEU C 406 -59.47 -19.62 46.96
N VAL C 407 -58.77 -19.01 46.00
CA VAL C 407 -57.49 -19.52 45.54
C VAL C 407 -56.47 -19.35 46.65
N GLU C 408 -55.33 -20.03 46.51
CA GLU C 408 -54.27 -19.97 47.51
C GLU C 408 -52.94 -19.61 46.85
N PRO C 409 -52.03 -18.93 47.56
CA PRO C 409 -50.74 -18.54 46.97
C PRO C 409 -49.76 -19.70 46.91
N HIS C 410 -50.22 -20.83 46.38
CA HIS C 410 -49.40 -22.02 46.35
C HIS C 410 -48.26 -21.87 45.35
N GLY C 411 -48.45 -21.04 44.33
CA GLY C 411 -47.43 -20.77 43.35
C GLY C 411 -47.52 -21.62 42.10
N LYS C 412 -48.45 -22.57 42.04
CA LYS C 412 -48.57 -23.39 40.84
C LYS C 412 -48.86 -22.54 39.62
N CYS C 413 -49.77 -21.58 39.75
CA CYS C 413 -50.19 -20.72 38.66
C CYS C 413 -49.63 -19.31 38.87
N VAL C 414 -50.03 -18.40 37.98
CA VAL C 414 -49.57 -17.03 38.04
C VAL C 414 -50.41 -16.24 39.02
N GLU C 415 -49.81 -15.20 39.59
CA GLU C 415 -50.46 -14.31 40.54
C GLU C 415 -50.50 -12.93 39.92
N LEU C 416 -51.71 -12.42 39.67
CA LEU C 416 -51.91 -11.22 38.87
C LEU C 416 -51.94 -9.96 39.74
N ALA C 417 -51.34 -8.90 39.20
CA ALA C 417 -51.42 -7.57 39.81
C ALA C 417 -51.75 -6.56 38.73
N LEU C 418 -52.78 -5.76 38.96
CA LEU C 418 -53.31 -4.86 37.94
C LEU C 418 -52.89 -3.41 38.21
N VAL C 419 -52.58 -2.70 37.13
CA VAL C 419 -52.13 -1.31 37.23
C VAL C 419 -52.74 -0.47 36.12
N PRO C 420 -53.50 0.57 36.46
CA PRO C 420 -53.98 1.48 35.41
C PRO C 420 -52.90 2.43 34.94
N HIS C 421 -52.89 2.67 33.64
CA HIS C 421 -52.02 3.63 32.98
C HIS C 421 -52.56 5.04 33.16
N PHE C 422 -51.66 6.00 33.26
CA PHE C 422 -52.03 7.41 33.27
C PHE C 422 -51.30 8.03 32.10
N ILE C 423 -52.05 8.37 31.06
CA ILE C 423 -51.45 8.82 29.80
C ILE C 423 -51.40 10.34 29.79
N LYS C 424 -50.22 10.89 29.59
CA LYS C 424 -50.00 12.33 29.67
C LYS C 424 -49.93 12.92 28.27
N ARG C 425 -50.77 13.92 28.02
CA ARG C 425 -50.82 14.59 26.72
C ARG C 425 -50.17 15.96 26.82
N LYS C 426 -49.64 16.41 25.69
CA LYS C 426 -48.93 17.69 25.66
C LYS C 426 -49.89 18.81 26.06
N PRO C 427 -49.38 19.88 26.64
CA PRO C 427 -50.26 21.01 26.96
C PRO C 427 -50.87 21.58 25.69
N LYS C 428 -52.15 21.88 25.74
CA LYS C 428 -52.88 22.39 24.59
C LYS C 428 -52.69 23.90 24.49
N ASN C 429 -53.10 24.43 23.33
CA ASN C 429 -52.87 25.85 23.04
C ASN C 429 -53.37 26.74 24.17
N GLY C 430 -54.57 26.48 24.66
CA GLY C 430 -55.16 27.35 25.67
C GLY C 430 -55.71 26.60 26.88
N GLU C 431 -55.44 27.14 28.07
CA GLU C 431 -56.01 26.61 29.30
C GLU C 431 -55.55 27.48 30.46
N ALA C 432 -56.21 27.28 31.61
CA ALA C 432 -55.92 28.11 32.78
C ALA C 432 -54.46 27.96 33.20
N TYR C 433 -54.01 26.72 33.41
CA TYR C 433 -52.64 26.43 33.76
C TYR C 433 -52.18 25.27 32.89
N PRO C 434 -50.87 25.09 32.74
CA PRO C 434 -50.39 24.00 31.90
C PRO C 434 -51.01 22.67 32.31
N HIS C 435 -51.52 21.94 31.33
CA HIS C 435 -52.01 20.58 31.53
C HIS C 435 -53.26 20.54 32.41
N ALA C 436 -54.04 21.62 32.42
CA ALA C 436 -55.28 21.62 33.19
C ALA C 436 -56.28 20.62 32.63
N LEU C 437 -56.45 20.61 31.31
CA LEU C 437 -57.42 19.69 30.71
C LEU C 437 -57.00 18.24 30.92
N LEU C 438 -55.73 17.95 30.72
CA LEU C 438 -55.22 16.61 30.97
C LEU C 438 -55.44 16.24 32.44
N PHE C 439 -55.15 17.18 33.33
CA PHE C 439 -55.42 16.95 34.74
C PHE C 439 -56.87 16.59 34.97
N LYS C 440 -57.78 17.29 34.32
CA LYS C 440 -59.21 17.06 34.53
C LYS C 440 -59.60 15.67 34.06
N ASP C 441 -59.11 15.27 32.89
CA ASP C 441 -59.40 13.91 32.42
C ASP C 441 -58.84 12.88 33.38
N LEU C 442 -57.62 13.11 33.86
CA LEU C 442 -57.02 12.19 34.81
C LEU C 442 -57.84 12.10 36.08
N LYS C 443 -58.33 13.24 36.56
CA LYS C 443 -59.17 13.25 37.74
C LYS C 443 -60.46 12.50 37.49
N ASN C 444 -61.04 12.66 36.31
CA ASN C 444 -62.22 11.88 35.95
C ASN C 444 -61.95 10.39 36.08
N GLN C 445 -60.89 9.92 35.43
CA GLN C 445 -60.59 8.50 35.44
C GLN C 445 -60.32 8.02 36.86
N ALA C 446 -59.55 8.81 37.62
CA ALA C 446 -59.23 8.43 38.99
C ALA C 446 -60.48 8.34 39.84
N ALA C 447 -61.37 9.32 39.72
CA ALA C 447 -62.60 9.30 40.51
C ALA C 447 -63.45 8.09 40.14
N ILE C 448 -63.51 7.76 38.85
CA ILE C 448 -64.25 6.58 38.44
C ILE C 448 -63.66 5.33 39.09
N LEU C 449 -62.34 5.21 39.07
CA LEU C 449 -61.70 4.06 39.69
C LEU C 449 -61.99 4.02 41.19
N MET C 450 -61.91 5.19 41.84
CA MET C 450 -62.26 5.30 43.25
C MET C 450 -63.68 4.80 43.50
N ASP C 451 -64.62 5.19 42.65
CA ASP C 451 -65.99 4.74 42.83
C ASP C 451 -66.10 3.24 42.65
N MET C 452 -65.38 2.70 41.67
CA MET C 452 -65.37 1.25 41.50
C MET C 452 -64.91 0.57 42.78
N LEU C 453 -63.82 1.08 43.37
CA LEU C 453 -63.32 0.50 44.60
C LEU C 453 -64.34 0.62 45.73
N LYS C 454 -64.96 1.79 45.85
CA LYS C 454 -65.96 2.02 46.88
C LYS C 454 -67.07 0.99 46.74
N SER C 455 -67.62 0.89 45.53
CA SER C 455 -68.69 -0.07 45.26
C SER C 455 -68.26 -1.50 45.52
N GLU C 456 -66.98 -1.82 45.34
CA GLU C 456 -66.50 -3.18 45.60
C GLU C 456 -65.09 -3.09 46.17
N PRO C 457 -64.95 -3.06 47.50
CA PRO C 457 -63.61 -2.94 48.09
C PRO C 457 -62.68 -4.08 47.72
N ARG C 458 -63.22 -5.28 47.47
CA ARG C 458 -62.37 -6.43 47.22
C ARG C 458 -61.42 -6.20 46.05
N LEU C 459 -61.76 -5.29 45.13
CA LEU C 459 -60.85 -4.94 44.05
C LEU C 459 -59.51 -4.49 44.55
N THR C 460 -59.43 -3.89 45.74
CA THR C 460 -58.17 -3.37 46.24
C THR C 460 -57.07 -4.42 46.20
N GLY C 461 -57.42 -5.69 46.40
CA GLY C 461 -56.44 -6.74 46.36
C GLY C 461 -56.02 -7.17 44.97
N TRP C 462 -56.58 -6.57 43.94
CA TRP C 462 -56.26 -6.95 42.57
C TRP C 462 -55.85 -5.78 41.70
N ILE C 463 -56.49 -4.62 41.86
CA ILE C 463 -56.02 -3.36 41.30
C ILE C 463 -54.97 -2.86 42.28
N ARG C 464 -53.70 -3.07 41.97
CA ARG C 464 -52.63 -2.83 42.93
C ARG C 464 -51.66 -1.83 42.34
N GLY C 465 -51.82 -0.56 42.70
CA GLY C 465 -50.91 0.47 42.25
C GLY C 465 -51.28 1.04 40.90
N VAL C 466 -50.82 2.26 40.63
CA VAL C 466 -51.13 2.98 39.40
C VAL C 466 -49.81 3.40 38.79
N ASP C 467 -49.73 3.42 37.46
CA ASP C 467 -48.52 3.87 36.78
C ASP C 467 -48.81 5.09 35.91
N ALA C 468 -47.80 5.95 35.79
CA ALA C 468 -47.85 7.13 34.93
C ALA C 468 -47.01 6.84 33.70
N ALA C 469 -47.68 6.60 32.57
CA ALA C 469 -47.02 6.18 31.35
C ALA C 469 -47.13 7.26 30.29
N ALA C 470 -46.62 6.96 29.09
CA ALA C 470 -46.60 7.86 27.94
C ALA C 470 -45.39 8.79 28.03
N ASN C 471 -45.14 9.55 26.97
CA ASN C 471 -44.02 10.41 26.62
C ASN C 471 -43.78 11.46 27.69
N GLU C 472 -42.51 11.59 28.09
CA GLU C 472 -42.18 12.30 29.32
C GLU C 472 -42.32 13.81 29.17
N MET C 473 -41.80 14.38 28.08
CA MET C 473 -41.74 15.83 27.95
C MET C 473 -43.12 16.48 27.92
N HIS C 474 -44.16 15.71 27.65
CA HIS C 474 -45.51 16.23 27.62
C HIS C 474 -45.98 16.73 28.98
N ALA C 475 -45.42 16.20 30.07
CA ALA C 475 -45.81 16.60 31.42
C ALA C 475 -44.77 16.15 32.44
N PRO C 476 -44.37 17.01 33.37
CA PRO C 476 -43.44 16.57 34.42
C PRO C 476 -44.18 15.85 35.53
N PRO C 477 -43.47 15.10 36.36
CA PRO C 477 -44.15 14.34 37.43
C PRO C 477 -44.96 15.20 38.37
N GLU C 478 -44.55 16.44 38.62
CA GLU C 478 -45.22 17.24 39.64
C GLU C 478 -46.70 17.41 39.34
N LEU C 479 -47.12 17.24 38.08
CA LEU C 479 -48.53 17.35 37.76
C LEU C 479 -49.36 16.26 38.44
N PHE C 480 -48.71 15.20 38.91
CA PHE C 480 -49.42 13.97 39.20
C PHE C 480 -49.50 13.64 40.68
N CYS C 481 -48.68 14.28 41.51
CA CYS C 481 -48.62 13.90 42.93
C CYS C 481 -50.00 13.89 43.57
N PRO C 482 -50.85 14.90 43.40
CA PRO C 482 -52.16 14.86 44.06
C PRO C 482 -52.99 13.66 43.64
N LEU C 483 -52.96 13.30 42.36
CA LEU C 483 -53.63 12.09 41.94
C LEU C 483 -53.18 10.92 42.78
N PHE C 484 -51.86 10.76 42.91
CA PHE C 484 -51.33 9.63 43.64
C PHE C 484 -51.73 9.68 45.11
N ARG C 485 -51.70 10.87 45.71
CA ARG C 485 -52.04 10.97 47.13
C ARG C 485 -53.50 10.59 47.35
N VAL C 486 -54.38 11.10 46.48
CA VAL C 486 -55.79 10.77 46.58
C VAL C 486 -55.98 9.27 46.44
N LEU C 487 -55.30 8.66 45.47
CA LEU C 487 -55.45 7.22 45.26
C LEU C 487 -54.90 6.45 46.44
N ALA C 488 -53.80 6.92 47.01
CA ALA C 488 -53.23 6.27 48.18
C ALA C 488 -54.25 6.22 49.31
N LYS C 489 -54.84 7.36 49.64
CA LYS C 489 -55.87 7.33 50.67
C LYS C 489 -57.07 6.52 50.23
N SER C 490 -57.35 6.49 48.93
CA SER C 490 -58.38 5.62 48.40
C SER C 490 -58.09 4.17 48.71
N GLY C 491 -56.81 3.81 48.83
CA GLY C 491 -56.42 2.45 49.14
C GLY C 491 -55.47 1.86 48.12
N ILE C 492 -54.96 2.70 47.22
CA ILE C 492 -54.08 2.25 46.16
C ILE C 492 -52.64 2.38 46.66
N ALA C 493 -52.12 1.32 47.23
CA ALA C 493 -50.69 1.23 47.52
C ALA C 493 -49.94 1.00 46.22
N HIS C 494 -48.63 1.27 46.27
CA HIS C 494 -47.73 1.05 45.15
C HIS C 494 -47.95 2.08 44.07
N PHE C 495 -46.88 2.62 43.52
CA PHE C 495 -46.95 3.71 42.56
C PHE C 495 -45.78 3.58 41.59
N THR C 496 -46.04 3.90 40.33
CA THR C 496 -45.01 3.85 39.31
C THR C 496 -45.12 5.05 38.40
N TYR C 497 -43.97 5.47 37.86
CA TYR C 497 -43.95 6.64 36.98
C TYR C 497 -42.78 6.48 36.03
N HIS C 498 -43.08 6.32 34.74
CA HIS C 498 -42.01 6.26 33.75
C HIS C 498 -41.20 7.54 33.83
N VAL C 499 -39.89 7.40 34.06
CA VAL C 499 -39.00 8.55 34.07
C VAL C 499 -37.65 8.09 33.54
N GLY C 500 -36.94 8.99 32.87
CA GLY C 500 -35.61 8.71 32.37
C GLY C 500 -35.57 8.05 31.02
N GLU C 501 -36.71 7.67 30.46
CA GLU C 501 -36.73 7.05 29.14
C GLU C 501 -36.19 8.00 28.08
N ASP C 502 -36.85 9.15 27.92
CA ASP C 502 -36.44 10.16 26.95
C ASP C 502 -36.31 11.49 27.67
N PHE C 503 -35.66 12.45 27.01
CA PHE C 503 -35.34 13.73 27.62
C PHE C 503 -34.70 14.64 26.59
N PRO C 504 -34.71 15.95 26.81
CA PRO C 504 -33.87 16.83 25.99
C PRO C 504 -32.40 16.79 26.37
N HIS C 505 -32.09 16.76 27.67
CA HIS C 505 -30.71 16.67 28.09
C HIS C 505 -30.58 15.65 29.21
N LEU C 506 -29.42 15.02 29.29
CA LEU C 506 -29.19 14.01 30.32
C LEU C 506 -29.35 14.64 31.70
N ILE C 507 -28.83 15.84 31.87
CA ILE C 507 -29.09 16.60 33.09
C ILE C 507 -30.60 16.71 33.32
N SER C 508 -31.36 16.97 32.26
CA SER C 508 -32.79 17.13 32.40
C SER C 508 -33.42 15.86 32.92
N GLY C 509 -33.04 14.71 32.36
CA GLY C 509 -33.57 13.46 32.87
C GLY C 509 -33.24 13.25 34.34
N ILE C 510 -31.99 13.55 34.70
CA ILE C 510 -31.57 13.30 36.08
C ILE C 510 -32.36 14.19 37.03
N ARG C 511 -32.50 15.47 36.70
CA ARG C 511 -33.28 16.35 37.56
C ARG C 511 -34.71 15.87 37.62
N SER C 512 -35.25 15.40 36.50
CA SER C 512 -36.61 14.90 36.51
C SER C 512 -36.76 13.76 37.50
N ILE C 513 -35.78 12.87 37.54
CA ILE C 513 -35.83 11.76 38.47
C ILE C 513 -35.75 12.26 39.90
N ASP C 514 -34.83 13.19 40.17
CA ASP C 514 -34.77 13.78 41.50
C ASP C 514 -36.12 14.36 41.90
N ASP C 515 -36.76 15.08 40.98
CA ASP C 515 -38.01 15.73 41.28
C ASP C 515 -39.09 14.71 41.57
N ALA C 516 -39.16 13.67 40.73
CA ALA C 516 -40.07 12.57 41.01
C ALA C 516 -39.87 12.05 42.42
N LEU C 517 -38.61 11.88 42.82
CA LEU C 517 -38.32 11.37 44.13
C LEU C 517 -38.82 12.30 45.22
N ARG C 518 -38.46 13.57 45.13
CA ARG C 518 -38.69 14.51 46.21
C ARG C 518 -40.09 15.12 46.19
N PHE C 519 -40.90 14.78 45.20
CA PHE C 519 -42.26 15.29 45.13
C PHE C 519 -43.32 14.21 45.26
N LEU C 520 -43.21 13.13 44.49
CA LEU C 520 -44.22 12.10 44.54
C LEU C 520 -44.25 11.51 45.95
N PRO C 521 -45.42 11.08 46.41
CA PRO C 521 -45.51 10.47 47.74
C PRO C 521 -45.03 9.02 47.74
N LEU C 522 -43.90 8.78 47.08
CA LEU C 522 -43.36 7.44 46.99
C LEU C 522 -42.75 7.04 48.32
N ARG C 523 -43.02 5.81 48.73
CA ARG C 523 -42.54 5.29 50.00
C ARG C 523 -41.43 4.26 49.77
N ASN C 524 -40.99 3.64 50.85
CA ASN C 524 -40.11 2.48 50.74
C ASN C 524 -40.77 1.42 49.87
N GLY C 525 -40.02 0.91 48.90
CA GLY C 525 -40.48 -0.20 48.08
C GLY C 525 -41.21 0.18 46.82
N ASP C 526 -41.60 1.44 46.65
CA ASP C 526 -42.21 1.84 45.39
C ASP C 526 -41.19 1.69 44.27
N ARG C 527 -41.66 1.86 43.03
CA ARG C 527 -40.89 1.49 41.86
C ARG C 527 -41.14 2.51 40.75
N LEU C 528 -40.06 2.91 40.07
CA LEU C 528 -40.14 4.04 39.15
C LEU C 528 -40.38 3.62 37.70
N GLY C 529 -39.45 2.86 37.14
CA GLY C 529 -39.50 2.55 35.73
C GLY C 529 -38.12 2.43 35.10
N HIS C 530 -37.94 3.02 33.92
CA HIS C 530 -36.71 2.83 33.17
C HIS C 530 -35.56 3.60 33.81
N CYS C 531 -35.69 4.92 33.92
CA CYS C 531 -34.69 5.74 34.60
C CYS C 531 -33.33 5.63 33.92
N THR C 532 -33.34 5.68 32.59
CA THR C 532 -32.10 5.56 31.84
C THR C 532 -31.11 6.65 32.18
N ALA C 533 -31.61 7.83 32.58
CA ALA C 533 -30.72 8.98 32.72
C ALA C 533 -29.52 8.66 33.59
N ILE C 534 -29.73 8.01 34.73
CA ILE C 534 -28.62 7.66 35.61
C ILE C 534 -27.72 6.62 34.97
N GLY C 535 -28.19 5.91 33.96
CA GLY C 535 -27.39 4.83 33.41
C GLY C 535 -26.58 5.19 32.20
N ILE C 536 -27.22 5.82 31.21
CA ILE C 536 -26.48 6.21 30.02
C ILE C 536 -25.35 7.13 30.43
N THR C 537 -24.12 6.71 30.17
CA THR C 537 -22.99 7.47 30.66
C THR C 537 -22.79 8.72 29.82
N PRO C 538 -22.09 9.72 30.36
CA PRO C 538 -21.70 10.85 29.51
C PRO C 538 -20.91 10.39 28.31
N SER C 539 -20.02 9.43 28.51
CA SER C 539 -19.21 8.92 27.41
C SER C 539 -20.11 8.43 26.30
N ILE C 540 -20.86 7.37 26.56
CA ILE C 540 -21.91 6.98 25.63
C ILE C 540 -23.20 7.65 26.08
N TRP C 541 -23.30 8.95 25.82
CA TRP C 541 -24.57 9.64 25.65
C TRP C 541 -24.54 10.59 24.47
N LYS C 542 -23.36 10.98 24.01
CA LYS C 542 -23.15 11.95 22.94
C LYS C 542 -22.26 11.28 21.91
N ARG C 543 -22.86 10.53 21.00
CA ARG C 543 -22.13 9.86 19.94
C ARG C 543 -22.46 10.38 18.56
N SER C 544 -23.67 10.86 18.32
CA SER C 544 -24.05 11.49 17.07
C SER C 544 -24.79 12.80 17.31
N LEU C 545 -24.73 13.31 18.51
CA LEU C 545 -25.56 14.44 18.86
C LEU C 545 -24.91 15.74 18.41
N PRO C 546 -25.72 16.77 18.15
CA PRO C 546 -25.15 18.09 17.86
C PRO C 546 -24.49 18.67 19.11
N LEU C 547 -23.52 19.54 18.88
CA LEU C 547 -22.81 20.14 19.99
C LEU C 547 -23.71 21.04 20.85
N SER C 548 -24.89 21.39 20.36
CA SER C 548 -25.86 22.14 21.16
C SER C 548 -27.26 21.59 20.92
N LEU C 549 -28.12 21.81 21.90
CA LEU C 549 -29.48 21.33 21.89
C LEU C 549 -30.43 22.45 22.32
N SER C 550 -31.49 22.66 21.56
CA SER C 550 -32.50 23.65 21.91
C SER C 550 -33.58 23.00 22.76
N MET C 551 -34.03 23.72 23.78
CA MET C 551 -34.90 23.19 24.82
C MET C 551 -35.45 24.35 25.64
N THR C 552 -36.54 24.07 26.35
CA THR C 552 -37.32 25.11 27.01
C THR C 552 -36.56 25.84 28.10
N LYS C 553 -36.89 27.12 28.27
CA LYS C 553 -36.48 27.81 29.49
C LYS C 553 -37.04 27.20 30.76
N GLU C 554 -38.29 26.75 30.80
CA GLU C 554 -38.78 26.24 32.07
C GLU C 554 -37.96 25.04 32.51
N THR C 555 -37.77 24.09 31.60
CA THR C 555 -36.92 22.95 31.90
C THR C 555 -35.49 23.39 32.16
N ARG C 556 -34.98 24.34 31.38
CA ARG C 556 -33.58 24.74 31.51
C ARG C 556 -33.31 25.43 32.84
N LEU C 557 -34.24 26.28 33.27
CA LEU C 557 -34.14 26.87 34.60
C LEU C 557 -34.17 25.79 35.66
N LEU C 558 -35.08 24.83 35.53
CA LEU C 558 -35.09 23.71 36.47
C LEU C 558 -33.74 22.99 36.44
N ASP C 559 -33.13 22.90 35.26
CA ASP C 559 -31.83 22.26 35.13
C ASP C 559 -30.80 22.99 35.97
N LEU C 560 -30.71 24.30 35.80
CA LEU C 560 -29.74 25.07 36.55
C LEU C 560 -30.01 24.98 38.05
N VAL C 561 -31.29 25.03 38.43
CA VAL C 561 -31.63 24.88 39.84
C VAL C 561 -31.13 23.55 40.37
N PHE C 562 -31.40 22.47 39.65
CA PHE C 562 -30.96 21.15 40.09
C PHE C 562 -29.45 21.08 40.18
N ILE C 563 -28.75 21.59 39.17
CA ILE C 563 -27.30 21.54 39.16
C ILE C 563 -26.75 22.28 40.36
N TRP C 564 -27.23 23.50 40.57
CA TRP C 564 -26.81 24.28 41.73
C TRP C 564 -27.04 23.51 43.02
N ARG C 565 -28.27 23.04 43.22
CA ARG C 565 -28.61 22.36 44.46
C ARG C 565 -27.67 21.18 44.70
N GLU C 566 -27.49 20.33 43.71
CA GLU C 566 -26.76 19.11 43.93
C GLU C 566 -25.25 19.32 43.94
N LEU C 567 -24.78 20.46 43.43
CA LEU C 567 -23.36 20.76 43.44
C LEU C 567 -22.99 21.73 44.55
N ARG C 568 -23.95 22.14 45.36
CA ARG C 568 -23.64 23.00 46.50
C ARG C 568 -22.52 22.42 47.34
N SER C 569 -22.60 21.12 47.63
CA SER C 569 -21.67 20.48 48.54
C SER C 569 -20.39 20.02 47.87
N HIS C 570 -20.43 19.68 46.59
CA HIS C 570 -19.28 19.02 46.00
C HIS C 570 -18.18 20.04 45.70
N PRO C 571 -16.98 19.87 46.26
CA PRO C 571 -16.01 20.96 46.24
C PRO C 571 -15.14 21.04 45.00
N GLU C 572 -15.16 20.04 44.11
CA GLU C 572 -14.49 20.22 42.83
C GLU C 572 -15.41 20.77 41.75
N LEU C 573 -16.66 21.06 42.09
CA LEU C 573 -17.64 21.54 41.12
C LEU C 573 -18.33 22.80 41.61
N LEU C 574 -17.78 23.44 42.64
CA LEU C 574 -18.34 24.70 43.12
C LEU C 574 -18.42 25.74 42.01
N ARG C 575 -17.44 25.75 41.11
CA ARG C 575 -17.50 26.67 39.98
C ARG C 575 -18.75 26.46 39.16
N TYR C 576 -19.04 25.20 38.82
CA TYR C 576 -20.23 24.89 38.04
C TYR C 576 -21.49 25.25 38.83
N ALA C 577 -21.50 24.98 40.13
CA ALA C 577 -22.68 25.30 40.93
C ALA C 577 -22.95 26.80 40.92
N SER C 578 -21.89 27.60 41.10
CA SER C 578 -22.04 29.05 41.06
C SER C 578 -22.50 29.51 39.69
N ASP C 579 -21.96 28.91 38.64
CA ASP C 579 -22.45 29.22 37.31
C ASP C 579 -23.95 28.98 37.25
N ALA C 580 -24.37 27.73 37.41
CA ALA C 580 -25.79 27.42 37.45
C ALA C 580 -26.56 28.50 38.19
N ALA C 581 -26.06 28.92 39.35
CA ALA C 581 -26.74 29.98 40.09
C ALA C 581 -26.91 31.23 39.23
N ILE C 582 -25.81 31.72 38.64
CA ILE C 582 -25.87 33.02 37.99
C ILE C 582 -26.74 32.97 36.74
N GLU C 583 -26.55 31.96 35.90
CA GLU C 583 -27.40 31.85 34.72
C GLU C 583 -28.85 31.60 35.10
N ALA C 584 -29.10 30.89 36.20
CA ALA C 584 -30.47 30.72 36.65
C ALA C 584 -31.07 32.06 37.04
N VAL C 585 -30.30 32.90 37.72
CA VAL C 585 -30.77 34.24 38.06
C VAL C 585 -31.16 34.99 36.80
N ARG C 586 -30.28 34.96 35.80
CA ARG C 586 -30.57 35.67 34.56
C ARG C 586 -31.84 35.15 33.91
N LEU C 587 -31.95 33.82 33.81
CA LEU C 587 -33.09 33.23 33.11
C LEU C 587 -34.38 33.54 33.84
N ALA C 588 -34.36 33.48 35.16
CA ALA C 588 -35.56 33.84 35.92
C ALA C 588 -35.93 35.30 35.68
N HIS C 589 -34.93 36.18 35.69
CA HIS C 589 -35.21 37.59 35.41
C HIS C 589 -35.95 37.74 34.10
N LYS C 590 -35.50 37.05 33.06
CA LYS C 590 -36.20 37.15 31.78
C LYS C 590 -37.56 36.47 31.81
N VAL C 591 -37.63 35.24 32.31
CA VAL C 591 -38.86 34.45 32.21
C VAL C 591 -39.98 35.11 33.01
N PHE C 592 -39.73 35.39 34.28
CA PHE C 592 -40.67 36.14 35.09
C PHE C 592 -40.65 37.63 34.75
N SER C 593 -39.80 38.04 33.81
CA SER C 593 -39.70 39.45 33.45
C SER C 593 -39.42 40.28 34.68
N LEU C 594 -38.75 39.66 35.66
CA LEU C 594 -38.62 40.27 36.97
C LEU C 594 -37.77 41.52 36.89
N GLU C 595 -38.08 42.47 37.76
CA GLU C 595 -37.35 43.73 37.85
C GLU C 595 -36.54 43.85 39.13
N GLU C 596 -36.96 43.17 40.20
CA GLU C 596 -36.29 43.27 41.49
C GLU C 596 -35.17 42.23 41.56
N GLU C 597 -34.60 42.07 42.75
CA GLU C 597 -33.54 41.11 43.00
C GLU C 597 -34.13 39.82 43.53
N VAL C 598 -33.82 38.71 42.89
CA VAL C 598 -34.31 37.39 43.27
C VAL C 598 -33.09 36.50 43.49
N SER C 599 -32.99 35.91 44.66
CA SER C 599 -31.88 35.03 44.96
C SER C 599 -32.20 33.60 44.53
N ILE C 600 -31.13 32.86 44.21
CA ILE C 600 -31.28 31.44 43.92
C ILE C 600 -31.97 30.73 45.06
N THR C 601 -31.75 31.20 46.28
CA THR C 601 -32.51 30.66 47.41
C THR C 601 -34.01 30.72 47.14
N THR C 602 -34.54 31.93 46.97
CA THR C 602 -35.96 32.08 46.75
C THR C 602 -36.40 31.31 45.53
N LEU C 603 -35.55 31.20 44.51
CA LEU C 603 -35.90 30.37 43.38
C LEU C 603 -36.14 28.94 43.82
N ASP C 604 -35.23 28.39 44.62
CA ASP C 604 -35.44 27.07 45.18
C ASP C 604 -36.77 26.99 45.92
N GLN C 605 -37.06 28.00 46.73
CA GLN C 605 -38.30 27.99 47.50
C GLN C 605 -39.51 28.06 46.58
N VAL C 606 -39.34 28.63 45.39
CA VAL C 606 -40.40 28.55 44.39
C VAL C 606 -40.53 27.13 43.88
N PHE C 607 -39.43 26.50 43.51
CA PHE C 607 -39.49 25.29 42.71
C PHE C 607 -39.74 24.04 43.52
N GLU C 608 -39.67 24.09 44.86
CA GLU C 608 -40.16 22.91 45.57
C GLU C 608 -41.68 22.89 45.56
N MET C 609 -42.33 23.93 45.05
CA MET C 609 -43.75 24.14 45.21
C MET C 609 -44.54 23.43 44.14
N ARG C 610 -43.87 22.76 43.21
CA ARG C 610 -44.55 22.18 42.06
C ARG C 610 -45.48 21.03 42.46
N GLY C 611 -45.34 20.50 43.67
CA GLY C 611 -46.29 19.53 44.15
C GLY C 611 -47.63 20.11 44.54
N LEU C 612 -47.74 21.44 44.54
CA LEU C 612 -48.99 22.08 44.93
C LEU C 612 -50.04 21.91 43.85
N LEU C 613 -51.25 21.52 44.27
CA LEU C 613 -52.38 21.51 43.35
C LEU C 613 -52.60 22.91 42.80
N ALA C 614 -52.84 22.99 41.48
CA ALA C 614 -53.07 24.28 40.86
C ALA C 614 -54.26 24.99 41.49
N GLU C 615 -55.41 24.31 41.54
CA GLU C 615 -56.63 24.88 42.10
C GLU C 615 -56.84 24.47 43.55
N SER C 616 -55.90 24.79 44.43
CA SER C 616 -56.09 24.52 45.85
C SER C 616 -56.61 25.74 46.60
N GLU C 617 -55.77 26.80 46.70
CA GLU C 617 -56.20 28.03 47.35
C GLU C 617 -55.65 29.29 46.71
N GLY C 618 -54.91 29.19 45.61
CA GLY C 618 -54.28 30.36 45.02
C GLY C 618 -54.81 30.67 43.64
N LEU C 619 -55.47 29.71 43.03
CA LEU C 619 -56.07 29.88 41.71
C LEU C 619 -57.58 29.66 41.79
N SER C 631 -64.51 14.77 48.80
CA SER C 631 -64.19 14.51 50.21
C SER C 631 -62.69 14.26 50.38
N LEU C 632 -62.18 13.29 49.62
CA LEU C 632 -60.75 12.97 49.71
C LEU C 632 -59.88 14.05 49.08
N TRP C 633 -60.46 14.94 48.28
CA TRP C 633 -59.70 16.01 47.63
C TRP C 633 -59.61 17.25 48.49
N LEU C 634 -60.41 17.33 49.57
CA LEU C 634 -60.34 18.47 50.46
C LEU C 634 -58.93 18.67 50.97
N GLU C 635 -58.23 17.56 51.24
CA GLU C 635 -56.91 17.64 51.84
C GLU C 635 -55.91 18.31 50.89
N GLU C 636 -55.92 17.93 49.62
CA GLU C 636 -55.04 18.60 48.67
C GLU C 636 -55.54 19.99 48.30
N TYR C 637 -56.83 20.26 48.47
CA TYR C 637 -57.32 21.62 48.28
C TYR C 637 -56.80 22.53 49.37
N GLU C 638 -56.67 22.00 50.58
CA GLU C 638 -56.18 22.77 51.71
C GLU C 638 -54.67 22.75 51.87
N ARG C 639 -53.97 21.76 51.31
CA ARG C 639 -52.55 21.61 51.59
C ARG C 639 -51.78 22.92 51.39
N ALA C 640 -52.38 23.87 50.67
CA ALA C 640 -51.76 25.18 50.53
C ALA C 640 -52.01 26.09 51.73
N ARG C 641 -52.86 25.69 52.68
CA ARG C 641 -53.20 26.65 53.72
C ARG C 641 -52.01 26.86 54.66
N GLU C 642 -51.25 25.80 54.95
CA GLU C 642 -50.01 26.01 55.69
C GLU C 642 -49.07 26.93 54.91
N LEU C 643 -48.98 26.68 53.60
CA LEU C 643 -48.06 27.42 52.76
C LEU C 643 -48.36 28.92 52.81
N VAL C 644 -49.62 29.29 52.60
CA VAL C 644 -50.01 30.69 52.70
C VAL C 644 -49.94 31.21 54.12
N LYS C 645 -50.29 30.39 55.12
CA LYS C 645 -50.26 30.82 56.50
C LYS C 645 -48.86 31.24 56.92
N THR C 646 -47.85 30.45 56.55
CA THR C 646 -46.48 30.83 56.86
C THR C 646 -46.12 32.12 56.14
N THR C 647 -45.82 33.16 56.94
CA THR C 647 -45.72 34.51 56.42
C THR C 647 -44.60 34.66 55.40
N GLY C 648 -43.55 33.87 55.53
CA GLY C 648 -42.30 34.16 54.86
C GLY C 648 -42.19 33.71 53.42
N MET C 649 -43.25 33.15 52.84
CA MET C 649 -43.25 32.80 51.43
C MET C 649 -44.13 33.71 50.60
N LYS C 650 -44.26 34.98 50.97
CA LYS C 650 -44.88 35.96 50.11
C LYS C 650 -44.34 35.90 48.69
N ARG C 651 -43.04 36.15 48.56
CA ARG C 651 -42.40 36.31 47.27
C ARG C 651 -42.45 35.01 46.48
N PRO C 652 -42.07 33.88 47.08
CA PRO C 652 -42.20 32.61 46.34
C PRO C 652 -43.63 32.29 45.95
N LEU C 653 -44.60 32.58 46.81
CA LEU C 653 -45.98 32.31 46.45
C LEU C 653 -46.39 33.14 45.23
N LYS C 654 -46.04 34.41 45.21
CA LYS C 654 -46.47 35.24 44.10
C LYS C 654 -45.70 34.87 42.83
N LEU C 655 -44.43 34.49 42.96
CA LEU C 655 -43.72 33.97 41.79
C LEU C 655 -44.40 32.71 41.25
N TYR C 656 -44.80 31.82 42.15
CA TYR C 656 -45.44 30.58 41.73
C TYR C 656 -46.75 30.88 41.01
N LYS C 657 -47.54 31.81 41.55
CA LYS C 657 -48.80 32.16 40.92
C LYS C 657 -48.56 32.78 39.55
N GLN C 658 -47.58 33.68 39.43
CA GLN C 658 -47.25 34.24 38.14
C GLN C 658 -46.82 33.12 37.17
N TRP C 659 -45.97 32.23 37.65
CA TRP C 659 -45.52 31.11 36.84
C TRP C 659 -46.68 30.29 36.32
N LEU C 660 -47.73 30.15 37.13
CA LEU C 660 -48.84 29.31 36.74
C LEU C 660 -49.89 30.07 35.94
N THR C 661 -49.84 31.40 35.96
CA THR C 661 -50.92 32.22 35.44
C THR C 661 -50.48 33.32 34.50
N SER C 662 -49.29 33.88 34.68
CA SER C 662 -48.86 35.00 33.85
C SER C 662 -48.61 34.52 32.41
N ASP C 663 -49.35 35.11 31.47
CA ASP C 663 -49.26 34.69 30.08
C ASP C 663 -47.84 34.87 29.55
N ASN C 664 -47.23 36.02 29.84
CA ASN C 664 -45.84 36.24 29.46
C ASN C 664 -44.96 35.12 29.97
N VAL C 665 -45.16 34.72 31.23
CA VAL C 665 -44.32 33.69 31.82
C VAL C 665 -44.53 32.35 31.11
N ARG C 666 -45.78 31.99 30.82
CA ARG C 666 -46.01 30.74 30.11
C ARG C 666 -45.38 30.77 28.71
N LYS C 667 -45.48 31.90 28.02
CA LYS C 667 -44.85 31.99 26.71
C LYS C 667 -43.33 31.86 26.82
N GLN C 668 -42.75 32.52 27.82
CA GLN C 668 -41.32 32.36 28.05
C GLN C 668 -40.96 30.91 28.32
N ARG C 669 -41.78 30.23 29.13
CA ARG C 669 -41.53 28.83 29.44
C ARG C 669 -41.52 27.99 28.17
N ALA C 670 -42.54 28.15 27.33
CA ALA C 670 -42.60 27.42 26.07
C ALA C 670 -41.44 27.74 25.16
N GLU C 671 -40.91 28.97 25.21
CA GLU C 671 -39.87 29.44 24.29
C GLU C 671 -38.66 28.50 24.40
N TYR C 672 -37.87 28.37 23.32
CA TYR C 672 -36.73 27.46 23.30
C TYR C 672 -35.39 28.19 23.24
N VAL C 673 -34.35 27.50 23.71
CA VAL C 673 -33.01 28.07 23.86
C VAL C 673 -31.97 26.95 23.76
N GLU C 674 -30.81 27.29 23.25
CA GLU C 674 -29.77 26.31 22.99
C GLU C 674 -28.84 26.16 24.19
N VAL C 675 -28.27 24.97 24.32
CA VAL C 675 -27.27 24.68 25.34
C VAL C 675 -26.17 23.84 24.69
N ALA C 676 -24.92 24.21 24.94
CA ALA C 676 -23.80 23.43 24.44
C ALA C 676 -23.87 22.00 24.98
N LEU C 677 -23.47 21.06 24.14
CA LEU C 677 -23.54 19.66 24.55
C LEU C 677 -22.74 19.42 25.81
N GLU C 678 -21.50 19.93 25.85
CA GLU C 678 -20.71 19.85 27.08
C GLU C 678 -20.90 21.10 27.92
N TYR C 679 -22.13 21.29 28.42
CA TYR C 679 -22.34 22.36 29.39
C TYR C 679 -21.64 22.04 30.70
N LEU C 680 -21.70 20.78 31.12
CA LEU C 680 -21.00 20.29 32.28
C LEU C 680 -20.03 19.19 31.87
N PRO C 681 -19.05 18.86 32.71
CA PRO C 681 -18.15 17.76 32.37
C PRO C 681 -18.70 16.42 32.83
N ASP C 682 -18.12 15.37 32.25
CA ASP C 682 -18.60 14.01 32.50
C ASP C 682 -18.55 13.66 33.97
N GLU C 683 -17.46 14.02 34.65
CA GLU C 683 -17.37 13.73 36.07
C GLU C 683 -18.49 14.42 36.84
N ALA C 684 -18.80 15.66 36.47
CA ALA C 684 -19.89 16.36 37.13
C ALA C 684 -21.20 15.63 36.93
N VAL C 685 -21.50 15.24 35.69
CA VAL C 685 -22.75 14.56 35.42
C VAL C 685 -22.82 13.25 36.18
N VAL C 686 -21.70 12.52 36.23
CA VAL C 686 -21.68 11.25 36.93
C VAL C 686 -21.88 11.47 38.42
N ALA C 687 -21.30 12.54 38.96
CA ALA C 687 -21.52 12.85 40.36
C ALA C 687 -22.99 13.09 40.62
N LEU C 688 -23.64 13.85 39.74
CA LEU C 688 -25.08 14.04 39.85
C LEU C 688 -25.79 12.70 39.85
N GLN C 689 -25.43 11.84 38.90
CA GLN C 689 -26.06 10.54 38.79
C GLN C 689 -25.92 9.77 40.10
N GLN C 690 -24.71 9.73 40.65
CA GLN C 690 -24.49 8.94 41.85
C GLN C 690 -25.17 9.55 43.06
N ALA C 691 -25.30 10.88 43.10
CA ALA C 691 -26.10 11.49 44.16
C ALA C 691 -27.53 11.00 44.09
N VAL C 692 -28.11 11.04 42.90
CA VAL C 692 -29.48 10.55 42.74
C VAL C 692 -29.55 9.08 43.13
N MET C 693 -28.49 8.32 42.82
CA MET C 693 -28.45 6.92 43.19
C MET C 693 -28.46 6.76 44.70
N ALA C 694 -27.72 7.61 45.39
CA ALA C 694 -27.76 7.60 46.84
C ALA C 694 -29.17 7.85 47.34
N LYS C 695 -29.85 8.81 46.74
CA LYS C 695 -31.24 9.08 47.14
C LYS C 695 -32.12 7.87 46.88
N MET C 696 -31.93 7.22 45.73
CA MET C 696 -32.67 6.01 45.41
C MET C 696 -32.49 4.96 46.50
N ALA C 697 -31.24 4.67 46.84
CA ALA C 697 -30.98 3.68 47.87
C ALA C 697 -31.61 4.11 49.19
N ASP C 698 -31.50 5.39 49.53
CA ASP C 698 -32.07 5.88 50.76
C ASP C 698 -33.56 5.59 50.84
N ARG C 699 -34.30 5.97 49.80
CA ARG C 699 -35.74 5.81 49.86
C ARG C 699 -36.21 4.42 49.44
N ASN C 700 -35.28 3.54 49.08
CA ASN C 700 -35.62 2.14 48.82
C ASN C 700 -36.66 2.06 47.70
N ILE C 701 -36.29 2.58 46.53
CA ILE C 701 -37.17 2.61 45.37
C ILE C 701 -36.52 1.80 44.26
N ALA C 702 -37.31 0.94 43.64
CA ALA C 702 -36.81 0.02 42.63
C ALA C 702 -36.93 0.62 41.24
N ILE C 703 -36.19 0.02 40.30
CA ILE C 703 -36.12 0.51 38.93
C ILE C 703 -36.42 -0.65 37.99
N GLU C 704 -37.41 -0.49 37.13
CA GLU C 704 -37.71 -1.48 36.10
C GLU C 704 -36.75 -1.28 34.93
N CYS C 705 -36.03 -2.34 34.56
CA CYS C 705 -35.09 -2.27 33.45
C CYS C 705 -35.48 -3.26 32.37
N PRO C 706 -36.22 -2.84 31.35
CA PRO C 706 -36.41 -3.68 30.18
C PRO C 706 -35.32 -3.43 29.16
N PRO C 707 -35.06 -4.38 28.26
CA PRO C 707 -34.02 -4.17 27.25
C PRO C 707 -34.56 -3.52 25.99
N THR C 708 -33.85 -2.53 25.47
CA THR C 708 -34.30 -1.83 24.27
C THR C 708 -33.26 -1.92 23.15
N SER C 714 -31.30 2.46 21.17
CA SER C 714 -31.07 3.33 20.03
C SER C 714 -29.58 3.60 19.84
N GLN C 715 -29.06 4.55 20.60
CA GLN C 715 -27.64 4.90 20.53
C GLN C 715 -26.73 3.73 20.80
N TYR C 716 -27.18 2.74 21.57
CA TYR C 716 -26.37 1.58 21.88
C TYR C 716 -26.09 0.79 20.60
N ARG C 717 -24.80 0.54 20.35
CA ARG C 717 -24.43 -0.33 19.25
C ARG C 717 -24.73 -1.79 19.59
N ASN C 718 -24.10 -2.32 20.63
CA ASN C 718 -24.30 -3.70 21.04
C ASN C 718 -24.99 -3.73 22.39
N VAL C 719 -25.68 -4.85 22.65
CA VAL C 719 -26.32 -5.03 23.93
C VAL C 719 -25.30 -5.03 25.07
N SER C 720 -24.09 -5.52 24.81
CA SER C 720 -23.07 -5.51 25.85
C SER C 720 -22.82 -4.12 26.38
N GLU C 721 -23.08 -3.08 25.59
CA GLU C 721 -22.98 -1.71 26.03
C GLU C 721 -24.11 -1.30 26.97
N HIS C 722 -25.13 -2.15 27.13
CA HIS C 722 -26.32 -1.73 27.85
C HIS C 722 -25.99 -1.44 29.32
N HIS C 723 -26.43 -0.26 29.76
CA HIS C 723 -26.23 0.24 31.11
C HIS C 723 -27.01 -0.55 32.16
N ILE C 724 -27.88 -1.49 31.75
CA ILE C 724 -28.25 -2.54 32.68
C ILE C 724 -27.01 -2.98 33.44
N PHE C 725 -25.89 -3.10 32.73
CA PHE C 725 -24.70 -3.66 33.33
C PHE C 725 -24.02 -2.65 34.24
N ARG C 726 -24.08 -1.35 33.90
CA ARG C 726 -23.47 -0.38 34.81
C ARG C 726 -24.18 -0.47 36.14
N TRP C 727 -25.51 -0.59 36.13
CA TRP C 727 -26.16 -0.83 37.42
C TRP C 727 -25.66 -2.12 38.00
N MET C 728 -25.58 -3.16 37.19
CA MET C 728 -25.33 -4.48 37.73
C MET C 728 -23.95 -4.58 38.36
N GLY C 729 -23.06 -3.64 38.06
CA GLY C 729 -21.76 -3.60 38.68
C GLY C 729 -20.69 -4.38 37.96
N LEU C 730 -20.88 -4.69 36.69
CA LEU C 730 -19.90 -5.49 35.98
C LEU C 730 -18.57 -4.73 35.93
N PRO C 731 -17.44 -5.43 36.07
CA PRO C 731 -16.16 -4.74 35.94
C PRO C 731 -16.04 -4.10 34.57
N GLY C 732 -15.45 -2.90 34.54
CA GLY C 732 -15.36 -2.12 33.33
C GLY C 732 -16.57 -1.27 33.04
N GLU C 733 -17.72 -1.58 33.64
CA GLU C 733 -18.94 -0.79 33.52
C GLU C 733 -19.20 0.06 34.75
N ALA C 734 -19.11 -0.54 35.92
CA ALA C 734 -19.37 0.20 37.14
C ALA C 734 -18.44 1.39 37.26
N ILE C 735 -18.99 2.50 37.75
CA ILE C 735 -18.21 3.67 38.05
C ILE C 735 -17.93 3.70 39.55
N GLU C 736 -16.86 4.37 39.93
CA GLU C 736 -16.36 4.27 41.30
C GLU C 736 -17.42 4.66 42.32
N GLY C 737 -18.18 5.72 42.04
CA GLY C 737 -19.05 6.30 43.05
C GLY C 737 -20.48 5.81 42.98
N ASP C 738 -20.68 4.60 42.46
CA ASP C 738 -22.02 4.10 42.24
C ASP C 738 -22.56 3.41 43.49
N VAL C 739 -23.86 3.15 43.48
CA VAL C 739 -24.58 2.64 44.64
C VAL C 739 -25.60 1.61 44.20
N PRO C 740 -25.62 0.41 44.78
CA PRO C 740 -26.65 -0.57 44.39
C PRO C 740 -28.05 -0.02 44.58
N MET C 741 -28.94 -0.40 43.66
CA MET C 741 -30.18 0.36 43.48
C MET C 741 -31.43 -0.47 43.19
N SER C 742 -31.42 -1.79 43.38
CA SER C 742 -32.64 -2.57 43.33
C SER C 742 -33.35 -2.45 41.99
N ILE C 743 -32.73 -3.04 40.97
CA ILE C 743 -33.40 -3.21 39.68
C ILE C 743 -34.29 -4.42 39.75
N CYS C 744 -35.43 -4.33 39.07
CA CYS C 744 -36.23 -5.48 38.69
C CYS C 744 -36.32 -5.50 37.17
N LEU C 745 -36.77 -6.62 36.65
CA LEU C 745 -36.81 -6.83 35.22
C LEU C 745 -38.15 -6.38 34.63
N GLY C 746 -38.12 -6.02 33.35
CA GLY C 746 -39.33 -5.69 32.63
C GLY C 746 -39.29 -6.23 31.22
N SER C 747 -40.34 -6.95 30.82
CA SER C 747 -40.43 -7.50 29.47
C SER C 747 -41.05 -6.46 28.56
N ASP C 748 -40.22 -5.52 28.11
CA ASP C 748 -40.66 -4.51 27.16
C ASP C 748 -39.47 -4.12 26.30
N ASP C 749 -39.32 -4.79 25.16
CA ASP C 749 -38.29 -4.41 24.19
C ASP C 749 -38.99 -3.73 23.01
N PRO C 750 -38.79 -2.43 22.80
CA PRO C 750 -39.66 -1.71 21.87
C PRO C 750 -39.70 -2.31 20.47
N GLY C 751 -38.55 -2.72 19.95
CA GLY C 751 -38.47 -3.10 18.56
C GLY C 751 -38.26 -4.58 18.33
N ILE C 752 -38.96 -5.40 19.10
CA ILE C 752 -38.82 -6.85 19.01
C ILE C 752 -40.20 -7.46 18.83
N PHE C 753 -40.26 -8.48 17.97
CA PHE C 753 -41.48 -9.23 17.72
C PHE C 753 -41.48 -10.46 18.61
N ALA C 754 -42.60 -10.74 19.26
CA ALA C 754 -42.77 -11.95 20.06
C ALA C 754 -41.69 -12.03 21.15
N ALA C 755 -41.63 -10.97 21.95
CA ALA C 755 -40.67 -10.88 23.04
C ALA C 755 -41.27 -11.45 24.31
N ASP C 756 -40.41 -11.67 25.31
CA ASP C 756 -40.86 -12.19 26.59
C ASP C 756 -39.82 -11.91 27.66
N LEU C 757 -40.30 -11.90 28.91
CA LEU C 757 -39.38 -11.72 30.03
C LEU C 757 -38.35 -12.84 30.07
N LYS C 758 -38.80 -14.08 29.89
CA LYS C 758 -37.91 -15.22 29.90
C LYS C 758 -36.95 -15.17 28.71
N SER C 759 -37.44 -14.64 27.58
CA SER C 759 -36.55 -14.36 26.46
C SER C 759 -35.44 -13.42 26.87
N GLU C 760 -35.78 -12.27 27.44
CA GLU C 760 -34.77 -11.32 27.86
C GLU C 760 -33.88 -11.91 28.94
N PHE C 761 -34.42 -12.86 29.70
CA PHE C 761 -33.65 -13.45 30.77
C PHE C 761 -32.51 -14.27 30.20
N TYR C 762 -32.82 -15.17 29.26
CA TYR C 762 -31.74 -15.76 28.47
C TYR C 762 -30.85 -14.71 27.85
N HIS C 763 -31.42 -13.63 27.34
CA HIS C 763 -30.60 -12.63 26.67
C HIS C 763 -29.51 -12.13 27.60
N LEU C 764 -29.91 -11.75 28.81
CA LEU C 764 -28.97 -11.26 29.81
C LEU C 764 -27.97 -12.34 30.17
N PHE C 765 -28.47 -13.56 30.38
CA PHE C 765 -27.56 -14.67 30.72
C PHE C 765 -26.50 -14.83 29.65
N VAL C 766 -26.90 -14.82 28.39
CA VAL C 766 -25.96 -15.07 27.30
C VAL C 766 -24.95 -13.96 27.21
N VAL C 767 -25.41 -12.72 27.27
CA VAL C 767 -24.48 -11.60 27.15
C VAL C 767 -23.47 -11.64 28.28
N LEU C 768 -23.93 -11.85 29.51
CA LEU C 768 -23.00 -12.03 30.61
C LEU C 768 -21.98 -13.12 30.30
N THR C 769 -22.46 -14.32 30.00
CA THR C 769 -21.57 -15.45 29.84
C THR C 769 -20.54 -15.20 28.75
N ARG C 770 -20.97 -14.71 27.60
CA ARG C 770 -20.09 -14.60 26.44
C ARG C 770 -19.30 -13.30 26.42
N LYS C 771 -19.97 -12.15 26.35
CA LYS C 771 -19.27 -10.89 26.24
C LYS C 771 -18.48 -10.55 27.49
N PHE C 772 -18.90 -11.04 28.64
CA PHE C 772 -18.20 -10.78 29.88
C PHE C 772 -17.54 -12.02 30.46
N GLY C 773 -17.71 -13.17 29.82
CA GLY C 773 -17.00 -14.35 30.24
C GLY C 773 -17.37 -14.86 31.61
N LEU C 774 -18.44 -14.34 32.21
CA LEU C 774 -18.84 -14.82 33.53
C LEU C 774 -19.18 -16.29 33.48
N SER C 775 -18.79 -17.02 34.52
CA SER C 775 -19.19 -18.40 34.60
C SER C 775 -20.70 -18.48 34.73
N PRO C 776 -21.30 -19.58 34.27
CA PRO C 776 -22.76 -19.64 34.27
C PRO C 776 -23.36 -19.41 35.64
N ALA C 777 -22.71 -19.90 36.68
CA ALA C 777 -23.18 -19.61 38.04
C ALA C 777 -23.16 -18.10 38.29
N ASP C 778 -22.07 -17.45 37.88
CA ASP C 778 -21.98 -16.01 38.08
C ASP C 778 -23.13 -15.29 37.39
N ALA C 779 -23.34 -15.59 36.11
CA ALA C 779 -24.39 -14.92 35.37
C ALA C 779 -25.76 -15.21 35.98
N LEU C 780 -26.00 -16.47 36.35
CA LEU C 780 -27.29 -16.84 36.90
C LEU C 780 -27.55 -16.08 38.19
N ARG C 781 -26.55 -16.03 39.08
CA ARG C 781 -26.72 -15.27 40.31
C ARG C 781 -26.99 -13.81 40.01
N LYS C 782 -26.19 -13.23 39.12
CA LYS C 782 -26.35 -11.81 38.81
C LYS C 782 -27.77 -11.51 38.36
N VAL C 783 -28.27 -12.23 37.36
CA VAL C 783 -29.59 -11.91 36.84
C VAL C 783 -30.66 -12.27 37.86
N ALA C 784 -30.51 -13.41 38.54
CA ALA C 784 -31.48 -13.81 39.53
C ALA C 784 -31.61 -12.77 40.62
N GLU C 785 -30.56 -12.00 40.88
CA GLU C 785 -30.70 -10.93 41.87
C GLU C 785 -31.74 -9.92 41.44
N VAL C 786 -31.69 -9.48 40.18
CA VAL C 786 -32.71 -8.56 39.68
C VAL C 786 -34.07 -9.22 39.69
N ASN C 787 -34.13 -10.49 39.25
CA ASN C 787 -35.41 -11.19 39.24
C ASN C 787 -36.01 -11.19 40.63
N GLU C 788 -35.22 -11.55 41.63
CA GLU C 788 -35.72 -11.62 42.99
C GLU C 788 -36.04 -10.25 43.55
N ASN C 789 -35.31 -9.21 43.11
CA ASN C 789 -35.79 -7.86 43.37
C ASN C 789 -37.21 -7.71 42.87
N GLY C 790 -37.50 -8.31 41.73
CA GLY C 790 -38.86 -8.29 41.22
C GLY C 790 -39.86 -8.83 42.22
N ARG C 791 -39.54 -9.97 42.84
CA ARG C 791 -40.44 -10.54 43.83
C ARG C 791 -40.45 -9.70 45.11
N ILE C 792 -39.31 -9.14 45.48
CA ILE C 792 -39.21 -8.36 46.71
C ILE C 792 -40.10 -7.14 46.63
N TYR C 793 -40.10 -6.47 45.49
CA TYR C 793 -40.85 -5.24 45.32
C TYR C 793 -42.09 -5.43 44.47
N ARG C 794 -42.51 -6.67 44.26
CA ARG C 794 -43.78 -6.92 43.61
C ARG C 794 -44.89 -6.24 44.39
N PHE C 795 -45.94 -5.85 43.68
CA PHE C 795 -47.02 -5.10 44.26
C PHE C 795 -48.10 -6.00 44.83
N HIS C 796 -48.16 -7.25 44.41
CA HIS C 796 -49.29 -8.12 44.71
C HIS C 796 -49.64 -8.06 46.20
N ASP C 797 -50.90 -8.36 46.51
CA ASP C 797 -51.32 -8.43 47.89
C ASP C 797 -50.50 -9.47 48.65
N VAL C 798 -50.33 -9.24 49.94
CA VAL C 798 -49.65 -10.18 50.79
C VAL C 798 -50.68 -11.11 51.44
N MET D 1 -29.31 21.60 12.09
CA MET D 1 -30.59 21.31 11.40
C MET D 1 -30.58 22.02 10.07
N GLU D 2 -29.96 23.20 10.09
CA GLU D 2 -29.86 24.06 8.93
C GLU D 2 -29.47 23.28 7.67
N ARG D 3 -28.53 22.36 7.78
CA ARG D 3 -28.01 21.69 6.58
C ARG D 3 -29.12 21.01 5.80
N PHE D 4 -30.13 20.53 6.50
CA PHE D 4 -31.21 19.83 5.83
C PHE D 4 -32.01 20.76 4.94
N LEU D 5 -32.13 22.03 5.33
CA LEU D 5 -32.87 23.00 4.55
C LEU D 5 -32.19 23.34 3.24
N LEU D 6 -30.89 23.08 3.14
CA LEU D 6 -30.14 23.36 1.93
C LEU D 6 -29.78 22.10 1.17
N ASN D 7 -29.86 20.93 1.80
CA ASN D 7 -29.52 19.67 1.16
C ASN D 7 -30.64 18.68 1.48
N SER D 8 -31.57 18.52 0.54
CA SER D 8 -32.70 17.62 0.76
C SER D 8 -33.33 17.29 -0.59
N THR D 9 -33.24 16.02 -0.99
CA THR D 9 -33.90 15.60 -2.22
C THR D 9 -35.40 15.78 -2.11
N VAL D 10 -35.99 15.42 -0.97
CA VAL D 10 -37.42 15.56 -0.79
C VAL D 10 -37.82 17.02 -0.85
N LEU D 11 -37.03 17.89 -0.23
CA LEU D 11 -37.33 19.32 -0.29
C LEU D 11 -37.30 19.79 -1.73
N LEU D 12 -36.25 19.40 -2.46
CA LEU D 12 -36.18 19.74 -3.88
C LEU D 12 -37.43 19.29 -4.60
N TYR D 13 -37.82 18.03 -4.38
CA TYR D 13 -38.99 17.49 -5.05
C TYR D 13 -40.22 18.33 -4.75
N ARG D 14 -40.48 18.59 -3.48
CA ARG D 14 -41.70 19.31 -3.11
C ARG D 14 -41.69 20.71 -3.69
N LEU D 15 -40.58 21.43 -3.50
CA LEU D 15 -40.51 22.79 -4.01
C LEU D 15 -40.72 22.82 -5.52
N SER D 16 -39.96 22.03 -6.27
CA SER D 16 -40.12 21.97 -7.71
C SER D 16 -41.54 21.61 -8.12
N THR D 17 -42.16 20.67 -7.42
CA THR D 17 -43.48 20.18 -7.77
C THR D 17 -44.58 21.21 -7.53
N VAL D 18 -44.49 21.97 -6.44
CA VAL D 18 -45.56 22.91 -6.13
C VAL D 18 -45.38 24.19 -6.93
N SER D 19 -46.51 24.81 -7.28
CA SER D 19 -46.48 25.99 -8.13
C SER D 19 -45.75 27.13 -7.45
N LEU D 20 -45.46 28.15 -8.25
CA LEU D 20 -44.69 29.31 -7.80
C LEU D 20 -45.54 30.31 -7.05
N ASP D 21 -46.86 30.15 -7.02
CA ASP D 21 -47.74 31.09 -6.34
C ASP D 21 -48.43 30.45 -5.15
N GLU D 22 -47.86 29.38 -4.61
CA GLU D 22 -48.58 28.58 -3.62
C GLU D 22 -48.67 29.28 -2.27
N VAL D 23 -47.52 29.56 -1.63
CA VAL D 23 -47.45 30.32 -0.38
C VAL D 23 -48.11 29.59 0.79
N SER D 24 -47.63 29.84 2.01
CA SER D 24 -48.14 29.23 3.24
C SER D 24 -47.92 27.71 3.23
N LEU D 25 -46.63 27.36 3.10
CA LEU D 25 -46.11 26.00 2.86
C LEU D 25 -45.12 25.52 3.97
N ASP D 26 -44.82 26.39 4.91
CA ASP D 26 -43.81 26.09 5.91
C ASP D 26 -44.01 24.69 6.52
N GLU D 27 -45.24 24.19 6.59
CA GLU D 27 -45.37 22.77 6.89
C GLU D 27 -44.60 21.90 5.91
N ARG D 28 -44.58 22.25 4.62
CA ARG D 28 -43.93 21.27 3.75
C ARG D 28 -42.51 21.22 4.21
N VAL D 29 -41.93 22.37 4.56
CA VAL D 29 -40.56 22.31 5.07
C VAL D 29 -40.46 21.49 6.33
N GLU D 30 -41.27 21.79 7.35
CA GLU D 30 -40.96 21.13 8.63
C GLU D 30 -41.06 19.62 8.47
N SER D 31 -42.09 19.17 7.76
CA SER D 31 -42.22 17.75 7.46
C SER D 31 -41.02 17.22 6.67
N SER D 32 -40.71 17.88 5.54
CA SER D 32 -39.64 17.38 4.68
C SER D 32 -38.31 17.35 5.40
N VAL D 33 -38.09 18.31 6.29
CA VAL D 33 -36.85 18.38 7.04
C VAL D 33 -36.77 17.19 7.98
N PHE D 34 -37.86 16.90 8.70
CA PHE D 34 -37.83 15.73 9.55
C PHE D 34 -37.52 14.48 8.74
N LEU D 35 -38.13 14.35 7.57
CA LEU D 35 -37.72 13.25 6.70
C LEU D 35 -36.22 13.27 6.45
N ALA D 36 -35.75 14.28 5.72
CA ALA D 36 -34.36 14.26 5.24
C ALA D 36 -33.40 13.95 6.36
N GLN D 37 -33.60 14.56 7.52
CA GLN D 37 -32.74 14.25 8.66
C GLN D 37 -32.91 12.78 9.08
N TYR D 38 -34.14 12.26 9.04
CA TYR D 38 -34.32 10.86 9.37
C TYR D 38 -33.45 9.99 8.49
N GLU D 39 -33.46 10.24 7.18
CA GLU D 39 -32.62 9.44 6.29
C GLU D 39 -31.14 9.64 6.60
N GLN D 40 -30.70 10.89 6.65
CA GLN D 40 -29.26 11.16 6.68
C GLN D 40 -28.68 10.94 8.08
N ALA D 41 -29.12 11.74 9.04
CA ALA D 41 -28.73 11.59 10.44
C ALA D 41 -29.87 10.84 11.13
N ARG D 42 -29.91 9.53 10.90
CA ARG D 42 -30.96 8.71 11.48
C ARG D 42 -30.91 8.70 13.01
N SER D 43 -29.71 8.79 13.59
CA SER D 43 -29.52 8.54 15.02
C SER D 43 -30.18 9.57 15.93
N LEU D 44 -30.61 10.71 15.41
CA LEU D 44 -31.18 11.73 16.27
C LEU D 44 -32.42 11.18 16.98
N PRO D 45 -32.63 11.54 18.24
CA PRO D 45 -33.62 10.82 19.06
C PRO D 45 -35.02 11.38 19.00
N ASP D 46 -35.49 11.68 17.80
CA ASP D 46 -36.91 11.88 17.54
C ASP D 46 -37.51 13.13 18.18
N HIS D 47 -36.72 13.82 19.03
CA HIS D 47 -37.24 15.01 19.69
C HIS D 47 -36.25 16.15 19.52
N VAL D 48 -34.97 15.80 19.42
CA VAL D 48 -33.95 16.81 19.22
C VAL D 48 -34.19 17.52 17.90
N ALA D 49 -34.57 16.77 16.87
CA ALA D 49 -34.88 17.39 15.59
C ALA D 49 -36.03 18.36 15.73
N LYS D 50 -37.08 17.95 16.43
CA LYS D 50 -38.23 18.83 16.64
C LYS D 50 -37.79 20.10 17.33
N SER D 51 -37.05 19.96 18.42
CA SER D 51 -36.62 21.12 19.19
C SER D 51 -35.73 22.03 18.36
N ALA D 52 -34.81 21.44 17.59
CA ALA D 52 -33.90 22.24 16.79
C ALA D 52 -34.65 23.04 15.73
N TRP D 53 -35.56 22.38 15.01
CA TRP D 53 -36.36 23.11 14.04
C TRP D 53 -37.19 24.19 14.72
N SER D 54 -37.76 23.87 15.87
CA SER D 54 -38.56 24.85 16.58
C SER D 54 -37.74 26.06 16.96
N TYR D 55 -36.53 25.85 17.49
CA TYR D 55 -35.67 26.96 17.85
C TYR D 55 -35.24 27.73 16.62
N LEU D 56 -35.03 27.04 15.51
CA LEU D 56 -34.66 27.72 14.28
C LEU D 56 -35.77 28.68 13.85
N VAL D 57 -36.99 28.18 13.76
CA VAL D 57 -38.10 29.05 13.36
C VAL D 57 -38.29 30.13 14.40
N GLN D 58 -38.04 29.80 15.66
CA GLN D 58 -38.07 30.78 16.73
C GLN D 58 -37.15 31.95 16.41
N GLN D 59 -35.91 31.64 16.08
CA GLN D 59 -34.94 32.67 15.71
C GLN D 59 -35.43 33.44 14.49
N ILE D 60 -35.96 32.73 13.51
CA ILE D 60 -36.40 33.37 12.28
C ILE D 60 -37.48 34.41 12.58
N LYS D 61 -38.49 34.00 13.33
CA LYS D 61 -39.57 34.91 13.67
C LYS D 61 -39.06 36.07 14.52
N GLN D 62 -38.18 35.77 15.48
CA GLN D 62 -37.68 36.83 16.36
C GLN D 62 -36.93 37.87 15.56
N ARG D 63 -36.09 37.43 14.62
CA ARG D 63 -35.31 38.35 13.82
C ARG D 63 -36.07 38.86 12.61
N ASN D 64 -37.31 38.41 12.42
CA ASN D 64 -38.21 38.98 11.43
C ASN D 64 -37.73 38.70 10.01
N MET D 65 -37.28 37.49 9.77
CA MET D 65 -37.04 37.02 8.42
C MET D 65 -38.10 36.02 8.02
N LYS D 66 -38.14 35.73 6.73
CA LYS D 66 -38.98 34.68 6.19
C LYS D 66 -38.15 33.42 6.12
N LEU D 67 -38.77 32.29 6.43
CA LEU D 67 -38.07 31.02 6.28
C LEU D 67 -37.46 31.00 4.90
N GLY D 68 -36.14 30.93 4.82
CA GLY D 68 -35.48 30.87 3.54
C GLY D 68 -33.99 31.02 3.56
N PRO D 69 -33.37 30.72 2.41
CA PRO D 69 -31.91 30.67 2.38
C PRO D 69 -31.28 31.99 2.79
N VAL D 70 -31.95 33.12 2.57
CA VAL D 70 -31.45 34.37 3.13
C VAL D 70 -31.22 34.22 4.63
N ALA D 71 -32.28 33.90 5.37
CA ALA D 71 -32.17 33.78 6.81
C ALA D 71 -31.21 32.67 7.19
N ILE D 72 -31.29 31.54 6.49
CA ILE D 72 -30.46 30.40 6.84
C ILE D 72 -28.99 30.78 6.72
N LEU D 73 -28.62 31.37 5.59
CA LEU D 73 -27.23 31.76 5.37
C LEU D 73 -26.80 32.81 6.36
N ARG D 74 -27.67 33.77 6.66
CA ARG D 74 -27.31 34.78 7.64
C ARG D 74 -26.99 34.13 8.98
N LEU D 75 -27.83 33.19 9.39
CA LEU D 75 -27.59 32.46 10.63
C LEU D 75 -26.26 31.72 10.56
N ILE D 76 -26.03 31.02 9.46
CA ILE D 76 -24.83 30.20 9.34
C ILE D 76 -23.59 31.09 9.39
N ALA D 77 -23.62 32.21 8.69
CA ALA D 77 -22.47 33.10 8.65
C ALA D 77 -22.20 33.71 10.01
N GLU D 78 -23.24 34.29 10.63
CA GLU D 78 -23.03 34.85 11.95
C GLU D 78 -22.51 33.80 12.91
N LYS D 79 -22.95 32.54 12.75
CA LYS D 79 -22.58 31.51 13.71
C LYS D 79 -21.16 31.00 13.48
N PHE D 80 -20.75 30.87 12.22
CA PHE D 80 -19.44 30.35 11.88
C PHE D 80 -18.39 31.43 11.69
N ILE D 81 -18.60 32.31 10.71
CA ILE D 81 -17.56 33.17 10.18
C ILE D 81 -17.50 34.46 10.97
N LYS D 82 -16.31 35.05 11.02
CA LYS D 82 -16.12 36.39 11.52
C LYS D 82 -15.28 37.18 10.53
N ASN D 83 -15.06 38.45 10.81
CA ASN D 83 -14.10 39.28 10.08
C ASN D 83 -12.88 39.42 10.98
N GLU D 84 -11.71 39.02 10.47
CA GLU D 84 -10.57 38.81 11.34
C GLU D 84 -9.27 39.03 10.58
N LYS D 85 -8.49 40.01 11.05
CA LYS D 85 -7.17 40.27 10.48
C LYS D 85 -7.24 40.43 8.97
N GLY D 86 -7.26 39.33 8.25
CA GLY D 86 -7.29 39.38 6.80
C GLY D 86 -8.43 38.56 6.26
N GLY D 87 -9.41 39.23 5.67
CA GLY D 87 -10.59 38.55 5.19
C GLY D 87 -11.32 37.89 6.34
N PRO D 88 -12.58 37.52 6.13
CA PRO D 88 -13.28 36.76 7.15
C PRO D 88 -12.58 35.45 7.44
N LYS D 89 -12.59 35.04 8.70
CA LYS D 89 -12.03 33.77 9.12
C LYS D 89 -13.00 33.08 10.05
N ILE D 90 -12.70 31.82 10.35
CA ILE D 90 -13.63 30.93 11.03
C ILE D 90 -13.10 30.58 12.41
N ASP D 91 -14.02 30.31 13.33
CA ASP D 91 -13.66 30.01 14.70
C ASP D 91 -12.95 28.66 14.80
N LEU D 92 -11.84 28.66 15.52
CA LEU D 92 -11.10 27.42 15.75
C LEU D 92 -11.97 26.34 16.37
N PRO D 93 -12.68 26.60 17.48
CA PRO D 93 -13.51 25.53 18.06
C PRO D 93 -14.55 24.98 17.11
N MET D 94 -15.04 25.78 16.16
CA MET D 94 -16.13 25.36 15.29
C MET D 94 -15.64 24.80 13.96
N PHE D 95 -14.33 24.66 13.79
CA PHE D 95 -13.80 24.29 12.49
C PHE D 95 -14.28 22.90 12.07
N SER D 96 -14.10 21.90 12.92
CA SER D 96 -14.56 20.55 12.60
C SER D 96 -16.02 20.56 12.18
N GLU D 97 -16.83 21.35 12.87
CA GLU D 97 -18.24 21.43 12.54
C GLU D 97 -18.44 22.04 11.16
N TRP D 98 -17.68 23.08 10.87
CA TRP D 98 -17.72 23.65 9.54
C TRP D 98 -17.44 22.58 8.49
N GLN D 99 -16.47 21.71 8.76
CA GLN D 99 -16.14 20.66 7.80
C GLN D 99 -17.28 19.66 7.69
N THR D 100 -17.88 19.30 8.82
CA THR D 100 -19.03 18.42 8.78
C THR D 100 -20.10 19.00 7.87
N LEU D 101 -20.29 20.32 7.94
CA LEU D 101 -21.27 20.96 7.07
C LEU D 101 -20.82 20.97 5.62
N MET D 102 -19.57 21.34 5.38
CA MET D 102 -19.05 21.36 4.02
C MET D 102 -19.15 19.99 3.37
N SER D 103 -19.16 18.94 4.17
CA SER D 103 -19.51 17.62 3.67
C SER D 103 -20.87 17.60 3.01
N ARG D 104 -21.71 18.59 3.29
CA ARG D 104 -23.07 18.63 2.77
C ARG D 104 -23.38 19.80 1.86
N VAL D 105 -22.69 20.93 2.01
CA VAL D 105 -23.08 22.15 1.31
C VAL D 105 -21.85 22.87 0.78
N SER D 106 -22.11 23.94 0.03
CA SER D 106 -21.07 24.78 -0.53
C SER D 106 -20.91 26.08 0.27
N CYS D 107 -19.67 26.50 0.42
CA CYS D 107 -19.33 27.72 1.14
C CYS D 107 -19.71 28.99 0.40
N LEU D 108 -19.54 29.03 -0.91
CA LEU D 108 -19.63 30.29 -1.65
C LEU D 108 -20.86 31.10 -1.29
N PRO D 109 -22.06 30.54 -1.22
CA PRO D 109 -23.22 31.37 -0.88
C PRO D 109 -23.11 31.97 0.50
N ILE D 110 -22.71 31.15 1.47
CA ILE D 110 -22.52 31.64 2.83
C ILE D 110 -21.50 32.77 2.82
N ILE D 111 -20.45 32.61 2.03
CA ILE D 111 -19.40 33.61 1.95
C ILE D 111 -19.98 34.93 1.46
N ALA D 112 -20.72 34.89 0.36
CA ALA D 112 -21.31 36.10 -0.17
C ALA D 112 -22.24 36.74 0.85
N CYS D 113 -23.02 35.91 1.55
CA CYS D 113 -23.94 36.46 2.55
C CYS D 113 -23.18 37.17 3.66
N HIS D 114 -22.06 36.57 4.10
CA HIS D 114 -21.28 37.22 5.14
C HIS D 114 -20.72 38.54 4.64
N GLN D 115 -20.24 38.56 3.40
CA GLN D 115 -19.77 39.83 2.86
C GLN D 115 -20.89 40.86 2.86
N VAL D 116 -22.11 40.43 2.53
CA VAL D 116 -23.21 41.37 2.40
C VAL D 116 -23.59 41.94 3.76
N PHE D 117 -23.85 41.06 4.73
CA PHE D 117 -24.39 41.48 6.02
C PHE D 117 -23.32 41.81 7.05
N ASN D 118 -22.07 41.55 6.75
CA ASN D 118 -20.97 41.77 7.67
C ASN D 118 -19.67 41.88 6.89
N PRO D 119 -19.59 42.81 5.95
CA PRO D 119 -18.31 43.01 5.26
C PRO D 119 -17.25 43.50 6.23
N GLY D 120 -16.01 43.10 5.97
CA GLY D 120 -14.90 43.54 6.77
C GLY D 120 -14.53 44.96 6.43
N PRO D 121 -13.50 45.49 7.08
CA PRO D 121 -13.06 46.86 6.75
C PRO D 121 -12.77 46.99 5.27
N ALA D 122 -13.33 48.04 4.68
CA ALA D 122 -13.21 48.25 3.24
C ALA D 122 -11.75 48.36 2.85
N TYR D 126 -11.88 43.00 -1.19
CA TYR D 126 -11.77 41.56 -1.00
C TYR D 126 -11.97 40.80 -2.31
N SER D 127 -11.21 39.72 -2.46
CA SER D 127 -11.36 38.80 -3.57
C SER D 127 -11.80 37.44 -3.03
N PHE D 128 -12.84 36.87 -3.63
CA PHE D 128 -13.31 35.56 -3.19
C PHE D 128 -12.14 34.57 -3.21
N ARG D 129 -12.05 33.78 -2.15
CA ARG D 129 -11.04 32.73 -2.08
C ARG D 129 -11.59 31.57 -1.28
N TRP D 130 -11.50 30.39 -1.86
CA TRP D 130 -11.89 29.18 -1.19
C TRP D 130 -10.66 28.30 -0.95
N PRO D 131 -10.68 27.46 0.10
CA PRO D 131 -11.72 27.45 1.13
C PRO D 131 -11.46 28.52 2.19
N LEU D 132 -12.42 28.70 3.09
CA LEU D 132 -12.22 29.58 4.24
C LEU D 132 -11.24 28.92 5.19
N TYR D 133 -10.76 29.69 6.15
CA TYR D 133 -9.86 29.16 7.16
C TYR D 133 -10.12 29.80 8.51
N PRO D 134 -9.78 29.12 9.59
CA PRO D 134 -9.56 29.79 10.86
C PRO D 134 -8.19 30.46 10.85
N TYR D 135 -7.81 30.99 12.00
CA TYR D 135 -6.53 31.67 12.16
C TYR D 135 -5.80 31.09 13.36
N HIS D 136 -4.48 30.98 13.24
CA HIS D 136 -3.66 30.89 14.43
C HIS D 136 -2.25 31.37 14.13
N PRO D 137 -1.78 32.38 14.86
CA PRO D 137 -0.53 33.04 14.45
C PRO D 137 0.64 32.10 14.33
N THR D 138 0.79 31.16 15.27
CA THR D 138 1.94 30.26 15.24
C THR D 138 1.89 29.38 13.99
N VAL D 139 0.72 28.81 13.72
CA VAL D 139 0.58 27.95 12.55
C VAL D 139 0.84 28.74 11.29
N GLU D 140 0.33 29.97 11.22
CA GLU D 140 0.54 30.79 10.04
C GLU D 140 2.03 31.06 9.86
N ASP D 141 2.73 31.37 10.93
CA ASP D 141 4.17 31.60 10.84
C ASP D 141 4.89 30.35 10.35
N TYR D 142 4.51 29.19 10.89
CA TYR D 142 5.09 27.94 10.41
C TYR D 142 4.87 27.77 8.92
N ILE D 143 3.64 27.94 8.47
CA ILE D 143 3.33 27.72 7.07
C ILE D 143 4.15 28.68 6.21
N THR D 144 4.22 29.94 6.64
CA THR D 144 5.01 30.92 5.91
C THR D 144 6.46 30.49 5.81
N ARG D 145 7.05 30.10 6.94
CA ARG D 145 8.48 29.80 6.96
C ARG D 145 8.79 28.53 6.19
N GLU D 146 7.85 27.59 6.13
CA GLU D 146 8.10 26.30 5.51
C GLU D 146 7.16 25.95 4.37
N CYS D 147 5.97 26.55 4.34
CA CYS D 147 4.97 26.20 3.33
C CYS D 147 4.61 24.73 3.46
N LEU D 148 3.54 24.31 2.78
CA LEU D 148 3.09 22.94 2.84
C LEU D 148 3.61 22.16 1.65
N HIS D 149 3.26 20.87 1.60
CA HIS D 149 3.74 19.95 0.58
C HIS D 149 2.62 18.96 0.28
N GLU D 150 1.99 19.12 -0.88
CA GLU D 150 0.84 18.32 -1.28
C GLU D 150 1.32 17.00 -1.85
N THR D 151 0.86 15.90 -1.26
CA THR D 151 1.32 14.57 -1.61
C THR D 151 0.19 13.64 -2.03
N HIS D 152 -1.07 13.97 -1.76
CA HIS D 152 -2.15 13.05 -2.13
C HIS D 152 -3.33 13.90 -2.57
N GLN D 153 -3.44 14.13 -3.88
CA GLN D 153 -4.55 14.88 -4.47
C GLN D 153 -4.95 14.20 -5.77
N HIS D 154 -5.91 13.27 -5.68
CA HIS D 154 -6.39 12.57 -6.86
C HIS D 154 -7.88 12.30 -6.83
N LEU D 155 -8.67 13.05 -6.06
CA LEU D 155 -10.07 12.69 -5.85
C LEU D 155 -10.93 13.01 -7.07
N ASN D 156 -11.03 14.29 -7.41
CA ASN D 156 -11.82 14.74 -8.55
C ASN D 156 -10.79 15.28 -9.54
N GLY D 157 -10.23 14.39 -10.35
CA GLY D 157 -9.04 14.76 -11.06
C GLY D 157 -8.04 15.18 -10.01
N SER D 158 -7.82 16.48 -9.91
CA SER D 158 -7.15 17.03 -8.74
C SER D 158 -7.84 18.30 -8.25
N THR D 159 -9.06 18.57 -8.71
CA THR D 159 -9.74 19.84 -8.45
C THR D 159 -10.85 19.67 -7.41
N SER D 160 -11.26 20.81 -6.87
CA SER D 160 -12.43 20.87 -6.01
C SER D 160 -13.70 20.89 -6.85
N ALA D 161 -14.74 20.23 -6.34
CA ALA D 161 -15.97 20.03 -7.09
C ALA D 161 -16.70 21.31 -7.44
N GLU D 162 -16.82 22.25 -6.50
CA GLU D 162 -17.63 23.45 -6.73
C GLU D 162 -17.32 24.06 -8.08
N GLU D 163 -16.07 24.01 -8.51
CA GLU D 163 -15.73 24.40 -9.87
C GLU D 163 -16.32 23.44 -10.89
N CYS D 164 -16.37 22.15 -10.58
CA CYS D 164 -16.90 21.18 -11.53
C CYS D 164 -18.38 21.43 -11.80
N TRP D 165 -19.13 21.93 -10.81
CA TRP D 165 -20.52 22.26 -11.06
C TRP D 165 -20.64 23.38 -12.09
N LEU D 166 -19.88 24.46 -11.87
CA LEU D 166 -19.81 25.52 -12.86
C LEU D 166 -19.39 24.98 -14.21
N ASP D 167 -18.45 24.04 -14.21
CA ASP D 167 -18.00 23.43 -15.45
C ASP D 167 -19.15 22.71 -16.14
N ALA D 168 -19.97 22.01 -15.36
CA ALA D 168 -21.15 21.35 -15.92
C ALA D 168 -22.07 22.37 -16.56
N LEU D 169 -22.39 23.44 -15.85
CA LEU D 169 -23.24 24.47 -16.43
C LEU D 169 -22.63 25.05 -17.70
N LYS D 170 -21.31 25.13 -17.73
CA LYS D 170 -20.63 25.57 -18.94
C LYS D 170 -20.81 24.57 -20.07
N HIS D 171 -20.72 23.28 -19.76
CA HIS D 171 -20.86 22.21 -20.75
C HIS D 171 -21.94 21.24 -20.27
N PRO D 172 -23.18 21.71 -20.17
CA PRO D 172 -24.22 20.83 -19.62
C PRO D 172 -24.34 19.52 -20.36
N GLU D 173 -24.56 19.60 -21.67
CA GLU D 173 -24.59 18.40 -22.50
C GLU D 173 -23.49 17.41 -22.13
N ALA D 174 -22.28 17.90 -21.86
CA ALA D 174 -21.17 16.99 -21.60
C ALA D 174 -21.38 16.21 -20.31
N CYS D 175 -21.79 16.89 -19.25
CA CYS D 175 -22.04 16.20 -18.00
C CYS D 175 -23.18 15.21 -18.17
N LEU D 176 -24.19 15.57 -18.96
CA LEU D 176 -25.18 14.58 -19.34
C LEU D 176 -24.51 13.35 -19.92
N ARG D 177 -23.79 13.53 -21.02
CA ARG D 177 -23.14 12.41 -21.70
C ARG D 177 -22.46 11.52 -20.67
N ASP D 178 -21.64 12.12 -19.81
CA ASP D 178 -20.94 11.35 -18.81
C ASP D 178 -21.91 10.60 -17.91
N PHE D 179 -22.99 11.27 -17.50
CA PHE D 179 -23.98 10.62 -16.66
C PHE D 179 -24.52 9.37 -17.34
N GLU D 180 -25.20 9.55 -18.46
CA GLU D 180 -25.90 8.40 -19.05
C GLU D 180 -24.91 7.30 -19.39
N LYS D 181 -23.73 7.67 -19.89
CA LYS D 181 -22.68 6.68 -20.15
C LYS D 181 -22.07 6.33 -18.80
N GLY D 182 -22.65 5.31 -18.19
CA GLY D 182 -22.36 4.96 -16.82
C GLY D 182 -23.66 4.71 -16.08
N TRP D 183 -24.72 5.43 -16.48
CA TRP D 183 -26.04 5.13 -15.96
C TRP D 183 -26.43 3.69 -16.23
N ALA D 184 -26.01 3.14 -17.38
CA ALA D 184 -26.19 1.72 -17.64
C ALA D 184 -25.39 0.86 -16.69
N SER D 185 -24.18 1.28 -16.32
CA SER D 185 -23.40 0.56 -15.34
C SER D 185 -24.20 0.43 -14.05
N GLN D 186 -24.23 -0.79 -13.50
CA GLN D 186 -25.03 -1.02 -12.32
C GLN D 186 -24.63 -0.07 -11.19
N GLU D 187 -23.33 0.03 -10.90
CA GLU D 187 -22.88 0.66 -9.67
C GLU D 187 -23.51 2.03 -9.49
N MET D 188 -23.44 2.87 -10.52
CA MET D 188 -23.96 4.22 -10.36
C MET D 188 -25.47 4.20 -10.31
N LYS D 189 -26.12 3.16 -10.85
CA LYS D 189 -27.54 3.04 -10.64
C LYS D 189 -27.86 2.93 -9.16
N GLN D 190 -27.12 2.08 -8.44
CA GLN D 190 -27.35 2.00 -7.00
C GLN D 190 -27.02 3.32 -6.32
N LEU D 191 -25.92 3.96 -6.73
CA LEU D 191 -25.57 5.22 -6.10
C LEU D 191 -26.68 6.24 -6.28
N CYS D 192 -27.19 6.34 -7.51
CA CYS D 192 -28.28 7.27 -7.80
C CYS D 192 -29.51 6.94 -7.00
N ALA D 193 -29.89 5.67 -6.92
CA ALA D 193 -31.07 5.31 -6.14
C ALA D 193 -30.87 5.69 -4.68
N GLN D 194 -29.69 5.40 -4.14
CA GLN D 194 -29.39 5.71 -2.76
C GLN D 194 -29.46 7.21 -2.49
N ILE D 195 -29.09 8.01 -3.47
CA ILE D 195 -29.06 9.45 -3.25
C ILE D 195 -30.43 10.06 -3.52
N ASP D 196 -30.89 9.97 -4.77
CA ASP D 196 -32.26 10.30 -5.16
C ASP D 196 -32.87 9.07 -5.80
N PRO D 197 -33.84 8.42 -5.17
CA PRO D 197 -34.48 7.26 -5.81
C PRO D 197 -34.96 7.54 -7.22
N SER D 198 -35.76 8.58 -7.42
CA SER D 198 -36.31 8.91 -8.73
C SER D 198 -35.43 9.95 -9.43
N LEU D 199 -34.16 9.61 -9.61
CA LEU D 199 -33.23 10.57 -10.19
C LEU D 199 -33.33 10.58 -11.71
N THR D 200 -32.93 9.46 -12.32
CA THR D 200 -32.97 9.23 -13.77
C THR D 200 -32.30 10.35 -14.57
N PRO D 201 -31.71 10.01 -15.72
CA PRO D 201 -31.10 11.05 -16.55
C PRO D 201 -32.10 12.09 -17.02
N ARG D 202 -33.37 11.71 -17.16
CA ARG D 202 -34.35 12.67 -17.63
C ARG D 202 -34.45 13.85 -16.67
N ILE D 203 -34.75 13.57 -15.40
CA ILE D 203 -34.84 14.66 -14.45
C ILE D 203 -33.45 15.21 -14.16
N PHE D 204 -32.41 14.44 -14.44
CA PHE D 204 -31.06 14.99 -14.37
C PHE D 204 -30.93 16.19 -15.30
N LYS D 205 -31.24 15.97 -16.57
CA LYS D 205 -31.26 17.05 -17.54
C LYS D 205 -32.20 18.16 -17.08
N ASP D 206 -33.39 17.78 -16.62
CA ASP D 206 -34.36 18.79 -16.23
C ASP D 206 -33.79 19.72 -15.16
N ARG D 207 -33.26 19.13 -14.09
CA ARG D 207 -32.72 19.92 -13.00
C ARG D 207 -31.57 20.78 -13.47
N LEU D 208 -30.69 20.22 -14.29
CA LEU D 208 -29.55 21.00 -14.76
C LEU D 208 -30.02 22.24 -15.52
N GLN D 209 -30.87 22.04 -16.53
CA GLN D 209 -31.29 23.17 -17.34
C GLN D 209 -32.11 24.14 -16.52
N ILE D 210 -32.86 23.62 -15.54
CA ILE D 210 -33.60 24.48 -14.63
C ILE D 210 -32.64 25.36 -13.86
N ALA D 211 -31.57 24.78 -13.33
CA ALA D 211 -30.62 25.57 -12.55
C ALA D 211 -30.01 26.65 -13.41
N CYS D 212 -29.68 26.31 -14.66
CA CYS D 212 -29.21 27.33 -15.59
C CYS D 212 -30.23 28.45 -15.69
N ASN D 213 -31.51 28.08 -15.88
CA ASN D 213 -32.56 29.07 -16.01
C ASN D 213 -32.59 29.98 -14.79
N ILE D 214 -32.54 29.37 -13.61
CA ILE D 214 -32.65 30.11 -12.36
C ILE D 214 -31.52 31.10 -12.25
N ARG D 215 -30.30 30.65 -12.54
CA ARG D 215 -29.17 31.54 -12.41
C ARG D 215 -29.32 32.72 -13.35
N GLU D 216 -29.77 32.45 -14.58
CA GLU D 216 -30.01 33.52 -15.53
C GLU D 216 -31.01 34.53 -14.98
N ILE D 217 -32.16 34.05 -14.50
CA ILE D 217 -33.24 34.94 -14.08
C ILE D 217 -32.82 35.72 -12.85
N LEU D 218 -32.26 35.03 -11.87
CA LEU D 218 -31.83 35.69 -10.66
C LEU D 218 -30.71 36.68 -10.95
N CYS D 219 -29.89 36.43 -11.98
CA CYS D 219 -28.92 37.42 -12.38
C CYS D 219 -29.59 38.64 -12.99
N ARG D 220 -30.62 38.42 -13.80
CA ARG D 220 -31.39 39.55 -14.32
C ARG D 220 -31.85 40.43 -13.18
N VAL D 221 -32.47 39.84 -12.17
CA VAL D 221 -32.97 40.66 -11.07
C VAL D 221 -31.81 41.24 -10.26
N ALA D 222 -30.71 40.51 -10.14
CA ALA D 222 -29.56 41.04 -9.41
C ALA D 222 -29.04 42.31 -10.07
N GLN D 223 -29.02 42.34 -11.40
CA GLN D 223 -28.81 43.60 -12.10
C GLN D 223 -30.03 44.51 -12.02
N GLY D 224 -31.16 43.99 -11.55
CA GLY D 224 -32.32 44.80 -11.28
C GLY D 224 -32.87 45.40 -12.56
N VAL D 225 -33.15 44.54 -13.52
CA VAL D 225 -33.43 44.99 -14.88
C VAL D 225 -34.90 44.74 -15.16
N GLU D 226 -35.74 45.69 -14.78
CA GLU D 226 -37.01 45.98 -15.41
C GLU D 226 -37.91 44.77 -15.65
N LEU D 227 -37.63 43.63 -15.00
CA LEU D 227 -38.13 42.32 -14.63
C LEU D 227 -38.92 41.71 -15.80
N PRO D 228 -38.21 41.22 -16.84
CA PRO D 228 -38.89 40.89 -18.11
C PRO D 228 -40.24 40.23 -17.97
N GLU D 229 -41.13 40.56 -18.90
CA GLU D 229 -42.55 40.21 -18.76
C GLU D 229 -42.75 38.73 -18.53
N TRP D 230 -41.95 37.89 -19.20
CA TRP D 230 -42.23 36.46 -19.22
C TRP D 230 -42.17 35.83 -17.85
N ILE D 231 -41.61 36.51 -16.85
CA ILE D 231 -41.70 35.98 -15.50
C ILE D 231 -43.15 35.80 -15.10
N ALA D 232 -44.02 36.70 -15.55
CA ALA D 232 -45.44 36.57 -15.25
C ALA D 232 -45.98 35.24 -15.74
N SER D 233 -45.67 34.88 -16.99
CA SER D 233 -46.05 33.56 -17.48
C SER D 233 -45.36 32.46 -16.69
N MET D 234 -44.14 32.72 -16.22
CA MET D 234 -43.39 31.71 -15.49
C MET D 234 -44.09 31.45 -14.17
N GLN D 235 -44.78 30.31 -14.08
CA GLN D 235 -45.65 30.00 -12.95
C GLN D 235 -45.32 28.67 -12.28
N ASN D 236 -44.68 27.75 -12.97
CA ASN D 236 -44.45 26.40 -12.47
C ASN D 236 -43.01 26.00 -12.74
N PRO D 237 -42.24 25.60 -11.71
CA PRO D 237 -40.80 25.43 -11.89
C PRO D 237 -40.47 24.55 -13.08
N GLN D 238 -41.29 23.51 -13.29
CA GLN D 238 -41.09 22.65 -14.44
C GLN D 238 -41.15 23.42 -15.74
N GLN D 239 -41.83 24.58 -15.77
CA GLN D 239 -41.74 25.42 -16.95
C GLN D 239 -40.29 25.78 -17.26
N LEU D 240 -39.44 25.77 -16.24
CA LEU D 240 -38.03 26.04 -16.42
C LEU D 240 -37.24 24.80 -16.81
N ALA D 241 -37.92 23.68 -17.08
CA ALA D 241 -37.25 22.47 -17.53
C ALA D 241 -36.93 22.51 -19.01
N ASN D 242 -37.30 23.57 -19.72
CA ASN D 242 -37.04 23.70 -21.14
C ASN D 242 -36.03 24.81 -21.38
N SER D 243 -35.34 24.72 -22.52
CA SER D 243 -34.36 25.73 -22.87
C SER D 243 -34.96 27.12 -22.95
N THR D 244 -36.28 27.21 -23.11
CA THR D 244 -36.96 28.49 -23.28
C THR D 244 -38.43 28.32 -22.90
N ILE D 245 -39.14 29.44 -22.89
CA ILE D 245 -40.52 29.47 -22.40
C ILE D 245 -41.40 30.24 -23.35
N LEU D 246 -42.68 29.89 -23.36
CA LEU D 246 -43.69 30.47 -24.23
C LEU D 246 -44.55 31.42 -23.41
N HIS D 247 -44.52 32.70 -23.74
CA HIS D 247 -45.32 33.69 -22.99
C HIS D 247 -46.71 33.85 -23.59
N ASN D 248 -46.78 34.37 -24.81
CA ASN D 248 -48.03 34.46 -25.57
C ASN D 248 -47.68 34.26 -27.03
N GLY D 249 -47.67 33.01 -27.48
CA GLY D 249 -47.32 32.69 -28.84
C GLY D 249 -45.83 32.75 -29.11
N ARG D 250 -45.12 33.60 -28.39
CA ARG D 250 -43.68 33.74 -28.53
C ARG D 250 -42.96 32.88 -27.51
N GLU D 251 -41.77 32.43 -27.90
CA GLU D 251 -40.93 31.57 -27.08
C GLU D 251 -39.73 32.39 -26.63
N TYR D 252 -39.57 32.56 -25.31
CA TYR D 252 -38.57 33.47 -24.76
C TYR D 252 -37.47 32.69 -24.04
N GLY D 253 -36.24 32.93 -24.47
CA GLY D 253 -35.10 32.34 -23.80
C GLY D 253 -34.73 33.12 -22.54
N PHE D 254 -33.65 32.70 -21.91
CA PHE D 254 -33.27 33.25 -20.61
C PHE D 254 -31.92 33.95 -20.61
N ALA D 255 -31.13 33.79 -21.65
CA ALA D 255 -29.80 34.41 -21.67
C ALA D 255 -29.91 35.93 -21.51
N THR D 256 -29.00 36.50 -20.72
CA THR D 256 -28.89 37.94 -20.58
C THR D 256 -27.43 38.30 -20.41
N VAL D 257 -27.13 39.59 -20.57
CA VAL D 257 -25.77 40.08 -20.59
C VAL D 257 -25.25 40.21 -19.17
N TRP D 258 -24.08 39.64 -18.94
CA TRP D 258 -23.41 39.69 -17.65
C TRP D 258 -22.11 40.49 -17.80
N PRO D 259 -21.72 41.23 -16.76
CA PRO D 259 -20.54 42.11 -16.93
C PRO D 259 -19.29 41.35 -17.32
N ILE D 260 -19.10 40.14 -16.81
CA ILE D 260 -17.85 39.42 -16.96
C ILE D 260 -17.87 38.57 -18.21
N ASP D 261 -16.67 38.23 -18.69
CA ASP D 261 -16.54 37.38 -19.88
C ASP D 261 -16.68 35.91 -19.53
N ASP D 262 -15.99 35.46 -18.49
CA ASP D 262 -16.10 34.07 -18.02
C ASP D 262 -17.45 33.95 -17.35
N LYS D 263 -18.49 33.78 -18.16
CA LYS D 263 -19.86 33.83 -17.69
C LYS D 263 -20.11 32.82 -16.59
N TYR D 264 -19.31 31.74 -16.56
CA TYR D 264 -19.46 30.67 -15.59
C TYR D 264 -18.38 30.70 -14.52
N SER D 265 -17.82 31.87 -14.23
CA SER D 265 -16.73 31.96 -13.28
C SER D 265 -17.27 31.96 -11.86
N GLN D 266 -16.51 31.31 -10.97
CA GLN D 266 -16.82 31.37 -9.55
C GLN D 266 -16.89 32.82 -9.07
N GLU D 267 -16.02 33.68 -9.59
CA GLU D 267 -16.04 35.08 -9.21
C GLU D 267 -17.30 35.76 -9.75
N SER D 268 -17.70 35.42 -10.97
CA SER D 268 -18.97 35.91 -11.49
C SER D 268 -20.09 35.54 -10.56
N GLU D 269 -20.14 34.28 -10.14
CA GLU D 269 -21.20 33.84 -9.25
C GLU D 269 -21.13 34.59 -7.94
N PHE D 270 -19.92 34.78 -7.43
CA PHE D 270 -19.71 35.55 -6.21
C PHE D 270 -20.34 36.93 -6.31
N CYS D 271 -19.97 37.67 -7.36
CA CYS D 271 -20.49 39.02 -7.53
C CYS D 271 -22.00 38.99 -7.68
N TRP D 272 -22.51 38.05 -8.46
CA TRP D 272 -23.94 37.99 -8.71
C TRP D 272 -24.71 37.76 -7.42
N LEU D 273 -24.33 36.73 -6.66
CA LEU D 273 -25.05 36.44 -5.43
C LEU D 273 -24.90 37.58 -4.45
N THR D 274 -23.73 38.21 -4.41
CA THR D 274 -23.56 39.37 -3.54
C THR D 274 -24.59 40.44 -3.87
N GLY D 275 -24.71 40.79 -5.14
CA GLY D 275 -25.68 41.81 -5.53
C GLY D 275 -27.10 41.39 -5.21
N LEU D 276 -27.44 40.14 -5.50
CA LEU D 276 -28.79 39.66 -5.23
C LEU D 276 -29.12 39.77 -3.75
N LEU D 277 -28.23 39.29 -2.91
CA LEU D 277 -28.45 39.38 -1.46
C LEU D 277 -28.55 40.81 -1.02
N GLU D 278 -27.69 41.69 -1.54
CA GLU D 278 -27.79 43.09 -1.17
C GLU D 278 -29.18 43.64 -1.50
N LYS D 279 -29.69 43.31 -2.68
CA LYS D 279 -31.02 43.78 -3.04
C LYS D 279 -32.09 43.17 -2.17
N TRP D 280 -31.86 41.95 -1.67
CA TRP D 280 -32.79 41.30 -0.77
C TRP D 280 -32.42 41.48 0.69
N ARG D 281 -31.63 42.51 1.01
CA ARG D 281 -31.22 42.73 2.39
C ARG D 281 -32.42 42.82 3.33
N PHE D 282 -33.52 43.39 2.87
CA PHE D 282 -34.67 43.59 3.73
C PHE D 282 -35.82 42.65 3.41
N ASN D 283 -35.99 42.26 2.14
CA ASN D 283 -37.06 41.35 1.77
C ASN D 283 -36.78 40.81 0.37
N ALA D 284 -37.64 39.92 -0.08
CA ALA D 284 -37.44 39.22 -1.34
C ALA D 284 -38.78 38.81 -1.93
N PRO D 285 -38.92 38.86 -3.25
CA PRO D 285 -40.07 38.20 -3.87
C PRO D 285 -40.02 36.70 -3.67
N GLU D 286 -41.13 36.16 -3.14
CA GLU D 286 -41.17 34.75 -2.76
C GLU D 286 -40.91 33.86 -3.96
N GLY D 287 -41.38 34.24 -5.14
CA GLY D 287 -41.12 33.41 -6.32
C GLY D 287 -39.65 33.32 -6.64
N LEU D 288 -38.97 34.46 -6.73
CA LEU D 288 -37.53 34.45 -6.97
C LEU D 288 -36.81 33.71 -5.86
N GLU D 289 -37.31 33.84 -4.64
CA GLU D 289 -36.66 33.23 -3.50
C GLU D 289 -36.78 31.71 -3.54
N ARG D 290 -37.97 31.20 -3.87
CA ARG D 290 -38.14 29.80 -4.24
C ARG D 290 -37.24 29.39 -5.38
N LEU D 291 -37.03 30.27 -6.35
CA LEU D 291 -36.06 29.94 -7.37
C LEU D 291 -34.69 29.71 -6.73
N LEU D 292 -34.34 30.54 -5.75
CA LEU D 292 -33.02 30.44 -5.14
C LEU D 292 -32.87 29.18 -4.28
N TRP D 293 -33.85 28.86 -3.41
CA TRP D 293 -33.79 27.55 -2.79
C TRP D 293 -33.54 26.46 -3.82
N ILE D 294 -34.35 26.42 -4.87
CA ILE D 294 -34.27 25.26 -5.76
C ILE D 294 -32.90 25.21 -6.41
N TYR D 295 -32.41 26.36 -6.86
CA TYR D 295 -31.06 26.45 -7.41
C TYR D 295 -30.02 25.88 -6.46
N LEU D 296 -30.02 26.37 -5.24
CA LEU D 296 -28.99 25.97 -4.29
C LEU D 296 -29.08 24.50 -3.98
N LEU D 297 -30.30 24.01 -3.78
CA LEU D 297 -30.50 22.60 -3.50
C LEU D 297 -29.99 21.73 -4.64
N ILE D 298 -30.37 22.05 -5.87
CA ILE D 298 -29.92 21.28 -7.01
C ILE D 298 -28.40 21.22 -7.04
N GLN D 299 -27.77 22.39 -6.87
CA GLN D 299 -26.33 22.39 -6.69
C GLN D 299 -25.91 21.34 -5.68
N ASN D 300 -26.51 21.39 -4.50
CA ASN D 300 -26.04 20.53 -3.42
C ASN D 300 -26.12 19.05 -3.81
N GLN D 301 -27.27 18.61 -4.33
CA GLN D 301 -27.40 17.18 -4.57
C GLN D 301 -26.54 16.73 -5.74
N TYR D 302 -26.48 17.53 -6.81
CA TYR D 302 -25.54 17.18 -7.87
C TYR D 302 -24.14 17.04 -7.33
N LEU D 303 -23.71 17.99 -6.50
CA LEU D 303 -22.38 17.94 -5.95
C LEU D 303 -22.16 16.70 -5.13
N THR D 304 -23.13 16.34 -4.29
CA THR D 304 -23.02 15.15 -3.47
C THR D 304 -22.85 13.92 -4.34
N LEU D 305 -23.67 13.82 -5.39
CA LEU D 305 -23.52 12.74 -6.33
C LEU D 305 -22.10 12.69 -6.88
N LEU D 306 -21.62 13.83 -7.37
CA LEU D 306 -20.30 13.87 -7.96
C LEU D 306 -19.25 13.35 -6.99
N VAL D 307 -19.25 13.88 -5.77
CA VAL D 307 -18.23 13.47 -4.82
C VAL D 307 -18.34 11.98 -4.54
N GLN D 308 -19.56 11.49 -4.28
CA GLN D 308 -19.70 10.09 -3.96
C GLN D 308 -19.35 9.19 -5.15
N ARG D 309 -19.25 9.75 -6.36
CA ARG D 309 -18.79 8.95 -7.49
C ARG D 309 -17.48 8.26 -7.15
N THR D 322 -15.78 10.76 -17.57
CA THR D 322 -14.58 10.63 -18.39
C THR D 322 -14.44 11.79 -19.37
N MET D 323 -15.50 12.05 -20.14
CA MET D 323 -15.46 13.14 -21.11
C MET D 323 -15.26 14.48 -20.41
N THR D 324 -15.93 14.67 -19.27
CA THR D 324 -15.73 15.90 -18.51
C THR D 324 -14.29 16.05 -18.07
N GLU D 325 -13.67 14.95 -17.64
CA GLU D 325 -12.26 15.00 -17.30
C GLU D 325 -11.44 15.37 -18.54
N LEU D 326 -11.78 14.79 -19.69
CA LEU D 326 -11.10 15.14 -20.92
C LEU D 326 -11.21 16.64 -21.18
N ARG D 327 -12.35 17.22 -20.81
CA ARG D 327 -12.51 18.67 -20.92
C ARG D 327 -11.58 19.42 -20.00
N GLU D 328 -10.98 18.73 -19.02
CA GLU D 328 -9.96 19.33 -18.16
C GLU D 328 -8.59 19.35 -18.82
N GLU D 329 -8.52 18.99 -20.11
CA GLU D 329 -7.27 18.83 -20.83
C GLU D 329 -6.81 20.12 -21.48
N THR D 330 -7.19 21.26 -20.92
CA THR D 330 -6.71 22.56 -21.37
C THR D 330 -5.83 23.16 -20.28
N GLU D 331 -4.96 24.07 -20.68
CA GLU D 331 -4.08 24.74 -19.73
C GLU D 331 -4.82 25.87 -19.02
N LYS D 332 -6.01 25.54 -18.56
CA LYS D 332 -6.84 26.41 -17.74
C LYS D 332 -7.10 25.80 -16.38
N SER D 333 -7.56 24.55 -16.36
CA SER D 333 -7.77 23.86 -15.09
C SER D 333 -6.48 23.73 -14.30
N TYR D 334 -5.40 23.35 -14.97
CA TYR D 334 -4.14 23.16 -14.25
C TYR D 334 -3.57 24.49 -13.78
N LEU D 335 -3.70 25.53 -14.59
CA LEU D 335 -3.29 26.85 -14.16
C LEU D 335 -4.11 27.30 -12.97
N SER D 336 -5.41 27.01 -12.98
CA SER D 336 -6.25 27.25 -11.81
C SER D 336 -5.73 26.50 -10.61
N ARG D 337 -5.42 25.22 -10.78
CA ARG D 337 -4.89 24.42 -9.68
C ARG D 337 -3.67 25.10 -9.10
N PHE D 338 -2.81 25.60 -9.97
CA PHE D 338 -1.55 26.17 -9.52
C PHE D 338 -1.76 27.50 -8.81
N LYS D 339 -2.65 28.33 -9.34
CA LYS D 339 -2.93 29.59 -8.67
C LYS D 339 -3.54 29.36 -7.30
N HIS D 340 -4.44 28.37 -7.17
CA HIS D 340 -4.95 28.04 -5.86
C HIS D 340 -3.84 27.54 -4.95
N ALA D 341 -2.99 26.64 -5.46
CA ALA D 341 -1.89 26.12 -4.65
C ALA D 341 -1.06 27.27 -4.11
N HIS D 342 -0.66 28.19 -4.97
CA HIS D 342 -0.08 29.44 -4.50
C HIS D 342 -1.12 30.21 -3.71
N GLY D 343 -0.70 30.81 -2.61
CA GLY D 343 -1.62 31.58 -1.81
C GLY D 343 -2.02 32.86 -2.50
N ALA D 344 -2.64 33.77 -1.76
CA ALA D 344 -2.89 35.11 -2.26
C ALA D 344 -1.65 36.00 -2.18
N GLY D 345 -0.57 35.51 -1.59
CA GLY D 345 0.63 36.29 -1.43
C GLY D 345 1.66 36.03 -2.51
N VAL D 346 2.78 36.73 -2.40
CA VAL D 346 3.82 36.66 -3.42
C VAL D 346 4.49 35.29 -3.40
N TYR D 347 4.65 34.69 -2.22
CA TYR D 347 5.30 33.39 -2.11
C TYR D 347 4.25 32.30 -2.17
N SER D 348 4.59 31.17 -2.78
CA SER D 348 3.64 30.08 -2.92
C SER D 348 3.28 29.52 -1.55
N GLN D 349 1.98 29.35 -1.33
CA GLN D 349 1.51 28.83 -0.05
C GLN D 349 2.04 27.42 0.20
N VAL D 350 2.04 26.57 -0.83
CA VAL D 350 2.61 25.23 -0.77
C VAL D 350 4.02 25.32 -1.33
N ARG D 351 4.88 24.38 -0.94
CA ARG D 351 6.19 24.27 -1.58
C ARG D 351 6.19 23.23 -2.69
N TYR D 352 5.95 21.97 -2.34
CA TYR D 352 6.09 20.85 -3.27
C TYR D 352 4.73 20.25 -3.57
N LEU D 353 4.32 20.33 -4.83
CA LEU D 353 3.05 19.77 -5.29
C LEU D 353 3.29 18.45 -5.99
N GLU D 354 2.40 17.50 -5.74
CA GLU D 354 2.24 16.30 -6.54
C GLU D 354 1.00 16.41 -7.42
N GLY D 355 1.20 16.44 -8.73
CA GLY D 355 0.45 16.42 -9.97
C GLY D 355 0.18 15.01 -10.43
N ARG D 356 -1.00 14.50 -10.10
CA ARG D 356 -1.39 13.14 -10.43
C ARG D 356 -2.35 13.18 -11.61
N PHE D 357 -2.12 12.31 -12.59
CA PHE D 357 -2.86 12.37 -13.84
C PHE D 357 -3.16 10.97 -14.34
N ALA D 358 -4.31 10.82 -14.95
CA ALA D 358 -4.71 9.52 -15.49
C ALA D 358 -4.03 9.29 -16.83
N PRO D 359 -3.29 8.20 -17.00
CA PRO D 359 -2.69 7.91 -18.31
C PRO D 359 -3.76 7.64 -19.36
N LYS D 360 -3.48 8.04 -20.59
CA LYS D 360 -4.36 7.78 -21.72
C LYS D 360 -3.74 6.75 -22.65
N SER D 361 -4.58 5.85 -23.15
CA SER D 361 -4.11 4.78 -24.02
C SER D 361 -3.59 5.29 -25.36
N ASP D 362 -3.84 6.56 -25.70
CA ASP D 362 -3.37 7.11 -26.96
C ASP D 362 -2.08 7.88 -26.71
N PRO D 363 -1.02 7.65 -27.48
CA PRO D 363 0.14 8.53 -27.36
C PRO D 363 -0.22 9.98 -27.55
N ASN D 364 -1.14 10.26 -28.48
CA ASN D 364 -1.51 11.63 -28.76
C ASN D 364 -2.24 12.27 -27.58
N LYS D 365 -3.20 11.55 -27.01
CA LYS D 365 -3.88 12.08 -25.82
C LYS D 365 -2.89 12.25 -24.69
N MET D 366 -1.98 11.28 -24.52
CA MET D 366 -0.97 11.39 -23.49
C MET D 366 -0.18 12.69 -23.64
N GLN D 367 0.36 12.92 -24.83
CA GLN D 367 1.20 14.10 -25.02
C GLN D 367 0.38 15.38 -24.91
N LYS D 368 -0.86 15.36 -25.38
CA LYS D 368 -1.73 16.51 -25.23
C LYS D 368 -1.89 16.87 -23.77
N LEU D 369 -2.23 15.89 -22.94
CA LEU D 369 -2.36 16.12 -21.51
C LEU D 369 -1.07 16.65 -20.92
N LEU D 370 0.06 16.03 -21.28
CA LEU D 370 1.32 16.43 -20.71
C LEU D 370 1.65 17.87 -21.06
N PHE D 371 1.46 18.23 -22.32
CA PHE D 371 1.72 19.60 -22.75
C PHE D 371 0.80 20.56 -22.04
N SER D 372 -0.47 20.19 -21.87
CA SER D 372 -1.40 21.05 -21.14
C SER D 372 -0.86 21.32 -19.75
N VAL D 373 -0.52 20.26 -19.02
CA VAL D 373 -0.01 20.42 -17.66
C VAL D 373 1.22 21.31 -17.66
N LEU D 374 2.14 21.03 -18.56
CA LEU D 374 3.42 21.73 -18.55
C LEU D 374 3.22 23.20 -18.88
N ARG D 375 2.39 23.50 -19.87
CA ARG D 375 2.14 24.90 -20.22
C ARG D 375 1.46 25.63 -19.09
N GLY D 376 0.50 24.98 -18.43
CA GLY D 376 -0.11 25.60 -17.27
C GLY D 376 0.92 25.93 -16.21
N TYR D 377 1.82 24.99 -15.94
CA TYR D 377 2.85 25.24 -14.93
C TYR D 377 3.76 26.37 -15.34
N TRP D 378 4.17 26.39 -16.61
CA TRP D 378 5.06 27.45 -17.07
C TRP D 378 4.38 28.81 -16.97
N GLU D 379 3.11 28.89 -17.35
CA GLU D 379 2.39 30.15 -17.26
C GLU D 379 2.23 30.57 -15.81
N TYR D 380 1.92 29.61 -14.93
CA TYR D 380 1.85 29.91 -13.51
C TYR D 380 3.14 30.54 -13.03
N LEU D 381 4.27 29.90 -13.35
CA LEU D 381 5.55 30.42 -12.90
C LEU D 381 5.83 31.80 -13.51
N SER D 382 5.50 31.97 -14.79
CA SER D 382 5.69 33.24 -15.45
C SER D 382 4.90 34.34 -14.78
N ALA D 383 3.68 34.03 -14.34
CA ALA D 383 2.83 35.00 -13.65
C ALA D 383 3.45 35.49 -12.35
N HIS D 384 4.61 34.97 -11.97
CA HIS D 384 5.26 35.36 -10.74
C HIS D 384 6.71 35.77 -10.92
N MET D 385 7.38 35.27 -11.95
CA MET D 385 8.79 35.57 -12.16
C MET D 385 9.00 36.15 -13.54
N SER D 386 9.97 37.04 -13.64
CA SER D 386 10.34 37.68 -14.90
C SER D 386 11.75 37.22 -15.27
N MET D 387 11.91 36.73 -16.50
CA MET D 387 13.18 36.18 -16.93
C MET D 387 13.08 35.80 -18.39
N GLU D 388 14.25 35.69 -19.03
CA GLU D 388 14.31 35.32 -20.44
C GLU D 388 13.72 33.94 -20.63
N TRP D 389 12.58 33.88 -21.31
CA TRP D 389 11.83 32.64 -21.45
C TRP D 389 12.13 31.91 -22.76
N VAL D 390 13.15 32.33 -23.50
CA VAL D 390 13.49 31.68 -24.76
C VAL D 390 12.27 31.68 -25.66
N HIS D 391 11.43 30.66 -25.54
CA HIS D 391 10.17 30.60 -26.25
C HIS D 391 9.12 31.29 -25.40
N GLU D 392 8.81 32.54 -25.72
CA GLU D 392 7.81 33.26 -24.96
C GLU D 392 6.44 32.61 -25.13
N LYS D 393 6.16 32.11 -26.33
CA LYS D 393 4.93 31.39 -26.64
C LYS D 393 5.34 30.00 -27.10
N PRO D 394 5.68 29.11 -26.18
CA PRO D 394 6.02 27.75 -26.57
C PRO D 394 4.80 27.02 -27.11
N LEU D 395 5.04 26.01 -27.93
CA LEU D 395 3.98 25.24 -28.56
C LEU D 395 4.19 23.74 -28.47
N THR D 396 5.40 23.28 -28.17
CA THR D 396 5.69 21.87 -28.05
C THR D 396 6.30 21.60 -26.69
N ILE D 397 6.10 20.37 -26.21
CA ILE D 397 6.66 19.99 -24.92
C ILE D 397 8.15 20.29 -24.89
N SER D 398 8.82 20.14 -26.02
CA SER D 398 10.23 20.49 -26.08
C SER D 398 10.45 21.96 -25.73
N GLN D 399 9.68 22.85 -26.35
CA GLN D 399 9.81 24.27 -26.04
C GLN D 399 9.46 24.54 -24.59
N VAL D 400 8.46 23.85 -24.08
CA VAL D 400 8.06 24.07 -22.69
C VAL D 400 9.19 23.72 -21.76
N LEU D 401 9.81 22.56 -21.97
CA LEU D 401 10.95 22.17 -21.15
C LEU D 401 12.11 23.12 -21.33
N ASP D 402 12.26 23.65 -22.54
CA ASP D 402 13.30 24.65 -22.78
C ASP D 402 13.08 25.86 -21.90
N ASN D 403 11.82 26.30 -21.80
CA ASN D 403 11.49 27.39 -20.89
C ASN D 403 11.77 26.99 -19.44
N LEU D 404 11.32 25.80 -19.06
CA LEU D 404 11.31 25.42 -17.66
C LEU D 404 12.70 25.18 -17.10
N GLU D 405 13.58 24.56 -17.87
CA GLU D 405 14.92 24.25 -17.37
C GLU D 405 15.63 25.48 -16.83
N LEU D 406 15.29 26.66 -17.35
CA LEU D 406 15.87 27.89 -16.82
C LEU D 406 15.33 28.23 -15.43
N VAL D 407 14.36 27.47 -14.93
CA VAL D 407 13.78 27.75 -13.62
C VAL D 407 14.67 27.13 -12.56
N GLU D 408 14.71 27.75 -11.38
CA GLU D 408 15.53 27.25 -10.28
C GLU D 408 14.73 27.21 -8.99
N PRO D 409 15.13 26.33 -8.06
CA PRO D 409 14.31 26.07 -6.86
C PRO D 409 14.54 27.09 -5.76
N HIS D 410 14.01 28.29 -5.96
CA HIS D 410 14.08 29.31 -4.91
C HIS D 410 13.01 29.08 -3.85
N GLY D 411 11.87 28.53 -4.26
CA GLY D 411 10.77 28.29 -3.35
C GLY D 411 9.65 29.30 -3.42
N LYS D 412 9.82 30.38 -4.18
CA LYS D 412 8.75 31.37 -4.30
C LYS D 412 7.49 30.73 -4.86
N CYS D 413 7.63 29.92 -5.90
CA CYS D 413 6.54 29.23 -6.56
C CYS D 413 6.52 27.78 -6.13
N VAL D 414 5.56 27.02 -6.68
CA VAL D 414 5.45 25.60 -6.38
C VAL D 414 6.42 24.81 -7.22
N GLU D 415 6.84 23.66 -6.68
CA GLU D 415 7.67 22.70 -7.41
C GLU D 415 6.82 21.48 -7.71
N LEU D 416 6.68 21.16 -8.99
CA LEU D 416 5.77 20.12 -9.44
C LEU D 416 6.46 18.77 -9.56
N ALA D 417 5.74 17.71 -9.19
CA ALA D 417 6.15 16.33 -9.47
C ALA D 417 4.95 15.58 -10.03
N LEU D 418 5.15 14.91 -11.16
CA LEU D 418 4.05 14.32 -11.91
C LEU D 418 4.06 12.81 -11.84
N VAL D 419 2.85 12.23 -11.76
CA VAL D 419 2.71 10.79 -11.55
C VAL D 419 1.51 10.26 -12.31
N PRO D 420 1.67 9.20 -13.11
CA PRO D 420 0.51 8.59 -13.76
C PRO D 420 -0.20 7.57 -12.87
N HIS D 421 -1.52 7.59 -12.95
CA HIS D 421 -2.40 6.67 -12.25
C HIS D 421 -2.44 5.33 -12.96
N PHE D 422 -2.57 4.26 -12.19
CA PHE D 422 -2.86 2.94 -12.76
C PHE D 422 -4.15 2.47 -12.12
N ILE D 423 -5.17 2.28 -12.95
CA ILE D 423 -6.50 1.95 -12.47
C ILE D 423 -6.72 0.45 -12.64
N LYS D 424 -7.07 -0.23 -11.56
CA LYS D 424 -7.22 -1.68 -11.56
C LYS D 424 -8.70 -2.04 -11.69
N ARG D 425 -9.04 -2.78 -12.74
CA ARG D 425 -10.40 -3.19 -13.00
C ARG D 425 -10.58 -4.67 -12.64
N LYS D 426 -11.81 -5.01 -12.28
CA LYS D 426 -12.11 -6.38 -11.91
C LYS D 426 -11.80 -7.32 -13.09
N PRO D 427 -11.24 -8.49 -12.81
CA PRO D 427 -10.93 -9.41 -13.91
C PRO D 427 -12.21 -9.84 -14.62
N LYS D 428 -12.07 -10.14 -15.90
CA LYS D 428 -13.20 -10.47 -16.75
C LYS D 428 -13.49 -11.97 -16.68
N ASN D 429 -14.58 -12.37 -17.31
CA ASN D 429 -15.05 -13.74 -17.20
C ASN D 429 -14.03 -14.74 -17.74
N GLY D 430 -13.48 -14.46 -18.92
CA GLY D 430 -12.61 -15.40 -19.59
C GLY D 430 -11.31 -14.80 -20.08
N GLU D 431 -10.20 -15.39 -19.66
CA GLU D 431 -8.88 -14.94 -20.11
C GLU D 431 -7.85 -16.01 -19.78
N ALA D 432 -6.66 -15.85 -20.34
CA ALA D 432 -5.60 -16.82 -20.14
C ALA D 432 -5.25 -16.95 -18.66
N TYR D 433 -5.14 -15.83 -17.98
CA TYR D 433 -4.80 -15.79 -16.56
C TYR D 433 -5.44 -14.56 -15.96
N PRO D 434 -5.57 -14.51 -14.64
CA PRO D 434 -6.28 -13.39 -14.01
C PRO D 434 -5.71 -12.04 -14.42
N HIS D 435 -6.60 -11.10 -14.71
CA HIS D 435 -6.24 -9.72 -14.99
C HIS D 435 -5.35 -9.60 -16.22
N ALA D 436 -5.40 -10.60 -17.10
CA ALA D 436 -4.57 -10.56 -18.30
C ALA D 436 -4.88 -9.34 -19.15
N LEU D 437 -6.16 -9.08 -19.41
CA LEU D 437 -6.53 -7.94 -20.25
C LEU D 437 -6.13 -6.62 -19.62
N LEU D 438 -6.43 -6.46 -18.33
CA LEU D 438 -6.01 -5.27 -17.62
C LEU D 438 -4.51 -5.08 -17.75
N PHE D 439 -3.76 -6.19 -17.68
CA PHE D 439 -2.32 -6.10 -17.82
C PHE D 439 -1.94 -5.70 -19.24
N LYS D 440 -2.70 -6.16 -20.23
CA LYS D 440 -2.49 -5.70 -21.59
C LYS D 440 -2.56 -4.19 -21.63
N ASP D 441 -3.65 -3.64 -21.11
CA ASP D 441 -3.85 -2.19 -21.14
C ASP D 441 -2.72 -1.48 -20.43
N LEU D 442 -2.36 -1.95 -19.24
CA LEU D 442 -1.34 -1.27 -18.46
C LEU D 442 0.01 -1.31 -19.17
N LYS D 443 0.36 -2.44 -19.79
CA LYS D 443 1.62 -2.46 -20.53
C LYS D 443 1.55 -1.49 -21.69
N ASN D 444 0.36 -1.36 -22.30
CA ASN D 444 0.23 -0.38 -23.37
C ASN D 444 0.55 1.01 -22.86
N GLN D 445 -0.09 1.42 -21.77
CA GLN D 445 0.18 2.75 -21.22
C GLN D 445 1.66 2.90 -20.90
N ALA D 446 2.25 1.86 -20.31
CA ALA D 446 3.63 1.96 -19.88
C ALA D 446 4.58 2.08 -21.07
N ALA D 447 4.32 1.32 -22.13
CA ALA D 447 5.11 1.45 -23.34
C ALA D 447 5.01 2.87 -23.87
N ILE D 448 3.79 3.41 -23.90
CA ILE D 448 3.62 4.80 -24.32
C ILE D 448 4.53 5.69 -23.49
N LEU D 449 4.50 5.50 -22.17
CA LEU D 449 5.23 6.39 -21.29
C LEU D 449 6.73 6.31 -21.52
N MET D 450 7.27 5.08 -21.50
CA MET D 450 8.71 4.93 -21.70
C MET D 450 9.13 5.48 -23.05
N ASP D 451 8.26 5.37 -24.06
CA ASP D 451 8.68 5.88 -25.36
C ASP D 451 8.72 7.40 -25.38
N MET D 452 7.77 8.06 -24.70
CA MET D 452 7.96 9.50 -24.53
C MET D 452 9.26 9.78 -23.79
N LEU D 453 9.56 8.98 -22.77
CA LEU D 453 10.78 9.22 -22.02
C LEU D 453 11.99 9.17 -22.94
N LYS D 454 12.04 8.14 -23.78
CA LYS D 454 13.09 8.02 -24.78
C LYS D 454 13.15 9.28 -25.63
N SER D 455 12.05 9.58 -26.32
CA SER D 455 12.02 10.71 -27.23
C SER D 455 12.50 11.99 -26.56
N GLU D 456 12.08 12.24 -25.33
CA GLU D 456 12.49 13.44 -24.59
C GLU D 456 12.92 13.03 -23.19
N PRO D 457 14.20 12.69 -23.04
CA PRO D 457 14.69 12.28 -21.72
C PRO D 457 14.51 13.34 -20.65
N ARG D 458 14.36 14.60 -21.03
CA ARG D 458 14.33 15.67 -20.04
C ARG D 458 13.12 15.59 -19.12
N LEU D 459 12.01 15.00 -19.58
CA LEU D 459 10.84 14.92 -18.73
C LEU D 459 11.11 14.21 -17.42
N THR D 460 12.08 13.30 -17.38
CA THR D 460 12.31 12.54 -16.15
C THR D 460 12.54 13.44 -14.96
N GLY D 461 13.07 14.65 -15.19
CA GLY D 461 13.11 15.61 -14.11
C GLY D 461 11.75 16.07 -13.66
N TRP D 462 10.68 15.60 -14.32
CA TRP D 462 9.34 16.06 -14.04
C TRP D 462 8.33 14.95 -13.78
N ILE D 463 8.44 13.83 -14.48
CA ILE D 463 7.61 12.65 -14.22
C ILE D 463 8.36 11.85 -13.16
N ARG D 464 8.05 12.11 -11.90
CA ARG D 464 8.82 11.58 -10.78
C ARG D 464 7.96 10.56 -10.06
N GLY D 465 8.05 9.31 -10.49
CA GLY D 465 7.27 8.25 -9.88
C GLY D 465 5.99 7.94 -10.61
N VAL D 466 5.46 6.75 -10.36
CA VAL D 466 4.22 6.27 -10.96
C VAL D 466 3.40 5.65 -9.84
N ASP D 467 2.09 5.88 -9.84
CA ASP D 467 1.26 5.39 -8.76
C ASP D 467 0.15 4.50 -9.29
N ALA D 468 -0.14 3.45 -8.54
CA ALA D 468 -1.22 2.52 -8.88
C ALA D 468 -2.32 2.68 -7.84
N ALA D 469 -3.45 3.24 -8.28
CA ALA D 469 -4.55 3.63 -7.41
C ALA D 469 -5.81 2.84 -7.78
N ALA D 470 -6.94 3.25 -7.18
CA ALA D 470 -8.27 2.70 -7.44
C ALA D 470 -8.61 1.61 -6.45
N ASN D 471 -9.85 1.14 -6.50
CA ASN D 471 -10.31 0.12 -5.55
C ASN D 471 -9.46 -1.14 -5.63
N GLU D 472 -9.04 -1.60 -4.45
CA GLU D 472 -7.92 -2.53 -4.35
C GLU D 472 -8.30 -3.93 -4.78
N MET D 473 -9.49 -4.40 -4.38
CA MET D 473 -9.89 -5.77 -4.61
C MET D 473 -9.89 -6.14 -6.09
N HIS D 474 -10.10 -5.19 -6.99
CA HIS D 474 -10.09 -5.45 -8.42
C HIS D 474 -8.77 -6.04 -8.90
N ALA D 475 -7.69 -5.84 -8.16
CA ALA D 475 -6.41 -6.44 -8.54
C ALA D 475 -5.46 -6.39 -7.36
N PRO D 476 -4.73 -7.48 -7.09
CA PRO D 476 -3.71 -7.43 -6.06
C PRO D 476 -2.43 -6.84 -6.61
N PRO D 477 -1.56 -6.34 -5.74
CA PRO D 477 -0.42 -5.53 -6.22
C PRO D 477 0.50 -6.28 -7.16
N GLU D 478 0.86 -7.53 -6.85
CA GLU D 478 1.87 -8.24 -7.61
C GLU D 478 1.67 -8.13 -9.11
N LEU D 479 0.44 -7.87 -9.55
CA LEU D 479 0.20 -7.66 -10.97
C LEU D 479 1.10 -6.58 -11.54
N PHE D 480 1.70 -5.76 -10.69
CA PHE D 480 2.37 -4.54 -11.11
C PHE D 480 3.88 -4.58 -10.88
N CYS D 481 4.37 -5.53 -10.10
CA CYS D 481 5.80 -5.56 -9.82
C CYS D 481 6.63 -5.60 -11.08
N PRO D 482 6.35 -6.45 -12.07
CA PRO D 482 7.11 -6.34 -13.34
C PRO D 482 6.93 -4.99 -13.98
N LEU D 483 5.72 -4.45 -13.92
CA LEU D 483 5.46 -3.13 -14.47
C LEU D 483 6.36 -2.09 -13.80
N PHE D 484 6.37 -2.09 -12.48
CA PHE D 484 7.19 -1.13 -11.76
C PHE D 484 8.67 -1.34 -12.07
N ARG D 485 9.10 -2.60 -12.18
CA ARG D 485 10.50 -2.88 -12.44
C ARG D 485 10.92 -2.36 -13.80
N VAL D 486 10.12 -2.66 -14.83
CA VAL D 486 10.46 -2.21 -16.17
C VAL D 486 10.43 -0.69 -16.22
N LEU D 487 9.48 -0.08 -15.51
CA LEU D 487 9.43 1.38 -15.48
C LEU D 487 10.67 1.96 -14.82
N ALA D 488 11.08 1.37 -13.70
CA ALA D 488 12.30 1.81 -13.04
C ALA D 488 13.46 1.78 -14.01
N LYS D 489 13.66 0.65 -14.68
CA LYS D 489 14.73 0.58 -15.65
C LYS D 489 14.55 1.62 -16.75
N SER D 490 13.31 1.91 -17.11
CA SER D 490 13.04 3.03 -18.01
C SER D 490 13.53 4.34 -17.45
N GLY D 491 13.58 4.47 -16.13
CA GLY D 491 14.09 5.67 -15.50
C GLY D 491 13.10 6.33 -14.55
N ILE D 492 12.06 5.59 -14.15
CA ILE D 492 11.07 6.12 -13.23
C ILE D 492 11.61 5.94 -11.82
N ALA D 493 12.06 7.03 -11.23
CA ALA D 493 12.34 7.03 -9.81
C ALA D 493 11.04 7.08 -9.04
N HIS D 494 11.03 6.42 -7.88
CA HIS D 494 9.88 6.41 -7.00
C HIS D 494 8.77 5.52 -7.53
N PHE D 495 8.01 4.90 -6.64
CA PHE D 495 6.82 4.14 -6.98
C PHE D 495 5.82 4.20 -5.84
N THR D 496 4.54 4.21 -6.19
CA THR D 496 3.48 4.31 -5.19
C THR D 496 2.36 3.34 -5.53
N TYR D 497 1.71 2.83 -4.49
CA TYR D 497 0.62 1.87 -4.69
C TYR D 497 -0.33 1.96 -3.51
N HIS D 498 -1.58 2.27 -3.80
CA HIS D 498 -2.62 2.36 -2.78
C HIS D 498 -2.79 1.01 -2.09
N VAL D 499 -2.89 1.02 -0.76
CA VAL D 499 -3.08 -0.21 0.01
C VAL D 499 -3.82 0.10 1.31
N GLY D 500 -4.27 -0.97 1.97
CA GLY D 500 -4.87 -0.89 3.28
C GLY D 500 -6.13 -0.06 3.36
N GLU D 501 -6.56 0.53 2.25
CA GLU D 501 -7.68 1.45 2.29
C GLU D 501 -9.00 0.69 2.42
N ASP D 502 -9.29 -0.20 1.48
CA ASP D 502 -10.50 -1.00 1.49
C ASP D 502 -10.16 -2.46 1.28
N PHE D 503 -10.93 -3.34 1.90
CA PHE D 503 -10.53 -4.73 2.09
C PHE D 503 -11.71 -5.53 2.60
N PRO D 504 -11.68 -6.86 2.42
CA PRO D 504 -12.70 -7.69 3.06
C PRO D 504 -12.50 -7.84 4.56
N HIS D 505 -11.29 -8.15 5.01
CA HIS D 505 -11.01 -8.32 6.42
C HIS D 505 -9.74 -7.57 6.78
N LEU D 506 -9.73 -7.02 8.00
CA LEU D 506 -8.57 -6.24 8.41
C LEU D 506 -7.28 -7.04 8.23
N ILE D 507 -7.34 -8.33 8.56
CA ILE D 507 -6.21 -9.20 8.26
C ILE D 507 -5.90 -9.17 6.77
N SER D 508 -6.95 -9.16 5.94
CA SER D 508 -6.72 -9.13 4.50
C SER D 508 -5.96 -7.87 4.10
N GLY D 509 -6.35 -6.72 4.65
CA GLY D 509 -5.65 -5.49 4.34
C GLY D 509 -4.20 -5.55 4.80
N ILE D 510 -3.97 -6.09 6.00
CA ILE D 510 -2.61 -6.18 6.50
C ILE D 510 -1.77 -7.06 5.58
N ARG D 511 -2.33 -8.20 5.18
CA ARG D 511 -1.65 -9.09 4.24
C ARG D 511 -1.36 -8.38 2.94
N SER D 512 -2.33 -7.64 2.42
CA SER D 512 -2.09 -6.85 1.22
C SER D 512 -0.89 -5.95 1.39
N ILE D 513 -0.87 -5.20 2.49
CA ILE D 513 0.20 -4.22 2.69
C ILE D 513 1.55 -4.92 2.72
N ASP D 514 1.65 -5.98 3.51
CA ASP D 514 2.96 -6.62 3.67
C ASP D 514 3.41 -7.27 2.38
N ASP D 515 2.49 -7.89 1.65
CA ASP D 515 2.89 -8.48 0.37
C ASP D 515 3.37 -7.41 -0.58
N ALA D 516 2.65 -6.28 -0.63
CA ALA D 516 3.15 -5.14 -1.38
C ALA D 516 4.58 -4.84 -0.98
N LEU D 517 4.83 -4.78 0.32
CA LEU D 517 6.18 -4.50 0.80
C LEU D 517 7.17 -5.49 0.21
N ARG D 518 6.89 -6.78 0.36
CA ARG D 518 7.86 -7.81 0.05
C ARG D 518 7.92 -8.15 -1.43
N PHE D 519 7.07 -7.54 -2.24
CA PHE D 519 7.00 -7.86 -3.66
C PHE D 519 7.32 -6.68 -4.56
N LEU D 520 6.78 -5.51 -4.26
CA LEU D 520 6.99 -4.38 -5.15
C LEU D 520 8.45 -3.95 -5.12
N PRO D 521 8.98 -3.47 -6.24
CA PRO D 521 10.36 -2.98 -6.29
C PRO D 521 10.50 -1.62 -5.63
N LEU D 522 10.16 -1.55 -4.34
CA LEU D 522 10.14 -0.29 -3.62
C LEU D 522 11.48 -0.07 -2.93
N ARG D 523 12.07 1.10 -3.13
CA ARG D 523 13.35 1.43 -2.55
C ARG D 523 13.16 2.32 -1.33
N ASN D 524 14.26 2.69 -0.70
CA ASN D 524 14.21 3.54 0.49
C ASN D 524 13.46 4.83 0.16
N GLY D 525 12.61 5.25 1.09
CA GLY D 525 11.91 6.51 0.96
C GLY D 525 10.65 6.46 0.12
N ASP D 526 10.40 5.36 -0.59
CA ASP D 526 9.16 5.24 -1.32
C ASP D 526 7.98 5.39 -0.37
N ARG D 527 6.82 5.64 -0.93
CA ARG D 527 5.61 5.97 -0.20
C ARG D 527 4.46 5.13 -0.74
N LEU D 528 3.63 4.64 0.16
CA LEU D 528 2.63 3.64 -0.22
C LEU D 528 1.28 4.27 -0.50
N GLY D 529 0.74 5.02 0.45
CA GLY D 529 -0.60 5.56 0.29
C GLY D 529 -1.41 5.52 1.56
N HIS D 530 -2.55 4.84 1.51
CA HIS D 530 -3.51 4.91 2.61
C HIS D 530 -3.13 3.96 3.74
N CYS D 531 -2.99 2.67 3.43
CA CYS D 531 -2.56 1.70 4.43
C CYS D 531 -3.46 1.72 5.64
N THR D 532 -4.74 1.99 5.43
CA THR D 532 -5.63 2.17 6.56
C THR D 532 -5.71 0.92 7.42
N ALA D 533 -5.36 -0.24 6.84
CA ALA D 533 -5.40 -1.47 7.63
C ALA D 533 -4.48 -1.39 8.83
N ILE D 534 -3.28 -0.87 8.66
CA ILE D 534 -2.33 -0.70 9.76
C ILE D 534 -2.65 0.53 10.58
N GLY D 535 -3.68 1.28 10.22
CA GLY D 535 -4.07 2.44 10.99
C GLY D 535 -5.20 2.14 11.94
N ILE D 536 -6.17 1.35 11.46
CA ILE D 536 -7.37 1.12 12.22
C ILE D 536 -7.11 0.08 13.30
N THR D 537 -7.66 0.30 14.49
CA THR D 537 -7.61 -0.73 15.50
C THR D 537 -8.69 -1.77 15.22
N PRO D 538 -8.48 -3.02 15.64
CA PRO D 538 -9.60 -3.96 15.61
C PRO D 538 -10.74 -3.49 16.50
N SER D 539 -10.40 -2.80 17.59
CA SER D 539 -11.42 -2.27 18.49
C SER D 539 -12.37 -1.38 17.71
N ILE D 540 -11.89 -0.26 17.21
CA ILE D 540 -12.65 0.47 16.22
C ILE D 540 -12.22 -0.01 14.85
N TRP D 541 -12.62 -1.24 14.52
CA TRP D 541 -12.81 -1.67 13.14
C TRP D 541 -14.10 -2.43 12.97
N LYS D 542 -14.58 -3.09 14.01
CA LYS D 542 -15.90 -3.68 14.07
C LYS D 542 -16.74 -2.78 14.96
N ARG D 543 -17.70 -2.09 14.36
CA ARG D 543 -18.68 -1.33 15.11
C ARG D 543 -20.10 -1.49 14.62
N SER D 544 -20.30 -1.94 13.38
CA SER D 544 -21.64 -2.22 12.85
C SER D 544 -21.64 -3.42 11.93
N LEU D 545 -20.64 -4.21 11.98
CA LEU D 545 -20.45 -5.21 10.94
C LEU D 545 -21.18 -6.51 11.30
N PRO D 546 -21.44 -7.36 10.32
CA PRO D 546 -21.98 -8.69 10.63
C PRO D 546 -20.93 -9.56 11.30
N LEU D 547 -21.42 -10.55 12.05
CA LEU D 547 -20.52 -11.37 12.84
C LEU D 547 -19.67 -12.30 11.99
N SER D 548 -20.01 -12.47 10.72
CA SER D 548 -19.24 -13.30 9.80
C SER D 548 -19.09 -12.55 8.50
N LEU D 549 -18.00 -12.81 7.78
CA LEU D 549 -17.67 -12.06 6.59
C LEU D 549 -17.35 -13.01 5.42
N SER D 550 -18.10 -12.87 4.33
CA SER D 550 -17.85 -13.65 3.12
C SER D 550 -16.74 -12.99 2.33
N MET D 551 -15.85 -13.82 1.78
CA MET D 551 -14.65 -13.34 1.10
C MET D 551 -14.04 -14.46 0.28
N THR D 552 -13.24 -14.06 -0.72
CA THR D 552 -12.76 -15.00 -1.72
C THR D 552 -11.91 -16.11 -1.10
N LYS D 553 -12.07 -17.31 -1.64
CA LYS D 553 -11.29 -18.44 -1.15
C LYS D 553 -9.80 -18.19 -1.32
N GLU D 554 -9.39 -17.69 -2.47
CA GLU D 554 -7.97 -17.45 -2.70
C GLU D 554 -7.40 -16.47 -1.68
N THR D 555 -8.05 -15.32 -1.55
CA THR D 555 -7.61 -14.35 -0.56
C THR D 555 -7.58 -14.97 0.82
N ARG D 556 -8.55 -15.83 1.11
CA ARG D 556 -8.56 -16.50 2.40
C ARG D 556 -7.28 -17.29 2.60
N LEU D 557 -6.89 -18.03 1.57
CA LEU D 557 -5.69 -18.84 1.66
C LEU D 557 -4.46 -17.96 1.83
N LEU D 558 -4.39 -16.87 1.07
CA LEU D 558 -3.27 -15.95 1.24
C LEU D 558 -3.22 -15.42 2.66
N ASP D 559 -4.37 -15.04 3.21
CA ASP D 559 -4.38 -14.53 4.57
C ASP D 559 -3.90 -15.58 5.55
N LEU D 560 -4.35 -16.81 5.40
CA LEU D 560 -3.91 -17.86 6.32
C LEU D 560 -2.40 -18.03 6.24
N VAL D 561 -1.88 -18.12 5.02
CA VAL D 561 -0.45 -18.26 4.84
C VAL D 561 0.29 -17.12 5.51
N PHE D 562 -0.18 -15.90 5.30
CA PHE D 562 0.44 -14.73 5.87
C PHE D 562 0.40 -14.76 7.39
N ILE D 563 -0.74 -15.12 7.96
CA ILE D 563 -0.86 -15.19 9.41
C ILE D 563 0.18 -16.16 9.95
N TRP D 564 0.27 -17.34 9.35
CA TRP D 564 1.26 -18.30 9.82
C TRP D 564 2.66 -17.74 9.68
N ARG D 565 2.96 -17.16 8.52
CA ARG D 565 4.27 -16.60 8.30
C ARG D 565 4.64 -15.66 9.43
N GLU D 566 3.75 -14.73 9.74
CA GLU D 566 4.05 -13.72 10.75
C GLU D 566 4.13 -14.31 12.14
N LEU D 567 3.14 -15.10 12.53
CA LEU D 567 3.01 -15.56 13.92
C LEU D 567 3.86 -16.79 14.20
N ARG D 568 4.66 -17.23 13.22
CA ARG D 568 5.58 -18.33 13.47
C ARG D 568 6.42 -18.07 14.71
N SER D 569 6.92 -16.85 14.86
CA SER D 569 7.90 -16.51 15.88
C SER D 569 7.30 -16.05 17.19
N HIS D 570 5.99 -15.86 17.26
CA HIS D 570 5.38 -15.32 18.47
C HIS D 570 4.91 -16.44 19.39
N PRO D 571 5.55 -16.61 20.55
CA PRO D 571 5.17 -17.73 21.43
C PRO D 571 3.72 -17.69 21.86
N GLU D 572 3.18 -16.50 22.09
CA GLU D 572 1.85 -16.37 22.69
C GLU D 572 0.73 -16.55 21.68
N LEU D 573 1.05 -16.78 20.40
CA LEU D 573 0.04 -17.00 19.38
C LEU D 573 0.30 -18.29 18.61
N LEU D 574 1.19 -19.13 19.12
CA LEU D 574 1.58 -20.33 18.39
C LEU D 574 0.36 -21.21 18.11
N ARG D 575 -0.60 -21.22 19.03
CA ARG D 575 -1.86 -21.92 18.77
C ARG D 575 -2.47 -21.43 17.47
N TYR D 576 -2.62 -20.12 17.34
CA TYR D 576 -3.19 -19.55 16.14
C TYR D 576 -2.36 -19.88 14.92
N ALA D 577 -1.04 -19.86 15.06
CA ALA D 577 -0.19 -20.15 13.91
C ALA D 577 -0.40 -21.58 13.42
N SER D 578 -0.40 -22.54 14.34
CA SER D 578 -0.66 -23.92 13.97
C SER D 578 -2.03 -24.07 13.32
N ASP D 579 -3.03 -23.46 13.93
CA ASP D 579 -4.35 -23.46 13.31
C ASP D 579 -4.26 -23.00 11.88
N ALA D 580 -3.84 -21.75 11.67
CA ALA D 580 -3.83 -21.17 10.34
C ALA D 580 -3.12 -22.07 9.37
N ALA D 581 -1.98 -22.66 9.77
CA ALA D 581 -1.34 -23.66 8.93
C ALA D 581 -2.34 -24.73 8.53
N ILE D 582 -3.10 -25.24 9.49
CA ILE D 582 -3.96 -26.39 9.22
C ILE D 582 -5.11 -26.00 8.29
N GLU D 583 -5.82 -24.91 8.61
CA GLU D 583 -6.91 -24.50 7.72
C GLU D 583 -6.38 -24.15 6.34
N ALA D 584 -5.22 -23.52 6.26
CA ALA D 584 -4.64 -23.22 4.96
C ALA D 584 -4.39 -24.50 4.18
N VAL D 585 -3.89 -25.54 4.85
CA VAL D 585 -3.67 -26.80 4.18
C VAL D 585 -4.97 -27.32 3.61
N ARG D 586 -6.02 -27.33 4.43
CA ARG D 586 -7.31 -27.84 3.97
C ARG D 586 -7.81 -27.04 2.77
N LEU D 587 -7.77 -25.72 2.88
CA LEU D 587 -8.23 -24.86 1.80
C LEU D 587 -7.44 -25.11 0.53
N ALA D 588 -6.13 -25.32 0.67
CA ALA D 588 -5.29 -25.59 -0.49
C ALA D 588 -5.72 -26.89 -1.14
N HIS D 589 -5.95 -27.93 -0.34
CA HIS D 589 -6.41 -29.19 -0.92
C HIS D 589 -7.68 -28.98 -1.72
N LYS D 590 -8.68 -28.34 -1.11
CA LYS D 590 -9.93 -28.18 -1.85
C LYS D 590 -9.74 -27.34 -3.11
N VAL D 591 -9.12 -26.16 -2.98
CA VAL D 591 -9.03 -25.25 -4.12
C VAL D 591 -8.21 -25.88 -5.24
N PHE D 592 -7.02 -26.37 -4.92
CA PHE D 592 -6.25 -27.12 -5.88
C PHE D 592 -6.81 -28.51 -6.13
N SER D 593 -7.79 -28.95 -5.34
CA SER D 593 -8.32 -30.29 -5.47
C SER D 593 -7.18 -31.29 -5.42
N LEU D 594 -6.22 -31.02 -4.54
CA LEU D 594 -4.97 -31.77 -4.53
C LEU D 594 -5.22 -33.24 -4.26
N GLU D 595 -4.36 -34.09 -4.84
CA GLU D 595 -4.40 -35.52 -4.63
C GLU D 595 -3.33 -36.00 -3.65
N GLU D 596 -2.15 -35.41 -3.67
CA GLU D 596 -1.09 -35.76 -2.74
C GLU D 596 -1.18 -34.83 -1.53
N GLU D 597 -0.15 -34.86 -0.68
CA GLU D 597 -0.07 -34.01 0.50
C GLU D 597 0.79 -32.79 0.18
N VAL D 598 0.41 -31.64 0.73
CA VAL D 598 1.11 -30.38 0.50
C VAL D 598 1.48 -29.80 1.86
N SER D 599 2.73 -29.36 1.99
CA SER D 599 3.16 -28.67 3.19
C SER D 599 2.94 -27.17 3.04
N ILE D 600 2.63 -26.53 4.17
CA ILE D 600 2.54 -25.07 4.18
C ILE D 600 3.84 -24.45 3.71
N THR D 601 4.96 -25.13 3.96
CA THR D 601 6.22 -24.67 3.39
C THR D 601 6.10 -24.58 1.87
N THR D 602 5.61 -25.65 1.25
CA THR D 602 5.41 -25.64 -0.19
C THR D 602 4.43 -24.56 -0.61
N LEU D 603 3.38 -24.36 0.17
CA LEU D 603 2.40 -23.33 -0.16
C LEU D 603 3.06 -21.95 -0.22
N ASP D 604 3.89 -21.66 0.78
CA ASP D 604 4.64 -20.41 0.77
C ASP D 604 5.57 -20.34 -0.44
N GLN D 605 6.26 -21.44 -0.73
CA GLN D 605 7.10 -21.45 -1.92
C GLN D 605 6.30 -21.09 -3.14
N VAL D 606 5.05 -21.53 -3.19
CA VAL D 606 4.19 -21.19 -4.31
C VAL D 606 3.88 -19.70 -4.31
N PHE D 607 3.49 -19.18 -3.16
CA PHE D 607 2.87 -17.86 -3.09
C PHE D 607 3.89 -16.74 -3.08
N GLU D 608 5.11 -17.01 -2.65
CA GLU D 608 6.20 -16.06 -2.80
C GLU D 608 6.53 -15.79 -4.26
N MET D 609 6.05 -16.64 -5.16
CA MET D 609 6.32 -16.52 -6.60
C MET D 609 5.36 -15.55 -7.28
N ARG D 610 4.41 -14.99 -6.53
CA ARG D 610 3.36 -14.21 -7.15
C ARG D 610 3.87 -12.92 -7.79
N GLY D 611 5.09 -12.52 -7.47
CA GLY D 611 5.66 -11.36 -8.14
C GLY D 611 6.12 -11.62 -9.56
N LEU D 612 6.10 -12.88 -9.98
CA LEU D 612 6.58 -13.24 -11.29
C LEU D 612 5.51 -12.99 -12.35
N LEU D 613 5.94 -12.53 -13.52
CA LEU D 613 5.02 -12.37 -14.64
C LEU D 613 4.47 -13.72 -15.08
N ALA D 614 3.18 -13.77 -15.36
CA ALA D 614 2.57 -15.01 -15.84
C ALA D 614 3.24 -15.49 -17.10
N GLU D 615 3.35 -14.61 -18.10
CA GLU D 615 3.90 -14.97 -19.40
C GLU D 615 5.40 -14.76 -19.44
N SER D 616 6.11 -15.29 -18.46
CA SER D 616 7.57 -15.18 -18.46
C SER D 616 8.17 -16.40 -19.15
N GLU D 617 8.02 -17.57 -18.52
CA GLU D 617 8.32 -18.82 -19.17
C GLU D 617 7.30 -19.90 -18.84
N GLY D 618 6.33 -19.61 -17.97
CA GLY D 618 5.30 -20.57 -17.65
C GLY D 618 4.06 -20.36 -18.48
N LEU D 619 4.09 -19.33 -19.32
CA LEU D 619 2.93 -18.95 -20.10
C LEU D 619 3.36 -18.07 -21.25
N SER D 631 12.72 -5.21 -25.31
CA SER D 631 14.07 -5.21 -24.76
C SER D 631 14.04 -5.20 -23.24
N LEU D 632 13.55 -4.10 -22.68
CA LEU D 632 13.50 -3.98 -21.23
C LEU D 632 12.69 -5.11 -20.59
N TRP D 633 11.71 -5.64 -21.30
CA TRP D 633 10.85 -6.67 -20.72
C TRP D 633 11.50 -8.04 -20.75
N LEU D 634 12.64 -8.17 -21.41
CA LEU D 634 13.34 -9.45 -21.46
C LEU D 634 13.64 -9.95 -20.05
N GLU D 635 14.48 -9.22 -19.32
CA GLU D 635 15.00 -9.71 -18.06
C GLU D 635 13.91 -10.35 -17.23
N GLU D 636 12.77 -9.69 -17.12
CA GLU D 636 11.62 -10.27 -16.46
C GLU D 636 10.99 -11.42 -17.25
N TYR D 637 11.02 -11.40 -18.59
CA TYR D 637 10.58 -12.57 -19.34
C TYR D 637 11.30 -13.81 -18.86
N GLU D 638 12.59 -13.69 -18.60
CA GLU D 638 13.40 -14.82 -18.18
C GLU D 638 13.54 -14.94 -16.67
N ARG D 639 13.01 -13.99 -15.89
CA ARG D 639 13.07 -14.16 -14.44
C ARG D 639 12.47 -15.49 -14.00
N ALA D 640 11.72 -16.14 -14.89
CA ALA D 640 11.28 -17.51 -14.61
C ALA D 640 12.39 -18.52 -14.85
N ARG D 641 13.46 -18.12 -15.56
CA ARG D 641 14.47 -19.09 -15.94
C ARG D 641 15.22 -19.63 -14.73
N GLU D 642 15.63 -18.75 -13.82
CA GLU D 642 16.35 -19.23 -12.64
C GLU D 642 15.44 -20.08 -11.76
N LEU D 643 14.18 -19.69 -11.65
CA LEU D 643 13.23 -20.51 -10.89
C LEU D 643 13.14 -21.91 -11.47
N VAL D 644 12.90 -22.01 -12.77
CA VAL D 644 12.81 -23.33 -13.39
C VAL D 644 14.12 -24.07 -13.27
N LYS D 645 15.24 -23.37 -13.36
CA LYS D 645 16.53 -23.97 -13.12
C LYS D 645 16.59 -24.61 -11.75
N THR D 646 16.02 -23.94 -10.76
CA THR D 646 15.99 -24.48 -9.40
C THR D 646 15.26 -25.81 -9.40
N THR D 647 16.01 -26.89 -9.13
CA THR D 647 15.46 -28.23 -9.27
C THR D 647 14.35 -28.51 -8.27
N GLY D 648 14.54 -28.14 -7.01
CA GLY D 648 13.63 -28.51 -5.95
C GLY D 648 12.31 -27.76 -5.97
N MET D 649 12.15 -26.79 -6.87
CA MET D 649 10.95 -25.97 -6.90
C MET D 649 9.86 -26.56 -7.79
N LYS D 650 10.10 -27.73 -8.36
CA LYS D 650 9.16 -28.40 -9.25
C LYS D 650 7.71 -28.27 -8.82
N ARG D 651 7.41 -28.74 -7.62
CA ARG D 651 6.04 -28.77 -7.14
C ARG D 651 5.49 -27.35 -7.03
N PRO D 652 6.23 -26.42 -6.42
CA PRO D 652 5.77 -25.03 -6.44
C PRO D 652 5.49 -24.48 -7.82
N LEU D 653 6.36 -24.76 -8.80
CA LEU D 653 6.11 -24.26 -10.14
C LEU D 653 4.82 -24.82 -10.71
N LYS D 654 4.63 -26.13 -10.62
CA LYS D 654 3.42 -26.70 -11.19
C LYS D 654 2.19 -26.13 -10.50
N LEU D 655 2.26 -25.98 -9.18
CA LEU D 655 1.11 -25.48 -8.44
C LEU D 655 0.80 -24.04 -8.84
N TYR D 656 1.84 -23.24 -9.00
CA TYR D 656 1.69 -21.85 -9.44
C TYR D 656 1.05 -21.80 -10.83
N LYS D 657 1.52 -22.67 -11.73
CA LYS D 657 0.94 -22.72 -13.07
C LYS D 657 -0.54 -23.06 -13.00
N GLN D 658 -0.89 -24.09 -12.24
CA GLN D 658 -2.30 -24.44 -12.07
C GLN D 658 -3.08 -23.26 -11.53
N TRP D 659 -2.58 -22.67 -10.44
CA TRP D 659 -3.25 -21.54 -9.82
C TRP D 659 -3.53 -20.44 -10.83
N LEU D 660 -2.59 -20.22 -11.74
CA LEU D 660 -2.78 -19.18 -12.75
C LEU D 660 -3.82 -19.59 -13.77
N THR D 661 -3.73 -20.82 -14.27
CA THR D 661 -4.43 -21.23 -15.48
C THR D 661 -5.63 -22.13 -15.23
N SER D 662 -5.48 -23.14 -14.38
CA SER D 662 -6.53 -24.13 -14.21
C SER D 662 -7.89 -23.46 -14.05
N ASP D 663 -8.80 -23.76 -14.97
CA ASP D 663 -10.15 -23.19 -14.90
C ASP D 663 -10.79 -23.49 -13.56
N ASN D 664 -10.70 -24.75 -13.11
CA ASN D 664 -11.29 -25.12 -11.84
C ASN D 664 -10.71 -24.29 -10.71
N VAL D 665 -9.38 -24.15 -10.69
CA VAL D 665 -8.73 -23.39 -9.63
C VAL D 665 -9.20 -21.95 -9.66
N ARG D 666 -9.31 -21.35 -10.84
CA ARG D 666 -9.77 -19.97 -10.91
C ARG D 666 -11.22 -19.86 -10.45
N LYS D 667 -12.03 -20.87 -10.75
CA LYS D 667 -13.39 -20.89 -10.23
C LYS D 667 -13.38 -20.88 -8.71
N GLN D 668 -12.64 -21.78 -8.09
CA GLN D 668 -12.60 -21.79 -6.63
C GLN D 668 -12.00 -20.50 -6.08
N ARG D 669 -11.04 -19.92 -6.81
CA ARG D 669 -10.48 -18.64 -6.40
C ARG D 669 -11.56 -17.59 -6.32
N ALA D 670 -12.40 -17.52 -7.34
CA ALA D 670 -13.56 -16.65 -7.33
C ALA D 670 -14.53 -17.00 -6.21
N GLU D 671 -14.65 -18.29 -5.87
CA GLU D 671 -15.59 -18.72 -4.84
C GLU D 671 -15.39 -17.95 -3.55
N TYR D 672 -16.38 -17.99 -2.67
CA TYR D 672 -16.37 -17.22 -1.44
C TYR D 672 -16.56 -18.15 -0.25
N VAL D 673 -16.31 -17.62 0.94
CA VAL D 673 -16.39 -18.37 2.18
C VAL D 673 -16.49 -17.40 3.35
N GLU D 674 -17.12 -17.86 4.43
CA GLU D 674 -17.28 -17.03 5.62
C GLU D 674 -16.04 -17.11 6.51
N VAL D 675 -15.79 -16.01 7.20
CA VAL D 675 -14.72 -15.90 8.18
C VAL D 675 -15.31 -15.32 9.45
N ALA D 676 -14.95 -15.91 10.59
CA ALA D 676 -15.37 -15.36 11.86
C ALA D 676 -14.90 -13.93 12.00
N LEU D 677 -15.85 -13.05 12.33
CA LEU D 677 -15.50 -11.67 12.63
C LEU D 677 -14.28 -11.63 13.55
N GLU D 678 -14.41 -12.22 14.73
CA GLU D 678 -13.30 -12.35 15.67
C GLU D 678 -12.56 -13.67 15.46
N TYR D 679 -11.94 -13.81 14.28
CA TYR D 679 -11.17 -15.03 14.03
C TYR D 679 -9.86 -15.01 14.80
N LEU D 680 -9.18 -13.86 14.83
CA LEU D 680 -7.97 -13.68 15.61
C LEU D 680 -8.18 -12.64 16.70
N PRO D 681 -7.62 -12.85 17.90
CA PRO D 681 -7.77 -11.86 18.95
C PRO D 681 -7.17 -10.53 18.55
N ASP D 682 -7.81 -9.45 19.00
CA ASP D 682 -7.27 -8.11 18.80
C ASP D 682 -5.77 -8.09 19.06
N GLU D 683 -5.32 -8.86 20.05
CA GLU D 683 -3.90 -8.90 20.35
C GLU D 683 -3.11 -9.49 19.20
N ALA D 684 -3.59 -10.59 18.63
CA ALA D 684 -2.91 -11.18 17.48
C ALA D 684 -2.90 -10.20 16.32
N VAL D 685 -4.02 -9.52 16.10
CA VAL D 685 -4.10 -8.55 15.02
C VAL D 685 -3.09 -7.44 15.22
N VAL D 686 -2.99 -6.94 16.45
CA VAL D 686 -2.05 -5.87 16.74
C VAL D 686 -0.62 -6.35 16.55
N ALA D 687 -0.34 -7.59 16.96
CA ALA D 687 0.99 -8.13 16.74
C ALA D 687 1.31 -8.16 15.25
N LEU D 688 0.35 -8.59 14.45
CA LEU D 688 0.55 -8.60 13.00
C LEU D 688 0.82 -7.19 12.49
N GLN D 689 -0.02 -6.24 12.89
CA GLN D 689 0.18 -4.87 12.45
C GLN D 689 1.57 -4.38 12.82
N GLN D 690 1.99 -4.63 14.05
CA GLN D 690 3.27 -4.12 14.51
C GLN D 690 4.43 -4.79 13.79
N ALA D 691 4.30 -6.07 13.47
CA ALA D 691 5.28 -6.71 12.61
C ALA D 691 5.37 -5.99 11.28
N VAL D 692 4.21 -5.64 10.72
CA VAL D 692 4.21 -4.93 9.45
C VAL D 692 4.92 -3.59 9.60
N MET D 693 4.59 -2.83 10.65
CA MET D 693 5.25 -1.56 10.85
C MET D 693 6.75 -1.74 11.02
N ALA D 694 7.15 -2.84 11.66
CA ALA D 694 8.57 -3.14 11.76
C ALA D 694 9.20 -3.25 10.39
N LYS D 695 8.57 -4.02 9.50
CA LYS D 695 9.09 -4.14 8.14
C LYS D 695 9.13 -2.77 7.47
N MET D 696 8.08 -1.99 7.66
CA MET D 696 7.99 -0.68 7.03
C MET D 696 9.14 0.21 7.44
N ALA D 697 9.36 0.34 8.75
CA ALA D 697 10.46 1.17 9.23
C ALA D 697 11.79 0.61 8.74
N ASP D 698 11.93 -0.72 8.75
CA ASP D 698 13.14 -1.32 8.22
C ASP D 698 13.42 -0.82 6.82
N ARG D 699 12.39 -0.75 5.99
CA ARG D 699 12.58 -0.35 4.60
C ARG D 699 12.47 1.15 4.41
N ASN D 700 12.21 1.91 5.47
CA ASN D 700 12.11 3.37 5.38
C ASN D 700 11.12 3.78 4.29
N ILE D 701 9.85 3.43 4.50
CA ILE D 701 8.79 3.69 3.53
C ILE D 701 7.70 4.48 4.25
N ALA D 702 7.18 5.50 3.57
CA ALA D 702 6.27 6.44 4.18
C ALA D 702 4.84 6.23 3.72
N ILE D 703 3.93 6.91 4.40
CA ILE D 703 2.50 6.70 4.23
C ILE D 703 1.83 8.06 4.09
N GLU D 704 1.28 8.34 2.91
CA GLU D 704 0.46 9.54 2.73
C GLU D 704 -0.89 9.30 3.39
N CYS D 705 -1.12 9.95 4.52
CA CYS D 705 -2.37 9.82 5.26
C CYS D 705 -3.22 11.07 5.07
N PRO D 706 -4.28 11.00 4.28
CA PRO D 706 -5.22 12.10 4.24
C PRO D 706 -6.34 11.89 5.24
N PRO D 707 -7.21 12.87 5.43
CA PRO D 707 -8.37 12.70 6.30
C PRO D 707 -9.57 12.22 5.50
N THR D 708 -10.38 11.33 6.07
CA THR D 708 -11.59 10.87 5.39
C THR D 708 -12.83 11.08 6.26
N SER D 714 -14.76 6.28 7.43
CA SER D 714 -16.19 5.98 7.38
C SER D 714 -16.73 5.67 8.76
N GLN D 715 -16.16 4.65 9.42
CA GLN D 715 -16.60 4.25 10.75
C GLN D 715 -16.38 5.32 11.80
N TYR D 716 -15.50 6.27 11.55
CA TYR D 716 -15.11 7.24 12.58
C TYR D 716 -16.25 8.24 12.80
N ARG D 717 -16.83 8.21 13.98
CA ARG D 717 -17.84 9.19 14.34
C ARG D 717 -17.23 10.57 14.48
N ASN D 718 -16.03 10.65 15.07
CA ASN D 718 -15.28 11.89 15.14
C ASN D 718 -13.89 11.68 14.56
N VAL D 719 -13.29 12.78 14.10
CA VAL D 719 -11.94 12.71 13.56
C VAL D 719 -10.94 12.29 14.63
N SER D 720 -11.17 12.69 15.88
CA SER D 720 -10.23 12.34 16.94
C SER D 720 -9.94 10.85 16.98
N GLU D 721 -10.86 10.03 16.51
CA GLU D 721 -10.64 8.61 16.32
C GLU D 721 -9.68 8.29 15.17
N HIS D 722 -9.06 9.28 14.56
CA HIS D 722 -8.27 9.00 13.37
C HIS D 722 -6.93 8.37 13.73
N HIS D 723 -6.67 7.23 13.08
CA HIS D 723 -5.45 6.44 13.22
C HIS D 723 -4.17 7.23 12.94
N ILE D 724 -4.25 8.29 12.13
CA ILE D 724 -3.14 9.22 12.02
C ILE D 724 -2.57 9.52 13.39
N PHE D 725 -3.46 9.78 14.35
CA PHE D 725 -3.02 10.06 15.71
C PHE D 725 -2.32 8.87 16.31
N ARG D 726 -2.87 7.67 16.08
CA ARG D 726 -2.26 6.48 16.65
C ARG D 726 -0.80 6.39 16.25
N TRP D 727 -0.50 6.65 14.98
CA TRP D 727 0.92 6.67 14.63
C TRP D 727 1.62 7.83 15.32
N MET D 728 1.07 9.04 15.19
CA MET D 728 1.82 10.20 15.63
C MET D 728 2.08 10.16 17.13
N GLY D 729 1.49 9.19 17.84
CA GLY D 729 1.94 8.87 19.18
C GLY D 729 1.11 9.44 20.30
N LEU D 730 -0.21 9.43 20.17
CA LEU D 730 -1.04 10.06 21.19
C LEU D 730 -1.18 9.13 22.40
N PRO D 731 -0.83 9.58 23.60
CA PRO D 731 -1.08 8.75 24.78
C PRO D 731 -2.55 8.41 24.90
N GLY D 732 -2.83 7.14 25.14
CA GLY D 732 -4.18 6.63 25.13
C GLY D 732 -4.67 6.19 23.77
N GLU D 733 -3.89 6.44 22.71
CA GLU D 733 -4.23 6.00 21.36
C GLU D 733 -3.15 5.17 20.71
N ALA D 734 -1.89 5.56 20.84
CA ALA D 734 -0.80 4.74 20.32
C ALA D 734 -0.73 3.44 21.10
N ILE D 735 -0.24 2.38 20.44
CA ILE D 735 -0.19 1.06 21.03
C ILE D 735 1.26 0.71 21.34
N GLU D 736 1.45 -0.06 22.41
CA GLU D 736 2.78 -0.26 22.97
C GLU D 736 3.77 -0.75 21.92
N GLY D 737 3.33 -1.61 21.01
CA GLY D 737 4.24 -2.18 20.05
C GLY D 737 4.34 -1.34 18.80
N ASP D 738 3.89 -0.10 18.87
CA ASP D 738 3.88 0.77 17.71
C ASP D 738 5.28 1.31 17.43
N VAL D 739 5.52 1.61 16.17
CA VAL D 739 6.81 2.15 15.71
C VAL D 739 6.51 3.35 14.81
N PRO D 740 7.39 4.34 14.73
CA PRO D 740 7.10 5.50 13.87
C PRO D 740 7.19 5.15 12.40
N MET D 741 6.17 5.56 11.64
CA MET D 741 5.99 5.10 10.27
C MET D 741 6.14 6.17 9.19
N SER D 742 6.76 7.31 9.47
CA SER D 742 7.07 8.29 8.43
C SER D 742 5.81 8.61 7.62
N ILE D 743 4.89 9.27 8.29
CA ILE D 743 3.62 9.62 7.69
C ILE D 743 3.72 11.01 7.09
N CYS D 744 3.03 11.20 5.98
CA CYS D 744 3.00 12.45 5.23
C CYS D 744 1.55 12.87 5.04
N LEU D 745 1.38 14.11 4.59
CA LEU D 745 0.05 14.70 4.54
C LEU D 745 -0.57 14.51 3.17
N GLY D 746 -1.90 14.35 3.17
CA GLY D 746 -2.64 14.21 1.93
C GLY D 746 -3.94 14.99 1.95
N SER D 747 -4.12 15.87 0.97
CA SER D 747 -5.32 16.71 0.89
C SER D 747 -6.35 15.98 0.02
N ASP D 748 -6.92 14.91 0.59
CA ASP D 748 -7.94 14.14 -0.09
C ASP D 748 -8.92 13.62 0.97
N ASP D 749 -10.02 14.33 1.17
CA ASP D 749 -11.10 13.86 2.02
C ASP D 749 -12.31 13.54 1.15
N PRO D 750 -12.75 12.29 1.06
CA PRO D 750 -13.72 11.93 0.01
C PRO D 750 -15.00 12.75 0.05
N GLY D 751 -15.51 13.04 1.25
CA GLY D 751 -16.84 13.57 1.37
C GLY D 751 -16.91 15.01 1.82
N ILE D 752 -16.05 15.86 1.28
CA ILE D 752 -16.08 17.28 1.58
C ILE D 752 -15.87 18.06 0.30
N PHE D 753 -16.21 19.34 0.35
CA PHE D 753 -16.10 20.22 -0.80
C PHE D 753 -15.08 21.31 -0.53
N ALA D 754 -14.29 21.64 -1.55
CA ALA D 754 -13.28 22.70 -1.45
C ALA D 754 -12.33 22.43 -0.29
N ALA D 755 -11.97 21.17 -0.14
CA ALA D 755 -10.95 20.78 0.82
C ALA D 755 -9.59 21.30 0.36
N ASP D 756 -8.69 21.45 1.32
CA ASP D 756 -7.36 21.94 0.99
C ASP D 756 -6.34 21.34 1.93
N LEU D 757 -5.10 21.32 1.46
CA LEU D 757 -4.00 20.88 2.31
C LEU D 757 -3.86 21.78 3.53
N LYS D 758 -3.91 23.11 3.32
CA LYS D 758 -3.94 24.02 4.45
C LYS D 758 -5.15 23.77 5.33
N SER D 759 -6.30 23.53 4.70
CA SER D 759 -7.51 23.29 5.47
C SER D 759 -7.33 22.12 6.42
N GLU D 760 -6.74 21.03 5.94
CA GLU D 760 -6.62 19.85 6.79
C GLU D 760 -5.46 20.00 7.75
N PHE D 761 -4.46 20.81 7.40
CA PHE D 761 -3.45 21.17 8.39
C PHE D 761 -4.11 21.86 9.57
N TYR D 762 -5.00 22.81 9.28
CA TYR D 762 -5.81 23.44 10.32
C TYR D 762 -6.63 22.40 11.08
N HIS D 763 -7.28 21.50 10.35
CA HIS D 763 -8.05 20.43 10.97
C HIS D 763 -7.22 19.71 12.03
N LEU D 764 -6.05 19.23 11.62
CA LEU D 764 -5.22 18.45 12.51
C LEU D 764 -4.78 19.28 13.70
N PHE D 765 -4.32 20.50 13.43
CA PHE D 765 -3.88 21.35 14.53
C PHE D 765 -4.99 21.55 15.54
N VAL D 766 -6.17 21.94 15.07
CA VAL D 766 -7.24 22.30 15.99
C VAL D 766 -7.68 21.09 16.78
N VAL D 767 -7.84 19.95 16.09
CA VAL D 767 -8.31 18.75 16.79
C VAL D 767 -7.30 18.36 17.86
N LEU D 768 -6.02 18.35 17.51
CA LEU D 768 -5.01 18.03 18.51
C LEU D 768 -5.08 19.00 19.68
N THR D 769 -5.08 20.29 19.39
CA THR D 769 -5.06 21.28 20.46
C THR D 769 -6.24 21.12 21.39
N ARG D 770 -7.45 20.98 20.85
CA ARG D 770 -8.66 21.04 21.65
C ARG D 770 -9.07 19.70 22.21
N LYS D 771 -9.22 18.68 21.37
CA LYS D 771 -9.61 17.36 21.86
C LYS D 771 -8.49 16.67 22.61
N PHE D 772 -7.24 17.09 22.41
CA PHE D 772 -6.12 16.47 23.10
C PHE D 772 -5.38 17.47 23.99
N GLY D 773 -5.80 18.73 24.02
CA GLY D 773 -5.28 19.67 24.98
C GLY D 773 -3.80 19.97 24.84
N LEU D 774 -3.15 19.50 23.79
CA LEU D 774 -1.74 19.82 23.59
C LEU D 774 -1.58 21.31 23.35
N SER D 775 -0.47 21.85 23.82
CA SER D 775 -0.21 23.26 23.61
C SER D 775 -0.03 23.51 22.12
N PRO D 776 -0.43 24.69 21.65
CA PRO D 776 -0.34 24.95 20.21
C PRO D 776 1.04 24.74 19.64
N ALA D 777 2.08 25.07 20.42
CA ALA D 777 3.43 24.78 19.97
C ALA D 777 3.61 23.29 19.74
N ASP D 778 3.12 22.48 20.69
CA ASP D 778 3.21 21.04 20.53
C ASP D 778 2.49 20.59 19.27
N ALA D 779 1.24 21.02 19.10
CA ALA D 779 0.46 20.56 17.97
C ALA D 779 1.11 20.98 16.65
N LEU D 780 1.65 22.20 16.62
CA LEU D 780 2.33 22.66 15.41
C LEU D 780 3.52 21.77 15.12
N ARG D 781 4.30 21.42 16.15
CA ARG D 781 5.38 20.48 15.95
C ARG D 781 4.87 19.16 15.37
N LYS D 782 3.78 18.66 15.93
CA LYS D 782 3.29 17.33 15.56
C LYS D 782 2.85 17.29 14.11
N VAL D 783 2.07 18.28 13.68
CA VAL D 783 1.69 18.33 12.28
C VAL D 783 2.91 18.59 11.40
N ALA D 784 3.84 19.39 11.91
CA ALA D 784 5.08 19.60 11.18
C ALA D 784 5.71 18.27 10.81
N GLU D 785 6.11 17.47 11.80
CA GLU D 785 6.92 16.30 11.45
C GLU D 785 6.33 15.56 10.27
N VAL D 786 5.00 15.48 10.20
CA VAL D 786 4.36 14.90 9.01
C VAL D 786 4.66 15.74 7.78
N ASN D 787 4.55 17.07 7.93
CA ASN D 787 4.81 17.93 6.79
C ASN D 787 6.22 17.73 6.25
N GLU D 788 7.21 17.65 7.16
CA GLU D 788 8.58 17.42 6.72
C GLU D 788 8.79 16.01 6.22
N ASN D 789 8.06 15.02 6.74
CA ASN D 789 8.09 13.71 6.08
C ASN D 789 7.76 13.86 4.61
N GLY D 790 6.72 14.62 4.33
CA GLY D 790 6.34 14.84 2.94
C GLY D 790 7.49 15.38 2.11
N ARG D 791 8.11 16.47 2.57
CA ARG D 791 9.23 17.04 1.84
C ARG D 791 10.39 16.05 1.73
N ILE D 792 10.74 15.41 2.84
CA ILE D 792 11.89 14.53 2.86
C ILE D 792 11.74 13.44 1.83
N TYR D 793 10.54 12.91 1.71
CA TYR D 793 10.26 11.85 0.75
C TYR D 793 9.61 12.39 -0.51
N ARG D 794 9.74 13.70 -0.74
CA ARG D 794 9.23 14.29 -1.97
C ARG D 794 9.78 13.54 -3.16
N PHE D 795 8.94 13.39 -4.18
CA PHE D 795 9.35 12.70 -5.38
C PHE D 795 10.05 13.63 -6.36
N HIS D 796 10.02 14.93 -6.09
CA HIS D 796 10.57 15.92 -7.00
C HIS D 796 12.04 15.65 -7.27
N ASP D 797 12.47 15.99 -8.48
CA ASP D 797 13.88 15.91 -8.83
C ASP D 797 14.70 16.76 -7.87
N VAL D 798 15.93 16.33 -7.62
CA VAL D 798 16.83 17.07 -6.76
C VAL D 798 17.92 17.72 -7.61
N MET E 1 -40.29 12.08 76.27
CA MET E 1 -40.72 12.77 77.51
C MET E 1 -42.16 12.41 77.87
N GLU E 2 -42.96 12.17 76.83
CA GLU E 2 -44.38 11.88 77.05
C GLU E 2 -44.57 10.68 77.96
N ARG E 3 -43.59 9.79 78.01
CA ARG E 3 -43.71 8.57 78.80
C ARG E 3 -44.06 8.87 80.24
N PHE E 4 -43.59 9.98 80.78
CA PHE E 4 -43.73 10.22 82.22
C PHE E 4 -45.16 10.62 82.58
N LEU E 5 -45.83 11.38 81.71
CA LEU E 5 -47.23 11.70 81.91
C LEU E 5 -48.12 10.47 81.87
N LEU E 6 -47.62 9.35 81.34
CA LEU E 6 -48.36 8.11 81.30
C LEU E 6 -47.84 7.09 82.31
N ASN E 7 -46.65 7.31 82.87
CA ASN E 7 -46.06 6.41 83.85
C ASN E 7 -45.44 7.27 84.94
N SER E 8 -46.14 7.40 86.06
CA SER E 8 -45.63 8.16 87.20
C SER E 8 -46.43 7.78 88.43
N THR E 9 -45.77 7.15 89.40
CA THR E 9 -46.46 6.77 90.63
C THR E 9 -46.97 8.00 91.36
N VAL E 10 -46.16 9.05 91.43
CA VAL E 10 -46.60 10.27 92.11
C VAL E 10 -47.77 10.89 91.36
N LEU E 11 -47.70 10.90 90.03
CA LEU E 11 -48.81 11.42 89.24
C LEU E 11 -50.09 10.67 89.55
N LEU E 12 -50.04 9.34 89.46
CA LEU E 12 -51.21 8.52 89.78
C LEU E 12 -51.71 8.80 91.19
N TYR E 13 -50.79 8.86 92.15
CA TYR E 13 -51.16 9.05 93.54
C TYR E 13 -51.95 10.33 93.73
N ARG E 14 -51.38 11.44 93.28
CA ARG E 14 -52.05 12.73 93.48
C ARG E 14 -53.35 12.78 92.68
N LEU E 15 -53.33 12.23 91.46
CA LEU E 15 -54.51 12.27 90.62
C LEU E 15 -55.67 11.54 91.28
N SER E 16 -55.39 10.37 91.85
CA SER E 16 -56.39 9.65 92.62
C SER E 16 -56.84 10.41 93.85
N THR E 17 -55.93 11.06 94.56
CA THR E 17 -56.27 11.71 95.82
C THR E 17 -57.10 12.98 95.64
N VAL E 18 -56.77 13.84 94.68
CA VAL E 18 -57.41 15.15 94.59
C VAL E 18 -58.86 14.99 94.13
N SER E 19 -59.64 16.05 94.33
CA SER E 19 -61.03 16.06 93.92
C SER E 19 -61.16 16.12 92.41
N LEU E 20 -62.19 15.46 91.89
CA LEU E 20 -62.47 15.48 90.46
C LEU E 20 -62.91 16.85 89.97
N ASP E 21 -63.34 17.73 90.86
CA ASP E 21 -63.72 19.09 90.51
C ASP E 21 -62.55 20.05 90.63
N GLU E 22 -61.36 19.52 90.93
CA GLU E 22 -60.23 20.40 91.24
C GLU E 22 -59.88 21.30 90.06
N VAL E 23 -59.67 20.70 88.88
CA VAL E 23 -59.36 21.46 87.67
C VAL E 23 -58.05 22.21 87.86
N SER E 24 -57.41 22.59 86.74
CA SER E 24 -56.21 23.43 86.76
C SER E 24 -55.08 22.76 87.54
N LEU E 25 -54.63 21.63 86.98
CA LEU E 25 -53.58 20.82 87.61
C LEU E 25 -52.27 20.88 86.84
N ASP E 26 -52.09 21.88 85.98
CA ASP E 26 -50.94 21.89 85.08
C ASP E 26 -49.62 22.03 85.83
N GLU E 27 -49.55 22.97 86.78
CA GLU E 27 -48.31 23.19 87.51
C GLU E 27 -47.91 21.98 88.34
N ARG E 28 -48.86 21.45 89.12
CA ARG E 28 -48.54 20.23 89.85
C ARG E 28 -48.17 19.10 88.92
N VAL E 29 -48.81 19.03 87.74
CA VAL E 29 -48.48 17.95 86.81
C VAL E 29 -47.04 18.06 86.33
N GLU E 30 -46.60 19.27 85.97
CA GLU E 30 -45.22 19.41 85.53
C GLU E 30 -44.27 19.05 86.67
N SER E 31 -44.60 19.48 87.89
CA SER E 31 -43.75 19.16 89.03
C SER E 31 -43.67 17.65 89.23
N SER E 32 -44.82 16.96 89.17
CA SER E 32 -44.83 15.52 89.36
C SER E 32 -44.07 14.82 88.25
N VAL E 33 -44.16 15.34 87.02
CA VAL E 33 -43.36 14.80 85.92
C VAL E 33 -41.88 14.94 86.23
N PHE E 34 -41.50 16.09 86.80
CA PHE E 34 -40.10 16.29 87.15
C PHE E 34 -39.64 15.27 88.17
N LEU E 35 -40.45 15.02 89.19
CA LEU E 35 -40.10 14.00 90.17
C LEU E 35 -40.01 12.62 89.53
N ALA E 36 -40.97 12.28 88.67
CA ALA E 36 -40.97 10.97 88.06
C ALA E 36 -39.74 10.75 87.21
N GLN E 37 -39.34 11.77 86.44
CA GLN E 37 -38.13 11.64 85.63
C GLN E 37 -36.89 11.56 86.50
N TYR E 38 -36.82 12.37 87.56
CA TYR E 38 -35.69 12.25 88.47
C TYR E 38 -35.58 10.82 88.99
N GLU E 39 -36.71 10.21 89.33
CA GLU E 39 -36.69 8.83 89.79
C GLU E 39 -36.21 7.88 88.69
N GLN E 40 -36.83 7.95 87.51
CA GLN E 40 -36.63 6.92 86.51
C GLN E 40 -35.33 7.12 85.73
N ALA E 41 -35.21 8.23 85.03
CA ALA E 41 -34.01 8.56 84.27
C ALA E 41 -33.33 9.71 84.98
N ARG E 42 -32.49 9.37 85.97
CA ARG E 42 -31.83 10.40 86.77
C ARG E 42 -30.85 11.20 85.92
N SER E 43 -30.27 10.58 84.90
CA SER E 43 -29.15 11.16 84.16
C SER E 43 -29.53 12.43 83.40
N LEU E 44 -30.80 12.72 83.24
CA LEU E 44 -31.20 13.88 82.46
C LEU E 44 -30.71 15.15 83.14
N PRO E 45 -29.92 16.00 82.46
CA PRO E 45 -29.27 17.11 83.18
C PRO E 45 -30.15 18.30 83.55
N ASP E 46 -31.35 18.05 84.05
CA ASP E 46 -32.07 19.07 84.82
C ASP E 46 -32.51 20.28 84.01
N HIS E 47 -32.12 20.36 82.74
CA HIS E 47 -32.49 21.52 81.95
C HIS E 47 -33.08 21.06 80.62
N VAL E 48 -32.60 19.92 80.14
CA VAL E 48 -33.26 19.27 79.01
C VAL E 48 -34.70 18.97 79.39
N ALA E 49 -34.93 18.57 80.64
CA ALA E 49 -36.28 18.33 81.10
C ALA E 49 -37.13 19.58 81.01
N LYS E 50 -36.60 20.69 81.51
CA LYS E 50 -37.37 21.94 81.51
C LYS E 50 -37.68 22.34 80.07
N SER E 51 -36.68 22.24 79.19
CA SER E 51 -36.89 22.57 77.79
C SER E 51 -37.93 21.66 77.15
N ALA E 52 -37.85 20.36 77.42
CA ALA E 52 -38.78 19.41 76.83
C ALA E 52 -40.20 19.67 77.30
N TRP E 53 -40.38 19.93 78.59
CA TRP E 53 -41.71 20.21 79.10
C TRP E 53 -42.26 21.49 78.49
N SER E 54 -41.41 22.53 78.38
CA SER E 54 -41.84 23.76 77.73
C SER E 54 -42.26 23.51 76.30
N TYR E 55 -41.50 22.70 75.57
CA TYR E 55 -41.85 22.40 74.19
C TYR E 55 -43.15 21.62 74.10
N LEU E 56 -43.35 20.67 75.00
CA LEU E 56 -44.59 19.89 75.00
C LEU E 56 -45.80 20.77 75.27
N VAL E 57 -45.70 21.64 76.26
CA VAL E 57 -46.83 22.51 76.58
C VAL E 57 -47.05 23.50 75.44
N GLN E 58 -45.97 23.99 74.84
CA GLN E 58 -46.09 24.86 73.67
C GLN E 58 -46.83 24.14 72.55
N GLN E 59 -46.47 22.87 72.31
CA GLN E 59 -47.13 22.08 71.29
C GLN E 59 -48.62 21.97 71.55
N ILE E 60 -48.98 21.55 72.77
CA ILE E 60 -50.39 21.28 73.06
C ILE E 60 -51.19 22.57 73.03
N LYS E 61 -50.61 23.67 73.51
CA LYS E 61 -51.25 24.97 73.40
C LYS E 61 -51.47 25.35 71.95
N GLN E 62 -50.44 25.19 71.12
CA GLN E 62 -50.55 25.59 69.72
C GLN E 62 -51.60 24.76 69.01
N ARG E 63 -51.68 23.47 69.31
CA ARG E 63 -52.61 22.58 68.65
C ARG E 63 -53.97 22.54 69.33
N ASN E 64 -54.12 23.30 70.42
CA ASN E 64 -55.43 23.56 71.01
C ASN E 64 -56.02 22.32 71.68
N MET E 65 -55.18 21.59 72.40
CA MET E 65 -55.66 20.52 73.27
C MET E 65 -55.34 20.86 74.72
N LYS E 66 -55.88 20.03 75.61
CA LYS E 66 -55.65 20.13 77.04
C LYS E 66 -54.74 18.99 77.47
N LEU E 67 -53.94 19.22 78.50
CA LEU E 67 -52.99 18.21 78.92
C LEU E 67 -53.74 16.93 79.26
N GLY E 68 -53.57 15.90 78.44
CA GLY E 68 -54.30 14.65 78.63
C GLY E 68 -53.91 13.58 77.65
N PRO E 69 -54.24 12.32 77.95
CA PRO E 69 -53.82 11.22 77.07
C PRO E 69 -54.32 11.37 75.67
N VAL E 70 -55.48 11.97 75.44
CA VAL E 70 -55.86 12.24 74.07
C VAL E 70 -54.72 12.97 73.37
N ALA E 71 -54.27 14.08 73.95
CA ALA E 71 -53.19 14.85 73.34
C ALA E 71 -51.88 14.08 73.33
N ILE E 72 -51.56 13.40 74.43
CA ILE E 72 -50.29 12.70 74.54
C ILE E 72 -50.22 11.59 73.51
N LEU E 73 -51.26 10.78 73.45
CA LEU E 73 -51.34 9.67 72.51
C LEU E 73 -51.33 10.21 71.08
N ARG E 74 -52.00 11.33 70.84
CA ARG E 74 -51.97 11.95 69.52
C ARG E 74 -50.56 12.34 69.14
N LEU E 75 -49.85 13.02 70.04
CA LEU E 75 -48.48 13.44 69.73
C LEU E 75 -47.60 12.22 69.48
N ILE E 76 -47.74 11.20 70.32
CA ILE E 76 -46.92 10.00 70.19
C ILE E 76 -47.20 9.32 68.86
N ALA E 77 -48.47 9.20 68.49
CA ALA E 77 -48.83 8.58 67.23
C ALA E 77 -48.31 9.39 66.05
N GLU E 78 -48.45 10.72 66.10
CA GLU E 78 -47.86 11.57 65.08
C GLU E 78 -46.38 11.27 64.94
N LYS E 79 -45.69 11.12 66.07
CA LYS E 79 -44.25 10.94 66.05
C LYS E 79 -43.85 9.54 65.58
N PHE E 80 -44.70 8.54 65.79
CA PHE E 80 -44.31 7.15 65.61
C PHE E 80 -45.02 6.45 64.44
N ILE E 81 -46.35 6.44 64.43
CA ILE E 81 -47.12 5.53 63.60
C ILE E 81 -47.48 6.18 62.28
N LYS E 82 -47.35 5.42 61.19
CA LYS E 82 -47.85 5.82 59.88
C LYS E 82 -48.65 4.67 59.27
N ASN E 83 -49.45 4.96 58.25
CA ASN E 83 -50.27 3.97 57.57
C ASN E 83 -49.60 3.64 56.24
N GLU E 84 -49.38 2.35 55.99
CA GLU E 84 -48.62 1.94 54.82
C GLU E 84 -48.92 0.50 54.45
N LYS E 85 -49.01 0.24 53.14
CA LYS E 85 -49.25 -1.08 52.57
C LYS E 85 -50.46 -1.70 53.25
N GLY E 86 -50.32 -2.08 54.51
CA GLY E 86 -51.39 -2.69 55.27
C GLY E 86 -51.32 -2.22 56.71
N GLY E 87 -52.40 -1.61 57.18
CA GLY E 87 -52.49 -1.18 58.55
C GLY E 87 -51.39 -0.19 58.91
N PRO E 88 -51.43 0.28 60.16
CA PRO E 88 -50.38 1.19 60.62
C PRO E 88 -49.04 0.49 60.79
N LYS E 89 -47.96 1.27 60.72
CA LYS E 89 -46.62 0.76 60.96
C LYS E 89 -45.84 1.78 61.78
N ILE E 90 -44.57 1.48 62.00
CA ILE E 90 -43.64 2.39 62.67
C ILE E 90 -42.41 2.60 61.81
N ASP E 91 -41.95 3.84 61.74
CA ASP E 91 -40.84 4.20 60.87
C ASP E 91 -39.55 3.59 61.41
N LEU E 92 -38.66 3.20 60.50
CA LEU E 92 -37.49 2.41 60.87
C LEU E 92 -36.57 3.12 61.86
N PRO E 93 -36.12 4.36 61.62
CA PRO E 93 -35.22 4.98 62.60
C PRO E 93 -35.76 5.02 64.01
N MET E 94 -37.06 5.27 64.19
CA MET E 94 -37.63 5.42 65.51
C MET E 94 -38.10 4.11 66.13
N PHE E 95 -37.83 2.97 65.51
CA PHE E 95 -38.22 1.71 66.13
C PHE E 95 -37.49 1.48 67.45
N SER E 96 -36.19 1.79 67.49
CA SER E 96 -35.45 1.61 68.73
C SER E 96 -36.13 2.37 69.86
N GLU E 97 -36.44 3.64 69.62
CA GLU E 97 -37.07 4.44 70.65
C GLU E 97 -38.49 3.98 70.89
N TRP E 98 -39.16 3.41 69.88
CA TRP E 98 -40.44 2.78 70.14
C TRP E 98 -40.24 1.82 71.28
N GLN E 99 -39.26 0.93 71.11
CA GLN E 99 -39.06 -0.20 72.00
C GLN E 99 -38.72 0.29 73.38
N THR E 100 -37.87 1.31 73.45
CA THR E 100 -37.65 2.00 74.72
C THR E 100 -38.98 2.38 75.33
N LEU E 101 -39.84 3.05 74.56
CA LEU E 101 -41.12 3.49 75.10
C LEU E 101 -41.91 2.32 75.67
N MET E 102 -42.09 1.26 74.88
CA MET E 102 -42.90 0.13 75.34
C MET E 102 -42.30 -0.56 76.54
N SER E 103 -41.00 -0.42 76.75
CA SER E 103 -40.46 -0.83 78.04
C SER E 103 -41.05 -0.02 79.20
N ARG E 104 -41.93 0.95 78.91
CA ARG E 104 -42.61 1.73 79.94
C ARG E 104 -44.10 1.92 79.68
N VAL E 105 -44.57 1.75 78.44
CA VAL E 105 -45.91 2.16 78.05
C VAL E 105 -46.59 1.04 77.28
N SER E 106 -47.92 1.02 77.34
CA SER E 106 -48.72 0.12 76.53
C SER E 106 -49.01 0.73 75.16
N CYS E 107 -48.91 -0.10 74.13
CA CYS E 107 -49.15 0.33 72.76
C CYS E 107 -50.63 0.49 72.44
N LEU E 108 -51.50 -0.34 72.99
CA LEU E 108 -52.89 -0.38 72.55
C LEU E 108 -53.53 1.00 72.55
N PRO E 109 -53.38 1.83 73.59
CA PRO E 109 -53.96 3.17 73.51
C PRO E 109 -53.42 3.98 72.35
N ILE E 110 -52.12 3.87 72.09
CA ILE E 110 -51.51 4.61 71.00
C ILE E 110 -52.09 4.14 69.67
N ILE E 111 -52.26 2.82 69.54
CA ILE E 111 -52.79 2.26 68.31
C ILE E 111 -54.21 2.76 68.09
N ALA E 112 -55.02 2.77 69.16
CA ALA E 112 -56.38 3.28 69.03
C ALA E 112 -56.37 4.75 68.62
N CYS E 113 -55.50 5.54 69.24
CA CYS E 113 -55.46 6.97 68.93
C CYS E 113 -55.04 7.20 67.48
N HIS E 114 -54.05 6.45 67.02
CA HIS E 114 -53.65 6.56 65.62
C HIS E 114 -54.79 6.19 64.70
N GLN E 115 -55.50 5.09 64.99
CA GLN E 115 -56.63 4.73 64.15
C GLN E 115 -57.67 5.84 64.13
N VAL E 116 -57.92 6.46 65.28
CA VAL E 116 -58.98 7.45 65.37
C VAL E 116 -58.62 8.72 64.63
N PHE E 117 -57.42 9.26 64.86
CA PHE E 117 -57.05 10.57 64.33
C PHE E 117 -56.30 10.50 63.01
N ASN E 118 -55.97 9.32 62.53
CA ASN E 118 -55.32 9.19 61.24
C ASN E 118 -55.56 7.80 60.68
N PRO E 119 -56.80 7.39 60.50
CA PRO E 119 -57.06 6.06 59.93
C PRO E 119 -56.60 5.98 58.49
N GLY E 120 -56.21 4.78 58.08
CA GLY E 120 -55.74 4.55 56.74
C GLY E 120 -56.88 4.53 55.76
N PRO E 121 -56.63 4.04 54.54
CA PRO E 121 -57.71 3.93 53.56
C PRO E 121 -58.86 3.10 54.12
N ALA E 122 -60.08 3.55 53.83
CA ALA E 122 -61.26 2.85 54.33
C ALA E 122 -61.54 1.63 53.46
N SER E 123 -60.53 0.79 53.26
CA SER E 123 -60.69 -0.44 52.49
C SER E 123 -60.05 -1.65 53.14
N GLN E 124 -59.29 -1.48 54.21
CA GLN E 124 -58.68 -2.58 54.95
C GLN E 124 -59.23 -2.51 56.38
N GLU E 125 -60.29 -3.28 56.64
CA GLU E 125 -60.92 -3.27 57.95
C GLU E 125 -59.88 -3.64 59.00
N TYR E 126 -59.53 -2.69 59.88
CA TYR E 126 -58.46 -2.91 60.83
C TYR E 126 -58.98 -3.66 62.04
N SER E 127 -58.39 -4.82 62.32
CA SER E 127 -58.58 -5.54 63.57
C SER E 127 -57.33 -5.35 64.41
N PHE E 128 -57.51 -4.98 65.67
CA PHE E 128 -56.37 -4.69 66.52
C PHE E 128 -55.43 -5.89 66.58
N ARG E 129 -54.19 -5.68 66.14
CA ARG E 129 -53.18 -6.71 66.19
C ARG E 129 -51.92 -6.10 66.79
N TRP E 130 -51.35 -6.76 67.77
CA TRP E 130 -50.29 -6.18 68.56
C TRP E 130 -49.03 -7.03 68.49
N PRO E 131 -47.84 -6.42 68.55
CA PRO E 131 -47.63 -4.97 68.51
C PRO E 131 -47.74 -4.47 67.09
N LEU E 132 -47.46 -3.19 66.86
CA LEU E 132 -47.25 -2.72 65.50
C LEU E 132 -45.85 -3.09 65.07
N TYR E 133 -45.46 -2.69 63.87
CA TYR E 133 -44.15 -3.04 63.37
C TYR E 133 -43.66 -2.01 62.37
N PRO E 134 -42.36 -1.92 62.14
CA PRO E 134 -41.85 -1.29 60.93
C PRO E 134 -42.01 -2.25 59.76
N TYR E 135 -41.62 -1.78 58.58
CA TYR E 135 -41.68 -2.59 57.37
C TYR E 135 -40.38 -2.47 56.60
N HIS E 136 -39.92 -3.57 56.05
CA HIS E 136 -38.91 -3.53 55.00
C HIS E 136 -39.19 -4.66 54.03
N PRO E 137 -39.18 -4.39 52.72
CA PRO E 137 -39.52 -5.45 51.76
C PRO E 137 -38.65 -6.68 51.90
N THR E 138 -37.37 -6.49 52.19
CA THR E 138 -36.45 -7.62 52.24
C THR E 138 -36.75 -8.52 53.43
N VAL E 139 -36.91 -7.94 54.61
CA VAL E 139 -37.23 -8.76 55.77
C VAL E 139 -38.59 -9.41 55.59
N GLU E 140 -39.51 -8.69 54.95
CA GLU E 140 -40.82 -9.27 54.68
C GLU E 140 -40.71 -10.50 53.81
N ASP E 141 -39.99 -10.39 52.69
CA ASP E 141 -39.81 -11.54 51.83
C ASP E 141 -39.10 -12.66 52.57
N TYR E 142 -38.13 -12.31 53.41
CA TYR E 142 -37.41 -13.34 54.15
C TYR E 142 -38.33 -14.12 55.07
N ILE E 143 -39.12 -13.41 55.86
CA ILE E 143 -40.06 -14.09 56.76
C ILE E 143 -41.01 -14.96 55.95
N THR E 144 -41.49 -14.43 54.83
CA THR E 144 -42.39 -15.23 54.00
C THR E 144 -41.72 -16.50 53.52
N ARG E 145 -40.46 -16.39 53.09
CA ARG E 145 -39.78 -17.52 52.47
C ARG E 145 -39.37 -18.56 53.48
N GLU E 146 -38.99 -18.13 54.69
CA GLU E 146 -38.45 -19.04 55.68
C GLU E 146 -39.19 -19.01 57.01
N CYS E 147 -39.99 -17.98 57.28
CA CYS E 147 -40.67 -17.87 58.56
C CYS E 147 -39.65 -17.82 59.69
N LEU E 148 -40.12 -17.64 60.92
CA LEU E 148 -39.24 -17.54 62.07
C LEU E 148 -39.37 -18.77 62.95
N HIS E 149 -38.53 -18.82 63.99
CA HIS E 149 -38.42 -19.97 64.87
C HIS E 149 -38.23 -19.47 66.29
N GLU E 150 -39.23 -19.72 67.14
CA GLU E 150 -39.21 -19.29 68.53
C GLU E 150 -38.59 -20.36 69.39
N THR E 151 -37.57 -19.98 70.17
CA THR E 151 -36.80 -20.91 70.97
C THR E 151 -36.81 -20.58 72.45
N HIS E 152 -37.05 -19.32 72.83
CA HIS E 152 -36.82 -18.88 74.20
C HIS E 152 -38.00 -18.00 74.60
N GLN E 153 -39.05 -18.63 75.13
CA GLN E 153 -40.27 -17.93 75.56
C GLN E 153 -40.76 -18.58 76.86
N HIS E 154 -40.27 -18.08 77.99
CA HIS E 154 -40.30 -18.38 79.42
C HIS E 154 -40.38 -17.14 80.32
N LEU E 155 -40.84 -16.00 79.81
CA LEU E 155 -40.84 -14.79 80.63
C LEU E 155 -42.11 -14.65 81.46
N ASN E 156 -43.26 -14.57 80.79
CA ASN E 156 -44.56 -14.49 81.46
C ASN E 156 -45.37 -15.66 80.96
N GLY E 157 -45.16 -16.83 81.56
CA GLY E 157 -45.70 -18.04 81.00
C GLY E 157 -45.19 -18.14 79.57
N SER E 158 -46.09 -17.90 78.62
CA SER E 158 -45.67 -17.64 77.25
C SER E 158 -46.52 -16.54 76.62
N THR E 159 -47.11 -15.64 77.40
CA THR E 159 -47.95 -14.56 76.91
C THR E 159 -47.30 -13.21 77.17
N SER E 160 -47.82 -12.20 76.48
CA SER E 160 -47.42 -10.83 76.76
C SER E 160 -48.21 -10.27 77.95
N ALA E 161 -47.54 -9.41 78.71
CA ALA E 161 -48.16 -8.84 79.90
C ALA E 161 -49.40 -8.02 79.58
N GLU E 162 -49.50 -7.47 78.37
CA GLU E 162 -50.68 -6.69 78.01
C GLU E 162 -51.95 -7.47 78.26
N GLU E 163 -51.95 -8.77 77.94
CA GLU E 163 -53.12 -9.60 78.19
C GLU E 163 -53.25 -9.97 79.65
N CYS E 164 -52.13 -10.07 80.38
CA CYS E 164 -52.20 -10.33 81.81
C CYS E 164 -52.97 -9.25 82.55
N TRP E 165 -52.89 -8.01 82.06
CA TRP E 165 -53.70 -6.94 82.63
C TRP E 165 -55.17 -7.32 82.63
N LEU E 166 -55.74 -7.49 81.43
CA LEU E 166 -57.15 -7.84 81.34
C LEU E 166 -57.45 -9.16 82.02
N ASP E 167 -56.45 -10.05 82.10
CA ASP E 167 -56.65 -11.30 82.84
C ASP E 167 -56.91 -11.00 84.31
N ALA E 168 -56.12 -10.12 84.90
CA ALA E 168 -56.35 -9.72 86.29
C ALA E 168 -57.70 -9.03 86.43
N LEU E 169 -58.05 -8.18 85.47
CA LEU E 169 -59.35 -7.52 85.52
C LEU E 169 -60.49 -8.53 85.48
N LYS E 170 -60.38 -9.56 84.64
CA LYS E 170 -61.38 -10.61 84.61
C LYS E 170 -61.41 -11.39 85.92
N HIS E 171 -60.24 -11.63 86.49
CA HIS E 171 -60.12 -12.38 87.74
C HIS E 171 -59.31 -11.55 88.73
N PRO E 172 -59.89 -10.47 89.24
CA PRO E 172 -59.15 -9.61 90.16
C PRO E 172 -58.76 -10.31 91.44
N GLU E 173 -59.74 -10.93 92.12
CA GLU E 173 -59.48 -11.59 93.39
C GLU E 173 -58.35 -12.60 93.27
N ALA E 174 -58.23 -13.26 92.12
CA ALA E 174 -57.11 -14.18 91.91
C ALA E 174 -55.78 -13.43 91.91
N CYS E 175 -55.74 -12.28 91.24
CA CYS E 175 -54.54 -11.46 91.30
C CYS E 175 -54.24 -11.04 92.73
N LEU E 176 -55.28 -10.68 93.48
CA LEU E 176 -55.10 -10.32 94.88
C LEU E 176 -54.51 -11.47 95.67
N ARG E 177 -55.03 -12.68 95.48
CA ARG E 177 -54.57 -13.82 96.25
C ARG E 177 -53.12 -14.13 95.94
N ASP E 178 -52.77 -14.14 94.65
CA ASP E 178 -51.39 -14.38 94.25
C ASP E 178 -50.47 -13.30 94.81
N PHE E 179 -50.94 -12.05 94.79
CA PHE E 179 -50.10 -10.93 95.16
C PHE E 179 -49.83 -10.93 96.66
N GLU E 180 -50.89 -11.12 97.45
CA GLU E 180 -50.72 -11.27 98.89
C GLU E 180 -49.84 -12.46 99.20
N LYS E 181 -50.10 -13.60 98.54
CA LYS E 181 -49.28 -14.80 98.71
C LYS E 181 -48.01 -14.58 97.90
N GLY E 182 -47.05 -13.93 98.54
CA GLY E 182 -45.88 -13.42 97.87
C GLY E 182 -45.45 -12.12 98.50
N TRP E 183 -46.42 -11.40 99.06
CA TRP E 183 -46.04 -10.29 99.93
C TRP E 183 -45.30 -10.71 101.19
N ALA E 184 -45.60 -11.87 101.78
CA ALA E 184 -44.78 -12.32 102.90
C ALA E 184 -43.34 -12.57 102.47
N SER E 185 -43.11 -12.75 101.16
CA SER E 185 -41.76 -12.95 100.65
C SER E 185 -40.99 -11.63 100.67
N GLN E 186 -39.77 -11.68 101.18
CA GLN E 186 -38.97 -10.46 101.33
C GLN E 186 -38.75 -9.78 99.98
N GLU E 187 -38.34 -10.55 98.97
CA GLU E 187 -37.86 -9.96 97.73
C GLU E 187 -38.89 -9.04 97.10
N MET E 188 -40.11 -9.54 96.92
CA MET E 188 -41.12 -8.72 96.24
C MET E 188 -41.48 -7.52 97.09
N LYS E 189 -41.29 -7.59 98.41
CA LYS E 189 -41.46 -6.40 99.22
C LYS E 189 -40.50 -5.31 98.77
N GLN E 190 -39.23 -5.66 98.58
CA GLN E 190 -38.26 -4.68 98.11
C GLN E 190 -38.62 -4.22 96.70
N LEU E 191 -39.07 -5.14 95.85
CA LEU E 191 -39.44 -4.76 94.49
C LEU E 191 -40.55 -3.71 94.50
N CYS E 192 -41.60 -3.96 95.27
CA CYS E 192 -42.75 -3.06 95.29
C CYS E 192 -42.39 -1.76 95.99
N ALA E 193 -41.53 -1.81 97.00
CA ALA E 193 -41.06 -0.57 97.61
C ALA E 193 -40.29 0.26 96.61
N GLN E 194 -39.44 -0.38 95.82
CA GLN E 194 -38.67 0.33 94.80
C GLN E 194 -39.59 0.95 93.75
N ILE E 195 -40.59 0.20 93.29
CA ILE E 195 -41.48 0.70 92.26
C ILE E 195 -42.40 1.76 92.82
N ASP E 196 -43.25 1.37 93.77
CA ASP E 196 -44.18 2.25 94.44
C ASP E 196 -43.96 2.09 95.93
N PRO E 197 -43.21 2.98 96.59
CA PRO E 197 -42.91 2.77 98.02
C PRO E 197 -44.10 2.32 98.83
N SER E 198 -45.17 3.11 98.86
CA SER E 198 -46.39 2.76 99.59
C SER E 198 -47.42 2.13 98.66
N LEU E 199 -47.06 0.97 98.11
CA LEU E 199 -47.99 0.24 97.24
C LEU E 199 -48.98 -0.56 98.08
N THR E 200 -48.49 -1.56 98.80
CA THR E 200 -49.26 -2.37 99.73
C THR E 200 -50.51 -3.00 99.13
N PRO E 201 -50.98 -4.12 99.69
CA PRO E 201 -52.13 -4.82 99.11
C PRO E 201 -53.43 -4.03 99.13
N ARG E 202 -53.70 -3.24 100.17
CA ARG E 202 -54.97 -2.52 100.17
C ARG E 202 -55.06 -1.55 99.00
N ILE E 203 -54.00 -0.77 98.77
CA ILE E 203 -54.06 0.12 97.61
C ILE E 203 -53.92 -0.68 96.32
N PHE E 204 -53.30 -1.86 96.36
CA PHE E 204 -53.34 -2.73 95.18
C PHE E 204 -54.77 -3.01 94.75
N LYS E 205 -55.55 -3.62 95.65
CA LYS E 205 -56.93 -3.95 95.32
C LYS E 205 -57.74 -2.70 95.05
N ASP E 206 -57.45 -1.61 95.77
CA ASP E 206 -58.17 -0.37 95.55
C ASP E 206 -57.96 0.13 94.13
N ARG E 207 -56.71 0.11 93.66
CA ARG E 207 -56.40 0.54 92.31
C ARG E 207 -57.09 -0.36 91.30
N LEU E 208 -57.09 -1.66 91.56
CA LEU E 208 -57.76 -2.58 90.63
C LEU E 208 -59.25 -2.25 90.53
N GLN E 209 -59.89 -2.04 91.67
CA GLN E 209 -61.33 -1.75 91.65
C GLN E 209 -61.60 -0.41 91.00
N ILE E 210 -60.74 0.57 91.24
CA ILE E 210 -60.87 1.86 90.58
C ILE E 210 -60.78 1.68 89.07
N ALA E 211 -59.82 0.88 88.62
CA ALA E 211 -59.68 0.64 87.19
C ALA E 211 -60.94 -0.02 86.62
N CYS E 212 -61.49 -0.99 87.35
CA CYS E 212 -62.70 -1.65 86.89
C CYS E 212 -63.84 -0.65 86.76
N ASN E 213 -64.02 0.17 87.80
CA ASN E 213 -65.14 1.11 87.79
C ASN E 213 -64.95 2.14 86.68
N ILE E 214 -63.71 2.58 86.48
CA ILE E 214 -63.42 3.50 85.38
C ILE E 214 -63.76 2.86 84.06
N ARG E 215 -63.35 1.61 83.84
CA ARG E 215 -63.62 1.01 82.54
C ARG E 215 -65.12 0.96 82.31
N GLU E 216 -65.89 0.63 83.34
CA GLU E 216 -67.33 0.50 83.15
C GLU E 216 -67.99 1.85 82.88
N ILE E 217 -67.61 2.89 83.64
CA ILE E 217 -68.27 4.18 83.48
C ILE E 217 -67.87 4.82 82.15
N LEU E 218 -66.59 4.75 81.80
CA LEU E 218 -66.19 5.20 80.48
C LEU E 218 -66.74 4.31 79.38
N CYS E 219 -67.09 3.05 79.67
CA CYS E 219 -67.83 2.26 78.69
C CYS E 219 -69.20 2.86 78.46
N ARG E 220 -69.88 3.24 79.54
CA ARG E 220 -71.17 3.89 79.41
C ARG E 220 -71.06 5.15 78.57
N VAL E 221 -70.05 5.98 78.85
CA VAL E 221 -69.96 7.22 78.08
C VAL E 221 -69.56 6.93 76.63
N ALA E 222 -68.67 5.96 76.39
CA ALA E 222 -68.28 5.64 75.03
C ALA E 222 -69.47 5.18 74.21
N GLN E 223 -70.28 4.29 74.77
CA GLN E 223 -71.54 3.92 74.11
C GLN E 223 -72.54 5.05 74.14
N GLY E 224 -72.28 6.12 74.88
CA GLY E 224 -73.16 7.26 74.92
C GLY E 224 -74.51 6.90 75.47
N VAL E 225 -74.55 6.32 76.67
CA VAL E 225 -75.79 5.85 77.26
C VAL E 225 -76.02 6.64 78.55
N GLU E 226 -76.67 7.79 78.42
CA GLU E 226 -77.44 8.42 79.48
C GLU E 226 -76.64 8.92 80.68
N LEU E 227 -75.33 8.67 80.71
CA LEU E 227 -74.49 9.15 81.81
C LEU E 227 -75.22 9.02 83.15
N PRO E 228 -75.34 7.79 83.70
CA PRO E 228 -76.22 7.58 84.86
C PRO E 228 -76.07 8.63 85.96
N GLU E 229 -77.12 8.76 86.78
CA GLU E 229 -77.20 9.84 87.76
C GLU E 229 -76.02 9.83 88.71
N TRP E 230 -75.67 8.65 89.22
CA TRP E 230 -74.62 8.56 90.24
C TRP E 230 -73.28 9.10 89.78
N ILE E 231 -73.14 9.51 88.52
CA ILE E 231 -71.96 10.27 88.12
C ILE E 231 -71.86 11.55 88.93
N ALA E 232 -73.00 12.22 89.16
CA ALA E 232 -72.98 13.44 89.96
C ALA E 232 -72.45 13.16 91.36
N SER E 233 -72.91 12.07 91.98
CA SER E 233 -72.39 11.69 93.29
C SER E 233 -70.90 11.39 93.22
N MET E 234 -70.46 10.70 92.17
CA MET E 234 -69.04 10.44 91.96
C MET E 234 -68.28 11.76 91.91
N GLN E 235 -67.45 11.98 92.93
CA GLN E 235 -66.63 13.18 93.05
C GLN E 235 -65.17 12.89 93.33
N ASN E 236 -64.83 11.73 93.87
CA ASN E 236 -63.47 11.44 94.29
C ASN E 236 -63.05 10.06 93.82
N PRO E 237 -61.91 9.93 93.15
CA PRO E 237 -61.54 8.64 92.57
C PRO E 237 -61.52 7.51 93.59
N GLN E 238 -61.15 7.81 94.83
CA GLN E 238 -61.15 6.76 95.85
C GLN E 238 -62.52 6.11 95.97
N GLN E 239 -63.58 6.82 95.59
CA GLN E 239 -64.89 6.22 95.56
C GLN E 239 -64.93 5.00 94.66
N LEU E 240 -64.05 4.96 93.65
CA LEU E 240 -64.00 3.85 92.71
C LEU E 240 -63.26 2.64 93.26
N ALA E 241 -62.72 2.73 94.47
CA ALA E 241 -62.05 1.58 95.08
C ALA E 241 -63.04 0.51 95.53
N ASN E 242 -64.34 0.78 95.49
CA ASN E 242 -65.35 -0.14 95.98
C ASN E 242 -66.16 -0.69 94.81
N SER E 243 -67.04 -1.64 95.13
CA SER E 243 -67.81 -2.32 94.09
C SER E 243 -69.13 -1.63 93.78
N THR E 244 -69.59 -0.71 94.63
CA THR E 244 -70.85 0.00 94.40
C THR E 244 -70.71 1.43 94.86
N ILE E 245 -71.53 2.31 94.27
CA ILE E 245 -71.52 3.73 94.58
C ILE E 245 -72.82 4.10 95.29
N LEU E 246 -72.73 5.04 96.22
CA LEU E 246 -73.85 5.49 97.03
C LEU E 246 -74.19 6.92 96.60
N HIS E 247 -75.35 7.09 95.97
CA HIS E 247 -75.80 8.42 95.55
C HIS E 247 -76.66 9.05 96.64
N ASN E 248 -77.78 8.42 96.97
CA ASN E 248 -78.63 8.82 98.09
C ASN E 248 -79.27 7.56 98.66
N GLY E 249 -78.64 6.99 99.67
CA GLY E 249 -79.21 5.85 100.38
C GLY E 249 -79.08 4.52 99.66
N ARG E 250 -79.10 4.57 98.33
CA ARG E 250 -79.01 3.37 97.50
C ARG E 250 -77.57 3.11 97.10
N GLU E 251 -77.27 1.85 96.82
CA GLU E 251 -75.97 1.44 96.31
C GLU E 251 -76.13 1.06 94.85
N TYR E 252 -75.42 1.76 93.97
CA TYR E 252 -75.52 1.55 92.53
C TYR E 252 -74.26 0.85 92.02
N GLY E 253 -74.47 -0.22 91.26
CA GLY E 253 -73.35 -0.93 90.67
C GLY E 253 -72.88 -0.26 89.39
N PHE E 254 -71.59 -0.44 89.10
CA PHE E 254 -70.98 0.15 87.93
C PHE E 254 -71.12 -0.73 86.68
N ALA E 255 -71.60 -1.95 86.83
CA ALA E 255 -71.74 -2.83 85.68
C ALA E 255 -72.69 -2.24 84.66
N THR E 256 -72.37 -2.43 83.39
CA THR E 256 -73.18 -1.96 82.27
C THR E 256 -73.20 -3.05 81.21
N VAL E 257 -73.65 -2.68 80.01
CA VAL E 257 -73.75 -3.60 78.90
C VAL E 257 -72.55 -3.42 77.98
N TRP E 258 -71.98 -4.53 77.54
CA TRP E 258 -70.84 -4.55 76.64
C TRP E 258 -71.19 -5.30 75.36
N PRO E 259 -70.77 -4.82 74.20
CA PRO E 259 -71.15 -5.52 72.95
C PRO E 259 -70.64 -6.95 72.86
N ILE E 260 -69.33 -7.15 72.98
CA ILE E 260 -68.75 -8.48 72.79
C ILE E 260 -69.01 -9.34 74.01
N ASP E 261 -69.15 -10.64 73.76
CA ASP E 261 -69.41 -11.57 74.85
C ASP E 261 -68.27 -11.56 75.86
N ASP E 262 -67.03 -11.58 75.38
CA ASP E 262 -65.87 -11.44 76.24
C ASP E 262 -65.58 -9.94 76.37
N LYS E 263 -66.13 -9.33 77.42
CA LYS E 263 -65.89 -7.91 77.66
C LYS E 263 -64.44 -7.61 77.97
N TYR E 264 -63.64 -8.63 78.25
CA TYR E 264 -62.23 -8.47 78.61
C TYR E 264 -61.29 -8.80 77.46
N SER E 265 -61.79 -8.81 76.22
CA SER E 265 -60.97 -9.13 75.07
C SER E 265 -60.29 -7.87 74.54
N GLN E 266 -58.98 -7.99 74.31
CA GLN E 266 -58.20 -6.82 73.90
C GLN E 266 -58.83 -6.14 72.69
N GLU E 267 -59.44 -6.91 71.79
CA GLU E 267 -60.22 -6.31 70.72
C GLU E 267 -61.35 -5.47 71.29
N SER E 268 -62.02 -5.96 72.33
CA SER E 268 -63.08 -5.19 72.95
C SER E 268 -62.54 -3.87 73.48
N GLU E 269 -61.44 -3.91 74.22
CA GLU E 269 -60.89 -2.67 74.76
C GLU E 269 -60.46 -1.73 73.64
N PHE E 270 -59.94 -2.28 72.54
CA PHE E 270 -59.57 -1.42 71.42
C PHE E 270 -60.79 -0.71 70.87
N CYS E 271 -61.85 -1.46 70.56
CA CYS E 271 -63.06 -0.84 70.05
C CYS E 271 -63.58 0.22 71.02
N TRP E 272 -63.57 -0.11 72.30
CA TRP E 272 -64.05 0.82 73.32
C TRP E 272 -63.23 2.10 73.36
N LEU E 273 -61.91 1.97 73.46
CA LEU E 273 -61.08 3.15 73.56
C LEU E 273 -61.19 3.99 72.31
N THR E 274 -61.27 3.34 71.15
CA THR E 274 -61.61 4.08 69.95
C THR E 274 -62.86 4.91 70.18
N GLY E 275 -63.99 4.23 70.42
CA GLY E 275 -65.24 4.97 70.60
C GLY E 275 -65.06 6.17 71.50
N LEU E 276 -64.36 5.99 72.62
CA LEU E 276 -64.02 7.12 73.47
C LEU E 276 -63.36 8.23 72.68
N LEU E 277 -62.37 7.87 71.87
CA LEU E 277 -61.56 8.89 71.21
C LEU E 277 -62.33 9.61 70.12
N GLU E 278 -63.09 8.89 69.29
CA GLU E 278 -63.96 9.59 68.35
C GLU E 278 -64.94 10.49 69.09
N LYS E 279 -65.51 10.03 70.19
CA LYS E 279 -66.46 10.88 70.90
C LYS E 279 -65.78 12.15 71.41
N TRP E 280 -64.56 12.02 71.92
CA TRP E 280 -63.81 13.16 72.43
C TRP E 280 -62.95 13.82 71.35
N ARG E 281 -63.24 13.55 70.08
CA ARG E 281 -62.35 14.01 69.01
C ARG E 281 -62.07 15.50 69.12
N PHE E 282 -63.08 16.28 69.50
CA PHE E 282 -62.88 17.72 69.63
C PHE E 282 -62.62 18.16 71.06
N ASN E 283 -63.29 17.54 72.03
CA ASN E 283 -63.06 17.87 73.43
C ASN E 283 -63.65 16.76 74.29
N ALA E 284 -63.25 16.77 75.56
CA ALA E 284 -63.63 15.74 76.51
C ALA E 284 -64.07 16.39 77.80
N PRO E 285 -64.99 15.78 78.55
CA PRO E 285 -65.24 16.26 79.91
C PRO E 285 -63.98 16.11 80.75
N GLU E 286 -63.72 17.14 81.57
CA GLU E 286 -62.50 17.16 82.35
C GLU E 286 -62.44 15.97 83.29
N GLY E 287 -63.55 15.67 83.97
CA GLY E 287 -63.55 14.58 84.93
C GLY E 287 -63.28 13.24 84.29
N LEU E 288 -64.00 12.91 83.22
CA LEU E 288 -63.79 11.64 82.55
C LEU E 288 -62.38 11.57 81.98
N GLU E 289 -61.85 12.71 81.54
CA GLU E 289 -60.49 12.75 81.04
C GLU E 289 -59.49 12.39 82.13
N ARG E 290 -59.66 12.94 83.33
CA ARG E 290 -58.80 12.55 84.44
C ARG E 290 -58.99 11.08 84.81
N LEU E 291 -60.22 10.58 84.72
CA LEU E 291 -60.44 9.16 85.00
C LEU E 291 -59.65 8.31 84.04
N LEU E 292 -59.62 8.70 82.77
CA LEU E 292 -58.76 8.03 81.80
C LEU E 292 -57.30 8.15 82.21
N TRP E 293 -56.88 9.33 82.68
CA TRP E 293 -55.52 9.45 83.20
C TRP E 293 -55.23 8.31 84.15
N ILE E 294 -56.07 8.19 85.17
CA ILE E 294 -55.80 7.30 86.28
C ILE E 294 -55.84 5.85 85.82
N TYR E 295 -56.80 5.51 84.97
CA TYR E 295 -56.83 4.14 84.45
C TYR E 295 -55.53 3.80 83.75
N LEU E 296 -55.09 4.67 82.84
CA LEU E 296 -53.89 4.36 82.07
C LEU E 296 -52.68 4.25 82.98
N LEU E 297 -52.59 5.15 83.96
CA LEU E 297 -51.45 5.11 84.87
C LEU E 297 -51.42 3.79 85.64
N ILE E 298 -52.58 3.35 86.13
CA ILE E 298 -52.63 2.08 86.84
C ILE E 298 -52.25 0.94 85.92
N GLN E 299 -52.81 0.94 84.71
CA GLN E 299 -52.41 -0.04 83.70
C GLN E 299 -50.90 -0.16 83.65
N ASN E 300 -50.21 0.96 83.39
CA ASN E 300 -48.77 0.90 83.20
C ASN E 300 -48.05 0.47 84.48
N GLN E 301 -48.47 1.00 85.63
CA GLN E 301 -47.78 0.66 86.87
C GLN E 301 -47.86 -0.84 87.15
N TYR E 302 -49.06 -1.41 87.03
CA TYR E 302 -49.18 -2.85 87.24
C TYR E 302 -48.37 -3.62 86.21
N LEU E 303 -48.40 -3.20 84.96
CA LEU E 303 -47.67 -3.93 83.94
C LEU E 303 -46.18 -3.92 84.27
N THR E 304 -45.67 -2.78 84.71
CA THR E 304 -44.26 -2.68 85.10
C THR E 304 -43.97 -3.64 86.25
N LEU E 305 -44.84 -3.62 87.27
CA LEU E 305 -44.65 -4.53 88.39
C LEU E 305 -44.56 -5.97 87.90
N LEU E 306 -45.52 -6.37 87.06
CA LEU E 306 -45.58 -7.75 86.60
C LEU E 306 -44.31 -8.11 85.83
N VAL E 307 -43.91 -7.27 84.88
CA VAL E 307 -42.75 -7.61 84.06
C VAL E 307 -41.50 -7.68 84.93
N GLN E 308 -41.28 -6.71 85.81
CA GLN E 308 -40.08 -6.72 86.61
C GLN E 308 -40.05 -7.87 87.61
N ARG E 309 -41.21 -8.40 88.00
CA ARG E 309 -41.24 -9.52 88.93
C ARG E 309 -40.20 -10.58 88.59
N THR E 322 -48.61 -17.67 91.09
CA THR E 322 -48.75 -19.06 90.66
C THR E 322 -50.19 -19.37 90.28
N MET E 323 -51.14 -18.88 91.08
CA MET E 323 -52.56 -19.13 90.84
C MET E 323 -53.00 -18.55 89.50
N THR E 324 -52.52 -17.35 89.16
CA THR E 324 -52.85 -16.79 87.85
C THR E 324 -52.31 -17.68 86.74
N GLU E 325 -51.12 -18.24 86.92
CA GLU E 325 -50.58 -19.19 85.94
C GLU E 325 -51.48 -20.42 85.84
N LEU E 326 -51.94 -20.93 86.98
CA LEU E 326 -52.88 -22.05 86.96
C LEU E 326 -54.12 -21.69 86.15
N ARG E 327 -54.58 -20.44 86.29
CA ARG E 327 -55.73 -19.98 85.53
C ARG E 327 -55.46 -19.98 84.03
N GLU E 328 -54.19 -20.05 83.62
CA GLU E 328 -53.82 -20.15 82.22
C GLU E 328 -53.76 -21.60 81.73
N GLU E 329 -54.28 -22.54 82.51
CA GLU E 329 -54.20 -23.96 82.18
C GLU E 329 -55.41 -24.41 81.37
N THR E 330 -56.02 -23.51 80.61
CA THR E 330 -57.12 -23.83 79.72
C THR E 330 -56.62 -23.76 78.28
N GLU E 331 -57.30 -24.46 77.39
CA GLU E 331 -56.95 -24.43 75.98
C GLU E 331 -57.57 -23.22 75.30
N LYS E 332 -57.43 -22.06 75.94
CA LYS E 332 -57.84 -20.78 75.39
C LYS E 332 -56.65 -19.84 75.25
N SER E 333 -55.91 -19.65 76.34
CA SER E 333 -54.68 -18.87 76.27
C SER E 333 -53.69 -19.49 75.31
N TYR E 334 -53.61 -20.82 75.28
CA TYR E 334 -52.72 -21.51 74.37
C TYR E 334 -53.13 -21.28 72.92
N LEU E 335 -54.44 -21.36 72.66
CA LEU E 335 -54.94 -21.07 71.33
C LEU E 335 -54.62 -19.63 70.94
N SER E 336 -54.77 -18.70 71.86
CA SER E 336 -54.43 -17.31 71.59
C SER E 336 -52.95 -17.17 71.28
N ARG E 337 -52.10 -17.85 72.05
CA ARG E 337 -50.67 -17.83 71.78
C ARG E 337 -50.38 -18.27 70.35
N PHE E 338 -50.97 -19.39 69.96
CA PHE E 338 -50.70 -19.94 68.64
C PHE E 338 -51.23 -19.03 67.55
N LYS E 339 -52.43 -18.47 67.76
CA LYS E 339 -53.00 -17.56 66.78
C LYS E 339 -52.13 -16.33 66.61
N HIS E 340 -51.66 -15.76 67.71
CA HIS E 340 -50.74 -14.62 67.61
C HIS E 340 -49.47 -15.03 66.87
N ALA E 341 -48.90 -16.17 67.22
CA ALA E 341 -47.69 -16.63 66.55
C ALA E 341 -47.90 -16.68 65.04
N HIS E 342 -48.96 -17.34 64.60
CA HIS E 342 -49.34 -17.24 63.20
C HIS E 342 -49.66 -15.79 62.89
N GLY E 343 -49.24 -15.34 61.72
CA GLY E 343 -49.57 -13.98 61.31
C GLY E 343 -51.04 -13.83 61.04
N ALA E 344 -51.42 -12.72 60.43
CA ALA E 344 -52.78 -12.55 59.93
C ALA E 344 -52.97 -13.20 58.57
N GLY E 345 -51.90 -13.72 57.96
CA GLY E 345 -51.98 -14.33 56.66
C GLY E 345 -52.21 -15.82 56.73
N VAL E 346 -52.35 -16.42 55.54
CA VAL E 346 -52.63 -17.84 55.45
C VAL E 346 -51.51 -18.66 56.08
N TYR E 347 -50.27 -18.24 55.87
CA TYR E 347 -49.11 -19.01 56.28
C TYR E 347 -48.59 -18.47 57.61
N SER E 348 -48.27 -19.37 58.52
CA SER E 348 -47.83 -18.96 59.85
C SER E 348 -46.50 -18.24 59.78
N GLN E 349 -46.44 -17.05 60.38
CA GLN E 349 -45.21 -16.28 60.37
C GLN E 349 -44.06 -17.05 60.98
N VAL E 350 -44.29 -17.70 62.12
CA VAL E 350 -43.30 -18.53 62.76
C VAL E 350 -43.52 -19.96 62.30
N ARG E 351 -42.41 -20.66 62.04
CA ARG E 351 -42.47 -22.06 61.61
C ARG E 351 -42.41 -23.01 62.79
N TYR E 352 -41.29 -22.99 63.50
CA TYR E 352 -41.00 -23.87 64.64
C TYR E 352 -41.20 -23.07 65.91
N LEU E 353 -42.23 -23.39 66.67
CA LEU E 353 -42.46 -22.82 67.99
C LEU E 353 -42.01 -23.81 69.04
N GLU E 354 -41.23 -23.33 70.00
CA GLU E 354 -40.89 -24.10 71.19
C GLU E 354 -41.51 -23.41 72.40
N GLY E 355 -42.43 -24.10 73.05
CA GLY E 355 -43.35 -24.00 74.17
C GLY E 355 -42.73 -24.49 75.46
N ARG E 356 -42.31 -23.56 76.32
CA ARG E 356 -41.71 -23.87 77.60
C ARG E 356 -42.76 -23.72 78.69
N PHE E 357 -42.78 -24.67 79.61
CA PHE E 357 -43.86 -24.77 80.58
C PHE E 357 -43.34 -25.35 81.89
N ALA E 358 -43.88 -24.89 83.00
CA ALA E 358 -43.46 -25.39 84.29
C ALA E 358 -44.13 -26.74 84.57
N PRO E 359 -43.36 -27.81 84.80
CA PRO E 359 -43.99 -29.07 85.20
C PRO E 359 -44.55 -28.98 86.60
N LYS E 360 -45.63 -29.72 86.83
CA LYS E 360 -46.29 -29.70 88.12
C LYS E 360 -45.90 -30.93 88.94
N SER E 361 -45.96 -30.77 90.26
CA SER E 361 -45.67 -31.88 91.16
C SER E 361 -46.85 -32.84 91.31
N ASP E 362 -48.02 -32.48 90.78
CA ASP E 362 -49.17 -33.36 90.79
C ASP E 362 -49.29 -34.04 89.43
N PRO E 363 -49.38 -35.37 89.35
CA PRO E 363 -49.66 -35.98 88.05
C PRO E 363 -50.95 -35.46 87.43
N ASN E 364 -51.95 -35.17 88.26
CA ASN E 364 -53.22 -34.68 87.74
C ASN E 364 -53.05 -33.30 87.10
N LYS E 365 -52.39 -32.38 87.81
CA LYS E 365 -52.17 -31.05 87.24
C LYS E 365 -51.29 -31.15 86.00
N MET E 366 -50.30 -32.03 86.03
CA MET E 366 -49.44 -32.25 84.87
C MET E 366 -50.24 -32.70 83.65
N GLN E 367 -51.06 -33.72 83.81
CA GLN E 367 -51.84 -34.21 82.68
C GLN E 367 -52.84 -33.15 82.23
N LYS E 368 -53.40 -32.39 83.18
CA LYS E 368 -54.29 -31.30 82.82
C LYS E 368 -53.56 -30.31 81.93
N LEU E 369 -52.35 -29.94 82.33
CA LEU E 369 -51.53 -29.02 81.55
C LEU E 369 -51.29 -29.56 80.15
N LEU E 370 -50.88 -30.83 80.07
CA LEU E 370 -50.58 -31.39 78.76
C LEU E 370 -51.81 -31.43 77.88
N PHE E 371 -52.96 -31.82 78.44
CA PHE E 371 -54.18 -31.87 77.65
C PHE E 371 -54.57 -30.48 77.16
N SER E 372 -54.46 -29.47 78.02
CA SER E 372 -54.76 -28.12 77.58
C SER E 372 -53.88 -27.73 76.41
N VAL E 373 -52.57 -27.93 76.55
CA VAL E 373 -51.64 -27.54 75.50
C VAL E 373 -51.98 -28.25 74.20
N LEU E 374 -52.15 -29.57 74.28
CA LEU E 374 -52.30 -30.36 73.06
C LEU E 374 -53.64 -30.08 72.40
N ARG E 375 -54.71 -29.95 73.19
CA ARG E 375 -56.01 -29.63 72.63
C ARG E 375 -56.00 -28.26 71.96
N GLY E 376 -55.37 -27.28 72.61
CA GLY E 376 -55.25 -25.97 72.00
C GLY E 376 -54.48 -26.03 70.69
N TYR E 377 -53.39 -26.79 70.65
CA TYR E 377 -52.61 -26.89 69.44
C TYR E 377 -53.40 -27.56 68.32
N TRP E 378 -54.12 -28.64 68.65
CA TRP E 378 -54.95 -29.29 67.65
C TRP E 378 -56.02 -28.35 67.13
N GLU E 379 -56.63 -27.58 68.03
CA GLU E 379 -57.64 -26.62 67.60
C GLU E 379 -57.03 -25.57 66.69
N TYR E 380 -55.83 -25.09 67.04
CA TYR E 380 -55.15 -24.11 66.19
C TYR E 380 -54.96 -24.66 64.79
N LEU E 381 -54.49 -25.90 64.69
CA LEU E 381 -54.32 -26.50 63.37
C LEU E 381 -55.67 -26.66 62.66
N SER E 382 -56.69 -27.10 63.41
CA SER E 382 -58.00 -27.32 62.82
C SER E 382 -58.56 -26.03 62.22
N ALA E 383 -58.29 -24.90 62.88
CA ALA E 383 -58.75 -23.61 62.38
C ALA E 383 -58.10 -23.22 61.06
N HIS E 384 -57.17 -24.02 60.54
CA HIS E 384 -56.49 -23.71 59.31
C HIS E 384 -56.59 -24.81 58.27
N MET E 385 -56.44 -26.08 58.64
CA MET E 385 -56.41 -27.18 57.70
C MET E 385 -57.71 -27.97 57.80
N SER E 386 -58.05 -28.64 56.70
CA SER E 386 -59.21 -29.51 56.61
C SER E 386 -58.73 -30.93 56.37
N MET E 387 -59.23 -31.87 57.18
CA MET E 387 -58.79 -33.25 57.13
C MET E 387 -59.68 -34.06 58.04
N GLU E 388 -59.44 -35.37 58.09
CA GLU E 388 -60.23 -36.25 58.93
C GLU E 388 -59.58 -36.36 60.30
N TRP E 389 -60.26 -35.89 61.34
CA TRP E 389 -59.67 -35.75 62.67
C TRP E 389 -59.96 -36.95 63.58
N VAL E 390 -60.55 -38.01 63.06
CA VAL E 390 -60.82 -39.20 63.88
C VAL E 390 -61.69 -38.76 65.04
N HIS E 391 -61.07 -38.22 66.09
CA HIS E 391 -61.80 -37.55 67.15
C HIS E 391 -62.07 -36.12 66.71
N GLU E 392 -63.35 -35.79 66.57
CA GLU E 392 -63.73 -34.44 66.15
C GLU E 392 -64.00 -33.54 67.35
N LYS E 393 -64.30 -34.14 68.51
CA LYS E 393 -64.13 -33.52 69.83
C LYS E 393 -63.33 -34.48 70.71
N PRO E 394 -62.03 -34.59 70.49
CA PRO E 394 -61.19 -35.40 71.37
C PRO E 394 -61.25 -34.90 72.81
N LEU E 395 -61.14 -35.83 73.76
CA LEU E 395 -61.22 -35.50 75.17
C LEU E 395 -60.04 -35.97 76.01
N THR E 396 -59.30 -36.98 75.57
CA THR E 396 -58.14 -37.47 76.30
C THR E 396 -56.89 -37.15 75.51
N ILE E 397 -55.76 -37.11 76.21
CA ILE E 397 -54.49 -36.91 75.51
C ILE E 397 -54.30 -38.01 74.48
N SER E 398 -54.77 -39.22 74.77
CA SER E 398 -54.72 -40.27 73.76
C SER E 398 -55.47 -39.87 72.51
N GLN E 399 -56.69 -39.36 72.68
CA GLN E 399 -57.46 -38.93 71.52
C GLN E 399 -56.78 -37.79 70.79
N VAL E 400 -56.21 -36.84 71.54
CA VAL E 400 -55.54 -35.70 70.92
C VAL E 400 -54.36 -36.18 70.08
N LEU E 401 -53.59 -37.13 70.61
CA LEU E 401 -52.49 -37.70 69.85
C LEU E 401 -53.00 -38.41 68.61
N ASP E 402 -54.09 -39.16 68.76
CA ASP E 402 -54.68 -39.80 67.59
C ASP E 402 -54.97 -38.78 66.51
N ASN E 403 -55.54 -37.64 66.91
CA ASN E 403 -55.80 -36.56 65.96
C ASN E 403 -54.50 -36.06 65.34
N LEU E 404 -53.50 -35.80 66.18
CA LEU E 404 -52.29 -35.11 65.75
C LEU E 404 -51.40 -36.00 64.89
N GLU E 405 -51.56 -37.33 65.00
CA GLU E 405 -50.73 -38.23 64.21
C GLU E 405 -50.86 -37.98 62.72
N LEU E 406 -51.96 -37.37 62.29
CA LEU E 406 -52.28 -37.27 60.87
C LEU E 406 -51.72 -36.02 60.20
N VAL E 407 -51.11 -35.10 60.96
CA VAL E 407 -50.61 -33.87 60.37
C VAL E 407 -49.22 -34.14 59.77
N GLU E 408 -48.98 -33.60 58.59
CA GLU E 408 -47.67 -33.70 57.97
C GLU E 408 -46.91 -32.39 58.10
N PRO E 409 -45.59 -32.43 58.10
CA PRO E 409 -44.78 -31.20 58.32
C PRO E 409 -44.70 -30.33 57.08
N HIS E 410 -45.86 -29.98 56.52
CA HIS E 410 -45.88 -29.16 55.32
C HIS E 410 -45.28 -27.79 55.58
N GLY E 411 -45.63 -27.17 56.71
CA GLY E 411 -45.11 -25.87 57.07
C GLY E 411 -46.13 -24.74 57.02
N LYS E 412 -47.37 -25.00 56.61
CA LYS E 412 -48.35 -23.92 56.54
C LYS E 412 -48.59 -23.31 57.92
N CYS E 413 -48.71 -24.15 58.93
CA CYS E 413 -49.01 -23.73 60.29
C CYS E 413 -47.74 -23.80 61.14
N VAL E 414 -47.90 -23.52 62.44
CA VAL E 414 -46.78 -23.64 63.36
C VAL E 414 -46.69 -25.07 63.88
N GLU E 415 -45.46 -25.50 64.16
CA GLU E 415 -45.21 -26.81 64.77
C GLU E 415 -44.48 -26.66 66.10
N LEU E 416 -45.01 -27.36 67.11
CA LEU E 416 -44.74 -27.10 68.51
C LEU E 416 -43.69 -28.07 69.06
N ALA E 417 -42.92 -27.57 70.03
CA ALA E 417 -41.95 -28.39 70.77
C ALA E 417 -42.05 -28.02 72.24
N LEU E 418 -42.34 -29.01 73.08
CA LEU E 418 -42.65 -28.77 74.49
C LEU E 418 -41.43 -29.04 75.36
N VAL E 419 -41.19 -28.13 76.31
CA VAL E 419 -40.04 -28.24 77.20
C VAL E 419 -40.46 -27.92 78.63
N PRO E 420 -40.39 -28.90 79.55
CA PRO E 420 -40.64 -28.59 80.95
C PRO E 420 -39.47 -27.87 81.58
N HIS E 421 -39.79 -26.91 82.45
CA HIS E 421 -38.84 -26.11 83.19
C HIS E 421 -38.42 -26.83 84.47
N PHE E 422 -37.19 -26.57 84.89
CA PHE E 422 -36.70 -27.04 86.19
C PHE E 422 -36.35 -25.78 86.97
N ILE E 423 -37.20 -25.41 87.92
CA ILE E 423 -37.02 -24.17 88.66
C ILE E 423 -36.11 -24.44 89.85
N LYS E 424 -35.02 -23.68 89.94
CA LYS E 424 -34.03 -23.86 90.99
C LYS E 424 -34.23 -22.78 92.06
N ARG E 425 -34.41 -23.23 93.30
CA ARG E 425 -34.59 -22.35 94.45
C ARG E 425 -33.36 -22.40 95.34
N LYS E 426 -33.37 -21.56 96.35
CA LYS E 426 -32.20 -21.45 97.21
C LYS E 426 -32.14 -22.63 98.18
N PRO E 427 -30.94 -23.09 98.53
CA PRO E 427 -30.85 -24.15 99.54
C PRO E 427 -31.38 -23.65 100.87
N LYS E 428 -32.08 -24.53 101.57
CA LYS E 428 -32.69 -24.17 102.84
C LYS E 428 -31.68 -24.33 103.97
N ASN E 429 -32.09 -23.90 105.16
CA ASN E 429 -31.17 -23.85 106.29
C ASN E 429 -30.56 -25.22 106.56
N GLY E 430 -31.38 -26.26 106.57
CA GLY E 430 -30.93 -27.58 106.95
C GLY E 430 -31.26 -28.66 105.95
N GLU E 431 -30.28 -29.50 105.63
CA GLU E 431 -30.49 -30.64 104.75
C GLU E 431 -29.24 -31.50 104.77
N ALA E 432 -29.41 -32.76 104.38
CA ALA E 432 -28.28 -33.69 104.38
C ALA E 432 -27.17 -33.17 103.49
N TYR E 433 -27.52 -32.69 102.31
CA TYR E 433 -26.58 -32.07 101.40
C TYR E 433 -27.26 -30.88 100.76
N PRO E 434 -26.49 -29.95 100.19
CA PRO E 434 -27.10 -28.74 99.63
C PRO E 434 -28.18 -29.09 98.61
N HIS E 435 -29.27 -28.32 98.63
CA HIS E 435 -30.35 -28.45 97.66
C HIS E 435 -30.93 -29.86 97.65
N ALA E 436 -30.87 -30.56 98.78
CA ALA E 436 -31.37 -31.93 98.81
C ALA E 436 -32.88 -31.97 98.56
N LEU E 437 -33.63 -31.14 99.28
CA LEU E 437 -35.08 -31.10 99.04
C LEU E 437 -35.37 -30.63 97.62
N LEU E 438 -34.55 -29.71 97.10
CA LEU E 438 -34.69 -29.30 95.72
C LEU E 438 -34.59 -30.51 94.79
N PHE E 439 -33.52 -31.29 94.96
CA PHE E 439 -33.38 -32.51 94.16
C PHE E 439 -34.58 -33.42 94.32
N LYS E 440 -35.11 -33.53 95.54
CA LYS E 440 -36.25 -34.40 95.75
C LYS E 440 -37.44 -33.94 94.92
N ASP E 441 -37.70 -32.62 94.93
CA ASP E 441 -38.82 -32.09 94.17
C ASP E 441 -38.62 -32.32 92.68
N LEU E 442 -37.42 -32.04 92.18
CA LEU E 442 -37.14 -32.28 90.77
C LEU E 442 -37.32 -33.76 90.44
N LYS E 443 -36.86 -34.64 91.34
CA LYS E 443 -37.00 -36.06 91.11
C LYS E 443 -38.46 -36.47 91.05
N ASN E 444 -39.28 -35.90 91.93
CA ASN E 444 -40.71 -36.20 91.90
C ASN E 444 -41.33 -35.77 90.58
N GLN E 445 -41.07 -34.53 90.16
CA GLN E 445 -41.66 -34.06 88.92
C GLN E 445 -41.18 -34.87 87.73
N ALA E 446 -39.89 -35.23 87.72
CA ALA E 446 -39.36 -36.01 86.61
C ALA E 446 -39.91 -37.43 86.62
N ALA E 447 -40.15 -37.98 87.80
CA ALA E 447 -40.81 -39.27 87.88
C ALA E 447 -42.21 -39.19 87.28
N ILE E 448 -42.94 -38.14 87.61
CA ILE E 448 -44.26 -37.93 87.01
C ILE E 448 -44.13 -37.85 85.49
N LEU E 449 -43.14 -37.11 85.01
CA LEU E 449 -42.95 -36.96 83.57
C LEU E 449 -42.66 -38.29 82.91
N MET E 450 -41.69 -39.03 83.43
CA MET E 450 -41.35 -40.32 82.86
C MET E 450 -42.55 -41.26 82.90
N ASP E 451 -43.35 -41.19 83.96
CA ASP E 451 -44.53 -42.03 84.06
C ASP E 451 -45.54 -41.69 82.98
N MET E 452 -45.75 -40.39 82.75
CA MET E 452 -46.69 -39.98 81.71
C MET E 452 -46.18 -40.47 80.35
N LEU E 453 -44.86 -40.33 80.13
CA LEU E 453 -44.27 -40.85 78.90
C LEU E 453 -44.51 -42.35 78.76
N LYS E 454 -44.32 -43.10 79.85
CA LYS E 454 -44.54 -44.54 79.86
C LYS E 454 -45.97 -44.85 79.46
N SER E 455 -46.92 -44.23 80.14
CA SER E 455 -48.33 -44.44 79.83
C SER E 455 -48.67 -44.05 78.40
N GLU E 456 -47.92 -43.12 77.82
CA GLU E 456 -48.15 -42.70 76.43
C GLU E 456 -46.83 -42.42 75.76
N PRO E 457 -46.26 -43.42 75.09
CA PRO E 457 -44.96 -43.20 74.41
C PRO E 457 -45.02 -42.11 73.36
N ARG E 458 -46.18 -41.93 72.72
CA ARG E 458 -46.27 -40.98 71.63
C ARG E 458 -45.91 -39.56 72.07
N LEU E 459 -46.03 -39.26 73.36
CA LEU E 459 -45.69 -37.93 73.85
C LEU E 459 -44.26 -37.53 73.50
N THR E 460 -43.37 -38.50 73.34
CA THR E 460 -42.00 -38.19 72.93
C THR E 460 -41.98 -37.33 71.68
N GLY E 461 -42.92 -37.52 70.77
CA GLY E 461 -42.99 -36.72 69.57
C GLY E 461 -43.41 -35.29 69.79
N TRP E 462 -43.70 -34.90 71.02
CA TRP E 462 -44.08 -33.53 71.33
C TRP E 462 -43.29 -32.91 72.48
N ILE E 463 -42.74 -33.72 73.37
CA ILE E 463 -41.90 -33.23 74.46
C ILE E 463 -40.47 -33.62 74.10
N ARG E 464 -39.75 -32.70 73.47
CA ARG E 464 -38.39 -32.94 73.00
C ARG E 464 -37.46 -32.02 73.77
N GLY E 465 -37.01 -32.47 74.93
CA GLY E 465 -36.07 -31.74 75.73
C GLY E 465 -36.63 -31.19 77.01
N VAL E 466 -35.76 -30.99 77.99
CA VAL E 466 -36.10 -30.39 79.27
C VAL E 466 -35.16 -29.22 79.46
N ASP E 467 -35.66 -28.13 80.04
CA ASP E 467 -34.84 -26.95 80.32
C ASP E 467 -34.71 -26.74 81.82
N ALA E 468 -33.57 -26.19 82.22
CA ALA E 468 -33.30 -25.86 83.62
C ALA E 468 -33.19 -24.35 83.74
N ALA E 469 -34.15 -23.74 84.43
CA ALA E 469 -34.31 -22.30 84.46
C ALA E 469 -34.30 -21.77 85.89
N ALA E 470 -34.57 -20.47 86.02
CA ALA E 470 -34.62 -19.76 87.30
C ALA E 470 -33.23 -19.31 87.71
N ASN E 471 -33.15 -18.55 88.80
CA ASN E 471 -31.91 -17.87 89.15
C ASN E 471 -30.76 -18.85 89.34
N GLU E 472 -29.64 -18.54 88.69
CA GLU E 472 -28.52 -19.48 88.59
C GLU E 472 -27.93 -19.77 89.95
N MET E 473 -27.61 -18.72 90.72
CA MET E 473 -26.92 -18.90 91.98
C MET E 473 -27.69 -19.79 92.94
N HIS E 474 -29.01 -19.91 92.77
CA HIS E 474 -29.82 -20.78 93.59
C HIS E 474 -29.40 -22.25 93.51
N ALA E 475 -28.80 -22.67 92.39
CA ALA E 475 -28.37 -24.05 92.26
C ALA E 475 -27.35 -24.19 91.15
N PRO E 476 -26.19 -24.81 91.39
CA PRO E 476 -25.22 -25.01 90.31
C PRO E 476 -25.61 -26.20 89.46
N PRO E 477 -25.15 -26.23 88.21
CA PRO E 477 -25.67 -27.21 87.25
C PRO E 477 -25.48 -28.66 87.67
N GLU E 478 -24.34 -28.98 88.27
CA GLU E 478 -24.02 -30.39 88.56
C GLU E 478 -25.19 -31.12 89.20
N LEU E 479 -26.06 -30.40 89.89
CA LEU E 479 -27.22 -31.03 90.50
C LEU E 479 -28.12 -31.69 89.46
N PHE E 480 -28.26 -31.07 88.29
CA PHE E 480 -29.20 -31.51 87.27
C PHE E 480 -28.68 -32.65 86.41
N CYS E 481 -27.37 -32.88 86.40
CA CYS E 481 -26.79 -33.82 85.46
C CYS E 481 -27.36 -35.23 85.63
N PRO E 482 -27.43 -35.79 86.84
CA PRO E 482 -28.06 -37.12 86.97
C PRO E 482 -29.49 -37.10 86.48
N LEU E 483 -30.21 -36.03 86.79
CA LEU E 483 -31.57 -35.87 86.30
C LEU E 483 -31.61 -35.91 84.78
N PHE E 484 -30.71 -35.17 84.14
CA PHE E 484 -30.72 -35.12 82.69
C PHE E 484 -30.38 -36.48 82.08
N ARG E 485 -29.44 -37.20 82.69
CA ARG E 485 -29.10 -38.51 82.15
C ARG E 485 -30.29 -39.47 82.27
N VAL E 486 -30.96 -39.45 83.42
CA VAL E 486 -32.14 -40.30 83.58
C VAL E 486 -33.19 -39.94 82.54
N LEU E 487 -33.43 -38.64 82.35
CA LEU E 487 -34.43 -38.21 81.39
C LEU E 487 -34.05 -38.65 79.98
N ALA E 488 -32.78 -38.50 79.63
CA ALA E 488 -32.31 -38.94 78.32
C ALA E 488 -32.60 -40.41 78.10
N LYS E 489 -32.21 -41.25 79.06
CA LYS E 489 -32.52 -42.66 78.89
C LYS E 489 -34.03 -42.91 78.82
N SER E 490 -34.80 -42.16 79.61
CA SER E 490 -36.25 -42.30 79.57
C SER E 490 -36.83 -41.90 78.22
N GLY E 491 -36.12 -41.08 77.45
CA GLY E 491 -36.56 -40.75 76.11
C GLY E 491 -36.83 -39.29 75.87
N ILE E 492 -36.22 -38.42 76.68
CA ILE E 492 -36.30 -36.98 76.45
C ILE E 492 -35.02 -36.57 75.72
N ALA E 493 -35.11 -36.45 74.41
CA ALA E 493 -33.99 -35.98 73.62
C ALA E 493 -33.79 -34.48 73.85
N HIS E 494 -32.54 -34.04 73.70
CA HIS E 494 -32.21 -32.62 73.71
C HIS E 494 -32.35 -32.05 75.12
N PHE E 495 -31.55 -31.04 75.44
CA PHE E 495 -31.55 -30.45 76.78
C PHE E 495 -31.17 -28.99 76.71
N THR E 496 -31.61 -28.24 77.72
CA THR E 496 -31.27 -26.82 77.83
C THR E 496 -31.04 -26.47 79.29
N TYR E 497 -30.12 -25.53 79.52
CA TYR E 497 -29.81 -25.10 80.87
C TYR E 497 -29.39 -23.64 80.83
N HIS E 498 -30.20 -22.77 81.40
CA HIS E 498 -29.81 -21.36 81.50
C HIS E 498 -28.48 -21.26 82.24
N VAL E 499 -27.52 -20.56 81.64
CA VAL E 499 -26.21 -20.35 82.23
C VAL E 499 -25.65 -19.03 81.71
N GLY E 500 -24.79 -18.41 82.52
CA GLY E 500 -24.13 -17.20 82.10
C GLY E 500 -25.01 -15.96 82.02
N GLU E 501 -26.19 -15.99 82.64
CA GLU E 501 -27.08 -14.85 82.56
C GLU E 501 -26.82 -13.85 83.68
N ASP E 502 -26.87 -14.32 84.93
CA ASP E 502 -26.58 -13.50 86.09
C ASP E 502 -25.51 -14.20 86.93
N PHE E 503 -24.66 -13.43 87.58
CA PHE E 503 -23.52 -13.99 88.28
C PHE E 503 -23.01 -13.02 89.34
N PRO E 504 -22.31 -13.52 90.35
CA PRO E 504 -21.52 -12.63 91.19
C PRO E 504 -20.31 -12.06 90.47
N HIS E 505 -19.75 -12.78 89.50
CA HIS E 505 -18.59 -12.28 88.77
C HIS E 505 -18.58 -12.85 87.36
N LEU E 506 -17.86 -12.16 86.48
CA LEU E 506 -17.78 -12.60 85.11
C LEU E 506 -17.09 -13.97 85.02
N ILE E 507 -15.98 -14.14 85.73
CA ILE E 507 -15.39 -15.47 85.87
C ILE E 507 -16.41 -16.46 86.39
N SER E 508 -17.27 -16.01 87.30
CA SER E 508 -18.25 -16.92 87.87
C SER E 508 -19.17 -17.46 86.79
N GLY E 509 -19.69 -16.56 85.95
CA GLY E 509 -20.48 -17.02 84.83
C GLY E 509 -19.69 -17.92 83.90
N ILE E 510 -18.42 -17.59 83.69
CA ILE E 510 -17.62 -18.36 82.75
C ILE E 510 -17.49 -19.80 83.20
N ARG E 511 -16.97 -20.02 84.41
CA ARG E 511 -16.74 -21.40 84.80
C ARG E 511 -18.08 -22.09 85.03
N SER E 512 -19.13 -21.32 85.35
CA SER E 512 -20.45 -21.93 85.43
C SER E 512 -20.82 -22.56 84.10
N ILE E 513 -20.73 -21.78 83.02
CA ILE E 513 -21.05 -22.30 81.70
C ILE E 513 -20.19 -23.51 81.39
N ASP E 514 -18.89 -23.40 81.70
CA ASP E 514 -17.98 -24.48 81.32
C ASP E 514 -18.28 -25.76 82.08
N ASP E 515 -18.59 -25.64 83.37
CA ASP E 515 -18.97 -26.81 84.16
C ASP E 515 -20.22 -27.45 83.56
N ALA E 516 -21.20 -26.62 83.21
CA ALA E 516 -22.39 -27.14 82.54
C ALA E 516 -22.01 -27.95 81.32
N LEU E 517 -21.14 -27.41 80.47
CA LEU E 517 -20.63 -28.18 79.35
C LEU E 517 -20.12 -29.54 79.82
N ARG E 518 -19.07 -29.52 80.62
CA ARG E 518 -18.31 -30.71 80.96
C ARG E 518 -19.08 -31.69 81.82
N PHE E 519 -20.30 -31.37 82.21
CA PHE E 519 -21.14 -32.39 82.84
C PHE E 519 -22.40 -32.69 82.06
N LEU E 520 -23.21 -31.69 81.75
CA LEU E 520 -24.56 -31.94 81.28
C LEU E 520 -24.52 -32.86 80.06
N PRO E 521 -25.40 -33.84 80.00
CA PRO E 521 -25.37 -34.80 78.88
C PRO E 521 -25.78 -34.13 77.57
N LEU E 522 -25.02 -33.10 77.20
CA LEU E 522 -25.37 -32.27 76.06
C LEU E 522 -24.82 -32.89 74.79
N ARG E 523 -25.70 -33.25 73.88
CA ARG E 523 -25.29 -33.91 72.65
C ARG E 523 -25.16 -32.87 71.55
N ASN E 524 -24.55 -33.28 70.44
CA ASN E 524 -24.32 -32.35 69.33
C ASN E 524 -25.61 -31.62 68.99
N GLY E 525 -25.52 -30.28 68.95
CA GLY E 525 -26.66 -29.46 68.60
C GLY E 525 -27.52 -28.99 69.75
N ASP E 526 -27.26 -29.47 70.97
CA ASP E 526 -28.02 -29.01 72.11
C ASP E 526 -27.79 -27.51 72.32
N ARG E 527 -28.65 -26.89 73.13
CA ARG E 527 -28.63 -25.46 73.35
C ARG E 527 -28.48 -25.17 74.83
N LEU E 528 -27.75 -24.10 75.15
CA LEU E 528 -27.52 -23.72 76.53
C LEU E 528 -28.50 -22.67 77.02
N GLY E 529 -28.49 -21.50 76.40
CA GLY E 529 -29.34 -20.40 76.84
C GLY E 529 -28.70 -19.04 76.67
N HIS E 530 -28.83 -18.17 77.67
CA HIS E 530 -28.33 -16.81 77.55
C HIS E 530 -26.81 -16.80 77.41
N CYS E 531 -26.10 -17.47 78.33
CA CYS E 531 -24.65 -17.52 78.32
C CYS E 531 -24.05 -16.12 78.17
N THR E 532 -24.71 -15.14 78.78
CA THR E 532 -24.27 -13.76 78.64
C THR E 532 -22.90 -13.55 79.27
N ALA E 533 -22.51 -14.43 80.20
CA ALA E 533 -21.22 -14.27 80.86
C ALA E 533 -20.07 -14.31 79.85
N ILE E 534 -20.08 -15.28 78.94
CA ILE E 534 -19.11 -15.31 77.85
C ILE E 534 -19.36 -14.22 76.84
N GLY E 535 -20.41 -13.43 77.02
CA GLY E 535 -20.78 -12.46 76.02
C GLY E 535 -20.42 -11.04 76.34
N ILE E 536 -20.39 -10.70 77.62
CA ILE E 536 -20.10 -9.33 77.99
C ILE E 536 -18.59 -9.12 77.99
N THR E 537 -18.14 -8.07 77.33
CA THR E 537 -16.73 -7.80 77.42
C THR E 537 -16.38 -7.36 78.82
N PRO E 538 -15.19 -7.68 79.31
CA PRO E 538 -14.74 -7.06 80.56
C PRO E 538 -14.67 -5.56 80.44
N SER E 539 -14.40 -5.06 79.24
CA SER E 539 -14.40 -3.62 79.00
C SER E 539 -15.73 -3.03 79.39
N ILE E 540 -16.81 -3.38 78.66
CA ILE E 540 -18.14 -3.10 79.18
C ILE E 540 -18.62 -4.31 79.96
N TRP E 541 -18.07 -4.49 81.15
CA TRP E 541 -18.73 -5.22 82.23
C TRP E 541 -18.61 -4.51 83.55
N LYS E 542 -17.64 -3.62 83.72
CA LYS E 542 -17.54 -2.71 84.84
C LYS E 542 -17.79 -1.30 84.33
N ARG E 543 -18.95 -0.74 84.69
CA ARG E 543 -19.22 0.66 84.43
C ARG E 543 -19.80 1.42 85.62
N SER E 544 -20.40 0.73 86.60
CA SER E 544 -21.00 1.40 87.75
C SER E 544 -20.83 0.61 89.04
N LEU E 545 -20.01 -0.41 89.05
CA LEU E 545 -20.02 -1.35 90.16
C LEU E 545 -18.95 -1.00 91.20
N PRO E 546 -19.01 -1.60 92.39
CA PRO E 546 -17.92 -1.39 93.35
C PRO E 546 -16.65 -2.05 92.87
N LEU E 547 -15.51 -1.47 93.27
CA LEU E 547 -14.22 -1.96 92.82
C LEU E 547 -13.95 -3.38 93.29
N SER E 548 -14.55 -3.79 94.41
CA SER E 548 -14.42 -5.15 94.91
C SER E 548 -15.81 -5.74 95.06
N LEU E 549 -15.91 -7.05 94.84
CA LEU E 549 -17.17 -7.77 94.88
C LEU E 549 -17.03 -8.99 95.79
N SER E 550 -17.93 -9.12 96.74
CA SER E 550 -17.92 -10.27 97.65
C SER E 550 -18.75 -11.40 97.06
N MET E 551 -18.41 -12.63 97.43
CA MET E 551 -19.00 -13.81 96.84
C MET E 551 -18.81 -15.00 97.77
N THR E 552 -19.54 -16.08 97.47
CA THR E 552 -19.48 -17.30 98.25
C THR E 552 -18.11 -17.94 98.14
N LYS E 553 -17.67 -18.54 99.25
CA LYS E 553 -16.37 -19.17 99.27
C LYS E 553 -16.28 -20.34 98.30
N GLU E 554 -17.34 -21.15 98.21
CA GLU E 554 -17.28 -22.30 97.30
C GLU E 554 -17.15 -21.82 95.86
N THR E 555 -17.95 -20.84 95.47
CA THR E 555 -17.89 -20.33 94.11
C THR E 555 -16.54 -19.72 93.83
N ARG E 556 -16.01 -18.95 94.79
CA ARG E 556 -14.71 -18.33 94.62
C ARG E 556 -13.61 -19.38 94.45
N LEU E 557 -13.62 -20.41 95.29
CA LEU E 557 -12.65 -21.49 95.14
C LEU E 557 -12.75 -22.13 93.77
N LEU E 558 -13.97 -22.50 93.38
CA LEU E 558 -14.14 -23.15 92.08
C LEU E 558 -13.69 -22.22 90.95
N ASP E 559 -13.87 -20.91 91.13
CA ASP E 559 -13.41 -19.96 90.12
C ASP E 559 -11.89 -19.97 90.01
N LEU E 560 -11.20 -19.97 91.14
CA LEU E 560 -9.74 -20.05 91.07
C LEU E 560 -9.30 -21.33 90.38
N VAL E 561 -9.99 -22.43 90.71
CA VAL E 561 -9.70 -23.71 90.07
C VAL E 561 -9.87 -23.59 88.56
N PHE E 562 -10.97 -22.98 88.13
CA PHE E 562 -11.21 -22.79 86.70
C PHE E 562 -10.12 -21.93 86.07
N ILE E 563 -9.73 -20.86 86.76
CA ILE E 563 -8.67 -19.99 86.25
C ILE E 563 -7.43 -20.81 85.96
N TRP E 564 -7.00 -21.61 86.94
CA TRP E 564 -5.89 -22.52 86.71
C TRP E 564 -6.16 -23.37 85.49
N ARG E 565 -7.27 -24.11 85.50
CA ARG E 565 -7.47 -25.16 84.52
C ARG E 565 -7.53 -24.61 83.12
N GLU E 566 -7.87 -23.33 82.97
CA GLU E 566 -7.84 -22.74 81.65
C GLU E 566 -6.50 -22.11 81.33
N LEU E 567 -5.71 -21.75 82.35
CA LEU E 567 -4.56 -20.88 82.12
C LEU E 567 -3.20 -21.55 82.21
N ARG E 568 -3.10 -22.84 82.56
CA ARG E 568 -1.72 -23.32 82.73
C ARG E 568 -1.03 -23.20 81.37
N SER E 569 -1.81 -23.41 80.32
CA SER E 569 -1.33 -23.68 78.96
C SER E 569 -0.91 -22.44 78.19
N HIS E 570 -1.29 -21.25 78.64
CA HIS E 570 -1.08 -20.10 77.76
C HIS E 570 0.05 -19.23 78.31
N PRO E 571 1.13 -19.03 77.54
CA PRO E 571 2.38 -18.53 78.14
C PRO E 571 2.26 -17.18 78.84
N GLU E 572 1.32 -16.35 78.43
CA GLU E 572 1.29 -14.96 78.88
C GLU E 572 0.53 -14.77 80.19
N LEU E 573 -0.02 -15.84 80.76
CA LEU E 573 -0.77 -15.76 82.01
C LEU E 573 -0.33 -16.84 82.99
N LEU E 574 0.89 -17.35 82.83
CA LEU E 574 1.39 -18.37 83.74
C LEU E 574 1.47 -17.84 85.16
N ARG E 575 1.86 -16.58 85.30
CA ARG E 575 1.86 -15.94 86.61
C ARG E 575 0.49 -16.04 87.26
N TYR E 576 -0.55 -15.69 86.49
CA TYR E 576 -1.90 -15.73 87.03
C TYR E 576 -2.31 -17.14 87.37
N ALA E 577 -1.96 -18.11 86.53
CA ALA E 577 -2.32 -19.50 86.80
C ALA E 577 -1.67 -19.96 88.10
N SER E 578 -0.38 -19.69 88.26
CA SER E 578 0.32 -20.06 89.48
C SER E 578 -0.30 -19.39 90.68
N ASP E 579 -0.62 -18.10 90.57
CA ASP E 579 -1.32 -17.42 91.65
C ASP E 579 -2.59 -18.15 92.00
N ALA E 580 -3.55 -18.19 91.07
CA ALA E 580 -4.82 -18.86 91.31
C ALA E 580 -4.60 -20.19 92.03
N ALA E 581 -3.59 -20.95 91.61
CA ALA E 581 -3.30 -22.21 92.29
C ALA E 581 -2.94 -21.97 93.76
N ILE E 582 -2.09 -20.97 94.01
CA ILE E 582 -1.61 -20.72 95.37
C ILE E 582 -2.79 -20.36 96.28
N GLU E 583 -3.56 -19.36 95.87
CA GLU E 583 -4.72 -18.99 96.69
C GLU E 583 -5.71 -20.12 96.79
N ALA E 584 -5.90 -20.89 95.72
CA ALA E 584 -6.85 -21.99 95.79
C ALA E 584 -6.45 -22.99 96.86
N VAL E 585 -5.16 -23.31 96.94
CA VAL E 585 -4.72 -24.24 97.97
C VAL E 585 -4.93 -23.65 99.35
N ARG E 586 -4.53 -22.38 99.54
CA ARG E 586 -4.76 -21.74 100.83
C ARG E 586 -6.22 -21.83 101.24
N LEU E 587 -7.09 -21.43 100.31
CA LEU E 587 -8.52 -21.43 100.53
C LEU E 587 -9.04 -22.84 100.83
N ALA E 588 -8.50 -23.85 100.17
CA ALA E 588 -8.91 -25.21 100.47
C ALA E 588 -8.56 -25.56 101.91
N HIS E 589 -7.37 -25.17 102.34
CA HIS E 589 -7.02 -25.36 103.75
C HIS E 589 -8.04 -24.68 104.65
N LYS E 590 -8.44 -23.46 104.29
CA LYS E 590 -9.39 -22.74 105.13
C LYS E 590 -10.74 -23.45 105.18
N VAL E 591 -11.30 -23.77 104.01
CA VAL E 591 -12.65 -24.32 103.95
C VAL E 591 -12.68 -25.75 104.47
N PHE E 592 -11.97 -26.65 103.82
CA PHE E 592 -11.87 -28.02 104.29
C PHE E 592 -11.17 -28.11 105.63
N SER E 593 -10.54 -27.02 106.08
CA SER E 593 -9.82 -27.02 107.35
C SER E 593 -8.75 -28.10 107.34
N LEU E 594 -8.21 -28.36 106.16
CA LEU E 594 -7.28 -29.47 105.98
C LEU E 594 -6.00 -29.23 106.78
N GLU E 595 -5.50 -30.29 107.39
CA GLU E 595 -4.23 -30.26 108.10
C GLU E 595 -3.09 -30.87 107.31
N GLU E 596 -3.40 -31.59 106.23
CA GLU E 596 -2.38 -32.17 105.37
C GLU E 596 -2.07 -31.21 104.23
N GLU E 597 -1.18 -31.61 103.34
CA GLU E 597 -0.83 -30.81 102.17
C GLU E 597 -1.65 -31.28 100.98
N VAL E 598 -2.33 -30.33 100.33
CA VAL E 598 -3.26 -30.62 99.25
C VAL E 598 -2.82 -29.84 98.03
N SER E 599 -2.56 -30.54 96.93
CA SER E 599 -2.09 -29.92 95.70
C SER E 599 -3.27 -29.46 94.84
N ILE E 600 -3.00 -28.46 94.01
CA ILE E 600 -4.00 -28.01 93.05
C ILE E 600 -4.52 -29.17 92.24
N THR E 601 -3.63 -30.10 91.87
CA THR E 601 -4.09 -31.33 91.25
C THR E 601 -5.20 -31.95 92.08
N THR E 602 -4.88 -32.32 93.32
CA THR E 602 -5.86 -32.97 94.19
C THR E 602 -7.16 -32.20 94.24
N LEU E 603 -7.09 -30.87 94.32
CA LEU E 603 -8.32 -30.09 94.25
C LEU E 603 -9.06 -30.39 92.95
N ASP E 604 -8.31 -30.49 91.85
CA ASP E 604 -8.95 -30.74 90.57
C ASP E 604 -9.66 -32.09 90.55
N GLN E 605 -8.97 -33.14 91.00
CA GLN E 605 -9.61 -34.46 91.04
C GLN E 605 -10.81 -34.44 91.96
N VAL E 606 -10.73 -33.71 93.07
CA VAL E 606 -11.90 -33.57 93.94
C VAL E 606 -13.05 -32.98 93.14
N PHE E 607 -12.78 -31.93 92.38
CA PHE E 607 -13.83 -31.14 91.78
C PHE E 607 -14.38 -31.71 90.48
N GLU E 608 -13.75 -32.68 89.83
CA GLU E 608 -14.49 -33.27 88.72
C GLU E 608 -15.72 -34.03 89.20
N MET E 609 -15.80 -34.34 90.50
CA MET E 609 -16.75 -35.32 91.00
C MET E 609 -18.12 -34.73 91.27
N ARG E 610 -18.27 -33.41 91.25
CA ARG E 610 -19.55 -32.84 91.67
C ARG E 610 -20.68 -33.21 90.72
N GLY E 611 -20.37 -33.75 89.55
CA GLY E 611 -21.42 -34.22 88.66
C GLY E 611 -22.13 -35.48 89.12
N LEU E 612 -21.50 -36.26 90.00
CA LEU E 612 -22.11 -37.50 90.46
C LEU E 612 -23.26 -37.22 91.41
N LEU E 613 -24.19 -38.17 91.50
CA LEU E 613 -25.29 -38.04 92.45
C LEU E 613 -24.78 -38.17 93.87
N ALA E 614 -25.19 -37.23 94.72
CA ALA E 614 -24.69 -37.20 96.10
C ALA E 614 -25.05 -38.49 96.83
N GLU E 615 -26.32 -38.85 96.84
CA GLU E 615 -26.78 -40.05 97.52
C GLU E 615 -26.71 -41.26 96.59
N SER E 616 -25.56 -41.46 95.96
CA SER E 616 -25.40 -42.61 95.07
C SER E 616 -24.78 -43.77 95.83
N GLU E 617 -23.53 -43.60 96.27
CA GLU E 617 -22.90 -44.58 97.14
C GLU E 617 -22.01 -43.95 98.19
N GLY E 618 -21.90 -42.63 98.23
CA GLY E 618 -21.14 -41.96 99.26
C GLY E 618 -22.05 -41.28 100.26
N LEU E 619 -23.34 -41.52 100.14
CA LEU E 619 -24.33 -40.90 101.01
C LEU E 619 -25.65 -41.67 100.94
N SER E 631 -35.31 -47.88 88.86
CA SER E 631 -34.71 -48.73 87.83
C SER E 631 -33.68 -47.95 87.02
N LEU E 632 -34.16 -47.00 86.21
CA LEU E 632 -33.26 -46.19 85.41
C LEU E 632 -32.29 -45.39 86.26
N TRP E 633 -32.63 -45.14 87.52
CA TRP E 633 -31.75 -44.47 88.45
C TRP E 633 -30.59 -45.35 88.91
N LEU E 634 -30.68 -46.66 88.66
CA LEU E 634 -29.69 -47.59 89.18
C LEU E 634 -28.31 -47.32 88.60
N GLU E 635 -28.25 -46.98 87.31
CA GLU E 635 -26.97 -46.79 86.64
C GLU E 635 -26.18 -45.67 87.31
N GLU E 636 -26.82 -44.52 87.50
CA GLU E 636 -26.17 -43.42 88.19
C GLU E 636 -25.99 -43.69 89.67
N TYR E 637 -26.85 -44.52 90.28
CA TYR E 637 -26.58 -44.96 91.64
C TYR E 637 -25.22 -45.63 91.72
N GLU E 638 -24.94 -46.54 90.80
CA GLU E 638 -23.70 -47.30 90.83
C GLU E 638 -22.52 -46.57 90.21
N ARG E 639 -22.77 -45.49 89.47
CA ARG E 639 -21.66 -44.82 88.78
C ARG E 639 -20.53 -44.49 89.73
N ALA E 640 -20.84 -44.19 90.99
CA ALA E 640 -19.78 -43.96 91.97
C ALA E 640 -18.95 -45.22 92.21
N ARG E 641 -19.44 -46.38 91.79
CA ARG E 641 -18.75 -47.62 92.10
C ARG E 641 -17.39 -47.70 91.39
N GLU E 642 -17.32 -47.24 90.14
CA GLU E 642 -16.03 -47.20 89.46
C GLU E 642 -15.07 -46.24 90.15
N LEU E 643 -15.58 -45.07 90.55
CA LEU E 643 -14.75 -44.08 91.21
C LEU E 643 -14.15 -44.67 92.47
N VAL E 644 -14.98 -45.31 93.30
CA VAL E 644 -14.47 -45.94 94.52
C VAL E 644 -13.54 -47.10 94.20
N LYS E 645 -13.83 -47.86 93.15
CA LYS E 645 -12.96 -48.99 92.81
C LYS E 645 -11.55 -48.51 92.51
N THR E 646 -11.43 -47.36 91.83
CA THR E 646 -10.10 -46.84 91.56
C THR E 646 -9.40 -46.52 92.87
N THR E 647 -8.13 -46.97 92.98
CA THR E 647 -7.47 -46.97 94.29
C THR E 647 -7.02 -45.59 94.72
N GLY E 648 -6.35 -44.85 93.84
CA GLY E 648 -5.64 -43.67 94.27
C GLY E 648 -6.48 -42.43 94.49
N MET E 649 -7.77 -42.47 94.17
CA MET E 649 -8.62 -41.30 94.38
C MET E 649 -9.17 -41.24 95.79
N LYS E 650 -8.59 -42.01 96.71
CA LYS E 650 -8.98 -41.97 98.11
C LYS E 650 -9.23 -40.56 98.62
N ARG E 651 -8.23 -39.73 98.53
CA ARG E 651 -8.27 -38.39 99.13
C ARG E 651 -9.32 -37.56 98.42
N PRO E 652 -9.39 -37.56 97.10
CA PRO E 652 -10.50 -36.87 96.43
C PRO E 652 -11.87 -37.34 96.90
N LEU E 653 -12.07 -38.64 97.07
CA LEU E 653 -13.38 -39.12 97.54
C LEU E 653 -13.67 -38.61 98.94
N LYS E 654 -12.71 -38.73 99.85
CA LYS E 654 -12.96 -38.29 101.21
C LYS E 654 -13.20 -36.79 101.27
N LEU E 655 -12.43 -36.02 100.50
CA LEU E 655 -12.62 -34.58 100.48
C LEU E 655 -13.97 -34.22 99.88
N TYR E 656 -14.39 -34.95 98.85
CA TYR E 656 -15.69 -34.69 98.24
C TYR E 656 -16.82 -34.99 99.22
N LYS E 657 -16.66 -36.08 99.99
CA LYS E 657 -17.63 -36.39 101.02
C LYS E 657 -17.67 -35.30 102.09
N GLN E 658 -16.49 -34.80 102.49
CA GLN E 658 -16.43 -33.68 103.40
C GLN E 658 -17.16 -32.47 102.82
N TRP E 659 -16.93 -32.20 101.53
CA TRP E 659 -17.58 -31.10 100.84
C TRP E 659 -19.09 -31.21 100.93
N LEU E 660 -19.62 -32.41 100.69
CA LEU E 660 -21.06 -32.59 100.66
C LEU E 660 -21.66 -32.57 102.07
N THR E 661 -21.00 -33.20 103.03
CA THR E 661 -21.60 -33.51 104.32
C THR E 661 -21.02 -32.72 105.48
N SER E 662 -19.70 -32.53 105.55
CA SER E 662 -19.12 -31.85 106.69
C SER E 662 -19.78 -30.51 106.92
N ASP E 663 -20.42 -30.36 108.08
CA ASP E 663 -21.11 -29.13 108.41
C ASP E 663 -20.15 -27.95 108.40
N ASN E 664 -18.94 -28.13 108.93
CA ASN E 664 -17.96 -27.06 108.92
C ASN E 664 -17.62 -26.66 107.49
N VAL E 665 -17.46 -27.66 106.60
CA VAL E 665 -17.17 -27.36 105.21
C VAL E 665 -18.33 -26.59 104.58
N ARG E 666 -19.56 -26.99 104.88
CA ARG E 666 -20.70 -26.31 104.29
C ARG E 666 -20.78 -24.87 104.77
N LYS E 667 -20.52 -24.63 106.05
CA LYS E 667 -20.51 -23.26 106.56
C LYS E 667 -19.38 -22.44 105.93
N GLN E 668 -18.19 -23.04 105.83
CA GLN E 668 -17.07 -22.35 105.19
C GLN E 668 -17.41 -22.01 103.75
N ARG E 669 -18.07 -22.92 103.04
CA ARG E 669 -18.55 -22.62 101.70
C ARG E 669 -19.48 -21.43 101.72
N ALA E 670 -20.54 -21.49 102.54
CA ALA E 670 -21.51 -20.42 102.59
C ALA E 670 -20.90 -19.08 102.93
N GLU E 671 -19.77 -19.08 103.63
CA GLU E 671 -19.08 -17.82 103.96
C GLU E 671 -18.87 -16.97 102.72
N TYR E 672 -18.69 -15.66 102.92
CA TYR E 672 -18.42 -14.73 101.84
C TYR E 672 -16.98 -14.27 101.89
N VAL E 673 -16.55 -13.61 100.82
CA VAL E 673 -15.19 -13.12 100.70
C VAL E 673 -15.10 -12.19 99.49
N GLU E 674 -14.28 -11.14 99.63
CA GLU E 674 -14.17 -10.13 98.59
C GLU E 674 -13.12 -10.51 97.54
N VAL E 675 -13.35 -10.03 96.32
CA VAL E 675 -12.41 -10.14 95.22
C VAL E 675 -12.35 -8.78 94.53
N ALA E 676 -11.15 -8.22 94.44
CA ALA E 676 -10.99 -7.00 93.67
C ALA E 676 -11.28 -7.29 92.19
N LEU E 677 -11.95 -6.33 91.55
CA LEU E 677 -12.33 -6.52 90.16
C LEU E 677 -11.17 -7.06 89.31
N GLU E 678 -10.09 -6.30 89.20
CA GLU E 678 -9.02 -6.68 88.27
C GLU E 678 -8.12 -7.71 88.93
N TYR E 679 -8.72 -8.76 89.46
CA TYR E 679 -7.94 -9.90 89.90
C TYR E 679 -7.20 -10.50 88.71
N LEU E 680 -7.76 -10.35 87.52
CA LEU E 680 -7.17 -10.73 86.27
C LEU E 680 -7.24 -9.58 85.28
N PRO E 681 -6.36 -9.53 84.29
CA PRO E 681 -6.48 -8.52 83.24
C PRO E 681 -7.55 -8.88 82.23
N ASP E 682 -8.10 -7.83 81.61
CA ASP E 682 -9.15 -8.02 80.61
C ASP E 682 -8.72 -9.00 79.54
N GLU E 683 -7.45 -8.94 79.13
CA GLU E 683 -6.93 -9.89 78.16
C GLU E 683 -7.03 -11.32 78.68
N ALA E 684 -6.70 -11.52 79.95
CA ALA E 684 -6.84 -12.85 80.53
C ALA E 684 -8.29 -13.30 80.49
N VAL E 685 -9.21 -12.39 80.84
CA VAL E 685 -10.62 -12.75 80.84
C VAL E 685 -11.05 -13.15 79.43
N VAL E 686 -10.61 -12.38 78.44
CA VAL E 686 -10.97 -12.70 77.06
C VAL E 686 -10.37 -14.04 76.65
N ALA E 687 -9.17 -14.34 77.12
CA ALA E 687 -8.58 -15.65 76.83
C ALA E 687 -9.45 -16.75 77.40
N LEU E 688 -9.94 -16.55 78.62
CA LEU E 688 -10.90 -17.50 79.20
C LEU E 688 -12.10 -17.67 78.30
N GLN E 689 -12.72 -16.54 77.93
CA GLN E 689 -13.91 -16.61 77.09
C GLN E 689 -13.60 -17.34 75.79
N GLN E 690 -12.40 -17.15 75.25
CA GLN E 690 -12.04 -17.77 73.99
C GLN E 690 -11.82 -19.27 74.15
N ALA E 691 -11.23 -19.69 75.26
CA ALA E 691 -11.20 -21.11 75.56
C ALA E 691 -12.60 -21.68 75.56
N VAL E 692 -13.52 -20.98 76.20
CA VAL E 692 -14.91 -21.43 76.21
C VAL E 692 -15.46 -21.44 74.79
N MET E 693 -15.09 -20.43 73.99
CA MET E 693 -15.53 -20.38 72.61
C MET E 693 -15.17 -21.67 71.92
N ALA E 694 -13.91 -22.07 72.07
CA ALA E 694 -13.41 -23.27 71.39
C ALA E 694 -14.14 -24.51 71.89
N LYS E 695 -14.32 -24.64 73.20
CA LYS E 695 -15.00 -25.82 73.72
C LYS E 695 -16.42 -25.92 73.17
N MET E 696 -17.16 -24.81 73.22
CA MET E 696 -18.49 -24.77 72.65
C MET E 696 -18.48 -25.20 71.20
N ALA E 697 -17.62 -24.58 70.39
CA ALA E 697 -17.60 -24.90 68.97
C ALA E 697 -17.31 -26.38 68.75
N ASP E 698 -16.38 -26.92 69.53
CA ASP E 698 -16.04 -28.33 69.40
C ASP E 698 -17.26 -29.19 69.69
N ARG E 699 -18.01 -28.86 70.74
CA ARG E 699 -19.16 -29.67 71.11
C ARG E 699 -20.40 -29.34 70.31
N ASN E 700 -20.35 -28.34 69.44
CA ASN E 700 -21.46 -27.99 68.56
C ASN E 700 -22.72 -27.72 69.39
N ILE E 701 -22.61 -26.76 70.30
CA ILE E 701 -23.69 -26.39 71.21
C ILE E 701 -24.04 -24.92 70.97
N ALA E 702 -25.32 -24.61 70.99
CA ALA E 702 -25.80 -23.30 70.59
C ALA E 702 -26.17 -22.44 71.79
N ILE E 703 -26.39 -21.16 71.51
CA ILE E 703 -26.67 -20.17 72.53
C ILE E 703 -27.93 -19.42 72.13
N GLU E 704 -28.99 -19.53 72.93
CA GLU E 704 -30.19 -18.73 72.73
C GLU E 704 -29.90 -17.31 73.22
N CYS E 705 -29.95 -16.35 72.30
CA CYS E 705 -29.63 -14.96 72.62
C CYS E 705 -30.86 -14.08 72.48
N PRO E 706 -31.56 -13.76 73.56
CA PRO E 706 -32.65 -12.80 73.49
C PRO E 706 -32.14 -11.40 73.75
N PRO E 707 -32.94 -10.37 73.42
CA PRO E 707 -32.54 -8.99 73.75
C PRO E 707 -33.10 -8.52 75.07
N THR E 708 -32.33 -7.76 75.83
CA THR E 708 -32.78 -7.22 77.10
C THR E 708 -32.72 -5.70 77.12
N SER E 714 -28.71 -5.17 81.20
CA SER E 714 -28.93 -4.14 82.20
C SER E 714 -27.95 -2.98 82.02
N GLN E 715 -26.66 -3.29 82.01
CA GLN E 715 -25.62 -2.28 81.91
C GLN E 715 -25.59 -1.59 80.55
N TYR E 716 -26.27 -2.14 79.55
CA TYR E 716 -26.25 -1.58 78.20
C TYR E 716 -27.09 -0.30 78.17
N ARG E 717 -26.43 0.81 77.86
CA ARG E 717 -27.12 2.08 77.67
C ARG E 717 -27.87 2.09 76.34
N ASN E 718 -27.27 1.52 75.30
CA ASN E 718 -27.90 1.35 74.01
C ASN E 718 -27.79 -0.10 73.57
N VAL E 719 -28.76 -0.53 72.76
CA VAL E 719 -28.74 -1.88 72.23
C VAL E 719 -27.54 -2.11 71.33
N SER E 720 -27.02 -1.05 70.70
CA SER E 720 -25.89 -1.22 69.80
C SER E 720 -24.68 -1.84 70.49
N GLU E 721 -24.60 -1.76 71.81
CA GLU E 721 -23.50 -2.35 72.57
C GLU E 721 -23.71 -3.84 72.84
N HIS E 722 -24.77 -4.44 72.30
CA HIS E 722 -25.08 -5.83 72.60
C HIS E 722 -24.04 -6.79 72.03
N HIS E 723 -23.67 -7.78 72.84
CA HIS E 723 -22.73 -8.84 72.47
C HIS E 723 -23.23 -9.74 71.35
N ILE E 724 -24.53 -9.75 71.09
CA ILE E 724 -25.04 -10.46 69.91
C ILE E 724 -24.25 -10.02 68.69
N PHE E 725 -23.86 -8.75 68.67
CA PHE E 725 -23.05 -8.23 67.57
C PHE E 725 -21.67 -8.84 67.62
N ARG E 726 -21.11 -8.99 68.81
CA ARG E 726 -19.82 -9.63 68.96
C ARG E 726 -19.84 -11.03 68.35
N TRP E 727 -21.01 -11.67 68.33
CA TRP E 727 -21.10 -12.96 67.65
C TRP E 727 -21.31 -12.79 66.16
N MET E 728 -22.23 -11.90 65.77
CA MET E 728 -22.44 -11.62 64.36
C MET E 728 -21.17 -11.15 63.67
N GLY E 729 -20.13 -10.82 64.42
CA GLY E 729 -18.87 -10.47 63.82
C GLY E 729 -18.80 -9.11 63.19
N LEU E 730 -19.68 -8.18 63.59
CA LEU E 730 -19.59 -6.85 63.01
C LEU E 730 -18.23 -6.28 63.38
N PRO E 731 -17.47 -5.77 62.40
CA PRO E 731 -16.17 -5.18 62.75
C PRO E 731 -16.33 -4.22 63.92
N GLY E 732 -15.34 -4.21 64.80
CA GLY E 732 -15.21 -3.18 65.80
C GLY E 732 -15.65 -3.54 67.21
N GLU E 733 -16.38 -4.64 67.40
CA GLU E 733 -16.50 -5.24 68.74
C GLU E 733 -15.79 -6.58 68.83
N ALA E 734 -15.89 -7.39 67.77
CA ALA E 734 -15.41 -8.75 67.83
C ALA E 734 -13.92 -8.78 68.13
N ILE E 735 -13.52 -9.73 68.96
CA ILE E 735 -12.19 -9.74 69.53
C ILE E 735 -11.38 -10.80 68.80
N GLU E 736 -10.06 -10.61 68.78
CA GLU E 736 -9.21 -11.35 67.85
C GLU E 736 -9.45 -12.86 67.92
N GLY E 737 -9.56 -13.41 69.12
CA GLY E 737 -9.66 -14.84 69.26
C GLY E 737 -11.07 -15.38 69.26
N ASP E 738 -12.00 -14.63 68.67
CA ASP E 738 -13.40 -14.99 68.73
C ASP E 738 -13.73 -16.12 67.76
N VAL E 739 -14.90 -16.73 67.98
CA VAL E 739 -15.35 -17.86 67.17
C VAL E 739 -16.87 -17.83 67.06
N PRO E 740 -17.45 -17.92 65.86
CA PRO E 740 -18.91 -18.04 65.76
C PRO E 740 -19.38 -19.36 66.32
N MET E 741 -20.50 -19.34 67.04
CA MET E 741 -20.94 -20.54 67.74
C MET E 741 -22.44 -20.80 67.70
N SER E 742 -23.12 -20.58 66.58
CA SER E 742 -24.53 -20.94 66.48
C SER E 742 -25.34 -20.24 67.60
N ILE E 743 -25.43 -18.93 67.44
CA ILE E 743 -26.37 -18.14 68.23
C ILE E 743 -27.74 -18.26 67.58
N CYS E 744 -28.77 -18.40 68.41
CA CYS E 744 -30.13 -18.59 67.94
C CYS E 744 -31.06 -17.55 68.54
N LEU E 745 -32.14 -17.30 67.83
CA LEU E 745 -33.11 -16.28 68.22
C LEU E 745 -34.15 -16.83 69.18
N GLY E 746 -34.43 -16.04 70.22
CA GLY E 746 -35.42 -16.38 71.21
C GLY E 746 -36.09 -15.14 71.76
N SER E 747 -37.43 -15.11 71.76
CA SER E 747 -38.18 -13.90 72.10
C SER E 747 -38.40 -13.86 73.60
N ASP E 748 -37.52 -13.13 74.29
CA ASP E 748 -37.69 -12.85 75.71
C ASP E 748 -36.94 -11.56 76.04
N ASP E 749 -37.67 -10.46 76.11
CA ASP E 749 -37.11 -9.21 76.63
C ASP E 749 -37.74 -8.94 78.00
N PRO E 750 -36.97 -8.97 79.09
CA PRO E 750 -37.59 -8.96 80.42
C PRO E 750 -38.50 -7.77 80.66
N GLY E 751 -38.12 -6.58 80.19
CA GLY E 751 -38.78 -5.36 80.60
C GLY E 751 -39.47 -4.62 79.48
N ILE E 752 -40.15 -5.33 78.60
CA ILE E 752 -40.91 -4.70 77.53
C ILE E 752 -42.31 -5.26 77.50
N PHE E 753 -43.20 -4.52 76.86
CA PHE E 753 -44.61 -4.84 76.81
C PHE E 753 -44.94 -5.38 75.43
N ALA E 754 -45.57 -6.55 75.38
CA ALA E 754 -46.02 -7.14 74.13
C ALA E 754 -44.86 -7.30 73.14
N ALA E 755 -43.92 -8.15 73.54
CA ALA E 755 -42.77 -8.46 72.72
C ALA E 755 -43.08 -9.60 71.74
N ASP E 756 -42.23 -9.72 70.73
CA ASP E 756 -42.39 -10.77 69.74
C ASP E 756 -41.02 -11.10 69.16
N LEU E 757 -40.87 -12.38 68.79
CA LEU E 757 -39.69 -12.80 68.06
C LEU E 757 -39.50 -11.96 66.81
N LYS E 758 -40.55 -11.78 66.03
CA LYS E 758 -40.44 -11.06 64.77
C LYS E 758 -40.25 -9.57 65.02
N SER E 759 -40.82 -9.07 66.12
CA SER E 759 -40.55 -7.70 66.53
C SER E 759 -39.06 -7.50 66.77
N GLU E 760 -38.43 -8.36 67.58
CA GLU E 760 -37.00 -8.20 67.81
C GLU E 760 -36.20 -8.52 66.56
N PHE E 761 -36.79 -9.26 65.62
CA PHE E 761 -36.14 -9.41 64.33
C PHE E 761 -36.03 -8.05 63.63
N TYR E 762 -37.14 -7.32 63.58
CA TYR E 762 -37.04 -5.92 63.17
C TYR E 762 -35.99 -5.18 63.97
N HIS E 763 -35.99 -5.39 65.28
CA HIS E 763 -35.07 -4.66 66.15
C HIS E 763 -33.64 -4.86 65.69
N LEU E 764 -33.25 -6.11 65.50
CA LEU E 764 -31.91 -6.44 65.04
C LEU E 764 -31.65 -5.85 63.67
N PHE E 765 -32.61 -5.99 62.75
CA PHE E 765 -32.41 -5.49 61.41
C PHE E 765 -32.14 -3.99 61.43
N VAL E 766 -32.95 -3.25 62.19
CA VAL E 766 -32.82 -1.80 62.19
C VAL E 766 -31.49 -1.40 62.81
N VAL E 767 -31.12 -2.02 63.93
CA VAL E 767 -29.87 -1.62 64.56
C VAL E 767 -28.71 -1.89 63.61
N LEU E 768 -28.68 -3.08 63.02
CA LEU E 768 -27.62 -3.38 62.05
C LEU E 768 -27.60 -2.36 60.93
N THR E 769 -28.74 -2.15 60.28
CA THR E 769 -28.78 -1.27 59.12
C THR E 769 -28.34 0.13 59.46
N ARG E 770 -28.77 0.66 60.59
CA ARG E 770 -28.57 2.08 60.90
C ARG E 770 -27.30 2.35 61.68
N LYS E 771 -27.17 1.79 62.87
CA LYS E 771 -26.02 2.12 63.71
C LYS E 771 -24.71 1.63 63.13
N PHE E 772 -24.75 0.59 62.30
CA PHE E 772 -23.54 -0.01 61.78
C PHE E 772 -23.32 0.30 60.30
N GLY E 773 -24.27 0.97 59.65
CA GLY E 773 -24.09 1.34 58.27
C GLY E 773 -24.14 0.19 57.29
N LEU E 774 -24.49 -1.02 57.74
CA LEU E 774 -24.55 -2.16 56.84
C LEU E 774 -25.69 -2.01 55.84
N SER E 775 -25.57 -2.69 54.72
CA SER E 775 -26.64 -2.72 53.75
C SER E 775 -27.82 -3.51 54.31
N PRO E 776 -29.03 -3.21 53.84
CA PRO E 776 -30.18 -4.04 54.26
C PRO E 776 -29.98 -5.50 53.98
N ALA E 777 -29.35 -5.83 52.85
CA ALA E 777 -29.06 -7.22 52.53
C ALA E 777 -28.12 -7.82 53.57
N ASP E 778 -27.11 -7.06 53.98
CA ASP E 778 -26.18 -7.58 54.97
C ASP E 778 -26.88 -7.83 56.30
N ALA E 779 -27.69 -6.87 56.74
CA ALA E 779 -28.44 -7.08 57.97
C ALA E 779 -29.34 -8.30 57.84
N LEU E 780 -30.01 -8.46 56.70
CA LEU E 780 -30.88 -9.60 56.51
C LEU E 780 -30.12 -10.91 56.63
N ARG E 781 -28.98 -11.02 55.93
CA ARG E 781 -28.24 -12.28 55.99
C ARG E 781 -27.77 -12.55 57.40
N LYS E 782 -27.29 -11.52 58.09
CA LYS E 782 -26.74 -11.75 59.42
C LYS E 782 -27.83 -12.21 60.38
N VAL E 783 -28.99 -11.55 60.36
CA VAL E 783 -30.06 -11.94 61.28
C VAL E 783 -30.61 -13.30 60.91
N ALA E 784 -30.73 -13.57 59.61
CA ALA E 784 -31.11 -14.91 59.20
C ALA E 784 -30.18 -15.93 59.83
N GLU E 785 -28.87 -15.75 59.68
CA GLU E 785 -27.94 -16.72 60.26
C GLU E 785 -28.43 -17.20 61.61
N VAL E 786 -28.78 -16.28 62.49
CA VAL E 786 -29.33 -16.66 63.80
C VAL E 786 -30.63 -17.42 63.63
N ASN E 787 -31.52 -16.92 62.77
CA ASN E 787 -32.83 -17.54 62.65
C ASN E 787 -32.72 -19.00 62.26
N GLU E 788 -32.00 -19.29 61.16
CA GLU E 788 -31.86 -20.67 60.72
C GLU E 788 -30.89 -21.48 61.58
N ASN E 789 -30.01 -20.83 62.34
CA ASN E 789 -29.36 -21.57 63.42
C ASN E 789 -30.42 -22.16 64.33
N GLY E 790 -31.44 -21.34 64.64
CA GLY E 790 -32.57 -21.84 65.39
C GLY E 790 -33.21 -23.05 64.74
N ARG E 791 -33.42 -22.99 63.42
CA ARG E 791 -34.03 -24.15 62.77
C ARG E 791 -33.14 -25.36 62.94
N ILE E 792 -31.87 -25.20 62.61
CA ILE E 792 -30.92 -26.31 62.66
C ILE E 792 -30.96 -26.97 64.01
N TYR E 793 -31.17 -26.18 65.06
CA TYR E 793 -31.16 -26.71 66.42
C TYR E 793 -32.55 -26.81 67.01
N ARG E 794 -33.57 -26.81 66.16
CA ARG E 794 -34.92 -27.13 66.61
C ARG E 794 -34.93 -28.47 67.32
N PHE E 795 -35.61 -28.51 68.46
CA PHE E 795 -35.79 -29.76 69.18
C PHE E 795 -37.01 -30.53 68.70
N HIS E 796 -37.82 -29.94 67.84
CA HIS E 796 -38.94 -30.66 67.26
C HIS E 796 -38.50 -31.99 66.68
N ASP E 797 -39.42 -32.94 66.65
CA ASP E 797 -39.14 -34.22 66.02
C ASP E 797 -38.89 -34.01 64.53
N VAL E 798 -38.00 -34.81 63.97
CA VAL E 798 -37.70 -34.74 62.54
C VAL E 798 -38.48 -35.80 61.80
N MET F 1 -8.42 -54.32 64.68
CA MET F 1 -7.87 -55.69 64.79
C MET F 1 -8.98 -56.72 64.90
N GLU F 2 -10.10 -56.32 65.50
CA GLU F 2 -11.24 -57.21 65.59
C GLU F 2 -11.68 -57.69 64.22
N ARG F 3 -11.54 -56.84 63.20
CA ARG F 3 -12.01 -57.18 61.86
C ARG F 3 -11.40 -58.48 61.35
N PHE F 4 -10.17 -58.78 61.75
CA PHE F 4 -9.51 -59.99 61.31
C PHE F 4 -10.25 -61.24 61.78
N LEU F 5 -10.96 -61.16 62.88
CA LEU F 5 -11.68 -62.30 63.41
C LEU F 5 -12.94 -62.60 62.61
N LEU F 6 -13.52 -61.59 61.96
CA LEU F 6 -14.68 -61.78 61.11
C LEU F 6 -14.29 -61.90 59.64
N ASN F 7 -13.04 -61.56 59.30
CA ASN F 7 -12.56 -61.62 57.93
C ASN F 7 -11.24 -62.37 57.95
N SER F 8 -11.31 -63.69 57.82
CA SER F 8 -10.10 -64.51 57.78
C SER F 8 -10.43 -65.83 57.13
N THR F 9 -9.89 -66.05 55.93
CA THR F 9 -10.06 -67.34 55.27
C THR F 9 -9.45 -68.46 56.11
N VAL F 10 -8.27 -68.21 56.68
CA VAL F 10 -7.62 -69.22 57.52
C VAL F 10 -8.49 -69.55 58.72
N LEU F 11 -9.04 -68.51 59.36
CA LEU F 11 -9.89 -68.73 60.53
C LEU F 11 -11.13 -69.54 60.17
N LEU F 12 -11.79 -69.17 59.08
CA LEU F 12 -12.96 -69.92 58.64
C LEU F 12 -12.59 -71.37 58.38
N TYR F 13 -11.48 -71.59 57.67
CA TYR F 13 -11.03 -72.95 57.36
C TYR F 13 -10.81 -73.74 58.64
N ARG F 14 -10.01 -73.21 59.55
CA ARG F 14 -9.66 -73.96 60.76
C ARG F 14 -10.90 -74.22 61.61
N LEU F 15 -11.75 -73.21 61.80
CA LEU F 15 -12.94 -73.40 62.61
C LEU F 15 -13.88 -74.42 61.99
N SER F 16 -14.11 -74.33 60.68
CA SER F 16 -14.94 -75.30 59.99
C SER F 16 -14.37 -76.70 60.06
N THR F 17 -13.06 -76.84 60.14
CA THR F 17 -12.43 -78.16 60.20
C THR F 17 -12.42 -78.77 61.60
N VAL F 18 -12.04 -78.01 62.62
CA VAL F 18 -11.87 -78.58 63.95
C VAL F 18 -13.21 -79.03 64.51
N SER F 19 -13.16 -80.06 65.35
CA SER F 19 -14.37 -80.59 65.97
C SER F 19 -14.99 -79.55 66.90
N LEU F 20 -16.32 -79.59 66.97
CA LEU F 20 -17.06 -78.66 67.81
C LEU F 20 -16.69 -78.75 69.28
N ASP F 21 -16.14 -79.89 69.71
CA ASP F 21 -15.80 -80.10 71.11
C ASP F 21 -14.29 -80.04 71.35
N GLU F 22 -13.55 -79.41 70.43
CA GLU F 22 -12.11 -79.30 70.62
C GLU F 22 -11.77 -78.39 71.79
N VAL F 23 -12.42 -77.22 71.86
CA VAL F 23 -12.26 -76.29 72.97
C VAL F 23 -10.82 -75.77 73.02
N SER F 24 -10.62 -74.61 73.65
CA SER F 24 -9.30 -74.02 73.82
C SER F 24 -8.62 -73.82 72.46
N LEU F 25 -9.27 -72.97 71.65
CA LEU F 25 -8.82 -72.68 70.30
C LEU F 25 -8.12 -71.33 70.21
N ASP F 26 -7.77 -70.74 71.37
CA ASP F 26 -7.32 -69.36 71.40
C ASP F 26 -6.01 -69.19 70.65
N GLU F 27 -5.05 -70.10 70.86
CA GLU F 27 -3.74 -69.95 70.24
C GLU F 27 -3.84 -70.11 68.73
N ARG F 28 -4.66 -71.04 68.25
CA ARG F 28 -4.85 -71.16 66.82
C ARG F 28 -5.54 -69.95 66.23
N VAL F 29 -6.57 -69.42 66.91
CA VAL F 29 -7.18 -68.19 66.44
C VAL F 29 -6.15 -67.07 66.38
N GLU F 30 -5.30 -66.98 67.40
CA GLU F 30 -4.14 -66.09 67.40
C GLU F 30 -3.32 -66.21 66.13
N SER F 31 -2.75 -67.39 65.90
CA SER F 31 -1.84 -67.56 64.78
C SER F 31 -2.54 -67.28 63.47
N SER F 32 -3.78 -67.76 63.33
CA SER F 32 -4.54 -67.53 62.11
C SER F 32 -4.80 -66.06 61.90
N VAL F 33 -5.04 -65.30 62.97
CA VAL F 33 -5.27 -63.87 62.83
C VAL F 33 -4.01 -63.19 62.32
N PHE F 34 -2.85 -63.57 62.87
CA PHE F 34 -1.61 -62.99 62.36
C PHE F 34 -1.39 -63.36 60.89
N LEU F 35 -1.70 -64.60 60.51
CA LEU F 35 -1.63 -64.93 59.09
C LEU F 35 -2.56 -64.04 58.27
N ALA F 36 -3.83 -63.96 58.67
CA ALA F 36 -4.83 -63.25 57.88
C ALA F 36 -4.45 -61.78 57.71
N GLN F 37 -4.08 -61.12 58.82
CA GLN F 37 -3.59 -59.75 58.71
C GLN F 37 -2.36 -59.68 57.83
N TYR F 38 -1.49 -60.69 57.88
CA TYR F 38 -0.35 -60.68 56.98
C TYR F 38 -0.80 -60.59 55.53
N GLU F 39 -1.79 -61.40 55.13
CA GLU F 39 -2.22 -61.32 53.74
C GLU F 39 -2.91 -60.00 53.45
N GLN F 40 -3.79 -59.54 54.33
CA GLN F 40 -4.64 -58.40 54.00
C GLN F 40 -3.93 -57.07 54.25
N ALA F 41 -3.56 -56.81 55.50
CA ALA F 41 -2.81 -55.61 55.88
C ALA F 41 -1.38 -56.06 56.17
N ARG F 42 -0.55 -56.08 55.13
CA ARG F 42 0.81 -56.60 55.24
C ARG F 42 1.74 -55.66 55.98
N SER F 43 1.57 -54.35 55.80
CA SER F 43 2.58 -53.37 56.19
C SER F 43 2.79 -53.25 57.69
N LEU F 44 1.87 -53.74 58.51
CA LEU F 44 1.99 -53.56 59.95
C LEU F 44 3.29 -54.16 60.44
N PRO F 45 4.04 -53.48 61.31
CA PRO F 45 5.43 -53.89 61.57
C PRO F 45 5.59 -54.97 62.63
N ASP F 46 4.84 -56.05 62.56
CA ASP F 46 5.25 -57.32 63.15
C ASP F 46 5.14 -57.29 64.68
N HIS F 47 4.89 -56.13 65.28
CA HIS F 47 4.74 -56.10 66.74
C HIS F 47 3.49 -55.33 67.14
N VAL F 48 3.05 -54.41 66.28
CA VAL F 48 1.78 -53.74 66.55
C VAL F 48 0.67 -54.76 66.66
N ALA F 49 0.70 -55.77 65.79
CA ALA F 49 -0.32 -56.82 65.87
C ALA F 49 -0.19 -57.61 67.16
N LYS F 50 1.03 -57.94 67.56
CA LYS F 50 1.23 -58.62 68.82
C LYS F 50 0.56 -57.85 69.94
N SER F 51 0.86 -56.55 70.01
CA SER F 51 0.32 -55.73 71.08
C SER F 51 -1.19 -55.64 70.98
N ALA F 52 -1.73 -55.40 69.79
CA ALA F 52 -3.16 -55.22 69.63
C ALA F 52 -3.92 -56.47 70.02
N TRP F 53 -3.42 -57.63 69.62
CA TRP F 53 -4.04 -58.88 70.06
C TRP F 53 -3.95 -59.05 71.56
N SER F 54 -2.79 -58.76 72.14
CA SER F 54 -2.68 -58.81 73.60
C SER F 54 -3.76 -57.96 74.24
N TYR F 55 -4.01 -56.78 73.67
CA TYR F 55 -5.01 -55.88 74.25
C TYR F 55 -6.41 -56.39 74.04
N LEU F 56 -6.69 -56.95 72.86
CA LEU F 56 -8.01 -57.51 72.62
C LEU F 56 -8.32 -58.58 73.65
N VAL F 57 -7.38 -59.51 73.84
CA VAL F 57 -7.59 -60.57 74.82
C VAL F 57 -7.65 -59.97 76.23
N GLN F 58 -6.86 -58.93 76.47
CA GLN F 58 -6.87 -58.26 77.76
C GLN F 58 -8.26 -57.72 78.08
N GLN F 59 -8.85 -57.00 77.14
CA GLN F 59 -10.18 -56.46 77.34
C GLN F 59 -11.19 -57.58 77.52
N ILE F 60 -11.06 -58.64 76.72
CA ILE F 60 -11.98 -59.76 76.84
C ILE F 60 -11.93 -60.34 78.24
N LYS F 61 -10.73 -60.57 78.76
CA LYS F 61 -10.62 -61.18 80.08
C LYS F 61 -11.13 -60.26 81.18
N GLN F 62 -10.76 -58.97 81.13
CA GLN F 62 -11.25 -58.05 82.16
C GLN F 62 -12.76 -57.90 82.11
N ARG F 63 -13.35 -57.77 80.92
CA ARG F 63 -14.80 -57.74 80.83
C ARG F 63 -15.40 -59.13 80.98
N ASN F 64 -14.56 -60.13 81.18
CA ASN F 64 -14.99 -61.47 81.59
C ASN F 64 -15.89 -62.12 80.54
N MET F 65 -15.38 -62.27 79.32
CA MET F 65 -15.99 -63.15 78.34
C MET F 65 -14.95 -64.05 77.68
N LYS F 66 -15.46 -64.89 76.79
CA LYS F 66 -14.67 -65.85 76.03
C LYS F 66 -14.35 -65.28 74.67
N LEU F 67 -13.15 -65.56 74.18
CA LEU F 67 -12.79 -65.12 72.83
C LEU F 67 -13.82 -65.62 71.85
N GLY F 68 -14.58 -64.72 71.26
CA GLY F 68 -15.64 -65.13 70.37
C GLY F 68 -16.41 -63.99 69.74
N PRO F 69 -17.29 -64.34 68.81
CA PRO F 69 -18.04 -63.30 68.09
C PRO F 69 -18.88 -62.43 69.01
N VAL F 70 -19.42 -62.98 70.09
CA VAL F 70 -20.19 -62.14 71.01
C VAL F 70 -19.30 -61.04 71.57
N ALA F 71 -18.10 -61.41 72.02
CA ALA F 71 -17.18 -60.42 72.56
C ALA F 71 -16.80 -59.39 71.50
N ILE F 72 -16.49 -59.85 70.29
CA ILE F 72 -16.06 -58.93 69.25
C ILE F 72 -17.18 -57.97 68.87
N LEU F 73 -18.41 -58.48 68.72
CA LEU F 73 -19.53 -57.61 68.40
C LEU F 73 -19.79 -56.62 69.52
N ARG F 74 -19.70 -57.07 70.77
CA ARG F 74 -19.90 -56.15 71.88
C ARG F 74 -18.87 -55.03 71.84
N LEU F 75 -17.61 -55.40 71.61
CA LEU F 75 -16.54 -54.40 71.60
C LEU F 75 -16.73 -53.41 70.46
N ILE F 76 -17.00 -53.91 69.25
CA ILE F 76 -17.19 -53.01 68.12
C ILE F 76 -18.42 -52.13 68.33
N ALA F 77 -19.50 -52.70 68.83
CA ALA F 77 -20.72 -51.93 69.05
C ALA F 77 -20.45 -50.77 70.01
N GLU F 78 -19.86 -51.07 71.16
CA GLU F 78 -19.58 -50.00 72.12
C GLU F 78 -18.58 -49.01 71.55
N LYS F 79 -17.58 -49.48 70.81
CA LYS F 79 -16.52 -48.58 70.35
C LYS F 79 -17.00 -47.65 69.24
N PHE F 80 -17.97 -48.08 68.44
CA PHE F 80 -18.42 -47.29 67.30
C PHE F 80 -19.77 -46.62 67.51
N ILE F 81 -20.81 -47.38 67.84
CA ILE F 81 -22.19 -46.89 67.73
C ILE F 81 -22.57 -46.20 69.02
N LYS F 82 -23.41 -45.17 68.89
CA LYS F 82 -24.14 -44.63 70.05
C LYS F 82 -25.54 -44.26 69.63
N ASN F 83 -26.43 -44.06 70.59
CA ASN F 83 -27.79 -43.60 70.34
C ASN F 83 -27.85 -42.11 70.59
N GLU F 84 -28.46 -41.37 69.67
CA GLU F 84 -28.44 -39.92 69.71
C GLU F 84 -29.66 -39.38 68.99
N LYS F 85 -30.47 -38.61 69.71
CA LYS F 85 -31.70 -38.07 69.16
C LYS F 85 -32.61 -39.20 68.70
N GLY F 86 -32.28 -39.81 67.56
CA GLY F 86 -33.06 -40.91 67.04
C GLY F 86 -32.22 -42.12 66.73
N GLY F 87 -32.44 -43.20 67.48
CA GLY F 87 -31.81 -44.46 67.20
C GLY F 87 -30.30 -44.41 67.26
N PRO F 88 -29.68 -45.57 67.09
CA PRO F 88 -28.22 -45.64 67.11
C PRO F 88 -27.62 -44.90 65.92
N LYS F 89 -26.41 -44.40 66.11
CA LYS F 89 -25.70 -43.65 65.09
C LYS F 89 -24.20 -43.84 65.29
N ILE F 90 -23.42 -43.21 64.42
CA ILE F 90 -21.97 -43.37 64.39
C ILE F 90 -21.29 -42.10 64.88
N ASP F 91 -20.26 -42.27 65.70
CA ASP F 91 -19.44 -41.14 66.10
C ASP F 91 -18.82 -40.48 64.88
N LEU F 92 -18.89 -39.16 64.85
CA LEU F 92 -18.40 -38.44 63.66
C LEU F 92 -16.94 -38.72 63.39
N PRO F 93 -16.01 -38.53 64.32
CA PRO F 93 -14.61 -38.84 64.04
C PRO F 93 -14.37 -40.30 63.73
N MET F 94 -15.25 -41.19 64.17
CA MET F 94 -15.07 -42.62 63.97
C MET F 94 -15.74 -43.12 62.70
N PHE F 95 -16.48 -42.27 62.00
CA PHE F 95 -17.28 -42.76 60.89
C PHE F 95 -16.40 -43.33 59.77
N SER F 96 -15.28 -42.69 59.49
CA SER F 96 -14.40 -43.21 58.44
C SER F 96 -13.84 -44.56 58.83
N GLU F 97 -13.46 -44.73 60.09
CA GLU F 97 -12.98 -46.02 60.54
C GLU F 97 -14.08 -47.07 60.45
N TRP F 98 -15.31 -46.70 60.79
CA TRP F 98 -16.43 -47.60 60.60
C TRP F 98 -16.60 -47.96 59.14
N GLN F 99 -16.37 -47.00 58.25
CA GLN F 99 -16.41 -47.28 56.83
C GLN F 99 -15.34 -48.31 56.46
N THR F 100 -14.14 -48.14 57.02
CA THR F 100 -13.08 -49.12 56.80
C THR F 100 -13.52 -50.51 57.24
N LEU F 101 -14.14 -50.59 58.42
CA LEU F 101 -14.63 -51.88 58.88
C LEU F 101 -15.71 -52.44 57.95
N MET F 102 -16.66 -51.59 57.57
CA MET F 102 -17.69 -52.00 56.62
C MET F 102 -17.09 -52.55 55.34
N SER F 103 -15.95 -52.02 54.91
CA SER F 103 -15.24 -52.58 53.76
C SER F 103 -14.94 -54.06 53.93
N ARG F 104 -15.09 -54.60 55.13
CA ARG F 104 -14.74 -55.98 55.41
C ARG F 104 -15.84 -56.76 56.12
N VAL F 105 -16.82 -56.09 56.73
CA VAL F 105 -17.78 -56.74 57.60
C VAL F 105 -19.17 -56.18 57.36
N SER F 106 -20.17 -56.98 57.72
CA SER F 106 -21.56 -56.54 57.73
C SER F 106 -21.92 -55.97 59.09
N CYS F 107 -22.72 -54.90 59.07
CA CYS F 107 -23.07 -54.21 60.30
C CYS F 107 -24.32 -54.75 60.96
N LEU F 108 -25.04 -55.67 60.32
CA LEU F 108 -26.25 -56.19 60.94
C LEU F 108 -25.95 -56.87 62.27
N PRO F 109 -24.99 -57.79 62.36
CA PRO F 109 -24.68 -58.38 63.67
C PRO F 109 -24.25 -57.34 64.68
N ILE F 110 -23.47 -56.37 64.24
CA ILE F 110 -22.91 -55.38 65.15
C ILE F 110 -24.03 -54.53 65.74
N ILE F 111 -24.95 -54.08 64.89
CA ILE F 111 -26.07 -53.28 65.37
C ILE F 111 -26.98 -54.11 66.25
N ALA F 112 -27.15 -55.40 65.93
CA ALA F 112 -27.89 -56.26 66.84
C ALA F 112 -27.24 -56.26 68.22
N CYS F 113 -25.91 -56.38 68.25
CA CYS F 113 -25.22 -56.41 69.52
C CYS F 113 -25.38 -55.09 70.27
N HIS F 114 -25.26 -53.97 69.56
CA HIS F 114 -25.47 -52.68 70.20
C HIS F 114 -26.87 -52.54 70.75
N GLN F 115 -27.89 -52.93 69.96
CA GLN F 115 -29.25 -52.77 70.44
C GLN F 115 -29.49 -53.63 71.68
N VAL F 116 -29.01 -54.88 71.68
CA VAL F 116 -29.30 -55.76 72.80
C VAL F 116 -28.54 -55.33 74.05
N PHE F 117 -27.24 -55.06 73.93
CA PHE F 117 -26.43 -54.72 75.10
C PHE F 117 -26.53 -53.25 75.49
N ASN F 118 -27.17 -52.43 74.68
CA ASN F 118 -27.31 -51.01 74.96
C ASN F 118 -28.46 -50.47 74.13
N PRO F 119 -29.68 -50.97 74.33
CA PRO F 119 -30.82 -50.45 73.57
C PRO F 119 -31.12 -49.01 73.96
N GLY F 120 -31.74 -48.29 73.03
CA GLY F 120 -32.17 -46.95 73.30
C GLY F 120 -33.36 -46.94 74.24
N PRO F 121 -33.91 -45.77 74.51
CA PRO F 121 -35.10 -45.70 75.36
C PRO F 121 -36.22 -46.57 74.80
N ALA F 122 -36.99 -47.17 75.71
CA ALA F 122 -38.04 -48.10 75.31
C ALA F 122 -39.31 -47.36 74.90
N SER F 123 -39.16 -46.37 74.01
CA SER F 123 -40.32 -45.70 73.41
C SER F 123 -40.21 -45.55 71.91
N GLN F 124 -39.01 -45.46 71.34
CA GLN F 124 -38.82 -45.41 69.89
C GLN F 124 -38.70 -46.84 69.40
N GLU F 125 -39.79 -47.38 68.89
CA GLU F 125 -39.77 -48.73 68.34
C GLU F 125 -38.79 -48.75 67.18
N TYR F 126 -37.64 -49.40 67.38
CA TYR F 126 -36.59 -49.36 66.37
C TYR F 126 -36.90 -50.34 65.25
N SER F 127 -36.84 -49.86 64.02
CA SER F 127 -36.87 -50.70 62.84
C SER F 127 -35.48 -50.70 62.23
N PHE F 128 -34.97 -51.89 61.92
CA PHE F 128 -33.68 -51.97 61.26
C PHE F 128 -33.68 -51.15 59.98
N ARG F 129 -32.65 -50.32 59.85
CA ARG F 129 -32.47 -49.51 58.65
C ARG F 129 -30.99 -49.47 58.34
N TRP F 130 -30.60 -50.13 57.26
CA TRP F 130 -29.21 -50.16 56.86
C TRP F 130 -28.90 -49.08 55.84
N PRO F 131 -27.68 -48.54 55.84
CA PRO F 131 -26.60 -48.75 56.81
C PRO F 131 -26.67 -47.77 57.98
N LEU F 132 -25.63 -47.74 58.81
CA LEU F 132 -25.58 -46.82 59.94
C LEU F 132 -24.84 -45.55 59.55
N TYR F 133 -25.14 -44.46 60.24
CA TYR F 133 -24.56 -43.16 59.94
C TYR F 133 -24.24 -42.36 61.19
N PRO F 134 -23.45 -41.31 61.06
CA PRO F 134 -23.34 -40.30 62.11
C PRO F 134 -24.48 -39.30 62.00
N TYR F 135 -24.40 -38.26 62.83
CA TYR F 135 -25.41 -37.20 62.88
C TYR F 135 -24.73 -35.85 62.88
N HIS F 136 -25.24 -34.93 62.06
CA HIS F 136 -24.85 -33.55 62.22
C HIS F 136 -26.01 -32.63 61.89
N PRO F 137 -26.48 -31.83 62.85
CA PRO F 137 -27.77 -31.14 62.66
C PRO F 137 -27.84 -30.29 61.41
N THR F 138 -26.79 -29.53 61.09
CA THR F 138 -26.83 -28.71 59.87
C THR F 138 -27.00 -29.61 58.67
N VAL F 139 -26.31 -30.74 58.67
CA VAL F 139 -26.34 -31.65 57.53
C VAL F 139 -27.73 -32.24 57.38
N GLU F 140 -28.35 -32.64 58.49
CA GLU F 140 -29.71 -33.13 58.44
C GLU F 140 -30.64 -32.04 57.91
N ASP F 141 -30.40 -30.80 58.30
CA ASP F 141 -31.22 -29.71 57.80
C ASP F 141 -31.06 -29.55 56.30
N TYR F 142 -29.84 -29.67 55.80
CA TYR F 142 -29.63 -29.57 54.37
C TYR F 142 -30.36 -30.67 53.63
N ILE F 143 -30.24 -31.92 54.09
CA ILE F 143 -30.92 -33.00 53.39
C ILE F 143 -32.42 -32.80 53.45
N THR F 144 -32.94 -32.40 54.61
CA THR F 144 -34.38 -32.17 54.73
C THR F 144 -34.84 -31.09 53.78
N ARG F 145 -34.08 -30.00 53.67
CA ARG F 145 -34.50 -28.88 52.85
C ARG F 145 -34.39 -29.18 51.37
N GLU F 146 -33.29 -29.83 50.96
CA GLU F 146 -32.99 -30.03 49.55
C GLU F 146 -33.00 -31.48 49.11
N CYS F 147 -32.94 -32.44 50.05
CA CYS F 147 -32.94 -33.85 49.69
C CYS F 147 -31.74 -34.20 48.83
N LEU F 148 -31.47 -35.49 48.67
CA LEU F 148 -30.31 -35.95 47.92
C LEU F 148 -30.74 -36.46 46.55
N HIS F 149 -29.76 -36.63 45.67
CA HIS F 149 -29.99 -36.94 44.27
C HIS F 149 -28.92 -37.90 43.80
N GLU F 150 -29.33 -39.07 43.32
CA GLU F 150 -28.40 -40.10 42.87
C GLU F 150 -28.34 -40.10 41.35
N THR F 151 -27.12 -40.10 40.81
CA THR F 151 -26.89 -40.13 39.38
C THR F 151 -26.13 -41.38 38.93
N HIS F 152 -25.73 -42.24 39.87
CA HIS F 152 -24.73 -43.26 39.55
C HIS F 152 -24.95 -44.45 40.48
N GLN F 153 -25.69 -45.45 40.02
CA GLN F 153 -25.95 -46.67 40.79
C GLN F 153 -26.11 -47.83 39.82
N HIS F 154 -25.00 -48.51 39.53
CA HIS F 154 -24.57 -49.62 38.69
C HIS F 154 -23.54 -50.54 39.34
N LEU F 155 -23.54 -50.67 40.68
CA LEU F 155 -22.47 -51.43 41.32
C LEU F 155 -22.84 -52.91 41.45
N ASN F 156 -23.90 -53.21 42.18
CA ASN F 156 -24.45 -54.56 42.29
C ASN F 156 -25.91 -54.45 41.87
N GLY F 157 -26.16 -54.55 40.57
CA GLY F 157 -27.46 -54.15 40.07
C GLY F 157 -27.66 -52.71 40.49
N SER F 158 -28.52 -52.50 41.48
CA SER F 158 -28.57 -51.22 42.17
C SER F 158 -28.76 -51.39 43.67
N THR F 159 -28.48 -52.57 44.20
CA THR F 159 -28.71 -52.89 45.60
C THR F 159 -27.39 -53.12 46.33
N SER F 160 -27.44 -52.96 47.65
CA SER F 160 -26.28 -53.21 48.47
C SER F 160 -25.99 -54.71 48.55
N ALA F 161 -24.75 -55.04 48.90
CA ALA F 161 -24.31 -56.42 48.93
C ALA F 161 -25.08 -57.27 49.94
N GLU F 162 -25.37 -56.74 51.13
CA GLU F 162 -25.94 -57.56 52.19
C GLU F 162 -27.18 -58.31 51.73
N GLU F 163 -28.13 -57.63 51.09
CA GLU F 163 -29.34 -58.28 50.63
C GLU F 163 -29.05 -59.40 49.64
N CYS F 164 -27.96 -59.30 48.89
CA CYS F 164 -27.61 -60.36 47.96
C CYS F 164 -27.30 -61.67 48.68
N TRP F 165 -26.70 -61.59 49.87
CA TRP F 165 -26.45 -62.80 50.64
C TRP F 165 -27.75 -63.51 50.96
N LEU F 166 -28.74 -62.76 51.47
CA LEU F 166 -30.03 -63.34 51.80
C LEU F 166 -30.72 -63.87 50.54
N ASP F 167 -30.57 -63.15 49.43
CA ASP F 167 -31.12 -63.63 48.17
C ASP F 167 -30.50 -64.97 47.78
N ALA F 168 -29.19 -65.10 47.99
CA ALA F 168 -28.52 -66.37 47.73
C ALA F 168 -29.10 -67.47 48.62
N LEU F 169 -29.26 -67.19 49.90
CA LEU F 169 -29.85 -68.20 50.79
C LEU F 169 -31.24 -68.59 50.31
N LYS F 170 -31.99 -67.63 49.78
CA LYS F 170 -33.31 -67.93 49.25
C LYS F 170 -33.22 -68.76 47.98
N HIS F 171 -32.19 -68.53 47.17
CA HIS F 171 -31.98 -69.23 45.91
C HIS F 171 -30.54 -69.70 45.84
N PRO F 172 -30.12 -70.57 46.77
CA PRO F 172 -28.70 -70.95 46.82
C PRO F 172 -28.23 -71.63 45.55
N GLU F 173 -29.08 -72.45 44.94
CA GLU F 173 -28.67 -73.16 43.74
C GLU F 173 -28.49 -72.21 42.57
N ALA F 174 -29.29 -71.14 42.50
CA ALA F 174 -29.05 -70.13 41.48
C ALA F 174 -27.68 -69.50 41.65
N CYS F 175 -27.30 -69.21 42.89
CA CYS F 175 -25.95 -68.71 43.15
C CYS F 175 -24.91 -69.73 42.70
N LEU F 176 -25.15 -71.01 42.95
CA LEU F 176 -24.22 -72.03 42.49
C LEU F 176 -24.12 -72.03 40.97
N ARG F 177 -25.25 -71.93 40.29
CA ARG F 177 -25.24 -71.89 38.83
C ARG F 177 -24.40 -70.72 38.34
N ASP F 178 -24.64 -69.53 38.91
CA ASP F 178 -23.91 -68.35 38.47
C ASP F 178 -22.42 -68.51 38.73
N PHE F 179 -22.05 -68.98 39.92
CA PHE F 179 -20.64 -69.19 40.21
C PHE F 179 -20.00 -70.14 39.22
N GLU F 180 -20.63 -71.29 38.98
CA GLU F 180 -20.05 -72.28 38.09
C GLU F 180 -19.91 -71.72 36.68
N LYS F 181 -20.99 -71.17 36.13
CA LYS F 181 -20.94 -70.52 34.82
C LYS F 181 -20.23 -69.19 35.03
N GLY F 182 -18.93 -69.22 34.80
CA GLY F 182 -18.04 -68.15 35.19
C GLY F 182 -16.82 -68.75 35.84
N TRP F 183 -17.01 -69.88 36.52
CA TRP F 183 -15.86 -70.66 36.97
C TRP F 183 -15.07 -71.20 35.79
N ALA F 184 -15.68 -71.28 34.61
CA ALA F 184 -14.93 -71.55 33.40
C ALA F 184 -14.14 -70.34 32.94
N SER F 185 -14.43 -69.16 33.47
CA SER F 185 -13.72 -67.96 33.08
C SER F 185 -12.39 -67.85 33.82
N GLN F 186 -11.34 -67.47 33.08
CA GLN F 186 -10.01 -67.38 33.67
C GLN F 186 -9.95 -66.31 34.73
N GLU F 187 -10.59 -65.16 34.49
CA GLU F 187 -10.46 -64.03 35.39
C GLU F 187 -10.92 -64.39 36.80
N MET F 188 -12.11 -64.98 36.93
CA MET F 188 -12.63 -65.24 38.26
C MET F 188 -11.88 -66.39 38.91
N LYS F 189 -11.25 -67.27 38.11
CA LYS F 189 -10.33 -68.23 38.68
C LYS F 189 -9.23 -67.52 39.45
N GLN F 190 -8.59 -66.53 38.83
CA GLN F 190 -7.56 -65.78 39.53
C GLN F 190 -8.13 -65.03 40.72
N LEU F 191 -9.32 -64.46 40.57
CA LEU F 191 -9.92 -63.71 41.66
C LEU F 191 -10.15 -64.61 42.88
N CYS F 192 -10.71 -65.80 42.66
CA CYS F 192 -10.94 -66.70 43.77
C CYS F 192 -9.62 -67.22 44.33
N ALA F 193 -8.65 -67.51 43.48
CA ALA F 193 -7.35 -67.91 43.97
C ALA F 193 -6.77 -66.84 44.88
N GLN F 194 -7.02 -65.57 44.56
CA GLN F 194 -6.47 -64.48 45.37
C GLN F 194 -7.25 -64.31 46.67
N ILE F 195 -8.56 -64.44 46.64
CA ILE F 195 -9.36 -64.26 47.85
C ILE F 195 -9.21 -65.47 48.77
N ASP F 196 -9.65 -66.63 48.31
CA ASP F 196 -9.51 -67.88 49.05
C ASP F 196 -8.90 -68.90 48.10
N PRO F 197 -7.63 -69.28 48.28
CA PRO F 197 -6.97 -70.16 47.29
C PRO F 197 -7.79 -71.38 46.91
N SER F 198 -8.13 -72.23 47.87
CA SER F 198 -8.89 -73.44 47.60
C SER F 198 -10.39 -73.20 47.86
N LEU F 199 -10.96 -72.27 47.09
CA LEU F 199 -12.36 -71.94 47.28
C LEU F 199 -13.27 -72.90 46.51
N THR F 200 -13.24 -72.79 45.17
CA THR F 200 -13.89 -73.68 44.22
C THR F 200 -15.36 -73.98 44.52
N PRO F 201 -16.12 -74.35 43.49
CA PRO F 201 -17.58 -74.42 43.64
C PRO F 201 -18.06 -75.48 44.61
N ARG F 202 -17.29 -76.53 44.83
CA ARG F 202 -17.80 -77.63 45.66
C ARG F 202 -17.94 -77.21 47.12
N ILE F 203 -16.87 -76.81 47.80
CA ILE F 203 -17.11 -76.28 49.14
C ILE F 203 -17.65 -74.86 49.09
N PHE F 204 -17.71 -74.23 47.92
CA PHE F 204 -18.61 -73.08 47.80
C PHE F 204 -20.03 -73.47 48.18
N LYS F 205 -20.62 -74.40 47.43
CA LYS F 205 -21.94 -74.92 47.75
C LYS F 205 -22.00 -75.41 49.17
N ASP F 206 -20.98 -76.14 49.61
CA ASP F 206 -21.00 -76.71 50.94
C ASP F 206 -21.08 -75.62 52.01
N ARG F 207 -20.25 -74.59 51.89
CA ARG F 207 -20.31 -73.48 52.84
C ARG F 207 -21.67 -72.80 52.79
N LEU F 208 -22.27 -72.70 51.61
CA LEU F 208 -23.60 -72.11 51.53
C LEU F 208 -24.59 -72.89 52.38
N GLN F 209 -24.65 -74.21 52.19
CA GLN F 209 -25.57 -75.00 52.99
C GLN F 209 -25.20 -74.97 54.46
N ILE F 210 -23.91 -74.95 54.76
CA ILE F 210 -23.47 -74.87 56.15
C ILE F 210 -23.98 -73.62 56.81
N ALA F 211 -23.89 -72.48 56.10
CA ALA F 211 -24.45 -71.25 56.63
C ALA F 211 -25.93 -71.39 56.87
N CYS F 212 -26.65 -71.96 55.89
CA CYS F 212 -28.08 -72.17 56.06
C CYS F 212 -28.35 -72.98 57.33
N ASN F 213 -27.55 -74.02 57.54
CA ASN F 213 -27.83 -74.97 58.62
C ASN F 213 -27.45 -74.37 59.98
N ILE F 214 -26.35 -73.65 60.03
CA ILE F 214 -26.01 -72.93 61.26
C ILE F 214 -27.12 -71.95 61.61
N ARG F 215 -27.64 -71.25 60.61
CA ARG F 215 -28.74 -70.34 60.85
C ARG F 215 -29.96 -71.08 61.37
N GLU F 216 -30.24 -72.26 60.80
CA GLU F 216 -31.34 -73.07 61.33
C GLU F 216 -31.12 -73.41 62.80
N ILE F 217 -29.94 -73.92 63.14
CA ILE F 217 -29.66 -74.35 64.51
C ILE F 217 -29.79 -73.18 65.46
N LEU F 218 -29.19 -72.06 65.11
CA LEU F 218 -29.19 -70.91 65.98
C LEU F 218 -30.56 -70.24 66.03
N CYS F 219 -31.40 -70.45 65.01
CA CYS F 219 -32.80 -70.04 65.14
C CYS F 219 -33.55 -70.92 66.12
N ARG F 220 -33.27 -72.21 66.13
CA ARG F 220 -33.88 -73.06 67.14
C ARG F 220 -33.47 -72.60 68.54
N VAL F 221 -32.18 -72.37 68.75
CA VAL F 221 -31.76 -71.95 70.08
C VAL F 221 -32.30 -70.56 70.39
N ALA F 222 -32.38 -69.66 69.40
CA ALA F 222 -32.93 -68.33 69.64
C ALA F 222 -34.38 -68.40 70.08
N GLN F 223 -35.19 -69.20 69.39
CA GLN F 223 -36.54 -69.46 69.85
C GLN F 223 -36.55 -70.25 71.15
N GLY F 224 -35.41 -70.80 71.55
CA GLY F 224 -35.32 -71.53 72.81
C GLY F 224 -36.23 -72.74 72.79
N VAL F 225 -36.17 -73.51 71.71
CA VAL F 225 -37.13 -74.57 71.47
C VAL F 225 -36.39 -75.90 71.55
N GLU F 226 -36.29 -76.44 72.77
CA GLU F 226 -36.03 -77.86 73.01
C GLU F 226 -34.72 -78.39 72.43
N LEU F 227 -33.92 -77.56 71.77
CA LEU F 227 -32.61 -78.00 71.27
C LEU F 227 -32.70 -79.39 70.66
N PRO F 228 -33.32 -79.53 69.49
CA PRO F 228 -33.62 -80.88 68.98
C PRO F 228 -32.45 -81.85 69.11
N GLU F 229 -32.77 -83.13 69.30
CA GLU F 229 -31.75 -84.07 69.76
C GLU F 229 -30.62 -84.22 68.76
N TRP F 230 -30.92 -84.24 67.47
CA TRP F 230 -29.87 -84.47 66.48
C TRP F 230 -28.74 -83.46 66.61
N ILE F 231 -28.93 -82.41 67.40
CA ILE F 231 -27.80 -81.59 67.81
C ILE F 231 -26.73 -82.47 68.43
N ALA F 232 -27.12 -83.47 69.21
CA ALA F 232 -26.15 -84.35 69.85
C ALA F 232 -25.29 -85.05 68.81
N SER F 233 -25.92 -85.62 67.78
CA SER F 233 -25.14 -86.23 66.71
C SER F 233 -24.31 -85.19 65.97
N MET F 234 -24.80 -83.96 65.89
CA MET F 234 -24.09 -82.88 65.22
C MET F 234 -22.81 -82.58 65.98
N GLN F 235 -21.68 -82.96 65.40
CA GLN F 235 -20.39 -82.86 66.06
C GLN F 235 -19.33 -82.08 65.28
N ASN F 236 -19.39 -82.09 63.95
CA ASN F 236 -18.38 -81.41 63.13
C ASN F 236 -19.08 -80.51 62.12
N PRO F 237 -18.55 -79.32 61.83
CA PRO F 237 -19.29 -78.41 60.95
C PRO F 237 -19.62 -79.05 59.61
N GLN F 238 -18.76 -79.95 59.17
CA GLN F 238 -18.92 -80.57 57.86
C GLN F 238 -20.27 -81.26 57.70
N GLN F 239 -20.84 -81.80 58.77
CA GLN F 239 -22.17 -82.38 58.64
C GLN F 239 -23.22 -81.31 58.35
N LEU F 240 -22.87 -80.04 58.50
CA LEU F 240 -23.74 -78.99 58.00
C LEU F 240 -23.62 -78.78 56.50
N ALA F 241 -22.68 -79.48 55.85
CA ALA F 241 -22.56 -79.41 54.41
C ALA F 241 -23.66 -80.18 53.69
N ASN F 242 -24.47 -80.93 54.41
CA ASN F 242 -25.56 -81.71 53.83
C ASN F 242 -26.89 -81.11 54.24
N SER F 243 -27.93 -81.42 53.44
CA SER F 243 -29.25 -80.86 53.70
C SER F 243 -29.94 -81.51 54.89
N THR F 244 -29.41 -82.63 55.38
CA THR F 244 -30.02 -83.36 56.49
C THR F 244 -28.93 -83.89 57.39
N ILE F 245 -29.32 -84.35 58.57
CA ILE F 245 -28.39 -84.95 59.52
C ILE F 245 -28.88 -86.36 59.88
N LEU F 246 -27.95 -87.29 59.89
CA LEU F 246 -28.20 -88.68 60.25
C LEU F 246 -27.81 -88.87 61.70
N HIS F 247 -28.79 -89.19 62.54
CA HIS F 247 -28.52 -89.37 63.98
C HIS F 247 -28.19 -90.83 64.26
N ASN F 248 -29.16 -91.72 64.03
CA ASN F 248 -28.95 -93.17 64.10
C ASN F 248 -29.89 -93.81 63.08
N GLY F 249 -29.39 -94.02 61.87
CA GLY F 249 -30.20 -94.61 60.82
C GLY F 249 -31.17 -93.64 60.17
N ARG F 250 -31.61 -92.64 60.91
CA ARG F 250 -32.59 -91.67 60.44
C ARG F 250 -31.92 -90.36 60.03
N GLU F 251 -32.31 -89.86 58.86
CA GLU F 251 -31.82 -88.60 58.32
C GLU F 251 -32.81 -87.52 58.68
N TYR F 252 -32.31 -86.42 59.26
CA TYR F 252 -33.15 -85.37 59.80
C TYR F 252 -32.91 -84.05 59.07
N GLY F 253 -33.99 -83.45 58.58
CA GLY F 253 -33.88 -82.18 57.91
C GLY F 253 -33.71 -81.03 58.89
N PHE F 254 -33.39 -79.85 58.34
CA PHE F 254 -33.06 -78.71 59.17
C PHE F 254 -34.11 -77.61 59.14
N ALA F 255 -35.21 -77.80 58.42
CA ALA F 255 -36.27 -76.81 58.40
C ALA F 255 -36.96 -76.74 59.76
N THR F 256 -37.50 -75.56 60.07
CA THR F 256 -38.25 -75.34 61.30
C THR F 256 -39.28 -74.24 61.05
N VAL F 257 -39.87 -73.76 62.14
CA VAL F 257 -40.95 -72.78 62.06
C VAL F 257 -40.46 -71.43 62.55
N TRP F 258 -40.76 -70.38 61.79
CA TRP F 258 -40.33 -69.03 62.11
C TRP F 258 -41.55 -68.11 62.16
N PRO F 259 -41.48 -67.00 62.91
CA PRO F 259 -42.67 -66.14 63.01
C PRO F 259 -43.06 -65.48 61.71
N ILE F 260 -42.12 -64.85 61.03
CA ILE F 260 -42.43 -64.02 59.88
C ILE F 260 -42.64 -64.90 58.65
N ASP F 261 -43.37 -64.36 57.67
CA ASP F 261 -43.67 -65.12 56.47
C ASP F 261 -42.45 -65.26 55.57
N ASP F 262 -41.82 -64.15 55.19
CA ASP F 262 -40.65 -64.20 54.30
C ASP F 262 -39.47 -64.67 55.13
N LYS F 263 -39.07 -65.91 54.93
CA LYS F 263 -38.00 -66.51 55.73
C LYS F 263 -36.62 -66.04 55.29
N TYR F 264 -36.54 -65.07 54.38
CA TYR F 264 -35.26 -64.52 53.93
C TYR F 264 -35.24 -62.99 53.96
N SER F 265 -35.76 -62.38 55.02
CA SER F 265 -35.72 -60.93 55.16
C SER F 265 -34.61 -60.50 56.12
N GLN F 266 -33.98 -59.38 55.77
CA GLN F 266 -32.93 -58.84 56.63
C GLN F 266 -33.49 -58.39 57.97
N GLU F 267 -34.72 -57.90 57.99
CA GLU F 267 -35.37 -57.58 59.25
C GLU F 267 -35.53 -58.83 60.10
N SER F 268 -35.87 -59.96 59.47
CA SER F 268 -35.93 -61.22 60.20
C SER F 268 -34.57 -61.58 60.76
N GLU F 269 -33.53 -61.45 59.93
CA GLU F 269 -32.18 -61.74 60.41
C GLU F 269 -31.84 -60.88 61.62
N PHE F 270 -32.23 -59.62 61.59
CA PHE F 270 -31.97 -58.74 62.73
C PHE F 270 -32.74 -59.17 63.97
N CYS F 271 -34.04 -59.41 63.84
CA CYS F 271 -34.83 -59.81 65.01
C CYS F 271 -34.22 -61.06 65.62
N TRP F 272 -33.90 -62.03 64.78
CA TRP F 272 -33.20 -63.24 65.20
C TRP F 272 -31.88 -62.97 65.92
N LEU F 273 -30.99 -62.19 65.32
CA LEU F 273 -29.69 -62.02 65.97
C LEU F 273 -29.86 -61.30 67.29
N THR F 274 -30.81 -60.37 67.36
CA THR F 274 -31.17 -59.73 68.62
C THR F 274 -31.53 -60.79 69.65
N GLY F 275 -32.43 -61.70 69.29
CA GLY F 275 -32.86 -62.72 70.24
C GLY F 275 -31.71 -63.62 70.69
N LEU F 276 -30.89 -64.06 69.73
CA LEU F 276 -29.79 -64.96 70.07
C LEU F 276 -28.83 -64.30 71.03
N LEU F 277 -28.45 -63.05 70.75
CA LEU F 277 -27.55 -62.35 71.65
C LEU F 277 -28.19 -62.14 73.02
N GLU F 278 -29.47 -61.79 73.06
CA GLU F 278 -30.13 -61.65 74.35
C GLU F 278 -30.05 -62.94 75.15
N LYS F 279 -30.30 -64.07 74.49
CA LYS F 279 -30.17 -65.34 75.19
C LYS F 279 -28.75 -65.54 75.71
N TRP F 280 -27.76 -65.23 74.87
CA TRP F 280 -26.36 -65.40 75.24
C TRP F 280 -25.81 -64.23 76.03
N ARG F 281 -26.69 -63.39 76.59
CA ARG F 281 -26.25 -62.14 77.19
C ARG F 281 -25.17 -62.34 78.23
N PHE F 282 -25.23 -63.45 78.98
CA PHE F 282 -24.20 -63.72 79.99
C PHE F 282 -23.14 -64.71 79.52
N ASN F 283 -23.51 -65.65 78.65
CA ASN F 283 -22.59 -66.66 78.16
C ASN F 283 -23.29 -67.48 77.10
N ALA F 284 -22.56 -68.43 76.52
CA ALA F 284 -23.08 -69.22 75.41
C ALA F 284 -22.37 -70.56 75.36
N PRO F 285 -23.03 -71.61 74.87
CA PRO F 285 -22.31 -72.86 74.63
C PRO F 285 -21.20 -72.66 73.61
N GLU F 286 -20.08 -73.34 73.84
CA GLU F 286 -18.92 -73.16 72.96
C GLU F 286 -19.26 -73.58 71.54
N GLY F 287 -19.92 -74.72 71.38
CA GLY F 287 -20.23 -75.19 70.04
C GLY F 287 -21.13 -74.23 69.28
N LEU F 288 -22.20 -73.78 69.93
CA LEU F 288 -23.12 -72.87 69.25
C LEU F 288 -22.44 -71.56 68.93
N GLU F 289 -21.63 -71.04 69.85
CA GLU F 289 -20.90 -69.81 69.60
C GLU F 289 -19.96 -69.97 68.43
N ARG F 290 -19.28 -71.12 68.35
CA ARG F 290 -18.39 -71.37 67.23
C ARG F 290 -19.18 -71.46 65.92
N LEU F 291 -20.37 -72.03 65.98
CA LEU F 291 -21.23 -72.03 64.80
C LEU F 291 -21.52 -70.61 64.35
N LEU F 292 -21.85 -69.73 65.29
CA LEU F 292 -22.11 -68.35 64.92
C LEU F 292 -20.86 -67.70 64.33
N TRP F 293 -19.71 -67.97 64.93
CA TRP F 293 -18.45 -67.43 64.42
C TRP F 293 -18.23 -67.84 62.96
N ILE F 294 -18.33 -69.13 62.68
CA ILE F 294 -18.12 -69.62 61.32
C ILE F 294 -19.19 -69.05 60.40
N TYR F 295 -20.41 -68.93 60.89
CA TYR F 295 -21.49 -68.34 60.12
C TYR F 295 -21.12 -66.95 59.65
N LEU F 296 -20.65 -66.11 60.56
CA LEU F 296 -20.27 -64.76 60.20
C LEU F 296 -19.06 -64.77 59.26
N LEU F 297 -18.11 -65.67 59.50
CA LEU F 297 -16.95 -65.75 58.62
C LEU F 297 -17.38 -66.06 57.19
N ILE F 298 -18.30 -67.00 57.02
CA ILE F 298 -18.76 -67.36 55.68
C ILE F 298 -19.55 -66.22 55.07
N GLN F 299 -20.46 -65.62 55.85
CA GLN F 299 -21.05 -64.35 55.47
C GLN F 299 -20.03 -63.46 54.79
N ASN F 300 -18.96 -63.16 55.53
CA ASN F 300 -18.02 -62.13 55.08
C ASN F 300 -17.27 -62.59 53.84
N GLN F 301 -16.82 -63.85 53.84
CA GLN F 301 -16.06 -64.35 52.70
C GLN F 301 -16.90 -64.31 51.43
N TYR F 302 -18.15 -64.77 51.51
CA TYR F 302 -19.03 -64.74 50.35
C TYR F 302 -19.23 -63.32 49.85
N LEU F 303 -19.55 -62.40 50.76
CA LEU F 303 -19.87 -61.05 50.31
C LEU F 303 -18.63 -60.36 49.75
N THR F 304 -17.47 -60.64 50.34
CA THR F 304 -16.22 -60.09 49.82
C THR F 304 -15.97 -60.58 48.40
N LEU F 305 -16.17 -61.87 48.18
CA LEU F 305 -16.07 -62.40 46.82
C LEU F 305 -17.03 -61.66 45.89
N LEU F 306 -18.29 -61.55 46.30
CA LEU F 306 -19.29 -60.92 45.46
C LEU F 306 -18.83 -59.53 45.04
N VAL F 307 -18.45 -58.70 46.01
CA VAL F 307 -18.06 -57.34 45.68
C VAL F 307 -16.81 -57.32 44.83
N GLN F 308 -15.81 -58.13 45.17
CA GLN F 308 -14.58 -58.16 44.38
C GLN F 308 -14.83 -58.64 42.96
N ARG F 309 -15.93 -59.32 42.70
CA ARG F 309 -16.31 -59.69 41.35
C ARG F 309 -16.14 -58.50 40.41
N THR F 322 -25.12 -64.01 36.40
CA THR F 322 -26.17 -63.32 35.66
C THR F 322 -27.56 -63.79 36.11
N MET F 323 -27.65 -65.06 36.51
CA MET F 323 -28.94 -65.64 36.85
C MET F 323 -29.56 -64.99 38.08
N THR F 324 -28.76 -64.76 39.11
CA THR F 324 -29.28 -64.04 40.28
C THR F 324 -29.78 -62.67 39.89
N GLU F 325 -29.10 -62.02 38.94
CA GLU F 325 -29.62 -60.76 38.41
C GLU F 325 -30.95 -60.99 37.72
N LEU F 326 -31.07 -62.07 36.95
CA LEU F 326 -32.34 -62.40 36.32
C LEU F 326 -33.43 -62.60 37.37
N ARG F 327 -33.03 -62.93 38.59
CA ARG F 327 -33.98 -63.13 39.67
C ARG F 327 -34.41 -61.82 40.32
N GLU F 328 -33.85 -60.69 39.91
CA GLU F 328 -34.13 -59.39 40.53
C GLU F 328 -35.20 -58.59 39.80
N GLU F 329 -35.80 -59.15 38.75
CA GLU F 329 -36.68 -58.40 37.85
C GLU F 329 -38.14 -58.47 38.28
N THR F 330 -38.39 -58.64 39.57
CA THR F 330 -39.72 -58.54 40.13
C THR F 330 -39.92 -57.12 40.65
N GLU F 331 -41.18 -56.74 40.86
CA GLU F 331 -41.44 -55.48 41.56
C GLU F 331 -41.33 -55.69 43.07
N LYS F 332 -40.22 -56.31 43.45
CA LYS F 332 -39.81 -56.48 44.83
C LYS F 332 -38.45 -55.87 45.09
N SER F 333 -37.44 -56.23 44.31
CA SER F 333 -36.13 -55.62 44.44
C SER F 333 -36.22 -54.12 44.22
N TYR F 334 -36.93 -53.70 43.18
CA TYR F 334 -36.99 -52.27 42.86
C TYR F 334 -37.84 -51.52 43.87
N LEU F 335 -38.95 -52.12 44.32
CA LEU F 335 -39.76 -51.49 45.35
C LEU F 335 -38.97 -51.33 46.64
N SER F 336 -38.18 -52.33 47.00
CA SER F 336 -37.32 -52.22 48.18
C SER F 336 -36.28 -51.14 47.98
N ARG F 337 -35.66 -51.09 46.80
CA ARG F 337 -34.73 -50.02 46.49
C ARG F 337 -35.38 -48.67 46.74
N PHE F 338 -36.61 -48.52 46.27
CA PHE F 338 -37.31 -47.25 46.36
C PHE F 338 -37.63 -46.92 47.82
N LYS F 339 -38.11 -47.91 48.56
CA LYS F 339 -38.46 -47.72 49.95
C LYS F 339 -37.25 -47.36 50.78
N HIS F 340 -36.10 -47.96 50.47
CA HIS F 340 -34.87 -47.59 51.15
C HIS F 340 -34.42 -46.18 50.78
N ALA F 341 -34.46 -45.86 49.49
CA ALA F 341 -34.13 -44.51 49.08
C ALA F 341 -34.94 -43.50 49.87
N HIS F 342 -36.25 -43.70 49.93
CA HIS F 342 -37.05 -42.97 50.90
C HIS F 342 -36.67 -43.46 52.29
N GLY F 343 -36.69 -42.57 53.27
CA GLY F 343 -36.35 -42.99 54.62
C GLY F 343 -37.57 -43.33 55.46
N ALA F 344 -37.38 -43.38 56.78
CA ALA F 344 -38.49 -43.55 57.69
C ALA F 344 -39.43 -42.36 57.70
N GLY F 345 -39.00 -41.21 57.15
CA GLY F 345 -39.80 -40.01 57.17
C GLY F 345 -40.81 -39.98 56.04
N VAL F 346 -41.79 -39.08 56.20
CA VAL F 346 -42.83 -38.94 55.20
C VAL F 346 -42.25 -38.42 53.89
N TYR F 347 -41.25 -37.55 53.97
CA TYR F 347 -40.62 -36.97 52.79
C TYR F 347 -39.41 -37.82 52.40
N SER F 348 -39.32 -38.15 51.11
CA SER F 348 -38.19 -38.91 50.63
C SER F 348 -36.93 -38.06 50.66
N GLN F 349 -35.89 -38.57 51.32
CA GLN F 349 -34.63 -37.85 51.37
C GLN F 349 -33.98 -37.80 49.99
N VAL F 350 -34.29 -38.75 49.12
CA VAL F 350 -33.89 -38.71 47.73
C VAL F 350 -34.95 -37.93 46.97
N ARG F 351 -34.51 -36.94 46.19
CA ARG F 351 -35.45 -36.19 45.36
C ARG F 351 -35.39 -36.72 43.93
N TYR F 352 -34.19 -36.87 43.38
CA TYR F 352 -34.00 -37.43 42.05
C TYR F 352 -33.18 -38.70 42.15
N LEU F 353 -33.62 -39.74 41.44
CA LEU F 353 -32.95 -41.02 41.38
C LEU F 353 -32.73 -41.40 39.93
N GLU F 354 -31.51 -41.83 39.61
CA GLU F 354 -31.21 -42.42 38.31
C GLU F 354 -31.01 -43.91 38.50
N GLY F 355 -31.95 -44.70 37.99
CA GLY F 355 -32.29 -46.10 37.88
C GLY F 355 -31.62 -46.71 36.67
N ARG F 356 -30.49 -47.36 36.88
CA ARG F 356 -29.64 -47.85 35.81
C ARG F 356 -29.81 -49.36 35.70
N PHE F 357 -30.07 -49.85 34.49
CA PHE F 357 -30.43 -51.24 34.28
C PHE F 357 -29.66 -51.78 33.08
N ALA F 358 -29.23 -53.03 33.19
CA ALA F 358 -28.50 -53.65 32.10
C ALA F 358 -29.50 -54.15 31.04
N PRO F 359 -29.40 -53.69 29.80
CA PRO F 359 -30.34 -54.17 28.78
C PRO F 359 -30.00 -55.59 28.32
N LYS F 360 -31.04 -56.43 28.31
CA LYS F 360 -30.97 -57.78 27.78
C LYS F 360 -31.04 -57.76 26.26
N SER F 361 -31.06 -58.96 25.67
CA SER F 361 -31.13 -59.11 24.22
C SER F 361 -32.54 -59.39 23.71
N ASP F 362 -33.48 -59.69 24.60
CA ASP F 362 -34.81 -60.15 24.21
C ASP F 362 -35.81 -59.03 24.40
N PRO F 363 -36.63 -58.69 23.39
CA PRO F 363 -37.69 -57.71 23.63
C PRO F 363 -38.66 -58.14 24.72
N ASN F 364 -38.90 -59.44 24.84
CA ASN F 364 -39.74 -59.91 25.93
C ASN F 364 -39.11 -59.59 27.27
N LYS F 365 -37.81 -59.84 27.39
CA LYS F 365 -37.13 -59.50 28.63
C LYS F 365 -37.08 -57.99 28.84
N MET F 366 -37.02 -57.23 27.75
CA MET F 366 -37.21 -55.79 27.86
C MET F 366 -38.51 -55.47 28.57
N GLN F 367 -39.63 -55.80 27.93
CA GLN F 367 -40.92 -55.43 28.48
C GLN F 367 -41.06 -55.95 29.91
N LYS F 368 -40.49 -57.12 30.19
CA LYS F 368 -40.58 -57.66 31.54
C LYS F 368 -39.85 -56.77 32.54
N LEU F 369 -38.58 -56.46 32.25
CA LEU F 369 -37.81 -55.61 33.15
C LEU F 369 -38.48 -54.25 33.33
N LEU F 370 -38.90 -53.65 32.22
CA LEU F 370 -39.48 -52.32 32.28
C LEU F 370 -40.79 -52.34 33.06
N PHE F 371 -41.65 -53.32 32.82
CA PHE F 371 -42.88 -53.41 33.58
C PHE F 371 -42.58 -53.62 35.05
N SER F 372 -41.61 -54.47 35.37
CA SER F 372 -41.29 -54.72 36.77
C SER F 372 -40.88 -53.43 37.47
N VAL F 373 -39.93 -52.72 36.88
CA VAL F 373 -39.42 -51.51 37.52
C VAL F 373 -40.54 -50.46 37.60
N LEU F 374 -41.30 -50.30 36.53
CA LEU F 374 -42.35 -49.30 36.52
C LEU F 374 -43.41 -49.61 37.56
N ARG F 375 -43.80 -50.88 37.68
CA ARG F 375 -44.82 -51.25 38.63
C ARG F 375 -44.32 -51.09 40.05
N GLY F 376 -43.05 -51.43 40.30
CA GLY F 376 -42.48 -51.20 41.61
C GLY F 376 -42.50 -49.73 41.97
N TYR F 377 -42.16 -48.86 41.01
CA TYR F 377 -42.20 -47.43 41.26
C TYR F 377 -43.61 -46.97 41.55
N TRP F 378 -44.58 -47.43 40.75
CA TRP F 378 -45.97 -47.05 41.00
C TRP F 378 -46.41 -47.49 42.38
N GLU F 379 -46.05 -48.71 42.78
CA GLU F 379 -46.42 -49.21 44.09
C GLU F 379 -45.80 -48.36 45.19
N TYR F 380 -44.50 -48.08 45.06
CA TYR F 380 -43.83 -47.24 46.05
C TYR F 380 -44.55 -45.91 46.18
N LEU F 381 -44.87 -45.28 45.05
CA LEU F 381 -45.54 -44.00 45.08
C LEU F 381 -46.90 -44.12 45.76
N SER F 382 -47.71 -45.07 45.32
CA SER F 382 -49.03 -45.27 45.92
C SER F 382 -48.91 -45.44 47.42
N ALA F 383 -47.83 -46.07 47.88
CA ALA F 383 -47.60 -46.24 49.31
C ALA F 383 -47.42 -44.91 50.03
N HIS F 384 -47.17 -43.84 49.29
CA HIS F 384 -46.91 -42.53 49.88
C HIS F 384 -47.94 -41.48 49.50
N MET F 385 -48.75 -41.72 48.48
CA MET F 385 -49.74 -40.75 48.03
C MET F 385 -51.04 -41.47 47.74
N SER F 386 -52.14 -40.72 47.78
CA SER F 386 -53.48 -41.26 47.57
C SER F 386 -54.17 -40.46 46.48
N MET F 387 -54.65 -41.14 45.45
CA MET F 387 -55.38 -40.51 44.37
C MET F 387 -55.94 -41.60 43.48
N GLU F 388 -56.97 -41.26 42.72
CA GLU F 388 -57.54 -42.20 41.76
C GLU F 388 -56.43 -42.73 40.87
N TRP F 389 -56.29 -44.06 40.81
CA TRP F 389 -55.20 -44.69 40.07
C TRP F 389 -55.66 -45.36 38.78
N VAL F 390 -56.85 -45.03 38.29
CA VAL F 390 -57.30 -45.58 37.01
C VAL F 390 -57.26 -47.10 37.08
N HIS F 391 -56.10 -47.67 36.79
CA HIS F 391 -55.89 -49.11 36.91
C HIS F 391 -55.37 -49.39 38.31
N GLU F 392 -56.26 -49.90 39.17
CA GLU F 392 -55.87 -50.15 40.55
C GLU F 392 -54.90 -51.32 40.64
N LYS F 393 -54.96 -52.25 39.69
CA LYS F 393 -54.06 -53.40 39.62
C LYS F 393 -53.45 -53.41 38.23
N PRO F 394 -52.52 -52.50 37.94
CA PRO F 394 -51.94 -52.44 36.59
C PRO F 394 -51.26 -53.74 36.22
N LEU F 395 -51.38 -54.11 34.95
CA LEU F 395 -50.79 -55.34 34.44
C LEU F 395 -49.86 -55.13 33.25
N THR F 396 -50.06 -54.07 32.47
CA THR F 396 -49.23 -53.81 31.31
C THR F 396 -48.53 -52.47 31.47
N ILE F 397 -47.44 -52.30 30.72
CA ILE F 397 -46.67 -51.07 30.80
C ILE F 397 -47.54 -49.87 30.47
N SER F 398 -48.46 -50.03 29.52
CA SER F 398 -49.36 -48.94 29.19
C SER F 398 -50.25 -48.57 30.38
N GLN F 399 -50.81 -49.57 31.06
CA GLN F 399 -51.59 -49.31 32.25
C GLN F 399 -50.76 -48.58 33.29
N VAL F 400 -49.53 -49.04 33.49
CA VAL F 400 -48.66 -48.44 34.49
C VAL F 400 -48.43 -46.96 34.15
N LEU F 401 -48.16 -46.67 32.88
CA LEU F 401 -47.97 -45.29 32.48
C LEU F 401 -49.23 -44.47 32.69
N ASP F 402 -50.39 -45.06 32.40
CA ASP F 402 -51.65 -44.38 32.68
C ASP F 402 -51.71 -43.98 34.14
N ASN F 403 -51.25 -44.86 35.02
CA ASN F 403 -51.22 -44.53 36.44
C ASN F 403 -50.23 -43.41 36.73
N LEU F 404 -49.00 -43.56 36.26
CA LEU F 404 -47.93 -42.62 36.61
C LEU F 404 -48.15 -41.22 36.06
N GLU F 405 -48.74 -41.08 34.88
CA GLU F 405 -48.88 -39.75 34.31
C GLU F 405 -49.64 -38.83 35.24
N LEU F 406 -50.47 -39.37 36.12
CA LEU F 406 -51.20 -38.56 37.08
C LEU F 406 -50.31 -37.99 38.18
N VAL F 407 -49.06 -38.43 38.28
CA VAL F 407 -48.19 -38.03 39.38
C VAL F 407 -47.66 -36.63 39.10
N GLU F 408 -47.57 -35.83 40.13
CA GLU F 408 -47.02 -34.50 40.02
C GLU F 408 -45.64 -34.43 40.65
N PRO F 409 -44.77 -33.54 40.16
CA PRO F 409 -43.43 -33.40 40.73
C PRO F 409 -43.45 -32.64 42.06
N HIS F 410 -44.29 -33.10 42.98
CA HIS F 410 -44.42 -32.43 44.26
C HIS F 410 -43.10 -32.45 45.03
N GLY F 411 -42.35 -33.54 44.91
CA GLY F 411 -41.11 -33.70 45.64
C GLY F 411 -41.23 -34.50 46.91
N LYS F 412 -42.45 -34.82 47.35
CA LYS F 412 -42.62 -35.63 48.55
C LYS F 412 -41.89 -36.95 48.43
N CYS F 413 -42.00 -37.60 47.28
CA CYS F 413 -41.36 -38.87 47.00
C CYS F 413 -40.20 -38.65 46.04
N VAL F 414 -39.59 -39.76 45.61
CA VAL F 414 -38.47 -39.68 44.69
C VAL F 414 -38.98 -39.60 43.26
N GLU F 415 -38.12 -39.13 42.36
CA GLU F 415 -38.46 -38.97 40.95
C GLU F 415 -37.43 -39.72 40.13
N LEU F 416 -37.89 -40.64 39.29
CA LEU F 416 -37.04 -41.68 38.71
C LEU F 416 -36.69 -41.40 37.25
N ALA F 417 -35.44 -41.69 36.90
CA ALA F 417 -34.95 -41.62 35.53
C ALA F 417 -34.25 -42.92 35.20
N LEU F 418 -34.73 -43.62 34.17
CA LEU F 418 -34.24 -44.95 33.86
C LEU F 418 -33.24 -44.90 32.72
N VAL F 419 -32.18 -45.69 32.83
CA VAL F 419 -31.04 -45.58 31.92
C VAL F 419 -30.47 -46.96 31.60
N PRO F 420 -30.32 -47.32 30.32
CA PRO F 420 -29.72 -48.61 29.98
C PRO F 420 -28.20 -48.55 29.97
N HIS F 421 -27.58 -49.64 30.42
CA HIS F 421 -26.14 -49.81 30.31
C HIS F 421 -25.77 -50.29 28.91
N PHE F 422 -24.58 -49.92 28.48
CA PHE F 422 -24.00 -50.49 27.26
C PHE F 422 -22.69 -51.14 27.69
N ILE F 423 -22.70 -52.46 27.75
CA ILE F 423 -21.56 -53.21 28.28
C ILE F 423 -20.60 -53.47 27.13
N LYS F 424 -19.36 -53.03 27.28
CA LYS F 424 -18.34 -53.19 26.26
C LYS F 424 -17.46 -54.40 26.60
N ARG F 425 -17.39 -55.35 25.68
CA ARG F 425 -16.60 -56.55 25.84
C ARG F 425 -15.32 -56.45 25.02
N LYS F 426 -14.35 -57.29 25.35
CA LYS F 426 -13.11 -57.31 24.60
C LYS F 426 -13.39 -57.74 23.16
N PRO F 427 -12.56 -57.29 22.21
CA PRO F 427 -12.72 -57.76 20.83
C PRO F 427 -12.33 -59.23 20.74
N LYS F 428 -12.95 -59.94 19.80
CA LYS F 428 -12.71 -61.35 19.64
C LYS F 428 -11.67 -61.59 18.56
N ASN F 429 -11.19 -62.84 18.49
CA ASN F 429 -10.07 -63.18 17.62
C ASN F 429 -10.33 -62.71 16.18
N GLY F 430 -11.51 -63.02 15.65
CA GLY F 430 -11.80 -62.74 14.26
C GLY F 430 -13.15 -62.10 14.05
N GLU F 431 -13.18 -61.01 13.28
CA GLU F 431 -14.42 -60.35 12.92
C GLU F 431 -14.12 -59.34 11.82
N ALA F 432 -15.19 -58.88 11.17
CA ALA F 432 -15.01 -57.98 10.03
C ALA F 432 -14.15 -56.77 10.40
N TYR F 433 -14.48 -56.13 11.52
CA TYR F 433 -13.72 -55.03 12.06
C TYR F 433 -13.71 -55.16 13.57
N PRO F 434 -12.78 -54.49 14.25
CA PRO F 434 -12.69 -54.66 15.70
C PRO F 434 -14.05 -54.43 16.36
N HIS F 435 -14.39 -55.34 17.27
CA HIS F 435 -15.62 -55.25 18.04
C HIS F 435 -16.85 -55.24 17.13
N ALA F 436 -16.72 -55.71 15.90
CA ALA F 436 -17.88 -55.81 15.03
C ALA F 436 -19.00 -56.59 15.69
N LEU F 437 -18.65 -57.67 16.39
CA LEU F 437 -19.67 -58.52 17.00
C LEU F 437 -20.30 -57.84 18.21
N LEU F 438 -19.49 -57.19 19.04
CA LEU F 438 -20.03 -56.41 20.15
C LEU F 438 -20.98 -55.34 19.62
N PHE F 439 -20.60 -54.69 18.51
CA PHE F 439 -21.46 -53.69 17.92
C PHE F 439 -22.75 -54.31 17.39
N LYS F 440 -22.66 -55.51 16.84
CA LYS F 440 -23.85 -56.22 16.42
C LYS F 440 -24.80 -56.38 17.60
N ASP F 441 -24.26 -56.85 18.72
CA ASP F 441 -25.08 -57.00 19.92
C ASP F 441 -25.71 -55.68 20.31
N LEU F 442 -24.89 -54.62 20.39
CA LEU F 442 -25.38 -53.35 20.89
C LEU F 442 -26.43 -52.76 19.97
N LYS F 443 -26.24 -52.91 18.65
CA LYS F 443 -27.26 -52.43 17.72
C LYS F 443 -28.55 -53.21 17.90
N ASN F 444 -28.45 -54.51 18.16
CA ASN F 444 -29.66 -55.26 18.47
C ASN F 444 -30.37 -54.64 19.67
N GLN F 445 -29.64 -54.38 20.74
CA GLN F 445 -30.28 -53.84 21.94
C GLN F 445 -30.90 -52.48 21.66
N ALA F 446 -30.17 -51.62 20.94
CA ALA F 446 -30.68 -50.29 20.66
C ALA F 446 -31.89 -50.34 19.75
N ALA F 447 -31.88 -51.25 18.78
CA ALA F 447 -33.05 -51.42 17.92
C ALA F 447 -34.26 -51.86 18.74
N ILE F 448 -34.06 -52.81 19.64
CA ILE F 448 -35.17 -53.26 20.49
C ILE F 448 -35.68 -52.08 21.33
N LEU F 449 -34.76 -51.31 21.89
CA LEU F 449 -35.15 -50.16 22.70
C LEU F 449 -35.96 -49.16 21.89
N MET F 450 -35.47 -48.81 20.71
CA MET F 450 -36.18 -47.85 19.87
C MET F 450 -37.55 -48.38 19.48
N ASP F 451 -37.65 -49.68 19.24
CA ASP F 451 -38.94 -50.27 18.92
C ASP F 451 -39.90 -50.15 20.09
N MET F 452 -39.40 -50.40 21.30
CA MET F 452 -40.22 -50.18 22.49
C MET F 452 -40.69 -48.73 22.55
N LEU F 453 -39.79 -47.81 22.24
CA LEU F 453 -40.15 -46.39 22.25
C LEU F 453 -41.25 -46.11 21.25
N LYS F 454 -41.12 -46.63 20.03
CA LYS F 454 -42.12 -46.46 19.00
C LYS F 454 -43.46 -46.97 19.53
N SER F 455 -43.45 -48.21 20.03
CA SER F 455 -44.66 -48.79 20.58
C SER F 455 -45.30 -47.90 21.63
N GLU F 456 -44.52 -47.32 22.53
CA GLU F 456 -45.04 -46.41 23.54
C GLU F 456 -44.16 -45.17 23.61
N PRO F 457 -44.59 -44.09 22.98
CA PRO F 457 -43.80 -42.84 23.06
C PRO F 457 -43.62 -42.35 24.48
N ARG F 458 -44.61 -42.55 25.35
CA ARG F 458 -44.55 -41.96 26.68
C ARG F 458 -43.31 -42.37 27.45
N LEU F 459 -42.87 -43.62 27.34
CA LEU F 459 -41.69 -44.08 28.06
C LEU F 459 -40.54 -43.10 27.97
N THR F 460 -40.49 -42.29 26.90
CA THR F 460 -39.46 -41.27 26.81
C THR F 460 -39.42 -40.39 28.04
N GLY F 461 -40.56 -40.14 28.66
CA GLY F 461 -40.59 -39.35 29.87
C GLY F 461 -39.91 -39.98 31.05
N TRP F 462 -39.44 -41.23 30.91
CA TRP F 462 -38.81 -41.95 31.99
C TRP F 462 -37.45 -42.53 31.62
N ILE F 463 -37.24 -42.87 30.35
CA ILE F 463 -35.95 -43.32 29.86
C ILE F 463 -35.25 -42.07 29.33
N ARG F 464 -34.40 -41.47 30.16
CA ARG F 464 -33.76 -40.20 29.86
C ARG F 464 -32.24 -40.43 29.81
N GLY F 465 -31.75 -40.82 28.64
CA GLY F 465 -30.33 -41.02 28.46
C GLY F 465 -29.89 -42.47 28.57
N VAL F 466 -28.70 -42.76 28.07
CA VAL F 466 -28.13 -44.11 28.07
C VAL F 466 -26.70 -43.99 28.58
N ASP F 467 -26.26 -44.98 29.36
CA ASP F 467 -24.89 -45.02 29.85
C ASP F 467 -24.09 -46.05 29.09
N ALA F 468 -22.80 -45.75 28.89
CA ALA F 468 -21.85 -46.69 28.29
C ALA F 468 -20.90 -47.14 29.39
N ALA F 469 -21.10 -48.36 29.89
CA ALA F 469 -20.42 -48.84 31.07
C ALA F 469 -19.50 -50.01 30.74
N ALA F 470 -18.89 -50.59 31.78
CA ALA F 470 -17.98 -51.73 31.69
C ALA F 470 -16.55 -51.26 31.42
N ASN F 471 -15.60 -52.19 31.42
CA ASN F 471 -14.19 -51.83 31.43
C ASN F 471 -13.81 -50.99 30.22
N GLU F 472 -13.13 -49.87 30.50
CA GLU F 472 -12.78 -48.93 29.46
C GLU F 472 -11.98 -49.59 28.35
N MET F 473 -10.91 -50.31 28.70
CA MET F 473 -10.04 -50.88 27.69
C MET F 473 -10.78 -51.82 26.73
N HIS F 474 -11.88 -52.42 27.17
CA HIS F 474 -12.58 -53.39 26.33
C HIS F 474 -13.25 -52.75 25.13
N ALA F 475 -13.21 -51.43 25.00
CA ALA F 475 -13.66 -50.76 23.78
C ALA F 475 -13.37 -49.27 23.86
N PRO F 476 -13.12 -48.60 22.74
CA PRO F 476 -12.93 -47.16 22.77
C PRO F 476 -14.23 -46.44 22.50
N PRO F 477 -14.40 -45.23 23.02
CA PRO F 477 -15.72 -44.58 22.94
C PRO F 477 -16.21 -44.38 21.53
N GLU F 478 -15.33 -44.08 20.58
CA GLU F 478 -15.79 -43.84 19.21
C GLU F 478 -16.72 -44.93 18.72
N LEU F 479 -16.63 -46.12 19.30
CA LEU F 479 -17.49 -47.21 18.90
C LEU F 479 -18.97 -46.87 19.09
N PHE F 480 -19.28 -45.90 19.93
CA PHE F 480 -20.66 -45.67 20.33
C PHE F 480 -21.26 -44.40 19.76
N CYS F 481 -20.45 -43.49 19.23
CA CYS F 481 -20.98 -42.22 18.76
C CYS F 481 -22.15 -42.41 17.80
N PRO F 482 -22.06 -43.25 16.77
CA PRO F 482 -23.24 -43.47 15.92
C PRO F 482 -24.41 -44.03 16.70
N LEU F 483 -24.15 -44.93 17.65
CA LEU F 483 -25.22 -45.45 18.47
C LEU F 483 -25.93 -44.32 19.19
N PHE F 484 -25.15 -43.45 19.85
CA PHE F 484 -25.73 -42.34 20.58
C PHE F 484 -26.47 -41.40 19.64
N ARG F 485 -25.95 -41.21 18.43
CA ARG F 485 -26.59 -40.30 17.48
C ARG F 485 -27.96 -40.83 17.07
N VAL F 486 -28.02 -42.12 16.72
CA VAL F 486 -29.29 -42.72 16.34
C VAL F 486 -30.26 -42.66 17.52
N LEU F 487 -29.77 -42.94 18.72
CA LEU F 487 -30.64 -42.92 19.88
C LEU F 487 -31.17 -41.51 20.13
N ALA F 488 -30.30 -40.51 19.99
CA ALA F 488 -30.74 -39.13 20.12
C ALA F 488 -31.85 -38.82 19.15
N LYS F 489 -31.67 -39.19 17.88
CA LYS F 489 -32.73 -38.96 16.92
C LYS F 489 -34.00 -39.70 17.32
N SER F 490 -33.86 -40.93 17.81
CA SER F 490 -35.02 -41.65 18.31
C SER F 490 -35.72 -40.90 19.43
N GLY F 491 -34.98 -40.14 20.23
CA GLY F 491 -35.59 -39.33 21.26
C GLY F 491 -34.98 -39.50 22.64
N ILE F 492 -33.86 -40.22 22.73
CA ILE F 492 -33.16 -40.40 24.00
C ILE F 492 -32.42 -39.10 24.30
N ALA F 493 -33.02 -38.27 25.14
CA ALA F 493 -32.32 -37.11 25.65
C ALA F 493 -31.19 -37.54 26.57
N HIS F 494 -30.07 -36.82 26.47
CA HIS F 494 -28.94 -37.02 27.36
C HIS F 494 -28.19 -38.31 27.02
N PHE F 495 -26.89 -38.33 27.32
CA PHE F 495 -26.05 -39.50 27.14
C PHE F 495 -24.93 -39.46 28.16
N THR F 496 -24.33 -40.63 28.43
CA THR F 496 -23.21 -40.66 29.36
C THR F 496 -22.32 -41.86 29.06
N TYR F 497 -21.06 -41.76 29.43
CA TYR F 497 -20.07 -42.75 29.05
C TYR F 497 -18.98 -42.80 30.10
N HIS F 498 -18.80 -43.96 30.72
CA HIS F 498 -17.76 -44.12 31.73
C HIS F 498 -16.39 -43.94 31.11
N VAL F 499 -15.56 -43.11 31.73
CA VAL F 499 -14.23 -42.80 31.21
C VAL F 499 -13.30 -42.48 32.37
N GLY F 500 -12.02 -42.77 32.18
CA GLY F 500 -10.99 -42.40 33.13
C GLY F 500 -10.88 -43.31 34.33
N GLU F 501 -11.79 -44.26 34.50
CA GLU F 501 -11.75 -45.12 35.67
C GLU F 501 -10.44 -45.90 35.74
N ASP F 502 -10.16 -46.69 34.71
CA ASP F 502 -8.95 -47.49 34.62
C ASP F 502 -8.34 -47.28 33.26
N PHE F 503 -7.03 -47.52 33.15
CA PHE F 503 -6.27 -47.16 31.97
C PHE F 503 -4.86 -47.68 32.07
N PRO F 504 -4.22 -47.99 30.94
CA PRO F 504 -2.80 -48.37 31.00
C PRO F 504 -1.91 -47.23 31.45
N HIS F 505 -2.28 -45.99 31.15
CA HIS F 505 -1.48 -44.85 31.52
C HIS F 505 -2.39 -43.65 31.71
N LEU F 506 -1.94 -42.74 32.58
CA LEU F 506 -2.73 -41.54 32.83
C LEU F 506 -2.94 -40.76 31.55
N ILE F 507 -1.89 -40.65 30.72
CA ILE F 507 -2.04 -40.01 29.43
C ILE F 507 -3.10 -40.71 28.60
N SER F 508 -3.13 -42.04 28.66
CA SER F 508 -4.14 -42.79 27.92
C SER F 508 -5.54 -42.42 28.38
N GLY F 509 -5.75 -42.34 29.69
CA GLY F 509 -7.05 -41.93 30.18
C GLY F 509 -7.41 -40.52 29.75
N ILE F 510 -6.43 -39.61 29.84
CA ILE F 510 -6.69 -38.22 29.47
C ILE F 510 -7.14 -38.15 28.02
N ARG F 511 -6.39 -38.79 27.13
CA ARG F 511 -6.78 -38.78 25.73
C ARG F 511 -8.13 -39.41 25.52
N SER F 512 -8.40 -40.52 26.22
CA SER F 512 -9.68 -41.19 26.04
C SER F 512 -10.82 -40.24 26.36
N ILE F 513 -10.68 -39.50 27.46
CA ILE F 513 -11.73 -38.57 27.85
C ILE F 513 -11.86 -37.45 26.82
N ASP F 514 -10.74 -36.92 26.34
CA ASP F 514 -10.82 -35.90 25.30
C ASP F 514 -11.50 -36.44 24.06
N ASP F 515 -11.19 -37.67 23.68
CA ASP F 515 -11.79 -38.27 22.50
C ASP F 515 -13.29 -38.38 22.69
N ALA F 516 -13.72 -38.84 23.87
CA ALA F 516 -15.14 -38.85 24.15
C ALA F 516 -15.74 -37.47 23.98
N LEU F 517 -15.09 -36.45 24.53
CA LEU F 517 -15.56 -35.09 24.38
C LEU F 517 -15.78 -34.75 22.92
N ARG F 518 -14.76 -34.95 22.10
CA ARG F 518 -14.73 -34.44 20.74
C ARG F 518 -15.40 -35.37 19.74
N PHE F 519 -15.88 -36.53 20.17
CA PHE F 519 -16.51 -37.49 19.29
C PHE F 519 -17.94 -37.80 19.68
N LEU F 520 -18.19 -38.09 20.95
CA LEU F 520 -19.54 -38.46 21.36
C LEU F 520 -20.50 -37.29 21.14
N PRO F 521 -21.75 -37.57 20.79
CA PRO F 521 -22.75 -36.51 20.59
C PRO F 521 -23.26 -35.95 21.91
N LEU F 522 -22.36 -35.31 22.64
CA LEU F 522 -22.67 -34.83 23.98
C LEU F 522 -23.04 -33.36 23.92
N ARG F 523 -24.19 -33.00 24.50
CA ARG F 523 -24.68 -31.64 24.46
C ARG F 523 -24.42 -30.96 25.80
N ASN F 524 -24.93 -29.74 25.95
CA ASN F 524 -24.81 -29.02 27.20
C ASN F 524 -25.42 -29.81 28.36
N GLY F 525 -24.59 -30.13 29.34
CA GLY F 525 -25.08 -30.66 30.60
C GLY F 525 -24.92 -32.16 30.81
N ASP F 526 -24.59 -32.92 29.78
CA ASP F 526 -24.55 -34.37 29.92
C ASP F 526 -23.47 -34.76 30.94
N ARG F 527 -23.40 -36.06 31.21
CA ARG F 527 -22.51 -36.62 32.20
C ARG F 527 -21.45 -37.49 31.54
N LEU F 528 -20.24 -37.46 32.09
CA LEU F 528 -19.25 -38.44 31.67
C LEU F 528 -19.19 -39.61 32.66
N GLY F 529 -18.89 -39.32 33.92
CA GLY F 529 -18.78 -40.35 34.92
C GLY F 529 -17.66 -40.09 35.90
N HIS F 530 -16.82 -41.10 36.13
CA HIS F 530 -15.78 -40.97 37.15
C HIS F 530 -14.71 -39.97 36.72
N CYS F 531 -14.26 -40.07 35.47
CA CYS F 531 -13.27 -39.15 34.92
C CYS F 531 -12.05 -39.04 35.84
N THR F 532 -11.64 -40.18 36.38
CA THR F 532 -10.55 -40.16 37.33
C THR F 532 -9.27 -39.63 36.70
N ALA F 533 -9.04 -39.95 35.42
CA ALA F 533 -7.77 -39.59 34.79
C ALA F 533 -7.42 -38.12 34.99
N ILE F 534 -8.35 -37.21 34.68
CA ILE F 534 -8.14 -35.79 34.94
C ILE F 534 -8.08 -35.48 36.42
N GLY F 535 -8.52 -36.41 37.27
CA GLY F 535 -8.65 -36.11 38.67
C GLY F 535 -7.46 -36.50 39.51
N ILE F 536 -6.76 -37.56 39.12
CA ILE F 536 -5.62 -38.05 39.88
C ILE F 536 -4.36 -37.30 39.46
N THR F 537 -3.55 -36.92 40.46
CA THR F 537 -2.31 -36.23 40.14
C THR F 537 -1.27 -37.23 39.65
N PRO F 538 -0.38 -36.81 38.76
CA PRO F 538 0.77 -37.68 38.45
C PRO F 538 1.60 -37.98 39.68
N SER F 539 1.71 -37.01 40.58
CA SER F 539 2.44 -37.20 41.82
C SER F 539 1.89 -38.42 42.53
N ILE F 540 0.64 -38.35 42.97
CA ILE F 540 -0.02 -39.57 43.39
C ILE F 540 -0.72 -40.16 42.17
N TRP F 541 0.10 -40.65 41.27
CA TRP F 541 -0.27 -41.70 40.31
C TRP F 541 0.81 -42.75 40.20
N LYS F 542 2.03 -42.43 40.62
CA LYS F 542 3.17 -43.32 40.63
C LYS F 542 3.65 -43.41 42.08
N ARG F 543 3.27 -44.49 42.76
CA ARG F 543 3.67 -44.72 44.14
C ARG F 543 4.15 -46.14 44.39
N SER F 544 3.69 -47.11 43.60
CA SER F 544 4.18 -48.48 43.68
C SER F 544 4.37 -49.09 42.30
N LEU F 545 4.34 -48.29 41.30
CA LEU F 545 4.31 -48.76 39.94
C LEU F 545 5.72 -49.09 39.46
N PRO F 546 5.87 -50.01 38.51
CA PRO F 546 7.17 -50.25 37.92
C PRO F 546 7.64 -49.06 37.11
N LEU F 547 8.95 -48.95 36.92
CA LEU F 547 9.51 -47.82 36.19
C LEU F 547 9.04 -47.78 34.74
N SER F 548 8.46 -48.87 34.24
CA SER F 548 7.99 -48.95 32.86
C SER F 548 6.54 -49.39 32.85
N LEU F 549 5.68 -48.59 32.21
CA LEU F 549 4.29 -48.97 31.97
C LEU F 549 4.15 -49.25 30.49
N SER F 550 3.31 -50.22 30.14
CA SER F 550 3.38 -50.83 28.83
C SER F 550 1.99 -51.22 28.35
N MET F 551 1.63 -50.80 27.15
CA MET F 551 0.26 -50.87 26.65
C MET F 551 0.27 -51.36 25.20
N THR F 552 -0.85 -51.18 24.51
CA THR F 552 -0.94 -51.58 23.11
C THR F 552 -0.35 -50.51 22.21
N LYS F 553 0.08 -50.93 21.02
CA LYS F 553 0.57 -49.98 20.04
C LYS F 553 -0.50 -48.95 19.67
N GLU F 554 -1.75 -49.39 19.49
CA GLU F 554 -2.80 -48.45 19.13
C GLU F 554 -2.99 -47.38 20.21
N THR F 555 -3.13 -47.82 21.46
CA THR F 555 -3.23 -46.88 22.56
C THR F 555 -2.04 -45.94 22.58
N ARG F 556 -0.84 -46.48 22.30
CA ARG F 556 0.39 -45.71 22.45
C ARG F 556 0.48 -44.65 21.36
N LEU F 557 0.16 -45.02 20.13
CA LEU F 557 0.14 -44.04 19.04
C LEU F 557 -0.89 -42.97 19.30
N LEU F 558 -2.09 -43.35 19.74
CA LEU F 558 -3.09 -42.34 20.02
C LEU F 558 -2.65 -41.44 21.16
N ASP F 559 -1.93 -42.00 22.13
CA ASP F 559 -1.30 -41.18 23.16
C ASP F 559 -0.40 -40.13 22.54
N LEU F 560 0.46 -40.55 21.61
CA LEU F 560 1.34 -39.59 20.97
C LEU F 560 0.55 -38.52 20.24
N VAL F 561 -0.44 -38.93 19.47
CA VAL F 561 -1.23 -37.99 18.69
C VAL F 561 -1.88 -36.97 19.61
N PHE F 562 -2.52 -37.44 20.68
CA PHE F 562 -3.08 -36.55 21.67
C PHE F 562 -2.03 -35.59 22.20
N ILE F 563 -1.02 -36.12 22.88
CA ILE F 563 0.01 -35.29 23.48
C ILE F 563 0.41 -34.18 22.53
N TRP F 564 0.69 -34.53 21.28
CA TRP F 564 1.11 -33.50 20.32
C TRP F 564 -0.01 -32.50 20.09
N ARG F 565 -1.23 -32.98 19.87
CA ARG F 565 -2.35 -32.07 19.59
C ARG F 565 -2.46 -31.01 20.66
N GLU F 566 -2.49 -31.42 21.92
CA GLU F 566 -2.72 -30.47 23.00
C GLU F 566 -1.45 -29.79 23.50
N LEU F 567 -0.28 -30.20 23.05
CA LEU F 567 0.94 -29.49 23.40
C LEU F 567 1.48 -28.65 22.24
N ARG F 568 0.77 -28.61 21.12
CA ARG F 568 1.19 -27.73 20.03
C ARG F 568 1.38 -26.30 20.52
N SER F 569 0.45 -25.81 21.33
CA SER F 569 0.40 -24.41 21.69
C SER F 569 1.19 -24.08 22.96
N HIS F 570 1.76 -25.05 23.64
CA HIS F 570 2.37 -24.78 24.93
C HIS F 570 3.86 -24.46 24.78
N PRO F 571 4.25 -23.20 24.94
CA PRO F 571 5.66 -22.85 24.71
C PRO F 571 6.60 -23.57 25.63
N GLU F 572 6.11 -24.01 26.77
CA GLU F 572 6.94 -24.70 27.75
C GLU F 572 7.01 -26.19 27.48
N LEU F 573 6.33 -26.68 26.45
CA LEU F 573 6.20 -28.11 26.18
C LEU F 573 6.35 -28.42 24.71
N LEU F 574 6.86 -27.46 23.93
CA LEU F 574 6.98 -27.64 22.49
C LEU F 574 7.94 -28.76 22.16
N ARG F 575 9.07 -28.83 22.88
CA ARG F 575 9.98 -29.96 22.73
C ARG F 575 9.22 -31.26 22.87
N TYR F 576 8.34 -31.34 23.87
CA TYR F 576 7.62 -32.57 24.13
C TYR F 576 6.64 -32.88 23.00
N ALA F 577 5.95 -31.86 22.50
CA ALA F 577 5.05 -32.07 21.37
C ALA F 577 5.82 -32.59 20.16
N SER F 578 6.99 -32.01 19.91
CA SER F 578 7.81 -32.45 18.79
C SER F 578 8.27 -33.89 18.97
N ASP F 579 8.68 -34.24 20.18
CA ASP F 579 9.09 -35.61 20.45
C ASP F 579 7.94 -36.56 20.20
N ALA F 580 6.75 -36.19 20.66
CA ALA F 580 5.57 -37.00 20.42
C ALA F 580 5.33 -37.17 18.93
N ALA F 581 5.46 -36.09 18.16
CA ALA F 581 5.22 -36.16 16.73
C ALA F 581 6.20 -37.11 16.06
N ILE F 582 7.49 -37.00 16.39
CA ILE F 582 8.49 -37.84 15.74
C ILE F 582 8.25 -39.30 16.10
N GLU F 583 7.97 -39.58 17.36
CA GLU F 583 7.75 -40.96 17.77
C GLU F 583 6.49 -41.51 17.14
N ALA F 584 5.47 -40.67 17.00
CA ALA F 584 4.23 -41.12 16.37
C ALA F 584 4.46 -41.45 14.91
N VAL F 585 5.27 -40.64 14.22
CA VAL F 585 5.57 -40.95 12.82
C VAL F 585 6.31 -42.27 12.72
N ARG F 586 7.30 -42.47 13.59
CA ARG F 586 8.00 -43.75 13.63
C ARG F 586 7.03 -44.90 13.84
N LEU F 587 6.17 -44.77 14.84
CA LEU F 587 5.26 -45.84 15.20
C LEU F 587 4.26 -46.12 14.08
N ALA F 588 3.75 -45.07 13.44
CA ALA F 588 2.80 -45.26 12.36
C ALA F 588 3.46 -45.90 11.15
N HIS F 589 4.69 -45.48 10.83
CA HIS F 589 5.44 -46.17 9.80
C HIS F 589 5.49 -47.66 10.08
N LYS F 590 5.81 -48.02 11.32
CA LYS F 590 5.84 -49.44 11.65
C LYS F 590 4.46 -50.09 11.54
N VAL F 591 3.46 -49.49 12.18
CA VAL F 591 2.15 -50.14 12.32
C VAL F 591 1.48 -50.30 10.96
N PHE F 592 1.40 -49.23 10.20
CA PHE F 592 0.75 -49.29 8.90
C PHE F 592 1.62 -49.90 7.83
N SER F 593 2.76 -50.47 8.20
CA SER F 593 3.69 -51.05 7.23
C SER F 593 3.98 -50.03 6.14
N LEU F 594 4.05 -48.77 6.53
CA LEU F 594 4.10 -47.68 5.56
C LEU F 594 5.49 -47.52 5.00
N GLU F 595 5.58 -47.49 3.67
CA GLU F 595 6.84 -47.25 2.98
C GLU F 595 7.06 -45.79 2.67
N GLU F 596 6.00 -45.04 2.44
CA GLU F 596 6.10 -43.63 2.09
C GLU F 596 6.17 -42.78 3.35
N GLU F 597 6.15 -41.47 3.20
CA GLU F 597 6.24 -40.54 4.31
C GLU F 597 4.85 -40.00 4.63
N VAL F 598 4.54 -39.92 5.92
CA VAL F 598 3.24 -39.51 6.41
C VAL F 598 3.44 -38.45 7.47
N SER F 599 2.67 -37.36 7.38
CA SER F 599 2.83 -36.24 8.29
C SER F 599 1.89 -36.36 9.49
N ILE F 600 2.34 -35.80 10.61
CA ILE F 600 1.52 -35.81 11.83
C ILE F 600 0.16 -35.20 11.57
N THR F 601 0.09 -34.16 10.74
CA THR F 601 -1.19 -33.60 10.37
C THR F 601 -2.08 -34.67 9.75
N THR F 602 -1.51 -35.47 8.86
CA THR F 602 -2.27 -36.56 8.24
C THR F 602 -2.70 -37.58 9.27
N LEU F 603 -1.82 -37.94 10.20
CA LEU F 603 -2.22 -38.87 11.25
C LEU F 603 -3.42 -38.32 12.00
N ASP F 604 -3.35 -37.05 12.38
CA ASP F 604 -4.45 -36.40 13.08
C ASP F 604 -5.73 -36.51 12.26
N GLN F 605 -5.66 -36.11 10.98
CA GLN F 605 -6.83 -36.16 10.12
C GLN F 605 -7.44 -37.54 10.10
N VAL F 606 -6.60 -38.57 9.97
CA VAL F 606 -7.10 -39.94 10.03
C VAL F 606 -7.84 -40.16 11.33
N PHE F 607 -7.22 -39.81 12.44
CA PHE F 607 -7.76 -40.21 13.74
C PHE F 607 -9.01 -39.44 14.14
N GLU F 608 -9.35 -38.35 13.47
CA GLU F 608 -10.71 -37.86 13.72
C GLU F 608 -11.76 -38.80 13.14
N MET F 609 -11.37 -39.68 12.21
CA MET F 609 -12.32 -40.52 11.51
C MET F 609 -12.83 -41.65 12.40
N ARG F 610 -12.26 -41.80 13.59
CA ARG F 610 -12.67 -42.90 14.46
C ARG F 610 -14.15 -42.86 14.78
N GLY F 611 -14.77 -41.68 14.79
CA GLY F 611 -16.17 -41.58 15.16
C GLY F 611 -17.14 -42.11 14.14
N LEU F 612 -16.69 -42.38 12.91
CA LEU F 612 -17.60 -42.81 11.86
C LEU F 612 -17.86 -44.31 11.96
N LEU F 613 -19.01 -44.73 11.42
CA LEU F 613 -19.35 -46.15 11.41
C LEU F 613 -18.46 -46.92 10.46
N ALA F 614 -17.97 -48.08 10.92
CA ALA F 614 -17.11 -48.90 10.09
C ALA F 614 -17.80 -49.27 8.78
N GLU F 615 -19.00 -49.83 8.87
CA GLU F 615 -19.74 -50.27 7.71
C GLU F 615 -20.68 -49.19 7.18
N SER F 616 -20.16 -47.98 6.99
CA SER F 616 -20.96 -46.91 6.43
C SER F 616 -20.78 -46.84 4.92
N GLU F 617 -19.57 -46.50 4.48
CA GLU F 617 -19.25 -46.54 3.06
C GLU F 617 -17.83 -47.02 2.80
N GLY F 618 -17.07 -47.38 3.83
CA GLY F 618 -15.70 -47.81 3.64
C GLY F 618 -15.50 -49.27 4.00
N LEU F 619 -16.60 -49.96 4.27
CA LEU F 619 -16.53 -51.35 4.69
C LEU F 619 -17.83 -52.06 4.34
N SER F 631 -34.24 -47.14 9.64
CA SER F 631 -34.52 -45.89 8.96
C SER F 631 -33.61 -44.78 9.48
N LEU F 632 -33.32 -44.84 10.79
CA LEU F 632 -32.45 -43.85 11.40
C LEU F 632 -30.99 -44.09 11.05
N TRP F 633 -30.58 -45.33 10.83
CA TRP F 633 -29.19 -45.63 10.55
C TRP F 633 -28.73 -45.07 9.21
N LEU F 634 -29.66 -44.66 8.35
CA LEU F 634 -29.29 -44.16 7.03
C LEU F 634 -28.37 -42.95 7.15
N GLU F 635 -28.60 -42.10 8.14
CA GLU F 635 -27.86 -40.85 8.23
C GLU F 635 -26.39 -41.09 8.51
N GLU F 636 -26.08 -41.90 9.51
CA GLU F 636 -24.69 -42.26 9.74
C GLU F 636 -24.15 -43.17 8.66
N TYR F 637 -25.01 -43.93 7.99
CA TYR F 637 -24.56 -44.71 6.84
C TYR F 637 -24.01 -43.78 5.76
N GLU F 638 -24.69 -42.67 5.52
CA GLU F 638 -24.30 -41.73 4.48
C GLU F 638 -23.32 -40.68 4.97
N ARG F 639 -23.07 -40.60 6.28
CA ARG F 639 -22.15 -39.57 6.77
C ARG F 639 -20.80 -39.64 6.07
N ALA F 640 -20.30 -40.85 5.80
CA ALA F 640 -19.03 -40.99 5.12
C ALA F 640 -19.08 -40.50 3.68
N ARG F 641 -20.29 -40.24 3.16
CA ARG F 641 -20.39 -39.74 1.79
C ARG F 641 -19.72 -38.39 1.65
N GLU F 642 -19.92 -37.49 2.62
CA GLU F 642 -19.21 -36.21 2.56
C GLU F 642 -17.72 -36.41 2.66
N LEU F 643 -17.27 -37.33 3.51
CA LEU F 643 -15.84 -37.57 3.67
C LEU F 643 -15.23 -38.00 2.34
N VAL F 644 -15.87 -38.95 1.66
CA VAL F 644 -15.39 -39.40 0.36
C VAL F 644 -15.51 -38.29 -0.67
N LYS F 645 -16.56 -37.47 -0.60
CA LYS F 645 -16.71 -36.35 -1.51
C LYS F 645 -15.55 -35.38 -1.40
N THR F 646 -15.13 -35.07 -0.18
CA THR F 646 -14.05 -34.13 0.05
C THR F 646 -12.79 -34.60 -0.65
N THR F 647 -12.34 -33.80 -1.63
CA THR F 647 -11.22 -34.22 -2.47
C THR F 647 -9.98 -34.52 -1.65
N GLY F 648 -9.76 -33.80 -0.56
CA GLY F 648 -8.48 -33.80 0.09
C GLY F 648 -8.19 -34.96 1.02
N MET F 649 -9.01 -36.01 1.02
CA MET F 649 -8.89 -37.05 2.04
C MET F 649 -8.74 -38.45 1.46
N LYS F 650 -8.12 -38.59 0.30
CA LYS F 650 -7.90 -39.92 -0.25
C LYS F 650 -7.03 -40.73 0.68
N ARG F 651 -5.87 -40.17 1.04
CA ARG F 651 -4.88 -40.86 1.85
C ARG F 651 -5.46 -41.16 3.23
N PRO F 652 -6.06 -40.19 3.91
CA PRO F 652 -6.73 -40.53 5.18
C PRO F 652 -7.78 -41.61 5.05
N LEU F 653 -8.57 -41.60 3.97
CA LEU F 653 -9.59 -42.62 3.83
C LEU F 653 -8.97 -44.01 3.69
N LYS F 654 -7.98 -44.14 2.80
CA LYS F 654 -7.36 -45.44 2.61
C LYS F 654 -6.65 -45.88 3.88
N LEU F 655 -5.99 -44.96 4.57
CA LEU F 655 -5.29 -45.32 5.80
C LEU F 655 -6.26 -45.76 6.88
N TYR F 656 -7.39 -45.06 7.02
CA TYR F 656 -8.39 -45.46 8.00
C TYR F 656 -8.95 -46.83 7.65
N LYS F 657 -9.19 -47.08 6.37
CA LYS F 657 -9.68 -48.40 5.98
C LYS F 657 -8.67 -49.47 6.31
N GLN F 658 -7.39 -49.21 6.06
CA GLN F 658 -6.34 -50.15 6.45
C GLN F 658 -6.35 -50.35 7.96
N TRP F 659 -6.48 -49.27 8.71
CA TRP F 659 -6.53 -49.35 10.17
C TRP F 659 -7.64 -50.28 10.62
N LEU F 660 -8.82 -50.13 10.03
CA LEU F 660 -9.95 -50.98 10.43
C LEU F 660 -9.77 -52.42 9.98
N THR F 661 -9.29 -52.62 8.76
CA THR F 661 -9.38 -53.92 8.09
C THR F 661 -8.07 -54.69 8.06
N SER F 662 -6.98 -54.05 7.64
CA SER F 662 -5.73 -54.77 7.42
C SER F 662 -5.42 -55.68 8.60
N ASP F 663 -5.31 -56.98 8.31
CA ASP F 663 -4.99 -57.94 9.36
C ASP F 663 -3.66 -57.62 10.01
N ASN F 664 -2.66 -57.26 9.20
CA ASN F 664 -1.37 -56.89 9.76
C ASN F 664 -1.50 -55.70 10.69
N VAL F 665 -2.25 -54.68 10.25
CA VAL F 665 -2.43 -53.50 11.08
C VAL F 665 -3.14 -53.86 12.38
N ARG F 666 -4.14 -54.74 12.30
CA ARG F 666 -4.84 -55.15 13.51
C ARG F 666 -3.90 -55.90 14.45
N LYS F 667 -3.05 -56.75 13.89
CA LYS F 667 -2.06 -57.46 14.70
C LYS F 667 -1.13 -56.47 15.39
N GLN F 668 -0.65 -55.47 14.66
CA GLN F 668 0.19 -54.46 15.28
C GLN F 668 -0.56 -53.71 16.38
N ARG F 669 -1.82 -53.35 16.11
CA ARG F 669 -2.63 -52.68 17.11
C ARG F 669 -2.67 -53.48 18.40
N ALA F 670 -2.95 -54.77 18.29
CA ALA F 670 -2.87 -55.65 19.45
C ALA F 670 -1.46 -55.76 20.01
N GLU F 671 -0.45 -55.50 19.19
CA GLU F 671 0.94 -55.63 19.60
C GLU F 671 1.21 -54.72 20.79
N TYR F 672 2.10 -55.16 21.66
CA TYR F 672 2.34 -54.52 22.95
C TYR F 672 3.68 -53.78 22.92
N VAL F 673 3.63 -52.50 23.28
CA VAL F 673 4.79 -51.61 23.30
C VAL F 673 4.86 -50.90 24.66
N GLU F 674 6.08 -50.71 25.15
CA GLU F 674 6.31 -50.17 26.48
C GLU F 674 6.71 -48.70 26.41
N VAL F 675 6.56 -48.01 27.55
CA VAL F 675 6.89 -46.59 27.69
C VAL F 675 7.33 -46.34 29.12
N ALA F 676 8.32 -45.47 29.30
CA ALA F 676 8.83 -45.16 30.62
C ALA F 676 7.75 -44.49 31.47
N LEU F 677 7.81 -44.75 32.77
CA LEU F 677 6.84 -44.16 33.69
C LEU F 677 6.88 -42.65 33.66
N GLU F 678 8.06 -42.05 33.77
CA GLU F 678 8.20 -40.60 33.65
C GLU F 678 8.32 -40.20 32.19
N TYR F 679 7.36 -40.66 31.38
CA TYR F 679 7.35 -40.30 29.98
C TYR F 679 7.12 -38.80 29.81
N LEU F 680 6.24 -38.24 30.65
CA LEU F 680 5.99 -36.81 30.67
C LEU F 680 6.12 -36.29 32.10
N PRO F 681 6.56 -35.06 32.29
CA PRO F 681 6.66 -34.52 33.65
C PRO F 681 5.28 -34.26 34.24
N ASP F 682 5.23 -34.29 35.58
CA ASP F 682 3.98 -34.01 36.27
C ASP F 682 3.38 -32.70 35.79
N GLU F 683 4.21 -31.69 35.59
CA GLU F 683 3.72 -30.41 35.09
C GLU F 683 3.05 -30.58 33.73
N ALA F 684 3.67 -31.34 32.84
CA ALA F 684 3.08 -31.54 31.53
C ALA F 684 1.74 -32.26 31.63
N VAL F 685 1.69 -33.29 32.48
CA VAL F 685 0.45 -34.03 32.63
C VAL F 685 -0.65 -33.14 33.19
N VAL F 686 -0.31 -32.32 34.17
CA VAL F 686 -1.28 -31.40 34.72
C VAL F 686 -1.73 -30.40 33.67
N ALA F 687 -0.81 -29.98 32.82
CA ALA F 687 -1.19 -29.07 31.74
C ALA F 687 -2.23 -29.73 30.84
N LEU F 688 -1.99 -30.99 30.47
CA LEU F 688 -2.98 -31.70 29.66
C LEU F 688 -4.30 -31.83 30.40
N GLN F 689 -4.25 -32.15 31.69
CA GLN F 689 -5.47 -32.27 32.47
C GLN F 689 -6.23 -30.96 32.46
N GLN F 690 -5.52 -29.85 32.59
CA GLN F 690 -6.16 -28.54 32.58
C GLN F 690 -6.73 -28.22 31.22
N ALA F 691 -6.05 -28.63 30.15
CA ALA F 691 -6.60 -28.43 28.81
C ALA F 691 -7.92 -29.16 28.67
N VAL F 692 -7.96 -30.42 29.11
CA VAL F 692 -9.21 -31.19 29.07
C VAL F 692 -10.26 -30.50 29.91
N MET F 693 -9.85 -30.03 31.09
CA MET F 693 -10.75 -29.29 31.96
C MET F 693 -11.37 -28.12 31.21
N ALA F 694 -10.54 -27.36 30.50
CA ALA F 694 -11.04 -26.21 29.75
C ALA F 694 -12.05 -26.64 28.71
N LYS F 695 -11.71 -27.65 27.91
CA LYS F 695 -12.61 -28.07 26.84
C LYS F 695 -13.95 -28.53 27.42
N MET F 696 -13.89 -29.37 28.45
CA MET F 696 -15.10 -29.90 29.06
C MET F 696 -15.97 -28.78 29.62
N ALA F 697 -15.36 -27.86 30.38
CA ALA F 697 -16.14 -26.74 30.92
C ALA F 697 -16.76 -25.93 29.78
N ASP F 698 -16.05 -25.79 28.67
CA ASP F 698 -16.61 -25.11 27.53
C ASP F 698 -17.84 -25.83 27.01
N ARG F 699 -17.78 -27.15 26.92
CA ARG F 699 -18.91 -27.92 26.42
C ARG F 699 -20.02 -28.10 27.45
N ASN F 700 -19.80 -27.68 28.69
CA ASN F 700 -20.81 -27.79 29.74
C ASN F 700 -21.23 -29.25 29.94
N ILE F 701 -20.26 -30.05 30.37
CA ILE F 701 -20.47 -31.46 30.70
C ILE F 701 -20.03 -31.66 32.13
N ALA F 702 -20.67 -32.56 32.86
CA ALA F 702 -20.35 -32.75 34.26
C ALA F 702 -19.78 -34.14 34.54
N ILE F 703 -19.30 -34.30 35.77
CA ILE F 703 -18.55 -35.49 36.14
C ILE F 703 -19.20 -36.12 37.37
N GLU F 704 -19.64 -37.37 37.23
CA GLU F 704 -20.21 -38.12 38.34
C GLU F 704 -19.08 -38.80 39.11
N CYS F 705 -18.77 -38.31 40.31
CA CYS F 705 -17.65 -38.83 41.10
C CYS F 705 -18.15 -39.64 42.28
N PRO F 706 -17.98 -40.96 42.27
CA PRO F 706 -18.26 -41.75 43.47
C PRO F 706 -17.00 -41.93 44.30
N PRO F 707 -17.13 -42.29 45.57
CA PRO F 707 -15.94 -42.52 46.40
C PRO F 707 -15.47 -43.97 46.31
N THR F 708 -14.17 -44.17 46.18
CA THR F 708 -13.61 -45.52 46.05
C THR F 708 -12.64 -45.84 47.18
N SER F 714 -8.22 -47.00 44.83
CA SER F 714 -7.35 -48.14 45.11
C SER F 714 -6.05 -47.67 45.76
N GLN F 715 -5.39 -46.71 45.12
CA GLN F 715 -4.11 -46.20 45.57
C GLN F 715 -4.19 -45.36 46.84
N TYR F 716 -5.27 -44.59 47.01
CA TYR F 716 -5.41 -43.68 48.13
C TYR F 716 -5.29 -44.45 49.44
N ARG F 717 -4.28 -44.11 50.24
CA ARG F 717 -4.08 -44.77 51.52
C ARG F 717 -5.17 -44.37 52.51
N ASN F 718 -5.54 -43.09 52.52
CA ASN F 718 -6.73 -42.63 53.19
C ASN F 718 -7.54 -41.77 52.23
N VAL F 719 -8.84 -41.66 52.51
CA VAL F 719 -9.71 -40.90 51.63
C VAL F 719 -9.25 -39.47 51.49
N SER F 720 -8.45 -38.97 52.43
CA SER F 720 -8.00 -37.58 52.37
C SER F 720 -7.39 -37.24 51.03
N GLU F 721 -6.61 -38.13 50.44
CA GLU F 721 -6.03 -37.90 49.13
C GLU F 721 -7.06 -37.98 48.02
N HIS F 722 -8.29 -38.38 48.33
CA HIS F 722 -9.26 -38.59 47.27
C HIS F 722 -9.51 -37.28 46.54
N HIS F 723 -9.09 -37.26 45.27
CA HIS F 723 -9.04 -36.08 44.43
C HIS F 723 -10.41 -35.46 44.15
N ILE F 724 -11.50 -35.99 44.69
CA ILE F 724 -12.72 -35.19 44.77
C ILE F 724 -12.40 -33.83 45.35
N PHE F 725 -11.56 -33.80 46.38
CA PHE F 725 -11.18 -32.53 46.96
C PHE F 725 -10.36 -31.73 45.98
N ARG F 726 -9.53 -32.40 45.19
CA ARG F 726 -8.75 -31.69 44.19
C ARG F 726 -9.66 -30.95 43.24
N TRP F 727 -10.69 -31.61 42.72
CA TRP F 727 -11.60 -30.85 41.87
C TRP F 727 -12.27 -29.73 42.67
N MET F 728 -12.79 -30.04 43.86
CA MET F 728 -13.58 -29.02 44.54
C MET F 728 -12.72 -27.83 44.95
N GLY F 729 -11.40 -27.97 44.91
CA GLY F 729 -10.51 -26.81 44.93
C GLY F 729 -9.88 -26.47 46.26
N LEU F 730 -9.55 -27.45 47.09
CA LEU F 730 -9.09 -27.12 48.42
C LEU F 730 -7.66 -26.57 48.39
N PRO F 731 -7.31 -25.65 49.27
CA PRO F 731 -5.91 -25.24 49.38
C PRO F 731 -5.03 -26.43 49.70
N GLY F 732 -3.87 -26.49 49.06
CA GLY F 732 -2.97 -27.62 49.18
C GLY F 732 -3.31 -28.77 48.26
N GLU F 733 -4.50 -28.79 47.68
CA GLU F 733 -4.91 -29.82 46.73
C GLU F 733 -5.04 -29.29 45.32
N ALA F 734 -5.79 -28.21 45.13
CA ALA F 734 -5.98 -27.66 43.80
C ALA F 734 -4.65 -27.20 43.23
N ILE F 735 -4.61 -27.10 41.92
CA ILE F 735 -3.43 -26.67 41.21
C ILE F 735 -3.75 -25.38 40.46
N GLU F 736 -2.72 -24.59 40.18
CA GLU F 736 -2.94 -23.22 39.72
C GLU F 736 -3.81 -23.15 38.47
N GLY F 737 -3.62 -24.09 37.54
CA GLY F 737 -4.33 -24.01 36.28
C GLY F 737 -5.68 -24.66 36.32
N ASP F 738 -6.20 -24.90 37.51
CA ASP F 738 -7.46 -25.60 37.66
C ASP F 738 -8.64 -24.71 37.29
N VAL F 739 -9.75 -25.35 36.95
CA VAL F 739 -10.97 -24.66 36.56
C VAL F 739 -12.15 -25.48 37.08
N PRO F 740 -13.12 -24.87 37.77
CA PRO F 740 -14.26 -25.66 38.27
C PRO F 740 -14.93 -26.47 37.17
N MET F 741 -15.63 -27.53 37.59
CA MET F 741 -15.97 -28.62 36.68
C MET F 741 -17.33 -29.28 36.86
N SER F 742 -18.19 -28.83 37.77
CA SER F 742 -19.53 -29.42 37.95
C SER F 742 -19.44 -30.92 38.27
N ILE F 743 -18.99 -31.20 39.48
CA ILE F 743 -19.03 -32.57 39.99
C ILE F 743 -20.44 -32.87 40.50
N CYS F 744 -20.84 -34.13 40.38
CA CYS F 744 -22.06 -34.62 40.99
C CYS F 744 -21.80 -35.97 41.65
N LEU F 745 -22.75 -36.38 42.48
CA LEU F 745 -22.50 -37.41 43.47
C LEU F 745 -22.98 -38.77 42.98
N GLY F 746 -22.30 -39.82 43.44
CA GLY F 746 -22.64 -41.17 43.04
C GLY F 746 -22.39 -42.20 44.11
N SER F 747 -23.43 -42.99 44.43
CA SER F 747 -23.36 -44.01 45.47
C SER F 747 -22.98 -45.33 44.84
N ASP F 748 -21.69 -45.46 44.52
CA ASP F 748 -21.14 -46.71 44.03
C ASP F 748 -19.70 -46.78 44.52
N ASP F 749 -19.51 -47.40 45.68
CA ASP F 749 -18.17 -47.57 46.24
C ASP F 749 -17.74 -49.02 46.04
N PRO F 750 -16.70 -49.29 45.25
CA PRO F 750 -16.43 -50.69 44.89
C PRO F 750 -16.23 -51.60 46.08
N GLY F 751 -15.59 -51.12 47.14
CA GLY F 751 -15.17 -51.99 48.22
C GLY F 751 -15.85 -51.74 49.55
N ILE F 752 -17.17 -51.53 49.53
CA ILE F 752 -17.93 -51.35 50.77
C ILE F 752 -19.19 -52.20 50.72
N PHE F 753 -19.74 -52.43 51.89
CA PHE F 753 -21.01 -53.11 52.06
C PHE F 753 -22.04 -52.10 52.57
N ALA F 754 -23.25 -52.14 52.01
CA ALA F 754 -24.33 -51.25 52.42
C ALA F 754 -23.84 -49.80 52.48
N ALA F 755 -23.51 -49.29 51.30
CA ALA F 755 -23.25 -47.87 51.12
C ALA F 755 -24.50 -47.17 50.58
N ASP F 756 -24.58 -45.88 50.86
CA ASP F 756 -25.67 -45.06 50.35
C ASP F 756 -25.10 -43.70 49.97
N LEU F 757 -25.81 -43.00 49.09
CA LEU F 757 -25.38 -41.66 48.75
C LEU F 757 -25.40 -40.79 50.00
N LYS F 758 -26.36 -41.05 50.88
CA LYS F 758 -26.41 -40.42 52.18
C LYS F 758 -25.16 -40.77 52.99
N SER F 759 -24.72 -42.03 52.90
CA SER F 759 -23.45 -42.43 53.51
C SER F 759 -22.30 -41.59 52.99
N GLU F 760 -22.16 -41.49 51.67
CA GLU F 760 -21.02 -40.81 51.09
C GLU F 760 -21.08 -39.31 51.35
N PHE F 761 -22.30 -38.76 51.37
CA PHE F 761 -22.47 -37.36 51.65
C PHE F 761 -21.89 -37.04 53.02
N TYR F 762 -22.23 -37.86 54.02
CA TYR F 762 -21.64 -37.59 55.32
C TYR F 762 -20.17 -37.98 55.39
N HIS F 763 -19.75 -39.00 54.63
CA HIS F 763 -18.33 -39.30 54.54
C HIS F 763 -17.54 -38.07 54.13
N LEU F 764 -17.97 -37.45 53.04
CA LEU F 764 -17.30 -36.26 52.53
C LEU F 764 -17.40 -35.11 53.53
N PHE F 765 -18.58 -34.91 54.11
CA PHE F 765 -18.74 -33.85 55.09
C PHE F 765 -17.71 -33.99 56.20
N VAL F 766 -17.63 -35.18 56.79
CA VAL F 766 -16.73 -35.38 57.92
C VAL F 766 -15.30 -35.20 57.49
N VAL F 767 -14.94 -35.72 56.30
CA VAL F 767 -13.56 -35.60 55.85
C VAL F 767 -13.19 -34.12 55.75
N LEU F 768 -14.04 -33.34 55.08
CA LEU F 768 -13.81 -31.92 54.98
C LEU F 768 -13.60 -31.31 56.35
N THR F 769 -14.53 -31.55 57.27
CA THR F 769 -14.43 -30.94 58.58
C THR F 769 -13.13 -31.30 59.28
N ARG F 770 -12.80 -32.58 59.37
CA ARG F 770 -11.76 -33.04 60.26
C ARG F 770 -10.37 -32.86 59.67
N LYS F 771 -10.19 -33.09 58.38
CA LYS F 771 -8.84 -33.07 57.83
C LYS F 771 -8.43 -31.70 57.35
N PHE F 772 -9.37 -30.87 56.92
CA PHE F 772 -9.03 -29.55 56.41
C PHE F 772 -9.46 -28.46 57.37
N GLY F 773 -10.15 -28.79 58.45
CA GLY F 773 -10.55 -27.81 59.42
C GLY F 773 -11.67 -26.88 58.98
N LEU F 774 -12.33 -27.19 57.87
CA LEU F 774 -13.45 -26.35 57.45
C LEU F 774 -14.55 -26.37 58.49
N SER F 775 -15.21 -25.23 58.65
CA SER F 775 -16.35 -25.19 59.53
C SER F 775 -17.46 -26.07 58.96
N PRO F 776 -18.34 -26.59 59.81
CA PRO F 776 -19.43 -27.42 59.30
C PRO F 776 -20.24 -26.73 58.22
N ALA F 777 -20.49 -25.43 58.36
CA ALA F 777 -21.18 -24.70 57.31
C ALA F 777 -20.37 -24.72 56.02
N ASP F 778 -19.06 -24.51 56.13
CA ASP F 778 -18.22 -24.57 54.94
C ASP F 778 -18.38 -25.90 54.24
N ALA F 779 -18.20 -27.00 54.98
CA ALA F 779 -18.27 -28.32 54.34
C ALA F 779 -19.65 -28.58 53.77
N LEU F 780 -20.70 -28.18 54.50
CA LEU F 780 -22.05 -28.36 54.00
C LEU F 780 -22.23 -27.67 52.66
N ARG F 781 -21.84 -26.40 52.58
CA ARG F 781 -21.92 -25.69 51.31
C ARG F 781 -21.15 -26.44 50.23
N LYS F 782 -19.91 -26.83 50.55
CA LYS F 782 -19.02 -27.38 49.53
C LYS F 782 -19.59 -28.65 48.92
N VAL F 783 -20.08 -29.56 49.76
CA VAL F 783 -20.68 -30.78 49.23
C VAL F 783 -22.01 -30.45 48.55
N ALA F 784 -22.69 -29.42 49.05
CA ALA F 784 -23.96 -29.05 48.48
C ALA F 784 -23.83 -28.64 47.03
N GLU F 785 -22.75 -27.93 46.66
CA GLU F 785 -22.62 -27.59 45.25
C GLU F 785 -22.63 -28.84 44.40
N VAL F 786 -21.97 -29.90 44.86
CA VAL F 786 -21.94 -31.14 44.10
C VAL F 786 -23.34 -31.74 44.00
N ASN F 787 -24.00 -31.89 45.15
CA ASN F 787 -25.33 -32.49 45.14
C ASN F 787 -26.26 -31.71 44.23
N GLU F 788 -26.20 -30.37 44.30
CA GLU F 788 -27.13 -29.53 43.54
C GLU F 788 -26.73 -29.42 42.07
N ASN F 789 -25.43 -29.51 41.76
CA ASN F 789 -25.05 -29.69 40.37
C ASN F 789 -25.79 -30.89 39.82
N GLY F 790 -25.99 -31.89 40.67
CA GLY F 790 -26.85 -32.99 40.29
C GLY F 790 -28.17 -32.52 39.69
N ARG F 791 -29.02 -31.90 40.51
CA ARG F 791 -30.32 -31.49 40.02
C ARG F 791 -30.19 -30.57 38.82
N ILE F 792 -29.18 -29.69 38.82
CA ILE F 792 -28.98 -28.83 37.68
C ILE F 792 -28.85 -29.66 36.42
N TYR F 793 -27.84 -30.53 36.36
CA TYR F 793 -27.64 -31.39 35.21
C TYR F 793 -28.38 -32.71 35.37
N ARG F 794 -29.64 -32.64 35.77
CA ARG F 794 -30.48 -33.81 35.88
C ARG F 794 -30.86 -34.35 34.50
N PHE F 795 -31.34 -35.59 34.50
CA PHE F 795 -31.80 -36.27 33.30
C PHE F 795 -33.32 -36.33 33.20
N HIS F 796 -34.02 -36.42 34.33
CA HIS F 796 -35.45 -36.65 34.33
C HIS F 796 -36.18 -35.67 33.42
N ASP F 797 -37.38 -36.07 32.98
CA ASP F 797 -38.25 -35.16 32.25
C ASP F 797 -38.55 -33.94 33.09
N VAL F 798 -38.81 -32.82 32.42
CA VAL F 798 -39.18 -31.60 33.10
C VAL F 798 -40.68 -31.40 32.95
N MET G 1 9.29 -57.52 36.80
CA MET G 1 8.30 -58.63 36.93
C MET G 1 9.05 -59.94 36.96
N GLU G 2 10.23 -59.93 36.34
CA GLU G 2 11.06 -61.13 36.27
C GLU G 2 11.33 -61.72 37.64
N ARG G 3 11.46 -60.87 38.66
CA ARG G 3 11.79 -61.37 39.99
C ARG G 3 10.81 -62.43 40.47
N PHE G 4 9.55 -62.35 40.02
CA PHE G 4 8.54 -63.27 40.50
C PHE G 4 8.82 -64.71 40.09
N LEU G 5 9.22 -64.93 38.84
CA LEU G 5 9.52 -66.28 38.37
C LEU G 5 10.67 -66.92 39.13
N LEU G 6 11.48 -66.13 39.83
CA LEU G 6 12.54 -66.66 40.66
C LEU G 6 12.17 -66.69 42.13
N ASN G 7 11.20 -65.89 42.55
CA ASN G 7 10.83 -65.78 43.96
C ASN G 7 9.34 -66.07 44.06
N SER G 8 8.98 -67.32 44.33
CA SER G 8 7.57 -67.68 44.46
C SER G 8 7.46 -69.04 45.12
N THR G 9 6.77 -69.09 46.26
CA THR G 9 6.44 -70.37 46.87
C THR G 9 5.52 -71.17 45.97
N VAL G 10 4.55 -70.50 45.35
CA VAL G 10 3.58 -71.20 44.50
C VAL G 10 4.29 -71.80 43.29
N LEU G 11 5.18 -71.03 42.66
CA LEU G 11 5.89 -71.53 41.50
C LEU G 11 6.75 -72.74 41.85
N LEU G 12 7.52 -72.64 42.94
CA LEU G 12 8.36 -73.77 43.34
C LEU G 12 7.51 -74.99 43.65
N TYR G 13 6.42 -74.79 44.38
CA TYR G 13 5.50 -75.88 44.67
C TYR G 13 5.04 -76.57 43.40
N ARG G 14 4.53 -75.79 42.44
CA ARG G 14 3.89 -76.37 41.28
C ARG G 14 4.92 -77.02 40.36
N LEU G 15 6.07 -76.36 40.15
CA LEU G 15 7.14 -76.97 39.38
C LEU G 15 7.60 -78.28 40.00
N SER G 16 7.85 -78.29 41.30
CA SER G 16 8.29 -79.50 41.98
C SER G 16 7.24 -80.60 41.96
N THR G 17 5.95 -80.25 41.91
CA THR G 17 4.89 -81.25 41.91
C THR G 17 4.58 -81.82 40.53
N VAL G 18 4.70 -81.03 39.48
CA VAL G 18 4.40 -81.54 38.15
C VAL G 18 5.56 -82.41 37.67
N SER G 19 5.22 -83.40 36.84
CA SER G 19 6.23 -84.29 36.30
C SER G 19 7.18 -83.53 35.37
N LEU G 20 8.42 -84.00 35.29
CA LEU G 20 9.45 -83.34 34.50
C LEU G 20 9.13 -83.31 33.02
N ASP G 21 8.22 -84.15 32.55
CA ASP G 21 7.93 -84.28 31.12
C ASP G 21 6.52 -83.84 30.76
N GLU G 22 5.84 -83.12 31.68
CA GLU G 22 4.48 -82.70 31.39
C GLU G 22 4.43 -81.75 30.20
N VAL G 23 5.36 -80.81 30.14
CA VAL G 23 5.46 -79.86 29.02
C VAL G 23 4.24 -78.95 29.02
N SER G 24 4.40 -77.75 28.45
CA SER G 24 3.32 -76.76 28.33
C SER G 24 2.85 -76.31 29.71
N LEU G 25 3.79 -75.72 30.44
CA LEU G 25 3.57 -75.19 31.78
C LEU G 25 3.35 -73.68 31.79
N ASP G 26 3.12 -73.10 30.61
CA ASP G 26 3.04 -71.65 30.48
C ASP G 26 1.89 -71.07 31.30
N GLU G 27 0.68 -71.61 31.12
CA GLU G 27 -0.47 -71.04 31.82
C GLU G 27 -0.32 -71.21 33.33
N ARG G 28 0.20 -72.35 33.75
CA ARG G 28 0.44 -72.59 35.17
C ARG G 28 1.41 -71.59 35.77
N VAL G 29 2.56 -71.35 35.11
CA VAL G 29 3.50 -70.37 35.63
C VAL G 29 2.87 -68.99 35.64
N GLU G 30 2.09 -68.66 34.61
CA GLU G 30 1.47 -67.34 34.55
C GLU G 30 0.53 -67.14 35.73
N SER G 31 -0.33 -68.12 36.00
CA SER G 31 -1.27 -68.01 37.12
C SER G 31 -0.53 -67.94 38.45
N SER G 32 0.44 -68.84 38.64
CA SER G 32 1.23 -68.79 39.87
C SER G 32 1.93 -67.46 40.03
N VAL G 33 2.29 -66.82 38.91
CA VAL G 33 2.96 -65.53 38.96
C VAL G 33 1.99 -64.44 39.38
N PHE G 34 0.76 -64.48 38.87
CA PHE G 34 -0.27 -63.62 39.45
C PHE G 34 -0.34 -63.80 40.95
N LEU G 35 -0.35 -65.04 41.42
CA LEU G 35 -0.48 -65.27 42.85
C LEU G 35 0.71 -64.70 43.62
N ALA G 36 1.93 -64.91 43.10
CA ALA G 36 3.13 -64.47 43.80
C ALA G 36 3.21 -62.95 43.86
N GLN G 37 2.96 -62.28 42.73
CA GLN G 37 2.92 -60.83 42.76
C GLN G 37 1.81 -60.33 43.68
N TYR G 38 0.65 -60.99 43.67
CA TYR G 38 -0.44 -60.55 44.53
C TYR G 38 -0.03 -60.62 46.00
N GLU G 39 0.62 -61.72 46.39
CA GLU G 39 1.00 -61.87 47.80
C GLU G 39 2.11 -60.92 48.19
N GLN G 40 3.10 -60.72 47.31
CA GLN G 40 4.26 -59.92 47.71
C GLN G 40 4.02 -58.43 47.49
N ALA G 41 3.79 -58.03 46.24
CA ALA G 41 3.49 -56.64 45.89
C ALA G 41 1.98 -56.59 45.63
N ARG G 42 1.22 -56.36 46.70
CA ARG G 42 -0.24 -56.35 46.58
C ARG G 42 -0.74 -55.08 45.90
N SER G 43 0.02 -53.99 45.99
CA SER G 43 -0.44 -52.68 45.56
C SER G 43 -0.68 -52.57 44.06
N LEU G 44 -0.01 -53.37 43.25
CA LEU G 44 -0.13 -53.23 41.81
C LEU G 44 -1.60 -53.36 41.41
N PRO G 45 -2.11 -52.54 40.48
CA PRO G 45 -3.55 -52.49 40.24
C PRO G 45 -4.07 -53.58 39.32
N ASP G 46 -3.58 -54.81 39.49
CA ASP G 46 -4.22 -55.98 38.89
C ASP G 46 -4.15 -55.99 37.37
N HIS G 47 -3.57 -54.95 36.76
CA HIS G 47 -3.55 -54.86 35.31
C HIS G 47 -2.15 -54.61 34.80
N VAL G 48 -1.36 -53.86 35.57
CA VAL G 48 0.03 -53.64 35.20
C VAL G 48 0.75 -54.97 35.10
N ALA G 49 0.44 -55.90 36.00
CA ALA G 49 1.09 -57.20 35.97
C ALA G 49 0.69 -57.97 34.71
N LYS G 50 -0.59 -57.95 34.37
CA LYS G 50 -1.04 -58.61 33.14
C LYS G 50 -0.27 -58.06 31.96
N SER G 51 -0.22 -56.74 31.85
CA SER G 51 0.50 -56.12 30.75
C SER G 51 1.97 -56.52 30.77
N ALA G 52 2.60 -56.48 31.93
CA ALA G 52 4.03 -56.76 32.03
C ALA G 52 4.33 -58.19 31.60
N TRP G 53 3.51 -59.14 32.01
CA TRP G 53 3.73 -60.52 31.59
C TRP G 53 3.49 -60.67 30.10
N SER G 54 2.48 -59.99 29.58
CA SER G 54 2.28 -59.98 28.13
C SER G 54 3.55 -59.53 27.43
N TYR G 55 4.16 -58.47 27.94
CA TYR G 55 5.39 -57.98 27.33
C TYR G 55 6.53 -58.97 27.50
N LEU G 56 6.61 -59.61 28.67
CA LEU G 56 7.68 -60.56 28.91
C LEU G 56 7.60 -61.71 27.92
N VAL G 57 6.40 -62.27 27.76
CA VAL G 57 6.21 -63.36 26.81
C VAL G 57 6.43 -62.86 25.38
N GLN G 58 6.01 -61.63 25.11
CA GLN G 58 6.26 -61.04 23.81
C GLN G 58 7.75 -61.00 23.50
N GLN G 59 8.55 -60.51 24.45
CA GLN G 59 9.98 -60.41 24.23
C GLN G 59 10.60 -61.78 24.06
N ILE G 60 10.21 -62.75 24.88
CA ILE G 60 10.79 -64.09 24.77
C ILE G 60 10.45 -64.70 23.42
N LYS G 61 9.19 -64.60 23.01
CA LYS G 61 8.81 -65.12 21.70
C LYS G 61 9.55 -64.41 20.59
N GLN G 62 9.69 -63.09 20.70
CA GLN G 62 10.37 -62.31 19.66
C GLN G 62 11.82 -62.74 19.54
N ARG G 63 12.51 -62.94 20.66
CA ARG G 63 13.89 -63.37 20.63
C ARG G 63 14.02 -64.84 20.29
N ASN G 64 12.91 -65.58 20.31
CA ASN G 64 12.90 -67.02 20.04
C ASN G 64 13.55 -67.80 21.19
N MET G 65 13.13 -67.50 22.41
CA MET G 65 13.57 -68.24 23.58
C MET G 65 12.37 -68.91 24.24
N LYS G 66 12.66 -69.81 25.18
CA LYS G 66 11.64 -70.51 25.93
C LYS G 66 11.50 -69.89 27.32
N LEU G 67 10.27 -69.75 27.78
CA LEU G 67 10.04 -69.24 29.12
C LEU G 67 10.78 -70.10 30.13
N GLY G 68 11.79 -69.53 30.77
CA GLY G 68 12.58 -70.27 31.71
C GLY G 68 13.66 -69.44 32.36
N PRO G 69 14.36 -70.05 33.31
CA PRO G 69 15.38 -69.30 34.06
C PRO G 69 16.43 -68.69 33.17
N VAL G 70 16.84 -69.36 32.10
CA VAL G 70 17.84 -68.77 31.20
C VAL G 70 17.28 -67.52 30.55
N ALA G 71 16.02 -67.57 30.09
CA ALA G 71 15.41 -66.40 29.49
C ALA G 71 15.36 -65.24 30.48
N ILE G 72 14.91 -65.52 31.70
CA ILE G 72 14.76 -64.47 32.69
C ILE G 72 16.12 -63.88 33.05
N LEU G 73 17.12 -64.75 33.27
CA LEU G 73 18.44 -64.28 33.61
C LEU G 73 19.04 -63.44 32.51
N ARG G 74 18.83 -63.84 31.24
CA ARG G 74 19.36 -63.06 30.14
C ARG G 74 18.71 -61.70 30.09
N LEU G 75 17.39 -61.64 30.27
CA LEU G 75 16.70 -60.36 30.28
C LEU G 75 17.24 -59.48 31.39
N ILE G 76 17.39 -60.04 32.59
CA ILE G 76 17.86 -59.24 33.72
C ILE G 76 19.28 -58.75 33.48
N ALA G 77 20.15 -59.64 32.99
CA ALA G 77 21.54 -59.26 32.78
C ALA G 77 21.65 -58.15 31.74
N GLU G 78 21.01 -58.34 30.58
CA GLU G 78 21.05 -57.29 29.57
C GLU G 78 20.45 -55.99 30.08
N LYS G 79 19.40 -56.07 30.90
CA LYS G 79 18.74 -54.84 31.35
C LYS G 79 19.56 -54.10 32.41
N PHE G 80 20.29 -54.82 33.25
CA PHE G 80 20.99 -54.20 34.38
C PHE G 80 22.48 -54.02 34.14
N ILE G 81 23.19 -55.09 33.82
CA ILE G 81 24.65 -55.11 33.87
C ILE G 81 25.20 -54.73 32.51
N LYS G 82 26.07 -53.72 32.51
CA LYS G 82 26.93 -53.48 31.35
C LYS G 82 28.36 -53.75 31.79
N ASN G 83 29.29 -53.83 30.83
CA ASN G 83 30.71 -53.88 31.13
C ASN G 83 31.31 -52.52 30.88
N GLU G 84 32.31 -52.16 31.69
CA GLU G 84 32.95 -50.86 31.57
C GLU G 84 34.24 -50.88 32.36
N LYS G 85 35.30 -50.36 31.73
CA LYS G 85 36.56 -50.15 32.42
C LYS G 85 37.09 -51.49 32.91
N GLY G 86 36.58 -51.94 34.05
CA GLY G 86 36.95 -53.23 34.58
C GLY G 86 35.73 -54.08 34.83
N GLY G 87 35.55 -55.12 34.02
CA GLY G 87 34.51 -56.09 34.24
C GLY G 87 33.13 -55.47 34.23
N PRO G 88 32.12 -56.32 34.42
CA PRO G 88 30.73 -55.83 34.41
C PRO G 88 30.48 -54.85 35.53
N LYS G 89 29.54 -53.95 35.30
CA LYS G 89 29.10 -53.02 36.33
C LYS G 89 27.63 -52.70 36.11
N ILE G 90 27.09 -51.88 36.99
CA ILE G 90 25.67 -51.58 37.01
C ILE G 90 25.45 -50.17 36.49
N ASP G 91 24.44 -50.00 35.65
CA ASP G 91 24.06 -48.65 35.26
C ASP G 91 23.72 -47.84 36.49
N LEU G 92 24.31 -46.66 36.58
CA LEU G 92 24.07 -45.82 37.74
C LEU G 92 22.58 -45.61 37.99
N PRO G 93 21.77 -45.21 36.99
CA PRO G 93 20.32 -45.11 37.23
C PRO G 93 19.68 -46.43 37.62
N MET G 94 20.20 -47.56 37.16
CA MET G 94 19.56 -48.84 37.38
C MET G 94 19.93 -49.46 38.72
N PHE G 95 20.84 -48.83 39.46
CA PHE G 95 21.38 -49.42 40.68
C PHE G 95 20.29 -49.61 41.73
N SER G 96 19.38 -48.66 41.88
CA SER G 96 18.38 -48.75 42.93
C SER G 96 17.48 -49.96 42.71
N GLU G 97 16.90 -50.07 41.51
CA GLU G 97 16.06 -51.22 41.21
C GLU G 97 16.89 -52.49 41.24
N TRP G 98 18.19 -52.39 40.99
CA TRP G 98 19.03 -53.57 41.15
C TRP G 98 19.05 -54.05 42.59
N GLN G 99 19.19 -53.13 43.56
CA GLN G 99 19.12 -53.57 44.95
C GLN G 99 17.73 -54.10 45.27
N THR G 100 16.70 -53.44 44.76
CA THR G 100 15.35 -53.97 44.96
C THR G 100 15.27 -55.42 44.51
N LEU G 101 15.90 -55.73 43.38
CA LEU G 101 15.94 -57.09 42.89
C LEU G 101 16.76 -58.00 43.81
N MET G 102 17.97 -57.56 44.16
CA MET G 102 18.86 -58.37 45.00
C MET G 102 18.22 -58.69 46.33
N SER G 103 17.37 -57.81 46.84
CA SER G 103 16.57 -58.10 48.02
C SER G 103 15.77 -59.38 47.85
N ARG G 104 15.61 -59.87 46.63
CA ARG G 104 14.78 -61.03 46.35
C ARG G 104 15.52 -62.14 45.65
N VAL G 105 16.65 -61.87 45.01
CA VAL G 105 17.33 -62.88 44.21
C VAL G 105 18.83 -62.87 44.51
N SER G 106 19.50 -63.94 44.09
CA SER G 106 20.95 -64.01 44.14
C SER G 106 21.57 -63.46 42.86
N CYS G 107 22.77 -62.91 43.00
CA CYS G 107 23.47 -62.30 41.89
C CYS G 107 24.31 -63.28 41.09
N LEU G 108 24.65 -64.43 41.67
CA LEU G 108 25.49 -65.39 40.95
C LEU G 108 24.91 -65.79 39.61
N PRO G 109 23.64 -66.18 39.52
CA PRO G 109 23.11 -66.63 38.23
C PRO G 109 23.14 -65.53 37.20
N ILE G 110 22.71 -64.33 37.60
CA ILE G 110 22.66 -63.22 36.66
C ILE G 110 24.06 -62.87 36.20
N ILE G 111 25.03 -62.89 37.12
CA ILE G 111 26.40 -62.56 36.78
C ILE G 111 26.96 -63.56 35.78
N ALA G 112 26.76 -64.85 36.05
CA ALA G 112 27.22 -65.87 35.11
C ALA G 112 26.57 -65.66 33.76
N CYS G 113 25.27 -65.35 33.75
CA CYS G 113 24.57 -65.15 32.49
C CYS G 113 25.15 -63.98 31.71
N HIS G 114 25.49 -62.89 32.41
CA HIS G 114 26.08 -61.75 31.71
C HIS G 114 27.42 -62.12 31.12
N GLN G 115 28.26 -62.82 31.88
CA GLN G 115 29.52 -63.26 31.28
C GLN G 115 29.28 -64.12 30.05
N VAL G 116 28.35 -65.06 30.13
CA VAL G 116 28.15 -65.99 29.03
C VAL G 116 27.67 -65.27 27.79
N PHE G 117 26.63 -64.45 27.92
CA PHE G 117 25.97 -63.88 26.75
C PHE G 117 26.50 -62.51 26.36
N ASN G 118 27.39 -61.94 27.16
CA ASN G 118 27.96 -60.63 26.89
C ASN G 118 29.30 -60.50 27.61
N PRO G 119 30.25 -61.38 27.34
CA PRO G 119 31.57 -61.26 27.96
C PRO G 119 32.31 -60.04 27.44
N GLY G 120 33.22 -59.53 28.27
CA GLY G 120 34.01 -58.38 27.91
C GLY G 120 35.22 -58.76 27.08
N PRO G 121 36.16 -57.85 26.93
CA PRO G 121 37.39 -58.18 26.19
C PRO G 121 38.05 -59.40 26.80
N ALA G 122 38.53 -60.28 25.93
CA ALA G 122 39.18 -61.51 26.39
C ALA G 122 40.63 -61.23 26.73
N SER G 123 40.85 -60.20 27.56
CA SER G 123 42.16 -59.88 28.09
C SER G 123 42.16 -59.69 29.59
N GLN G 124 41.01 -59.38 30.19
CA GLN G 124 40.86 -59.31 31.63
C GLN G 124 40.27 -60.64 32.08
N GLU G 125 41.13 -61.51 32.61
CA GLU G 125 40.67 -62.80 33.10
C GLU G 125 39.76 -62.54 34.30
N TYR G 126 38.46 -62.69 34.10
CA TYR G 126 37.50 -62.29 35.11
C TYR G 126 37.34 -63.36 36.18
N SER G 127 37.76 -63.04 37.39
CA SER G 127 37.41 -63.80 38.57
C SER G 127 36.10 -63.21 39.11
N PHE G 128 35.11 -64.08 39.28
CA PHE G 128 33.84 -63.64 39.85
C PHE G 128 34.08 -62.78 41.07
N ARG G 129 33.20 -61.78 41.27
CA ARG G 129 33.27 -61.01 42.49
C ARG G 129 31.92 -60.39 42.80
N TRP G 130 31.46 -60.60 44.01
CA TRP G 130 30.18 -60.09 44.48
C TRP G 130 30.38 -59.00 45.52
N PRO G 131 29.44 -58.07 45.64
CA PRO G 131 28.32 -57.88 44.70
C PRO G 131 28.77 -57.11 43.47
N LEU G 132 27.86 -56.86 42.55
CA LEU G 132 28.15 -55.98 41.43
C LEU G 132 27.99 -54.52 41.86
N TYR G 133 28.59 -53.62 41.09
CA TYR G 133 28.52 -52.20 41.36
C TYR G 133 28.37 -51.38 40.10
N PRO G 134 27.94 -50.13 40.21
CA PRO G 134 28.11 -49.17 39.13
C PRO G 134 29.49 -48.56 39.20
N TYR G 135 29.75 -47.60 38.30
CA TYR G 135 31.04 -46.91 38.26
C TYR G 135 30.83 -45.41 38.29
N HIS G 136 31.64 -44.73 39.10
CA HIS G 136 31.72 -43.28 39.05
C HIS G 136 33.13 -42.85 39.44
N PRO G 137 33.82 -42.11 38.57
CA PRO G 137 35.23 -41.79 38.87
C PRO G 137 35.40 -41.03 40.18
N THR G 138 34.47 -40.13 40.50
CA THR G 138 34.63 -39.33 41.71
C THR G 138 34.65 -40.21 42.94
N VAL G 139 33.64 -41.06 43.08
CA VAL G 139 33.55 -41.92 44.26
C VAL G 139 34.71 -42.91 44.25
N GLU G 140 35.08 -43.40 43.07
CA GLU G 140 36.17 -44.36 42.99
C GLU G 140 37.46 -43.74 43.51
N ASP G 141 37.78 -42.53 43.05
CA ASP G 141 39.00 -41.87 43.51
C ASP G 141 38.91 -41.55 45.00
N TYR G 142 37.72 -41.15 45.47
CA TYR G 142 37.54 -40.92 46.88
C TYR G 142 37.90 -42.16 47.69
N ILE G 143 37.37 -43.30 47.29
CA ILE G 143 37.66 -44.55 48.01
C ILE G 143 39.14 -44.86 47.94
N THR G 144 39.75 -44.69 46.76
CA THR G 144 41.17 -45.00 46.63
C THR G 144 42.01 -44.15 47.58
N ARG G 145 41.71 -42.85 47.65
CA ARG G 145 42.49 -41.96 48.50
C ARG G 145 42.24 -42.23 49.98
N GLU G 146 40.99 -42.45 50.36
CA GLU G 146 40.61 -42.53 51.77
C GLU G 146 40.15 -43.90 52.22
N CYS G 147 39.75 -44.77 51.30
CA CYS G 147 39.25 -46.10 51.68
C CYS G 147 37.95 -45.97 52.46
N LEU G 148 37.30 -47.10 52.71
CA LEU G 148 36.04 -47.13 53.43
C LEU G 148 36.27 -47.61 54.85
N HIS G 149 35.24 -47.46 55.69
CA HIS G 149 35.34 -47.74 57.12
C HIS G 149 34.04 -48.37 57.60
N GLU G 150 34.10 -49.64 57.95
CA GLU G 150 32.94 -50.38 58.42
C GLU G 150 32.85 -50.29 59.93
N THR G 151 31.70 -49.85 60.43
CA THR G 151 31.46 -49.69 61.86
C THR G 151 30.33 -50.57 62.37
N HIS G 152 29.63 -51.29 61.51
CA HIS G 152 28.37 -51.93 61.90
C HIS G 152 28.15 -53.13 60.98
N GLN G 153 28.55 -54.31 61.44
CA GLN G 153 28.46 -55.55 60.63
C GLN G 153 28.02 -56.68 61.56
N HIS G 154 26.71 -56.86 61.69
CA HIS G 154 26.19 -57.80 62.68
C HIS G 154 24.95 -58.58 62.23
N LEU G 155 24.66 -58.66 60.92
CA LEU G 155 23.38 -59.21 60.51
C LEU G 155 23.39 -60.74 60.48
N ASN G 156 24.19 -61.32 59.61
CA ASN G 156 24.33 -62.78 59.50
C ASN G 156 25.75 -63.06 59.93
N GLY G 157 25.97 -63.16 61.24
CA GLY G 157 27.32 -63.16 61.75
C GLY G 157 28.00 -61.93 61.22
N SER G 158 28.90 -62.13 60.27
CA SER G 158 29.42 -61.02 59.47
C SER G 158 29.52 -61.38 58.00
N THR G 159 28.78 -62.39 57.53
CA THR G 159 28.80 -62.82 56.14
C THR G 159 27.55 -62.37 55.40
N SER G 160 27.65 -62.43 54.07
CA SER G 160 26.49 -62.35 53.19
C SER G 160 25.72 -63.68 53.24
N ALA G 161 24.41 -63.59 53.01
CA ALA G 161 23.58 -64.79 53.07
C ALA G 161 23.80 -65.72 51.89
N GLU G 162 24.38 -65.23 50.79
CA GLU G 162 24.69 -66.14 49.68
C GLU G 162 25.60 -67.28 50.13
N GLU G 163 26.70 -66.97 50.80
CA GLU G 163 27.59 -68.00 51.31
C GLU G 163 26.89 -68.89 52.32
N CYS G 164 25.88 -68.37 53.02
CA CYS G 164 25.16 -69.16 54.00
C CYS G 164 24.40 -70.30 53.36
N TRP G 165 23.82 -70.08 52.18
CA TRP G 165 23.14 -71.15 51.46
C TRP G 165 24.11 -72.28 51.14
N LEU G 166 25.29 -71.93 50.61
CA LEU G 166 26.28 -72.96 50.30
C LEU G 166 26.79 -73.64 51.55
N ASP G 167 26.92 -72.90 52.66
CA ASP G 167 27.33 -73.53 53.92
C ASP G 167 26.27 -74.52 54.38
N ALA G 168 25.00 -74.15 54.24
CA ALA G 168 23.93 -75.09 54.56
C ALA G 168 24.05 -76.34 53.70
N LEU G 169 24.29 -76.17 52.41
CA LEU G 169 24.44 -77.33 51.53
C LEU G 169 25.67 -78.16 51.91
N LYS G 170 26.73 -77.50 52.38
CA LYS G 170 27.92 -78.22 52.81
C LYS G 170 27.67 -79.01 54.08
N HIS G 171 26.83 -78.48 54.96
CA HIS G 171 26.44 -79.15 56.20
C HIS G 171 24.93 -79.12 56.34
N PRO G 172 24.22 -79.75 55.41
CA PRO G 172 22.74 -79.69 55.46
C PRO G 172 22.17 -80.28 56.72
N GLU G 173 22.72 -81.40 57.19
CA GLU G 173 22.31 -81.96 58.46
C GLU G 173 22.48 -80.93 59.58
N ALA G 174 23.56 -80.15 59.56
CA ALA G 174 23.72 -79.10 60.56
C ALA G 174 22.68 -78.02 60.36
N CYS G 175 22.44 -77.64 59.09
CA CYS G 175 21.39 -76.68 58.81
C CYS G 175 20.03 -77.20 59.26
N LEU G 176 19.78 -78.49 59.05
CA LEU G 176 18.53 -79.08 59.50
C LEU G 176 18.43 -79.04 61.02
N ARG G 177 19.53 -79.36 61.72
CA ARG G 177 19.51 -79.28 63.17
C ARG G 177 19.16 -77.88 63.64
N ASP G 178 19.80 -76.88 63.02
CA ASP G 178 19.55 -75.50 63.40
C ASP G 178 18.10 -75.12 63.15
N PHE G 179 17.55 -75.51 62.00
CA PHE G 179 16.15 -75.24 61.73
C PHE G 179 15.26 -75.88 62.78
N GLU G 180 15.45 -77.18 63.02
CA GLU G 180 14.69 -77.88 64.04
C GLU G 180 14.70 -77.11 65.34
N LYS G 181 15.90 -76.92 65.91
CA LYS G 181 16.00 -76.18 67.17
C LYS G 181 15.69 -74.73 66.85
N GLY G 182 14.43 -74.37 67.07
CA GLY G 182 13.88 -73.12 66.62
C GLY G 182 12.53 -73.36 65.98
N TRP G 183 12.39 -74.51 65.32
CA TRP G 183 11.08 -74.90 64.83
C TRP G 183 10.08 -75.06 65.96
N ALA G 184 10.53 -75.52 67.12
CA ALA G 184 9.66 -75.53 68.29
C ALA G 184 9.27 -74.13 68.72
N SER G 185 10.17 -73.16 68.57
CA SER G 185 9.86 -71.79 68.96
C SER G 185 8.70 -71.26 68.15
N GLN G 186 7.75 -70.63 68.85
CA GLN G 186 6.56 -70.12 68.17
C GLN G 186 6.93 -69.06 67.13
N GLU G 187 8.00 -68.31 67.37
CA GLU G 187 8.33 -67.22 66.47
C GLU G 187 8.60 -67.72 65.06
N MET G 188 9.60 -68.57 64.89
CA MET G 188 10.00 -68.98 63.55
C MET G 188 8.92 -69.84 62.92
N LYS G 189 8.07 -70.45 63.76
CA LYS G 189 6.85 -71.06 63.25
C LYS G 189 6.04 -70.04 62.46
N GLN G 190 5.75 -68.88 63.05
CA GLN G 190 4.92 -67.90 62.37
C GLN G 190 5.67 -67.27 61.20
N LEU G 191 6.98 -67.04 61.34
CA LEU G 191 7.74 -66.58 60.19
C LEU G 191 7.58 -67.53 59.00
N CYS G 192 7.72 -68.83 59.24
CA CYS G 192 7.48 -69.78 58.16
C CYS G 192 6.05 -69.70 57.67
N ALA G 193 5.09 -69.62 58.59
CA ALA G 193 3.70 -69.53 58.18
C ALA G 193 3.49 -68.38 57.21
N GLN G 194 4.18 -67.27 57.45
CA GLN G 194 3.99 -66.09 56.61
C GLN G 194 4.80 -66.19 55.33
N ILE G 195 5.93 -66.90 55.34
CA ILE G 195 6.78 -66.97 54.16
C ILE G 195 6.30 -68.08 53.23
N ASP G 196 6.35 -69.32 53.70
CA ASP G 196 5.87 -70.48 52.95
C ASP G 196 4.87 -71.20 53.83
N PRO G 197 3.58 -71.24 53.47
CA PRO G 197 2.59 -71.85 54.39
C PRO G 197 2.95 -73.25 54.84
N SER G 198 3.10 -74.19 53.91
CA SER G 198 3.34 -75.59 54.26
C SER G 198 4.81 -75.95 54.06
N LEU G 199 5.70 -75.29 54.82
CA LEU G 199 7.12 -75.61 54.72
C LEU G 199 7.48 -76.81 55.60
N THR G 200 7.41 -76.63 56.91
CA THR G 200 7.76 -77.69 57.85
C THR G 200 9.21 -78.16 57.65
N PRO G 201 9.84 -78.66 58.71
CA PRO G 201 11.24 -79.12 58.57
C PRO G 201 11.41 -80.25 57.58
N ARG G 202 10.40 -81.08 57.39
CA ARG G 202 10.55 -82.21 56.48
C ARG G 202 10.75 -81.73 55.05
N ILE G 203 9.85 -80.86 54.58
CA ILE G 203 10.05 -80.30 53.25
C ILE G 203 11.28 -79.40 53.23
N PHE G 204 11.63 -78.81 54.37
CA PHE G 204 12.89 -78.08 54.45
C PHE G 204 14.06 -78.97 54.04
N LYS G 205 14.19 -80.13 54.69
CA LYS G 205 15.29 -81.03 54.37
C LYS G 205 15.17 -81.56 52.95
N ASP G 206 13.94 -81.84 52.50
CA ASP G 206 13.77 -82.33 51.14
C ASP G 206 14.23 -81.30 50.13
N ARG G 207 13.92 -80.03 50.36
CA ARG G 207 14.38 -78.99 49.47
C ARG G 207 15.90 -78.91 49.50
N LEU G 208 16.51 -79.03 50.68
CA LEU G 208 17.96 -79.05 50.74
C LEU G 208 18.53 -80.17 49.88
N GLN G 209 17.99 -81.39 50.05
CA GLN G 209 18.50 -82.54 49.32
C GLN G 209 18.32 -82.35 47.82
N ILE G 210 17.15 -81.87 47.40
CA ILE G 210 16.89 -81.68 45.98
C ILE G 210 17.80 -80.61 45.42
N ALA G 211 18.06 -79.56 46.19
CA ALA G 211 19.01 -78.55 45.73
C ALA G 211 20.35 -79.19 45.46
N CYS G 212 20.83 -80.01 46.40
CA CYS G 212 22.13 -80.64 46.22
C CYS G 212 22.14 -81.51 44.96
N ASN G 213 21.06 -82.28 44.75
CA ASN G 213 21.04 -83.21 43.64
C ASN G 213 20.90 -82.49 42.30
N ILE G 214 20.06 -81.45 42.24
CA ILE G 214 19.96 -80.65 41.03
C ILE G 214 21.32 -80.05 40.71
N ARG G 215 22.00 -79.54 41.74
CA ARG G 215 23.35 -79.03 41.57
C ARG G 215 24.27 -80.08 40.95
N GLU G 216 24.25 -81.30 41.50
CA GLU G 216 25.16 -82.33 41.00
C GLU G 216 24.82 -82.72 39.56
N ILE G 217 23.54 -82.94 39.26
CA ILE G 217 23.16 -83.34 37.90
C ILE G 217 23.52 -82.24 36.92
N LEU G 218 23.24 -80.99 37.29
CA LEU G 218 23.55 -79.89 36.39
C LEU G 218 25.05 -79.74 36.21
N CYS G 219 25.84 -80.04 37.23
CA CYS G 219 27.30 -80.03 37.05
C CYS G 219 27.74 -81.13 36.11
N ARG G 220 27.17 -82.34 36.26
CA ARG G 220 27.51 -83.42 35.34
C ARG G 220 27.25 -82.98 33.91
N VAL G 221 26.04 -82.48 33.63
CA VAL G 221 25.72 -82.10 32.27
C VAL G 221 26.58 -80.92 31.81
N ALA G 222 26.90 -79.99 32.70
CA ALA G 222 27.77 -78.88 32.32
C ALA G 222 29.14 -79.38 31.87
N GLN G 223 29.71 -80.31 32.63
CA GLN G 223 30.91 -80.99 32.17
C GLN G 223 30.65 -81.80 30.92
N GLY G 224 29.39 -82.09 30.62
CA GLY G 224 29.04 -82.81 29.41
C GLY G 224 29.56 -84.23 29.45
N VAL G 225 29.22 -84.96 30.51
CA VAL G 225 29.74 -86.31 30.70
C VAL G 225 28.56 -87.27 30.63
N GLU G 226 28.25 -87.69 29.41
CA GLU G 226 27.54 -88.94 29.15
C GLU G 226 26.14 -89.01 29.74
N LEU G 227 25.66 -87.95 30.42
CA LEU G 227 24.29 -87.93 30.90
C LEU G 227 23.91 -89.28 31.51
N PRO G 228 24.39 -89.59 32.70
CA PRO G 228 24.25 -90.95 33.24
C PRO G 228 22.87 -91.57 33.08
N GLU G 229 22.83 -92.90 33.07
CA GLU G 229 21.63 -93.62 32.63
C GLU G 229 20.43 -93.33 33.52
N TRP G 230 20.62 -93.32 34.84
CA TRP G 230 19.49 -93.16 35.74
C TRP G 230 18.73 -91.86 35.54
N ILE G 231 19.23 -90.96 34.70
CA ILE G 231 18.42 -89.79 34.35
C ILE G 231 17.12 -90.25 33.70
N ALA G 232 17.14 -91.38 33.00
CA ALA G 232 15.92 -91.90 32.41
C ALA G 232 14.88 -92.20 33.47
N SER G 233 15.28 -92.86 34.56
CA SER G 233 14.36 -93.08 35.66
C SER G 233 14.02 -91.79 36.38
N MET G 234 14.90 -90.80 36.31
CA MET G 234 14.65 -89.51 36.94
C MET G 234 13.48 -88.85 36.21
N GLN G 235 12.30 -88.90 36.84
CA GLN G 235 11.07 -88.46 36.21
C GLN G 235 10.34 -87.35 36.94
N ASN G 236 10.26 -87.40 38.26
CA ASN G 236 9.64 -86.31 39.01
C ASN G 236 10.60 -85.85 40.10
N PRO G 237 10.62 -84.55 40.40
CA PRO G 237 11.68 -84.01 41.26
C PRO G 237 11.77 -84.68 42.61
N GLN G 238 10.63 -85.08 43.18
CA GLN G 238 10.65 -85.62 44.54
C GLN G 238 11.55 -86.84 44.65
N GLN G 239 11.82 -87.52 43.54
CA GLN G 239 12.86 -88.55 43.56
C GLN G 239 14.20 -87.96 43.99
N LEU G 240 14.41 -86.67 43.76
CA LEU G 240 15.64 -86.02 44.15
C LEU G 240 15.66 -85.62 45.62
N ALA G 241 14.55 -85.82 46.34
CA ALA G 241 14.53 -85.56 47.77
C ALA G 241 15.38 -86.56 48.56
N ASN G 242 15.83 -87.64 47.92
CA ASN G 242 16.60 -88.67 48.58
C ASN G 242 18.06 -88.59 48.16
N SER G 243 18.91 -89.28 48.91
CA SER G 243 20.33 -89.28 48.62
C SER G 243 20.69 -90.18 47.45
N THR G 244 19.77 -91.04 47.01
CA THR G 244 20.03 -91.97 45.92
C THR G 244 18.75 -92.17 45.11
N ILE G 245 18.91 -92.69 43.90
CA ILE G 245 17.80 -92.92 42.98
C ILE G 245 17.76 -94.40 42.62
N LEU G 246 16.55 -94.94 42.60
CA LEU G 246 16.31 -96.35 42.27
C LEU G 246 15.92 -96.44 40.80
N HIS G 247 16.82 -97.01 39.98
CA HIS G 247 16.56 -97.13 38.55
C HIS G 247 15.96 -98.50 38.24
N ASN G 248 16.72 -99.57 38.48
CA ASN G 248 16.21 -100.94 38.36
C ASN G 248 16.86 -101.75 39.48
N GLY G 249 16.23 -101.74 40.65
CA GLY G 249 16.73 -102.51 41.77
C GLY G 249 17.92 -101.90 42.45
N ARG G 250 18.75 -101.19 41.69
CA ARG G 250 19.94 -100.52 42.17
C ARG G 250 19.60 -99.10 42.61
N GLU G 251 20.38 -98.59 43.57
CA GLU G 251 20.26 -97.22 44.03
C GLU G 251 21.54 -96.48 43.65
N TYR G 252 21.42 -95.49 42.78
CA TYR G 252 22.56 -94.76 42.24
C TYR G 252 22.73 -93.44 42.95
N GLY G 253 23.96 -93.18 43.40
CA GLY G 253 24.26 -91.91 44.01
C GLY G 253 24.32 -90.79 42.99
N PHE G 254 24.06 -89.58 43.46
CA PHE G 254 24.03 -88.40 42.59
C PHE G 254 25.33 -87.63 42.60
N ALA G 255 26.34 -88.07 43.34
CA ALA G 255 27.60 -87.36 43.39
C ALA G 255 28.48 -87.73 42.20
N THR G 256 29.45 -86.86 41.89
CA THR G 256 30.35 -87.06 40.77
C THR G 256 31.69 -86.40 41.09
N VAL G 257 32.49 -86.21 40.04
CA VAL G 257 33.81 -85.61 40.16
C VAL G 257 33.74 -84.15 39.75
N TRP G 258 34.50 -83.30 40.45
CA TRP G 258 34.54 -81.88 40.15
C TRP G 258 35.98 -81.42 39.95
N PRO G 259 36.19 -80.32 39.22
CA PRO G 259 37.57 -79.80 39.08
C PRO G 259 38.15 -79.26 40.37
N ILE G 260 37.38 -78.43 41.08
CA ILE G 260 37.92 -77.69 42.22
C ILE G 260 37.79 -78.53 43.49
N ASP G 261 38.74 -78.32 44.41
CA ASP G 261 38.77 -79.11 45.64
C ASP G 261 37.58 -78.79 46.53
N ASP G 262 37.31 -77.51 46.76
CA ASP G 262 36.16 -77.09 47.56
C ASP G 262 34.96 -77.05 46.62
N LYS G 263 34.16 -78.11 46.65
CA LYS G 263 33.00 -78.22 45.78
C LYS G 263 31.86 -77.30 46.20
N TYR G 264 31.99 -76.65 47.36
CA TYR G 264 30.98 -75.71 47.85
C TYR G 264 31.43 -74.27 47.74
N SER G 265 32.46 -74.00 46.93
CA SER G 265 33.01 -72.67 46.82
C SER G 265 32.30 -71.88 45.72
N GLN G 266 31.94 -70.65 46.07
CA GLN G 266 31.15 -69.83 45.16
C GLN G 266 31.80 -69.71 43.79
N GLU G 267 33.13 -69.69 43.73
CA GLU G 267 33.80 -69.67 42.43
C GLU G 267 33.50 -70.96 41.67
N SER G 268 33.46 -72.09 42.37
CA SER G 268 33.14 -73.35 41.71
C SER G 268 31.72 -73.32 41.17
N GLU G 269 30.76 -72.90 41.99
CA GLU G 269 29.39 -72.81 41.48
C GLU G 269 29.32 -71.84 40.30
N PHE G 270 30.10 -70.76 40.35
CA PHE G 270 30.11 -69.79 39.27
C PHE G 270 30.58 -70.42 37.97
N CYS G 271 31.74 -71.08 37.99
CA CYS G 271 32.25 -71.70 36.77
C CYS G 271 31.27 -72.75 36.27
N TRP G 272 30.64 -73.47 37.20
CA TRP G 272 29.63 -74.45 36.83
C TRP G 272 28.50 -73.81 36.05
N LEU G 273 27.91 -72.74 36.59
CA LEU G 273 26.81 -72.09 35.91
C LEU G 273 27.25 -71.51 34.57
N THR G 274 28.49 -71.00 34.51
CA THR G 274 29.01 -70.49 33.26
C THR G 274 28.99 -71.56 32.19
N GLY G 275 29.56 -72.73 32.51
CA GLY G 275 29.57 -73.82 31.54
C GLY G 275 28.17 -74.26 31.17
N LEU G 276 27.26 -74.31 32.15
CA LEU G 276 25.91 -74.78 31.88
C LEU G 276 25.21 -73.86 30.89
N LEU G 277 25.26 -72.55 31.13
CA LEU G 277 24.63 -71.63 30.20
C LEU G 277 25.33 -71.64 28.85
N GLU G 278 26.66 -71.75 28.84
CA GLU G 278 27.37 -71.79 27.57
C GLU G 278 26.93 -72.96 26.72
N LYS G 279 26.80 -74.14 27.32
CA LYS G 279 26.32 -75.29 26.55
C LYS G 279 24.87 -75.11 26.14
N TRP G 280 24.06 -74.46 26.98
CA TRP G 280 22.69 -74.13 26.61
C TRP G 280 22.59 -72.83 25.81
N ARG G 281 23.70 -72.41 25.19
CA ARG G 281 23.69 -71.17 24.42
C ARG G 281 22.52 -71.12 23.44
N PHE G 282 22.16 -72.26 22.86
CA PHE G 282 21.19 -72.24 21.76
C PHE G 282 19.85 -72.85 22.16
N ASN G 283 19.83 -73.72 23.18
CA ASN G 283 18.57 -74.22 23.71
C ASN G 283 18.87 -75.01 24.98
N ALA G 284 17.82 -75.63 25.52
CA ALA G 284 17.94 -76.42 26.73
C ALA G 284 16.84 -77.46 26.74
N PRO G 285 17.11 -78.67 27.23
CA PRO G 285 16.01 -79.61 27.46
C PRO G 285 15.02 -79.05 28.46
N GLU G 286 13.74 -79.31 28.21
CA GLU G 286 12.72 -78.77 29.10
C GLU G 286 12.92 -79.27 30.52
N GLY G 287 13.20 -80.57 30.69
CA GLY G 287 13.36 -81.12 32.02
C GLY G 287 14.55 -80.52 32.76
N LEU G 288 15.71 -80.47 32.12
CA LEU G 288 16.90 -79.95 32.78
C LEU G 288 16.74 -78.47 33.10
N GLU G 289 16.17 -77.71 32.16
CA GLU G 289 15.92 -76.30 32.41
C GLU G 289 14.96 -76.11 33.58
N ARG G 290 13.93 -76.94 33.65
CA ARG G 290 13.00 -76.87 34.78
C ARG G 290 13.71 -77.21 36.08
N LEU G 291 14.64 -78.16 36.04
CA LEU G 291 15.44 -78.46 37.22
C LEU G 291 16.21 -77.24 37.66
N LEU G 292 16.83 -76.54 36.72
CA LEU G 292 17.56 -75.32 37.06
C LEU G 292 16.61 -74.29 37.65
N TRP G 293 15.42 -74.16 37.08
CA TRP G 293 14.42 -73.24 37.59
C TRP G 293 14.09 -73.54 39.04
N ILE G 294 13.75 -74.79 39.34
CA ILE G 294 13.39 -75.17 40.71
C ILE G 294 14.57 -74.96 41.64
N TYR G 295 15.78 -75.27 41.17
CA TYR G 295 16.97 -75.11 42.00
C TYR G 295 17.17 -73.65 42.39
N LEU G 296 17.03 -72.74 41.42
CA LEU G 296 17.13 -71.32 41.73
C LEU G 296 16.03 -70.89 42.68
N LEU G 297 14.81 -71.39 42.47
CA LEU G 297 13.70 -71.03 43.35
C LEU G 297 13.99 -71.45 44.78
N ILE G 298 14.55 -72.65 44.95
CA ILE G 298 14.86 -73.14 46.28
C ILE G 298 15.97 -72.29 46.92
N GLN G 299 17.02 -72.00 46.15
CA GLN G 299 17.97 -70.98 46.59
C GLN G 299 17.22 -69.80 47.18
N ASN G 300 16.30 -69.25 46.40
CA ASN G 300 15.65 -68.00 46.77
C ASN G 300 14.88 -68.14 48.06
N GLN G 301 14.10 -69.21 48.20
CA GLN G 301 13.25 -69.35 49.38
C GLN G 301 14.08 -69.61 50.63
N TYR G 302 15.07 -70.51 50.53
CA TYR G 302 15.99 -70.69 51.65
C TYR G 302 16.59 -69.37 52.08
N LEU G 303 17.16 -68.63 51.13
CA LEU G 303 17.84 -67.40 51.47
C LEU G 303 16.88 -66.38 52.06
N THR G 304 15.66 -66.32 51.52
CA THR G 304 14.66 -65.38 52.02
C THR G 304 14.35 -65.66 53.48
N LEU G 305 14.13 -66.93 53.80
CA LEU G 305 13.95 -67.30 55.20
C LEU G 305 15.17 -66.92 56.02
N LEU G 306 16.35 -67.27 55.52
CA LEU G 306 17.59 -67.06 56.28
C LEU G 306 17.76 -65.59 56.64
N VAL G 307 17.28 -64.70 55.78
CA VAL G 307 17.40 -63.28 56.10
C VAL G 307 16.26 -62.86 57.03
N GLN G 308 15.03 -63.24 56.71
CA GLN G 308 13.90 -62.79 57.52
C GLN G 308 13.96 -63.30 58.95
N ARG G 309 14.78 -64.30 59.22
CA ARG G 309 14.96 -64.75 60.60
C ARG G 309 15.31 -63.57 61.50
N THR G 322 22.19 -71.44 65.80
CA THR G 322 23.38 -71.13 66.56
C THR G 322 24.55 -72.04 66.15
N MET G 323 24.24 -73.25 65.74
CA MET G 323 25.28 -74.21 65.34
C MET G 323 25.87 -73.82 63.99
N THR G 324 25.04 -73.25 63.11
CA THR G 324 25.55 -72.83 61.81
C THR G 324 26.47 -71.63 61.93
N GLU G 325 26.48 -70.99 63.10
CA GLU G 325 27.48 -69.95 63.36
C GLU G 325 28.62 -70.49 64.22
N LEU G 326 28.35 -71.52 65.04
CA LEU G 326 29.44 -72.22 65.71
C LEU G 326 30.41 -72.81 64.70
N ARG G 327 29.88 -73.41 63.63
CA ARG G 327 30.72 -73.92 62.57
C ARG G 327 31.55 -72.82 61.92
N GLU G 328 31.16 -71.56 62.09
CA GLU G 328 31.93 -70.42 61.61
C GLU G 328 33.05 -70.04 62.56
N GLU G 329 33.48 -70.97 63.40
CA GLU G 329 34.53 -70.72 64.40
C GLU G 329 35.89 -71.21 63.93
N THR G 330 36.16 -71.13 62.63
CA THR G 330 37.45 -71.49 62.07
C THR G 330 38.07 -70.27 61.40
N GLU G 331 39.39 -70.32 61.20
CA GLU G 331 40.09 -69.21 60.57
C GLU G 331 40.00 -69.30 59.05
N LYS G 332 38.78 -69.51 58.59
CA LYS G 332 38.43 -69.54 57.18
C LYS G 332 37.38 -68.50 56.85
N SER G 333 36.29 -68.49 57.62
CA SER G 333 35.27 -67.46 57.46
C SER G 333 35.84 -66.06 57.66
N TYR G 334 36.67 -65.88 58.69
CA TYR G 334 37.24 -64.57 58.97
C TYR G 334 38.28 -64.17 57.93
N LEU G 335 39.11 -65.12 57.49
CA LEU G 335 40.04 -64.82 56.40
C LEU G 335 39.26 -64.39 55.17
N SER G 336 38.10 -65.03 54.94
CA SER G 336 37.26 -64.65 53.80
C SER G 336 36.72 -63.23 53.94
N ARG G 337 36.09 -62.91 55.08
CA ARG G 337 35.70 -61.53 55.33
C ARG G 337 36.86 -60.57 55.17
N PHE G 338 38.06 -60.99 55.53
CA PHE G 338 39.18 -60.06 55.47
C PHE G 338 39.59 -59.80 54.03
N LYS G 339 39.75 -60.86 53.24
CA LYS G 339 40.03 -60.67 51.82
C LYS G 339 38.91 -59.91 51.12
N HIS G 340 37.67 -60.03 51.62
CA HIS G 340 36.57 -59.36 50.95
C HIS G 340 36.51 -57.89 51.33
N ALA G 341 36.73 -57.56 52.59
CA ALA G 341 36.92 -56.17 52.97
C ALA G 341 38.02 -55.55 52.13
N HIS G 342 39.12 -56.26 51.95
CA HIS G 342 40.11 -55.82 50.97
C HIS G 342 39.54 -56.00 49.56
N GLY G 343 39.84 -55.05 48.68
CA GLY G 343 39.38 -55.15 47.32
C GLY G 343 40.20 -56.14 46.52
N ALA G 344 39.96 -56.20 45.21
CA ALA G 344 40.80 -56.96 44.32
C ALA G 344 42.14 -56.29 44.07
N GLY G 345 42.28 -55.02 44.46
CA GLY G 345 43.52 -54.30 44.28
C GLY G 345 44.48 -54.50 45.44
N VAL G 346 45.71 -54.03 45.24
CA VAL G 346 46.75 -54.23 46.24
C VAL G 346 46.38 -53.56 47.54
N TYR G 347 45.76 -52.39 47.47
CA TYR G 347 45.45 -51.60 48.65
C TYR G 347 44.02 -51.87 49.10
N SER G 348 43.86 -52.12 50.39
CA SER G 348 42.56 -52.51 50.92
C SER G 348 41.55 -51.40 50.70
N GLN G 349 40.35 -51.78 50.25
CA GLN G 349 39.30 -50.80 50.01
C GLN G 349 38.79 -50.19 51.30
N VAL G 350 38.71 -50.98 52.38
CA VAL G 350 38.23 -50.52 53.67
C VAL G 350 39.44 -50.26 54.55
N ARG G 351 39.42 -49.13 55.26
CA ARG G 351 40.52 -48.79 56.15
C ARG G 351 40.37 -49.47 57.50
N TYR G 352 39.29 -49.17 58.21
CA TYR G 352 39.03 -49.67 59.55
C TYR G 352 37.78 -50.52 59.54
N LEU G 353 37.89 -51.72 60.10
CA LEU G 353 36.80 -52.67 60.23
C LEU G 353 36.58 -52.93 61.72
N GLU G 354 35.42 -52.52 62.23
CA GLU G 354 34.95 -53.00 63.52
C GLU G 354 34.14 -54.27 63.32
N GLY G 355 34.73 -55.40 63.69
CA GLY G 355 34.51 -56.83 63.73
C GLY G 355 33.66 -57.21 64.93
N ARG G 356 32.38 -57.49 64.69
CA ARG G 356 31.42 -57.72 65.74
C ARG G 356 31.12 -59.21 65.85
N PHE G 357 31.32 -59.77 67.03
CA PHE G 357 31.25 -61.20 67.25
C PHE G 357 30.47 -61.48 68.52
N ALA G 358 29.97 -62.70 68.65
CA ALA G 358 29.23 -63.08 69.85
C ALA G 358 30.19 -63.57 70.93
N PRO G 359 30.07 -63.09 72.17
CA PRO G 359 30.85 -63.70 73.25
C PRO G 359 30.18 -64.96 73.77
N LYS G 360 30.99 -65.97 74.06
CA LYS G 360 30.48 -67.26 74.48
C LYS G 360 30.60 -67.43 75.99
N SER G 361 29.56 -68.03 76.58
CA SER G 361 29.53 -68.29 78.01
C SER G 361 30.52 -69.37 78.42
N ASP G 362 31.13 -70.07 77.48
CA ASP G 362 32.20 -71.00 77.76
C ASP G 362 33.53 -70.29 77.55
N PRO G 363 34.43 -70.25 78.53
CA PRO G 363 35.75 -69.67 78.26
C PRO G 363 36.47 -70.39 77.12
N ASN G 364 36.31 -71.71 77.02
CA ASN G 364 36.99 -72.45 75.97
C ASN G 364 36.49 -72.04 74.60
N LYS G 365 35.18 -71.98 74.41
CA LYS G 365 34.63 -71.53 73.12
C LYS G 365 35.00 -70.08 72.86
N MET G 366 35.01 -69.26 73.90
CA MET G 366 35.38 -67.86 73.73
C MET G 366 36.80 -67.73 73.20
N GLN G 367 37.75 -68.39 73.85
CA GLN G 367 39.14 -68.31 73.40
C GLN G 367 39.32 -69.00 72.06
N LYS G 368 38.52 -70.04 71.78
CA LYS G 368 38.53 -70.63 70.45
C LYS G 368 38.19 -69.59 69.40
N LEU G 369 37.07 -68.90 69.59
CA LEU G 369 36.66 -67.84 68.68
C LEU G 369 37.77 -66.80 68.53
N LEU G 370 38.34 -66.38 69.67
CA LEU G 370 39.33 -65.31 69.63
C LEU G 370 40.57 -65.75 68.86
N PHE G 371 41.07 -66.96 69.13
CA PHE G 371 42.22 -67.44 68.39
C PHE G 371 41.90 -67.54 66.91
N SER G 372 40.71 -68.05 66.57
CA SER G 372 40.35 -68.17 65.16
C SER G 372 40.41 -66.81 64.47
N VAL G 373 39.73 -65.82 65.05
CA VAL G 373 39.66 -64.52 64.41
C VAL G 373 41.06 -63.91 64.31
N LEU G 374 41.81 -63.98 65.39
CA LEU G 374 43.13 -63.37 65.41
C LEU G 374 44.03 -64.02 64.37
N ARG G 375 44.04 -65.35 64.33
CA ARG G 375 44.88 -66.02 63.37
C ARG G 375 44.47 -65.65 61.96
N GLY G 376 43.18 -65.74 61.65
CA GLY G 376 42.73 -65.42 60.31
C GLY G 376 43.16 -64.03 59.88
N TYR G 377 43.07 -63.06 60.79
CA TYR G 377 43.65 -61.75 60.49
C TYR G 377 45.12 -61.87 60.17
N TRP G 378 45.84 -62.69 60.93
CA TRP G 378 47.27 -62.82 60.70
C TRP G 378 47.55 -63.36 59.31
N GLU G 379 46.84 -64.40 58.88
CA GLU G 379 47.05 -64.92 57.52
C GLU G 379 46.67 -63.88 56.48
N TYR G 380 45.57 -63.16 56.70
CA TYR G 380 45.19 -62.12 55.75
C TYR G 380 46.31 -61.12 55.59
N LEU G 381 46.93 -60.72 56.70
CA LEU G 381 48.09 -59.85 56.65
C LEU G 381 49.25 -60.50 55.89
N SER G 382 49.62 -61.71 56.29
CA SER G 382 50.75 -62.38 55.66
C SER G 382 50.57 -62.47 54.15
N ALA G 383 49.33 -62.65 53.70
CA ALA G 383 49.00 -62.70 52.29
C ALA G 383 49.10 -61.33 51.63
N HIS G 384 49.52 -60.31 52.35
CA HIS G 384 49.64 -58.97 51.80
C HIS G 384 50.93 -58.28 52.16
N MET G 385 51.70 -58.81 53.10
CA MET G 385 52.96 -58.22 53.52
C MET G 385 53.97 -59.33 53.80
N SER G 386 55.25 -58.99 53.64
CA SER G 386 56.35 -59.88 53.93
C SER G 386 57.13 -59.32 55.11
N MET G 387 57.33 -60.13 56.14
CA MET G 387 58.07 -59.71 57.31
C MET G 387 58.48 -60.93 58.12
N GLU G 388 59.44 -60.72 59.02
CA GLU G 388 59.84 -61.74 59.97
C GLU G 388 58.68 -62.04 60.90
N TRP G 389 58.14 -63.26 60.82
CA TRP G 389 56.92 -63.60 61.53
C TRP G 389 57.16 -64.41 62.81
N VAL G 390 58.42 -64.55 63.24
CA VAL G 390 58.71 -65.19 64.52
C VAL G 390 58.06 -66.57 64.56
N HIS G 391 56.81 -66.63 64.99
CA HIS G 391 56.02 -67.85 64.92
C HIS G 391 55.36 -67.89 63.54
N GLU G 392 56.06 -68.50 62.58
CA GLU G 392 55.52 -68.56 61.23
C GLU G 392 54.21 -69.34 61.18
N LYS G 393 54.00 -70.23 62.15
CA LYS G 393 52.77 -71.01 62.26
C LYS G 393 52.24 -70.82 63.67
N PRO G 394 51.66 -69.67 63.97
CA PRO G 394 51.16 -69.43 65.32
C PRO G 394 50.06 -70.42 65.67
N LEU G 395 50.03 -70.84 66.94
CA LEU G 395 49.05 -71.81 67.42
C LEU G 395 48.24 -71.32 68.61
N THR G 396 48.73 -70.34 69.36
CA THR G 396 48.02 -69.81 70.50
C THR G 396 47.72 -68.35 70.25
N ILE G 397 46.74 -67.81 71.00
CA ILE G 397 46.45 -66.39 70.91
C ILE G 397 47.71 -65.58 71.26
N SER G 398 48.49 -66.06 72.22
CA SER G 398 49.74 -65.39 72.56
C SER G 398 50.66 -65.31 71.36
N GLN G 399 50.87 -66.44 70.67
CA GLN G 399 51.72 -66.44 69.49
C GLN G 399 51.17 -65.52 68.41
N VAL G 400 49.85 -65.56 68.21
CA VAL G 400 49.24 -64.72 67.18
C VAL G 400 49.52 -63.26 67.48
N LEU G 401 49.37 -62.85 68.73
CA LEU G 401 49.76 -61.50 69.10
C LEU G 401 51.23 -61.26 68.81
N ASP G 402 52.09 -62.12 69.33
CA ASP G 402 53.52 -62.01 69.09
C ASP G 402 53.80 -61.67 67.64
N ASN G 403 53.04 -62.29 66.73
CA ASN G 403 53.18 -61.97 65.31
C ASN G 403 52.58 -60.60 65.00
N LEU G 404 51.39 -60.32 65.53
CA LEU G 404 50.61 -59.16 65.11
C LEU G 404 51.26 -57.85 65.52
N GLU G 405 51.91 -57.78 66.67
CA GLU G 405 52.46 -56.50 67.10
C GLU G 405 53.37 -55.90 66.04
N LEU G 406 54.01 -56.75 65.24
CA LEU G 406 54.92 -56.30 64.19
C LEU G 406 54.20 -55.54 63.07
N VAL G 407 52.87 -55.58 63.05
CA VAL G 407 52.10 -54.92 62.00
C VAL G 407 51.95 -53.44 62.35
N GLU G 408 52.20 -52.58 61.37
CA GLU G 408 52.05 -51.15 61.56
C GLU G 408 50.92 -50.61 60.70
N PRO G 409 50.27 -49.52 61.12
CA PRO G 409 49.14 -48.95 60.35
C PRO G 409 49.61 -48.10 59.19
N HIS G 410 50.36 -48.70 58.27
CA HIS G 410 50.89 -47.95 57.14
C HIS G 410 49.76 -47.43 56.25
N GLY G 411 48.72 -48.25 56.05
CA GLY G 411 47.64 -47.92 55.15
C GLY G 411 47.48 -48.87 53.99
N LYS G 412 47.77 -50.16 54.17
CA LYS G 412 47.69 -51.11 53.06
C LYS G 412 46.55 -52.10 53.26
N CYS G 413 46.52 -52.78 54.39
CA CYS G 413 45.51 -53.74 54.78
C CYS G 413 44.40 -53.05 55.56
N VAL G 414 43.56 -53.86 56.22
CA VAL G 414 42.51 -53.29 57.07
C VAL G 414 42.92 -53.37 58.54
N GLU G 415 42.30 -52.53 59.36
CA GLU G 415 42.55 -52.49 60.79
C GLU G 415 41.34 -53.02 61.54
N LEU G 416 41.53 -54.09 62.30
CA LEU G 416 40.43 -54.73 63.02
C LEU G 416 40.27 -54.19 64.43
N ALA G 417 39.01 -53.95 64.79
CA ALA G 417 38.63 -53.66 66.17
C ALA G 417 37.50 -54.60 66.54
N LEU G 418 37.69 -55.37 67.60
CA LEU G 418 36.77 -56.44 67.95
C LEU G 418 35.75 -55.97 68.98
N VAL G 419 34.51 -56.40 68.79
CA VAL G 419 33.40 -55.93 69.61
C VAL G 419 32.47 -57.11 69.90
N PRO G 420 32.34 -57.53 71.15
CA PRO G 420 31.34 -58.55 71.47
C PRO G 420 29.94 -57.97 71.57
N HIS G 421 28.96 -58.75 71.11
CA HIS G 421 27.55 -58.41 71.25
C HIS G 421 27.03 -58.78 72.63
N PHE G 422 25.93 -58.14 73.01
CA PHE G 422 25.16 -58.55 74.18
C PHE G 422 23.72 -58.71 73.73
N ILE G 423 23.27 -59.95 73.64
CA ILE G 423 21.94 -60.24 73.13
C ILE G 423 20.97 -60.28 74.30
N LYS G 424 19.95 -59.41 74.24
CA LYS G 424 19.01 -59.27 75.33
C LYS G 424 17.77 -60.13 75.07
N ARG G 425 17.41 -60.94 76.05
CA ARG G 425 16.25 -61.83 75.98
C ARG G 425 15.11 -61.28 76.84
N LYS G 426 13.90 -61.71 76.51
CA LYS G 426 12.74 -61.29 77.26
C LYS G 426 12.86 -61.78 78.71
N PRO G 427 12.45 -60.97 79.68
CA PRO G 427 12.44 -61.47 81.07
C PRO G 427 11.49 -62.64 81.20
N LYS G 428 11.87 -63.60 82.03
CA LYS G 428 11.15 -64.85 82.16
C LYS G 428 10.09 -64.73 83.26
N ASN G 429 9.32 -65.80 83.43
CA ASN G 429 8.14 -65.75 84.29
C ASN G 429 8.51 -65.45 85.74
N GLY G 430 9.55 -66.12 86.25
CA GLY G 430 9.88 -66.01 87.66
C GLY G 430 11.32 -65.66 87.94
N GLU G 431 11.54 -64.52 88.58
CA GLU G 431 12.88 -64.09 88.97
C GLU G 431 12.76 -63.01 90.04
N ALA G 432 13.86 -62.78 90.74
CA ALA G 432 13.86 -61.81 91.83
C ALA G 432 13.46 -60.43 91.33
N TYR G 433 14.08 -60.00 90.23
CA TYR G 433 13.76 -58.73 89.59
C TYR G 433 13.78 -58.96 88.09
N PRO G 434 13.17 -58.08 87.32
CA PRO G 434 13.15 -58.27 85.87
C PRO G 434 14.55 -58.45 85.32
N HIS G 435 14.69 -59.42 84.42
CA HIS G 435 15.92 -59.63 83.67
C HIS G 435 17.09 -60.04 84.57
N ALA G 436 16.81 -60.60 85.73
CA ALA G 436 17.88 -61.02 86.62
C ALA G 436 18.73 -62.11 85.98
N LEU G 437 18.09 -63.13 85.41
CA LEU G 437 18.85 -64.20 84.76
C LEU G 437 19.60 -63.69 83.54
N LEU G 438 18.98 -62.80 82.77
CA LEU G 438 19.66 -62.21 81.64
C LEU G 438 20.92 -61.50 82.09
N PHE G 439 20.80 -60.71 83.16
CA PHE G 439 21.98 -60.08 83.74
C PHE G 439 23.00 -61.13 84.17
N LYS G 440 22.53 -62.24 84.73
CA LYS G 440 23.46 -63.26 85.20
C LYS G 440 24.29 -63.79 84.06
N ASP G 441 23.64 -64.14 82.95
CA ASP G 441 24.38 -64.64 81.78
C ASP G 441 25.31 -63.58 81.24
N LEU G 442 24.85 -62.33 81.18
CA LEU G 442 25.70 -61.24 80.73
C LEU G 442 26.92 -61.13 81.62
N LYS G 443 26.74 -61.23 82.94
CA LYS G 443 27.85 -61.13 83.87
C LYS G 443 28.81 -62.28 83.70
N ASN G 444 28.31 -63.49 83.45
CA ASN G 444 29.20 -64.61 83.21
C ASN G 444 30.06 -64.37 81.98
N GLN G 445 29.42 -63.99 80.88
CA GLN G 445 30.18 -63.72 79.66
C GLN G 445 31.20 -62.62 79.90
N ALA G 446 30.80 -61.56 80.61
CA ALA G 446 31.72 -60.47 80.88
C ALA G 446 32.89 -60.95 81.73
N ALA G 447 32.62 -61.75 82.76
CA ALA G 447 33.69 -62.28 83.58
C ALA G 447 34.68 -63.05 82.72
N ILE G 448 34.16 -63.87 81.81
CA ILE G 448 35.03 -64.56 80.87
C ILE G 448 35.88 -63.56 80.11
N LEU G 449 35.26 -62.49 79.62
CA LEU G 449 36.00 -61.50 78.84
C LEU G 449 37.13 -60.90 79.65
N MET G 450 36.82 -60.44 80.86
CA MET G 450 37.86 -59.80 81.67
C MET G 450 38.96 -60.79 82.05
N ASP G 451 38.59 -62.04 82.30
CA ASP G 451 39.62 -63.02 82.66
C ASP G 451 40.55 -63.27 81.48
N MET G 452 39.99 -63.40 80.28
CA MET G 452 40.84 -63.49 79.10
C MET G 452 41.76 -62.28 79.01
N LEU G 453 41.20 -61.09 79.27
CA LEU G 453 42.02 -59.88 79.20
C LEU G 453 43.16 -59.93 80.22
N LYS G 454 42.85 -60.30 81.46
CA LYS G 454 43.84 -60.38 82.51
C LYS G 454 44.96 -61.32 82.09
N SER G 455 44.58 -62.50 81.61
CA SER G 455 45.57 -63.43 81.12
C SER G 455 46.43 -62.84 80.01
N GLU G 456 45.83 -62.14 79.05
CA GLU G 456 46.57 -61.50 77.97
C GLU G 456 46.20 -60.03 77.91
N PRO G 457 46.90 -59.19 78.65
CA PRO G 457 46.59 -57.75 78.61
C PRO G 457 46.63 -57.17 77.22
N ARG G 458 47.54 -57.63 76.36
CA ARG G 458 47.69 -57.02 75.05
C ARG G 458 46.46 -57.19 74.18
N LEU G 459 45.55 -58.10 74.54
CA LEU G 459 44.31 -58.26 73.80
C LEU G 459 43.54 -56.95 73.69
N THR G 460 43.65 -56.07 74.69
CA THR G 460 42.91 -54.82 74.66
C THR G 460 43.16 -54.03 73.38
N GLY G 461 44.39 -54.03 72.87
CA GLY G 461 44.67 -53.33 71.64
C GLY G 461 43.91 -53.82 70.44
N TRP G 462 43.14 -54.89 70.61
CA TRP G 462 42.37 -55.50 69.53
C TRP G 462 40.89 -55.62 69.84
N ILE G 463 40.53 -55.94 71.08
CA ILE G 463 39.15 -55.92 71.52
C ILE G 463 38.87 -54.50 72.00
N ARG G 464 38.32 -53.68 71.12
CA ARG G 464 38.02 -52.29 71.40
C ARG G 464 36.52 -52.11 71.18
N GLY G 465 35.80 -51.83 72.25
CA GLY G 465 34.38 -51.58 72.15
C GLY G 465 33.55 -52.82 72.38
N VAL G 466 32.40 -52.63 73.01
CA VAL G 466 31.45 -53.70 73.28
C VAL G 466 30.07 -53.14 72.96
N ASP G 467 29.25 -53.93 72.27
CA ASP G 467 27.93 -53.46 71.86
C ASP G 467 26.84 -54.27 72.53
N ALA G 468 25.77 -53.59 72.91
CA ALA G 468 24.55 -54.24 73.39
C ALA G 468 23.60 -54.30 72.21
N ALA G 469 23.41 -55.50 71.66
CA ALA G 469 22.64 -55.71 70.44
C ALA G 469 21.34 -56.46 70.77
N ALA G 470 20.59 -56.78 69.73
CA ALA G 470 19.36 -57.57 69.79
C ALA G 470 18.13 -56.69 69.93
N ASN G 471 16.94 -57.30 69.90
CA ASN G 471 15.70 -56.55 69.90
C ASN G 471 15.55 -55.74 71.19
N GLU G 472 15.18 -54.47 71.03
CA GLU G 472 15.31 -53.51 72.12
C GLU G 472 14.38 -53.83 73.29
N MET G 473 13.10 -54.11 73.00
CA MET G 473 12.09 -54.17 74.04
C MET G 473 12.42 -55.22 75.11
N HIS G 474 13.25 -56.21 74.79
CA HIS G 474 13.55 -57.28 75.72
C HIS G 474 14.37 -56.83 76.92
N ALA G 475 15.13 -55.74 76.80
CA ALA G 475 15.88 -55.24 77.95
C ALA G 475 16.23 -53.77 77.71
N PRO G 476 16.04 -52.90 78.70
CA PRO G 476 16.44 -51.52 78.55
C PRO G 476 17.89 -51.32 78.91
N PRO G 477 18.50 -50.20 78.49
CA PRO G 477 19.93 -50.03 78.71
C PRO G 477 20.34 -50.00 80.17
N GLU G 478 19.49 -49.47 81.06
CA GLU G 478 19.89 -49.33 82.45
C GLU G 478 20.35 -50.66 83.04
N LEU G 479 19.81 -51.77 82.55
CA LEU G 479 20.31 -53.07 82.95
C LEU G 479 21.80 -53.19 82.69
N PHE G 480 22.30 -52.53 81.66
CA PHE G 480 23.64 -52.74 81.14
C PHE G 480 24.66 -51.75 81.68
N CYS G 481 24.20 -50.65 82.28
CA CYS G 481 25.14 -49.60 82.68
C CYS G 481 26.19 -50.09 83.66
N PRO G 482 25.83 -50.82 84.73
CA PRO G 482 26.88 -51.37 85.59
C PRO G 482 27.84 -52.27 84.84
N LEU G 483 27.30 -53.07 83.91
CA LEU G 483 28.16 -53.90 83.07
C LEU G 483 29.19 -53.04 82.36
N PHE G 484 28.72 -51.97 81.70
CA PHE G 484 29.62 -51.14 80.92
C PHE G 484 30.62 -50.45 81.81
N ARG G 485 30.21 -50.05 83.00
CA ARG G 485 31.13 -49.41 83.93
C ARG G 485 32.25 -50.37 84.32
N VAL G 486 31.86 -51.59 84.70
CA VAL G 486 32.85 -52.60 85.07
C VAL G 486 33.79 -52.86 83.90
N LEU G 487 33.24 -52.96 82.70
CA LEU G 487 34.07 -53.19 81.52
C LEU G 487 35.06 -52.06 81.31
N ALA G 488 34.58 -50.82 81.40
CA ALA G 488 35.45 -49.67 81.26
C ALA G 488 36.61 -49.77 82.22
N LYS G 489 36.32 -50.03 83.50
CA LYS G 489 37.42 -50.16 84.45
C LYS G 489 38.33 -51.32 84.06
N SER G 490 37.77 -52.44 83.64
CA SER G 490 38.56 -53.56 83.18
C SER G 490 39.54 -53.16 82.09
N GLY G 491 39.20 -52.17 81.27
CA GLY G 491 40.09 -51.71 80.24
C GLY G 491 39.42 -51.69 78.89
N ILE G 492 38.10 -51.79 78.89
CA ILE G 492 37.32 -51.79 77.66
C ILE G 492 37.00 -50.35 77.33
N ALA G 493 37.83 -49.74 76.49
CA ALA G 493 37.54 -48.42 75.99
C ALA G 493 36.37 -48.49 75.00
N HIS G 494 35.58 -47.43 74.97
CA HIS G 494 34.52 -47.31 73.99
C HIS G 494 33.36 -48.25 74.30
N PHE G 495 32.13 -47.82 74.00
CA PHE G 495 30.95 -48.60 74.26
C PHE G 495 29.87 -48.29 73.23
N THR G 496 28.92 -49.21 73.06
CA THR G 496 27.85 -49.02 72.08
C THR G 496 26.61 -49.78 72.50
N TYR G 497 25.45 -49.26 72.09
CA TYR G 497 24.17 -49.86 72.47
C TYR G 497 23.16 -49.56 71.36
N HIS G 498 22.59 -50.59 70.78
CA HIS G 498 21.56 -50.41 69.76
C HIS G 498 20.34 -49.75 70.36
N VAL G 499 19.89 -48.65 69.74
CA VAL G 499 18.73 -47.90 70.20
C VAL G 499 18.03 -47.27 69.01
N GLY G 500 16.73 -47.06 69.16
CA GLY G 500 15.93 -46.39 68.16
C GLY G 500 15.50 -47.26 67.00
N GLU G 501 15.92 -48.53 66.97
CA GLU G 501 15.55 -49.40 65.86
C GLU G 501 14.06 -49.68 65.85
N ASP G 502 13.57 -50.34 66.90
CA ASP G 502 12.16 -50.67 67.05
C ASP G 502 11.69 -50.17 68.40
N PHE G 503 10.44 -49.73 68.44
CA PHE G 503 9.83 -49.21 69.65
C PHE G 503 8.33 -49.41 69.53
N PRO G 504 7.63 -49.55 70.66
CA PRO G 504 6.17 -49.51 70.61
C PRO G 504 5.64 -48.14 70.25
N HIS G 505 6.44 -47.09 70.46
CA HIS G 505 6.08 -45.75 70.03
C HIS G 505 7.34 -44.99 69.71
N LEU G 506 7.20 -44.04 68.78
CA LEU G 506 8.34 -43.22 68.43
C LEU G 506 8.88 -42.50 69.67
N ILE G 507 7.96 -41.98 70.50
CA ILE G 507 8.38 -41.36 71.74
C ILE G 507 9.09 -42.38 72.62
N SER G 508 8.63 -43.63 72.58
CA SER G 508 9.29 -44.67 73.37
C SER G 508 10.74 -44.82 72.95
N GLY G 509 10.99 -44.87 71.64
CA GLY G 509 12.36 -44.98 71.16
C GLY G 509 13.18 -43.76 71.52
N ILE G 510 12.58 -42.57 71.41
CA ILE G 510 13.26 -41.36 71.83
C ILE G 510 13.73 -41.51 73.26
N ARG G 511 12.84 -41.97 74.14
CA ARG G 511 13.20 -42.14 75.53
C ARG G 511 14.30 -43.16 75.69
N SER G 512 14.21 -44.26 74.97
CA SER G 512 15.26 -45.27 75.08
C SER G 512 16.61 -44.64 74.80
N ILE G 513 16.68 -43.87 73.72
CA ILE G 513 17.92 -43.19 73.38
C ILE G 513 18.34 -42.27 74.52
N ASP G 514 17.38 -41.52 75.05
CA ASP G 514 17.69 -40.57 76.11
C ASP G 514 18.21 -41.29 77.34
N ASP G 515 17.59 -42.42 77.66
CA ASP G 515 17.96 -43.20 78.83
C ASP G 515 19.38 -43.69 78.69
N ALA G 516 19.71 -44.28 77.55
CA ALA G 516 21.07 -44.70 77.30
C ALA G 516 22.03 -43.52 77.48
N LEU G 517 21.70 -42.38 76.87
CA LEU G 517 22.58 -41.23 76.99
C LEU G 517 22.84 -40.88 78.45
N ARG G 518 21.77 -40.64 79.20
CA ARG G 518 21.89 -40.08 80.53
C ARG G 518 22.25 -41.11 81.58
N PHE G 519 22.31 -42.39 81.22
CA PHE G 519 22.73 -43.41 82.16
C PHE G 519 23.81 -44.34 81.63
N LEU G 520 23.84 -44.59 80.33
CA LEU G 520 24.91 -45.43 79.82
C LEU G 520 26.25 -44.69 79.95
N PRO G 521 27.27 -45.35 80.52
CA PRO G 521 28.55 -44.67 80.76
C PRO G 521 29.32 -44.44 79.46
N LEU G 522 28.70 -43.70 78.55
CA LEU G 522 29.29 -43.46 77.25
C LEU G 522 30.22 -42.27 77.32
N ARG G 523 31.52 -42.52 77.16
CA ARG G 523 32.49 -41.44 77.12
C ARG G 523 32.40 -40.74 75.77
N ASN G 524 33.18 -39.68 75.60
CA ASN G 524 33.16 -38.94 74.36
C ASN G 524 33.60 -39.83 73.20
N GLY G 525 32.97 -39.66 72.04
CA GLY G 525 33.34 -40.37 70.85
C GLY G 525 32.71 -41.73 70.68
N ASP G 526 31.97 -42.22 71.67
CA ASP G 526 31.31 -43.50 71.52
C ASP G 526 30.23 -43.41 70.45
N ARG G 527 29.77 -44.58 70.02
CA ARG G 527 28.74 -44.68 69.00
C ARG G 527 27.54 -45.42 69.55
N LEU G 528 26.35 -45.00 69.12
CA LEU G 528 25.13 -45.61 69.63
C LEU G 528 24.62 -46.73 68.73
N GLY G 529 24.34 -46.42 67.48
CA GLY G 529 23.77 -47.40 66.57
C GLY G 529 22.79 -46.79 65.60
N HIS G 530 21.60 -47.38 65.51
CA HIS G 530 20.66 -46.99 64.47
C HIS G 530 19.94 -45.69 64.84
N CYS G 531 19.39 -45.62 66.05
CA CYS G 531 18.74 -44.41 66.54
C CYS G 531 17.68 -43.93 65.56
N THR G 532 16.99 -44.88 64.93
CA THR G 532 16.02 -44.52 63.91
C THR G 532 14.92 -43.63 64.45
N ALA G 533 14.69 -43.65 65.77
CA ALA G 533 13.66 -42.82 66.35
C ALA G 533 13.94 -41.34 66.10
N ILE G 534 15.19 -40.91 66.26
CA ILE G 534 15.56 -39.53 66.06
C ILE G 534 15.56 -39.15 64.58
N GLY G 535 15.44 -40.13 63.68
CA GLY G 535 15.50 -39.82 62.27
C GLY G 535 14.17 -39.89 61.55
N ILE G 536 13.30 -40.83 61.92
CA ILE G 536 12.03 -40.95 61.24
C ILE G 536 11.15 -39.76 61.57
N THR G 537 10.57 -39.14 60.53
CA THR G 537 9.70 -38.01 60.78
C THR G 537 8.36 -38.50 61.35
N PRO G 538 7.75 -37.73 62.24
CA PRO G 538 6.37 -38.06 62.61
C PRO G 538 5.46 -38.07 61.42
N SER G 539 5.74 -37.22 60.43
CA SER G 539 4.98 -37.20 59.20
C SER G 539 5.00 -38.60 58.60
N ILE G 540 6.16 -39.04 58.14
CA ILE G 540 6.30 -40.44 57.76
C ILE G 540 6.85 -41.20 58.97
N TRP G 541 5.96 -41.48 59.91
CA TRP G 541 6.15 -42.57 60.86
C TRP G 541 4.88 -43.38 61.04
N LYS G 542 3.73 -42.84 60.71
CA LYS G 542 2.42 -43.41 60.95
C LYS G 542 1.66 -43.33 59.63
N ARG G 543 1.74 -44.39 58.84
CA ARG G 543 1.08 -44.43 57.54
C ARG G 543 0.08 -45.58 57.39
N SER G 544 0.37 -46.74 57.98
CA SER G 544 -0.54 -47.88 57.95
C SER G 544 -0.98 -48.26 59.35
N LEU G 545 -0.88 -47.40 60.25
CA LEU G 545 -0.95 -47.74 61.64
C LEU G 545 -2.36 -47.54 62.18
N PRO G 546 -2.74 -48.31 63.19
CA PRO G 546 -4.04 -48.08 63.84
C PRO G 546 -4.06 -46.76 64.59
N LEU G 547 -5.25 -46.19 64.72
CA LEU G 547 -5.37 -44.89 65.38
C LEU G 547 -4.92 -44.94 66.82
N SER G 548 -4.90 -46.12 67.44
CA SER G 548 -4.41 -46.28 68.80
C SER G 548 -3.27 -47.29 68.80
N LEU G 549 -2.19 -46.94 69.48
CA LEU G 549 -1.05 -47.83 69.68
C LEU G 549 -1.01 -48.28 71.12
N SER G 550 -0.77 -49.57 71.32
CA SER G 550 -0.99 -50.22 72.60
C SER G 550 0.32 -50.80 73.11
N MET G 551 0.67 -50.48 74.36
CA MET G 551 2.03 -50.68 74.85
C MET G 551 2.03 -50.86 76.37
N THR G 552 3.19 -51.21 76.91
CA THR G 552 3.34 -51.62 78.30
C THR G 552 3.18 -50.46 79.27
N LYS G 553 2.66 -50.78 80.45
CA LYS G 553 2.40 -49.75 81.46
C LYS G 553 3.68 -49.10 81.94
N GLU G 554 4.73 -49.89 82.19
CA GLU G 554 5.96 -49.32 82.72
C GLU G 554 6.59 -48.37 81.72
N THR G 555 6.79 -48.84 80.48
CA THR G 555 7.30 -47.97 79.44
C THR G 555 6.41 -46.76 79.24
N ARG G 556 5.11 -46.92 79.51
CA ARG G 556 4.16 -45.83 79.27
C ARG G 556 4.33 -44.73 80.32
N LEU G 557 4.47 -45.15 81.58
CA LEU G 557 4.80 -44.18 82.63
C LEU G 557 6.12 -43.49 82.31
N LEU G 558 7.10 -44.24 81.83
CA LEU G 558 8.36 -43.61 81.43
C LEU G 558 8.13 -42.64 80.27
N ASP G 559 7.20 -42.97 79.39
CA ASP G 559 6.82 -42.03 78.33
C ASP G 559 6.42 -40.70 78.94
N LEU G 560 5.50 -40.74 79.89
CA LEU G 560 5.04 -39.50 80.49
C LEU G 560 6.19 -38.79 81.20
N VAL G 561 7.02 -39.54 81.91
CA VAL G 561 8.11 -38.93 82.67
C VAL G 561 9.03 -38.15 81.74
N PHE G 562 9.52 -38.80 80.68
CA PHE G 562 10.42 -38.10 79.77
C PHE G 562 9.73 -36.94 79.09
N ILE G 563 8.47 -37.13 78.68
CA ILE G 563 7.77 -36.06 78.00
C ILE G 563 7.73 -34.82 78.88
N TRP G 564 7.40 -35.00 80.16
CA TRP G 564 7.49 -33.87 81.07
C TRP G 564 8.91 -33.31 81.08
N ARG G 565 9.89 -34.18 81.30
CA ARG G 565 11.25 -33.70 81.50
C ARG G 565 11.67 -32.78 80.38
N GLU G 566 11.27 -33.09 79.16
CA GLU G 566 11.75 -32.33 78.02
C GLU G 566 10.83 -31.19 77.63
N LEU G 567 9.56 -31.23 78.02
CA LEU G 567 8.64 -30.15 77.68
C LEU G 567 8.44 -29.17 78.83
N ARG G 568 9.10 -29.39 79.97
CA ARG G 568 9.08 -28.40 81.03
C ARG G 568 9.50 -27.04 80.50
N SER G 569 10.55 -27.02 79.68
CA SER G 569 11.18 -25.79 79.25
C SER G 569 10.58 -25.19 77.99
N HIS G 570 9.68 -25.90 77.32
CA HIS G 570 9.18 -25.38 76.05
C HIS G 570 7.89 -24.59 76.27
N PRO G 571 7.90 -23.27 76.02
CA PRO G 571 6.68 -22.50 76.26
C PRO G 571 5.50 -22.97 75.44
N GLU G 572 5.75 -23.56 74.27
CA GLU G 572 4.68 -23.89 73.35
C GLU G 572 4.07 -25.26 73.62
N LEU G 573 4.54 -25.97 74.65
CA LEU G 573 4.09 -27.34 74.92
C LEU G 573 3.87 -27.57 76.41
N LEU G 574 3.79 -26.51 77.20
CA LEU G 574 3.60 -26.66 78.63
C LEU G 574 2.28 -27.34 78.95
N ARG G 575 1.26 -27.07 78.14
CA ARG G 575 -0.01 -27.77 78.30
C ARG G 575 0.21 -29.27 78.29
N TYR G 576 1.00 -29.75 77.33
CA TYR G 576 1.25 -31.17 77.23
C TYR G 576 2.14 -31.66 78.36
N ALA G 577 3.11 -30.84 78.78
CA ALA G 577 3.90 -31.20 79.96
C ALA G 577 3.01 -31.45 81.16
N SER G 578 2.10 -30.52 81.43
CA SER G 578 1.19 -30.63 82.56
C SER G 578 0.29 -31.85 82.42
N ASP G 579 -0.26 -32.06 81.23
CA ASP G 579 -1.14 -33.21 81.02
C ASP G 579 -0.38 -34.50 81.28
N ALA G 580 0.85 -34.58 80.80
CA ALA G 580 1.67 -35.77 81.01
C ALA G 580 1.91 -35.98 82.50
N ALA G 581 2.23 -34.91 83.23
CA ALA G 581 2.45 -35.05 84.66
C ALA G 581 1.19 -35.59 85.35
N ILE G 582 0.03 -35.05 85.00
CA ILE G 582 -1.22 -35.46 85.63
C ILE G 582 -1.48 -36.93 85.37
N GLU G 583 -1.44 -37.31 84.09
CA GLU G 583 -1.73 -38.68 83.70
C GLU G 583 -0.71 -39.64 84.30
N ALA G 584 0.56 -39.23 84.34
CA ALA G 584 1.59 -40.06 84.92
C ALA G 584 1.35 -40.30 86.39
N VAL G 585 0.97 -39.26 87.14
CA VAL G 585 0.75 -39.47 88.57
C VAL G 585 -0.45 -40.39 88.77
N ARG G 586 -1.49 -40.23 87.95
CA ARG G 586 -2.61 -41.16 88.00
C ARG G 586 -2.14 -42.60 87.80
N LEU G 587 -1.32 -42.79 86.77
CA LEU G 587 -0.84 -44.14 86.47
C LEU G 587 0.07 -44.67 87.56
N ALA G 588 0.80 -43.77 88.23
CA ALA G 588 1.64 -44.20 89.34
C ALA G 588 0.79 -44.68 90.50
N HIS G 589 -0.27 -43.95 90.83
CA HIS G 589 -1.21 -44.44 91.82
C HIS G 589 -1.64 -45.85 91.48
N LYS G 590 -2.06 -46.07 90.23
CA LYS G 590 -2.51 -47.42 89.89
C LYS G 590 -1.39 -48.44 90.02
N VAL G 591 -0.26 -48.22 89.35
CA VAL G 591 0.75 -49.27 89.23
C VAL G 591 1.39 -49.55 90.58
N PHE G 592 1.87 -48.52 91.25
CA PHE G 592 2.38 -48.70 92.60
C PHE G 592 1.27 -48.94 93.60
N SER G 593 0.02 -48.90 93.16
CA SER G 593 -1.12 -49.11 94.04
C SER G 593 -1.08 -48.12 95.20
N LEU G 594 -0.49 -46.95 94.93
CA LEU G 594 -0.24 -45.99 95.98
C LEU G 594 -1.55 -45.40 96.50
N GLU G 595 -1.65 -45.31 97.83
CA GLU G 595 -2.80 -44.73 98.50
C GLU G 595 -2.53 -43.31 98.95
N GLU G 596 -1.28 -43.00 99.26
CA GLU G 596 -0.85 -41.65 99.59
C GLU G 596 -0.71 -40.84 98.30
N GLU G 597 -0.19 -39.62 98.43
CA GLU G 597 0.07 -38.76 97.29
C GLU G 597 1.53 -38.88 96.91
N VAL G 598 1.80 -39.02 95.62
CA VAL G 598 3.15 -39.12 95.08
C VAL G 598 3.32 -37.98 94.08
N SER G 599 4.36 -37.19 94.27
CA SER G 599 4.61 -36.11 93.33
C SER G 599 5.22 -36.66 92.05
N ILE G 600 4.80 -36.09 90.93
CA ILE G 600 5.49 -36.38 89.69
C ILE G 600 6.98 -36.08 89.83
N THR G 601 7.32 -35.13 90.70
CA THR G 601 8.73 -34.92 91.04
C THR G 601 9.34 -36.21 91.59
N THR G 602 8.84 -36.67 92.74
CA THR G 602 9.44 -37.85 93.35
C THR G 602 9.45 -39.02 92.36
N LEU G 603 8.47 -39.08 91.46
CA LEU G 603 8.54 -40.06 90.40
C LEU G 603 9.80 -39.84 89.56
N ASP G 604 10.09 -38.59 89.22
CA ASP G 604 11.28 -38.30 88.45
C ASP G 604 12.52 -38.84 89.14
N GLN G 605 12.67 -38.50 90.43
CA GLN G 605 13.83 -39.02 91.17
C GLN G 605 13.84 -40.53 91.22
N VAL G 606 12.68 -41.16 91.37
CA VAL G 606 12.65 -42.61 91.35
C VAL G 606 13.22 -43.14 90.05
N PHE G 607 12.73 -42.63 88.93
CA PHE G 607 13.13 -43.17 87.63
C PHE G 607 14.53 -42.77 87.24
N GLU G 608 15.14 -41.84 87.96
CA GLU G 608 16.55 -41.56 87.71
C GLU G 608 17.47 -42.62 88.31
N MET G 609 16.95 -43.58 89.08
CA MET G 609 17.77 -44.57 89.75
C MET G 609 17.88 -45.88 88.99
N ARG G 610 17.15 -46.05 87.89
CA ARG G 610 17.10 -47.34 87.22
C ARG G 610 18.45 -47.82 86.72
N GLY G 611 19.40 -46.91 86.48
CA GLY G 611 20.72 -47.34 86.05
C GLY G 611 21.45 -48.21 87.05
N LEU G 612 20.99 -48.22 88.29
CA LEU G 612 21.69 -48.90 89.36
C LEU G 612 21.59 -50.41 89.19
N LEU G 613 22.62 -51.12 89.66
CA LEU G 613 22.56 -52.58 89.71
C LEU G 613 21.41 -53.02 90.60
N ALA G 614 20.61 -53.97 90.10
CA ALA G 614 19.47 -54.43 90.87
C ALA G 614 19.90 -55.02 92.21
N GLU G 615 20.82 -55.98 92.18
CA GLU G 615 21.37 -56.56 93.40
C GLU G 615 22.67 -55.88 93.77
N SER G 616 22.60 -54.58 94.05
CA SER G 616 23.75 -53.89 94.59
C SER G 616 23.65 -53.85 96.10
N GLU G 617 22.64 -53.16 96.63
CA GLU G 617 22.45 -53.14 98.07
C GLU G 617 20.98 -53.14 98.49
N GLY G 618 20.06 -53.03 97.54
CA GLY G 618 18.65 -52.91 97.88
C GLY G 618 17.88 -54.17 97.58
N LEU G 619 18.60 -55.26 97.36
CA LEU G 619 17.97 -56.51 96.94
C LEU G 619 18.93 -57.66 97.24
N SER G 631 35.76 -58.24 92.63
CA SER G 631 36.59 -57.09 92.98
C SER G 631 36.09 -55.84 92.27
N LEU G 632 36.19 -55.85 90.94
CA LEU G 632 35.77 -54.69 90.15
C LEU G 632 34.32 -54.33 90.37
N TRP G 633 33.46 -55.33 90.61
CA TRP G 633 32.04 -55.08 90.83
C TRP G 633 31.76 -54.34 92.13
N LEU G 634 32.77 -54.21 93.00
CA LEU G 634 32.55 -53.64 94.32
C LEU G 634 32.11 -52.18 94.24
N GLU G 635 32.69 -51.41 93.32
CA GLU G 635 32.41 -49.99 93.27
C GLU G 635 30.94 -49.73 93.00
N GLU G 636 30.41 -50.34 91.96
CA GLU G 636 28.98 -50.26 91.67
C GLU G 636 28.15 -50.97 92.72
N TYR G 637 28.67 -52.02 93.36
CA TYR G 637 27.97 -52.63 94.48
C TYR G 637 27.65 -51.60 95.54
N GLU G 638 28.64 -50.78 95.90
CA GLU G 638 28.47 -49.81 96.98
C GLU G 638 28.02 -48.45 96.50
N ARG G 639 27.87 -48.27 95.18
CA ARG G 639 27.36 -46.99 94.68
C ARG G 639 26.02 -46.65 95.30
N ALA G 640 25.23 -47.65 95.67
CA ALA G 640 23.94 -47.37 96.32
C ALA G 640 24.12 -46.83 97.73
N ARG G 641 25.27 -47.03 98.34
CA ARG G 641 25.54 -46.41 99.64
C ARG G 641 25.33 -44.91 99.60
N GLU G 642 25.79 -44.22 98.56
CA GLU G 642 25.61 -42.78 98.53
C GLU G 642 24.14 -42.41 98.51
N LEU G 643 23.35 -43.08 97.68
CA LEU G 643 21.92 -42.79 97.60
C LEU G 643 21.25 -43.02 98.94
N VAL G 644 21.56 -44.14 99.60
CA VAL G 644 20.91 -44.44 100.87
C VAL G 644 21.35 -43.47 101.96
N LYS G 645 22.64 -43.12 102.01
CA LYS G 645 23.11 -42.17 103.00
C LYS G 645 22.41 -40.82 102.82
N THR G 646 22.24 -40.37 101.59
CA THR G 646 21.51 -39.13 101.38
C THR G 646 20.07 -39.28 101.87
N THR G 647 19.75 -38.56 102.94
CA THR G 647 18.45 -38.71 103.58
C THR G 647 17.31 -38.31 102.64
N GLY G 648 17.61 -37.52 101.61
CA GLY G 648 16.58 -36.93 100.80
C GLY G 648 15.79 -37.88 99.94
N MET G 649 16.15 -39.17 99.90
CA MET G 649 15.50 -40.11 99.01
C MET G 649 14.87 -41.30 99.74
N LYS G 650 14.26 -41.08 100.89
CA LYS G 650 13.51 -42.17 101.53
C LYS G 650 12.49 -42.75 100.57
N ARG G 651 11.54 -41.91 100.16
CA ARG G 651 10.42 -42.34 99.34
C ARG G 651 10.93 -42.86 98.02
N PRO G 652 11.88 -42.16 97.38
CA PRO G 652 12.49 -42.73 96.16
C PRO G 652 13.08 -44.10 96.36
N LEU G 653 13.79 -44.34 97.45
CA LEU G 653 14.40 -45.64 97.66
C LEU G 653 13.34 -46.72 97.80
N LYS G 654 12.35 -46.47 98.65
CA LYS G 654 11.30 -47.47 98.85
C LYS G 654 10.56 -47.75 97.54
N LEU G 655 10.21 -46.69 96.81
CA LEU G 655 9.46 -46.87 95.57
C LEU G 655 10.30 -47.62 94.55
N TYR G 656 11.58 -47.28 94.45
CA TYR G 656 12.48 -47.98 93.54
C TYR G 656 12.53 -49.46 93.88
N LYS G 657 12.69 -49.78 95.16
CA LYS G 657 12.78 -51.18 95.56
C LYS G 657 11.49 -51.92 95.23
N GLN G 658 10.34 -51.31 95.49
CA GLN G 658 9.08 -51.94 95.13
C GLN G 658 9.02 -52.18 93.62
N TRP G 659 9.40 -51.17 92.85
CA TRP G 659 9.43 -51.31 91.40
C TRP G 659 10.26 -52.51 90.98
N LEU G 660 11.39 -52.72 91.64
CA LEU G 660 12.22 -53.87 91.31
C LEU G 660 11.56 -55.18 91.76
N THR G 661 10.87 -55.16 92.89
CA THR G 661 10.52 -56.38 93.62
C THR G 661 9.03 -56.64 93.71
N SER G 662 8.23 -55.66 94.16
CA SER G 662 6.82 -55.91 94.43
C SER G 662 6.18 -56.67 93.28
N ASP G 663 5.66 -57.86 93.59
CA ASP G 663 5.10 -58.72 92.55
C ASP G 663 3.93 -58.04 91.87
N ASN G 664 3.07 -57.38 92.64
CA ASN G 664 1.96 -56.64 92.04
C ASN G 664 2.48 -55.56 91.11
N VAL G 665 3.56 -54.89 91.52
CA VAL G 665 4.14 -53.85 90.67
C VAL G 665 4.67 -54.44 89.37
N ARG G 666 5.36 -55.58 89.46
CA ARG G 666 5.87 -56.20 88.24
C ARG G 666 4.73 -56.69 87.36
N LYS G 667 3.67 -57.19 87.96
CA LYS G 667 2.49 -57.58 87.19
C LYS G 667 1.89 -56.38 86.48
N GLN G 668 1.80 -55.24 87.17
CA GLN G 668 1.28 -54.04 86.52
C GLN G 668 2.23 -53.54 85.45
N ARG G 669 3.53 -53.72 85.64
CA ARG G 669 4.49 -53.37 84.61
C ARG G 669 4.27 -54.20 83.37
N ALA G 670 4.03 -55.50 83.55
CA ALA G 670 3.70 -56.38 82.45
C ALA G 670 2.30 -56.12 81.90
N GLU G 671 1.45 -55.45 82.68
CA GLU G 671 0.12 -55.07 82.18
C GLU G 671 0.31 -54.16 80.97
N TYR G 672 -0.75 -53.91 80.23
CA TYR G 672 -0.68 -53.15 79.00
C TYR G 672 -1.80 -52.12 78.95
N VAL G 673 -1.51 -50.96 78.36
CA VAL G 673 -2.47 -49.87 78.19
C VAL G 673 -2.29 -49.24 76.82
N GLU G 674 -3.38 -48.67 76.28
CA GLU G 674 -3.36 -48.07 74.96
C GLU G 674 -3.02 -46.59 75.04
N VAL G 675 -2.78 -45.99 73.88
CA VAL G 675 -2.47 -44.57 73.74
C VAL G 675 -2.93 -44.13 72.37
N ALA G 676 -3.29 -42.86 72.24
CA ALA G 676 -3.68 -42.31 70.95
C ALA G 676 -2.47 -42.19 70.04
N LEU G 677 -2.67 -42.49 68.76
CA LEU G 677 -1.58 -42.33 67.80
C LEU G 677 -1.13 -40.88 67.73
N GLU G 678 -2.08 -39.95 67.71
CA GLU G 678 -1.78 -38.53 67.93
C GLU G 678 -1.72 -38.20 69.40
N TYR G 679 -0.97 -38.98 70.17
CA TYR G 679 -0.83 -38.65 71.58
C TYR G 679 -0.13 -37.31 71.75
N LEU G 680 0.76 -36.99 70.80
CA LEU G 680 1.43 -35.71 70.74
C LEU G 680 1.44 -35.20 69.30
N PRO G 681 1.50 -33.89 69.09
CA PRO G 681 1.55 -33.37 67.72
C PRO G 681 2.90 -33.58 67.09
N ASP G 682 2.90 -33.59 65.76
CA ASP G 682 4.15 -33.71 65.00
C ASP G 682 5.15 -32.68 65.47
N GLU G 683 4.70 -31.46 65.72
CA GLU G 683 5.61 -30.41 66.17
C GLU G 683 6.22 -30.76 67.51
N ALA G 684 5.41 -31.27 68.43
CA ALA G 684 5.94 -31.66 69.73
C ALA G 684 6.96 -32.78 69.59
N VAL G 685 6.66 -33.77 68.76
CA VAL G 685 7.60 -34.86 68.54
C VAL G 685 8.90 -34.32 67.98
N VAL G 686 8.80 -33.39 67.04
CA VAL G 686 9.99 -32.78 66.46
C VAL G 686 10.78 -32.05 67.52
N ALA G 687 10.09 -31.33 68.40
CA ALA G 687 10.78 -30.58 69.44
C ALA G 687 11.52 -31.52 70.37
N LEU G 688 10.88 -32.62 70.78
CA LEU G 688 11.56 -33.60 71.62
C LEU G 688 12.75 -34.18 70.89
N GLN G 689 12.57 -34.57 69.64
CA GLN G 689 13.69 -35.10 68.87
C GLN G 689 14.83 -34.12 68.83
N GLN G 690 14.53 -32.83 68.64
CA GLN G 690 15.57 -31.83 68.55
C GLN G 690 16.26 -31.64 69.89
N ALA G 691 15.52 -31.73 70.99
CA ALA G 691 16.15 -31.68 72.31
C ALA G 691 17.12 -32.84 72.49
N VAL G 692 16.70 -34.04 72.08
CA VAL G 692 17.57 -35.20 72.16
C VAL G 692 18.81 -35.00 71.30
N MET G 693 18.60 -34.47 70.10
CA MET G 693 19.70 -34.15 69.21
C MET G 693 20.67 -33.19 69.88
N ALA G 694 20.12 -32.19 70.58
CA ALA G 694 20.96 -31.24 71.28
C ALA G 694 21.80 -31.94 72.34
N LYS G 695 21.16 -32.76 73.17
CA LYS G 695 21.91 -33.50 74.18
C LYS G 695 23.01 -34.33 73.55
N MET G 696 22.67 -35.05 72.48
CA MET G 696 23.65 -35.91 71.82
C MET G 696 24.81 -35.10 71.30
N ALA G 697 24.53 -33.99 70.61
CA ALA G 697 25.60 -33.17 70.08
C ALA G 697 26.48 -32.65 71.20
N ASP G 698 25.87 -32.22 72.30
CA ASP G 698 26.64 -31.80 73.46
C ASP G 698 27.56 -32.93 73.90
N ARG G 699 27.05 -34.15 73.93
CA ARG G 699 27.80 -35.28 74.45
C ARG G 699 28.84 -35.80 73.46
N ASN G 700 28.74 -35.43 72.19
CA ASN G 700 29.67 -35.90 71.17
C ASN G 700 29.65 -37.42 71.07
N ILE G 701 28.50 -37.95 70.65
CA ILE G 701 28.30 -39.39 70.46
C ILE G 701 27.79 -39.59 69.03
N ALA G 702 28.39 -40.52 68.30
CA ALA G 702 28.08 -40.71 66.90
C ALA G 702 26.99 -41.78 66.72
N ILE G 703 26.46 -41.83 65.51
CA ILE G 703 25.29 -42.66 65.20
C ILE G 703 25.60 -43.53 63.99
N GLU G 704 25.68 -44.84 64.19
CA GLU G 704 25.92 -45.78 63.09
C GLU G 704 24.60 -46.06 62.39
N CYS G 705 24.35 -45.40 61.26
CA CYS G 705 23.11 -45.56 60.52
C CYS G 705 23.33 -46.45 59.31
N PRO G 706 22.75 -47.64 59.27
CA PRO G 706 22.77 -48.44 58.04
C PRO G 706 21.49 -48.21 57.25
N PRO G 707 21.44 -48.66 56.00
CA PRO G 707 20.19 -48.63 55.24
C PRO G 707 19.38 -49.92 55.36
N THR G 708 18.06 -49.80 55.49
CA THR G 708 17.18 -50.95 55.58
C THR G 708 16.19 -51.00 54.42
N SER G 714 11.60 -50.23 56.27
CA SER G 714 10.27 -50.83 56.26
C SER G 714 9.23 -49.87 55.69
N GLN G 715 8.78 -48.93 56.53
CA GLN G 715 7.76 -47.98 56.13
C GLN G 715 8.17 -47.16 54.91
N TYR G 716 9.47 -47.00 54.66
CA TYR G 716 9.93 -46.24 53.51
C TYR G 716 9.53 -46.98 52.24
N ARG G 717 8.92 -46.25 51.30
CA ARG G 717 8.64 -46.81 49.99
C ARG G 717 9.85 -46.67 49.08
N ASN G 718 10.35 -45.46 48.91
CA ASN G 718 11.59 -45.21 48.19
C ASN G 718 12.68 -44.83 49.18
N VAL G 719 13.93 -45.00 48.76
CA VAL G 719 15.04 -44.72 49.65
C VAL G 719 15.17 -43.24 49.94
N SER G 720 14.48 -42.39 49.17
CA SER G 720 14.53 -40.95 49.44
C SER G 720 14.14 -40.63 50.87
N GLU G 721 13.06 -41.21 51.36
CA GLU G 721 12.57 -40.98 52.70
C GLU G 721 13.57 -41.39 53.77
N HIS G 722 14.69 -42.01 53.39
CA HIS G 722 15.65 -42.43 54.38
C HIS G 722 16.09 -41.26 55.26
N HIS G 723 15.69 -41.33 56.52
CA HIS G 723 16.03 -40.39 57.58
C HIS G 723 17.52 -40.11 57.70
N ILE G 724 18.36 -40.98 57.16
CA ILE G 724 19.77 -40.65 56.99
C ILE G 724 19.90 -39.26 56.37
N PHE G 725 19.10 -39.00 55.35
CA PHE G 725 19.16 -37.73 54.67
C PHE G 725 18.71 -36.60 55.58
N ARG G 726 17.72 -36.85 56.42
CA ARG G 726 17.28 -35.80 57.34
C ARG G 726 18.41 -35.40 58.27
N TRP G 727 19.15 -36.38 58.80
CA TRP G 727 20.37 -35.98 59.50
C TRP G 727 21.32 -35.22 58.58
N MET G 728 21.55 -35.74 57.37
CA MET G 728 22.59 -35.13 56.55
C MET G 728 22.25 -33.69 56.18
N GLY G 729 21.00 -33.27 56.31
CA GLY G 729 20.64 -31.88 56.15
C GLY G 729 20.10 -31.50 54.78
N LEU G 730 19.59 -32.47 54.03
CA LEU G 730 19.15 -32.15 52.68
C LEU G 730 17.99 -31.15 52.72
N PRO G 731 17.99 -30.14 51.84
CA PRO G 731 16.89 -29.18 51.84
C PRO G 731 15.56 -29.89 51.61
N GLY G 732 14.53 -29.40 52.28
CA GLY G 732 13.22 -30.01 52.21
C GLY G 732 13.06 -31.21 53.11
N GLU G 733 14.15 -31.74 53.65
CA GLU G 733 14.12 -32.88 54.56
C GLU G 733 14.52 -32.50 55.97
N ALA G 734 15.66 -31.83 56.12
CA ALA G 734 16.07 -31.34 57.42
C ALA G 734 14.97 -30.45 58.01
N ILE G 735 14.92 -30.41 59.32
CA ILE G 735 13.90 -29.64 60.02
C ILE G 735 14.58 -28.47 60.73
N GLU G 736 13.84 -27.36 60.84
CA GLU G 736 14.45 -26.10 61.24
C GLU G 736 15.22 -26.23 62.54
N GLY G 737 14.73 -27.04 63.47
CA GLY G 737 15.39 -27.16 64.75
C GLY G 737 16.45 -28.24 64.79
N ASP G 738 17.11 -28.47 63.65
CA ASP G 738 18.05 -29.57 63.54
C ASP G 738 19.47 -29.11 63.85
N VAL G 739 20.40 -30.05 63.78
CA VAL G 739 21.77 -29.85 64.22
C VAL G 739 22.66 -30.68 63.29
N PRO G 740 23.99 -30.68 63.44
CA PRO G 740 24.77 -31.78 62.88
C PRO G 740 24.89 -32.92 63.88
N MET G 741 25.01 -34.16 63.38
CA MET G 741 24.80 -35.32 64.24
C MET G 741 25.86 -36.42 64.13
N SER G 742 27.01 -36.18 63.52
CA SER G 742 28.12 -37.14 63.55
C SER G 742 27.61 -38.55 63.23
N ILE G 743 27.20 -38.70 61.98
CA ILE G 743 26.62 -39.95 61.52
C ILE G 743 27.72 -40.77 60.85
N CYS G 744 27.60 -42.08 60.96
CA CYS G 744 28.59 -43.03 60.48
C CYS G 744 27.90 -44.14 59.70
N LEU G 745 28.66 -44.76 58.81
CA LEU G 745 28.11 -45.74 57.89
C LEU G 745 28.09 -47.12 58.52
N GLY G 746 27.13 -47.93 58.08
CA GLY G 746 27.03 -49.31 58.51
C GLY G 746 26.54 -50.22 57.42
N SER G 747 27.34 -51.25 57.08
CA SER G 747 26.99 -52.17 56.00
C SER G 747 26.18 -53.32 56.59
N ASP G 748 24.93 -53.01 56.92
CA ASP G 748 24.02 -54.02 57.45
C ASP G 748 22.62 -53.66 56.96
N ASP G 749 22.21 -54.26 55.84
CA ASP G 749 20.83 -54.15 55.39
C ASP G 749 20.10 -55.44 55.74
N PRO G 750 19.01 -55.38 56.51
CA PRO G 750 18.34 -56.64 56.88
C PRO G 750 17.88 -57.44 55.68
N GLY G 751 17.42 -56.76 54.62
CA GLY G 751 16.73 -57.44 53.55
C GLY G 751 17.40 -57.41 52.20
N ILE G 752 18.72 -57.61 52.15
CA ILE G 752 19.43 -57.69 50.88
C ILE G 752 20.44 -58.82 50.96
N PHE G 753 20.88 -59.25 49.79
CA PHE G 753 21.89 -60.30 49.65
C PHE G 753 23.11 -59.73 48.95
N ALA G 754 24.28 -60.07 49.48
CA ALA G 754 25.56 -59.54 48.98
C ALA G 754 25.53 -58.00 49.01
N ALA G 755 25.36 -57.50 50.22
CA ALA G 755 25.52 -56.07 50.48
C ALA G 755 26.97 -55.79 50.85
N ASP G 756 27.30 -54.50 50.93
CA ASP G 756 28.63 -54.10 51.31
C ASP G 756 28.60 -52.65 51.78
N LEU G 757 29.61 -52.30 52.59
CA LEU G 757 29.87 -50.89 52.85
C LEU G 757 30.03 -50.14 51.54
N LYS G 758 30.86 -50.67 50.65
CA LYS G 758 31.04 -50.09 49.32
C LYS G 758 29.71 -50.00 48.58
N SER G 759 28.90 -51.06 48.67
CA SER G 759 27.64 -51.08 47.93
C SER G 759 26.70 -49.99 48.42
N GLU G 760 26.48 -49.92 49.73
CA GLU G 760 25.60 -48.90 50.28
C GLU G 760 26.20 -47.51 50.06
N PHE G 761 27.52 -47.43 49.99
CA PHE G 761 28.17 -46.18 49.60
C PHE G 761 27.66 -45.74 48.23
N TYR G 762 27.71 -46.64 47.25
CA TYR G 762 27.19 -46.29 45.94
C TYR G 762 25.69 -46.04 45.99
N HIS G 763 24.98 -46.74 46.86
CA HIS G 763 23.55 -46.52 47.02
C HIS G 763 23.27 -45.08 47.41
N LEU G 764 23.92 -44.62 48.48
CA LEU G 764 23.72 -43.25 48.92
C LEU G 764 24.15 -42.26 47.86
N PHE G 765 25.29 -42.53 47.22
CA PHE G 765 25.75 -41.66 46.14
C PHE G 765 24.71 -41.50 45.06
N VAL G 766 24.22 -42.61 44.53
CA VAL G 766 23.29 -42.54 43.40
C VAL G 766 22.01 -41.85 43.84
N VAL G 767 21.55 -42.15 45.05
CA VAL G 767 20.33 -41.52 45.52
C VAL G 767 20.50 -40.01 45.54
N LEU G 768 21.57 -39.55 46.17
CA LEU G 768 21.83 -38.12 46.24
C LEU G 768 21.88 -37.53 44.84
N THR G 769 22.69 -38.11 43.96
CA THR G 769 22.88 -37.54 42.64
C THR G 769 21.60 -37.47 41.85
N ARG G 770 20.89 -38.59 41.72
CA ARG G 770 19.77 -38.66 40.80
C ARG G 770 18.50 -38.03 41.35
N LYS G 771 18.16 -38.27 42.61
CA LYS G 771 16.81 -37.93 43.04
C LYS G 771 16.71 -36.56 43.68
N PHE G 772 17.82 -35.95 44.05
CA PHE G 772 17.80 -34.61 44.61
C PHE G 772 18.62 -33.61 43.79
N GLY G 773 19.22 -34.05 42.68
CA GLY G 773 19.83 -33.13 41.76
C GLY G 773 21.16 -32.55 42.18
N LEU G 774 21.75 -33.04 43.27
CA LEU G 774 23.03 -32.52 43.71
C LEU G 774 24.13 -32.89 42.72
N SER G 775 25.14 -32.04 42.63
CA SER G 775 26.27 -32.33 41.78
C SER G 775 27.05 -33.51 42.36
N PRO G 776 27.74 -34.27 41.51
CA PRO G 776 28.54 -35.38 42.02
C PRO G 776 29.55 -34.95 43.07
N ALA G 777 30.17 -33.79 42.88
CA ALA G 777 31.12 -33.30 43.86
C ALA G 777 30.46 -33.13 45.22
N ASP G 778 29.35 -32.40 45.27
CA ASP G 778 28.68 -32.16 46.54
C ASP G 778 28.22 -33.46 47.18
N ALA G 779 27.67 -34.37 46.38
CA ALA G 779 27.24 -35.64 46.93
C ALA G 779 28.42 -36.39 47.54
N LEU G 780 29.56 -36.36 46.85
CA LEU G 780 30.75 -37.04 47.39
C LEU G 780 31.16 -36.40 48.71
N ARG G 781 31.17 -35.08 48.78
CA ARG G 781 31.48 -34.43 50.05
C ARG G 781 30.51 -34.89 51.13
N LYS G 782 29.22 -34.93 50.80
CA LYS G 782 28.21 -35.25 51.80
C LYS G 782 28.40 -36.65 52.35
N VAL G 783 28.54 -37.64 51.48
CA VAL G 783 28.69 -39.01 51.95
C VAL G 783 30.03 -39.21 52.63
N ALA G 784 31.08 -38.57 52.10
CA ALA G 784 32.35 -38.58 52.80
C ALA G 784 32.16 -38.17 54.24
N GLU G 785 31.48 -37.04 54.47
CA GLU G 785 31.23 -36.61 55.84
C GLU G 785 30.95 -37.81 56.75
N VAL G 786 30.00 -38.66 56.34
CA VAL G 786 29.68 -39.84 57.14
C VAL G 786 30.87 -40.79 57.20
N ASN G 787 31.52 -41.00 56.06
CA ASN G 787 32.61 -41.97 56.01
C ASN G 787 33.73 -41.57 56.97
N GLU G 788 34.25 -40.35 56.83
CA GLU G 788 35.25 -39.88 57.78
C GLU G 788 34.71 -39.79 59.19
N ASN G 789 33.42 -39.53 59.37
CA ASN G 789 32.87 -39.58 60.71
C ASN G 789 33.14 -40.93 61.33
N GLY G 790 32.92 -41.99 60.56
CA GLY G 790 33.15 -43.34 61.06
C GLY G 790 34.57 -43.53 61.56
N ARG G 791 35.55 -43.11 60.76
CA ARG G 791 36.94 -43.34 61.12
C ARG G 791 37.41 -42.35 62.18
N ILE G 792 36.76 -41.21 62.28
CA ILE G 792 36.96 -40.34 63.44
C ILE G 792 36.54 -41.06 64.71
N TYR G 793 35.35 -41.65 64.70
CA TYR G 793 34.80 -42.30 65.87
C TYR G 793 35.20 -43.76 65.94
N ARG G 794 36.18 -44.16 65.13
CA ARG G 794 36.64 -45.54 65.18
C ARG G 794 37.06 -45.91 66.59
N PHE G 795 36.90 -47.17 66.92
CA PHE G 795 37.17 -47.67 68.25
C PHE G 795 38.54 -48.32 68.34
N HIS G 796 39.20 -48.52 67.20
CA HIS G 796 40.50 -49.17 67.16
C HIS G 796 41.47 -48.45 68.09
N ASP G 797 42.54 -49.17 68.45
CA ASP G 797 43.60 -48.56 69.23
C ASP G 797 44.38 -47.58 68.35
N VAL G 798 45.11 -46.68 68.98
CA VAL G 798 45.89 -45.68 68.26
C VAL G 798 47.37 -45.86 68.56
N MET H 1 53.77 8.25 88.51
CA MET H 1 54.73 7.41 89.28
C MET H 1 55.29 8.22 90.43
N GLU H 2 55.35 9.54 90.21
CA GLU H 2 55.75 10.46 91.26
C GLU H 2 55.08 10.11 92.58
N ARG H 3 53.83 9.62 92.53
CA ARG H 3 53.14 9.27 93.76
C ARG H 3 53.93 8.26 94.57
N PHE H 4 54.72 7.42 93.91
CA PHE H 4 55.48 6.41 94.63
C PHE H 4 56.55 7.03 95.51
N LEU H 5 57.19 8.11 95.06
CA LEU H 5 58.17 8.80 95.87
C LEU H 5 57.57 9.47 97.10
N LEU H 6 56.24 9.57 97.15
CA LEU H 6 55.56 10.14 98.30
C LEU H 6 54.81 9.11 99.13
N ASN H 7 54.53 7.94 98.55
CA ASN H 7 53.89 6.84 99.26
C ASN H 7 54.64 5.57 98.88
N SER H 8 55.55 5.15 99.76
CA SER H 8 56.34 3.95 99.51
C SER H 8 56.83 3.41 100.83
N THR H 9 56.30 2.26 101.24
CA THR H 9 56.77 1.63 102.48
C THR H 9 58.27 1.37 102.41
N VAL H 10 58.74 0.82 101.30
CA VAL H 10 60.15 0.50 101.16
C VAL H 10 61.00 1.76 101.23
N LEU H 11 60.57 2.82 100.54
CA LEU H 11 61.33 4.06 100.56
C LEU H 11 61.40 4.61 101.97
N LEU H 12 60.27 4.64 102.67
CA LEU H 12 60.25 5.10 104.05
C LEU H 12 61.21 4.28 104.89
N TYR H 13 61.19 2.96 104.71
CA TYR H 13 62.02 2.09 105.52
C TYR H 13 63.50 2.40 105.30
N ARG H 14 63.91 2.44 104.03
CA ARG H 14 65.29 2.77 103.72
C ARG H 14 65.68 4.13 104.28
N LEU H 15 64.86 5.15 104.03
CA LEU H 15 65.22 6.49 104.46
C LEU H 15 65.35 6.58 105.97
N SER H 16 64.40 6.01 106.70
CA SER H 16 64.48 6.00 108.16
C SER H 16 65.66 5.21 108.67
N THR H 17 66.00 4.10 108.04
CA THR H 17 67.11 3.27 108.48
C THR H 17 68.46 3.91 108.25
N VAL H 18 68.63 4.64 107.15
CA VAL H 18 69.93 5.19 106.81
C VAL H 18 70.25 6.37 107.73
N SER H 19 71.54 6.67 107.84
CA SER H 19 71.98 7.85 108.57
C SER H 19 71.71 9.11 107.75
N LEU H 20 71.55 10.22 108.47
CA LEU H 20 71.24 11.50 107.84
C LEU H 20 72.35 11.99 106.92
N ASP H 21 73.58 11.52 107.12
CA ASP H 21 74.75 12.00 106.39
C ASP H 21 75.16 11.06 105.26
N GLU H 22 74.28 10.15 104.85
CA GLU H 22 74.68 9.14 103.88
C GLU H 22 74.95 9.75 102.51
N VAL H 23 74.03 10.59 102.03
CA VAL H 23 74.19 11.28 100.74
C VAL H 23 74.17 10.27 99.60
N SER H 24 73.70 10.71 98.43
CA SER H 24 73.75 9.93 97.19
C SER H 24 73.04 8.58 97.36
N LEU H 25 71.74 8.67 97.58
CA LEU H 25 70.88 7.50 97.70
C LEU H 25 70.01 7.31 96.46
N ASP H 26 70.43 7.89 95.34
CA ASP H 26 69.58 7.94 94.15
C ASP H 26 69.23 6.54 93.67
N GLU H 27 70.22 5.64 93.61
CA GLU H 27 69.93 4.28 93.19
C GLU H 27 68.97 3.60 94.15
N ARG H 28 69.15 3.83 95.44
CA ARG H 28 68.26 3.23 96.43
C ARG H 28 66.83 3.69 96.23
N VAL H 29 66.61 4.99 96.02
CA VAL H 29 65.26 5.48 95.83
C VAL H 29 64.69 4.95 94.52
N GLU H 30 65.53 4.86 93.49
CA GLU H 30 65.06 4.31 92.21
C GLU H 30 64.56 2.88 92.39
N SER H 31 65.38 2.04 93.02
CA SER H 31 64.98 0.66 93.25
C SER H 31 63.73 0.60 94.11
N SER H 32 63.67 1.43 95.15
CA SER H 32 62.52 1.44 96.03
C SER H 32 61.25 1.79 95.27
N VAL H 33 61.33 2.77 94.37
CA VAL H 33 60.17 3.13 93.56
C VAL H 33 59.78 1.98 92.66
N PHE H 34 60.76 1.29 92.08
CA PHE H 34 60.40 0.14 91.26
C PHE H 34 59.67 -0.90 92.08
N LEU H 35 60.15 -1.18 93.28
CA LEU H 35 59.48 -2.16 94.13
C LEU H 35 58.08 -1.67 94.50
N ALA H 36 57.95 -0.41 94.87
CA ALA H 36 56.67 0.11 95.32
C ALA H 36 55.65 0.09 94.19
N GLN H 37 56.06 0.49 92.99
CA GLN H 37 55.15 0.43 91.86
C GLN H 37 54.81 -1.00 91.50
N TYR H 38 55.76 -1.93 91.60
CA TYR H 38 55.42 -3.33 91.39
C TYR H 38 54.33 -3.76 92.37
N GLU H 39 54.48 -3.38 93.63
CA GLU H 39 53.48 -3.74 94.63
C GLU H 39 52.13 -3.11 94.32
N GLN H 40 52.12 -1.82 93.99
CA GLN H 40 50.87 -1.05 93.93
C GLN H 40 50.24 -1.15 92.55
N ALA H 41 50.92 -0.64 91.53
CA ALA H 41 50.50 -0.79 90.15
C ALA H 41 51.41 -1.84 89.54
N ARG H 42 51.09 -3.11 89.80
CA ARG H 42 51.87 -4.20 89.23
C ARG H 42 51.72 -4.23 87.72
N SER H 43 50.56 -3.85 87.21
CA SER H 43 50.24 -4.05 85.79
C SER H 43 51.21 -3.36 84.84
N LEU H 44 51.99 -2.39 85.31
CA LEU H 44 52.90 -1.68 84.42
C LEU H 44 53.90 -2.65 83.81
N PRO H 45 54.30 -2.48 82.55
CA PRO H 45 55.10 -3.50 81.87
C PRO H 45 56.60 -3.37 82.04
N ASP H 46 57.05 -3.02 83.24
CA ASP H 46 58.45 -3.19 83.62
C ASP H 46 59.40 -2.27 82.86
N HIS H 47 58.89 -1.50 81.90
CA HIS H 47 59.73 -0.59 81.14
C HIS H 47 59.11 0.78 81.17
N VAL H 48 57.78 0.82 81.28
CA VAL H 48 57.11 2.10 81.45
C VAL H 48 57.63 2.79 82.68
N ALA H 49 57.77 2.06 83.78
CA ALA H 49 58.33 2.63 84.99
C ALA H 49 59.76 3.10 84.76
N LYS H 50 60.56 2.29 84.06
CA LYS H 50 61.95 2.67 83.78
C LYS H 50 62.00 4.01 83.07
N SER H 51 61.24 4.12 81.97
CA SER H 51 61.26 5.33 81.18
C SER H 51 60.69 6.51 81.95
N ALA H 52 59.64 6.27 82.73
CA ALA H 52 59.05 7.35 83.52
C ALA H 52 60.06 7.92 84.48
N TRP H 53 60.73 7.06 85.25
CA TRP H 53 61.74 7.52 86.19
C TRP H 53 62.87 8.25 85.45
N SER H 54 63.27 7.71 84.31
CA SER H 54 64.27 8.39 83.49
C SER H 54 63.81 9.81 83.17
N TYR H 55 62.56 9.96 82.75
CA TYR H 55 62.04 11.27 82.39
C TYR H 55 62.04 12.20 83.60
N LEU H 56 61.61 11.69 84.76
CA LEU H 56 61.58 12.52 85.95
C LEU H 56 62.97 13.05 86.26
N VAL H 57 63.96 12.16 86.30
CA VAL H 57 65.31 12.61 86.60
C VAL H 57 65.79 13.57 85.52
N GLN H 58 65.35 13.34 84.28
CA GLN H 58 65.64 14.27 83.21
C GLN H 58 65.21 15.69 83.58
N GLN H 59 63.95 15.82 83.99
CA GLN H 59 63.44 17.15 84.36
C GLN H 59 64.15 17.69 85.58
N ILE H 60 64.43 16.82 86.55
CA ILE H 60 65.09 17.27 87.78
C ILE H 60 66.44 17.89 87.43
N LYS H 61 67.24 17.18 86.64
CA LYS H 61 68.54 17.70 86.24
C LYS H 61 68.37 18.95 85.40
N GLN H 62 67.40 18.95 84.49
CA GLN H 62 67.22 20.10 83.60
C GLN H 62 66.90 21.36 84.39
N ARG H 63 66.03 21.25 85.38
CA ARG H 63 65.60 22.40 86.15
C ARG H 63 66.46 22.64 87.38
N ASN H 64 67.48 21.82 87.58
CA ASN H 64 68.50 22.07 88.59
C ASN H 64 67.93 21.92 90.00
N MET H 65 67.10 20.89 90.21
CA MET H 65 66.69 20.49 91.54
C MET H 65 67.35 19.18 91.92
N LYS H 66 67.35 18.90 93.21
CA LYS H 66 67.84 17.64 93.75
C LYS H 66 66.67 16.70 93.96
N LEU H 67 66.90 15.41 93.69
CA LEU H 67 65.84 14.43 93.87
C LEU H 67 65.35 14.46 95.31
N GLY H 68 64.12 14.91 95.51
CA GLY H 68 63.58 15.04 96.85
C GLY H 68 62.18 15.60 96.86
N PRO H 69 61.60 15.67 98.06
CA PRO H 69 60.20 16.06 98.18
C PRO H 69 59.91 17.42 97.58
N VAL H 70 60.83 18.37 97.71
CA VAL H 70 60.59 19.71 97.17
C VAL H 70 60.40 19.64 95.68
N ALA H 71 61.33 18.97 94.99
CA ALA H 71 61.23 18.87 93.54
C ALA H 71 59.99 18.08 93.14
N ILE H 72 59.69 17.00 93.86
CA ILE H 72 58.50 16.22 93.56
C ILE H 72 57.27 17.12 93.64
N LEU H 73 57.14 17.84 94.74
CA LEU H 73 55.98 18.71 94.95
C LEU H 73 55.91 19.77 93.86
N ARG H 74 57.05 20.34 93.48
CA ARG H 74 57.05 21.36 92.46
C ARG H 74 56.55 20.80 91.13
N LEU H 75 57.07 19.64 90.73
CA LEU H 75 56.62 19.04 89.49
C LEU H 75 55.13 18.77 89.55
N ILE H 76 54.66 18.23 90.67
CA ILE H 76 53.25 17.88 90.80
C ILE H 76 52.39 19.13 90.67
N ALA H 77 52.77 20.20 91.37
CA ALA H 77 51.99 21.43 91.31
C ALA H 77 51.97 21.99 89.89
N GLU H 78 53.14 22.06 89.26
CA GLU H 78 53.19 22.51 87.87
C GLU H 78 52.24 21.73 87.00
N LYS H 79 52.27 20.40 87.11
CA LYS H 79 51.42 19.56 86.28
C LYS H 79 49.95 19.78 86.58
N PHE H 80 49.58 19.98 87.84
CA PHE H 80 48.19 19.88 88.25
C PHE H 80 47.50 21.21 88.50
N ILE H 81 48.01 22.02 89.41
CA ILE H 81 47.22 23.11 89.99
C ILE H 81 47.58 24.42 89.32
N LYS H 82 46.56 25.18 88.93
CA LYS H 82 46.73 26.48 88.29
C LYS H 82 46.12 27.57 89.17
N ASN H 83 46.23 28.82 88.74
CA ASN H 83 45.52 29.94 89.34
C ASN H 83 44.52 30.46 88.32
N GLU H 84 43.25 30.56 88.71
CA GLU H 84 42.20 30.97 87.78
C GLU H 84 41.13 31.73 88.55
N LYS H 85 40.75 32.89 88.02
CA LYS H 85 39.66 33.67 88.60
C LYS H 85 39.96 34.03 90.05
N GLY H 86 39.57 33.17 90.98
CA GLY H 86 39.50 32.98 92.42
C GLY H 86 40.18 31.71 92.88
N GLY H 87 41.28 31.87 93.62
CA GLY H 87 41.96 30.75 94.21
C GLY H 87 42.54 29.83 93.16
N PRO H 88 43.51 29.01 93.56
CA PRO H 88 44.00 27.97 92.65
C PRO H 88 42.87 27.02 92.27
N LYS H 89 42.93 26.50 91.04
CA LYS H 89 41.94 25.54 90.57
C LYS H 89 42.61 24.55 89.63
N ILE H 90 41.98 23.38 89.49
CA ILE H 90 42.56 22.22 88.80
C ILE H 90 41.99 22.14 87.40
N ASP H 91 42.83 21.65 86.47
CA ASP H 91 42.44 21.57 85.07
C ASP H 91 41.33 20.55 84.88
N LEU H 92 40.33 20.94 84.07
CA LEU H 92 39.21 20.04 83.81
C LEU H 92 39.65 18.70 83.25
N PRO H 93 40.50 18.64 82.21
CA PRO H 93 40.83 17.33 81.63
C PRO H 93 41.48 16.37 82.60
N MET H 94 42.00 16.85 83.72
CA MET H 94 42.87 16.08 84.58
C MET H 94 42.29 15.84 85.97
N PHE H 95 41.07 16.32 86.24
CA PHE H 95 40.52 16.21 87.58
C PHE H 95 40.47 14.76 88.07
N SER H 96 40.12 13.84 87.18
CA SER H 96 40.10 12.43 87.56
C SER H 96 41.48 11.97 88.01
N GLU H 97 42.51 12.41 87.30
CA GLU H 97 43.87 12.06 87.68
C GLU H 97 44.23 12.65 89.03
N TRP H 98 43.84 13.90 89.27
CA TRP H 98 44.07 14.45 90.60
C TRP H 98 43.39 13.59 91.65
N GLN H 99 42.18 13.14 91.34
CA GLN H 99 41.44 12.26 92.26
C GLN H 99 42.25 11.01 92.56
N THR H 100 42.79 10.39 91.51
CA THR H 100 43.60 9.21 91.70
C THR H 100 44.79 9.52 92.60
N LEU H 101 45.47 10.63 92.34
CA LEU H 101 46.63 10.98 93.15
C LEU H 101 46.23 11.22 94.61
N MET H 102 45.13 11.94 94.82
CA MET H 102 44.57 12.09 96.16
C MET H 102 44.38 10.75 96.83
N SER H 103 43.92 9.76 96.07
CA SER H 103 43.75 8.42 96.63
C SER H 103 44.99 7.92 97.34
N ARG H 104 46.15 8.55 97.13
CA ARG H 104 47.40 8.11 97.71
C ARG H 104 48.13 9.18 98.51
N VAL H 105 47.95 10.45 98.18
CA VAL H 105 48.83 11.50 98.68
C VAL H 105 47.99 12.61 99.32
N SER H 106 48.63 13.32 100.25
CA SER H 106 48.05 14.52 100.83
C SER H 106 48.32 15.73 99.95
N CYS H 107 47.29 16.53 99.72
CA CYS H 107 47.38 17.66 98.81
C CYS H 107 47.87 18.93 99.46
N LEU H 108 47.66 19.10 100.77
CA LEU H 108 48.06 20.34 101.43
C LEU H 108 49.49 20.74 101.07
N PRO H 109 50.47 19.83 101.10
CA PRO H 109 51.82 20.22 100.66
C PRO H 109 51.84 20.72 99.24
N ILE H 110 51.08 20.09 98.34
CA ILE H 110 51.03 20.54 96.96
C ILE H 110 50.47 21.94 96.89
N ILE H 111 49.40 22.18 97.65
CA ILE H 111 48.76 23.48 97.69
C ILE H 111 49.76 24.53 98.14
N ALA H 112 50.50 24.22 99.19
CA ALA H 112 51.52 25.16 99.68
C ALA H 112 52.58 25.41 98.62
N CYS H 113 53.04 24.36 97.96
CA CYS H 113 54.08 24.52 96.96
C CYS H 113 53.60 25.40 95.81
N HIS H 114 52.36 25.20 95.39
CA HIS H 114 51.79 26.06 94.36
C HIS H 114 51.70 27.50 94.85
N GLN H 115 51.24 27.70 96.08
CA GLN H 115 51.18 29.05 96.62
C GLN H 115 52.55 29.71 96.60
N VAL H 116 53.61 28.94 96.85
CA VAL H 116 54.95 29.52 96.93
C VAL H 116 55.51 29.80 95.54
N PHE H 117 55.62 28.77 94.72
CA PHE H 117 56.31 28.88 93.43
C PHE H 117 55.41 29.42 92.33
N ASN H 118 54.12 29.56 92.58
CA ASN H 118 53.20 30.12 91.62
C ASN H 118 51.94 30.61 92.33
N PRO H 119 52.06 31.56 93.24
CA PRO H 119 50.85 32.18 93.79
C PRO H 119 50.13 32.98 92.72
N GLY H 120 48.82 33.11 92.92
CA GLY H 120 48.01 33.92 92.03
C GLY H 120 48.26 35.40 92.27
N PRO H 121 47.32 36.24 91.82
CA PRO H 121 47.45 37.67 92.11
C PRO H 121 47.57 37.91 93.60
N ALA H 122 48.45 38.82 93.98
CA ALA H 122 48.67 39.12 95.39
C ALA H 122 47.59 40.06 95.89
N SER H 123 46.33 39.73 95.64
CA SER H 123 45.20 40.54 96.10
C SER H 123 44.15 39.75 96.85
N GLN H 124 43.93 38.48 96.52
CA GLN H 124 43.01 37.62 97.27
C GLN H 124 43.82 36.95 98.37
N GLU H 125 43.54 37.33 99.61
CA GLU H 125 44.21 36.71 100.73
C GLU H 125 43.76 35.26 100.81
N TYR H 126 44.59 34.34 100.34
CA TYR H 126 44.20 32.93 100.26
C TYR H 126 44.30 32.27 101.62
N SER H 127 43.19 31.73 102.08
CA SER H 127 43.17 30.83 103.23
C SER H 127 43.11 29.41 102.70
N PHE H 128 43.86 28.51 103.33
CA PHE H 128 43.81 27.11 102.93
C PHE H 128 42.39 26.59 102.99
N ARG H 129 41.94 25.98 101.90
CA ARG H 129 40.59 25.45 101.81
C ARG H 129 40.62 24.15 101.04
N TRP H 130 40.56 23.06 101.75
CA TRP H 130 40.57 21.77 101.11
C TRP H 130 39.14 21.33 100.80
N PRO H 131 38.94 20.50 99.77
CA PRO H 131 39.99 20.12 98.81
C PRO H 131 40.07 21.15 97.68
N LEU H 132 40.87 20.85 96.66
CA LEU H 132 40.94 21.69 95.48
C LEU H 132 39.84 21.28 94.52
N TYR H 133 39.41 22.19 93.66
CA TYR H 133 38.37 21.89 92.71
C TYR H 133 38.72 22.42 91.34
N PRO H 134 38.13 21.86 90.28
CA PRO H 134 38.21 22.47 88.96
C PRO H 134 37.22 23.63 88.86
N TYR H 135 37.26 24.30 87.71
CA TYR H 135 36.46 25.49 87.46
C TYR H 135 35.46 25.22 86.34
N HIS H 136 34.20 25.55 86.59
CA HIS H 136 33.26 25.63 85.48
C HIS H 136 32.08 26.54 85.78
N PRO H 137 31.86 27.57 84.97
CA PRO H 137 30.77 28.51 85.27
C PRO H 137 29.42 27.86 85.39
N THR H 138 29.13 26.87 84.54
CA THR H 138 27.80 26.28 84.55
C THR H 138 27.51 25.62 85.90
N VAL H 139 28.40 24.74 86.35
CA VAL H 139 28.15 24.04 87.60
C VAL H 139 28.20 25.03 88.75
N GLU H 140 29.06 26.04 88.65
CA GLU H 140 29.14 27.03 89.71
C GLU H 140 27.82 27.79 89.85
N ASP H 141 27.22 28.17 88.72
CA ASP H 141 25.89 28.78 88.77
C ASP H 141 24.87 27.80 89.34
N TYR H 142 24.96 26.53 88.94
CA TYR H 142 24.02 25.54 89.46
C TYR H 142 24.08 25.46 90.97
N ILE H 143 25.29 25.36 91.52
CA ILE H 143 25.42 25.27 92.98
C ILE H 143 24.98 26.56 93.63
N THR H 144 25.28 27.70 93.00
CA THR H 144 24.87 28.98 93.57
C THR H 144 23.36 29.07 93.66
N ARG H 145 22.66 28.59 92.63
CA ARG H 145 21.22 28.76 92.56
C ARG H 145 20.49 27.68 93.36
N GLU H 146 21.03 26.46 93.38
CA GLU H 146 20.36 25.33 93.99
C GLU H 146 21.15 24.68 95.12
N CYS H 147 22.46 24.92 95.20
CA CYS H 147 23.29 24.31 96.23
C CYS H 147 23.28 22.79 96.10
N LEU H 148 24.16 22.13 96.84
CA LEU H 148 24.24 20.68 96.82
C LEU H 148 23.65 20.13 98.12
N HIS H 149 23.54 18.81 98.19
CA HIS H 149 22.80 18.16 99.26
C HIS H 149 23.45 16.82 99.61
N GLU H 150 23.98 16.73 100.82
CA GLU H 150 24.77 15.58 101.25
C GLU H 150 23.89 14.59 101.99
N THR H 151 23.97 13.33 101.61
CA THR H 151 23.11 12.29 102.12
C THR H 151 23.86 11.10 102.70
N HIS H 152 25.09 10.84 102.25
CA HIS H 152 25.83 9.65 102.66
C HIS H 152 27.17 10.10 103.24
N GLN H 153 27.29 10.08 104.56
CA GLN H 153 28.54 10.40 105.25
C GLN H 153 28.61 9.58 106.53
N HIS H 154 29.23 8.39 106.44
CA HIS H 154 29.52 7.24 107.29
C HIS H 154 30.88 6.61 107.03
N LEU H 155 31.84 7.35 106.46
CA LEU H 155 33.14 6.76 106.18
C LEU H 155 34.09 6.92 107.36
N ASN H 156 34.39 8.15 107.73
CA ASN H 156 35.32 8.47 108.82
C ASN H 156 34.59 9.42 109.75
N GLY H 157 33.80 8.87 110.65
CA GLY H 157 32.84 9.71 111.35
C GLY H 157 32.02 10.38 110.26
N SER H 158 32.27 11.66 110.05
CA SER H 158 31.79 12.33 108.85
C SER H 158 32.85 13.27 108.27
N THR H 159 34.08 13.20 108.74
CA THR H 159 35.15 14.10 108.32
C THR H 159 36.04 13.44 107.30
N SER H 160 36.86 14.26 106.64
CA SER H 160 37.91 13.73 105.79
C SER H 160 39.07 13.23 106.65
N ALA H 161 39.80 12.26 106.08
CA ALA H 161 40.85 11.59 106.83
C ALA H 161 42.06 12.48 107.10
N GLU H 162 42.40 13.39 106.20
CA GLU H 162 43.61 14.19 106.39
C GLU H 162 43.67 14.85 107.76
N GLU H 163 42.55 15.39 108.24
CA GLU H 163 42.53 15.95 109.58
C GLU H 163 42.86 14.92 110.63
N CYS H 164 42.54 13.65 110.39
CA CYS H 164 42.83 12.62 111.40
C CYS H 164 44.33 12.46 111.60
N TRP H 165 45.14 12.80 110.60
CA TRP H 165 46.57 12.89 110.85
C TRP H 165 46.91 13.89 111.94
N LEU H 166 46.48 15.14 111.77
CA LEU H 166 46.75 16.12 112.80
C LEU H 166 46.13 15.70 114.13
N ASP H 167 44.99 15.01 114.05
CA ASP H 167 44.34 14.54 115.27
C ASP H 167 45.20 13.52 115.99
N ALA H 168 45.80 12.60 115.25
CA ALA H 168 46.71 11.62 115.85
C ALA H 168 47.92 12.32 116.44
N LEU H 169 48.47 13.30 115.74
CA LEU H 169 49.59 14.03 116.28
C LEU H 169 49.21 14.75 117.57
N LYS H 170 47.99 15.26 117.65
CA LYS H 170 47.53 15.92 118.87
C LYS H 170 47.31 14.91 119.99
N HIS H 171 46.84 13.71 119.64
CA HIS H 171 46.62 12.64 120.61
C HIS H 171 47.35 11.39 120.13
N PRO H 172 48.68 11.44 120.08
CA PRO H 172 49.42 10.24 119.64
C PRO H 172 49.16 9.06 120.55
N GLU H 173 48.89 9.32 121.82
CA GLU H 173 48.62 8.25 122.76
C GLU H 173 47.25 7.63 122.53
N ALA H 174 46.22 8.45 122.33
CA ALA H 174 44.90 7.91 122.02
C ALA H 174 44.94 7.10 120.73
N CYS H 175 45.68 7.61 119.74
CA CYS H 175 45.82 6.89 118.49
C CYS H 175 46.46 5.53 118.71
N LEU H 176 47.52 5.47 119.51
CA LEU H 176 48.18 4.19 119.75
C LEU H 176 47.29 3.24 120.54
N ARG H 177 46.54 3.78 121.51
CA ARG H 177 45.59 2.95 122.23
C ARG H 177 44.57 2.34 121.28
N ASP H 178 44.01 3.17 120.40
CA ASP H 178 43.03 2.67 119.43
C ASP H 178 43.67 1.63 118.53
N PHE H 179 44.89 1.88 118.08
CA PHE H 179 45.58 0.94 117.21
C PHE H 179 45.75 -0.41 117.89
N GLU H 180 46.32 -0.40 119.09
CA GLU H 180 46.54 -1.65 119.80
C GLU H 180 45.22 -2.37 120.03
N LYS H 181 44.19 -1.64 120.45
CA LYS H 181 42.87 -2.21 120.63
C LYS H 181 42.33 -2.45 119.22
N GLY H 182 42.63 -3.63 118.71
CA GLY H 182 42.37 -3.95 117.32
C GLY H 182 43.55 -4.67 116.71
N TRP H 183 44.77 -4.28 117.09
CA TRP H 183 45.92 -5.03 116.64
C TRP H 183 45.85 -6.49 117.05
N ALA H 184 45.19 -6.79 118.16
CA ALA H 184 45.00 -8.18 118.56
C ALA H 184 44.10 -8.93 117.60
N SER H 185 43.04 -8.31 117.10
CA SER H 185 42.10 -9.00 116.23
C SER H 185 42.77 -9.43 114.95
N GLN H 186 42.32 -10.57 114.40
CA GLN H 186 42.93 -11.11 113.21
C GLN H 186 42.82 -10.16 112.03
N GLU H 187 41.64 -9.56 111.83
CA GLU H 187 41.41 -8.82 110.60
C GLU H 187 42.38 -7.63 110.48
N MET H 188 42.49 -6.84 111.54
CA MET H 188 43.44 -5.72 111.48
C MET H 188 44.87 -6.22 111.36
N LYS H 189 45.21 -7.33 112.00
CA LYS H 189 46.51 -7.93 111.75
C LYS H 189 46.70 -8.20 110.27
N GLN H 190 45.67 -8.76 109.63
CA GLN H 190 45.74 -9.03 108.20
C GLN H 190 45.97 -7.75 107.41
N LEU H 191 45.19 -6.71 107.69
CA LEU H 191 45.33 -5.48 106.93
C LEU H 191 46.71 -4.87 107.12
N CYS H 192 47.22 -4.91 108.35
CA CYS H 192 48.55 -4.41 108.62
C CYS H 192 49.59 -5.19 107.83
N ALA H 193 49.47 -6.51 107.83
CA ALA H 193 50.40 -7.32 107.05
C ALA H 193 50.41 -6.88 105.60
N GLN H 194 49.22 -6.70 105.02
CA GLN H 194 49.16 -6.26 103.63
C GLN H 194 49.76 -4.89 103.41
N ILE H 195 49.41 -3.91 104.25
CA ILE H 195 49.85 -2.55 103.99
C ILE H 195 51.33 -2.39 104.34
N ASP H 196 51.67 -2.58 105.60
CA ASP H 196 53.07 -2.62 106.03
C ASP H 196 53.30 -3.93 106.77
N PRO H 197 53.97 -4.90 106.16
CA PRO H 197 54.20 -6.18 106.87
C PRO H 197 54.74 -6.01 108.27
N SER H 198 55.89 -5.34 108.42
CA SER H 198 56.54 -5.20 109.73
C SER H 198 56.11 -3.91 110.41
N LEU H 199 54.79 -3.76 110.58
CA LEU H 199 54.26 -2.53 111.14
C LEU H 199 54.32 -2.54 112.66
N THR H 200 53.52 -3.40 113.29
CA THR H 200 53.45 -3.55 114.74
C THR H 200 53.17 -2.24 115.46
N PRO H 201 52.46 -2.29 116.59
CA PRO H 201 52.19 -1.04 117.32
C PRO H 201 53.43 -0.34 117.81
N ARG H 202 54.52 -1.08 118.07
CA ARG H 202 55.73 -0.43 118.57
C ARG H 202 56.25 0.58 117.55
N ILE H 203 56.47 0.15 116.31
CA ILE H 203 56.96 1.08 115.31
C ILE H 203 55.84 2.01 114.87
N PHE H 204 54.59 1.62 115.10
CA PHE H 204 53.49 2.56 114.91
C PHE H 204 53.69 3.80 115.76
N LYS H 205 53.87 3.60 117.07
CA LYS H 205 54.22 4.69 117.97
C LYS H 205 55.50 5.37 117.55
N ASP H 206 56.51 4.61 117.18
CA ASP H 206 57.78 5.20 116.79
C ASP H 206 57.57 6.20 115.66
N ARG H 207 56.85 5.78 114.62
CA ARG H 207 56.63 6.63 113.47
C ARG H 207 55.81 7.85 113.84
N LEU H 208 54.75 7.68 114.64
CA LEU H 208 53.96 8.85 115.03
C LEU H 208 54.84 9.88 115.75
N GLN H 209 55.63 9.42 116.72
CA GLN H 209 56.42 10.37 117.49
C GLN H 209 57.53 10.98 116.65
N ILE H 210 58.12 10.20 115.74
CA ILE H 210 59.10 10.77 114.84
C ILE H 210 58.45 11.83 113.97
N ALA H 211 57.22 11.60 113.53
CA ALA H 211 56.51 12.60 112.74
C ALA H 211 56.33 13.87 113.55
N CYS H 212 55.98 13.74 114.83
CA CYS H 212 55.92 14.92 115.69
C CYS H 212 57.26 15.64 115.71
N ASN H 213 58.35 14.87 115.86
CA ASN H 213 59.67 15.47 115.90
C ASN H 213 60.00 16.21 114.61
N ILE H 214 59.67 15.60 113.48
CA ILE H 214 59.94 16.24 112.20
C ILE H 214 59.14 17.52 112.09
N ARG H 215 57.85 17.47 112.39
CA ARG H 215 57.04 18.68 112.34
C ARG H 215 57.69 19.79 113.14
N GLU H 216 58.04 19.50 114.40
CA GLU H 216 58.53 20.53 115.29
C GLU H 216 59.91 21.06 114.89
N ILE H 217 60.82 20.16 114.51
CA ILE H 217 62.15 20.59 114.11
C ILE H 217 62.07 21.42 112.84
N LEU H 218 61.34 20.91 111.85
CA LEU H 218 61.17 21.65 110.62
C LEU H 218 60.42 22.94 110.86
N CYS H 219 59.60 23.02 111.92
CA CYS H 219 58.96 24.28 112.27
C CYS H 219 59.97 25.27 112.82
N ARG H 220 60.90 24.81 113.66
CA ARG H 220 61.97 25.70 114.08
C ARG H 220 62.67 26.29 112.87
N VAL H 221 63.08 25.44 111.93
CA VAL H 221 63.77 26.00 110.77
C VAL H 221 62.83 26.82 109.90
N ALA H 222 61.53 26.52 109.91
CA ALA H 222 60.56 27.33 109.18
C ALA H 222 60.52 28.74 109.74
N GLN H 223 60.58 28.87 111.06
CA GLN H 223 60.72 30.18 111.68
C GLN H 223 62.13 30.71 111.56
N GLY H 224 63.08 29.89 111.10
CA GLY H 224 64.44 30.35 110.90
C GLY H 224 65.04 30.77 112.22
N VAL H 225 64.93 29.91 113.23
CA VAL H 225 65.29 30.24 114.59
C VAL H 225 66.50 29.39 114.97
N GLU H 226 67.68 29.94 114.72
CA GLU H 226 68.94 29.57 115.37
C GLU H 226 69.33 28.10 115.23
N LEU H 227 68.52 27.29 114.55
CA LEU H 227 68.88 25.90 114.34
C LEU H 227 69.45 25.28 115.61
N PRO H 228 68.63 24.90 116.59
CA PRO H 228 69.18 24.50 117.90
C PRO H 228 70.34 23.54 117.79
N GLU H 229 71.21 23.55 118.79
CA GLU H 229 72.53 22.92 118.65
C GLU H 229 72.43 21.40 118.58
N TRP H 230 71.51 20.79 119.33
CA TRP H 230 71.45 19.33 119.37
C TRP H 230 71.16 18.71 118.01
N ILE H 231 70.87 19.51 116.99
CA ILE H 231 70.76 18.96 115.64
C ILE H 231 72.07 18.28 115.24
N ALA H 232 73.19 18.78 115.76
CA ALA H 232 74.47 18.13 115.49
C ALA H 232 74.47 16.70 116.03
N SER H 233 73.98 16.52 117.26
CA SER H 233 73.80 15.16 117.78
C SER H 233 72.81 14.38 116.93
N MET H 234 71.81 15.07 116.39
CA MET H 234 70.78 14.44 115.58
C MET H 234 71.45 13.86 114.34
N GLN H 235 71.65 12.54 114.32
CA GLN H 235 72.37 11.88 113.25
C GLN H 235 71.58 10.78 112.54
N ASN H 236 70.77 10.01 113.27
CA ASN H 236 70.05 8.88 112.67
C ASN H 236 68.59 8.94 113.09
N PRO H 237 67.64 8.85 112.15
CA PRO H 237 66.26 9.25 112.45
C PRO H 237 65.65 8.53 113.65
N GLN H 238 66.04 7.28 113.86
CA GLN H 238 65.54 6.56 115.03
C GLN H 238 65.85 7.31 116.31
N GLN H 239 66.88 8.16 116.30
CA GLN H 239 67.05 9.10 117.39
C GLN H 239 65.80 9.91 117.61
N LEU H 240 65.09 10.23 116.54
CA LEU H 240 63.82 10.96 116.64
C LEU H 240 62.68 10.07 117.10
N ALA H 241 62.95 8.81 117.42
CA ALA H 241 61.92 7.91 117.92
C ALA H 241 61.68 8.06 119.41
N ASN H 242 62.28 9.05 120.04
CA ASN H 242 62.13 9.28 121.47
C ASN H 242 61.67 10.71 121.70
N SER H 243 60.88 10.88 122.77
CA SER H 243 60.30 12.18 123.05
C SER H 243 61.35 13.25 123.30
N THR H 244 62.59 12.84 123.61
CA THR H 244 63.66 13.78 123.90
C THR H 244 64.96 13.26 123.32
N ILE H 245 65.94 14.16 123.20
CA ILE H 245 67.25 13.83 122.65
C ILE H 245 68.31 14.04 123.73
N LEU H 246 69.36 13.23 123.65
CA LEU H 246 70.54 13.38 124.49
C LEU H 246 71.64 13.93 123.59
N HIS H 247 72.19 15.08 123.95
CA HIS H 247 73.28 15.66 123.16
C HIS H 247 74.62 15.25 123.78
N ASN H 248 74.87 15.68 125.02
CA ASN H 248 76.04 15.25 125.79
C ASN H 248 75.63 15.22 127.24
N GLY H 249 75.17 14.06 127.71
CA GLY H 249 74.82 13.88 129.10
C GLY H 249 73.48 14.49 129.48
N ARG H 250 73.08 15.53 128.77
CA ARG H 250 71.86 16.28 129.08
C ARG H 250 70.78 15.99 128.04
N GLU H 251 69.54 16.01 128.51
CA GLU H 251 68.39 15.53 127.76
C GLU H 251 67.51 16.73 127.41
N TYR H 252 67.12 16.82 126.14
CA TYR H 252 66.39 17.97 125.62
C TYR H 252 64.98 17.60 125.20
N GLY H 253 64.02 18.43 125.58
CA GLY H 253 62.71 18.37 124.97
C GLY H 253 62.68 19.17 123.68
N PHE H 254 62.24 18.51 122.62
CA PHE H 254 62.26 19.11 121.29
C PHE H 254 61.29 20.28 121.15
N ALA H 255 60.40 20.49 122.12
CA ALA H 255 59.29 21.41 121.92
C ALA H 255 59.78 22.83 121.64
N THR H 256 59.03 23.53 120.79
CA THR H 256 59.29 24.93 120.47
C THR H 256 57.97 25.69 120.55
N VAL H 257 58.00 26.94 120.12
CA VAL H 257 56.84 27.82 120.20
C VAL H 257 56.14 27.83 118.85
N TRP H 258 54.85 28.18 118.88
CA TRP H 258 54.06 28.23 117.66
C TRP H 258 53.30 29.55 117.58
N PRO H 259 53.32 30.24 116.43
CA PRO H 259 52.60 31.53 116.35
C PRO H 259 51.12 31.41 116.68
N ILE H 260 50.47 30.36 116.21
CA ILE H 260 49.04 30.19 116.44
C ILE H 260 48.82 29.28 117.63
N ASP H 261 47.64 29.40 118.24
CA ASP H 261 47.33 28.59 119.41
C ASP H 261 47.34 27.10 119.08
N ASP H 262 46.72 26.73 117.96
CA ASP H 262 46.64 25.32 117.54
C ASP H 262 47.79 25.03 116.59
N LYS H 263 48.88 24.51 117.14
CA LYS H 263 49.95 23.97 116.29
C LYS H 263 49.49 22.79 115.46
N TYR H 264 48.35 22.19 115.81
CA TYR H 264 47.82 21.06 115.08
C TYR H 264 46.68 21.45 114.15
N SER H 265 46.48 22.74 113.92
CA SER H 265 45.49 23.19 112.96
C SER H 265 45.97 22.95 111.55
N GLN H 266 45.04 22.59 110.67
CA GLN H 266 45.39 22.49 109.26
C GLN H 266 45.92 23.82 108.75
N GLU H 267 45.41 24.92 109.28
CA GLU H 267 45.95 26.23 108.94
C GLU H 267 47.39 26.35 109.42
N SER H 268 47.67 25.85 110.63
CA SER H 268 49.04 25.85 111.14
C SER H 268 49.95 25.09 110.21
N GLU H 269 49.56 23.87 109.83
CA GLU H 269 50.35 23.09 108.89
C GLU H 269 50.56 23.85 107.60
N PHE H 270 49.50 24.47 107.07
CA PHE H 270 49.59 25.17 105.80
C PHE H 270 50.60 26.31 105.88
N CYS H 271 50.44 27.19 106.86
CA CYS H 271 51.34 28.34 106.96
C CYS H 271 52.78 27.86 107.19
N TRP H 272 52.94 26.84 108.04
CA TRP H 272 54.25 26.32 108.32
C TRP H 272 54.93 25.80 107.05
N LEU H 273 54.23 24.96 106.29
CA LEU H 273 54.82 24.41 105.08
C LEU H 273 55.08 25.52 104.06
N THR H 274 54.22 26.53 104.03
CA THR H 274 54.46 27.65 103.13
C THR H 274 55.78 28.33 103.46
N GLY H 275 55.97 28.69 104.73
CA GLY H 275 57.23 29.28 105.14
C GLY H 275 58.40 28.38 104.83
N LEU H 276 58.23 27.07 105.03
CA LEU H 276 59.28 26.14 104.67
C LEU H 276 59.64 26.31 103.21
N LEU H 277 58.72 25.95 102.33
CA LEU H 277 59.04 25.91 100.90
C LEU H 277 59.58 27.25 100.43
N GLU H 278 59.17 28.36 101.07
CA GLU H 278 59.76 29.63 100.68
C GLU H 278 61.21 29.73 101.11
N LYS H 279 61.52 29.40 102.37
CA LYS H 279 62.92 29.47 102.79
C LYS H 279 63.79 28.53 101.98
N TRP H 280 63.33 27.30 101.78
CA TRP H 280 64.00 26.32 100.94
C TRP H 280 63.65 26.46 99.47
N ARG H 281 63.23 27.66 99.06
CA ARG H 281 62.87 27.90 97.66
C ARG H 281 64.01 27.53 96.73
N PHE H 282 65.22 28.02 97.01
CA PHE H 282 66.33 27.82 96.09
C PHE H 282 67.12 26.54 96.36
N ASN H 283 67.12 26.05 97.59
CA ASN H 283 67.92 24.89 97.93
C ASN H 283 67.50 24.38 99.30
N ALA H 284 68.08 23.25 99.70
CA ALA H 284 67.75 22.67 100.98
C ALA H 284 68.85 21.73 101.43
N PRO H 285 69.17 21.71 102.73
CA PRO H 285 70.10 20.70 103.23
C PRO H 285 69.53 19.30 103.02
N GLU H 286 70.41 18.39 102.61
CA GLU H 286 69.98 17.01 102.41
C GLU H 286 69.27 16.47 103.63
N GLY H 287 69.81 16.72 104.83
CA GLY H 287 69.22 16.15 106.02
C GLY H 287 67.80 16.64 106.26
N LEU H 288 67.60 17.96 106.26
CA LEU H 288 66.28 18.49 106.54
C LEU H 288 65.31 18.10 105.43
N GLU H 289 65.76 18.12 104.19
CA GLU H 289 64.90 17.70 103.09
C GLU H 289 64.46 16.25 103.26
N ARG H 290 65.39 15.38 103.65
CA ARG H 290 65.03 13.99 103.91
C ARG H 290 64.04 13.89 105.06
N LEU H 291 64.25 14.69 106.12
CA LEU H 291 63.31 14.69 107.23
C LEU H 291 61.90 15.02 106.75
N LEU H 292 61.77 16.07 105.95
CA LEU H 292 60.47 16.42 105.38
C LEU H 292 59.92 15.27 104.55
N TRP H 293 60.76 14.67 103.71
CA TRP H 293 60.30 13.56 102.89
C TRP H 293 59.74 12.44 103.75
N ILE H 294 60.45 12.11 104.83
CA ILE H 294 60.02 11.05 105.72
C ILE H 294 58.69 11.40 106.36
N TYR H 295 58.54 12.64 106.81
CA TYR H 295 57.26 13.07 107.36
C TYR H 295 56.16 12.82 106.35
N LEU H 296 56.39 13.21 105.10
CA LEU H 296 55.39 13.04 104.07
C LEU H 296 55.05 11.57 103.87
N LEU H 297 56.07 10.73 103.79
CA LEU H 297 55.85 9.30 103.58
C LEU H 297 55.04 8.71 104.71
N ILE H 298 55.44 8.95 105.95
CA ILE H 298 54.73 8.37 107.08
C ILE H 298 53.30 8.87 107.12
N GLN H 299 53.12 10.17 106.89
CA GLN H 299 51.77 10.72 106.86
C GLN H 299 50.91 9.98 105.85
N ASN H 300 51.43 9.80 104.63
CA ASN H 300 50.68 9.09 103.61
C ASN H 300 50.39 7.66 104.04
N GLN H 301 51.38 6.98 104.62
CA GLN H 301 51.19 5.59 104.97
C GLN H 301 50.11 5.43 106.03
N TYR H 302 50.18 6.24 107.09
CA TYR H 302 49.15 6.19 108.11
C TYR H 302 47.79 6.54 107.57
N LEU H 303 47.71 7.58 106.74
CA LEU H 303 46.42 7.97 106.21
C LEU H 303 45.83 6.84 105.37
N THR H 304 46.69 6.16 104.61
CA THR H 304 46.26 4.96 103.89
C THR H 304 45.67 3.95 104.86
N LEU H 305 46.50 3.41 105.76
CA LEU H 305 46.00 2.47 106.75
C LEU H 305 44.63 2.89 107.27
N LEU H 306 44.50 4.16 107.64
CA LEU H 306 43.24 4.66 108.17
C LEU H 306 42.12 4.44 107.17
N VAL H 307 42.32 4.85 105.91
CA VAL H 307 41.22 4.78 104.96
C VAL H 307 40.84 3.34 104.67
N GLN H 308 41.82 2.45 104.47
CA GLN H 308 41.46 1.05 104.24
C GLN H 308 40.98 0.34 105.49
N ARG H 309 41.07 0.94 106.67
CA ARG H 309 40.46 0.32 107.84
C ARG H 309 39.02 -0.08 107.53
N THR H 322 37.84 3.13 118.36
CA THR H 322 36.59 3.71 118.83
C THR H 322 36.86 4.94 119.69
N MET H 323 37.92 4.89 120.50
CA MET H 323 38.25 5.99 121.39
C MET H 323 38.48 7.29 120.63
N THR H 324 39.20 7.22 119.51
CA THR H 324 39.41 8.41 118.72
C THR H 324 38.09 8.99 118.24
N GLU H 325 37.12 8.12 117.94
CA GLU H 325 35.80 8.61 117.56
C GLU H 325 35.08 9.23 118.75
N LEU H 326 35.21 8.61 119.93
CA LEU H 326 34.65 9.21 121.14
C LEU H 326 35.18 10.62 121.32
N ARG H 327 36.46 10.83 121.02
CA ARG H 327 37.03 12.16 121.08
C ARG H 327 36.34 13.14 120.15
N GLU H 328 35.62 12.65 119.13
CA GLU H 328 34.85 13.51 118.23
C GLU H 328 33.52 13.94 118.84
N GLU H 329 33.33 13.72 120.14
CA GLU H 329 32.06 14.03 120.80
C GLU H 329 32.06 15.45 121.38
N THR H 330 32.83 16.35 120.79
CA THR H 330 32.83 17.76 121.17
C THR H 330 32.25 18.57 120.01
N GLU H 331 31.70 19.73 120.34
CA GLU H 331 31.16 20.61 119.32
C GLU H 331 32.27 21.43 118.66
N LYS H 332 33.33 20.73 118.28
CA LYS H 332 34.44 21.28 117.51
C LYS H 332 34.55 20.62 116.16
N SER H 333 34.63 19.28 116.14
CA SER H 333 34.63 18.56 114.89
C SER H 333 33.39 18.87 114.08
N TYR H 334 32.23 18.91 114.74
CA TYR H 334 30.99 19.09 114.01
C TYR H 334 30.83 20.52 113.53
N LEU H 335 31.28 21.48 114.34
CA LEU H 335 31.32 22.86 113.88
C LEU H 335 32.23 22.99 112.66
N SER H 336 33.40 22.34 112.70
CA SER H 336 34.28 22.36 111.55
C SER H 336 33.62 21.73 110.35
N ARG H 337 32.90 20.63 110.56
CA ARG H 337 32.16 19.99 109.48
C ARG H 337 31.18 20.97 108.86
N PHE H 338 30.43 21.68 109.69
CA PHE H 338 29.41 22.59 109.19
C PHE H 338 30.04 23.75 108.43
N LYS H 339 31.12 24.29 108.98
CA LYS H 339 31.85 25.35 108.28
C LYS H 339 32.36 24.87 106.94
N HIS H 340 32.95 23.67 106.90
CA HIS H 340 33.45 23.11 105.66
C HIS H 340 32.31 22.93 104.66
N ALA H 341 31.17 22.41 105.12
CA ALA H 341 30.02 22.27 104.24
C ALA H 341 29.62 23.60 103.65
N HIS H 342 29.47 24.61 104.50
CA HIS H 342 29.30 25.97 103.99
C HIS H 342 30.53 26.36 103.18
N GLY H 343 30.29 27.02 102.05
CA GLY H 343 31.39 27.44 101.21
C GLY H 343 32.19 28.56 101.83
N ALA H 344 33.02 29.22 101.02
CA ALA H 344 33.75 30.39 101.46
C ALA H 344 32.92 31.66 101.38
N GLY H 345 31.69 31.57 100.91
CA GLY H 345 30.83 32.73 100.76
C GLY H 345 29.73 32.79 101.81
N VAL H 346 28.92 33.83 101.70
CA VAL H 346 27.83 34.03 102.66
C VAL H 346 26.84 32.88 102.59
N TYR H 347 26.60 32.36 101.41
CA TYR H 347 25.66 31.26 101.21
C TYR H 347 26.39 29.94 101.37
N SER H 348 25.76 29.00 102.08
CA SER H 348 26.37 27.68 102.26
C SER H 348 26.25 26.86 100.99
N GLN H 349 27.36 26.22 100.61
CA GLN H 349 27.34 25.34 99.44
C GLN H 349 26.38 24.18 99.64
N VAL H 350 26.35 23.60 100.83
CA VAL H 350 25.45 22.52 101.18
C VAL H 350 24.20 23.15 101.78
N ARG H 351 23.02 22.68 101.35
CA ARG H 351 21.80 23.29 101.83
C ARG H 351 21.01 22.26 102.65
N TYR H 352 21.04 21.00 102.22
CA TYR H 352 20.65 19.87 103.06
C TYR H 352 21.87 19.03 103.40
N LEU H 353 21.99 18.69 104.68
CA LEU H 353 23.00 17.77 105.16
C LEU H 353 22.32 16.71 106.02
N GLU H 354 22.65 15.45 105.76
CA GLU H 354 22.27 14.35 106.63
C GLU H 354 23.50 13.87 107.37
N GLY H 355 23.51 14.04 108.69
CA GLY H 355 24.36 13.84 109.86
C GLY H 355 24.23 12.44 110.40
N ARG H 356 25.15 11.59 110.02
CA ARG H 356 25.11 10.17 110.37
C ARG H 356 26.02 9.92 111.56
N PHE H 357 25.52 9.18 112.55
CA PHE H 357 26.24 9.05 113.80
C PHE H 357 26.02 7.68 114.42
N ALA H 358 27.07 7.11 114.99
CA ALA H 358 26.97 5.78 115.59
C ALA H 358 26.31 5.86 116.96
N PRO H 359 25.30 5.04 117.24
CA PRO H 359 24.71 5.05 118.57
C PRO H 359 25.45 4.12 119.52
N LYS H 360 26.01 4.71 120.57
CA LYS H 360 26.60 3.98 121.67
C LYS H 360 25.50 3.48 122.61
N SER H 361 25.87 2.56 123.50
CA SER H 361 24.92 1.89 124.37
C SER H 361 24.63 2.64 125.66
N ASP H 362 25.14 3.86 125.83
CA ASP H 362 24.98 4.59 127.09
C ASP H 362 24.11 5.82 126.88
N PRO H 363 23.03 6.00 127.65
CA PRO H 363 22.25 7.24 127.51
C PRO H 363 23.06 8.49 127.79
N ASN H 364 24.03 8.41 128.72
CA ASN H 364 24.88 9.55 128.98
C ASN H 364 25.67 9.93 127.74
N LYS H 365 26.24 8.92 127.07
CA LYS H 365 26.96 9.19 125.84
C LYS H 365 26.02 9.71 124.76
N MET H 366 24.79 9.21 124.72
CA MET H 366 23.82 9.69 123.74
C MET H 366 23.55 11.18 123.94
N GLN H 367 23.21 11.56 125.16
CA GLN H 367 22.91 12.97 125.42
C GLN H 367 24.14 13.83 125.17
N LYS H 368 25.33 13.35 125.56
CA LYS H 368 26.54 14.11 125.31
C LYS H 368 26.75 14.34 123.82
N LEU H 369 26.72 13.27 123.04
CA LEU H 369 26.94 13.37 121.61
C LEU H 369 25.90 14.28 120.96
N LEU H 370 24.62 14.08 121.29
CA LEU H 370 23.58 14.89 120.69
C LEU H 370 23.74 16.35 121.05
N PHE H 371 24.04 16.63 122.32
CA PHE H 371 24.24 18.02 122.72
C PHE H 371 25.41 18.63 121.98
N SER H 372 26.50 17.87 121.83
CA SER H 372 27.64 18.38 121.09
C SER H 372 27.26 18.73 119.66
N VAL H 373 26.59 17.80 118.98
CA VAL H 373 26.22 18.03 117.60
C VAL H 373 25.32 19.26 117.49
N LEU H 374 24.32 19.32 118.35
CA LEU H 374 23.33 20.39 118.26
C LEU H 374 23.96 21.73 118.61
N ARG H 375 24.85 21.76 119.59
CA ARG H 375 25.50 23.01 119.96
C ARG H 375 26.42 23.48 118.85
N GLY H 376 27.16 22.55 118.24
CA GLY H 376 27.97 22.93 117.10
C GLY H 376 27.12 23.51 115.97
N TYR H 377 25.98 22.87 115.70
CA TYR H 377 25.09 23.39 114.67
C TYR H 377 24.56 24.77 115.04
N TRP H 378 24.20 24.97 116.30
CA TRP H 378 23.71 26.27 116.73
C TRP H 378 24.77 27.34 116.58
N GLU H 379 26.01 27.03 116.97
CA GLU H 379 27.10 27.99 116.81
C GLU H 379 27.34 28.29 115.34
N TYR H 380 27.28 27.25 114.49
CA TYR H 380 27.46 27.45 113.07
C TYR H 380 26.41 28.41 112.52
N LEU H 381 25.15 28.20 112.91
CA LEU H 381 24.09 29.10 112.45
C LEU H 381 24.30 30.51 112.99
N SER H 382 24.64 30.63 114.27
CA SER H 382 24.82 31.94 114.87
C SER H 382 25.92 32.73 114.17
N ALA H 383 27.01 32.06 113.83
CA ALA H 383 28.12 32.71 113.14
C ALA H 383 27.71 33.32 111.81
N HIS H 384 26.62 32.84 111.21
CA HIS H 384 26.15 33.37 109.94
C HIS H 384 24.97 34.31 110.05
N MET H 385 24.10 34.13 111.03
CA MET H 385 22.89 34.93 111.12
C MET H 385 22.70 35.41 112.55
N SER H 386 22.05 36.57 112.67
CA SER H 386 21.88 37.26 113.94
C SER H 386 20.42 37.23 114.33
N MET H 387 20.16 37.06 115.63
CA MET H 387 18.81 37.00 116.15
C MET H 387 18.86 36.89 117.66
N GLU H 388 17.70 37.04 118.29
CA GLU H 388 17.58 36.77 119.71
C GLU H 388 17.70 35.27 119.94
N TRP H 389 18.70 34.85 120.68
CA TRP H 389 19.02 33.43 120.83
C TRP H 389 18.54 32.86 122.16
N VAL H 390 17.75 33.61 122.92
CA VAL H 390 17.17 33.11 124.16
C VAL H 390 18.31 32.73 125.09
N HIS H 391 18.76 31.48 125.01
CA HIS H 391 19.92 31.03 125.76
C HIS H 391 21.15 31.32 124.91
N GLU H 392 21.75 32.48 125.13
CA GLU H 392 22.93 32.85 124.36
C GLU H 392 24.06 31.86 124.58
N LYS H 393 24.08 31.21 125.72
CA LYS H 393 25.05 30.16 126.04
C LYS H 393 24.26 28.93 126.44
N PRO H 394 23.76 28.16 125.47
CA PRO H 394 23.00 26.96 125.80
C PRO H 394 23.90 25.91 126.43
N LEU H 395 23.41 25.31 127.53
CA LEU H 395 24.12 24.25 128.21
C LEU H 395 23.46 22.89 128.13
N THR H 396 22.17 22.84 127.77
CA THR H 396 21.44 21.59 127.73
C THR H 396 20.82 21.41 126.35
N ILE H 397 20.49 20.15 126.06
CA ILE H 397 19.81 19.85 124.80
C ILE H 397 18.51 20.64 124.72
N SER H 398 17.80 20.76 125.84
CA SER H 398 16.55 21.52 125.82
C SER H 398 16.80 22.99 125.46
N GLN H 399 17.82 23.61 126.05
CA GLN H 399 18.13 24.99 125.70
C GLN H 399 18.49 25.11 124.23
N VAL H 400 19.32 24.20 123.75
CA VAL H 400 19.70 24.23 122.33
C VAL H 400 18.46 24.14 121.46
N LEU H 401 17.55 23.24 121.80
CA LEU H 401 16.33 23.10 121.03
C LEU H 401 15.49 24.36 121.07
N ASP H 402 15.46 25.02 122.23
CA ASP H 402 14.75 26.29 122.30
C ASP H 402 15.33 27.26 121.30
N ASN H 403 16.65 27.27 121.16
CA ASN H 403 17.28 28.12 120.16
C ASN H 403 16.90 27.69 118.75
N LEU H 404 16.96 26.39 118.47
CA LEU H 404 16.78 25.90 117.11
C LEU H 404 15.32 25.90 116.67
N GLU H 405 14.38 26.01 117.59
CA GLU H 405 13.00 26.17 117.18
C GLU H 405 12.81 27.42 116.36
N LEU H 406 13.47 28.51 116.76
CA LEU H 406 13.32 29.81 116.11
C LEU H 406 13.82 29.82 114.68
N VAL H 407 14.91 29.12 114.39
CA VAL H 407 15.54 29.20 113.08
C VAL H 407 14.55 28.71 112.02
N GLU H 408 14.48 29.44 110.87
CA GLU H 408 13.63 28.94 109.80
C GLU H 408 14.46 28.76 108.52
N PRO H 409 13.93 28.02 107.54
CA PRO H 409 14.71 27.69 106.34
C PRO H 409 14.68 28.76 105.26
N HIS H 410 15.52 29.79 105.44
CA HIS H 410 15.87 30.62 104.29
C HIS H 410 16.61 29.79 103.25
N GLY H 411 17.48 28.90 103.69
CA GLY H 411 18.47 28.28 102.84
C GLY H 411 19.81 28.96 102.90
N LYS H 412 19.96 29.98 103.73
CA LYS H 412 21.25 30.66 103.85
C LYS H 412 22.32 29.70 104.33
N CYS H 413 22.00 28.88 105.33
CA CYS H 413 22.93 27.95 105.93
C CYS H 413 22.44 26.53 105.69
N VAL H 414 23.22 25.56 106.19
CA VAL H 414 22.85 24.16 106.04
C VAL H 414 21.66 23.84 106.94
N GLU H 415 20.82 22.91 106.49
CA GLU H 415 19.75 22.34 107.29
C GLU H 415 20.06 20.86 107.52
N LEU H 416 20.03 20.46 108.78
CA LEU H 416 20.59 19.19 109.22
C LEU H 416 19.51 18.18 109.54
N ALA H 417 19.76 16.92 109.19
CA ALA H 417 18.92 15.80 109.59
C ALA H 417 19.79 14.71 110.16
N LEU H 418 19.46 14.25 111.37
CA LEU H 418 20.30 13.30 112.10
C LEU H 418 19.80 11.88 111.94
N VAL H 419 20.74 10.95 111.79
CA VAL H 419 20.42 9.54 111.56
C VAL H 419 21.35 8.67 112.38
N PRO H 420 20.83 7.87 113.32
CA PRO H 420 21.69 6.92 114.03
C PRO H 420 21.97 5.69 113.20
N HIS H 421 23.18 5.17 113.37
CA HIS H 421 23.67 4.00 112.67
C HIS H 421 23.16 2.73 113.36
N PHE H 422 23.28 1.61 112.65
CA PHE H 422 23.18 0.31 113.29
C PHE H 422 24.26 -0.58 112.67
N ILE H 423 25.32 -0.80 113.44
CA ILE H 423 26.43 -1.63 113.00
C ILE H 423 26.10 -3.08 113.33
N LYS H 424 26.11 -3.93 112.33
CA LYS H 424 25.68 -5.31 112.48
C LYS H 424 26.88 -6.24 112.48
N ARG H 425 27.04 -6.97 113.57
CA ARG H 425 28.20 -7.81 113.82
C ARG H 425 27.91 -9.24 113.42
N LYS H 426 28.96 -9.99 113.13
CA LYS H 426 28.79 -11.40 112.84
C LYS H 426 28.19 -12.11 114.04
N PRO H 427 27.40 -13.15 113.82
CA PRO H 427 26.88 -13.92 114.96
C PRO H 427 28.00 -14.66 115.66
N LYS H 428 27.80 -14.89 116.96
CA LYS H 428 28.80 -15.56 117.78
C LYS H 428 28.63 -17.08 117.65
N ASN H 429 29.41 -17.81 118.44
CA ASN H 429 29.44 -19.26 118.31
C ASN H 429 28.11 -19.88 118.72
N GLY H 430 27.62 -19.53 119.90
CA GLY H 430 26.43 -20.17 120.44
C GLY H 430 25.43 -19.21 121.06
N GLU H 431 24.23 -19.18 120.51
CA GLU H 431 23.16 -18.32 121.02
C GLU H 431 21.82 -18.94 120.65
N ALA H 432 20.78 -18.49 121.34
CA ALA H 432 19.45 -19.07 121.12
C ALA H 432 19.09 -19.05 119.64
N TYR H 433 19.23 -17.91 118.99
CA TYR H 433 19.05 -17.78 117.56
C TYR H 433 20.14 -16.89 117.03
N PRO H 434 20.43 -16.97 115.72
CA PRO H 434 21.53 -16.17 115.17
C PRO H 434 21.37 -14.70 115.49
N HIS H 435 22.49 -14.06 115.82
CA HIS H 435 22.54 -12.63 116.10
C HIS H 435 21.62 -12.24 117.25
N ALA H 436 21.38 -13.16 118.18
CA ALA H 436 20.53 -12.87 119.31
C ALA H 436 21.08 -11.69 120.11
N LEU H 437 22.37 -11.73 120.46
CA LEU H 437 22.93 -10.63 121.23
C LEU H 437 23.02 -9.35 120.41
N LEU H 438 23.26 -9.48 119.11
CA LEU H 438 23.28 -8.29 118.26
C LEU H 438 21.92 -7.61 118.29
N PHE H 439 20.85 -8.40 118.16
CA PHE H 439 19.51 -7.85 118.30
C PHE H 439 19.31 -7.25 119.69
N LYS H 440 19.81 -7.92 120.72
CA LYS H 440 19.68 -7.40 122.07
C LYS H 440 20.30 -6.01 122.17
N ASP H 441 21.53 -5.88 121.68
CA ASP H 441 22.23 -4.60 121.76
C ASP H 441 21.52 -3.54 120.94
N LEU H 442 21.07 -3.88 119.75
CA LEU H 442 20.34 -2.91 118.94
C LEU H 442 19.06 -2.50 119.64
N LYS H 443 18.39 -3.45 120.31
CA LYS H 443 17.22 -3.11 121.10
C LYS H 443 17.57 -2.16 122.23
N ASN H 444 18.71 -2.39 122.88
CA ASN H 444 19.14 -1.50 123.96
C ASN H 444 19.35 -0.09 123.44
N GLN H 445 20.11 0.03 122.34
CA GLN H 445 20.36 1.34 121.78
C GLN H 445 19.06 2.02 121.35
N ALA H 446 18.18 1.27 120.70
CA ALA H 446 16.90 1.83 120.30
C ALA H 446 16.10 2.28 121.51
N ALA H 447 16.04 1.45 122.54
CA ALA H 447 15.33 1.82 123.76
C ALA H 447 15.84 3.14 124.29
N ILE H 448 17.16 3.29 124.39
CA ILE H 448 17.72 4.55 124.85
C ILE H 448 17.26 5.68 123.95
N LEU H 449 17.25 5.43 122.64
CA LEU H 449 16.83 6.47 121.70
C LEU H 449 15.39 6.89 121.95
N MET H 450 14.50 5.91 122.07
CA MET H 450 13.09 6.25 122.29
C MET H 450 12.92 6.94 123.63
N ASP H 451 13.73 6.57 124.62
CA ASP H 451 13.69 7.26 125.89
C ASP H 451 14.05 8.72 125.71
N MET H 452 15.09 8.98 124.91
CA MET H 452 15.49 10.37 124.66
C MET H 452 14.38 11.13 123.96
N LEU H 453 13.77 10.52 122.95
CA LEU H 453 12.67 11.17 122.26
C LEU H 453 11.51 11.44 123.21
N LYS H 454 11.21 10.47 124.07
CA LYS H 454 10.13 10.60 125.05
C LYS H 454 10.41 11.81 125.93
N SER H 455 11.62 11.85 126.48
CA SER H 455 12.04 12.98 127.29
C SER H 455 11.96 14.30 126.53
N GLU H 456 12.20 14.28 125.22
CA GLU H 456 12.14 15.50 124.42
C GLU H 456 11.56 15.17 123.06
N PRO H 457 10.24 15.32 122.90
CA PRO H 457 9.65 15.05 121.57
C PRO H 457 10.20 15.93 120.47
N ARG H 458 10.60 17.16 120.79
CA ARG H 458 11.11 18.07 119.77
C ARG H 458 12.22 17.43 118.96
N LEU H 459 13.06 16.60 119.59
CA LEU H 459 14.08 15.85 118.87
C LEU H 459 13.55 15.15 117.65
N THR H 460 12.25 14.93 117.56
CA THR H 460 11.67 14.43 116.32
C THR H 460 12.01 15.32 115.14
N GLY H 461 12.13 16.62 115.36
CA GLY H 461 12.41 17.54 114.28
C GLY H 461 13.84 17.56 113.82
N TRP H 462 14.74 16.81 114.48
CA TRP H 462 16.14 16.82 114.09
C TRP H 462 16.64 15.40 113.82
N ILE H 463 16.20 14.46 114.63
CA ILE H 463 16.48 13.04 114.39
C ILE H 463 15.46 12.59 113.37
N ARG H 464 15.87 12.59 112.10
CA ARG H 464 14.97 12.31 110.97
C ARG H 464 15.48 11.07 110.25
N GLY H 465 15.02 9.91 110.68
CA GLY H 465 15.41 8.67 110.05
C GLY H 465 16.54 7.95 110.76
N VAL H 466 16.70 6.66 110.48
CA VAL H 466 17.70 5.82 111.12
C VAL H 466 18.25 4.90 110.04
N ASP H 467 19.55 4.62 110.05
CA ASP H 467 20.17 3.83 109.01
C ASP H 467 20.90 2.62 109.57
N ALA H 468 20.67 1.47 108.94
CA ALA H 468 21.32 0.21 109.30
C ALA H 468 22.47 -0.05 108.34
N ALA H 469 23.70 0.07 108.85
CA ALA H 469 24.90 -0.08 108.05
C ALA H 469 25.76 -1.23 108.59
N ALA H 470 26.97 -1.35 108.09
CA ALA H 470 28.18 -2.17 108.19
C ALA H 470 28.19 -3.29 107.16
N ASN H 471 29.19 -4.16 107.23
CA ASN H 471 29.32 -5.26 106.27
C ASN H 471 28.04 -6.06 106.19
N GLU H 472 27.54 -6.24 104.97
CA GLU H 472 26.24 -6.84 104.76
C GLU H 472 26.21 -8.28 105.25
N MET H 473 27.27 -9.05 105.00
CA MET H 473 27.26 -10.47 105.31
C MET H 473 27.18 -10.75 106.80
N HIS H 474 27.40 -9.76 107.66
CA HIS H 474 27.37 -9.98 109.10
C HIS H 474 25.97 -10.07 109.68
N ALA H 475 24.95 -9.61 108.94
CA ALA H 475 23.57 -9.83 109.35
C ALA H 475 22.63 -9.42 108.22
N PRO H 476 21.55 -10.15 107.98
CA PRO H 476 20.64 -9.78 106.92
C PRO H 476 19.58 -8.81 107.42
N PRO H 477 18.91 -8.11 106.51
CA PRO H 477 17.99 -7.03 106.94
C PRO H 477 16.85 -7.50 107.81
N GLU H 478 16.32 -8.69 107.56
CA GLU H 478 15.09 -9.11 108.20
C GLU H 478 15.16 -8.98 109.72
N LEU H 479 16.35 -9.14 110.30
CA LEU H 479 16.48 -8.96 111.74
C LEU H 479 16.04 -7.57 112.17
N PHE H 480 16.22 -6.58 111.30
CA PHE H 480 16.03 -5.19 111.66
C PHE H 480 14.59 -4.73 111.51
N CYS H 481 13.77 -5.47 110.75
CA CYS H 481 12.40 -5.04 110.51
C CYS H 481 11.65 -4.77 111.80
N PRO H 482 11.69 -5.65 112.81
CA PRO H 482 10.99 -5.31 114.06
C PRO H 482 11.52 -4.05 114.71
N LEU H 483 12.84 -3.89 114.75
CA LEU H 483 13.41 -2.67 115.31
C LEU H 483 12.96 -1.46 114.51
N PHE H 484 13.01 -1.57 113.19
CA PHE H 484 12.61 -0.45 112.34
C PHE H 484 11.16 -0.08 112.58
N ARG H 485 10.29 -1.09 112.69
CA ARG H 485 8.88 -0.85 112.92
C ARG H 485 8.66 -0.18 114.28
N VAL H 486 9.38 -0.67 115.29
CA VAL H 486 9.30 -0.08 116.62
C VAL H 486 9.67 1.40 116.57
N LEU H 487 10.78 1.71 115.91
CA LEU H 487 11.18 3.12 115.79
C LEU H 487 10.13 3.91 115.05
N ALA H 488 9.54 3.32 114.01
CA ALA H 488 8.49 4.01 113.26
C ALA H 488 7.36 4.44 114.20
N LYS H 489 6.84 3.51 114.99
CA LYS H 489 5.79 3.92 115.93
C LYS H 489 6.31 4.91 116.96
N SER H 490 7.54 4.73 117.45
CA SER H 490 8.06 5.74 118.36
C SER H 490 8.06 7.13 117.74
N GLY H 491 8.14 7.20 116.42
CA GLY H 491 8.05 8.47 115.74
C GLY H 491 9.20 8.72 114.78
N ILE H 492 10.02 7.69 114.56
CA ILE H 492 11.13 7.80 113.61
C ILE H 492 10.53 7.67 112.21
N ALA H 493 10.28 8.79 111.58
CA ALA H 493 9.93 8.78 110.18
C ALA H 493 11.17 8.41 109.36
N HIS H 494 10.94 7.69 108.27
CA HIS H 494 11.98 7.46 107.28
C HIS H 494 13.01 6.47 107.79
N PHE H 495 13.58 5.65 106.90
CA PHE H 495 14.51 4.61 107.30
C PHE H 495 15.48 4.36 106.16
N THR H 496 16.63 3.75 106.48
CA THR H 496 17.63 3.44 105.45
C THR H 496 18.40 2.19 105.83
N TYR H 497 18.93 1.50 104.82
CA TYR H 497 19.63 0.24 105.04
C TYR H 497 20.61 0.00 103.91
N HIS H 498 21.88 -0.21 104.26
CA HIS H 498 22.90 -0.47 103.25
C HIS H 498 22.65 -1.82 102.60
N VAL H 499 22.56 -1.82 101.27
CA VAL H 499 22.32 -3.03 100.50
C VAL H 499 23.11 -2.98 99.20
N GLY H 500 23.33 -4.16 98.63
CA GLY H 500 23.97 -4.27 97.34
C GLY H 500 25.45 -3.97 97.34
N GLU H 501 26.03 -3.68 98.51
CA GLU H 501 27.41 -3.21 98.54
C GLU H 501 28.39 -4.37 98.43
N ASP H 502 28.37 -5.30 99.39
CA ASP H 502 29.25 -6.47 99.38
C ASP H 502 28.40 -7.73 99.48
N PHE H 503 28.77 -8.74 98.71
CA PHE H 503 28.00 -9.97 98.65
C PHE H 503 28.90 -11.12 98.22
N PRO H 504 28.54 -12.35 98.57
CA PRO H 504 29.22 -13.50 97.97
C PRO H 504 28.90 -13.69 96.51
N HIS H 505 27.72 -13.25 96.06
CA HIS H 505 27.36 -13.35 94.66
C HIS H 505 26.48 -12.17 94.27
N LEU H 506 26.53 -11.82 93.00
CA LEU H 506 25.69 -10.75 92.49
C LEU H 506 24.22 -11.10 92.66
N ILE H 507 23.86 -12.33 92.31
CA ILE H 507 22.54 -12.85 92.65
C ILE H 507 22.26 -12.66 94.13
N SER H 508 23.25 -12.92 94.97
CA SER H 508 23.03 -12.82 96.40
C SER H 508 22.65 -11.40 96.79
N GLY H 509 23.37 -10.41 96.26
CA GLY H 509 23.05 -9.02 96.56
C GLY H 509 21.67 -8.64 96.03
N ILE H 510 21.33 -9.13 94.85
CA ILE H 510 20.00 -8.86 94.29
C ILE H 510 18.93 -9.36 95.25
N ARG H 511 19.06 -10.62 95.67
CA ARG H 511 18.10 -11.19 96.60
C ARG H 511 18.07 -10.40 97.89
N SER H 512 19.24 -9.97 98.37
CA SER H 512 19.29 -9.23 99.62
C SER H 512 18.49 -7.93 99.51
N ILE H 513 18.68 -7.20 98.41
CA ILE H 513 17.97 -5.95 98.22
C ILE H 513 16.47 -6.21 98.18
N ASP H 514 16.06 -7.23 97.44
CA ASP H 514 14.64 -7.50 97.28
C ASP H 514 14.01 -7.94 98.59
N ASP H 515 14.77 -8.69 99.39
CA ASP H 515 14.28 -9.05 100.72
C ASP H 515 14.13 -7.82 101.59
N ALA H 516 15.14 -6.94 101.57
CA ALA H 516 15.01 -5.67 102.27
C ALA H 516 13.72 -4.97 101.88
N LEU H 517 13.41 -4.97 100.58
CA LEU H 517 12.12 -4.45 100.15
C LEU H 517 10.98 -5.15 100.86
N ARG H 518 10.83 -6.44 100.63
CA ARG H 518 9.62 -7.14 101.01
C ARG H 518 9.60 -7.52 102.49
N PHE H 519 10.51 -6.98 103.29
CA PHE H 519 10.48 -7.20 104.73
C PHE H 519 10.56 -5.94 105.56
N LEU H 520 11.35 -4.95 105.13
CA LEU H 520 11.53 -3.76 105.95
C LEU H 520 10.34 -2.82 105.84
N PRO H 521 10.10 -2.00 106.87
CA PRO H 521 9.00 -1.02 106.83
C PRO H 521 9.34 0.19 105.98
N LEU H 522 9.68 -0.06 104.72
CA LEU H 522 10.10 1.00 103.82
C LEU H 522 8.90 1.57 103.08
N ARG H 523 8.74 2.88 103.17
CA ARG H 523 7.62 3.61 102.60
C ARG H 523 8.09 4.51 101.47
N ASN H 524 7.13 5.15 100.80
CA ASN H 524 7.45 6.08 99.72
C ASN H 524 8.38 7.17 100.23
N GLY H 525 9.39 7.50 99.43
CA GLY H 525 10.32 8.54 99.80
C GLY H 525 11.54 8.07 100.56
N ASP H 526 11.60 6.80 100.96
CA ASP H 526 12.74 6.28 101.69
C ASP H 526 13.93 6.08 100.77
N ARG H 527 15.10 5.92 101.36
CA ARG H 527 16.31 5.60 100.59
C ARG H 527 16.93 4.33 101.14
N LEU H 528 17.59 3.59 100.25
CA LEU H 528 18.20 2.32 100.62
C LEU H 528 19.68 2.47 100.95
N GLY H 529 20.48 2.85 99.97
CA GLY H 529 21.92 2.87 100.13
C GLY H 529 22.67 2.53 98.85
N HIS H 530 23.79 1.81 98.98
CA HIS H 530 24.68 1.62 97.84
C HIS H 530 23.99 0.87 96.70
N CYS H 531 23.40 -0.27 96.99
CA CYS H 531 22.62 -1.02 96.00
C CYS H 531 23.47 -1.32 94.77
N THR H 532 24.77 -1.50 94.98
CA THR H 532 25.68 -1.62 93.85
C THR H 532 25.34 -2.83 92.99
N ALA H 533 24.80 -3.88 93.59
CA ALA H 533 24.52 -5.11 92.85
C ALA H 533 23.56 -4.85 91.69
N ILE H 534 22.53 -4.05 91.91
CA ILE H 534 21.52 -3.81 90.89
C ILE H 534 22.01 -2.82 89.83
N GLY H 535 23.26 -2.40 89.91
CA GLY H 535 23.84 -1.64 88.81
C GLY H 535 24.92 -2.40 88.09
N ILE H 536 25.77 -3.11 88.83
CA ILE H 536 26.93 -3.73 88.21
C ILE H 536 26.45 -4.77 87.20
N THR H 537 27.01 -4.73 86.00
CA THR H 537 26.55 -5.64 84.98
C THR H 537 27.18 -7.01 85.16
N PRO H 538 26.52 -8.05 84.65
CA PRO H 538 27.18 -9.36 84.62
C PRO H 538 28.47 -9.35 83.85
N SER H 539 28.51 -8.60 82.75
CA SER H 539 29.73 -8.49 81.96
C SER H 539 30.85 -7.98 82.84
N ILE H 540 30.76 -6.74 83.30
CA ILE H 540 31.69 -6.30 84.33
C ILE H 540 31.08 -6.58 85.70
N TRP H 541 31.04 -7.86 86.04
CA TRP H 541 31.13 -8.33 87.42
C TRP H 541 32.07 -9.51 87.54
N LYS H 542 32.34 -10.22 86.44
CA LYS H 542 33.33 -11.28 86.34
C LYS H 542 34.44 -10.78 85.43
N ARG H 543 35.52 -10.29 86.04
CA ARG H 543 36.71 -9.93 85.29
C ARG H 543 37.99 -10.57 85.81
N SER H 544 38.08 -10.83 87.11
CA SER H 544 39.23 -11.52 87.69
C SER H 544 38.81 -12.53 88.75
N LEU H 545 37.57 -12.93 88.76
CA LEU H 545 37.10 -13.75 89.86
C LEU H 545 37.35 -15.22 89.56
N PRO H 546 37.45 -16.07 90.59
CA PRO H 546 37.55 -17.51 90.35
C PRO H 546 36.27 -18.03 89.73
N LEU H 547 36.41 -19.06 88.89
CA LEU H 547 35.25 -19.60 88.18
C LEU H 547 34.22 -20.19 89.13
N SER H 548 34.60 -20.46 90.38
CA SER H 548 33.70 -21.02 91.37
C SER H 548 33.67 -20.12 92.60
N LEU H 549 32.52 -20.04 93.25
CA LEU H 549 32.35 -19.21 94.43
C LEU H 549 31.64 -20.01 95.51
N SER H 550 32.28 -20.14 96.67
CA SER H 550 31.67 -20.84 97.80
C SER H 550 30.94 -19.83 98.68
N MET H 551 29.72 -20.20 99.06
CA MET H 551 28.87 -19.36 99.90
C MET H 551 28.20 -20.23 100.95
N THR H 552 27.54 -19.57 101.90
CA THR H 552 26.86 -20.31 102.96
C THR H 552 25.63 -21.01 102.40
N LYS H 553 25.29 -22.13 103.02
CA LYS H 553 24.17 -22.93 102.55
C LYS H 553 22.87 -22.15 102.62
N GLU H 554 22.64 -21.43 103.72
CA GLU H 554 21.39 -20.69 103.87
C GLU H 554 21.27 -19.62 102.81
N THR H 555 22.36 -18.90 102.54
CA THR H 555 22.34 -17.93 101.47
C THR H 555 22.05 -18.60 100.13
N ARG H 556 22.71 -19.71 99.85
CA ARG H 556 22.48 -20.42 98.60
C ARG H 556 21.00 -20.74 98.45
N LEU H 557 20.40 -21.31 99.49
CA LEU H 557 19.02 -21.74 99.40
C LEU H 557 18.08 -20.54 99.24
N LEU H 558 18.27 -19.51 100.06
CA LEU H 558 17.43 -18.33 99.93
C LEU H 558 17.54 -17.76 98.52
N ASP H 559 18.75 -17.71 97.99
CA ASP H 559 18.95 -17.19 96.65
C ASP H 559 18.17 -18.01 95.64
N LEU H 560 18.26 -19.33 95.72
CA LEU H 560 17.54 -20.17 94.77
C LEU H 560 16.05 -19.94 94.89
N VAL H 561 15.55 -19.83 96.11
CA VAL H 561 14.15 -19.53 96.34
C VAL H 561 13.77 -18.26 95.60
N PHE H 562 14.56 -17.21 95.77
CA PHE H 562 14.27 -15.94 95.11
C PHE H 562 14.31 -16.08 93.60
N ILE H 563 15.30 -16.81 93.07
CA ILE H 563 15.38 -17.00 91.64
C ILE H 563 14.09 -17.61 91.12
N TRP H 564 13.61 -18.66 91.78
CA TRP H 564 12.36 -19.25 91.33
C TRP H 564 11.23 -18.23 91.42
N ARG H 565 11.15 -17.54 92.56
CA ARG H 565 10.07 -16.55 92.71
C ARG H 565 10.02 -15.61 91.52
N GLU H 566 11.16 -15.06 91.15
CA GLU H 566 11.17 -14.04 90.12
C GLU H 566 11.03 -14.62 88.71
N LEU H 567 11.54 -15.82 88.48
CA LEU H 567 11.58 -16.39 87.14
C LEU H 567 10.36 -17.26 86.87
N ARG H 568 9.45 -17.39 87.84
CA ARG H 568 8.21 -18.12 87.60
C ARG H 568 7.53 -17.62 86.33
N SER H 569 7.36 -16.31 86.21
CA SER H 569 6.59 -15.71 85.14
C SER H 569 7.38 -15.51 83.86
N HIS H 570 8.70 -15.59 83.92
CA HIS H 570 9.50 -15.25 82.75
C HIS H 570 9.48 -16.39 81.75
N PRO H 571 8.82 -16.23 80.61
CA PRO H 571 8.71 -17.37 79.68
C PRO H 571 10.05 -17.87 79.18
N GLU H 572 11.06 -17.01 79.16
CA GLU H 572 12.33 -17.34 78.53
C GLU H 572 13.28 -18.08 79.46
N LEU H 573 12.96 -18.16 80.75
CA LEU H 573 13.89 -18.65 81.76
C LEU H 573 13.28 -19.78 82.58
N LEU H 574 12.22 -20.41 82.06
CA LEU H 574 11.43 -21.33 82.86
C LEU H 574 12.23 -22.57 83.24
N ARG H 575 13.14 -22.99 82.37
CA ARG H 575 14.02 -24.11 82.71
C ARG H 575 14.96 -23.82 83.88
N TYR H 576 15.55 -22.63 83.96
CA TYR H 576 16.21 -22.30 85.22
C TYR H 576 15.22 -22.22 86.36
N ALA H 577 14.00 -21.73 86.12
CA ALA H 577 13.04 -21.70 87.22
C ALA H 577 12.85 -23.10 87.81
N SER H 578 12.55 -24.07 86.95
CA SER H 578 12.36 -25.44 87.39
C SER H 578 13.62 -26.01 88.03
N ASP H 579 14.77 -25.75 87.43
CA ASP H 579 16.02 -26.21 88.01
C ASP H 579 16.13 -25.70 89.44
N ALA H 580 16.21 -24.38 89.60
CA ALA H 580 16.38 -23.79 90.92
C ALA H 580 15.37 -24.37 91.89
N ALA H 581 14.13 -24.57 91.45
CA ALA H 581 13.17 -25.26 92.31
C ALA H 581 13.76 -26.59 92.78
N ILE H 582 14.30 -27.37 91.85
CA ILE H 582 14.78 -28.70 92.17
C ILE H 582 15.93 -28.63 93.16
N GLU H 583 16.98 -27.90 92.81
CA GLU H 583 18.16 -27.86 93.69
C GLU H 583 17.83 -27.23 95.03
N ALA H 584 16.96 -26.22 95.07
CA ALA H 584 16.58 -25.64 96.34
C ALA H 584 15.86 -26.67 97.19
N VAL H 585 15.00 -27.48 96.58
CA VAL H 585 14.34 -28.55 97.33
C VAL H 585 15.37 -29.50 97.91
N ARG H 586 16.38 -29.85 97.10
CA ARG H 586 17.43 -30.75 97.58
C ARG H 586 18.17 -30.13 98.75
N LEU H 587 18.61 -28.89 98.61
CA LEU H 587 19.35 -28.23 99.67
C LEU H 587 18.49 -28.08 100.91
N ALA H 588 17.18 -27.94 100.72
CA ALA H 588 16.27 -27.89 101.87
C ALA H 588 16.26 -29.21 102.60
N HIS H 589 16.18 -30.32 101.86
CA HIS H 589 16.36 -31.62 102.50
C HIS H 589 17.63 -31.63 103.34
N LYS H 590 18.73 -31.21 102.75
CA LYS H 590 20.01 -31.32 103.44
C LYS H 590 20.06 -30.42 104.67
N VAL H 591 19.61 -29.18 104.55
CA VAL H 591 19.72 -28.23 105.65
C VAL H 591 18.79 -28.61 106.79
N PHE H 592 17.52 -28.88 106.47
CA PHE H 592 16.55 -29.21 107.49
C PHE H 592 16.60 -30.66 107.92
N SER H 593 17.45 -31.47 107.29
CA SER H 593 17.49 -32.90 107.59
C SER H 593 16.09 -33.49 107.49
N LEU H 594 15.27 -32.90 106.63
CA LEU H 594 13.87 -33.25 106.55
C LEU H 594 13.71 -34.65 105.97
N GLU H 595 12.69 -35.35 106.45
CA GLU H 595 12.42 -36.72 106.01
C GLU H 595 11.23 -36.82 105.07
N GLU H 596 10.28 -35.90 105.19
CA GLU H 596 9.09 -35.92 104.35
C GLU H 596 9.39 -35.24 103.02
N GLU H 597 8.35 -34.94 102.24
CA GLU H 597 8.48 -34.20 101.00
C GLU H 597 8.06 -32.76 101.24
N VAL H 598 8.85 -31.84 100.71
CA VAL H 598 8.67 -30.41 100.91
C VAL H 598 8.60 -29.74 99.55
N SER H 599 7.55 -28.97 99.30
CA SER H 599 7.41 -28.26 98.04
C SER H 599 8.12 -26.91 98.10
N ILE H 600 8.62 -26.49 96.94
CA ILE H 600 9.10 -25.13 96.80
C ILE H 600 8.08 -24.16 97.36
N THR H 601 6.80 -24.49 97.24
CA THR H 601 5.76 -23.66 97.83
C THR H 601 5.98 -23.50 99.32
N THR H 602 5.84 -24.60 100.07
CA THR H 602 5.96 -24.51 101.52
C THR H 602 7.28 -23.88 101.93
N LEU H 603 8.35 -24.13 101.16
CA LEU H 603 9.60 -23.44 101.43
C LEU H 603 9.40 -21.93 101.34
N ASP H 604 8.69 -21.47 100.31
CA ASP H 604 8.47 -20.04 100.17
C ASP H 604 7.69 -19.48 101.34
N GLN H 605 6.54 -20.10 101.66
CA GLN H 605 5.82 -19.66 102.85
C GLN H 605 6.75 -19.61 104.05
N VAL H 606 7.57 -20.64 104.25
CA VAL H 606 8.53 -20.62 105.35
C VAL H 606 9.30 -19.32 105.34
N PHE H 607 9.82 -18.93 104.19
CA PHE H 607 10.74 -17.81 104.16
C PHE H 607 10.06 -16.44 104.27
N GLU H 608 8.76 -16.32 103.99
CA GLU H 608 8.22 -14.99 104.24
C GLU H 608 8.21 -14.63 105.72
N MET H 609 8.37 -15.60 106.62
CA MET H 609 8.33 -15.30 108.05
C MET H 609 9.69 -14.89 108.59
N ARG H 610 10.68 -14.68 107.74
CA ARG H 610 11.95 -14.15 108.24
C ARG H 610 11.77 -12.81 108.93
N GLY H 611 10.70 -12.08 108.62
CA GLY H 611 10.41 -10.83 109.30
C GLY H 611 9.83 -10.98 110.67
N LEU H 612 9.46 -12.20 111.06
CA LEU H 612 8.93 -12.43 112.41
C LEU H 612 10.05 -12.49 113.42
N LEU H 613 9.83 -11.86 114.58
CA LEU H 613 10.84 -11.87 115.63
C LEU H 613 10.97 -13.25 116.22
N ALA H 614 12.21 -13.65 116.51
CA ALA H 614 12.45 -14.93 117.17
C ALA H 614 11.69 -15.00 118.49
N GLU H 615 11.88 -14.01 119.35
CA GLU H 615 11.19 -13.93 120.63
C GLU H 615 9.90 -13.12 120.53
N SER H 616 9.02 -13.48 119.60
CA SER H 616 7.71 -12.84 119.54
C SER H 616 6.70 -13.68 120.32
N GLU H 617 6.42 -14.88 119.82
CA GLU H 617 5.63 -15.85 120.57
C GLU H 617 6.14 -17.28 120.38
N GLY H 618 7.23 -17.48 119.63
CA GLY H 618 7.66 -18.81 119.26
C GLY H 618 9.05 -19.17 119.75
N LEU H 619 9.61 -18.36 120.64
CA LEU H 619 10.94 -18.63 121.17
C LEU H 619 11.13 -17.94 122.51
N SER H 631 6.53 -2.08 126.07
CA SER H 631 5.12 -1.96 125.70
C SER H 631 4.99 -1.85 124.19
N LEU H 632 5.53 -0.78 123.61
CA LEU H 632 5.42 -0.57 122.17
C LEU H 632 5.88 -1.80 121.39
N TRP H 633 6.74 -2.62 121.97
CA TRP H 633 7.15 -3.87 121.35
C TRP H 633 6.03 -4.91 121.34
N LEU H 634 4.92 -4.64 122.03
CA LEU H 634 3.87 -5.64 122.18
C LEU H 634 3.33 -6.08 120.81
N GLU H 635 3.14 -5.12 119.91
CA GLU H 635 2.48 -5.44 118.64
C GLU H 635 3.29 -6.44 117.84
N GLU H 636 4.60 -6.23 117.73
CA GLU H 636 5.42 -7.19 116.99
C GLU H 636 5.79 -8.40 117.83
N TYR H 637 5.62 -8.33 119.15
CA TYR H 637 5.64 -9.56 119.94
C TYR H 637 4.48 -10.46 119.56
N GLU H 638 3.31 -9.88 119.35
CA GLU H 638 2.11 -10.66 119.06
C GLU H 638 1.90 -10.93 117.58
N ARG H 639 2.61 -10.23 116.69
CA ARG H 639 2.31 -10.36 115.27
C ARG H 639 2.50 -11.79 114.77
N ALA H 640 3.07 -12.67 115.60
CA ALA H 640 3.04 -14.10 115.27
C ALA H 640 1.69 -14.72 115.58
N ARG H 641 0.80 -13.99 116.25
CA ARG H 641 -0.44 -14.60 116.71
C ARG H 641 -1.38 -14.90 115.56
N GLU H 642 -1.52 -13.97 114.61
CA GLU H 642 -2.34 -14.25 113.44
C GLU H 642 -1.72 -15.37 112.60
N LEU H 643 -0.40 -15.40 112.52
CA LEU H 643 0.27 -16.49 111.82
C LEU H 643 -0.11 -17.83 112.43
N VAL H 644 0.00 -17.96 113.75
CA VAL H 644 -0.39 -19.21 114.40
C VAL H 644 -1.88 -19.48 114.24
N LYS H 645 -2.72 -18.45 114.29
CA LYS H 645 -4.14 -18.63 114.12
C LYS H 645 -4.45 -19.25 112.77
N THR H 646 -3.77 -18.81 111.72
CA THR H 646 -3.90 -19.45 110.42
C THR H 646 -3.59 -20.94 110.54
N THR H 647 -4.59 -21.78 110.23
CA THR H 647 -4.46 -23.21 110.49
C THR H 647 -3.37 -23.84 109.64
N GLY H 648 -3.33 -23.56 108.35
CA GLY H 648 -2.79 -23.70 107.02
C GLY H 648 -1.31 -23.44 106.91
N MET H 649 -0.68 -22.99 107.99
CA MET H 649 0.73 -22.65 108.01
C MET H 649 1.51 -23.46 109.04
N LYS H 650 0.94 -24.58 109.49
CA LYS H 650 1.60 -25.51 110.40
C LYS H 650 3.04 -25.76 109.99
N ARG H 651 3.23 -26.24 108.77
CA ARG H 651 4.51 -26.75 108.33
C ARG H 651 5.44 -25.56 108.25
N PRO H 652 5.13 -24.54 107.45
CA PRO H 652 6.01 -23.36 107.44
C PRO H 652 6.43 -22.91 108.82
N LEU H 653 5.49 -22.88 109.77
CA LEU H 653 5.84 -22.45 111.12
C LEU H 653 6.91 -23.35 111.71
N LYS H 654 6.67 -24.66 111.71
CA LYS H 654 7.59 -25.57 112.37
C LYS H 654 8.96 -25.56 111.67
N LEU H 655 8.96 -25.55 110.34
CA LEU H 655 10.21 -25.46 109.61
C LEU H 655 10.96 -24.21 110.00
N TYR H 656 10.25 -23.08 110.07
CA TYR H 656 10.89 -21.83 110.46
C TYR H 656 11.49 -21.94 111.85
N LYS H 657 10.75 -22.55 112.78
CA LYS H 657 11.26 -22.72 114.14
C LYS H 657 12.54 -23.53 114.16
N GLN H 658 12.54 -24.70 113.51
CA GLN H 658 13.76 -25.49 113.47
C GLN H 658 14.89 -24.71 112.82
N TRP H 659 14.57 -23.95 111.78
CA TRP H 659 15.57 -23.11 111.14
C TRP H 659 16.20 -22.15 112.14
N LEU H 660 15.38 -21.54 112.99
CA LEU H 660 15.91 -20.64 114.02
C LEU H 660 16.73 -21.39 115.06
N THR H 661 16.29 -22.58 115.45
CA THR H 661 16.73 -23.21 116.70
C THR H 661 17.60 -24.43 116.52
N SER H 662 17.21 -25.37 115.66
CA SER H 662 17.92 -26.65 115.58
C SER H 662 19.40 -26.42 115.36
N ASP H 663 20.21 -27.00 116.26
CA ASP H 663 21.66 -26.80 116.17
C ASP H 663 22.21 -27.38 114.88
N ASN H 664 21.72 -28.55 114.47
CA ASN H 664 22.15 -29.13 113.21
C ASN H 664 21.81 -28.21 112.04
N VAL H 665 20.61 -27.62 112.07
CA VAL H 665 20.20 -26.73 110.99
C VAL H 665 21.08 -25.50 110.96
N ARG H 666 21.39 -24.92 112.12
CA ARG H 666 22.25 -23.75 112.13
C ARG H 666 23.66 -24.09 111.66
N LYS H 667 24.14 -25.28 112.04
CA LYS H 667 25.41 -25.76 111.52
C LYS H 667 25.38 -25.87 110.00
N GLN H 668 24.31 -26.44 109.46
CA GLN H 668 24.20 -26.57 108.01
C GLN H 668 24.13 -25.19 107.35
N ARG H 669 23.43 -24.26 107.97
CA ARG H 669 23.42 -22.88 107.47
C ARG H 669 24.84 -22.35 107.37
N ALA H 670 25.63 -22.54 108.44
CA ALA H 670 27.03 -22.14 108.42
C ALA H 670 27.83 -22.87 107.37
N GLU H 671 27.43 -24.10 107.02
CA GLU H 671 28.19 -24.91 106.06
C GLU H 671 28.42 -24.15 104.76
N TYR H 672 29.51 -24.47 104.07
CA TYR H 672 29.89 -23.82 102.81
C TYR H 672 29.66 -24.75 101.64
N VAL H 673 29.19 -24.17 100.53
CA VAL H 673 28.92 -24.90 99.31
C VAL H 673 29.42 -24.09 98.12
N GLU H 674 30.04 -24.78 97.17
CA GLU H 674 30.54 -24.16 95.96
C GLU H 674 29.40 -23.94 94.97
N VAL H 675 29.54 -22.90 94.16
CA VAL H 675 28.57 -22.54 93.13
C VAL H 675 29.34 -22.19 91.87
N ALA H 676 28.90 -22.71 90.73
CA ALA H 676 29.47 -22.30 89.46
C ALA H 676 29.22 -20.82 89.26
N LEU H 677 30.29 -20.09 88.95
CA LEU H 677 30.16 -18.65 88.83
C LEU H 677 29.26 -18.28 87.67
N GLU H 678 29.32 -19.04 86.58
CA GLU H 678 28.38 -18.86 85.48
C GLU H 678 27.16 -19.76 85.66
N TYR H 679 26.58 -19.70 86.85
CA TYR H 679 25.39 -20.50 87.13
C TYR H 679 24.20 -19.98 86.33
N LEU H 680 24.14 -18.66 86.11
CA LEU H 680 23.10 -18.05 85.31
C LEU H 680 23.72 -17.17 84.23
N PRO H 681 23.02 -16.95 83.12
CA PRO H 681 23.58 -16.11 82.05
C PRO H 681 23.36 -14.64 82.31
N ASP H 682 24.09 -13.83 81.53
CA ASP H 682 23.92 -12.39 81.59
C ASP H 682 22.46 -12.02 81.47
N GLU H 683 21.75 -12.68 80.54
CA GLU H 683 20.35 -12.36 80.30
C GLU H 683 19.51 -12.62 81.55
N ALA H 684 19.71 -13.77 82.17
CA ALA H 684 18.93 -14.09 83.36
C ALA H 684 19.21 -13.08 84.47
N VAL H 685 20.47 -12.77 84.69
CA VAL H 685 20.81 -11.84 85.77
C VAL H 685 20.21 -10.47 85.50
N VAL H 686 20.30 -10.00 84.25
CA VAL H 686 19.79 -8.67 83.96
C VAL H 686 18.28 -8.66 84.05
N ALA H 687 17.62 -9.75 83.66
CA ALA H 687 16.17 -9.82 83.85
C ALA H 687 15.82 -9.68 85.32
N LEU H 688 16.54 -10.40 86.18
CA LEU H 688 16.31 -10.28 87.62
C LEU H 688 16.51 -8.83 88.06
N GLN H 689 17.61 -8.22 87.64
CA GLN H 689 17.92 -6.85 88.02
C GLN H 689 16.84 -5.88 87.55
N GLN H 690 16.32 -6.11 86.35
CA GLN H 690 15.27 -5.25 85.82
C GLN H 690 13.98 -5.40 86.60
N ALA H 691 13.66 -6.63 87.02
CA ALA H 691 12.51 -6.81 87.90
C ALA H 691 12.70 -6.05 89.20
N VAL H 692 13.92 -6.12 89.75
CA VAL H 692 14.21 -5.35 90.96
C VAL H 692 14.03 -3.87 90.71
N MET H 693 14.42 -3.41 89.53
CA MET H 693 14.23 -2.00 89.18
C MET H 693 12.74 -1.66 89.15
N ALA H 694 11.94 -2.57 88.59
CA ALA H 694 10.50 -2.39 88.62
C ALA H 694 10.02 -2.23 90.04
N LYS H 695 10.54 -3.04 90.96
CA LYS H 695 10.16 -2.93 92.35
C LYS H 695 10.54 -1.58 92.93
N MET H 696 11.78 -1.14 92.65
CA MET H 696 12.21 0.17 93.13
C MET H 696 11.23 1.25 92.70
N ALA H 697 10.94 1.29 91.39
CA ALA H 697 10.03 2.32 90.88
C ALA H 697 8.65 2.19 91.51
N ASP H 698 8.18 0.96 91.66
CA ASP H 698 6.84 0.76 92.21
C ASP H 698 6.74 1.33 93.62
N ARG H 699 7.73 1.05 94.46
CA ARG H 699 7.66 1.49 95.84
C ARG H 699 8.25 2.88 96.05
N ASN H 700 8.73 3.54 95.00
CA ASN H 700 9.21 4.91 95.12
C ASN H 700 10.32 5.01 96.17
N ILE H 701 11.34 4.17 95.99
CA ILE H 701 12.46 4.08 96.92
C ILE H 701 13.71 4.51 96.18
N ALA H 702 14.47 5.42 96.78
CA ALA H 702 15.63 5.99 96.13
C ALA H 702 16.91 5.29 96.59
N ILE H 703 17.99 5.55 95.86
CA ILE H 703 19.24 4.82 96.02
C ILE H 703 20.37 5.82 96.19
N GLU H 704 20.88 5.95 97.40
CA GLU H 704 22.05 6.79 97.65
C GLU H 704 23.25 6.12 96.99
N CYS H 705 23.96 6.83 96.12
CA CYS H 705 25.08 6.26 95.40
C CYS H 705 26.31 7.16 95.48
N PRO H 706 27.18 6.94 96.45
CA PRO H 706 28.49 7.60 96.41
C PRO H 706 29.41 6.87 95.45
N PRO H 707 30.48 7.52 95.01
CA PRO H 707 31.42 6.84 94.11
C PRO H 707 32.55 6.17 94.86
N THR H 708 32.98 4.99 94.39
CA THR H 708 34.06 4.25 95.05
C THR H 708 35.28 4.12 94.13
N SER H 714 35.52 -1.25 93.40
CA SER H 714 36.75 -2.04 93.53
C SER H 714 37.20 -2.60 92.19
N GLN H 715 36.32 -3.38 91.56
CA GLN H 715 36.62 -4.04 90.30
C GLN H 715 36.76 -3.06 89.13
N TYR H 716 36.27 -1.84 89.27
CA TYR H 716 36.29 -0.87 88.19
C TYR H 716 37.73 -0.40 87.97
N ARG H 717 38.23 -0.58 86.75
CA ARG H 717 39.55 -0.06 86.43
C ARG H 717 39.54 1.45 86.31
N ASN H 718 38.48 2.01 85.74
CA ASN H 718 38.32 3.46 85.63
C ASN H 718 36.91 3.85 86.03
N VAL H 719 36.77 5.11 86.44
CA VAL H 719 35.46 5.63 86.79
C VAL H 719 34.53 5.65 85.59
N SER H 720 35.08 5.58 84.38
CA SER H 720 34.23 5.46 83.20
C SER H 720 33.32 4.25 83.29
N GLU H 721 33.72 3.23 84.05
CA GLU H 721 32.95 2.01 84.21
C GLU H 721 31.94 2.09 85.34
N HIS H 722 31.50 3.28 85.73
CA HIS H 722 30.68 3.38 86.93
C HIS H 722 29.19 3.27 86.64
N HIS H 723 28.62 2.20 87.17
CA HIS H 723 27.20 1.84 87.13
C HIS H 723 26.23 3.00 87.35
N ILE H 724 26.65 4.05 88.05
CA ILE H 724 25.86 5.27 88.09
C ILE H 724 25.36 5.58 86.69
N PHE H 725 26.25 5.48 85.71
CA PHE H 725 25.91 5.84 84.34
C PHE H 725 24.87 4.89 83.79
N ARG H 726 25.05 3.60 84.05
CA ARG H 726 24.10 2.61 83.59
C ARG H 726 22.70 2.99 84.02
N TRP H 727 22.52 3.31 85.30
CA TRP H 727 21.18 3.74 85.67
C TRP H 727 20.83 5.03 84.97
N MET H 728 21.78 5.94 84.88
CA MET H 728 21.43 7.28 84.44
C MET H 728 20.97 7.29 83.00
N GLY H 729 21.18 6.20 82.27
CA GLY H 729 20.60 6.04 80.96
C GLY H 729 21.53 6.37 79.81
N LEU H 730 22.82 6.48 80.06
CA LEU H 730 23.73 6.86 79.01
C LEU H 730 23.71 5.82 77.88
N PRO H 731 23.69 6.24 76.62
CA PRO H 731 23.72 5.25 75.53
C PRO H 731 24.98 4.40 75.61
N GLY H 732 24.83 3.13 75.27
CA GLY H 732 25.92 2.18 75.37
C GLY H 732 26.15 1.63 76.75
N GLU H 733 25.71 2.34 77.79
CA GLU H 733 25.84 1.90 79.17
C GLU H 733 24.55 1.29 79.70
N ALA H 734 23.43 1.99 79.55
CA ALA H 734 22.16 1.47 80.04
C ALA H 734 21.79 0.19 79.30
N ILE H 735 21.00 -0.63 79.97
CA ILE H 735 20.55 -1.88 79.40
C ILE H 735 19.09 -1.72 79.02
N GLU H 736 18.62 -2.60 78.12
CA GLU H 736 17.35 -2.38 77.45
C GLU H 736 16.20 -2.26 78.44
N GLY H 737 16.12 -3.17 79.40
CA GLY H 737 14.97 -3.24 80.28
C GLY H 737 15.11 -2.44 81.56
N ASP H 738 15.89 -1.36 81.51
CA ASP H 738 16.17 -0.58 82.70
C ASP H 738 14.97 0.29 83.08
N VAL H 739 14.96 0.74 84.33
CA VAL H 739 13.90 1.59 84.85
C VAL H 739 14.50 2.72 85.69
N PRO H 740 13.96 3.95 85.62
CA PRO H 740 14.45 5.00 86.50
C PRO H 740 14.12 4.70 87.96
N MET H 741 15.03 5.10 88.86
CA MET H 741 14.84 4.72 90.26
C MET H 741 15.28 5.77 91.28
N SER H 742 15.40 7.03 90.91
CA SER H 742 15.70 8.08 91.88
C SER H 742 17.00 7.77 92.62
N ILE H 743 18.08 7.84 91.85
CA ILE H 743 19.41 7.73 92.44
C ILE H 743 19.77 9.08 93.03
N CYS H 744 20.26 9.07 94.26
CA CYS H 744 20.63 10.26 94.99
C CYS H 744 22.13 10.27 95.24
N LEU H 745 22.63 11.40 95.71
CA LEU H 745 24.05 11.65 95.80
C LEU H 745 24.57 11.44 97.22
N GLY H 746 25.78 10.90 97.29
CA GLY H 746 26.47 10.71 98.56
C GLY H 746 27.96 10.90 98.42
N SER H 747 28.56 11.68 99.33
CA SER H 747 30.00 11.94 99.28
C SER H 747 30.70 10.92 100.19
N ASP H 748 30.87 9.71 99.66
CA ASP H 748 31.56 8.66 100.39
C ASP H 748 32.42 7.88 99.41
N ASP H 749 33.67 8.31 99.24
CA ASP H 749 34.64 7.54 98.45
C ASP H 749 35.54 6.79 99.41
N PRO H 750 35.51 5.46 99.44
CA PRO H 750 36.27 4.74 100.48
C PRO H 750 37.75 5.04 100.47
N GLY H 751 38.34 5.22 99.29
CA GLY H 751 39.78 5.27 99.18
C GLY H 751 40.36 6.60 98.71
N ILE H 752 39.83 7.71 99.22
CA ILE H 752 40.37 9.02 98.89
C ILE H 752 40.48 9.86 100.15
N PHE H 753 41.33 10.88 100.07
CA PHE H 753 41.53 11.83 101.15
C PHE H 753 40.84 13.13 100.78
N ALA H 754 40.14 13.72 101.74
CA ALA H 754 39.45 14.99 101.53
C ALA H 754 38.46 14.88 100.35
N ALA H 755 37.49 14.00 100.56
CA ALA H 755 36.41 13.81 99.61
C ALA H 755 35.23 14.71 99.97
N ASP H 756 34.57 15.22 98.93
CA ASP H 756 33.41 16.08 99.12
C ASP H 756 32.36 15.79 98.07
N LEU H 757 31.10 16.05 98.45
CA LEU H 757 30.01 15.93 97.49
C LEU H 757 30.22 16.90 96.34
N LYS H 758 30.67 18.11 96.64
CA LYS H 758 31.03 19.07 95.61
C LYS H 758 32.11 18.50 94.69
N SER H 759 33.16 17.93 95.27
CA SER H 759 34.24 17.39 94.47
C SER H 759 33.74 16.30 93.54
N GLU H 760 32.87 15.42 94.04
CA GLU H 760 32.35 14.35 93.19
C GLU H 760 31.35 14.90 92.19
N PHE H 761 30.69 16.00 92.51
CA PHE H 761 29.89 16.69 91.51
C PHE H 761 30.75 17.04 90.32
N TYR H 762 31.90 17.65 90.58
CA TYR H 762 32.83 17.95 89.50
C TYR H 762 33.33 16.67 88.84
N HIS H 763 33.57 15.64 89.63
CA HIS H 763 34.01 14.37 89.08
C HIS H 763 33.02 13.87 88.03
N LEU H 764 31.75 13.85 88.41
CA LEU H 764 30.70 13.38 87.53
C LEU H 764 30.60 14.25 86.31
N PHE H 765 30.61 15.57 86.50
CA PHE H 765 30.51 16.47 85.36
C PHE H 765 31.62 16.20 84.36
N VAL H 766 32.86 16.14 84.85
CA VAL H 766 34.01 16.01 83.96
C VAL H 766 33.97 14.67 83.25
N VAL H 767 33.70 13.59 83.98
CA VAL H 767 33.68 12.28 83.33
C VAL H 767 32.59 12.25 82.27
N LEU H 768 31.40 12.74 82.61
CA LEU H 768 30.32 12.79 81.62
C LEU H 768 30.74 13.54 80.38
N THR H 769 31.24 14.76 80.56
CA THR H 769 31.56 15.60 79.43
C THR H 769 32.67 15.02 78.56
N ARG H 770 33.81 14.70 79.17
CA ARG H 770 34.99 14.31 78.42
C ARG H 770 34.91 12.89 77.88
N LYS H 771 34.25 11.98 78.60
CA LYS H 771 34.29 10.58 78.23
C LYS H 771 33.10 10.17 77.38
N PHE H 772 31.89 10.57 77.74
CA PHE H 772 30.74 10.43 76.85
C PHE H 772 30.73 11.48 75.74
N GLY H 773 31.15 12.71 76.03
CA GLY H 773 31.05 13.78 75.07
C GLY H 773 29.81 14.64 75.18
N LEU H 774 29.05 14.54 76.27
CA LEU H 774 27.88 15.38 76.44
C LEU H 774 28.29 16.85 76.51
N SER H 775 27.40 17.71 76.02
CA SER H 775 27.61 19.13 76.20
C SER H 775 27.52 19.47 77.68
N PRO H 776 28.17 20.56 78.09
CA PRO H 776 28.14 20.91 79.52
C PRO H 776 26.73 21.03 80.06
N ALA H 777 25.82 21.60 79.26
CA ALA H 777 24.44 21.72 79.72
C ALA H 777 23.82 20.34 79.96
N ASP H 778 24.02 19.42 79.03
CA ASP H 778 23.46 18.09 79.19
C ASP H 778 24.01 17.42 80.44
N ALA H 779 25.33 17.44 80.62
CA ALA H 779 25.93 16.79 81.77
C ALA H 779 25.44 17.43 83.07
N LEU H 780 25.32 18.76 83.08
CA LEU H 780 24.85 19.45 84.27
C LEU H 780 23.43 19.01 84.61
N ARG H 781 22.56 18.93 83.60
CA ARG H 781 21.20 18.45 83.85
C ARG H 781 21.23 17.04 84.41
N LYS H 782 22.08 16.19 83.86
CA LYS H 782 22.14 14.81 84.32
C LYS H 782 22.50 14.77 85.80
N VAL H 783 23.59 15.43 86.17
CA VAL H 783 24.02 15.42 87.57
C VAL H 783 22.95 16.06 88.45
N ALA H 784 22.32 17.12 87.96
CA ALA H 784 21.26 17.73 88.71
C ALA H 784 20.21 16.70 89.10
N GLU H 785 19.71 15.95 88.12
CA GLU H 785 18.62 15.02 88.44
C GLU H 785 18.92 14.24 89.72
N VAL H 786 20.15 13.77 89.88
CA VAL H 786 20.51 13.06 91.11
C VAL H 786 20.51 14.02 92.29
N ASN H 787 21.09 15.21 92.09
CA ASN H 787 21.16 16.17 93.18
C ASN H 787 19.79 16.46 93.77
N GLU H 788 18.83 16.83 92.90
CA GLU H 788 17.49 17.12 93.40
C GLU H 788 16.67 15.86 93.64
N ASN H 789 17.15 14.68 93.23
CA ASN H 789 16.59 13.47 93.81
C ASN H 789 16.87 13.46 95.31
N GLY H 790 18.08 13.89 95.68
CA GLY H 790 18.36 14.10 97.09
C GLY H 790 17.40 15.09 97.72
N ARG H 791 17.14 16.20 97.04
CA ARG H 791 16.09 17.12 97.49
C ARG H 791 14.80 16.36 97.74
N ILE H 792 14.40 15.54 96.78
CA ILE H 792 13.06 14.98 96.77
C ILE H 792 12.89 13.99 97.90
N TYR H 793 13.90 13.14 98.13
CA TYR H 793 13.82 12.15 99.19
C TYR H 793 14.63 12.53 100.41
N ARG H 794 14.89 13.82 100.62
CA ARG H 794 15.56 14.25 101.84
C ARG H 794 14.73 13.88 103.06
N PHE H 795 15.41 13.58 104.16
CA PHE H 795 14.73 13.12 105.37
C PHE H 795 14.36 14.25 106.31
N HIS H 796 14.90 15.44 106.11
CA HIS H 796 14.67 16.54 107.05
C HIS H 796 13.19 16.75 107.29
N ASP H 797 12.87 17.43 108.39
CA ASP H 797 11.50 17.80 108.67
C ASP H 797 11.05 18.90 107.72
N VAL H 798 9.76 18.94 107.43
CA VAL H 798 9.21 19.96 106.55
C VAL H 798 8.94 21.23 107.34
N MET I 1 42.46 -21.87 94.52
CA MET I 1 43.37 -21.23 95.51
C MET I 1 44.50 -22.18 95.87
N GLU I 2 44.25 -23.48 95.71
CA GLU I 2 45.22 -24.49 96.07
C GLU I 2 46.62 -24.10 95.60
N ARG I 3 46.71 -23.49 94.42
CA ARG I 3 47.98 -22.99 93.94
C ARG I 3 48.73 -22.21 95.01
N PHE I 4 48.00 -21.55 95.92
CA PHE I 4 48.66 -20.78 96.95
C PHE I 4 49.43 -21.68 97.92
N LEU I 5 48.79 -22.72 98.43
CA LEU I 5 49.43 -23.63 99.37
C LEU I 5 50.66 -24.29 98.79
N LEU I 6 50.80 -24.34 97.47
CA LEU I 6 51.98 -24.91 96.83
C LEU I 6 52.97 -23.88 96.35
N ASN I 7 52.54 -22.64 96.14
CA ASN I 7 53.42 -21.58 95.65
C ASN I 7 53.18 -20.36 96.54
N SER I 8 53.90 -20.29 97.65
CA SER I 8 53.80 -19.16 98.56
C SER I 8 55.15 -18.97 99.24
N THR I 9 55.84 -17.88 98.93
CA THR I 9 57.10 -17.60 99.58
C THR I 9 56.91 -17.45 101.07
N VAL I 10 55.82 -16.83 101.50
CA VAL I 10 55.52 -16.74 102.93
C VAL I 10 55.42 -18.13 103.52
N LEU I 11 54.68 -19.01 102.86
CA LEU I 11 54.53 -20.37 103.35
C LEU I 11 55.88 -21.07 103.44
N LEU I 12 56.67 -21.00 102.37
CA LEU I 12 57.96 -21.66 102.39
C LEU I 12 58.81 -21.14 103.54
N TYR I 13 58.87 -19.81 103.67
CA TYR I 13 59.61 -19.20 104.78
C TYR I 13 59.15 -19.76 106.11
N ARG I 14 57.85 -19.78 106.35
CA ARG I 14 57.34 -20.15 107.66
C ARG I 14 57.58 -21.63 107.95
N LEU I 15 57.26 -22.50 106.99
CA LEU I 15 57.51 -23.92 107.21
C LEU I 15 58.99 -24.20 107.43
N SER I 16 59.86 -23.61 106.62
CA SER I 16 61.28 -23.81 106.80
C SER I 16 61.77 -23.32 108.16
N THR I 17 61.26 -22.19 108.64
CA THR I 17 61.68 -21.65 109.93
C THR I 17 61.18 -22.46 111.11
N VAL I 18 59.90 -22.84 111.12
CA VAL I 18 59.35 -23.52 112.29
C VAL I 18 59.95 -24.91 112.40
N SER I 19 60.01 -25.40 113.64
CA SER I 19 60.54 -26.73 113.90
C SER I 19 59.62 -27.79 113.33
N LEU I 20 60.21 -28.91 112.92
CA LEU I 20 59.45 -30.04 112.40
C LEU I 20 58.44 -30.58 113.39
N ASP I 21 58.64 -30.33 114.69
CA ASP I 21 57.75 -30.81 115.73
C ASP I 21 56.71 -29.77 116.14
N GLU I 22 56.62 -28.67 115.39
CA GLU I 22 55.76 -27.58 115.80
C GLU I 22 54.30 -28.02 115.83
N VAL I 23 53.82 -28.64 114.76
CA VAL I 23 52.47 -29.21 114.71
C VAL I 23 51.43 -28.11 114.81
N SER I 24 50.25 -28.36 114.25
CA SER I 24 49.09 -27.47 114.36
C SER I 24 49.44 -26.06 113.84
N LEU I 25 49.71 -26.02 112.54
CA LEU I 25 50.03 -24.77 111.85
C LEU I 25 48.88 -24.29 110.99
N ASP I 26 47.65 -24.71 111.28
CA ASP I 26 46.52 -24.36 110.44
C ASP I 26 46.33 -22.85 110.34
N GLU I 27 46.36 -22.16 111.49
CA GLU I 27 46.15 -20.73 111.47
C GLU I 27 47.24 -20.03 110.67
N ARG I 28 48.48 -20.41 110.88
CA ARG I 28 49.59 -19.74 110.21
C ARG I 28 49.57 -19.99 108.70
N VAL I 29 49.31 -21.23 108.29
CA VAL I 29 49.20 -21.51 106.86
C VAL I 29 48.03 -20.74 106.27
N GLU I 30 46.94 -20.62 107.02
CA GLU I 30 45.80 -19.87 106.55
C GLU I 30 46.14 -18.39 106.34
N SER I 31 46.83 -17.80 107.31
CA SER I 31 47.25 -16.40 107.19
C SER I 31 48.20 -16.22 106.02
N SER I 32 49.19 -17.11 105.90
CA SER I 32 50.11 -17.06 104.77
C SER I 32 49.35 -17.17 103.46
N VAL I 33 48.29 -17.98 103.43
CA VAL I 33 47.50 -18.13 102.21
C VAL I 33 46.82 -16.82 101.85
N PHE I 34 46.23 -16.16 102.84
CA PHE I 34 45.60 -14.88 102.53
C PHE I 34 46.66 -13.90 102.01
N LEU I 35 47.82 -13.87 102.64
CA LEU I 35 48.90 -13.04 102.14
C LEU I 35 49.21 -13.38 100.69
N ALA I 36 49.39 -14.67 100.40
CA ALA I 36 49.81 -15.10 99.08
C ALA I 36 48.82 -14.68 98.02
N GLN I 37 47.54 -14.96 98.26
CA GLN I 37 46.53 -14.51 97.30
C GLN I 37 46.56 -13.01 97.17
N TYR I 38 46.87 -12.30 98.26
CA TYR I 38 46.92 -10.85 98.17
C TYR I 38 47.97 -10.38 97.18
N GLU I 39 49.20 -10.91 97.27
CA GLU I 39 50.21 -10.36 96.35
C GLU I 39 50.01 -10.91 94.94
N GLN I 40 49.65 -12.19 94.80
CA GLN I 40 49.53 -12.75 93.46
C GLN I 40 48.23 -12.29 92.79
N ALA I 41 47.09 -12.73 93.31
CA ALA I 41 45.79 -12.32 92.79
C ALA I 41 45.25 -11.27 93.74
N ARG I 42 45.72 -10.03 93.57
CA ARG I 42 45.25 -8.94 94.41
C ARG I 42 43.78 -8.64 94.21
N SER I 43 43.25 -8.96 93.03
CA SER I 43 41.92 -8.54 92.61
C SER I 43 40.79 -9.27 93.33
N LEU I 44 41.08 -10.32 94.09
CA LEU I 44 40.01 -11.09 94.71
C LEU I 44 39.30 -10.20 95.74
N PRO I 45 37.95 -10.17 95.76
CA PRO I 45 37.25 -9.14 96.55
C PRO I 45 37.10 -9.46 98.03
N ASP I 46 38.17 -9.94 98.66
CA ASP I 46 38.35 -9.82 100.10
C ASP I 46 37.40 -10.68 100.92
N HIS I 47 36.47 -11.39 100.28
CA HIS I 47 35.61 -12.30 101.03
C HIS I 47 35.57 -13.66 100.36
N VAL I 48 35.79 -13.65 99.05
CA VAL I 48 35.88 -14.91 98.32
C VAL I 48 36.97 -15.79 98.92
N ALA I 49 38.09 -15.17 99.31
CA ALA I 49 39.18 -15.95 99.86
C ALA I 49 38.76 -16.69 101.12
N LYS I 50 38.13 -15.98 102.06
CA LYS I 50 37.70 -16.62 103.29
C LYS I 50 36.68 -17.71 103.01
N SER I 51 35.72 -17.43 102.13
CA SER I 51 34.71 -18.45 101.85
C SER I 51 35.35 -19.69 101.23
N ALA I 52 36.28 -19.49 100.29
CA ALA I 52 36.91 -20.62 99.63
C ALA I 52 37.76 -21.42 100.60
N TRP I 53 38.49 -20.73 101.48
CA TRP I 53 39.28 -21.45 102.48
C TRP I 53 38.36 -22.26 103.39
N SER I 54 37.23 -21.68 103.78
CA SER I 54 36.28 -22.39 104.61
C SER I 54 35.79 -23.65 103.90
N TYR I 55 35.42 -23.54 102.64
CA TYR I 55 34.96 -24.71 101.90
C TYR I 55 36.07 -25.75 101.78
N LEU I 56 37.29 -25.31 101.51
CA LEU I 56 38.40 -26.24 101.37
C LEU I 56 38.62 -27.03 102.65
N VAL I 57 38.67 -26.34 103.78
CA VAL I 57 38.89 -27.03 105.05
C VAL I 57 37.70 -27.93 105.35
N GLN I 58 36.49 -27.49 104.98
CA GLN I 58 35.32 -28.34 105.07
C GLN I 58 35.55 -29.65 104.34
N GLN I 59 36.00 -29.56 103.09
CA GLN I 59 36.25 -30.76 102.30
C GLN I 59 37.31 -31.63 102.94
N ILE I 60 38.39 -31.01 103.40
CA ILE I 60 39.51 -31.78 103.97
C ILE I 60 39.03 -32.55 105.19
N LYS I 61 38.32 -31.87 106.10
CA LYS I 61 37.86 -32.53 107.31
C LYS I 61 36.85 -33.62 106.98
N GLN I 62 35.89 -33.33 106.09
CA GLN I 62 34.86 -34.33 105.81
C GLN I 62 35.46 -35.58 105.21
N ARG I 63 36.43 -35.43 104.30
CA ARG I 63 37.09 -36.59 103.74
C ARG I 63 38.18 -37.13 104.64
N ASN I 64 38.41 -36.47 105.78
CA ASN I 64 39.22 -37.04 106.85
C ASN I 64 40.70 -37.08 106.50
N MET I 65 41.21 -35.98 105.94
CA MET I 65 42.64 -35.80 105.77
C MET I 65 43.12 -34.62 106.61
N LYS I 66 44.44 -34.58 106.81
CA LYS I 66 45.09 -33.47 107.47
C LYS I 66 45.62 -32.52 106.42
N LEU I 67 45.38 -31.23 106.60
CA LEU I 67 45.82 -30.22 105.65
C LEU I 67 47.27 -30.46 105.27
N GLY I 68 47.55 -30.60 103.98
CA GLY I 68 48.88 -30.89 103.53
C GLY I 68 48.93 -31.19 102.04
N PRO I 69 50.15 -31.34 101.52
CA PRO I 69 50.27 -31.60 100.08
C PRO I 69 49.44 -32.78 99.64
N VAL I 70 49.66 -33.96 100.21
CA VAL I 70 48.91 -35.15 99.78
C VAL I 70 47.45 -34.79 99.56
N ALA I 71 46.82 -34.15 100.54
CA ALA I 71 45.41 -33.82 100.41
C ALA I 71 45.17 -32.86 99.25
N ILE I 72 45.95 -31.79 99.17
CA ILE I 72 45.72 -30.79 98.13
C ILE I 72 45.88 -31.42 96.76
N LEU I 73 46.94 -32.20 96.58
CA LEU I 73 47.15 -32.90 95.33
C LEU I 73 46.00 -33.83 95.02
N ARG I 74 45.44 -34.48 96.05
CA ARG I 74 44.29 -35.33 95.81
C ARG I 74 43.14 -34.53 95.25
N LEU I 75 42.86 -33.37 95.86
CA LEU I 75 41.77 -32.53 95.38
C LEU I 75 42.02 -32.10 93.95
N ILE I 76 43.26 -31.68 93.67
CA ILE I 76 43.59 -31.20 92.34
C ILE I 76 43.39 -32.32 91.32
N ALA I 77 43.90 -33.51 91.64
CA ALA I 77 43.79 -34.63 90.71
C ALA I 77 42.34 -34.99 90.46
N GLU I 78 41.55 -35.10 91.52
CA GLU I 78 40.15 -35.48 91.32
C GLU I 78 39.41 -34.44 90.51
N LYS I 79 39.68 -33.14 90.75
CA LYS I 79 38.91 -32.13 90.04
C LYS I 79 39.37 -31.94 88.61
N PHE I 80 40.64 -32.20 88.30
CA PHE I 80 41.15 -31.99 86.94
C PHE I 80 41.27 -33.26 86.12
N ILE I 81 42.05 -34.24 86.57
CA ILE I 81 42.49 -35.33 85.72
C ILE I 81 41.51 -36.49 85.80
N LYS I 82 41.27 -37.12 84.65
CA LYS I 82 40.50 -38.36 84.60
C LYS I 82 41.21 -39.36 83.70
N ASN I 83 40.75 -40.60 83.71
CA ASN I 83 41.30 -41.66 82.87
C ASN I 83 40.27 -41.97 81.80
N GLU I 84 40.69 -41.90 80.53
CA GLU I 84 39.79 -42.16 79.41
C GLU I 84 40.58 -42.74 78.26
N LYS I 85 40.03 -43.77 77.62
CA LYS I 85 40.63 -44.35 76.43
C LYS I 85 42.08 -44.73 76.72
N GLY I 86 42.97 -43.74 76.65
CA GLY I 86 44.38 -43.96 76.91
C GLY I 86 44.91 -43.07 78.00
N GLY I 87 45.37 -43.67 79.10
CA GLY I 87 46.02 -42.95 80.15
C GLY I 87 45.15 -41.86 80.76
N PRO I 88 45.68 -41.18 81.77
CA PRO I 88 44.94 -40.09 82.39
C PRO I 88 44.83 -38.91 81.45
N LYS I 89 43.79 -38.09 81.66
CA LYS I 89 43.55 -36.93 80.82
C LYS I 89 42.75 -35.90 81.60
N ILE I 90 42.62 -34.71 80.99
CA ILE I 90 42.05 -33.54 81.66
C ILE I 90 40.68 -33.23 81.09
N ASP I 91 39.79 -32.77 81.96
CA ASP I 91 38.50 -32.27 81.51
C ASP I 91 38.69 -31.16 80.49
N LEU I 92 38.11 -31.35 79.31
CA LEU I 92 38.06 -30.26 78.34
C LEU I 92 37.55 -28.98 78.97
N PRO I 93 36.44 -28.97 79.72
CA PRO I 93 35.98 -27.71 80.31
C PRO I 93 36.98 -27.09 81.28
N MET I 94 37.86 -27.88 81.89
CA MET I 94 38.77 -27.38 82.91
C MET I 94 40.16 -27.09 82.39
N PHE I 95 40.39 -27.24 81.08
CA PHE I 95 41.74 -27.22 80.54
C PHE I 95 42.37 -25.83 80.68
N SER I 96 41.60 -24.78 80.38
CA SER I 96 42.11 -23.42 80.51
C SER I 96 42.52 -23.12 81.95
N GLU I 97 41.65 -23.46 82.89
CA GLU I 97 41.99 -23.30 84.29
C GLU I 97 43.23 -24.10 84.62
N TRP I 98 43.40 -25.25 83.96
CA TRP I 98 44.55 -26.08 84.25
C TRP I 98 45.84 -25.39 83.83
N GLN I 99 45.83 -24.64 82.73
CA GLN I 99 47.03 -23.85 82.43
C GLN I 99 47.19 -22.73 83.44
N THR I 100 46.09 -22.10 83.83
CA THR I 100 46.20 -21.09 84.88
C THR I 100 46.91 -21.68 86.09
N LEU I 101 46.68 -22.95 86.34
CA LEU I 101 47.35 -23.65 87.44
C LEU I 101 48.82 -23.94 87.11
N MET I 102 49.07 -24.55 85.95
CA MET I 102 50.40 -24.99 85.60
C MET I 102 51.36 -23.82 85.45
N SER I 103 50.85 -22.65 85.12
CA SER I 103 51.63 -21.43 85.18
C SER I 103 52.32 -21.26 86.53
N ARG I 104 51.82 -21.91 87.57
CA ARG I 104 52.32 -21.73 88.92
C ARG I 104 52.83 -23.01 89.56
N VAL I 105 52.29 -24.17 89.20
CA VAL I 105 52.63 -25.41 89.89
C VAL I 105 53.08 -26.47 88.90
N SER I 106 53.92 -27.37 89.40
CA SER I 106 54.35 -28.55 88.65
C SER I 106 53.27 -29.60 88.62
N CYS I 107 53.13 -30.25 87.48
CA CYS I 107 52.14 -31.32 87.32
C CYS I 107 52.64 -32.66 87.82
N LEU I 108 53.92 -32.79 88.13
CA LEU I 108 54.45 -34.09 88.52
C LEU I 108 53.83 -34.60 89.81
N PRO I 109 53.78 -33.84 90.88
CA PRO I 109 53.09 -34.35 92.08
C PRO I 109 51.63 -34.66 91.79
N ILE I 110 51.01 -33.84 90.96
CA ILE I 110 49.60 -34.00 90.66
C ILE I 110 49.35 -35.32 89.95
N ILE I 111 50.19 -35.62 88.95
CA ILE I 111 50.05 -36.87 88.22
C ILE I 111 50.34 -38.05 89.11
N ALA I 112 51.34 -37.93 89.99
CA ALA I 112 51.61 -39.04 90.90
C ALA I 112 50.39 -39.31 91.75
N CYS I 113 49.79 -38.26 92.30
CA CYS I 113 48.62 -38.44 93.15
C CYS I 113 47.46 -39.03 92.36
N HIS I 114 47.31 -38.63 91.09
CA HIS I 114 46.21 -39.19 90.30
C HIS I 114 46.46 -40.67 90.02
N GLN I 115 47.66 -41.02 89.56
CA GLN I 115 47.97 -42.42 89.33
C GLN I 115 47.73 -43.23 90.59
N VAL I 116 47.92 -42.60 91.75
CA VAL I 116 47.76 -43.32 93.02
C VAL I 116 46.28 -43.50 93.36
N PHE I 117 45.53 -42.40 93.39
CA PHE I 117 44.18 -42.38 93.95
C PHE I 117 43.10 -42.58 92.89
N ASN I 118 43.47 -42.71 91.64
CA ASN I 118 42.53 -43.03 90.57
C ASN I 118 43.29 -43.65 89.41
N PRO I 119 44.02 -44.73 89.63
CA PRO I 119 44.66 -45.41 88.50
C PRO I 119 43.63 -45.94 87.53
N GLY I 120 43.95 -45.86 86.24
CA GLY I 120 43.10 -46.38 85.22
C GLY I 120 43.11 -47.89 85.25
N PRO I 121 42.60 -48.52 84.19
CA PRO I 121 42.67 -49.99 84.13
C PRO I 121 44.10 -50.46 84.25
N ALA I 122 44.30 -51.53 85.01
CA ALA I 122 45.63 -52.05 85.24
C ALA I 122 46.08 -52.87 84.04
N SER I 123 45.98 -52.26 82.85
CA SER I 123 46.35 -52.93 81.61
C SER I 123 47.29 -52.11 80.74
N GLN I 124 47.22 -50.78 80.75
CA GLN I 124 48.14 -49.93 80.01
C GLN I 124 49.25 -49.52 80.98
N GLU I 125 50.43 -50.09 80.78
CA GLU I 125 51.58 -49.64 81.56
C GLU I 125 51.76 -48.15 81.32
N TYR I 126 51.50 -47.36 82.35
CA TYR I 126 51.64 -45.91 82.21
C TYR I 126 53.10 -45.53 82.43
N SER I 127 53.84 -45.43 81.33
CA SER I 127 55.16 -44.82 81.34
C SER I 127 54.97 -43.33 81.15
N PHE I 128 55.18 -42.57 82.22
CA PHE I 128 54.91 -41.14 82.19
C PHE I 128 55.31 -40.44 80.91
N ARG I 129 54.46 -39.49 80.52
CA ARG I 129 54.75 -38.49 79.51
C ARG I 129 54.15 -37.16 79.94
N TRP I 130 54.79 -36.06 79.55
CA TRP I 130 54.28 -34.73 79.83
C TRP I 130 54.16 -33.93 78.55
N PRO I 131 53.30 -32.90 78.53
CA PRO I 131 52.37 -32.55 79.60
C PRO I 131 51.04 -33.27 79.43
N LEU I 132 50.09 -33.06 80.32
CA LEU I 132 48.82 -33.75 80.24
C LEU I 132 47.89 -33.03 79.27
N TYR I 133 47.12 -33.79 78.51
CA TYR I 133 46.26 -33.28 77.46
C TYR I 133 44.81 -33.66 77.69
N PRO I 134 43.88 -32.82 77.30
CA PRO I 134 42.49 -33.24 77.15
C PRO I 134 42.35 -34.11 75.91
N TYR I 135 41.11 -34.39 75.55
CA TYR I 135 40.79 -35.33 74.49
C TYR I 135 39.68 -34.76 73.62
N HIS I 136 39.95 -34.62 72.33
CA HIS I 136 38.85 -34.44 71.41
C HIS I 136 39.12 -35.21 70.12
N PRO I 137 38.25 -36.15 69.76
CA PRO I 137 38.57 -37.03 68.62
C PRO I 137 38.89 -36.27 67.36
N THR I 138 38.21 -35.16 67.09
CA THR I 138 38.53 -34.37 65.92
C THR I 138 39.96 -33.85 66.00
N VAL I 139 40.35 -33.37 67.17
CA VAL I 139 41.70 -32.88 67.37
C VAL I 139 42.70 -33.99 67.07
N GLU I 140 42.51 -35.16 67.67
CA GLU I 140 43.50 -36.22 67.49
C GLU I 140 43.50 -36.73 66.07
N ASP I 141 42.33 -36.74 65.42
CA ASP I 141 42.26 -37.08 64.01
C ASP I 141 43.14 -36.17 63.19
N TYR I 142 42.97 -34.86 63.35
CA TYR I 142 43.76 -33.92 62.58
C TYR I 142 45.24 -34.13 62.88
N ILE I 143 45.57 -34.35 64.15
CA ILE I 143 46.96 -34.56 64.52
C ILE I 143 47.53 -35.77 63.79
N THR I 144 46.91 -36.93 63.96
CA THR I 144 47.48 -38.14 63.39
C THR I 144 47.58 -38.05 61.87
N ARG I 145 46.56 -37.48 61.23
CA ARG I 145 46.61 -37.37 59.79
C ARG I 145 47.70 -36.41 59.32
N GLU I 146 47.89 -35.30 60.04
CA GLU I 146 48.78 -34.25 59.59
C GLU I 146 49.94 -33.96 60.53
N CYS I 147 49.76 -34.18 61.83
CA CYS I 147 50.79 -33.83 62.81
C CYS I 147 50.95 -32.31 62.84
N LEU I 148 51.57 -31.78 63.88
CA LEU I 148 51.72 -30.34 64.04
C LEU I 148 53.08 -29.89 63.54
N HIS I 149 53.30 -28.59 63.60
CA HIS I 149 54.48 -27.96 63.06
C HIS I 149 55.01 -26.98 64.09
N GLU I 150 56.24 -27.18 64.56
CA GLU I 150 56.81 -26.33 65.59
C GLU I 150 57.75 -25.31 64.97
N THR I 151 57.50 -24.03 65.26
CA THR I 151 58.24 -22.93 64.68
C THR I 151 58.81 -21.97 65.71
N HIS I 152 58.19 -21.84 66.88
CA HIS I 152 58.64 -20.92 67.91
C HIS I 152 58.95 -21.74 69.16
N GLN I 153 60.22 -22.13 69.31
CA GLN I 153 60.73 -22.77 70.52
C GLN I 153 62.02 -22.04 70.92
N HIS I 154 61.89 -20.97 71.72
CA HIS I 154 63.11 -20.31 72.20
C HIS I 154 62.99 -19.90 73.65
N LEU I 155 61.95 -20.32 74.37
CA LEU I 155 61.68 -19.70 75.66
C LEU I 155 62.75 -20.06 76.68
N ASN I 156 63.03 -21.35 76.81
CA ASN I 156 64.05 -21.85 77.74
C ASN I 156 64.95 -22.77 76.92
N GLY I 157 65.92 -22.19 76.24
CA GLY I 157 66.69 -22.96 75.28
C GLY I 157 65.72 -23.60 74.31
N SER I 158 65.55 -24.90 74.44
CA SER I 158 64.43 -25.57 73.77
C SER I 158 63.79 -26.63 74.67
N THR I 159 64.01 -26.57 75.97
CA THR I 159 63.44 -27.52 76.92
C THR I 159 62.47 -26.83 77.86
N SER I 160 61.63 -27.64 78.51
CA SER I 160 60.66 -27.13 79.46
C SER I 160 61.33 -26.85 80.81
N ALA I 161 60.68 -25.96 81.57
CA ALA I 161 61.24 -25.49 82.83
C ALA I 161 61.38 -26.59 83.88
N GLU I 162 60.40 -27.49 84.00
CA GLU I 162 60.46 -28.50 85.04
C GLU I 162 61.74 -29.33 84.95
N GLU I 163 62.17 -29.67 83.73
CA GLU I 163 63.41 -30.41 83.56
C GLU I 163 64.61 -29.62 84.07
N CYS I 164 64.57 -28.29 83.94
CA CYS I 164 65.65 -27.48 84.49
C CYS I 164 65.79 -27.69 85.99
N TRP I 165 64.70 -28.05 86.67
CA TRP I 165 64.82 -28.37 88.08
C TRP I 165 65.76 -29.55 88.31
N LEU I 166 65.51 -30.67 87.64
CA LEU I 166 66.39 -31.81 87.80
C LEU I 166 67.78 -31.48 87.30
N ASP I 167 67.87 -30.59 86.31
CA ASP I 167 69.17 -30.13 85.86
C ASP I 167 69.93 -29.46 86.99
N ALA I 168 69.26 -28.56 87.70
CA ALA I 168 69.88 -27.89 88.85
C ALA I 168 70.25 -28.90 89.91
N LEU I 169 69.37 -29.85 90.19
CA LEU I 169 69.65 -30.85 91.21
C LEU I 169 70.87 -31.68 90.84
N LYS I 170 71.05 -31.96 89.55
CA LYS I 170 72.27 -32.61 89.09
C LYS I 170 73.48 -31.71 89.27
N HIS I 171 73.32 -30.41 88.98
CA HIS I 171 74.44 -29.47 88.98
C HIS I 171 74.11 -28.29 89.89
N PRO I 172 73.81 -28.55 91.17
CA PRO I 172 73.49 -27.43 92.07
C PRO I 172 74.60 -26.41 92.15
N GLU I 173 75.85 -26.88 92.16
CA GLU I 173 76.97 -25.97 92.06
C GLU I 173 76.88 -25.09 90.82
N ALA I 174 76.53 -25.67 89.68
CA ALA I 174 76.44 -24.90 88.45
C ALA I 174 75.28 -23.91 88.51
N CYS I 175 74.15 -24.35 89.05
CA CYS I 175 73.02 -23.45 89.20
C CYS I 175 73.39 -22.26 90.06
N LEU I 176 74.02 -22.52 91.21
CA LEU I 176 74.47 -21.43 92.07
C LEU I 176 75.45 -20.53 91.35
N ARG I 177 76.35 -21.14 90.57
CA ARG I 177 77.35 -20.38 89.81
C ARG I 177 76.69 -19.38 88.87
N ASP I 178 75.75 -19.86 88.05
CA ASP I 178 75.05 -18.98 87.12
C ASP I 178 74.22 -17.94 87.87
N PHE I 179 73.51 -18.37 88.91
CA PHE I 179 72.70 -17.44 89.69
C PHE I 179 73.55 -16.32 90.27
N GLU I 180 74.70 -16.69 90.83
CA GLU I 180 75.63 -15.69 91.33
C GLU I 180 75.97 -14.68 90.26
N LYS I 181 76.39 -15.15 89.09
CA LYS I 181 76.65 -14.21 88.01
C LYS I 181 75.30 -13.88 87.35
N GLY I 182 74.76 -12.78 87.80
CA GLY I 182 73.46 -12.36 87.41
C GLY I 182 72.75 -11.80 88.62
N TRP I 183 73.13 -12.28 89.80
CA TRP I 183 72.72 -11.59 91.02
C TRP I 183 73.34 -10.21 91.11
N ALA I 184 74.54 -10.04 90.57
CA ALA I 184 75.21 -8.75 90.60
C ALA I 184 74.50 -7.70 89.76
N SER I 185 73.96 -8.07 88.60
CA SER I 185 73.28 -7.10 87.75
C SER I 185 71.92 -6.75 88.33
N GLN I 186 71.50 -5.51 88.09
CA GLN I 186 70.32 -4.98 88.77
C GLN I 186 69.05 -5.71 88.35
N GLU I 187 68.81 -5.85 87.04
CA GLU I 187 67.51 -6.33 86.60
C GLU I 187 67.14 -7.61 87.31
N MET I 188 68.08 -8.56 87.39
CA MET I 188 67.84 -9.76 88.17
C MET I 188 67.62 -9.41 89.64
N LYS I 189 68.32 -8.41 90.17
CA LYS I 189 68.06 -8.02 91.55
C LYS I 189 66.62 -7.54 91.71
N GLN I 190 66.14 -6.74 90.74
CA GLN I 190 64.75 -6.30 90.80
C GLN I 190 63.78 -7.47 90.74
N LEU I 191 64.02 -8.40 89.82
CA LEU I 191 63.15 -9.56 89.71
C LEU I 191 63.17 -10.39 91.00
N CYS I 192 64.35 -10.58 91.57
CA CYS I 192 64.47 -11.35 92.79
C CYS I 192 63.73 -10.67 93.94
N ALA I 193 63.88 -9.36 94.05
CA ALA I 193 63.16 -8.64 95.10
C ALA I 193 61.66 -8.77 94.88
N GLN I 194 61.21 -8.68 93.62
CA GLN I 194 59.79 -8.84 93.34
C GLN I 194 59.28 -10.20 93.76
N ILE I 195 60.03 -11.26 93.47
CA ILE I 195 59.55 -12.61 93.72
C ILE I 195 59.72 -12.99 95.18
N ASP I 196 60.97 -13.04 95.64
CA ASP I 196 61.28 -13.19 97.06
C ASP I 196 62.13 -12.01 97.50
N PRO I 197 61.58 -11.07 98.27
CA PRO I 197 62.42 -9.95 98.75
C PRO I 197 63.75 -10.40 99.32
N SER I 198 63.72 -11.30 100.30
CA SER I 198 64.95 -11.76 100.96
C SER I 198 65.43 -13.07 100.34
N LEU I 199 65.76 -13.01 99.05
CA LEU I 199 66.16 -14.21 98.34
C LEU I 199 67.64 -14.51 98.54
N THR I 200 68.49 -13.67 97.99
CA THR I 200 69.95 -13.76 98.05
C THR I 200 70.48 -15.14 97.63
N PRO I 201 71.64 -15.16 96.97
CA PRO I 201 72.19 -16.46 96.53
C PRO I 201 72.51 -17.38 97.68
N ARG I 202 72.73 -16.86 98.89
CA ARG I 202 73.08 -17.74 99.99
C ARG I 202 71.91 -18.66 100.33
N ILE I 203 70.72 -18.08 100.54
CA ILE I 203 69.56 -18.94 100.72
C ILE I 203 69.22 -19.67 99.44
N PHE I 204 69.61 -19.13 98.28
CA PHE I 204 69.48 -19.90 97.05
C PHE I 204 70.13 -21.27 97.18
N LYS I 205 71.44 -21.27 97.41
CA LYS I 205 72.16 -22.52 97.64
C LYS I 205 71.52 -23.33 98.76
N ASP I 206 71.17 -22.66 99.85
CA ASP I 206 70.61 -23.37 100.99
C ASP I 206 69.38 -24.17 100.58
N ARG I 207 68.42 -23.51 99.94
CA ARG I 207 67.17 -24.17 99.59
C ARG I 207 67.42 -25.26 98.55
N LEU I 208 68.32 -25.02 97.61
CA LEU I 208 68.61 -26.06 96.62
C LEU I 208 69.11 -27.33 97.30
N GLN I 209 70.11 -27.20 98.17
CA GLN I 209 70.66 -28.37 98.82
C GLN I 209 69.67 -28.96 99.82
N ILE I 210 68.81 -28.11 100.40
CA ILE I 210 67.77 -28.61 101.28
C ILE I 210 66.81 -29.51 100.51
N ALA I 211 66.42 -29.07 99.31
CA ALA I 211 65.57 -29.89 98.47
C ALA I 211 66.27 -31.20 98.11
N CYS I 212 67.57 -31.13 97.87
CA CYS I 212 68.33 -32.36 97.63
C CYS I 212 68.19 -33.31 98.81
N ASN I 213 68.38 -32.80 100.03
CA ASN I 213 68.25 -33.64 101.21
C ASN I 213 66.84 -34.19 101.34
N ILE I 214 65.84 -33.37 101.03
CA ILE I 214 64.45 -33.80 101.15
C ILE I 214 64.18 -34.95 100.19
N ARG I 215 64.62 -34.83 98.94
CA ARG I 215 64.54 -35.95 98.03
C ARG I 215 65.22 -37.19 98.60
N GLU I 216 66.43 -37.04 99.12
CA GLU I 216 67.12 -38.22 99.63
C GLU I 216 66.31 -38.91 100.72
N ILE I 217 65.88 -38.15 101.72
CA ILE I 217 65.20 -38.76 102.86
C ILE I 217 63.85 -39.32 102.43
N LEU I 218 63.10 -38.56 101.64
CA LEU I 218 61.81 -39.04 101.18
C LEU I 218 61.94 -40.28 100.34
N CYS I 219 63.01 -40.38 99.55
CA CYS I 219 63.21 -41.60 98.78
C CYS I 219 63.53 -42.75 99.69
N ARG I 220 64.37 -42.53 100.71
CA ARG I 220 64.61 -43.56 101.69
C ARG I 220 63.29 -44.10 102.24
N VAL I 221 62.43 -43.19 102.68
CA VAL I 221 61.19 -43.65 103.31
C VAL I 221 60.26 -44.30 102.29
N ALA I 222 60.18 -43.74 101.08
CA ALA I 222 59.32 -44.34 100.05
C ALA I 222 59.75 -45.76 99.75
N GLN I 223 61.06 -45.98 99.63
CA GLN I 223 61.57 -47.35 99.59
C GLN I 223 61.34 -48.06 100.91
N GLY I 224 60.99 -47.33 101.96
CA GLY I 224 60.69 -47.93 103.24
C GLY I 224 61.90 -48.61 103.80
N VAL I 225 63.01 -47.89 103.88
CA VAL I 225 64.30 -48.49 104.20
C VAL I 225 64.73 -47.93 105.56
N GLU I 226 64.29 -48.60 106.63
CA GLU I 226 64.90 -48.52 107.95
C GLU I 226 64.98 -47.12 108.55
N LEU I 227 64.48 -46.10 107.86
CA LEU I 227 64.33 -44.78 108.48
C LEU I 227 65.58 -44.39 109.27
N PRO I 228 66.69 -44.02 108.62
CA PRO I 228 67.96 -43.82 109.33
C PRO I 228 67.83 -43.07 110.65
N GLU I 229 68.73 -43.40 111.58
CA GLU I 229 68.62 -42.91 112.95
C GLU I 229 68.73 -41.39 113.02
N TRP I 230 69.65 -40.80 112.27
CA TRP I 230 69.87 -39.36 112.36
C TRP I 230 68.60 -38.55 112.09
N ILE I 231 67.55 -39.20 111.59
CA ILE I 231 66.26 -38.54 111.50
C ILE I 231 65.78 -38.11 112.88
N ALA I 232 66.18 -38.84 113.92
CA ALA I 232 65.80 -38.44 115.27
C ALA I 232 66.38 -37.08 115.62
N SER I 233 67.68 -36.89 115.39
CA SER I 233 68.29 -35.59 115.65
C SER I 233 67.76 -34.52 114.69
N MET I 234 67.28 -34.94 113.53
CA MET I 234 66.74 -34.00 112.54
C MET I 234 65.57 -33.27 113.19
N GLN I 235 65.76 -31.98 113.51
CA GLN I 235 64.77 -31.20 114.25
C GLN I 235 64.29 -29.94 113.54
N ASN I 236 65.15 -29.25 112.79
CA ASN I 236 64.80 -27.94 112.23
C ASN I 236 65.14 -27.88 110.75
N PRO I 237 64.21 -27.44 109.89
CA PRO I 237 64.43 -27.57 108.44
C PRO I 237 65.74 -26.96 107.98
N GLN I 238 66.20 -25.93 108.68
CA GLN I 238 67.49 -25.33 108.36
C GLN I 238 68.62 -26.35 108.46
N GLN I 239 68.42 -27.43 109.22
CA GLN I 239 69.45 -28.45 109.34
C GLN I 239 69.74 -29.12 108.00
N LEU I 240 68.75 -29.19 107.10
CA LEU I 240 69.00 -29.68 105.76
C LEU I 240 69.75 -28.67 104.89
N ALA I 241 70.25 -27.58 105.46
CA ALA I 241 71.00 -26.60 104.71
C ALA I 241 72.47 -26.98 104.54
N ASN I 242 72.88 -28.12 105.06
CA ASN I 242 74.25 -28.59 104.94
C ASN I 242 74.26 -30.03 104.44
N SER I 243 75.32 -30.38 103.73
CA SER I 243 75.37 -31.64 103.00
C SER I 243 75.24 -32.85 103.92
N THR I 244 75.61 -32.73 105.18
CA THR I 244 75.57 -33.85 106.12
C THR I 244 74.82 -33.43 107.37
N ILE I 245 74.52 -34.41 108.22
CA ILE I 245 73.80 -34.17 109.46
C ILE I 245 74.66 -34.65 110.62
N LEU I 246 74.76 -33.81 111.65
CA LEU I 246 75.51 -34.11 112.86
C LEU I 246 74.53 -34.59 113.92
N HIS I 247 74.47 -35.90 114.13
CA HIS I 247 73.56 -36.47 115.13
C HIS I 247 74.18 -36.37 116.51
N ASN I 248 75.28 -37.10 116.73
CA ASN I 248 76.07 -37.00 117.95
C ASN I 248 77.54 -37.16 117.56
N GLY I 249 78.19 -36.04 117.25
CA GLY I 249 79.59 -36.09 116.90
C GLY I 249 79.85 -36.53 115.46
N ARG I 250 78.96 -37.36 114.92
CA ARG I 250 79.13 -37.93 113.59
C ARG I 250 78.34 -37.15 112.55
N GLU I 251 79.01 -36.87 111.43
CA GLU I 251 78.39 -36.23 110.28
C GLU I 251 77.89 -37.32 109.36
N TYR I 252 76.58 -37.36 109.14
CA TYR I 252 75.96 -38.41 108.36
C TYR I 252 75.43 -37.83 107.05
N GLY I 253 75.83 -38.46 105.94
CA GLY I 253 75.37 -38.02 104.64
C GLY I 253 73.92 -38.39 104.40
N PHE I 254 73.29 -37.60 103.53
CA PHE I 254 71.90 -37.83 103.17
C PHE I 254 71.76 -38.77 101.97
N ALA I 255 72.86 -39.07 101.27
CA ALA I 255 72.78 -39.88 100.06
C ALA I 255 72.33 -41.30 100.37
N THR I 256 71.79 -41.96 99.35
CA THR I 256 71.29 -43.32 99.48
C THR I 256 71.29 -43.98 98.11
N VAL I 257 71.04 -45.29 98.10
CA VAL I 257 70.96 -46.06 96.87
C VAL I 257 69.59 -45.87 96.25
N TRP I 258 69.56 -45.57 94.95
CA TRP I 258 68.31 -45.40 94.24
C TRP I 258 68.25 -46.36 93.06
N PRO I 259 67.06 -46.87 92.70
CA PRO I 259 67.03 -47.95 91.69
C PRO I 259 67.57 -47.54 90.33
N ILE I 260 67.02 -46.50 89.73
CA ILE I 260 67.39 -46.15 88.36
C ILE I 260 68.78 -45.54 88.34
N ASP I 261 69.48 -45.72 87.21
CA ASP I 261 70.79 -45.10 87.06
C ASP I 261 70.67 -43.58 87.04
N ASP I 262 69.73 -43.04 86.26
CA ASP I 262 69.51 -41.60 86.21
C ASP I 262 68.72 -41.20 87.44
N LYS I 263 69.43 -40.97 88.54
CA LYS I 263 68.81 -40.57 89.79
C LYS I 263 68.03 -39.27 89.68
N TYR I 264 68.36 -38.42 88.72
CA TYR I 264 67.69 -37.15 88.52
C TYR I 264 66.76 -37.17 87.32
N SER I 265 66.33 -38.34 86.87
CA SER I 265 65.36 -38.43 85.79
C SER I 265 63.99 -38.00 86.25
N GLN I 266 63.22 -37.46 85.31
CA GLN I 266 61.81 -37.18 85.60
C GLN I 266 61.06 -38.45 85.95
N GLU I 267 61.40 -39.57 85.30
CA GLU I 267 60.80 -40.84 85.68
C GLU I 267 61.21 -41.24 87.09
N SER I 268 62.45 -40.94 87.47
CA SER I 268 62.87 -41.16 88.85
C SER I 268 61.98 -40.37 89.80
N GLU I 269 61.80 -39.08 89.52
CA GLU I 269 60.87 -38.28 90.30
C GLU I 269 59.52 -38.96 90.39
N PHE I 270 59.00 -39.41 89.25
CA PHE I 270 57.63 -39.89 89.20
C PHE I 270 57.48 -41.15 90.03
N CYS I 271 58.35 -42.13 89.82
CA CYS I 271 58.27 -43.37 90.57
C CYS I 271 58.47 -43.12 92.06
N TRP I 272 59.43 -42.27 92.40
CA TRP I 272 59.67 -41.95 93.80
C TRP I 272 58.43 -41.36 94.45
N LEU I 273 57.84 -40.35 93.81
CA LEU I 273 56.67 -39.70 94.36
C LEU I 273 55.51 -40.68 94.46
N THR I 274 55.35 -41.53 93.44
CA THR I 274 54.28 -42.53 93.48
C THR I 274 54.43 -43.45 94.67
N GLY I 275 55.65 -43.94 94.92
CA GLY I 275 55.85 -44.79 96.07
C GLY I 275 55.56 -44.07 97.37
N LEU I 276 56.04 -42.84 97.49
CA LEU I 276 55.77 -42.06 98.70
C LEU I 276 54.27 -41.92 98.92
N LEU I 277 53.53 -41.56 97.87
CA LEU I 277 52.10 -41.35 97.99
C LEU I 277 51.38 -42.64 98.34
N GLU I 278 51.72 -43.74 97.67
CA GLU I 278 51.10 -45.01 98.01
C GLU I 278 51.32 -45.34 99.47
N LYS I 279 52.56 -45.22 99.94
CA LYS I 279 52.85 -45.48 101.34
C LYS I 279 52.07 -44.56 102.26
N TRP I 280 51.83 -43.32 101.85
CA TRP I 280 50.98 -42.40 102.59
C TRP I 280 49.53 -42.46 102.12
N ARG I 281 49.09 -43.59 101.58
CA ARG I 281 47.69 -43.74 101.17
C ARG I 281 46.75 -43.11 102.18
N PHE I 282 46.93 -43.44 103.46
CA PHE I 282 45.95 -43.08 104.48
C PHE I 282 46.43 -41.99 105.41
N ASN I 283 47.74 -41.85 105.60
CA ASN I 283 48.28 -40.85 106.52
C ASN I 283 49.77 -40.71 106.27
N ALA I 284 50.39 -39.84 107.05
CA ALA I 284 51.79 -39.48 106.88
C ALA I 284 52.34 -38.95 108.20
N PRO I 285 53.61 -39.20 108.50
CA PRO I 285 54.23 -38.49 109.62
C PRO I 285 54.22 -36.99 109.36
N GLU I 286 53.97 -36.24 110.43
CA GLU I 286 53.82 -34.79 110.27
C GLU I 286 55.10 -34.15 109.76
N GLY I 287 56.25 -34.54 110.32
CA GLY I 287 57.49 -33.92 109.90
C GLY I 287 57.81 -34.21 108.45
N LEU I 288 57.66 -35.46 108.03
CA LEU I 288 57.97 -35.84 106.66
C LEU I 288 56.98 -35.18 105.69
N GLU I 289 55.71 -35.13 106.07
CA GLU I 289 54.73 -34.36 105.31
C GLU I 289 55.21 -32.93 105.12
N ARG I 290 55.64 -32.29 106.20
CA ARG I 290 56.11 -30.92 106.11
C ARG I 290 57.31 -30.81 105.18
N LEU I 291 58.21 -31.77 105.26
CA LEU I 291 59.39 -31.76 104.41
C LEU I 291 58.99 -31.83 102.94
N LEU I 292 58.05 -32.71 102.60
CA LEU I 292 57.57 -32.78 101.23
C LEU I 292 56.92 -31.47 100.82
N TRP I 293 56.11 -30.89 101.71
CA TRP I 293 55.50 -29.61 101.42
C TRP I 293 56.56 -28.57 101.08
N ILE I 294 57.62 -28.54 101.88
CA ILE I 294 58.71 -27.60 101.67
C ILE I 294 59.37 -27.85 100.32
N TYR I 295 59.65 -29.12 100.01
CA TYR I 295 60.24 -29.44 98.73
C TYR I 295 59.39 -28.90 97.59
N LEU I 296 58.09 -29.16 97.65
CA LEU I 296 57.20 -28.74 96.58
C LEU I 296 57.19 -27.22 96.45
N LEU I 297 57.10 -26.52 97.58
CA LEU I 297 57.12 -25.07 97.55
C LEU I 297 58.39 -24.56 96.89
N ILE I 298 59.53 -25.18 97.23
CA ILE I 298 60.81 -24.78 96.63
C ILE I 298 60.77 -25.02 95.12
N GLN I 299 60.28 -26.19 94.72
CA GLN I 299 60.05 -26.44 93.31
C GLN I 299 59.42 -25.22 92.68
N ASN I 300 58.30 -24.79 93.28
CA ASN I 300 57.47 -23.78 92.67
C ASN I 300 58.19 -22.44 92.60
N GLN I 301 58.83 -22.03 93.70
CA GLN I 301 59.51 -20.74 93.69
C GLN I 301 60.62 -20.73 92.65
N TYR I 302 61.40 -21.81 92.58
CA TYR I 302 62.50 -21.81 91.63
C TYR I 302 62.00 -21.79 90.19
N LEU I 303 60.98 -22.58 89.87
CA LEU I 303 60.45 -22.54 88.53
C LEU I 303 59.92 -21.15 88.19
N THR I 304 59.27 -20.49 89.16
CA THR I 304 58.82 -19.13 88.93
C THR I 304 59.98 -18.21 88.60
N LEU I 305 61.04 -18.28 89.42
CA LEU I 305 62.20 -17.44 89.16
C LEU I 305 62.76 -17.68 87.77
N LEU I 306 62.99 -18.94 87.43
CA LEU I 306 63.58 -19.27 86.13
C LEU I 306 62.72 -18.74 85.00
N VAL I 307 61.43 -19.08 85.00
CA VAL I 307 60.58 -18.70 83.88
C VAL I 307 60.51 -17.18 83.78
N GLN I 308 60.30 -16.50 84.91
CA GLN I 308 60.17 -15.06 84.89
C GLN I 308 61.49 -14.37 84.56
N ARG I 309 62.60 -15.07 84.59
CA ARG I 309 63.85 -14.53 84.08
C ARG I 309 63.60 -13.95 82.69
N THR I 322 73.77 -18.99 82.04
CA THR I 322 74.41 -19.32 80.76
C THR I 322 75.17 -20.64 80.85
N MET I 323 75.90 -20.83 81.95
CA MET I 323 76.67 -22.05 82.13
C MET I 323 75.77 -23.28 82.10
N THR I 324 74.57 -23.16 82.68
CA THR I 324 73.62 -24.26 82.60
C THR I 324 73.25 -24.55 81.15
N GLU I 325 73.04 -23.50 80.36
CA GLU I 325 72.75 -23.71 78.94
C GLU I 325 73.91 -24.38 78.24
N LEU I 326 75.14 -24.00 78.58
CA LEU I 326 76.30 -24.71 78.08
C LEU I 326 76.24 -26.18 78.46
N ARG I 327 75.78 -26.47 79.68
CA ARG I 327 75.62 -27.84 80.11
C ARG I 327 74.56 -28.58 79.31
N GLU I 328 73.73 -27.84 78.55
CA GLU I 328 72.78 -28.43 77.62
C GLU I 328 73.40 -28.75 76.27
N GLU I 329 74.73 -28.63 76.15
CA GLU I 329 75.42 -28.75 74.87
C GLU I 329 75.85 -30.19 74.60
N THR I 330 75.14 -31.15 75.16
CA THR I 330 75.37 -32.57 74.90
C THR I 330 74.20 -33.12 74.12
N GLU I 331 74.46 -34.21 73.39
CA GLU I 331 73.40 -34.88 72.64
C GLU I 331 72.58 -35.78 73.56
N LYS I 332 72.16 -35.22 74.68
CA LYS I 332 71.19 -35.84 75.58
C LYS I 332 69.93 -35.00 75.69
N SER I 333 70.09 -33.71 76.00
CA SER I 333 68.95 -32.81 75.98
C SER I 333 68.28 -32.83 74.62
N TYR I 334 69.06 -32.89 73.55
CA TYR I 334 68.49 -32.81 72.21
C TYR I 334 67.75 -34.09 71.85
N LEU I 335 68.34 -35.24 72.19
CA LEU I 335 67.64 -36.51 72.00
C LEU I 335 66.34 -36.52 72.79
N SER I 336 66.38 -35.98 74.02
CA SER I 336 65.17 -35.86 74.81
C SER I 336 64.14 -34.98 74.13
N ARG I 337 64.57 -33.84 73.60
CA ARG I 337 63.65 -32.94 72.91
C ARG I 337 63.01 -33.67 71.74
N PHE I 338 63.80 -34.42 70.99
CA PHE I 338 63.29 -35.09 69.80
C PHE I 338 62.31 -36.19 70.18
N LYS I 339 62.63 -36.97 71.20
CA LYS I 339 61.72 -38.02 71.65
C LYS I 339 60.42 -37.40 72.15
N HIS I 340 60.50 -36.31 72.90
CA HIS I 340 59.31 -35.64 73.38
C HIS I 340 58.46 -35.13 72.22
N ALA I 341 59.10 -34.48 71.25
CA ALA I 341 58.37 -33.99 70.08
C ALA I 341 57.67 -35.13 69.38
N HIS I 342 58.38 -36.23 69.16
CA HIS I 342 57.71 -37.46 68.75
C HIS I 342 56.78 -37.92 69.86
N GLY I 343 55.59 -38.37 69.48
CA GLY I 343 54.66 -38.85 70.48
C GLY I 343 55.17 -40.13 71.11
N ALA I 344 54.29 -40.86 71.79
CA ALA I 344 54.63 -42.20 72.24
C ALA I 344 54.41 -43.24 71.15
N GLY I 345 53.80 -42.85 70.03
CA GLY I 345 53.52 -43.78 68.95
C GLY I 345 54.66 -43.86 67.94
N VAL I 346 54.46 -44.73 66.96
CA VAL I 346 55.49 -44.99 65.98
C VAL I 346 55.77 -43.76 65.13
N TYR I 347 54.73 -43.02 64.78
CA TYR I 347 54.85 -41.86 63.92
C TYR I 347 54.94 -40.60 64.77
N SER I 348 55.84 -39.69 64.41
CA SER I 348 56.07 -38.51 65.22
C SER I 348 54.84 -37.62 65.25
N GLN I 349 54.51 -37.13 66.45
CA GLN I 349 53.37 -36.23 66.60
C GLN I 349 53.60 -34.93 65.85
N VAL I 350 54.85 -34.56 65.62
CA VAL I 350 55.23 -33.40 64.82
C VAL I 350 55.84 -33.92 63.54
N ARG I 351 55.72 -33.13 62.46
CA ARG I 351 56.38 -33.51 61.22
C ARG I 351 57.54 -32.56 60.89
N TYR I 352 57.37 -31.26 61.16
CA TYR I 352 58.44 -30.29 60.98
C TYR I 352 58.73 -29.59 62.31
N LEU I 353 60.02 -29.48 62.63
CA LEU I 353 60.50 -28.84 63.85
C LEU I 353 61.53 -27.79 63.48
N GLU I 354 61.45 -26.64 64.14
CA GLU I 354 62.47 -25.60 64.07
C GLU I 354 63.20 -25.53 65.40
N GLY I 355 64.52 -25.71 65.37
CA GLY I 355 65.66 -25.72 66.26
C GLY I 355 66.38 -24.39 66.32
N ARG I 356 66.06 -23.56 67.31
CA ARG I 356 66.72 -22.28 67.48
C ARG I 356 67.79 -22.41 68.57
N PHE I 357 69.00 -21.99 68.23
CA PHE I 357 70.15 -22.19 69.10
C PHE I 357 71.04 -20.97 69.06
N ALA I 358 71.71 -20.70 70.17
CA ALA I 358 72.49 -19.47 70.27
C ALA I 358 73.86 -19.68 69.64
N PRO I 359 74.20 -18.97 68.56
CA PRO I 359 75.55 -19.07 68.02
C PRO I 359 76.57 -18.55 69.02
N LYS I 360 77.72 -19.23 69.07
CA LYS I 360 78.75 -18.91 70.05
C LYS I 360 79.83 -18.04 69.42
N SER I 361 80.68 -17.47 70.28
CA SER I 361 81.81 -16.68 69.83
C SER I 361 83.07 -17.50 69.66
N ASP I 362 83.06 -18.78 70.03
CA ASP I 362 84.18 -19.67 69.80
C ASP I 362 83.85 -20.64 68.69
N PRO I 363 84.66 -20.75 67.64
CA PRO I 363 84.37 -21.78 66.63
C PRO I 363 84.28 -23.15 67.24
N ASN I 364 85.13 -23.44 68.23
CA ASN I 364 85.08 -24.73 68.90
C ASN I 364 83.73 -24.93 69.58
N LYS I 365 83.27 -23.94 70.31
CA LYS I 365 81.98 -24.06 70.99
C LYS I 365 80.86 -24.27 70.00
N MET I 366 80.85 -23.49 68.91
CA MET I 366 79.75 -23.58 67.97
C MET I 366 79.76 -24.93 67.25
N GLN I 367 80.93 -25.39 66.82
CA GLN I 367 81.00 -26.69 66.17
C GLN I 367 80.60 -27.80 67.14
N LYS I 368 80.99 -27.68 68.40
CA LYS I 368 80.58 -28.67 69.39
C LYS I 368 79.07 -28.70 69.53
N LEU I 369 78.47 -27.51 69.63
CA LEU I 369 77.01 -27.43 69.73
C LEU I 369 76.36 -28.08 68.53
N LEU I 370 76.81 -27.73 67.33
CA LEU I 370 76.20 -28.27 66.12
C LEU I 370 76.37 -29.78 66.04
N PHE I 371 77.55 -30.28 66.39
CA PHE I 371 77.77 -31.71 66.39
C PHE I 371 76.84 -32.42 67.36
N SER I 372 76.70 -31.87 68.57
CA SER I 372 75.79 -32.47 69.53
C SER I 372 74.38 -32.53 68.97
N VAL I 373 73.91 -31.41 68.42
CA VAL I 373 72.56 -31.36 67.87
C VAL I 373 72.39 -32.41 66.79
N LEU I 374 73.32 -32.43 65.83
CA LEU I 374 73.15 -33.29 64.67
C LEU I 374 73.27 -34.76 65.06
N ARG I 375 74.21 -35.08 65.94
CA ARG I 375 74.36 -36.45 66.38
C ARG I 375 73.13 -36.91 67.13
N GLY I 376 72.57 -36.05 67.98
CA GLY I 376 71.33 -36.41 68.65
C GLY I 376 70.20 -36.66 67.68
N TYR I 377 70.12 -35.84 66.64
CA TYR I 377 69.08 -36.04 65.64
C TYR I 377 69.27 -37.37 64.93
N TRP I 378 70.51 -37.69 64.55
CA TRP I 378 70.77 -38.97 63.94
C TRP I 378 70.41 -40.12 64.86
N GLU I 379 70.76 -40.01 66.14
CA GLU I 379 70.45 -41.06 67.10
C GLU I 379 68.94 -41.23 67.22
N TYR I 380 68.21 -40.12 67.31
CA TYR I 380 66.76 -40.19 67.38
C TYR I 380 66.19 -40.90 66.15
N LEU I 381 66.69 -40.56 64.97
CA LEU I 381 66.21 -41.19 63.75
C LEU I 381 66.54 -42.68 63.74
N SER I 382 67.76 -43.02 64.18
CA SER I 382 68.14 -44.43 64.27
C SER I 382 67.21 -45.18 65.20
N ALA I 383 66.77 -44.54 66.27
CA ALA I 383 65.86 -45.15 67.23
C ALA I 383 64.49 -45.44 66.66
N HIS I 384 64.20 -44.96 65.45
CA HIS I 384 62.93 -45.22 64.80
C HIS I 384 63.04 -46.01 63.51
N MET I 385 64.14 -45.87 62.77
CA MET I 385 64.30 -46.47 61.46
C MET I 385 65.53 -47.37 61.44
N SER I 386 65.45 -48.43 60.66
CA SER I 386 66.55 -49.36 60.46
C SER I 386 67.00 -49.25 59.00
N MET I 387 68.29 -49.00 58.80
CA MET I 387 68.82 -48.80 57.47
C MET I 387 70.34 -48.85 57.59
N GLU I 388 71.04 -48.52 56.51
CA GLU I 388 72.49 -48.59 56.52
C GLU I 388 73.08 -47.24 56.90
N TRP I 389 73.83 -47.18 57.99
CA TRP I 389 74.28 -45.92 58.55
C TRP I 389 75.73 -45.59 58.25
N VAL I 390 76.40 -46.37 57.40
CA VAL I 390 77.79 -46.06 57.04
C VAL I 390 78.60 -45.96 58.32
N HIS I 391 78.62 -44.77 58.93
CA HIS I 391 79.25 -44.56 60.22
C HIS I 391 78.25 -44.94 61.30
N GLU I 392 78.36 -46.16 61.82
CA GLU I 392 77.45 -46.59 62.87
C GLU I 392 77.64 -45.77 64.14
N LYS I 393 78.86 -45.28 64.38
CA LYS I 393 79.17 -44.46 65.56
C LYS I 393 79.87 -43.21 65.05
N PRO I 394 79.12 -42.27 64.49
CA PRO I 394 79.74 -41.05 63.96
C PRO I 394 80.39 -40.24 65.08
N LEU I 395 81.52 -39.62 64.75
CA LEU I 395 82.23 -38.75 65.69
C LEU I 395 82.35 -37.31 65.23
N THR I 396 82.26 -37.05 63.93
CA THR I 396 82.43 -35.70 63.40
C THR I 396 81.15 -35.26 62.72
N ILE I 397 81.00 -33.94 62.60
CA ILE I 397 79.84 -33.40 61.91
C ILE I 397 79.76 -33.95 60.50
N SER I 398 80.91 -34.09 59.84
CA SER I 398 80.90 -34.65 58.50
C SER I 398 80.34 -36.06 58.49
N GLN I 399 80.77 -36.89 59.44
CA GLN I 399 80.22 -38.25 59.54
C GLN I 399 78.73 -38.22 59.78
N VAL I 400 78.27 -37.32 60.67
CA VAL I 400 76.85 -37.22 60.95
C VAL I 400 76.09 -36.87 59.68
N LEU I 401 76.60 -35.92 58.91
CA LEU I 401 75.93 -35.55 57.67
C LEU I 401 75.92 -36.72 56.70
N ASP I 402 77.01 -37.48 56.65
CA ASP I 402 77.03 -38.67 55.82
C ASP I 402 75.90 -39.61 56.19
N ASN I 403 75.74 -39.86 57.49
CA ASN I 403 74.67 -40.73 57.94
C ASN I 403 73.31 -40.15 57.57
N LEU I 404 73.13 -38.85 57.78
CA LEU I 404 71.84 -38.22 57.58
C LEU I 404 71.44 -38.15 56.13
N GLU I 405 72.38 -37.87 55.23
CA GLU I 405 72.07 -37.67 53.82
C GLU I 405 71.23 -38.80 53.25
N LEU I 406 71.22 -39.95 53.91
CA LEU I 406 70.46 -41.10 53.45
C LEU I 406 69.01 -41.05 53.88
N VAL I 407 68.61 -40.05 54.65
CA VAL I 407 67.25 -39.99 55.19
C VAL I 407 66.33 -39.39 54.15
N GLU I 408 65.25 -40.05 53.90
CA GLU I 408 64.19 -39.51 53.07
C GLU I 408 63.06 -38.98 53.94
N PRO I 409 62.54 -37.79 53.66
CA PRO I 409 61.45 -37.25 54.50
C PRO I 409 60.13 -37.98 54.30
N HIS I 410 60.12 -39.26 54.71
CA HIS I 410 58.86 -39.99 54.69
C HIS I 410 57.82 -39.31 55.57
N GLY I 411 58.26 -38.70 56.67
CA GLY I 411 57.36 -38.08 57.62
C GLY I 411 57.11 -38.89 58.87
N LYS I 412 57.57 -40.15 58.92
CA LYS I 412 57.39 -40.96 60.12
C LYS I 412 58.04 -40.29 61.32
N CYS I 413 59.23 -39.72 61.12
CA CYS I 413 59.95 -38.99 62.15
C CYS I 413 59.95 -37.50 61.81
N VAL I 414 60.41 -36.69 62.76
CA VAL I 414 60.42 -35.25 62.58
C VAL I 414 61.44 -34.86 61.53
N GLU I 415 61.29 -33.64 61.01
CA GLU I 415 62.24 -33.05 60.08
C GLU I 415 62.71 -31.75 60.70
N LEU I 416 64.00 -31.66 60.97
CA LEU I 416 64.57 -30.58 61.76
C LEU I 416 65.08 -29.46 60.87
N ALA I 417 64.98 -28.23 61.36
CA ALA I 417 65.54 -27.06 60.69
C ALA I 417 66.28 -26.22 61.73
N LEU I 418 67.55 -25.95 61.47
CA LEU I 418 68.41 -25.27 62.43
C LEU I 418 68.49 -23.78 62.11
N VAL I 419 68.54 -22.97 63.16
CA VAL I 419 68.50 -21.52 63.03
C VAL I 419 69.14 -20.85 64.25
N PRO I 420 70.08 -19.92 64.04
CA PRO I 420 70.75 -19.30 65.19
C PRO I 420 70.07 -18.03 65.65
N HIS I 421 70.18 -17.78 66.96
CA HIS I 421 69.74 -16.55 67.59
C HIS I 421 70.71 -15.41 67.31
N PHE I 422 70.15 -14.21 67.17
CA PHE I 422 70.95 -13.00 67.13
C PHE I 422 70.49 -12.18 68.32
N ILE I 423 71.32 -12.16 69.36
CA ILE I 423 70.94 -11.56 70.64
C ILE I 423 71.34 -10.10 70.62
N LYS I 424 70.38 -9.22 70.88
CA LYS I 424 70.62 -7.79 70.87
C LYS I 424 70.78 -7.28 72.30
N ARG I 425 71.90 -6.62 72.57
CA ARG I 425 72.21 -6.04 73.86
C ARG I 425 72.12 -4.52 73.77
N LYS I 426 71.86 -3.89 74.92
CA LYS I 426 71.68 -2.46 74.94
C LYS I 426 72.95 -1.76 74.46
N PRO I 427 72.82 -0.62 73.80
CA PRO I 427 74.03 0.14 73.43
C PRO I 427 74.79 0.56 74.66
N LYS I 428 76.11 0.54 74.56
CA LYS I 428 76.96 0.84 75.69
C LYS I 428 77.31 2.33 75.69
N ASN I 429 77.93 2.77 76.79
CA ASN I 429 78.10 4.21 77.02
C ASN I 429 78.88 4.85 75.89
N GLY I 430 79.95 4.21 75.44
CA GLY I 430 80.84 4.81 74.46
C GLY I 430 81.11 3.94 73.25
N GLU I 431 80.82 4.47 72.07
CA GLU I 431 81.12 3.79 70.82
C GLU I 431 81.01 4.79 69.67
N ALA I 432 81.64 4.46 68.56
CA ALA I 432 81.65 5.35 67.41
C ALA I 432 80.22 5.68 66.98
N TYR I 433 79.39 4.66 66.80
CA TYR I 433 77.99 4.83 66.46
C TYR I 433 77.21 3.85 67.33
N PRO I 434 75.91 4.07 67.49
CA PRO I 434 75.12 3.19 68.37
C PRO I 434 75.28 1.74 67.97
N HIS I 435 75.39 0.88 68.99
CA HIS I 435 75.38 -0.56 68.81
C HIS I 435 76.56 -1.03 67.96
N ALA I 436 77.63 -0.23 67.90
CA ALA I 436 78.79 -0.63 67.11
C ALA I 436 79.41 -1.91 67.64
N LEU I 437 79.60 -1.99 68.96
CA LEU I 437 80.20 -3.19 69.54
C LEU I 437 79.29 -4.40 69.37
N LEU I 438 77.99 -4.22 69.57
CA LEU I 438 77.06 -5.31 69.36
C LEU I 438 77.14 -5.81 67.93
N PHE I 439 77.18 -4.89 66.97
CA PHE I 439 77.28 -5.29 65.58
C PHE I 439 78.60 -6.00 65.32
N LYS I 440 79.68 -5.55 65.95
CA LYS I 440 80.96 -6.23 65.84
C LYS I 440 80.85 -7.68 66.27
N ASP I 441 80.31 -7.89 67.47
CA ASP I 441 80.19 -9.24 67.99
C ASP I 441 79.31 -10.09 67.09
N LEU I 442 78.23 -9.51 66.60
CA LEU I 442 77.34 -10.23 65.70
C LEU I 442 78.07 -10.63 64.43
N LYS I 443 78.89 -9.73 63.88
CA LYS I 443 79.70 -10.09 62.73
C LYS I 443 80.66 -11.21 63.07
N ASN I 444 81.18 -11.21 64.30
CA ASN I 444 82.03 -12.31 64.72
C ASN I 444 81.29 -13.64 64.62
N GLN I 445 80.10 -13.71 65.22
CA GLN I 445 79.35 -14.95 65.18
C GLN I 445 79.00 -15.32 63.75
N ALA I 446 78.62 -14.32 62.96
CA ALA I 446 78.26 -14.56 61.56
C ALA I 446 79.44 -15.15 60.81
N ALA I 447 80.63 -14.59 61.02
CA ALA I 447 81.81 -15.10 60.35
C ALA I 447 82.08 -16.54 60.78
N ILE I 448 81.93 -16.84 62.07
CA ILE I 448 82.12 -18.22 62.51
C ILE I 448 81.16 -19.13 61.78
N LEU I 449 79.89 -18.74 61.72
CA LEU I 449 78.90 -19.58 61.07
C LEU I 449 79.20 -19.77 59.60
N MET I 450 79.56 -18.67 58.92
CA MET I 450 79.93 -18.75 57.52
C MET I 450 81.09 -19.70 57.32
N ASP I 451 82.09 -19.61 58.20
CA ASP I 451 83.25 -20.49 58.10
C ASP I 451 82.83 -21.94 58.23
N MET I 452 81.93 -22.21 59.18
CA MET I 452 81.40 -23.57 59.31
C MET I 452 80.76 -24.01 58.01
N LEU I 453 79.98 -23.12 57.40
CA LEU I 453 79.29 -23.47 56.16
C LEU I 453 80.29 -23.76 55.05
N LYS I 454 81.30 -22.91 54.91
CA LYS I 454 82.31 -23.08 53.87
C LYS I 454 83.01 -24.41 54.07
N SER I 455 83.45 -24.68 55.30
CA SER I 455 84.04 -25.96 55.63
C SER I 455 83.13 -27.12 55.28
N GLU I 456 81.82 -26.98 55.49
CA GLU I 456 80.87 -28.04 55.19
C GLU I 456 79.66 -27.43 54.52
N PRO I 457 79.68 -27.32 53.19
CA PRO I 457 78.52 -26.75 52.50
C PRO I 457 77.24 -27.52 52.71
N ARG I 458 77.33 -28.79 53.12
CA ARG I 458 76.12 -29.57 53.35
C ARG I 458 75.29 -28.97 54.48
N LEU I 459 75.91 -28.31 55.45
CA LEU I 459 75.18 -27.73 56.57
C LEU I 459 74.05 -26.83 56.11
N THR I 460 74.18 -26.22 54.93
CA THR I 460 73.06 -25.53 54.30
C THR I 460 71.88 -26.45 54.09
N GLY I 461 72.03 -27.75 54.32
CA GLY I 461 70.89 -28.64 54.34
C GLY I 461 70.15 -28.68 55.65
N TRP I 462 70.67 -28.04 56.69
CA TRP I 462 70.06 -28.14 58.02
C TRP I 462 69.87 -26.80 58.69
N ILE I 463 70.72 -25.82 58.39
CA ILE I 463 70.68 -24.53 59.06
C ILE I 463 69.95 -23.58 58.13
N ARG I 464 68.63 -23.51 58.27
CA ARG I 464 67.76 -22.75 57.36
C ARG I 464 67.32 -21.47 58.05
N GLY I 465 67.96 -20.36 57.69
CA GLY I 465 67.56 -19.07 58.18
C GLY I 465 68.19 -18.69 59.50
N VAL I 466 68.02 -17.44 59.89
CA VAL I 466 68.54 -16.91 61.14
C VAL I 466 67.43 -16.07 61.76
N ASP I 467 67.37 -16.06 63.10
CA ASP I 467 66.38 -15.24 63.78
C ASP I 467 67.05 -14.16 64.60
N ALA I 468 66.42 -13.00 64.66
CA ALA I 468 66.90 -11.85 65.44
C ALA I 468 66.00 -11.68 66.66
N ALA I 469 66.52 -12.07 67.83
CA ALA I 469 65.70 -12.18 69.03
C ALA I 469 66.22 -11.27 70.13
N ALA I 470 65.63 -11.40 71.31
CA ALA I 470 66.00 -10.65 72.51
C ALA I 470 65.26 -9.31 72.55
N ASN I 471 65.55 -8.50 73.56
CA ASN I 471 64.70 -7.37 73.90
C ASN I 471 64.71 -6.32 72.80
N GLU I 472 63.51 -5.95 72.33
CA GLU I 472 63.37 -5.15 71.11
C GLU I 472 64.09 -3.81 71.22
N MET I 473 63.76 -3.03 72.24
CA MET I 473 64.27 -1.66 72.30
C MET I 473 65.78 -1.60 72.33
N HIS I 474 66.44 -2.67 72.76
CA HIS I 474 67.89 -2.71 72.83
C HIS I 474 68.55 -2.47 71.49
N ALA I 475 67.88 -2.79 70.38
CA ALA I 475 68.47 -2.58 69.07
C ALA I 475 67.38 -2.53 68.00
N PRO I 476 67.49 -1.66 67.01
CA PRO I 476 66.50 -1.62 65.96
C PRO I 476 66.89 -2.55 64.82
N PRO I 477 65.93 -3.01 64.04
CA PRO I 477 66.25 -3.98 62.99
C PRO I 477 67.27 -3.47 62.00
N GLU I 478 67.22 -2.19 61.64
CA GLU I 478 68.14 -1.68 60.64
C GLU I 478 69.58 -2.07 60.95
N LEU I 479 69.91 -2.29 62.22
CA LEU I 479 71.25 -2.76 62.56
C LEU I 479 71.54 -4.13 61.95
N PHE I 480 70.58 -5.06 62.00
CA PHE I 480 70.83 -6.45 61.62
C PHE I 480 70.72 -6.67 60.11
N CYS I 481 70.27 -5.66 59.37
CA CYS I 481 70.09 -5.80 57.93
C CYS I 481 71.33 -6.26 57.18
N PRO I 482 72.48 -5.60 57.30
CA PRO I 482 73.66 -6.07 56.55
C PRO I 482 73.99 -7.50 56.88
N LEU I 483 73.81 -7.87 58.14
CA LEU I 483 73.97 -9.26 58.53
C LEU I 483 73.08 -10.16 57.68
N PHE I 484 71.82 -9.76 57.49
CA PHE I 484 70.90 -10.64 56.80
C PHE I 484 71.28 -10.82 55.33
N ARG I 485 71.63 -9.74 54.61
CA ARG I 485 72.15 -9.98 53.25
C ARG I 485 73.43 -10.79 53.23
N VAL I 486 74.37 -10.51 54.14
CA VAL I 486 75.64 -11.21 54.02
C VAL I 486 75.43 -12.70 54.27
N LEU I 487 74.58 -13.02 55.24
CA LEU I 487 74.22 -14.41 55.50
C LEU I 487 73.49 -15.02 54.31
N ALA I 488 72.52 -14.30 53.75
CA ALA I 488 71.81 -14.82 52.58
C ALA I 488 72.78 -15.18 51.49
N LYS I 489 73.65 -14.25 51.11
CA LYS I 489 74.63 -14.52 50.07
C LYS I 489 75.55 -15.66 50.47
N SER I 490 75.88 -15.77 51.76
CA SER I 490 76.56 -16.96 52.24
C SER I 490 75.76 -18.21 51.94
N GLY I 491 74.46 -18.08 51.79
CA GLY I 491 73.61 -19.18 51.40
C GLY I 491 72.53 -19.45 52.42
N ILE I 492 72.23 -18.45 53.25
CA ILE I 492 71.26 -18.58 54.31
C ILE I 492 69.88 -18.26 53.73
N ALA I 493 69.11 -19.29 53.44
CA ALA I 493 67.70 -19.11 53.15
C ALA I 493 66.93 -18.99 54.46
N HIS I 494 65.91 -18.15 54.43
CA HIS I 494 64.83 -17.68 55.30
C HIS I 494 65.39 -16.74 56.35
N PHE I 495 64.55 -15.87 56.90
CA PHE I 495 64.99 -14.89 57.88
C PHE I 495 63.83 -14.51 58.79
N THR I 496 64.13 -14.24 60.07
CA THR I 496 63.09 -13.91 61.02
C THR I 496 63.59 -12.89 62.03
N TYR I 497 62.65 -12.18 62.64
CA TYR I 497 62.99 -11.07 63.53
C TYR I 497 61.84 -10.82 64.48
N HIS I 498 62.10 -10.94 65.78
CA HIS I 498 61.09 -10.63 66.78
C HIS I 498 60.74 -9.15 66.69
N VAL I 499 59.46 -8.85 66.43
CA VAL I 499 59.00 -7.47 66.36
C VAL I 499 57.58 -7.40 66.93
N GLY I 500 57.18 -6.20 67.36
CA GLY I 500 55.86 -5.97 67.87
C GLY I 500 55.62 -6.54 69.25
N GLU I 501 56.61 -7.17 69.85
CA GLU I 501 56.42 -7.86 71.12
C GLU I 501 56.43 -6.89 72.28
N ASP I 502 57.55 -6.19 72.48
CA ASP I 502 57.68 -5.18 73.52
C ASP I 502 58.02 -3.84 72.90
N PHE I 503 57.40 -2.78 73.41
CA PHE I 503 57.54 -1.46 72.83
C PHE I 503 57.09 -0.40 73.83
N PRO I 504 57.63 0.81 73.74
CA PRO I 504 57.10 1.91 74.56
C PRO I 504 55.71 2.33 74.13
N HIS I 505 55.43 2.32 72.83
CA HIS I 505 54.13 2.75 72.35
C HIS I 505 53.68 1.83 71.23
N LEU I 506 52.35 1.66 71.14
CA LEU I 506 51.80 0.82 70.10
C LEU I 506 52.12 1.37 68.72
N ILE I 507 51.97 2.68 68.55
CA ILE I 507 52.45 3.34 67.35
C ILE I 507 53.92 2.99 67.10
N SER I 508 54.72 3.00 68.17
CA SER I 508 56.13 2.70 68.01
C SER I 508 56.34 1.30 67.46
N GLY I 509 55.60 0.33 67.99
CA GLY I 509 55.74 -1.03 67.49
C GLY I 509 55.32 -1.15 66.04
N ILE I 510 54.24 -0.48 65.66
CA ILE I 510 53.80 -0.53 64.26
C ILE I 510 54.85 0.07 63.36
N ARG I 511 55.40 1.22 63.76
CA ARG I 511 56.50 1.83 63.02
C ARG I 511 57.65 0.86 62.88
N SER I 512 58.02 0.19 63.96
CA SER I 512 59.15 -0.74 63.91
C SER I 512 58.84 -1.88 62.96
N ILE I 513 57.60 -2.36 62.96
CA ILE I 513 57.22 -3.45 62.07
C ILE I 513 57.38 -3.03 60.62
N ASP I 514 56.88 -1.85 60.29
CA ASP I 514 57.06 -1.35 58.93
C ASP I 514 58.52 -1.19 58.60
N ASP I 515 59.31 -0.71 59.55
CA ASP I 515 60.74 -0.58 59.33
C ASP I 515 61.33 -1.92 58.93
N ALA I 516 61.05 -2.96 59.71
CA ALA I 516 61.57 -4.28 59.39
C ALA I 516 61.13 -4.71 58.00
N LEU I 517 59.84 -4.53 57.70
CA LEU I 517 59.33 -4.96 56.40
C LEU I 517 60.09 -4.29 55.27
N ARG I 518 60.19 -2.97 55.32
CA ARG I 518 60.72 -2.20 54.21
C ARG I 518 62.24 -2.13 54.24
N PHE I 519 62.86 -2.66 55.28
CA PHE I 519 64.32 -2.73 55.40
C PHE I 519 64.86 -4.13 55.21
N LEU I 520 64.35 -5.11 55.97
CA LEU I 520 64.95 -6.42 55.97
C LEU I 520 64.84 -7.07 54.60
N PRO I 521 65.83 -7.91 54.23
CA PRO I 521 65.85 -8.53 52.89
C PRO I 521 64.84 -9.66 52.78
N LEU I 522 63.63 -9.42 53.26
CA LEU I 522 62.68 -10.49 53.47
C LEU I 522 62.15 -10.94 52.12
N ARG I 523 62.27 -12.24 51.84
CA ARG I 523 61.77 -12.78 50.59
C ARG I 523 60.36 -13.31 50.79
N ASN I 524 59.76 -13.80 49.70
CA ASN I 524 58.41 -14.36 49.80
C ASN I 524 58.39 -15.48 50.82
N GLY I 525 57.43 -15.40 51.74
CA GLY I 525 57.21 -16.47 52.69
C GLY I 525 58.04 -16.41 53.95
N ASP I 526 58.98 -15.48 54.06
CA ASP I 526 59.72 -15.33 55.30
C ASP I 526 58.74 -15.11 56.45
N ARG I 527 59.24 -15.26 57.68
CA ARG I 527 58.42 -15.09 58.87
C ARG I 527 59.04 -14.02 59.76
N LEU I 528 58.17 -13.28 60.46
CA LEU I 528 58.65 -12.19 61.31
C LEU I 528 58.81 -12.63 62.76
N GLY I 529 57.72 -13.00 63.40
CA GLY I 529 57.74 -13.29 64.82
C GLY I 529 56.45 -12.92 65.52
N HIS I 530 56.57 -12.34 66.71
CA HIS I 530 55.38 -12.09 67.52
C HIS I 530 54.46 -11.05 66.88
N CYS I 531 55.02 -9.90 66.50
CA CYS I 531 54.24 -8.86 65.83
C CYS I 531 52.99 -8.50 66.62
N THR I 532 53.11 -8.56 67.94
CA THR I 532 51.93 -8.35 68.79
C THR I 532 51.39 -6.94 68.66
N ALA I 533 52.23 -5.98 68.25
CA ALA I 533 51.74 -4.62 68.11
C ALA I 533 50.57 -4.55 67.13
N ILE I 534 50.70 -5.20 65.98
CA ILE I 534 49.62 -5.22 65.01
C ILE I 534 48.54 -6.22 65.39
N GLY I 535 48.75 -7.00 66.44
CA GLY I 535 47.71 -7.90 66.90
C GLY I 535 46.79 -7.22 67.90
N ILE I 536 47.35 -6.31 68.69
CA ILE I 536 46.63 -5.72 69.80
C ILE I 536 45.79 -4.56 69.31
N THR I 537 44.57 -4.42 69.86
CA THR I 537 43.78 -3.24 69.60
C THR I 537 44.20 -2.14 70.55
N PRO I 538 44.06 -0.88 70.15
CA PRO I 538 44.14 0.18 71.15
C PRO I 538 42.99 0.17 72.13
N SER I 539 41.87 -0.48 71.79
CA SER I 539 40.82 -0.70 72.77
C SER I 539 41.42 -1.49 73.92
N ILE I 540 41.83 -2.73 73.67
CA ILE I 540 42.70 -3.42 74.62
C ILE I 540 44.15 -3.16 74.25
N TRP I 541 44.64 -1.97 74.55
CA TRP I 541 46.04 -1.73 74.83
C TRP I 541 46.26 -0.80 76.00
N LYS I 542 45.26 -0.02 76.37
CA LYS I 542 45.34 1.00 77.40
C LYS I 542 44.28 0.70 78.45
N ARG I 543 44.62 -0.16 79.41
CA ARG I 543 43.73 -0.49 80.51
C ARG I 543 44.25 -0.06 81.87
N SER I 544 45.56 -0.10 82.09
CA SER I 544 46.14 0.34 83.35
C SER I 544 47.31 1.29 83.12
N LEU I 545 47.50 1.72 81.92
CA LEU I 545 48.68 2.47 81.62
C LEU I 545 48.52 3.93 82.02
N PRO I 546 49.61 4.61 82.35
CA PRO I 546 49.52 6.05 82.59
C PRO I 546 49.15 6.79 81.32
N LEU I 547 48.45 7.91 81.49
CA LEU I 547 47.93 8.66 80.35
C LEU I 547 49.03 9.20 79.45
N SER I 548 50.26 9.29 79.95
CA SER I 548 51.38 9.76 79.16
C SER I 548 52.55 8.80 79.33
N LEU I 549 53.28 8.57 78.25
CA LEU I 549 54.39 7.63 78.23
C LEU I 549 55.64 8.35 77.73
N SER I 550 56.74 8.19 78.46
CA SER I 550 58.01 8.79 78.09
C SER I 550 58.80 7.82 77.22
N MET I 551 59.30 8.33 76.10
CA MET I 551 60.03 7.52 75.13
C MET I 551 61.29 8.27 74.73
N THR I 552 62.15 7.60 73.97
CA THR I 552 63.33 8.26 73.44
C THR I 552 62.92 9.22 72.33
N LYS I 553 63.64 10.34 72.28
CA LYS I 553 63.33 11.34 71.25
C LYS I 553 63.51 10.76 69.85
N GLU I 554 64.50 9.89 69.68
CA GLU I 554 64.69 9.24 68.39
C GLU I 554 63.46 8.45 67.98
N THR I 555 62.94 7.62 68.89
CA THR I 555 61.75 6.84 68.57
C THR I 555 60.57 7.76 68.32
N ARG I 556 60.46 8.83 69.11
CA ARG I 556 59.38 9.78 68.90
C ARG I 556 59.41 10.32 67.47
N LEU I 557 60.59 10.77 67.04
CA LEU I 557 60.73 11.31 65.69
C LEU I 557 60.42 10.25 64.64
N LEU I 558 60.99 9.05 64.81
CA LEU I 558 60.75 7.98 63.85
C LEU I 558 59.26 7.72 63.71
N ASP I 559 58.56 7.61 64.83
CA ASP I 559 57.16 7.27 64.79
C ASP I 559 56.33 8.42 64.23
N LEU I 560 56.72 9.66 64.51
CA LEU I 560 56.02 10.78 63.90
C LEU I 560 56.14 10.72 62.39
N VAL I 561 57.35 10.42 61.90
CA VAL I 561 57.54 10.27 60.46
C VAL I 561 56.68 9.15 59.92
N PHE I 562 56.65 8.03 60.63
CA PHE I 562 55.80 6.91 60.25
C PHE I 562 54.34 7.32 60.14
N ILE I 563 53.85 8.04 61.14
CA ILE I 563 52.46 8.50 61.12
C ILE I 563 52.21 9.32 59.88
N TRP I 564 53.07 10.31 59.63
CA TRP I 564 52.88 11.14 58.45
C TRP I 564 52.89 10.29 57.18
N ARG I 565 53.88 9.42 57.07
CA ARG I 565 54.00 8.61 55.86
C ARG I 565 52.71 7.85 55.61
N GLU I 566 52.22 7.14 56.62
CA GLU I 566 51.05 6.31 56.42
C GLU I 566 49.79 7.12 56.19
N LEU I 567 49.64 8.26 56.86
CA LEU I 567 48.40 9.02 56.84
C LEU I 567 48.40 10.12 55.79
N ARG I 568 49.47 10.25 55.00
CA ARG I 568 49.46 11.24 53.93
C ARG I 568 48.22 11.08 53.08
N SER I 569 47.83 9.84 52.81
CA SER I 569 46.76 9.53 51.87
C SER I 569 45.39 9.41 52.50
N HIS I 570 45.30 9.45 53.83
CA HIS I 570 44.01 9.17 54.44
C HIS I 570 43.22 10.47 54.62
N PRO I 571 42.14 10.66 53.87
CA PRO I 571 41.45 11.95 53.90
C PRO I 571 40.89 12.30 55.27
N GLU I 572 40.54 11.30 56.07
CA GLU I 572 40.03 11.57 57.40
C GLU I 572 41.13 11.79 58.42
N LEU I 573 42.38 11.47 58.07
CA LEU I 573 43.49 11.58 59.01
C LEU I 573 44.50 12.62 58.55
N LEU I 574 44.12 13.48 57.61
CA LEU I 574 45.05 14.45 57.07
C LEU I 574 45.45 15.46 58.13
N ARG I 575 44.52 15.84 59.00
CA ARG I 575 44.87 16.68 60.13
C ARG I 575 46.03 16.07 60.90
N TYR I 576 45.91 14.77 61.21
CA TYR I 576 46.95 14.11 61.99
C TYR I 576 48.26 14.05 61.20
N ALA I 577 48.19 13.78 59.90
CA ALA I 577 49.41 13.70 59.11
C ALA I 577 50.13 15.04 59.12
N SER I 578 49.39 16.12 58.87
CA SER I 578 50.00 17.44 58.87
C SER I 578 50.60 17.75 60.23
N ASP I 579 49.86 17.42 61.30
CA ASP I 579 50.40 17.63 62.62
C ASP I 579 51.71 16.89 62.78
N ALA I 580 51.69 15.57 62.60
CA ALA I 580 52.88 14.77 62.85
C ALA I 580 54.05 15.32 62.05
N ALA I 581 53.80 15.77 60.82
CA ALA I 581 54.83 16.49 60.09
C ALA I 581 55.37 17.66 60.91
N ILE I 582 54.47 18.47 61.47
CA ILE I 582 54.90 19.68 62.16
C ILE I 582 55.76 19.34 63.38
N GLU I 583 55.24 18.48 64.26
CA GLU I 583 56.01 18.12 65.45
C GLU I 583 57.31 17.41 65.08
N ALA I 584 57.27 16.52 64.09
CA ALA I 584 58.50 15.85 63.71
C ALA I 584 59.54 16.85 63.24
N VAL I 585 59.11 17.89 62.53
CA VAL I 585 60.03 18.94 62.11
C VAL I 585 60.62 19.65 63.32
N ARG I 586 59.77 20.00 64.29
CA ARG I 586 60.25 20.63 65.51
C ARG I 586 61.32 19.78 66.18
N LEU I 587 60.99 18.51 66.41
CA LEU I 587 61.93 17.62 67.10
C LEU I 587 63.17 17.39 66.26
N ALA I 588 63.05 17.45 64.94
CA ALA I 588 64.22 17.31 64.08
C ALA I 588 65.19 18.45 64.32
N HIS I 589 64.67 19.67 64.38
CA HIS I 589 65.55 20.77 64.76
C HIS I 589 66.17 20.50 66.11
N LYS I 590 65.36 20.14 67.10
CA LYS I 590 65.89 20.01 68.45
C LYS I 590 66.98 18.93 68.52
N VAL I 591 66.71 17.75 67.99
CA VAL I 591 67.66 16.65 68.06
C VAL I 591 68.90 16.97 67.23
N PHE I 592 68.71 17.42 66.00
CA PHE I 592 69.84 17.80 65.16
C PHE I 592 70.34 19.20 65.44
N SER I 593 69.65 19.96 66.29
CA SER I 593 70.05 21.33 66.55
C SER I 593 70.15 22.11 65.24
N LEU I 594 69.25 21.80 64.31
CA LEU I 594 69.33 22.37 62.97
C LEU I 594 69.02 23.86 63.00
N GLU I 595 69.68 24.59 62.10
CA GLU I 595 69.51 26.03 61.99
C GLU I 595 68.84 26.45 60.69
N GLU I 596 68.90 25.60 59.67
CA GLU I 596 68.19 25.85 58.42
C GLU I 596 66.82 25.19 58.51
N GLU I 597 66.11 25.14 57.38
CA GLU I 597 64.80 24.50 57.30
C GLU I 597 64.98 23.11 56.70
N VAL I 598 64.29 22.14 57.27
CA VAL I 598 64.31 20.76 56.80
C VAL I 598 62.89 20.33 56.52
N SER I 599 62.57 20.08 55.25
CA SER I 599 61.25 19.62 54.88
C SER I 599 61.07 18.18 55.32
N ILE I 600 59.81 17.82 55.58
CA ILE I 600 59.53 16.43 55.94
C ILE I 600 59.95 15.51 54.81
N THR I 601 59.92 16.02 53.57
CA THR I 601 60.44 15.25 52.45
C THR I 601 61.89 14.88 52.68
N THR I 602 62.72 15.87 52.98
CA THR I 602 64.13 15.60 53.26
C THR I 602 64.28 14.73 54.48
N LEU I 603 63.40 14.89 55.47
CA LEU I 603 63.47 14.01 56.63
C LEU I 603 63.29 12.56 56.22
N ASP I 604 62.29 12.28 55.39
CA ASP I 604 62.08 10.92 54.91
C ASP I 604 63.28 10.43 54.12
N GLN I 605 63.84 11.29 53.28
CA GLN I 605 65.06 10.94 52.55
C GLN I 605 66.16 10.57 53.54
N VAL I 606 66.14 11.17 54.73
CA VAL I 606 67.12 10.83 55.75
C VAL I 606 66.79 9.46 56.34
N PHE I 607 65.54 9.25 56.74
CA PHE I 607 65.13 8.05 57.44
C PHE I 607 65.16 6.80 56.58
N GLU I 608 65.26 6.96 55.27
CA GLU I 608 65.33 5.78 54.41
C GLU I 608 66.70 5.10 54.42
N MET I 609 67.72 5.70 55.04
CA MET I 609 69.08 5.17 54.95
C MET I 609 69.47 4.30 56.13
N ARG I 610 68.57 4.10 57.10
CA ARG I 610 68.87 3.19 58.20
C ARG I 610 69.26 1.80 57.73
N GLY I 611 68.76 1.36 56.58
CA GLY I 611 69.26 0.12 56.02
C GLY I 611 70.74 0.17 55.70
N LEU I 612 71.33 1.35 55.65
CA LEU I 612 72.71 1.50 55.23
C LEU I 612 73.66 1.24 56.40
N LEU I 613 74.77 0.54 56.12
CA LEU I 613 75.76 0.24 57.13
C LEU I 613 76.42 1.52 57.65
N ALA I 614 76.72 1.54 58.95
CA ALA I 614 77.42 2.68 59.53
C ALA I 614 78.83 2.80 58.97
N GLU I 615 79.59 1.72 59.01
CA GLU I 615 80.97 1.72 58.51
C GLU I 615 81.04 1.16 57.10
N SER I 616 80.30 1.78 56.17
CA SER I 616 80.43 1.42 54.77
C SER I 616 81.27 2.43 54.01
N GLU I 617 80.80 3.68 53.94
CA GLU I 617 81.54 4.74 53.25
C GLU I 617 81.44 6.10 53.92
N GLY I 618 80.76 6.20 55.06
CA GLY I 618 80.52 7.49 55.68
C GLY I 618 80.93 7.57 57.13
N LEU I 619 81.76 6.63 57.56
CA LEU I 619 82.21 6.60 58.94
C LEU I 619 83.54 5.88 59.05
N SER I 631 85.11 -10.90 52.05
CA SER I 631 84.83 -10.86 50.61
C SER I 631 83.37 -10.52 50.37
N LEU I 632 82.48 -11.17 51.13
CA LEU I 632 81.05 -10.91 50.98
C LEU I 632 80.68 -9.51 51.45
N TRP I 633 81.50 -8.90 52.30
CA TRP I 633 81.14 -7.62 52.89
C TRP I 633 81.34 -6.45 51.94
N LEU I 634 82.04 -6.68 50.83
CA LEU I 634 82.32 -5.58 49.91
C LEU I 634 81.05 -4.92 49.42
N GLU I 635 79.99 -5.72 49.22
CA GLU I 635 78.78 -5.19 48.61
C GLU I 635 78.16 -4.12 49.48
N GLU I 636 77.91 -4.43 50.75
CA GLU I 636 77.34 -3.44 51.65
C GLU I 636 78.36 -2.39 52.05
N TYR I 637 79.65 -2.70 51.94
CA TYR I 637 80.66 -1.66 52.14
C TYR I 637 80.51 -0.57 51.09
N GLU I 638 80.25 -0.95 49.85
CA GLU I 638 80.19 0.00 48.75
C GLU I 638 78.79 0.54 48.50
N ARG I 639 77.74 -0.09 49.01
CA ARG I 639 76.39 0.31 48.62
C ARG I 639 76.14 1.79 48.86
N ALA I 640 76.82 2.39 49.83
CA ALA I 640 76.71 3.84 50.01
C ALA I 640 77.19 4.60 48.80
N ARG I 641 77.93 3.94 47.90
CA ARG I 641 78.48 4.62 46.75
C ARG I 641 77.38 5.14 45.83
N GLU I 642 76.34 4.34 45.60
CA GLU I 642 75.25 4.79 44.74
C GLU I 642 74.56 6.00 45.34
N LEU I 643 74.31 5.95 46.65
CA LEU I 643 73.72 7.09 47.35
C LEU I 643 74.56 8.33 47.15
N VAL I 644 75.86 8.23 47.47
CA VAL I 644 76.71 9.42 47.40
C VAL I 644 76.80 9.92 45.98
N LYS I 645 76.74 9.01 44.99
CA LYS I 645 76.71 9.41 43.60
C LYS I 645 75.49 10.26 43.29
N THR I 646 74.35 9.93 43.88
CA THR I 646 73.15 10.75 43.70
C THR I 646 73.43 12.19 44.10
N THR I 647 72.94 13.14 43.29
CA THR I 647 73.29 14.54 43.49
C THR I 647 72.43 15.23 44.55
N GLY I 648 71.12 15.04 44.52
CA GLY I 648 70.21 15.76 45.39
C GLY I 648 70.14 15.24 46.81
N MET I 649 71.01 14.29 47.16
CA MET I 649 71.01 13.63 48.46
C MET I 649 72.08 14.19 49.40
N LYS I 650 72.57 15.39 49.11
CA LYS I 650 73.51 16.15 49.91
C LYS I 650 73.11 16.33 51.38
N ARG I 651 71.99 17.00 51.59
CA ARG I 651 71.56 17.34 52.94
C ARG I 651 71.30 16.04 53.69
N PRO I 652 70.63 15.07 53.06
CA PRO I 652 70.48 13.75 53.71
C PRO I 652 71.79 13.10 54.13
N LEU I 653 72.84 13.14 53.31
CA LEU I 653 74.11 12.58 53.79
C LEU I 653 74.66 13.36 54.98
N LYS I 654 74.71 14.68 54.92
CA LYS I 654 75.28 15.37 56.07
C LYS I 654 74.46 15.08 57.32
N LEU I 655 73.15 15.02 57.18
CA LEU I 655 72.30 14.77 58.34
C LEU I 655 72.46 13.35 58.85
N TYR I 656 72.57 12.37 57.95
CA TYR I 656 72.74 10.98 58.38
C TYR I 656 74.08 10.80 59.08
N LYS I 657 75.12 11.47 58.57
CA LYS I 657 76.42 11.39 59.23
C LYS I 657 76.37 12.03 60.60
N GLN I 658 75.77 13.22 60.69
CA GLN I 658 75.55 13.84 61.99
C GLN I 658 74.81 12.88 62.92
N TRP I 659 73.75 12.26 62.41
CA TRP I 659 72.98 11.31 63.19
C TRP I 659 73.86 10.20 63.74
N LEU I 660 74.62 9.53 62.87
CA LEU I 660 75.37 8.36 63.31
C LEU I 660 76.50 8.75 64.25
N THR I 661 77.08 9.93 64.07
CA THR I 661 78.30 10.33 64.76
C THR I 661 78.10 11.43 65.78
N SER I 662 77.26 12.43 65.50
CA SER I 662 77.16 13.58 66.38
C SER I 662 76.80 13.15 67.79
N ASP I 663 77.75 13.34 68.71
CA ASP I 663 77.52 13.00 70.09
C ASP I 663 76.32 13.76 70.66
N ASN I 664 76.18 15.03 70.31
CA ASN I 664 75.03 15.79 70.79
C ASN I 664 73.73 15.18 70.29
N VAL I 665 73.71 14.76 69.02
CA VAL I 665 72.51 14.12 68.48
C VAL I 665 72.21 12.83 69.22
N ARG I 666 73.23 12.01 69.46
CA ARG I 666 72.99 10.75 70.16
C ARG I 666 72.47 11.00 71.57
N LYS I 667 73.04 11.99 72.25
CA LYS I 667 72.52 12.40 73.55
C LYS I 667 71.08 12.87 73.45
N GLN I 668 70.77 13.62 72.39
CA GLN I 668 69.40 14.08 72.20
C GLN I 668 68.45 12.91 72.07
N ARG I 669 68.84 11.88 71.32
CA ARG I 669 68.03 10.67 71.27
C ARG I 669 67.86 10.10 72.67
N ALA I 670 68.97 9.96 73.40
CA ALA I 670 68.93 9.40 74.73
C ALA I 670 67.94 10.15 75.63
N GLU I 671 67.78 11.45 75.41
CA GLU I 671 66.77 12.19 76.17
C GLU I 671 65.40 11.58 75.97
N TYR I 672 64.47 11.91 76.86
CA TYR I 672 63.13 11.35 76.87
C TYR I 672 62.11 12.45 76.64
N VAL I 673 60.96 12.06 76.09
CA VAL I 673 59.86 12.97 75.80
C VAL I 673 58.55 12.23 76.05
N GLU I 674 57.60 12.92 76.66
CA GLU I 674 56.29 12.35 76.91
C GLU I 674 55.44 12.34 75.65
N VAL I 675 54.49 11.42 75.61
CA VAL I 675 53.47 11.37 74.58
C VAL I 675 52.17 10.99 75.27
N ALA I 676 51.12 11.77 75.02
CA ALA I 676 49.83 11.44 75.59
C ALA I 676 49.35 10.10 75.06
N LEU I 677 48.73 9.32 75.95
CA LEU I 677 48.29 7.98 75.55
C LEU I 677 47.35 8.05 74.35
N GLU I 678 46.42 9.00 74.37
CA GLU I 678 45.57 9.23 73.20
C GLU I 678 46.19 10.32 72.32
N TYR I 679 47.42 10.09 71.88
CA TYR I 679 47.99 10.96 70.87
C TYR I 679 47.21 10.83 69.57
N LEU I 680 46.81 9.62 69.23
CA LEU I 680 45.98 9.36 68.07
C LEU I 680 44.70 8.65 68.50
N PRO I 681 43.63 8.77 67.72
CA PRO I 681 42.41 8.01 68.04
C PRO I 681 42.58 6.54 67.72
N ASP I 682 41.74 5.73 68.38
CA ASP I 682 41.75 4.29 68.14
C ASP I 682 41.58 4.00 66.66
N GLU I 683 40.67 4.72 66.01
CA GLU I 683 40.43 4.50 64.59
C GLU I 683 41.68 4.78 63.76
N ALA I 684 42.39 5.88 64.08
CA ALA I 684 43.60 6.18 63.33
C ALA I 684 44.63 5.09 63.54
N VAL I 685 44.79 4.64 64.78
CA VAL I 685 45.75 3.58 65.05
C VAL I 685 45.39 2.33 64.26
N VAL I 686 44.11 1.99 64.24
CA VAL I 686 43.69 0.81 63.50
C VAL I 686 43.94 0.99 62.01
N ALA I 687 43.77 2.20 61.51
CA ALA I 687 44.09 2.47 60.11
C ALA I 687 45.55 2.20 59.84
N LEU I 688 46.43 2.67 60.74
CA LEU I 688 47.84 2.34 60.62
C LEU I 688 48.02 0.84 60.58
N GLN I 689 47.41 0.13 61.52
CA GLN I 689 47.56 -1.31 61.55
C GLN I 689 47.16 -1.93 60.22
N GLN I 690 46.02 -1.51 59.70
CA GLN I 690 45.50 -2.13 58.48
C GLN I 690 46.39 -1.84 57.29
N ALA I 691 46.94 -0.64 57.21
CA ALA I 691 47.93 -0.36 56.17
C ALA I 691 49.11 -1.31 56.31
N VAL I 692 49.58 -1.50 57.54
CA VAL I 692 50.71 -2.37 57.76
C VAL I 692 50.40 -3.79 57.31
N MET I 693 49.21 -4.30 57.68
CA MET I 693 48.86 -5.64 57.25
C MET I 693 48.75 -5.72 55.75
N ALA I 694 48.30 -4.62 55.12
CA ALA I 694 48.25 -4.61 53.67
C ALA I 694 49.64 -4.88 53.10
N LYS I 695 50.64 -4.13 53.58
CA LYS I 695 52.00 -4.38 53.12
C LYS I 695 52.44 -5.80 53.47
N MET I 696 52.07 -6.26 54.65
CA MET I 696 52.49 -7.57 55.14
C MET I 696 52.02 -8.65 54.17
N ALA I 697 50.73 -8.66 53.86
CA ALA I 697 50.18 -9.62 52.93
C ALA I 697 50.80 -9.45 51.55
N ASP I 698 50.94 -8.19 51.10
CA ASP I 698 51.56 -7.97 49.80
C ASP I 698 52.89 -8.70 49.70
N ARG I 699 53.75 -8.50 50.68
CA ARG I 699 55.04 -9.17 50.66
C ARG I 699 54.94 -10.64 50.99
N ASN I 700 53.78 -11.12 51.41
CA ASN I 700 53.54 -12.55 51.56
C ASN I 700 54.47 -13.13 52.62
N ILE I 701 54.41 -12.54 53.81
CA ILE I 701 55.25 -12.93 54.94
C ILE I 701 54.31 -13.40 56.05
N ALA I 702 54.82 -14.30 56.89
CA ALA I 702 54.00 -14.92 57.92
C ALA I 702 54.41 -14.45 59.31
N ILE I 703 53.54 -14.73 60.27
CA ILE I 703 53.70 -14.26 61.65
C ILE I 703 53.58 -15.47 62.56
N GLU I 704 54.65 -15.78 63.31
CA GLU I 704 54.59 -16.83 64.33
C GLU I 704 53.83 -16.30 65.53
N CYS I 705 52.88 -17.08 66.04
CA CYS I 705 52.02 -16.65 67.14
C CYS I 705 52.10 -17.63 68.31
N PRO I 706 52.87 -17.31 69.36
CA PRO I 706 52.82 -18.13 70.57
C PRO I 706 51.87 -17.50 71.58
N PRO I 707 51.16 -18.30 72.37
CA PRO I 707 50.35 -17.72 73.45
C PRO I 707 51.21 -17.15 74.55
N THR I 708 50.72 -16.11 75.22
CA THR I 708 51.40 -15.54 76.38
C THR I 708 50.42 -15.32 77.53
N SER I 714 50.06 -10.56 78.79
CA SER I 714 50.15 -9.73 79.99
C SER I 714 48.84 -8.98 80.22
N GLN I 715 48.56 -8.02 79.34
CA GLN I 715 47.35 -7.20 79.44
C GLN I 715 46.06 -8.01 79.35
N TYR I 716 46.12 -9.23 78.82
CA TYR I 716 44.94 -10.04 78.63
C TYR I 716 44.49 -10.59 79.98
N ARG I 717 43.27 -10.24 80.40
CA ARG I 717 42.68 -10.92 81.56
C ARG I 717 42.56 -12.41 81.30
N ASN I 718 41.75 -12.77 80.30
CA ASN I 718 41.62 -14.14 79.85
C ASN I 718 42.17 -14.24 78.43
N VAL I 719 42.61 -15.46 78.09
CA VAL I 719 43.10 -15.71 76.74
C VAL I 719 42.06 -15.36 75.70
N SER I 720 40.78 -15.36 76.08
CA SER I 720 39.69 -15.25 75.11
C SER I 720 39.83 -14.04 74.18
N GLU I 721 40.55 -13.01 74.59
CA GLU I 721 40.69 -11.82 73.77
C GLU I 721 41.96 -11.83 72.92
N HIS I 722 42.70 -12.92 72.91
CA HIS I 722 44.01 -12.92 72.28
C HIS I 722 43.90 -12.49 70.82
N HIS I 723 44.85 -11.65 70.41
CA HIS I 723 44.86 -11.08 69.07
C HIS I 723 44.97 -12.14 67.98
N ILE I 724 45.40 -13.34 68.34
CA ILE I 724 45.38 -14.44 67.39
C ILE I 724 44.01 -14.51 66.71
N PHE I 725 42.96 -14.29 67.48
CA PHE I 725 41.62 -14.52 66.96
C PHE I 725 41.19 -13.37 66.07
N ARG I 726 41.56 -12.15 66.42
CA ARG I 726 41.35 -11.02 65.51
C ARG I 726 42.05 -11.28 64.18
N TRP I 727 43.34 -11.64 64.24
CA TRP I 727 44.04 -12.01 63.02
C TRP I 727 43.31 -13.15 62.33
N MET I 728 42.63 -13.99 63.11
CA MET I 728 42.00 -15.17 62.58
C MET I 728 40.63 -14.86 62.00
N GLY I 729 40.17 -13.63 62.16
CA GLY I 729 38.93 -13.19 61.55
C GLY I 729 37.67 -13.51 62.31
N LEU I 730 37.78 -13.78 63.60
CA LEU I 730 36.60 -14.15 64.36
C LEU I 730 35.64 -12.97 64.43
N PRO I 731 34.37 -13.15 64.08
CA PRO I 731 33.41 -12.06 64.24
C PRO I 731 33.40 -11.55 65.67
N GLY I 732 33.28 -10.23 65.81
CA GLY I 732 33.39 -9.59 67.11
C GLY I 732 34.80 -9.25 67.52
N GLU I 733 35.79 -10.03 67.06
CA GLU I 733 37.19 -9.73 67.26
C GLU I 733 37.82 -9.06 66.06
N ALA I 734 37.50 -9.54 64.86
CA ALA I 734 38.01 -8.93 63.65
C ALA I 734 37.44 -7.51 63.49
N ILE I 735 38.19 -6.67 62.78
CA ILE I 735 37.76 -5.32 62.49
C ILE I 735 37.53 -5.19 60.99
N GLU I 736 36.70 -4.22 60.61
CA GLU I 736 36.21 -4.14 59.24
C GLU I 736 37.33 -4.21 58.21
N GLY I 737 38.41 -3.49 58.45
CA GLY I 737 39.43 -3.35 57.43
C GLY I 737 40.56 -4.35 57.55
N ASP I 738 40.32 -5.44 58.27
CA ASP I 738 41.37 -6.41 58.53
C ASP I 738 41.53 -7.35 57.34
N VAL I 739 42.63 -8.08 57.35
CA VAL I 739 43.03 -8.94 56.23
C VAL I 739 43.56 -10.26 56.77
N PRO I 740 43.47 -11.36 56.01
CA PRO I 740 44.12 -12.60 56.47
C PRO I 740 45.63 -12.47 56.52
N MET I 741 46.23 -13.02 57.58
CA MET I 741 47.60 -12.68 57.95
C MET I 741 48.64 -13.77 57.78
N SER I 742 48.28 -15.00 57.42
CA SER I 742 49.25 -16.08 57.36
C SER I 742 49.99 -16.20 58.70
N ILE I 743 49.19 -16.57 59.70
CA ILE I 743 49.72 -16.84 61.03
C ILE I 743 50.17 -18.29 61.08
N CYS I 744 51.28 -18.53 61.77
CA CYS I 744 51.82 -19.86 62.00
C CYS I 744 51.93 -20.11 63.49
N LEU I 745 52.14 -21.36 63.85
CA LEU I 745 52.07 -21.79 65.23
C LEU I 745 53.45 -21.83 65.88
N GLY I 746 53.47 -21.46 67.16
CA GLY I 746 54.70 -21.47 67.93
C GLY I 746 54.46 -21.79 69.38
N SER I 747 55.25 -22.70 69.95
CA SER I 747 55.07 -23.13 71.34
C SER I 747 56.09 -22.41 72.22
N ASP I 748 55.70 -21.21 72.67
CA ASP I 748 56.50 -20.45 73.62
C ASP I 748 55.55 -19.63 74.48
N ASP I 749 55.18 -20.16 75.65
CA ASP I 749 54.38 -19.41 76.61
C ASP I 749 55.29 -18.97 77.75
N PRO I 750 55.49 -17.67 77.97
CA PRO I 750 56.47 -17.26 78.97
C PRO I 750 56.20 -17.83 80.36
N GLY I 751 54.93 -17.93 80.75
CA GLY I 751 54.60 -18.26 82.12
C GLY I 751 53.91 -19.59 82.30
N ILE I 752 54.35 -20.61 81.57
CA ILE I 752 53.81 -21.96 81.72
C ILE I 752 54.96 -22.94 81.85
N PHE I 753 54.74 -23.96 82.67
CA PHE I 753 55.66 -25.07 82.82
C PHE I 753 55.21 -26.19 81.90
N ALA I 754 56.18 -26.93 81.36
CA ALA I 754 55.89 -28.13 80.56
C ALA I 754 54.90 -27.81 79.43
N ALA I 755 55.25 -26.79 78.66
CA ALA I 755 54.45 -26.37 77.52
C ALA I 755 54.74 -27.26 76.32
N ASP I 756 53.81 -27.27 75.36
CA ASP I 756 53.96 -28.11 74.19
C ASP I 756 52.97 -27.66 73.12
N LEU I 757 53.47 -27.59 71.88
CA LEU I 757 52.69 -27.05 70.78
C LEU I 757 51.35 -27.75 70.67
N LYS I 758 51.33 -29.06 70.89
CA LYS I 758 50.06 -29.77 70.95
C LYS I 758 49.17 -29.21 72.06
N SER I 759 49.79 -28.80 73.18
CA SER I 759 49.01 -28.21 74.26
C SER I 759 48.38 -26.89 73.83
N GLU I 760 49.15 -26.02 73.17
CA GLU I 760 48.54 -24.79 72.67
C GLU I 760 47.46 -25.08 71.65
N PHE I 761 47.65 -26.11 70.84
CA PHE I 761 46.64 -26.47 69.85
C PHE I 761 45.34 -26.83 70.55
N TYR I 762 45.44 -27.70 71.56
CA TYR I 762 44.29 -27.98 72.42
C TYR I 762 43.67 -26.69 72.94
N HIS I 763 44.51 -25.79 73.44
CA HIS I 763 44.00 -24.57 74.08
C HIS I 763 43.19 -23.75 73.10
N LEU I 764 43.73 -23.53 71.90
CA LEU I 764 43.03 -22.75 70.90
C LEU I 764 41.73 -23.43 70.51
N PHE I 765 41.77 -24.75 70.30
CA PHE I 765 40.56 -25.47 69.97
C PHE I 765 39.48 -25.24 71.02
N VAL I 766 39.86 -25.39 72.30
CA VAL I 766 38.89 -25.26 73.38
C VAL I 766 38.31 -23.86 73.41
N VAL I 767 39.18 -22.86 73.35
CA VAL I 767 38.71 -21.49 73.51
C VAL I 767 37.77 -21.13 72.37
N LEU I 768 38.17 -21.46 71.14
CA LEU I 768 37.28 -21.25 70.00
C LEU I 768 35.94 -21.90 70.24
N THR I 769 35.95 -23.20 70.58
CA THR I 769 34.70 -23.92 70.72
C THR I 769 33.78 -23.29 71.74
N ARG I 770 34.30 -22.90 72.89
CA ARG I 770 33.45 -22.48 73.99
C ARG I 770 33.18 -20.99 74.04
N LYS I 771 34.21 -20.16 74.18
CA LYS I 771 33.97 -18.74 74.29
C LYS I 771 33.29 -18.15 73.06
N PHE I 772 33.33 -18.85 71.94
CA PHE I 772 32.67 -18.41 70.73
C PHE I 772 31.60 -19.39 70.25
N GLY I 773 31.51 -20.57 70.86
CA GLY I 773 30.44 -21.50 70.55
C GLY I 773 30.58 -22.25 69.24
N LEU I 774 31.76 -22.23 68.63
CA LEU I 774 31.93 -22.86 67.32
C LEU I 774 31.93 -24.38 67.45
N SER I 775 31.49 -25.04 66.38
CA SER I 775 31.45 -26.50 66.37
C SER I 775 32.86 -27.07 66.35
N PRO I 776 33.03 -28.31 66.81
CA PRO I 776 34.38 -28.91 66.83
C PRO I 776 35.07 -28.93 65.49
N ALA I 777 34.39 -29.39 64.44
CA ALA I 777 35.03 -29.43 63.12
C ALA I 777 35.40 -28.02 62.67
N ASP I 778 34.52 -27.07 62.93
CA ASP I 778 34.75 -25.70 62.50
C ASP I 778 35.98 -25.12 63.19
N ALA I 779 36.06 -25.29 64.52
CA ALA I 779 37.23 -24.86 65.25
C ALA I 779 38.49 -25.55 64.74
N LEU I 780 38.38 -26.85 64.45
CA LEU I 780 39.50 -27.57 63.87
C LEU I 780 39.96 -26.89 62.60
N ARG I 781 39.02 -26.49 61.75
CA ARG I 781 39.41 -25.91 60.48
C ARG I 781 40.20 -24.62 60.72
N LYS I 782 39.70 -23.75 61.61
CA LYS I 782 40.49 -22.55 61.88
C LYS I 782 41.89 -22.92 62.35
N VAL I 783 41.99 -23.62 63.47
CA VAL I 783 43.31 -23.78 64.07
C VAL I 783 44.24 -24.46 63.08
N ALA I 784 43.72 -25.42 62.32
CA ALA I 784 44.45 -25.95 61.20
C ALA I 784 45.05 -24.82 60.37
N GLU I 785 44.20 -23.93 59.85
CA GLU I 785 44.72 -22.93 58.92
C GLU I 785 46.07 -22.41 59.37
N VAL I 786 46.18 -22.01 60.64
CA VAL I 786 47.47 -21.56 61.17
C VAL I 786 48.48 -22.70 61.13
N ASN I 787 48.06 -23.89 61.56
CA ASN I 787 49.00 -25.00 61.63
C ASN I 787 49.67 -25.24 60.29
N GLU I 788 48.87 -25.39 59.24
CA GLU I 788 49.42 -25.67 57.92
C GLU I 788 50.02 -24.42 57.27
N ASN I 789 49.64 -23.23 57.73
CA ASN I 789 50.46 -22.07 57.41
C ASN I 789 51.88 -22.34 57.83
N GLY I 790 52.04 -22.98 58.99
CA GLY I 790 53.35 -23.41 59.41
C GLY I 790 54.07 -24.24 58.36
N ARG I 791 53.39 -25.28 57.84
CA ARG I 791 54.04 -26.13 56.84
C ARG I 791 54.36 -25.33 55.58
N ILE I 792 53.43 -24.47 55.17
CA ILE I 792 53.66 -23.67 53.97
C ILE I 792 54.92 -22.85 54.12
N TYR I 793 55.11 -22.25 55.29
CA TYR I 793 56.14 -21.25 55.48
C TYR I 793 57.31 -21.77 56.29
N ARG I 794 57.43 -23.09 56.42
CA ARG I 794 58.59 -23.66 57.08
C ARG I 794 59.86 -23.31 56.34
N PHE I 795 60.99 -23.55 56.99
CA PHE I 795 62.30 -23.22 56.45
C PHE I 795 63.09 -24.45 56.02
N HIS I 796 62.59 -25.65 56.27
CA HIS I 796 63.34 -26.85 55.96
C HIS I 796 63.67 -26.91 54.48
N ASP I 797 64.52 -27.87 54.11
CA ASP I 797 64.81 -28.12 52.71
C ASP I 797 63.58 -28.66 52.00
N VAL I 798 63.56 -28.53 50.68
CA VAL I 798 62.51 -29.12 49.87
C VAL I 798 63.04 -30.40 49.24
N MET J 1 61.84 -4.94 23.41
CA MET J 1 62.35 -4.85 22.01
C MET J 1 63.51 -5.81 21.79
N GLU J 2 64.22 -6.11 22.88
CA GLU J 2 65.47 -6.85 22.77
C GLU J 2 65.26 -8.19 22.09
N ARG J 3 64.05 -8.74 22.15
CA ARG J 3 63.79 -10.02 21.51
C ARG J 3 64.19 -10.01 20.06
N PHE J 4 64.05 -8.87 19.37
CA PHE J 4 64.32 -8.84 17.95
C PHE J 4 65.80 -8.99 17.64
N LEU J 5 66.68 -8.55 18.55
CA LEU J 5 68.11 -8.75 18.38
C LEU J 5 68.52 -10.20 18.43
N LEU J 6 67.67 -11.06 19.01
CA LEU J 6 67.85 -12.50 18.90
C LEU J 6 66.91 -13.11 17.89
N ASN J 7 65.99 -12.32 17.34
CA ASN J 7 64.97 -12.80 16.42
C ASN J 7 64.75 -11.75 15.34
N SER J 8 65.52 -11.86 14.26
CA SER J 8 65.40 -10.94 13.14
C SER J 8 66.02 -11.61 11.93
N THR J 9 65.20 -12.21 11.08
CA THR J 9 65.72 -12.88 9.90
C THR J 9 66.53 -11.91 9.06
N VAL J 10 66.12 -10.64 9.03
CA VAL J 10 66.92 -9.61 8.37
C VAL J 10 68.27 -9.46 9.07
N LEU J 11 68.26 -9.47 10.40
CA LEU J 11 69.52 -9.39 11.14
C LEU J 11 70.40 -10.59 10.82
N LEU J 12 69.82 -11.79 10.83
CA LEU J 12 70.58 -12.99 10.49
C LEU J 12 71.19 -12.84 9.10
N TYR J 13 70.37 -12.44 8.13
CA TYR J 13 70.83 -12.27 6.76
C TYR J 13 72.01 -11.31 6.70
N ARG J 14 71.85 -10.13 7.30
CA ARG J 14 72.87 -9.09 7.15
C ARG J 14 74.15 -9.47 7.88
N LEU J 15 74.03 -10.00 9.09
CA LEU J 15 75.21 -10.44 9.81
C LEU J 15 75.95 -11.55 9.05
N SER J 16 75.21 -12.52 8.53
CA SER J 16 75.81 -13.62 7.78
C SER J 16 76.44 -13.16 6.47
N THR J 17 75.92 -12.09 5.87
CA THR J 17 76.43 -11.63 4.58
C THR J 17 77.62 -10.69 4.72
N VAL J 18 77.65 -9.82 5.72
CA VAL J 18 78.74 -8.86 5.84
C VAL J 18 80.00 -9.57 6.32
N SER J 19 81.15 -9.00 5.97
CA SER J 19 82.43 -9.56 6.37
C SER J 19 82.61 -9.43 7.88
N LEU J 20 83.41 -10.35 8.44
CA LEU J 20 83.63 -10.40 9.88
C LEU J 20 84.59 -9.32 10.36
N ASP J 21 85.23 -8.59 9.45
CA ASP J 21 86.11 -7.48 9.81
C ASP J 21 85.44 -6.14 9.55
N GLU J 22 84.13 -6.14 9.31
CA GLU J 22 83.45 -4.93 8.86
C GLU J 22 83.46 -3.86 9.96
N VAL J 23 83.03 -4.23 11.17
CA VAL J 23 83.03 -3.33 12.31
C VAL J 23 82.05 -2.18 12.09
N SER J 24 81.54 -1.61 13.18
CA SER J 24 80.61 -0.48 13.14
C SER J 24 79.33 -0.85 12.38
N LEU J 25 78.60 -1.81 12.94
CA LEU J 25 77.35 -2.30 12.35
C LEU J 25 76.12 -1.77 13.08
N ASP J 26 76.28 -0.73 13.89
CA ASP J 26 75.19 -0.29 14.76
C ASP J 26 73.97 0.14 13.97
N GLU J 27 74.16 1.03 12.98
CA GLU J 27 73.01 1.58 12.26
C GLU J 27 72.29 0.51 11.47
N ARG J 28 73.04 -0.37 10.81
CA ARG J 28 72.44 -1.45 10.05
C ARG J 28 71.68 -2.41 10.96
N VAL J 29 72.23 -2.71 12.13
CA VAL J 29 71.50 -3.53 13.10
C VAL J 29 70.22 -2.83 13.52
N GLU J 30 70.30 -1.51 13.73
CA GLU J 30 69.12 -0.74 14.12
C GLU J 30 68.03 -0.85 13.08
N SER J 31 68.38 -0.64 11.81
CA SER J 31 67.41 -0.74 10.74
C SER J 31 66.84 -2.15 10.65
N SER J 32 67.71 -3.16 10.76
CA SER J 32 67.23 -4.54 10.77
C SER J 32 66.21 -4.76 11.87
N VAL J 33 66.43 -4.16 13.03
CA VAL J 33 65.52 -4.36 14.16
C VAL J 33 64.19 -3.67 13.91
N PHE J 34 64.21 -2.47 13.35
CA PHE J 34 62.93 -1.85 12.98
C PHE J 34 62.18 -2.71 11.97
N LEU J 35 62.89 -3.27 10.99
CA LEU J 35 62.21 -4.15 10.04
C LEU J 35 61.63 -5.38 10.74
N ALA J 36 62.42 -5.99 11.63
CA ALA J 36 61.99 -7.20 12.31
C ALA J 36 60.76 -6.94 13.17
N GLN J 37 60.78 -5.85 13.93
CA GLN J 37 59.60 -5.50 14.71
C GLN J 37 58.42 -5.17 13.80
N TYR J 38 58.66 -4.49 12.68
CA TYR J 38 57.56 -4.21 11.76
C TYR J 38 56.90 -5.50 11.33
N GLU J 39 57.69 -6.51 11.02
CA GLU J 39 57.11 -7.74 10.48
C GLU J 39 56.58 -8.65 11.59
N GLN J 40 57.09 -8.52 12.82
CA GLN J 40 56.56 -9.32 13.92
C GLN J 40 55.41 -8.64 14.65
N ALA J 41 55.68 -7.55 15.35
CA ALA J 41 54.67 -6.81 16.10
C ALA J 41 54.37 -5.54 15.30
N ARG J 42 53.52 -5.68 14.29
CA ARG J 42 53.17 -4.53 13.46
C ARG J 42 52.44 -3.46 14.25
N SER J 43 51.80 -3.83 15.36
CA SER J 43 50.97 -2.93 16.14
C SER J 43 51.75 -1.77 16.75
N LEU J 44 53.06 -1.87 16.86
CA LEU J 44 53.80 -0.91 17.64
C LEU J 44 53.77 0.44 16.91
N PRO J 45 53.36 1.54 17.56
CA PRO J 45 53.03 2.75 16.79
C PRO J 45 54.21 3.64 16.41
N ASP J 46 55.26 3.03 15.84
CA ASP J 46 56.16 3.74 14.96
C ASP J 46 57.10 4.72 15.68
N HIS J 47 56.90 4.93 16.97
CA HIS J 47 57.77 5.85 17.71
C HIS J 47 58.17 5.25 19.03
N VAL J 48 57.33 4.35 19.55
CA VAL J 48 57.71 3.59 20.73
C VAL J 48 58.96 2.79 20.45
N ALA J 49 59.07 2.22 19.25
CA ALA J 49 60.29 1.51 18.87
C ALA J 49 61.48 2.45 18.87
N LYS J 50 61.31 3.66 18.33
CA LYS J 50 62.39 4.63 18.33
C LYS J 50 62.85 4.92 19.75
N SER J 51 61.89 5.18 20.63
CA SER J 51 62.21 5.49 22.02
C SER J 51 62.88 4.31 22.70
N ALA J 52 62.39 3.09 22.44
CA ALA J 52 62.97 1.91 23.05
C ALA J 52 64.40 1.70 22.60
N TRP J 53 64.67 1.86 21.30
CA TRP J 53 66.04 1.73 20.82
C TRP J 53 66.93 2.78 21.45
N SER J 54 66.44 4.01 21.53
CA SER J 54 67.23 5.08 22.13
C SER J 54 67.56 4.76 23.57
N TYR J 55 66.58 4.29 24.34
CA TYR J 55 66.83 3.94 25.72
C TYR J 55 67.79 2.77 25.84
N LEU J 56 67.65 1.76 24.98
CA LEU J 56 68.54 0.61 25.05
C LEU J 56 69.99 1.03 24.81
N VAL J 57 70.20 1.85 23.77
CA VAL J 57 71.56 2.31 23.50
C VAL J 57 72.05 3.20 24.63
N GLN J 58 71.15 4.00 25.20
CA GLN J 58 71.51 4.78 26.38
C GLN J 58 72.03 3.88 27.48
N GLN J 59 71.29 2.80 27.77
CA GLN J 59 71.68 1.89 28.83
C GLN J 59 73.02 1.24 28.53
N ILE J 60 73.19 0.73 27.31
CA ILE J 60 74.39 -0.02 26.99
C ILE J 60 75.61 0.90 27.04
N LYS J 61 75.45 2.12 26.52
CA LYS J 61 76.51 3.11 26.63
C LYS J 61 76.85 3.40 28.08
N GLN J 62 75.83 3.61 28.90
CA GLN J 62 76.08 4.00 30.29
C GLN J 62 76.78 2.88 31.05
N ARG J 63 76.31 1.64 30.89
CA ARG J 63 76.96 0.50 31.52
C ARG J 63 78.17 0.03 30.74
N ASN J 64 78.59 0.79 29.73
CA ASN J 64 79.91 0.61 29.13
C ASN J 64 80.04 -0.73 28.42
N MET J 65 79.12 -1.01 27.51
CA MET J 65 79.13 -2.26 26.77
C MET J 65 78.85 -1.99 25.30
N LYS J 66 79.09 -3.01 24.48
CA LYS J 66 78.93 -2.94 23.04
C LYS J 66 77.68 -3.70 22.64
N LEU J 67 76.99 -3.20 21.63
CA LEU J 67 75.80 -3.87 21.11
C LEU J 67 76.14 -5.29 20.69
N GLY J 68 75.61 -6.27 21.41
CA GLY J 68 75.87 -7.65 21.08
C GLY J 68 75.12 -8.60 21.98
N PRO J 69 75.13 -9.88 21.60
CA PRO J 69 74.32 -10.86 22.35
C PRO J 69 74.69 -10.88 23.82
N VAL J 70 75.97 -10.69 24.14
CA VAL J 70 76.38 -10.67 25.54
C VAL J 70 75.64 -9.57 26.28
N ALA J 71 75.68 -8.36 25.73
CA ALA J 71 75.00 -7.25 26.39
C ALA J 71 73.50 -7.50 26.49
N ILE J 72 72.91 -8.03 25.42
CA ILE J 72 71.47 -8.21 25.41
C ILE J 72 71.06 -9.22 26.47
N LEU J 73 71.73 -10.36 26.53
CA LEU J 73 71.43 -11.33 27.57
C LEU J 73 71.66 -10.74 28.94
N ARG J 74 72.72 -9.94 29.11
CA ARG J 74 72.99 -9.36 30.41
C ARG J 74 71.82 -8.49 30.87
N LEU J 75 71.38 -7.57 30.00
CA LEU J 75 70.26 -6.72 30.35
C LEU J 75 69.01 -7.54 30.62
N ILE J 76 68.74 -8.53 29.77
CA ILE J 76 67.52 -9.33 29.94
C ILE J 76 67.54 -10.03 31.29
N ALA J 77 68.68 -10.62 31.66
CA ALA J 77 68.76 -11.35 32.91
C ALA J 77 68.57 -10.42 34.09
N GLU J 78 69.25 -9.28 34.09
CA GLU J 78 69.01 -8.29 35.14
C GLU J 78 67.54 -7.95 35.21
N LYS J 79 66.91 -7.76 34.06
CA LYS J 79 65.52 -7.32 34.01
C LYS J 79 64.57 -8.36 34.58
N PHE J 80 64.85 -9.65 34.35
CA PHE J 80 63.88 -10.69 34.65
C PHE J 80 64.27 -11.57 35.84
N ILE J 81 65.41 -12.23 35.80
CA ILE J 81 65.70 -13.33 36.71
C ILE J 81 66.34 -12.82 38.00
N LYS J 82 66.03 -13.51 39.09
CA LYS J 82 66.69 -13.31 40.37
C LYS J 82 66.92 -14.67 41.04
N ASN J 83 67.91 -14.76 41.92
CA ASN J 83 68.26 -16.00 42.60
C ASN J 83 67.50 -16.08 43.91
N GLU J 84 66.63 -17.08 44.03
CA GLU J 84 65.74 -17.15 45.18
C GLU J 84 65.70 -18.56 45.75
N LYS J 85 65.88 -18.67 47.06
CA LYS J 85 65.67 -19.92 47.78
C LYS J 85 66.54 -21.04 47.23
N GLY J 86 66.07 -21.70 46.18
CA GLY J 86 66.79 -22.79 45.57
C GLY J 86 66.99 -22.52 44.10
N GLY J 87 68.23 -22.31 43.69
CA GLY J 87 68.52 -22.01 42.32
C GLY J 87 67.95 -20.67 41.92
N PRO J 88 67.91 -20.39 40.63
CA PRO J 88 67.34 -19.13 40.17
C PRO J 88 65.84 -19.18 39.93
N LYS J 89 65.16 -18.10 40.32
CA LYS J 89 63.71 -18.07 40.24
C LYS J 89 63.24 -16.71 39.77
N ILE J 90 62.06 -16.71 39.18
CA ILE J 90 61.55 -15.59 38.42
C ILE J 90 60.78 -14.64 39.33
N ASP J 91 61.11 -13.36 39.24
CA ASP J 91 60.25 -12.35 39.82
C ASP J 91 58.86 -12.45 39.19
N LEU J 92 57.86 -12.64 40.05
CA LEU J 92 56.54 -13.03 39.54
C LEU J 92 55.98 -12.08 38.51
N PRO J 93 55.98 -10.75 38.70
CA PRO J 93 55.23 -9.88 37.78
C PRO J 93 55.62 -10.03 36.33
N MET J 94 56.84 -10.48 36.01
CA MET J 94 57.30 -10.52 34.63
C MET J 94 57.23 -11.91 34.02
N PHE J 95 56.56 -12.86 34.68
CA PHE J 95 56.50 -14.22 34.16
C PHE J 95 55.85 -14.26 32.79
N SER J 96 54.64 -13.73 32.68
CA SER J 96 53.93 -13.68 31.40
C SER J 96 54.81 -13.06 30.33
N GLU J 97 55.46 -11.95 30.66
CA GLU J 97 56.33 -11.27 29.70
C GLU J 97 57.45 -12.19 29.27
N TRP J 98 57.98 -13.00 30.19
CA TRP J 98 58.87 -14.06 29.73
C TRP J 98 58.20 -14.88 28.65
N GLN J 99 57.10 -15.56 28.98
CA GLN J 99 56.59 -16.53 28.00
C GLN J 99 56.37 -15.85 26.67
N THR J 100 56.01 -14.58 26.68
CA THR J 100 56.09 -13.80 25.47
C THR J 100 57.47 -13.93 24.84
N LEU J 101 58.52 -13.70 25.62
CA LEU J 101 59.88 -13.80 25.08
C LEU J 101 60.18 -15.21 24.60
N MET J 102 59.98 -16.19 25.47
CA MET J 102 60.25 -17.59 25.14
C MET J 102 59.58 -18.01 23.85
N SER J 103 58.39 -17.48 23.57
CA SER J 103 57.75 -17.72 22.28
C SER J 103 58.70 -17.46 21.12
N ARG J 104 59.76 -16.69 21.34
CA ARG J 104 60.67 -16.33 20.28
C ARG J 104 62.13 -16.63 20.59
N VAL J 105 62.48 -16.85 21.85
CA VAL J 105 63.87 -16.99 22.28
C VAL J 105 64.02 -18.20 23.17
N SER J 106 65.27 -18.63 23.33
CA SER J 106 65.62 -19.70 24.26
C SER J 106 66.31 -19.14 25.49
N CYS J 107 66.05 -19.80 26.63
CA CYS J 107 66.53 -19.31 27.92
C CYS J 107 67.87 -19.89 28.33
N LEU J 108 68.42 -20.83 27.56
CA LEU J 108 69.74 -21.34 27.91
C LEU J 108 70.76 -20.20 28.03
N PRO J 109 70.91 -19.34 27.02
CA PRO J 109 71.91 -18.27 27.14
C PRO J 109 71.61 -17.34 28.29
N ILE J 110 70.35 -16.98 28.51
CA ILE J 110 70.03 -15.99 29.53
C ILE J 110 70.29 -16.56 30.91
N ILE J 111 69.87 -17.81 31.15
CA ILE J 111 70.11 -18.43 32.43
C ILE J 111 71.59 -18.55 32.70
N ALA J 112 72.36 -18.94 31.69
CA ALA J 112 73.81 -19.02 31.87
C ALA J 112 74.39 -17.65 32.17
N CYS J 113 73.89 -16.61 31.50
CA CYS J 113 74.42 -15.27 31.73
C CYS J 113 74.17 -14.83 33.16
N HIS J 114 72.99 -15.14 33.70
CA HIS J 114 72.76 -14.86 35.11
C HIS J 114 73.70 -15.67 35.98
N GLN J 115 73.85 -16.96 35.68
CA GLN J 115 74.80 -17.78 36.43
C GLN J 115 76.17 -17.14 36.44
N VAL J 116 76.54 -16.47 35.37
CA VAL J 116 77.87 -15.91 35.25
C VAL J 116 77.98 -14.60 36.01
N PHE J 117 77.15 -13.63 35.68
CA PHE J 117 77.32 -12.25 36.13
C PHE J 117 76.55 -11.95 37.41
N ASN J 118 75.79 -12.91 37.92
CA ASN J 118 75.11 -12.75 39.19
C ASN J 118 74.85 -14.13 39.77
N PRO J 119 75.90 -14.92 40.00
CA PRO J 119 75.69 -16.27 40.53
C PRO J 119 75.10 -16.23 41.93
N GLY J 120 74.40 -17.31 42.26
CA GLY J 120 73.84 -17.46 43.58
C GLY J 120 74.90 -17.84 44.58
N PRO J 121 74.49 -18.11 45.82
CA PRO J 121 75.48 -18.51 46.84
C PRO J 121 76.30 -19.68 46.35
N ALA J 122 77.61 -19.61 46.60
CA ALA J 122 78.52 -20.64 46.11
C ALA J 122 78.44 -21.87 47.01
N SER J 123 77.22 -22.37 47.21
CA SER J 123 76.98 -23.55 48.02
C SER J 123 76.05 -24.56 47.35
N GLN J 124 75.20 -24.13 46.43
CA GLN J 124 74.25 -25.00 45.76
C GLN J 124 74.73 -25.18 44.32
N GLU J 125 75.41 -26.29 44.05
CA GLU J 125 75.84 -26.59 42.70
C GLU J 125 74.64 -26.51 41.76
N TYR J 126 74.72 -25.64 40.76
CA TYR J 126 73.59 -25.44 39.86
C TYR J 126 73.65 -26.46 38.73
N SER J 127 72.88 -27.54 38.86
CA SER J 127 72.66 -28.48 37.77
C SER J 127 71.56 -27.91 36.89
N PHE J 128 71.92 -27.50 35.69
CA PHE J 128 70.96 -26.78 34.86
C PHE J 128 69.72 -27.62 34.63
N ARG J 129 68.56 -27.01 34.85
CA ARG J 129 67.27 -27.64 34.66
C ARG J 129 66.36 -26.64 33.98
N TRP J 130 65.54 -27.12 33.06
CA TRP J 130 64.57 -26.25 32.41
C TRP J 130 63.17 -26.85 32.53
N PRO J 131 62.12 -26.05 32.38
CA PRO J 131 62.21 -24.59 32.31
C PRO J 131 62.43 -23.99 33.69
N LEU J 132 62.53 -22.67 33.71
CA LEU J 132 62.71 -21.95 34.95
C LEU J 132 61.34 -21.54 35.49
N TYR J 133 61.24 -21.35 36.79
CA TYR J 133 59.95 -21.10 37.42
C TYR J 133 60.00 -19.93 38.39
N PRO J 134 58.88 -19.30 38.66
CA PRO J 134 58.80 -18.34 39.77
C PRO J 134 58.61 -19.09 41.08
N TYR J 135 58.38 -18.33 42.14
CA TYR J 135 58.24 -18.88 43.48
C TYR J 135 56.93 -18.45 44.11
N HIS J 136 56.22 -19.41 44.68
CA HIS J 136 55.20 -19.05 45.65
C HIS J 136 55.01 -20.17 46.65
N PRO J 137 55.19 -19.90 47.95
CA PRO J 137 55.22 -20.99 48.92
C PRO J 137 54.00 -21.90 48.85
N THR J 138 52.82 -21.31 48.73
CA THR J 138 51.61 -22.12 48.64
C THR J 138 51.66 -23.01 47.41
N VAL J 139 52.13 -22.45 46.29
CA VAL J 139 52.22 -23.22 45.07
C VAL J 139 53.11 -24.43 45.26
N GLU J 140 54.31 -24.22 45.78
CA GLU J 140 55.24 -25.33 45.90
C GLU J 140 54.76 -26.35 46.92
N ASP J 141 54.12 -25.88 48.00
CA ASP J 141 53.58 -26.81 48.98
C ASP J 141 52.50 -27.68 48.37
N TYR J 142 51.59 -27.08 47.60
CA TYR J 142 50.58 -27.89 46.93
C TYR J 142 51.21 -28.87 45.98
N ILE J 143 52.22 -28.43 45.23
CA ILE J 143 52.90 -29.35 44.31
C ILE J 143 53.45 -30.53 45.07
N THR J 144 54.14 -30.26 46.17
CA THR J 144 54.75 -31.33 46.95
C THR J 144 53.71 -32.26 47.52
N ARG J 145 52.61 -31.70 48.03
CA ARG J 145 51.60 -32.52 48.70
C ARG J 145 50.81 -33.35 47.71
N GLU J 146 50.53 -32.79 46.53
CA GLU J 146 49.59 -33.38 45.60
C GLU J 146 50.18 -33.68 44.23
N CYS J 147 51.33 -33.08 43.87
CA CYS J 147 51.97 -33.35 42.60
C CYS J 147 51.08 -32.95 41.43
N LEU J 148 51.64 -32.98 40.23
CA LEU J 148 50.92 -32.59 39.03
C LEU J 148 50.58 -33.82 38.20
N HIS J 149 49.79 -33.60 37.15
CA HIS J 149 49.30 -34.67 36.29
C HIS J 149 49.27 -34.18 34.85
N GLU J 150 50.04 -34.86 34.00
CA GLU J 150 50.12 -34.52 32.58
C GLU J 150 49.11 -35.36 31.81
N THR J 151 48.20 -34.68 31.12
CA THR J 151 47.11 -35.35 30.44
C THR J 151 46.88 -34.83 29.03
N HIS J 152 47.78 -33.99 28.50
CA HIS J 152 47.74 -33.62 27.08
C HIS J 152 49.15 -33.14 26.70
N GLN J 153 49.93 -34.04 26.09
CA GLN J 153 51.31 -33.73 25.67
C GLN J 153 51.55 -34.37 24.30
N HIS J 154 51.33 -33.59 23.23
CA HIS J 154 51.48 -34.12 21.88
C HIS J 154 52.07 -33.12 20.89
N LEU J 155 52.60 -31.99 21.33
CA LEU J 155 52.90 -30.93 20.37
C LEU J 155 54.07 -31.28 19.47
N ASN J 156 55.25 -31.46 20.04
CA ASN J 156 56.46 -31.76 19.29
C ASN J 156 56.89 -33.14 19.75
N GLY J 157 56.31 -34.17 19.13
CA GLY J 157 56.44 -35.50 19.69
C GLY J 157 55.91 -35.46 21.10
N SER J 158 56.82 -35.55 22.08
CA SER J 158 56.46 -35.24 23.46
C SER J 158 57.56 -34.46 24.17
N THR J 159 58.56 -33.96 23.45
CA THR J 159 59.65 -33.20 24.02
C THR J 159 59.65 -31.76 23.52
N SER J 160 60.44 -30.92 24.18
CA SER J 160 60.55 -29.54 23.79
C SER J 160 61.43 -29.38 22.55
N ALA J 161 61.31 -28.21 21.93
CA ALA J 161 62.12 -27.91 20.75
C ALA J 161 63.59 -27.66 21.08
N GLU J 162 63.87 -27.04 22.23
CA GLU J 162 65.26 -26.71 22.54
C GLU J 162 66.16 -27.92 22.43
N GLU J 163 65.78 -29.04 23.03
CA GLU J 163 66.53 -30.28 22.85
C GLU J 163 66.48 -30.77 21.42
N CYS J 164 65.37 -30.51 20.71
CA CYS J 164 65.31 -30.91 19.31
C CYS J 164 66.38 -30.19 18.50
N TRP J 165 66.74 -28.97 18.90
CA TRP J 165 67.87 -28.30 18.27
C TRP J 165 69.15 -29.12 18.41
N LEU J 166 69.44 -29.59 19.61
CA LEU J 166 70.65 -30.38 19.78
C LEU J 166 70.55 -31.70 19.04
N ASP J 167 69.35 -32.28 18.97
CA ASP J 167 69.16 -33.46 18.14
C ASP J 167 69.49 -33.18 16.69
N ALA J 168 69.06 -32.02 16.18
CA ALA J 168 69.37 -31.64 14.81
C ALA J 168 70.88 -31.52 14.62
N LEU J 169 71.55 -30.81 15.52
CA LEU J 169 73.00 -30.67 15.40
C LEU J 169 73.69 -32.01 15.49
N LYS J 170 73.10 -32.97 16.23
CA LYS J 170 73.67 -34.31 16.28
C LYS J 170 73.46 -35.04 14.96
N HIS J 171 72.32 -34.82 14.32
CA HIS J 171 71.98 -35.46 13.05
C HIS J 171 71.59 -34.40 12.03
N PRO J 172 72.52 -33.50 11.70
CA PRO J 172 72.18 -32.45 10.72
C PRO J 172 71.72 -33.01 9.40
N GLU J 173 72.33 -34.11 8.97
CA GLU J 173 71.88 -34.79 7.76
C GLU J 173 70.44 -35.25 7.89
N ALA J 174 70.06 -35.80 9.04
CA ALA J 174 68.72 -36.35 9.19
C ALA J 174 67.66 -35.25 9.17
N CYS J 175 67.88 -34.20 9.96
CA CYS J 175 66.92 -33.10 9.97
C CYS J 175 66.82 -32.48 8.59
N LEU J 176 67.96 -32.36 7.90
CA LEU J 176 67.91 -31.92 6.51
C LEU J 176 66.99 -32.81 5.69
N ARG J 177 67.40 -34.07 5.50
CA ARG J 177 66.63 -35.00 4.68
C ARG J 177 65.14 -34.89 4.97
N ASP J 178 64.77 -34.89 6.24
CA ASP J 178 63.36 -34.80 6.59
C ASP J 178 62.79 -33.46 6.16
N PHE J 179 63.58 -32.38 6.27
CA PHE J 179 63.06 -31.09 5.85
C PHE J 179 62.69 -31.12 4.38
N GLU J 180 63.61 -31.58 3.53
CA GLU J 180 63.27 -31.68 2.11
C GLU J 180 62.05 -32.55 1.90
N LYS J 181 61.98 -33.69 2.58
CA LYS J 181 60.81 -34.54 2.48
C LYS J 181 59.68 -33.82 3.20
N GLY J 182 59.08 -32.86 2.50
CA GLY J 182 58.13 -31.95 3.08
C GLY J 182 58.30 -30.57 2.49
N TRP J 183 59.52 -30.24 2.07
CA TRP J 183 59.72 -29.00 1.32
C TRP J 183 58.97 -29.01 0.00
N ALA J 184 58.72 -30.19 -0.56
CA ALA J 184 57.83 -30.28 -1.71
C ALA J 184 56.38 -29.98 -1.34
N SER J 185 56.03 -30.12 -0.06
CA SER J 185 54.66 -29.86 0.37
C SER J 185 54.38 -28.37 0.40
N GLN J 186 53.24 -27.98 -0.18
CA GLN J 186 52.90 -26.57 -0.25
C GLN J 186 52.78 -25.97 1.14
N GLU J 187 52.13 -26.69 2.05
CA GLU J 187 51.91 -26.17 3.39
C GLU J 187 53.24 -25.73 4.01
N MET J 188 54.22 -26.62 4.00
CA MET J 188 55.52 -26.25 4.53
C MET J 188 56.17 -25.19 3.68
N LYS J 189 55.95 -25.24 2.36
CA LYS J 189 56.44 -24.17 1.50
C LYS J 189 55.88 -22.83 1.93
N GLN J 190 54.56 -22.76 2.12
CA GLN J 190 53.94 -21.50 2.51
C GLN J 190 54.45 -21.02 3.86
N LEU J 191 54.55 -21.94 4.83
CA LEU J 191 55.02 -21.55 6.14
C LEU J 191 56.46 -21.07 6.09
N CYS J 192 57.31 -21.74 5.31
CA CYS J 192 58.70 -21.33 5.18
C CYS J 192 58.80 -19.97 4.54
N ALA J 193 58.02 -19.72 3.48
CA ALA J 193 58.00 -18.39 2.90
C ALA J 193 57.55 -17.36 3.92
N GLN J 194 56.55 -17.72 4.73
CA GLN J 194 56.04 -16.82 5.76
C GLN J 194 57.11 -16.45 6.77
N ILE J 195 57.87 -17.43 7.23
CA ILE J 195 58.86 -17.18 8.28
C ILE J 195 60.12 -16.55 7.67
N ASP J 196 60.78 -17.28 6.78
CA ASP J 196 61.93 -16.77 6.04
C ASP J 196 61.62 -16.94 4.55
N PRO J 197 61.33 -15.86 3.83
CA PRO J 197 60.93 -16.02 2.42
C PRO J 197 61.85 -16.92 1.62
N SER J 198 63.14 -16.58 1.54
CA SER J 198 64.09 -17.34 0.73
C SER J 198 64.84 -18.35 1.60
N LEU J 199 64.09 -19.31 2.14
CA LEU J 199 64.69 -20.21 3.14
C LEU J 199 65.48 -21.33 2.47
N THR J 200 64.79 -22.22 1.75
CA THR J 200 65.36 -23.21 0.85
C THR J 200 66.32 -24.19 1.50
N PRO J 201 66.40 -25.42 0.99
CA PRO J 201 67.18 -26.46 1.68
C PRO J 201 68.67 -26.20 1.68
N ARG J 202 69.20 -25.56 0.65
CA ARG J 202 70.65 -25.35 0.61
C ARG J 202 71.09 -24.37 1.68
N ILE J 203 70.42 -23.22 1.79
CA ILE J 203 70.76 -22.31 2.87
C ILE J 203 70.41 -22.94 4.20
N PHE J 204 69.42 -23.81 4.23
CA PHE J 204 69.10 -24.57 5.44
C PHE J 204 70.30 -25.38 5.92
N LYS J 205 70.84 -26.21 5.04
CA LYS J 205 71.99 -27.05 5.39
C LYS J 205 73.20 -26.17 5.66
N ASP J 206 73.26 -25.03 4.95
CA ASP J 206 74.32 -24.04 5.20
C ASP J 206 74.27 -23.56 6.64
N ARG J 207 73.09 -23.13 7.10
CA ARG J 207 73.03 -22.56 8.43
C ARG J 207 73.29 -23.63 9.46
N LEU J 208 72.85 -24.87 9.19
CA LEU J 208 73.20 -25.96 10.11
C LEU J 208 74.71 -26.09 10.24
N GLN J 209 75.41 -26.13 9.10
CA GLN J 209 76.86 -26.26 9.16
C GLN J 209 77.49 -25.07 9.88
N ILE J 210 77.01 -23.87 9.57
CA ILE J 210 77.59 -22.67 10.16
C ILE J 210 77.39 -22.69 11.66
N ALA J 211 76.20 -23.09 12.11
CA ALA J 211 75.96 -23.19 13.55
C ALA J 211 76.91 -24.17 14.19
N CYS J 212 77.05 -25.36 13.59
CA CYS J 212 77.95 -26.36 14.16
C CYS J 212 79.37 -25.81 14.25
N ASN J 213 79.82 -25.15 13.19
CA ASN J 213 81.20 -24.69 13.13
C ASN J 213 81.44 -23.56 14.11
N ILE J 214 80.49 -22.63 14.22
CA ILE J 214 80.58 -21.58 15.23
C ILE J 214 80.65 -22.20 16.61
N ARG J 215 79.82 -23.20 16.88
CA ARG J 215 79.82 -23.79 18.20
C ARG J 215 81.18 -24.41 18.49
N GLU J 216 81.77 -25.07 17.49
CA GLU J 216 83.07 -25.71 17.70
C GLU J 216 84.16 -24.69 17.95
N ILE J 217 84.24 -23.66 17.10
CA ILE J 217 85.30 -22.67 17.26
C ILE J 217 85.14 -21.93 18.58
N LEU J 218 83.90 -21.65 18.96
CA LEU J 218 83.68 -20.98 20.23
C LEU J 218 83.92 -21.93 21.39
N CYS J 219 83.80 -23.23 21.17
CA CYS J 219 84.30 -24.19 22.14
C CYS J 219 85.79 -24.03 22.32
N ARG J 220 86.50 -23.86 21.20
CA ARG J 220 87.94 -23.69 21.29
C ARG J 220 88.30 -22.44 22.07
N VAL J 221 87.63 -21.32 21.78
CA VAL J 221 87.97 -20.10 22.49
C VAL J 221 87.56 -20.20 23.97
N ALA J 222 86.39 -20.79 24.26
CA ALA J 222 85.97 -20.92 25.65
C ALA J 222 86.94 -21.78 26.45
N GLN J 223 87.35 -22.92 25.89
CA GLN J 223 88.42 -23.69 26.50
C GLN J 223 89.75 -22.95 26.48
N GLY J 224 89.84 -21.87 25.70
CA GLY J 224 91.03 -21.05 25.66
C GLY J 224 92.22 -21.84 25.16
N VAL J 225 92.04 -22.52 24.04
CA VAL J 225 93.08 -23.40 23.49
C VAL J 225 93.57 -22.76 22.19
N GLU J 226 94.54 -21.86 22.34
CA GLU J 226 95.49 -21.51 21.29
C GLU J 226 94.88 -20.92 20.02
N LEU J 227 93.56 -20.74 19.96
CA LEU J 227 92.93 -20.05 18.82
C LEU J 227 93.53 -20.52 17.50
N PRO J 228 93.15 -21.71 17.00
CA PRO J 228 93.83 -22.29 15.83
C PRO J 228 94.08 -21.28 14.71
N GLU J 229 95.13 -21.53 13.92
CA GLU J 229 95.61 -20.52 12.99
C GLU J 229 94.60 -20.23 11.89
N TRP J 230 93.93 -21.25 11.38
CA TRP J 230 92.99 -21.05 10.28
C TRP J 230 91.89 -20.04 10.57
N ILE J 231 91.77 -19.56 11.81
CA ILE J 231 90.83 -18.49 12.08
C ILE J 231 91.16 -17.26 11.25
N ALA J 232 92.45 -16.98 11.04
CA ALA J 232 92.84 -15.84 10.22
C ALA J 232 92.27 -15.97 8.82
N SER J 233 92.33 -17.16 8.23
CA SER J 233 91.69 -17.37 6.93
C SER J 233 90.18 -17.26 7.05
N MET J 234 89.62 -17.69 8.18
CA MET J 234 88.19 -17.56 8.43
C MET J 234 87.87 -16.07 8.48
N GLN J 235 87.19 -15.56 7.44
CA GLN J 235 87.04 -14.12 7.25
C GLN J 235 85.60 -13.66 7.09
N ASN J 236 84.71 -14.46 6.49
CA ASN J 236 83.30 -14.14 6.54
C ASN J 236 82.54 -15.40 6.92
N PRO J 237 81.41 -15.28 7.59
CA PRO J 237 80.81 -16.46 8.21
C PRO J 237 80.51 -17.56 7.21
N GLN J 238 80.36 -17.18 5.94
CA GLN J 238 79.94 -18.14 4.93
C GLN J 238 80.88 -19.33 4.83
N GLN J 239 82.18 -19.17 5.10
CA GLN J 239 83.05 -20.33 5.04
C GLN J 239 82.63 -21.40 6.03
N LEU J 240 81.92 -21.00 7.09
CA LEU J 240 81.43 -21.96 8.08
C LEU J 240 80.35 -22.87 7.54
N ALA J 241 79.84 -22.61 6.34
CA ALA J 241 78.85 -23.49 5.74
C ALA J 241 79.45 -24.81 5.26
N ASN J 242 80.77 -24.93 5.24
CA ASN J 242 81.44 -26.12 4.74
C ASN J 242 82.01 -26.94 5.88
N SER J 243 82.17 -28.24 5.64
CA SER J 243 82.66 -29.14 6.68
C SER J 243 84.15 -28.95 6.97
N THR J 244 84.91 -28.37 6.04
CA THR J 244 86.32 -28.08 6.26
C THR J 244 86.62 -26.70 5.73
N ILE J 245 87.69 -26.10 6.26
CA ILE J 245 88.13 -24.76 5.85
C ILE J 245 89.48 -24.88 5.18
N LEU J 246 89.74 -23.96 4.25
CA LEU J 246 90.97 -23.94 3.47
C LEU J 246 91.79 -22.72 3.88
N HIS J 247 92.92 -22.95 4.53
CA HIS J 247 93.78 -21.85 4.97
C HIS J 247 94.86 -21.58 3.92
N ASN J 248 95.73 -22.55 3.68
CA ASN J 248 96.73 -22.47 2.60
C ASN J 248 96.90 -23.88 2.05
N GLY J 249 96.08 -24.23 1.05
CA GLY J 249 96.19 -25.52 0.39
C GLY J 249 95.58 -26.66 1.18
N ARG J 250 95.59 -26.56 2.50
CA ARG J 250 95.09 -27.61 3.37
C ARG J 250 93.62 -27.41 3.66
N GLU J 251 92.95 -28.51 4.00
CA GLU J 251 91.55 -28.50 4.43
C GLU J 251 91.53 -28.90 5.91
N TYR J 252 91.15 -27.96 6.76
CA TYR J 252 91.18 -28.18 8.20
C TYR J 252 89.78 -28.48 8.73
N GLY J 253 89.66 -29.61 9.41
CA GLY J 253 88.39 -29.99 9.98
C GLY J 253 88.05 -29.17 11.21
N PHE J 254 86.75 -28.90 11.36
CA PHE J 254 86.27 -28.06 12.45
C PHE J 254 86.12 -28.81 13.76
N ALA J 255 86.16 -30.14 13.74
CA ALA J 255 85.96 -30.91 14.95
C ALA J 255 87.10 -30.65 15.93
N THR J 256 86.79 -30.79 17.22
CA THR J 256 87.79 -30.62 18.27
C THR J 256 87.46 -31.56 19.42
N VAL J 257 88.14 -31.37 20.54
CA VAL J 257 88.03 -32.25 21.70
C VAL J 257 87.01 -31.70 22.67
N TRP J 258 86.38 -32.59 23.43
CA TRP J 258 85.30 -32.25 24.33
C TRP J 258 85.50 -32.92 25.68
N PRO J 259 85.26 -32.21 26.80
CA PRO J 259 85.37 -32.87 28.11
C PRO J 259 84.40 -34.03 28.28
N ILE J 260 83.11 -33.78 28.08
CA ILE J 260 82.10 -34.82 28.26
C ILE J 260 82.02 -35.68 27.02
N ASP J 261 81.54 -36.90 27.19
CA ASP J 261 81.42 -37.82 26.06
C ASP J 261 80.43 -37.29 25.02
N ASP J 262 79.24 -36.88 25.46
CA ASP J 262 78.19 -36.43 24.55
C ASP J 262 78.39 -34.94 24.28
N LYS J 263 78.91 -34.63 23.10
CA LYS J 263 79.16 -33.24 22.73
C LYS J 263 77.88 -32.46 22.47
N TYR J 264 76.73 -33.12 22.42
CA TYR J 264 75.47 -32.48 22.12
C TYR J 264 74.51 -32.46 23.30
N SER J 265 75.02 -32.50 24.53
CA SER J 265 74.15 -32.56 25.69
C SER J 265 73.94 -31.18 26.28
N GLN J 266 72.67 -30.87 26.55
CA GLN J 266 72.32 -29.54 27.04
C GLN J 266 73.27 -29.10 28.15
N GLU J 267 73.68 -30.02 29.02
CA GLU J 267 74.67 -29.68 30.02
C GLU J 267 75.99 -29.28 29.37
N SER J 268 76.38 -29.99 28.30
CA SER J 268 77.59 -29.62 27.60
C SER J 268 77.51 -28.19 27.09
N GLU J 269 76.44 -27.87 26.37
CA GLU J 269 76.33 -26.53 25.81
C GLU J 269 76.27 -25.49 26.92
N PHE J 270 75.52 -25.78 27.99
CA PHE J 270 75.42 -24.82 29.07
C PHE J 270 76.77 -24.52 29.70
N CYS J 271 77.49 -25.56 30.11
CA CYS J 271 78.78 -25.33 30.76
C CYS J 271 79.75 -24.63 29.80
N TRP J 272 79.76 -25.07 28.55
CA TRP J 272 80.59 -24.42 27.54
C TRP J 272 80.30 -22.92 27.46
N LEU J 273 79.08 -22.57 27.09
CA LEU J 273 78.75 -21.17 26.87
C LEU J 273 78.91 -20.36 28.16
N THR J 274 78.76 -21.02 29.31
CA THR J 274 79.06 -20.34 30.58
C THR J 274 80.52 -19.95 30.64
N GLY J 275 81.42 -20.88 30.29
CA GLY J 275 82.82 -20.55 30.26
C GLY J 275 83.12 -19.45 29.25
N LEU J 276 82.45 -19.51 28.10
CA LEU J 276 82.61 -18.46 27.09
C LEU J 276 82.28 -17.10 27.67
N LEU J 277 81.12 -17.00 28.33
CA LEU J 277 80.72 -15.73 28.93
C LEU J 277 81.71 -15.29 30.00
N GLU J 278 82.16 -16.23 30.84
CA GLU J 278 83.11 -15.86 31.88
C GLU J 278 84.38 -15.27 31.28
N LYS J 279 84.89 -15.89 30.22
CA LYS J 279 86.05 -15.33 29.55
C LYS J 279 85.76 -13.95 28.99
N TRP J 280 84.61 -13.79 28.34
CA TRP J 280 84.22 -12.50 27.76
C TRP J 280 83.60 -11.57 28.78
N ARG J 281 83.82 -11.83 30.07
CA ARG J 281 83.15 -11.07 31.12
C ARG J 281 83.28 -9.56 30.92
N PHE J 282 84.48 -9.10 30.57
CA PHE J 282 84.69 -7.66 30.44
C PHE J 282 84.58 -7.18 29.01
N ASN J 283 84.79 -8.08 28.05
CA ASN J 283 84.72 -7.72 26.65
C ASN J 283 84.82 -9.00 25.83
N ALA J 284 84.54 -8.88 24.53
CA ALA J 284 84.61 -10.01 23.63
C ALA J 284 85.17 -9.54 22.29
N PRO J 285 85.85 -10.42 21.56
CA PRO J 285 86.25 -10.05 20.21
C PRO J 285 85.04 -9.74 19.34
N GLU J 286 85.16 -8.73 18.49
CA GLU J 286 84.04 -8.35 17.65
C GLU J 286 83.59 -9.51 16.77
N GLY J 287 84.55 -10.17 16.10
CA GLY J 287 84.20 -11.26 15.21
C GLY J 287 83.58 -12.45 15.93
N LEU J 288 84.19 -12.88 17.03
CA LEU J 288 83.65 -14.03 17.75
C LEU J 288 82.29 -13.71 18.35
N GLU J 289 82.12 -12.48 18.84
CA GLU J 289 80.82 -12.08 19.37
C GLU J 289 79.76 -12.09 18.26
N ARG J 290 80.12 -11.63 17.07
CA ARG J 290 79.18 -11.71 15.96
C ARG J 290 78.88 -13.16 15.61
N LEU J 291 79.89 -14.03 15.69
CA LEU J 291 79.64 -15.45 15.47
C LEU J 291 78.64 -16.00 16.46
N LEU J 292 78.80 -15.66 17.74
CA LEU J 292 77.85 -16.11 18.74
C LEU J 292 76.46 -15.56 18.47
N TRP J 293 76.38 -14.28 18.11
CA TRP J 293 75.09 -13.68 17.79
C TRP J 293 74.41 -14.44 16.67
N ILE J 294 75.15 -14.71 15.60
CA ILE J 294 74.59 -15.42 14.45
C ILE J 294 74.16 -16.82 14.85
N TYR J 295 74.99 -17.50 15.65
CA TYR J 295 74.62 -18.81 16.16
C TYR J 295 73.26 -18.74 16.81
N LEU J 296 73.10 -17.81 17.75
CA LEU J 296 71.85 -17.68 18.50
C LEU J 296 70.68 -17.39 17.56
N LEU J 297 70.90 -16.49 16.60
CA LEU J 297 69.83 -16.14 15.66
C LEU J 297 69.36 -17.37 14.91
N ILE J 298 70.31 -18.19 14.46
CA ILE J 298 69.95 -19.41 13.75
C ILE J 298 69.16 -20.34 14.67
N GLN J 299 69.64 -20.52 15.90
CA GLN J 299 68.89 -21.32 16.86
C GLN J 299 67.44 -20.90 16.85
N ASN J 300 67.20 -19.62 17.10
CA ASN J 300 65.85 -19.15 17.33
C ASN J 300 65.03 -19.25 16.05
N GLN J 301 65.62 -18.93 14.91
CA GLN J 301 64.89 -18.98 13.66
C GLN J 301 64.41 -20.39 13.37
N TYR J 302 65.31 -21.38 13.46
CA TYR J 302 64.87 -22.74 13.21
C TYR J 302 63.89 -23.23 14.25
N LEU J 303 64.10 -22.89 15.52
CA LEU J 303 63.17 -23.39 16.53
C LEU J 303 61.78 -22.81 16.31
N THR J 304 61.70 -21.55 15.91
CA THR J 304 60.43 -20.99 15.48
C THR J 304 59.85 -21.79 14.33
N LEU J 305 60.67 -22.11 13.33
CA LEU J 305 60.22 -22.96 12.24
C LEU J 305 59.60 -24.23 12.77
N LEU J 306 60.32 -24.92 13.63
CA LEU J 306 59.91 -26.24 14.10
C LEU J 306 58.59 -26.14 14.85
N VAL J 307 58.47 -25.17 15.74
CA VAL J 307 57.23 -25.05 16.51
C VAL J 307 56.06 -24.68 15.61
N GLN J 308 56.30 -23.82 14.61
CA GLN J 308 55.25 -23.47 13.69
C GLN J 308 54.88 -24.61 12.75
N ARG J 309 55.74 -25.62 12.60
CA ARG J 309 55.41 -26.79 11.81
C ARG J 309 54.02 -27.32 12.15
N THR J 322 59.07 -37.13 10.65
CA THR J 322 58.72 -38.53 10.86
C THR J 322 59.97 -39.37 11.15
N MET J 323 61.05 -39.11 10.42
CA MET J 323 62.27 -39.89 10.59
C MET J 323 63.09 -39.36 11.76
N THR J 324 63.22 -38.04 11.86
CA THR J 324 63.76 -37.47 13.09
C THR J 324 62.95 -37.95 14.29
N GLU J 325 61.62 -38.02 14.14
CA GLU J 325 60.78 -38.55 15.21
C GLU J 325 61.16 -39.99 15.53
N LEU J 326 61.38 -40.80 14.48
CA LEU J 326 61.86 -42.16 14.68
C LEU J 326 63.14 -42.17 15.50
N ARG J 327 64.01 -41.19 15.28
CA ARG J 327 65.29 -41.16 15.98
C ARG J 327 65.14 -41.00 17.49
N GLU J 328 63.98 -40.60 17.99
CA GLU J 328 63.71 -40.63 19.42
C GLU J 328 63.14 -41.95 19.88
N GLU J 329 63.18 -42.97 19.02
CA GLU J 329 62.60 -44.28 19.33
C GLU J 329 63.56 -45.15 20.13
N THR J 330 64.55 -44.54 20.77
CA THR J 330 65.41 -45.22 21.70
C THR J 330 64.96 -44.88 23.11
N GLU J 331 65.46 -45.65 24.08
CA GLU J 331 65.11 -45.41 25.48
C GLU J 331 66.03 -44.36 26.08
N LYS J 332 66.21 -43.25 25.36
CA LYS J 332 67.03 -42.14 25.80
C LYS J 332 66.23 -40.85 25.92
N SER J 333 65.56 -40.45 24.84
CA SER J 333 64.70 -39.28 24.90
C SER J 333 63.61 -39.45 25.94
N TYR J 334 63.08 -40.67 26.05
CA TYR J 334 61.95 -40.91 26.93
C TYR J 334 62.40 -40.97 28.38
N LEU J 335 63.57 -41.55 28.61
CA LEU J 335 64.19 -41.48 29.94
C LEU J 335 64.43 -40.04 30.34
N SER J 336 64.91 -39.23 29.40
CA SER J 336 65.06 -37.80 29.67
C SER J 336 63.72 -37.17 29.99
N ARG J 337 62.68 -37.52 29.24
CA ARG J 337 61.35 -36.99 29.48
C ARG J 337 60.93 -37.29 30.92
N PHE J 338 61.17 -38.50 31.37
CA PHE J 338 60.74 -38.90 32.70
C PHE J 338 61.56 -38.18 33.76
N LYS J 339 62.88 -38.15 33.57
CA LYS J 339 63.73 -37.41 34.49
C LYS J 339 63.32 -35.95 34.57
N HIS J 340 62.76 -35.43 33.49
CA HIS J 340 62.39 -34.02 33.47
C HIS J 340 61.04 -33.80 34.15
N ALA J 341 60.07 -34.65 33.84
CA ALA J 341 58.81 -34.61 34.58
C ALA J 341 59.07 -34.66 36.08
N HIS J 342 59.95 -35.57 36.50
CA HIS J 342 60.46 -35.52 37.85
C HIS J 342 61.40 -34.33 37.97
N GLY J 343 61.48 -33.76 39.18
CA GLY J 343 62.42 -32.69 39.42
C GLY J 343 63.72 -33.19 40.01
N ALA J 344 64.52 -32.29 40.57
CA ALA J 344 65.73 -32.68 41.28
C ALA J 344 65.42 -33.35 42.62
N GLY J 345 64.16 -33.32 43.05
CA GLY J 345 63.77 -33.94 44.30
C GLY J 345 63.53 -35.42 44.15
N VAL J 346 63.47 -36.09 45.30
CA VAL J 346 63.30 -37.54 45.31
C VAL J 346 61.92 -37.94 44.83
N TYR J 347 60.92 -37.10 45.10
CA TYR J 347 59.54 -37.38 44.76
C TYR J 347 59.17 -36.65 43.48
N SER J 348 58.50 -37.36 42.57
CA SER J 348 58.19 -36.78 41.27
C SER J 348 57.10 -35.73 41.40
N GLN J 349 57.40 -34.52 40.95
CA GLN J 349 56.42 -33.44 41.01
C GLN J 349 55.16 -33.80 40.24
N VAL J 350 55.29 -34.60 39.19
CA VAL J 350 54.16 -35.10 38.42
C VAL J 350 53.85 -36.50 38.93
N ARG J 351 52.58 -36.74 39.25
CA ARG J 351 52.15 -38.05 39.73
C ARG J 351 51.73 -38.95 38.57
N TYR J 352 50.86 -38.43 37.71
CA TYR J 352 50.17 -39.23 36.70
C TYR J 352 50.49 -38.63 35.34
N LEU J 353 51.29 -39.34 34.54
CA LEU J 353 51.70 -38.89 33.22
C LEU J 353 51.01 -39.71 32.16
N GLU J 354 50.56 -39.06 31.10
CA GLU J 354 50.22 -39.75 29.86
C GLU J 354 51.32 -39.44 28.84
N GLY J 355 51.84 -40.49 28.21
CA GLY J 355 52.75 -40.79 27.12
C GLY J 355 51.96 -41.09 25.87
N ARG J 356 51.83 -40.09 25.00
CA ARG J 356 51.08 -40.24 23.76
C ARG J 356 52.07 -40.38 22.62
N PHE J 357 51.86 -41.37 21.78
CA PHE J 357 52.83 -41.73 20.76
C PHE J 357 52.11 -42.09 19.47
N ALA J 358 52.83 -41.99 18.36
CA ALA J 358 52.24 -42.30 17.07
C ALA J 358 52.34 -43.80 16.79
N PRO J 359 51.23 -44.50 16.55
CA PRO J 359 51.34 -45.88 16.08
C PRO J 359 51.81 -45.94 14.64
N LYS J 360 52.61 -46.96 14.33
CA LYS J 360 53.24 -47.07 13.02
C LYS J 360 52.75 -48.31 12.29
N SER J 361 52.58 -48.18 10.97
CA SER J 361 51.97 -49.23 10.18
C SER J 361 52.75 -50.54 10.20
N ASP J 362 54.02 -50.51 10.58
CA ASP J 362 54.81 -51.72 10.69
C ASP J 362 54.66 -52.29 12.10
N PRO J 363 54.22 -53.54 12.25
CA PRO J 363 54.20 -54.13 13.61
C PRO J 363 55.56 -54.11 14.28
N ASN J 364 56.61 -54.37 13.52
CA ASN J 364 57.95 -54.36 14.09
C ASN J 364 58.29 -52.99 14.64
N LYS J 365 57.91 -51.94 13.90
CA LYS J 365 58.23 -50.59 14.36
C LYS J 365 57.36 -50.19 15.55
N MET J 366 56.09 -50.60 15.56
CA MET J 366 55.29 -50.37 16.77
C MET J 366 55.93 -51.02 17.97
N GLN J 367 56.29 -52.30 17.87
CA GLN J 367 56.82 -53.00 19.04
C GLN J 367 58.17 -52.44 19.42
N LYS J 368 58.96 -52.00 18.44
CA LYS J 368 60.20 -51.29 18.74
C LYS J 368 59.92 -50.05 19.57
N LEU J 369 58.97 -49.24 19.12
CA LEU J 369 58.60 -48.03 19.87
C LEU J 369 58.14 -48.40 21.29
N LEU J 370 57.32 -49.44 21.39
CA LEU J 370 56.75 -49.81 22.68
C LEU J 370 57.83 -50.29 23.62
N PHE J 371 58.76 -51.10 23.11
CA PHE J 371 59.89 -51.55 23.91
C PHE J 371 60.72 -50.35 24.35
N SER J 372 60.94 -49.40 23.44
CA SER J 372 61.71 -48.21 23.79
C SER J 372 61.07 -47.48 24.97
N VAL J 373 59.79 -47.16 24.84
CA VAL J 373 59.12 -46.39 25.89
C VAL J 373 59.11 -47.16 27.20
N LEU J 374 58.78 -48.46 27.12
CA LEU J 374 58.59 -49.23 28.33
C LEU J 374 59.91 -49.43 29.06
N ARG J 375 60.97 -49.72 28.31
CA ARG J 375 62.28 -49.90 28.93
C ARG J 375 62.80 -48.57 29.47
N GLY J 376 62.54 -47.47 28.77
CA GLY J 376 62.89 -46.17 29.32
C GLY J 376 62.23 -45.94 30.66
N TYR J 377 60.93 -46.26 30.75
CA TYR J 377 60.23 -46.11 32.02
C TYR J 377 60.81 -47.01 33.09
N TRP J 378 61.13 -48.25 32.74
CA TRP J 378 61.70 -49.17 33.72
C TRP J 378 63.02 -48.66 34.24
N GLU J 379 63.88 -48.16 33.34
CA GLU J 379 65.15 -47.59 33.76
C GLU J 379 64.94 -46.37 34.65
N TYR J 380 63.97 -45.52 34.28
CA TYR J 380 63.62 -44.39 35.12
C TYR J 380 63.30 -44.85 36.54
N LEU J 381 62.44 -45.85 36.68
CA LEU J 381 62.06 -46.29 38.01
C LEU J 381 63.25 -46.90 38.74
N SER J 382 64.08 -47.65 38.02
CA SER J 382 65.29 -48.22 38.61
C SER J 382 66.20 -47.12 39.15
N ALA J 383 66.24 -45.99 38.47
CA ALA J 383 67.08 -44.87 38.88
C ALA J 383 66.62 -44.24 40.19
N HIS J 384 65.42 -44.59 40.67
CA HIS J 384 64.87 -43.98 41.87
C HIS J 384 64.61 -44.96 43.00
N MET J 385 64.25 -46.21 42.70
CA MET J 385 63.86 -47.16 43.72
C MET J 385 64.58 -48.48 43.49
N SER J 386 64.80 -49.21 44.58
CA SER J 386 65.60 -50.43 44.56
C SER J 386 64.69 -51.62 44.86
N MET J 387 64.78 -52.65 44.02
CA MET J 387 63.99 -53.86 44.22
C MET J 387 64.62 -54.99 43.40
N GLU J 388 64.09 -56.19 43.61
CA GLU J 388 64.49 -57.34 42.80
C GLU J 388 63.85 -57.23 41.43
N TRP J 389 64.66 -57.07 40.40
CA TRP J 389 64.18 -56.74 39.07
C TRP J 389 64.10 -57.95 38.14
N VAL J 390 64.25 -59.16 38.66
CA VAL J 390 64.05 -60.37 37.86
C VAL J 390 64.96 -60.29 36.64
N HIS J 391 64.46 -59.72 35.55
CA HIS J 391 65.28 -59.41 34.39
C HIS J 391 66.03 -58.11 34.71
N GLU J 392 67.23 -58.24 35.23
CA GLU J 392 67.99 -57.04 35.59
C GLU J 392 68.34 -56.24 34.33
N LYS J 393 68.50 -56.92 33.21
CA LYS J 393 68.58 -56.30 31.88
C LYS J 393 67.49 -56.94 31.05
N PRO J 394 66.27 -56.43 31.12
CA PRO J 394 65.20 -56.99 30.29
C PRO J 394 65.42 -56.62 28.84
N LEU J 395 65.23 -57.62 27.96
CA LEU J 395 65.41 -57.42 26.52
C LEU J 395 64.12 -57.42 25.72
N THR J 396 63.04 -57.97 26.24
CA THR J 396 61.78 -58.01 25.52
C THR J 396 60.72 -57.27 26.32
N ILE J 397 59.71 -56.78 25.60
CA ILE J 397 58.58 -56.13 26.26
C ILE J 397 58.02 -57.04 27.33
N SER J 398 57.98 -58.35 27.05
CA SER J 398 57.53 -59.29 28.06
C SER J 398 58.38 -59.20 29.32
N GLN J 399 59.70 -59.23 29.16
CA GLN J 399 60.58 -59.13 30.32
C GLN J 399 60.34 -57.84 31.09
N VAL J 400 60.23 -56.72 30.37
CA VAL J 400 60.10 -55.44 31.04
C VAL J 400 58.77 -55.36 31.78
N LEU J 401 57.72 -55.91 31.17
CA LEU J 401 56.43 -55.96 31.85
C LEU J 401 56.50 -56.82 33.10
N ASP J 402 57.23 -57.93 33.02
CA ASP J 402 57.45 -58.74 34.22
C ASP J 402 58.10 -57.89 35.30
N ASN J 403 59.14 -57.15 34.94
CA ASN J 403 59.80 -56.27 35.90
C ASN J 403 58.81 -55.30 36.51
N LEU J 404 58.01 -54.66 35.66
CA LEU J 404 57.14 -53.58 36.10
C LEU J 404 55.96 -54.09 36.92
N GLU J 405 55.62 -55.37 36.77
CA GLU J 405 54.55 -55.95 37.57
C GLU J 405 54.77 -55.70 39.05
N LEU J 406 56.03 -55.64 39.49
CA LEU J 406 56.35 -55.54 40.90
C LEU J 406 56.35 -54.11 41.42
N VAL J 407 56.01 -53.14 40.58
CA VAL J 407 56.05 -51.75 40.98
C VAL J 407 54.69 -51.36 41.58
N GLU J 408 54.72 -50.80 42.78
CA GLU J 408 53.52 -50.39 43.49
C GLU J 408 53.28 -48.90 43.31
N PRO J 409 52.04 -48.45 43.13
CA PRO J 409 51.77 -47.01 43.03
C PRO J 409 51.90 -46.31 44.38
N HIS J 410 53.09 -46.39 44.96
CA HIS J 410 53.31 -45.78 46.27
C HIS J 410 53.12 -44.27 46.23
N GLY J 411 53.67 -43.61 45.21
CA GLY J 411 53.62 -42.17 45.11
C GLY J 411 54.97 -41.47 45.10
N LYS J 412 56.02 -42.10 44.60
CA LYS J 412 57.34 -41.47 44.61
C LYS J 412 57.72 -40.93 43.24
N CYS J 413 57.74 -41.79 42.23
CA CYS J 413 58.08 -41.44 40.86
C CYS J 413 56.81 -41.08 40.12
N VAL J 414 56.91 -41.01 38.79
CA VAL J 414 55.73 -40.82 37.94
C VAL J 414 55.16 -42.18 37.56
N GLU J 415 53.86 -42.22 37.24
CA GLU J 415 53.29 -43.42 36.62
C GLU J 415 52.72 -43.06 35.27
N LEU J 416 53.01 -43.90 34.28
CA LEU J 416 52.78 -43.61 32.88
C LEU J 416 51.50 -44.26 32.37
N ALA J 417 50.92 -43.65 31.34
CA ALA J 417 49.79 -44.23 30.60
C ALA J 417 50.03 -43.96 29.11
N LEU J 418 49.91 -45.01 28.29
CA LEU J 418 50.30 -44.93 26.90
C LEU J 418 49.09 -44.80 25.98
N VAL J 419 49.16 -43.85 25.05
CA VAL J 419 48.03 -43.56 24.16
C VAL J 419 48.50 -43.37 22.72
N PRO J 420 48.13 -44.26 21.81
CA PRO J 420 48.37 -43.98 20.39
C PRO J 420 47.56 -42.78 19.93
N HIS J 421 48.15 -41.98 19.04
CA HIS J 421 47.41 -40.97 18.31
C HIS J 421 46.82 -41.58 17.04
N PHE J 422 45.78 -40.92 16.52
CA PHE J 422 45.21 -41.28 15.24
C PHE J 422 45.25 -40.02 14.39
N ILE J 423 46.12 -40.01 13.39
CA ILE J 423 46.35 -38.82 12.58
C ILE J 423 45.40 -38.82 11.41
N LYS J 424 44.67 -37.73 11.23
CA LYS J 424 43.72 -37.59 10.13
C LYS J 424 44.33 -36.75 9.01
N ARG J 425 44.19 -37.25 7.78
CA ARG J 425 44.63 -36.55 6.58
C ARG J 425 43.42 -36.20 5.72
N LYS J 426 43.66 -35.38 4.71
CA LYS J 426 42.56 -34.89 3.88
C LYS J 426 42.13 -35.96 2.89
N PRO J 427 40.85 -35.97 2.50
CA PRO J 427 40.40 -36.96 1.51
C PRO J 427 41.15 -36.80 0.20
N LYS J 428 41.45 -37.93 -0.42
CA LYS J 428 42.15 -37.93 -1.69
C LYS J 428 41.16 -37.85 -2.84
N ASN J 429 41.68 -37.49 -4.02
CA ASN J 429 40.82 -37.19 -5.15
C ASN J 429 39.84 -38.32 -5.42
N GLY J 430 40.33 -39.56 -5.43
CA GLY J 430 39.50 -40.69 -5.76
C GLY J 430 39.46 -41.75 -4.68
N GLU J 431 38.25 -42.10 -4.24
CA GLU J 431 38.07 -43.19 -3.29
C GLU J 431 36.60 -43.59 -3.30
N ALA J 432 36.36 -44.88 -3.00
CA ALA J 432 35.00 -45.39 -3.02
C ALA J 432 34.08 -44.52 -2.17
N TYR J 433 34.52 -44.18 -0.97
CA TYR J 433 33.81 -43.27 -0.10
C TYR J 433 34.82 -42.33 0.52
N PRO J 434 34.39 -41.17 0.99
CA PRO J 434 35.34 -40.20 1.55
C PRO J 434 36.14 -40.83 2.68
N HIS J 435 37.42 -40.47 2.75
CA HIS J 435 38.27 -40.83 3.87
C HIS J 435 38.53 -42.33 3.92
N ALA J 436 38.33 -43.01 2.78
CA ALA J 436 38.39 -44.47 2.77
C ALA J 436 39.81 -44.96 3.01
N LEU J 437 40.80 -44.39 2.32
CA LEU J 437 42.17 -44.85 2.51
C LEU J 437 42.64 -44.55 3.92
N LEU J 438 42.27 -43.40 4.46
CA LEU J 438 42.59 -43.10 5.85
C LEU J 438 41.97 -44.15 6.76
N PHE J 439 40.73 -44.54 6.49
CA PHE J 439 40.10 -45.59 7.27
C PHE J 439 40.89 -46.89 7.17
N LYS J 440 41.32 -47.26 5.97
CA LYS J 440 42.05 -48.50 5.81
C LYS J 440 43.37 -48.47 6.58
N ASP J 441 44.07 -47.33 6.50
CA ASP J 441 45.31 -47.20 7.24
C ASP J 441 45.06 -47.29 8.74
N LEU J 442 44.03 -46.61 9.22
CA LEU J 442 43.69 -46.68 10.64
C LEU J 442 43.34 -48.10 11.04
N LYS J 443 42.60 -48.80 10.18
CA LYS J 443 42.27 -50.18 10.44
C LYS J 443 43.52 -51.03 10.56
N ASN J 444 44.48 -50.81 9.67
CA ASN J 444 45.75 -51.51 9.77
C ASN J 444 46.43 -51.24 11.10
N GLN J 445 46.54 -49.97 11.48
CA GLN J 445 47.20 -49.62 12.73
C GLN J 445 46.52 -50.31 13.89
N ALA J 446 45.19 -50.22 13.96
CA ALA J 446 44.45 -50.79 15.07
C ALA J 446 44.55 -52.30 15.09
N ALA J 447 44.53 -52.93 13.91
CA ALA J 447 44.69 -54.37 13.84
C ALA J 447 46.03 -54.78 14.44
N ILE J 448 47.09 -54.06 14.07
CA ILE J 448 48.40 -54.37 14.62
C ILE J 448 48.41 -54.19 16.13
N LEU J 449 47.82 -53.09 16.60
CA LEU J 449 47.79 -52.83 18.03
C LEU J 449 47.06 -53.93 18.77
N MET J 450 45.91 -54.34 18.26
CA MET J 450 45.14 -55.40 18.89
C MET J 450 45.88 -56.72 18.82
N ASP J 451 46.63 -56.94 17.75
CA ASP J 451 47.48 -58.12 17.69
C ASP J 451 48.48 -58.12 18.82
N MET J 452 49.11 -56.97 19.06
CA MET J 452 50.08 -56.87 20.15
C MET J 452 49.40 -57.08 21.49
N LEU J 453 48.20 -56.54 21.66
CA LEU J 453 47.46 -56.75 22.89
C LEU J 453 47.19 -58.23 23.13
N LYS J 454 46.73 -58.93 22.09
CA LYS J 454 46.51 -60.37 22.21
C LYS J 454 47.80 -61.04 22.62
N SER J 455 48.87 -60.77 21.86
CA SER J 455 50.16 -61.37 22.13
C SER J 455 50.62 -61.14 23.56
N GLU J 456 50.22 -60.02 24.16
CA GLU J 456 50.58 -59.73 25.55
C GLU J 456 49.38 -59.11 26.23
N PRO J 457 48.55 -59.93 26.88
CA PRO J 457 47.35 -59.37 27.52
C PRO J 457 47.63 -58.28 28.53
N ARG J 458 48.73 -58.37 29.27
CA ARG J 458 48.95 -57.43 30.37
C ARG J 458 49.10 -56.00 29.89
N LEU J 459 49.51 -55.79 28.63
CA LEU J 459 49.70 -54.44 28.12
C LEU J 459 48.54 -53.51 28.43
N THR J 460 47.36 -54.07 28.69
CA THR J 460 46.22 -53.24 29.05
C THR J 460 46.55 -52.25 30.16
N GLY J 461 47.29 -52.67 31.17
CA GLY J 461 47.63 -51.80 32.27
C GLY J 461 48.49 -50.63 31.92
N TRP J 462 49.04 -50.59 30.71
CA TRP J 462 49.98 -49.55 30.32
C TRP J 462 49.42 -48.76 29.15
N ILE J 463 48.75 -49.45 28.24
CA ILE J 463 48.04 -48.83 27.14
C ILE J 463 46.63 -48.59 27.63
N ARG J 464 46.35 -47.38 28.09
CA ARG J 464 45.03 -47.00 28.60
C ARG J 464 44.60 -45.74 27.86
N GLY J 465 43.98 -45.93 26.69
CA GLY J 465 43.49 -44.79 25.93
C GLY J 465 44.01 -44.72 24.51
N VAL J 466 43.15 -44.27 23.61
CA VAL J 466 43.52 -43.94 22.23
C VAL J 466 43.00 -42.55 21.95
N ASP J 467 43.85 -41.70 21.38
CA ASP J 467 43.47 -40.34 21.04
C ASP J 467 43.33 -40.19 19.53
N ALA J 468 42.39 -39.36 19.12
CA ALA J 468 42.20 -39.00 17.72
C ALA J 468 42.68 -37.56 17.54
N ALA J 469 43.86 -37.40 16.95
CA ALA J 469 44.54 -36.12 16.89
C ALA J 469 44.64 -35.63 15.44
N ALA J 470 45.31 -34.48 15.26
CA ALA J 470 45.59 -33.88 13.97
C ALA J 470 44.45 -32.95 13.53
N ASN J 471 44.61 -32.33 12.36
CA ASN J 471 43.76 -31.21 11.99
C ASN J 471 42.33 -31.65 11.75
N GLU J 472 41.41 -31.04 12.51
CA GLU J 472 40.05 -31.55 12.62
C GLU J 472 39.37 -31.71 11.26
N MET J 473 39.38 -30.65 10.46
CA MET J 473 38.62 -30.66 9.21
C MET J 473 38.96 -31.85 8.34
N HIS J 474 40.19 -32.35 8.41
CA HIS J 474 40.59 -33.51 7.65
C HIS J 474 39.69 -34.72 7.89
N ALA J 475 39.05 -34.79 9.05
CA ALA J 475 38.16 -35.91 9.33
C ALA J 475 37.09 -35.52 10.35
N PRO J 476 35.85 -35.95 10.17
CA PRO J 476 34.85 -35.80 11.21
C PRO J 476 34.84 -37.03 12.12
N PRO J 477 34.29 -36.90 13.33
CA PRO J 477 34.47 -37.96 14.33
C PRO J 477 33.95 -39.31 13.90
N GLU J 478 32.85 -39.33 13.14
CA GLU J 478 32.18 -40.58 12.85
C GLU J 478 33.10 -41.59 12.18
N LEU J 479 34.14 -41.12 11.48
CA LEU J 479 35.04 -42.05 10.81
C LEU J 479 35.66 -43.02 11.81
N PHE J 480 35.78 -42.63 13.07
CA PHE J 480 36.50 -43.42 14.06
C PHE J 480 35.59 -44.22 14.98
N CYS J 481 34.28 -43.95 14.98
CA CYS J 481 33.40 -44.63 15.94
C CYS J 481 33.54 -46.13 15.88
N PRO J 482 33.47 -46.78 14.71
CA PRO J 482 33.69 -48.24 14.69
C PRO J 482 35.06 -48.60 15.20
N LEU J 483 36.07 -47.81 14.84
CA LEU J 483 37.42 -48.04 15.33
C LEU J 483 37.43 -48.07 16.85
N PHE J 484 36.86 -47.04 17.46
CA PHE J 484 36.87 -46.96 18.92
C PHE J 484 36.09 -48.11 19.54
N ARG J 485 34.93 -48.45 18.98
CA ARG J 485 34.15 -49.54 19.54
C ARG J 485 34.93 -50.85 19.50
N VAL J 486 35.55 -51.13 18.36
CA VAL J 486 36.33 -52.35 18.21
C VAL J 486 37.47 -52.37 19.21
N LEU J 487 38.17 -51.24 19.35
CA LEU J 487 39.25 -51.19 20.31
C LEU J 487 38.74 -51.44 21.73
N ALA J 488 37.61 -50.83 22.06
CA ALA J 488 37.01 -51.06 23.37
C ALA J 488 36.81 -52.55 23.60
N LYS J 489 36.15 -53.22 22.66
CA LYS J 489 35.88 -54.63 22.88
C LYS J 489 37.16 -55.44 22.95
N SER J 490 38.17 -55.06 22.16
CA SER J 490 39.46 -55.72 22.25
C SER J 490 40.13 -55.51 23.60
N GLY J 491 39.79 -54.43 24.30
CA GLY J 491 40.30 -54.23 25.65
C GLY J 491 41.10 -52.96 25.81
N ILE J 492 40.81 -51.95 25.01
CA ILE J 492 41.44 -50.64 25.14
C ILE J 492 40.50 -49.76 25.96
N ALA J 493 41.01 -49.26 27.08
CA ALA J 493 40.22 -48.42 27.96
C ALA J 493 40.46 -46.95 27.67
N HIS J 494 39.39 -46.16 27.81
CA HIS J 494 39.47 -44.72 27.71
C HIS J 494 39.65 -44.27 26.26
N PHE J 495 38.97 -43.21 25.87
CA PHE J 495 39.00 -42.67 24.52
C PHE J 495 39.19 -41.16 24.59
N THR J 496 39.78 -40.60 23.55
CA THR J 496 39.95 -39.16 23.46
C THR J 496 39.97 -38.73 22.00
N TYR J 497 39.60 -37.47 21.76
CA TYR J 497 39.53 -36.98 20.38
C TYR J 497 39.56 -35.47 20.39
N HIS J 498 40.61 -34.90 19.81
CA HIS J 498 40.76 -33.45 19.73
C HIS J 498 39.54 -32.84 19.06
N VAL J 499 39.05 -31.73 19.60
CA VAL J 499 37.86 -31.07 19.08
C VAL J 499 37.91 -29.58 19.41
N GLY J 500 37.26 -28.78 18.57
CA GLY J 500 37.13 -27.36 18.79
C GLY J 500 38.37 -26.56 18.50
N GLU J 501 39.49 -27.21 18.19
CA GLU J 501 40.77 -26.52 18.06
C GLU J 501 40.70 -25.47 16.95
N ASP J 502 40.49 -25.91 15.72
CA ASP J 502 40.27 -25.02 14.59
C ASP J 502 38.98 -25.44 13.90
N PHE J 503 38.44 -24.55 13.09
CA PHE J 503 37.13 -24.75 12.50
C PHE J 503 36.82 -23.63 11.52
N PRO J 504 35.85 -23.82 10.63
CA PRO J 504 35.38 -22.69 9.83
C PRO J 504 34.50 -21.73 10.61
N HIS J 505 33.55 -22.24 11.39
CA HIS J 505 32.63 -21.38 12.12
C HIS J 505 32.44 -21.92 13.52
N LEU J 506 32.17 -21.00 14.45
CA LEU J 506 31.99 -21.41 15.84
C LEU J 506 30.81 -22.37 15.96
N ILE J 507 29.74 -22.08 15.23
CA ILE J 507 28.63 -23.02 15.12
C ILE J 507 29.14 -24.37 14.65
N SER J 508 30.01 -24.37 13.64
CA SER J 508 30.54 -25.62 13.11
C SER J 508 31.27 -26.41 14.18
N GLY J 509 32.12 -25.73 14.94
CA GLY J 509 32.85 -26.42 15.99
C GLY J 509 31.93 -26.99 17.04
N ILE J 510 30.93 -26.21 17.44
CA ILE J 510 29.96 -26.70 18.42
C ILE J 510 29.29 -27.96 17.91
N ARG J 511 28.86 -27.93 16.65
CA ARG J 511 28.25 -29.10 16.06
C ARG J 511 29.21 -30.27 16.06
N SER J 512 30.46 -30.03 15.70
CA SER J 512 31.43 -31.12 15.68
C SER J 512 31.55 -31.75 17.05
N ILE J 513 31.61 -30.92 18.08
CA ILE J 513 31.74 -31.43 19.44
C ILE J 513 30.53 -32.30 19.78
N ASP J 514 29.33 -31.81 19.49
CA ASP J 514 28.14 -32.58 19.85
C ASP J 514 28.05 -33.85 19.02
N ASP J 515 28.51 -33.81 17.77
CA ASP J 515 28.52 -35.01 16.95
C ASP J 515 29.42 -36.07 17.55
N ALA J 516 30.66 -35.68 17.86
CA ALA J 516 31.55 -36.60 18.56
C ALA J 516 30.87 -37.17 19.79
N LEU J 517 30.22 -36.31 20.56
CA LEU J 517 29.51 -36.79 21.74
C LEU J 517 28.50 -37.86 21.38
N ARG J 518 27.50 -37.50 20.59
CA ARG J 518 26.35 -38.35 20.32
C ARG J 518 26.67 -39.49 19.37
N PHE J 519 27.92 -39.63 18.93
CA PHE J 519 28.27 -40.70 18.02
C PHE J 519 29.42 -41.55 18.51
N LEU J 520 30.37 -40.96 19.24
CA LEU J 520 31.47 -41.74 19.76
C LEU J 520 31.02 -42.56 20.97
N PRO J 521 31.64 -43.72 21.20
CA PRO J 521 31.30 -44.55 22.37
C PRO J 521 32.03 -44.09 23.63
N LEU J 522 31.90 -42.80 23.95
CA LEU J 522 32.58 -42.22 25.09
C LEU J 522 31.80 -42.55 26.36
N ARG J 523 32.50 -43.03 27.38
CA ARG J 523 31.87 -43.46 28.62
C ARG J 523 32.16 -42.45 29.73
N ASN J 524 31.60 -42.73 30.91
CA ASN J 524 31.85 -41.89 32.07
C ASN J 524 33.34 -41.78 32.33
N GLY J 525 33.80 -40.56 32.63
CA GLY J 525 35.20 -40.34 32.92
C GLY J 525 36.06 -40.09 31.71
N ASP J 526 35.50 -40.15 30.51
CA ASP J 526 36.30 -39.95 29.31
C ASP J 526 36.65 -38.48 29.14
N ARG J 527 37.54 -38.22 28.19
CA ARG J 527 38.14 -36.90 28.00
C ARG J 527 38.10 -36.57 26.52
N LEU J 528 37.71 -35.33 26.20
CA LEU J 528 37.47 -34.98 24.80
C LEU J 528 38.70 -34.36 24.13
N GLY J 529 39.11 -33.19 24.60
CA GLY J 529 40.22 -32.48 24.00
C GLY J 529 40.22 -31.02 24.38
N HIS J 530 40.56 -30.16 23.42
CA HIS J 530 40.58 -28.73 23.68
C HIS J 530 39.18 -28.15 23.74
N CYS J 531 38.29 -28.59 22.85
CA CYS J 531 36.91 -28.12 22.84
C CYS J 531 36.85 -26.60 22.83
N THR J 532 37.77 -25.99 22.09
CA THR J 532 37.95 -24.55 22.17
C THR J 532 36.68 -23.80 21.75
N ALA J 533 35.87 -24.41 20.88
CA ALA J 533 34.68 -23.73 20.42
C ALA J 533 33.74 -23.39 21.57
N ILE J 534 33.40 -24.38 22.39
CA ILE J 534 32.49 -24.16 23.50
C ILE J 534 33.12 -23.27 24.57
N GLY J 535 34.38 -22.90 24.41
CA GLY J 535 35.00 -21.97 25.32
C GLY J 535 34.97 -20.56 24.80
N ILE J 536 35.41 -20.37 23.57
CA ILE J 536 35.52 -19.02 23.02
C ILE J 536 34.15 -18.37 23.00
N THR J 537 34.10 -17.13 23.43
CA THR J 537 32.89 -16.34 23.25
C THR J 537 32.87 -15.69 21.87
N PRO J 538 31.68 -15.59 21.25
CA PRO J 538 31.63 -15.00 19.92
C PRO J 538 32.12 -13.57 19.90
N SER J 539 31.96 -12.86 21.02
CA SER J 539 32.41 -11.47 21.10
C SER J 539 33.89 -11.40 20.73
N ILE J 540 34.75 -12.02 21.53
CA ILE J 540 36.08 -12.34 21.01
C ILE J 540 36.00 -13.73 20.40
N TRP J 541 35.36 -13.81 19.24
CA TRP J 541 35.68 -14.78 18.21
C TRP J 541 35.76 -14.13 16.84
N LYS J 542 35.16 -12.96 16.67
CA LYS J 542 35.11 -12.24 15.41
C LYS J 542 35.73 -10.86 15.68
N ARG J 543 37.05 -10.79 15.57
CA ARG J 543 37.76 -9.56 15.84
C ARG J 543 38.49 -9.02 14.62
N SER J 544 39.10 -9.89 13.81
CA SER J 544 39.73 -9.48 12.56
C SER J 544 39.22 -10.30 11.39
N LEU J 545 38.01 -10.76 11.46
CA LEU J 545 37.52 -11.72 10.49
C LEU J 545 36.63 -11.04 9.46
N PRO J 546 36.54 -11.59 8.25
CA PRO J 546 35.67 -11.00 7.23
C PRO J 546 34.21 -11.20 7.61
N LEU J 547 33.36 -10.33 7.05
CA LEU J 547 31.95 -10.33 7.42
C LEU J 547 31.23 -11.58 6.94
N SER J 548 31.87 -12.41 6.13
CA SER J 548 31.31 -13.68 5.72
C SER J 548 32.40 -14.74 5.73
N LEU J 549 32.00 -16.00 5.84
CA LEU J 549 32.91 -17.14 5.85
C LEU J 549 32.40 -18.21 4.90
N SER J 550 33.31 -18.79 4.13
CA SER J 550 32.98 -19.82 3.16
C SER J 550 33.37 -21.19 3.71
N MET J 551 32.45 -22.15 3.59
CA MET J 551 32.67 -23.51 4.05
C MET J 551 32.14 -24.50 3.02
N THR J 552 32.44 -25.78 3.23
CA THR J 552 31.90 -26.81 2.36
C THR J 552 30.39 -26.86 2.49
N LYS J 553 29.74 -27.28 1.40
CA LYS J 553 28.30 -27.46 1.43
C LYS J 553 27.90 -28.45 2.51
N GLU J 554 28.63 -29.56 2.61
CA GLU J 554 28.34 -30.55 3.65
C GLU J 554 28.38 -29.91 5.03
N THR J 555 29.45 -29.17 5.31
CA THR J 555 29.55 -28.52 6.60
C THR J 555 28.39 -27.59 6.82
N ARG J 556 28.05 -26.79 5.81
CA ARG J 556 27.00 -25.80 5.95
C ARG J 556 25.68 -26.48 6.28
N LEU J 557 25.39 -27.57 5.57
CA LEU J 557 24.16 -28.32 5.79
C LEU J 557 24.13 -28.90 7.20
N LEU J 558 25.22 -29.55 7.60
CA LEU J 558 25.27 -30.11 8.94
C LEU J 558 25.04 -29.01 9.98
N ASP J 559 25.59 -27.82 9.73
CA ASP J 559 25.39 -26.73 10.67
C ASP J 559 23.92 -26.37 10.75
N LEU J 560 23.26 -26.18 9.61
CA LEU J 560 21.84 -25.84 9.66
C LEU J 560 21.05 -26.87 10.43
N VAL J 561 21.29 -28.15 10.15
CA VAL J 561 20.49 -29.19 10.81
C VAL J 561 20.72 -29.16 12.30
N PHE J 562 21.98 -29.03 12.72
CA PHE J 562 22.25 -28.91 14.15
C PHE J 562 21.57 -27.69 14.75
N ILE J 563 21.58 -26.58 14.03
CA ILE J 563 20.95 -25.38 14.55
C ILE J 563 19.49 -25.66 14.89
N TRP J 564 18.77 -26.27 13.94
CA TRP J 564 17.39 -26.60 14.25
C TRP J 564 17.32 -27.55 15.43
N ARG J 565 18.05 -28.68 15.35
CA ARG J 565 18.07 -29.64 16.45
C ARG J 565 18.13 -28.95 17.79
N GLU J 566 19.09 -28.07 17.99
CA GLU J 566 19.28 -27.45 19.28
C GLU J 566 18.23 -26.38 19.57
N LEU J 567 17.70 -25.72 18.56
CA LEU J 567 16.84 -24.56 18.77
C LEU J 567 15.36 -24.87 18.69
N ARG J 568 14.98 -26.16 18.60
CA ARG J 568 13.56 -26.48 18.72
C ARG J 568 12.96 -25.83 19.96
N SER J 569 13.62 -26.02 21.10
CA SER J 569 13.01 -25.80 22.40
C SER J 569 12.98 -24.34 22.83
N HIS J 570 13.91 -23.52 22.37
CA HIS J 570 13.99 -22.18 22.90
C HIS J 570 12.93 -21.28 22.27
N PRO J 571 11.99 -20.76 23.07
CA PRO J 571 10.97 -19.88 22.49
C PRO J 571 11.53 -18.63 21.88
N GLU J 572 12.75 -18.24 22.27
CA GLU J 572 13.33 -16.97 21.84
C GLU J 572 14.01 -17.09 20.48
N LEU J 573 14.27 -18.32 20.01
CA LEU J 573 15.08 -18.54 18.82
C LEU J 573 14.31 -19.28 17.74
N LEU J 574 12.98 -19.38 17.90
CA LEU J 574 12.20 -20.21 17.01
C LEU J 574 12.26 -19.69 15.58
N ARG J 575 12.33 -18.38 15.42
CA ARG J 575 12.50 -17.80 14.09
C ARG J 575 13.76 -18.36 13.42
N TYR J 576 14.87 -18.36 14.14
CA TYR J 576 16.11 -18.89 13.59
C TYR J 576 15.99 -20.38 13.32
N ALA J 577 15.32 -21.12 14.21
CA ALA J 577 15.16 -22.55 13.99
C ALA J 577 14.42 -22.82 12.68
N SER J 578 13.28 -22.16 12.50
CA SER J 578 12.51 -22.31 11.28
C SER J 578 13.33 -21.92 10.06
N ASP J 579 14.04 -20.79 10.16
CA ASP J 579 14.91 -20.38 9.08
C ASP J 579 15.86 -21.49 8.70
N ALA J 580 16.72 -21.88 9.64
CA ALA J 580 17.71 -22.90 9.37
C ALA J 580 17.08 -24.13 8.75
N ALA J 581 15.91 -24.53 9.24
CA ALA J 581 15.23 -25.67 8.63
C ALA J 581 14.96 -25.41 7.16
N ILE J 582 14.46 -24.21 6.85
CA ILE J 582 14.11 -23.87 5.48
C ILE J 582 15.35 -23.95 4.59
N GLU J 583 16.39 -23.24 4.99
CA GLU J 583 17.60 -23.18 4.16
C GLU J 583 18.24 -24.55 4.03
N ALA J 584 18.16 -25.35 5.09
CA ALA J 584 18.69 -26.71 5.03
C ALA J 584 17.92 -27.53 4.01
N VAL J 585 16.60 -27.36 3.98
CA VAL J 585 15.83 -28.07 2.97
C VAL J 585 16.32 -27.69 1.58
N ARG J 586 16.56 -26.40 1.36
CA ARG J 586 17.03 -25.97 0.04
C ARG J 586 18.41 -26.56 -0.27
N LEU J 587 19.31 -26.51 0.71
CA LEU J 587 20.66 -27.00 0.49
C LEU J 587 20.65 -28.51 0.26
N ALA J 588 19.81 -29.23 0.97
CA ALA J 588 19.66 -30.66 0.73
C ALA J 588 19.14 -30.92 -0.66
N HIS J 589 18.15 -30.13 -1.10
CA HIS J 589 17.66 -30.29 -2.46
C HIS J 589 18.79 -30.16 -3.45
N LYS J 590 19.63 -29.14 -3.31
CA LYS J 590 20.72 -28.97 -4.26
C LYS J 590 21.76 -30.08 -4.15
N VAL J 591 22.26 -30.35 -2.94
CA VAL J 591 23.37 -31.30 -2.78
C VAL J 591 22.93 -32.70 -3.19
N PHE J 592 21.81 -33.17 -2.64
CA PHE J 592 21.26 -34.46 -3.04
C PHE J 592 20.58 -34.40 -4.39
N SER J 593 20.52 -33.22 -5.01
CA SER J 593 19.91 -33.07 -6.33
C SER J 593 18.48 -33.60 -6.29
N LEU J 594 17.82 -33.41 -5.15
CA LEU J 594 16.52 -34.00 -4.94
C LEU J 594 15.46 -33.31 -5.78
N GLU J 595 14.58 -34.13 -6.36
CA GLU J 595 13.43 -33.63 -7.10
C GLU J 595 12.15 -33.70 -6.28
N GLU J 596 12.02 -34.68 -5.41
CA GLU J 596 10.89 -34.77 -4.51
C GLU J 596 11.22 -34.02 -3.23
N GLU J 597 10.30 -34.03 -2.27
CA GLU J 597 10.44 -33.28 -1.04
C GLU J 597 11.09 -34.16 0.02
N VAL J 598 11.98 -33.58 0.81
CA VAL J 598 12.56 -34.23 1.97
C VAL J 598 12.21 -33.40 3.21
N SER J 599 11.42 -33.98 4.10
CA SER J 599 11.10 -33.31 5.34
C SER J 599 12.36 -33.17 6.18
N ILE J 600 12.41 -32.09 6.95
CA ILE J 600 13.55 -31.86 7.83
C ILE J 600 13.66 -33.00 8.84
N THR J 601 12.53 -33.56 9.25
CA THR J 601 12.56 -34.74 10.11
C THR J 601 13.28 -35.89 9.43
N THR J 602 12.95 -36.13 8.16
CA THR J 602 13.66 -37.15 7.40
C THR J 602 15.14 -36.82 7.28
N LEU J 603 15.46 -35.54 7.11
CA LEU J 603 16.86 -35.16 7.09
C LEU J 603 17.55 -35.62 8.37
N ASP J 604 16.97 -35.29 9.52
CA ASP J 604 17.51 -35.81 10.78
C ASP J 604 17.67 -37.32 10.73
N GLN J 605 16.65 -38.03 10.26
CA GLN J 605 16.74 -39.47 10.20
C GLN J 605 17.96 -39.90 9.41
N VAL J 606 18.33 -39.11 8.40
CA VAL J 606 19.55 -39.38 7.65
C VAL J 606 20.78 -39.05 8.49
N PHE J 607 20.83 -37.83 9.02
CA PHE J 607 22.04 -37.30 9.64
C PHE J 607 22.40 -38.02 10.93
N GLU J 608 21.47 -38.79 11.47
CA GLU J 608 21.74 -39.60 12.64
C GLU J 608 22.47 -40.90 12.31
N MET J 609 22.82 -41.14 11.05
CA MET J 609 23.27 -42.45 10.60
C MET J 609 24.79 -42.56 10.47
N ARG J 610 25.54 -41.49 10.73
CA ARG J 610 26.98 -41.57 10.60
C ARG J 610 27.62 -42.66 11.43
N GLY J 611 27.01 -43.04 12.55
CA GLY J 611 27.58 -44.08 13.39
C GLY J 611 27.93 -45.37 12.68
N LEU J 612 27.43 -45.58 11.47
CA LEU J 612 27.62 -46.86 10.80
C LEU J 612 28.87 -46.86 9.92
N LEU J 613 29.45 -48.04 9.76
CA LEU J 613 30.55 -48.22 8.83
C LEU J 613 30.00 -48.35 7.42
N ALA J 614 30.58 -47.62 6.47
CA ALA J 614 30.03 -47.59 5.12
C ALA J 614 29.90 -49.00 4.55
N GLU J 615 30.98 -49.77 4.58
CA GLU J 615 30.94 -51.18 4.19
C GLU J 615 30.44 -52.05 5.34
N SER J 616 29.29 -51.69 5.89
CA SER J 616 28.67 -52.52 6.92
C SER J 616 27.63 -53.42 6.27
N GLU J 617 26.59 -52.81 5.69
CA GLU J 617 25.63 -53.56 4.90
C GLU J 617 25.21 -52.81 3.64
N GLY J 618 25.69 -51.59 3.45
CA GLY J 618 25.15 -50.74 2.40
C GLY J 618 26.15 -50.30 1.35
N LEU J 619 27.34 -50.89 1.34
CA LEU J 619 28.34 -50.51 0.34
C LEU J 619 29.12 -51.75 -0.09
N SER J 631 36.83 -60.75 13.13
CA SER J 631 36.02 -61.36 14.18
C SER J 631 35.29 -60.30 14.98
N LEU J 632 36.05 -59.38 15.55
CA LEU J 632 35.46 -58.28 16.29
C LEU J 632 34.64 -57.37 15.40
N TRP J 633 35.07 -57.18 14.15
CA TRP J 633 34.42 -56.24 13.24
C TRP J 633 33.03 -56.70 12.82
N LEU J 634 32.67 -57.94 13.11
CA LEU J 634 31.42 -58.49 12.60
C LEU J 634 30.22 -57.76 13.20
N GLU J 635 30.32 -57.38 14.48
CA GLU J 635 29.18 -56.75 15.15
C GLU J 635 28.82 -55.44 14.49
N GLU J 636 29.80 -54.56 14.31
CA GLU J 636 29.58 -53.33 13.57
C GLU J 636 29.29 -53.57 12.09
N TYR J 637 29.81 -54.64 11.52
CA TYR J 637 29.45 -54.99 10.15
C TYR J 637 27.94 -55.19 10.03
N GLU J 638 27.36 -55.91 10.97
CA GLU J 638 25.94 -56.23 10.94
C GLU J 638 25.07 -55.14 11.56
N ARG J 639 25.65 -54.19 12.30
CA ARG J 639 24.82 -53.21 12.99
C ARG J 639 23.85 -52.51 12.05
N ALA J 640 24.25 -52.31 10.78
CA ALA J 640 23.33 -51.75 9.80
C ALA J 640 22.18 -52.70 9.50
N ARG J 641 22.29 -53.96 9.91
CA ARG J 641 21.22 -54.91 9.65
C ARG J 641 19.94 -54.47 10.33
N GLU J 642 20.04 -53.92 11.54
CA GLU J 642 18.85 -53.47 12.25
C GLU J 642 18.19 -52.30 11.52
N LEU J 643 19.01 -51.36 11.06
CA LEU J 643 18.47 -50.20 10.36
C LEU J 643 17.77 -50.63 9.08
N VAL J 644 18.41 -51.51 8.30
CA VAL J 644 17.76 -51.99 7.09
C VAL J 644 16.53 -52.82 7.43
N LYS J 645 16.56 -53.57 8.53
CA LYS J 645 15.41 -54.37 8.95
C LYS J 645 14.19 -53.50 9.18
N THR J 646 14.34 -52.43 9.96
CA THR J 646 13.19 -51.59 10.23
C THR J 646 12.74 -50.91 8.95
N THR J 647 11.43 -50.81 8.77
CA THR J 647 10.89 -50.49 7.44
C THR J 647 10.91 -49.01 7.12
N GLY J 648 10.52 -48.16 8.07
CA GLY J 648 10.12 -46.81 7.76
C GLY J 648 11.22 -45.84 7.40
N MET J 649 12.50 -46.21 7.56
CA MET J 649 13.59 -45.34 7.16
C MET J 649 14.12 -45.68 5.77
N LYS J 650 13.25 -46.18 4.90
CA LYS J 650 13.60 -46.49 3.52
C LYS J 650 14.25 -45.30 2.82
N ARG J 651 13.61 -44.14 2.90
CA ARG J 651 14.17 -42.93 2.31
C ARG J 651 15.49 -42.62 2.97
N PRO J 652 15.55 -42.57 4.31
CA PRO J 652 16.84 -42.33 4.96
C PRO J 652 17.97 -43.22 4.49
N LEU J 653 17.74 -44.53 4.41
CA LEU J 653 18.83 -45.42 4.02
C LEU J 653 19.28 -45.13 2.61
N LYS J 654 18.34 -44.95 1.67
CA LYS J 654 18.82 -44.66 0.32
C LYS J 654 19.55 -43.33 0.27
N LEU J 655 19.01 -42.31 0.95
CA LEU J 655 19.67 -41.00 0.96
C LEU J 655 21.08 -41.11 1.50
N TYR J 656 21.26 -41.86 2.58
CA TYR J 656 22.61 -42.02 3.13
C TYR J 656 23.49 -42.78 2.15
N LYS J 657 22.91 -43.74 1.43
CA LYS J 657 23.70 -44.47 0.45
C LYS J 657 24.21 -43.54 -0.64
N GLN J 658 23.34 -42.69 -1.19
CA GLN J 658 23.81 -41.72 -2.17
C GLN J 658 24.79 -40.75 -1.55
N TRP J 659 24.51 -40.32 -0.32
CA TRP J 659 25.44 -39.46 0.40
C TRP J 659 26.85 -40.03 0.38
N LEU J 660 26.99 -41.29 0.76
CA LEU J 660 28.31 -41.92 0.72
C LEU J 660 28.83 -42.08 -0.70
N THR J 661 27.97 -42.46 -1.64
CA THR J 661 28.41 -42.91 -2.94
C THR J 661 28.19 -41.90 -4.06
N SER J 662 27.08 -41.18 -4.05
CA SER J 662 26.79 -40.28 -5.16
C SER J 662 27.93 -39.31 -5.36
N ASP J 663 28.63 -39.47 -6.49
CA ASP J 663 29.69 -38.53 -6.85
C ASP J 663 29.16 -37.12 -6.92
N ASN J 664 27.94 -36.95 -7.44
CA ASN J 664 27.35 -35.62 -7.50
C ASN J 664 27.20 -35.04 -6.12
N VAL J 665 26.72 -35.84 -5.17
CA VAL J 665 26.62 -35.37 -3.80
C VAL J 665 27.99 -35.00 -3.26
N ARG J 666 28.99 -35.83 -3.50
CA ARG J 666 30.30 -35.58 -2.93
C ARG J 666 30.90 -34.29 -3.48
N LYS J 667 30.79 -34.08 -4.79
CA LYS J 667 31.28 -32.84 -5.37
C LYS J 667 30.48 -31.65 -4.87
N GLN J 668 29.17 -31.83 -4.68
CA GLN J 668 28.37 -30.76 -4.11
C GLN J 668 28.87 -30.38 -2.73
N ARG J 669 29.18 -31.39 -1.91
CA ARG J 669 29.83 -31.11 -0.62
C ARG J 669 31.08 -30.28 -0.83
N ALA J 670 32.03 -30.81 -1.59
CA ALA J 670 33.29 -30.12 -1.85
C ALA J 670 33.07 -28.67 -2.26
N GLU J 671 31.96 -28.38 -2.94
CA GLU J 671 31.61 -27.02 -3.29
C GLU J 671 31.60 -26.16 -2.02
N TYR J 672 31.88 -24.87 -2.16
CA TYR J 672 31.97 -23.97 -1.02
C TYR J 672 30.90 -22.88 -1.14
N VAL J 673 30.40 -22.45 0.02
CA VAL J 673 29.33 -21.48 0.10
C VAL J 673 29.60 -20.55 1.28
N GLU J 674 29.26 -19.28 1.09
CA GLU J 674 29.50 -18.25 2.10
C GLU J 674 28.34 -18.16 3.07
N VAL J 675 28.60 -17.58 4.22
CA VAL J 675 27.60 -17.33 5.25
C VAL J 675 28.02 -16.09 6.02
N ALA J 676 27.05 -15.21 6.29
CA ALA J 676 27.36 -13.96 6.97
C ALA J 676 27.99 -14.24 8.33
N LEU J 677 28.97 -13.40 8.69
CA LEU J 677 29.66 -13.60 9.97
C LEU J 677 28.68 -13.67 11.12
N GLU J 678 27.78 -12.69 11.21
CA GLU J 678 26.72 -12.78 12.21
C GLU J 678 25.48 -13.41 11.58
N TYR J 679 25.60 -14.68 11.22
CA TYR J 679 24.41 -15.40 10.80
C TYR J 679 23.41 -15.50 11.95
N LEU J 680 23.91 -15.77 13.15
CA LEU J 680 23.09 -15.89 14.34
C LEU J 680 23.45 -14.82 15.35
N PRO J 681 22.54 -14.50 16.26
CA PRO J 681 22.89 -13.58 17.35
C PRO J 681 23.85 -14.21 18.34
N ASP J 682 24.66 -13.33 18.94
CA ASP J 682 25.51 -13.73 20.05
C ASP J 682 24.76 -14.66 21.01
N GLU J 683 23.53 -14.29 21.37
CA GLU J 683 22.80 -15.06 22.36
C GLU J 683 22.47 -16.44 21.83
N ALA J 684 22.09 -16.54 20.56
CA ALA J 684 21.80 -17.84 19.99
C ALA J 684 23.02 -18.74 20.04
N VAL J 685 24.18 -18.21 19.67
CA VAL J 685 25.38 -19.02 19.71
C VAL J 685 25.67 -19.44 21.13
N VAL J 686 25.47 -18.54 22.09
CA VAL J 686 25.76 -18.89 23.48
C VAL J 686 24.79 -19.97 23.95
N ALA J 687 23.53 -19.90 23.52
CA ALA J 687 22.58 -20.94 23.89
C ALA J 687 23.03 -22.29 23.33
N LEU J 688 23.51 -22.30 22.09
CA LEU J 688 24.09 -23.51 21.54
C LEU J 688 25.19 -24.04 22.45
N GLN J 689 26.14 -23.17 22.79
CA GLN J 689 27.24 -23.59 23.65
C GLN J 689 26.71 -24.15 24.96
N GLN J 690 25.68 -23.53 25.53
CA GLN J 690 25.19 -23.92 26.83
C GLN J 690 24.49 -25.27 26.78
N ALA J 691 23.72 -25.52 25.72
CA ALA J 691 23.21 -26.86 25.49
C ALA J 691 24.35 -27.86 25.46
N VAL J 692 25.43 -27.49 24.79
CA VAL J 692 26.55 -28.41 24.66
C VAL J 692 27.15 -28.72 26.03
N MET J 693 27.38 -27.70 26.86
CA MET J 693 27.94 -27.98 28.18
C MET J 693 26.96 -28.78 29.03
N ALA J 694 25.65 -28.55 28.81
CA ALA J 694 24.67 -29.38 29.50
C ALA J 694 24.90 -30.84 29.16
N LYS J 695 25.10 -31.13 27.88
CA LYS J 695 25.40 -32.50 27.47
C LYS J 695 26.71 -32.96 28.09
N MET J 696 27.71 -32.08 28.12
CA MET J 696 29.00 -32.42 28.70
C MET J 696 28.82 -32.91 30.13
N ALA J 697 28.13 -32.12 30.94
CA ALA J 697 27.92 -32.50 32.33
C ALA J 697 27.11 -33.78 32.42
N ASP J 698 26.05 -33.89 31.62
CA ASP J 698 25.22 -35.08 31.68
C ASP J 698 26.04 -36.34 31.46
N ARG J 699 26.86 -36.36 30.41
CA ARG J 699 27.66 -37.55 30.11
C ARG J 699 28.94 -37.60 30.94
N ASN J 700 29.22 -36.57 31.73
CA ASN J 700 30.35 -36.58 32.65
C ASN J 700 31.66 -36.84 31.91
N ILE J 701 31.98 -35.96 30.98
CA ILE J 701 33.16 -36.07 30.15
C ILE J 701 33.98 -34.79 30.34
N ALA J 702 35.28 -34.96 30.55
CA ALA J 702 36.16 -33.84 30.84
C ALA J 702 36.75 -33.26 29.56
N ILE J 703 37.34 -32.08 29.69
CA ILE J 703 37.89 -31.33 28.56
C ILE J 703 39.36 -31.06 28.82
N GLU J 704 40.19 -31.36 27.84
CA GLU J 704 41.63 -31.23 27.96
C GLU J 704 42.05 -29.84 27.48
N CYS J 705 42.33 -28.94 28.42
CA CYS J 705 42.59 -27.53 28.11
C CYS J 705 44.04 -27.18 28.35
N PRO J 706 44.85 -27.06 27.30
CA PRO J 706 46.17 -26.44 27.45
C PRO J 706 46.10 -24.96 27.14
N PRO J 707 47.17 -24.21 27.42
CA PRO J 707 47.20 -22.80 27.03
C PRO J 707 47.80 -22.61 25.64
N THR J 708 47.37 -21.58 24.93
CA THR J 708 47.89 -21.32 23.58
C THR J 708 48.17 -19.84 23.36
N SER J 714 44.92 -17.94 19.89
CA SER J 714 45.51 -17.10 18.86
C SER J 714 44.98 -15.68 18.95
N GLN J 715 43.65 -15.52 18.90
CA GLN J 715 43.03 -14.21 18.98
C GLN J 715 43.31 -13.52 20.31
N TYR J 716 43.73 -14.26 21.33
CA TYR J 716 43.96 -13.69 22.65
C TYR J 716 45.12 -12.72 22.60
N ARG J 717 44.83 -11.43 22.76
CA ARG J 717 45.90 -10.43 22.84
C ARG J 717 46.74 -10.64 24.08
N ASN J 718 46.08 -10.77 25.23
CA ASN J 718 46.73 -11.24 26.44
C ASN J 718 46.06 -12.53 26.88
N VAL J 719 46.70 -13.24 27.80
CA VAL J 719 46.14 -14.50 28.26
C VAL J 719 44.85 -14.27 29.06
N SER J 720 44.62 -13.05 29.53
CA SER J 720 43.48 -12.80 30.43
C SER J 720 42.15 -13.19 29.83
N GLU J 721 42.01 -13.20 28.52
CA GLU J 721 40.74 -13.48 27.88
C GLU J 721 40.53 -14.96 27.59
N HIS J 722 41.45 -15.82 28.01
CA HIS J 722 41.33 -17.23 27.68
C HIS J 722 40.06 -17.81 28.30
N HIS J 723 39.38 -18.65 27.51
CA HIS J 723 38.12 -19.24 27.92
C HIS J 723 38.26 -20.17 29.13
N ILE J 724 39.48 -20.57 29.48
CA ILE J 724 39.65 -21.37 30.68
C ILE J 724 39.05 -20.67 31.87
N PHE J 725 39.04 -19.33 31.85
CA PHE J 725 38.62 -18.59 33.01
C PHE J 725 37.10 -18.61 33.18
N ARG J 726 36.37 -18.27 32.12
CA ARG J 726 34.92 -18.49 32.13
C ARG J 726 34.60 -19.93 32.51
N TRP J 727 35.39 -20.89 32.01
CA TRP J 727 35.14 -22.28 32.36
C TRP J 727 35.32 -22.52 33.84
N MET J 728 36.33 -21.89 34.44
CA MET J 728 36.50 -21.93 35.89
C MET J 728 35.46 -21.08 36.60
N GLY J 729 34.63 -20.35 35.87
CA GLY J 729 33.55 -19.61 36.48
C GLY J 729 33.94 -18.27 37.04
N LEU J 730 35.00 -17.66 36.52
CA LEU J 730 35.43 -16.38 37.06
C LEU J 730 34.39 -15.31 36.77
N PRO J 731 34.09 -14.43 37.73
CA PRO J 731 33.13 -13.37 37.46
C PRO J 731 33.61 -12.46 36.34
N GLY J 732 32.65 -11.94 35.57
CA GLY J 732 32.96 -11.14 34.41
C GLY J 732 33.36 -11.95 33.20
N GLU J 733 33.88 -13.16 33.39
CA GLU J 733 34.24 -14.06 32.29
C GLU J 733 33.17 -15.10 32.03
N ALA J 734 32.64 -15.72 33.08
CA ALA J 734 31.60 -16.72 32.91
C ALA J 734 30.32 -16.08 32.39
N ILE J 735 29.45 -16.91 31.84
CA ILE J 735 28.18 -16.46 31.32
C ILE J 735 27.07 -17.17 32.09
N GLU J 736 25.95 -16.46 32.26
CA GLU J 736 24.92 -16.89 33.19
C GLU J 736 24.47 -18.33 32.93
N GLY J 737 24.43 -18.73 31.67
CA GLY J 737 23.95 -20.06 31.34
C GLY J 737 25.06 -21.10 31.31
N ASP J 738 26.20 -20.76 31.90
CA ASP J 738 27.34 -21.66 31.89
C ASP J 738 27.18 -22.77 32.92
N VAL J 739 27.96 -23.83 32.75
CA VAL J 739 27.94 -24.96 33.67
C VAL J 739 29.37 -25.44 33.89
N PRO J 740 29.72 -25.94 35.08
CA PRO J 740 31.02 -26.58 35.24
C PRO J 740 31.14 -27.80 34.35
N MET J 741 32.35 -28.05 33.84
CA MET J 741 32.53 -29.13 32.88
C MET J 741 33.81 -29.94 33.05
N SER J 742 34.42 -29.96 34.24
CA SER J 742 35.54 -30.85 34.51
C SER J 742 36.66 -30.64 33.49
N ILE J 743 37.30 -29.48 33.62
CA ILE J 743 38.45 -29.16 32.79
C ILE J 743 39.66 -29.88 33.36
N CYS J 744 40.65 -30.12 32.52
CA CYS J 744 41.86 -30.83 32.91
C CYS J 744 43.09 -30.21 32.25
N LEU J 745 44.18 -30.19 33.02
CA LEU J 745 45.42 -29.57 32.60
C LEU J 745 46.07 -30.34 31.45
N GLY J 746 46.86 -29.61 30.66
CA GLY J 746 47.63 -30.21 29.59
C GLY J 746 48.81 -29.34 29.21
N SER J 747 50.01 -29.92 29.16
CA SER J 747 51.22 -29.16 28.86
C SER J 747 51.45 -29.19 27.36
N ASP J 748 50.82 -28.24 26.66
CA ASP J 748 50.99 -28.12 25.22
C ASP J 748 50.66 -26.69 24.82
N ASP J 749 51.70 -25.87 24.60
CA ASP J 749 51.54 -24.52 24.09
C ASP J 749 52.15 -24.42 22.71
N PRO J 750 51.38 -24.12 21.66
CA PRO J 750 51.93 -24.25 20.29
C PRO J 750 53.16 -23.40 20.05
N GLY J 751 53.20 -22.18 20.60
CA GLY J 751 54.22 -21.22 20.21
C GLY J 751 55.20 -20.87 21.30
N ILE J 752 55.68 -21.87 22.05
CA ILE J 752 56.66 -21.62 23.10
C ILE J 752 57.77 -22.65 22.99
N PHE J 753 58.88 -22.35 23.65
CA PHE J 753 60.05 -23.21 23.69
C PHE J 753 60.21 -23.72 25.12
N ALA J 754 60.45 -25.02 25.25
CA ALA J 754 60.76 -25.63 26.55
C ALA J 754 59.71 -25.27 27.60
N ALA J 755 58.49 -25.70 27.32
CA ALA J 755 57.36 -25.51 28.24
C ALA J 755 57.22 -26.69 29.17
N ASP J 756 56.50 -26.47 30.27
CA ASP J 756 56.31 -27.52 31.26
C ASP J 756 54.97 -27.34 31.98
N LEU J 757 54.36 -28.47 32.31
CA LEU J 757 53.09 -28.46 33.01
C LEU J 757 53.18 -27.58 34.26
N LYS J 758 54.28 -27.67 34.98
CA LYS J 758 54.50 -26.80 36.13
C LYS J 758 54.47 -25.34 35.71
N SER J 759 55.09 -25.04 34.57
CA SER J 759 55.11 -23.66 34.09
C SER J 759 53.70 -23.18 33.81
N GLU J 760 52.88 -24.02 33.18
CA GLU J 760 51.50 -23.63 32.92
C GLU J 760 50.74 -23.42 34.23
N PHE J 761 50.98 -24.30 35.21
CA PHE J 761 50.35 -24.15 36.50
C PHE J 761 50.69 -22.81 37.13
N TYR J 762 51.98 -22.47 37.14
CA TYR J 762 52.41 -21.19 37.66
C TYR J 762 51.74 -20.05 36.90
N HIS J 763 51.70 -20.18 35.57
CA HIS J 763 51.12 -19.14 34.74
C HIS J 763 49.67 -18.89 35.14
N LEU J 764 48.91 -19.97 35.27
CA LEU J 764 47.51 -19.85 35.64
C LEU J 764 47.37 -19.22 37.00
N PHE J 765 48.15 -19.69 37.97
CA PHE J 765 48.11 -19.09 39.30
C PHE J 765 48.32 -17.59 39.21
N VAL J 766 49.36 -17.18 38.49
CA VAL J 766 49.72 -15.77 38.47
C VAL J 766 48.61 -14.94 37.85
N VAL J 767 48.12 -15.39 36.69
CA VAL J 767 47.11 -14.61 35.98
C VAL J 767 45.86 -14.49 36.84
N LEU J 768 45.42 -15.61 37.42
CA LEU J 768 44.28 -15.55 38.32
C LEU J 768 44.52 -14.54 39.43
N THR J 769 45.64 -14.66 40.11
CA THR J 769 45.92 -13.79 41.25
C THR J 769 45.83 -12.33 40.87
N ARG J 770 46.50 -11.92 39.80
CA ARG J 770 46.68 -10.50 39.52
C ARG J 770 45.66 -9.95 38.54
N LYS J 771 45.53 -10.53 37.35
CA LYS J 771 44.55 -10.05 36.40
C LYS J 771 43.12 -10.16 36.91
N PHE J 772 42.92 -10.72 38.10
CA PHE J 772 41.61 -10.79 38.70
C PHE J 772 41.63 -10.54 40.20
N GLY J 773 42.81 -10.29 40.77
CA GLY J 773 42.87 -9.88 42.17
C GLY J 773 42.46 -10.94 43.17
N LEU J 774 42.36 -12.20 42.75
CA LEU J 774 42.04 -13.26 43.69
C LEU J 774 43.19 -13.46 44.67
N SER J 775 42.86 -13.91 45.87
CA SER J 775 43.89 -14.20 46.84
C SER J 775 44.64 -15.47 46.43
N PRO J 776 45.87 -15.64 46.93
CA PRO J 776 46.63 -16.83 46.56
C PRO J 776 45.88 -18.12 46.87
N ALA J 777 45.18 -18.17 48.00
CA ALA J 777 44.41 -19.37 48.32
C ALA J 777 43.32 -19.60 47.29
N ASP J 778 42.63 -18.53 46.88
CA ASP J 778 41.60 -18.67 45.87
C ASP J 778 42.17 -19.23 44.58
N ALA J 779 43.26 -18.63 44.09
CA ALA J 779 43.85 -19.10 42.84
C ALA J 779 44.32 -20.54 42.97
N LEU J 780 44.94 -20.88 44.10
CA LEU J 780 45.41 -22.23 44.31
C LEU J 780 44.25 -23.22 44.24
N ARG J 781 43.17 -22.92 44.93
CA ARG J 781 42.01 -23.81 44.88
C ARG J 781 41.48 -23.92 43.47
N LYS J 782 41.37 -22.78 42.78
CA LYS J 782 40.82 -22.80 41.43
C LYS J 782 41.61 -23.73 40.52
N VAL J 783 42.93 -23.54 40.46
CA VAL J 783 43.73 -24.35 39.55
C VAL J 783 43.78 -25.80 40.02
N ALA J 784 43.92 -25.99 41.33
CA ALA J 784 43.93 -27.33 41.87
C ALA J 784 42.67 -28.08 41.47
N GLU J 785 41.55 -27.38 41.34
CA GLU J 785 40.31 -28.05 40.92
C GLU J 785 40.51 -28.76 39.59
N VAL J 786 41.02 -28.05 38.59
CA VAL J 786 41.32 -28.69 37.31
C VAL J 786 42.32 -29.82 37.53
N ASN J 787 43.27 -29.59 38.43
CA ASN J 787 44.28 -30.63 38.67
C ASN J 787 43.62 -31.94 39.11
N GLU J 788 42.68 -31.89 40.07
CA GLU J 788 42.10 -33.16 40.50
C GLU J 788 41.11 -33.66 39.48
N ASN J 789 40.47 -32.76 38.73
CA ASN J 789 39.68 -33.22 37.60
C ASN J 789 40.48 -34.18 36.77
N GLY J 790 41.73 -33.80 36.49
CA GLY J 790 42.66 -34.73 35.88
C GLY J 790 42.70 -36.08 36.60
N ARG J 791 43.22 -36.08 37.84
CA ARG J 791 43.49 -37.35 38.50
C ARG J 791 42.24 -38.20 38.55
N ILE J 792 41.07 -37.56 38.64
CA ILE J 792 39.81 -38.28 38.65
C ILE J 792 39.58 -38.95 37.31
N TYR J 793 39.75 -38.20 36.22
CA TYR J 793 39.41 -38.71 34.90
C TYR J 793 40.57 -39.43 34.24
N ARG J 794 41.64 -39.71 34.98
CA ARG J 794 42.79 -40.36 34.37
C ARG J 794 42.43 -41.66 33.68
N PHE J 795 43.35 -42.13 32.85
CA PHE J 795 43.23 -43.41 32.18
C PHE J 795 44.14 -44.46 32.80
N HIS J 796 45.04 -44.06 33.69
CA HIS J 796 46.00 -45.01 34.26
C HIS J 796 45.28 -46.19 34.90
N ASP J 797 45.88 -47.36 34.74
CA ASP J 797 45.32 -48.56 35.35
C ASP J 797 45.23 -48.41 36.86
N VAL J 798 44.16 -48.94 37.44
CA VAL J 798 43.94 -48.88 38.88
C VAL J 798 44.28 -50.23 39.49
N MET K 1 39.34 -9.99 0.74
CA MET K 1 40.75 -10.40 0.42
C MET K 1 41.16 -9.88 -0.95
N GLU K 2 40.14 -9.66 -1.78
CA GLU K 2 40.39 -9.23 -3.15
C GLU K 2 41.30 -8.01 -3.17
N ARG K 3 41.14 -7.15 -2.17
CA ARG K 3 42.11 -6.09 -1.93
C ARG K 3 43.52 -6.57 -2.13
N PHE K 4 43.82 -7.81 -1.73
CA PHE K 4 45.15 -8.35 -1.95
C PHE K 4 45.45 -8.50 -3.43
N LEU K 5 44.46 -8.93 -4.21
CA LEU K 5 44.64 -9.09 -5.64
C LEU K 5 44.89 -7.77 -6.35
N LEU K 6 44.65 -6.65 -5.68
CA LEU K 6 44.88 -5.34 -6.26
C LEU K 6 45.97 -4.56 -5.57
N ASN K 7 46.43 -5.03 -4.41
CA ASN K 7 47.50 -4.39 -3.66
C ASN K 7 48.39 -5.51 -3.13
N SER K 8 49.48 -5.77 -3.83
CA SER K 8 50.39 -6.84 -3.43
C SER K 8 51.76 -6.58 -4.02
N THR K 9 52.72 -6.23 -3.16
CA THR K 9 54.10 -6.11 -3.62
C THR K 9 54.60 -7.44 -4.14
N VAL K 10 54.26 -8.54 -3.45
CA VAL K 10 54.71 -9.85 -3.89
C VAL K 10 54.17 -10.17 -5.28
N LEU K 11 52.86 -10.02 -5.45
CA LEU K 11 52.26 -10.29 -6.75
C LEU K 11 52.84 -9.36 -7.81
N LEU K 12 52.96 -8.07 -7.50
CA LEU K 12 53.48 -7.13 -8.48
C LEU K 12 54.88 -7.54 -8.93
N TYR K 13 55.76 -7.78 -7.96
CA TYR K 13 57.12 -8.18 -8.30
C TYR K 13 57.12 -9.45 -9.14
N ARG K 14 56.37 -10.46 -8.71
CA ARG K 14 56.40 -11.73 -9.42
C ARG K 14 55.91 -11.56 -10.85
N LEU K 15 54.75 -10.92 -11.01
CA LEU K 15 54.20 -10.69 -12.34
C LEU K 15 55.18 -9.92 -13.23
N SER K 16 55.66 -8.77 -12.75
CA SER K 16 56.58 -7.98 -13.53
C SER K 16 57.84 -8.74 -13.90
N THR K 17 58.35 -9.58 -13.00
CA THR K 17 59.52 -10.40 -13.29
C THR K 17 59.26 -11.45 -14.34
N VAL K 18 58.11 -12.11 -14.30
CA VAL K 18 57.81 -13.12 -15.31
C VAL K 18 57.42 -12.45 -16.61
N SER K 19 57.68 -13.14 -17.72
CA SER K 19 57.37 -12.62 -19.03
C SER K 19 55.86 -12.52 -19.23
N LEU K 20 55.47 -12.17 -20.44
CA LEU K 20 54.06 -12.10 -20.79
C LEU K 20 53.52 -13.42 -21.32
N ASP K 21 54.36 -14.44 -21.45
CA ASP K 21 54.00 -15.66 -22.17
C ASP K 21 54.11 -16.91 -21.30
N GLU K 22 53.84 -16.80 -20.00
CA GLU K 22 53.90 -17.97 -19.12
C GLU K 22 52.59 -18.77 -19.19
N VAL K 23 51.47 -18.11 -18.94
CA VAL K 23 50.17 -18.76 -18.89
C VAL K 23 50.13 -19.71 -17.70
N SER K 24 48.93 -19.92 -17.14
CA SER K 24 48.72 -20.79 -15.98
C SER K 24 49.57 -20.33 -14.80
N LEU K 25 49.24 -19.11 -14.34
CA LEU K 25 49.92 -18.48 -13.21
C LEU K 25 49.10 -18.61 -11.92
N ASP K 26 48.15 -19.56 -11.90
CA ASP K 26 47.18 -19.64 -10.83
C ASP K 26 47.85 -19.88 -9.48
N GLU K 27 48.69 -20.92 -9.40
CA GLU K 27 49.26 -21.30 -8.10
C GLU K 27 50.16 -20.21 -7.55
N ARG K 28 51.02 -19.64 -8.40
CA ARG K 28 51.92 -18.59 -7.95
C ARG K 28 51.15 -17.35 -7.51
N VAL K 29 50.08 -16.99 -8.23
CA VAL K 29 49.22 -15.90 -7.80
C VAL K 29 48.64 -16.22 -6.43
N GLU K 30 48.17 -17.45 -6.25
CA GLU K 30 47.55 -17.85 -4.99
C GLU K 30 48.53 -17.72 -3.83
N SER K 31 49.76 -18.18 -4.05
CA SER K 31 50.78 -18.08 -3.01
C SER K 31 51.09 -16.62 -2.70
N SER K 32 51.21 -15.80 -3.74
CA SER K 32 51.43 -14.38 -3.52
C SER K 32 50.32 -13.79 -2.67
N VAL K 33 49.08 -14.18 -2.93
CA VAL K 33 47.95 -13.70 -2.14
C VAL K 33 48.10 -14.13 -0.69
N PHE K 34 48.42 -15.41 -0.48
CA PHE K 34 48.63 -15.88 0.88
C PHE K 34 49.65 -15.02 1.60
N LEU K 35 50.79 -14.79 0.96
CA LEU K 35 51.80 -13.96 1.60
C LEU K 35 51.26 -12.58 1.90
N ALA K 36 50.71 -11.90 0.89
CA ALA K 36 50.32 -10.51 1.06
C ALA K 36 49.30 -10.37 2.18
N GLN K 37 48.33 -11.27 2.24
CA GLN K 37 47.38 -11.22 3.34
C GLN K 37 48.11 -11.44 4.66
N TYR K 38 49.12 -12.30 4.67
CA TYR K 38 49.87 -12.50 5.90
C TYR K 38 50.48 -11.18 6.39
N GLU K 39 51.23 -10.49 5.53
CA GLU K 39 51.84 -9.26 6.01
C GLU K 39 50.80 -8.21 6.34
N GLN K 40 49.82 -8.00 5.45
CA GLN K 40 48.89 -6.90 5.64
C GLN K 40 47.98 -7.16 6.83
N ALA K 41 47.18 -8.21 6.75
CA ALA K 41 46.34 -8.66 7.85
C ALA K 41 46.88 -10.02 8.27
N ARG K 42 47.90 -10.01 9.12
CA ARG K 42 48.42 -11.25 9.68
C ARG K 42 47.42 -11.91 10.61
N SER K 43 46.52 -11.15 11.22
CA SER K 43 45.65 -11.65 12.26
C SER K 43 44.65 -12.70 11.77
N LEU K 44 44.45 -12.85 10.48
CA LEU K 44 43.48 -13.83 10.00
C LEU K 44 43.93 -15.23 10.38
N PRO K 45 43.00 -16.14 10.71
CA PRO K 45 43.42 -17.40 11.34
C PRO K 45 43.79 -18.50 10.36
N ASP K 46 44.54 -18.13 9.32
CA ASP K 46 45.36 -19.10 8.59
C ASP K 46 44.55 -20.14 7.82
N HIS K 47 43.23 -20.15 7.98
CA HIS K 47 42.42 -21.08 7.20
C HIS K 47 41.28 -20.35 6.52
N VAL K 48 40.82 -19.28 7.16
CA VAL K 48 39.82 -18.43 6.53
C VAL K 48 40.34 -17.92 5.20
N ALA K 49 41.65 -17.69 5.10
CA ALA K 49 42.23 -17.18 3.87
C ALA K 49 42.03 -18.17 2.72
N LYS K 50 42.43 -19.43 2.94
CA LYS K 50 42.23 -20.44 1.92
C LYS K 50 40.76 -20.63 1.62
N SER K 51 39.93 -20.58 2.66
CA SER K 51 38.49 -20.67 2.44
C SER K 51 38.03 -19.61 1.46
N ALA K 52 38.40 -18.36 1.72
CA ALA K 52 37.96 -17.27 0.86
C ALA K 52 38.52 -17.42 -0.55
N TRP K 53 39.80 -17.77 -0.66
CA TRP K 53 40.40 -17.89 -1.98
C TRP K 53 39.69 -18.97 -2.78
N SER K 54 39.39 -20.10 -2.15
CA SER K 54 38.64 -21.14 -2.81
C SER K 54 37.27 -20.64 -3.22
N TYR K 55 36.61 -19.88 -2.35
CA TYR K 55 35.30 -19.34 -2.68
C TYR K 55 35.38 -18.48 -3.95
N LEU K 56 36.33 -17.55 -3.97
CA LEU K 56 36.49 -16.67 -5.13
C LEU K 56 36.77 -17.45 -6.39
N VAL K 57 37.77 -18.33 -6.36
CA VAL K 57 38.08 -19.11 -7.55
C VAL K 57 36.85 -19.90 -7.98
N GLN K 58 36.06 -20.34 -7.02
CA GLN K 58 34.80 -20.99 -7.34
C GLN K 58 33.96 -20.07 -8.22
N GLN K 59 33.55 -18.92 -7.68
CA GLN K 59 32.69 -18.04 -8.48
C GLN K 59 33.30 -17.74 -9.83
N ILE K 60 34.61 -17.54 -9.86
CA ILE K 60 35.28 -17.23 -11.13
C ILE K 60 35.02 -18.34 -12.13
N LYS K 61 35.22 -19.59 -11.71
CA LYS K 61 35.08 -20.69 -12.67
C LYS K 61 33.63 -20.90 -13.07
N GLN K 62 32.69 -20.81 -12.12
CA GLN K 62 31.29 -21.02 -12.52
C GLN K 62 30.81 -19.90 -13.42
N ARG K 63 31.19 -18.65 -13.13
CA ARG K 63 30.82 -17.53 -13.96
C ARG K 63 31.64 -17.45 -15.23
N ASN K 64 32.66 -18.31 -15.37
CA ASN K 64 33.40 -18.45 -16.61
C ASN K 64 34.15 -17.15 -16.97
N MET K 65 34.78 -16.55 -15.97
CA MET K 65 35.82 -15.57 -16.20
C MET K 65 37.16 -16.19 -15.81
N LYS K 66 38.22 -15.44 -16.07
CA LYS K 66 39.57 -15.83 -15.71
C LYS K 66 40.08 -14.94 -14.60
N LEU K 67 41.05 -15.46 -13.87
CA LEU K 67 41.66 -14.71 -12.78
C LEU K 67 42.35 -13.46 -13.32
N GLY K 68 41.73 -12.31 -13.08
CA GLY K 68 42.21 -11.05 -13.59
C GLY K 68 41.36 -9.89 -13.13
N PRO K 69 41.89 -8.68 -13.30
CA PRO K 69 41.17 -7.49 -12.81
C PRO K 69 39.80 -7.35 -13.40
N VAL K 70 39.59 -7.75 -14.65
CA VAL K 70 38.23 -7.74 -15.17
C VAL K 70 37.32 -8.48 -14.19
N ALA K 71 37.65 -9.73 -13.90
CA ALA K 71 36.82 -10.52 -13.00
C ALA K 71 36.73 -9.87 -11.63
N ILE K 72 37.86 -9.46 -11.06
CA ILE K 72 37.85 -8.97 -9.69
C ILE K 72 37.03 -7.69 -9.59
N LEU K 73 37.25 -6.77 -10.52
CA LEU K 73 36.48 -5.54 -10.55
C LEU K 73 35.01 -5.85 -10.67
N ARG K 74 34.66 -6.84 -11.51
CA ARG K 74 33.27 -7.24 -11.65
C ARG K 74 32.70 -7.65 -10.29
N LEU K 75 33.38 -8.60 -9.63
CA LEU K 75 32.91 -9.10 -8.34
C LEU K 75 32.70 -7.95 -7.37
N ILE K 76 33.71 -7.09 -7.25
CA ILE K 76 33.63 -5.95 -6.35
C ILE K 76 32.42 -5.10 -6.69
N ALA K 77 32.21 -4.85 -7.97
CA ALA K 77 31.12 -3.99 -8.40
C ALA K 77 29.79 -4.55 -7.95
N GLU K 78 29.46 -5.79 -8.33
CA GLU K 78 28.14 -6.26 -7.94
C GLU K 78 28.03 -6.30 -6.44
N LYS K 79 29.11 -6.66 -5.75
CA LYS K 79 29.04 -6.78 -4.31
C LYS K 79 28.69 -5.46 -3.66
N PHE K 80 29.25 -4.35 -4.14
CA PHE K 80 29.17 -3.09 -3.44
C PHE K 80 28.32 -2.02 -4.12
N ILE K 81 28.57 -1.70 -5.38
CA ILE K 81 27.86 -0.60 -6.02
C ILE K 81 26.50 -1.07 -6.53
N LYS K 82 25.55 -0.13 -6.55
CA LYS K 82 24.25 -0.33 -7.18
C LYS K 82 23.81 0.93 -7.89
N ASN K 83 22.76 0.83 -8.73
CA ASN K 83 22.11 1.99 -9.35
C ASN K 83 20.88 2.35 -8.54
N GLU K 84 20.82 3.60 -8.07
CA GLU K 84 19.65 4.12 -7.40
C GLU K 84 19.63 5.64 -7.50
N LYS K 85 18.42 6.20 -7.63
CA LYS K 85 18.22 7.63 -7.54
C LYS K 85 19.02 8.38 -8.60
N GLY K 86 20.24 8.78 -8.25
CA GLY K 86 21.10 9.46 -9.20
C GLY K 86 22.45 8.80 -9.25
N GLY K 87 22.78 8.23 -10.40
CA GLY K 87 24.05 7.58 -10.59
C GLY K 87 24.24 6.41 -9.65
N PRO K 88 25.32 5.67 -9.84
CA PRO K 88 25.62 4.55 -8.94
C PRO K 88 25.75 5.03 -7.50
N LYS K 89 25.30 4.19 -6.57
CA LYS K 89 25.46 4.48 -5.15
C LYS K 89 25.85 3.21 -4.42
N ILE K 90 26.64 3.39 -3.37
CA ILE K 90 27.12 2.30 -2.52
C ILE K 90 26.02 1.90 -1.56
N ASP K 91 26.04 0.63 -1.19
CA ASP K 91 25.04 0.09 -0.27
C ASP K 91 25.23 0.66 1.12
N LEU K 92 24.13 1.05 1.75
CA LEU K 92 24.20 1.50 3.13
C LEU K 92 24.83 0.48 4.05
N PRO K 93 24.45 -0.80 4.03
CA PRO K 93 25.04 -1.75 4.98
C PRO K 93 26.52 -1.97 4.77
N MET K 94 27.09 -1.54 3.65
CA MET K 94 28.41 -1.99 3.25
C MET K 94 29.43 -0.84 3.14
N PHE K 95 28.98 0.38 3.40
CA PHE K 95 29.84 1.55 3.23
C PHE K 95 31.12 1.43 4.04
N SER K 96 31.03 0.92 5.26
CA SER K 96 32.22 0.88 6.11
C SER K 96 33.33 0.08 5.46
N GLU K 97 33.04 -1.16 5.05
CA GLU K 97 34.09 -1.94 4.42
C GLU K 97 34.43 -1.37 3.05
N TRP K 98 33.50 -0.65 2.44
CA TRP K 98 33.88 0.14 1.27
C TRP K 98 35.07 1.03 1.59
N GLN K 99 35.00 1.76 2.71
CA GLN K 99 36.12 2.62 3.10
C GLN K 99 37.35 1.78 3.44
N THR K 100 37.14 0.66 4.11
CA THR K 100 38.27 -0.21 4.41
C THR K 100 39.03 -0.56 3.13
N LEU K 101 38.28 -0.96 2.10
CA LEU K 101 38.88 -1.29 0.82
C LEU K 101 39.51 -0.07 0.18
N MET K 102 38.82 1.07 0.23
CA MET K 102 39.32 2.28 -0.41
C MET K 102 40.66 2.68 0.18
N SER K 103 40.82 2.46 1.49
CA SER K 103 42.12 2.60 2.13
C SER K 103 43.22 1.88 1.37
N ARG K 104 42.87 0.85 0.62
CA ARG K 104 43.85 0.02 -0.08
C ARG K 104 43.85 0.23 -1.58
N VAL K 105 42.73 0.64 -2.18
CA VAL K 105 42.57 0.61 -3.62
C VAL K 105 41.95 1.90 -4.12
N SER K 106 42.01 2.09 -5.43
CA SER K 106 41.34 3.19 -6.10
C SER K 106 39.94 2.80 -6.53
N CYS K 107 39.02 3.77 -6.47
CA CYS K 107 37.64 3.54 -6.80
C CYS K 107 37.36 3.60 -8.30
N LEU K 108 38.05 4.48 -9.02
CA LEU K 108 37.74 4.68 -10.43
C LEU K 108 37.68 3.38 -11.22
N PRO K 109 38.58 2.41 -11.00
CA PRO K 109 38.48 1.17 -11.79
C PRO K 109 37.17 0.45 -11.56
N ILE K 110 36.79 0.24 -10.31
CA ILE K 110 35.50 -0.36 -10.02
C ILE K 110 34.38 0.47 -10.63
N ILE K 111 34.50 1.80 -10.54
CA ILE K 111 33.44 2.65 -11.05
C ILE K 111 33.26 2.41 -12.54
N ALA K 112 34.36 2.34 -13.28
CA ALA K 112 34.28 2.07 -14.71
C ALA K 112 33.71 0.69 -14.97
N CYS K 113 34.16 -0.31 -14.20
CA CYS K 113 33.68 -1.67 -14.43
C CYS K 113 32.18 -1.73 -14.23
N HIS K 114 31.68 -1.12 -13.16
CA HIS K 114 30.25 -1.09 -12.91
C HIS K 114 29.51 -0.33 -13.99
N GLN K 115 30.04 0.81 -14.42
CA GLN K 115 29.37 1.55 -15.47
C GLN K 115 29.23 0.70 -16.73
N VAL K 116 30.28 -0.04 -17.07
CA VAL K 116 30.25 -0.83 -18.30
C VAL K 116 29.30 -2.01 -18.15
N PHE K 117 29.32 -2.68 -17.01
CA PHE K 117 28.70 -3.99 -16.89
C PHE K 117 27.34 -3.96 -16.21
N ASN K 118 27.02 -2.89 -15.52
CA ASN K 118 25.74 -2.74 -14.85
C ASN K 118 25.38 -1.26 -14.81
N PRO K 119 25.36 -0.58 -15.94
CA PRO K 119 24.93 0.82 -15.94
C PRO K 119 23.46 0.95 -15.60
N GLY K 120 23.11 2.09 -15.02
CA GLY K 120 21.73 2.40 -14.73
C GLY K 120 20.97 2.68 -16.02
N PRO K 121 19.83 3.33 -15.91
CA PRO K 121 19.10 3.72 -17.12
C PRO K 121 19.98 4.55 -18.05
N ALA K 122 19.88 4.27 -19.35
CA ALA K 122 20.71 4.97 -20.31
C ALA K 122 20.14 6.34 -20.60
N SER K 123 19.91 7.11 -19.53
CA SER K 123 19.36 8.45 -19.65
C SER K 123 20.20 9.51 -18.98
N GLN K 124 20.81 9.21 -17.84
CA GLN K 124 21.64 10.17 -17.11
C GLN K 124 23.07 9.97 -17.61
N GLU K 125 23.52 10.87 -18.46
CA GLU K 125 24.89 10.81 -18.93
C GLU K 125 25.80 10.89 -17.72
N TYR K 126 26.50 9.80 -17.41
CA TYR K 126 27.29 9.76 -16.18
C TYR K 126 28.60 10.51 -16.40
N SER K 127 28.84 11.51 -15.55
CA SER K 127 30.12 12.17 -15.45
C SER K 127 30.83 11.64 -14.22
N PHE K 128 32.05 11.15 -14.40
CA PHE K 128 32.78 10.59 -13.28
C PHE K 128 32.88 11.61 -12.15
N ARG K 129 32.52 11.17 -10.96
CA ARG K 129 32.66 12.01 -9.78
C ARG K 129 33.09 11.13 -8.61
N TRP K 130 34.25 11.41 -8.08
CA TRP K 130 34.72 10.69 -6.92
C TRP K 130 34.45 11.51 -5.67
N PRO K 131 34.28 10.87 -4.51
CA PRO K 131 34.25 9.42 -4.34
C PRO K 131 32.83 8.90 -4.43
N LEU K 132 32.62 7.67 -3.97
CA LEU K 132 31.30 7.07 -3.97
C LEU K 132 30.58 7.37 -2.67
N TYR K 133 29.28 7.57 -2.74
CA TYR K 133 28.45 7.84 -1.58
C TYR K 133 27.25 6.91 -1.52
N PRO K 134 26.80 6.53 -0.33
CA PRO K 134 25.51 5.88 -0.18
C PRO K 134 24.40 6.90 -0.36
N TYR K 135 23.17 6.45 -0.19
CA TYR K 135 21.99 7.30 -0.31
C TYR K 135 21.16 7.21 0.95
N HIS K 136 20.81 8.37 1.50
CA HIS K 136 19.72 8.41 2.46
C HIS K 136 18.94 9.70 2.24
N PRO K 137 17.62 9.62 2.10
CA PRO K 137 16.85 10.85 1.91
C PRO K 137 17.07 11.84 3.03
N THR K 138 17.17 11.35 4.26
CA THR K 138 17.34 12.25 5.40
C THR K 138 18.65 13.01 5.31
N VAL K 139 19.75 12.29 5.10
CA VAL K 139 21.04 12.97 5.01
C VAL K 139 21.04 13.92 3.83
N GLU K 140 20.45 13.50 2.71
CA GLU K 140 20.39 14.38 1.56
C GLU K 140 19.65 15.66 1.89
N ASP K 141 18.51 15.54 2.59
CA ASP K 141 17.74 16.73 2.95
C ASP K 141 18.54 17.63 3.85
N TYR K 142 19.20 17.07 4.86
CA TYR K 142 20.02 17.88 5.74
C TYR K 142 21.08 18.61 4.96
N ILE K 143 21.75 17.91 4.05
CA ILE K 143 22.80 18.52 3.25
C ILE K 143 22.24 19.66 2.43
N THR K 144 21.13 19.41 1.74
CA THR K 144 20.55 20.42 0.87
C THR K 144 20.18 21.66 1.65
N ARG K 145 19.61 21.47 2.84
CA ARG K 145 19.13 22.62 3.60
C ARG K 145 20.27 23.36 4.29
N GLU K 146 21.33 22.65 4.69
CA GLU K 146 22.37 23.22 5.51
C GLU K 146 23.78 23.08 4.95
N CYS K 147 24.00 22.20 3.96
CA CYS K 147 25.31 22.03 3.36
C CYS K 147 26.35 21.57 4.39
N LEU K 148 27.55 21.23 3.92
CA LEU K 148 28.62 20.74 4.79
C LEU K 148 29.62 21.86 5.07
N HIS K 149 30.51 21.60 6.05
CA HIS K 149 31.25 22.64 6.72
C HIS K 149 32.70 22.18 6.89
N GLU K 150 33.58 22.55 5.97
CA GLU K 150 34.93 22.00 5.97
C GLU K 150 35.88 22.88 6.76
N THR K 151 36.63 22.26 7.67
CA THR K 151 37.60 22.95 8.49
C THR K 151 38.99 22.36 8.42
N HIS K 152 39.12 21.03 8.38
CA HIS K 152 40.41 20.37 8.54
C HIS K 152 40.73 19.69 7.21
N GLN K 153 41.47 20.38 6.34
CA GLN K 153 41.85 19.77 5.06
C GLN K 153 43.26 20.29 4.74
N HIS K 154 44.27 19.56 5.21
CA HIS K 154 45.73 19.66 5.28
C HIS K 154 46.47 18.33 5.11
N LEU K 155 45.87 17.29 4.54
CA LEU K 155 46.54 15.99 4.57
C LEU K 155 47.60 15.83 3.49
N ASN K 156 47.18 15.81 2.23
CA ASN K 156 48.05 15.42 1.11
C ASN K 156 48.16 16.63 0.20
N GLY K 157 49.22 17.42 0.37
CA GLY K 157 49.20 18.74 -0.21
C GLY K 157 47.95 19.36 0.35
N SER K 158 46.93 19.46 -0.48
CA SER K 158 45.58 19.59 0.05
C SER K 158 44.57 18.80 -0.77
N THR K 159 45.00 17.94 -1.68
CA THR K 159 44.08 17.19 -2.55
C THR K 159 44.10 15.71 -2.19
N SER K 160 43.10 15.01 -2.71
CA SER K 160 43.05 13.56 -2.56
C SER K 160 44.20 12.91 -3.32
N ALA K 161 44.75 11.84 -2.71
CA ALA K 161 45.91 11.18 -3.26
C ALA K 161 45.70 10.69 -4.69
N GLU K 162 44.51 10.24 -5.03
CA GLU K 162 44.29 9.67 -6.36
C GLU K 162 44.78 10.59 -7.46
N GLU K 163 44.52 11.89 -7.35
CA GLU K 163 45.03 12.83 -8.34
C GLU K 163 46.55 12.87 -8.37
N CYS K 164 47.19 12.65 -7.22
CA CYS K 164 48.65 12.65 -7.21
C CYS K 164 49.19 11.59 -8.15
N TRP K 165 48.44 10.51 -8.37
CA TRP K 165 48.86 9.52 -9.35
C TRP K 165 49.01 10.13 -10.75
N LEU K 166 47.91 10.65 -11.28
CA LEU K 166 47.98 11.24 -12.61
C LEU K 166 48.97 12.39 -12.63
N ASP K 167 49.08 13.12 -11.52
CA ASP K 167 50.05 14.20 -11.44
C ASP K 167 51.46 13.66 -11.62
N ALA K 168 51.78 12.55 -10.98
CA ALA K 168 53.08 11.92 -11.16
C ALA K 168 53.28 11.48 -12.60
N LEU K 169 52.27 10.83 -13.19
CA LEU K 169 52.41 10.40 -14.57
C LEU K 169 52.65 11.59 -15.49
N LYS K 170 52.08 12.74 -15.17
CA LYS K 170 52.26 13.91 -16.01
C LYS K 170 53.60 14.59 -15.71
N HIS K 171 54.12 14.36 -14.51
CA HIS K 171 55.42 14.92 -14.09
C HIS K 171 56.28 13.79 -13.54
N PRO K 172 56.50 12.74 -14.32
CA PRO K 172 57.24 11.59 -13.78
C PRO K 172 58.62 11.95 -13.28
N GLU K 173 59.35 12.79 -14.02
CA GLU K 173 60.67 13.21 -13.57
C GLU K 173 60.59 13.98 -12.27
N ALA K 174 59.60 14.85 -12.13
CA ALA K 174 59.42 15.59 -10.88
C ALA K 174 59.15 14.64 -9.73
N CYS K 175 58.34 13.61 -9.98
CA CYS K 175 58.08 12.62 -8.95
C CYS K 175 59.37 11.95 -8.50
N LEU K 176 60.21 11.57 -9.45
CA LEU K 176 61.49 10.96 -9.10
C LEU K 176 62.36 11.92 -8.31
N ARG K 177 62.40 13.18 -8.74
CA ARG K 177 63.19 14.18 -8.03
C ARG K 177 62.76 14.26 -6.58
N ASP K 178 61.47 14.44 -6.34
CA ASP K 178 60.97 14.59 -4.98
C ASP K 178 61.20 13.31 -4.18
N PHE K 179 61.01 12.15 -4.81
CA PHE K 179 61.24 10.90 -4.09
C PHE K 179 62.68 10.81 -3.64
N GLU K 180 63.62 11.02 -4.55
CA GLU K 180 65.04 11.01 -4.17
C GLU K 180 65.28 11.99 -3.03
N LYS K 181 64.83 13.23 -3.21
CA LYS K 181 65.03 14.28 -2.22
C LYS K 181 64.05 14.00 -1.09
N GLY K 182 64.50 13.16 -0.17
CA GLY K 182 63.65 12.58 0.84
C GLY K 182 64.03 11.11 1.03
N TRP K 183 64.49 10.48 -0.05
CA TRP K 183 65.02 9.12 0.06
C TRP K 183 66.28 9.06 0.91
N ALA K 184 67.13 10.08 0.83
CA ALA K 184 68.30 10.13 1.70
C ALA K 184 67.92 10.15 3.17
N SER K 185 66.75 10.66 3.51
CA SER K 185 66.30 10.69 4.90
C SER K 185 66.07 9.28 5.40
N GLN K 186 66.42 9.05 6.67
CA GLN K 186 66.22 7.73 7.25
C GLN K 186 64.74 7.38 7.31
N GLU K 187 63.90 8.34 7.72
CA GLU K 187 62.46 8.08 7.83
C GLU K 187 61.94 7.44 6.55
N MET K 188 62.04 8.15 5.44
CA MET K 188 61.51 7.64 4.19
C MET K 188 62.14 6.31 3.83
N LYS K 189 63.41 6.13 4.12
CA LYS K 189 64.04 4.82 3.89
C LYS K 189 63.32 3.75 4.70
N GLN K 190 63.05 4.03 5.97
CA GLN K 190 62.34 3.08 6.82
C GLN K 190 60.98 2.77 6.24
N LEU K 191 60.24 3.80 5.83
CA LEU K 191 58.89 3.60 5.31
C LEU K 191 58.93 2.78 4.03
N CYS K 192 59.87 3.09 3.14
CA CYS K 192 59.97 2.36 1.88
C CYS K 192 60.31 0.90 2.13
N ALA K 193 61.26 0.63 3.02
CA ALA K 193 61.58 -0.75 3.35
C ALA K 193 60.35 -1.45 3.93
N GLN K 194 59.63 -0.76 4.81
CA GLN K 194 58.45 -1.34 5.43
C GLN K 194 57.40 -1.72 4.40
N ILE K 195 57.18 -0.85 3.42
CA ILE K 195 56.14 -1.10 2.44
C ILE K 195 56.62 -2.11 1.39
N ASP K 196 57.63 -1.74 0.64
CA ASP K 196 58.29 -2.65 -0.30
C ASP K 196 59.76 -2.74 0.09
N PRO K 197 60.23 -3.90 0.57
CA PRO K 197 61.65 -4.00 0.94
C PRO K 197 62.59 -3.45 -0.12
N SER K 198 62.53 -3.96 -1.34
CA SER K 198 63.47 -3.59 -2.39
C SER K 198 62.86 -2.59 -3.37
N LEU K 199 62.55 -1.39 -2.86
CA LEU K 199 61.99 -0.36 -3.74
C LEU K 199 63.09 0.40 -4.48
N THR K 200 63.89 1.15 -3.76
CA THR K 200 64.93 1.99 -4.34
C THR K 200 64.36 2.95 -5.38
N PRO K 201 64.93 4.16 -5.52
CA PRO K 201 64.43 5.09 -6.53
C PRO K 201 64.55 4.56 -7.95
N ARG K 202 65.52 3.69 -8.21
CA ARG K 202 65.65 3.17 -9.56
C ARG K 202 64.39 2.40 -9.97
N ILE K 203 64.05 1.36 -9.21
CA ILE K 203 62.84 0.61 -9.54
C ILE K 203 61.61 1.48 -9.36
N PHE K 204 61.67 2.49 -8.49
CA PHE K 204 60.60 3.47 -8.43
C PHE K 204 60.32 4.06 -9.81
N LYS K 205 61.31 4.77 -10.37
CA LYS K 205 61.15 5.34 -11.70
C LYS K 205 60.77 4.29 -12.72
N ASP K 206 61.37 3.10 -12.62
CA ASP K 206 61.06 2.05 -13.58
C ASP K 206 59.58 1.73 -13.54
N ARG K 207 59.02 1.58 -12.36
CA ARG K 207 57.60 1.32 -12.22
C ARG K 207 56.77 2.45 -12.82
N LEU K 208 57.12 3.69 -12.50
CA LEU K 208 56.33 4.81 -13.02
C LEU K 208 56.31 4.81 -14.54
N GLN K 209 57.48 4.67 -15.17
CA GLN K 209 57.53 4.74 -16.62
C GLN K 209 56.88 3.52 -17.24
N ILE K 210 57.00 2.37 -16.58
CA ILE K 210 56.32 1.17 -17.06
C ILE K 210 54.82 1.40 -17.06
N ALA K 211 54.30 2.02 -15.99
CA ALA K 211 52.87 2.31 -15.92
C ALA K 211 52.48 3.26 -17.04
N CYS K 212 53.31 4.26 -17.30
CA CYS K 212 53.07 5.14 -18.43
C CYS K 212 52.91 4.33 -19.71
N ASN K 213 53.85 3.40 -19.95
CA ASN K 213 53.79 2.58 -21.14
C ASN K 213 52.54 1.72 -21.18
N ILE K 214 52.14 1.17 -20.03
CA ILE K 214 50.94 0.34 -20.00
C ILE K 214 49.74 1.16 -20.39
N ARG K 215 49.59 2.33 -19.77
CA ARG K 215 48.49 3.23 -20.12
C ARG K 215 48.48 3.51 -21.61
N GLU K 216 49.66 3.76 -22.17
CA GLU K 216 49.77 4.07 -23.60
C GLU K 216 49.32 2.91 -24.48
N ILE K 217 49.89 1.73 -24.24
CA ILE K 217 49.58 0.58 -25.08
C ILE K 217 48.10 0.26 -25.00
N LEU K 218 47.58 0.27 -23.78
CA LEU K 218 46.17 -0.05 -23.60
C LEU K 218 45.29 1.06 -24.13
N CYS K 219 45.80 2.28 -24.22
CA CYS K 219 45.12 3.32 -25.00
C CYS K 219 44.97 2.89 -26.44
N ARG K 220 46.07 2.44 -27.04
CA ARG K 220 45.98 2.03 -28.43
C ARG K 220 44.95 0.92 -28.60
N VAL K 221 45.02 -0.10 -27.75
CA VAL K 221 44.08 -1.20 -27.93
C VAL K 221 42.65 -0.72 -27.67
N ALA K 222 42.42 0.08 -26.63
CA ALA K 222 41.06 0.50 -26.30
C ALA K 222 40.46 1.30 -27.44
N GLN K 223 41.20 2.25 -27.99
CA GLN K 223 40.76 2.92 -29.20
C GLN K 223 40.80 1.98 -30.40
N GLY K 224 41.28 0.76 -30.21
CA GLY K 224 41.24 -0.24 -31.26
C GLY K 224 42.02 0.22 -32.46
N VAL K 225 43.24 0.68 -32.26
CA VAL K 225 44.04 1.26 -33.33
C VAL K 225 45.21 0.31 -33.58
N GLU K 226 44.96 -0.67 -34.44
CA GLU K 226 45.97 -1.33 -35.26
C GLU K 226 47.06 -2.06 -34.48
N LEU K 227 47.02 -2.04 -33.14
CA LEU K 227 47.95 -2.83 -32.32
C LEU K 227 49.36 -2.81 -32.90
N PRO K 228 50.11 -1.71 -32.73
CA PRO K 228 51.38 -1.57 -33.44
C PRO K 228 52.26 -2.80 -33.43
N GLU K 229 53.12 -2.89 -34.46
CA GLU K 229 53.85 -4.12 -34.72
C GLU K 229 54.72 -4.52 -33.54
N TRP K 230 55.46 -3.57 -32.97
CA TRP K 230 56.42 -3.86 -31.92
C TRP K 230 55.81 -4.58 -30.73
N ILE K 231 54.49 -4.67 -30.64
CA ILE K 231 53.90 -5.45 -29.56
C ILE K 231 54.36 -6.90 -29.63
N ALA K 232 54.65 -7.39 -30.82
CA ALA K 232 55.19 -8.74 -30.94
C ALA K 232 56.50 -8.87 -30.19
N SER K 233 57.44 -7.95 -30.43
CA SER K 233 58.70 -7.96 -29.69
C SER K 233 58.46 -7.69 -28.21
N MET K 234 57.37 -7.01 -27.88
CA MET K 234 57.05 -6.73 -26.48
C MET K 234 56.78 -8.05 -25.78
N GLN K 235 57.76 -8.52 -24.99
CA GLN K 235 57.75 -9.87 -24.44
C GLN K 235 57.98 -9.93 -22.95
N ASN K 236 58.58 -8.90 -22.35
CA ASN K 236 58.90 -8.94 -20.93
C ASN K 236 58.52 -7.60 -20.30
N PRO K 237 57.82 -7.60 -19.17
CA PRO K 237 57.29 -6.33 -18.64
C PRO K 237 58.38 -5.30 -18.45
N GLN K 238 59.58 -5.76 -18.09
CA GLN K 238 60.70 -4.85 -17.94
C GLN K 238 60.95 -4.07 -19.21
N GLN K 239 60.57 -4.63 -20.37
CA GLN K 239 60.73 -3.91 -21.61
C GLN K 239 59.95 -2.60 -21.59
N LEU K 240 58.95 -2.50 -20.71
CA LEU K 240 58.26 -1.24 -20.49
C LEU K 240 59.04 -0.31 -19.57
N ALA K 241 60.26 -0.70 -19.17
CA ALA K 241 61.08 0.15 -18.33
C ALA K 241 61.92 1.13 -19.14
N ASN K 242 61.65 1.26 -20.44
CA ASN K 242 62.39 2.19 -21.30
C ASN K 242 61.42 2.98 -22.15
N SER K 243 61.75 4.27 -22.32
CA SER K 243 60.85 5.19 -23.02
C SER K 243 60.58 4.77 -24.46
N THR K 244 61.46 3.97 -25.05
CA THR K 244 61.26 3.49 -26.41
C THR K 244 61.57 2.00 -26.44
N ILE K 245 61.06 1.34 -27.47
CA ILE K 245 61.20 -0.11 -27.62
C ILE K 245 61.97 -0.42 -28.90
N LEU K 246 62.90 -1.37 -28.77
CA LEU K 246 63.69 -1.86 -29.89
C LEU K 246 63.06 -3.15 -30.39
N HIS K 247 62.49 -3.10 -31.60
CA HIS K 247 61.90 -4.31 -32.20
C HIS K 247 62.95 -5.04 -33.03
N ASN K 248 63.44 -4.39 -34.09
CA ASN K 248 64.56 -4.90 -34.88
C ASN K 248 65.37 -3.70 -35.30
N GLY K 249 66.33 -3.31 -34.47
CA GLY K 249 67.21 -2.20 -34.81
C GLY K 249 66.57 -0.83 -34.68
N ARG K 250 65.25 -0.78 -34.71
CA ARG K 250 64.50 0.46 -34.72
C ARG K 250 63.78 0.67 -33.39
N GLU K 251 63.83 1.92 -32.91
CA GLU K 251 63.24 2.29 -31.62
C GLU K 251 61.88 2.89 -31.89
N TYR K 252 60.89 2.49 -31.09
CA TYR K 252 59.59 3.14 -31.09
C TYR K 252 59.31 3.77 -29.73
N GLY K 253 59.03 5.07 -29.74
CA GLY K 253 58.38 5.70 -28.63
C GLY K 253 56.92 5.28 -28.57
N PHE K 254 56.39 5.25 -27.35
CA PHE K 254 55.08 4.65 -27.13
C PHE K 254 53.93 5.61 -27.40
N ALA K 255 54.20 6.92 -27.42
CA ALA K 255 53.13 7.90 -27.41
C ALA K 255 52.18 7.72 -28.60
N THR K 256 50.91 8.07 -28.36
CA THR K 256 49.89 8.08 -29.39
C THR K 256 49.06 9.35 -29.23
N VAL K 257 47.94 9.41 -29.94
CA VAL K 257 47.01 10.53 -29.87
C VAL K 257 45.93 10.20 -28.86
N TRP K 258 45.34 11.22 -28.26
CA TRP K 258 44.30 11.01 -27.27
C TRP K 258 43.05 11.79 -27.63
N PRO K 259 41.86 11.27 -27.29
CA PRO K 259 40.63 12.02 -27.60
C PRO K 259 40.64 13.41 -27.01
N ILE K 260 40.95 13.52 -25.72
CA ILE K 260 40.94 14.80 -25.03
C ILE K 260 42.36 15.36 -25.02
N ASP K 261 42.44 16.69 -24.93
CA ASP K 261 43.75 17.34 -24.86
C ASP K 261 44.54 16.85 -23.64
N ASP K 262 43.89 16.82 -22.47
CA ASP K 262 44.53 16.33 -21.26
C ASP K 262 44.41 14.83 -21.22
N LYS K 263 45.42 14.14 -21.74
CA LYS K 263 45.48 12.70 -21.62
C LYS K 263 45.62 12.25 -20.17
N TYR K 264 46.01 13.16 -19.27
CA TYR K 264 46.25 12.82 -17.88
C TYR K 264 45.08 13.18 -16.97
N SER K 265 43.92 13.49 -17.52
CA SER K 265 42.78 13.82 -16.70
C SER K 265 42.13 12.56 -16.15
N GLN K 266 41.61 12.68 -14.94
CA GLN K 266 40.84 11.57 -14.38
C GLN K 266 39.69 11.19 -15.28
N GLU K 267 39.07 12.18 -15.94
CA GLU K 267 38.04 11.88 -16.92
C GLU K 267 38.62 11.07 -18.07
N SER K 268 39.82 11.44 -18.51
CA SER K 268 40.48 10.67 -19.56
C SER K 268 40.61 9.22 -19.14
N GLU K 269 41.16 8.98 -17.95
CA GLU K 269 41.33 7.61 -17.50
C GLU K 269 39.98 6.91 -17.38
N PHE K 270 38.95 7.62 -16.94
CA PHE K 270 37.66 6.98 -16.75
C PHE K 270 37.07 6.53 -18.09
N CYS K 271 36.88 7.48 -19.01
CA CYS K 271 36.35 7.12 -20.32
C CYS K 271 37.18 6.02 -20.96
N TRP K 272 38.50 6.17 -20.90
CA TRP K 272 39.40 5.13 -21.37
C TRP K 272 39.10 3.77 -20.76
N LEU K 273 39.27 3.63 -19.45
CA LEU K 273 39.11 2.32 -18.85
C LEU K 273 37.72 1.77 -19.12
N THR K 274 36.73 2.65 -19.26
CA THR K 274 35.40 2.20 -19.64
C THR K 274 35.43 1.50 -20.99
N GLY K 275 36.02 2.14 -22.00
CA GLY K 275 36.12 1.50 -23.29
C GLY K 275 36.95 0.22 -23.23
N LEU K 276 38.03 0.25 -22.45
CA LEU K 276 38.85 -0.92 -22.26
C LEU K 276 38.01 -2.10 -21.81
N LEU K 277 37.26 -1.90 -20.74
CA LEU K 277 36.45 -2.96 -20.18
C LEU K 277 35.36 -3.37 -21.14
N GLU K 278 34.77 -2.42 -21.85
CA GLU K 278 33.73 -2.78 -22.82
C GLU K 278 34.28 -3.72 -23.86
N LYS K 279 35.39 -3.35 -24.52
CA LYS K 279 35.92 -4.21 -25.55
C LYS K 279 36.48 -5.50 -24.97
N TRP K 280 36.73 -5.54 -23.66
CA TRP K 280 36.90 -6.80 -22.96
C TRP K 280 35.61 -7.27 -22.28
N ARG K 281 34.45 -6.89 -22.81
CA ARG K 281 33.20 -7.30 -22.16
C ARG K 281 33.12 -8.82 -22.06
N PHE K 282 33.70 -9.52 -23.04
CA PHE K 282 33.64 -10.96 -23.01
C PHE K 282 34.97 -11.62 -22.66
N ASN K 283 36.08 -11.18 -23.24
CA ASN K 283 37.35 -11.83 -23.03
C ASN K 283 38.47 -10.82 -23.21
N ALA K 284 39.71 -11.28 -23.03
CA ALA K 284 40.87 -10.41 -23.03
C ALA K 284 42.11 -11.21 -23.37
N PRO K 285 43.11 -10.59 -24.00
CA PRO K 285 44.40 -11.27 -24.16
C PRO K 285 45.12 -11.37 -22.83
N GLU K 286 45.83 -12.49 -22.65
CA GLU K 286 46.53 -12.72 -21.40
C GLU K 286 47.58 -11.64 -21.15
N GLY K 287 48.37 -11.33 -22.18
CA GLY K 287 49.38 -10.30 -22.00
C GLY K 287 48.77 -8.95 -21.66
N LEU K 288 47.75 -8.53 -22.40
CA LEU K 288 47.18 -7.21 -22.19
C LEU K 288 46.54 -7.11 -20.82
N GLU K 289 45.79 -8.14 -20.42
CA GLU K 289 45.20 -8.12 -19.10
C GLU K 289 46.29 -8.06 -18.04
N ARG K 290 47.28 -8.94 -18.10
CA ARG K 290 48.37 -8.92 -17.13
C ARG K 290 49.01 -7.53 -17.04
N LEU K 291 49.13 -6.85 -18.18
CA LEU K 291 49.61 -5.48 -18.17
C LEU K 291 48.69 -4.61 -17.33
N LEU K 292 47.38 -4.73 -17.55
CA LEU K 292 46.44 -3.97 -16.73
C LEU K 292 46.61 -4.30 -15.26
N TRP K 293 46.82 -5.59 -14.95
CA TRP K 293 47.09 -5.98 -13.58
C TRP K 293 48.18 -5.10 -13.02
N ILE K 294 49.34 -5.17 -13.68
CA ILE K 294 50.54 -4.53 -13.16
C ILE K 294 50.29 -3.04 -12.98
N TYR K 295 49.61 -2.43 -13.95
CA TYR K 295 49.27 -1.02 -13.85
C TYR K 295 48.50 -0.73 -12.57
N LEU K 296 47.44 -1.49 -12.33
CA LEU K 296 46.59 -1.24 -11.17
C LEU K 296 47.36 -1.46 -9.88
N LEU K 297 48.11 -2.57 -9.81
CA LEU K 297 48.89 -2.86 -8.62
C LEU K 297 49.87 -1.74 -8.32
N ILE K 298 50.53 -1.23 -9.35
CA ILE K 298 51.49 -0.16 -9.14
C ILE K 298 50.78 1.08 -8.63
N GLN K 299 49.62 1.39 -9.21
CA GLN K 299 48.85 2.50 -8.67
C GLN K 299 48.65 2.33 -7.17
N ASN K 300 48.17 1.16 -6.77
CA ASN K 300 47.85 0.94 -5.36
C ASN K 300 49.08 1.06 -4.49
N GLN K 301 50.18 0.43 -4.88
CA GLN K 301 51.38 0.46 -4.05
C GLN K 301 51.88 1.88 -3.90
N TYR K 302 51.98 2.61 -5.01
CA TYR K 302 52.49 3.97 -4.95
C TYR K 302 51.60 4.88 -4.11
N LEU K 303 50.29 4.80 -4.32
CA LEU K 303 49.38 5.62 -3.53
C LEU K 303 49.49 5.28 -2.06
N THR K 304 49.62 4.00 -1.75
CA THR K 304 49.89 3.58 -0.39
C THR K 304 51.09 4.31 0.16
N LEU K 305 52.19 4.29 -0.60
CA LEU K 305 53.39 4.99 -0.16
C LEU K 305 53.09 6.44 0.15
N LEU K 306 52.45 7.13 -0.78
CA LEU K 306 52.16 8.55 -0.56
C LEU K 306 51.38 8.76 0.73
N VAL K 307 50.28 8.02 0.90
CA VAL K 307 49.47 8.25 2.08
C VAL K 307 50.27 7.99 3.34
N GLN K 308 51.13 6.98 3.33
CA GLN K 308 51.98 6.77 4.49
C GLN K 308 53.00 7.87 4.68
N ARG K 309 53.35 8.61 3.65
CA ARG K 309 54.26 9.74 3.82
C ARG K 309 53.64 10.73 4.81
N THR K 322 58.33 17.98 -1.83
CA THR K 322 58.06 19.40 -1.69
C THR K 322 57.86 20.06 -3.04
N MET K 323 58.72 19.73 -4.01
CA MET K 323 58.63 20.35 -5.32
C MET K 323 57.39 19.86 -6.06
N THR K 324 56.98 18.61 -5.81
CA THR K 324 55.67 18.17 -6.28
C THR K 324 54.58 19.09 -5.74
N GLU K 325 54.65 19.44 -4.46
CA GLU K 325 53.69 20.37 -3.87
C GLU K 325 53.78 21.73 -4.56
N LEU K 326 54.99 22.19 -4.86
CA LEU K 326 55.13 23.45 -5.60
C LEU K 326 54.41 23.38 -6.93
N ARG K 327 54.44 22.23 -7.58
CA ARG K 327 53.80 22.14 -8.90
C ARG K 327 52.30 22.39 -8.86
N GLU K 328 51.71 22.53 -7.67
CA GLU K 328 50.32 22.96 -7.53
C GLU K 328 50.21 24.45 -7.24
N GLU K 329 51.11 25.26 -7.79
CA GLU K 329 51.09 26.70 -7.59
C GLU K 329 50.36 27.43 -8.71
N THR K 330 49.33 26.82 -9.26
CA THR K 330 48.48 27.42 -10.28
C THR K 330 47.04 27.44 -9.78
N GLU K 331 46.24 28.32 -10.37
CA GLU K 331 44.80 28.32 -10.10
C GLU K 331 44.10 27.27 -10.96
N LYS K 332 44.65 26.06 -10.93
CA LYS K 332 44.06 24.89 -11.55
C LYS K 332 43.74 23.82 -10.53
N SER K 333 44.73 23.40 -9.75
CA SER K 333 44.45 22.51 -8.64
C SER K 333 43.43 23.14 -7.70
N TYR K 334 43.60 24.43 -7.41
CA TYR K 334 42.72 25.09 -6.46
C TYR K 334 41.30 25.20 -7.01
N LEU K 335 41.18 25.58 -8.28
CA LEU K 335 39.87 25.62 -8.91
C LEU K 335 39.22 24.24 -8.92
N SER K 336 40.03 23.20 -9.14
CA SER K 336 39.52 21.84 -9.07
C SER K 336 38.99 21.52 -7.68
N ARG K 337 39.73 21.90 -6.65
CA ARG K 337 39.21 21.76 -5.29
C ARG K 337 37.85 22.39 -5.19
N PHE K 338 37.72 23.59 -5.76
CA PHE K 338 36.51 24.36 -5.55
C PHE K 338 35.34 23.73 -6.26
N LYS K 339 35.54 23.24 -7.49
CA LYS K 339 34.44 22.61 -8.19
C LYS K 339 34.11 21.26 -7.58
N HIS K 340 35.06 20.63 -6.91
CA HIS K 340 34.74 19.41 -6.18
C HIS K 340 33.97 19.73 -4.91
N ALA K 341 34.40 20.74 -4.18
CA ALA K 341 33.71 21.15 -2.96
C ALA K 341 32.27 21.49 -3.27
N HIS K 342 32.04 22.23 -4.36
CA HIS K 342 30.69 22.30 -4.90
C HIS K 342 30.33 20.92 -5.44
N GLY K 343 29.12 20.48 -5.13
CA GLY K 343 28.67 19.18 -5.60
C GLY K 343 28.30 19.20 -7.06
N ALA K 344 27.71 18.13 -7.56
CA ALA K 344 27.17 18.12 -8.91
C ALA K 344 25.88 18.93 -9.02
N GLY K 345 25.26 19.26 -7.90
CA GLY K 345 24.06 20.07 -7.90
C GLY K 345 24.36 21.54 -8.12
N VAL K 346 23.30 22.29 -8.38
CA VAL K 346 23.44 23.71 -8.66
C VAL K 346 23.98 24.45 -7.45
N TYR K 347 23.55 24.06 -6.26
CA TYR K 347 23.99 24.68 -5.02
C TYR K 347 25.20 23.92 -4.49
N SER K 348 26.15 24.64 -3.91
CA SER K 348 27.37 24.00 -3.43
C SER K 348 27.06 23.16 -2.19
N GLN K 349 27.41 21.87 -2.28
CA GLN K 349 27.12 20.95 -1.19
C GLN K 349 27.78 21.38 0.12
N VAL K 350 28.96 21.99 0.04
CA VAL K 350 29.64 22.55 1.19
C VAL K 350 29.46 24.07 1.14
N ARG K 351 29.08 24.65 2.27
CA ARG K 351 28.84 26.09 2.30
C ARG K 351 30.14 26.84 2.60
N TYR K 352 30.73 26.57 3.76
CA TYR K 352 32.03 27.16 4.15
C TYR K 352 33.14 26.14 3.99
N LEU K 353 34.20 26.56 3.30
CA LEU K 353 35.45 25.81 3.20
C LEU K 353 36.56 26.57 3.90
N GLU K 354 37.34 25.86 4.71
CA GLU K 354 38.61 26.34 5.21
C GLU K 354 39.72 25.64 4.44
N GLY K 355 40.52 26.42 3.72
CA GLY K 355 41.66 26.36 2.83
C GLY K 355 42.96 26.48 3.60
N ARG K 356 43.58 25.35 3.89
CA ARG K 356 44.80 25.30 4.68
C ARG K 356 45.99 25.14 3.74
N PHE K 357 46.96 26.02 3.88
CA PHE K 357 48.06 26.13 2.93
C PHE K 357 49.37 26.24 3.67
N ALA K 358 50.43 25.75 3.07
CA ALA K 358 51.75 25.85 3.68
C ALA K 358 52.34 27.24 3.39
N PRO K 359 52.64 28.03 4.41
CA PRO K 359 53.37 29.28 4.15
C PRO K 359 54.80 29.00 3.73
N LYS K 360 55.39 29.97 3.04
CA LYS K 360 56.69 29.82 2.42
C LYS K 360 57.74 30.69 3.10
N SER K 361 58.94 30.72 2.50
CA SER K 361 60.02 31.55 3.03
C SER K 361 60.37 32.73 2.12
N ASP K 362 59.87 32.77 0.89
CA ASP K 362 60.16 33.88 -0.02
C ASP K 362 58.89 34.63 -0.33
N PRO K 363 58.86 35.96 -0.17
CA PRO K 363 57.62 36.69 -0.48
C PRO K 363 57.15 36.49 -1.91
N ASN K 364 58.08 36.33 -2.85
CA ASN K 364 57.67 36.05 -4.22
C ASN K 364 56.77 34.83 -4.28
N LYS K 365 57.21 33.73 -3.66
CA LYS K 365 56.44 32.50 -3.76
C LYS K 365 55.22 32.53 -2.84
N MET K 366 55.29 33.24 -1.72
CA MET K 366 54.06 33.65 -1.03
C MET K 366 53.03 34.16 -2.02
N GLN K 367 53.29 35.34 -2.58
CA GLN K 367 52.27 36.01 -3.37
C GLN K 367 51.92 35.22 -4.61
N LYS K 368 52.86 34.42 -5.11
CA LYS K 368 52.50 33.45 -6.15
C LYS K 368 51.37 32.55 -5.67
N LEU K 369 51.58 31.89 -4.53
CA LEU K 369 50.55 31.01 -3.97
C LEU K 369 49.26 31.75 -3.73
N LEU K 370 49.34 32.93 -3.12
CA LEU K 370 48.15 33.66 -2.73
C LEU K 370 47.35 34.09 -3.94
N PHE K 371 48.03 34.64 -4.96
CA PHE K 371 47.32 35.00 -6.17
C PHE K 371 46.74 33.76 -6.84
N SER K 372 47.47 32.66 -6.83
CA SER K 372 46.96 31.43 -7.43
C SER K 372 45.66 31.02 -6.78
N VAL K 373 45.65 30.92 -5.46
CA VAL K 373 44.46 30.46 -4.75
C VAL K 373 43.31 31.45 -4.95
N LEU K 374 43.61 32.75 -4.85
CA LEU K 374 42.56 33.75 -4.97
C LEU K 374 41.97 33.74 -6.37
N ARG K 375 42.81 33.58 -7.40
CA ARG K 375 42.29 33.54 -8.75
C ARG K 375 41.50 32.27 -9.00
N GLY K 376 41.93 31.15 -8.41
CA GLY K 376 41.11 29.95 -8.47
C GLY K 376 39.74 30.18 -7.88
N TYR K 377 39.69 30.84 -6.72
CA TYR K 377 38.41 31.13 -6.10
C TYR K 377 37.56 32.04 -6.97
N TRP K 378 38.16 33.08 -7.52
CA TRP K 378 37.42 33.99 -8.38
C TRP K 378 36.88 33.28 -9.61
N GLU K 379 37.69 32.43 -10.23
CA GLU K 379 37.24 31.69 -11.39
C GLU K 379 36.10 30.76 -11.02
N TYR K 380 36.24 30.04 -9.92
CA TYR K 380 35.17 29.15 -9.46
C TYR K 380 33.87 29.91 -9.31
N LEU K 381 33.92 31.03 -8.58
CA LEU K 381 32.69 31.79 -8.35
C LEU K 381 32.11 32.30 -9.66
N SER K 382 32.94 32.93 -10.49
CA SER K 382 32.48 33.42 -11.78
C SER K 382 31.80 32.31 -12.55
N ALA K 383 32.29 31.08 -12.43
CA ALA K 383 31.66 29.94 -13.06
C ALA K 383 30.27 29.65 -12.49
N HIS K 384 29.85 30.36 -11.46
CA HIS K 384 28.56 30.11 -10.84
C HIS K 384 27.63 31.31 -10.80
N MET K 385 28.14 32.54 -10.76
CA MET K 385 27.26 33.70 -10.79
C MET K 385 27.77 34.70 -11.82
N SER K 386 26.83 35.47 -12.35
CA SER K 386 27.10 36.49 -13.36
C SER K 386 26.94 37.86 -12.72
N MET K 387 27.92 38.72 -12.94
CA MET K 387 27.93 40.05 -12.34
C MET K 387 29.15 40.79 -12.86
N GLU K 388 29.09 42.12 -12.76
CA GLU K 388 30.18 42.96 -13.25
C GLU K 388 31.45 42.67 -12.46
N TRP K 389 32.50 42.24 -13.14
CA TRP K 389 33.72 41.80 -12.50
C TRP K 389 34.81 42.87 -12.52
N VAL K 390 34.49 44.10 -12.90
CA VAL K 390 35.46 45.18 -12.91
C VAL K 390 36.63 44.77 -13.79
N HIS K 391 37.63 44.13 -13.20
CA HIS K 391 38.75 43.57 -13.95
C HIS K 391 38.33 42.17 -14.37
N GLU K 392 37.85 42.02 -15.60
CA GLU K 392 37.41 40.71 -16.05
C GLU K 392 38.53 39.69 -15.96
N LYS K 393 39.72 40.05 -16.41
CA LYS K 393 40.90 39.18 -16.33
C LYS K 393 41.83 39.79 -15.29
N PRO K 394 41.57 39.58 -14.02
CA PRO K 394 42.48 40.09 -12.99
C PRO K 394 43.85 39.43 -13.12
N LEU K 395 44.89 40.23 -12.90
CA LEU K 395 46.25 39.74 -12.94
C LEU K 395 46.99 39.84 -11.61
N THR K 396 46.55 40.70 -10.70
CA THR K 396 47.23 40.92 -9.44
C THR K 396 46.30 40.56 -8.30
N ILE K 397 46.90 40.36 -7.13
CA ILE K 397 46.11 40.11 -5.93
C ILE K 397 45.19 41.29 -5.66
N SER K 398 45.67 42.51 -5.91
CA SER K 398 44.82 43.67 -5.76
C SER K 398 43.62 43.56 -6.69
N GLN K 399 43.84 43.19 -7.95
CA GLN K 399 42.74 43.07 -8.89
C GLN K 399 41.75 42.01 -8.46
N VAL K 400 42.24 40.85 -8.03
CA VAL K 400 41.32 39.78 -7.65
C VAL K 400 40.52 40.19 -6.42
N LEU K 401 41.15 40.88 -5.47
CA LEU K 401 40.40 41.38 -4.33
C LEU K 401 39.35 42.37 -4.77
N ASP K 402 39.70 43.24 -5.71
CA ASP K 402 38.71 44.15 -6.27
C ASP K 402 37.51 43.37 -6.77
N ASN K 403 37.77 42.27 -7.49
CA ASN K 403 36.68 41.45 -8.01
C ASN K 403 35.87 40.84 -6.88
N LEU K 404 36.54 40.23 -5.90
CA LEU K 404 35.85 39.47 -4.86
C LEU K 404 35.07 40.36 -3.90
N GLU K 405 35.48 41.61 -3.68
CA GLU K 405 34.83 42.39 -2.65
C GLU K 405 33.37 42.65 -2.97
N LEU K 406 32.95 42.39 -4.21
CA LEU K 406 31.56 42.56 -4.59
C LEU K 406 30.69 41.37 -4.23
N VAL K 407 31.28 40.24 -3.87
CA VAL K 407 30.52 39.02 -3.65
C VAL K 407 29.77 39.12 -2.33
N GLU K 408 28.56 38.66 -2.32
CA GLU K 408 27.72 38.65 -1.14
C GLU K 408 27.52 37.22 -0.65
N PRO K 409 27.54 36.97 0.66
CA PRO K 409 27.37 35.59 1.16
C PRO K 409 25.93 35.10 1.09
N HIS K 410 25.43 34.95 -0.14
CA HIS K 410 24.12 34.33 -0.32
C HIS K 410 24.13 32.91 0.19
N GLY K 411 25.22 32.18 -0.05
CA GLY K 411 25.28 30.76 0.19
C GLY K 411 25.11 29.92 -1.06
N LYS K 412 25.06 30.55 -2.23
CA LYS K 412 24.97 29.78 -3.47
C LYS K 412 26.20 28.91 -3.65
N CYS K 413 27.38 29.47 -3.38
CA CYS K 413 28.66 28.81 -3.60
C CYS K 413 29.42 28.68 -2.29
N VAL K 414 30.68 28.25 -2.40
CA VAL K 414 31.51 28.06 -1.22
C VAL K 414 32.15 29.38 -0.80
N GLU K 415 32.48 29.47 0.48
CA GLU K 415 33.17 30.63 1.04
C GLU K 415 34.47 30.19 1.69
N LEU K 416 35.57 30.82 1.27
CA LEU K 416 36.91 30.38 1.60
C LEU K 416 37.44 31.05 2.87
N ALA K 417 38.18 30.29 3.66
CA ALA K 417 38.96 30.83 4.77
C ALA K 417 40.37 30.27 4.69
N LEU K 418 41.35 31.15 4.52
CA LEU K 418 42.73 30.72 4.27
C LEU K 418 43.54 30.73 5.56
N VAL K 419 44.31 29.67 5.75
CA VAL K 419 45.04 29.47 7.00
C VAL K 419 46.41 28.89 6.72
N PRO K 420 47.50 29.56 7.13
CA PRO K 420 48.83 28.96 6.96
C PRO K 420 49.14 27.95 8.04
N HIS K 421 49.74 26.84 7.62
CA HIS K 421 50.33 25.88 8.54
C HIS K 421 51.63 26.43 9.10
N PHE K 422 51.97 26.00 10.31
CA PHE K 422 53.28 26.29 10.88
C PHE K 422 53.92 24.95 11.17
N ILE K 423 54.87 24.55 10.33
CA ILE K 423 55.45 23.21 10.40
C ILE K 423 56.54 23.22 11.46
N LYS K 424 56.43 22.29 12.41
CA LYS K 424 57.30 22.28 13.57
C LYS K 424 58.32 21.15 13.42
N ARG K 425 59.59 21.53 13.23
CA ARG K 425 60.67 20.58 13.02
C ARG K 425 61.37 20.28 14.33
N LYS K 426 62.12 19.18 14.33
CA LYS K 426 62.86 18.78 15.52
C LYS K 426 63.97 19.79 15.81
N PRO K 427 64.36 19.95 17.07
CA PRO K 427 65.49 20.82 17.40
C PRO K 427 66.77 20.25 16.81
N LYS K 428 67.70 21.15 16.48
CA LYS K 428 68.97 20.77 15.90
C LYS K 428 69.99 20.50 17.01
N ASN K 429 71.08 19.85 16.64
CA ASN K 429 72.07 19.43 17.62
C ASN K 429 72.59 20.61 18.42
N GLY K 430 72.92 21.71 17.75
CA GLY K 430 73.51 22.86 18.41
C GLY K 430 72.75 24.15 18.18
N GLU K 431 72.42 24.84 19.27
CA GLU K 431 71.73 26.11 19.17
C GLU K 431 71.66 26.73 20.56
N ALA K 432 71.52 28.06 20.60
CA ALA K 432 71.52 28.77 21.88
C ALA K 432 70.43 28.24 22.80
N TYR K 433 69.20 28.20 22.32
CA TYR K 433 68.11 27.55 23.02
C TYR K 433 67.47 26.59 22.03
N PRO K 434 66.76 25.58 22.52
CA PRO K 434 66.18 24.59 21.61
C PRO K 434 65.27 25.25 20.58
N HIS K 435 65.31 24.74 19.36
CA HIS K 435 64.38 25.13 18.31
C HIS K 435 64.55 26.59 17.91
N ALA K 436 65.69 27.18 18.24
CA ALA K 436 65.91 28.59 17.92
C ALA K 436 65.87 28.82 16.41
N LEU K 437 66.55 27.96 15.65
CA LEU K 437 66.57 28.12 14.20
C LEU K 437 65.18 27.97 13.61
N LEU K 438 64.41 27.00 14.12
CA LEU K 438 63.03 26.86 13.66
C LEU K 438 62.22 28.11 13.97
N PHE K 439 62.39 28.66 15.17
CA PHE K 439 61.72 29.90 15.50
C PHE K 439 62.10 31.00 14.53
N LYS K 440 63.37 31.06 14.15
CA LYS K 440 63.81 32.09 13.21
C LYS K 440 63.15 31.89 11.85
N ASP K 441 63.09 30.64 11.38
CA ASP K 441 62.44 30.38 10.11
C ASP K 441 60.99 30.81 10.14
N LEU K 442 60.28 30.43 11.20
CA LEU K 442 58.87 30.77 11.30
C LEU K 442 58.70 32.27 11.44
N LYS K 443 59.62 32.93 12.14
CA LYS K 443 59.60 34.38 12.23
C LYS K 443 59.74 35.02 10.86
N ASN K 444 60.63 34.47 10.04
CA ASN K 444 60.77 34.98 8.67
C ASN K 444 59.46 34.81 7.91
N GLN K 445 58.87 33.62 7.98
CA GLN K 445 57.61 33.37 7.30
C GLN K 445 56.54 34.36 7.74
N ALA K 446 56.42 34.57 9.04
CA ALA K 446 55.37 35.44 9.57
C ALA K 446 55.64 36.90 9.27
N ALA K 447 56.91 37.30 9.29
CA ALA K 447 57.26 38.66 8.89
C ALA K 447 56.82 38.89 7.46
N ILE K 448 57.09 37.92 6.58
CA ILE K 448 56.68 38.06 5.19
C ILE K 448 55.16 38.16 5.10
N LEU K 449 54.45 37.32 5.87
CA LEU K 449 53.00 37.33 5.80
C LEU K 449 52.43 38.66 6.29
N MET K 450 52.94 39.16 7.42
CA MET K 450 52.52 40.47 7.90
C MET K 450 52.85 41.53 6.87
N ASP K 451 53.97 41.37 6.16
CA ASP K 451 54.31 42.30 5.10
C ASP K 451 53.25 42.30 4.02
N MET K 452 52.80 41.11 3.63
CA MET K 452 51.76 41.01 2.62
C MET K 452 50.47 41.65 3.12
N LEU K 453 50.13 41.42 4.38
CA LEU K 453 48.93 42.03 4.94
C LEU K 453 49.03 43.55 4.93
N LYS K 454 50.17 44.09 5.35
CA LYS K 454 50.39 45.52 5.35
C LYS K 454 50.22 46.05 3.94
N SER K 455 50.87 45.40 2.98
CA SER K 455 50.72 45.76 1.58
C SER K 455 49.28 45.74 1.13
N GLU K 456 48.47 44.80 1.65
CA GLU K 456 47.08 44.67 1.24
C GLU K 456 46.23 44.38 2.47
N PRO K 457 45.71 45.41 3.12
CA PRO K 457 44.88 45.17 4.31
C PRO K 457 43.67 44.31 4.03
N ARG K 458 43.10 44.40 2.83
CA ARG K 458 41.92 43.61 2.52
C ARG K 458 42.13 42.13 2.78
N LEU K 459 43.34 41.62 2.54
CA LEU K 459 43.61 40.20 2.70
C LEU K 459 43.18 39.66 4.05
N THR K 460 42.96 40.52 5.04
CA THR K 460 42.41 40.06 6.30
C THR K 460 41.10 39.31 6.11
N GLY K 461 40.32 39.69 5.11
CA GLY K 461 39.06 39.03 4.86
C GLY K 461 39.17 37.63 4.33
N TRP K 462 40.36 37.22 3.87
CA TRP K 462 40.51 35.91 3.24
C TRP K 462 41.49 35.04 4.01
N ILE K 463 42.63 35.60 4.37
CA ILE K 463 43.60 34.92 5.22
C ILE K 463 43.03 35.04 6.63
N ARG K 464 42.32 34.01 7.05
CA ARG K 464 41.51 34.06 8.25
C ARG K 464 41.96 32.94 9.19
N GLY K 465 42.87 33.27 10.09
CA GLY K 465 43.36 32.29 11.05
C GLY K 465 44.67 31.65 10.65
N VAL K 466 45.42 31.18 11.64
CA VAL K 466 46.71 30.54 11.43
C VAL K 466 46.74 29.29 12.29
N ASP K 467 47.32 28.21 11.76
CA ASP K 467 47.39 26.97 12.50
C ASP K 467 48.83 26.50 12.65
N ALA K 468 49.09 25.75 13.71
CA ALA K 468 50.40 25.18 13.99
C ALA K 468 50.32 23.67 13.82
N ALA K 469 50.92 23.17 12.74
CA ALA K 469 50.87 21.75 12.39
C ALA K 469 52.27 21.16 12.43
N ALA K 470 52.39 19.89 12.04
CA ALA K 470 53.37 18.83 11.89
C ALA K 470 53.40 17.94 13.13
N ASN K 471 54.37 17.02 13.18
CA ASN K 471 54.45 16.07 14.28
C ASN K 471 54.59 16.79 15.62
N GLU K 472 53.86 16.28 16.62
CA GLU K 472 53.81 16.95 17.92
C GLU K 472 55.15 16.93 18.64
N MET K 473 55.77 15.75 18.75
CA MET K 473 56.93 15.60 19.63
C MET K 473 58.06 16.55 19.29
N HIS K 474 58.17 16.98 18.04
CA HIS K 474 59.31 17.75 17.59
C HIS K 474 59.49 19.06 18.35
N ALA K 475 58.43 19.59 18.96
CA ALA K 475 58.57 20.72 19.85
C ALA K 475 57.24 21.04 20.53
N PRO K 476 57.26 21.58 21.74
CA PRO K 476 56.02 21.89 22.44
C PRO K 476 55.42 23.20 21.93
N PRO K 477 54.17 23.47 22.27
CA PRO K 477 53.48 24.60 21.62
C PRO K 477 53.98 25.96 22.06
N GLU K 478 54.41 26.09 23.31
CA GLU K 478 54.75 27.41 23.86
C GLU K 478 55.67 28.20 22.93
N LEU K 479 56.37 27.52 22.04
CA LEU K 479 57.25 28.24 21.12
C LEU K 479 56.47 29.23 20.26
N PHE K 480 55.22 28.92 19.96
CA PHE K 480 54.46 29.69 18.98
C PHE K 480 53.67 30.82 19.61
N CYS K 481 53.48 30.82 20.93
CA CYS K 481 52.65 31.84 21.55
C CYS K 481 53.13 33.24 21.20
N PRO K 482 54.42 33.57 21.26
CA PRO K 482 54.83 34.89 20.79
C PRO K 482 54.45 35.11 19.34
N LEU K 483 54.62 34.08 18.52
CA LEU K 483 54.26 34.19 17.11
C LEU K 483 52.77 34.50 16.97
N PHE K 484 51.94 33.71 17.64
CA PHE K 484 50.50 33.89 17.50
C PHE K 484 50.07 35.26 18.01
N ARG K 485 50.65 35.72 19.11
CA ARG K 485 50.30 37.03 19.64
C ARG K 485 50.69 38.15 18.68
N VAL K 486 51.90 38.07 18.12
CA VAL K 486 52.33 39.05 17.13
C VAL K 486 51.36 39.06 15.97
N LEU K 487 50.96 37.88 15.50
CA LEU K 487 50.04 37.80 14.38
C LEU K 487 48.69 38.39 14.74
N ALA K 488 48.21 38.12 15.95
CA ALA K 488 46.96 38.70 16.41
C ALA K 488 47.02 40.21 16.31
N LYS K 489 48.07 40.81 16.88
CA LYS K 489 48.24 42.25 16.74
C LYS K 489 48.30 42.66 15.28
N SER K 490 48.93 41.84 14.44
CA SER K 490 48.88 42.07 13.01
C SER K 490 47.46 42.06 12.47
N GLY K 491 46.54 41.45 13.20
CA GLY K 491 45.15 41.41 12.80
C GLY K 491 44.60 40.00 12.70
N ILE K 492 45.44 39.02 13.03
CA ILE K 492 45.07 37.62 12.86
C ILE K 492 44.40 37.15 14.15
N ALA K 493 43.11 37.42 14.28
CA ALA K 493 42.28 36.64 15.17
C ALA K 493 42.17 35.22 14.64
N HIS K 494 41.66 34.32 15.48
CA HIS K 494 41.42 32.94 15.08
C HIS K 494 42.74 32.18 14.95
N PHE K 495 42.89 31.12 15.73
CA PHE K 495 44.12 30.35 15.86
C PHE K 495 43.81 28.87 15.95
N THR K 496 44.80 28.05 15.65
CA THR K 496 44.65 26.60 15.79
C THR K 496 46.01 25.97 16.01
N TYR K 497 46.01 24.79 16.63
CA TYR K 497 47.27 24.09 16.89
C TYR K 497 46.97 22.61 17.02
N HIS K 498 47.57 21.79 16.15
CA HIS K 498 47.41 20.35 16.25
C HIS K 498 48.01 19.86 17.56
N VAL K 499 47.21 19.18 18.38
CA VAL K 499 47.68 18.63 19.62
C VAL K 499 46.94 17.31 19.87
N GLY K 500 47.53 16.47 20.73
CA GLY K 500 46.89 15.25 21.17
C GLY K 500 46.90 14.12 20.17
N GLU K 501 47.41 14.36 18.96
CA GLU K 501 47.47 13.30 17.96
C GLU K 501 48.50 12.25 18.35
N ASP K 502 49.77 12.64 18.42
CA ASP K 502 50.85 11.74 18.82
C ASP K 502 51.53 12.28 20.06
N PHE K 503 52.15 11.38 20.81
CA PHE K 503 52.67 11.65 22.13
C PHE K 503 53.38 10.42 22.68
N PRO K 504 54.25 10.59 23.68
CA PRO K 504 54.80 9.42 24.36
C PRO K 504 53.82 8.76 25.31
N HIS K 505 53.12 9.54 26.13
CA HIS K 505 52.19 8.96 27.09
C HIS K 505 50.92 9.79 27.13
N LEU K 506 49.81 9.12 27.46
CA LEU K 506 48.52 9.78 27.41
C LEU K 506 48.53 11.02 28.31
N ILE K 507 49.18 10.93 29.47
CA ILE K 507 49.41 12.12 30.27
C ILE K 507 50.13 13.18 29.45
N SER K 508 51.09 12.75 28.65
CA SER K 508 51.85 13.73 27.87
C SER K 508 50.92 14.49 26.93
N GLY K 509 50.05 13.77 26.22
CA GLY K 509 49.12 14.45 25.34
C GLY K 509 48.17 15.37 26.09
N ILE K 510 47.67 14.91 27.24
CA ILE K 510 46.77 15.72 28.05
C ILE K 510 47.46 17.01 28.46
N ARG K 511 48.64 16.88 29.04
CA ARG K 511 49.43 18.04 29.43
C ARG K 511 49.67 18.94 28.25
N SER K 512 49.99 18.37 27.09
CA SER K 512 50.25 19.20 25.93
C SER K 512 49.05 20.08 25.62
N ILE K 513 47.87 19.46 25.61
CA ILE K 513 46.66 20.21 25.32
C ILE K 513 46.51 21.35 26.32
N ASP K 514 46.64 21.04 27.60
CA ASP K 514 46.34 22.04 28.62
C ASP K 514 47.40 23.13 28.66
N ASP K 515 48.64 22.78 28.36
CA ASP K 515 49.69 23.78 28.25
C ASP K 515 49.39 24.73 27.10
N ALA K 516 49.07 24.18 25.93
CA ALA K 516 48.65 25.02 24.83
C ALA K 516 47.52 25.94 25.26
N LEU K 517 46.58 25.41 26.04
CA LEU K 517 45.50 26.25 26.55
C LEU K 517 46.06 27.43 27.32
N ARG K 518 46.74 27.15 28.42
CA ARG K 518 47.12 28.18 29.38
C ARG K 518 48.27 29.03 28.86
N PHE K 519 48.81 28.71 27.70
CA PHE K 519 49.86 29.49 27.06
C PHE K 519 49.38 30.23 25.82
N LEU K 520 48.66 29.55 24.93
CA LEU K 520 48.28 30.17 23.67
C LEU K 520 47.27 31.29 23.88
N PRO K 521 47.34 32.34 23.08
CA PRO K 521 46.33 33.41 23.11
C PRO K 521 45.02 32.98 22.44
N LEU K 522 44.46 31.88 22.93
CA LEU K 522 43.24 31.33 22.33
C LEU K 522 42.02 32.00 22.93
N ARG K 523 41.15 32.50 22.07
CA ARG K 523 39.98 33.25 22.50
C ARG K 523 38.71 32.42 22.27
N ASN K 524 37.57 32.99 22.66
CA ASN K 524 36.30 32.28 22.55
C ASN K 524 36.06 31.85 21.11
N GLY K 525 35.66 30.60 20.93
CA GLY K 525 35.27 30.08 19.64
C GLY K 525 36.37 29.46 18.81
N ASP K 526 37.64 29.65 19.19
CA ASP K 526 38.72 29.04 18.44
C ASP K 526 38.63 27.53 18.51
N ARG K 527 39.44 26.85 17.70
CA ARG K 527 39.53 25.40 17.73
C ARG K 527 40.99 24.98 17.88
N LEU K 528 41.17 23.79 18.45
CA LEU K 528 42.51 23.26 18.69
C LEU K 528 42.95 22.35 17.55
N GLY K 529 42.21 21.27 17.31
CA GLY K 529 42.58 20.28 16.32
C GLY K 529 42.07 18.91 16.65
N HIS K 530 42.91 17.89 16.47
CA HIS K 530 42.50 16.52 16.76
C HIS K 530 42.32 16.32 18.26
N CYS K 531 43.36 16.63 19.04
CA CYS K 531 43.32 16.45 20.48
C CYS K 531 42.92 15.01 20.83
N THR K 532 43.48 14.05 20.09
CA THR K 532 43.13 12.66 20.29
C THR K 532 43.43 12.21 21.70
N ALA K 533 44.37 12.89 22.38
CA ALA K 533 44.69 12.53 23.75
C ALA K 533 43.46 12.58 24.65
N ILE K 534 42.72 13.69 24.63
CA ILE K 534 41.52 13.81 25.44
C ILE K 534 40.40 12.93 24.93
N GLY K 535 40.62 12.22 23.84
CA GLY K 535 39.61 11.31 23.35
C GLY K 535 39.82 9.88 23.78
N ILE K 536 41.01 9.36 23.49
CA ILE K 536 41.23 7.92 23.65
C ILE K 536 41.13 7.54 25.11
N THR K 537 40.29 6.54 25.40
CA THR K 537 40.23 6.05 26.77
C THR K 537 41.45 5.20 27.06
N PRO K 538 41.93 5.22 28.30
CA PRO K 538 43.07 4.36 28.64
C PRO K 538 42.77 2.90 28.38
N SER K 539 41.53 2.48 28.65
CA SER K 539 41.12 1.11 28.41
C SER K 539 41.52 0.73 27.00
N ILE K 540 40.94 1.41 26.02
CA ILE K 540 41.50 1.33 24.68
C ILE K 540 42.50 2.47 24.53
N TRP K 541 43.63 2.34 25.21
CA TRP K 541 44.90 2.96 24.83
C TRP K 541 46.05 1.99 24.94
N LYS K 542 45.96 0.99 25.80
CA LYS K 542 46.99 0.00 26.04
C LYS K 542 46.40 -1.32 25.58
N ARG K 543 46.64 -1.65 24.31
CA ARG K 543 46.19 -2.91 23.74
C ARG K 543 47.32 -3.72 23.13
N SER K 544 48.43 -3.08 22.75
CA SER K 544 49.62 -3.78 22.29
C SER K 544 50.89 -3.12 22.84
N LEU K 545 50.76 -2.36 23.87
CA LEU K 545 51.88 -1.54 24.28
C LEU K 545 52.81 -2.30 25.20
N PRO K 546 54.11 -2.03 25.15
CA PRO K 546 55.02 -2.59 26.15
C PRO K 546 54.70 -2.02 27.52
N LEU K 547 55.01 -2.79 28.55
CA LEU K 547 54.60 -2.43 29.90
C LEU K 547 55.33 -1.18 30.41
N SER K 548 56.35 -0.72 29.70
CA SER K 548 57.07 0.49 30.09
C SER K 548 57.37 1.32 28.85
N LEU K 549 57.38 2.63 29.01
CA LEU K 549 57.60 3.58 27.93
C LEU K 549 58.77 4.50 28.27
N SER K 550 59.71 4.62 27.33
CA SER K 550 60.84 5.53 27.46
C SER K 550 60.52 6.86 26.80
N MET K 551 60.82 7.95 27.49
CA MET K 551 60.55 9.29 26.99
C MET K 551 61.60 10.26 27.53
N THR K 552 61.56 11.49 27.03
CA THR K 552 62.54 12.49 27.42
C THR K 552 62.31 12.95 28.85
N LYS K 553 63.40 13.39 29.49
CA LYS K 553 63.32 13.77 30.89
C LYS K 553 62.42 14.99 31.10
N GLU K 554 62.47 15.96 30.20
CA GLU K 554 61.55 17.10 30.32
C GLU K 554 60.10 16.65 30.20
N THR K 555 59.80 15.78 29.25
CA THR K 555 58.43 15.31 29.16
C THR K 555 58.02 14.64 30.47
N ARG K 556 58.90 13.81 31.02
CA ARG K 556 58.57 13.15 32.27
C ARG K 556 58.34 14.17 33.39
N LEU K 557 59.23 15.16 33.48
CA LEU K 557 59.13 16.13 34.57
C LEU K 557 57.87 16.97 34.45
N LEU K 558 57.61 17.51 33.26
CA LEU K 558 56.41 18.30 33.07
C LEU K 558 55.17 17.46 33.30
N ASP K 559 55.22 16.18 32.92
CA ASP K 559 54.11 15.30 33.21
C ASP K 559 53.85 15.21 34.69
N LEU K 560 54.90 14.98 35.48
CA LEU K 560 54.73 14.87 36.92
C LEU K 560 54.18 16.19 37.49
N VAL K 561 54.75 17.31 37.04
CA VAL K 561 54.30 18.61 37.50
C VAL K 561 52.82 18.80 37.20
N PHE K 562 52.42 18.49 35.97
CA PHE K 562 51.02 18.59 35.59
C PHE K 562 50.15 17.71 36.47
N ILE K 563 50.58 16.46 36.65
CA ILE K 563 49.78 15.53 37.42
C ILE K 563 49.51 16.10 38.80
N TRP K 564 50.54 16.66 39.42
CA TRP K 564 50.34 17.31 40.71
C TRP K 564 49.37 18.47 40.57
N ARG K 565 49.64 19.36 39.61
CA ARG K 565 48.87 20.60 39.52
C ARG K 565 47.39 20.26 39.44
N GLU K 566 47.06 19.17 38.76
CA GLU K 566 45.70 18.69 38.69
C GLU K 566 45.23 18.03 39.97
N LEU K 567 46.01 17.09 40.52
CA LEU K 567 45.52 16.18 41.53
C LEU K 567 45.60 16.73 42.93
N ARG K 568 46.07 17.98 43.09
CA ARG K 568 46.00 18.60 44.41
C ARG K 568 44.58 18.54 44.96
N SER K 569 43.59 18.65 44.08
CA SER K 569 42.22 18.95 44.48
C SER K 569 41.34 17.72 44.67
N HIS K 570 41.64 16.60 44.02
CA HIS K 570 40.75 15.45 44.12
C HIS K 570 41.06 14.63 45.37
N PRO K 571 40.08 14.45 46.27
CA PRO K 571 40.37 13.72 47.51
C PRO K 571 40.82 12.29 47.28
N GLU K 572 40.51 11.73 46.12
CA GLU K 572 40.72 10.31 45.88
C GLU K 572 42.08 10.01 45.28
N LEU K 573 42.86 11.04 44.91
CA LEU K 573 44.11 10.84 44.19
C LEU K 573 45.26 11.60 44.85
N LEU K 574 45.07 12.05 46.09
CA LEU K 574 46.07 12.86 46.74
C LEU K 574 47.36 12.07 46.95
N ARG K 575 47.24 10.76 47.17
CA ARG K 575 48.43 9.91 47.20
C ARG K 575 49.25 10.08 45.93
N TYR K 576 48.60 9.93 44.78
CA TYR K 576 49.29 10.10 43.51
C TYR K 576 49.87 11.49 43.38
N ALA K 577 49.13 12.51 43.82
CA ALA K 577 49.64 13.88 43.71
C ALA K 577 50.93 14.03 44.51
N SER K 578 50.94 13.50 45.73
CA SER K 578 52.14 13.58 46.56
C SER K 578 53.29 12.82 45.92
N ASP K 579 53.01 11.64 45.37
CA ASP K 579 54.05 10.87 44.71
C ASP K 579 54.64 11.67 43.56
N ALA K 580 53.78 12.29 42.76
CA ALA K 580 54.25 13.09 41.64
C ALA K 580 55.09 14.25 42.11
N ALA K 581 54.65 14.94 43.16
CA ALA K 581 55.44 16.05 43.69
C ALA K 581 56.83 15.58 44.08
N ILE K 582 56.90 14.45 44.81
CA ILE K 582 58.18 13.94 45.27
C ILE K 582 59.07 13.63 44.08
N GLU K 583 58.55 12.86 43.13
CA GLU K 583 59.36 12.41 42.01
C GLU K 583 59.79 13.57 41.14
N ALA K 584 58.90 14.55 40.96
CA ALA K 584 59.27 15.73 40.18
C ALA K 584 60.38 16.50 40.87
N VAL K 585 60.32 16.60 42.20
CA VAL K 585 61.42 17.24 42.92
C VAL K 585 62.72 16.50 42.63
N ARG K 586 62.69 15.17 42.71
CA ARG K 586 63.90 14.40 42.45
C ARG K 586 64.41 14.64 41.03
N LEU K 587 63.51 14.54 40.05
CA LEU K 587 63.90 14.64 38.66
C LEU K 587 64.44 16.03 38.35
N ALA K 588 63.84 17.06 38.94
CA ALA K 588 64.39 18.41 38.77
C ALA K 588 65.75 18.52 39.40
N HIS K 589 65.93 17.95 40.59
CA HIS K 589 67.25 17.93 41.20
C HIS K 589 68.27 17.34 40.24
N LYS K 590 67.86 16.37 39.46
CA LYS K 590 68.75 15.86 38.41
C LYS K 590 68.90 16.83 37.26
N VAL K 591 67.78 17.23 36.65
CA VAL K 591 67.83 17.94 35.38
C VAL K 591 68.55 19.27 35.53
N PHE K 592 68.25 20.00 36.60
CA PHE K 592 68.98 21.21 36.91
C PHE K 592 70.28 20.93 37.62
N SER K 593 70.58 19.67 37.92
CA SER K 593 71.76 19.31 38.69
C SER K 593 71.75 20.05 40.02
N LEU K 594 70.54 20.27 40.54
CA LEU K 594 70.37 21.18 41.67
C LEU K 594 71.04 20.64 42.91
N GLU K 595 71.59 21.55 43.70
CA GLU K 595 72.21 21.22 44.98
C GLU K 595 71.40 21.74 46.15
N GLU K 596 70.70 22.85 45.97
CA GLU K 596 69.81 23.39 46.99
C GLU K 596 68.49 22.63 46.92
N GLU K 597 67.49 23.13 47.61
CA GLU K 597 66.20 22.47 47.73
C GLU K 597 65.14 23.29 47.02
N VAL K 598 64.41 22.65 46.12
CA VAL K 598 63.44 23.30 45.26
C VAL K 598 62.08 22.70 45.55
N SER K 599 61.10 23.55 45.81
CA SER K 599 59.74 23.11 46.07
C SER K 599 58.95 23.02 44.78
N ILE K 600 57.95 22.13 44.79
CA ILE K 600 57.11 21.94 43.62
C ILE K 600 56.46 23.25 43.20
N THR K 601 56.12 24.09 44.17
CA THR K 601 55.66 25.43 43.83
C THR K 601 56.68 26.14 42.95
N THR K 602 57.94 26.12 43.36
CA THR K 602 58.98 26.75 42.55
C THR K 602 59.08 26.13 41.18
N LEU K 603 58.96 24.80 41.10
CA LEU K 603 58.99 24.15 39.80
C LEU K 603 57.87 24.66 38.91
N ASP K 604 56.67 24.78 39.49
CA ASP K 604 55.56 25.36 38.76
C ASP K 604 55.89 26.76 38.27
N GLN K 605 56.51 27.56 39.12
CA GLN K 605 56.82 28.92 38.71
C GLN K 605 57.84 28.92 37.59
N VAL K 606 58.68 27.89 37.56
CA VAL K 606 59.61 27.75 36.45
C VAL K 606 58.85 27.44 35.17
N PHE K 607 57.96 26.46 35.22
CA PHE K 607 57.39 25.93 33.99
C PHE K 607 56.14 26.68 33.54
N GLU K 608 55.64 27.60 34.35
CA GLU K 608 54.58 28.49 33.94
C GLU K 608 55.05 29.55 32.97
N MET K 609 56.35 29.81 32.90
CA MET K 609 56.92 30.86 32.07
C MET K 609 57.44 30.34 30.75
N ARG K 610 57.04 29.13 30.35
CA ARG K 610 57.50 28.58 29.09
C ARG K 610 57.01 29.38 27.90
N GLY K 611 56.03 30.25 28.10
CA GLY K 611 55.55 31.11 27.03
C GLY K 611 56.38 32.34 26.78
N LEU K 612 57.38 32.60 27.62
CA LEU K 612 58.25 33.75 27.43
C LEU K 612 59.15 33.54 26.21
N LEU K 613 59.42 34.63 25.49
CA LEU K 613 60.32 34.58 24.36
C LEU K 613 61.76 34.46 24.85
N ALA K 614 62.50 33.52 24.26
CA ALA K 614 63.85 33.25 24.74
C ALA K 614 64.68 34.51 24.80
N GLU K 615 64.89 35.16 23.65
CA GLU K 615 65.68 36.38 23.57
C GLU K 615 64.82 37.61 23.81
N SER K 616 64.06 37.59 24.90
CA SER K 616 63.26 38.75 25.27
C SER K 616 64.03 39.62 26.26
N GLU K 617 64.36 39.05 27.41
CA GLU K 617 65.18 39.77 28.37
C GLU K 617 66.10 38.81 29.15
N GLY K 618 66.04 37.52 28.87
CA GLY K 618 66.86 36.56 29.59
C GLY K 618 67.78 35.80 28.66
N LEU K 619 67.81 36.21 27.39
CA LEU K 619 68.68 35.61 26.40
C LEU K 619 68.94 36.61 25.29
N SER K 631 58.63 46.08 15.46
CA SER K 631 57.82 46.93 16.32
C SER K 631 56.83 46.09 17.13
N LEU K 632 55.98 45.34 16.43
CA LEU K 632 55.04 44.49 17.13
C LEU K 632 55.75 43.47 18.02
N TRP K 633 56.95 43.04 17.65
CA TRP K 633 57.75 42.17 18.49
C TRP K 633 58.20 42.84 19.79
N LEU K 634 58.10 44.16 19.88
CA LEU K 634 58.51 44.83 21.11
C LEU K 634 57.77 44.26 22.30
N GLU K 635 56.44 44.24 22.24
CA GLU K 635 55.65 43.99 23.44
C GLU K 635 56.09 42.68 24.10
N GLU K 636 56.27 41.63 23.31
CA GLU K 636 56.79 40.39 23.88
C GLU K 636 58.30 40.44 24.14
N TYR K 637 59.01 41.41 23.57
CA TYR K 637 60.41 41.58 23.95
C TYR K 637 60.53 42.13 25.37
N GLU K 638 59.69 43.11 25.71
CA GLU K 638 59.66 43.72 27.03
C GLU K 638 58.73 43.04 28.04
N ARG K 639 57.89 42.08 27.64
CA ARG K 639 56.99 41.49 28.63
C ARG K 639 57.75 40.93 29.83
N ALA K 640 58.95 40.41 29.63
CA ALA K 640 59.71 39.86 30.75
C ALA K 640 60.17 40.93 31.72
N ARG K 641 60.05 42.21 31.36
CA ARG K 641 60.48 43.29 32.25
C ARG K 641 59.68 43.29 33.55
N GLU K 642 58.35 43.13 33.44
CA GLU K 642 57.51 43.10 34.63
C GLU K 642 57.93 41.96 35.54
N LEU K 643 58.17 40.80 34.96
CA LEU K 643 58.49 39.63 35.76
C LEU K 643 59.84 39.79 36.44
N VAL K 644 60.87 40.21 35.67
CA VAL K 644 62.17 40.43 36.27
C VAL K 644 62.07 41.46 37.37
N LYS K 645 61.17 42.44 37.25
CA LYS K 645 60.89 43.31 38.39
C LYS K 645 60.37 42.52 39.56
N THR K 646 59.48 41.57 39.31
CA THR K 646 58.91 40.76 40.39
C THR K 646 60.02 40.20 41.27
N THR K 647 60.08 40.66 42.52
CA THR K 647 61.20 40.32 43.39
C THR K 647 61.24 38.84 43.75
N GLY K 648 60.08 38.24 44.02
CA GLY K 648 60.05 36.88 44.50
C GLY K 648 60.36 35.83 43.46
N MET K 649 60.63 36.24 42.22
CA MET K 649 60.82 35.30 41.11
C MET K 649 62.29 34.98 40.89
N LYS K 650 63.17 35.36 41.82
CA LYS K 650 64.60 35.19 41.59
C LYS K 650 64.94 33.77 41.15
N ARG K 651 64.66 32.80 42.02
CA ARG K 651 65.01 31.40 41.79
C ARG K 651 64.31 30.90 40.53
N PRO K 652 63.01 31.16 40.37
CA PRO K 652 62.36 30.77 39.11
C PRO K 652 63.07 31.28 37.87
N LEU K 653 63.39 32.56 37.83
CA LEU K 653 64.00 33.12 36.63
C LEU K 653 65.36 32.50 36.37
N LYS K 654 66.18 32.36 37.41
CA LYS K 654 67.50 31.78 37.21
C LYS K 654 67.37 30.34 36.73
N LEU K 655 66.41 29.60 37.28
CA LEU K 655 66.20 28.23 36.85
C LEU K 655 65.74 28.19 35.41
N TYR K 656 64.87 29.12 35.02
CA TYR K 656 64.41 29.17 33.63
C TYR K 656 65.57 29.43 32.70
N LYS K 657 66.46 30.35 33.05
CA LYS K 657 67.61 30.62 32.21
C LYS K 657 68.53 29.41 32.13
N GLN K 658 68.79 28.77 33.28
CA GLN K 658 69.55 27.52 33.26
C GLN K 658 68.92 26.52 32.30
N TRP K 659 67.61 26.32 32.42
CA TRP K 659 66.92 25.35 31.60
C TRP K 659 67.05 25.67 30.12
N LEU K 660 66.84 26.94 29.77
CA LEU K 660 66.90 27.34 28.37
C LEU K 660 68.31 27.22 27.80
N THR K 661 69.32 27.55 28.59
CA THR K 661 70.68 27.70 28.10
C THR K 661 71.61 26.58 28.51
N SER K 662 71.57 26.15 29.77
CA SER K 662 72.61 25.26 30.28
C SER K 662 72.74 24.01 29.41
N ASP K 663 73.96 23.76 28.95
CA ASP K 663 74.22 22.62 28.08
C ASP K 663 73.99 21.30 28.80
N ASN K 664 74.47 21.20 30.05
CA ASN K 664 74.23 20.00 30.83
C ASN K 664 72.74 19.77 31.01
N VAL K 665 72.01 20.84 31.30
CA VAL K 665 70.56 20.72 31.45
C VAL K 665 69.95 20.23 30.15
N ARG K 666 70.38 20.76 29.02
CA ARG K 666 69.79 20.38 27.75
C ARG K 666 70.09 18.92 27.41
N LYS K 667 71.32 18.48 27.69
CA LYS K 667 71.65 17.08 27.53
C LYS K 667 70.76 16.21 28.40
N GLN K 668 70.56 16.61 29.65
CA GLN K 668 69.68 15.87 30.53
C GLN K 668 68.23 15.91 30.04
N ARG K 669 67.84 17.00 29.38
CA ARG K 669 66.52 17.08 28.78
C ARG K 669 66.37 15.97 27.74
N ALA K 670 67.35 15.89 26.83
CA ALA K 670 67.33 14.87 25.79
C ALA K 670 67.40 13.46 26.36
N GLU K 671 67.99 13.28 27.53
CA GLU K 671 68.08 11.95 28.14
C GLU K 671 66.72 11.28 28.20
N TYR K 672 66.70 9.96 28.35
CA TYR K 672 65.47 9.18 28.39
C TYR K 672 65.29 8.49 29.74
N VAL K 673 64.04 8.34 30.13
CA VAL K 673 63.65 7.64 31.34
C VAL K 673 62.43 6.79 31.03
N GLU K 674 62.30 5.68 31.74
CA GLU K 674 61.18 4.76 31.56
C GLU K 674 60.06 5.11 32.53
N VAL K 675 58.84 4.72 32.16
CA VAL K 675 57.67 4.90 33.01
C VAL K 675 56.80 3.66 32.85
N ALA K 676 56.30 3.13 33.97
CA ALA K 676 55.39 2.00 33.92
C ALA K 676 54.15 2.35 33.13
N LEU K 677 53.68 1.40 32.32
CA LEU K 677 52.49 1.65 31.52
C LEU K 677 51.29 1.98 32.41
N GLU K 678 51.10 1.23 33.50
CA GLU K 678 50.07 1.59 34.48
C GLU K 678 50.67 2.39 35.61
N TYR K 679 51.37 3.45 35.22
CA TYR K 679 51.93 4.33 36.22
C TYR K 679 50.84 4.92 37.10
N LEU K 680 49.66 5.15 36.55
CA LEU K 680 48.53 5.62 37.32
C LEU K 680 47.25 4.94 36.87
N PRO K 681 46.22 4.92 37.71
CA PRO K 681 44.98 4.21 37.35
C PRO K 681 44.16 4.92 36.29
N ASP K 682 43.34 4.10 35.61
CA ASP K 682 42.38 4.61 34.64
C ASP K 682 41.51 5.72 35.23
N GLU K 683 41.09 5.55 36.49
CA GLU K 683 40.24 6.56 37.10
C GLU K 683 40.98 7.89 37.16
N ALA K 684 42.27 7.85 37.51
CA ALA K 684 43.07 9.06 37.51
C ALA K 684 43.17 9.65 36.11
N VAL K 685 43.37 8.81 35.11
CA VAL K 685 43.40 9.32 33.75
C VAL K 685 42.13 10.09 33.46
N VAL K 686 40.99 9.48 33.73
CA VAL K 686 39.73 10.06 33.32
C VAL K 686 39.41 11.29 34.16
N ALA K 687 39.86 11.32 35.42
CA ALA K 687 39.71 12.53 36.20
C ALA K 687 40.46 13.68 35.55
N LEU K 688 41.74 13.46 35.22
CA LEU K 688 42.49 14.45 34.48
C LEU K 688 41.74 14.87 33.23
N GLN K 689 41.23 13.87 32.51
CA GLN K 689 40.61 14.08 31.22
C GLN K 689 39.38 14.98 31.36
N GLN K 690 38.58 14.70 32.38
CA GLN K 690 37.36 15.47 32.62
C GLN K 690 37.68 16.87 33.07
N ALA K 691 38.75 17.04 33.86
CA ALA K 691 39.22 18.39 34.14
C ALA K 691 39.52 19.12 32.84
N VAL K 692 40.14 18.42 31.90
CA VAL K 692 40.47 19.03 30.63
C VAL K 692 39.21 19.48 29.91
N MET K 693 38.20 18.61 29.83
CA MET K 693 36.97 19.02 29.17
C MET K 693 36.30 20.17 29.94
N ALA K 694 36.49 20.20 31.25
CA ALA K 694 35.98 21.32 32.02
C ALA K 694 36.58 22.62 31.52
N LYS K 695 37.91 22.69 31.43
CA LYS K 695 38.53 23.90 30.91
C LYS K 695 38.13 24.14 29.46
N MET K 696 37.92 23.07 28.69
CA MET K 696 37.40 23.23 27.34
C MET K 696 36.14 24.08 27.36
N ALA K 697 35.13 23.61 28.09
CA ALA K 697 33.87 24.35 28.16
C ALA K 697 34.10 25.75 28.70
N ASP K 698 34.96 25.88 29.70
CA ASP K 698 35.18 27.19 30.32
C ASP K 698 35.68 28.19 29.30
N ARG K 699 36.67 27.81 28.50
CA ARG K 699 37.24 28.74 27.52
C ARG K 699 36.50 28.72 26.19
N ASN K 700 35.49 27.88 26.02
CA ASN K 700 34.73 27.84 24.78
C ASN K 700 35.65 27.58 23.59
N ILE K 701 36.41 26.49 23.68
CA ILE K 701 37.36 26.08 22.66
C ILE K 701 36.89 24.77 22.06
N ALA K 702 37.01 24.63 20.75
CA ALA K 702 36.47 23.46 20.07
C ALA K 702 37.56 22.48 19.69
N ILE K 703 37.11 21.29 19.30
CA ILE K 703 37.98 20.19 18.94
C ILE K 703 37.64 19.76 17.53
N GLU K 704 38.64 19.77 16.65
CA GLU K 704 38.40 19.53 15.22
C GLU K 704 38.71 18.07 14.94
N CYS K 705 37.67 17.27 14.74
CA CYS K 705 37.80 15.81 14.69
C CYS K 705 37.65 15.28 13.28
N PRO K 706 38.72 14.74 12.68
CA PRO K 706 38.57 13.89 11.52
C PRO K 706 38.56 12.42 11.92
N PRO K 707 38.19 11.52 11.01
CA PRO K 707 38.27 10.09 11.32
C PRO K 707 39.58 9.47 10.85
N THR K 708 40.15 8.58 11.64
CA THR K 708 41.39 7.89 11.27
C THR K 708 41.18 6.38 11.23
N SER K 714 44.51 4.44 14.90
CA SER K 714 45.40 3.35 14.55
C SER K 714 45.06 2.09 15.33
N GLN K 715 45.03 2.19 16.65
CA GLN K 715 44.73 1.06 17.51
C GLN K 715 43.31 0.53 17.34
N TYR K 716 42.37 1.39 16.92
CA TYR K 716 40.96 1.02 16.88
C TYR K 716 40.76 -0.16 15.95
N ARG K 717 40.21 -1.25 16.49
CA ARG K 717 39.84 -2.38 15.65
C ARG K 717 38.76 -1.99 14.66
N ASN K 718 37.68 -1.40 15.16
CA ASN K 718 36.55 -1.00 14.34
C ASN K 718 36.24 0.47 14.57
N VAL K 719 35.60 1.09 13.58
CA VAL K 719 35.24 2.48 13.71
C VAL K 719 34.29 2.69 14.88
N SER K 720 33.49 1.69 15.24
CA SER K 720 32.64 1.85 16.41
C SER K 720 33.43 2.17 17.66
N GLU K 721 34.70 1.75 17.71
CA GLU K 721 35.59 2.10 18.80
C GLU K 721 36.00 3.57 18.78
N HIS K 722 35.42 4.38 17.89
CA HIS K 722 35.93 5.72 17.67
C HIS K 722 35.51 6.68 18.79
N HIS K 723 36.52 7.20 19.46
CA HIS K 723 36.47 8.32 20.38
C HIS K 723 35.49 9.43 20.01
N ILE K 724 35.36 9.78 18.73
CA ILE K 724 34.31 10.72 18.32
C ILE K 724 33.02 10.44 19.07
N PHE K 725 32.66 9.16 19.18
CA PHE K 725 31.37 8.83 19.75
C PHE K 725 31.32 9.20 21.22
N ARG K 726 32.39 8.88 21.96
CA ARG K 726 32.41 9.17 23.38
C ARG K 726 32.23 10.66 23.61
N TRP K 727 32.80 11.50 22.74
CA TRP K 727 32.39 12.90 22.83
C TRP K 727 30.91 13.06 22.51
N MET K 728 30.43 12.37 21.47
CA MET K 728 29.06 12.56 21.06
C MET K 728 28.07 12.06 22.10
N GLY K 729 28.55 11.53 23.22
CA GLY K 729 27.68 11.20 24.32
C GLY K 729 26.95 9.89 24.16
N LEU K 730 27.41 9.02 23.28
CA LEU K 730 26.71 7.77 23.05
C LEU K 730 26.71 6.94 24.33
N PRO K 731 25.55 6.42 24.75
CA PRO K 731 25.55 5.58 25.96
C PRO K 731 26.46 4.38 25.78
N GLY K 732 27.16 4.02 26.85
CA GLY K 732 28.15 2.98 26.80
C GLY K 732 29.49 3.41 26.28
N GLU K 733 29.58 4.58 25.67
CA GLU K 733 30.83 5.16 25.21
C GLU K 733 31.23 6.38 26.00
N ALA K 734 30.28 7.23 26.35
CA ALA K 734 30.56 8.38 27.20
C ALA K 734 30.93 7.91 28.60
N ILE K 735 31.68 8.76 29.30
CA ILE K 735 32.11 8.48 30.65
C ILE K 735 31.44 9.47 31.60
N GLU K 736 31.27 9.05 32.85
CA GLU K 736 30.41 9.77 33.77
C GLU K 736 30.78 11.25 33.88
N GLY K 737 32.04 11.54 34.16
CA GLY K 737 32.42 12.90 34.48
C GLY K 737 32.70 13.75 33.26
N ASP K 738 32.14 13.37 32.12
CA ASP K 738 32.36 14.12 30.89
C ASP K 738 31.51 15.39 30.85
N VAL K 739 31.88 16.29 29.95
CA VAL K 739 31.21 17.57 29.75
C VAL K 739 31.10 17.78 28.25
N PRO K 740 30.18 18.60 27.75
CA PRO K 740 30.22 18.96 26.33
C PRO K 740 31.43 19.84 26.02
N MET K 741 31.92 19.72 24.77
CA MET K 741 33.16 20.40 24.40
C MET K 741 33.22 20.94 22.98
N SER K 742 32.10 21.09 22.27
CA SER K 742 32.10 21.81 21.00
C SER K 742 33.06 21.17 19.99
N ILE K 743 32.61 20.01 19.52
CA ILE K 743 33.34 19.31 18.46
C ILE K 743 32.95 19.93 17.13
N CYS K 744 33.90 19.96 16.19
CA CYS K 744 33.64 20.28 14.79
C CYS K 744 34.29 19.21 13.94
N LEU K 745 33.90 19.16 12.67
CA LEU K 745 34.31 18.09 11.78
C LEU K 745 35.59 18.44 11.04
N GLY K 746 36.23 17.40 10.49
CA GLY K 746 37.37 17.57 9.63
C GLY K 746 37.50 16.41 8.65
N SER K 747 37.59 16.72 7.36
CA SER K 747 37.68 15.68 6.32
C SER K 747 39.16 15.39 6.06
N ASP K 748 39.77 14.69 7.02
CA ASP K 748 41.18 14.32 6.90
C ASP K 748 41.33 12.90 7.44
N ASP K 749 41.22 11.91 6.57
CA ASP K 749 41.49 10.53 6.96
C ASP K 749 42.88 10.15 6.44
N PRO K 750 43.84 9.85 7.32
CA PRO K 750 45.20 9.59 6.83
C PRO K 750 45.29 8.45 5.83
N GLY K 751 44.52 7.38 6.04
CA GLY K 751 44.76 6.13 5.34
C GLY K 751 43.73 5.77 4.30
N ILE K 752 43.28 6.74 3.51
CA ILE K 752 42.32 6.48 2.44
C ILE K 752 42.59 7.42 1.28
N PHE K 753 42.02 7.06 0.13
CA PHE K 753 42.06 7.90 -1.05
C PHE K 753 40.64 8.34 -1.34
N ALA K 754 40.48 9.53 -1.91
CA ALA K 754 39.17 10.01 -2.33
C ALA K 754 38.21 10.08 -1.13
N ALA K 755 38.68 10.76 -0.09
CA ALA K 755 37.88 11.00 1.10
C ALA K 755 37.48 12.46 1.17
N ASP K 756 36.23 12.69 1.59
CA ASP K 756 35.69 14.04 1.63
C ASP K 756 34.83 14.18 2.85
N LEU K 757 34.50 15.43 3.17
CA LEU K 757 33.66 15.70 4.33
C LEU K 757 32.30 15.03 4.20
N LYS K 758 31.72 15.06 2.99
CA LYS K 758 30.48 14.34 2.75
C LYS K 758 30.66 12.84 2.97
N SER K 759 31.78 12.30 2.49
CA SER K 759 32.07 10.90 2.73
C SER K 759 32.08 10.59 4.21
N GLU K 760 32.76 11.43 5.00
CA GLU K 760 32.84 11.19 6.43
C GLU K 760 31.46 11.32 7.07
N PHE K 761 30.66 12.26 6.58
CA PHE K 761 29.31 12.41 7.07
C PHE K 761 28.55 11.11 6.90
N TYR K 762 28.58 10.55 5.68
CA TYR K 762 27.95 9.25 5.47
C TYR K 762 28.51 8.20 6.42
N HIS K 763 29.83 8.13 6.54
CA HIS K 763 30.43 7.10 7.39
C HIS K 763 29.87 7.17 8.79
N LEU K 764 29.89 8.37 9.36
CA LEU K 764 29.43 8.55 10.73
C LEU K 764 27.96 8.19 10.84
N PHE K 765 27.16 8.62 9.87
CA PHE K 765 25.73 8.32 9.93
C PHE K 765 25.49 6.82 9.91
N VAL K 766 26.16 6.10 9.02
CA VAL K 766 25.94 4.67 8.91
C VAL K 766 26.36 3.97 10.18
N VAL K 767 27.53 4.33 10.72
CA VAL K 767 28.01 3.65 11.92
C VAL K 767 27.05 3.90 13.07
N LEU K 768 26.62 5.15 13.26
CA LEU K 768 25.62 5.42 14.27
C LEU K 768 24.39 4.55 14.08
N THR K 769 23.84 4.57 12.87
CA THR K 769 22.57 3.91 12.63
C THR K 769 22.65 2.41 12.89
N ARG K 770 23.71 1.76 12.42
CA ARG K 770 23.77 0.32 12.43
C ARG K 770 24.44 -0.25 13.66
N LYS K 771 25.63 0.24 14.00
CA LYS K 771 26.32 -0.27 15.18
C LYS K 771 25.68 0.18 16.48
N PHE K 772 25.03 1.34 16.48
CA PHE K 772 24.39 1.86 17.67
C PHE K 772 22.87 1.89 17.55
N GLY K 773 22.33 1.55 16.38
CA GLY K 773 20.89 1.37 16.26
C GLY K 773 20.07 2.63 16.39
N LEU K 774 20.70 3.80 16.36
CA LEU K 774 19.95 5.05 16.49
C LEU K 774 18.99 5.21 15.32
N SER K 775 17.88 5.89 15.57
CA SER K 775 16.95 6.19 14.51
C SER K 775 17.61 7.13 13.51
N PRO K 776 17.12 7.17 12.28
CA PRO K 776 17.71 8.10 11.31
C PRO K 776 17.71 9.52 11.82
N ALA K 777 16.61 9.94 12.46
CA ALA K 777 16.56 11.28 13.02
C ALA K 777 17.61 11.46 14.10
N ASP K 778 17.75 10.46 14.97
CA ASP K 778 18.74 10.55 16.05
C ASP K 778 20.14 10.75 15.47
N ALA K 779 20.54 9.87 14.57
CA ALA K 779 21.88 9.95 14.01
C ALA K 779 22.08 11.26 13.26
N LEU K 780 21.07 11.68 12.50
CA LEU K 780 21.19 12.91 11.74
C LEU K 780 21.39 14.09 12.67
N ARG K 781 20.59 14.17 13.73
CA ARG K 781 20.75 15.27 14.67
C ARG K 781 22.12 15.26 15.31
N LYS K 782 22.59 14.08 15.73
CA LYS K 782 23.89 14.01 16.35
C LYS K 782 24.98 14.49 15.40
N VAL K 783 25.00 13.95 14.18
CA VAL K 783 26.04 14.33 13.22
C VAL K 783 25.95 15.81 12.92
N ALA K 784 24.73 16.31 12.71
CA ALA K 784 24.57 17.73 12.53
C ALA K 784 25.27 18.49 13.65
N GLU K 785 25.00 18.14 14.90
CA GLU K 785 25.55 18.94 15.99
C GLU K 785 26.97 19.39 15.68
N VAL K 786 27.88 18.44 15.45
CA VAL K 786 29.23 18.80 15.06
C VAL K 786 29.22 19.58 13.74
N ASN K 787 28.38 19.16 12.80
CA ASN K 787 28.42 19.78 11.47
C ASN K 787 28.19 21.28 11.56
N GLU K 788 27.02 21.69 12.06
CA GLU K 788 26.75 23.12 12.23
C GLU K 788 27.62 23.75 13.32
N ASN K 789 28.20 22.97 14.23
CA ASN K 789 29.23 23.56 15.06
C ASN K 789 30.36 24.06 14.18
N GLY K 790 30.54 23.41 13.04
CA GLY K 790 31.42 23.95 12.02
C GLY K 790 31.08 25.39 11.69
N ARG K 791 29.80 25.67 11.41
CA ARG K 791 29.38 27.06 11.25
C ARG K 791 29.71 27.88 12.47
N ILE K 792 29.35 27.36 13.63
CA ILE K 792 29.36 28.17 14.83
C ILE K 792 30.77 28.69 15.10
N TYR K 793 31.76 27.83 14.93
CA TYR K 793 33.15 28.22 15.11
C TYR K 793 33.88 28.37 13.78
N ARG K 794 33.17 28.69 12.71
CA ARG K 794 33.83 29.06 11.49
C ARG K 794 34.77 30.24 11.74
N PHE K 795 35.98 30.13 11.21
CA PHE K 795 36.86 31.28 11.14
C PHE K 795 36.40 32.30 10.12
N HIS K 796 35.72 31.85 9.06
CA HIS K 796 35.32 32.74 7.98
C HIS K 796 34.78 34.05 8.52
N ASP K 797 35.18 35.14 7.88
CA ASP K 797 34.77 36.47 8.31
C ASP K 797 33.27 36.65 8.15
N VAL K 798 32.67 37.44 9.03
CA VAL K 798 31.24 37.69 8.99
C VAL K 798 30.98 39.10 8.50
N MET L 1 33.07 51.88 41.82
CA MET L 1 33.37 53.12 42.59
C MET L 1 33.56 54.29 41.65
N GLU L 2 34.11 54.00 40.47
CA GLU L 2 34.51 55.08 39.58
C GLU L 2 33.32 55.89 39.09
N ARG L 3 32.13 55.28 39.06
CA ARG L 3 30.94 55.99 38.63
C ARG L 3 30.83 57.36 39.31
N PHE L 4 31.28 57.47 40.55
CA PHE L 4 31.06 58.69 41.31
C PHE L 4 31.95 59.82 40.82
N LEU L 5 33.18 59.53 40.41
CA LEU L 5 34.04 60.53 39.82
C LEU L 5 33.58 61.01 38.46
N LEU L 6 32.87 60.18 37.70
CA LEU L 6 32.39 60.60 36.40
C LEU L 6 30.99 61.19 36.43
N ASN L 7 30.24 61.00 37.52
CA ASN L 7 28.96 61.69 37.69
C ASN L 7 28.82 62.06 39.16
N SER L 8 28.93 63.35 39.45
CA SER L 8 28.70 63.85 40.81
C SER L 8 28.20 65.28 40.73
N THR L 9 26.98 65.51 41.21
CA THR L 9 26.36 66.82 41.12
C THR L 9 27.08 67.85 42.00
N VAL L 10 27.31 67.50 43.27
CA VAL L 10 27.94 68.46 44.17
C VAL L 10 29.38 68.73 43.74
N LEU L 11 30.06 67.68 43.29
CA LEU L 11 31.34 67.86 42.62
C LEU L 11 31.24 68.86 41.49
N LEU L 12 30.24 68.70 40.63
CA LEU L 12 30.07 69.65 39.54
C LEU L 12 29.93 71.06 40.07
N TYR L 13 29.07 71.24 41.07
CA TYR L 13 28.91 72.54 41.71
C TYR L 13 30.26 73.15 42.03
N ARG L 14 31.02 72.52 42.93
CA ARG L 14 32.19 73.20 43.48
C ARG L 14 33.32 73.30 42.47
N LEU L 15 33.54 72.28 41.65
CA LEU L 15 34.57 72.45 40.63
C LEU L 15 34.22 73.58 39.66
N SER L 16 32.97 73.65 39.22
CA SER L 16 32.56 74.76 38.36
C SER L 16 32.73 76.10 39.06
N THR L 17 32.53 76.17 40.36
CA THR L 17 32.64 77.43 41.08
C THR L 17 34.08 77.86 41.33
N VAL L 18 34.99 76.93 41.60
CA VAL L 18 36.35 77.29 42.01
C VAL L 18 37.13 77.82 40.81
N SER L 19 38.19 78.57 41.11
CA SER L 19 39.05 79.11 40.08
C SER L 19 39.78 78.00 39.34
N LEU L 20 39.97 78.21 38.04
CA LEU L 20 40.65 77.24 37.21
C LEU L 20 42.10 77.03 37.64
N ASP L 21 42.69 77.99 38.34
CA ASP L 21 44.07 77.90 38.80
C ASP L 21 44.16 77.46 40.26
N GLU L 22 43.09 76.86 40.79
CA GLU L 22 43.06 76.54 42.21
C GLU L 22 44.14 75.52 42.57
N VAL L 23 44.19 74.40 41.85
CA VAL L 23 45.17 73.34 42.09
C VAL L 23 44.96 72.74 43.48
N SER L 24 45.40 71.49 43.66
CA SER L 24 45.51 70.58 44.79
C SER L 24 44.14 70.34 45.45
N LEU L 25 43.25 69.73 44.66
CA LEU L 25 41.88 69.46 45.08
C LEU L 25 41.66 67.99 45.41
N ASP L 26 42.69 67.28 45.85
CA ASP L 26 42.54 65.85 46.11
C ASP L 26 41.55 65.59 47.25
N GLU L 27 41.75 66.26 48.39
CA GLU L 27 40.84 66.09 49.52
C GLU L 27 39.43 66.55 49.16
N ARG L 28 39.32 67.64 48.40
CA ARG L 28 38.05 68.10 47.86
C ARG L 28 37.34 67.02 47.07
N VAL L 29 38.03 66.41 46.11
CA VAL L 29 37.41 65.36 45.30
C VAL L 29 37.04 64.18 46.19
N GLU L 30 37.85 63.93 47.22
CA GLU L 30 37.52 62.84 48.14
C GLU L 30 36.18 63.09 48.81
N SER L 31 36.00 64.30 49.35
CA SER L 31 34.73 64.65 49.97
C SER L 31 33.59 64.56 48.97
N SER L 32 33.84 65.02 47.75
CA SER L 32 32.83 64.92 46.70
C SER L 32 32.41 63.48 46.49
N VAL L 33 33.38 62.57 46.37
CA VAL L 33 33.08 61.19 46.08
C VAL L 33 32.30 60.57 47.22
N PHE L 34 32.71 60.85 48.46
CA PHE L 34 31.96 60.31 49.59
C PHE L 34 30.53 60.82 49.61
N LEU L 35 30.33 62.12 49.36
CA LEU L 35 28.98 62.64 49.34
C LEU L 35 28.15 62.00 48.23
N ALA L 36 28.73 61.87 47.04
CA ALA L 36 27.98 61.34 45.91
C ALA L 36 27.63 59.87 46.11
N GLN L 37 28.59 59.08 46.58
CA GLN L 37 28.31 57.69 46.90
C GLN L 37 27.24 57.59 47.99
N TYR L 38 27.30 58.45 49.00
CA TYR L 38 26.27 58.41 50.02
C TYR L 38 24.90 58.67 49.42
N GLU L 39 24.80 59.68 48.55
CA GLU L 39 23.50 60.05 48.02
C GLU L 39 22.97 59.00 47.06
N GLN L 40 23.85 58.38 46.27
CA GLN L 40 23.38 57.45 45.24
C GLN L 40 23.28 56.03 45.78
N ALA L 41 24.40 55.45 46.21
CA ALA L 41 24.43 54.10 46.76
C ALA L 41 24.58 54.24 48.27
N ARG L 42 23.44 54.25 48.97
CA ARG L 42 23.44 54.49 50.40
C ARG L 42 23.89 53.26 51.19
N SER L 43 23.64 52.07 50.66
CA SER L 43 23.82 50.83 51.40
C SER L 43 25.27 50.54 51.78
N LEU L 44 26.25 51.07 51.04
CA LEU L 44 27.64 50.66 51.26
C LEU L 44 28.10 51.12 52.65
N PRO L 45 28.72 50.22 53.47
CA PRO L 45 28.97 50.57 54.87
C PRO L 45 30.17 51.45 55.17
N ASP L 46 30.28 52.63 54.54
CA ASP L 46 31.05 53.73 55.11
C ASP L 46 32.56 53.51 55.14
N HIS L 47 33.02 52.29 54.88
CA HIS L 47 34.45 52.02 54.99
C HIS L 47 34.97 51.36 53.73
N VAL L 48 34.09 50.63 53.05
CA VAL L 48 34.47 50.07 51.76
C VAL L 48 34.76 51.17 50.78
N ALA L 49 34.03 52.30 50.87
CA ALA L 49 34.32 53.44 50.03
C ALA L 49 35.72 53.98 50.32
N LYS L 50 36.08 54.08 51.60
CA LYS L 50 37.41 54.54 51.96
C LYS L 50 38.47 53.64 51.34
N SER L 51 38.29 52.32 51.50
CA SER L 51 39.27 51.38 50.97
C SER L 51 39.35 51.48 49.45
N ALA L 52 38.20 51.57 48.79
CA ALA L 52 38.17 51.63 47.34
C ALA L 52 38.90 52.86 46.83
N TRP L 53 38.66 54.01 47.46
CA TRP L 53 39.36 55.21 47.02
C TRP L 53 40.84 55.12 47.34
N SER L 54 41.19 54.52 48.49
CA SER L 54 42.59 54.32 48.81
C SER L 54 43.28 53.57 47.69
N TYR L 55 42.66 52.49 47.21
CA TYR L 55 43.27 51.76 46.11
C TYR L 55 43.23 52.56 44.81
N LEU L 56 42.19 53.37 44.61
CA LEU L 56 42.17 54.20 43.40
C LEU L 56 43.39 55.10 43.35
N VAL L 57 43.63 55.84 44.43
CA VAL L 57 44.78 56.73 44.48
C VAL L 57 46.06 55.91 44.41
N GLN L 58 46.05 54.71 44.99
CA GLN L 58 47.22 53.85 44.87
C GLN L 58 47.53 53.56 43.42
N GLN L 59 46.51 53.19 42.65
CA GLN L 59 46.68 52.97 41.21
C GLN L 59 47.23 54.22 40.54
N ILE L 60 46.59 55.36 40.83
CA ILE L 60 46.93 56.59 40.12
C ILE L 60 48.38 56.96 40.38
N LYS L 61 48.81 56.85 41.63
CA LYS L 61 50.18 57.22 41.96
C LYS L 61 51.17 56.20 41.42
N GLN L 62 50.82 54.91 41.48
CA GLN L 62 51.74 53.89 40.98
C GLN L 62 51.97 54.06 39.48
N ARG L 63 50.90 54.23 38.72
CA ARG L 63 51.04 54.40 37.28
C ARG L 63 51.32 55.84 36.90
N ASN L 64 51.45 56.73 37.89
CA ASN L 64 52.01 58.06 37.70
C ASN L 64 51.09 58.95 36.87
N MET L 65 49.82 59.00 37.24
CA MET L 65 48.89 59.94 36.64
C MET L 65 48.47 60.98 37.68
N LYS L 66 47.70 61.95 37.22
CA LYS L 66 47.05 62.93 38.08
C LYS L 66 45.58 62.56 38.19
N LEU L 67 45.00 62.76 39.38
CA LEU L 67 43.59 62.46 39.54
C LEU L 67 42.81 63.26 38.50
N GLY L 68 42.25 62.57 37.52
CA GLY L 68 41.64 63.24 36.41
C GLY L 68 40.92 62.29 35.46
N PRO L 69 40.12 62.88 34.57
CA PRO L 69 39.28 62.06 33.69
C PRO L 69 40.10 61.13 32.85
N VAL L 70 41.32 61.55 32.52
CA VAL L 70 42.22 60.71 31.73
C VAL L 70 42.46 59.39 32.44
N ALA L 71 43.04 59.46 33.63
CA ALA L 71 43.32 58.25 34.39
C ALA L 71 42.06 57.45 34.62
N ILE L 72 40.94 58.13 34.88
CA ILE L 72 39.71 57.42 35.14
C ILE L 72 39.28 56.59 33.95
N LEU L 73 39.20 57.20 32.76
CA LEU L 73 38.81 56.43 31.60
C LEU L 73 39.83 55.36 31.29
N ARG L 74 41.10 55.60 31.66
CA ARG L 74 42.12 54.59 31.40
C ARG L 74 41.87 53.34 32.25
N LEU L 75 41.69 53.53 33.55
CA LEU L 75 41.37 52.41 34.43
C LEU L 75 40.10 51.72 33.96
N ILE L 76 39.08 52.50 33.60
CA ILE L 76 37.85 51.90 33.10
C ILE L 76 38.15 51.01 31.91
N ALA L 77 38.64 51.59 30.82
CA ALA L 77 38.85 50.82 29.59
C ALA L 77 39.65 49.57 29.87
N GLU L 78 40.71 49.67 30.68
CA GLU L 78 41.45 48.47 31.03
C GLU L 78 40.57 47.45 31.73
N LYS L 79 39.75 47.90 32.66
CA LYS L 79 39.00 47.00 33.53
C LYS L 79 37.76 46.43 32.84
N PHE L 80 37.30 47.07 31.78
CA PHE L 80 36.09 46.66 31.08
C PHE L 80 36.36 46.18 29.66
N ILE L 81 36.94 47.02 28.82
CA ILE L 81 36.87 46.85 27.37
C ILE L 81 38.13 46.14 26.91
N LYS L 82 37.99 45.33 25.85
CA LYS L 82 39.13 44.65 25.25
C LYS L 82 38.88 44.43 23.77
N ASN L 83 39.95 44.22 23.00
CA ASN L 83 39.88 44.00 21.57
C ASN L 83 39.78 42.50 21.30
N GLU L 84 38.73 42.08 20.61
CA GLU L 84 38.54 40.68 20.24
C GLU L 84 37.92 40.60 18.87
N LYS L 85 38.48 39.74 18.00
CA LYS L 85 37.81 39.40 16.76
C LYS L 85 37.57 40.64 15.90
N GLY L 86 36.48 41.36 16.18
CA GLY L 86 36.15 42.56 15.45
C GLY L 86 35.85 43.71 16.39
N GLY L 87 36.68 44.74 16.36
CA GLY L 87 36.52 45.88 17.24
C GLY L 87 36.59 45.48 18.69
N PRO L 88 36.55 46.47 19.58
CA PRO L 88 36.55 46.17 21.01
C PRO L 88 35.29 45.45 21.42
N LYS L 89 35.43 44.58 22.44
CA LYS L 89 34.28 43.89 23.01
C LYS L 89 34.44 43.86 24.52
N ILE L 90 33.30 43.87 25.21
CA ILE L 90 33.26 43.82 26.67
C ILE L 90 33.48 42.40 27.14
N ASP L 91 34.34 42.24 28.13
CA ASP L 91 34.56 40.93 28.73
C ASP L 91 33.26 40.41 29.33
N LEU L 92 32.95 39.16 29.00
CA LEU L 92 31.62 38.63 29.31
C LEU L 92 31.28 38.70 30.79
N PRO L 93 32.12 38.22 31.72
CA PRO L 93 31.74 38.28 33.13
C PRO L 93 31.53 39.69 33.64
N MET L 94 31.94 40.71 32.90
CA MET L 94 31.88 42.09 33.33
C MET L 94 30.70 42.85 32.74
N PHE L 95 29.89 42.20 31.89
CA PHE L 95 28.85 42.90 31.16
C PHE L 95 27.80 43.51 32.10
N SER L 96 27.39 42.76 33.13
CA SER L 96 26.39 43.29 34.04
C SER L 96 26.91 44.54 34.75
N GLU L 97 28.17 44.51 35.19
CA GLU L 97 28.74 45.68 35.82
C GLU L 97 28.83 46.83 34.83
N TRP L 98 29.17 46.52 33.58
CA TRP L 98 29.31 47.57 32.57
C TRP L 98 27.97 48.21 32.24
N GLN L 99 26.90 47.42 32.14
CA GLN L 99 25.59 47.99 31.87
C GLN L 99 25.08 48.75 33.09
N THR L 100 25.44 48.29 34.29
CA THR L 100 25.18 49.10 35.48
C THR L 100 25.88 50.44 35.37
N LEU L 101 27.14 50.42 34.94
CA LEU L 101 27.89 51.66 34.77
C LEU L 101 27.20 52.57 33.75
N MET L 102 26.81 52.01 32.61
CA MET L 102 26.05 52.78 31.63
C MET L 102 24.74 53.29 32.19
N SER L 103 24.22 52.64 33.24
CA SER L 103 23.04 53.18 33.90
C SER L 103 23.26 54.60 34.39
N ARG L 104 24.52 55.04 34.53
CA ARG L 104 24.82 56.37 35.04
C ARG L 104 25.76 57.18 34.14
N VAL L 105 26.55 56.52 33.28
CA VAL L 105 27.61 57.20 32.54
C VAL L 105 27.53 56.81 31.07
N SER L 106 28.16 57.62 30.23
CA SER L 106 28.21 57.37 28.79
C SER L 106 29.56 56.79 28.38
N CYS L 107 29.53 55.99 27.32
CA CYS L 107 30.70 55.25 26.87
C CYS L 107 31.50 55.96 25.80
N LEU L 108 31.04 57.10 25.28
CA LEU L 108 31.82 57.78 24.26
C LEU L 108 33.23 58.08 24.75
N PRO L 109 33.42 58.73 25.91
CA PRO L 109 34.79 59.01 26.36
C PRO L 109 35.57 57.74 26.63
N ILE L 110 34.92 56.74 27.20
CA ILE L 110 35.59 55.51 27.56
C ILE L 110 36.13 54.83 26.32
N ILE L 111 35.31 54.75 25.28
CA ILE L 111 35.72 54.08 24.05
C ILE L 111 36.80 54.89 23.35
N ALA L 112 36.68 56.22 23.38
CA ALA L 112 37.77 57.04 22.85
C ALA L 112 39.08 56.70 23.52
N CYS L 113 39.08 56.66 24.85
CA CYS L 113 40.31 56.38 25.58
C CYS L 113 40.82 54.99 25.26
N HIS L 114 39.92 54.02 25.16
CA HIS L 114 40.33 52.66 24.82
C HIS L 114 41.03 52.64 23.47
N GLN L 115 40.40 53.19 22.45
CA GLN L 115 41.03 53.18 21.13
C GLN L 115 42.35 53.92 21.16
N VAL L 116 42.46 54.96 21.99
CA VAL L 116 43.64 55.80 21.96
C VAL L 116 44.82 55.08 22.61
N PHE L 117 44.57 54.34 23.69
CA PHE L 117 45.63 53.79 24.53
C PHE L 117 45.86 52.29 24.36
N ASN L 118 44.95 51.56 23.75
CA ASN L 118 45.22 50.15 23.50
C ASN L 118 44.47 49.72 22.24
N PRO L 119 44.72 50.40 21.12
CA PRO L 119 44.02 50.04 19.89
C PRO L 119 44.35 48.63 19.46
N GLY L 120 43.37 47.96 18.87
CA GLY L 120 43.57 46.63 18.34
C GLY L 120 44.48 46.67 17.13
N PRO L 121 44.42 45.62 16.31
CA PRO L 121 45.23 45.62 15.08
C PRO L 121 44.91 46.86 14.23
N ALA L 122 45.96 47.48 13.73
CA ALA L 122 45.81 48.74 12.99
C ALA L 122 45.42 48.47 11.55
N SER L 123 44.39 47.66 11.33
CA SER L 123 43.91 47.35 9.98
C SER L 123 42.41 47.54 9.80
N GLN L 124 41.60 47.28 10.82
CA GLN L 124 40.15 47.49 10.72
C GLN L 124 39.89 48.93 11.16
N GLU L 125 39.81 49.82 10.18
CA GLU L 125 39.53 51.21 10.46
C GLU L 125 38.32 51.31 11.36
N TYR L 126 38.50 51.85 12.56
CA TYR L 126 37.51 51.72 13.61
C TYR L 126 36.54 52.90 13.57
N SER L 127 35.40 52.69 12.93
CA SER L 127 34.29 53.63 12.93
C SER L 127 33.47 53.38 14.18
N PHE L 128 33.28 54.42 14.99
CA PHE L 128 32.58 54.25 16.25
C PHE L 128 31.21 53.64 16.04
N ARG L 129 30.85 52.72 16.91
CA ARG L 129 29.52 52.14 16.95
C ARG L 129 29.10 51.98 18.40
N TRP L 130 27.83 52.25 18.66
CA TRP L 130 27.28 52.19 19.99
C TRP L 130 26.06 51.29 20.04
N PRO L 131 25.80 50.62 21.17
CA PRO L 131 26.70 50.53 22.32
C PRO L 131 27.80 49.49 22.10
N LEU L 132 28.55 49.19 23.16
CA LEU L 132 29.58 48.16 23.09
C LEU L 132 29.02 46.84 23.61
N TYR L 133 29.31 45.77 22.90
CA TYR L 133 28.72 44.46 23.16
C TYR L 133 29.76 43.44 23.57
N PRO L 134 29.34 42.34 24.19
CA PRO L 134 30.23 41.20 24.40
C PRO L 134 30.33 40.33 23.16
N TYR L 135 31.10 39.25 23.29
CA TYR L 135 31.34 38.30 22.21
C TYR L 135 30.99 36.90 22.67
N HIS L 136 30.05 36.27 21.97
CA HIS L 136 29.89 34.83 22.09
C HIS L 136 29.54 34.21 20.74
N PRO L 137 30.38 33.33 20.23
CA PRO L 137 30.16 32.82 18.86
C PRO L 137 28.77 32.28 18.67
N THR L 138 28.23 31.58 19.66
CA THR L 138 26.86 31.09 19.55
C THR L 138 25.89 32.24 19.36
N VAL L 139 26.08 33.30 20.14
CA VAL L 139 25.18 34.44 20.06
C VAL L 139 25.24 35.08 18.69
N GLU L 140 26.46 35.31 18.18
CA GLU L 140 26.57 35.99 16.91
C GLU L 140 26.06 35.12 15.77
N ASP L 141 26.33 33.82 15.84
CA ASP L 141 25.81 32.92 14.82
C ASP L 141 24.29 32.91 14.84
N TYR L 142 23.69 32.93 16.03
CA TYR L 142 22.24 32.98 16.11
C TYR L 142 21.72 34.26 15.51
N ILE L 143 22.28 35.40 15.87
CA ILE L 143 21.74 36.65 15.33
C ILE L 143 21.89 36.66 13.81
N THR L 144 23.01 36.14 13.31
CA THR L 144 23.20 36.09 11.86
C THR L 144 22.16 35.20 11.19
N ARG L 145 22.01 33.97 11.67
CA ARG L 145 21.09 33.03 11.05
C ARG L 145 19.66 33.55 11.13
N GLU L 146 19.30 34.14 12.27
CA GLU L 146 17.94 34.53 12.57
C GLU L 146 17.71 36.04 12.53
N CYS L 147 18.54 36.84 13.19
CA CYS L 147 18.29 38.27 13.39
C CYS L 147 17.18 38.47 14.43
N LEU L 148 17.04 39.71 14.92
CA LEU L 148 16.28 40.00 16.11
C LEU L 148 15.02 40.81 15.82
N HIS L 149 14.27 41.10 16.89
CA HIS L 149 12.93 41.68 16.81
C HIS L 149 12.75 42.82 17.79
N GLU L 150 12.62 44.03 17.28
CA GLU L 150 12.27 45.17 18.14
C GLU L 150 10.76 45.28 18.18
N THR L 151 10.20 45.10 19.38
CA THR L 151 8.76 45.15 19.59
C THR L 151 8.34 46.26 20.54
N HIS L 152 9.28 46.87 21.25
CA HIS L 152 8.93 47.77 22.34
C HIS L 152 10.02 48.83 22.44
N GLN L 153 9.82 49.96 21.79
CA GLN L 153 10.78 51.08 21.80
C GLN L 153 9.98 52.37 21.69
N HIS L 154 9.64 52.97 22.84
CA HIS L 154 8.84 54.08 23.32
C HIS L 154 9.47 54.86 24.47
N LEU L 155 10.77 54.73 24.70
CA LEU L 155 11.36 55.39 25.87
C LEU L 155 11.62 56.88 25.61
N ASN L 156 12.50 57.19 24.68
CA ASN L 156 12.85 58.57 24.33
C ASN L 156 12.49 58.73 22.87
N GLY L 157 11.23 59.03 22.59
CA GLY L 157 10.76 58.94 21.22
C GLY L 157 11.04 57.53 20.75
N SER L 158 12.04 57.40 19.89
CA SER L 158 12.61 56.09 19.60
C SER L 158 14.13 56.12 19.60
N THR L 159 14.74 57.18 20.12
CA THR L 159 16.19 57.34 20.12
C THR L 159 16.77 57.03 21.48
N SER L 160 18.07 56.72 21.49
CA SER L 160 18.79 56.63 22.74
C SER L 160 19.16 58.03 23.24
N ALA L 161 19.25 58.16 24.56
CA ALA L 161 19.38 59.47 25.18
C ALA L 161 20.67 60.18 24.81
N GLU L 162 21.75 59.46 24.53
CA GLU L 162 23.03 60.11 24.26
C GLU L 162 22.96 61.03 23.04
N GLU L 163 22.26 60.62 21.99
CA GLU L 163 22.09 61.49 20.83
C GLU L 163 21.26 62.73 21.16
N CYS L 164 20.32 62.62 22.11
CA CYS L 164 19.57 63.79 22.53
C CYS L 164 20.50 64.87 23.07
N TRP L 165 21.67 64.48 23.58
CA TRP L 165 22.64 65.46 24.07
C TRP L 165 23.24 66.29 22.94
N LEU L 166 23.82 65.64 21.92
CA LEU L 166 24.30 66.44 20.80
C LEU L 166 23.15 67.18 20.14
N ASP L 167 21.93 66.66 20.22
CA ASP L 167 20.77 67.42 19.78
C ASP L 167 20.63 68.72 20.58
N ALA L 168 20.78 68.63 21.90
CA ALA L 168 20.66 69.82 22.74
C ALA L 168 21.72 70.84 22.39
N LEU L 169 22.98 70.41 22.25
CA LEU L 169 24.03 71.35 21.84
C LEU L 169 23.79 71.91 20.45
N LYS L 170 23.16 71.15 19.56
CA LYS L 170 22.79 71.70 18.27
C LYS L 170 21.73 72.79 18.43
N HIS L 171 20.78 72.59 19.33
CA HIS L 171 19.72 73.56 19.59
C HIS L 171 19.56 73.80 21.09
N PRO L 172 20.57 74.40 21.72
CA PRO L 172 20.48 74.58 23.18
C PRO L 172 19.27 75.40 23.60
N GLU L 173 18.99 76.47 22.87
CA GLU L 173 17.80 77.28 23.14
C GLU L 173 16.54 76.42 23.12
N ALA L 174 16.45 75.46 22.21
CA ALA L 174 15.30 74.58 22.16
C ALA L 174 15.18 73.77 23.45
N CYS L 175 16.30 73.23 23.93
CA CYS L 175 16.29 72.50 25.18
C CYS L 175 15.90 73.40 26.33
N LEU L 176 16.31 74.67 26.26
CA LEU L 176 15.90 75.63 27.29
C LEU L 176 14.38 75.82 27.29
N ARG L 177 13.80 75.98 26.10
CA ARG L 177 12.36 76.15 26.02
C ARG L 177 11.64 74.93 26.56
N ASP L 178 12.09 73.74 26.18
CA ASP L 178 11.48 72.53 26.69
C ASP L 178 11.60 72.45 28.21
N PHE L 179 12.78 72.79 28.74
CA PHE L 179 12.98 72.76 30.19
C PHE L 179 12.00 73.68 30.88
N GLU L 180 11.95 74.95 30.46
CA GLU L 180 11.09 75.92 31.14
C GLU L 180 9.62 75.54 31.03
N LYS L 181 9.16 75.17 29.84
CA LYS L 181 7.77 74.75 29.68
C LYS L 181 7.68 73.33 30.23
N GLY L 182 7.37 73.27 31.52
CA GLY L 182 7.43 72.03 32.26
C GLY L 182 8.07 72.28 33.61
N TRP L 183 9.04 73.19 33.66
CA TRP L 183 9.58 73.60 34.94
C TRP L 183 8.51 74.23 35.82
N ALA L 184 7.43 74.73 35.22
CA ALA L 184 6.32 75.28 35.99
C ALA L 184 5.44 74.20 36.60
N SER L 185 5.50 72.96 36.08
CA SER L 185 4.68 71.89 36.62
C SER L 185 5.40 71.15 37.73
N GLN L 186 4.64 70.80 38.77
CA GLN L 186 5.24 70.39 40.04
C GLN L 186 6.17 69.19 39.89
N GLU L 187 5.68 68.11 39.28
CA GLU L 187 6.43 66.86 39.31
C GLU L 187 7.85 67.07 38.80
N MET L 188 8.02 67.86 37.76
CA MET L 188 9.38 68.18 37.32
C MET L 188 10.12 68.99 38.37
N LYS L 189 9.41 69.83 39.14
CA LYS L 189 10.10 70.52 40.23
C LYS L 189 10.63 69.52 41.26
N GLN L 190 9.79 68.56 41.65
CA GLN L 190 10.24 67.55 42.61
C GLN L 190 11.43 66.80 42.07
N LEU L 191 11.38 66.42 40.78
CA LEU L 191 12.52 65.72 40.18
C LEU L 191 13.77 66.60 40.16
N CYS L 192 13.63 67.84 39.75
CA CYS L 192 14.81 68.70 39.64
C CYS L 192 15.46 68.86 40.99
N ALA L 193 14.65 69.06 42.03
CA ALA L 193 15.21 69.12 43.38
C ALA L 193 15.88 67.80 43.74
N GLN L 194 15.22 66.67 43.47
CA GLN L 194 15.76 65.40 43.92
C GLN L 194 17.10 65.08 43.27
N ILE L 195 17.22 65.29 41.96
CA ILE L 195 18.48 65.00 41.28
C ILE L 195 19.50 66.10 41.57
N ASP L 196 19.16 67.34 41.26
CA ASP L 196 20.04 68.49 41.46
C ASP L 196 19.28 69.51 42.29
N PRO L 197 19.47 69.54 43.61
CA PRO L 197 18.69 70.47 44.44
C PRO L 197 18.60 71.86 43.85
N SER L 198 19.72 72.45 43.49
CA SER L 198 19.75 73.78 42.87
C SER L 198 19.94 73.66 41.36
N LEU L 199 18.93 73.12 40.69
CA LEU L 199 19.04 72.90 39.24
C LEU L 199 18.68 74.17 38.47
N THR L 200 17.41 74.58 38.55
CA THR L 200 16.88 75.80 37.96
C THR L 200 17.13 75.92 36.45
N PRO L 201 16.21 76.50 35.70
CA PRO L 201 16.49 76.78 34.28
C PRO L 201 17.64 77.74 34.09
N ARG L 202 17.88 78.63 35.06
CA ARG L 202 18.99 79.56 34.94
C ARG L 202 20.31 78.80 34.84
N ILE L 203 20.63 78.04 35.88
CA ILE L 203 21.86 77.26 35.83
C ILE L 203 21.77 76.20 34.74
N PHE L 204 20.56 75.86 34.30
CA PHE L 204 20.41 74.97 33.16
C PHE L 204 21.04 75.57 31.91
N LYS L 205 20.63 76.79 31.56
CA LYS L 205 21.23 77.47 30.42
C LYS L 205 22.71 77.69 30.67
N ASP L 206 23.07 78.03 31.90
CA ASP L 206 24.47 78.27 32.22
C ASP L 206 25.31 77.04 31.92
N ARG L 207 24.89 75.88 32.42
CA ARG L 207 25.67 74.67 32.25
C ARG L 207 25.70 74.25 30.78
N LEU L 208 24.59 74.43 30.06
CA LEU L 208 24.60 74.12 28.64
C LEU L 208 25.66 74.94 27.90
N GLN L 209 25.65 76.26 28.12
CA GLN L 209 26.60 77.11 27.41
C GLN L 209 28.02 76.81 27.84
N ILE L 210 28.23 76.54 29.13
CA ILE L 210 29.55 76.12 29.59
C ILE L 210 29.99 74.89 28.83
N ALA L 211 29.10 73.91 28.68
CA ALA L 211 29.47 72.68 27.99
C ALA L 211 29.92 72.96 26.57
N CYS L 212 29.14 73.77 25.84
CA CYS L 212 29.51 74.05 24.46
C CYS L 212 30.85 74.77 24.39
N ASN L 213 31.07 75.73 25.28
CA ASN L 213 32.32 76.48 25.27
C ASN L 213 33.51 75.58 25.58
N ILE L 214 33.34 74.67 26.54
CA ILE L 214 34.39 73.69 26.82
C ILE L 214 34.68 72.88 25.58
N ARG L 215 33.64 72.40 24.90
CA ARG L 215 33.87 71.65 23.67
C ARG L 215 34.75 72.46 22.73
N GLU L 216 34.42 73.73 22.54
CA GLU L 216 35.18 74.55 21.60
C GLU L 216 36.64 74.70 22.03
N ILE L 217 36.86 75.01 23.30
CA ILE L 217 38.22 75.30 23.76
C ILE L 217 39.09 74.04 23.67
N LEU L 218 38.55 72.92 24.13
CA LEU L 218 39.32 71.70 24.04
C LEU L 218 39.43 71.23 22.59
N CYS L 219 38.55 71.69 21.70
CA CYS L 219 38.84 71.53 20.27
C CYS L 219 40.08 72.32 19.89
N ARG L 220 40.23 73.50 20.47
CA ARG L 220 41.42 74.28 20.17
C ARG L 220 42.66 73.49 20.53
N VAL L 221 42.69 72.96 21.75
CA VAL L 221 43.87 72.19 22.15
C VAL L 221 44.00 70.92 21.29
N ALA L 222 42.89 70.21 21.02
CA ALA L 222 42.97 68.97 20.27
C ALA L 222 43.57 69.18 18.89
N GLN L 223 43.05 70.16 18.14
CA GLN L 223 43.68 70.53 16.88
C GLN L 223 45.06 71.13 17.09
N GLY L 224 45.41 71.48 18.32
CA GLY L 224 46.74 71.98 18.59
C GLY L 224 46.99 73.26 17.84
N VAL L 225 46.04 74.19 17.93
CA VAL L 225 46.06 75.41 17.14
C VAL L 225 46.21 76.58 18.11
N GLU L 226 47.47 76.93 18.40
CA GLU L 226 47.86 78.26 18.84
C GLU L 226 47.34 78.68 20.20
N LEU L 227 46.50 77.86 20.85
CA LEU L 227 46.00 78.21 22.18
C LEU L 227 45.61 79.69 22.21
N PRO L 228 44.48 80.05 21.60
CA PRO L 228 44.13 81.48 21.45
C PRO L 228 44.28 82.27 22.74
N GLU L 229 44.36 83.61 22.60
CA GLU L 229 44.80 84.45 23.72
C GLU L 229 43.78 84.48 24.85
N TRP L 230 42.49 84.55 24.54
CA TRP L 230 41.50 84.78 25.60
C TRP L 230 41.46 83.66 26.63
N ILE L 231 42.16 82.55 26.40
CA ILE L 231 42.26 81.54 27.46
C ILE L 231 42.92 82.15 28.69
N ALA L 232 43.88 83.05 28.49
CA ALA L 232 44.54 83.69 29.62
C ALA L 232 43.54 84.47 30.47
N SER L 233 42.67 85.24 29.82
CA SER L 233 41.62 85.93 30.57
C SER L 233 40.68 84.95 31.23
N MET L 234 40.33 83.87 30.53
CA MET L 234 39.47 82.84 31.11
C MET L 234 40.15 82.25 32.33
N GLN L 235 39.56 82.47 33.51
CA GLN L 235 40.10 81.99 34.77
C GLN L 235 39.11 81.21 35.61
N ASN L 236 37.81 81.39 35.41
CA ASN L 236 36.82 80.67 36.19
C ASN L 236 35.85 79.99 35.23
N PRO L 237 35.37 78.79 35.56
CA PRO L 237 34.44 78.10 34.65
C PRO L 237 33.20 78.92 34.35
N GLN L 238 32.69 79.64 35.36
CA GLN L 238 31.47 80.42 35.15
C GLN L 238 31.65 81.42 34.01
N GLN L 239 32.89 81.83 33.72
CA GLN L 239 33.13 82.70 32.58
C GLN L 239 32.67 82.03 31.29
N LEU L 240 32.54 80.71 31.29
CA LEU L 240 32.04 79.96 30.14
C LEU L 240 30.52 79.90 30.10
N ALA L 241 29.84 80.52 31.06
CA ALA L 241 28.38 80.54 31.05
C ALA L 241 27.81 81.51 30.02
N ASN L 242 28.64 82.32 29.37
CA ASN L 242 28.20 83.29 28.40
C ASN L 242 28.76 82.94 27.02
N SER L 243 28.03 83.36 25.98
CA SER L 243 28.41 83.03 24.62
C SER L 243 29.72 83.67 24.20
N THR L 244 30.15 84.72 24.90
CA THR L 244 31.36 85.44 24.53
C THR L 244 32.19 85.72 25.78
N ILE L 245 33.49 85.94 25.58
CA ILE L 245 34.42 86.21 26.66
C ILE L 245 35.08 87.56 26.41
N LEU L 246 35.14 88.38 27.46
CA LEU L 246 35.71 89.72 27.40
C LEU L 246 37.14 89.66 27.91
N HIS L 247 38.10 89.83 26.99
CA HIS L 247 39.53 89.72 27.36
C HIS L 247 40.07 91.07 27.81
N ASN L 248 40.11 92.03 26.89
CA ASN L 248 40.46 93.42 27.22
C ASN L 248 39.59 94.31 26.34
N GLY L 249 38.38 94.60 26.80
CA GLY L 249 37.48 95.43 26.03
C GLY L 249 36.78 94.66 24.93
N ARG L 250 37.50 93.72 24.32
CA ARG L 250 36.99 92.91 23.22
C ARG L 250 36.31 91.67 23.77
N GLU L 251 35.17 91.33 23.17
CA GLU L 251 34.43 90.13 23.50
C GLU L 251 34.72 89.10 22.42
N TYR L 252 35.42 88.03 22.79
CA TYR L 252 35.91 87.05 21.85
C TYR L 252 34.99 85.83 21.81
N GLY L 253 34.60 85.43 20.61
CA GLY L 253 33.73 84.29 20.46
C GLY L 253 34.43 82.98 20.72
N PHE L 254 33.64 81.94 20.93
CA PHE L 254 34.15 80.60 21.21
C PHE L 254 34.11 79.69 20.00
N ALA L 255 33.36 80.05 18.95
CA ALA L 255 33.15 79.19 17.81
C ALA L 255 34.33 79.25 16.85
N THR L 256 34.35 78.32 15.90
CA THR L 256 35.51 78.12 15.03
C THR L 256 35.11 77.38 13.76
N VAL L 257 36.12 76.85 13.07
CA VAL L 257 35.96 75.84 12.03
C VAL L 257 36.22 74.46 12.63
N TRP L 258 35.29 73.52 12.43
CA TRP L 258 35.56 72.14 12.73
C TRP L 258 35.60 71.33 11.44
N PRO L 259 36.43 70.28 11.38
CA PRO L 259 36.63 69.60 10.08
C PRO L 259 35.35 69.09 9.44
N ILE L 260 34.42 68.59 10.24
CA ILE L 260 33.24 67.95 9.69
C ILE L 260 32.08 68.94 9.66
N ASP L 261 31.25 68.82 8.62
CA ASP L 261 30.14 69.75 8.45
C ASP L 261 29.16 69.69 9.62
N ASP L 262 28.68 68.48 9.94
CA ASP L 262 27.76 68.30 11.06
C ASP L 262 28.60 68.39 12.33
N LYS L 263 28.66 69.60 12.91
CA LYS L 263 29.49 69.82 14.08
C LYS L 263 28.94 69.16 15.34
N TYR L 264 27.71 68.66 15.29
CA TYR L 264 27.05 68.08 16.46
C TYR L 264 26.79 66.59 16.30
N SER L 265 27.74 65.85 15.74
CA SER L 265 27.58 64.42 15.52
C SER L 265 28.36 63.62 16.55
N GLN L 266 27.83 62.43 16.86
CA GLN L 266 28.52 61.53 17.79
C GLN L 266 29.87 61.11 17.23
N GLU L 267 29.96 60.88 15.92
CA GLU L 267 31.24 60.58 15.30
C GLU L 267 32.21 61.74 15.46
N SER L 268 31.72 62.97 15.32
CA SER L 268 32.57 64.13 15.57
C SER L 268 33.07 64.12 16.99
N GLU L 269 32.18 63.92 17.95
CA GLU L 269 32.60 63.78 19.34
C GLU L 269 33.70 62.75 19.48
N PHE L 270 33.53 61.59 18.84
CA PHE L 270 34.46 60.49 19.04
C PHE L 270 35.83 60.82 18.47
N CYS L 271 35.89 61.27 17.20
CA CYS L 271 37.18 61.59 16.60
C CYS L 271 37.86 62.70 17.39
N TRP L 272 37.10 63.70 17.80
CA TRP L 272 37.63 64.75 18.66
C TRP L 272 38.22 64.23 19.95
N LEU L 273 37.44 63.44 20.70
CA LEU L 273 37.95 62.96 21.98
C LEU L 273 39.20 62.11 21.77
N THR L 274 39.22 61.35 20.68
CA THR L 274 40.42 60.59 20.35
C THR L 274 41.61 61.50 20.15
N GLY L 275 41.44 62.58 19.39
CA GLY L 275 42.53 63.51 19.19
C GLY L 275 43.00 64.14 20.50
N LEU L 276 42.04 64.54 21.33
CA LEU L 276 42.39 65.15 22.61
C LEU L 276 43.20 64.20 23.47
N LEU L 277 42.76 62.95 23.56
CA LEU L 277 43.48 61.98 24.38
C LEU L 277 44.86 61.68 23.80
N GLU L 278 44.94 61.53 22.48
CA GLU L 278 46.24 61.35 21.84
C GLU L 278 47.18 62.48 22.24
N LYS L 279 46.72 63.72 22.16
CA LYS L 279 47.56 64.83 22.56
C LYS L 279 47.93 64.76 24.04
N TRP L 280 46.97 64.41 24.90
CA TRP L 280 47.19 64.39 26.33
C TRP L 280 47.77 63.07 26.82
N ARG L 281 48.33 62.26 25.92
CA ARG L 281 48.76 60.92 26.30
C ARG L 281 49.65 60.93 27.54
N PHE L 282 50.69 61.76 27.53
CA PHE L 282 51.66 61.73 28.62
C PHE L 282 51.35 62.72 29.73
N ASN L 283 50.73 63.85 29.40
CA ASN L 283 50.35 64.85 30.39
C ASN L 283 49.45 65.88 29.71
N ALA L 284 49.11 66.92 30.46
CA ALA L 284 48.23 67.96 29.95
C ALA L 284 48.11 69.09 30.95
N PRO L 285 47.55 70.23 30.55
CA PRO L 285 47.39 71.35 31.50
C PRO L 285 46.23 71.16 32.46
N GLU L 286 46.52 71.43 33.74
CA GLU L 286 45.58 71.15 34.83
C GLU L 286 44.20 71.74 34.54
N GLY L 287 44.16 73.03 34.19
CA GLY L 287 42.88 73.65 33.91
C GLY L 287 42.13 72.95 32.80
N LEU L 288 42.85 72.49 31.77
CA LEU L 288 42.18 71.86 30.65
C LEU L 288 41.58 70.52 31.05
N GLU L 289 42.30 69.71 31.83
CA GLU L 289 41.66 68.48 32.28
C GLU L 289 40.45 68.80 33.14
N ARG L 290 40.53 69.88 33.93
CA ARG L 290 39.38 70.25 34.74
C ARG L 290 38.19 70.64 33.87
N LEU L 291 38.44 71.35 32.78
CA LEU L 291 37.38 71.70 31.84
C LEU L 291 36.74 70.44 31.28
N LEU L 292 37.57 69.50 30.82
CA LEU L 292 37.05 68.22 30.35
C LEU L 292 36.24 67.53 31.45
N TRP L 293 36.72 67.63 32.68
CA TRP L 293 36.06 67.01 33.81
C TRP L 293 34.64 67.52 33.93
N ILE L 294 34.50 68.85 33.89
CA ILE L 294 33.21 69.49 34.04
C ILE L 294 32.31 69.12 32.88
N TYR L 295 32.86 69.10 31.67
CA TYR L 295 32.08 68.66 30.52
C TYR L 295 31.48 67.30 30.78
N LEU L 296 32.33 66.35 31.18
CA LEU L 296 31.88 64.99 31.41
C LEU L 296 30.82 64.94 32.49
N LEU L 297 31.04 65.68 33.58
CA LEU L 297 30.06 65.69 34.66
C LEU L 297 28.72 66.16 34.16
N ILE L 298 28.64 67.42 33.73
CA ILE L 298 27.38 67.97 33.22
C ILE L 298 26.74 66.98 32.26
N GLN L 299 27.55 66.40 31.38
CA GLN L 299 27.06 65.40 30.44
C GLN L 299 26.28 64.32 31.17
N ASN L 300 26.90 63.71 32.18
CA ASN L 300 26.23 62.66 32.93
C ASN L 300 24.99 63.16 33.65
N GLN L 301 25.08 64.29 34.35
CA GLN L 301 23.95 64.71 35.18
C GLN L 301 22.72 64.99 34.34
N TYR L 302 22.86 65.78 33.27
CA TYR L 302 21.68 66.05 32.46
C TYR L 302 21.19 64.82 31.72
N LEU L 303 22.09 63.95 31.28
CA LEU L 303 21.59 62.71 30.72
C LEU L 303 20.75 61.96 31.74
N THR L 304 21.17 61.97 33.01
CA THR L 304 20.38 61.34 34.06
C THR L 304 19.00 61.97 34.16
N LEU L 305 18.96 63.30 34.21
CA LEU L 305 17.68 63.99 34.26
C LEU L 305 16.79 63.57 33.10
N LEU L 306 17.32 63.67 31.89
CA LEU L 306 16.55 63.35 30.70
C LEU L 306 15.99 61.94 30.78
N VAL L 307 16.84 60.96 31.08
CA VAL L 307 16.35 59.59 31.09
C VAL L 307 15.27 59.42 32.15
N GLN L 308 15.52 59.88 33.38
CA GLN L 308 14.53 59.54 34.39
C GLN L 308 13.21 60.23 34.12
N ARG L 309 13.22 61.34 33.40
CA ARG L 309 11.98 62.04 33.01
C ARG L 309 10.82 61.07 32.83
N THR L 322 8.59 68.10 24.72
CA THR L 322 7.69 67.89 23.60
C THR L 322 8.30 68.45 22.31
N MET L 323 8.82 69.68 22.38
CA MET L 323 9.32 70.34 21.19
C MET L 323 10.70 69.80 20.81
N THR L 324 11.44 69.27 21.78
CA THR L 324 12.64 68.52 21.43
C THR L 324 12.28 67.28 20.61
N GLU L 325 11.08 66.75 20.80
CA GLU L 325 10.61 65.68 19.94
C GLU L 325 10.10 66.24 18.61
N LEU L 326 9.48 67.42 18.64
CA LEU L 326 8.99 68.03 17.40
C LEU L 326 10.14 68.29 16.43
N ARG L 327 11.26 68.80 16.93
CA ARG L 327 12.42 69.01 16.08
C ARG L 327 12.90 67.71 15.45
N GLU L 328 12.55 66.56 16.02
CA GLU L 328 12.86 65.26 15.46
C GLU L 328 11.87 64.84 14.38
N GLU L 329 11.20 65.80 13.75
CA GLU L 329 10.18 65.52 12.73
C GLU L 329 10.74 65.65 11.32
N THR L 330 12.00 65.29 11.13
CA THR L 330 12.62 65.19 9.81
C THR L 330 13.06 63.76 9.59
N GLU L 331 13.20 63.37 8.33
CA GLU L 331 13.58 62.00 8.00
C GLU L 331 15.08 61.81 8.14
N LYS L 332 15.60 62.24 9.28
CA LYS L 332 17.02 62.10 9.60
C LYS L 332 17.23 61.23 10.83
N SER L 333 16.57 61.57 11.94
CA SER L 333 16.65 60.74 13.13
C SER L 333 16.21 59.33 12.83
N TYR L 334 15.20 59.18 11.97
CA TYR L 334 14.64 57.86 11.72
C TYR L 334 15.54 57.05 10.80
N LEU L 335 16.14 57.70 9.79
CA LEU L 335 17.18 57.06 9.02
C LEU L 335 18.32 56.60 9.93
N SER L 336 18.71 57.44 10.88
CA SER L 336 19.76 57.07 11.81
C SER L 336 19.35 55.88 12.65
N ARG L 337 18.10 55.87 13.14
CA ARG L 337 17.58 54.72 13.88
C ARG L 337 17.73 53.46 13.05
N PHE L 338 17.33 53.54 11.79
CA PHE L 338 17.36 52.36 10.93
C PHE L 338 18.79 51.88 10.72
N LYS L 339 19.70 52.81 10.44
CA LYS L 339 21.09 52.44 10.23
C LYS L 339 21.69 51.84 11.49
N HIS L 340 21.39 52.41 12.65
CA HIS L 340 21.88 51.85 13.91
C HIS L 340 21.32 50.46 14.12
N ALA L 341 20.01 50.28 13.88
CA ALA L 341 19.42 48.97 14.05
C ALA L 341 20.10 47.94 13.18
N HIS L 342 20.40 48.30 11.93
CA HIS L 342 21.23 47.45 11.10
C HIS L 342 22.66 47.47 11.62
N GLY L 343 23.27 46.29 11.70
CA GLY L 343 24.64 46.20 12.15
C GLY L 343 25.60 46.79 11.13
N ALA L 344 26.87 46.39 11.20
CA ALA L 344 27.84 46.79 10.19
C ALA L 344 27.91 45.80 9.04
N GLY L 345 27.21 44.67 9.13
CA GLY L 345 27.17 43.71 8.04
C GLY L 345 26.17 44.11 6.98
N VAL L 346 26.28 43.42 5.84
CA VAL L 346 25.35 43.68 4.75
C VAL L 346 23.92 43.38 5.19
N TYR L 347 23.76 42.43 6.10
CA TYR L 347 22.44 42.01 6.55
C TYR L 347 22.12 42.71 7.86
N SER L 348 20.86 43.08 8.04
CA SER L 348 20.47 43.84 9.22
C SER L 348 20.36 42.93 10.45
N GLN L 349 20.95 43.37 11.56
CA GLN L 349 20.92 42.57 12.77
C GLN L 349 19.50 42.32 13.25
N VAL L 350 18.65 43.35 13.24
CA VAL L 350 17.22 43.20 13.39
C VAL L 350 16.67 42.81 12.03
N ARG L 351 15.73 41.87 12.02
CA ARG L 351 14.92 41.71 10.82
C ARG L 351 13.70 42.61 10.90
N TYR L 352 13.04 42.63 12.05
CA TYR L 352 11.70 43.19 12.20
C TYR L 352 11.72 44.28 13.26
N LEU L 353 11.36 45.49 12.86
CA LEU L 353 11.36 46.66 13.73
C LEU L 353 9.93 47.16 13.93
N GLU L 354 9.61 47.52 15.16
CA GLU L 354 8.38 48.21 15.49
C GLU L 354 8.72 49.61 15.98
N GLY L 355 8.28 50.62 15.22
CA GLY L 355 8.28 52.07 15.18
C GLY L 355 7.06 52.61 15.87
N ARG L 356 7.21 52.99 17.13
CA ARG L 356 6.12 53.50 17.94
C ARG L 356 6.26 55.01 18.03
N PHE L 357 5.21 55.74 17.66
CA PHE L 357 5.28 57.20 17.61
C PHE L 357 3.95 57.80 18.03
N ALA L 358 4.01 59.00 18.55
CA ALA L 358 2.81 59.64 19.10
C ALA L 358 1.93 60.16 17.97
N PRO L 359 0.63 59.90 17.99
CA PRO L 359 -0.26 60.53 17.01
C PRO L 359 -0.57 61.96 17.41
N LYS L 360 -0.24 62.89 16.54
CA LYS L 360 -0.45 64.31 16.81
C LYS L 360 -1.89 64.68 16.52
N SER L 361 -2.38 65.68 17.25
CA SER L 361 -3.77 66.13 17.12
C SER L 361 -3.97 67.10 15.96
N ASP L 362 -2.90 67.47 15.26
CA ASP L 362 -3.03 68.28 14.04
C ASP L 362 -2.88 67.37 12.84
N PRO L 363 -3.86 67.32 11.93
CA PRO L 363 -3.68 66.47 10.75
C PRO L 363 -2.43 66.79 9.96
N ASN L 364 -2.10 68.07 9.86
CA ASN L 364 -0.92 68.48 9.10
C ASN L 364 0.34 67.92 9.74
N LYS L 365 0.45 68.03 11.06
CA LYS L 365 1.64 67.51 11.73
C LYS L 365 1.68 65.99 11.66
N MET L 366 0.51 65.35 11.71
CA MET L 366 0.48 63.89 11.63
C MET L 366 1.00 63.43 10.28
N GLN L 367 0.47 64.01 9.19
CA GLN L 367 0.96 63.63 7.87
C GLN L 367 2.42 64.02 7.71
N LYS L 368 2.84 65.12 8.34
CA LYS L 368 4.24 65.50 8.31
C LYS L 368 5.11 64.40 8.90
N LEU L 369 4.77 63.97 10.12
CA LEU L 369 5.51 62.91 10.78
C LEU L 369 5.53 61.65 9.94
N LEU L 370 4.39 61.33 9.32
CA LEU L 370 4.28 60.07 8.62
C LEU L 370 5.09 60.09 7.32
N PHE L 371 5.03 61.19 6.58
CA PHE L 371 5.89 61.31 5.41
C PHE L 371 7.34 61.25 5.84
N SER L 372 7.67 61.85 6.99
CA SER L 372 9.05 61.81 7.46
C SER L 372 9.51 60.37 7.69
N VAL L 373 8.71 59.60 8.44
CA VAL L 373 9.10 58.23 8.74
C VAL L 373 9.22 57.43 7.45
N LEU L 374 8.24 57.59 6.56
CA LEU L 374 8.24 56.81 5.33
C LEU L 374 9.42 57.17 4.45
N ARG L 375 9.74 58.46 4.34
CA ARG L 375 10.85 58.88 3.51
C ARG L 375 12.17 58.40 4.09
N GLY L 376 12.32 58.47 5.42
CA GLY L 376 13.52 57.94 6.03
C GLY L 376 13.69 56.45 5.74
N TYR L 377 12.61 55.69 5.88
CA TYR L 377 12.69 54.26 5.60
C TYR L 377 13.06 54.01 4.15
N TRP L 378 12.41 54.72 3.22
CA TRP L 378 12.70 54.51 1.81
C TRP L 378 14.14 54.84 1.50
N GLU L 379 14.63 55.97 2.01
CA GLU L 379 16.02 56.34 1.75
C GLU L 379 16.97 55.33 2.33
N TYR L 380 16.68 54.82 3.54
CA TYR L 380 17.50 53.76 4.08
C TYR L 380 17.56 52.59 3.12
N LEU L 381 16.39 52.11 2.70
CA LEU L 381 16.35 50.96 1.80
C LEU L 381 17.13 51.22 0.54
N SER L 382 17.02 52.44 0.00
CA SER L 382 17.86 52.82 -1.13
C SER L 382 19.33 52.69 -0.78
N ALA L 383 19.70 53.11 0.42
CA ALA L 383 21.09 53.11 0.86
C ALA L 383 21.65 51.70 1.04
N HIS L 384 20.83 50.66 0.86
CA HIS L 384 21.29 49.30 1.02
C HIS L 384 20.86 48.37 -0.10
N MET L 385 20.05 48.84 -1.04
CA MET L 385 19.57 48.00 -2.12
C MET L 385 19.31 48.84 -3.35
N SER L 386 19.29 48.21 -4.52
CA SER L 386 19.19 48.90 -5.79
C SER L 386 18.06 48.31 -6.62
N MET L 387 17.18 49.18 -7.13
CA MET L 387 16.26 48.85 -8.19
C MET L 387 15.64 50.15 -8.68
N GLU L 388 14.69 50.03 -9.60
CA GLU L 388 13.93 51.19 -10.02
C GLU L 388 13.09 51.67 -8.85
N TRP L 389 13.14 52.97 -8.55
CA TRP L 389 12.51 53.52 -7.37
C TRP L 389 11.27 54.34 -7.68
N VAL L 390 10.91 54.50 -8.96
CA VAL L 390 9.88 55.21 -9.70
C VAL L 390 10.11 56.70 -9.52
N HIS L 391 9.66 57.24 -8.39
CA HIS L 391 9.95 58.62 -8.01
C HIS L 391 11.31 58.63 -7.34
N GLU L 392 12.35 58.94 -8.11
CA GLU L 392 13.70 58.96 -7.55
C GLU L 392 13.80 59.87 -6.34
N LYS L 393 13.00 60.94 -6.31
CA LYS L 393 12.98 61.90 -5.20
C LYS L 393 11.53 62.08 -4.77
N PRO L 394 11.00 61.16 -3.95
CA PRO L 394 9.59 61.26 -3.56
C PRO L 394 9.32 62.51 -2.75
N LEU L 395 8.10 63.01 -2.86
CA LEU L 395 7.66 64.21 -2.14
C LEU L 395 6.46 63.99 -1.24
N THR L 396 5.54 63.10 -1.60
CA THR L 396 4.32 62.90 -0.84
C THR L 396 4.31 61.52 -0.22
N ILE L 397 3.42 61.34 0.76
CA ILE L 397 3.21 60.02 1.32
C ILE L 397 2.78 59.05 0.23
N SER L 398 1.95 59.51 -0.70
CA SER L 398 1.57 58.67 -1.83
C SER L 398 2.81 58.26 -2.62
N GLN L 399 3.70 59.22 -2.90
CA GLN L 399 4.89 58.90 -3.68
C GLN L 399 5.77 57.88 -2.96
N VAL L 400 5.99 58.08 -1.66
CA VAL L 400 6.85 57.15 -0.93
C VAL L 400 6.21 55.77 -0.87
N LEU L 401 4.87 55.71 -0.77
CA LEU L 401 4.21 54.42 -0.85
C LEU L 401 4.42 53.77 -2.21
N ASP L 402 4.32 54.56 -3.28
CA ASP L 402 4.58 54.02 -4.61
C ASP L 402 5.98 53.43 -4.66
N ASN L 403 6.95 54.13 -4.08
CA ASN L 403 8.31 53.62 -4.02
C ASN L 403 8.36 52.30 -3.28
N LEU L 404 7.80 52.26 -2.07
CA LEU L 404 7.97 51.11 -1.19
C LEU L 404 7.17 49.90 -1.65
N GLU L 405 6.14 50.11 -2.46
CA GLU L 405 5.31 48.99 -2.89
C GLU L 405 6.11 47.96 -3.66
N LEU L 406 7.29 48.33 -4.14
CA LEU L 406 8.14 47.44 -4.91
C LEU L 406 9.12 46.67 -4.05
N VAL L 407 9.15 46.92 -2.74
CA VAL L 407 10.09 46.25 -1.85
C VAL L 407 9.56 44.86 -1.52
N GLU L 408 10.44 43.92 -1.33
CA GLU L 408 10.09 42.53 -1.12
C GLU L 408 10.62 42.02 0.22
N PRO L 409 9.95 41.04 0.84
CA PRO L 409 10.35 40.56 2.17
C PRO L 409 11.43 39.48 2.11
N HIS L 410 12.56 39.81 1.48
CA HIS L 410 13.65 38.86 1.39
C HIS L 410 14.31 38.65 2.76
N GLY L 411 14.53 39.74 3.50
CA GLY L 411 15.16 39.68 4.80
C GLY L 411 16.49 40.39 4.92
N LYS L 412 17.01 40.95 3.81
CA LYS L 412 18.26 41.68 3.89
C LYS L 412 18.18 42.84 4.87
N CYS L 413 17.09 43.59 4.82
CA CYS L 413 16.96 44.85 5.52
C CYS L 413 15.94 44.73 6.65
N VAL L 414 15.64 45.87 7.27
CA VAL L 414 14.65 45.89 8.32
C VAL L 414 13.25 46.00 7.72
N GLU L 415 12.26 45.47 8.43
CA GLU L 415 10.86 45.60 8.06
C GLU L 415 10.15 46.37 9.17
N LEU L 416 9.58 47.51 8.81
CA LEU L 416 9.02 48.45 9.79
C LEU L 416 7.54 48.20 10.04
N ALA L 417 7.13 48.43 11.28
CA ALA L 417 5.72 48.41 11.66
C ALA L 417 5.43 49.65 12.50
N LEU L 418 4.42 50.42 12.09
CA LEU L 418 4.15 51.71 12.72
C LEU L 418 2.97 51.62 13.67
N VAL L 419 3.17 52.14 14.88
CA VAL L 419 2.16 52.06 15.94
C VAL L 419 1.98 53.44 16.58
N PRO L 420 0.82 54.06 16.40
CA PRO L 420 0.51 55.26 17.19
C PRO L 420 0.36 54.95 18.66
N HIS L 421 0.94 55.82 19.48
CA HIS L 421 0.76 55.79 20.93
C HIS L 421 -0.59 56.38 21.31
N PHE L 422 -1.02 56.07 22.54
CA PHE L 422 -2.13 56.77 23.16
C PHE L 422 -1.67 57.12 24.56
N ILE L 423 -1.46 58.41 24.79
CA ILE L 423 -0.95 58.88 26.07
C ILE L 423 -2.14 59.32 26.92
N LYS L 424 -2.35 58.64 28.03
CA LYS L 424 -3.53 58.85 28.86
C LYS L 424 -3.18 59.70 30.06
N ARG L 425 -3.82 60.86 30.16
CA ARG L 425 -3.53 61.85 31.19
C ARG L 425 -4.48 61.66 32.37
N LYS L 426 -4.14 62.33 33.46
CA LYS L 426 -4.98 62.28 34.64
C LYS L 426 -6.31 62.98 34.36
N PRO L 427 -7.39 62.53 34.98
CA PRO L 427 -8.67 63.25 34.84
C PRO L 427 -8.55 64.62 35.48
N LYS L 428 -9.26 65.59 34.89
CA LYS L 428 -9.20 66.96 35.35
C LYS L 428 -10.31 67.22 36.37
N ASN L 429 -10.24 68.39 37.00
CA ASN L 429 -11.13 68.71 38.11
C ASN L 429 -12.59 68.57 37.71
N GLY L 430 -12.97 69.17 36.59
CA GLY L 430 -14.36 69.22 36.19
C GLY L 430 -14.62 68.66 34.80
N GLU L 431 -15.51 67.67 34.72
CA GLU L 431 -15.92 67.11 33.44
C GLU L 431 -17.17 66.29 33.65
N ALA L 432 -17.89 66.05 32.55
CA ALA L 432 -19.17 65.34 32.64
C ALA L 432 -18.98 63.94 33.22
N TYR L 433 -17.98 63.22 32.73
CA TYR L 433 -17.58 61.94 33.30
C TYR L 433 -16.06 61.93 33.38
N PRO L 434 -15.51 61.08 34.24
CA PRO L 434 -14.05 61.08 34.40
C PRO L 434 -13.35 60.87 33.07
N HIS L 435 -12.22 61.56 32.90
CA HIS L 435 -11.36 61.38 31.74
C HIS L 435 -12.08 61.75 30.43
N ALA L 436 -13.17 62.50 30.53
CA ALA L 436 -13.95 62.83 29.35
C ALA L 436 -13.12 63.63 28.34
N LEU L 437 -12.42 64.66 28.81
CA LEU L 437 -11.63 65.49 27.90
C LEU L 437 -10.52 64.68 27.26
N LEU L 438 -9.87 63.81 28.03
CA LEU L 438 -8.86 62.93 27.46
C LEU L 438 -9.46 62.07 26.37
N PHE L 439 -10.67 61.53 26.63
CA PHE L 439 -11.35 60.75 25.60
C PHE L 439 -11.59 61.60 24.35
N LYS L 440 -11.94 62.88 24.54
CA LYS L 440 -12.20 63.73 23.40
C LYS L 440 -10.94 63.96 22.59
N ASP L 441 -9.83 64.21 23.27
CA ASP L 441 -8.55 64.38 22.55
C ASP L 441 -8.20 63.13 21.77
N LEU L 442 -8.35 61.96 22.41
CA LEU L 442 -8.06 60.71 21.73
C LEU L 442 -8.98 60.52 20.53
N LYS L 443 -10.26 60.88 20.68
CA LYS L 443 -11.19 60.77 19.56
C LYS L 443 -10.78 61.67 18.42
N ASN L 444 -10.35 62.88 18.73
CA ASN L 444 -9.83 63.77 17.70
C ASN L 444 -8.66 63.13 16.96
N GLN L 445 -7.70 62.60 17.72
CA GLN L 445 -6.52 62.01 17.10
C GLN L 445 -6.90 60.82 16.24
N ALA L 446 -7.81 59.97 16.73
CA ALA L 446 -8.23 58.80 15.97
C ALA L 446 -9.01 59.19 14.73
N ALA L 447 -9.81 60.26 14.83
CA ALA L 447 -10.48 60.78 13.65
C ALA L 447 -9.46 61.17 12.60
N ILE L 448 -8.44 61.92 13.01
CA ILE L 448 -7.37 62.28 12.08
C ILE L 448 -6.78 61.03 11.46
N LEU L 449 -6.52 60.02 12.29
CA LEU L 449 -5.85 58.83 11.80
C LEU L 449 -6.69 58.13 10.74
N MET L 450 -7.96 57.88 11.05
CA MET L 450 -8.83 57.23 10.08
C MET L 450 -9.02 58.11 8.86
N ASP L 451 -8.88 59.43 9.02
CA ASP L 451 -8.94 60.31 7.86
C ASP L 451 -7.79 60.03 6.91
N MET L 452 -6.57 60.01 7.43
CA MET L 452 -5.43 59.74 6.56
C MET L 452 -5.52 58.34 5.98
N LEU L 453 -6.00 57.39 6.77
CA LEU L 453 -6.17 56.04 6.26
C LEU L 453 -7.16 56.01 5.10
N LYS L 454 -8.30 56.67 5.26
CA LYS L 454 -9.32 56.74 4.21
C LYS L 454 -8.70 57.33 2.96
N SER L 455 -8.01 58.45 3.12
CA SER L 455 -7.34 59.08 1.99
C SER L 455 -6.36 58.14 1.30
N GLU L 456 -5.54 57.43 2.08
CA GLU L 456 -4.58 56.48 1.52
C GLU L 456 -4.83 55.13 2.15
N PRO L 457 -5.65 54.29 1.51
CA PRO L 457 -5.90 52.96 2.08
C PRO L 457 -4.63 52.14 2.25
N ARG L 458 -3.62 52.37 1.43
CA ARG L 458 -2.40 51.57 1.52
C ARG L 458 -1.77 51.62 2.90
N LEU L 459 -1.81 52.77 3.57
CA LEU L 459 -1.16 52.94 4.86
C LEU L 459 -1.42 51.79 5.82
N THR L 460 -2.49 51.03 5.61
CA THR L 460 -2.74 49.86 6.44
C THR L 460 -1.58 48.89 6.39
N GLY L 461 -0.79 48.90 5.32
CA GLY L 461 0.34 48.02 5.22
C GLY L 461 1.55 48.44 6.02
N TRP L 462 1.51 49.60 6.67
CA TRP L 462 2.62 50.07 7.49
C TRP L 462 2.21 50.49 8.90
N ILE L 463 1.00 50.98 9.08
CA ILE L 463 0.47 51.25 10.41
C ILE L 463 -0.30 50.00 10.83
N ARG L 464 0.36 49.14 11.60
CA ARG L 464 -0.21 47.87 12.01
C ARG L 464 -0.38 47.91 13.52
N GLY L 465 -1.55 48.37 13.97
CA GLY L 465 -1.86 48.34 15.38
C GLY L 465 -1.56 49.64 16.09
N VAL L 466 -2.15 49.81 17.28
CA VAL L 466 -2.00 51.01 18.08
C VAL L 466 -1.72 50.56 19.51
N ASP L 467 -0.93 51.34 20.24
CA ASP L 467 -0.62 51.02 21.62
C ASP L 467 -1.18 52.07 22.57
N ALA L 468 -1.55 51.63 23.76
CA ALA L 468 -1.99 52.52 24.84
C ALA L 468 -0.86 52.59 25.85
N ALA L 469 -0.12 53.71 25.83
CA ALA L 469 1.04 53.89 26.67
C ALA L 469 0.73 54.92 27.75
N ALA L 470 1.77 55.30 28.51
CA ALA L 470 1.69 56.34 29.54
C ALA L 470 1.34 55.77 30.90
N ASN L 471 1.31 56.63 31.91
CA ASN L 471 1.14 56.17 33.29
C ASN L 471 -0.21 55.49 33.48
N GLU L 472 -0.17 54.30 34.07
CA GLU L 472 -1.37 53.45 34.13
C GLU L 472 -2.49 54.10 34.94
N MET L 473 -2.19 54.57 36.15
CA MET L 473 -3.25 55.06 37.01
C MET L 473 -3.97 56.27 36.43
N HIS L 474 -3.37 56.96 35.46
CA HIS L 474 -4.00 58.12 34.86
C HIS L 474 -5.29 57.80 34.13
N ALA L 475 -5.52 56.54 33.76
CA ALA L 475 -6.79 56.18 33.14
C ALA L 475 -6.92 54.65 33.05
N PRO L 476 -8.10 54.09 33.25
CA PRO L 476 -8.26 52.64 33.18
C PRO L 476 -8.55 52.19 31.76
N PRO L 477 -8.26 50.92 31.43
CA PRO L 477 -8.35 50.49 30.03
C PRO L 477 -9.74 50.60 29.42
N GLU L 478 -10.79 50.40 30.22
CA GLU L 478 -12.12 50.20 29.64
C GLU L 478 -12.53 51.33 28.71
N LEU L 479 -12.04 52.55 28.95
CA LEU L 479 -12.45 53.68 28.14
C LEU L 479 -11.90 53.60 26.72
N PHE L 480 -10.82 52.86 26.52
CA PHE L 480 -10.25 52.70 25.19
C PHE L 480 -10.99 51.69 24.33
N CYS L 481 -11.80 50.82 24.94
CA CYS L 481 -12.43 49.75 24.18
C CYS L 481 -13.25 50.29 23.01
N PRO L 482 -14.12 51.29 23.20
CA PRO L 482 -14.80 51.87 22.03
C PRO L 482 -13.81 52.40 21.00
N LEU L 483 -12.74 53.04 21.46
CA LEU L 483 -11.72 53.54 20.55
C LEU L 483 -11.12 52.41 19.74
N PHE L 484 -10.69 51.34 20.42
CA PHE L 484 -10.04 50.25 19.73
C PHE L 484 -10.98 49.58 18.75
N ARG L 485 -12.25 49.42 19.13
CA ARG L 485 -13.22 48.81 18.23
C ARG L 485 -13.42 49.68 16.98
N VAL L 486 -13.57 50.98 17.18
CA VAL L 486 -13.75 51.88 16.05
C VAL L 486 -12.55 51.76 15.11
N LEU L 487 -11.34 51.78 15.68
CA LEU L 487 -10.15 51.69 14.86
C LEU L 487 -10.09 50.37 14.12
N ALA L 488 -10.38 49.27 14.81
CA ALA L 488 -10.37 47.96 14.17
C ALA L 488 -11.28 47.96 12.97
N LYS L 489 -12.52 48.42 13.14
CA LYS L 489 -13.42 48.47 11.99
C LYS L 489 -12.86 49.35 10.89
N SER L 490 -12.24 50.48 11.26
CA SER L 490 -11.59 51.29 10.26
C SER L 490 -10.50 50.52 9.52
N GLY L 491 -9.92 49.51 10.16
CA GLY L 491 -8.91 48.69 9.52
C GLY L 491 -7.57 48.57 10.22
N ILE L 492 -7.50 48.86 11.51
CA ILE L 492 -6.29 48.65 12.29
C ILE L 492 -6.36 47.25 12.89
N ALA L 493 -5.42 46.41 12.48
CA ALA L 493 -4.89 45.11 12.86
C ALA L 493 -3.86 45.26 13.97
N HIS L 494 -4.06 44.51 15.04
CA HIS L 494 -3.44 44.20 16.33
C HIS L 494 -3.55 45.41 17.24
N PHE L 495 -3.50 45.18 18.55
CA PHE L 495 -3.60 46.25 19.54
C PHE L 495 -2.70 45.95 20.73
N THR L 496 -2.31 47.00 21.45
CA THR L 496 -1.42 46.86 22.60
C THR L 496 -1.85 47.82 23.71
N TYR L 497 -1.55 47.44 24.94
CA TYR L 497 -1.90 48.27 26.09
C TYR L 497 -0.94 47.95 27.23
N HIS L 498 -0.21 48.97 27.69
CA HIS L 498 0.70 48.79 28.82
C HIS L 498 -0.09 48.41 30.06
N VAL L 499 0.22 47.23 30.61
CA VAL L 499 -0.40 46.77 31.85
C VAL L 499 0.68 46.23 32.76
N GLY L 500 0.43 46.31 34.07
CA GLY L 500 1.33 45.76 35.06
C GLY L 500 2.56 46.59 35.36
N GLU L 501 2.71 47.75 34.72
CA GLU L 501 3.94 48.52 34.89
C GLU L 501 4.01 49.15 36.28
N ASP L 502 3.08 50.05 36.58
CA ASP L 502 3.02 50.72 37.86
C ASP L 502 1.61 50.60 38.41
N PHE L 503 1.50 50.46 39.73
CA PHE L 503 0.22 50.14 40.34
C PHE L 503 0.26 50.54 41.81
N PRO L 504 -0.90 50.80 42.41
CA PRO L 504 -0.93 51.03 43.85
C PRO L 504 -0.86 49.74 44.65
N HIS L 505 -1.44 48.66 44.13
CA HIS L 505 -1.34 47.38 44.80
C HIS L 505 -1.26 46.27 43.76
N LEU L 506 -0.59 45.19 44.15
CA LEU L 506 -0.31 44.11 43.20
C LEU L 506 -1.60 43.48 42.70
N ILE L 507 -2.54 43.21 43.59
CA ILE L 507 -3.84 42.70 43.16
C ILE L 507 -4.48 43.70 42.22
N SER L 508 -4.26 44.99 42.47
CA SER L 508 -4.88 46.01 41.63
C SER L 508 -4.33 45.94 40.21
N GLY L 509 -3.02 45.77 40.07
CA GLY L 509 -2.46 45.57 38.75
C GLY L 509 -2.99 44.32 38.08
N ILE L 510 -3.14 43.25 38.86
CA ILE L 510 -3.67 42.01 38.31
C ILE L 510 -5.08 42.23 37.79
N ARG L 511 -5.91 42.91 38.59
CA ARG L 511 -7.25 43.27 38.18
C ARG L 511 -7.22 44.12 36.92
N SER L 512 -6.30 45.07 36.85
CA SER L 512 -6.18 45.89 35.65
C SER L 512 -5.95 45.01 34.44
N ILE L 513 -5.05 44.04 34.56
CA ILE L 513 -4.74 43.16 33.45
C ILE L 513 -5.98 42.39 33.02
N ASP L 514 -6.70 41.82 33.99
CA ASP L 514 -7.91 41.09 33.65
C ASP L 514 -8.94 41.99 32.98
N ASP L 515 -9.10 43.21 33.50
CA ASP L 515 -10.07 44.13 32.91
C ASP L 515 -9.72 44.42 31.47
N ALA L 516 -8.45 44.69 31.21
CA ALA L 516 -8.00 44.88 29.84
C ALA L 516 -8.37 43.69 28.98
N LEU L 517 -8.08 42.48 29.46
CA LEU L 517 -8.43 41.28 28.71
C LEU L 517 -9.91 41.26 28.37
N ARG L 518 -10.76 41.42 29.38
CA ARG L 518 -12.18 41.15 29.28
C ARG L 518 -12.97 42.35 28.75
N PHE L 519 -12.32 43.45 28.46
CA PHE L 519 -13.00 44.61 27.90
C PHE L 519 -12.39 45.08 26.59
N LEU L 520 -11.06 45.06 26.47
CA LEU L 520 -10.45 45.47 25.23
C LEU L 520 -10.70 44.42 24.14
N PRO L 521 -10.75 44.84 22.87
CA PRO L 521 -11.06 43.91 21.79
C PRO L 521 -9.83 43.12 21.33
N LEU L 522 -9.14 42.51 22.28
CA LEU L 522 -7.91 41.81 21.99
C LEU L 522 -8.22 40.51 21.27
N ARG L 523 -7.44 40.22 20.23
CA ARG L 523 -7.66 39.05 19.41
C ARG L 523 -6.46 38.10 19.52
N ASN L 524 -6.56 36.93 18.89
CA ASN L 524 -5.49 35.95 18.98
C ASN L 524 -4.19 36.57 18.48
N GLY L 525 -3.11 36.30 19.20
CA GLY L 525 -1.80 36.79 18.82
C GLY L 525 -1.52 38.23 19.18
N ASP L 526 -2.49 38.94 19.76
CA ASP L 526 -2.24 40.29 20.21
C ASP L 526 -1.20 40.27 21.32
N ARG L 527 -0.77 41.46 21.74
CA ARG L 527 0.19 41.61 22.82
C ARG L 527 -0.29 42.68 23.78
N LEU L 528 0.15 42.56 25.03
CA LEU L 528 -0.25 43.52 26.06
C LEU L 528 0.85 44.55 26.33
N GLY L 529 2.02 44.08 26.77
CA GLY L 529 3.07 44.97 27.19
C GLY L 529 3.91 44.39 28.32
N HIS L 530 4.11 45.18 29.38
CA HIS L 530 5.04 44.80 30.44
C HIS L 530 4.43 43.73 31.35
N CYS L 531 3.25 44.01 31.90
CA CYS L 531 2.51 43.04 32.70
C CYS L 531 3.32 42.61 33.93
N THR L 532 4.12 43.54 34.46
CA THR L 532 5.03 43.19 35.55
C THR L 532 4.27 42.73 36.78
N ALA L 533 3.01 43.15 36.92
CA ALA L 533 2.22 42.69 38.05
C ALA L 533 2.19 41.17 38.10
N ILE L 534 2.16 40.51 36.95
CA ILE L 534 2.00 39.06 36.89
C ILE L 534 3.33 38.34 37.02
N GLY L 535 4.44 39.05 36.86
CA GLY L 535 5.74 38.41 36.95
C GLY L 535 6.37 38.60 38.31
N ILE L 536 6.20 39.80 38.88
CA ILE L 536 6.74 40.07 40.20
C ILE L 536 6.08 39.13 41.21
N THR L 537 6.89 38.54 42.08
CA THR L 537 6.31 37.64 43.07
C THR L 537 5.89 38.42 44.30
N PRO L 538 4.88 37.94 45.01
CA PRO L 538 4.57 38.56 46.31
C PRO L 538 5.75 38.56 47.25
N SER L 539 6.56 37.51 47.24
CA SER L 539 7.75 37.47 48.08
C SER L 539 8.63 38.66 47.79
N ILE L 540 9.22 38.71 46.59
CA ILE L 540 9.90 39.92 46.17
C ILE L 540 8.87 40.78 45.46
N TRP L 541 7.98 41.38 46.22
CA TRP L 541 7.29 42.61 45.85
C TRP L 541 7.19 43.57 47.01
N LYS L 542 7.44 43.14 48.23
CA LYS L 542 7.23 43.89 49.45
C LYS L 542 8.54 43.80 50.25
N ARG L 543 9.48 44.69 49.92
CA ARG L 543 10.80 44.67 50.54
C ARG L 543 11.12 45.93 51.31
N SER L 544 10.61 47.08 50.88
CA SER L 544 10.76 48.34 51.61
C SER L 544 9.43 49.07 51.69
N LEU L 545 8.36 48.44 51.32
CA LEU L 545 7.08 49.10 51.27
C LEU L 545 6.45 49.13 52.65
N PRO L 546 5.64 50.15 52.95
CA PRO L 546 5.02 50.21 54.27
C PRO L 546 4.10 49.04 54.52
N LEU L 547 4.00 48.63 55.78
CA LEU L 547 3.15 47.51 56.16
C LEU L 547 1.71 47.69 55.67
N SER L 548 1.34 48.90 55.29
CA SER L 548 0.02 49.19 54.78
C SER L 548 0.16 50.05 53.53
N LEU L 549 -0.65 49.76 52.52
CA LEU L 549 -0.60 50.46 51.24
C LEU L 549 -1.96 51.09 50.99
N SER L 550 -1.99 52.15 50.18
CA SER L 550 -3.07 53.11 50.20
C SER L 550 -3.58 53.37 48.78
N MET L 551 -4.90 53.33 48.60
CA MET L 551 -5.47 53.30 47.24
C MET L 551 -6.65 54.26 47.12
N THR L 552 -7.08 54.49 45.89
CA THR L 552 -8.37 55.13 45.66
C THR L 552 -9.48 54.15 46.00
N LYS L 553 -10.60 54.71 46.46
CA LYS L 553 -11.73 53.87 46.86
C LYS L 553 -12.26 53.04 45.69
N GLU L 554 -12.38 53.65 44.52
CA GLU L 554 -12.88 52.93 43.35
C GLU L 554 -11.97 51.75 43.02
N THR L 555 -10.66 51.98 43.03
CA THR L 555 -9.71 50.91 42.81
C THR L 555 -9.89 49.82 43.85
N ARG L 556 -10.05 50.21 45.12
CA ARG L 556 -10.19 49.22 46.18
C ARG L 556 -11.40 48.33 45.92
N LEU L 557 -12.54 48.95 45.61
CA LEU L 557 -13.76 48.19 45.39
C LEU L 557 -13.65 47.27 44.19
N LEU L 558 -13.10 47.78 43.09
CA LEU L 558 -12.94 46.94 41.91
C LEU L 558 -12.03 45.76 42.21
N ASP L 559 -10.98 45.98 42.98
CA ASP L 559 -10.11 44.87 43.36
C ASP L 559 -10.86 43.86 44.21
N LEU L 560 -11.71 44.34 45.13
CA LEU L 560 -12.51 43.40 45.91
C LEU L 560 -13.36 42.51 44.99
N VAL L 561 -14.04 43.15 44.03
CA VAL L 561 -14.87 42.39 43.11
C VAL L 561 -14.03 41.37 42.35
N PHE L 562 -12.86 41.80 41.87
CA PHE L 562 -11.97 40.89 41.17
C PHE L 562 -11.57 39.71 42.04
N ILE L 563 -11.15 39.98 43.27
CA ILE L 563 -10.68 38.92 44.15
C ILE L 563 -11.78 37.89 44.32
N TRP L 564 -12.98 38.33 44.67
CA TRP L 564 -14.05 37.37 44.89
C TRP L 564 -14.40 36.61 43.62
N ARG L 565 -14.53 37.32 42.50
CA ARG L 565 -14.78 36.64 41.24
C ARG L 565 -13.78 35.52 41.04
N GLU L 566 -12.50 35.82 41.17
CA GLU L 566 -11.47 34.88 40.80
C GLU L 566 -11.31 33.76 41.82
N LEU L 567 -11.57 34.02 43.09
CA LEU L 567 -11.41 33.03 44.14
C LEU L 567 -12.70 32.32 44.46
N ARG L 568 -13.76 32.57 43.70
CA ARG L 568 -15.03 31.90 43.95
C ARG L 568 -14.82 30.40 44.02
N SER L 569 -14.05 29.86 43.08
CA SER L 569 -13.93 28.43 42.87
C SER L 569 -12.74 27.80 43.59
N HIS L 570 -11.93 28.59 44.29
CA HIS L 570 -10.77 28.02 44.97
C HIS L 570 -11.17 27.55 46.37
N PRO L 571 -11.27 26.23 46.59
CA PRO L 571 -11.72 25.76 47.90
C PRO L 571 -10.82 26.21 49.03
N GLU L 572 -9.55 26.47 48.73
CA GLU L 572 -8.57 26.80 49.76
C GLU L 572 -8.58 28.26 50.13
N LEU L 573 -9.28 29.10 49.36
CA LEU L 573 -9.32 30.53 49.62
C LEU L 573 -10.75 31.03 49.73
N LEU L 574 -11.70 30.11 49.90
CA LEU L 574 -13.09 30.51 49.95
C LEU L 574 -13.33 31.53 51.06
N ARG L 575 -12.62 31.39 52.18
CA ARG L 575 -12.69 32.38 53.24
C ARG L 575 -12.37 33.76 52.69
N TYR L 576 -11.27 33.86 51.96
CA TYR L 576 -10.85 35.15 51.42
C TYR L 576 -11.88 35.68 50.43
N ALA L 577 -12.42 34.80 49.58
CA ALA L 577 -13.41 35.25 48.61
C ALA L 577 -14.64 35.79 49.32
N SER L 578 -15.11 35.10 50.35
CA SER L 578 -16.28 35.55 51.09
C SER L 578 -16.02 36.89 51.76
N ASP L 579 -14.86 37.04 52.40
CA ASP L 579 -14.48 38.34 52.92
C ASP L 579 -14.61 39.39 51.83
N ALA L 580 -13.81 39.24 50.77
CA ALA L 580 -13.82 40.22 49.69
C ALA L 580 -15.24 40.59 49.31
N ALA L 581 -16.12 39.60 49.23
CA ALA L 581 -17.53 39.90 48.94
C ALA L 581 -18.12 40.82 50.01
N ILE L 582 -17.85 40.52 51.28
CA ILE L 582 -18.49 41.28 52.36
C ILE L 582 -18.02 42.74 52.34
N GLU L 583 -16.70 42.93 52.32
CA GLU L 583 -16.18 44.30 52.29
C GLU L 583 -16.53 45.00 50.99
N ALA L 584 -16.67 44.26 49.90
CA ALA L 584 -17.13 44.88 48.66
C ALA L 584 -18.54 45.41 48.83
N VAL L 585 -19.41 44.63 49.47
CA VAL L 585 -20.76 45.10 49.72
C VAL L 585 -20.72 46.36 50.58
N ARG L 586 -19.90 46.34 51.62
CA ARG L 586 -19.81 47.49 52.51
C ARG L 586 -19.35 48.73 51.75
N LEU L 587 -18.29 48.59 50.97
CA LEU L 587 -17.75 49.72 50.22
C LEU L 587 -18.76 50.22 49.20
N ALA L 588 -19.45 49.30 48.52
CA ALA L 588 -20.45 49.72 47.55
C ALA L 588 -21.58 50.48 48.22
N HIS L 589 -22.00 50.02 49.40
CA HIS L 589 -23.04 50.74 50.12
C HIS L 589 -22.61 52.15 50.46
N LYS L 590 -21.41 52.30 51.04
CA LYS L 590 -20.94 53.64 51.35
C LYS L 590 -20.77 54.49 50.10
N VAL L 591 -20.24 53.90 49.03
CA VAL L 591 -19.98 54.66 47.81
C VAL L 591 -21.27 55.08 47.14
N PHE L 592 -22.03 54.13 46.64
CA PHE L 592 -23.26 54.47 45.92
C PHE L 592 -24.30 55.09 46.84
N SER L 593 -23.97 55.33 48.11
CA SER L 593 -24.92 55.92 49.04
C SER L 593 -26.16 55.03 49.13
N LEU L 594 -25.94 53.74 48.98
CA LEU L 594 -27.04 52.80 48.83
C LEU L 594 -27.71 52.54 50.16
N GLU L 595 -29.00 52.80 50.21
CA GLU L 595 -29.83 52.47 51.36
C GLU L 595 -30.35 51.06 51.29
N GLU L 596 -30.55 50.54 50.09
CA GLU L 596 -31.14 49.22 49.89
C GLU L 596 -30.04 48.16 49.92
N GLU L 597 -30.38 46.95 49.52
CA GLU L 597 -29.45 45.83 49.51
C GLU L 597 -28.96 45.60 48.09
N VAL L 598 -27.64 45.64 47.91
CA VAL L 598 -27.01 45.42 46.62
C VAL L 598 -26.18 44.14 46.73
N SER L 599 -26.48 43.17 45.87
CA SER L 599 -25.75 41.92 45.90
C SER L 599 -24.43 42.06 45.14
N ILE L 600 -23.42 41.37 45.64
CA ILE L 600 -22.17 41.27 44.93
C ILE L 600 -22.40 40.80 43.50
N THR L 601 -23.45 40.02 43.27
CA THR L 601 -23.86 39.71 41.90
C THR L 601 -24.19 40.99 41.15
N THR L 602 -25.01 41.84 41.74
CA THR L 602 -25.37 43.09 41.08
C THR L 602 -24.13 43.94 40.80
N LEU L 603 -23.20 43.97 41.75
CA LEU L 603 -21.95 44.70 41.52
C LEU L 603 -21.18 44.09 40.35
N ASP L 604 -21.22 42.77 40.23
CA ASP L 604 -20.63 42.11 39.07
C ASP L 604 -21.23 42.67 37.79
N GLN L 605 -22.56 42.69 37.73
CA GLN L 605 -23.21 43.08 36.49
C GLN L 605 -22.94 44.55 36.21
N VAL L 606 -22.79 45.35 37.25
CA VAL L 606 -22.40 46.75 37.06
C VAL L 606 -21.02 46.84 36.44
N PHE L 607 -20.04 46.20 37.05
CA PHE L 607 -18.65 46.40 36.67
C PHE L 607 -18.31 45.71 35.37
N GLU L 608 -19.14 44.78 34.91
CA GLU L 608 -18.93 44.24 33.57
C GLU L 608 -19.33 45.23 32.48
N MET L 609 -20.02 46.31 32.83
CA MET L 609 -20.46 47.30 31.85
C MET L 609 -19.42 48.41 31.66
N ARG L 610 -18.29 48.31 32.37
CA ARG L 610 -17.29 49.38 32.32
C ARG L 610 -16.83 49.68 30.90
N GLY L 611 -16.73 48.68 30.03
CA GLY L 611 -16.30 48.92 28.67
C GLY L 611 -17.23 49.77 27.86
N LEU L 612 -18.43 50.04 28.37
CA LEU L 612 -19.42 50.81 27.64
C LEU L 612 -18.92 52.24 27.43
N LEU L 613 -19.15 52.75 26.22
CA LEU L 613 -18.88 54.15 25.94
C LEU L 613 -19.75 55.05 26.81
N ALA L 614 -19.15 56.09 27.38
CA ALA L 614 -19.90 56.97 28.28
C ALA L 614 -21.08 57.61 27.55
N GLU L 615 -20.82 58.23 26.42
CA GLU L 615 -21.83 59.00 25.69
C GLU L 615 -22.52 58.17 24.62
N SER L 616 -23.00 56.97 24.97
CA SER L 616 -23.69 56.15 23.98
C SER L 616 -25.20 56.30 24.09
N GLU L 617 -25.78 55.87 25.21
CA GLU L 617 -27.21 56.02 25.42
C GLU L 617 -27.56 56.39 26.85
N GLY L 618 -26.63 56.24 27.80
CA GLY L 618 -26.93 56.52 29.19
C GLY L 618 -26.34 57.85 29.61
N LEU L 619 -25.96 58.65 28.62
CA LEU L 619 -25.36 59.95 28.89
C LEU L 619 -25.54 60.84 27.69
N SER L 631 -19.81 57.52 11.46
CA SER L 631 -20.39 56.25 11.00
C SER L 631 -19.86 55.09 11.83
N LEU L 632 -18.53 54.99 11.91
CA LEU L 632 -17.93 53.90 12.65
C LEU L 632 -18.24 53.99 14.14
N TRP L 633 -18.73 55.14 14.62
CA TRP L 633 -19.06 55.30 16.02
C TRP L 633 -20.49 54.87 16.34
N LEU L 634 -21.34 54.71 15.33
CA LEU L 634 -22.75 54.42 15.60
C LEU L 634 -22.92 53.11 16.33
N GLU L 635 -22.09 52.12 16.02
CA GLU L 635 -22.26 50.79 16.59
C GLU L 635 -22.08 50.84 18.10
N GLU L 636 -21.00 51.45 18.58
CA GLU L 636 -20.80 51.58 20.02
C GLU L 636 -21.61 52.73 20.60
N TYR L 637 -22.29 53.51 19.76
CA TYR L 637 -23.28 54.44 20.29
C TYR L 637 -24.56 53.70 20.64
N GLU L 638 -24.93 52.72 19.83
CA GLU L 638 -26.13 51.92 20.05
C GLU L 638 -25.89 50.69 20.89
N ARG L 639 -24.63 50.35 21.18
CA ARG L 639 -24.32 49.13 21.91
C ARG L 639 -25.12 49.03 23.20
N ALA L 640 -25.36 50.16 23.87
CA ALA L 640 -26.14 50.15 25.09
C ALA L 640 -27.60 49.79 24.83
N ARG L 641 -28.04 49.79 23.57
CA ARG L 641 -29.44 49.51 23.28
C ARG L 641 -29.82 48.10 23.71
N GLU L 642 -28.95 47.12 23.45
CA GLU L 642 -29.25 45.75 23.82
C GLU L 642 -29.36 45.61 25.34
N LEU L 643 -28.44 46.23 26.06
CA LEU L 643 -28.47 46.18 27.52
C LEU L 643 -29.73 46.83 28.07
N VAL L 644 -30.09 47.99 27.52
CA VAL L 644 -31.32 48.63 27.98
C VAL L 644 -32.54 47.79 27.64
N LYS L 645 -32.54 47.09 26.51
CA LYS L 645 -33.61 46.15 26.21
C LYS L 645 -33.67 45.05 27.25
N THR L 646 -32.52 44.58 27.70
CA THR L 646 -32.47 43.61 28.79
C THR L 646 -33.24 44.13 29.99
N THR L 647 -34.18 43.31 30.49
CA THR L 647 -35.12 43.80 31.50
C THR L 647 -34.49 43.83 32.89
N GLY L 648 -33.89 42.74 33.34
CA GLY L 648 -33.45 42.63 34.72
C GLY L 648 -32.26 43.49 35.07
N MET L 649 -31.68 44.19 34.10
CA MET L 649 -30.48 44.97 34.32
C MET L 649 -30.78 46.41 34.75
N LYS L 650 -32.03 46.70 35.09
CA LYS L 650 -32.41 48.01 35.61
C LYS L 650 -31.40 48.56 36.60
N ARG L 651 -31.27 47.86 37.71
CA ARG L 651 -30.48 48.29 38.85
C ARG L 651 -29.03 48.43 38.40
N PRO L 652 -28.49 47.44 37.68
CA PRO L 652 -27.17 47.65 37.07
C PRO L 652 -27.02 48.97 36.36
N LEU L 653 -27.91 49.30 35.43
CA LEU L 653 -27.73 50.52 34.65
C LEU L 653 -27.81 51.75 35.54
N LYS L 654 -28.76 51.79 36.46
CA LYS L 654 -28.91 53.00 37.26
C LYS L 654 -27.69 53.21 38.15
N LEU L 655 -27.16 52.14 38.75
CA LEU L 655 -25.92 52.29 39.51
C LEU L 655 -24.76 52.69 38.62
N TYR L 656 -24.67 52.14 37.40
CA TYR L 656 -23.58 52.54 36.53
C TYR L 656 -23.67 54.03 36.20
N LYS L 657 -24.89 54.50 35.96
CA LYS L 657 -25.08 55.92 35.70
C LYS L 657 -24.64 56.75 36.89
N GLN L 658 -25.02 56.31 38.09
CA GLN L 658 -24.55 56.97 39.30
C GLN L 658 -23.02 57.00 39.33
N TRP L 659 -22.40 55.86 39.03
CA TRP L 659 -20.95 55.75 39.06
C TRP L 659 -20.30 56.71 38.09
N LEU L 660 -20.85 56.80 36.88
CA LEU L 660 -20.23 57.62 35.84
C LEU L 660 -20.44 59.11 36.11
N THR L 661 -21.59 59.48 36.65
CA THR L 661 -22.02 60.87 36.67
C THR L 661 -22.10 61.48 38.05
N SER L 662 -22.80 60.85 38.99
CA SER L 662 -23.06 61.47 40.28
C SER L 662 -21.79 62.12 40.83
N ASP L 663 -21.89 63.43 41.12
CA ASP L 663 -20.72 64.16 41.57
C ASP L 663 -20.22 63.63 42.90
N ASN L 664 -21.11 63.39 43.84
CA ASN L 664 -20.71 62.79 45.10
C ASN L 664 -20.02 61.45 44.85
N VAL L 665 -20.49 60.72 43.85
CA VAL L 665 -19.92 59.41 43.57
C VAL L 665 -18.51 59.55 43.04
N ARG L 666 -18.29 60.47 42.10
CA ARG L 666 -16.94 60.67 41.61
C ARG L 666 -16.03 61.18 42.71
N LYS L 667 -16.56 62.00 43.62
CA LYS L 667 -15.81 62.45 44.77
C LYS L 667 -15.35 61.29 45.64
N GLN L 668 -16.28 60.44 46.05
CA GLN L 668 -15.94 59.32 46.92
C GLN L 668 -15.06 58.32 46.18
N ARG L 669 -15.18 58.26 44.85
CA ARG L 669 -14.26 57.44 44.07
C ARG L 669 -12.85 57.98 44.18
N ALA L 670 -12.68 59.30 44.04
CA ALA L 670 -11.37 59.91 44.16
C ALA L 670 -10.81 59.79 45.57
N GLU L 671 -11.65 59.84 46.59
CA GLU L 671 -11.15 59.74 47.96
C GLU L 671 -10.34 58.47 48.18
N TYR L 672 -9.68 58.41 49.32
CA TYR L 672 -8.54 57.53 49.56
C TYR L 672 -8.83 56.60 50.73
N VAL L 673 -8.72 55.30 50.48
CA VAL L 673 -8.97 54.27 51.48
C VAL L 673 -7.75 53.36 51.58
N GLU L 674 -7.45 52.94 52.80
CA GLU L 674 -6.22 52.20 53.08
C GLU L 674 -6.50 50.70 53.00
N VAL L 675 -5.43 49.93 52.82
CA VAL L 675 -5.51 48.48 52.73
C VAL L 675 -4.22 47.89 53.27
N ALA L 676 -4.33 46.81 54.04
CA ALA L 676 -3.13 46.19 54.62
C ALA L 676 -2.22 45.66 53.52
N LEU L 677 -0.91 45.82 53.74
CA LEU L 677 0.05 45.25 52.79
C LEU L 677 -0.15 43.75 52.68
N GLU L 678 -0.29 43.06 53.81
CA GLU L 678 -0.60 41.64 53.80
C GLU L 678 -2.11 41.40 53.87
N TYR L 679 -2.85 42.05 52.98
CA TYR L 679 -4.28 41.83 52.92
C TYR L 679 -4.60 40.40 52.53
N LEU L 680 -3.82 39.82 51.63
CA LEU L 680 -4.02 38.46 51.19
C LEU L 680 -2.74 37.65 51.40
N PRO L 681 -2.84 36.34 51.59
CA PRO L 681 -1.63 35.53 51.70
C PRO L 681 -0.89 35.48 50.38
N ASP L 682 0.43 35.37 50.50
CA ASP L 682 1.32 35.38 49.34
C ASP L 682 0.84 34.36 48.32
N GLU L 683 0.50 33.17 48.81
CA GLU L 683 -0.01 32.11 47.93
C GLU L 683 -1.28 32.54 47.23
N ALA L 684 -2.19 33.20 47.95
CA ALA L 684 -3.44 33.63 47.32
C ALA L 684 -3.16 34.62 46.20
N VAL L 685 -2.25 35.56 46.45
CA VAL L 685 -1.90 36.51 45.41
C VAL L 685 -1.37 35.76 44.19
N VAL L 686 -0.52 34.77 44.42
CA VAL L 686 -0.01 33.99 43.30
C VAL L 686 -1.16 33.27 42.59
N ALA L 687 -2.15 32.81 43.35
CA ALA L 687 -3.27 32.11 42.75
C ALA L 687 -4.03 33.03 41.80
N LEU L 688 -4.24 34.28 42.22
CA LEU L 688 -4.85 35.25 41.32
C LEU L 688 -3.97 35.42 40.08
N GLN L 689 -2.66 35.57 40.31
CA GLN L 689 -1.74 35.61 39.18
C GLN L 689 -1.97 34.44 38.25
N GLN L 690 -2.23 33.26 38.80
CA GLN L 690 -2.37 32.07 37.98
C GLN L 690 -3.66 32.05 37.20
N ALA L 691 -4.75 32.50 37.80
CA ALA L 691 -5.94 32.75 37.01
C ALA L 691 -5.58 33.59 35.80
N VAL L 692 -4.79 34.64 36.02
CA VAL L 692 -4.43 35.54 34.92
C VAL L 692 -3.53 34.82 33.91
N MET L 693 -2.57 34.03 34.38
CA MET L 693 -1.74 33.30 33.43
C MET L 693 -2.60 32.39 32.56
N ALA L 694 -3.59 31.75 33.18
CA ALA L 694 -4.49 30.90 32.42
C ALA L 694 -5.20 31.69 31.35
N LYS L 695 -5.69 32.89 31.70
CA LYS L 695 -6.36 33.72 30.70
C LYS L 695 -5.40 34.09 29.58
N MET L 696 -4.17 34.46 29.92
CA MET L 696 -3.14 34.72 28.92
C MET L 696 -3.07 33.59 27.92
N ALA L 697 -2.76 32.39 28.41
CA ALA L 697 -2.58 31.26 27.52
C ALA L 697 -3.85 30.98 26.71
N ASP L 698 -5.00 31.09 27.37
CA ASP L 698 -6.26 30.79 26.68
C ASP L 698 -6.47 31.72 25.51
N ARG L 699 -6.21 33.01 25.69
CA ARG L 699 -6.51 33.97 24.64
C ARG L 699 -5.34 34.21 23.70
N ASN L 700 -4.19 33.55 23.92
CA ASN L 700 -3.06 33.67 23.01
C ASN L 700 -2.60 35.13 22.93
N ILE L 701 -2.24 35.68 24.07
CA ILE L 701 -1.84 37.08 24.19
C ILE L 701 -0.41 37.11 24.70
N ALA L 702 0.45 37.86 24.03
CA ALA L 702 1.86 37.91 24.39
C ALA L 702 2.13 39.06 25.33
N ILE L 703 3.31 39.00 25.96
CA ILE L 703 3.69 39.95 26.98
C ILE L 703 5.11 40.42 26.68
N GLU L 704 5.27 41.72 26.48
CA GLU L 704 6.58 42.29 26.16
C GLU L 704 7.30 42.61 27.46
N CYS L 705 8.47 42.02 27.65
CA CYS L 705 9.20 42.11 28.92
C CYS L 705 10.57 42.72 28.69
N PRO L 706 10.69 44.05 28.76
CA PRO L 706 12.00 44.66 28.66
C PRO L 706 12.71 44.60 30.00
N PRO L 707 14.02 44.87 30.03
CA PRO L 707 14.75 44.87 31.29
C PRO L 707 14.77 46.24 31.94
N THR L 708 14.47 46.31 33.23
CA THR L 708 14.44 47.58 33.94
C THR L 708 15.38 47.57 35.13
N SER L 714 12.81 48.25 39.79
CA SER L 714 13.26 49.16 40.82
C SER L 714 13.51 48.43 42.14
N GLN L 715 12.75 47.36 42.38
CA GLN L 715 12.87 46.59 43.61
C GLN L 715 13.90 45.47 43.53
N TYR L 716 14.49 45.23 42.35
CA TYR L 716 15.46 44.16 42.19
C TYR L 716 16.85 44.67 42.55
N ARG L 717 17.49 43.98 43.50
CA ARG L 717 18.88 44.29 43.82
C ARG L 717 19.80 44.00 42.63
N ASN L 718 19.71 42.79 42.08
CA ASN L 718 20.47 42.42 40.90
C ASN L 718 19.51 41.94 39.82
N VAL L 719 20.00 41.96 38.58
CA VAL L 719 19.17 41.55 37.45
C VAL L 719 18.71 40.11 37.58
N SER L 720 19.44 39.29 38.33
CA SER L 720 19.08 37.87 38.45
C SER L 720 17.68 37.67 39.02
N GLU L 721 17.13 38.66 39.72
CA GLU L 721 15.82 38.57 40.31
C GLU L 721 14.70 38.84 39.33
N HIS L 722 15.01 39.06 38.06
CA HIS L 722 14.02 39.57 37.11
C HIS L 722 12.95 38.53 36.80
N HIS L 723 11.70 38.93 37.04
CA HIS L 723 10.49 38.21 36.66
C HIS L 723 10.53 37.60 35.27
N ILE L 724 11.29 38.18 34.35
CA ILE L 724 11.47 37.57 33.04
C ILE L 724 11.87 36.12 33.21
N PHE L 725 12.77 35.86 34.16
CA PHE L 725 13.21 34.50 34.43
C PHE L 725 12.07 33.66 34.98
N ARG L 726 11.24 34.27 35.82
CA ARG L 726 10.06 33.56 36.30
C ARG L 726 9.26 33.00 35.14
N TRP L 727 8.98 33.84 34.13
CA TRP L 727 8.28 33.28 32.98
C TRP L 727 9.13 32.23 32.28
N MET L 728 10.42 32.54 32.05
CA MET L 728 11.25 31.58 31.34
C MET L 728 11.37 30.26 32.09
N GLY L 729 10.81 30.15 33.29
CA GLY L 729 10.71 28.87 33.94
C GLY L 729 11.96 28.44 34.66
N LEU L 730 12.84 29.37 35.01
CA LEU L 730 14.08 28.99 35.66
C LEU L 730 13.76 28.26 36.96
N PRO L 731 14.34 27.07 37.17
CA PRO L 731 14.06 26.36 38.42
C PRO L 731 14.43 27.22 39.62
N GLY L 732 13.58 27.16 40.64
CA GLY L 732 13.71 28.05 41.77
C GLY L 732 13.14 29.42 41.55
N GLU L 733 12.78 29.75 40.31
CA GLU L 733 12.09 30.99 39.97
C GLU L 733 10.66 30.73 39.55
N ALA L 734 10.44 29.70 38.74
CA ALA L 734 9.08 29.31 38.40
C ALA L 734 8.36 28.81 39.64
N ILE L 735 7.11 29.23 39.78
CA ILE L 735 6.24 28.75 40.84
C ILE L 735 5.52 27.50 40.32
N GLU L 736 4.99 26.72 41.25
CA GLU L 736 4.45 25.40 40.90
C GLU L 736 3.49 25.48 39.72
N GLY L 737 2.60 26.46 39.72
CA GLY L 737 1.52 26.42 38.75
C GLY L 737 1.79 27.16 37.45
N ASP L 738 3.06 27.45 37.17
CA ASP L 738 3.39 28.41 36.12
C ASP L 738 2.97 27.89 34.75
N VAL L 739 2.74 28.83 33.83
CA VAL L 739 2.24 28.53 32.48
C VAL L 739 2.99 29.36 31.46
N PRO L 740 3.50 28.77 30.37
CA PRO L 740 4.08 29.58 29.29
C PRO L 740 3.03 30.47 28.65
N MET L 741 3.45 31.67 28.24
CA MET L 741 2.48 32.67 27.80
C MET L 741 2.97 33.57 26.67
N SER L 742 3.92 33.14 25.84
CA SER L 742 4.37 33.96 24.71
C SER L 742 4.90 35.31 25.20
N ILE L 743 6.03 35.23 25.90
CA ILE L 743 6.78 36.43 26.24
C ILE L 743 7.56 36.88 25.02
N CYS L 744 7.67 38.18 24.85
CA CYS L 744 8.38 38.81 23.74
C CYS L 744 9.34 39.85 24.29
N LEU L 745 10.32 40.20 23.47
CA LEU L 745 11.40 41.07 23.91
C LEU L 745 11.08 42.53 23.63
N GLY L 746 11.76 43.42 24.34
CA GLY L 746 11.61 44.84 24.16
C GLY L 746 12.85 45.61 24.59
N SER L 747 13.37 46.45 23.69
CA SER L 747 14.57 47.24 23.98
C SER L 747 14.13 48.57 24.59
N ASP L 748 13.86 48.53 25.90
CA ASP L 748 13.47 49.71 26.64
C ASP L 748 13.89 49.52 28.10
N ASP L 749 15.02 50.10 28.47
CA ASP L 749 15.46 50.09 29.86
C ASP L 749 15.34 51.49 30.44
N PRO L 750 14.53 51.72 31.47
CA PRO L 750 14.35 53.09 31.95
C PRO L 750 15.64 53.75 32.40
N GLY L 751 16.55 52.99 33.00
CA GLY L 751 17.71 53.57 33.64
C GLY L 751 19.04 53.20 33.03
N ILE L 752 19.14 53.18 31.71
CA ILE L 752 20.41 52.96 31.04
C ILE L 752 20.50 53.84 29.81
N PHE L 753 21.72 54.09 29.37
CA PHE L 753 22.00 54.89 28.19
C PHE L 753 22.50 54.00 27.07
N ALA L 754 22.22 54.40 25.84
CA ALA L 754 22.69 53.68 24.65
C ALA L 754 22.40 52.19 24.79
N ALA L 755 21.15 51.90 25.12
CA ALA L 755 20.68 50.53 25.21
C ALA L 755 20.26 50.05 23.82
N ASP L 756 20.39 48.73 23.61
CA ASP L 756 19.98 48.15 22.35
C ASP L 756 19.33 46.81 22.62
N LEU L 757 18.49 46.39 21.67
CA LEU L 757 17.87 45.08 21.78
C LEU L 757 18.92 43.98 21.80
N LYS L 758 19.91 44.06 20.92
CA LYS L 758 20.97 43.06 20.96
C LYS L 758 21.72 43.15 22.28
N SER L 759 21.87 44.37 22.80
CA SER L 759 22.53 44.53 24.09
C SER L 759 21.80 43.76 25.19
N GLU L 760 20.48 43.96 25.30
CA GLU L 760 19.74 43.25 26.32
C GLU L 760 19.69 41.75 26.02
N PHE L 761 19.78 41.39 24.74
CA PHE L 761 19.94 39.98 24.39
C PHE L 761 21.18 39.40 25.04
N TYR L 762 22.32 40.07 24.85
CA TYR L 762 23.54 39.66 25.52
C TYR L 762 23.34 39.60 27.03
N HIS L 763 22.65 40.61 27.56
CA HIS L 763 22.45 40.68 29.00
C HIS L 763 21.77 39.41 29.50
N LEU L 764 20.65 39.07 28.86
CA LEU L 764 19.91 37.88 29.25
C LEU L 764 20.76 36.63 29.08
N PHE L 765 21.49 36.56 27.97
CA PHE L 765 22.34 35.41 27.71
C PHE L 765 23.34 35.20 28.84
N VAL L 766 24.09 36.25 29.17
CA VAL L 766 25.12 36.12 30.20
C VAL L 766 24.47 35.78 31.53
N VAL L 767 23.33 36.40 31.84
CA VAL L 767 22.69 36.14 33.11
C VAL L 767 22.31 34.68 33.22
N LEU L 768 21.64 34.15 32.20
CA LEU L 768 21.28 32.74 32.20
C LEU L 768 22.52 31.87 32.41
N THR L 769 23.54 32.07 31.59
CA THR L 769 24.68 31.17 31.65
C THR L 769 25.41 31.23 32.97
N ARG L 770 25.44 32.39 33.63
CA ARG L 770 26.25 32.55 34.82
C ARG L 770 25.46 32.44 36.12
N LYS L 771 24.50 33.30 36.37
CA LYS L 771 23.74 33.21 37.60
C LYS L 771 22.89 31.97 37.68
N PHE L 772 22.75 31.24 36.58
CA PHE L 772 22.07 29.95 36.60
C PHE L 772 22.91 28.84 36.00
N GLY L 773 24.12 29.15 35.51
CA GLY L 773 25.02 28.10 35.09
C GLY L 773 24.61 27.37 33.84
N LEU L 774 23.58 27.83 33.15
CA LEU L 774 23.10 27.13 31.97
C LEU L 774 24.16 27.14 30.87
N SER L 775 24.17 26.11 30.06
CA SER L 775 25.13 26.01 28.98
C SER L 775 24.82 27.06 27.91
N PRO L 776 25.80 27.38 27.06
CA PRO L 776 25.54 28.35 26.00
C PRO L 776 24.34 27.99 25.14
N ALA L 777 24.20 26.72 24.78
CA ALA L 777 23.06 26.31 23.98
C ALA L 777 21.76 26.53 24.74
N ASP L 778 21.74 26.17 26.02
CA ASP L 778 20.52 26.34 26.82
C ASP L 778 20.12 27.80 26.90
N ALA L 779 21.06 28.68 27.23
CA ALA L 779 20.74 30.09 27.30
C ALA L 779 20.30 30.61 25.94
N LEU L 780 20.99 30.20 24.88
CA LEU L 780 20.64 30.67 23.55
C LEU L 780 19.21 30.31 23.22
N ARG L 781 18.83 29.05 23.42
CA ARG L 781 17.44 28.65 23.15
C ARG L 781 16.47 29.39 24.05
N LYS L 782 16.83 29.56 25.33
CA LYS L 782 15.90 30.16 26.28
C LYS L 782 15.60 31.61 25.92
N VAL L 783 16.56 32.30 25.32
CA VAL L 783 16.26 33.64 24.83
C VAL L 783 15.60 33.57 23.46
N ALA L 784 15.93 32.52 22.70
CA ALA L 784 15.47 32.42 21.33
C ALA L 784 13.97 32.21 21.24
N GLU L 785 13.37 31.48 22.17
CA GLU L 785 11.93 31.31 22.07
C GLU L 785 11.23 32.65 22.21
N VAL L 786 11.76 33.51 23.08
CA VAL L 786 11.18 34.86 23.23
C VAL L 786 11.38 35.64 21.95
N ASN L 787 12.62 35.65 21.44
CA ASN L 787 12.88 36.37 20.20
C ASN L 787 11.91 35.93 19.11
N GLU L 788 11.72 34.63 18.96
CA GLU L 788 10.89 34.10 17.88
C GLU L 788 9.42 34.33 18.15
N ASN L 789 9.00 34.35 19.42
CA ASN L 789 7.68 34.86 19.73
C ASN L 789 7.51 36.25 19.15
N GLY L 790 8.58 37.04 19.18
CA GLY L 790 8.56 38.32 18.51
C GLY L 790 8.13 38.20 17.07
N ARG L 791 8.79 37.30 16.32
CA ARG L 791 8.38 37.08 14.93
C ARG L 791 6.94 36.64 14.86
N ILE L 792 6.57 35.67 15.68
CA ILE L 792 5.27 35.03 15.57
C ILE L 792 4.17 36.05 15.75
N TYR L 793 4.40 37.05 16.62
CA TYR L 793 3.38 38.04 16.91
C TYR L 793 3.75 39.42 16.38
N ARG L 794 4.65 39.47 15.40
CA ARG L 794 4.82 40.69 14.64
C ARG L 794 3.47 41.32 14.33
N PHE L 795 3.45 42.64 14.29
CA PHE L 795 2.29 43.34 13.77
C PHE L 795 2.41 43.57 12.28
N HIS L 796 3.63 43.48 11.74
CA HIS L 796 3.87 43.73 10.34
C HIS L 796 2.88 42.95 9.48
N ASP L 797 2.56 43.53 8.32
CA ASP L 797 1.68 42.86 7.38
C ASP L 797 2.35 41.61 6.84
N VAL L 798 1.52 40.64 6.43
CA VAL L 798 2.03 39.42 5.85
C VAL L 798 1.84 39.45 4.33
N LYS M 35 -25.83 -47.22 -54.83
CA LYS M 35 -25.68 -48.02 -53.62
C LYS M 35 -24.38 -48.83 -53.69
N SER M 36 -24.32 -49.75 -54.64
CA SER M 36 -23.08 -50.48 -54.86
C SER M 36 -21.93 -49.52 -55.13
N LEU M 37 -22.23 -48.36 -55.73
CA LEU M 37 -21.22 -47.31 -55.84
C LEU M 37 -20.70 -46.91 -54.47
N ARG M 38 -21.61 -46.67 -53.53
CA ARG M 38 -21.23 -46.32 -52.17
C ARG M 38 -20.37 -47.42 -51.56
N ASP M 39 -20.79 -48.67 -51.72
CA ASP M 39 -20.03 -49.79 -51.17
C ASP M 39 -18.61 -49.82 -51.72
N GLN M 40 -18.48 -49.78 -53.05
CA GLN M 40 -17.18 -49.82 -53.68
C GLN M 40 -16.30 -48.68 -53.19
N LEU M 41 -16.84 -47.47 -53.14
CA LEU M 41 -16.04 -46.34 -52.68
C LEU M 41 -15.62 -46.54 -51.22
N VAL M 42 -16.49 -47.14 -50.42
CA VAL M 42 -16.13 -47.40 -49.02
C VAL M 42 -14.93 -48.32 -48.97
N GLU M 43 -14.93 -49.37 -49.77
CA GLU M 43 -13.77 -50.25 -49.79
C GLU M 43 -12.53 -49.50 -50.26
N SER M 44 -12.70 -48.64 -51.27
CA SER M 44 -11.56 -47.88 -51.78
C SER M 44 -10.97 -46.98 -50.71
N ILE M 45 -11.82 -46.33 -49.92
CA ILE M 45 -11.32 -45.47 -48.86
C ILE M 45 -10.63 -46.31 -47.79
N ARG M 46 -11.26 -47.41 -47.39
CA ARG M 46 -10.68 -48.22 -46.33
C ARG M 46 -9.31 -48.75 -46.72
N ASN M 47 -9.19 -49.28 -47.93
CA ASN M 47 -7.90 -49.75 -48.41
C ASN M 47 -7.07 -48.60 -48.98
N SER M 48 -6.91 -47.55 -48.19
CA SER M 48 -6.16 -46.38 -48.64
C SER M 48 -5.19 -45.95 -47.57
N ILE M 49 -5.49 -46.26 -46.32
CA ILE M 49 -4.65 -45.83 -45.20
C ILE M 49 -3.41 -46.71 -45.06
N ALA M 50 -3.49 -47.96 -45.47
CA ALA M 50 -2.37 -48.89 -45.34
C ALA M 50 -1.12 -48.31 -46.00
N ARG M 69 -2.13 -36.81 -52.94
CA ARG M 69 -3.02 -36.33 -51.89
C ARG M 69 -3.85 -37.47 -51.32
N ASN M 70 -4.87 -37.13 -50.54
CA ASN M 70 -5.71 -38.13 -49.90
C ASN M 70 -7.19 -37.76 -50.03
N VAL M 71 -7.62 -37.38 -51.22
CA VAL M 71 -8.97 -36.89 -51.45
C VAL M 71 -9.66 -37.80 -52.45
N PHE M 72 -10.86 -38.24 -52.09
CA PHE M 72 -11.74 -38.94 -53.03
C PHE M 72 -12.87 -38.02 -53.43
N PHE M 73 -13.18 -38.00 -54.73
CA PHE M 73 -14.15 -37.06 -55.27
C PHE M 73 -15.35 -37.79 -55.84
N VAL M 74 -16.50 -37.13 -55.77
CA VAL M 74 -17.77 -37.69 -56.24
C VAL M 74 -18.23 -36.81 -57.39
N ASP M 75 -18.30 -37.39 -58.58
CA ASP M 75 -18.84 -36.68 -59.73
C ASP M 75 -20.35 -36.83 -59.77
N GLY M 76 -21.02 -35.80 -60.28
CA GLY M 76 -22.47 -35.81 -60.37
C GLY M 76 -23.03 -34.97 -61.50
N GLY M 81 -29.57 -37.54 -54.18
CA GLY M 81 -28.51 -37.17 -55.11
C GLY M 81 -27.12 -37.39 -54.54
N LYS M 82 -26.16 -36.62 -55.03
CA LYS M 82 -24.79 -36.73 -54.53
C LYS M 82 -24.78 -36.65 -53.02
N THR M 83 -25.58 -35.74 -52.46
CA THR M 83 -25.71 -35.65 -51.02
C THR M 83 -26.16 -36.97 -50.42
N THR M 84 -27.16 -37.59 -51.04
CA THR M 84 -27.65 -38.87 -50.53
C THR M 84 -26.55 -39.92 -50.55
N PHE M 85 -25.82 -40.00 -51.65
CA PHE M 85 -24.73 -40.98 -51.73
C PHE M 85 -23.69 -40.72 -50.65
N ILE M 86 -23.36 -39.45 -50.44
CA ILE M 86 -22.32 -39.11 -49.47
C ILE M 86 -22.78 -39.47 -48.06
N ASN M 87 -24.02 -39.15 -47.72
CA ASN M 87 -24.53 -39.50 -46.41
C ASN M 87 -24.57 -41.00 -46.22
N SER M 88 -24.95 -41.73 -47.28
CA SER M 88 -24.91 -43.18 -47.22
C SER M 88 -23.51 -43.67 -46.92
N VAL M 89 -22.52 -43.09 -47.60
CA VAL M 89 -21.13 -43.44 -47.32
C VAL M 89 -20.80 -43.16 -45.87
N VAL M 90 -21.16 -41.97 -45.39
CA VAL M 90 -20.90 -41.61 -44.01
C VAL M 90 -21.44 -42.65 -43.04
N LYS M 91 -22.72 -43.00 -43.19
CA LYS M 91 -23.30 -43.98 -42.28
C LYS M 91 -22.60 -45.32 -42.42
N SER M 92 -22.33 -45.74 -43.66
CA SER M 92 -21.59 -46.97 -43.87
C SER M 92 -20.28 -46.97 -43.10
N LEU M 93 -19.62 -45.82 -43.02
CA LEU M 93 -18.41 -45.68 -42.23
C LEU M 93 -18.72 -45.49 -40.75
N ASN M 94 -20.00 -45.32 -40.41
CA ASN M 94 -20.41 -45.11 -39.03
C ASN M 94 -19.97 -43.74 -38.56
N VAL M 102 -7.89 -50.34 -39.74
CA VAL M 102 -9.08 -49.96 -40.46
C VAL M 102 -9.91 -48.98 -39.63
N ASN M 103 -9.39 -48.61 -38.47
CA ASN M 103 -10.08 -47.69 -37.57
C ASN M 103 -9.85 -46.26 -38.05
N ILE M 104 -10.88 -45.67 -38.64
CA ILE M 104 -10.85 -44.28 -39.08
C ILE M 104 -12.06 -43.59 -38.48
N LYS M 105 -11.86 -42.37 -37.99
CA LYS M 105 -12.92 -41.62 -37.33
C LYS M 105 -13.52 -40.62 -38.30
N CYS M 106 -14.84 -40.61 -38.39
CA CYS M 106 -15.57 -39.76 -39.32
C CYS M 106 -16.14 -38.55 -38.57
N LEU M 107 -16.50 -37.56 -39.33
CA LEU M 107 -17.08 -36.41 -38.66
C LEU M 107 -18.35 -35.96 -39.37
N PRO M 108 -19.21 -35.22 -38.67
CA PRO M 108 -20.42 -34.70 -39.31
C PRO M 108 -20.09 -33.94 -40.58
N THR M 109 -20.96 -34.06 -41.58
CA THR M 109 -20.67 -33.54 -42.91
C THR M 109 -20.28 -32.07 -42.85
N ILE M 110 -19.69 -31.60 -43.93
CA ILE M 110 -19.29 -30.20 -44.07
C ILE M 110 -19.97 -29.64 -45.31
N ASP M 111 -21.09 -28.95 -45.10
CA ASP M 111 -21.82 -28.34 -46.20
C ASP M 111 -21.41 -26.90 -46.34
N PRO M 112 -20.51 -26.56 -47.26
CA PRO M 112 -20.00 -25.18 -47.33
C PRO M 112 -21.07 -24.16 -47.66
N THR M 113 -21.91 -24.40 -48.66
CA THR M 113 -22.86 -23.41 -49.12
C THR M 113 -23.80 -22.96 -48.01
N LYS M 114 -23.92 -23.75 -46.95
CA LYS M 114 -24.70 -23.39 -45.78
C LYS M 114 -23.79 -23.25 -44.58
N LEU M 115 -22.67 -22.58 -44.81
CA LEU M 115 -21.74 -22.18 -43.77
C LEU M 115 -21.39 -20.72 -44.02
N PRO M 116 -21.17 -19.96 -42.96
CA PRO M 116 -21.04 -18.51 -43.11
C PRO M 116 -19.94 -18.09 -44.07
N ARG M 117 -20.11 -16.92 -44.67
CA ARG M 117 -19.20 -16.39 -45.68
C ARG M 117 -17.74 -16.30 -45.22
N HIS M 118 -17.49 -15.70 -44.05
CA HIS M 118 -16.12 -15.48 -43.58
C HIS M 118 -15.93 -16.26 -42.28
N GLU M 119 -15.37 -17.43 -42.41
CA GLU M 119 -14.76 -18.23 -41.36
C GLU M 119 -13.92 -19.24 -42.10
N PRO M 120 -12.92 -19.83 -41.50
CA PRO M 120 -12.15 -20.83 -42.23
C PRO M 120 -12.73 -22.21 -42.10
N ILE M 121 -12.69 -22.97 -43.18
CA ILE M 121 -13.04 -24.38 -43.10
C ILE M 121 -12.15 -24.96 -42.01
N LEU M 122 -10.97 -24.36 -41.84
CA LEU M 122 -10.09 -24.77 -40.77
C LEU M 122 -10.76 -24.66 -39.41
N VAL M 123 -11.33 -23.49 -39.09
CA VAL M 123 -12.02 -23.35 -37.81
C VAL M 123 -13.23 -24.26 -37.75
N THR M 124 -13.93 -24.42 -38.87
CA THR M 124 -15.08 -25.30 -38.88
C THR M 124 -14.68 -26.71 -38.45
N VAL M 125 -13.66 -27.25 -39.09
CA VAL M 125 -13.18 -28.58 -38.77
C VAL M 125 -12.65 -28.63 -37.35
N THR M 126 -11.94 -27.59 -36.93
CA THR M 126 -11.41 -27.54 -35.58
C THR M 126 -12.53 -27.63 -34.55
N ALA M 127 -13.64 -26.92 -34.80
CA ALA M 127 -14.76 -26.95 -33.88
C ALA M 127 -15.41 -28.32 -33.85
N ARG M 128 -15.66 -28.90 -35.03
CA ARG M 128 -16.26 -30.23 -35.04
C ARG M 128 -15.35 -31.23 -34.33
N LEU M 129 -14.04 -31.11 -34.52
CA LEU M 129 -13.09 -31.95 -33.81
C LEU M 129 -13.16 -31.70 -32.31
N ASN M 130 -13.27 -30.45 -31.91
CA ASN M 130 -13.46 -30.12 -30.51
C ASN M 130 -14.64 -30.90 -29.94
N LYS M 131 -15.77 -30.84 -30.63
CA LYS M 131 -16.95 -31.55 -30.16
C LYS M 131 -16.68 -33.05 -30.05
N MET M 132 -16.17 -33.64 -31.13
CA MET M 132 -15.95 -35.09 -31.14
C MET M 132 -15.03 -35.52 -29.99
N VAL M 133 -13.88 -34.86 -29.87
CA VAL M 133 -12.93 -35.21 -28.83
C VAL M 133 -13.50 -34.99 -27.44
N SER M 134 -14.17 -33.86 -27.21
CA SER M 134 -14.81 -33.59 -25.94
C SER M 134 -15.79 -34.68 -25.56
N ASP M 135 -16.63 -35.12 -26.50
CA ASP M 135 -17.50 -36.25 -26.23
C ASP M 135 -16.74 -37.52 -25.89
N LYS M 136 -15.78 -37.89 -26.73
CA LYS M 136 -14.98 -39.09 -26.50
C LYS M 136 -14.10 -38.97 -25.27
N LEU M 137 -13.81 -37.75 -24.82
CA LEU M 137 -13.09 -37.54 -23.58
C LEU M 137 -14.03 -37.36 -22.39
N LYS M 138 -15.12 -36.62 -22.55
CA LYS M 138 -16.07 -36.50 -21.45
C LYS M 138 -16.58 -37.88 -21.05
N GLY M 139 -16.75 -38.77 -22.02
CA GLY M 139 -16.90 -40.17 -21.70
C GLY M 139 -15.60 -40.68 -21.12
N TYR M 140 -15.62 -41.07 -19.84
CA TYR M 140 -14.40 -41.45 -19.14
C TYR M 140 -13.49 -40.25 -18.94
N ARG M 147 -8.16 -35.34 -16.84
CA ARG M 147 -7.48 -36.27 -17.74
C ARG M 147 -6.27 -35.60 -18.39
N LYS M 148 -5.26 -36.40 -18.71
CA LYS M 148 -4.04 -35.90 -19.31
C LYS M 148 -4.16 -35.60 -20.79
N GLN M 149 -4.96 -36.36 -21.53
CA GLN M 149 -5.25 -35.98 -22.91
C GLN M 149 -5.77 -34.56 -22.97
N LYS M 150 -6.56 -34.18 -21.96
CA LYS M 150 -7.33 -32.94 -22.01
C LYS M 150 -6.43 -31.71 -22.10
N GLU M 151 -5.65 -31.44 -21.06
CA GLU M 151 -4.85 -30.23 -21.01
C GLU M 151 -3.95 -30.07 -22.23
N GLN M 152 -3.25 -31.12 -22.62
CA GLN M 152 -2.49 -31.06 -23.86
C GLN M 152 -3.36 -30.71 -25.05
N TRP M 153 -4.55 -31.29 -25.17
CA TRP M 153 -5.45 -30.88 -26.23
C TRP M 153 -5.84 -29.42 -26.13
N GLN M 154 -6.16 -28.94 -24.93
CA GLN M 154 -6.37 -27.50 -24.77
C GLN M 154 -5.14 -26.71 -25.17
N ASN M 155 -3.95 -27.21 -24.91
CA ASN M 155 -2.75 -26.54 -25.34
C ASN M 155 -2.71 -26.41 -26.86
N HIS M 156 -2.89 -27.53 -27.56
CA HIS M 156 -2.93 -27.50 -29.02
C HIS M 156 -3.97 -26.53 -29.51
N LEU M 157 -5.16 -26.57 -28.91
CA LEU M 157 -6.27 -25.73 -29.32
C LEU M 157 -5.95 -24.26 -29.11
N ALA M 158 -5.30 -23.92 -28.00
CA ALA M 158 -4.90 -22.55 -27.72
C ALA M 158 -3.91 -22.04 -28.74
N GLN M 159 -2.89 -22.83 -29.08
CA GLN M 159 -1.98 -22.39 -30.14
C GLN M 159 -2.71 -22.24 -31.46
N LEU M 160 -3.62 -23.17 -31.76
CA LEU M 160 -4.42 -23.05 -32.96
C LEU M 160 -5.13 -21.71 -33.01
N GLN M 161 -5.84 -21.37 -31.93
CA GLN M 161 -6.57 -20.12 -31.89
C GLN M 161 -5.63 -18.93 -32.05
N ARG M 162 -4.51 -18.94 -31.32
CA ARG M 162 -3.61 -17.81 -31.35
C ARG M 162 -3.03 -17.57 -32.74
N GLY M 163 -2.44 -18.60 -33.36
CA GLY M 163 -1.82 -18.42 -34.65
C GLY M 163 -2.84 -18.51 -35.77
N LEU M 164 -4.09 -18.23 -35.43
CA LEU M 164 -5.18 -18.36 -36.38
C LEU M 164 -5.60 -17.03 -36.97
N HIS M 165 -5.30 -15.92 -36.29
CA HIS M 165 -5.63 -14.61 -36.82
C HIS M 165 -5.13 -14.45 -38.25
N LEU M 166 -3.95 -14.99 -38.55
CA LEU M 166 -3.33 -14.85 -39.85
C LEU M 166 -4.33 -14.96 -40.99
N LEU M 167 -5.18 -15.99 -40.95
CA LEU M 167 -6.08 -16.24 -42.06
C LEU M 167 -6.98 -15.04 -42.32
N THR M 168 -7.60 -14.51 -41.28
CA THR M 168 -8.50 -13.36 -41.41
C THR M 168 -7.71 -12.11 -41.77
N ASP M 169 -6.57 -11.93 -41.13
CA ASP M 169 -5.80 -10.69 -41.18
C ASP M 169 -5.70 -10.13 -42.59
N LYS M 170 -6.27 -8.95 -42.81
CA LYS M 170 -6.12 -8.26 -44.08
C LYS M 170 -4.76 -7.61 -44.24
N GLU M 171 -4.02 -7.46 -43.14
CA GLU M 171 -2.69 -6.87 -43.15
C GLU M 171 -1.86 -7.55 -42.07
N TYR M 172 -0.54 -7.48 -42.23
CA TYR M 172 0.39 -8.03 -41.25
C TYR M 172 0.73 -6.98 -40.21
N LYS M 173 0.18 -7.13 -39.01
CA LYS M 173 0.94 -6.25 -38.16
C LYS M 173 2.28 -6.90 -37.80
N PRO M 174 3.32 -6.11 -37.57
CA PRO M 174 4.61 -6.69 -37.15
C PRO M 174 4.55 -7.40 -35.82
N GLU M 175 3.54 -7.11 -34.99
CA GLU M 175 3.49 -7.66 -33.63
C GLU M 175 3.49 -9.18 -33.60
N TYR M 176 3.07 -9.84 -34.68
CA TYR M 176 3.11 -11.28 -34.76
C TYR M 176 4.51 -11.81 -35.02
N PHE M 177 5.47 -10.92 -35.28
CA PHE M 177 6.85 -11.34 -35.46
C PHE M 177 7.39 -12.01 -34.22
N SER M 178 7.12 -11.45 -33.04
CA SER M 178 7.43 -12.10 -31.78
C SER M 178 6.58 -13.34 -31.53
N ASP M 179 5.36 -13.38 -32.08
CA ASP M 179 4.52 -14.56 -31.93
C ASP M 179 5.10 -15.76 -32.67
N ALA M 180 5.67 -15.52 -33.84
CA ALA M 180 6.27 -16.59 -34.65
C ALA M 180 7.63 -17.03 -34.15
N LEU M 181 8.17 -16.37 -33.12
CA LEU M 181 9.53 -16.60 -32.66
C LEU M 181 9.59 -17.31 -31.31
N LYS M 182 8.44 -17.79 -30.84
CA LYS M 182 8.25 -18.08 -29.42
C LYS M 182 8.31 -19.59 -29.23
N LEU M 183 9.14 -20.03 -28.28
CA LEU M 183 9.49 -21.44 -28.13
C LEU M 183 9.27 -21.92 -26.71
N SER M 190 8.33 -28.44 -37.50
CA SER M 190 9.76 -28.75 -37.59
C SER M 190 10.42 -28.04 -38.78
N ILE M 191 9.91 -26.85 -39.11
CA ILE M 191 10.41 -26.08 -40.24
C ILE M 191 10.62 -24.63 -39.84
N GLY M 192 10.19 -24.26 -38.64
CA GLY M 192 10.37 -22.90 -38.17
C GLY M 192 9.19 -21.99 -38.41
N GLY M 193 8.77 -21.30 -37.35
CA GLY M 193 7.69 -20.34 -37.43
C GLY M 193 6.52 -20.67 -36.52
N GLN M 194 5.31 -20.46 -37.02
CA GLN M 194 4.07 -20.80 -36.33
C GLN M 194 3.10 -21.44 -37.30
N ASP M 195 3.61 -22.39 -38.09
CA ASP M 195 2.89 -22.84 -39.27
C ASP M 195 1.57 -23.50 -38.88
N LEU M 196 0.48 -22.77 -39.13
CA LEU M 196 -0.83 -23.28 -38.76
C LEU M 196 -1.07 -24.66 -39.34
N SER M 197 -0.46 -24.97 -40.47
CA SER M 197 -0.50 -26.34 -40.99
C SER M 197 0.17 -27.34 -40.06
N GLU M 198 1.32 -26.99 -39.47
CA GLU M 198 1.95 -27.93 -38.54
C GLU M 198 1.14 -28.02 -37.25
N ILE M 199 0.56 -26.91 -36.81
CA ILE M 199 -0.36 -27.00 -35.67
C ILE M 199 -1.52 -27.93 -35.99
N PHE M 200 -2.09 -27.80 -37.18
CA PHE M 200 -3.17 -28.66 -37.61
C PHE M 200 -2.76 -30.12 -37.66
N GLU M 201 -1.58 -30.41 -38.19
CA GLU M 201 -1.10 -31.78 -38.25
C GLU M 201 -0.88 -32.37 -36.86
N GLU M 202 -0.30 -31.59 -35.95
CA GLU M 202 -0.14 -32.08 -34.59
C GLU M 202 -1.49 -32.26 -33.90
N LEU M 203 -2.46 -31.40 -34.20
CA LEU M 203 -3.82 -31.59 -33.71
C LEU M 203 -4.41 -32.90 -34.21
N VAL M 204 -4.20 -33.21 -35.48
CA VAL M 204 -4.67 -34.49 -36.03
C VAL M 204 -3.99 -35.65 -35.32
N LYS M 205 -2.69 -35.52 -35.08
CA LYS M 205 -1.97 -36.52 -34.29
C LYS M 205 -2.62 -36.72 -32.94
N ARG M 206 -2.90 -35.62 -32.24
CA ARG M 206 -3.52 -35.71 -30.93
C ARG M 206 -4.88 -36.39 -31.01
N ALA M 207 -5.68 -36.02 -32.01
CA ALA M 207 -6.99 -36.62 -32.17
C ALA M 207 -6.89 -38.12 -32.43
N CYS M 208 -6.00 -38.53 -33.31
CA CYS M 208 -5.83 -39.96 -33.58
C CYS M 208 -5.41 -40.70 -32.32
N GLU M 209 -4.45 -40.15 -31.59
CA GLU M 209 -3.97 -40.81 -30.38
C GLU M 209 -5.11 -40.94 -29.36
N ILE M 210 -5.88 -39.87 -29.17
CA ILE M 210 -6.95 -39.90 -28.19
C ILE M 210 -8.07 -40.83 -28.60
N LEU M 211 -8.42 -40.88 -29.88
CA LEU M 211 -9.58 -41.61 -30.36
C LEU M 211 -9.24 -43.01 -30.85
N ASP M 212 -7.97 -43.42 -30.76
CA ASP M 212 -7.57 -44.76 -31.18
C ASP M 212 -8.00 -45.00 -32.62
N CYS M 213 -7.76 -44.01 -33.47
CA CYS M 213 -8.12 -44.07 -34.87
C CYS M 213 -6.86 -43.96 -35.72
N LYS M 214 -6.89 -44.64 -36.86
CA LYS M 214 -5.78 -44.56 -37.79
C LYS M 214 -5.76 -43.26 -38.58
N ALA M 215 -6.92 -42.67 -38.84
CA ALA M 215 -6.98 -41.40 -39.54
C ALA M 215 -8.36 -40.79 -39.35
N ILE M 216 -8.53 -39.60 -39.92
CA ILE M 216 -9.78 -38.84 -39.82
C ILE M 216 -10.31 -38.60 -41.22
N LEU M 217 -11.60 -38.88 -41.41
CA LEU M 217 -12.26 -38.56 -42.66
C LEU M 217 -12.96 -37.22 -42.57
N ILE M 218 -12.73 -36.39 -43.57
CA ILE M 218 -13.36 -35.08 -43.70
C ILE M 218 -14.28 -35.15 -44.91
N THR M 219 -15.34 -34.35 -44.87
CA THR M 219 -16.36 -34.41 -45.90
C THR M 219 -16.68 -33.01 -46.38
N PHE M 220 -17.13 -32.89 -47.62
CA PHE M 220 -17.56 -31.61 -48.15
C PHE M 220 -18.69 -31.78 -49.14
N ASP M 221 -19.79 -31.07 -48.89
CA ASP M 221 -20.98 -31.11 -49.72
C ASP M 221 -20.78 -30.26 -50.96
N ASP M 222 -21.65 -30.49 -51.94
CA ASP M 222 -21.57 -29.73 -53.18
C ASP M 222 -21.72 -28.23 -52.90
N ILE M 223 -21.15 -27.43 -53.79
CA ILE M 223 -21.22 -25.98 -53.68
C ILE M 223 -22.08 -25.44 -54.81
N ASP M 224 -23.04 -26.26 -55.25
CA ASP M 224 -23.91 -25.87 -56.35
C ASP M 224 -24.58 -24.52 -56.10
N THR M 225 -25.16 -24.32 -54.93
CA THR M 225 -25.76 -23.04 -54.57
C THR M 225 -24.73 -21.93 -54.45
N GLN M 226 -23.54 -22.23 -53.94
CA GLN M 226 -22.48 -21.24 -53.85
C GLN M 226 -21.14 -21.89 -54.19
N PHE M 227 -20.65 -21.67 -55.40
CA PHE M 227 -19.46 -22.38 -55.83
C PHE M 227 -18.17 -21.62 -55.54
N ASP M 228 -18.27 -20.39 -55.05
CA ASP M 228 -17.06 -19.62 -54.77
C ASP M 228 -16.41 -20.01 -53.45
N ALA M 229 -17.21 -20.26 -52.41
CA ALA M 229 -16.64 -20.63 -51.12
C ALA M 229 -15.88 -21.95 -51.22
N GLY M 230 -16.29 -22.84 -52.12
CA GLY M 230 -15.62 -24.12 -52.22
C GLY M 230 -14.12 -23.99 -52.39
N TRP M 231 -13.68 -22.95 -53.10
CA TRP M 231 -12.24 -22.73 -53.21
C TRP M 231 -11.64 -22.55 -51.84
N ASP M 232 -12.44 -22.11 -50.88
CA ASP M 232 -11.97 -22.04 -49.50
C ASP M 232 -11.61 -23.43 -49.00
N VAL M 233 -12.46 -24.40 -49.31
CA VAL M 233 -12.14 -25.79 -48.98
C VAL M 233 -10.87 -26.21 -49.71
N LEU M 234 -10.76 -25.82 -50.97
CA LEU M 234 -9.57 -26.15 -51.75
C LEU M 234 -8.32 -25.66 -51.03
N GLU M 235 -8.31 -24.40 -50.64
CA GLU M 235 -7.17 -23.80 -49.97
C GLU M 235 -6.91 -24.44 -48.62
N SER M 236 -7.95 -24.72 -47.85
CA SER M 236 -7.78 -25.44 -46.61
C SER M 236 -7.09 -26.78 -46.84
N ILE M 237 -7.47 -27.47 -47.90
CA ILE M 237 -6.83 -28.74 -48.22
C ILE M 237 -5.36 -28.51 -48.54
N ARG M 238 -5.09 -27.57 -49.44
CA ARG M 238 -3.73 -27.38 -49.91
C ARG M 238 -2.81 -26.98 -48.77
N LYS M 239 -3.32 -26.23 -47.79
CA LYS M 239 -2.49 -25.79 -46.68
C LYS M 239 -2.46 -26.75 -45.50
N PHE M 240 -3.50 -27.54 -45.27
CA PHE M 240 -3.63 -28.16 -43.95
C PHE M 240 -3.92 -29.64 -43.97
N PHE M 241 -4.62 -30.14 -44.98
CA PHE M 241 -4.93 -31.57 -45.04
C PHE M 241 -3.96 -32.33 -45.92
N ASN M 242 -2.75 -31.81 -46.06
CA ASN M 242 -1.63 -32.55 -46.63
C ASN M 242 -0.94 -33.37 -45.55
N SER M 243 -1.75 -34.14 -44.83
CA SER M 243 -1.30 -34.93 -43.69
C SER M 243 -1.63 -36.39 -43.91
N ARG M 244 -0.77 -37.25 -43.37
CA ARG M 244 -0.92 -38.68 -43.49
C ARG M 244 -1.98 -39.25 -42.54
N LYS M 245 -2.56 -38.42 -41.69
CA LYS M 245 -3.62 -38.86 -40.77
C LYS M 245 -4.99 -38.35 -41.20
N LEU M 246 -5.11 -37.81 -42.41
CA LEU M 246 -6.37 -37.24 -42.86
C LEU M 246 -6.67 -37.66 -44.29
N VAL M 247 -7.94 -37.98 -44.54
CA VAL M 247 -8.44 -38.22 -45.89
C VAL M 247 -9.74 -37.46 -46.04
N VAL M 248 -9.95 -36.86 -47.21
CA VAL M 248 -11.09 -35.98 -47.43
C VAL M 248 -11.94 -36.52 -48.57
N VAL M 249 -13.21 -36.13 -48.57
CA VAL M 249 -14.17 -36.52 -49.58
C VAL M 249 -14.83 -35.26 -50.14
N ALA M 250 -14.49 -34.92 -51.36
CA ALA M 250 -15.11 -33.82 -52.08
C ALA M 250 -16.16 -34.35 -53.03
N THR M 251 -17.12 -33.48 -53.36
CA THR M 251 -18.21 -33.87 -54.24
C THR M 251 -18.66 -32.67 -55.06
N GLY M 252 -19.04 -32.93 -56.31
CA GLY M 252 -19.52 -31.88 -57.17
C GLY M 252 -19.26 -32.24 -58.63
N ASP M 253 -19.44 -31.24 -59.49
CA ASP M 253 -19.14 -31.36 -60.91
C ASP M 253 -17.86 -30.59 -61.21
N LEU M 254 -16.87 -31.30 -61.75
CA LEU M 254 -15.55 -30.72 -61.90
C LEU M 254 -15.52 -29.53 -62.83
N ARG M 255 -16.57 -29.31 -63.62
CA ARG M 255 -16.63 -28.06 -64.39
C ARG M 255 -16.45 -26.85 -63.48
N LEU M 256 -17.24 -26.79 -62.41
CA LEU M 256 -17.16 -25.67 -61.48
C LEU M 256 -15.78 -25.57 -60.86
N TYR M 257 -15.22 -26.70 -60.44
CA TYR M 257 -13.89 -26.71 -59.87
C TYR M 257 -12.89 -26.12 -60.84
N SER M 258 -13.09 -26.42 -62.13
CA SER M 258 -12.26 -25.85 -63.17
C SER M 258 -12.40 -24.34 -63.24
N GLN M 259 -13.63 -23.84 -63.25
CA GLN M 259 -13.75 -22.39 -63.22
C GLN M 259 -13.06 -21.80 -61.99
N LEU M 260 -13.25 -22.40 -60.82
CA LEU M 260 -12.67 -21.91 -59.59
C LEU M 260 -11.16 -21.79 -59.69
N ILE M 261 -10.50 -22.87 -60.11
CA ILE M 261 -9.07 -22.80 -60.34
C ILE M 261 -8.78 -21.66 -61.30
N ARG M 262 -9.30 -21.74 -62.52
CA ARG M 262 -9.22 -20.59 -63.41
C ARG M 262 -9.75 -19.34 -62.75
N GLY M 263 -10.92 -19.46 -62.10
CA GLY M 263 -11.60 -18.29 -61.59
C GLY M 263 -10.69 -17.36 -60.82
N LYS M 264 -9.75 -17.92 -60.06
CA LYS M 264 -8.77 -17.05 -59.43
C LYS M 264 -7.38 -17.16 -60.05
N GLN M 265 -7.21 -17.98 -61.07
CA GLN M 265 -5.93 -18.02 -61.76
C GLN M 265 -5.59 -16.66 -62.36
N TYR M 266 -6.54 -16.07 -63.07
CA TYR M 266 -6.31 -14.86 -63.82
C TYR M 266 -6.11 -13.65 -62.91
N GLU M 267 -6.67 -13.69 -61.70
CA GLU M 267 -6.50 -12.62 -60.73
C GLU M 267 -5.07 -12.51 -60.25
N ASN M 268 -4.31 -13.60 -60.26
CA ASN M 268 -2.90 -13.51 -59.96
C ASN M 268 -2.15 -12.70 -61.00
N TYR M 269 -2.76 -12.43 -62.15
CA TYR M 269 -2.22 -11.44 -63.07
C TYR M 269 -2.36 -10.04 -62.49
N SER M 270 -1.72 -9.09 -63.16
CA SER M 270 -1.90 -7.68 -62.84
C SER M 270 -2.96 -7.08 -63.75
N LYS M 271 -3.83 -6.26 -63.17
CA LYS M 271 -4.89 -5.65 -63.97
C LYS M 271 -4.31 -4.78 -65.08
N THR M 272 -3.27 -4.01 -64.78
CA THR M 272 -2.68 -3.16 -65.81
C THR M 272 -2.15 -3.98 -66.97
N LEU M 273 -1.52 -5.12 -66.68
CA LEU M 273 -1.00 -5.96 -67.74
C LEU M 273 -2.10 -6.45 -68.66
N LEU M 274 -3.19 -6.96 -68.08
CA LEU M 274 -4.31 -7.38 -68.90
C LEU M 274 -4.91 -6.20 -69.64
N GLU M 275 -4.85 -5.01 -69.06
CA GLU M 275 -5.29 -3.78 -69.69
C GLU M 275 -4.46 -3.45 -70.92
N GLN M 276 -3.15 -3.66 -70.85
CA GLN M 276 -2.24 -3.22 -71.89
C GLN M 276 -2.07 -4.24 -73.00
N GLU M 277 -1.84 -5.49 -72.64
CA GLU M 277 -1.63 -6.54 -73.64
C GLU M 277 -2.92 -7.29 -73.93
N LYS M 278 -3.89 -6.58 -74.52
CA LYS M 278 -5.12 -7.17 -74.99
C LYS M 278 -5.02 -7.57 -76.46
N GLU M 279 -3.82 -7.87 -76.93
CA GLU M 279 -3.63 -8.42 -78.26
C GLU M 279 -3.86 -9.93 -78.22
N SER M 280 -4.46 -10.44 -79.30
CA SER M 280 -4.90 -11.82 -79.36
C SER M 280 -3.77 -12.78 -78.97
N VAL M 281 -2.57 -12.54 -79.48
CA VAL M 281 -1.46 -13.43 -79.19
C VAL M 281 -1.21 -13.52 -77.69
N ARG M 282 -1.12 -12.36 -77.03
CA ARG M 282 -0.84 -12.33 -75.61
C ARG M 282 -1.98 -12.92 -74.79
N LEU M 283 -3.21 -12.58 -75.15
CA LEU M 283 -4.34 -13.27 -74.55
C LEU M 283 -4.17 -14.77 -74.66
N ALA M 284 -3.69 -15.23 -75.81
CA ALA M 284 -3.55 -16.66 -76.04
C ALA M 284 -2.55 -17.29 -75.10
N GLU M 285 -1.33 -16.74 -75.02
CA GLU M 285 -0.37 -17.44 -74.17
C GLU M 285 -0.81 -17.37 -72.72
N ARG M 286 -1.42 -16.26 -72.31
CA ARG M 286 -1.94 -16.19 -70.96
C ARG M 286 -2.97 -17.28 -70.70
N GLY M 287 -3.90 -17.48 -71.63
CA GLY M 287 -4.88 -18.53 -71.46
C GLY M 287 -4.24 -19.91 -71.40
N TYR M 288 -3.29 -20.19 -72.29
CA TYR M 288 -2.64 -21.49 -72.25
C TYR M 288 -1.92 -21.71 -70.93
N MET M 289 -1.20 -20.71 -70.44
CA MET M 289 -0.51 -20.86 -69.16
C MET M 289 -1.51 -21.10 -68.05
N VAL M 290 -2.58 -20.30 -68.00
CA VAL M 290 -3.57 -20.45 -66.95
C VAL M 290 -4.20 -21.82 -66.96
N GLU M 291 -4.62 -22.31 -68.12
CA GLU M 291 -5.28 -23.60 -68.19
C GLU M 291 -4.32 -24.76 -67.95
N HIS M 292 -3.08 -24.66 -68.41
CA HIS M 292 -2.06 -25.62 -68.01
C HIS M 292 -1.89 -25.71 -66.50
N LEU M 293 -1.73 -24.57 -65.84
CA LEU M 293 -1.64 -24.52 -64.39
C LEU M 293 -2.89 -25.11 -63.74
N GLU M 294 -4.06 -24.77 -64.24
CA GLU M 294 -5.29 -25.32 -63.70
C GLU M 294 -5.30 -26.83 -63.80
N GLN M 295 -4.91 -27.37 -64.95
CA GLN M 295 -4.91 -28.80 -65.12
C GLN M 295 -3.96 -29.46 -64.14
N GLN M 296 -2.77 -28.89 -63.97
CA GLN M 296 -1.81 -29.43 -63.02
C GLN M 296 -2.29 -29.35 -61.59
N TYR M 297 -3.03 -28.31 -61.23
CA TYR M 297 -3.57 -28.21 -59.87
C TYR M 297 -4.71 -29.19 -59.64
N LEU M 298 -5.62 -29.30 -60.59
CA LEU M 298 -6.74 -30.21 -60.43
C LEU M 298 -6.26 -31.64 -60.28
N LEU M 299 -5.30 -32.03 -61.10
CA LEU M 299 -4.76 -33.38 -61.00
C LEU M 299 -4.13 -33.63 -59.63
N LYS M 300 -3.32 -32.68 -59.16
CA LYS M 300 -2.69 -32.85 -57.86
C LYS M 300 -3.71 -32.91 -56.75
N LEU M 301 -4.78 -32.13 -56.87
CA LEU M 301 -5.82 -32.08 -55.85
C LEU M 301 -6.67 -33.33 -55.84
N PHE M 302 -7.09 -33.80 -57.00
CA PHE M 302 -8.03 -34.92 -57.15
C PHE M 302 -7.40 -35.93 -58.10
N PRO M 303 -6.66 -36.89 -57.58
CA PRO M 303 -6.18 -37.98 -58.43
C PRO M 303 -7.35 -38.69 -59.10
N VAL M 304 -7.16 -39.07 -60.36
CA VAL M 304 -8.27 -39.62 -61.12
C VAL M 304 -8.83 -40.86 -60.42
N GLN M 305 -7.95 -41.74 -59.96
CA GLN M 305 -8.41 -42.97 -59.33
C GLN M 305 -9.22 -42.68 -58.08
N LYS M 306 -8.89 -41.62 -57.36
CA LYS M 306 -9.51 -41.33 -56.08
C LYS M 306 -10.89 -40.73 -56.23
N ARG M 307 -11.29 -40.36 -57.44
CA ARG M 307 -12.62 -39.82 -57.65
C ARG M 307 -13.56 -40.93 -58.08
N ILE M 308 -14.83 -40.82 -57.72
CA ILE M 308 -15.82 -41.84 -58.02
C ILE M 308 -16.55 -41.44 -59.29
N GLN M 309 -16.72 -42.38 -60.21
CA GLN M 309 -17.44 -42.11 -61.45
C GLN M 309 -18.93 -42.00 -61.22
N LEU M 310 -19.50 -42.87 -60.38
CA LEU M 310 -20.93 -42.84 -60.09
C LEU M 310 -21.78 -43.22 -61.29
N LYS M 311 -22.66 -44.19 -61.10
CA LYS M 311 -23.64 -44.55 -62.12
C LYS M 311 -24.78 -43.55 -62.17
N THR M 312 -25.38 -43.41 -63.35
CA THR M 312 -26.57 -42.58 -63.52
C THR M 312 -27.80 -43.46 -63.41
N MET M 313 -28.96 -42.83 -63.24
CA MET M 313 -30.20 -43.60 -63.14
C MET M 313 -30.41 -44.44 -64.38
N LEU M 314 -30.19 -43.87 -65.56
CA LEU M 314 -30.37 -44.62 -66.80
C LEU M 314 -29.46 -45.82 -66.89
N GLN M 315 -28.20 -45.68 -66.51
CA GLN M 315 -27.30 -46.81 -66.41
C GLN M 315 -27.72 -47.77 -65.30
N LEU M 316 -28.58 -47.29 -64.39
CA LEU M 316 -29.07 -48.09 -63.29
C LEU M 316 -30.34 -48.85 -63.65
N VAL M 317 -30.80 -48.72 -64.89
CA VAL M 317 -32.02 -49.38 -65.36
C VAL M 317 -31.80 -49.83 -66.79
N GLY M 318 -32.55 -50.84 -67.22
CA GLY M 318 -32.41 -51.37 -68.56
C GLY M 318 -32.52 -50.32 -69.66
N GLU M 319 -31.54 -50.30 -70.56
CA GLU M 319 -31.55 -49.29 -71.62
C GLU M 319 -32.82 -49.40 -72.46
N LYS M 320 -33.11 -50.59 -72.98
CA LYS M 320 -34.30 -50.80 -73.79
C LYS M 320 -34.91 -52.15 -73.42
N GLY M 321 -34.59 -52.64 -72.22
CA GLY M 321 -34.91 -53.99 -71.82
C GLY M 321 -33.73 -54.94 -71.86
N LYS M 322 -32.63 -54.55 -72.51
CA LYS M 322 -31.41 -55.36 -72.58
C LYS M 322 -30.47 -55.04 -71.43
N ALA M 323 -31.02 -54.48 -70.36
CA ALA M 323 -30.24 -54.03 -69.21
C ALA M 323 -31.11 -54.12 -67.96
N GLY M 324 -30.76 -53.38 -66.92
CA GLY M 324 -31.53 -53.42 -65.69
C GLY M 324 -30.71 -53.80 -64.48
N LYS M 325 -29.45 -53.39 -64.47
CA LYS M 325 -28.56 -53.62 -63.33
C LYS M 325 -29.19 -52.92 -62.12
N GLU M 326 -29.63 -53.73 -61.16
CA GLU M 326 -30.17 -53.21 -59.91
C GLU M 326 -31.38 -52.29 -60.13
N GLU M 327 -32.46 -52.87 -60.63
CA GLU M 327 -33.71 -52.13 -60.81
C GLU M 327 -34.10 -51.38 -59.54
N ILE M 328 -34.94 -50.36 -59.70
CA ILE M 328 -35.38 -49.52 -58.59
C ILE M 328 -36.82 -49.83 -58.19
N LYS M 329 -37.75 -49.67 -59.13
CA LYS M 329 -39.18 -49.77 -58.86
C LYS M 329 -39.66 -48.53 -58.12
N VAL M 330 -40.82 -48.00 -58.52
CA VAL M 330 -41.39 -46.82 -57.89
C VAL M 330 -42.86 -47.07 -57.58
N LYS M 331 -43.40 -46.28 -56.65
CA LYS M 331 -44.79 -46.41 -56.23
C LYS M 331 -45.62 -45.33 -56.91
N THR M 332 -46.69 -45.74 -57.60
CA THR M 332 -47.51 -44.81 -58.36
C THR M 332 -48.74 -44.34 -57.60
N GLU M 333 -49.45 -45.24 -56.93
CA GLU M 333 -50.60 -44.85 -56.14
C GLU M 333 -50.32 -45.10 -54.66
N PRO M 334 -51.19 -44.62 -53.77
CA PRO M 334 -50.89 -44.71 -52.33
C PRO M 334 -50.71 -46.13 -51.81
N SER M 335 -51.41 -47.11 -52.39
CA SER M 335 -51.41 -48.42 -51.77
C SER M 335 -50.07 -49.12 -51.99
N MET M 336 -49.75 -49.46 -53.24
CA MET M 336 -48.42 -49.91 -53.62
C MET M 336 -47.70 -50.71 -52.54
N GLN M 337 -48.27 -51.84 -52.14
CA GLN M 337 -47.72 -52.63 -51.04
C GLN M 337 -46.54 -53.45 -51.56
N ASP M 338 -45.60 -52.75 -52.19
CA ASP M 338 -44.30 -53.29 -52.55
C ASP M 338 -44.38 -54.35 -53.64
N ILE M 339 -45.60 -54.68 -54.09
CA ILE M 339 -45.73 -55.61 -55.20
C ILE M 339 -46.39 -54.97 -56.41
N ASP M 340 -47.16 -53.90 -56.19
CA ASP M 340 -47.73 -53.12 -57.29
C ASP M 340 -46.83 -51.98 -57.72
N ALA M 341 -45.70 -51.78 -57.05
CA ALA M 341 -44.80 -50.70 -57.42
C ALA M 341 -44.57 -50.71 -58.92
N ILE M 342 -45.00 -49.64 -59.59
CA ILE M 342 -45.10 -49.66 -61.04
C ILE M 342 -43.77 -49.31 -61.67
N ASP M 343 -42.87 -50.28 -61.73
CA ASP M 343 -41.58 -50.19 -62.41
C ASP M 343 -40.96 -48.82 -62.14
N VAL M 344 -39.98 -48.45 -62.97
CA VAL M 344 -39.57 -47.06 -63.13
C VAL M 344 -39.60 -46.76 -64.63
N ARG M 345 -38.88 -47.58 -65.40
CA ARG M 345 -38.92 -47.47 -66.85
C ARG M 345 -40.33 -47.62 -67.38
N GLN M 346 -41.04 -48.67 -66.94
CA GLN M 346 -42.39 -48.91 -67.41
C GLN M 346 -43.35 -47.80 -67.01
N ALA M 347 -43.26 -47.29 -65.78
CA ALA M 347 -44.08 -46.18 -65.35
C ALA M 347 -43.84 -44.93 -66.18
N ILE M 348 -42.57 -44.60 -66.43
CA ILE M 348 -42.28 -43.42 -67.22
C ILE M 348 -42.74 -43.61 -68.67
N GLY M 349 -42.60 -44.81 -69.22
CA GLY M 349 -43.08 -45.05 -70.56
C GLY M 349 -44.59 -44.91 -70.66
N ASP M 350 -45.31 -45.48 -69.68
CA ASP M 350 -46.75 -45.26 -69.62
C ASP M 350 -47.07 -43.77 -69.59
N ALA M 351 -46.41 -43.04 -68.70
CA ALA M 351 -46.71 -41.61 -68.54
C ALA M 351 -46.48 -40.87 -69.85
N VAL M 352 -45.35 -41.10 -70.50
CA VAL M 352 -45.06 -40.39 -71.75
C VAL M 352 -46.05 -40.78 -72.83
N ARG M 353 -46.28 -42.07 -73.02
CA ARG M 353 -47.21 -42.50 -74.06
C ARG M 353 -48.58 -41.88 -73.86
N GLU M 354 -49.12 -41.97 -72.65
CA GLU M 354 -50.46 -41.49 -72.37
C GLU M 354 -50.57 -39.98 -72.41
N GLY M 355 -49.55 -39.27 -71.92
CA GLY M 355 -49.57 -37.82 -71.95
C GLY M 355 -49.12 -37.29 -73.29
N LEU M 356 -48.79 -38.20 -74.21
CA LEU M 356 -48.35 -37.83 -75.54
C LEU M 356 -49.29 -38.35 -76.62
N ASN M 357 -50.32 -39.09 -76.24
CA ASN M 357 -51.12 -39.80 -77.24
C ASN M 357 -50.15 -40.54 -78.15
N LEU M 358 -49.29 -41.35 -77.55
CA LEU M 358 -48.04 -41.72 -78.20
C LEU M 358 -47.97 -43.16 -78.66
N ARG M 359 -48.73 -44.09 -78.09
CA ARG M 359 -48.62 -45.50 -78.49
C ARG M 359 -47.30 -46.08 -78.00
N GLU M 360 -47.11 -47.39 -78.20
CA GLU M 360 -45.95 -48.10 -77.64
C GLU M 360 -44.87 -48.36 -78.69
N GLY M 361 -44.62 -47.41 -79.58
CA GLY M 361 -43.59 -47.61 -80.58
C GLY M 361 -42.19 -47.39 -80.02
N SER M 362 -41.18 -47.45 -80.90
CA SER M 362 -39.80 -47.22 -80.49
C SER M 362 -39.49 -45.75 -80.27
N ASP M 363 -40.31 -44.85 -80.83
CA ASP M 363 -40.13 -43.43 -80.59
C ASP M 363 -40.22 -43.08 -79.12
N ALA M 364 -41.24 -43.59 -78.43
CA ALA M 364 -41.38 -43.32 -77.00
C ALA M 364 -40.19 -43.82 -76.23
N ASP M 365 -39.64 -44.96 -76.63
CA ASP M 365 -38.53 -45.55 -75.87
C ASP M 365 -37.37 -44.56 -75.87
N MET M 366 -37.05 -43.97 -77.01
CA MET M 366 -35.97 -43.00 -77.07
C MET M 366 -36.30 -41.73 -76.29
N TYR M 367 -37.55 -41.26 -76.39
CA TYR M 367 -37.96 -40.11 -75.60
C TYR M 367 -37.71 -40.33 -74.12
N VAL M 368 -38.08 -41.50 -73.62
CA VAL M 368 -37.91 -41.81 -72.20
C VAL M 368 -36.46 -42.13 -71.84
N ASN M 369 -35.68 -42.69 -72.77
CA ASN M 369 -34.25 -42.81 -72.52
C ASN M 369 -33.61 -41.44 -72.35
N GLU M 370 -33.99 -40.48 -73.17
CA GLU M 370 -33.51 -39.12 -73.03
C GLU M 370 -34.34 -38.36 -72.01
N LEU M 371 -35.04 -39.10 -71.17
CA LEU M 371 -35.85 -38.51 -70.13
C LEU M 371 -35.36 -39.01 -68.78
N LEU M 372 -34.82 -40.22 -68.78
CA LEU M 372 -34.23 -40.84 -67.60
C LEU M 372 -32.85 -40.28 -67.28
N LYS M 373 -32.05 -39.92 -68.29
CA LYS M 373 -30.73 -39.39 -68.02
C LYS M 373 -30.80 -38.09 -67.23
N GLN M 374 -31.97 -37.46 -67.20
CA GLN M 374 -32.12 -36.16 -66.58
C GLN M 374 -31.83 -36.27 -65.08
N PRO M 375 -31.51 -35.15 -64.43
CA PRO M 375 -31.16 -35.22 -63.01
C PRO M 375 -32.21 -35.92 -62.19
N VAL M 376 -31.77 -36.75 -61.24
CA VAL M 376 -32.67 -37.64 -60.52
C VAL M 376 -33.76 -36.84 -59.83
N ARG M 377 -33.42 -35.71 -59.21
CA ARG M 377 -34.44 -34.89 -58.58
C ARG M 377 -35.45 -34.39 -59.60
N LEU M 378 -34.99 -33.94 -60.77
CA LEU M 378 -35.89 -33.51 -61.82
C LEU M 378 -36.88 -34.59 -62.20
N LEU M 379 -36.38 -35.80 -62.50
CA LEU M 379 -37.24 -36.91 -62.87
C LEU M 379 -38.19 -37.31 -61.75
N MET M 380 -37.70 -37.38 -60.52
CA MET M 380 -38.54 -37.75 -59.39
C MET M 380 -39.68 -36.75 -59.17
N GLN M 381 -39.40 -35.46 -59.19
CA GLN M 381 -40.46 -34.46 -59.13
C GLN M 381 -41.42 -34.54 -60.30
N VAL M 382 -40.91 -34.66 -61.52
CA VAL M 382 -41.79 -34.67 -62.68
C VAL M 382 -42.70 -35.89 -62.69
N LEU M 383 -42.22 -37.03 -62.19
CA LEU M 383 -43.03 -38.24 -62.27
C LEU M 383 -43.74 -38.50 -60.95
N GLN M 384 -43.52 -37.63 -59.96
CA GLN M 384 -44.19 -37.77 -58.69
C GLN M 384 -45.28 -36.71 -58.55
N ASP M 385 -45.19 -35.66 -59.36
CA ASP M 385 -46.31 -34.74 -59.50
C ASP M 385 -47.30 -35.21 -60.56
N PHE M 386 -46.88 -36.10 -61.46
CA PHE M 386 -47.78 -36.62 -62.48
C PHE M 386 -48.75 -37.63 -61.89
N TYR M 387 -48.24 -38.73 -61.35
CA TYR M 387 -49.11 -39.75 -60.81
C TYR M 387 -49.85 -39.25 -59.58
N THR M 388 -49.25 -38.29 -58.86
CA THR M 388 -49.93 -37.70 -57.71
C THR M 388 -51.22 -37.00 -58.13
N LYS M 389 -51.12 -36.08 -59.09
CA LYS M 389 -52.31 -35.42 -59.58
C LYS M 389 -53.25 -36.39 -60.28
N LYS M 390 -52.70 -37.46 -60.89
CA LYS M 390 -53.56 -38.46 -61.50
C LYS M 390 -54.40 -39.16 -60.45
N TYR M 391 -53.78 -39.54 -59.34
CA TYR M 391 -54.52 -40.13 -58.23
C TYR M 391 -55.57 -39.17 -57.71
N HIS M 392 -55.21 -37.90 -57.57
CA HIS M 392 -56.20 -36.92 -57.13
C HIS M 392 -57.37 -36.83 -58.09
N ALA M 393 -57.09 -36.75 -59.38
CA ALA M 393 -58.15 -36.67 -60.38
C ALA M 393 -59.03 -37.91 -60.39
N THR M 394 -58.44 -39.07 -60.09
CA THR M 394 -59.19 -40.30 -59.94
C THR M 394 -59.84 -40.40 -58.57
N SER M 395 -59.58 -39.42 -57.72
CA SER M 395 -60.14 -39.37 -56.38
C SER M 395 -59.50 -40.42 -55.48
N SER M 412 -58.19 -35.54 -68.92
CA SER M 412 -57.05 -35.89 -69.75
C SER M 412 -55.83 -36.28 -68.92
N VAL M 413 -55.03 -37.19 -69.47
CA VAL M 413 -53.76 -37.57 -68.84
C VAL M 413 -52.69 -36.53 -69.18
N PRO M 414 -52.50 -36.20 -70.45
CA PRO M 414 -51.40 -35.29 -70.84
C PRO M 414 -51.47 -33.92 -70.20
N ASN M 415 -52.67 -33.36 -70.02
CA ASN M 415 -52.81 -32.06 -69.40
C ASN M 415 -52.23 -32.01 -68.00
N LEU M 416 -52.61 -32.96 -67.15
CA LEU M 416 -51.85 -33.21 -65.95
C LEU M 416 -50.38 -33.41 -66.25
N LEU M 417 -50.07 -34.11 -67.34
CA LEU M 417 -48.70 -34.41 -67.68
C LEU M 417 -47.89 -33.15 -67.95
N ARG M 418 -48.35 -32.26 -68.82
CA ARG M 418 -47.59 -31.04 -69.05
C ARG M 418 -47.73 -30.06 -67.90
N ASN M 419 -48.72 -30.24 -67.03
CA ASN M 419 -48.71 -29.60 -65.73
C ASN M 419 -47.41 -29.86 -65.00
N ALA M 420 -46.93 -31.10 -65.03
CA ALA M 420 -45.63 -31.44 -64.49
C ALA M 420 -44.52 -30.75 -65.27
N LEU M 421 -44.63 -30.73 -66.59
CA LEU M 421 -43.59 -30.13 -67.41
C LEU M 421 -43.41 -28.65 -67.12
N TYR M 422 -44.51 -27.93 -66.86
CA TYR M 422 -44.35 -26.51 -66.54
C TYR M 422 -43.36 -26.35 -65.39
N GLY M 423 -43.57 -27.05 -64.29
CA GLY M 423 -42.65 -26.92 -63.18
C GLY M 423 -41.30 -27.56 -63.39
N SER M 424 -41.23 -28.61 -64.21
CA SER M 424 -39.98 -29.31 -64.43
C SER M 424 -39.00 -28.56 -65.32
N MET M 425 -39.49 -27.94 -66.40
CA MET M 425 -38.62 -27.32 -67.38
C MET M 425 -38.90 -25.83 -67.54
N LEU M 426 -39.76 -25.27 -66.68
CA LEU M 426 -40.17 -23.88 -66.83
C LEU M 426 -38.97 -22.96 -66.96
N SER M 427 -37.92 -23.21 -66.19
CA SER M 427 -36.71 -22.42 -66.33
C SER M 427 -36.18 -22.49 -67.75
N ASN M 428 -36.13 -23.70 -68.31
CA ASN M 428 -35.73 -23.85 -69.70
C ASN M 428 -36.66 -23.08 -70.62
N ILE M 429 -37.97 -23.27 -70.49
CA ILE M 429 -38.89 -22.58 -71.38
C ILE M 429 -38.81 -21.07 -71.21
N TYR M 430 -38.73 -20.59 -69.97
CA TYR M 430 -38.65 -19.15 -69.75
C TYR M 430 -37.36 -18.57 -70.32
N ARG M 431 -36.25 -19.28 -70.17
CA ARG M 431 -35.04 -18.95 -70.90
C ARG M 431 -35.26 -18.91 -72.40
N ALA M 432 -36.10 -19.80 -72.92
CA ALA M 432 -36.42 -19.81 -74.33
C ALA M 432 -37.17 -18.57 -74.78
N GLY M 433 -37.68 -17.77 -73.85
CA GLY M 433 -38.43 -16.58 -74.20
C GLY M 433 -39.81 -16.85 -74.75
N LEU M 434 -40.30 -18.07 -74.61
CA LEU M 434 -41.61 -18.45 -75.11
C LEU M 434 -42.66 -18.29 -74.02
N ASN M 435 -43.91 -18.57 -74.36
CA ASN M 435 -45.06 -18.29 -73.49
C ASN M 435 -44.80 -18.66 -72.04
N TYR M 436 -44.96 -17.69 -71.14
CA TYR M 436 -44.80 -17.88 -69.71
C TYR M 436 -46.14 -18.00 -69.00
N GLU M 437 -47.11 -17.19 -69.40
CA GLU M 437 -48.43 -17.22 -68.78
C GLU M 437 -49.17 -18.51 -69.13
N GLN M 438 -49.83 -19.08 -68.13
CA GLN M 438 -50.62 -20.28 -68.31
C GLN M 438 -51.96 -20.02 -68.97
N HIS M 439 -52.57 -18.87 -68.75
CA HIS M 439 -53.91 -18.58 -69.26
C HIS M 439 -53.92 -18.17 -70.72
N ARG M 440 -52.77 -17.89 -71.31
CA ARG M 440 -52.66 -17.62 -72.74
C ARG M 440 -52.29 -18.89 -73.51
N PHE M 441 -52.76 -20.04 -73.03
CA PHE M 441 -52.37 -21.29 -73.68
C PHE M 441 -52.99 -21.37 -75.06
N GLY M 442 -54.31 -21.39 -75.13
CA GLY M 442 -55.01 -21.35 -76.39
C GLY M 442 -54.47 -22.33 -77.41
N MET M 443 -54.79 -22.05 -78.66
CA MET M 443 -54.25 -22.77 -79.81
C MET M 443 -53.30 -21.89 -80.60
N ASP M 444 -53.51 -20.57 -80.58
CA ASP M 444 -52.70 -19.63 -81.33
C ASP M 444 -51.29 -19.56 -80.77
N SER M 445 -51.16 -19.46 -79.45
CA SER M 445 -49.86 -19.35 -78.82
C SER M 445 -49.00 -20.58 -79.07
N LEU M 446 -49.59 -21.76 -79.15
CA LEU M 446 -48.82 -22.97 -79.37
C LEU M 446 -48.11 -22.95 -80.72
N CYS M 447 -48.78 -22.44 -81.75
CA CYS M 447 -48.15 -22.33 -83.06
C CYS M 447 -46.85 -21.52 -82.99
N LYS M 448 -46.90 -20.31 -82.43
CA LYS M 448 -45.69 -19.52 -82.29
C LYS M 448 -44.70 -20.16 -81.33
N ASP M 449 -45.18 -20.93 -80.36
CA ASP M 449 -44.26 -21.63 -79.46
C ASP M 449 -43.37 -22.58 -80.24
N ILE M 450 -43.98 -23.46 -81.04
CA ILE M 450 -43.18 -24.34 -81.88
C ILE M 450 -42.36 -23.53 -82.88
N PHE M 451 -42.93 -22.45 -83.40
CA PHE M 451 -42.21 -21.62 -84.35
C PHE M 451 -40.92 -21.09 -83.77
N THR M 452 -40.96 -20.63 -82.52
CA THR M 452 -39.75 -20.19 -81.84
C THR M 452 -38.80 -21.35 -81.59
N TYR M 453 -39.32 -22.44 -81.00
CA TYR M 453 -38.46 -23.58 -80.69
C TYR M 453 -37.66 -24.03 -81.90
N VAL M 454 -38.29 -24.05 -83.08
CA VAL M 454 -37.57 -24.40 -84.29
C VAL M 454 -36.54 -23.33 -84.67
N LYS M 455 -36.79 -22.06 -84.33
CA LYS M 455 -35.82 -21.03 -84.62
C LYS M 455 -34.56 -21.14 -83.78
N GLN M 456 -34.63 -21.83 -82.64
CA GLN M 456 -33.46 -21.99 -81.79
C GLN M 456 -32.80 -23.34 -81.95
N ASP M 457 -33.55 -24.39 -82.29
CA ASP M 457 -32.93 -25.65 -82.68
C ASP M 457 -32.52 -25.65 -84.14
N ARG M 458 -32.65 -24.52 -84.83
CA ARG M 458 -32.36 -24.49 -86.26
C ARG M 458 -33.29 -25.45 -86.98
N ASP M 459 -32.78 -26.63 -87.34
CA ASP M 459 -33.58 -27.61 -88.07
C ASP M 459 -34.27 -26.94 -89.24
N PHE M 460 -35.56 -26.65 -89.08
CA PHE M 460 -36.44 -26.08 -90.07
C PHE M 460 -36.89 -27.15 -91.07
N ASN M 461 -36.56 -28.42 -90.82
CA ASN M 461 -36.99 -29.53 -91.66
C ASN M 461 -37.88 -30.52 -90.94
N THR M 462 -37.55 -30.84 -89.68
CA THR M 462 -38.39 -31.71 -88.87
C THR M 462 -38.47 -31.22 -87.43
N GLY M 463 -38.13 -29.95 -87.19
CA GLY M 463 -38.16 -29.43 -85.85
C GLY M 463 -39.53 -29.60 -85.20
N PHE M 464 -40.58 -29.50 -86.01
CA PHE M 464 -41.91 -29.80 -85.52
C PHE M 464 -42.02 -31.22 -84.99
N TYR M 465 -41.12 -32.11 -85.40
CA TYR M 465 -41.05 -33.42 -84.76
C TYR M 465 -40.83 -33.30 -83.26
N LEU M 466 -40.22 -32.21 -82.80
CA LEU M 466 -39.95 -31.97 -81.40
C LEU M 466 -39.13 -33.10 -80.77
N ARG M 467 -38.36 -33.81 -81.58
CA ARG M 467 -37.56 -34.92 -81.10
C ARG M 467 -36.45 -34.43 -80.18
N PRO M 468 -36.14 -35.19 -79.13
CA PRO M 468 -35.06 -34.79 -78.22
C PRO M 468 -33.72 -34.86 -78.92
N GLN M 469 -33.50 -33.93 -79.84
CA GLN M 469 -32.39 -34.03 -80.78
C GLN M 469 -31.38 -32.92 -80.58
N SER M 470 -31.71 -31.91 -79.79
CA SER M 470 -30.84 -30.77 -79.58
C SER M 470 -29.66 -31.14 -78.69
N GLU M 471 -28.53 -30.48 -78.96
CA GLU M 471 -27.42 -30.53 -78.02
C GLU M 471 -27.72 -29.76 -76.75
N SER M 472 -28.45 -28.65 -76.86
CA SER M 472 -28.78 -27.87 -75.68
C SER M 472 -29.80 -28.63 -74.84
N GLU M 473 -29.44 -28.84 -73.57
CA GLU M 473 -30.32 -29.48 -72.61
C GLU M 473 -31.48 -28.58 -72.21
N ALA M 474 -31.46 -27.31 -72.63
CA ALA M 474 -32.57 -26.41 -72.41
C ALA M 474 -33.67 -26.58 -73.45
N LEU M 475 -33.33 -27.03 -74.66
CA LEU M 475 -34.32 -27.28 -75.69
C LEU M 475 -34.62 -28.75 -75.89
N ARG M 476 -33.68 -29.64 -75.57
CA ARG M 476 -33.94 -31.07 -75.69
C ARG M 476 -35.07 -31.52 -74.79
N ASN M 477 -35.42 -30.72 -73.78
CA ASN M 477 -36.57 -30.92 -72.92
C ASN M 477 -37.77 -30.08 -73.36
N CYS M 478 -37.50 -28.87 -73.84
CA CYS M 478 -38.56 -28.05 -74.39
C CYS M 478 -39.29 -28.78 -75.51
N SER M 479 -38.57 -29.63 -76.25
CA SER M 479 -39.21 -30.40 -77.31
C SER M 479 -40.31 -31.30 -76.76
N ILE M 480 -40.01 -32.03 -75.68
CA ILE M 480 -40.99 -32.91 -75.08
C ILE M 480 -42.13 -32.09 -74.47
N TYR M 481 -41.78 -30.99 -73.83
CA TYR M 481 -42.80 -30.04 -73.38
C TYR M 481 -43.76 -29.69 -74.50
N LEU M 482 -43.20 -29.32 -75.65
CA LEU M 482 -44.00 -28.84 -76.76
C LEU M 482 -44.88 -29.95 -77.31
N ALA M 483 -44.33 -31.16 -77.44
CA ALA M 483 -45.10 -32.27 -77.95
C ALA M 483 -46.27 -32.59 -77.02
N SER M 484 -46.01 -32.62 -75.71
CA SER M 484 -47.10 -32.86 -74.77
C SER M 484 -48.18 -31.80 -74.87
N GLN M 485 -47.78 -30.52 -74.87
CA GLN M 485 -48.78 -29.46 -74.92
C GLN M 485 -49.58 -29.47 -76.21
N VAL M 486 -48.92 -29.70 -77.35
CA VAL M 486 -49.65 -29.74 -78.62
C VAL M 486 -50.65 -30.88 -78.62
N SER M 487 -50.26 -32.05 -78.10
CA SER M 487 -51.18 -33.18 -78.05
C SER M 487 -52.40 -32.83 -77.20
N GLU M 488 -52.18 -32.22 -76.03
CA GLU M 488 -53.31 -31.79 -75.22
C GLU M 488 -54.19 -30.81 -75.98
N ASN M 489 -53.57 -29.84 -76.65
CA ASN M 489 -54.34 -28.85 -77.40
C ASN M 489 -55.19 -29.51 -78.47
N CYS M 490 -54.67 -30.52 -79.15
CA CYS M 490 -55.35 -31.18 -80.26
C CYS M 490 -56.27 -32.30 -79.82
N GLN M 491 -56.24 -32.68 -78.55
CA GLN M 491 -56.97 -33.86 -78.10
C GLN M 491 -58.46 -33.75 -78.43
N GLY M 492 -58.92 -34.61 -79.33
CA GLY M 492 -60.33 -34.68 -79.69
C GLY M 492 -60.80 -33.57 -80.59
N SER M 493 -59.90 -32.81 -81.21
CA SER M 493 -60.26 -31.62 -81.97
C SER M 493 -59.70 -31.72 -83.39
N LEU M 494 -60.55 -32.16 -84.32
CA LEU M 494 -60.12 -32.27 -85.71
C LEU M 494 -59.73 -30.93 -86.30
N SER M 495 -60.53 -29.90 -86.05
CA SER M 495 -60.21 -28.59 -86.59
C SER M 495 -58.97 -27.99 -85.95
N LYS M 496 -58.76 -28.20 -84.66
CA LYS M 496 -57.51 -27.80 -84.03
C LYS M 496 -56.32 -28.52 -84.63
N PHE M 497 -56.47 -29.82 -84.87
CA PHE M 497 -55.46 -30.59 -85.60
C PHE M 497 -55.13 -29.93 -86.93
N LEU M 498 -56.15 -29.62 -87.71
CA LEU M 498 -55.92 -29.00 -89.01
C LEU M 498 -55.22 -27.67 -88.85
N GLN M 499 -55.68 -26.85 -87.90
CA GLN M 499 -55.09 -25.55 -87.66
C GLN M 499 -53.59 -25.66 -87.40
N MET M 500 -53.20 -26.50 -86.44
CA MET M 500 -51.77 -26.59 -86.16
C MET M 500 -51.01 -27.21 -87.32
N LEU M 501 -51.52 -28.32 -87.85
CA LEU M 501 -50.85 -29.01 -88.95
C LEU M 501 -50.53 -28.06 -90.08
N LEU M 502 -51.40 -27.08 -90.31
CA LEU M 502 -51.09 -26.06 -91.31
C LEU M 502 -50.16 -25.00 -90.74
N VAL M 503 -50.63 -24.26 -89.74
CA VAL M 503 -49.94 -23.06 -89.27
C VAL M 503 -48.50 -23.32 -88.87
N GLY M 504 -48.23 -24.35 -88.08
CA GLY M 504 -46.87 -24.57 -87.62
C GLY M 504 -46.02 -25.25 -88.68
N CYS M 505 -46.57 -26.32 -89.27
CA CYS M 505 -45.80 -27.11 -90.21
C CYS M 505 -45.45 -26.31 -91.45
N GLY M 506 -46.46 -25.84 -92.19
CA GLY M 506 -46.18 -25.08 -93.39
C GLY M 506 -45.34 -23.85 -93.11
N SER M 507 -45.70 -23.08 -92.08
CA SER M 507 -44.92 -21.90 -91.75
C SER M 507 -43.44 -22.23 -91.63
N VAL M 508 -43.11 -23.29 -90.91
CA VAL M 508 -41.72 -23.75 -90.84
C VAL M 508 -41.24 -24.14 -92.23
N SER M 509 -42.02 -24.96 -92.92
CA SER M 509 -41.65 -25.39 -94.26
C SER M 509 -41.59 -24.22 -95.23
N ILE M 510 -42.57 -23.32 -95.18
CA ILE M 510 -42.63 -22.23 -96.14
C ILE M 510 -41.47 -21.27 -95.94
N PHE M 511 -41.25 -20.82 -94.70
CA PHE M 511 -40.10 -19.97 -94.42
C PHE M 511 -38.81 -20.66 -94.87
N ASN M 512 -38.66 -21.93 -94.50
CA ASN M 512 -37.45 -22.69 -94.81
C ASN M 512 -37.16 -22.66 -96.31
N GLN M 513 -38.07 -23.19 -97.11
CA GLN M 513 -37.77 -23.38 -98.54
C GLN M 513 -37.90 -22.08 -99.33
N PHE M 514 -38.58 -21.07 -98.78
CA PHE M 514 -39.03 -19.96 -99.61
C PHE M 514 -38.72 -18.59 -99.02
N VAL M 515 -38.28 -18.52 -97.78
CA VAL M 515 -38.09 -17.22 -97.15
C VAL M 515 -36.64 -17.09 -96.70
N THR M 516 -35.83 -18.09 -97.01
CA THR M 516 -34.44 -18.13 -96.58
C THR M 516 -33.48 -17.49 -97.57
N GLU M 517 -33.92 -17.17 -98.78
CA GLU M 517 -33.00 -16.62 -99.76
C GLU M 517 -32.75 -15.13 -99.60
N LEU M 518 -33.05 -14.54 -98.44
CA LEU M 518 -32.76 -13.12 -98.23
C LEU M 518 -31.58 -12.92 -97.29
N ALA M 519 -31.57 -13.61 -96.17
CA ALA M 519 -30.49 -13.48 -95.19
C ALA M 519 -29.26 -14.27 -95.61
N ASP M 524 -24.28 -12.61 -91.55
CA ASP M 524 -25.35 -11.70 -91.14
C ASP M 524 -26.30 -12.38 -90.17
N ARG M 525 -26.46 -11.79 -88.98
CA ARG M 525 -27.32 -12.37 -87.96
C ARG M 525 -28.38 -11.38 -87.50
N GLU M 526 -28.01 -10.10 -87.36
CA GLU M 526 -29.03 -9.09 -87.07
C GLU M 526 -30.02 -8.97 -88.23
N LYS M 527 -29.51 -9.02 -89.45
CA LYS M 527 -30.41 -9.03 -90.60
C LYS M 527 -31.26 -10.29 -90.61
N PHE M 528 -30.68 -11.43 -90.24
CA PHE M 528 -31.45 -12.67 -90.19
C PHE M 528 -32.59 -12.57 -89.18
N GLU M 529 -32.30 -12.02 -88.00
CA GLU M 529 -33.34 -11.84 -86.99
C GLU M 529 -34.40 -10.84 -87.43
N GLN M 530 -34.01 -9.77 -88.12
CA GLN M 530 -35.02 -8.86 -88.63
C GLN M 530 -35.88 -9.54 -89.69
N LEU M 531 -35.25 -10.40 -90.52
CA LEU M 531 -36.02 -11.17 -91.49
C LEU M 531 -37.03 -12.06 -90.79
N ILE M 532 -36.61 -12.74 -89.72
CA ILE M 532 -37.55 -13.61 -89.01
C ILE M 532 -38.66 -12.78 -88.40
N SER M 533 -38.33 -11.61 -87.85
CA SER M 533 -39.34 -10.73 -87.29
C SER M 533 -40.36 -10.32 -88.35
N GLU M 534 -39.88 -9.95 -89.54
CA GLU M 534 -40.76 -9.49 -90.59
C GLU M 534 -41.64 -10.62 -91.11
N TYR M 535 -41.05 -11.81 -91.27
CA TYR M 535 -41.83 -12.98 -91.67
C TYR M 535 -42.90 -13.31 -90.65
N VAL M 536 -42.55 -13.26 -89.36
CA VAL M 536 -43.52 -13.50 -88.31
C VAL M 536 -44.62 -12.46 -88.36
N ALA M 537 -44.28 -11.20 -88.59
CA ALA M 537 -45.30 -10.16 -88.68
C ALA M 537 -46.25 -10.44 -89.83
N TYR M 538 -45.70 -10.79 -91.00
CA TYR M 538 -46.55 -10.99 -92.17
C TYR M 538 -47.45 -12.20 -92.00
N MET M 539 -46.89 -13.32 -91.54
CA MET M 539 -47.64 -14.58 -91.48
C MET M 539 -48.36 -14.80 -90.15
N SER M 540 -48.17 -13.92 -89.17
CA SER M 540 -48.86 -13.99 -87.89
C SER M 540 -48.82 -15.39 -87.27
N VAL M 541 -47.61 -15.89 -87.04
CA VAL M 541 -47.44 -17.12 -86.27
C VAL M 541 -47.76 -16.82 -84.81
N GLY M 542 -48.73 -17.54 -84.25
CA GLY M 542 -49.19 -17.25 -82.92
C GLY M 542 -50.16 -16.08 -82.93
N ARG M 543 -49.98 -15.19 -83.90
CA ARG M 543 -50.89 -14.07 -84.10
C ARG M 543 -51.90 -14.45 -85.18
N ILE M 544 -52.18 -15.74 -85.26
CA ILE M 544 -53.01 -16.29 -86.32
C ILE M 544 -54.45 -15.87 -86.15
N GLU M 545 -55.02 -15.29 -87.20
CA GLU M 545 -56.43 -14.94 -87.20
C GLU M 545 -57.29 -16.09 -87.70
N SER M 546 -57.03 -16.53 -88.93
CA SER M 546 -57.80 -17.60 -89.54
C SER M 546 -56.91 -18.39 -90.49
N ALA M 547 -57.31 -19.64 -90.74
CA ALA M 547 -56.56 -20.47 -91.67
C ALA M 547 -56.57 -19.87 -93.07
N SER M 548 -57.67 -19.24 -93.46
CA SER M 548 -57.71 -18.57 -94.75
C SER M 548 -56.67 -17.47 -94.83
N HIS M 549 -56.56 -16.64 -93.79
CA HIS M 549 -55.55 -15.60 -93.79
C HIS M 549 -54.14 -16.19 -93.81
N TRP M 550 -53.91 -17.23 -93.01
CA TRP M 550 -52.59 -17.86 -93.00
C TRP M 550 -52.24 -18.37 -94.40
N ALA M 551 -53.18 -19.04 -95.06
CA ALA M 551 -52.92 -19.58 -96.39
C ALA M 551 -52.68 -18.49 -97.41
N ASN M 552 -53.57 -17.49 -97.48
CA ASN M 552 -53.47 -16.50 -98.54
C ASN M 552 -52.25 -15.60 -98.34
N ARG M 553 -51.79 -15.45 -97.10
CA ARG M 553 -50.49 -14.80 -96.90
C ARG M 553 -49.33 -15.72 -97.28
N CYS M 554 -49.37 -16.98 -96.85
CA CYS M 554 -48.33 -17.94 -97.23
C CYS M 554 -48.31 -18.18 -98.73
N CYS M 555 -49.47 -18.26 -99.35
CA CYS M 555 -49.51 -18.45 -100.79
C CYS M 555 -48.92 -17.25 -101.53
N ALA M 556 -49.18 -16.02 -101.04
CA ALA M 556 -48.53 -14.86 -101.63
C ALA M 556 -47.03 -14.95 -101.46
N VAL M 557 -46.57 -15.36 -100.28
CA VAL M 557 -45.14 -15.50 -100.05
C VAL M 557 -44.53 -16.49 -101.04
N VAL M 558 -45.17 -17.65 -101.21
CA VAL M 558 -44.64 -18.67 -102.10
C VAL M 558 -44.62 -18.16 -103.54
N ALA M 559 -45.69 -17.49 -103.96
CA ALA M 559 -45.74 -16.93 -105.30
C ALA M 559 -44.70 -15.84 -105.51
N ASN M 560 -44.21 -15.23 -104.43
CA ASN M 560 -43.23 -14.16 -104.54
C ASN M 560 -41.81 -14.66 -104.81
N SER M 561 -41.62 -15.43 -105.89
CA SER M 561 -40.30 -15.97 -106.20
C SER M 561 -40.30 -16.87 -107.44
N PRO M 562 -41.14 -17.94 -107.45
CA PRO M 562 -40.91 -19.06 -108.37
C PRO M 562 -40.38 -18.72 -109.75
N ASN M 563 -39.38 -19.50 -110.18
CA ASN M 563 -38.63 -19.29 -111.40
C ASN M 563 -38.59 -20.57 -112.23
N ASP M 564 -37.65 -20.66 -113.17
CA ASP M 564 -37.44 -21.82 -114.04
C ASP M 564 -38.67 -22.10 -114.90
N GLU M 565 -38.93 -21.19 -115.85
CA GLU M 565 -40.07 -21.14 -116.76
C GLU M 565 -41.28 -20.47 -116.12
N LYS M 566 -41.19 -20.04 -114.86
CA LYS M 566 -42.13 -19.08 -114.30
C LYS M 566 -43.57 -19.53 -114.47
N ILE M 567 -43.79 -20.84 -114.36
CA ILE M 567 -45.11 -21.42 -114.54
C ILE M 567 -45.91 -21.18 -113.27
N GLY M 568 -47.18 -20.81 -113.43
CA GLY M 568 -48.03 -20.54 -112.29
C GLY M 568 -48.58 -21.81 -111.66
N VAL M 569 -47.74 -22.83 -111.54
CA VAL M 569 -48.10 -24.07 -110.87
C VAL M 569 -47.04 -24.34 -109.81
N PHE M 570 -47.34 -23.94 -108.57
CA PHE M 570 -46.33 -23.88 -107.54
C PHE M 570 -46.48 -25.07 -106.59
N LEU M 571 -45.81 -25.01 -105.44
CA LEU M 571 -45.79 -26.10 -104.47
C LEU M 571 -47.17 -26.72 -104.31
N GLY M 572 -48.16 -25.89 -104.04
CA GLY M 572 -49.52 -26.37 -103.92
C GLY M 572 -50.57 -25.40 -104.42
N MET M 573 -50.18 -24.49 -105.32
CA MET M 573 -51.15 -23.59 -105.91
C MET M 573 -50.89 -23.41 -107.40
N VAL M 574 -51.94 -23.06 -108.14
CA VAL M 574 -51.81 -22.75 -109.56
C VAL M 574 -52.24 -21.31 -109.77
N GLN M 575 -51.34 -20.49 -110.31
CA GLN M 575 -51.64 -19.08 -110.53
C GLN M 575 -52.46 -18.98 -111.81
N LEU M 576 -53.78 -18.95 -111.65
CA LEU M 576 -54.71 -18.96 -112.76
C LEU M 576 -54.72 -17.62 -113.49
N ASN M 577 -54.84 -17.68 -114.82
CA ASN M 577 -54.86 -16.46 -115.62
C ASN M 577 -56.14 -15.67 -115.37
N ARG M 578 -56.00 -14.57 -114.62
CA ARG M 578 -57.14 -13.76 -114.20
C ARG M 578 -57.72 -12.91 -115.32
N LYS M 579 -56.88 -12.44 -116.25
CA LYS M 579 -57.33 -11.72 -117.43
C LYS M 579 -57.54 -12.74 -118.55
N SER M 580 -58.79 -12.84 -119.02
CA SER M 580 -59.09 -13.70 -120.15
C SER M 580 -58.90 -12.96 -121.47
N ARG M 581 -57.73 -12.31 -121.64
CA ARG M 581 -57.32 -11.76 -122.93
C ARG M 581 -55.94 -12.36 -123.22
N GLN M 582 -55.96 -13.56 -123.80
CA GLN M 582 -54.76 -14.33 -124.09
C GLN M 582 -55.12 -15.25 -125.25
N ASN M 583 -54.50 -15.03 -126.40
CA ASN M 583 -54.90 -15.76 -127.60
C ASN M 583 -54.45 -17.21 -127.45
N MET M 584 -55.35 -18.03 -126.95
CA MET M 584 -55.06 -19.40 -126.55
C MET M 584 -55.87 -20.39 -127.37
N PRO M 585 -55.36 -21.62 -127.52
CA PRO M 585 -56.01 -22.56 -128.43
C PRO M 585 -57.15 -23.32 -127.76
N GLU M 586 -57.76 -24.20 -128.54
CA GLU M 586 -58.85 -25.06 -128.12
C GLU M 586 -59.84 -24.37 -127.18
N GLY M 587 -60.25 -25.07 -126.13
CA GLY M 587 -61.30 -24.56 -125.26
C GLY M 587 -60.78 -23.93 -123.98
N TYR M 588 -59.47 -23.77 -123.89
CA TYR M 588 -58.89 -23.11 -122.74
C TYR M 588 -59.49 -21.71 -122.60
N LYS M 589 -59.91 -21.39 -121.38
CA LYS M 589 -60.51 -20.10 -121.08
C LYS M 589 -60.24 -19.75 -119.63
N LYS M 590 -60.38 -18.48 -119.30
CA LYS M 590 -60.11 -18.06 -117.94
C LYS M 590 -61.08 -18.74 -116.98
N PHE M 591 -60.70 -18.75 -115.71
CA PHE M 591 -61.55 -19.32 -114.66
C PHE M 591 -62.72 -18.38 -114.39
N ASN M 592 -63.92 -18.83 -114.73
CA ASN M 592 -65.14 -18.09 -114.45
C ASN M 592 -65.94 -18.83 -113.40
N ILE M 593 -65.85 -18.36 -112.15
CA ILE M 593 -66.55 -19.02 -111.05
C ILE M 593 -68.05 -19.02 -111.25
N ASP M 594 -68.58 -18.09 -112.05
CA ASP M 594 -70.01 -18.09 -112.32
C ASP M 594 -70.44 -19.31 -113.15
N THR M 595 -69.54 -19.88 -113.94
CA THR M 595 -69.83 -21.08 -114.70
C THR M 595 -69.95 -22.32 -113.83
N GLU M 596 -69.92 -22.17 -112.51
CA GLU M 596 -70.05 -23.27 -111.57
C GLU M 596 -71.24 -23.00 -110.65
N ASN M 597 -71.75 -24.07 -110.04
CA ASN M 597 -72.99 -23.99 -109.27
C ASN M 597 -72.82 -24.66 -107.91
N GLY M 598 -73.59 -24.16 -106.94
CA GLY M 598 -73.70 -24.77 -105.63
C GLY M 598 -72.40 -24.92 -104.87
N LEU M 599 -72.22 -26.08 -104.24
CA LEU M 599 -71.08 -26.35 -103.38
C LEU M 599 -69.75 -26.25 -104.12
N ALA M 600 -69.68 -26.81 -105.33
CA ALA M 600 -68.47 -26.72 -106.12
C ALA M 600 -68.12 -25.29 -106.52
N LYS M 601 -69.12 -24.51 -106.92
CA LYS M 601 -68.87 -23.09 -107.14
C LYS M 601 -68.25 -22.47 -105.90
N ALA M 602 -68.85 -22.75 -104.74
CA ALA M 602 -68.30 -22.24 -103.49
C ALA M 602 -66.93 -22.83 -103.21
N ALA M 603 -66.75 -24.13 -103.50
CA ALA M 603 -65.45 -24.76 -103.22
C ALA M 603 -64.33 -24.08 -103.99
N MET M 604 -64.55 -23.86 -105.29
CA MET M 604 -63.53 -23.17 -106.07
C MET M 604 -63.40 -21.70 -105.68
N ALA M 605 -64.51 -21.04 -105.32
CA ALA M 605 -64.41 -19.67 -104.83
C ALA M 605 -63.57 -19.55 -103.58
N SER M 606 -63.61 -20.56 -102.70
CA SER M 606 -62.77 -20.59 -101.52
C SER M 606 -61.32 -20.94 -101.82
N SER M 607 -61.08 -21.91 -102.71
CA SER M 607 -59.72 -22.18 -103.17
C SER M 607 -59.11 -20.99 -103.89
N LEU M 608 -59.95 -20.09 -104.40
CA LEU M 608 -59.51 -18.88 -105.05
C LEU M 608 -58.62 -18.05 -104.13
N SER M 609 -57.58 -17.46 -104.73
CA SER M 609 -56.62 -16.63 -104.00
C SER M 609 -56.19 -15.48 -104.91
N THR M 610 -56.51 -14.26 -104.50
CA THR M 610 -56.25 -13.06 -105.30
C THR M 610 -55.05 -12.32 -104.72
N VAL M 611 -54.18 -11.86 -105.62
CA VAL M 611 -53.00 -11.11 -105.20
C VAL M 611 -53.38 -9.64 -105.01
N ALA M 612 -52.76 -9.01 -104.00
CA ALA M 612 -52.92 -7.59 -103.74
C ALA M 612 -51.62 -6.83 -103.95
N SER M 613 -50.64 -7.48 -104.61
CA SER M 613 -49.34 -6.86 -104.83
C SER M 613 -49.45 -5.62 -105.70
N ASN M 614 -50.18 -5.71 -106.80
CA ASN M 614 -50.29 -4.62 -107.76
C ASN M 614 -51.11 -5.08 -108.97
N ASN M 615 -50.73 -6.20 -109.56
CA ASN M 615 -51.46 -6.81 -110.68
C ASN M 615 -52.68 -7.62 -110.24
N LEU M 616 -52.78 -7.98 -108.97
CA LEU M 616 -53.91 -8.74 -108.45
C LEU M 616 -54.00 -10.13 -109.09
N MET M 617 -52.90 -10.87 -108.99
CA MET M 617 -52.87 -12.24 -109.48
C MET M 617 -53.83 -13.10 -108.67
N ASP M 618 -54.61 -13.91 -109.36
CA ASP M 618 -55.58 -14.78 -108.70
C ASP M 618 -55.30 -16.25 -109.03
N PHE M 619 -54.64 -16.90 -108.08
CA PHE M 619 -54.28 -18.30 -108.20
C PHE M 619 -55.20 -19.16 -107.36
N CYS M 620 -55.27 -20.44 -107.71
CA CYS M 620 -55.98 -21.44 -106.94
C CYS M 620 -54.99 -22.27 -106.14
N SER M 621 -55.20 -22.36 -104.83
CA SER M 621 -54.21 -22.98 -103.97
C SER M 621 -54.88 -23.98 -103.05
N VAL M 622 -54.31 -25.18 -103.01
CA VAL M 622 -54.77 -26.21 -102.08
C VAL M 622 -54.53 -25.78 -100.64
N PHE M 623 -53.50 -24.97 -100.40
CA PHE M 623 -53.34 -24.37 -99.07
C PHE M 623 -54.49 -23.44 -98.74
N ASN M 624 -54.95 -22.65 -99.72
CA ASN M 624 -56.15 -21.86 -99.48
C ASN M 624 -57.33 -22.76 -99.16
N LEU M 625 -57.50 -23.83 -99.92
CA LEU M 625 -58.55 -24.79 -99.63
C LEU M 625 -58.47 -25.35 -98.23
N ILE M 626 -57.28 -25.77 -97.79
CA ILE M 626 -57.13 -26.37 -96.48
C ILE M 626 -57.32 -25.33 -95.37
N GLY M 627 -56.86 -24.11 -95.59
CA GLY M 627 -57.17 -23.05 -94.64
C GLY M 627 -58.65 -22.82 -94.51
N ALA M 628 -59.36 -22.79 -95.63
CA ALA M 628 -60.81 -22.72 -95.58
C ALA M 628 -61.39 -23.90 -94.80
N ILE M 629 -60.86 -25.09 -95.05
CA ILE M 629 -61.37 -26.30 -94.40
C ILE M 629 -61.22 -26.18 -92.89
N ALA M 630 -60.03 -25.83 -92.43
CA ALA M 630 -59.79 -25.69 -91.00
C ALA M 630 -60.67 -24.60 -90.41
N ASP M 631 -60.79 -23.47 -91.11
CA ASP M 631 -61.60 -22.38 -90.60
C ASP M 631 -63.05 -22.81 -90.44
N ILE M 632 -63.56 -23.59 -91.37
CA ILE M 632 -64.98 -23.92 -91.40
C ILE M 632 -65.28 -25.17 -90.59
N SER M 633 -64.25 -25.94 -90.25
CA SER M 633 -64.45 -27.19 -89.54
C SER M 633 -64.68 -27.02 -88.06
N ALA M 634 -64.52 -25.81 -87.52
CA ALA M 634 -64.72 -25.58 -86.10
C ALA M 634 -65.48 -24.27 -85.88
N CYS M 635 -66.53 -24.05 -86.66
CA CYS M 635 -67.28 -22.80 -86.46
C CYS M 635 -68.33 -22.99 -85.38
N ARG M 636 -69.35 -23.81 -85.66
CA ARG M 636 -70.22 -24.35 -84.61
C ARG M 636 -71.23 -25.26 -85.29
N CYS M 637 -72.19 -25.76 -84.50
CA CYS M 637 -73.33 -26.47 -85.07
C CYS M 637 -74.31 -25.53 -85.76
N GLU M 638 -74.17 -24.22 -85.58
CA GLU M 638 -75.08 -23.27 -86.20
C GLU M 638 -75.05 -23.40 -87.72
N ARG M 639 -76.23 -23.46 -88.33
CA ARG M 639 -76.33 -23.55 -89.77
C ARG M 639 -76.21 -22.19 -90.44
N SER M 640 -76.89 -21.17 -89.92
CA SER M 640 -76.74 -19.84 -90.48
C SER M 640 -75.31 -19.34 -90.37
N ALA M 641 -74.68 -19.53 -89.21
CA ALA M 641 -73.27 -19.18 -89.07
C ALA M 641 -72.42 -19.94 -90.08
N ILE M 642 -72.86 -21.14 -90.48
CA ILE M 642 -72.21 -21.84 -91.57
C ILE M 642 -72.24 -20.98 -92.83
N THR M 643 -73.36 -20.32 -93.09
CA THR M 643 -73.45 -19.43 -94.25
C THR M 643 -72.44 -18.30 -94.16
N ASN M 644 -72.33 -17.69 -92.97
CA ASN M 644 -71.38 -16.59 -92.80
C ASN M 644 -69.95 -17.06 -93.02
N ALA M 645 -69.62 -18.22 -92.46
CA ALA M 645 -68.27 -18.75 -92.65
C ALA M 645 -68.00 -19.04 -94.11
N PHE M 646 -68.97 -19.63 -94.80
CA PHE M 646 -68.81 -19.88 -96.23
C PHE M 646 -68.58 -18.59 -97.01
N ASN M 647 -69.39 -17.57 -96.72
CA ASN M 647 -69.28 -16.32 -97.44
C ASN M 647 -67.92 -15.67 -97.18
N LYS M 648 -67.48 -15.66 -95.92
CA LYS M 648 -66.16 -15.12 -95.62
C LYS M 648 -65.06 -15.87 -96.35
N VAL M 649 -65.13 -17.20 -96.34
CA VAL M 649 -64.09 -18.03 -96.92
C VAL M 649 -64.02 -17.96 -98.44
N ILE M 650 -65.17 -18.04 -99.13
CA ILE M 650 -65.16 -18.08 -100.59
C ILE M 650 -65.18 -16.69 -101.20
N ALA M 651 -65.55 -15.66 -100.44
CA ALA M 651 -65.54 -14.30 -100.93
C ALA M 651 -64.12 -13.89 -101.28
N GLN M 652 -63.99 -12.95 -102.19
CA GLN M 652 -62.67 -12.48 -102.58
C GLN M 652 -61.90 -12.02 -101.35
N THR M 653 -60.67 -12.48 -101.23
CA THR M 653 -59.79 -12.08 -100.14
C THR M 653 -58.41 -11.83 -100.73
N THR M 654 -58.07 -10.56 -100.90
CA THR M 654 -56.83 -10.15 -101.54
C THR M 654 -55.89 -9.54 -100.52
N CYS M 655 -54.68 -10.06 -100.48
CA CYS M 655 -53.72 -9.70 -99.44
C CYS M 655 -52.45 -9.17 -100.08
N ILE M 656 -51.91 -8.12 -99.49
CA ILE M 656 -50.69 -7.50 -100.00
C ILE M 656 -49.53 -8.49 -99.90
N VAL M 657 -48.64 -8.44 -100.88
CA VAL M 657 -47.43 -9.26 -100.86
C VAL M 657 -46.58 -8.83 -99.67
N PRO M 658 -45.88 -9.76 -99.03
CA PRO M 658 -45.00 -9.37 -97.94
C PRO M 658 -43.94 -8.40 -98.44
N PRO M 659 -43.51 -7.48 -97.59
CA PRO M 659 -42.62 -6.42 -98.07
C PRO M 659 -41.22 -6.93 -98.35
N TRP M 660 -41.10 -7.99 -99.16
CA TRP M 660 -39.81 -8.46 -99.63
C TRP M 660 -39.83 -8.94 -101.06
N SER M 661 -40.87 -8.62 -101.83
CA SER M 661 -40.94 -9.02 -103.23
C SER M 661 -39.94 -8.21 -104.07
N THR M 704 -79.63 -19.01 -101.69
CA THR M 704 -80.12 -18.77 -103.04
C THR M 704 -79.45 -19.70 -104.04
N GLU M 705 -78.17 -19.97 -103.81
CA GLU M 705 -77.40 -20.91 -104.63
C GLU M 705 -76.56 -21.85 -103.77
N PHE M 706 -76.74 -21.83 -102.45
CA PHE M 706 -75.88 -22.56 -101.53
C PHE M 706 -76.69 -23.30 -100.47
N SER M 707 -78.02 -23.29 -100.62
CA SER M 707 -78.91 -23.88 -99.63
C SER M 707 -78.64 -25.34 -99.36
N ASP M 708 -78.17 -26.09 -100.36
CA ASP M 708 -77.92 -27.52 -100.19
C ASP M 708 -76.48 -27.84 -99.88
N ALA M 709 -75.54 -27.09 -100.45
CA ALA M 709 -74.14 -27.22 -100.05
C ALA M 709 -73.99 -26.95 -98.57
N ILE M 710 -74.73 -25.96 -98.06
CA ILE M 710 -74.69 -25.70 -96.62
C ILE M 710 -75.23 -26.89 -95.84
N THR M 711 -76.32 -27.50 -96.32
CA THR M 711 -76.84 -28.67 -95.63
C THR M 711 -75.80 -29.78 -95.58
N LYS M 712 -75.12 -30.03 -96.71
CA LYS M 712 -74.12 -31.08 -96.74
C LYS M 712 -72.98 -30.78 -95.78
N VAL M 713 -72.48 -29.54 -95.81
CA VAL M 713 -71.33 -29.19 -94.97
C VAL M 713 -71.74 -29.22 -93.50
N GLU M 714 -72.97 -28.82 -93.21
CA GLU M 714 -73.44 -28.83 -91.82
C GLU M 714 -73.60 -30.26 -91.31
N GLN M 715 -74.03 -31.17 -92.18
CA GLN M 715 -74.01 -32.57 -91.80
C GLN M 715 -72.59 -33.06 -91.52
N TRP M 716 -71.63 -32.66 -92.36
CA TRP M 716 -70.24 -33.01 -92.10
C TRP M 716 -69.76 -32.48 -90.76
N LEU M 717 -70.05 -31.22 -90.46
CA LEU M 717 -69.65 -30.65 -89.17
C LEU M 717 -70.36 -31.36 -88.02
N LYS M 718 -71.64 -31.66 -88.19
CA LYS M 718 -72.36 -32.45 -87.19
C LYS M 718 -71.65 -33.75 -86.88
N ASN M 719 -71.30 -34.53 -87.89
CA ASN M 719 -70.62 -35.80 -87.67
C ASN M 719 -69.21 -35.62 -87.11
N VAL M 720 -68.50 -34.60 -87.58
CA VAL M 720 -67.13 -34.39 -87.09
C VAL M 720 -67.14 -34.00 -85.62
N ASN M 721 -67.99 -33.04 -85.27
CA ASN M 721 -68.12 -32.59 -83.88
C ASN M 721 -68.46 -33.74 -82.95
N GLU M 722 -68.89 -34.87 -83.50
CA GLU M 722 -69.13 -36.08 -82.73
C GLU M 722 -67.99 -37.08 -82.78
N ILE M 723 -67.29 -37.19 -83.90
CA ILE M 723 -66.29 -38.26 -84.05
C ILE M 723 -64.87 -37.81 -83.70
N GLU M 724 -64.52 -36.55 -83.95
CA GLU M 724 -63.16 -36.07 -83.75
C GLU M 724 -62.72 -36.14 -82.29
N ILE M 725 -63.66 -36.28 -81.36
CA ILE M 725 -63.34 -36.32 -79.94
C ILE M 725 -62.33 -37.41 -79.61
N GLY M 726 -62.40 -38.56 -80.26
CA GLY M 726 -61.46 -39.63 -80.01
C GLY M 726 -60.12 -39.46 -80.67
N ILE M 727 -59.94 -38.43 -81.48
CA ILE M 727 -58.66 -38.20 -82.13
C ILE M 727 -57.60 -37.97 -81.07
N ARG M 728 -56.53 -38.76 -81.11
CA ARG M 728 -55.42 -38.64 -80.17
C ARG M 728 -54.22 -38.09 -80.92
N PRO M 729 -54.25 -36.82 -81.30
CA PRO M 729 -53.16 -36.26 -82.09
C PRO M 729 -51.86 -36.17 -81.32
N SER M 730 -50.75 -36.51 -81.98
CA SER M 730 -49.43 -36.40 -81.40
C SER M 730 -48.58 -35.45 -82.24
N ALA M 731 -47.59 -34.85 -81.59
CA ALA M 731 -46.69 -33.95 -82.31
C ALA M 731 -45.96 -34.67 -83.43
N LEU M 732 -45.47 -35.89 -83.16
CA LEU M 732 -44.86 -36.69 -84.21
C LEU M 732 -45.85 -36.92 -85.35
N LEU M 733 -47.08 -37.30 -85.02
CA LEU M 733 -48.07 -37.55 -86.06
C LEU M 733 -48.25 -36.33 -86.94
N ILE M 734 -48.49 -35.16 -86.34
CA ILE M 734 -48.69 -33.94 -87.12
C ILE M 734 -47.46 -33.57 -87.93
N GLY M 735 -46.28 -33.61 -87.33
CA GLY M 735 -45.07 -33.22 -88.03
C GLY M 735 -44.80 -34.11 -89.23
N LYS M 736 -44.95 -35.42 -89.05
CA LYS M 736 -44.76 -36.35 -90.15
C LYS M 736 -45.83 -36.21 -91.22
N VAL M 737 -47.07 -35.89 -90.84
CA VAL M 737 -48.09 -35.64 -91.84
C VAL M 737 -47.65 -34.53 -92.78
N TRP M 738 -47.23 -33.40 -92.20
CA TRP M 738 -46.74 -32.32 -93.03
C TRP M 738 -45.48 -32.71 -93.77
N SER M 739 -44.60 -33.47 -93.14
CA SER M 739 -43.44 -33.95 -93.85
C SER M 739 -43.79 -34.65 -95.14
N ARG M 740 -44.79 -35.53 -95.09
CA ARG M 740 -45.16 -36.29 -96.28
C ARG M 740 -45.89 -35.41 -97.30
N PHE M 741 -46.85 -34.60 -96.85
CA PHE M 741 -47.57 -33.74 -97.78
C PHE M 741 -46.73 -32.63 -98.39
N TYR M 742 -45.86 -31.99 -97.61
CA TYR M 742 -45.11 -30.86 -98.15
C TYR M 742 -44.23 -31.32 -99.31
N PHE M 743 -43.55 -32.45 -99.14
CA PHE M 743 -42.82 -33.12 -100.20
C PHE M 743 -43.71 -33.60 -101.33
N ASN M 744 -44.86 -34.19 -101.02
CA ASN M 744 -45.71 -34.70 -102.09
C ASN M 744 -46.20 -33.58 -102.99
N LEU M 745 -46.50 -32.41 -102.41
CA LEU M 745 -46.85 -31.25 -103.22
C LEU M 745 -45.69 -30.81 -104.11
N ASN M 746 -44.47 -30.74 -103.57
CA ASN M 746 -43.33 -30.42 -104.40
C ASN M 746 -43.23 -31.36 -105.57
N ASN M 747 -43.41 -32.66 -105.32
CA ASN M 747 -43.41 -33.66 -106.37
C ASN M 747 -44.51 -33.46 -107.40
N VAL M 748 -45.72 -33.16 -106.94
CA VAL M 748 -46.87 -33.02 -107.82
C VAL M 748 -46.78 -31.69 -108.56
N ALA M 749 -46.08 -30.73 -107.96
CA ALA M 749 -45.84 -29.46 -108.62
C ALA M 749 -44.78 -29.57 -109.71
N ASP M 750 -43.70 -30.31 -109.47
CA ASP M 750 -42.68 -30.47 -110.49
C ASP M 750 -43.12 -31.42 -111.61
N GLN M 751 -43.70 -32.58 -111.26
CA GLN M 751 -44.14 -33.53 -112.27
C GLN M 751 -45.11 -32.94 -113.26
N HIS M 752 -45.93 -31.99 -112.83
CA HIS M 752 -46.97 -31.41 -113.67
C HIS M 752 -46.63 -30.00 -114.12
N LYS M 753 -45.44 -29.50 -113.80
CA LYS M 753 -44.98 -28.25 -114.38
C LYS M 753 -44.76 -28.39 -115.87
N THR M 754 -44.53 -29.61 -116.36
CA THR M 754 -44.19 -29.81 -117.76
C THR M 754 -45.03 -30.91 -118.38
N ARG M 755 -46.34 -30.91 -118.09
CA ARG M 755 -47.24 -31.82 -118.77
C ARG M 755 -48.42 -31.07 -119.39
N LEU M 756 -48.34 -29.74 -119.47
CA LEU M 756 -49.45 -28.89 -119.90
C LEU M 756 -49.43 -28.80 -121.42
N TYR M 757 -49.93 -29.85 -122.06
CA TYR M 757 -49.97 -29.92 -123.50
C TYR M 757 -51.21 -29.18 -124.03
N ARG M 758 -51.16 -28.78 -125.30
CA ARG M 758 -52.28 -28.09 -125.90
C ARG M 758 -53.53 -28.96 -125.93
N ASN M 759 -53.38 -30.27 -126.08
CA ASN M 759 -54.49 -31.22 -126.05
C ASN M 759 -54.52 -32.02 -124.76
N ALA M 760 -53.68 -31.65 -123.79
CA ALA M 760 -53.65 -32.38 -122.52
C ALA M 760 -54.98 -32.26 -121.78
N GLU M 761 -55.81 -31.30 -122.19
CA GLU M 761 -57.09 -31.08 -121.54
C GLU M 761 -57.97 -32.32 -121.65
N HIS M 762 -58.90 -32.47 -120.70
CA HIS M 762 -59.67 -33.68 -120.49
C HIS M 762 -58.84 -34.75 -119.80
N GLY M 763 -57.54 -34.51 -119.65
CA GLY M 763 -56.65 -35.39 -118.93
C GLY M 763 -56.94 -36.87 -119.07
N ARG M 764 -57.06 -37.37 -120.30
CA ARG M 764 -57.38 -38.78 -120.48
C ARG M 764 -56.18 -39.67 -120.14
N MET M 765 -54.99 -39.29 -120.60
CA MET M 765 -53.80 -40.10 -120.44
C MET M 765 -52.86 -39.49 -119.40
N ALA M 766 -51.99 -40.31 -118.86
CA ALA M 766 -51.05 -39.88 -117.83
C ALA M 766 -50.09 -38.82 -118.34
N SER M 767 -49.94 -38.67 -119.65
CA SER M 767 -49.10 -37.64 -120.24
C SER M 767 -49.86 -36.34 -120.45
N GLN M 768 -50.98 -36.16 -119.74
CA GLN M 768 -51.83 -34.98 -119.88
C GLN M 768 -52.02 -34.38 -118.50
N SER M 769 -51.71 -33.10 -118.35
CA SER M 769 -51.92 -32.39 -117.10
C SER M 769 -52.64 -31.07 -117.37
N ASN M 770 -53.55 -30.73 -116.45
CA ASN M 770 -54.24 -29.45 -116.47
C ASN M 770 -54.23 -28.91 -115.04
N ALA M 771 -54.68 -27.66 -114.87
CA ALA M 771 -54.84 -27.13 -113.52
C ALA M 771 -55.84 -27.96 -112.73
N ALA M 772 -56.87 -28.46 -113.40
CA ALA M 772 -57.84 -29.33 -112.74
C ALA M 772 -57.18 -30.59 -112.21
N LYS M 773 -56.41 -31.28 -113.04
CA LYS M 773 -55.68 -32.45 -112.58
C LYS M 773 -54.71 -32.07 -111.47
N ILE M 774 -54.12 -30.88 -111.57
CA ILE M 774 -53.14 -30.44 -110.58
C ILE M 774 -53.79 -30.35 -109.21
N MET M 775 -54.90 -29.63 -109.10
CA MET M 775 -55.54 -29.48 -107.80
C MET M 775 -56.16 -30.79 -107.34
N ARG M 776 -56.70 -31.58 -108.27
CA ARG M 776 -57.19 -32.91 -107.94
C ARG M 776 -56.11 -33.72 -107.26
N PHE M 777 -54.93 -33.80 -107.86
CA PHE M 777 -53.85 -34.58 -107.27
C PHE M 777 -53.33 -33.94 -106.00
N ASN M 778 -53.43 -32.62 -105.88
CA ASN M 778 -53.07 -31.99 -104.61
C ASN M 778 -53.94 -32.54 -103.48
N VAL M 779 -55.26 -32.52 -103.68
CA VAL M 779 -56.16 -33.05 -102.65
C VAL M 779 -55.97 -34.54 -102.49
N LEU M 780 -55.68 -35.24 -103.58
CA LEU M 780 -55.46 -36.68 -103.53
C LEU M 780 -54.27 -37.02 -102.63
N ALA M 781 -53.15 -36.31 -102.83
CA ALA M 781 -52.00 -36.48 -101.94
C ALA M 781 -52.34 -36.04 -100.53
N PHE M 782 -53.23 -35.07 -100.41
CA PHE M 782 -53.71 -34.66 -99.09
C PHE M 782 -54.29 -35.86 -98.36
N LEU M 783 -55.23 -36.54 -99.00
CA LEU M 783 -55.83 -37.71 -98.40
C LEU M 783 -54.79 -38.81 -98.21
N HIS M 784 -53.89 -38.96 -99.18
CA HIS M 784 -52.87 -40.01 -99.10
C HIS M 784 -52.01 -39.85 -97.86
N ALA M 785 -51.45 -38.66 -97.67
CA ALA M 785 -50.62 -38.41 -96.49
C ALA M 785 -51.44 -38.54 -95.22
N VAL M 786 -52.68 -38.03 -95.23
CA VAL M 786 -53.51 -38.16 -94.04
C VAL M 786 -53.66 -39.62 -93.66
N LEU M 787 -54.04 -40.45 -94.63
CA LEU M 787 -54.24 -41.86 -94.36
C LEU M 787 -52.97 -42.52 -93.87
N VAL M 788 -51.86 -42.25 -94.56
CA VAL M 788 -50.60 -42.92 -94.22
C VAL M 788 -50.17 -42.56 -92.80
N GLU M 789 -50.17 -41.28 -92.48
CA GLU M 789 -49.73 -40.85 -91.16
C GLU M 789 -50.69 -41.30 -90.06
N GLU M 790 -52.00 -41.26 -90.30
CA GLU M 790 -52.93 -41.75 -89.29
C GLU M 790 -52.71 -43.23 -89.05
N SER M 791 -52.50 -44.00 -90.12
CA SER M 791 -52.25 -45.43 -89.96
C SER M 791 -50.95 -45.68 -89.20
N LEU M 792 -49.91 -44.90 -89.47
CA LEU M 792 -48.60 -45.18 -88.88
C LEU M 792 -48.44 -44.66 -87.47
N TYR M 793 -49.05 -43.54 -87.12
CA TYR M 793 -48.63 -42.85 -85.91
C TYR M 793 -49.75 -42.27 -85.05
N HIS M 794 -51.01 -42.55 -85.34
CA HIS M 794 -52.09 -42.07 -84.48
C HIS M 794 -52.29 -43.05 -83.33
N SER M 795 -52.24 -42.53 -82.10
CA SER M 795 -52.30 -43.38 -80.91
C SER M 795 -53.65 -44.07 -80.75
N VAL M 796 -54.69 -43.61 -81.44
CA VAL M 796 -56.00 -44.21 -81.28
C VAL M 796 -55.97 -45.69 -81.65
N SER M 797 -55.25 -46.04 -82.70
CA SER M 797 -55.09 -47.43 -83.12
C SER M 797 -53.75 -47.97 -82.59
N ASP M 798 -53.76 -49.24 -82.21
CA ASP M 798 -52.60 -49.85 -81.59
C ASP M 798 -51.66 -50.54 -82.56
N ARG M 799 -52.07 -50.70 -83.82
CA ARG M 799 -51.24 -51.39 -84.81
C ARG M 799 -51.35 -50.66 -86.14
N GLU M 800 -50.32 -50.79 -86.96
CA GLU M 800 -50.26 -50.17 -88.27
C GLU M 800 -50.92 -51.08 -89.30
N TYR M 801 -52.05 -50.63 -89.83
CA TYR M 801 -52.80 -51.37 -90.84
C TYR M 801 -52.43 -50.95 -92.25
N ILE M 802 -51.45 -50.05 -92.41
CA ILE M 802 -51.00 -49.66 -93.73
C ILE M 802 -50.38 -50.83 -94.46
N GLY M 803 -49.73 -51.73 -93.73
CA GLY M 803 -49.01 -52.83 -94.35
C GLY M 803 -47.58 -52.44 -94.62
N GLU M 804 -46.66 -53.39 -94.45
CA GLU M 804 -45.23 -53.11 -94.60
C GLU M 804 -44.91 -53.18 -96.09
N GLY M 805 -45.34 -52.15 -96.81
CA GLY M 805 -45.11 -52.07 -98.24
C GLY M 805 -44.44 -50.77 -98.64
N LEU M 806 -44.15 -50.61 -99.92
CA LEU M 806 -43.42 -49.44 -100.41
C LEU M 806 -44.36 -48.25 -100.36
N ARG M 807 -44.25 -47.47 -99.29
CA ARG M 807 -45.04 -46.27 -99.14
C ARG M 807 -44.64 -45.26 -100.21
N LEU M 808 -45.50 -45.06 -101.19
CA LEU M 808 -45.18 -44.26 -102.37
C LEU M 808 -46.20 -43.16 -102.57
N ASN M 809 -45.75 -42.06 -103.17
CA ASN M 809 -46.65 -40.94 -103.37
C ASN M 809 -47.27 -40.98 -104.76
N PRO M 810 -48.59 -41.15 -104.84
CA PRO M 810 -49.26 -41.02 -106.13
C PRO M 810 -49.30 -39.57 -106.59
N VAL M 811 -48.48 -39.24 -107.58
CA VAL M 811 -48.31 -37.87 -108.03
C VAL M 811 -49.00 -37.63 -109.37
N THR M 812 -48.76 -38.49 -110.36
CA THR M 812 -49.46 -38.43 -111.63
C THR M 812 -50.61 -39.42 -111.73
N SER M 813 -50.75 -40.32 -110.75
CA SER M 813 -51.79 -41.34 -110.77
C SER M 813 -52.31 -41.53 -109.35
N VAL M 814 -53.33 -42.37 -109.22
CA VAL M 814 -53.90 -42.74 -107.93
C VAL M 814 -53.79 -44.23 -107.66
N ASP M 815 -52.92 -44.94 -108.41
CA ASP M 815 -52.79 -46.37 -108.22
C ASP M 815 -52.29 -46.69 -106.81
N GLU M 816 -51.25 -45.98 -106.36
CA GLU M 816 -50.72 -46.19 -105.02
C GLU M 816 -51.78 -45.92 -103.97
N PHE M 817 -52.49 -44.80 -104.12
CA PHE M 817 -53.54 -44.45 -103.18
C PHE M 817 -54.59 -45.55 -103.12
N GLU M 818 -55.03 -46.01 -104.28
CA GLU M 818 -56.06 -47.05 -104.34
C GLU M 818 -55.57 -48.32 -103.65
N LYS M 819 -54.34 -48.74 -103.94
CA LYS M 819 -53.87 -50.01 -103.38
C LYS M 819 -53.72 -49.91 -101.87
N LYS M 820 -53.13 -48.82 -101.38
CA LYS M 820 -53.03 -48.66 -99.93
C LYS M 820 -54.41 -48.63 -99.29
N ILE M 821 -55.34 -47.88 -99.88
CA ILE M 821 -56.66 -47.73 -99.26
C ILE M 821 -57.40 -49.05 -99.26
N LYS M 822 -57.27 -49.83 -100.33
CA LYS M 822 -57.91 -51.14 -100.38
C LYS M 822 -57.28 -52.09 -99.36
N ILE M 823 -55.95 -52.04 -99.20
CA ILE M 823 -55.31 -52.82 -98.15
C ILE M 823 -55.89 -52.45 -96.80
N ILE M 824 -56.01 -51.16 -96.52
CA ILE M 824 -56.47 -50.73 -95.20
C ILE M 824 -57.93 -51.11 -95.00
N GLY M 825 -58.75 -51.00 -96.03
CA GLY M 825 -60.14 -51.41 -95.92
C GLY M 825 -60.29 -52.90 -95.67
N GLU M 826 -59.51 -53.71 -96.39
CA GLU M 826 -59.55 -55.15 -96.15
C GLU M 826 -59.10 -55.48 -94.73
N LYS M 827 -58.05 -54.81 -94.25
CA LYS M 827 -57.62 -55.02 -92.87
C LYS M 827 -58.70 -54.63 -91.89
N LEU M 828 -59.38 -53.50 -92.12
CA LEU M 828 -60.44 -53.07 -91.23
C LEU M 828 -61.57 -54.09 -91.19
N LYS M 829 -61.97 -54.59 -92.35
CA LYS M 829 -63.02 -55.60 -92.38
C LYS M 829 -62.58 -56.87 -91.66
N ALA M 830 -61.33 -57.28 -91.88
CA ALA M 830 -60.84 -58.51 -91.25
C ALA M 830 -60.81 -58.39 -89.74
N ASP M 831 -60.36 -57.24 -89.23
CA ASP M 831 -60.22 -57.02 -87.80
C ASP M 831 -61.45 -56.38 -87.18
N ASN M 832 -62.53 -56.24 -87.96
CA ASN M 832 -63.78 -55.72 -87.44
C ASN M 832 -63.63 -54.26 -87.01
N LYS M 833 -63.07 -53.46 -87.89
CA LYS M 833 -62.70 -52.09 -87.58
C LYS M 833 -63.31 -51.16 -88.63
N THR M 834 -63.62 -49.94 -88.23
CA THR M 834 -64.24 -48.95 -89.11
C THR M 834 -63.27 -47.81 -89.37
N TRP M 835 -63.54 -47.06 -90.45
CA TRP M 835 -62.73 -45.88 -90.74
C TRP M 835 -62.94 -44.77 -89.72
N LYS M 836 -64.01 -44.83 -88.92
CA LYS M 836 -64.21 -43.87 -87.85
C LYS M 836 -63.42 -44.26 -86.61
N ASN M 837 -63.42 -45.55 -86.28
CA ASN M 837 -62.62 -46.03 -85.17
C ASN M 837 -61.13 -45.90 -85.46
N THR M 838 -60.73 -46.23 -86.69
CA THR M 838 -59.34 -46.09 -87.13
C THR M 838 -59.29 -45.20 -88.37
N HIS M 839 -58.27 -44.36 -88.43
CA HIS M 839 -58.19 -43.36 -89.47
C HIS M 839 -59.42 -42.46 -89.39
N PRO M 840 -59.79 -42.00 -88.19
CA PRO M 840 -60.99 -41.17 -88.06
C PRO M 840 -60.79 -39.80 -88.67
N LEU M 841 -59.61 -39.22 -88.45
CA LEU M 841 -59.28 -37.97 -89.11
C LEU M 841 -59.40 -38.11 -90.62
N PHE M 842 -58.79 -39.16 -91.16
CA PHE M 842 -58.90 -39.43 -92.59
C PHE M 842 -60.35 -39.67 -93.01
N PHE M 843 -61.09 -40.43 -92.19
CA PHE M 843 -62.48 -40.70 -92.52
C PHE M 843 -63.27 -39.41 -92.68
N LEU M 844 -63.20 -38.53 -91.67
CA LEU M 844 -63.95 -37.29 -91.76
C LEU M 844 -63.46 -36.43 -92.91
N LEU M 845 -62.14 -36.32 -93.10
CA LEU M 845 -61.61 -35.54 -94.20
C LEU M 845 -62.15 -36.00 -95.54
N ILE M 846 -62.08 -37.31 -95.83
CA ILE M 846 -62.68 -37.82 -97.05
C ILE M 846 -64.18 -37.54 -97.06
N SER M 847 -64.78 -37.44 -95.88
CA SER M 847 -66.17 -37.00 -95.76
C SER M 847 -66.35 -35.52 -96.08
N CYS M 848 -65.26 -34.78 -96.22
CA CYS M 848 -65.36 -33.35 -96.45
C CYS M 848 -66.10 -33.05 -97.74
N PRO M 849 -67.16 -32.23 -97.71
CA PRO M 849 -67.93 -31.97 -98.94
C PRO M 849 -67.25 -31.02 -99.91
N ILE M 850 -66.55 -29.99 -99.43
CA ILE M 850 -65.92 -29.04 -100.35
C ILE M 850 -64.92 -29.72 -101.26
N LEU M 851 -64.17 -30.69 -100.75
CA LEU M 851 -63.17 -31.39 -101.53
C LEU M 851 -63.78 -32.40 -102.49
N HIS M 852 -64.95 -32.94 -102.14
CA HIS M 852 -65.59 -33.98 -102.94
C HIS M 852 -65.71 -33.55 -104.39
N PRO M 853 -66.12 -32.31 -104.67
CA PRO M 853 -66.12 -31.84 -106.06
C PRO M 853 -64.75 -31.95 -106.70
N PHE M 854 -63.70 -31.66 -105.94
CA PHE M 854 -62.34 -31.79 -106.42
C PHE M 854 -61.97 -33.25 -106.68
N ILE M 855 -62.66 -34.19 -106.03
CA ILE M 855 -62.29 -35.59 -106.16
C ILE M 855 -62.41 -36.05 -107.60
N PHE M 856 -63.50 -35.69 -108.26
CA PHE M 856 -63.77 -36.14 -109.63
C PHE M 856 -64.15 -34.93 -110.47
N PRO M 857 -63.19 -34.09 -110.81
CA PRO M 857 -63.44 -32.94 -111.68
C PRO M 857 -63.36 -33.35 -113.15
N ILE M 858 -63.59 -32.37 -114.01
CA ILE M 858 -63.54 -32.58 -115.45
C ILE M 858 -62.11 -32.36 -115.93
N GLY M 859 -61.54 -33.37 -116.59
CA GLY M 859 -60.18 -33.30 -117.10
C GLY M 859 -59.13 -33.92 -116.20
N GLY M 860 -59.47 -34.30 -114.97
CA GLY M 860 -58.50 -34.87 -114.05
C GLY M 860 -58.63 -36.36 -113.89
N ILE M 861 -59.37 -37.00 -114.79
CA ILE M 861 -59.67 -38.43 -114.69
C ILE M 861 -59.01 -39.14 -115.88
N ASN M 862 -58.23 -40.18 -115.58
CA ASN M 862 -57.58 -40.95 -116.63
C ASN M 862 -58.49 -42.08 -117.11
N CYS M 863 -58.92 -41.99 -118.37
CA CYS M 863 -59.82 -42.97 -118.96
C CYS M 863 -59.09 -44.21 -119.47
N SER M 864 -57.76 -44.22 -119.42
CA SER M 864 -57.02 -45.40 -119.86
C SER M 864 -57.47 -46.62 -119.07
N VAL M 865 -57.65 -47.72 -119.78
CA VAL M 865 -58.20 -48.95 -119.21
C VAL M 865 -57.54 -49.23 -117.87
N LYS M 866 -56.21 -49.29 -117.87
CA LYS M 866 -55.49 -49.62 -116.65
C LYS M 866 -55.74 -48.59 -115.56
N ALA M 867 -55.61 -47.31 -115.90
CA ALA M 867 -55.83 -46.26 -114.91
C ALA M 867 -57.32 -46.02 -114.67
N LEU M 868 -58.13 -46.19 -115.71
CA LEU M 868 -59.57 -45.94 -115.57
C LEU M 868 -60.20 -46.95 -114.61
N ASN M 869 -59.82 -48.21 -114.70
CA ASN M 869 -60.35 -49.22 -113.79
C ASN M 869 -59.95 -48.93 -112.35
N LYS M 870 -58.69 -48.53 -112.13
CA LYS M 870 -58.26 -48.16 -110.80
C LYS M 870 -59.03 -46.95 -110.30
N GLU M 871 -59.31 -45.99 -111.17
CA GLU M 871 -60.13 -44.85 -110.78
C GLU M 871 -61.54 -45.29 -110.38
N THR M 872 -62.12 -46.22 -111.13
CA THR M 872 -63.46 -46.70 -110.79
C THR M 872 -63.47 -47.39 -109.43
N SER M 873 -62.49 -48.27 -109.19
CA SER M 873 -62.40 -48.92 -107.89
C SER M 873 -62.17 -47.90 -106.78
N PHE M 874 -61.36 -46.88 -107.07
CA PHE M 874 -61.14 -45.80 -106.11
C PHE M 874 -62.45 -45.13 -105.74
N ASN M 875 -63.24 -44.78 -106.76
CA ASN M 875 -64.54 -44.16 -106.49
C ASN M 875 -65.43 -45.09 -105.68
N LYS M 876 -65.46 -46.37 -106.05
CA LYS M 876 -66.34 -47.30 -105.33
C LYS M 876 -65.96 -47.38 -103.86
N LEU M 877 -64.67 -47.51 -103.57
CA LEU M 877 -64.24 -47.68 -102.18
C LEU M 877 -64.39 -46.38 -101.39
N ILE M 878 -64.13 -45.24 -102.04
CA ILE M 878 -64.32 -43.96 -101.36
C ILE M 878 -65.79 -43.76 -101.03
N ASP M 879 -66.69 -44.09 -101.97
CA ASP M 879 -68.11 -43.97 -101.69
C ASP M 879 -68.52 -44.90 -100.56
N GLU M 880 -68.00 -46.13 -100.57
CA GLU M 880 -68.26 -47.05 -99.47
C GLU M 880 -67.85 -46.45 -98.13
N ILE M 881 -66.62 -45.96 -98.03
CA ILE M 881 -66.12 -45.45 -96.76
C ILE M 881 -66.95 -44.24 -96.32
N VAL M 882 -67.24 -43.35 -97.26
CA VAL M 882 -67.98 -42.13 -96.94
C VAL M 882 -69.38 -42.48 -96.45
N GLY M 883 -70.02 -43.44 -97.11
CA GLY M 883 -71.41 -43.75 -96.86
C GLY M 883 -72.37 -43.03 -97.77
N ASP M 884 -71.89 -42.34 -98.80
CA ASP M 884 -72.75 -41.66 -99.75
C ASP M 884 -72.05 -41.60 -101.09
N LYS M 885 -72.84 -41.65 -102.16
CA LYS M 885 -72.29 -41.64 -103.52
C LYS M 885 -71.77 -40.26 -103.89
N LEU M 886 -70.46 -40.14 -104.09
CA LEU M 886 -69.86 -38.87 -104.50
C LEU M 886 -70.45 -38.41 -105.83
N LEU M 887 -70.51 -39.30 -106.80
CA LEU M 887 -71.02 -38.96 -108.12
C LEU M 887 -72.02 -40.01 -108.59
N SER M 888 -73.08 -39.54 -109.23
CA SER M 888 -73.98 -40.45 -109.91
C SER M 888 -73.22 -41.24 -110.96
N ASP M 889 -73.79 -42.40 -111.35
CA ASP M 889 -73.16 -43.20 -112.38
C ASP M 889 -73.16 -42.46 -113.72
N GLU M 890 -74.19 -41.67 -113.97
CA GLU M 890 -74.18 -40.82 -115.16
C GLU M 890 -73.02 -39.85 -115.11
N GLU M 891 -72.76 -39.25 -113.94
CA GLU M 891 -71.62 -38.38 -113.78
C GLU M 891 -70.31 -39.14 -114.04
N TRP M 892 -70.22 -40.36 -113.50
CA TRP M 892 -69.00 -41.15 -113.66
C TRP M 892 -68.74 -41.46 -115.13
N ASP M 893 -69.77 -41.92 -115.83
CA ASP M 893 -69.61 -42.24 -117.24
C ASP M 893 -69.35 -41.00 -118.09
N TYR M 894 -69.96 -39.87 -117.75
CA TYR M 894 -69.66 -38.63 -118.45
C TYR M 894 -68.19 -38.25 -118.26
N LEU M 895 -67.68 -38.41 -117.05
CA LEU M 895 -66.26 -38.15 -116.78
C LEU M 895 -65.35 -39.12 -117.53
N THR M 896 -65.72 -40.40 -117.60
CA THR M 896 -64.85 -41.43 -118.13
C THR M 896 -65.08 -41.69 -119.62
N LYS M 897 -65.96 -40.95 -120.26
CA LYS M 897 -66.23 -41.16 -121.68
C LYS M 897 -65.23 -40.37 -122.53
N ILE M 909 -75.60 -28.87 -116.13
CA ILE M 909 -75.48 -28.52 -114.72
C ILE M 909 -74.93 -29.69 -113.92
N PHE M 910 -73.61 -29.84 -113.93
CA PHE M 910 -72.93 -30.91 -113.18
C PHE M 910 -72.39 -30.30 -111.89
N GLN M 911 -73.24 -30.23 -110.89
CA GLN M 911 -72.84 -29.77 -109.58
C GLN M 911 -72.14 -30.90 -108.82
N ASN M 912 -71.35 -30.52 -107.82
CA ASN M 912 -70.59 -31.44 -106.99
C ASN M 912 -69.34 -31.97 -107.70
N THR M 913 -68.94 -31.34 -108.80
CA THR M 913 -67.74 -31.75 -109.51
C THR M 913 -67.20 -30.56 -110.30
N ILE M 914 -65.87 -30.47 -110.38
CA ILE M 914 -65.24 -29.39 -111.14
C ILE M 914 -65.49 -29.61 -112.63
N THR M 915 -65.91 -28.56 -113.32
CA THR M 915 -66.33 -28.66 -114.71
C THR M 915 -65.69 -27.59 -115.58
N SER M 916 -64.90 -26.70 -114.98
CA SER M 916 -64.32 -25.59 -115.73
C SER M 916 -62.81 -25.50 -115.67
N LEU M 917 -62.16 -25.95 -114.58
CA LEU M 917 -60.71 -25.84 -114.50
C LEU M 917 -60.03 -26.62 -115.62
N ASN M 918 -60.73 -27.60 -116.19
CA ASN M 918 -60.19 -28.30 -117.34
C ASN M 918 -59.94 -27.34 -118.50
N SER M 919 -60.88 -26.44 -118.74
CA SER M 919 -60.74 -25.39 -119.75
C SER M 919 -60.13 -24.13 -119.17
N SER M 920 -59.43 -24.27 -118.04
CA SER M 920 -58.82 -23.15 -117.35
C SER M 920 -57.33 -23.15 -117.63
N THR M 921 -56.82 -22.01 -118.10
CA THR M 921 -55.42 -21.90 -118.49
C THR M 921 -54.59 -21.38 -117.33
N ILE M 922 -53.38 -21.92 -117.18
CA ILE M 922 -52.46 -21.52 -116.12
C ILE M 922 -51.42 -20.58 -116.72
N VAL M 923 -51.20 -19.45 -116.05
CA VAL M 923 -50.23 -18.48 -116.55
C VAL M 923 -48.86 -19.13 -116.63
N GLY M 924 -48.18 -18.94 -117.76
CA GLY M 924 -46.87 -19.49 -118.00
C GLY M 924 -46.89 -20.77 -118.82
N ALA M 925 -48.03 -21.46 -118.89
CA ALA M 925 -48.14 -22.66 -119.70
C ALA M 925 -48.52 -22.29 -121.12
N SER M 926 -47.53 -22.30 -122.02
CA SER M 926 -47.79 -21.92 -123.40
C SER M 926 -48.69 -22.91 -124.12
N TYR M 927 -48.70 -24.18 -123.70
CA TYR M 927 -49.49 -25.19 -124.37
C TYR M 927 -49.10 -25.28 -125.85
N ASP M 928 -47.81 -25.08 -126.11
CA ASP M 928 -47.32 -25.03 -127.49
C ASP M 928 -47.36 -26.41 -128.14
N LYS M 929 -46.66 -27.38 -127.56
CA LYS M 929 -46.57 -28.70 -128.14
C LYS M 929 -47.78 -29.55 -127.74
N ASP M 930 -48.01 -30.61 -128.50
CA ASP M 930 -49.01 -31.60 -128.16
C ASP M 930 -48.33 -32.75 -127.42
N THR M 931 -49.13 -33.67 -126.92
CA THR M 931 -48.55 -34.80 -126.23
C THR M 931 -47.81 -35.69 -127.23
N PRO M 932 -46.66 -36.24 -126.83
CA PRO M 932 -45.97 -37.19 -127.71
C PRO M 932 -46.83 -38.42 -127.96
N ALA M 933 -46.71 -38.96 -129.17
CA ALA M 933 -47.48 -40.14 -129.53
C ALA M 933 -46.82 -41.39 -128.98
N ARG M 934 -47.28 -42.56 -129.39
CA ARG M 934 -46.70 -43.81 -128.95
C ARG M 934 -46.93 -44.01 -127.46
N LYS N 35 -61.70 -19.49 -54.38
CA LYS N 35 -62.03 -19.95 -53.04
C LYS N 35 -61.83 -21.45 -52.97
N SER N 36 -62.25 -22.14 -54.03
CA SER N 36 -61.89 -23.54 -54.16
C SER N 36 -60.38 -23.73 -54.23
N LEU N 37 -59.67 -22.81 -54.88
CA LEU N 37 -58.22 -22.88 -54.91
C LEU N 37 -57.66 -22.98 -53.50
N ARG N 38 -58.05 -22.06 -52.62
CA ARG N 38 -57.59 -22.09 -51.23
C ARG N 38 -58.10 -23.33 -50.52
N ASP N 39 -59.30 -23.79 -50.87
CA ASP N 39 -59.81 -25.02 -50.28
C ASP N 39 -58.87 -26.18 -50.54
N GLN N 40 -58.55 -26.41 -51.80
CA GLN N 40 -57.66 -27.53 -52.14
C GLN N 40 -56.28 -27.31 -51.57
N LEU N 41 -55.83 -26.05 -51.51
CA LEU N 41 -54.55 -25.77 -50.88
C LEU N 41 -54.55 -26.21 -49.42
N VAL N 42 -55.56 -25.78 -48.66
CA VAL N 42 -55.60 -26.11 -47.24
C VAL N 42 -55.63 -27.62 -47.07
N GLU N 43 -56.49 -28.29 -47.84
CA GLU N 43 -56.58 -29.74 -47.74
C GLU N 43 -55.23 -30.38 -48.05
N SER N 44 -54.56 -29.92 -49.10
CA SER N 44 -53.30 -30.52 -49.49
C SER N 44 -52.25 -30.37 -48.40
N ILE N 45 -52.01 -29.16 -47.93
CA ILE N 45 -50.96 -28.96 -46.93
C ILE N 45 -51.31 -29.67 -45.64
N ARG N 46 -52.60 -29.69 -45.28
CA ARG N 46 -53.01 -30.58 -44.21
C ARG N 46 -52.51 -31.99 -44.51
N ASN N 47 -52.61 -32.41 -45.76
CA ASN N 47 -52.02 -33.65 -46.24
C ASN N 47 -50.58 -33.46 -46.65
N SER N 48 -49.76 -32.87 -45.79
CA SER N 48 -48.37 -32.63 -46.11
C SER N 48 -47.51 -32.95 -44.90
N ILE N 49 -48.16 -33.29 -43.80
CA ILE N 49 -47.47 -33.38 -42.52
C ILE N 49 -47.41 -34.81 -41.98
N ALA N 50 -48.35 -35.66 -42.36
CA ALA N 50 -48.41 -37.02 -41.83
C ALA N 50 -47.08 -37.75 -41.98
N ARG N 69 -38.22 -29.86 -51.30
CA ARG N 69 -38.43 -29.08 -50.09
C ARG N 69 -39.85 -29.22 -49.56
N ASN N 70 -40.19 -28.35 -48.62
CA ASN N 70 -41.52 -28.33 -48.03
C ASN N 70 -42.21 -27.00 -48.33
N VAL N 71 -42.04 -26.52 -49.55
CA VAL N 71 -42.41 -25.16 -49.92
C VAL N 71 -43.52 -25.22 -50.96
N PHE N 72 -44.62 -24.53 -50.69
CA PHE N 72 -45.70 -24.36 -51.64
C PHE N 72 -45.64 -22.94 -52.19
N PHE N 73 -46.06 -22.77 -53.44
CA PHE N 73 -45.98 -21.47 -54.07
C PHE N 73 -47.27 -21.17 -54.81
N VAL N 74 -47.62 -19.89 -54.89
CA VAL N 74 -48.84 -19.42 -55.54
C VAL N 74 -48.44 -18.43 -56.61
N ASP N 75 -48.69 -18.77 -57.87
CA ASP N 75 -48.48 -17.86 -58.97
C ASP N 75 -49.69 -16.97 -59.17
N GLY N 76 -49.45 -15.73 -59.60
CA GLY N 76 -50.53 -14.79 -59.84
C GLY N 76 -50.23 -13.82 -60.97
N GLY N 81 -56.11 -11.24 -55.93
CA GLY N 81 -54.70 -10.96 -55.84
C GLY N 81 -53.96 -11.99 -55.00
N LYS N 82 -52.65 -12.08 -55.23
CA LYS N 82 -51.83 -13.05 -54.50
C LYS N 82 -51.94 -12.84 -52.99
N THR N 83 -51.80 -11.59 -52.56
CA THR N 83 -51.87 -11.27 -51.13
C THR N 83 -53.24 -11.58 -50.56
N THR N 84 -54.30 -11.23 -51.31
CA THR N 84 -55.64 -11.54 -50.85
C THR N 84 -55.81 -13.03 -50.65
N PHE N 85 -55.37 -13.83 -51.64
CA PHE N 85 -55.50 -15.28 -51.55
C PHE N 85 -54.70 -15.83 -50.38
N ILE N 86 -53.49 -15.31 -50.18
CA ILE N 86 -52.66 -15.82 -49.11
C ILE N 86 -53.26 -15.50 -47.75
N ASN N 87 -53.77 -14.29 -47.59
CA ASN N 87 -54.46 -13.95 -46.34
C ASN N 87 -55.66 -14.85 -46.14
N SER N 88 -56.40 -15.11 -47.22
CA SER N 88 -57.54 -16.02 -47.14
C SER N 88 -57.10 -17.38 -46.63
N VAL N 89 -56.04 -17.93 -47.23
CA VAL N 89 -55.56 -19.24 -46.81
C VAL N 89 -55.15 -19.21 -45.35
N VAL N 90 -54.43 -18.17 -44.95
CA VAL N 90 -53.99 -18.05 -43.57
C VAL N 90 -55.18 -18.10 -42.62
N LYS N 91 -56.17 -17.25 -42.86
CA LYS N 91 -57.35 -17.25 -41.98
C LYS N 91 -58.01 -18.62 -42.00
N SER N 92 -58.13 -19.23 -43.17
CA SER N 92 -58.65 -20.58 -43.27
C SER N 92 -57.90 -21.54 -42.36
N LEU N 93 -56.58 -21.36 -42.25
CA LEU N 93 -55.79 -22.16 -41.35
C LEU N 93 -55.92 -21.69 -39.91
N ASN N 94 -56.53 -20.54 -39.69
CA ASN N 94 -56.73 -20.01 -38.36
C ASN N 94 -55.39 -19.64 -37.74
N VAL N 102 -53.95 -33.01 -37.17
CA VAL N 102 -54.19 -31.91 -38.08
C VAL N 102 -53.81 -30.58 -37.44
N ASN N 103 -53.03 -30.65 -36.36
CA ASN N 103 -52.64 -29.47 -35.61
C ASN N 103 -51.38 -28.88 -36.22
N ILE N 104 -51.54 -27.75 -36.91
CA ILE N 104 -50.43 -26.98 -37.46
C ILE N 104 -50.70 -25.52 -37.15
N LYS N 105 -49.64 -24.76 -36.90
CA LYS N 105 -49.78 -23.38 -36.47
C LYS N 105 -49.19 -22.45 -37.52
N CYS N 106 -49.89 -21.37 -37.77
CA CYS N 106 -49.50 -20.38 -38.77
C CYS N 106 -48.94 -19.14 -38.09
N LEU N 107 -48.17 -18.43 -38.84
CA LEU N 107 -47.58 -17.17 -38.43
C LEU N 107 -48.23 -16.02 -39.19
N PRO N 108 -48.33 -14.85 -38.58
CA PRO N 108 -48.73 -13.66 -39.35
C PRO N 108 -47.79 -13.49 -40.53
N THR N 109 -48.37 -13.40 -41.72
CA THR N 109 -47.55 -13.41 -42.93
C THR N 109 -46.49 -12.33 -42.87
N ILE N 110 -45.30 -12.67 -43.36
CA ILE N 110 -44.20 -11.73 -43.45
C ILE N 110 -44.24 -11.09 -44.82
N ASP N 111 -44.32 -9.76 -44.83
CA ASP N 111 -44.20 -8.98 -46.06
C ASP N 111 -42.75 -8.55 -46.22
N PRO N 112 -41.94 -9.29 -46.97
CA PRO N 112 -40.50 -8.95 -47.03
C PRO N 112 -40.23 -7.53 -47.49
N THR N 113 -41.00 -7.03 -48.46
CA THR N 113 -40.79 -5.68 -48.97
C THR N 113 -41.21 -4.61 -47.97
N LYS N 114 -41.66 -5.00 -46.79
CA LYS N 114 -42.11 -4.08 -45.75
C LYS N 114 -41.29 -4.27 -44.49
N LEU N 115 -39.99 -4.44 -44.63
CA LEU N 115 -39.09 -4.72 -43.53
C LEU N 115 -37.85 -3.87 -43.66
N PRO N 116 -37.31 -3.37 -42.55
CA PRO N 116 -36.15 -2.49 -42.63
C PRO N 116 -34.99 -3.14 -43.34
N ARG N 117 -34.21 -2.33 -44.05
CA ARG N 117 -33.24 -2.83 -45.03
C ARG N 117 -32.17 -3.74 -44.45
N HIS N 118 -31.93 -3.72 -43.15
CA HIS N 118 -30.93 -4.62 -42.57
C HIS N 118 -31.51 -5.37 -41.38
N GLU N 119 -32.14 -6.51 -41.64
CA GLU N 119 -32.29 -7.59 -40.67
C GLU N 119 -31.98 -8.88 -41.39
N PRO N 120 -31.84 -9.98 -40.69
CA PRO N 120 -32.00 -11.28 -41.34
C PRO N 120 -33.44 -11.76 -41.24
N ILE N 121 -33.93 -12.27 -42.37
CA ILE N 121 -35.26 -12.84 -42.45
C ILE N 121 -35.44 -13.75 -41.24
N LEU N 122 -34.36 -14.44 -40.87
CA LEU N 122 -34.42 -15.33 -39.72
C LEU N 122 -34.66 -14.59 -38.42
N VAL N 123 -34.03 -13.43 -38.21
CA VAL N 123 -34.32 -12.66 -37.01
C VAL N 123 -35.76 -12.20 -37.01
N THR N 124 -36.27 -11.79 -38.16
CA THR N 124 -37.69 -11.44 -38.23
C THR N 124 -38.54 -12.63 -37.81
N VAL N 125 -38.22 -13.80 -38.34
CA VAL N 125 -38.93 -15.02 -38.00
C VAL N 125 -38.87 -15.27 -36.51
N THR N 126 -37.67 -15.16 -35.96
CA THR N 126 -37.46 -15.43 -34.54
C THR N 126 -38.21 -14.42 -33.68
N ALA N 127 -38.34 -13.18 -34.17
CA ALA N 127 -39.12 -12.20 -33.41
C ALA N 127 -40.58 -12.61 -33.34
N ARG N 128 -41.16 -12.95 -34.47
CA ARG N 128 -42.53 -13.45 -34.42
C ARG N 128 -42.63 -14.71 -33.57
N LEU N 129 -41.62 -15.57 -33.67
CA LEU N 129 -41.59 -16.82 -32.92
C LEU N 129 -41.60 -16.55 -31.42
N ASN N 130 -40.72 -15.66 -30.98
CA ASN N 130 -40.75 -15.20 -29.60
C ASN N 130 -42.14 -14.75 -29.24
N LYS N 131 -42.76 -13.91 -30.08
CA LYS N 131 -44.07 -13.41 -29.75
C LYS N 131 -45.05 -14.53 -29.46
N MET N 132 -45.31 -15.40 -30.45
CA MET N 132 -46.41 -16.34 -30.23
C MET N 132 -46.02 -17.35 -29.16
N VAL N 133 -44.76 -17.75 -29.12
CA VAL N 133 -44.34 -18.69 -28.10
C VAL N 133 -44.56 -18.15 -26.70
N SER N 134 -44.07 -16.95 -26.41
CA SER N 134 -44.34 -16.31 -25.14
C SER N 134 -45.84 -16.16 -24.90
N ASP N 135 -46.60 -15.87 -25.95
CA ASP N 135 -48.04 -15.72 -25.83
C ASP N 135 -48.70 -16.98 -25.30
N LYS N 136 -48.45 -18.12 -25.93
CA LYS N 136 -48.86 -19.39 -25.36
C LYS N 136 -48.19 -19.64 -24.01
N LEU N 137 -47.04 -19.02 -23.78
CA LEU N 137 -46.33 -19.12 -22.51
C LEU N 137 -46.84 -18.15 -21.46
N LYS N 138 -47.06 -16.89 -21.84
CA LYS N 138 -47.76 -15.99 -20.93
C LYS N 138 -49.08 -16.60 -20.50
N GLY N 139 -49.81 -17.20 -21.43
CA GLY N 139 -50.85 -18.13 -21.05
C GLY N 139 -50.22 -19.26 -20.28
N TYR N 140 -50.79 -19.61 -19.12
CA TYR N 140 -50.25 -20.63 -18.24
C TYR N 140 -48.74 -20.50 -18.09
N ARG N 147 -42.60 -21.44 -15.82
CA ARG N 147 -42.76 -22.83 -16.20
C ARG N 147 -41.46 -23.36 -16.78
N LYS N 148 -41.18 -24.64 -16.54
CA LYS N 148 -39.91 -25.23 -16.91
C LYS N 148 -39.63 -25.19 -18.39
N GLN N 149 -40.64 -24.98 -19.23
CA GLN N 149 -40.40 -24.81 -20.64
C GLN N 149 -39.87 -23.41 -20.94
N LYS N 150 -40.29 -22.43 -20.15
CA LYS N 150 -39.94 -21.05 -20.44
C LYS N 150 -38.44 -20.84 -20.38
N GLU N 151 -37.80 -21.24 -19.29
CA GLU N 151 -36.36 -21.07 -19.19
C GLU N 151 -35.62 -21.85 -20.27
N GLN N 152 -36.02 -23.08 -20.54
CA GLN N 152 -35.42 -23.81 -21.64
C GLN N 152 -35.50 -23.04 -22.96
N TRP N 153 -36.64 -22.40 -23.22
CA TRP N 153 -36.81 -21.62 -24.45
C TRP N 153 -35.86 -20.44 -24.52
N GLN N 154 -35.77 -19.64 -23.46
CA GLN N 154 -34.80 -18.57 -23.44
C GLN N 154 -33.38 -19.08 -23.58
N ASN N 155 -33.11 -20.33 -23.19
CA ASN N 155 -31.80 -20.91 -23.44
C ASN N 155 -31.47 -20.89 -24.93
N HIS N 156 -32.34 -21.46 -25.74
CA HIS N 156 -32.10 -21.48 -27.18
C HIS N 156 -32.18 -20.09 -27.77
N LEU N 157 -33.08 -19.25 -27.25
CA LEU N 157 -33.14 -17.88 -27.70
C LEU N 157 -31.80 -17.17 -27.54
N ALA N 158 -31.23 -17.24 -26.34
CA ALA N 158 -29.94 -16.63 -26.07
C ALA N 158 -28.84 -17.26 -26.88
N GLN N 159 -28.84 -18.57 -27.03
CA GLN N 159 -27.81 -19.21 -27.84
C GLN N 159 -27.85 -18.68 -29.27
N LEU N 160 -29.06 -18.61 -29.85
CA LEU N 160 -29.19 -18.12 -31.20
C LEU N 160 -28.73 -16.67 -31.30
N GLN N 161 -29.26 -15.80 -30.44
CA GLN N 161 -28.85 -14.41 -30.47
C GLN N 161 -27.34 -14.29 -30.38
N ARG N 162 -26.74 -14.94 -29.40
CA ARG N 162 -25.29 -14.97 -29.26
C ARG N 162 -24.62 -15.39 -30.55
N GLY N 163 -25.15 -16.40 -31.23
CA GLY N 163 -24.61 -16.82 -32.50
C GLY N 163 -25.34 -16.18 -33.66
N LEU N 164 -25.94 -15.02 -33.40
CA LEU N 164 -26.67 -14.30 -34.44
C LEU N 164 -25.77 -13.46 -35.31
N HIS N 165 -24.64 -12.98 -34.79
CA HIS N 165 -23.74 -12.14 -35.55
C HIS N 165 -23.30 -12.81 -36.85
N LEU N 166 -23.24 -14.14 -36.85
CA LEU N 166 -22.67 -14.88 -37.96
C LEU N 166 -23.13 -14.36 -39.32
N LEU N 167 -24.43 -14.43 -39.58
CA LEU N 167 -24.93 -13.96 -40.87
C LEU N 167 -24.57 -12.50 -41.09
N THR N 168 -24.41 -11.75 -40.00
CA THR N 168 -24.26 -10.31 -40.08
C THR N 168 -22.86 -9.86 -40.48
N ASP N 169 -21.87 -10.20 -39.66
CA ASP N 169 -20.53 -9.60 -39.74
C ASP N 169 -20.00 -9.50 -41.16
N LYS N 170 -19.34 -8.38 -41.46
CA LYS N 170 -18.64 -8.21 -42.73
C LYS N 170 -17.37 -9.03 -42.81
N GLU N 171 -16.86 -9.52 -41.68
CA GLU N 171 -15.64 -10.33 -41.66
C GLU N 171 -15.87 -11.50 -40.70
N TYR N 172 -14.79 -12.18 -40.36
CA TYR N 172 -14.83 -13.20 -39.32
C TYR N 172 -13.96 -12.72 -38.17
N LYS N 173 -14.54 -12.65 -36.98
CA LYS N 173 -13.62 -12.12 -35.99
C LYS N 173 -12.87 -13.23 -35.27
N PRO N 174 -11.55 -13.09 -35.15
CA PRO N 174 -10.73 -14.17 -34.57
C PRO N 174 -11.14 -14.59 -33.17
N GLU N 175 -11.50 -13.64 -32.31
CA GLU N 175 -11.85 -13.99 -30.94
C GLU N 175 -13.07 -14.90 -30.85
N TYR N 176 -13.84 -15.01 -31.93
CA TYR N 176 -15.01 -15.87 -31.96
C TYR N 176 -14.64 -17.35 -31.92
N PHE N 177 -13.36 -17.69 -32.04
CA PHE N 177 -12.95 -19.09 -32.01
C PHE N 177 -13.29 -19.76 -30.69
N SER N 178 -13.06 -19.10 -29.56
CA SER N 178 -13.41 -19.65 -28.27
C SER N 178 -14.91 -19.84 -28.11
N ASP N 179 -15.71 -18.93 -28.64
CA ASP N 179 -17.14 -19.17 -28.70
C ASP N 179 -17.45 -20.41 -29.53
N ALA N 180 -16.78 -20.56 -30.66
CA ALA N 180 -16.93 -21.75 -31.49
C ALA N 180 -16.47 -23.01 -30.79
N LEU N 181 -15.85 -22.90 -29.62
CA LEU N 181 -15.37 -24.04 -28.86
C LEU N 181 -16.04 -24.14 -27.50
N LYS N 182 -17.26 -23.62 -27.38
CA LYS N 182 -18.02 -23.66 -26.14
C LYS N 182 -19.15 -24.66 -26.27
N LEU N 183 -19.29 -25.54 -25.28
CA LEU N 183 -20.39 -26.50 -25.26
C LEU N 183 -20.72 -26.90 -23.82
N SER N 190 -25.14 -31.09 -32.39
CA SER N 190 -24.56 -32.43 -32.40
C SER N 190 -23.81 -32.69 -33.69
N ILE N 191 -23.42 -31.61 -34.39
CA ILE N 191 -22.68 -31.71 -35.64
C ILE N 191 -21.30 -31.13 -35.44
N GLY N 192 -21.15 -30.26 -34.45
CA GLY N 192 -19.90 -29.60 -34.19
C GLY N 192 -19.85 -28.22 -34.80
N GLY N 193 -20.00 -27.18 -33.96
CA GLY N 193 -20.00 -25.81 -34.44
C GLY N 193 -21.16 -24.99 -33.92
N GLN N 194 -21.39 -23.83 -34.53
CA GLN N 194 -22.44 -22.91 -34.13
C GLN N 194 -23.51 -22.85 -35.21
N ASP N 195 -23.86 -24.02 -35.74
CA ASP N 195 -24.83 -24.05 -36.83
C ASP N 195 -26.10 -23.33 -36.42
N LEU N 196 -26.35 -22.20 -37.07
CA LEU N 196 -27.60 -21.50 -36.87
C LEU N 196 -28.78 -22.32 -37.37
N SER N 197 -28.57 -23.16 -38.39
CA SER N 197 -29.62 -24.07 -38.80
C SER N 197 -30.05 -25.00 -37.68
N GLU N 198 -29.10 -25.67 -37.03
CA GLU N 198 -29.46 -26.56 -35.92
C GLU N 198 -30.01 -25.77 -34.74
N ILE N 199 -29.46 -24.59 -34.47
CA ILE N 199 -29.99 -23.78 -33.38
C ILE N 199 -31.44 -23.44 -33.65
N PHE N 200 -31.75 -22.96 -34.84
CA PHE N 200 -33.11 -22.60 -35.24
C PHE N 200 -34.03 -23.81 -35.25
N GLU N 201 -33.51 -24.97 -35.62
CA GLU N 201 -34.32 -26.19 -35.63
C GLU N 201 -34.62 -26.64 -34.21
N GLU N 202 -33.66 -26.49 -33.30
CA GLU N 202 -33.93 -26.73 -31.89
C GLU N 202 -35.00 -25.79 -31.38
N LEU N 203 -34.92 -24.52 -31.76
CA LEU N 203 -36.00 -23.57 -31.48
C LEU N 203 -37.33 -24.07 -31.99
N VAL N 204 -37.36 -24.55 -33.23
CA VAL N 204 -38.59 -25.04 -33.83
C VAL N 204 -39.13 -26.23 -33.03
N LYS N 205 -38.24 -27.12 -32.62
CA LYS N 205 -38.64 -28.27 -31.82
C LYS N 205 -39.28 -27.81 -30.53
N ARG N 206 -38.64 -26.86 -29.86
CA ARG N 206 -39.16 -26.35 -28.60
C ARG N 206 -40.53 -25.73 -28.80
N ALA N 207 -40.67 -24.93 -29.85
CA ALA N 207 -41.94 -24.27 -30.12
C ALA N 207 -43.04 -25.28 -30.44
N CYS N 208 -42.74 -26.29 -31.25
CA CYS N 208 -43.73 -27.30 -31.57
C CYS N 208 -44.16 -28.05 -30.32
N GLU N 209 -43.19 -28.39 -29.47
CA GLU N 209 -43.54 -28.97 -28.18
C GLU N 209 -44.47 -28.06 -27.40
N ILE N 210 -44.08 -26.80 -27.23
CA ILE N 210 -44.82 -25.88 -26.39
C ILE N 210 -46.23 -25.68 -26.89
N LEU N 211 -46.41 -25.44 -28.18
CA LEU N 211 -47.70 -25.11 -28.75
C LEU N 211 -48.44 -26.34 -29.24
N ASP N 212 -47.88 -27.52 -29.04
CA ASP N 212 -48.58 -28.78 -29.24
C ASP N 212 -49.16 -28.87 -30.64
N CYS N 213 -48.40 -28.35 -31.60
CA CYS N 213 -48.80 -28.39 -32.99
C CYS N 213 -47.88 -29.35 -33.73
N LYS N 214 -48.44 -30.02 -34.73
CA LYS N 214 -47.64 -30.93 -35.54
C LYS N 214 -46.53 -30.21 -36.29
N ALA N 215 -46.75 -28.97 -36.70
CA ALA N 215 -45.73 -28.19 -37.37
C ALA N 215 -46.18 -26.74 -37.46
N ILE N 216 -45.38 -25.95 -38.17
CA ILE N 216 -45.68 -24.53 -38.37
C ILE N 216 -45.55 -24.22 -39.85
N LEU N 217 -46.32 -23.24 -40.31
CA LEU N 217 -46.12 -22.69 -41.64
C LEU N 217 -45.43 -21.35 -41.58
N ILE N 218 -44.59 -21.08 -42.55
CA ILE N 218 -43.98 -19.77 -42.77
C ILE N 218 -44.50 -19.20 -44.08
N THR N 219 -45.09 -18.02 -43.99
CA THR N 219 -45.85 -17.44 -45.09
C THR N 219 -45.13 -16.20 -45.58
N PHE N 220 -45.15 -15.99 -46.89
CA PHE N 220 -44.26 -15.02 -47.51
C PHE N 220 -44.99 -14.25 -48.61
N ASP N 221 -44.76 -12.95 -48.63
CA ASP N 221 -45.49 -12.05 -49.52
C ASP N 221 -44.73 -11.83 -50.82
N ASP N 222 -45.45 -11.28 -51.80
CA ASP N 222 -44.83 -10.99 -53.09
C ASP N 222 -43.71 -9.97 -52.92
N ILE N 223 -42.66 -10.14 -53.70
CA ILE N 223 -41.51 -9.25 -53.65
C ILE N 223 -41.51 -8.38 -54.89
N ASP N 224 -42.69 -8.15 -55.47
CA ASP N 224 -42.76 -7.31 -56.66
C ASP N 224 -42.28 -5.90 -56.41
N THR N 225 -42.66 -5.29 -55.29
CA THR N 225 -42.18 -3.97 -54.93
C THR N 225 -40.70 -3.95 -54.60
N GLN N 226 -40.15 -5.08 -54.12
CA GLN N 226 -38.72 -5.21 -53.91
C GLN N 226 -38.32 -6.66 -54.11
N PHE N 227 -37.89 -7.01 -55.32
CA PHE N 227 -37.67 -8.42 -55.62
C PHE N 227 -36.30 -8.89 -55.14
N ASP N 228 -35.45 -7.99 -54.66
CA ASP N 228 -34.14 -8.38 -54.16
C ASP N 228 -34.18 -9.05 -52.80
N ALA N 229 -35.12 -8.65 -51.95
CA ALA N 229 -35.18 -9.21 -50.60
C ALA N 229 -35.51 -10.69 -50.61
N GLY N 230 -36.40 -11.12 -51.51
CA GLY N 230 -36.82 -12.51 -51.49
C GLY N 230 -35.68 -13.49 -51.59
N TRP N 231 -34.61 -13.12 -52.31
CA TRP N 231 -33.37 -13.87 -52.23
C TRP N 231 -33.04 -14.21 -50.79
N ASP N 232 -33.14 -13.22 -49.91
CA ASP N 232 -32.87 -13.41 -48.51
C ASP N 232 -33.79 -14.47 -47.92
N VAL N 233 -35.05 -14.43 -48.31
CA VAL N 233 -36.01 -15.43 -47.86
C VAL N 233 -35.54 -16.82 -48.27
N LEU N 234 -35.07 -16.95 -49.50
CA LEU N 234 -34.64 -18.25 -50.00
C LEU N 234 -33.41 -18.76 -49.24
N GLU N 235 -32.48 -17.86 -48.92
CA GLU N 235 -31.37 -18.30 -48.08
C GLU N 235 -31.84 -18.69 -46.68
N SER N 236 -32.80 -17.97 -46.13
CA SER N 236 -33.49 -18.43 -44.94
C SER N 236 -33.97 -19.86 -45.14
N ILE N 237 -34.57 -20.11 -46.30
CA ILE N 237 -35.05 -21.43 -46.66
C ILE N 237 -33.94 -22.45 -46.48
N ARG N 238 -32.82 -22.25 -47.18
CA ARG N 238 -31.87 -23.33 -47.36
C ARG N 238 -30.93 -23.48 -46.17
N LYS N 239 -30.78 -22.43 -45.38
CA LYS N 239 -29.91 -22.49 -44.22
C LYS N 239 -30.67 -22.69 -42.92
N PHE N 240 -31.98 -22.50 -42.94
CA PHE N 240 -32.78 -22.49 -41.72
C PHE N 240 -34.13 -23.15 -41.89
N PHE N 241 -34.53 -23.47 -43.11
CA PHE N 241 -35.87 -23.95 -43.40
C PHE N 241 -35.88 -25.37 -43.96
N ASN N 242 -34.77 -26.09 -43.82
CA ASN N 242 -34.72 -27.50 -44.21
C ASN N 242 -35.16 -28.38 -43.05
N SER N 243 -36.37 -28.13 -42.58
CA SER N 243 -36.90 -28.74 -41.37
C SER N 243 -38.04 -29.69 -41.71
N ARG N 244 -38.24 -30.66 -40.84
CA ARG N 244 -39.37 -31.57 -40.94
C ARG N 244 -40.60 -31.04 -40.20
N LYS N 245 -40.48 -29.88 -39.55
CA LYS N 245 -41.53 -29.32 -38.74
C LYS N 245 -42.01 -27.97 -39.26
N LEU N 246 -41.49 -27.55 -40.41
CA LEU N 246 -41.89 -26.31 -41.03
C LEU N 246 -42.28 -26.55 -42.48
N VAL N 247 -43.42 -25.98 -42.86
CA VAL N 247 -43.83 -25.88 -44.25
C VAL N 247 -43.76 -24.42 -44.62
N VAL N 248 -43.66 -24.12 -45.90
CA VAL N 248 -43.56 -22.75 -46.37
C VAL N 248 -44.65 -22.50 -47.41
N VAL N 249 -45.03 -21.24 -47.54
CA VAL N 249 -45.98 -20.82 -48.56
C VAL N 249 -45.56 -19.46 -49.08
N ALA N 250 -45.05 -19.43 -50.30
CA ALA N 250 -44.64 -18.21 -50.99
C ALA N 250 -45.59 -17.91 -52.12
N THR N 251 -45.48 -16.70 -52.67
CA THR N 251 -46.36 -16.26 -53.73
C THR N 251 -45.65 -15.23 -54.60
N GLY N 252 -46.07 -15.15 -55.85
CA GLY N 252 -45.53 -14.17 -56.77
C GLY N 252 -45.28 -14.79 -58.13
N ASP N 253 -44.31 -14.22 -58.83
CA ASP N 253 -43.89 -14.70 -60.14
C ASP N 253 -42.55 -15.40 -60.01
N LEU N 254 -42.52 -16.69 -60.33
CA LEU N 254 -41.25 -17.39 -60.36
C LEU N 254 -40.30 -16.78 -61.39
N ARG N 255 -40.83 -16.01 -62.34
CA ARG N 255 -39.99 -15.27 -63.27
C ARG N 255 -38.98 -14.40 -62.54
N LEU N 256 -39.46 -13.60 -61.59
CA LEU N 256 -38.59 -12.73 -60.81
C LEU N 256 -37.62 -13.51 -59.93
N TYR N 257 -38.10 -14.58 -59.28
CA TYR N 257 -37.18 -15.46 -58.58
C TYR N 257 -36.07 -15.95 -59.50
N SER N 258 -36.42 -16.23 -60.76
CA SER N 258 -35.46 -16.74 -61.72
C SER N 258 -34.37 -15.72 -61.99
N GLN N 259 -34.74 -14.48 -62.34
CA GLN N 259 -33.62 -13.58 -62.60
C GLN N 259 -32.84 -13.30 -61.33
N LEU N 260 -33.51 -13.30 -60.19
CA LEU N 260 -32.84 -13.14 -58.90
C LEU N 260 -31.74 -14.17 -58.72
N ILE N 261 -32.09 -15.44 -58.87
CA ILE N 261 -31.13 -16.50 -58.61
C ILE N 261 -30.06 -16.52 -59.68
N ARG N 262 -30.46 -16.37 -60.95
CA ARG N 262 -29.45 -16.27 -62.01
C ARG N 262 -28.49 -15.12 -61.75
N GLY N 263 -29.02 -13.93 -61.44
CA GLY N 263 -28.17 -12.80 -61.16
C GLY N 263 -27.22 -13.06 -60.01
N LYS N 264 -27.72 -13.62 -58.92
CA LYS N 264 -26.85 -14.06 -57.85
C LYS N 264 -25.74 -14.95 -58.37
N GLN N 265 -26.07 -15.87 -59.26
CA GLN N 265 -25.11 -16.83 -59.78
C GLN N 265 -23.94 -16.13 -60.46
N TYR N 266 -24.22 -15.23 -61.39
CA TYR N 266 -23.17 -14.45 -62.01
C TYR N 266 -22.34 -13.71 -60.99
N GLU N 267 -22.93 -13.35 -59.86
CA GLU N 267 -22.22 -12.72 -58.76
C GLU N 267 -21.17 -13.64 -58.16
N ASN N 268 -21.26 -14.94 -58.44
CA ASN N 268 -20.22 -15.86 -58.05
C ASN N 268 -19.04 -15.89 -59.03
N TYR N 269 -19.23 -15.38 -60.24
CA TYR N 269 -18.12 -15.30 -61.19
C TYR N 269 -17.06 -14.34 -60.70
N SER N 270 -15.82 -14.61 -61.10
CA SER N 270 -14.73 -13.68 -60.88
C SER N 270 -14.72 -12.65 -62.00
N LYS N 271 -14.72 -11.38 -61.62
CA LYS N 271 -14.76 -10.32 -62.62
C LYS N 271 -13.61 -10.46 -63.62
N THR N 272 -12.37 -10.34 -63.16
CA THR N 272 -11.23 -10.41 -64.06
C THR N 272 -11.46 -11.46 -65.13
N LEU N 273 -11.92 -12.64 -64.73
CA LEU N 273 -12.29 -13.66 -65.71
C LEU N 273 -13.34 -13.13 -66.67
N LEU N 274 -14.38 -12.47 -66.16
CA LEU N 274 -15.44 -12.03 -67.04
C LEU N 274 -14.94 -11.02 -68.07
N GLU N 275 -14.20 -10.00 -67.64
CA GLU N 275 -13.69 -9.03 -68.61
C GLU N 275 -12.47 -9.52 -69.37
N GLN N 276 -11.95 -10.69 -69.07
CA GLN N 276 -10.91 -11.25 -69.91
C GLN N 276 -11.44 -12.20 -70.96
N GLU N 277 -12.16 -13.24 -70.55
CA GLU N 277 -12.57 -14.32 -71.41
C GLU N 277 -13.98 -14.06 -71.95
N LYS N 278 -14.12 -13.10 -72.86
CA LYS N 278 -15.40 -12.45 -73.11
C LYS N 278 -15.92 -12.60 -74.54
N GLU N 279 -15.66 -13.72 -75.24
CA GLU N 279 -16.36 -13.84 -76.50
C GLU N 279 -17.29 -15.04 -76.52
N SER N 280 -17.89 -15.27 -77.70
CA SER N 280 -19.11 -16.06 -77.82
C SER N 280 -18.98 -17.44 -77.20
N VAL N 281 -17.89 -18.15 -77.46
CA VAL N 281 -17.80 -19.55 -77.06
C VAL N 281 -18.07 -19.71 -75.56
N ARG N 282 -17.16 -19.17 -74.73
CA ARG N 282 -17.40 -19.29 -73.30
C ARG N 282 -18.47 -18.37 -72.77
N LEU N 283 -18.77 -17.25 -73.41
CA LEU N 283 -19.91 -16.50 -72.91
C LEU N 283 -21.17 -17.35 -72.96
N ALA N 284 -21.39 -18.05 -74.07
CA ALA N 284 -22.56 -18.89 -74.21
C ALA N 284 -22.48 -20.10 -73.28
N GLU N 285 -21.31 -20.71 -73.16
CA GLU N 285 -21.21 -21.86 -72.25
C GLU N 285 -21.42 -21.44 -70.80
N ARG N 286 -20.95 -20.25 -70.42
CA ARG N 286 -21.22 -19.69 -69.11
C ARG N 286 -22.69 -19.44 -68.90
N GLY N 287 -23.37 -18.87 -69.88
CA GLY N 287 -24.81 -18.75 -69.80
C GLY N 287 -25.48 -20.08 -69.61
N TYR N 288 -25.01 -21.09 -70.34
CA TYR N 288 -25.57 -22.44 -70.20
C TYR N 288 -25.39 -22.97 -68.78
N MET N 289 -24.17 -22.90 -68.26
CA MET N 289 -23.91 -23.42 -66.91
C MET N 289 -24.72 -22.66 -65.87
N VAL N 290 -24.77 -21.33 -65.99
CA VAL N 290 -25.52 -20.53 -65.04
C VAL N 290 -27.00 -20.84 -65.09
N GLU N 291 -27.58 -20.98 -66.28
CA GLU N 291 -28.98 -21.35 -66.38
C GLU N 291 -29.24 -22.75 -65.86
N HIS N 292 -28.34 -23.70 -66.15
CA HIS N 292 -28.41 -25.02 -65.55
C HIS N 292 -28.47 -24.99 -64.04
N LEU N 293 -27.57 -24.24 -63.42
CA LEU N 293 -27.58 -24.08 -61.98
C LEU N 293 -28.84 -23.39 -61.50
N GLU N 294 -29.26 -22.35 -62.21
CA GLU N 294 -30.53 -21.69 -61.92
C GLU N 294 -31.64 -22.71 -61.84
N GLN N 295 -31.70 -23.61 -62.82
CA GLN N 295 -32.80 -24.55 -62.88
C GLN N 295 -32.71 -25.58 -61.77
N GLN N 296 -31.58 -26.29 -61.68
CA GLN N 296 -31.33 -27.23 -60.61
C GLN N 296 -31.60 -26.62 -59.24
N TYR N 297 -31.42 -25.32 -59.14
CA TYR N 297 -31.52 -24.55 -57.91
C TYR N 297 -32.96 -24.24 -57.54
N LEU N 298 -33.64 -23.44 -58.36
CA LEU N 298 -35.03 -23.11 -58.10
C LEU N 298 -35.89 -24.38 -58.10
N LEU N 299 -35.52 -25.37 -58.90
CA LEU N 299 -36.34 -26.58 -58.95
C LEU N 299 -36.41 -27.23 -57.58
N LYS N 300 -35.26 -27.48 -56.96
CA LYS N 300 -35.28 -28.04 -55.62
C LYS N 300 -35.90 -27.05 -54.64
N LEU N 301 -35.74 -25.76 -54.91
CA LEU N 301 -36.31 -24.74 -54.04
C LEU N 301 -37.82 -24.81 -53.96
N PHE N 302 -38.47 -25.03 -55.09
CA PHE N 302 -39.94 -25.10 -55.20
C PHE N 302 -40.30 -26.42 -55.84
N PRO N 303 -40.56 -27.45 -55.03
CA PRO N 303 -41.01 -28.73 -55.60
C PRO N 303 -42.31 -28.55 -56.38
N VAL N 304 -42.38 -29.21 -57.54
CA VAL N 304 -43.46 -28.97 -58.47
C VAL N 304 -44.81 -29.21 -57.84
N GLN N 305 -44.94 -30.28 -57.06
CA GLN N 305 -46.22 -30.64 -56.48
C GLN N 305 -46.77 -29.54 -55.60
N LYS N 306 -45.91 -28.65 -55.11
CA LYS N 306 -46.33 -27.70 -54.09
C LYS N 306 -46.69 -26.32 -54.62
N ARG N 307 -46.64 -26.09 -55.94
CA ARG N 307 -47.13 -24.83 -56.46
C ARG N 307 -48.64 -24.93 -56.69
N ILE N 308 -49.36 -23.87 -56.37
CA ILE N 308 -50.78 -23.75 -56.68
C ILE N 308 -50.93 -22.75 -57.82
N GLN N 309 -51.56 -23.18 -58.91
CA GLN N 309 -51.73 -22.30 -60.06
C GLN N 309 -52.62 -21.11 -59.71
N LEU N 310 -53.72 -21.36 -59.01
CA LEU N 310 -54.69 -20.31 -58.75
C LEU N 310 -55.38 -19.91 -60.05
N LYS N 311 -56.70 -20.09 -60.12
CA LYS N 311 -57.39 -19.90 -61.38
C LYS N 311 -57.60 -18.42 -61.67
N THR N 312 -57.28 -18.02 -62.90
CA THR N 312 -57.30 -16.62 -63.30
C THR N 312 -58.75 -16.15 -63.37
N MET N 313 -58.96 -14.84 -63.54
CA MET N 313 -60.32 -14.31 -63.58
C MET N 313 -61.08 -14.82 -64.80
N LEU N 314 -60.51 -14.68 -65.99
CA LEU N 314 -61.20 -15.13 -67.19
C LEU N 314 -61.48 -16.63 -67.18
N GLN N 315 -60.63 -17.43 -66.55
CA GLN N 315 -60.89 -18.85 -66.38
C GLN N 315 -61.75 -19.12 -65.16
N LEU N 316 -62.02 -18.08 -64.38
CA LEU N 316 -63.05 -18.09 -63.35
C LEU N 316 -64.42 -17.93 -63.98
N VAL N 317 -64.47 -17.67 -65.28
CA VAL N 317 -65.68 -17.19 -65.94
C VAL N 317 -65.76 -17.77 -67.35
N GLY N 318 -66.98 -17.93 -67.86
CA GLY N 318 -67.18 -18.40 -69.22
C GLY N 318 -66.53 -17.49 -70.26
N GLU N 319 -65.69 -18.08 -71.11
CA GLU N 319 -65.07 -17.30 -72.16
C GLU N 319 -66.12 -16.67 -73.07
N LYS N 320 -67.09 -17.47 -73.52
CA LYS N 320 -68.18 -16.97 -74.33
C LYS N 320 -69.49 -17.64 -73.94
N GLY N 321 -69.61 -18.02 -72.67
CA GLY N 321 -70.83 -18.63 -72.15
C GLY N 321 -70.85 -20.14 -72.22
N LYS N 322 -69.90 -20.76 -72.92
CA LYS N 322 -69.75 -22.21 -72.92
C LYS N 322 -68.93 -22.67 -71.73
N ALA N 323 -68.87 -21.81 -70.72
CA ALA N 323 -68.10 -21.97 -69.50
C ALA N 323 -68.86 -21.28 -68.38
N GLY N 324 -68.18 -20.91 -67.31
CA GLY N 324 -68.87 -20.26 -66.22
C GLY N 324 -68.70 -20.95 -64.88
N LYS N 325 -67.53 -21.55 -64.67
CA LYS N 325 -67.22 -22.19 -63.41
C LYS N 325 -67.21 -21.09 -62.34
N GLU N 326 -68.27 -21.07 -61.54
CA GLU N 326 -68.42 -20.07 -60.48
C GLU N 326 -68.43 -18.64 -61.00
N GLU N 327 -69.49 -18.26 -61.72
CA GLU N 327 -69.66 -16.88 -62.13
C GLU N 327 -69.40 -15.94 -60.95
N ILE N 328 -68.89 -14.76 -61.25
CA ILE N 328 -68.49 -13.81 -60.21
C ILE N 328 -69.62 -12.83 -59.90
N LYS N 329 -70.04 -12.04 -60.89
CA LYS N 329 -71.09 -11.05 -60.70
C LYS N 329 -70.56 -9.85 -59.94
N VAL N 330 -70.86 -8.64 -60.41
CA VAL N 330 -70.36 -7.42 -59.77
C VAL N 330 -71.50 -6.42 -59.66
N LYS N 331 -71.31 -5.44 -58.77
CA LYS N 331 -72.31 -4.43 -58.51
C LYS N 331 -71.84 -3.09 -59.10
N THR N 332 -72.56 -2.58 -60.09
CA THR N 332 -72.17 -1.36 -60.77
C THR N 332 -72.65 -0.09 -60.06
N GLU N 333 -73.78 -0.16 -59.37
CA GLU N 333 -74.30 0.99 -58.66
C GLU N 333 -73.97 0.86 -57.18
N PRO N 334 -74.25 1.87 -56.38
CA PRO N 334 -74.10 1.71 -54.93
C PRO N 334 -75.20 0.83 -54.36
N SER N 335 -76.40 0.92 -54.92
CA SER N 335 -77.54 0.19 -54.36
C SER N 335 -77.33 -1.31 -54.54
N MET N 336 -77.36 -1.78 -55.78
CA MET N 336 -76.91 -3.12 -56.16
C MET N 336 -77.23 -4.15 -55.07
N GLN N 337 -78.51 -4.30 -54.71
CA GLN N 337 -78.89 -5.06 -53.52
C GLN N 337 -78.78 -6.56 -53.80
N ASP N 338 -77.59 -6.97 -54.24
CA ASP N 338 -77.24 -8.38 -54.36
C ASP N 338 -78.00 -9.07 -55.48
N ILE N 339 -78.91 -8.34 -56.13
CA ILE N 339 -79.62 -8.88 -57.29
C ILE N 339 -79.48 -8.00 -58.51
N ASP N 340 -79.27 -6.70 -58.31
CA ASP N 340 -79.01 -5.79 -59.42
C ASP N 340 -77.54 -5.73 -59.80
N ALA N 341 -76.68 -6.47 -59.10
CA ALA N 341 -75.29 -6.57 -59.52
C ALA N 341 -75.23 -7.04 -60.96
N ILE N 342 -74.58 -6.25 -61.82
CA ILE N 342 -74.64 -6.49 -63.25
C ILE N 342 -73.53 -7.44 -63.67
N ASP N 343 -73.75 -8.73 -63.44
CA ASP N 343 -72.84 -9.80 -63.85
C ASP N 343 -71.40 -9.33 -63.70
N VAL N 344 -70.51 -9.83 -64.54
CA VAL N 344 -69.20 -9.24 -64.74
C VAL N 344 -69.00 -9.07 -66.24
N ARG N 345 -69.18 -10.17 -66.97
CA ARG N 345 -68.96 -10.18 -68.41
C ARG N 345 -69.92 -9.23 -69.13
N GLN N 346 -71.20 -9.25 -68.74
CA GLN N 346 -72.16 -8.37 -69.37
C GLN N 346 -71.87 -6.90 -69.11
N ALA N 347 -71.48 -6.54 -67.89
CA ALA N 347 -71.09 -5.17 -67.59
C ALA N 347 -69.88 -4.74 -68.41
N ILE N 348 -68.88 -5.62 -68.51
CA ILE N 348 -67.73 -5.31 -69.35
C ILE N 348 -68.15 -5.12 -70.80
N GLY N 349 -69.04 -5.98 -71.30
CA GLY N 349 -69.50 -5.86 -72.66
C GLY N 349 -70.22 -4.55 -72.90
N ASP N 350 -71.07 -4.14 -71.97
CA ASP N 350 -71.70 -2.83 -72.07
C ASP N 350 -70.64 -1.75 -72.12
N ALA N 351 -69.73 -1.74 -71.15
CA ALA N 351 -68.71 -0.71 -71.10
C ALA N 351 -67.99 -0.60 -72.44
N VAL N 352 -67.53 -1.72 -73.00
CA VAL N 352 -66.80 -1.66 -74.26
C VAL N 352 -67.71 -1.22 -75.40
N ARG N 353 -68.87 -1.87 -75.54
CA ARG N 353 -69.74 -1.61 -76.68
C ARG N 353 -70.16 -0.16 -76.73
N GLU N 354 -70.91 0.31 -75.73
CA GLU N 354 -71.38 1.69 -75.80
C GLU N 354 -70.35 2.68 -75.31
N GLY N 355 -69.19 2.21 -74.85
CA GLY N 355 -68.07 3.09 -74.62
C GLY N 355 -67.18 3.11 -75.84
N LEU N 356 -67.36 2.11 -76.69
CA LEU N 356 -66.74 2.06 -78.00
C LEU N 356 -67.76 2.24 -79.12
N ASN N 357 -69.03 2.45 -78.78
CA ASN N 357 -70.07 2.53 -79.79
C ASN N 357 -69.94 1.28 -80.65
N LEU N 358 -70.01 0.12 -80.03
CA LEU N 358 -69.37 -1.06 -80.58
C LEU N 358 -70.30 -2.22 -80.93
N ARG N 359 -71.59 -2.14 -80.62
CA ARG N 359 -72.50 -3.21 -81.00
C ARG N 359 -72.11 -4.50 -80.29
N GLU N 360 -72.91 -5.55 -80.45
CA GLU N 360 -72.67 -6.82 -79.75
C GLU N 360 -72.05 -7.88 -80.66
N GLY N 361 -71.15 -7.48 -81.56
CA GLY N 361 -70.43 -8.46 -82.33
C GLY N 361 -69.38 -9.14 -81.48
N SER N 362 -68.66 -10.10 -82.07
CA SER N 362 -67.65 -10.86 -81.33
C SER N 362 -66.38 -10.06 -81.09
N ASP N 363 -66.07 -9.10 -81.96
CA ASP N 363 -64.87 -8.30 -81.76
C ASP N 363 -64.93 -7.56 -80.44
N ALA N 364 -66.07 -6.93 -80.15
CA ALA N 364 -66.30 -6.40 -78.81
C ALA N 364 -66.23 -7.52 -77.79
N ASP N 365 -66.81 -8.67 -78.11
CA ASP N 365 -66.74 -9.83 -77.25
C ASP N 365 -65.28 -10.20 -77.01
N MET N 366 -64.52 -10.32 -78.10
CA MET N 366 -63.13 -10.71 -78.00
C MET N 366 -62.33 -9.60 -77.32
N TYR N 367 -62.67 -8.34 -77.58
CA TYR N 367 -62.08 -7.26 -76.80
C TYR N 367 -62.24 -7.51 -75.31
N VAL N 368 -63.48 -7.57 -74.83
CA VAL N 368 -63.73 -7.73 -73.41
C VAL N 368 -63.12 -9.00 -72.84
N ASN N 369 -63.01 -10.05 -73.65
CA ASN N 369 -62.24 -11.19 -73.18
C ASN N 369 -60.78 -10.83 -72.96
N GLU N 370 -60.18 -10.09 -73.89
CA GLU N 370 -58.80 -9.61 -73.76
C GLU N 370 -58.76 -8.36 -72.88
N LEU N 371 -59.87 -8.08 -72.21
CA LEU N 371 -59.93 -7.03 -71.21
C LEU N 371 -60.01 -7.67 -69.84
N LEU N 372 -60.65 -8.83 -69.79
CA LEU N 372 -60.70 -9.68 -68.61
C LEU N 372 -59.45 -10.55 -68.46
N LYS N 373 -58.61 -10.60 -69.49
CA LYS N 373 -57.32 -11.28 -69.38
C LYS N 373 -56.29 -10.43 -68.66
N GLN N 374 -56.62 -9.20 -68.33
CA GLN N 374 -55.67 -8.29 -67.71
C GLN N 374 -55.50 -8.61 -66.23
N PRO N 375 -54.49 -8.06 -65.58
CA PRO N 375 -54.32 -8.27 -64.14
C PRO N 375 -55.56 -7.85 -63.37
N VAL N 376 -55.88 -8.60 -62.32
CA VAL N 376 -57.13 -8.39 -61.60
C VAL N 376 -57.25 -6.95 -61.12
N ARG N 377 -56.20 -6.41 -60.50
CA ARG N 377 -56.25 -5.05 -60.03
C ARG N 377 -56.50 -4.06 -61.15
N LEU N 378 -55.81 -4.23 -62.28
CA LEU N 378 -55.99 -3.34 -63.42
C LEU N 378 -57.44 -3.29 -63.87
N LEU N 379 -58.03 -4.46 -64.14
CA LEU N 379 -59.41 -4.53 -64.59
C LEU N 379 -60.39 -4.01 -63.55
N MET N 380 -60.20 -4.36 -62.27
CA MET N 380 -61.07 -3.88 -61.23
C MET N 380 -61.04 -2.37 -61.09
N GLN N 381 -59.85 -1.77 -61.13
CA GLN N 381 -59.71 -0.32 -61.11
C GLN N 381 -60.37 0.35 -62.31
N VAL N 382 -60.10 -0.14 -63.52
CA VAL N 382 -60.67 0.51 -64.69
C VAL N 382 -62.17 0.28 -64.81
N LEU N 383 -62.71 -0.75 -64.17
CA LEU N 383 -64.15 -0.99 -64.20
C LEU N 383 -64.81 -0.45 -62.95
N GLN N 384 -64.00 0.02 -62.01
CA GLN N 384 -64.53 0.53 -60.75
C GLN N 384 -64.55 2.05 -60.80
N ASP N 385 -63.71 2.63 -61.64
CA ASP N 385 -63.76 4.06 -61.89
C ASP N 385 -64.77 4.44 -62.97
N PHE N 386 -64.84 3.68 -64.07
CA PHE N 386 -65.73 4.06 -65.15
C PHE N 386 -67.18 4.17 -64.67
N TYR N 387 -67.68 3.13 -64.01
CA TYR N 387 -69.05 3.19 -63.52
C TYR N 387 -69.19 4.19 -62.39
N THR N 388 -68.12 4.38 -61.62
CA THR N 388 -68.14 5.40 -60.57
C THR N 388 -68.47 6.77 -61.14
N LYS N 389 -67.69 7.20 -62.14
CA LYS N 389 -67.93 8.48 -62.77
C LYS N 389 -69.21 8.48 -63.61
N LYS N 390 -69.60 7.34 -64.16
CA LYS N 390 -70.87 7.26 -64.88
C LYS N 390 -72.04 7.59 -63.95
N TYR N 391 -72.06 6.98 -62.77
CA TYR N 391 -73.07 7.32 -61.78
C TYR N 391 -72.94 8.76 -61.32
N HIS N 392 -71.70 9.22 -61.12
CA HIS N 392 -71.49 10.62 -60.74
C HIS N 392 -72.17 11.57 -61.71
N ALA N 393 -71.94 11.36 -63.02
CA ALA N 393 -72.54 12.21 -64.03
C ALA N 393 -74.05 12.01 -64.12
N THR N 394 -74.53 10.78 -63.95
CA THR N 394 -75.95 10.49 -63.94
C THR N 394 -76.63 11.10 -62.73
N SER N 395 -75.84 11.56 -61.77
CA SER N 395 -76.37 12.17 -60.56
C SER N 395 -77.12 11.13 -59.74
N SER N 412 -70.93 11.48 -71.72
CA SER N 412 -70.44 10.50 -72.70
C SER N 412 -69.90 9.25 -72.01
N VAL N 413 -70.19 8.09 -72.58
CA VAL N 413 -69.60 6.84 -72.14
C VAL N 413 -68.20 6.72 -72.75
N PRO N 414 -68.02 7.05 -74.03
CA PRO N 414 -66.69 6.95 -74.64
C PRO N 414 -65.63 7.85 -74.02
N ASN N 415 -66.02 8.95 -73.38
CA ASN N 415 -65.06 9.78 -72.68
C ASN N 415 -64.81 9.30 -71.25
N LEU N 416 -65.86 8.85 -70.55
CA LEU N 416 -65.65 8.20 -69.27
C LEU N 416 -64.71 7.02 -69.38
N LEU N 417 -65.00 6.09 -70.28
CA LEU N 417 -64.18 4.89 -70.43
C LEU N 417 -62.77 5.21 -70.87
N ARG N 418 -62.59 6.23 -71.72
CA ARG N 418 -61.27 6.71 -72.07
C ARG N 418 -60.52 7.28 -70.87
N ASN N 419 -61.20 7.99 -69.98
CA ASN N 419 -60.59 8.43 -68.74
C ASN N 419 -60.16 7.27 -67.86
N ALA N 420 -60.93 6.18 -67.85
CA ALA N 420 -60.54 4.99 -67.11
C ALA N 420 -59.31 4.34 -67.73
N LEU N 421 -59.31 4.19 -69.06
CA LEU N 421 -58.14 3.64 -69.73
C LEU N 421 -56.90 4.48 -69.47
N TYR N 422 -57.04 5.81 -69.52
CA TYR N 422 -55.90 6.69 -69.34
C TYR N 422 -55.29 6.51 -67.96
N GLY N 423 -56.10 6.60 -66.91
CA GLY N 423 -55.61 6.40 -65.57
C GLY N 423 -55.18 4.99 -65.25
N SER N 424 -55.64 4.02 -66.03
CA SER N 424 -55.24 2.63 -65.84
C SER N 424 -53.94 2.28 -66.53
N MET N 425 -53.66 2.86 -67.69
CA MET N 425 -52.59 2.40 -68.56
C MET N 425 -51.59 3.49 -68.91
N LEU N 426 -51.69 4.66 -68.25
CA LEU N 426 -50.81 5.77 -68.58
C LEU N 426 -49.37 5.33 -68.76
N SER N 427 -48.90 4.44 -67.90
CA SER N 427 -47.52 3.95 -68.03
C SER N 427 -47.31 3.27 -69.37
N ASN N 428 -48.25 2.42 -69.77
CA ASN N 428 -48.14 1.78 -71.07
C ASN N 428 -48.12 2.81 -72.18
N ILE N 429 -49.14 3.68 -72.21
CA ILE N 429 -49.20 4.71 -73.24
C ILE N 429 -48.01 5.65 -73.15
N TYR N 430 -47.61 6.03 -71.94
CA TYR N 430 -46.49 6.95 -71.76
C TYR N 430 -45.19 6.36 -72.30
N ARG N 431 -44.91 5.10 -71.97
CA ARG N 431 -43.71 4.44 -72.48
C ARG N 431 -43.80 4.13 -73.97
N ALA N 432 -45.01 4.05 -74.52
CA ALA N 432 -45.18 3.87 -75.95
C ALA N 432 -44.76 5.09 -76.75
N GLY N 433 -44.29 6.14 -76.11
CA GLY N 433 -44.02 7.39 -76.80
C GLY N 433 -45.28 8.12 -77.20
N LEU N 434 -46.43 7.70 -76.69
CA LEU N 434 -47.71 8.23 -77.10
C LEU N 434 -47.99 9.51 -76.33
N ASN N 435 -48.86 10.34 -76.90
CA ASN N 435 -49.20 11.62 -76.31
C ASN N 435 -49.46 11.50 -74.81
N TYR N 436 -48.76 12.30 -74.00
CA TYR N 436 -48.88 12.24 -72.55
C TYR N 436 -49.78 13.34 -72.01
N GLU N 437 -49.75 14.51 -72.64
CA GLU N 437 -50.56 15.63 -72.16
C GLU N 437 -52.03 15.41 -72.49
N GLN N 438 -52.90 15.78 -71.55
CA GLN N 438 -54.33 15.56 -71.71
C GLN N 438 -55.05 16.69 -72.41
N HIS N 439 -54.68 17.94 -72.15
CA HIS N 439 -55.33 19.08 -72.77
C HIS N 439 -54.99 19.23 -74.24
N ARG N 440 -53.99 18.51 -74.72
CA ARG N 440 -53.56 18.55 -76.12
C ARG N 440 -54.19 17.41 -76.91
N PHE N 441 -55.40 17.01 -76.53
CA PHE N 441 -56.01 15.85 -77.18
C PHE N 441 -56.50 16.19 -78.58
N GLY N 442 -57.52 17.04 -78.68
CA GLY N 442 -58.07 17.36 -79.98
C GLY N 442 -58.32 16.09 -80.78
N MET N 443 -58.44 16.30 -82.09
CA MET N 443 -58.35 15.21 -83.05
C MET N 443 -56.92 14.99 -83.54
N ASP N 444 -56.17 16.06 -83.77
CA ASP N 444 -54.86 15.96 -84.40
C ASP N 444 -53.99 14.94 -83.69
N SER N 445 -53.95 15.00 -82.36
CA SER N 445 -53.16 14.03 -81.62
C SER N 445 -53.49 12.61 -82.03
N LEU N 446 -54.78 12.30 -82.23
CA LEU N 446 -55.20 10.94 -82.55
C LEU N 446 -54.49 10.40 -83.79
N CYS N 447 -54.45 11.19 -84.85
CA CYS N 447 -53.86 10.69 -86.09
C CYS N 447 -52.43 10.21 -85.87
N LYS N 448 -51.58 11.08 -85.32
CA LYS N 448 -50.20 10.70 -85.02
C LYS N 448 -50.15 9.56 -84.02
N ASP N 449 -51.04 9.56 -83.04
CA ASP N 449 -51.00 8.55 -81.99
C ASP N 449 -51.16 7.15 -82.57
N ILE N 450 -52.22 6.95 -83.36
CA ILE N 450 -52.44 5.63 -83.93
C ILE N 450 -51.42 5.33 -85.02
N PHE N 451 -51.01 6.34 -85.78
CA PHE N 451 -49.99 6.10 -86.78
C PHE N 451 -48.71 5.57 -86.14
N THR N 452 -48.30 6.16 -85.02
CA THR N 452 -47.20 5.59 -84.26
C THR N 452 -47.54 4.19 -83.76
N TYR N 453 -48.67 4.06 -83.06
CA TYR N 453 -49.09 2.76 -82.52
C TYR N 453 -48.85 1.64 -83.50
N VAL N 454 -49.32 1.79 -84.74
CA VAL N 454 -49.10 0.77 -85.75
C VAL N 454 -47.60 0.60 -86.03
N LYS N 455 -46.81 1.64 -85.83
CA LYS N 455 -45.38 1.56 -86.11
C LYS N 455 -44.64 0.61 -85.19
N GLN N 456 -44.98 0.57 -83.90
CA GLN N 456 -44.41 -0.43 -83.01
C GLN N 456 -45.19 -1.74 -83.00
N ASP N 457 -46.47 -1.71 -83.35
CA ASP N 457 -47.23 -2.93 -83.55
C ASP N 457 -46.94 -3.55 -84.92
N ARG N 458 -46.00 -2.98 -85.66
CA ARG N 458 -45.73 -3.42 -87.03
C ARG N 458 -47.02 -3.35 -87.83
N ASP N 459 -47.65 -4.49 -88.08
CA ASP N 459 -48.89 -4.51 -88.84
C ASP N 459 -48.77 -3.65 -90.09
N PHE N 460 -49.33 -2.45 -90.02
CA PHE N 460 -49.42 -1.49 -91.11
C PHE N 460 -50.44 -1.96 -92.13
N ASN N 461 -50.98 -3.17 -91.99
CA ASN N 461 -52.00 -3.69 -92.86
C ASN N 461 -53.41 -3.47 -92.32
N THR N 462 -53.58 -3.63 -91.01
CA THR N 462 -54.85 -3.31 -90.36
C THR N 462 -54.60 -2.61 -89.03
N GLY N 463 -53.44 -1.96 -88.90
CA GLY N 463 -53.13 -1.28 -87.64
C GLY N 463 -54.21 -0.31 -87.24
N PHE N 464 -54.83 0.34 -88.22
CA PHE N 464 -55.95 1.23 -87.94
C PHE N 464 -57.11 0.52 -87.29
N TYR N 465 -57.18 -0.82 -87.40
CA TYR N 465 -58.19 -1.57 -86.66
C TYR N 465 -58.05 -1.36 -85.16
N LEU N 466 -56.87 -0.97 -84.68
CA LEU N 466 -56.59 -0.84 -83.25
C LEU N 466 -57.02 -2.08 -82.47
N ARG N 467 -56.98 -3.24 -83.12
CA ARG N 467 -57.39 -4.49 -82.51
C ARG N 467 -56.38 -4.95 -81.46
N PRO N 468 -56.86 -5.48 -80.34
CA PRO N 468 -55.96 -5.91 -79.27
C PRO N 468 -55.43 -7.32 -79.46
N GLN N 469 -54.42 -7.50 -80.30
CA GLN N 469 -53.85 -8.83 -80.52
C GLN N 469 -52.33 -8.77 -80.63
N SER N 470 -51.71 -7.75 -80.05
CA SER N 470 -50.25 -7.68 -80.04
C SER N 470 -49.68 -8.67 -79.03
N GLU N 471 -48.56 -9.30 -79.40
CA GLU N 471 -47.88 -10.17 -78.47
C GLU N 471 -47.45 -9.42 -77.22
N SER N 472 -47.28 -8.10 -77.32
CA SER N 472 -47.02 -7.29 -76.14
C SER N 472 -48.32 -6.88 -75.48
N GLU N 473 -48.41 -7.15 -74.17
CA GLU N 473 -49.62 -6.94 -73.40
C GLU N 473 -49.96 -5.47 -73.25
N ALA N 474 -49.05 -4.57 -73.60
CA ALA N 474 -49.33 -3.15 -73.57
C ALA N 474 -49.90 -2.62 -74.88
N LEU N 475 -49.21 -2.82 -76.01
CA LEU N 475 -49.81 -2.52 -77.30
C LEU N 475 -51.16 -3.19 -77.48
N ARG N 476 -51.31 -4.43 -77.02
CA ARG N 476 -52.58 -5.11 -77.10
C ARG N 476 -53.66 -4.41 -76.28
N ASN N 477 -53.29 -3.58 -75.31
CA ASN N 477 -54.24 -2.75 -74.58
C ASN N 477 -54.28 -1.31 -75.05
N CYS N 478 -53.15 -0.78 -75.51
CA CYS N 478 -53.17 0.52 -76.16
C CYS N 478 -54.11 0.52 -77.35
N SER N 479 -54.29 -0.66 -77.97
CA SER N 479 -55.29 -0.78 -79.03
C SER N 479 -56.68 -0.39 -78.52
N ILE N 480 -57.09 -0.95 -77.39
CA ILE N 480 -58.39 -0.62 -76.82
C ILE N 480 -58.44 0.84 -76.45
N TYR N 481 -57.35 1.35 -75.85
CA TYR N 481 -57.31 2.76 -75.50
C TYR N 481 -57.61 3.63 -76.71
N LEU N 482 -56.84 3.44 -77.79
CA LEU N 482 -57.00 4.25 -78.99
C LEU N 482 -58.39 4.10 -79.57
N ALA N 483 -58.94 2.88 -79.58
CA ALA N 483 -60.31 2.71 -80.05
C ALA N 483 -61.27 3.55 -79.22
N SER N 484 -61.05 3.61 -77.91
CA SER N 484 -61.89 4.43 -77.06
C SER N 484 -61.81 5.90 -77.47
N GLN N 485 -60.60 6.43 -77.60
CA GLN N 485 -60.49 7.85 -77.93
C GLN N 485 -61.04 8.17 -79.31
N VAL N 486 -60.82 7.30 -80.29
CA VAL N 486 -61.33 7.56 -81.62
C VAL N 486 -62.84 7.72 -81.58
N SER N 487 -63.53 6.79 -80.90
CA SER N 487 -64.98 6.90 -80.77
C SER N 487 -65.37 8.16 -80.03
N GLU N 488 -64.68 8.46 -78.93
CA GLU N 488 -65.02 9.62 -78.13
C GLU N 488 -64.96 10.89 -78.96
N ASN N 489 -63.95 10.99 -79.83
CA ASN N 489 -63.85 12.14 -80.71
C ASN N 489 -64.90 12.09 -81.81
N CYS N 490 -65.19 10.90 -82.34
CA CYS N 490 -66.13 10.73 -83.44
C CYS N 490 -67.54 11.16 -83.09
N GLN N 491 -67.99 10.88 -81.87
CA GLN N 491 -69.38 11.13 -81.51
C GLN N 491 -69.83 12.51 -81.99
N GLY N 492 -70.76 12.52 -82.95
CA GLY N 492 -71.41 13.74 -83.39
C GLY N 492 -70.66 14.57 -84.41
N SER N 493 -69.71 13.99 -85.14
CA SER N 493 -68.87 14.77 -86.05
C SER N 493 -68.71 14.07 -87.39
N LEU N 494 -69.48 14.52 -88.40
CA LEU N 494 -69.31 13.99 -89.74
C LEU N 494 -67.95 14.39 -90.34
N SER N 495 -67.61 15.68 -90.26
CA SER N 495 -66.33 16.13 -90.75
C SER N 495 -65.17 15.50 -90.00
N LYS N 496 -65.25 15.39 -88.68
CA LYS N 496 -64.24 14.65 -87.94
C LYS N 496 -64.17 13.20 -88.37
N PHE N 497 -65.31 12.56 -88.58
CA PHE N 497 -65.31 11.18 -89.05
C PHE N 497 -64.54 11.05 -90.35
N LEU N 498 -64.82 11.95 -91.29
CA LEU N 498 -64.08 11.97 -92.55
C LEU N 498 -62.60 12.21 -92.30
N GLN N 499 -62.29 13.11 -91.36
CA GLN N 499 -60.90 13.42 -91.05
C GLN N 499 -60.16 12.20 -90.55
N MET N 500 -60.74 11.46 -89.62
CA MET N 500 -60.15 10.18 -89.25
C MET N 500 -59.98 9.30 -90.48
N LEU N 501 -61.11 8.98 -91.14
CA LEU N 501 -61.09 8.11 -92.31
C LEU N 501 -59.88 8.39 -93.18
N LEU N 502 -59.71 9.64 -93.60
CA LEU N 502 -58.64 9.94 -94.52
C LEU N 502 -57.30 10.00 -93.79
N VAL N 503 -57.12 10.99 -92.92
CA VAL N 503 -55.82 11.27 -92.33
C VAL N 503 -55.20 10.05 -91.65
N GLY N 504 -55.95 9.30 -90.86
CA GLY N 504 -55.36 8.14 -90.22
C GLY N 504 -55.21 6.97 -91.17
N CYS N 505 -56.34 6.49 -91.68
CA CYS N 505 -56.32 5.26 -92.48
C CYS N 505 -55.48 5.42 -93.73
N GLY N 506 -55.83 6.38 -94.59
CA GLY N 506 -55.09 6.54 -95.84
C GLY N 506 -53.63 6.84 -95.62
N SER N 507 -53.30 7.55 -94.53
CA SER N 507 -51.90 7.82 -94.26
C SER N 507 -51.10 6.52 -94.19
N VAL N 508 -51.56 5.56 -93.41
CA VAL N 508 -50.85 4.27 -93.31
C VAL N 508 -50.97 3.50 -94.61
N SER N 509 -52.16 3.49 -95.20
CA SER N 509 -52.39 2.72 -96.42
C SER N 509 -51.55 3.22 -97.58
N ILE N 510 -51.02 4.45 -97.47
CA ILE N 510 -50.17 4.95 -98.53
C ILE N 510 -48.70 4.92 -98.12
N PHE N 511 -48.41 5.21 -96.86
CA PHE N 511 -47.06 5.00 -96.36
C PHE N 511 -46.56 3.60 -96.67
N ASN N 512 -47.39 2.60 -96.39
CA ASN N 512 -46.99 1.23 -96.60
C ASN N 512 -46.78 0.95 -98.08
N GLN N 513 -47.86 1.08 -98.87
CA GLN N 513 -47.81 0.65 -100.26
C GLN N 513 -46.92 1.55 -101.10
N PHE N 514 -46.53 2.71 -100.58
CA PHE N 514 -45.85 3.72 -101.37
C PHE N 514 -44.67 4.35 -100.66
N VAL N 515 -44.53 4.15 -99.35
CA VAL N 515 -43.48 4.85 -98.62
C VAL N 515 -42.54 3.85 -97.97
N THR N 516 -42.94 2.57 -97.97
CA THR N 516 -42.17 1.53 -97.33
C THR N 516 -41.13 0.90 -98.24
N GLU N 517 -41.09 1.29 -99.52
CA GLU N 517 -40.14 0.73 -100.47
C GLU N 517 -38.73 1.24 -100.26
N LEU N 518 -38.55 2.38 -99.60
CA LEU N 518 -37.25 3.02 -99.48
C LEU N 518 -36.33 2.23 -98.55
N ALA N 519 -36.79 1.95 -97.33
CA ALA N 519 -35.98 1.20 -96.38
C ALA N 519 -36.45 -0.25 -96.30
N ASP N 524 -31.93 -0.22 -92.01
CA ASP N 524 -31.51 0.37 -90.74
C ASP N 524 -32.70 0.89 -89.94
N ARG N 525 -32.86 0.37 -88.73
CA ARG N 525 -33.95 0.78 -87.85
C ARG N 525 -33.95 2.29 -87.70
N GLU N 526 -32.77 2.89 -87.55
CA GLU N 526 -32.68 4.34 -87.47
C GLU N 526 -33.14 4.97 -88.78
N LYS N 527 -32.79 4.37 -89.91
CA LYS N 527 -33.26 4.89 -91.19
C LYS N 527 -34.77 4.81 -91.29
N PHE N 528 -35.35 3.68 -90.88
CA PHE N 528 -36.80 3.54 -90.90
C PHE N 528 -37.45 4.62 -90.03
N GLU N 529 -36.91 4.85 -88.84
CA GLU N 529 -37.49 5.85 -87.95
C GLU N 529 -37.33 7.26 -88.50
N GLN N 530 -36.18 7.58 -89.07
CA GLN N 530 -36.02 8.88 -89.71
C GLN N 530 -37.05 9.06 -90.81
N LEU N 531 -37.22 8.04 -91.66
CA LEU N 531 -38.18 8.14 -92.75
C LEU N 531 -39.60 8.32 -92.21
N ILE N 532 -39.94 7.60 -91.14
CA ILE N 532 -41.27 7.77 -90.57
C ILE N 532 -41.44 9.18 -90.03
N SER N 533 -40.38 9.75 -89.48
CA SER N 533 -40.45 11.13 -89.00
C SER N 533 -40.71 12.10 -90.15
N GLU N 534 -39.95 11.96 -91.24
CA GLU N 534 -40.20 12.86 -92.36
C GLU N 534 -41.59 12.64 -92.94
N TYR N 535 -42.05 11.39 -92.94
CA TYR N 535 -43.39 11.10 -93.44
C TYR N 535 -44.45 11.76 -92.57
N VAL N 536 -44.34 11.64 -91.26
CA VAL N 536 -45.32 12.27 -90.38
C VAL N 536 -45.30 13.78 -90.58
N ALA N 537 -44.12 14.38 -90.66
CA ALA N 537 -44.04 15.81 -90.96
C ALA N 537 -44.76 16.12 -92.26
N TYR N 538 -44.27 15.56 -93.36
CA TYR N 538 -44.81 15.88 -94.68
C TYR N 538 -46.32 15.68 -94.74
N MET N 539 -46.82 14.67 -94.04
CA MET N 539 -48.24 14.40 -93.98
C MET N 539 -48.99 15.30 -93.02
N SER N 540 -48.28 16.00 -92.14
CA SER N 540 -48.93 16.77 -91.09
C SER N 540 -49.78 15.85 -90.20
N VAL N 541 -49.33 14.61 -90.07
CA VAL N 541 -50.09 13.60 -89.33
C VAL N 541 -50.13 14.01 -87.87
N GLY N 542 -51.33 14.30 -87.37
CA GLY N 542 -51.46 14.87 -86.05
C GLY N 542 -51.07 16.33 -86.06
N ARG N 543 -50.28 16.70 -87.05
CA ARG N 543 -49.88 18.09 -87.29
C ARG N 543 -50.72 18.60 -88.44
N ILE N 544 -51.97 18.15 -88.48
CA ILE N 544 -52.84 18.37 -89.64
C ILE N 544 -53.32 19.82 -89.65
N GLU N 545 -53.42 20.38 -90.86
CA GLU N 545 -53.99 21.70 -91.05
C GLU N 545 -55.42 21.59 -91.58
N SER N 546 -55.61 20.90 -92.69
CA SER N 546 -56.94 20.66 -93.23
C SER N 546 -56.92 19.39 -94.08
N ALA N 547 -58.11 18.80 -94.21
CA ALA N 547 -58.25 17.58 -95.01
C ALA N 547 -57.93 17.85 -96.48
N SER N 548 -58.29 19.03 -96.98
CA SER N 548 -57.88 19.40 -98.32
C SER N 548 -56.37 19.27 -98.49
N HIS N 549 -55.61 19.83 -97.55
CA HIS N 549 -54.16 19.73 -97.62
C HIS N 549 -53.69 18.30 -97.47
N TRP N 550 -54.32 17.53 -96.58
CA TRP N 550 -53.94 16.14 -96.45
C TRP N 550 -54.09 15.42 -97.78
N ALA N 551 -55.20 15.67 -98.48
CA ALA N 551 -55.43 15.05 -99.78
C ALA N 551 -54.40 15.52 -100.81
N ASN N 552 -54.15 16.82 -100.87
CA ASN N 552 -53.24 17.34 -101.89
C ASN N 552 -51.83 16.79 -101.68
N ARG N 553 -51.42 16.60 -100.43
CA ARG N 553 -50.19 15.88 -100.11
C ARG N 553 -50.26 14.40 -100.49
N CYS N 554 -51.38 13.74 -100.22
CA CYS N 554 -51.52 12.34 -100.63
C CYS N 554 -51.44 12.20 -102.14
N CYS N 555 -51.85 13.22 -102.88
CA CYS N 555 -51.76 13.14 -104.34
C CYS N 555 -50.30 12.99 -104.78
N ALA N 556 -49.43 13.89 -104.33
CA ALA N 556 -48.02 13.79 -104.68
C ALA N 556 -47.41 12.52 -104.11
N VAL N 557 -47.82 12.15 -102.89
CA VAL N 557 -47.30 10.94 -102.26
C VAL N 557 -47.57 9.73 -103.14
N VAL N 558 -48.80 9.59 -103.60
CA VAL N 558 -49.15 8.47 -104.48
C VAL N 558 -48.40 8.59 -105.80
N ALA N 559 -48.36 9.80 -106.36
CA ALA N 559 -47.74 10.01 -107.65
C ALA N 559 -46.28 9.60 -107.65
N ASN N 560 -45.56 9.81 -106.55
CA ASN N 560 -44.13 9.55 -106.51
C ASN N 560 -43.79 8.06 -106.44
N SER N 561 -44.22 7.28 -107.43
CA SER N 561 -43.94 5.86 -107.46
C SER N 561 -44.48 5.22 -108.74
N PRO N 562 -45.79 5.29 -109.00
CA PRO N 562 -46.42 4.43 -110.01
C PRO N 562 -45.60 4.17 -111.27
N ASN N 563 -45.54 2.89 -111.65
CA ASN N 563 -44.88 2.42 -112.86
C ASN N 563 -45.86 1.52 -113.63
N ASP N 564 -45.35 0.75 -114.59
CA ASP N 564 -46.22 -0.19 -115.30
C ASP N 564 -47.25 0.53 -116.18
N GLU N 565 -46.77 1.16 -117.24
CA GLU N 565 -47.52 1.95 -118.21
C GLU N 565 -47.70 3.40 -117.77
N LYS N 566 -47.22 3.77 -116.59
CA LYS N 566 -47.06 5.18 -116.19
C LYS N 566 -48.28 6.01 -116.59
N ILE N 567 -49.46 5.41 -116.48
CA ILE N 567 -50.70 6.07 -116.87
C ILE N 567 -51.22 6.87 -115.70
N GLY N 568 -51.73 8.07 -115.98
CA GLY N 568 -52.20 8.96 -114.93
C GLY N 568 -53.55 8.55 -114.37
N VAL N 569 -53.68 7.27 -114.03
CA VAL N 569 -54.87 6.76 -113.35
C VAL N 569 -54.41 6.05 -112.10
N PHE N 570 -54.39 6.76 -110.99
CA PHE N 570 -53.76 6.30 -109.76
C PHE N 570 -54.78 5.53 -108.91
N LEU N 571 -54.37 5.20 -107.68
CA LEU N 571 -55.14 4.34 -106.80
C LEU N 571 -56.63 4.64 -106.85
N GLY N 572 -56.99 5.88 -106.57
CA GLY N 572 -58.38 6.28 -106.63
C GLY N 572 -58.55 7.58 -107.37
N MET N 573 -57.70 7.84 -108.36
CA MET N 573 -57.80 9.11 -109.08
C MET N 573 -57.22 9.00 -110.47
N VAL N 574 -57.13 10.15 -111.15
CA VAL N 574 -56.58 10.21 -112.51
C VAL N 574 -55.76 11.48 -112.66
N GLN N 575 -54.62 11.38 -113.33
CA GLN N 575 -53.76 12.53 -113.61
C GLN N 575 -54.39 13.36 -114.72
N LEU N 576 -54.61 14.64 -114.42
CA LEU N 576 -55.18 15.58 -115.38
C LEU N 576 -54.14 16.14 -116.33
N ASN N 577 -54.46 16.15 -117.61
CA ASN N 577 -53.61 16.82 -118.60
C ASN N 577 -53.86 18.32 -118.56
N ARG N 578 -52.78 19.09 -118.38
CA ARG N 578 -52.89 20.53 -118.27
C ARG N 578 -52.37 21.27 -119.49
N LYS N 579 -51.16 20.99 -119.94
CA LYS N 579 -50.58 21.63 -121.11
C LYS N 579 -51.12 20.87 -122.33
N SER N 580 -52.19 21.38 -122.91
CA SER N 580 -52.93 20.66 -123.93
C SER N 580 -52.17 20.64 -125.25
N ARG N 581 -51.00 19.98 -125.26
CA ARG N 581 -50.20 19.85 -126.48
C ARG N 581 -49.87 18.36 -126.63
N GLN N 582 -50.81 17.63 -127.22
CA GLN N 582 -50.73 16.19 -127.39
C GLN N 582 -51.64 15.83 -128.56
N ASN N 583 -51.06 15.38 -129.66
CA ASN N 583 -51.86 15.06 -130.83
C ASN N 583 -52.68 13.80 -130.57
N MET N 584 -53.90 13.98 -130.11
CA MET N 584 -54.79 12.92 -129.69
C MET N 584 -56.00 12.88 -130.61
N PRO N 585 -56.56 11.70 -130.86
CA PRO N 585 -57.62 11.58 -131.86
C PRO N 585 -58.99 12.01 -131.34
N GLU N 586 -59.98 11.82 -132.21
CA GLU N 586 -61.38 12.14 -131.95
C GLU N 586 -61.57 13.45 -131.20
N GLY N 587 -62.46 13.45 -130.21
CA GLY N 587 -62.80 14.67 -129.50
C GLY N 587 -61.95 14.89 -128.27
N TYR N 588 -60.89 14.09 -128.13
CA TYR N 588 -60.00 14.20 -126.99
C TYR N 588 -59.42 15.61 -126.92
N LYS N 589 -59.37 16.15 -125.71
CA LYS N 589 -58.92 17.52 -125.48
C LYS N 589 -58.28 17.60 -124.10
N LYS N 590 -57.84 18.79 -123.73
CA LYS N 590 -57.46 19.00 -122.34
C LYS N 590 -58.71 19.31 -121.53
N PHE N 591 -58.58 19.20 -120.21
CA PHE N 591 -59.68 19.49 -119.32
C PHE N 591 -59.64 20.95 -118.92
N ASN N 592 -60.66 21.70 -119.32
CA ASN N 592 -60.77 23.12 -119.01
C ASN N 592 -61.92 23.34 -118.04
N ILE N 593 -61.61 23.91 -116.87
CA ILE N 593 -62.61 24.11 -115.84
C ILE N 593 -63.71 25.09 -116.25
N ASP N 594 -63.37 26.15 -116.98
CA ASP N 594 -64.37 27.15 -117.33
C ASP N 594 -65.51 26.57 -118.14
N THR N 595 -65.26 25.52 -118.91
CA THR N 595 -66.30 24.89 -119.70
C THR N 595 -67.43 24.34 -118.85
N GLU N 596 -67.19 24.12 -117.57
CA GLU N 596 -68.20 23.64 -116.63
C GLU N 596 -68.76 24.80 -115.84
N ASN N 597 -70.00 24.65 -115.37
CA ASN N 597 -70.70 25.71 -114.65
C ASN N 597 -71.53 25.11 -113.52
N GLY N 598 -71.93 25.98 -112.60
CA GLY N 598 -72.77 25.57 -111.49
C GLY N 598 -72.03 24.83 -110.40
N LEU N 599 -72.54 23.67 -110.01
CA LEU N 599 -71.98 22.90 -108.91
C LEU N 599 -70.97 21.84 -109.37
N ALA N 600 -70.82 21.64 -110.68
CA ALA N 600 -69.89 20.64 -111.21
C ALA N 600 -68.51 21.20 -111.49
N LYS N 601 -68.41 22.41 -112.04
CA LYS N 601 -67.12 23.05 -112.22
C LYS N 601 -66.37 23.13 -110.91
N ALA N 602 -67.06 23.57 -109.85
CA ALA N 602 -66.42 23.70 -108.54
C ALA N 602 -66.03 22.34 -107.98
N ALA N 603 -66.90 21.34 -108.14
CA ALA N 603 -66.60 20.00 -107.63
C ALA N 603 -65.36 19.44 -108.30
N MET N 604 -65.26 19.58 -109.62
CA MET N 604 -64.09 19.08 -110.33
C MET N 604 -62.85 19.90 -110.02
N ALA N 605 -62.99 21.21 -109.80
CA ALA N 605 -61.86 22.00 -109.35
C ALA N 605 -61.37 21.59 -107.97
N SER N 606 -62.27 21.16 -107.08
CA SER N 606 -61.90 20.60 -105.79
C SER N 606 -61.25 19.23 -105.92
N SER N 607 -61.69 18.41 -106.87
CA SER N 607 -61.01 17.15 -107.17
C SER N 607 -59.62 17.37 -107.77
N LEU N 608 -59.43 18.49 -108.44
CA LEU N 608 -58.17 18.82 -109.08
C LEU N 608 -57.05 18.96 -108.07
N SER N 609 -55.82 18.68 -108.52
CA SER N 609 -54.62 18.79 -107.69
C SER N 609 -53.55 19.51 -108.49
N THR N 610 -53.05 20.63 -107.95
CA THR N 610 -52.00 21.42 -108.61
C THR N 610 -50.66 21.03 -108.00
N VAL N 611 -50.07 19.97 -108.55
CA VAL N 611 -48.81 19.47 -108.02
C VAL N 611 -47.68 20.40 -108.43
N ALA N 612 -46.90 20.83 -107.43
CA ALA N 612 -45.73 21.68 -107.64
C ALA N 612 -44.44 20.87 -107.63
N SER N 613 -44.48 19.65 -108.18
CA SER N 613 -43.31 18.79 -108.22
C SER N 613 -42.14 19.47 -108.93
N ASN N 614 -42.41 20.00 -110.13
CA ASN N 614 -41.38 20.60 -110.97
C ASN N 614 -42.02 20.94 -112.30
N ASN N 615 -42.68 19.96 -112.91
CA ASN N 615 -43.49 20.14 -114.09
C ASN N 615 -44.91 20.57 -113.75
N LEU N 616 -45.17 20.83 -112.48
CA LEU N 616 -46.47 21.32 -112.01
C LEU N 616 -47.61 20.45 -112.53
N MET N 617 -47.55 19.17 -112.15
CA MET N 617 -48.57 18.22 -112.57
C MET N 617 -49.90 18.56 -111.91
N ASP N 618 -50.99 18.35 -112.65
CA ASP N 618 -52.33 18.63 -112.16
C ASP N 618 -53.11 17.33 -111.98
N PHE N 619 -52.99 16.77 -110.79
CA PHE N 619 -53.74 15.56 -110.47
C PHE N 619 -55.18 15.89 -110.11
N CYS N 620 -56.03 14.87 -110.17
CA CYS N 620 -57.43 14.95 -109.76
C CYS N 620 -57.82 13.66 -109.05
N SER N 621 -58.28 13.79 -107.82
CA SER N 621 -58.45 12.60 -107.00
C SER N 621 -59.75 12.66 -106.22
N VAL N 622 -60.40 11.50 -106.13
CA VAL N 622 -61.48 11.34 -105.16
C VAL N 622 -60.95 11.59 -103.75
N PHE N 623 -59.66 11.34 -103.54
CA PHE N 623 -59.05 11.71 -102.27
C PHE N 623 -59.18 13.21 -102.02
N ASN N 624 -58.82 14.01 -103.02
CA ASN N 624 -58.93 15.46 -102.89
C ASN N 624 -60.39 15.87 -102.72
N LEU N 625 -61.28 15.25 -103.49
CA LEU N 625 -62.69 15.54 -103.30
C LEU N 625 -63.15 15.27 -101.88
N ILE N 626 -62.91 14.06 -101.36
CA ILE N 626 -63.33 13.72 -100.02
C ILE N 626 -62.73 14.70 -99.02
N GLY N 627 -61.48 15.09 -99.21
CA GLY N 627 -60.91 16.12 -98.36
C GLY N 627 -61.70 17.41 -98.42
N ALA N 628 -62.07 17.86 -99.62
CA ALA N 628 -62.81 19.11 -99.75
C ALA N 628 -64.18 19.01 -99.08
N ILE N 629 -64.89 17.90 -99.28
CA ILE N 629 -66.20 17.74 -98.67
C ILE N 629 -66.07 17.69 -97.15
N ALA N 630 -65.08 16.97 -96.64
CA ALA N 630 -64.88 16.97 -95.18
C ALA N 630 -64.63 18.39 -94.69
N ASP N 631 -63.83 19.15 -95.44
CA ASP N 631 -63.56 20.54 -95.06
C ASP N 631 -64.86 21.33 -95.02
N ILE N 632 -65.72 21.13 -96.00
CA ILE N 632 -66.88 22.00 -96.19
C ILE N 632 -68.08 21.48 -95.39
N SER N 633 -67.92 20.32 -94.77
CA SER N 633 -69.04 19.67 -94.10
C SER N 633 -69.28 20.16 -92.68
N ALA N 634 -68.27 20.63 -91.97
CA ALA N 634 -68.46 21.03 -90.58
C ALA N 634 -67.69 22.33 -90.28
N CYS N 635 -67.82 23.32 -91.16
CA CYS N 635 -67.21 24.61 -90.85
C CYS N 635 -68.07 25.35 -89.84
N ARG N 636 -69.28 25.71 -90.24
CA ARG N 636 -70.30 26.31 -89.38
C ARG N 636 -71.56 26.46 -90.22
N CYS N 637 -72.59 27.09 -89.64
CA CYS N 637 -73.76 27.47 -90.41
C CYS N 637 -73.55 28.74 -91.22
N GLU N 638 -72.44 29.44 -91.00
CA GLU N 638 -72.18 30.69 -91.70
C GLU N 638 -72.05 30.46 -93.19
N ARG N 639 -73.07 30.89 -93.95
CA ARG N 639 -73.04 30.72 -95.39
C ARG N 639 -71.92 31.50 -96.04
N SER N 640 -71.70 32.75 -95.61
CA SER N 640 -70.59 33.53 -96.17
C SER N 640 -69.26 32.84 -95.91
N ALA N 641 -69.05 32.37 -94.67
CA ALA N 641 -67.88 31.55 -94.41
C ALA N 641 -67.90 30.28 -95.24
N ILE N 642 -69.10 29.74 -95.49
CA ILE N 642 -69.20 28.62 -96.42
C ILE N 642 -68.69 29.03 -97.80
N THR N 643 -69.03 30.25 -98.24
CA THR N 643 -68.55 30.73 -99.53
C THR N 643 -67.02 30.78 -99.57
N ASN N 644 -66.42 31.36 -98.53
CA ASN N 644 -64.97 31.52 -98.51
C ASN N 644 -64.27 30.17 -98.46
N ALA N 645 -64.78 29.24 -97.65
CA ALA N 645 -64.22 27.89 -97.61
C ALA N 645 -64.39 27.18 -98.94
N PHE N 646 -65.54 27.37 -99.58
CA PHE N 646 -65.76 26.88 -100.94
C PHE N 646 -64.68 27.40 -101.87
N ASN N 647 -64.37 28.69 -101.73
CA ASN N 647 -63.30 29.29 -102.51
C ASN N 647 -61.97 28.61 -102.23
N LYS N 648 -61.62 28.43 -100.95
CA LYS N 648 -60.35 27.75 -100.65
C LYS N 648 -60.32 26.37 -101.30
N VAL N 649 -61.34 25.56 -101.04
CA VAL N 649 -61.37 24.18 -101.52
C VAL N 649 -61.35 24.08 -103.03
N ILE N 650 -62.00 25.00 -103.73
CA ILE N 650 -61.98 24.97 -105.19
C ILE N 650 -60.90 25.88 -105.77
N ALA N 651 -60.39 26.83 -104.99
CA ALA N 651 -59.24 27.60 -105.41
C ALA N 651 -58.05 26.67 -105.59
N GLN N 652 -57.28 26.91 -106.65
CA GLN N 652 -56.13 26.06 -106.91
C GLN N 652 -55.15 26.11 -105.75
N THR N 653 -54.71 24.93 -105.32
CA THR N 653 -53.71 24.78 -104.28
C THR N 653 -52.51 24.07 -104.88
N THR N 654 -51.36 24.66 -104.71
CA THR N 654 -50.13 24.11 -105.24
C THR N 654 -49.29 23.55 -104.10
N CYS N 655 -48.68 22.40 -104.35
CA CYS N 655 -47.94 21.71 -103.29
C CYS N 655 -46.78 20.94 -103.88
N ILE N 656 -45.74 20.75 -103.07
CA ILE N 656 -44.43 20.30 -103.55
C ILE N 656 -44.25 18.83 -103.24
N VAL N 657 -43.38 18.17 -104.00
CA VAL N 657 -43.06 16.75 -103.79
C VAL N 657 -42.39 16.56 -102.44
N PRO N 658 -42.58 15.41 -101.80
CA PRO N 658 -41.85 15.14 -100.56
C PRO N 658 -40.39 14.98 -100.84
N PRO N 659 -39.53 15.25 -99.86
CA PRO N 659 -38.08 15.22 -100.10
C PRO N 659 -37.48 13.82 -100.12
N TRP N 660 -38.10 12.90 -100.85
CA TRP N 660 -37.46 11.62 -101.16
C TRP N 660 -37.71 11.16 -102.59
N SER N 661 -38.47 11.93 -103.36
CA SER N 661 -38.76 11.56 -104.75
C SER N 661 -37.47 11.45 -105.56
N THR N 704 -72.54 34.88 -107.40
CA THR N 704 -72.21 34.92 -108.82
C THR N 704 -72.57 33.60 -109.52
N GLU N 705 -71.58 32.92 -110.09
CA GLU N 705 -71.80 31.68 -110.82
C GLU N 705 -71.90 30.48 -109.91
N PHE N 706 -71.75 30.67 -108.59
CA PHE N 706 -71.86 29.58 -107.64
C PHE N 706 -72.93 29.89 -106.60
N SER N 707 -73.78 30.88 -106.89
CA SER N 707 -74.80 31.31 -105.94
C SER N 707 -75.84 30.25 -105.66
N ASP N 708 -75.97 29.25 -106.52
CA ASP N 708 -76.89 28.13 -106.29
C ASP N 708 -76.17 26.89 -105.76
N ALA N 709 -74.95 26.63 -106.23
CA ALA N 709 -74.15 25.58 -105.62
C ALA N 709 -73.98 25.85 -104.13
N ILE N 710 -73.77 27.12 -103.78
CA ILE N 710 -73.67 27.51 -102.38
C ILE N 710 -74.96 27.21 -101.64
N THR N 711 -76.11 27.54 -102.23
CA THR N 711 -77.38 27.25 -101.58
C THR N 711 -77.56 25.76 -101.35
N LYS N 712 -77.24 24.96 -102.36
CA LYS N 712 -77.40 23.52 -102.25
C LYS N 712 -76.50 22.95 -101.17
N VAL N 713 -75.23 23.41 -101.14
CA VAL N 713 -74.30 22.93 -100.13
C VAL N 713 -74.75 23.37 -98.75
N GLU N 714 -75.33 24.57 -98.65
CA GLU N 714 -75.81 25.07 -97.37
C GLU N 714 -76.95 24.20 -96.85
N GLN N 715 -77.88 23.85 -97.73
CA GLN N 715 -78.94 22.93 -97.34
C GLN N 715 -78.38 21.58 -96.94
N TRP N 716 -77.38 21.09 -97.69
CA TRP N 716 -76.74 19.83 -97.34
C TRP N 716 -76.11 19.89 -95.95
N LEU N 717 -75.44 20.98 -95.60
CA LEU N 717 -74.94 21.13 -94.24
C LEU N 717 -76.07 21.18 -93.23
N LYS N 718 -77.13 21.96 -93.51
CA LYS N 718 -78.24 22.04 -92.58
C LYS N 718 -78.78 20.66 -92.25
N ASN N 719 -78.85 19.78 -93.24
CA ASN N 719 -79.26 18.40 -93.01
C ASN N 719 -78.18 17.55 -92.33
N VAL N 720 -76.92 17.70 -92.75
CA VAL N 720 -75.87 16.81 -92.29
C VAL N 720 -75.56 17.06 -90.83
N ASN N 721 -75.38 18.30 -90.46
CA ASN N 721 -75.09 18.62 -89.06
C ASN N 721 -76.29 18.47 -88.18
N GLU N 722 -77.47 18.43 -88.81
CA GLU N 722 -78.69 18.08 -88.12
C GLU N 722 -78.84 16.59 -87.84
N ILE N 723 -78.36 15.72 -88.72
CA ILE N 723 -78.50 14.28 -88.54
C ILE N 723 -77.24 13.63 -87.97
N GLU N 724 -76.14 14.35 -87.85
CA GLU N 724 -74.89 13.77 -87.38
C GLU N 724 -74.84 13.61 -85.87
N ILE N 725 -75.85 14.10 -85.14
CA ILE N 725 -75.87 13.99 -83.69
C ILE N 725 -75.93 12.56 -83.19
N GLY N 726 -76.71 11.70 -83.83
CA GLY N 726 -76.90 10.34 -83.40
C GLY N 726 -75.86 9.36 -83.85
N ILE N 727 -74.91 9.78 -84.69
CA ILE N 727 -73.85 8.88 -85.13
C ILE N 727 -72.85 8.69 -84.00
N ARG N 728 -72.49 7.44 -83.75
CA ARG N 728 -71.47 7.08 -82.77
C ARG N 728 -70.44 6.22 -83.48
N PRO N 729 -69.58 6.83 -84.30
CA PRO N 729 -68.63 6.03 -85.11
C PRO N 729 -67.68 5.23 -84.25
N SER N 730 -67.30 4.05 -84.72
CA SER N 730 -66.40 3.18 -83.99
C SER N 730 -65.08 3.06 -84.73
N ALA N 731 -64.02 2.75 -83.98
CA ALA N 731 -62.72 2.52 -84.59
C ALA N 731 -62.77 1.38 -85.59
N LEU N 732 -63.42 0.27 -85.24
CA LEU N 732 -63.59 -0.82 -86.19
C LEU N 732 -64.40 -0.36 -87.39
N LEU N 733 -65.43 0.45 -87.15
CA LEU N 733 -66.20 1.00 -88.26
C LEU N 733 -65.32 1.73 -89.25
N ILE N 734 -64.51 2.67 -88.77
CA ILE N 734 -63.64 3.45 -89.65
C ILE N 734 -62.54 2.61 -90.28
N GLY N 735 -62.01 1.63 -89.55
CA GLY N 735 -60.99 0.77 -90.11
C GLY N 735 -61.54 -0.07 -91.23
N LYS N 736 -62.72 -0.64 -91.03
CA LYS N 736 -63.36 -1.47 -92.05
C LYS N 736 -63.80 -0.68 -93.27
N VAL N 737 -64.34 0.52 -93.06
CA VAL N 737 -64.74 1.34 -94.21
C VAL N 737 -63.53 1.60 -95.10
N TRP N 738 -62.41 2.00 -94.50
CA TRP N 738 -61.20 2.20 -95.27
C TRP N 738 -60.71 0.90 -95.87
N SER N 739 -60.70 -0.19 -95.11
CA SER N 739 -60.28 -1.47 -95.63
C SER N 739 -61.04 -1.84 -96.89
N ARG N 740 -62.32 -1.49 -96.97
CA ARG N 740 -63.08 -1.74 -98.18
C ARG N 740 -62.72 -0.75 -99.29
N PHE N 741 -62.80 0.55 -98.99
CA PHE N 741 -62.70 1.55 -100.06
C PHE N 741 -61.29 1.70 -100.63
N TYR N 742 -60.26 1.58 -99.79
CA TYR N 742 -58.89 1.68 -100.27
C TYR N 742 -58.60 0.64 -101.34
N PHE N 743 -59.01 -0.61 -101.09
CA PHE N 743 -58.88 -1.65 -102.09
C PHE N 743 -59.91 -1.52 -103.21
N ASN N 744 -61.06 -0.89 -102.95
CA ASN N 744 -62.01 -0.63 -104.02
C ASN N 744 -61.38 0.25 -105.07
N LEU N 745 -60.70 1.31 -104.65
CA LEU N 745 -59.98 2.17 -105.58
C LEU N 745 -58.88 1.40 -106.30
N ASN N 746 -58.16 0.54 -105.59
CA ASN N 746 -57.15 -0.29 -106.23
C ASN N 746 -57.74 -1.14 -107.35
N ASN N 747 -58.87 -1.78 -107.09
CA ASN N 747 -59.55 -2.59 -108.11
C ASN N 747 -60.07 -1.73 -109.26
N VAL N 748 -60.59 -0.55 -108.97
CA VAL N 748 -61.17 0.31 -110.00
C VAL N 748 -60.06 0.97 -110.79
N ALA N 749 -58.83 0.88 -110.31
CA ALA N 749 -57.68 1.32 -111.07
C ALA N 749 -57.02 0.20 -111.85
N ASP N 750 -57.03 -1.02 -111.32
CA ASP N 750 -56.53 -2.17 -112.06
C ASP N 750 -57.42 -2.53 -113.23
N GLN N 751 -58.75 -2.56 -113.03
CA GLN N 751 -59.68 -2.85 -114.10
C GLN N 751 -59.75 -1.77 -115.15
N HIS N 752 -59.65 -0.51 -114.74
CA HIS N 752 -59.77 0.62 -115.65
C HIS N 752 -58.43 1.03 -116.25
N LYS N 753 -57.35 0.36 -115.88
CA LYS N 753 -56.04 0.68 -116.44
C LYS N 753 -55.93 0.24 -117.90
N THR N 754 -56.86 -0.59 -118.37
CA THR N 754 -56.81 -1.07 -119.74
C THR N 754 -58.16 -0.94 -120.44
N ARG N 755 -58.83 0.19 -120.26
CA ARG N 755 -60.12 0.38 -120.91
C ARG N 755 -60.26 1.75 -121.55
N LEU N 756 -59.18 2.52 -121.66
CA LEU N 756 -59.21 3.85 -122.27
C LEU N 756 -58.83 3.71 -123.74
N TYR N 757 -59.77 3.21 -124.53
CA TYR N 757 -59.57 3.06 -125.96
C TYR N 757 -59.80 4.42 -126.63
N ARG N 758 -59.54 4.49 -127.93
CA ARG N 758 -59.82 5.71 -128.66
C ARG N 758 -61.30 6.08 -128.64
N ASN N 759 -62.19 5.11 -128.82
CA ASN N 759 -63.63 5.33 -128.82
C ASN N 759 -64.25 5.01 -127.47
N ALA N 760 -63.43 4.75 -126.45
CA ALA N 760 -63.97 4.39 -125.14
C ALA N 760 -64.82 5.51 -124.57
N GLU N 761 -64.62 6.73 -125.04
CA GLU N 761 -65.35 7.88 -124.49
C GLU N 761 -66.84 7.76 -124.78
N HIS N 762 -67.64 8.50 -124.02
CA HIS N 762 -69.09 8.35 -123.99
C HIS N 762 -69.48 7.10 -123.20
N GLY N 763 -68.48 6.33 -122.78
CA GLY N 763 -68.65 5.26 -121.81
C GLY N 763 -69.98 4.53 -121.82
N ARG N 764 -70.47 4.16 -123.01
CA ARG N 764 -71.78 3.54 -123.10
C ARG N 764 -71.76 2.09 -122.61
N MET N 765 -70.72 1.34 -122.95
CA MET N 765 -70.61 -0.06 -122.57
C MET N 765 -69.56 -0.22 -121.47
N ALA N 766 -69.48 -1.43 -120.94
CA ALA N 766 -68.61 -1.74 -119.81
C ALA N 766 -67.15 -1.95 -120.22
N SER N 767 -66.86 -2.11 -121.50
CA SER N 767 -65.49 -2.27 -121.98
C SER N 767 -64.83 -0.93 -122.25
N GLN N 768 -65.58 0.17 -122.12
CA GLN N 768 -65.08 1.51 -122.35
C GLN N 768 -64.91 2.19 -121.01
N SER N 769 -63.72 2.73 -120.75
CA SER N 769 -63.46 3.51 -119.56
C SER N 769 -62.89 4.86 -119.95
N ASN N 770 -63.27 5.88 -119.20
CA ASN N 770 -62.74 7.22 -119.39
C ASN N 770 -62.40 7.76 -118.01
N ALA N 771 -61.87 8.99 -117.97
CA ALA N 771 -61.70 9.66 -116.68
C ALA N 771 -63.04 9.86 -116.01
N ALA N 772 -64.08 10.13 -116.78
CA ALA N 772 -65.42 10.25 -116.22
C ALA N 772 -65.84 8.96 -115.52
N LYS N 773 -65.75 7.83 -116.21
CA LYS N 773 -66.08 6.55 -115.60
C LYS N 773 -65.20 6.29 -114.38
N ILE N 774 -63.91 6.59 -114.50
CA ILE N 774 -62.98 6.29 -113.42
C ILE N 774 -63.38 7.04 -112.16
N MET N 775 -63.59 8.36 -112.27
CA MET N 775 -63.95 9.15 -111.10
C MET N 775 -65.33 8.79 -110.58
N ARG N 776 -66.29 8.54 -111.47
CA ARG N 776 -67.62 8.16 -111.03
C ARG N 776 -67.58 6.87 -110.25
N PHE N 777 -66.86 5.87 -110.74
CA PHE N 777 -66.74 4.60 -110.04
C PHE N 777 -65.96 4.76 -108.74
N ASN N 778 -64.98 5.66 -108.70
CA ASN N 778 -64.28 5.91 -107.45
C ASN N 778 -65.23 6.44 -106.39
N VAL N 779 -66.04 7.44 -106.75
CA VAL N 779 -67.03 7.95 -105.82
C VAL N 779 -68.03 6.86 -105.45
N LEU N 780 -68.44 6.06 -106.44
CA LEU N 780 -69.40 5.00 -106.20
C LEU N 780 -68.86 3.98 -105.21
N ALA N 781 -67.59 3.61 -105.34
CA ALA N 781 -66.97 2.71 -104.38
C ALA N 781 -66.89 3.36 -103.01
N PHE N 782 -66.57 4.65 -102.98
CA PHE N 782 -66.56 5.37 -101.70
C PHE N 782 -67.89 5.20 -100.98
N LEU N 783 -68.98 5.49 -101.69
CA LEU N 783 -70.30 5.42 -101.06
C LEU N 783 -70.72 3.98 -100.81
N HIS N 784 -70.31 3.06 -101.68
CA HIS N 784 -70.62 1.65 -101.50
C HIS N 784 -70.01 1.12 -100.21
N ALA N 785 -68.73 1.40 -99.97
CA ALA N 785 -68.10 1.02 -98.72
C ALA N 785 -68.77 1.74 -97.54
N VAL N 786 -69.09 3.02 -97.72
CA VAL N 786 -69.87 3.72 -96.71
C VAL N 786 -71.04 2.88 -96.27
N LEU N 787 -71.91 2.54 -97.22
CA LEU N 787 -73.14 1.81 -96.91
C LEU N 787 -72.81 0.45 -96.30
N VAL N 788 -71.85 -0.25 -96.90
CA VAL N 788 -71.51 -1.59 -96.41
C VAL N 788 -71.14 -1.53 -94.94
N GLU N 789 -69.99 -0.93 -94.64
CA GLU N 789 -69.53 -0.94 -93.26
C GLU N 789 -70.51 -0.26 -92.31
N GLU N 790 -71.28 0.73 -92.78
CA GLU N 790 -72.31 1.31 -91.93
C GLU N 790 -73.32 0.25 -91.50
N SER N 791 -73.82 -0.53 -92.45
CA SER N 791 -74.77 -1.59 -92.10
C SER N 791 -74.11 -2.66 -91.24
N LEU N 792 -72.91 -3.08 -91.61
CA LEU N 792 -72.22 -4.16 -90.91
C LEU N 792 -71.88 -3.84 -89.47
N TYR N 793 -71.43 -2.62 -89.18
CA TYR N 793 -70.87 -2.37 -87.87
C TYR N 793 -71.34 -1.10 -87.18
N HIS N 794 -72.18 -0.28 -87.81
CA HIS N 794 -72.62 0.94 -87.14
C HIS N 794 -73.38 0.58 -85.87
N SER N 795 -72.97 1.17 -84.75
CA SER N 795 -73.57 0.88 -83.45
C SER N 795 -74.94 1.52 -83.28
N VAL N 796 -75.31 2.45 -84.15
CA VAL N 796 -76.62 3.08 -84.04
C VAL N 796 -77.72 2.05 -84.29
N SER N 797 -77.36 0.83 -84.68
CA SER N 797 -78.32 -0.21 -85.02
C SER N 797 -78.06 -1.47 -84.20
N ASP N 798 -79.13 -2.22 -83.95
CA ASP N 798 -79.03 -3.50 -83.28
C ASP N 798 -79.00 -4.68 -84.25
N ARG N 799 -79.15 -4.42 -85.55
CA ARG N 799 -79.12 -5.47 -86.56
C ARG N 799 -78.73 -4.86 -87.90
N GLU N 800 -78.26 -5.69 -88.82
CA GLU N 800 -77.74 -5.25 -90.10
C GLU N 800 -78.79 -5.39 -91.19
N TYR N 801 -78.97 -4.32 -91.97
CA TYR N 801 -79.91 -4.29 -93.07
C TYR N 801 -79.28 -4.67 -94.40
N ILE N 802 -77.96 -4.88 -94.43
CA ILE N 802 -77.29 -5.25 -95.67
C ILE N 802 -77.75 -6.61 -96.16
N GLY N 803 -77.94 -7.56 -95.25
CA GLY N 803 -78.22 -8.93 -95.65
C GLY N 803 -76.93 -9.72 -95.78
N GLU N 804 -76.99 -11.02 -95.50
CA GLU N 804 -75.78 -11.84 -95.45
C GLU N 804 -75.53 -12.45 -96.82
N GLY N 805 -74.82 -11.69 -97.65
CA GLY N 805 -74.51 -12.13 -99.00
C GLY N 805 -73.08 -11.91 -99.39
N LEU N 806 -72.70 -12.41 -100.56
CA LEU N 806 -71.36 -12.22 -101.11
C LEU N 806 -71.28 -10.77 -101.56
N ARG N 807 -71.17 -9.87 -100.59
CA ARG N 807 -71.26 -8.44 -100.86
C ARG N 807 -70.07 -8.01 -101.71
N LEU N 808 -70.33 -7.77 -103.00
CA LEU N 808 -69.27 -7.51 -103.96
C LEU N 808 -69.17 -6.02 -104.25
N ASN N 809 -68.03 -5.63 -104.67
CA ASN N 809 -67.65 -4.27 -104.94
C ASN N 809 -67.83 -3.95 -106.41
N PRO N 810 -68.77 -3.06 -106.75
CA PRO N 810 -68.96 -2.68 -108.16
C PRO N 810 -67.77 -1.92 -108.71
N VAL N 811 -66.99 -2.56 -109.57
CA VAL N 811 -65.78 -1.96 -110.13
C VAL N 811 -66.01 -1.43 -111.54
N THR N 812 -66.47 -2.29 -112.45
CA THR N 812 -66.83 -1.86 -113.79
C THR N 812 -68.32 -1.73 -114.00
N SER N 813 -69.14 -2.18 -113.05
CA SER N 813 -70.59 -2.06 -113.13
C SER N 813 -71.08 -1.51 -111.80
N VAL N 814 -72.37 -1.16 -111.76
CA VAL N 814 -73.01 -0.67 -110.54
C VAL N 814 -74.01 -1.68 -110.00
N ASP N 815 -73.98 -2.91 -110.53
CA ASP N 815 -74.97 -3.90 -110.15
C ASP N 815 -74.94 -4.17 -108.65
N GLU N 816 -73.74 -4.36 -108.10
CA GLU N 816 -73.61 -4.73 -106.70
C GLU N 816 -74.19 -3.64 -105.80
N PHE N 817 -73.74 -2.40 -106.01
CA PHE N 817 -74.20 -1.29 -105.20
C PHE N 817 -75.71 -1.09 -105.35
N GLU N 818 -76.22 -1.21 -106.58
CA GLU N 818 -77.65 -1.03 -106.80
C GLU N 818 -78.46 -2.07 -106.04
N LYS N 819 -78.11 -3.34 -106.20
CA LYS N 819 -78.88 -4.39 -105.54
C LYS N 819 -78.78 -4.26 -104.02
N LYS N 820 -77.58 -3.98 -103.52
CA LYS N 820 -77.43 -3.83 -102.07
C LYS N 820 -78.27 -2.68 -101.55
N ILE N 821 -78.28 -1.55 -102.26
CA ILE N 821 -79.11 -0.41 -101.84
C ILE N 821 -80.57 -0.82 -101.84
N LYS N 822 -81.01 -1.51 -102.89
CA LYS N 822 -82.42 -1.91 -102.97
C LYS N 822 -82.79 -2.79 -101.79
N ILE N 823 -81.95 -3.79 -101.50
CA ILE N 823 -82.22 -4.70 -100.39
C ILE N 823 -82.28 -3.94 -99.08
N ILE N 824 -81.29 -3.08 -98.84
CA ILE N 824 -81.25 -2.37 -97.57
C ILE N 824 -82.46 -1.47 -97.42
N GLY N 825 -82.81 -0.74 -98.49
CA GLY N 825 -83.94 0.17 -98.41
C GLY N 825 -85.25 -0.56 -98.16
N GLU N 826 -85.47 -1.69 -98.85
CA GLU N 826 -86.71 -2.43 -98.65
C GLU N 826 -86.78 -3.07 -97.27
N LYS N 827 -85.65 -3.51 -96.72
CA LYS N 827 -85.70 -3.95 -95.34
C LYS N 827 -85.97 -2.79 -94.38
N LEU N 828 -85.42 -1.62 -94.67
CA LEU N 828 -85.72 -0.46 -93.83
C LEU N 828 -87.21 -0.14 -93.86
N LYS N 829 -87.80 -0.14 -95.05
CA LYS N 829 -89.24 0.10 -95.14
C LYS N 829 -90.02 -0.99 -94.41
N ALA N 830 -89.58 -2.24 -94.54
CA ALA N 830 -90.25 -3.33 -93.83
C ALA N 830 -90.22 -3.12 -92.33
N ASP N 831 -89.08 -2.66 -91.79
CA ASP N 831 -88.91 -2.43 -90.37
C ASP N 831 -89.39 -1.04 -89.94
N ASN N 832 -89.96 -0.27 -90.87
CA ASN N 832 -90.44 1.06 -90.55
C ASN N 832 -89.29 1.94 -90.07
N LYS N 833 -88.15 1.80 -90.75
CA LYS N 833 -86.90 2.45 -90.38
C LYS N 833 -86.49 3.42 -91.47
N THR N 834 -85.78 4.48 -91.08
CA THR N 834 -85.44 5.55 -92.01
C THR N 834 -83.92 5.68 -92.15
N TRP N 835 -83.51 6.10 -93.35
CA TRP N 835 -82.11 6.31 -93.64
C TRP N 835 -81.49 7.35 -92.71
N LYS N 836 -82.30 8.19 -92.09
CA LYS N 836 -81.84 8.99 -90.95
C LYS N 836 -81.77 8.15 -89.68
N ASN N 837 -82.62 7.13 -89.55
CA ASN N 837 -82.53 6.24 -88.41
C ASN N 837 -81.16 5.56 -88.37
N THR N 838 -80.72 5.03 -89.51
CA THR N 838 -79.35 4.56 -89.64
C THR N 838 -78.85 4.79 -91.06
N HIS N 839 -77.55 4.61 -91.25
CA HIS N 839 -76.85 5.18 -92.40
C HIS N 839 -77.09 6.68 -92.45
N PRO N 840 -77.06 7.38 -91.31
CA PRO N 840 -77.13 8.84 -91.36
C PRO N 840 -75.90 9.36 -92.07
N LEU N 841 -74.78 8.69 -91.83
CA LEU N 841 -73.55 9.02 -92.54
C LEU N 841 -73.69 8.71 -94.02
N PHE N 842 -74.18 7.52 -94.36
CA PHE N 842 -74.38 7.17 -95.76
C PHE N 842 -75.36 8.11 -96.42
N PHE N 843 -76.48 8.38 -95.76
CA PHE N 843 -77.48 9.28 -96.33
C PHE N 843 -76.93 10.68 -96.54
N LEU N 844 -76.21 11.20 -95.55
CA LEU N 844 -75.67 12.54 -95.68
C LEU N 844 -74.59 12.61 -96.75
N LEU N 845 -73.79 11.55 -96.88
CA LEU N 845 -72.81 11.47 -97.96
C LEU N 845 -73.47 11.46 -99.33
N ILE N 846 -74.52 10.68 -99.50
CA ILE N 846 -75.23 10.69 -100.77
C ILE N 846 -75.85 12.06 -101.02
N SER N 847 -76.37 12.71 -99.99
CA SER N 847 -76.91 14.05 -100.08
C SER N 847 -75.84 15.11 -100.31
N CYS N 848 -74.59 14.70 -100.47
CA CYS N 848 -73.52 15.67 -100.67
C CYS N 848 -73.60 16.24 -102.08
N PRO N 849 -73.80 17.54 -102.24
CA PRO N 849 -73.97 18.11 -103.59
C PRO N 849 -72.77 17.88 -104.50
N ILE N 850 -71.55 17.90 -103.98
CA ILE N 850 -70.37 17.80 -104.84
C ILE N 850 -70.26 16.43 -105.49
N LEU N 851 -70.64 15.37 -104.78
CA LEU N 851 -70.65 14.03 -105.36
C LEU N 851 -71.61 13.92 -106.52
N HIS N 852 -72.72 14.64 -106.46
CA HIS N 852 -73.83 14.55 -107.39
C HIS N 852 -73.37 14.80 -108.82
N PRO N 853 -72.55 15.82 -109.07
CA PRO N 853 -72.01 15.99 -110.43
C PRO N 853 -71.27 14.76 -110.92
N PHE N 854 -70.62 14.04 -110.01
CA PHE N 854 -69.87 12.84 -110.38
C PHE N 854 -70.76 11.60 -110.40
N ILE N 855 -71.98 11.70 -109.89
CA ILE N 855 -72.84 10.53 -109.80
C ILE N 855 -73.23 10.04 -111.20
N PHE N 856 -73.63 10.97 -112.07
CA PHE N 856 -74.08 10.65 -113.42
C PHE N 856 -73.37 11.60 -114.39
N PRO N 857 -72.06 11.48 -114.54
CA PRO N 857 -71.33 12.36 -115.45
C PRO N 857 -71.41 11.87 -116.89
N ILE N 858 -70.81 12.66 -117.78
CA ILE N 858 -70.79 12.34 -119.20
C ILE N 858 -69.66 11.35 -119.46
N GLY N 859 -69.99 10.21 -120.07
CA GLY N 859 -69.02 9.18 -120.35
C GLY N 859 -68.81 8.17 -119.23
N GLY N 860 -69.54 8.29 -118.12
CA GLY N 860 -69.35 7.38 -117.01
C GLY N 860 -70.56 6.49 -116.74
N ILE N 861 -71.63 6.69 -117.49
CA ILE N 861 -72.85 5.91 -117.33
C ILE N 861 -72.97 4.97 -118.52
N ASN N 862 -73.01 3.67 -118.23
CA ASN N 862 -73.19 2.67 -119.29
C ASN N 862 -74.67 2.58 -119.65
N CYS N 863 -74.97 2.72 -120.94
CA CYS N 863 -76.35 2.77 -121.42
C CYS N 863 -76.85 1.44 -121.95
N SER N 864 -76.13 0.34 -121.71
CA SER N 864 -76.64 -0.96 -122.10
C SER N 864 -78.01 -1.19 -121.48
N VAL N 865 -78.92 -1.76 -122.27
CA VAL N 865 -80.32 -1.87 -121.87
C VAL N 865 -80.41 -2.58 -120.52
N LYS N 866 -79.71 -3.71 -120.38
CA LYS N 866 -79.63 -4.35 -119.07
C LYS N 866 -78.96 -3.43 -118.07
N ALA N 867 -77.86 -2.79 -118.48
CA ALA N 867 -77.21 -1.81 -117.62
C ALA N 867 -78.06 -0.55 -117.49
N LEU N 868 -78.79 -0.19 -118.55
CA LEU N 868 -79.59 1.03 -118.52
C LEU N 868 -80.73 0.93 -117.52
N ASN N 869 -81.39 -0.23 -117.46
CA ASN N 869 -82.46 -0.41 -116.49
C ASN N 869 -81.93 -0.29 -115.06
N LYS N 870 -80.78 -0.89 -114.79
CA LYS N 870 -80.14 -0.77 -113.49
C LYS N 870 -79.73 0.67 -113.20
N GLU N 871 -79.24 1.39 -114.21
CA GLU N 871 -78.95 2.81 -114.04
C GLU N 871 -80.19 3.59 -113.66
N THR N 872 -81.31 3.30 -114.33
CA THR N 872 -82.58 3.95 -114.01
C THR N 872 -82.97 3.68 -112.57
N SER N 873 -82.95 2.41 -112.17
CA SER N 873 -83.33 2.06 -110.81
C SER N 873 -82.40 2.72 -109.79
N PHE N 874 -81.10 2.74 -110.08
CA PHE N 874 -80.12 3.36 -109.20
C PHE N 874 -80.42 4.85 -109.04
N ASN N 875 -80.69 5.54 -110.14
CA ASN N 875 -81.02 6.95 -110.09
C ASN N 875 -82.28 7.19 -109.26
N LYS N 876 -83.31 6.38 -109.50
CA LYS N 876 -84.58 6.60 -108.80
C LYS N 876 -84.44 6.33 -107.32
N LEU N 877 -83.69 5.29 -106.95
CA LEU N 877 -83.46 5.01 -105.53
C LEU N 877 -82.64 6.12 -104.89
N ILE N 878 -81.66 6.65 -105.61
CA ILE N 878 -80.90 7.79 -105.09
C ILE N 878 -81.83 8.95 -104.83
N ASP N 879 -82.71 9.25 -105.78
CA ASP N 879 -83.66 10.34 -105.61
C ASP N 879 -84.56 10.08 -104.41
N GLU N 880 -85.04 8.84 -104.27
CA GLU N 880 -85.91 8.50 -103.15
C GLU N 880 -85.21 8.73 -101.83
N ILE N 881 -83.97 8.27 -101.70
CA ILE N 881 -83.25 8.38 -100.43
C ILE N 881 -82.95 9.85 -100.12
N VAL N 882 -82.45 10.58 -101.12
CA VAL N 882 -82.06 11.97 -100.88
C VAL N 882 -83.27 12.82 -100.55
N GLY N 883 -84.38 12.57 -101.23
CA GLY N 883 -85.55 13.40 -101.13
C GLY N 883 -85.70 14.43 -102.23
N ASP N 884 -84.80 14.42 -103.22
CA ASP N 884 -84.82 15.39 -104.31
C ASP N 884 -84.23 14.74 -105.54
N LYS N 885 -84.70 15.16 -106.72
CA LYS N 885 -84.18 14.62 -107.97
C LYS N 885 -82.87 15.31 -108.35
N LEU N 886 -81.76 14.57 -108.33
CA LEU N 886 -80.46 15.12 -108.68
C LEU N 886 -80.46 15.66 -110.11
N LEU N 887 -81.02 14.90 -111.04
CA LEU N 887 -80.96 15.26 -112.45
C LEU N 887 -82.35 15.18 -113.08
N SER N 888 -82.63 16.11 -113.97
CA SER N 888 -83.91 16.14 -114.66
C SER N 888 -84.00 15.02 -115.69
N ASP N 889 -85.22 14.81 -116.20
CA ASP N 889 -85.41 13.81 -117.23
C ASP N 889 -84.61 14.14 -118.49
N GLU N 890 -84.54 15.43 -118.84
CA GLU N 890 -83.75 15.81 -120.01
C GLU N 890 -82.28 15.43 -119.84
N GLU N 891 -81.72 15.74 -118.67
CA GLU N 891 -80.33 15.38 -118.42
C GLU N 891 -80.15 13.86 -118.43
N TRP N 892 -81.11 13.14 -117.85
CA TRP N 892 -81.06 11.68 -117.85
C TRP N 892 -81.01 11.14 -119.27
N ASP N 893 -81.96 11.56 -120.11
CA ASP N 893 -82.00 11.07 -121.48
C ASP N 893 -80.78 11.51 -122.28
N TYR N 894 -80.27 12.72 -122.05
CA TYR N 894 -79.08 13.15 -122.77
C TYR N 894 -77.88 12.30 -122.38
N LEU N 895 -77.74 11.98 -121.09
CA LEU N 895 -76.68 11.06 -120.66
C LEU N 895 -76.85 9.68 -121.25
N THR N 896 -78.09 9.18 -121.33
CA THR N 896 -78.36 7.85 -121.83
C THR N 896 -78.37 7.78 -123.35
N LYS N 897 -78.27 8.91 -124.03
CA LYS N 897 -78.22 8.93 -125.48
C LYS N 897 -76.78 9.01 -125.98
N ILE N 909 -76.52 23.72 -121.44
CA ILE N 909 -75.90 24.09 -120.18
C ILE N 909 -76.30 23.12 -119.09
N PHE N 910 -75.43 22.16 -118.79
CA PHE N 910 -75.70 21.09 -117.83
C PHE N 910 -74.97 21.39 -116.54
N GLN N 911 -75.62 22.16 -115.66
CA GLN N 911 -75.15 22.26 -114.29
C GLN N 911 -75.60 21.03 -113.52
N ASN N 912 -74.96 20.81 -112.36
CA ASN N 912 -75.20 19.64 -111.53
C ASN N 912 -74.64 18.36 -112.16
N THR N 913 -73.84 18.49 -113.22
CA THR N 913 -73.27 17.32 -113.89
C THR N 913 -71.98 17.74 -114.58
N ILE N 914 -71.01 16.82 -114.62
CA ILE N 914 -69.75 17.08 -115.29
C ILE N 914 -69.89 16.73 -116.77
N THR N 915 -69.52 17.67 -117.63
CA THR N 915 -69.75 17.55 -119.07
C THR N 915 -68.46 17.71 -119.87
N SER N 916 -67.31 17.55 -119.22
CA SER N 916 -66.03 17.70 -119.91
C SER N 916 -65.12 16.51 -119.66
N LEU N 917 -65.40 15.75 -118.60
CA LEU N 917 -64.51 14.67 -118.22
C LEU N 917 -64.61 13.50 -119.20
N ASN N 918 -65.66 13.47 -120.02
CA ASN N 918 -65.82 12.38 -120.98
C ASN N 918 -64.80 12.48 -122.11
N SER N 919 -64.54 13.70 -122.59
CA SER N 919 -63.81 13.90 -123.84
C SER N 919 -62.49 14.65 -123.63
N SER N 920 -61.70 14.26 -122.65
CA SER N 920 -60.35 14.78 -122.49
C SER N 920 -59.40 13.66 -122.07
N THR N 921 -58.14 13.79 -122.49
CA THR N 921 -57.17 12.70 -122.37
C THR N 921 -56.55 12.66 -120.98
N ILE N 922 -56.12 11.47 -120.57
CA ILE N 922 -55.27 11.30 -119.41
C ILE N 922 -53.85 11.06 -119.90
N VAL N 923 -52.88 11.73 -119.28
CA VAL N 923 -51.50 11.54 -119.67
C VAL N 923 -51.14 10.06 -119.50
N GLY N 924 -50.45 9.51 -120.49
CA GLY N 924 -50.11 8.10 -120.51
C GLY N 924 -51.09 7.25 -121.29
N ALA N 925 -52.30 7.75 -121.54
CA ALA N 925 -53.28 7.03 -122.34
C ALA N 925 -53.08 7.37 -123.81
N SER N 926 -52.49 6.44 -124.57
CA SER N 926 -52.25 6.68 -125.98
C SER N 926 -53.51 6.52 -126.83
N TYR N 927 -54.52 5.82 -126.31
CA TYR N 927 -55.81 5.68 -126.98
C TYR N 927 -55.64 5.13 -128.40
N ASP N 928 -54.61 4.31 -128.58
CA ASP N 928 -54.28 3.80 -129.91
C ASP N 928 -55.35 2.83 -130.41
N LYS N 929 -55.81 1.94 -129.53
CA LYS N 929 -56.72 0.90 -129.95
C LYS N 929 -58.17 1.31 -129.75
N ASP N 930 -59.06 0.53 -130.35
CA ASP N 930 -60.50 0.77 -130.31
C ASP N 930 -61.15 -0.16 -129.29
N THR N 931 -62.45 0.03 -129.08
CA THR N 931 -63.18 -0.79 -128.12
C THR N 931 -63.52 -2.14 -128.74
N PRO N 932 -63.60 -3.20 -127.93
CA PRO N 932 -63.92 -4.52 -128.48
C PRO N 932 -65.29 -4.53 -129.14
N ALA N 933 -65.39 -5.26 -130.25
CA ALA N 933 -66.65 -5.41 -130.96
C ALA N 933 -67.38 -6.66 -130.50
N ARG N 934 -68.43 -7.05 -131.21
CA ARG N 934 -69.16 -8.28 -130.89
C ARG N 934 -69.82 -8.18 -129.51
N LYS O 35 -61.57 25.91 -57.78
CA LYS O 35 -62.41 26.16 -56.63
C LYS O 35 -63.50 25.10 -56.51
N SER O 36 -64.28 24.92 -57.57
CA SER O 36 -65.22 23.81 -57.61
C SER O 36 -64.50 22.47 -57.59
N LEU O 37 -63.34 22.40 -58.23
CA LEU O 37 -62.52 21.20 -58.12
C LEU O 37 -62.18 20.91 -56.67
N ARG O 38 -61.71 21.93 -55.95
CA ARG O 38 -61.41 21.78 -54.54
C ARG O 38 -62.65 21.33 -53.78
N ASP O 39 -63.79 21.94 -54.07
CA ASP O 39 -65.02 21.57 -53.39
C ASP O 39 -65.34 20.09 -53.59
N GLN O 40 -65.34 19.63 -54.84
CA GLN O 40 -65.70 18.25 -55.14
C GLN O 40 -64.71 17.29 -54.50
N LEU O 41 -63.42 17.61 -54.55
CA LEU O 41 -62.43 16.78 -53.89
C LEU O 41 -62.69 16.71 -52.39
N VAL O 42 -63.13 17.83 -51.81
CA VAL O 42 -63.45 17.85 -50.39
C VAL O 42 -64.59 16.90 -50.09
N GLU O 43 -65.65 16.93 -50.89
CA GLU O 43 -66.76 16.01 -50.65
C GLU O 43 -66.29 14.57 -50.84
N SER O 44 -65.44 14.33 -51.83
CA SER O 44 -64.91 12.98 -52.02
C SER O 44 -64.18 12.51 -50.77
N ILE O 45 -63.31 13.38 -50.22
CA ILE O 45 -62.60 13.03 -48.99
C ILE O 45 -63.59 12.72 -47.89
N ARG O 46 -64.59 13.58 -47.72
CA ARG O 46 -65.58 13.37 -46.68
C ARG O 46 -66.25 12.02 -46.85
N ASN O 47 -66.56 11.65 -48.09
CA ASN O 47 -67.07 10.34 -48.43
C ASN O 47 -65.96 9.32 -48.59
N SER O 48 -65.08 9.21 -47.59
CA SER O 48 -63.99 8.27 -47.64
C SER O 48 -63.81 7.60 -46.29
N ILE O 49 -64.24 8.27 -45.23
CA ILE O 49 -64.05 7.73 -43.89
C ILE O 49 -65.29 6.99 -43.41
N ALA O 50 -66.47 7.37 -43.88
CA ALA O 50 -67.70 6.69 -43.50
C ALA O 50 -67.74 5.29 -44.12
N ARG O 69 -56.62 1.08 -50.73
CA ARG O 69 -55.74 2.08 -50.14
C ARG O 69 -56.54 3.33 -49.75
N ASN O 70 -55.86 4.34 -49.23
CA ASN O 70 -56.56 5.52 -48.71
C ASN O 70 -55.89 6.81 -49.13
N VAL O 71 -55.56 6.97 -50.41
CA VAL O 71 -54.82 8.12 -50.89
C VAL O 71 -55.51 8.70 -52.12
N PHE O 72 -55.47 10.01 -52.24
CA PHE O 72 -55.94 10.73 -53.42
C PHE O 72 -54.77 11.47 -54.05
N PHE O 73 -54.87 11.71 -55.36
CA PHE O 73 -53.85 12.46 -56.08
C PHE O 73 -54.48 13.54 -56.95
N VAL O 74 -53.77 14.64 -57.11
CA VAL O 74 -54.17 15.72 -57.99
C VAL O 74 -53.04 15.90 -59.01
N ASP O 75 -53.38 15.79 -60.28
CA ASP O 75 -52.41 16.01 -61.34
C ASP O 75 -52.49 17.46 -61.84
N GLY O 76 -51.33 18.07 -62.02
CA GLY O 76 -51.26 19.45 -62.47
C GLY O 76 -50.30 19.65 -63.64
N GLY O 81 -51.53 26.69 -59.69
CA GLY O 81 -50.59 26.38 -58.63
C GLY O 81 -50.98 25.16 -57.81
N LYS O 82 -50.24 24.07 -57.99
CA LYS O 82 -50.54 22.83 -57.29
C LYS O 82 -50.60 23.06 -55.79
N THR O 83 -49.59 23.75 -55.25
CA THR O 83 -49.63 24.13 -53.85
C THR O 83 -50.85 24.99 -53.55
N THR O 84 -51.23 25.84 -54.50
CA THR O 84 -52.42 26.64 -54.30
C THR O 84 -53.64 25.76 -54.06
N PHE O 85 -53.87 24.78 -54.93
CA PHE O 85 -55.04 23.91 -54.77
C PHE O 85 -54.94 23.09 -53.49
N ILE O 86 -53.74 22.59 -53.19
CA ILE O 86 -53.58 21.77 -51.99
C ILE O 86 -53.94 22.59 -50.76
N ASN O 87 -53.42 23.81 -50.68
CA ASN O 87 -53.68 24.65 -49.53
C ASN O 87 -55.14 25.08 -49.49
N SER O 88 -55.73 25.30 -50.67
CA SER O 88 -57.14 25.64 -50.72
C SER O 88 -57.97 24.55 -50.09
N VAL O 89 -57.73 23.30 -50.49
CA VAL O 89 -58.42 22.19 -49.85
C VAL O 89 -58.08 22.15 -48.37
N VAL O 90 -56.82 22.46 -48.04
CA VAL O 90 -56.41 22.49 -46.64
C VAL O 90 -57.34 23.36 -45.81
N LYS O 91 -57.52 24.61 -46.22
CA LYS O 91 -58.44 25.49 -45.50
C LYS O 91 -59.87 24.99 -45.61
N SER O 92 -60.24 24.43 -46.76
CA SER O 92 -61.60 23.94 -46.93
C SER O 92 -61.99 22.96 -45.83
N LEU O 93 -61.07 22.11 -45.41
CA LEU O 93 -61.30 21.25 -44.25
C LEU O 93 -60.77 21.86 -42.95
N ASN O 94 -60.17 23.05 -43.02
CA ASN O 94 -59.68 23.74 -41.84
C ASN O 94 -58.54 22.95 -41.20
N VAL O 102 -67.35 12.75 -39.78
CA VAL O 102 -67.27 14.06 -40.39
C VAL O 102 -66.15 14.86 -39.74
N ASN O 103 -65.52 14.27 -38.71
CA ASN O 103 -64.45 14.92 -37.98
C ASN O 103 -63.12 14.30 -38.39
N ILE O 104 -62.42 14.95 -39.31
CA ILE O 104 -61.09 14.53 -39.74
C ILE O 104 -60.14 15.68 -39.51
N LYS O 105 -59.00 15.40 -38.91
CA LYS O 105 -58.02 16.43 -38.57
C LYS O 105 -56.86 16.38 -39.56
N CYS O 106 -56.48 17.56 -40.05
CA CYS O 106 -55.47 17.67 -41.09
C CYS O 106 -54.10 17.97 -40.47
N LEU O 107 -53.10 17.73 -41.23
CA LEU O 107 -51.75 18.11 -40.88
C LEU O 107 -51.18 19.08 -41.90
N PRO O 108 -50.28 19.97 -41.52
CA PRO O 108 -49.82 21.00 -42.45
C PRO O 108 -49.23 20.35 -43.69
N THR O 109 -49.47 20.97 -44.84
CA THR O 109 -48.95 20.46 -46.09
C THR O 109 -47.45 20.22 -45.94
N ILE O 110 -47.01 19.03 -46.33
CA ILE O 110 -45.62 18.62 -46.18
C ILE O 110 -44.91 18.84 -47.51
N ASP O 111 -44.03 19.84 -47.55
CA ASP O 111 -43.23 20.07 -48.75
C ASP O 111 -42.04 19.15 -48.69
N PRO O 112 -42.06 18.01 -49.39
CA PRO O 112 -40.89 17.13 -49.37
C PRO O 112 -39.62 17.81 -49.86
N THR O 113 -39.72 18.64 -50.89
CA THR O 113 -38.57 19.37 -51.41
C THR O 113 -38.08 20.42 -50.43
N LYS O 114 -38.89 20.78 -49.45
CA LYS O 114 -38.54 21.82 -48.48
C LYS O 114 -38.14 21.18 -47.16
N LEU O 115 -37.45 20.06 -47.24
CA LEU O 115 -37.07 19.29 -46.06
C LEU O 115 -35.61 18.91 -46.14
N PRO O 116 -34.97 18.64 -45.01
CA PRO O 116 -33.53 18.36 -45.01
C PRO O 116 -33.16 17.17 -45.87
N ARG O 117 -31.96 17.22 -46.44
CA ARG O 117 -31.44 16.19 -47.34
C ARG O 117 -31.81 14.78 -46.91
N HIS O 118 -31.62 14.45 -45.63
CA HIS O 118 -31.87 13.09 -45.15
C HIS O 118 -32.56 13.15 -43.80
N GLU O 119 -33.87 13.20 -43.84
CA GLU O 119 -34.70 13.04 -42.66
C GLU O 119 -35.85 12.13 -43.06
N PRO O 120 -36.36 11.32 -42.15
CA PRO O 120 -37.47 10.45 -42.53
C PRO O 120 -38.80 11.18 -42.48
N ILE O 121 -39.57 11.06 -43.55
CA ILE O 121 -40.91 11.64 -43.58
C ILE O 121 -41.65 11.11 -42.37
N LEU O 122 -41.30 9.91 -41.93
CA LEU O 122 -41.83 9.40 -40.68
C LEU O 122 -41.58 10.36 -39.54
N VAL O 123 -40.34 10.79 -39.34
CA VAL O 123 -40.04 11.69 -38.24
C VAL O 123 -40.68 13.06 -38.48
N THR O 124 -40.74 13.48 -39.74
CA THR O 124 -41.39 14.75 -40.03
C THR O 124 -42.84 14.75 -39.56
N VAL O 125 -43.60 13.74 -39.97
CA VAL O 125 -44.98 13.61 -39.54
C VAL O 125 -45.03 13.42 -38.03
N THR O 126 -44.07 12.71 -37.48
CA THR O 126 -44.05 12.48 -36.04
C THR O 126 -43.92 13.79 -35.29
N ALA O 127 -43.04 14.68 -35.75
CA ALA O 127 -42.87 15.97 -35.10
C ALA O 127 -44.11 16.84 -35.25
N ARG O 128 -44.69 16.86 -36.45
CA ARG O 128 -45.90 17.65 -36.63
C ARG O 128 -47.03 17.15 -35.72
N LEU O 129 -47.18 15.83 -35.63
CA LEU O 129 -48.22 15.27 -34.77
C LEU O 129 -47.90 15.48 -33.31
N ASN O 130 -46.62 15.46 -32.94
CA ASN O 130 -46.24 15.83 -31.59
C ASN O 130 -46.72 17.24 -31.27
N LYS O 131 -46.45 18.18 -32.17
CA LYS O 131 -46.96 19.53 -31.99
C LYS O 131 -48.46 19.52 -31.79
N MET O 132 -49.19 18.89 -32.71
CA MET O 132 -50.65 18.93 -32.64
C MET O 132 -51.18 18.33 -31.35
N VAL O 133 -50.70 17.13 -31.00
CA VAL O 133 -51.18 16.47 -29.81
C VAL O 133 -50.79 17.20 -28.55
N SER O 134 -49.52 17.58 -28.42
CA SER O 134 -49.04 18.31 -27.26
C SER O 134 -49.71 19.67 -27.10
N ASP O 135 -50.27 20.21 -28.19
CA ASP O 135 -51.02 21.45 -28.10
C ASP O 135 -52.48 21.23 -27.75
N LYS O 136 -53.17 20.35 -28.46
CA LYS O 136 -54.54 19.98 -28.14
C LYS O 136 -54.63 19.24 -26.82
N LEU O 137 -53.51 18.78 -26.29
CA LEU O 137 -53.44 18.25 -24.94
C LEU O 137 -52.77 19.20 -23.97
N LYS O 138 -51.92 20.11 -24.44
CA LYS O 138 -51.47 21.19 -23.58
C LYS O 138 -52.66 22.00 -23.09
N GLY O 139 -53.59 22.30 -23.99
CA GLY O 139 -54.91 22.74 -23.57
C GLY O 139 -55.52 21.67 -22.69
N TYR O 140 -56.23 22.07 -21.64
CA TYR O 140 -56.72 21.15 -20.63
C TYR O 140 -55.69 20.08 -20.30
N ARG O 147 -53.26 14.85 -16.78
CA ARG O 147 -54.05 14.06 -17.71
C ARG O 147 -53.35 12.74 -17.97
N LYS O 148 -54.12 11.70 -18.28
CA LYS O 148 -53.55 10.39 -18.57
C LYS O 148 -53.17 10.21 -20.03
N GLN O 149 -53.59 11.11 -20.92
CA GLN O 149 -53.24 10.98 -22.33
C GLN O 149 -51.73 11.03 -22.52
N LYS O 150 -51.08 12.03 -21.92
CA LYS O 150 -49.67 12.29 -22.19
C LYS O 150 -48.78 11.13 -21.78
N GLU O 151 -49.01 10.57 -20.59
CA GLU O 151 -48.13 9.51 -20.11
C GLU O 151 -48.04 8.35 -21.07
N GLN O 152 -49.17 7.80 -21.50
CA GLN O 152 -49.11 6.72 -22.47
C GLN O 152 -48.74 7.21 -23.86
N TRP O 153 -48.98 8.48 -24.17
CA TRP O 153 -48.59 8.99 -25.48
C TRP O 153 -47.08 9.05 -25.60
N GLN O 154 -46.41 9.65 -24.63
CA GLN O 154 -44.96 9.62 -24.60
C GLN O 154 -44.41 8.20 -24.57
N ASN O 155 -45.20 7.23 -24.10
CA ASN O 155 -44.78 5.84 -24.22
C ASN O 155 -44.57 5.43 -25.66
N HIS O 156 -45.59 5.65 -26.51
CA HIS O 156 -45.44 5.35 -27.92
C HIS O 156 -44.39 6.25 -28.58
N LEU O 157 -44.29 7.50 -28.15
CA LEU O 157 -43.21 8.34 -28.64
C LEU O 157 -41.85 7.72 -28.37
N ALA O 158 -41.62 7.26 -27.14
CA ALA O 158 -40.37 6.60 -26.82
C ALA O 158 -40.18 5.33 -27.63
N GLN O 159 -41.25 4.54 -27.80
CA GLN O 159 -41.14 3.34 -28.62
C GLN O 159 -40.65 3.69 -30.02
N LEU O 160 -41.30 4.67 -30.65
CA LEU O 160 -40.89 5.05 -32.01
C LEU O 160 -39.46 5.56 -32.02
N GLN O 161 -39.13 6.48 -31.11
CA GLN O 161 -37.80 7.08 -31.11
C GLN O 161 -36.73 6.00 -30.94
N ARG O 162 -36.95 5.06 -30.03
CA ARG O 162 -36.04 3.94 -29.87
C ARG O 162 -35.96 3.08 -31.11
N GLY O 163 -37.07 2.84 -31.79
CA GLY O 163 -37.04 1.99 -32.96
C GLY O 163 -36.76 2.73 -34.25
N LEU O 164 -36.57 4.05 -34.16
CA LEU O 164 -36.34 4.87 -35.34
C LEU O 164 -35.06 4.48 -36.06
N HIS O 165 -34.14 3.80 -35.40
CA HIS O 165 -32.87 3.44 -36.02
C HIS O 165 -33.08 2.67 -37.31
N LEU O 166 -34.10 1.81 -37.36
CA LEU O 166 -34.30 0.98 -38.54
C LEU O 166 -34.20 1.78 -39.83
N LEU O 167 -34.72 3.00 -39.81
CA LEU O 167 -34.65 3.85 -40.99
C LEU O 167 -33.20 4.23 -41.30
N THR O 168 -32.46 4.64 -40.26
CA THR O 168 -31.13 5.21 -40.42
C THR O 168 -30.08 4.15 -40.72
N ASP O 169 -29.95 3.19 -39.82
CA ASP O 169 -28.88 2.20 -39.82
C ASP O 169 -28.56 1.67 -41.21
N LYS O 170 -27.30 1.81 -41.61
CA LYS O 170 -26.83 1.24 -42.86
C LYS O 170 -26.48 -0.23 -42.71
N GLU O 171 -26.47 -0.74 -41.49
CA GLU O 171 -26.28 -2.15 -41.21
C GLU O 171 -27.22 -2.55 -40.09
N TYR O 172 -27.33 -3.85 -39.85
CA TYR O 172 -28.14 -4.36 -38.75
C TYR O 172 -27.30 -4.45 -37.49
N LYS O 173 -27.68 -3.69 -36.48
CA LYS O 173 -26.79 -4.03 -35.40
C LYS O 173 -27.34 -5.22 -34.62
N PRO O 174 -26.52 -6.26 -34.46
CA PRO O 174 -27.01 -7.50 -33.82
C PRO O 174 -27.53 -7.30 -32.42
N GLU O 175 -26.92 -6.44 -31.62
CA GLU O 175 -27.43 -6.21 -30.27
C GLU O 175 -28.84 -5.66 -30.30
N TYR O 176 -29.28 -5.14 -31.44
CA TYR O 176 -30.66 -4.73 -31.63
C TYR O 176 -31.63 -5.90 -31.48
N PHE O 177 -31.13 -7.13 -31.58
CA PHE O 177 -31.99 -8.29 -31.38
C PHE O 177 -32.59 -8.33 -29.99
N SER O 178 -31.83 -7.97 -28.96
CA SER O 178 -32.36 -7.90 -27.62
C SER O 178 -33.52 -6.93 -27.50
N ASP O 179 -33.43 -5.76 -28.13
CA ASP O 179 -34.59 -4.88 -28.24
C ASP O 179 -35.72 -5.56 -28.99
N ALA O 180 -35.41 -6.23 -30.10
CA ALA O 180 -36.42 -6.93 -30.88
C ALA O 180 -37.01 -8.11 -30.14
N LEU O 181 -36.40 -8.54 -29.04
CA LEU O 181 -36.89 -9.66 -28.25
C LEU O 181 -37.47 -9.21 -26.92
N LYS O 182 -37.89 -7.95 -26.84
CA LYS O 182 -38.34 -7.34 -25.59
C LYS O 182 -39.80 -6.94 -25.76
N LEU O 183 -40.53 -6.94 -24.65
CA LEU O 183 -41.96 -6.60 -24.67
C LEU O 183 -42.40 -5.94 -23.37
N SER O 190 -48.29 -6.56 -32.20
CA SER O 190 -48.85 -7.86 -31.86
C SER O 190 -48.73 -8.83 -33.03
N ILE O 191 -47.79 -8.55 -33.93
CA ILE O 191 -47.52 -9.43 -35.06
C ILE O 191 -46.18 -10.13 -34.85
N GLY O 192 -45.41 -9.63 -33.89
CA GLY O 192 -44.12 -10.20 -33.56
C GLY O 192 -42.98 -9.37 -34.09
N GLY O 193 -42.35 -8.59 -33.22
CA GLY O 193 -41.24 -7.76 -33.62
C GLY O 193 -41.36 -6.31 -33.18
N GLN O 194 -40.79 -5.41 -33.97
CA GLN O 194 -40.69 -3.99 -33.64
C GLN O 194 -41.18 -3.15 -34.81
N ASP O 195 -42.37 -3.47 -35.32
CA ASP O 195 -42.86 -2.77 -36.50
C ASP O 195 -43.09 -1.30 -36.23
N LEU O 196 -42.19 -0.47 -36.75
CA LEU O 196 -42.40 0.96 -36.71
C LEU O 196 -43.75 1.33 -37.27
N SER O 197 -44.18 0.66 -38.34
CA SER O 197 -45.51 0.89 -38.86
C SER O 197 -46.60 0.59 -37.83
N GLU O 198 -46.46 -0.49 -37.06
CA GLU O 198 -47.50 -0.79 -36.09
C GLU O 198 -47.52 0.22 -34.96
N ILE O 199 -46.35 0.60 -34.46
CA ILE O 199 -46.33 1.73 -33.54
C ILE O 199 -46.99 2.92 -34.20
N PHE O 200 -46.87 3.03 -35.52
CA PHE O 200 -47.42 4.15 -36.26
C PHE O 200 -48.94 4.17 -36.20
N GLU O 201 -49.61 3.04 -36.43
CA GLU O 201 -51.07 3.08 -36.34
C GLU O 201 -51.49 3.27 -34.89
N GLU O 202 -50.68 2.76 -33.95
CA GLU O 202 -50.97 3.04 -32.55
C GLU O 202 -50.94 4.54 -32.25
N LEU O 203 -49.93 5.23 -32.76
CA LEU O 203 -49.85 6.67 -32.63
C LEU O 203 -51.02 7.37 -33.32
N VAL O 204 -51.40 6.90 -34.49
CA VAL O 204 -52.54 7.48 -35.20
C VAL O 204 -53.82 7.33 -34.38
N LYS O 205 -54.02 6.14 -33.81
CA LYS O 205 -55.16 5.91 -32.94
C LYS O 205 -55.13 6.88 -31.77
N ARG O 206 -53.96 7.07 -31.17
CA ARG O 206 -53.86 8.02 -30.06
C ARG O 206 -54.19 9.43 -30.51
N ALA O 207 -53.70 9.83 -31.68
CA ALA O 207 -53.97 11.18 -32.17
C ALA O 207 -55.46 11.40 -32.35
N CYS O 208 -56.16 10.46 -32.99
CA CYS O 208 -57.59 10.65 -33.18
C CYS O 208 -58.35 10.59 -31.86
N GLU O 209 -57.94 9.71 -30.94
CA GLU O 209 -58.62 9.68 -29.65
C GLU O 209 -58.43 10.99 -28.89
N ILE O 210 -57.23 11.54 -28.95
CA ILE O 210 -56.94 12.82 -28.32
C ILE O 210 -57.70 13.96 -28.97
N LEU O 211 -57.85 13.91 -30.29
CA LEU O 211 -58.39 15.04 -31.04
C LEU O 211 -59.87 14.90 -31.35
N ASP O 212 -60.50 13.82 -30.90
CA ASP O 212 -61.91 13.57 -31.17
C ASP O 212 -62.19 13.62 -32.68
N CYS O 213 -61.24 13.09 -33.45
CA CYS O 213 -61.30 13.15 -34.89
C CYS O 213 -61.38 11.74 -35.45
N LYS O 214 -62.05 11.62 -36.59
CA LYS O 214 -62.22 10.33 -37.23
C LYS O 214 -60.93 9.79 -37.82
N ALA O 215 -60.14 10.64 -38.47
CA ALA O 215 -58.91 10.20 -39.10
C ALA O 215 -57.98 11.38 -39.28
N ILE O 216 -56.78 11.09 -39.79
CA ILE O 216 -55.75 12.09 -40.02
C ILE O 216 -55.58 12.26 -41.52
N LEU O 217 -55.68 13.51 -41.98
CA LEU O 217 -55.35 13.84 -43.35
C LEU O 217 -53.90 14.28 -43.45
N ILE O 218 -53.09 13.47 -44.13
CA ILE O 218 -51.72 13.82 -44.44
C ILE O 218 -51.62 14.12 -45.92
N THR O 219 -50.91 15.20 -46.26
CA THR O 219 -50.77 15.63 -47.63
C THR O 219 -49.33 16.06 -47.87
N PHE O 220 -48.89 15.99 -49.13
CA PHE O 220 -47.49 16.22 -49.45
C PHE O 220 -47.34 17.13 -50.66
N ASP O 221 -46.28 17.92 -50.66
CA ASP O 221 -46.06 19.00 -51.61
C ASP O 221 -45.42 18.47 -52.91
N ASP O 222 -45.63 19.24 -53.97
CA ASP O 222 -45.08 18.92 -55.27
C ASP O 222 -43.56 18.82 -55.21
N ILE O 223 -43.02 17.85 -55.95
CA ILE O 223 -41.59 17.55 -55.90
C ILE O 223 -40.92 18.05 -57.16
N ASP O 224 -41.48 19.11 -57.75
CA ASP O 224 -40.93 19.65 -59.00
C ASP O 224 -39.45 19.96 -58.88
N THR O 225 -39.04 20.67 -57.83
CA THR O 225 -37.63 20.98 -57.61
C THR O 225 -36.82 19.77 -57.17
N GLN O 226 -37.43 18.84 -56.45
CA GLN O 226 -36.72 17.65 -56.00
C GLN O 226 -37.62 16.43 -56.09
N PHE O 227 -37.52 15.70 -57.19
CA PHE O 227 -38.36 14.54 -57.41
C PHE O 227 -37.85 13.31 -56.67
N ASP O 228 -36.56 13.30 -56.36
CA ASP O 228 -35.94 12.12 -55.75
C ASP O 228 -36.53 11.78 -54.39
N ALA O 229 -36.83 12.78 -53.57
CA ALA O 229 -37.40 12.50 -52.26
C ALA O 229 -38.75 11.81 -52.36
N GLY O 230 -39.48 12.04 -53.44
CA GLY O 230 -40.83 11.51 -53.56
C GLY O 230 -40.88 10.00 -53.38
N TRP O 231 -39.82 9.30 -53.80
CA TRP O 231 -39.71 7.88 -53.49
C TRP O 231 -39.85 7.66 -51.99
N ASP O 232 -39.24 8.55 -51.22
CA ASP O 232 -39.29 8.42 -49.77
C ASP O 232 -40.71 8.55 -49.26
N VAL O 233 -41.44 9.54 -49.78
CA VAL O 233 -42.83 9.73 -49.34
C VAL O 233 -43.67 8.53 -49.72
N LEU O 234 -43.54 8.06 -50.96
CA LEU O 234 -44.37 6.95 -51.41
C LEU O 234 -44.06 5.69 -50.62
N GLU O 235 -42.78 5.43 -50.37
CA GLU O 235 -42.40 4.28 -49.56
C GLU O 235 -42.86 4.38 -48.12
N SER O 236 -42.78 5.56 -47.51
CA SER O 236 -43.33 5.75 -46.18
C SER O 236 -44.83 5.48 -46.19
N ILE O 237 -45.51 5.92 -47.25
CA ILE O 237 -46.92 5.63 -47.42
C ILE O 237 -47.14 4.13 -47.42
N ARG O 238 -46.38 3.42 -48.26
CA ARG O 238 -46.60 1.99 -48.43
C ARG O 238 -46.37 1.24 -47.13
N LYS O 239 -45.30 1.56 -46.42
CA LYS O 239 -44.92 0.78 -45.25
C LYS O 239 -45.54 1.26 -43.95
N PHE O 240 -46.06 2.49 -43.91
CA PHE O 240 -46.52 3.05 -42.66
C PHE O 240 -47.94 3.59 -42.71
N PHE O 241 -48.33 4.24 -43.80
CA PHE O 241 -49.63 4.87 -43.90
C PHE O 241 -50.72 3.87 -44.26
N ASN O 242 -50.38 2.59 -44.22
CA ASN O 242 -51.33 1.51 -44.47
C ASN O 242 -52.25 1.31 -43.26
N SER O 243 -53.05 2.34 -42.99
CA SER O 243 -53.97 2.34 -41.87
C SER O 243 -55.33 2.86 -42.31
N ARG O 244 -56.36 2.45 -41.59
CA ARG O 244 -57.72 2.88 -41.84
C ARG O 244 -58.09 4.15 -41.11
N LYS O 245 -57.17 4.71 -40.33
CA LYS O 245 -57.35 6.02 -39.71
C LYS O 245 -56.55 7.10 -40.42
N LEU O 246 -56.05 6.80 -41.62
CA LEU O 246 -55.19 7.70 -42.36
C LEU O 246 -55.74 7.91 -43.77
N VAL O 247 -55.69 9.16 -44.23
CA VAL O 247 -55.98 9.48 -45.62
C VAL O 247 -54.88 10.40 -46.14
N VAL O 248 -54.31 10.04 -47.27
CA VAL O 248 -53.17 10.76 -47.83
C VAL O 248 -53.62 11.50 -49.08
N VAL O 249 -52.92 12.59 -49.37
CA VAL O 249 -53.20 13.42 -50.53
C VAL O 249 -51.88 13.86 -51.14
N ALA O 250 -51.63 13.43 -52.37
CA ALA O 250 -50.46 13.84 -53.11
C ALA O 250 -50.88 14.59 -54.36
N THR O 251 -49.93 15.30 -54.94
CA THR O 251 -50.19 16.09 -56.13
C THR O 251 -48.90 16.28 -56.90
N GLY O 252 -49.03 16.44 -58.21
CA GLY O 252 -47.87 16.59 -59.07
C GLY O 252 -48.14 15.97 -60.43
N ASP O 253 -47.05 15.64 -61.12
CA ASP O 253 -47.12 15.04 -62.44
C ASP O 253 -46.89 13.55 -62.34
N LEU O 254 -47.79 12.77 -62.92
CA LEU O 254 -47.67 11.33 -62.86
C LEU O 254 -46.41 10.81 -63.54
N ARG O 255 -45.97 11.45 -64.61
CA ARG O 255 -44.76 10.98 -65.29
C ARG O 255 -43.55 11.04 -64.38
N LEU O 256 -43.39 12.10 -63.60
CA LEU O 256 -42.21 12.21 -62.76
C LEU O 256 -42.15 11.09 -61.74
N TYR O 257 -43.29 10.77 -61.14
CA TYR O 257 -43.37 9.64 -60.22
C TYR O 257 -43.11 8.33 -60.96
N SER O 258 -43.58 8.24 -62.20
CA SER O 258 -43.35 7.04 -63.00
C SER O 258 -41.87 6.81 -63.22
N GLN O 259 -41.13 7.84 -63.58
CA GLN O 259 -39.68 7.68 -63.70
C GLN O 259 -39.02 7.34 -62.38
N LEU O 260 -39.45 7.96 -61.29
CA LEU O 260 -38.95 7.62 -59.96
C LEU O 260 -39.07 6.13 -59.67
N ILE O 261 -40.27 5.59 -59.86
CA ILE O 261 -40.47 4.17 -59.65
C ILE O 261 -39.69 3.36 -60.67
N ARG O 262 -39.66 3.82 -61.92
CA ARG O 262 -38.92 3.12 -62.95
C ARG O 262 -37.46 3.00 -62.58
N GLY O 263 -36.85 4.11 -62.14
CA GLY O 263 -35.51 4.03 -61.64
C GLY O 263 -35.39 3.07 -60.47
N LYS O 264 -36.05 3.37 -59.37
CA LYS O 264 -35.87 2.59 -58.15
C LYS O 264 -36.10 1.11 -58.38
N GLN O 265 -37.00 0.74 -59.29
CA GLN O 265 -37.10 -0.63 -59.74
C GLN O 265 -35.79 -1.09 -60.38
N TYR O 266 -35.21 -0.24 -61.22
CA TYR O 266 -33.97 -0.56 -61.91
C TYR O 266 -32.86 -0.97 -60.96
N GLU O 267 -32.71 -0.30 -59.82
CA GLU O 267 -31.60 -0.58 -58.93
C GLU O 267 -31.78 -1.88 -58.16
N ASN O 268 -32.94 -2.51 -58.29
CA ASN O 268 -33.10 -3.86 -57.80
C ASN O 268 -32.38 -4.88 -58.67
N TYR O 269 -32.14 -4.56 -59.94
CA TYR O 269 -31.34 -5.41 -60.80
C TYR O 269 -29.88 -5.38 -60.37
N SER O 270 -29.20 -6.50 -60.57
CA SER O 270 -27.77 -6.57 -60.32
C SER O 270 -27.02 -5.96 -61.50
N LYS O 271 -26.12 -5.03 -61.21
CA LYS O 271 -25.32 -4.41 -62.27
C LYS O 271 -24.69 -5.46 -63.16
N THR O 272 -24.02 -6.44 -62.57
CA THR O 272 -23.32 -7.46 -63.34
C THR O 272 -24.23 -8.06 -64.40
N LEU O 273 -25.45 -8.42 -64.00
CA LEU O 273 -26.45 -8.83 -64.97
C LEU O 273 -26.56 -7.81 -66.09
N LEU O 274 -26.65 -6.54 -65.72
CA LEU O 274 -26.88 -5.51 -66.72
C LEU O 274 -25.75 -5.43 -67.73
N GLU O 275 -24.49 -5.53 -67.30
CA GLU O 275 -23.42 -5.46 -68.29
C GLU O 275 -23.24 -6.76 -69.06
N GLN O 276 -23.49 -7.92 -68.45
CA GLN O 276 -23.21 -9.17 -69.14
C GLN O 276 -24.34 -9.59 -70.08
N GLU O 277 -25.59 -9.59 -69.61
CA GLU O 277 -26.70 -9.94 -70.50
C GLU O 277 -27.21 -8.69 -71.19
N LYS O 278 -26.34 -8.04 -71.98
CA LYS O 278 -26.71 -6.85 -72.72
C LYS O 278 -27.33 -7.20 -74.08
N GLU O 279 -27.87 -8.41 -74.19
CA GLU O 279 -28.53 -8.83 -75.42
C GLU O 279 -29.83 -8.06 -75.61
N SER O 280 -30.20 -7.90 -76.88
CA SER O 280 -31.43 -7.18 -77.22
C SER O 280 -32.64 -7.77 -76.51
N VAL O 281 -32.83 -9.09 -76.64
CA VAL O 281 -34.02 -9.72 -76.08
C VAL O 281 -34.00 -9.61 -74.56
N ARG O 282 -32.83 -9.86 -73.95
CA ARG O 282 -32.71 -9.75 -72.51
C ARG O 282 -33.10 -8.37 -72.02
N LEU O 283 -32.55 -7.32 -72.65
CA LEU O 283 -32.86 -5.96 -72.24
C LEU O 283 -34.32 -5.63 -72.47
N ALA O 284 -34.89 -6.07 -73.59
CA ALA O 284 -36.28 -5.77 -73.88
C ALA O 284 -37.21 -6.39 -72.85
N GLU O 285 -36.96 -7.65 -72.49
CA GLU O 285 -37.81 -8.31 -71.50
C GLU O 285 -37.56 -7.77 -70.10
N ARG O 286 -36.33 -7.40 -69.77
CA ARG O 286 -36.08 -6.60 -68.57
C ARG O 286 -36.95 -5.36 -68.53
N GLY O 287 -36.98 -4.59 -69.61
CA GLY O 287 -37.88 -3.46 -69.67
C GLY O 287 -39.32 -3.89 -69.41
N TYR O 288 -39.84 -4.78 -70.27
CA TYR O 288 -41.21 -5.24 -70.10
C TYR O 288 -41.52 -5.55 -68.64
N MET O 289 -40.61 -6.23 -67.95
CA MET O 289 -40.79 -6.47 -66.52
C MET O 289 -40.85 -5.16 -65.75
N VAL O 290 -39.94 -4.24 -66.04
CA VAL O 290 -39.88 -2.99 -65.30
C VAL O 290 -41.18 -2.20 -65.44
N GLU O 291 -41.66 -2.02 -66.67
CA GLU O 291 -42.93 -1.36 -66.89
C GLU O 291 -44.11 -2.12 -66.33
N HIS O 292 -44.10 -3.45 -66.38
CA HIS O 292 -45.13 -4.22 -65.68
C HIS O 292 -45.19 -3.87 -64.21
N LEU O 293 -44.06 -3.93 -63.51
CA LEU O 293 -44.01 -3.55 -62.12
C LEU O 293 -44.39 -2.11 -61.89
N GLU O 294 -44.00 -1.22 -62.80
CA GLU O 294 -44.35 0.18 -62.64
C GLU O 294 -45.86 0.37 -62.69
N GLN O 295 -46.51 -0.21 -63.71
CA GLN O 295 -47.95 -0.13 -63.80
C GLN O 295 -48.63 -0.75 -62.59
N GLN O 296 -48.18 -1.94 -62.18
CA GLN O 296 -48.78 -2.61 -61.05
C GLN O 296 -48.60 -1.85 -59.74
N TYR O 297 -47.52 -1.08 -59.61
CA TYR O 297 -47.23 -0.41 -58.35
C TYR O 297 -47.87 0.95 -58.29
N LEU O 298 -47.88 1.67 -59.41
CA LEU O 298 -48.52 2.97 -59.49
C LEU O 298 -50.01 2.87 -59.18
N LEU O 299 -50.66 1.83 -59.70
CA LEU O 299 -52.09 1.68 -59.49
C LEU O 299 -52.43 1.65 -58.00
N LYS O 300 -51.70 0.86 -57.23
CA LYS O 300 -51.99 0.76 -55.81
C LYS O 300 -51.51 1.99 -55.06
N LEU O 301 -50.40 2.59 -55.49
CA LEU O 301 -49.92 3.81 -54.84
C LEU O 301 -50.87 4.99 -55.03
N PHE O 302 -51.59 5.06 -56.15
CA PHE O 302 -52.71 5.98 -56.32
C PHE O 302 -53.85 5.30 -57.06
N PRO O 303 -54.99 5.14 -56.42
CA PRO O 303 -56.20 4.74 -57.16
C PRO O 303 -56.58 5.80 -58.18
N VAL O 304 -57.04 5.34 -59.34
CA VAL O 304 -57.41 6.30 -60.38
C VAL O 304 -58.58 7.17 -59.91
N GLN O 305 -59.65 6.56 -59.41
CA GLN O 305 -60.79 7.34 -58.96
C GLN O 305 -60.38 8.33 -57.88
N LYS O 306 -59.34 8.02 -57.14
CA LYS O 306 -58.84 8.89 -56.09
C LYS O 306 -57.88 9.94 -56.63
N ARG O 307 -57.51 9.84 -57.90
CA ARG O 307 -56.70 10.87 -58.53
C ARG O 307 -57.62 11.98 -59.03
N ILE O 308 -57.20 13.22 -58.83
CA ILE O 308 -58.03 14.37 -59.16
C ILE O 308 -57.44 15.08 -60.37
N GLN O 309 -58.22 15.18 -61.43
CA GLN O 309 -57.72 15.72 -62.70
C GLN O 309 -57.31 17.17 -62.57
N LEU O 310 -58.06 17.97 -61.80
CA LEU O 310 -57.77 19.39 -61.68
C LEU O 310 -58.07 20.11 -62.99
N LYS O 311 -58.85 21.19 -62.91
CA LYS O 311 -59.22 21.93 -64.10
C LYS O 311 -58.12 22.92 -64.48
N THR O 312 -57.88 23.05 -65.78
CA THR O 312 -56.80 23.89 -66.29
C THR O 312 -57.38 25.18 -66.86
N MET O 313 -56.53 26.21 -67.00
CA MET O 313 -57.01 27.53 -67.39
C MET O 313 -57.74 27.53 -68.71
N LEU O 314 -57.08 27.09 -69.79
CA LEU O 314 -57.70 27.17 -71.11
C LEU O 314 -59.07 26.52 -71.15
N GLN O 315 -59.27 25.44 -70.40
CA GLN O 315 -60.58 24.82 -70.25
C GLN O 315 -61.40 25.50 -69.15
N LEU O 316 -60.81 26.47 -68.47
CA LEU O 316 -61.52 27.29 -67.50
C LEU O 316 -62.30 28.41 -68.18
N VAL O 317 -62.19 28.53 -69.50
CA VAL O 317 -62.80 29.63 -70.22
C VAL O 317 -63.31 29.14 -71.57
N GLY O 318 -64.15 29.93 -72.22
CA GLY O 318 -64.71 29.57 -73.51
C GLY O 318 -63.65 29.19 -74.53
N GLU O 319 -63.85 28.05 -75.20
CA GLU O 319 -62.90 27.63 -76.22
C GLU O 319 -62.76 28.69 -77.30
N LYS O 320 -63.87 29.11 -77.90
CA LYS O 320 -63.89 30.18 -78.88
C LYS O 320 -65.10 31.06 -78.66
N GLY O 321 -65.67 31.00 -77.45
CA GLY O 321 -66.87 31.73 -77.12
C GLY O 321 -68.09 30.89 -76.85
N LYS O 322 -68.11 29.63 -77.29
CA LYS O 322 -69.19 28.71 -76.98
C LYS O 322 -68.99 28.06 -75.62
N ALA O 323 -68.17 28.69 -74.79
CA ALA O 323 -67.88 28.23 -73.44
C ALA O 323 -67.59 29.43 -72.55
N GLY O 324 -66.92 29.20 -71.42
CA GLY O 324 -66.63 30.28 -70.50
C GLY O 324 -67.13 29.97 -69.11
N LYS O 325 -67.25 28.68 -68.78
CA LYS O 325 -67.61 28.23 -67.45
C LYS O 325 -66.69 28.92 -66.45
N GLU O 326 -67.32 29.52 -65.44
CA GLU O 326 -66.63 30.26 -64.38
C GLU O 326 -65.69 31.31 -64.95
N GLU O 327 -66.25 32.30 -65.64
CA GLU O 327 -65.44 33.41 -66.15
C GLU O 327 -64.63 34.03 -65.01
N ILE O 328 -63.34 34.21 -65.25
CA ILE O 328 -62.40 34.56 -64.18
C ILE O 328 -62.20 36.06 -64.08
N LYS O 329 -61.72 36.68 -65.16
CA LYS O 329 -61.50 38.12 -65.20
C LYS O 329 -60.26 38.51 -64.40
N VAL O 330 -59.43 39.39 -64.97
CA VAL O 330 -58.16 39.78 -64.35
C VAL O 330 -57.92 41.26 -64.56
N LYS O 331 -56.88 41.77 -63.91
CA LYS O 331 -56.57 43.19 -63.93
C LYS O 331 -55.39 43.46 -64.86
N THR O 332 -55.49 44.54 -65.65
CA THR O 332 -54.40 45.01 -66.49
C THR O 332 -53.64 46.18 -65.88
N GLU O 333 -54.31 47.28 -65.58
CA GLU O 333 -53.63 48.37 -64.90
C GLU O 333 -53.97 48.31 -63.42
N PRO O 334 -53.31 49.11 -62.59
CA PRO O 334 -53.48 48.94 -61.13
C PRO O 334 -54.91 49.12 -60.66
N SER O 335 -55.65 50.08 -61.24
CA SER O 335 -56.86 50.54 -60.56
C SER O 335 -58.00 49.53 -60.62
N MET O 336 -58.64 49.38 -61.78
CA MET O 336 -59.64 48.36 -61.99
C MET O 336 -60.50 48.04 -60.78
N GLN O 337 -61.39 48.96 -60.38
CA GLN O 337 -62.21 48.75 -59.19
C GLN O 337 -63.22 47.65 -59.48
N ASP O 338 -62.67 46.50 -59.88
CA ASP O 338 -63.39 45.24 -59.95
C ASP O 338 -64.46 45.19 -61.04
N ILE O 339 -64.64 46.29 -61.77
CA ILE O 339 -65.63 46.29 -62.83
C ILE O 339 -65.01 46.39 -64.22
N ASP O 340 -63.85 47.01 -64.34
CA ASP O 340 -63.16 47.19 -65.60
C ASP O 340 -62.08 46.14 -65.86
N ALA O 341 -62.01 45.10 -65.03
CA ALA O 341 -61.03 44.04 -65.27
C ALA O 341 -61.15 43.56 -66.71
N ILE O 342 -60.01 43.52 -67.41
CA ILE O 342 -60.04 43.30 -68.84
C ILE O 342 -60.02 41.81 -69.15
N ASP O 343 -61.17 41.16 -69.00
CA ASP O 343 -61.37 39.79 -69.44
C ASP O 343 -60.16 38.94 -69.02
N VAL O 344 -59.96 37.80 -69.67
CA VAL O 344 -58.69 37.11 -69.68
C VAL O 344 -58.35 36.80 -71.13
N ARG O 345 -59.26 36.11 -71.81
CA ARG O 345 -59.02 35.75 -73.21
C ARG O 345 -58.93 37.00 -74.07
N GLN O 346 -59.80 37.97 -73.83
CA GLN O 346 -59.77 39.21 -74.58
C GLN O 346 -58.51 40.02 -74.32
N ALA O 347 -58.07 40.11 -73.07
CA ALA O 347 -56.81 40.77 -72.78
C ALA O 347 -55.66 40.09 -73.50
N ILE O 348 -55.65 38.76 -73.50
CA ILE O 348 -54.60 38.03 -74.20
C ILE O 348 -54.65 38.32 -75.70
N GLY O 349 -55.84 38.23 -76.29
CA GLY O 349 -55.95 38.45 -77.72
C GLY O 349 -55.55 39.86 -78.13
N ASP O 350 -55.98 40.85 -77.36
CA ASP O 350 -55.51 42.21 -77.62
C ASP O 350 -54.00 42.26 -77.53
N ALA O 351 -53.44 42.03 -76.33
CA ALA O 351 -52.00 42.10 -76.16
C ALA O 351 -51.27 41.47 -77.33
N VAL O 352 -51.70 40.30 -77.78
CA VAL O 352 -51.02 39.66 -78.90
C VAL O 352 -51.22 40.46 -80.19
N ARG O 353 -52.46 40.81 -80.51
CA ARG O 353 -52.73 41.46 -81.80
C ARG O 353 -51.96 42.76 -81.93
N GLU O 354 -52.08 43.65 -80.94
CA GLU O 354 -51.32 44.89 -81.01
C GLU O 354 -49.84 44.65 -80.77
N GLY O 355 -49.47 43.53 -80.20
CA GLY O 355 -48.07 43.20 -80.03
C GLY O 355 -47.58 42.34 -81.17
N LEU O 356 -48.50 41.92 -82.03
CA LEU O 356 -48.19 41.08 -83.17
C LEU O 356 -48.68 41.65 -84.48
N ASN O 357 -49.51 42.70 -84.43
CA ASN O 357 -50.06 43.27 -85.65
C ASN O 357 -50.82 42.19 -86.42
N LEU O 358 -51.78 41.55 -85.76
CA LEU O 358 -52.36 40.32 -86.28
C LEU O 358 -53.84 40.40 -86.61
N ARG O 359 -54.51 41.53 -86.39
CA ARG O 359 -55.92 41.63 -86.75
C ARG O 359 -56.75 40.77 -85.80
N GLU O 360 -58.06 40.82 -85.97
CA GLU O 360 -59.00 40.04 -85.15
C GLU O 360 -59.31 38.69 -85.79
N GLY O 361 -58.44 38.21 -86.67
CA GLY O 361 -58.76 37.02 -87.43
C GLY O 361 -58.76 35.75 -86.61
N SER O 362 -59.07 34.62 -87.26
CA SER O 362 -59.10 33.34 -86.58
C SER O 362 -57.72 32.82 -86.26
N ASP O 363 -56.67 33.44 -86.79
CA ASP O 363 -55.32 33.04 -86.46
C ASP O 363 -54.92 33.53 -85.07
N ALA O 364 -55.24 34.79 -84.76
CA ALA O 364 -54.97 35.33 -83.43
C ALA O 364 -55.76 34.58 -82.36
N ASP O 365 -57.03 34.30 -82.63
CA ASP O 365 -57.85 33.53 -81.70
C ASP O 365 -57.19 32.18 -81.47
N MET O 366 -56.69 31.58 -82.55
CA MET O 366 -55.96 30.32 -82.51
C MET O 366 -54.67 30.41 -81.71
N TYR O 367 -53.87 31.45 -81.96
CA TYR O 367 -52.64 31.64 -81.19
C TYR O 367 -52.93 31.78 -79.70
N VAL O 368 -53.92 32.59 -79.35
CA VAL O 368 -54.29 32.77 -77.94
C VAL O 368 -54.87 31.52 -77.32
N ASN O 369 -55.65 30.74 -78.07
CA ASN O 369 -56.12 29.45 -77.56
C ASN O 369 -54.95 28.52 -77.27
N GLU O 370 -53.93 28.55 -78.12
CA GLU O 370 -52.75 27.72 -77.91
C GLU O 370 -51.77 28.40 -76.95
N LEU O 371 -52.18 29.52 -76.38
CA LEU O 371 -51.40 30.19 -75.35
C LEU O 371 -52.09 29.96 -74.02
N LEU O 372 -53.39 29.70 -74.08
CA LEU O 372 -54.19 29.37 -72.90
C LEU O 372 -53.80 28.05 -72.28
N LYS O 373 -53.03 27.23 -73.00
CA LYS O 373 -52.55 25.96 -72.48
C LYS O 373 -51.27 26.08 -71.68
N GLN O 374 -50.63 27.25 -71.71
CA GLN O 374 -49.36 27.39 -71.00
C GLN O 374 -49.58 27.30 -69.49
N PRO O 375 -48.54 26.98 -68.74
CA PRO O 375 -48.70 26.85 -67.28
C PRO O 375 -49.25 28.13 -66.65
N VAL O 376 -50.07 27.96 -65.60
CA VAL O 376 -50.75 29.10 -65.01
C VAL O 376 -49.75 30.17 -64.59
N ARG O 377 -48.67 29.76 -63.91
CA ARG O 377 -47.64 30.73 -63.55
C ARG O 377 -47.01 31.35 -64.78
N LEU O 378 -46.70 30.55 -65.80
CA LEU O 378 -46.13 31.08 -67.02
C LEU O 378 -47.03 32.13 -67.66
N LEU O 379 -48.30 31.80 -67.88
CA LEU O 379 -49.24 32.72 -68.50
C LEU O 379 -49.47 33.97 -67.68
N MET O 380 -49.69 33.83 -66.37
CA MET O 380 -49.89 34.98 -65.50
C MET O 380 -48.69 35.90 -65.46
N GLN O 381 -47.48 35.35 -65.36
CA GLN O 381 -46.26 36.14 -65.42
C GLN O 381 -46.11 36.87 -66.75
N VAL O 382 -46.28 36.16 -67.87
CA VAL O 382 -46.14 36.82 -69.16
C VAL O 382 -47.24 37.85 -69.38
N LEU O 383 -48.40 37.71 -68.76
CA LEU O 383 -49.49 38.65 -68.97
C LEU O 383 -49.54 39.70 -67.87
N GLN O 384 -48.55 39.68 -66.97
CA GLN O 384 -48.49 40.71 -65.95
C GLN O 384 -47.24 41.54 -66.10
N ASP O 385 -46.17 40.96 -66.64
CA ASP O 385 -45.00 41.76 -66.99
C ASP O 385 -45.23 42.62 -68.21
N PHE O 386 -45.98 42.13 -69.20
CA PHE O 386 -46.28 42.93 -70.37
C PHE O 386 -47.11 44.16 -70.01
N TYR O 387 -48.22 43.95 -69.30
CA TYR O 387 -49.13 45.06 -69.03
C TYR O 387 -48.58 45.99 -67.97
N THR O 388 -47.78 45.46 -67.03
CA THR O 388 -47.13 46.32 -66.06
C THR O 388 -46.20 47.32 -66.76
N LYS O 389 -45.31 46.82 -67.61
CA LYS O 389 -44.45 47.69 -68.39
C LYS O 389 -45.23 48.56 -69.37
N LYS O 390 -46.37 48.08 -69.86
CA LYS O 390 -47.23 48.92 -70.68
C LYS O 390 -47.70 50.14 -69.89
N TYR O 391 -48.20 49.91 -68.68
CA TYR O 391 -48.61 51.02 -67.82
C TYR O 391 -47.44 51.95 -67.55
N HIS O 392 -46.27 51.38 -67.28
CA HIS O 392 -45.10 52.22 -67.02
C HIS O 392 -44.77 53.08 -68.23
N ALA O 393 -44.80 52.50 -69.43
CA ALA O 393 -44.52 53.24 -70.65
C ALA O 393 -45.57 54.31 -70.90
N THR O 394 -46.81 54.06 -70.52
CA THR O 394 -47.89 55.03 -70.65
C THR O 394 -47.90 56.01 -69.49
N SER O 395 -46.97 55.83 -68.54
CA SER O 395 -46.86 56.69 -67.37
C SER O 395 -47.92 56.31 -66.34
N SER O 412 -44.27 51.33 -79.13
CA SER O 412 -44.43 49.99 -79.69
C SER O 412 -45.06 49.02 -78.69
N VAL O 413 -46.11 48.35 -79.13
CA VAL O 413 -46.70 47.26 -78.34
C VAL O 413 -45.88 45.99 -78.55
N PRO O 414 -45.48 45.66 -79.77
CA PRO O 414 -44.72 44.42 -80.00
C PRO O 414 -43.37 44.34 -79.31
N ASN O 415 -42.77 45.47 -78.93
CA ASN O 415 -41.55 45.43 -78.14
C ASN O 415 -41.83 45.28 -76.65
N LEU O 416 -42.75 46.08 -76.11
CA LEU O 416 -43.36 45.82 -74.82
C LEU O 416 -43.71 44.35 -74.65
N LEU O 417 -44.12 43.70 -75.73
CA LEU O 417 -44.61 42.34 -75.68
C LEU O 417 -43.49 41.30 -75.75
N ARG O 418 -42.55 41.43 -76.68
CA ARG O 418 -41.49 40.44 -76.75
C ARG O 418 -40.51 40.57 -75.60
N ASN O 419 -40.43 41.73 -74.94
CA ASN O 419 -39.71 41.76 -73.67
C ASN O 419 -40.30 40.80 -72.65
N ALA O 420 -41.56 40.41 -72.83
CA ALA O 420 -42.19 39.42 -71.97
C ALA O 420 -41.89 38.00 -72.45
N LEU O 421 -42.07 37.74 -73.74
CA LEU O 421 -41.87 36.40 -74.27
C LEU O 421 -40.42 35.95 -74.14
N TYR O 422 -39.48 36.88 -74.25
CA TYR O 422 -38.08 36.51 -74.12
C TYR O 422 -37.83 35.79 -72.80
N GLY O 423 -38.25 36.40 -71.69
CA GLY O 423 -38.17 35.72 -70.42
C GLY O 423 -39.09 34.53 -70.29
N SER O 424 -40.31 34.64 -70.83
CA SER O 424 -41.29 33.56 -70.71
C SER O 424 -40.79 32.25 -71.28
N MET O 425 -40.28 32.26 -72.50
CA MET O 425 -39.75 31.07 -73.15
C MET O 425 -38.23 31.09 -73.23
N LEU O 426 -37.58 31.86 -72.35
CA LEU O 426 -36.13 31.98 -72.39
C LEU O 426 -35.47 30.61 -72.39
N SER O 427 -35.93 29.70 -71.52
CA SER O 427 -35.40 28.35 -71.51
C SER O 427 -35.64 27.66 -72.84
N ASN O 428 -36.89 27.66 -73.30
CA ASN O 428 -37.21 27.00 -74.57
C ASN O 428 -36.39 27.58 -75.72
N ILE O 429 -36.38 28.91 -75.84
CA ILE O 429 -35.62 29.53 -76.92
C ILE O 429 -34.14 29.21 -76.86
N TYR O 430 -33.52 29.31 -75.69
CA TYR O 430 -32.08 29.18 -75.66
C TYR O 430 -31.67 27.73 -75.82
N ARG O 431 -32.46 26.80 -75.30
CA ARG O 431 -32.33 25.40 -75.66
C ARG O 431 -32.57 25.15 -77.13
N ALA O 432 -33.35 26.01 -77.78
CA ALA O 432 -33.42 26.01 -79.23
C ALA O 432 -32.11 26.43 -79.85
N GLY O 433 -31.18 26.96 -79.06
CA GLY O 433 -29.90 27.39 -79.57
C GLY O 433 -29.95 28.66 -80.37
N LEU O 434 -31.05 29.41 -80.30
CA LEU O 434 -31.25 30.60 -81.10
C LEU O 434 -30.91 31.84 -80.28
N ASN O 435 -30.78 32.97 -80.97
CA ASN O 435 -30.21 34.18 -80.40
C ASN O 435 -30.66 34.43 -78.97
N TYR O 436 -29.69 34.57 -78.06
CA TYR O 436 -29.94 34.86 -76.65
C TYR O 436 -29.59 36.30 -76.30
N GLU O 437 -28.49 36.82 -76.84
CA GLU O 437 -28.06 38.16 -76.49
C GLU O 437 -29.08 39.21 -76.93
N GLN O 438 -29.28 40.20 -76.08
CA GLN O 438 -30.22 41.27 -76.35
C GLN O 438 -29.69 42.33 -77.31
N HIS O 439 -28.40 42.66 -77.24
CA HIS O 439 -27.87 43.72 -78.10
C HIS O 439 -27.69 43.27 -79.54
N ARG O 440 -27.66 41.98 -79.81
CA ARG O 440 -27.43 41.43 -81.14
C ARG O 440 -28.75 41.18 -81.88
N PHE O 441 -29.78 41.98 -81.57
CA PHE O 441 -31.09 41.70 -82.13
C PHE O 441 -31.14 42.08 -83.61
N GLY O 442 -31.01 43.37 -83.90
CA GLY O 442 -31.01 43.83 -85.28
C GLY O 442 -32.14 43.21 -86.09
N MET O 443 -31.95 43.27 -87.41
CA MET O 443 -32.71 42.46 -88.34
C MET O 443 -31.88 41.31 -88.88
N ASP O 444 -30.56 41.40 -88.75
CA ASP O 444 -29.65 40.33 -89.15
C ASP O 444 -29.95 39.05 -88.39
N SER O 445 -30.14 39.16 -87.07
CA SER O 445 -30.35 37.97 -86.24
C SER O 445 -31.64 37.25 -86.58
N LEU O 446 -32.72 37.99 -86.87
CA LEU O 446 -34.04 37.38 -86.98
C LEU O 446 -34.12 36.38 -88.13
N CYS O 447 -33.50 36.69 -89.26
CA CYS O 447 -33.57 35.78 -90.40
C CYS O 447 -32.98 34.42 -90.08
N LYS O 448 -31.75 34.38 -89.57
CA LYS O 448 -31.15 33.10 -89.20
C LYS O 448 -31.88 32.45 -88.04
N ASP O 449 -32.43 33.25 -87.12
CA ASP O 449 -33.20 32.69 -86.03
C ASP O 449 -34.41 31.93 -86.54
N ILE O 450 -35.14 32.52 -87.49
CA ILE O 450 -36.30 31.84 -88.07
C ILE O 450 -35.85 30.63 -88.86
N PHE O 451 -34.76 30.76 -89.62
CA PHE O 451 -34.20 29.61 -90.31
C PHE O 451 -33.96 28.46 -89.36
N THR O 452 -33.43 28.75 -88.17
CA THR O 452 -33.17 27.70 -87.21
C THR O 452 -34.45 27.13 -86.64
N TYR O 453 -35.39 27.98 -86.21
CA TYR O 453 -36.63 27.48 -85.66
C TYR O 453 -37.32 26.53 -86.63
N VAL O 454 -37.39 26.92 -87.90
CA VAL O 454 -38.05 26.08 -88.89
C VAL O 454 -37.29 24.78 -89.11
N LYS O 455 -35.95 24.82 -89.15
CA LYS O 455 -35.19 23.60 -89.37
C LYS O 455 -35.15 22.67 -88.16
N GLN O 456 -35.58 23.12 -86.98
CA GLN O 456 -35.93 22.16 -85.94
C GLN O 456 -37.35 21.65 -86.05
N ASP O 457 -38.31 22.53 -86.34
CA ASP O 457 -39.67 22.07 -86.56
C ASP O 457 -39.87 21.56 -87.98
N ARG O 458 -38.78 21.27 -88.69
CA ARG O 458 -38.88 20.71 -90.03
C ARG O 458 -39.54 21.72 -90.95
N ASP O 459 -40.85 21.56 -91.16
CA ASP O 459 -41.62 22.54 -91.93
C ASP O 459 -41.06 22.69 -93.33
N PHE O 460 -40.44 23.83 -93.60
CA PHE O 460 -39.88 24.20 -94.90
C PHE O 460 -40.98 24.54 -95.90
N ASN O 461 -42.25 24.39 -95.53
CA ASN O 461 -43.37 24.77 -96.36
C ASN O 461 -44.15 25.95 -95.78
N THR O 462 -44.36 25.95 -94.47
CA THR O 462 -45.03 27.06 -93.80
C THR O 462 -44.36 27.37 -92.47
N GLY O 463 -43.15 26.87 -92.26
CA GLY O 463 -42.47 27.10 -90.99
C GLY O 463 -42.27 28.58 -90.72
N PHE O 464 -41.97 29.36 -91.75
CA PHE O 464 -41.87 30.80 -91.61
C PHE O 464 -43.18 31.43 -91.19
N TYR O 465 -44.31 30.75 -91.35
CA TYR O 465 -45.55 31.23 -90.77
C TYR O 465 -45.42 31.43 -89.26
N LEU O 466 -44.56 30.65 -88.61
CA LEU O 466 -44.35 30.73 -87.17
C LEU O 466 -45.61 30.44 -86.36
N ARG O 467 -46.52 29.63 -86.89
CA ARG O 467 -47.71 29.30 -86.12
C ARG O 467 -47.35 28.27 -85.05
N PRO O 468 -47.83 28.47 -83.84
CA PRO O 468 -47.55 27.49 -82.78
C PRO O 468 -48.28 26.19 -83.02
N GLN O 469 -47.88 25.48 -84.07
CA GLN O 469 -48.56 24.25 -84.46
C GLN O 469 -47.62 23.05 -84.35
N SER O 470 -46.65 23.12 -83.45
CA SER O 470 -45.68 22.06 -83.26
C SER O 470 -46.05 21.21 -82.05
N GLU O 471 -45.76 19.91 -82.16
CA GLU O 471 -46.03 18.99 -81.07
C GLU O 471 -45.29 19.41 -79.80
N SER O 472 -44.01 19.76 -79.92
CA SER O 472 -43.28 20.24 -78.75
C SER O 472 -43.64 21.70 -78.49
N GLU O 473 -44.07 21.96 -77.26
CA GLU O 473 -44.42 23.31 -76.83
C GLU O 473 -43.23 24.26 -76.89
N ALA O 474 -42.01 23.72 -76.83
CA ALA O 474 -40.82 24.54 -76.90
C ALA O 474 -40.69 25.28 -78.23
N LEU O 475 -41.06 24.64 -79.33
CA LEU O 475 -41.16 25.32 -80.62
C LEU O 475 -42.54 25.91 -80.85
N ARG O 476 -43.59 25.32 -80.27
CA ARG O 476 -44.90 25.94 -80.33
C ARG O 476 -44.95 27.27 -79.58
N ASN O 477 -43.94 27.55 -78.76
CA ASN O 477 -43.78 28.88 -78.16
C ASN O 477 -42.72 29.70 -78.87
N CYS O 478 -41.66 29.04 -79.38
CA CYS O 478 -40.68 29.74 -80.18
C CYS O 478 -41.33 30.39 -81.38
N SER O 479 -42.36 29.77 -81.94
CA SER O 479 -43.05 30.35 -83.08
C SER O 479 -43.68 31.69 -82.71
N ILE O 480 -44.38 31.74 -81.57
CA ILE O 480 -44.97 32.99 -81.12
C ILE O 480 -43.88 34.02 -80.86
N TYR O 481 -42.80 33.61 -80.22
CA TYR O 481 -41.72 34.55 -79.95
C TYR O 481 -41.17 35.14 -81.23
N LEU O 482 -40.95 34.29 -82.23
CA LEU O 482 -40.44 34.75 -83.51
C LEU O 482 -41.42 35.68 -84.20
N ALA O 483 -42.70 35.36 -84.13
CA ALA O 483 -43.70 36.24 -84.73
C ALA O 483 -43.67 37.61 -84.08
N SER O 484 -43.57 37.66 -82.75
CA SER O 484 -43.46 38.93 -82.06
C SER O 484 -42.21 39.69 -82.49
N GLN O 485 -41.08 38.98 -82.57
CA GLN O 485 -39.84 39.60 -83.01
C GLN O 485 -39.97 40.19 -84.40
N VAL O 486 -40.63 39.47 -85.32
CA VAL O 486 -40.80 39.96 -86.68
C VAL O 486 -41.58 41.27 -86.69
N SER O 487 -42.72 41.29 -86.00
CA SER O 487 -43.55 42.50 -86.00
C SER O 487 -42.79 43.67 -85.41
N GLU O 488 -42.14 43.45 -84.27
CA GLU O 488 -41.41 44.55 -83.64
C GLU O 488 -40.28 45.01 -84.54
N ASN O 489 -39.60 44.07 -85.20
CA ASN O 489 -38.44 44.41 -86.02
C ASN O 489 -38.83 45.25 -87.22
N CYS O 490 -39.82 44.81 -88.00
CA CYS O 490 -40.26 45.57 -89.16
C CYS O 490 -41.38 46.56 -88.85
N GLN O 491 -41.56 46.92 -87.59
CA GLN O 491 -42.39 48.07 -87.27
C GLN O 491 -41.87 49.30 -87.98
N GLY O 492 -42.62 49.80 -88.96
CA GLY O 492 -42.48 51.17 -89.41
C GLY O 492 -41.61 51.43 -90.62
N SER O 493 -41.20 50.41 -91.38
CA SER O 493 -40.44 50.69 -92.59
C SER O 493 -40.58 49.58 -93.63
N LEU O 494 -40.96 50.02 -94.84
CA LEU O 494 -41.14 49.11 -95.97
C LEU O 494 -39.86 48.37 -96.30
N SER O 495 -38.71 49.04 -96.21
CA SER O 495 -37.46 48.39 -96.59
C SER O 495 -37.13 47.21 -95.69
N LYS O 496 -37.22 47.35 -94.37
CA LYS O 496 -36.97 46.19 -93.50
C LYS O 496 -38.08 45.17 -93.58
N PHE O 497 -39.33 45.60 -93.77
CA PHE O 497 -40.37 44.64 -94.07
C PHE O 497 -39.97 43.77 -95.26
N LEU O 498 -39.52 44.40 -96.33
CA LEU O 498 -39.09 43.68 -97.52
C LEU O 498 -37.89 42.82 -97.21
N GLN O 499 -36.98 43.30 -96.36
CA GLN O 499 -35.82 42.51 -96.00
C GLN O 499 -36.24 41.20 -95.36
N MET O 500 -37.17 41.22 -94.41
CA MET O 500 -37.66 39.95 -93.91
C MET O 500 -38.34 39.14 -95.00
N LEU O 501 -39.31 39.74 -95.69
CA LEU O 501 -40.09 39.02 -96.69
C LEU O 501 -39.19 38.28 -97.65
N LEU O 502 -38.09 38.90 -98.06
CA LEU O 502 -37.15 38.23 -98.93
C LEU O 502 -36.30 37.24 -98.16
N VAL O 503 -35.45 37.72 -97.26
CA VAL O 503 -34.43 36.88 -96.65
C VAL O 503 -34.99 35.67 -95.94
N GLY O 504 -36.00 35.82 -95.08
CA GLY O 504 -36.50 34.68 -94.36
C GLY O 504 -37.37 33.79 -95.21
N CYS O 505 -38.38 34.39 -95.84
CA CYS O 505 -39.30 33.60 -96.66
C CYS O 505 -38.54 32.85 -97.75
N GLY O 506 -37.90 33.57 -98.66
CA GLY O 506 -37.12 32.92 -99.69
C GLY O 506 -36.06 32.02 -99.12
N SER O 507 -35.60 32.27 -97.89
CA SER O 507 -34.69 31.34 -97.26
C SER O 507 -35.19 29.91 -97.37
N VAL O 508 -36.33 29.64 -96.72
CA VAL O 508 -36.93 28.31 -96.78
C VAL O 508 -37.35 27.99 -98.21
N SER O 509 -38.01 28.94 -98.87
CA SER O 509 -38.56 28.67 -100.19
C SER O 509 -37.50 28.20 -101.18
N ILE O 510 -36.25 28.58 -100.96
CA ILE O 510 -35.19 28.19 -101.88
C ILE O 510 -34.42 27.00 -101.33
N PHE O 511 -34.16 26.96 -100.03
CA PHE O 511 -33.45 25.81 -99.49
C PHE O 511 -34.24 24.53 -99.72
N ASN O 512 -35.54 24.55 -99.43
CA ASN O 512 -36.36 23.37 -99.53
C ASN O 512 -36.54 22.95 -101.00
N GLN O 513 -37.12 23.84 -101.80
CA GLN O 513 -37.42 23.47 -103.18
C GLN O 513 -36.16 23.26 -104.00
N PHE O 514 -35.07 23.95 -103.65
CA PHE O 514 -33.86 23.99 -104.45
C PHE O 514 -32.67 23.32 -103.78
N VAL O 515 -32.62 23.28 -102.45
CA VAL O 515 -31.41 22.86 -101.77
C VAL O 515 -31.68 21.55 -101.01
N THR O 516 -32.87 21.00 -101.19
CA THR O 516 -33.23 19.73 -100.57
C THR O 516 -32.99 18.54 -101.48
N GLU O 517 -32.56 18.76 -102.72
CA GLU O 517 -32.26 17.67 -103.63
C GLU O 517 -30.84 17.13 -103.46
N LEU O 518 -30.05 17.75 -102.58
CA LEU O 518 -28.70 17.29 -102.27
C LEU O 518 -28.70 16.42 -101.02
N ALA O 519 -29.33 16.89 -99.94
CA ALA O 519 -29.40 16.14 -98.71
C ALA O 519 -30.75 15.43 -98.57
N ASP O 524 -28.57 10.94 -94.24
CA ASP O 524 -27.68 11.42 -93.18
C ASP O 524 -28.22 12.69 -92.54
N ARG O 525 -27.89 12.88 -91.26
CA ARG O 525 -28.35 14.05 -90.52
C ARG O 525 -27.20 15.02 -90.25
N GLU O 526 -26.01 14.50 -89.97
CA GLU O 526 -24.85 15.39 -89.91
C GLU O 526 -24.61 16.04 -91.27
N LYS O 527 -24.78 15.27 -92.34
CA LYS O 527 -24.76 15.83 -93.69
C LYS O 527 -25.81 16.92 -93.85
N PHE O 528 -27.03 16.68 -93.37
CA PHE O 528 -28.09 17.66 -93.49
C PHE O 528 -27.74 18.94 -92.74
N GLU O 529 -27.20 18.79 -91.53
CA GLU O 529 -26.75 19.94 -90.74
C GLU O 529 -25.66 20.72 -91.46
N GLN O 530 -24.67 20.03 -92.01
CA GLN O 530 -23.60 20.73 -92.71
C GLN O 530 -24.14 21.43 -93.95
N LEU O 531 -25.04 20.78 -94.68
CA LEU O 531 -25.62 21.41 -95.86
C LEU O 531 -26.35 22.68 -95.51
N ILE O 532 -27.15 22.65 -94.44
CA ILE O 532 -27.82 23.88 -94.03
C ILE O 532 -26.79 24.90 -93.58
N SER O 533 -25.69 24.44 -92.98
CA SER O 533 -24.62 25.36 -92.58
C SER O 533 -24.08 26.12 -93.77
N GLU O 534 -23.72 25.41 -94.84
CA GLU O 534 -23.20 26.08 -96.02
C GLU O 534 -24.27 26.93 -96.70
N TYR O 535 -25.53 26.48 -96.67
CA TYR O 535 -26.61 27.30 -97.21
C TYR O 535 -26.67 28.63 -96.49
N VAL O 536 -26.63 28.61 -95.15
CA VAL O 536 -26.61 29.85 -94.38
C VAL O 536 -25.39 30.68 -94.71
N ALA O 537 -24.21 30.05 -94.80
CA ALA O 537 -22.99 30.79 -95.08
C ALA O 537 -23.09 31.53 -96.41
N TYR O 538 -23.45 30.82 -97.47
CA TYR O 538 -23.57 31.45 -98.78
C TYR O 538 -24.66 32.51 -98.77
N MET O 539 -25.78 32.23 -98.11
CA MET O 539 -26.95 33.08 -98.18
C MET O 539 -26.87 34.27 -97.24
N SER O 540 -25.84 34.34 -96.41
CA SER O 540 -25.63 35.48 -95.51
C SER O 540 -26.84 35.68 -94.59
N VAL O 541 -27.47 34.57 -94.23
CA VAL O 541 -28.62 34.61 -93.33
C VAL O 541 -28.10 34.80 -91.91
N GLY O 542 -28.60 35.82 -91.23
CA GLY O 542 -28.05 36.22 -89.96
C GLY O 542 -27.00 37.29 -90.17
N ARG O 543 -26.23 37.16 -91.25
CA ARG O 543 -25.21 38.14 -91.59
C ARG O 543 -25.53 38.80 -92.93
N ILE O 544 -26.79 39.14 -93.16
CA ILE O 544 -27.21 39.70 -94.44
C ILE O 544 -26.72 41.14 -94.53
N GLU O 545 -25.99 41.44 -95.60
CA GLU O 545 -25.47 42.79 -95.81
C GLU O 545 -26.45 43.67 -96.58
N SER O 546 -26.77 43.28 -97.82
CA SER O 546 -27.61 44.09 -98.68
C SER O 546 -28.58 43.19 -99.43
N ALA O 547 -29.72 43.78 -99.77
CA ALA O 547 -30.72 43.04 -100.55
C ALA O 547 -30.19 42.70 -101.93
N SER O 548 -29.43 43.59 -102.56
CA SER O 548 -28.85 43.27 -103.84
C SER O 548 -27.92 42.06 -103.75
N HIS O 549 -27.07 42.02 -102.73
CA HIS O 549 -26.19 40.87 -102.56
C HIS O 549 -26.97 39.59 -102.28
N TRP O 550 -27.93 39.63 -101.38
CA TRP O 550 -28.68 38.42 -101.10
C TRP O 550 -29.41 37.95 -102.35
N ALA O 551 -29.91 38.89 -103.16
CA ALA O 551 -30.58 38.53 -104.40
C ALA O 551 -29.62 37.86 -105.36
N ASN O 552 -28.42 38.43 -105.52
CA ASN O 552 -27.45 37.81 -106.41
C ASN O 552 -27.11 36.39 -105.95
N ARG O 553 -26.94 36.20 -104.64
CA ARG O 553 -26.64 34.86 -104.14
C ARG O 553 -27.80 33.89 -104.36
N CYS O 554 -29.02 34.27 -103.96
CA CYS O 554 -30.17 33.40 -104.15
C CYS O 554 -30.47 33.20 -105.63
N CYS O 555 -30.20 34.20 -106.46
CA CYS O 555 -30.38 34.02 -107.90
C CYS O 555 -29.47 32.92 -108.45
N ALA O 556 -28.20 32.91 -108.04
CA ALA O 556 -27.30 31.83 -108.46
C ALA O 556 -27.76 30.49 -107.89
N VAL O 557 -28.21 30.50 -106.63
CA VAL O 557 -28.69 29.25 -106.03
C VAL O 557 -29.82 28.66 -106.84
N VAL O 558 -30.81 29.49 -107.20
CA VAL O 558 -31.94 29.00 -108.00
C VAL O 558 -31.46 28.59 -109.39
N ALA O 559 -30.48 29.32 -109.93
CA ALA O 559 -29.93 28.97 -111.24
C ALA O 559 -29.32 27.57 -111.24
N ASN O 560 -28.72 27.16 -110.14
CA ASN O 560 -28.05 25.86 -110.07
C ASN O 560 -29.01 24.67 -109.93
N SER O 561 -29.85 24.41 -110.93
CA SER O 561 -30.74 23.25 -110.84
C SER O 561 -31.58 23.00 -112.09
N PRO O 562 -32.45 23.94 -112.50
CA PRO O 562 -33.55 23.61 -113.43
C PRO O 562 -33.23 22.64 -114.56
N ASN O 563 -34.20 21.78 -114.86
CA ASN O 563 -34.13 20.78 -115.92
C ASN O 563 -35.34 20.91 -116.84
N ASP O 564 -35.59 19.87 -117.66
CA ASP O 564 -36.75 19.89 -118.55
C ASP O 564 -36.65 20.97 -119.61
N GLU O 565 -35.68 20.83 -120.52
CA GLU O 565 -35.42 21.71 -121.66
C GLU O 565 -34.60 22.94 -121.26
N LYS O 566 -34.24 23.11 -119.99
CA LYS O 566 -33.28 24.13 -119.57
C LYS O 566 -33.62 25.50 -120.17
N ILE O 567 -34.87 25.91 -119.99
CA ILE O 567 -35.33 27.21 -120.46
C ILE O 567 -35.00 28.24 -119.39
N GLY O 568 -34.41 29.35 -119.80
CA GLY O 568 -33.94 30.36 -118.87
C GLY O 568 -35.05 31.20 -118.27
N VAL O 569 -36.09 30.54 -117.77
CA VAL O 569 -37.18 31.24 -117.10
C VAL O 569 -37.51 30.50 -115.81
N PHE O 570 -36.98 30.99 -114.71
CA PHE O 570 -37.07 30.31 -113.43
C PHE O 570 -38.29 30.81 -112.66
N LEU O 571 -38.32 30.53 -111.36
CA LEU O 571 -39.43 30.94 -110.50
C LEU O 571 -39.88 32.35 -110.86
N GLY O 572 -38.97 33.32 -110.77
CA GLY O 572 -39.27 34.68 -111.15
C GLY O 572 -38.16 35.35 -111.93
N MET O 573 -37.38 34.60 -112.70
CA MET O 573 -36.25 35.19 -113.42
C MET O 573 -36.20 34.75 -114.87
N VAL O 574 -35.52 35.54 -115.70
CA VAL O 574 -35.23 35.16 -117.08
C VAL O 574 -33.71 35.25 -117.27
N GLN O 575 -33.09 34.12 -117.58
CA GLN O 575 -31.63 34.07 -117.76
C GLN O 575 -31.33 34.59 -119.16
N LEU O 576 -31.27 35.92 -119.27
CA LEU O 576 -31.04 36.57 -120.55
C LEU O 576 -29.65 36.23 -121.09
N ASN O 577 -29.55 36.07 -122.41
CA ASN O 577 -28.28 35.81 -123.04
C ASN O 577 -27.38 37.05 -122.99
N ARG O 578 -26.09 36.83 -122.77
CA ARG O 578 -25.09 37.90 -122.81
C ARG O 578 -24.24 37.85 -124.07
N LYS O 579 -23.91 36.65 -124.54
CA LYS O 579 -23.08 36.46 -125.73
C LYS O 579 -24.04 36.46 -126.93
N SER O 580 -24.24 37.63 -127.52
CA SER O 580 -25.18 37.76 -128.63
C SER O 580 -24.59 37.16 -129.90
N ARG O 581 -24.39 35.84 -129.90
CA ARG O 581 -23.91 35.13 -131.10
C ARG O 581 -24.76 33.86 -131.25
N GLN O 582 -25.86 33.99 -131.99
CA GLN O 582 -26.83 32.92 -132.20
C GLN O 582 -27.55 33.23 -133.51
N ASN O 583 -27.48 32.30 -134.46
CA ASN O 583 -28.13 32.51 -135.75
C ASN O 583 -29.63 32.42 -135.57
N MET O 584 -30.28 33.56 -135.37
CA MET O 584 -31.58 33.65 -134.75
C MET O 584 -32.56 34.49 -135.56
N PRO O 585 -33.87 34.30 -135.34
CA PRO O 585 -34.87 34.89 -136.23
C PRO O 585 -35.35 36.27 -135.78
N GLU O 586 -36.24 36.82 -136.60
CA GLU O 586 -36.92 38.10 -136.40
C GLU O 586 -36.05 39.18 -135.78
N GLY O 587 -36.62 39.93 -134.83
CA GLY O 587 -35.95 41.07 -134.25
C GLY O 587 -35.41 40.77 -132.87
N TYR O 588 -35.51 39.51 -132.46
CA TYR O 588 -34.93 39.10 -131.20
C TYR O 588 -33.43 39.31 -131.23
N LYS O 589 -32.85 39.64 -130.09
CA LYS O 589 -31.42 39.91 -129.98
C LYS O 589 -31.03 39.78 -128.52
N LYS O 590 -29.77 40.08 -128.23
CA LYS O 590 -29.35 40.19 -126.84
C LYS O 590 -29.91 41.46 -126.24
N PHE O 591 -30.02 41.48 -124.92
CA PHE O 591 -30.45 42.67 -124.21
C PHE O 591 -29.26 43.61 -124.02
N ASN O 592 -29.43 44.86 -124.43
CA ASN O 592 -28.40 45.88 -124.28
C ASN O 592 -28.89 46.94 -123.31
N ILE O 593 -28.12 47.15 -122.24
CA ILE O 593 -28.49 48.15 -121.24
C ILE O 593 -28.38 49.57 -121.79
N ASP O 594 -27.37 49.84 -122.62
CA ASP O 594 -27.23 51.18 -123.19
C ASP O 594 -28.45 51.58 -124.01
N THR O 595 -29.07 50.63 -124.71
CA THR O 595 -30.18 50.94 -125.61
C THR O 595 -31.36 51.59 -124.91
N GLU O 596 -31.48 51.44 -123.60
CA GLU O 596 -32.57 52.05 -122.84
C GLU O 596 -32.16 53.41 -122.33
N ASN O 597 -33.14 54.24 -122.02
CA ASN O 597 -32.93 55.61 -121.62
C ASN O 597 -33.76 55.93 -120.38
N GLY O 598 -33.30 56.91 -119.62
CA GLY O 598 -34.04 57.40 -118.47
C GLY O 598 -34.22 56.39 -117.36
N LEU O 599 -35.42 56.36 -116.78
CA LEU O 599 -35.70 55.61 -115.56
C LEU O 599 -35.79 54.11 -115.80
N ALA O 600 -36.11 53.67 -117.02
CA ALA O 600 -36.20 52.25 -117.33
C ALA O 600 -34.84 51.57 -117.46
N LYS O 601 -33.84 52.28 -117.98
CA LYS O 601 -32.50 51.72 -118.05
C LYS O 601 -31.99 51.34 -116.67
N ALA O 602 -32.16 52.23 -115.70
CA ALA O 602 -31.72 51.95 -114.34
C ALA O 602 -32.49 50.77 -113.75
N ALA O 603 -33.81 50.73 -113.97
CA ALA O 603 -34.60 49.64 -113.43
C ALA O 603 -34.15 48.30 -113.99
N MET O 604 -33.93 48.24 -115.31
CA MET O 604 -33.48 46.97 -115.89
C MET O 604 -32.08 46.60 -115.44
N ALA O 605 -31.16 47.56 -115.38
CA ALA O 605 -29.82 47.26 -114.90
C ALA O 605 -29.79 46.86 -113.43
N SER O 606 -30.76 47.31 -112.64
CA SER O 606 -30.94 46.87 -111.27
C SER O 606 -31.54 45.47 -111.16
N SER O 607 -32.51 45.13 -112.02
CA SER O 607 -33.01 43.76 -112.10
C SER O 607 -31.99 42.80 -112.70
N LEU O 608 -30.97 43.33 -113.36
CA LEU O 608 -29.91 42.52 -113.97
C LEU O 608 -29.19 41.67 -112.93
N SER O 609 -28.86 40.45 -113.32
CA SER O 609 -28.16 39.50 -112.45
C SER O 609 -27.03 38.86 -113.26
N THR O 610 -25.79 39.08 -112.84
CA THR O 610 -24.62 38.58 -113.57
C THR O 610 -24.03 37.38 -112.83
N VAL O 611 -24.12 36.21 -113.47
CA VAL O 611 -23.56 35.00 -112.89
C VAL O 611 -22.04 35.10 -112.85
N ALA O 612 -21.44 34.50 -111.84
CA ALA O 612 -19.98 34.43 -111.70
C ALA O 612 -19.48 32.99 -111.66
N SER O 613 -20.34 32.04 -112.00
CA SER O 613 -19.97 30.63 -111.93
C SER O 613 -18.76 30.32 -112.79
N ASN O 614 -18.79 30.76 -114.04
CA ASN O 614 -17.72 30.48 -114.98
C ASN O 614 -18.07 31.04 -116.36
N ASN O 615 -19.19 30.58 -116.91
CA ASN O 615 -19.68 31.15 -118.15
C ASN O 615 -20.23 32.55 -117.90
N LEU O 616 -20.47 32.86 -116.64
CA LEU O 616 -20.83 34.21 -116.21
C LEU O 616 -22.11 34.68 -116.89
N MET O 617 -23.20 33.98 -116.59
CA MET O 617 -24.51 34.32 -117.15
C MET O 617 -25.05 35.58 -116.50
N ASP O 618 -25.44 36.55 -117.31
CA ASP O 618 -26.08 37.76 -116.80
C ASP O 618 -27.58 37.67 -117.05
N PHE O 619 -28.23 36.92 -116.16
CA PHE O 619 -29.67 36.75 -116.21
C PHE O 619 -30.37 37.91 -115.50
N CYS O 620 -31.67 38.02 -115.74
CA CYS O 620 -32.50 39.03 -115.10
C CYS O 620 -33.49 38.35 -114.16
N SER O 621 -33.62 38.88 -112.95
CA SER O 621 -34.57 38.35 -111.99
C SER O 621 -35.29 39.50 -111.31
N VAL O 622 -36.62 39.43 -111.35
CA VAL O 622 -37.44 40.37 -110.59
C VAL O 622 -37.07 40.27 -109.11
N PHE O 623 -36.63 39.09 -108.68
CA PHE O 623 -36.16 38.92 -107.30
C PHE O 623 -34.92 39.78 -107.03
N ASN O 624 -33.97 39.79 -107.97
CA ASN O 624 -32.79 40.63 -107.80
C ASN O 624 -33.16 42.11 -107.85
N LEU O 625 -34.07 42.49 -108.75
CA LEU O 625 -34.54 43.86 -108.76
C LEU O 625 -35.26 44.24 -107.47
N ILE O 626 -35.99 43.32 -106.87
CA ILE O 626 -36.60 43.56 -105.57
C ILE O 626 -35.53 43.75 -104.50
N GLY O 627 -34.46 42.96 -104.57
CA GLY O 627 -33.32 43.21 -103.70
C GLY O 627 -32.78 44.62 -103.87
N ALA O 628 -32.65 45.07 -105.11
CA ALA O 628 -32.21 46.44 -105.36
C ALA O 628 -33.20 47.44 -104.75
N ILE O 629 -34.50 47.19 -104.92
CA ILE O 629 -35.51 48.09 -104.39
C ILE O 629 -35.41 48.19 -102.88
N ALA O 630 -35.22 47.06 -102.21
CA ALA O 630 -35.04 47.08 -100.76
C ALA O 630 -33.77 47.84 -100.39
N ASP O 631 -32.70 47.63 -101.17
CA ASP O 631 -31.46 48.37 -100.95
C ASP O 631 -31.72 49.87 -100.97
N ILE O 632 -32.57 50.32 -101.88
CA ILE O 632 -32.72 51.75 -102.13
C ILE O 632 -33.88 52.35 -101.34
N SER O 633 -34.66 51.49 -100.68
CA SER O 633 -35.84 51.96 -99.97
C SER O 633 -35.59 52.35 -98.52
N ALA O 634 -34.40 52.10 -97.98
CA ALA O 634 -34.10 52.49 -96.60
C ALA O 634 -32.70 53.08 -96.49
N CYS O 635 -32.32 53.93 -97.44
CA CYS O 635 -31.01 54.56 -97.32
C CYS O 635 -31.14 55.88 -96.57
N ARG O 636 -31.83 56.86 -97.17
CA ARG O 636 -32.20 58.07 -96.46
C ARG O 636 -32.94 58.98 -97.46
N CYS O 637 -33.40 60.13 -96.98
CA CYS O 637 -33.98 61.13 -97.87
C CYS O 637 -32.93 61.91 -98.66
N GLU O 638 -31.65 61.78 -98.30
CA GLU O 638 -30.58 62.48 -99.00
C GLU O 638 -30.58 62.12 -100.48
N ARG O 639 -30.46 63.13 -101.34
CA ARG O 639 -30.41 62.87 -102.78
C ARG O 639 -29.06 62.33 -103.22
N SER O 640 -27.96 62.83 -102.66
CA SER O 640 -26.64 62.40 -103.10
C SER O 640 -26.41 60.92 -102.80
N ALA O 641 -26.65 60.49 -101.55
CA ALA O 641 -26.51 59.07 -101.24
C ALA O 641 -27.43 58.22 -102.10
N ILE O 642 -28.53 58.80 -102.58
CA ILE O 642 -29.39 58.09 -103.51
C ILE O 642 -28.62 57.70 -104.75
N THR O 643 -27.85 58.64 -105.32
CA THR O 643 -27.04 58.32 -106.49
C THR O 643 -25.98 57.27 -106.15
N ASN O 644 -25.42 57.34 -104.94
CA ASN O 644 -24.41 56.37 -104.55
C ASN O 644 -24.98 54.95 -104.53
N ALA O 645 -26.13 54.77 -103.86
CA ALA O 645 -26.77 53.46 -103.86
C ALA O 645 -27.21 53.08 -105.27
N PHE O 646 -27.62 54.07 -106.06
CA PHE O 646 -27.97 53.84 -107.45
C PHE O 646 -26.83 53.15 -108.17
N ASN O 647 -25.62 53.71 -108.07
CA ASN O 647 -24.44 53.08 -108.65
C ASN O 647 -24.18 51.72 -108.02
N LYS O 648 -24.25 51.65 -106.70
CA LYS O 648 -23.86 50.42 -106.01
C LYS O 648 -24.71 49.23 -106.47
N VAL O 649 -26.01 49.43 -106.63
CA VAL O 649 -26.89 48.33 -106.97
C VAL O 649 -27.11 48.17 -108.47
N ILE O 650 -27.47 49.23 -109.19
CA ILE O 650 -27.73 49.11 -110.63
C ILE O 650 -26.49 48.68 -111.39
N ALA O 651 -25.30 48.91 -110.85
CA ALA O 651 -24.07 48.46 -111.47
C ALA O 651 -24.04 46.94 -111.51
N GLN O 652 -23.10 46.39 -112.27
CA GLN O 652 -22.97 44.94 -112.37
C GLN O 652 -22.79 44.36 -110.97
N THR O 653 -23.53 43.29 -110.71
CA THR O 653 -23.47 42.61 -109.41
C THR O 653 -23.09 41.16 -109.67
N THR O 654 -21.91 40.79 -109.19
CA THR O 654 -21.35 39.47 -109.46
C THR O 654 -21.06 38.71 -108.17
N CYS O 655 -21.52 37.47 -108.12
CA CYS O 655 -21.34 36.61 -106.96
C CYS O 655 -21.05 35.20 -107.41
N ILE O 656 -20.29 34.46 -106.61
CA ILE O 656 -19.91 33.09 -106.95
C ILE O 656 -21.05 32.14 -106.60
N VAL O 657 -21.04 30.96 -107.20
CA VAL O 657 -22.05 29.94 -106.97
C VAL O 657 -21.78 29.25 -105.63
N PRO O 658 -22.81 28.74 -104.95
CA PRO O 658 -22.56 27.96 -103.74
C PRO O 658 -21.78 26.72 -104.06
N PRO O 659 -20.94 26.23 -103.14
CA PRO O 659 -20.07 25.08 -103.43
C PRO O 659 -20.82 23.76 -103.41
N TRP O 660 -21.98 23.69 -104.07
CA TRP O 660 -22.66 22.43 -104.29
C TRP O 660 -23.22 22.31 -105.70
N SER O 661 -22.66 23.03 -106.66
CA SER O 661 -23.12 22.97 -108.04
C SER O 661 -22.34 21.94 -108.85
N THR O 704 -25.61 62.81 -114.97
CA THR O 704 -25.30 62.67 -116.39
C THR O 704 -26.50 62.12 -117.16
N GLU O 705 -26.90 60.89 -116.83
CA GLU O 705 -28.03 60.25 -117.50
C GLU O 705 -29.00 59.58 -116.55
N PHE O 706 -28.99 59.90 -115.26
CA PHE O 706 -29.93 59.33 -114.30
C PHE O 706 -30.42 60.37 -113.30
N SER O 707 -30.25 61.65 -113.59
CA SER O 707 -30.64 62.70 -112.66
C SER O 707 -32.14 62.71 -112.37
N ASP O 708 -32.98 62.61 -113.40
CA ASP O 708 -34.43 62.56 -113.22
C ASP O 708 -34.88 61.30 -112.50
N ALA O 709 -34.30 60.15 -112.83
CA ALA O 709 -34.62 58.93 -112.11
C ALA O 709 -34.27 59.07 -110.64
N ILE O 710 -33.12 59.65 -110.34
CA ILE O 710 -32.72 59.86 -108.95
C ILE O 710 -33.72 60.74 -108.24
N THR O 711 -34.16 61.83 -108.89
CA THR O 711 -35.13 62.72 -108.28
C THR O 711 -36.45 62.01 -108.02
N LYS O 712 -36.92 61.22 -108.99
CA LYS O 712 -38.19 60.53 -108.84
C LYS O 712 -38.12 59.52 -107.70
N VAL O 713 -37.01 58.78 -107.60
CA VAL O 713 -36.87 57.82 -106.51
C VAL O 713 -36.74 58.56 -105.18
N GLU O 714 -36.16 59.75 -105.21
CA GLU O 714 -36.10 60.57 -104.00
C GLU O 714 -37.49 60.95 -103.54
N GLN O 715 -38.34 61.35 -104.47
CA GLN O 715 -39.73 61.63 -104.15
C GLN O 715 -40.43 60.38 -103.62
N TRP O 716 -40.18 59.24 -104.24
CA TRP O 716 -40.71 57.97 -103.76
C TRP O 716 -40.27 57.69 -102.33
N LEU O 717 -39.01 57.93 -102.00
CA LEU O 717 -38.54 57.76 -100.63
C LEU O 717 -39.23 58.73 -99.69
N LYS O 718 -39.37 59.98 -100.09
CA LYS O 718 -39.99 60.97 -99.21
C LYS O 718 -41.43 60.61 -98.90
N ASN O 719 -42.14 60.01 -99.86
CA ASN O 719 -43.47 59.49 -99.59
C ASN O 719 -43.45 58.21 -98.76
N VAL O 720 -42.53 57.30 -99.05
CA VAL O 720 -42.51 56.01 -98.37
C VAL O 720 -42.22 56.20 -96.89
N ASN O 721 -41.17 56.95 -96.59
CA ASN O 721 -40.76 57.16 -95.21
C ASN O 721 -41.77 57.90 -94.40
N GLU O 722 -42.63 58.66 -95.08
CA GLU O 722 -43.69 59.40 -94.41
C GLU O 722 -44.96 58.59 -94.24
N ILE O 723 -45.28 57.67 -95.15
CA ILE O 723 -46.54 56.94 -95.08
C ILE O 723 -46.37 55.51 -94.59
N GLU O 724 -45.15 55.06 -94.31
CA GLU O 724 -44.93 53.73 -93.80
C GLU O 724 -45.02 53.65 -92.28
N ILE O 725 -45.15 54.79 -91.59
CA ILE O 725 -45.10 54.79 -90.14
C ILE O 725 -46.24 54.03 -89.50
N GLY O 726 -47.41 53.99 -90.12
CA GLY O 726 -48.52 53.20 -89.65
C GLY O 726 -48.47 51.76 -90.05
N ILE O 727 -47.34 51.30 -90.61
CA ILE O 727 -47.24 49.93 -91.08
C ILE O 727 -47.20 48.98 -89.88
N ARG O 728 -48.06 47.97 -89.92
CA ARG O 728 -48.09 46.93 -88.90
C ARG O 728 -48.14 45.57 -89.58
N PRO O 729 -47.09 45.19 -90.30
CA PRO O 729 -47.05 43.85 -90.88
C PRO O 729 -46.77 42.80 -89.80
N SER O 730 -47.47 41.67 -89.87
CA SER O 730 -47.26 40.59 -88.94
C SER O 730 -46.46 39.48 -89.60
N ALA O 731 -45.93 38.57 -88.78
CA ALA O 731 -45.28 37.40 -89.33
C ALA O 731 -46.22 36.60 -90.22
N LEU O 732 -47.50 36.51 -89.83
CA LEU O 732 -48.47 35.82 -90.65
C LEU O 732 -48.66 36.50 -92.00
N LEU O 733 -48.79 37.84 -91.99
CA LEU O 733 -48.93 38.56 -93.24
C LEU O 733 -47.70 38.38 -94.13
N ILE O 734 -46.52 38.46 -93.54
CA ILE O 734 -45.27 38.24 -94.27
C ILE O 734 -45.18 36.85 -94.85
N GLY O 735 -45.58 35.83 -94.10
CA GLY O 735 -45.56 34.46 -94.60
C GLY O 735 -46.56 34.22 -95.70
N LYS O 736 -47.78 34.75 -95.55
CA LYS O 736 -48.81 34.58 -96.56
C LYS O 736 -48.46 35.27 -97.86
N VAL O 737 -47.94 36.50 -97.79
CA VAL O 737 -47.55 37.19 -99.01
C VAL O 737 -46.52 36.37 -99.78
N TRP O 738 -45.50 35.89 -99.08
CA TRP O 738 -44.47 35.09 -99.74
C TRP O 738 -45.03 33.79 -100.26
N SER O 739 -45.95 33.16 -99.52
CA SER O 739 -46.58 31.95 -100.01
C SER O 739 -47.32 32.18 -101.32
N ARG O 740 -48.07 33.27 -101.43
CA ARG O 740 -48.74 33.59 -102.68
C ARG O 740 -47.73 33.87 -103.79
N PHE O 741 -46.69 34.66 -103.49
CA PHE O 741 -45.72 35.07 -104.50
C PHE O 741 -44.86 33.93 -105.02
N TYR O 742 -44.32 33.10 -104.13
CA TYR O 742 -43.47 31.99 -104.55
C TYR O 742 -44.24 31.05 -105.46
N PHE O 743 -45.50 30.77 -105.13
CA PHE O 743 -46.36 29.93 -105.94
C PHE O 743 -46.74 30.57 -107.26
N ASN O 744 -47.05 31.87 -107.26
CA ASN O 744 -47.37 32.54 -108.51
C ASN O 744 -46.18 32.55 -109.46
N LEU O 745 -44.97 32.71 -108.90
CA LEU O 745 -43.77 32.62 -109.72
C LEU O 745 -43.58 31.23 -110.32
N ASN O 746 -43.78 30.17 -109.54
CA ASN O 746 -43.69 28.83 -110.10
C ASN O 746 -44.73 28.60 -111.18
N ASN O 747 -45.96 29.06 -110.96
CA ASN O 747 -47.00 28.91 -111.96
C ASN O 747 -46.69 29.68 -113.25
N VAL O 748 -46.24 30.93 -113.13
CA VAL O 748 -45.92 31.73 -114.30
C VAL O 748 -44.68 31.16 -114.97
N ALA O 749 -43.75 30.65 -114.17
CA ALA O 749 -42.55 30.03 -114.69
C ALA O 749 -42.84 28.78 -115.49
N ASP O 750 -43.78 27.95 -115.04
CA ASP O 750 -44.17 26.77 -115.80
C ASP O 750 -45.00 27.14 -117.03
N GLN O 751 -45.99 28.02 -116.86
CA GLN O 751 -46.89 28.36 -117.94
C GLN O 751 -46.19 29.02 -119.12
N HIS O 752 -45.28 29.95 -118.85
CA HIS O 752 -44.61 30.69 -119.91
C HIS O 752 -43.45 29.91 -120.51
N LYS O 753 -43.06 28.78 -119.91
CA LYS O 753 -41.93 28.02 -120.41
C LYS O 753 -42.16 27.49 -121.81
N THR O 754 -43.42 27.38 -122.24
CA THR O 754 -43.72 26.81 -123.54
C THR O 754 -44.52 27.78 -124.40
N ARG O 755 -44.25 29.08 -124.28
CA ARG O 755 -44.91 30.05 -125.13
C ARG O 755 -43.92 30.96 -125.85
N LEU O 756 -42.63 30.63 -125.84
CA LEU O 756 -41.61 31.41 -126.53
C LEU O 756 -41.48 30.89 -127.95
N TYR O 757 -42.34 31.40 -128.82
CA TYR O 757 -42.31 31.05 -130.24
C TYR O 757 -41.40 32.05 -130.96
N ARG O 758 -41.15 31.83 -132.25
CA ARG O 758 -40.29 32.74 -132.98
C ARG O 758 -40.90 34.13 -133.12
N ASN O 759 -42.23 34.23 -133.08
CA ASN O 759 -42.92 35.52 -133.14
C ASN O 759 -43.62 35.85 -131.83
N ALA O 760 -43.27 35.17 -130.75
CA ALA O 760 -43.92 35.42 -129.46
C ALA O 760 -43.73 36.86 -129.01
N GLU O 761 -42.68 37.52 -129.50
CA GLU O 761 -42.45 38.92 -129.17
C GLU O 761 -43.65 39.77 -129.58
N HIS O 762 -43.64 41.02 -129.13
CA HIS O 762 -44.76 41.94 -129.28
C HIS O 762 -45.90 41.65 -128.31
N GLY O 763 -45.82 40.51 -127.61
CA GLY O 763 -46.84 40.14 -126.63
C GLY O 763 -48.25 40.51 -127.02
N ARG O 764 -48.58 40.36 -128.30
CA ARG O 764 -49.88 40.81 -128.80
C ARG O 764 -51.01 39.92 -128.30
N MET O 765 -50.78 38.61 -128.25
CA MET O 765 -51.81 37.67 -127.85
C MET O 765 -51.47 37.06 -126.49
N ALA O 766 -52.38 36.22 -125.99
CA ALA O 766 -52.16 35.50 -124.75
C ALA O 766 -51.43 34.18 -124.96
N SER O 767 -51.11 33.82 -126.20
CA SER O 767 -50.34 32.62 -126.51
C SER O 767 -48.89 32.93 -126.85
N GLN O 768 -48.44 34.15 -126.55
CA GLN O 768 -47.09 34.60 -126.89
C GLN O 768 -46.37 34.97 -125.59
N SER O 769 -45.10 34.59 -125.48
CA SER O 769 -44.31 34.95 -124.32
C SER O 769 -42.94 35.45 -124.75
N ASN O 770 -42.36 36.34 -123.93
CA ASN O 770 -40.99 36.81 -124.12
C ASN O 770 -40.51 37.33 -122.77
N ALA O 771 -39.18 37.46 -122.63
CA ALA O 771 -38.60 37.78 -121.33
C ALA O 771 -39.24 39.02 -120.72
N ALA O 772 -39.63 39.97 -121.56
CA ALA O 772 -40.36 41.13 -121.05
C ALA O 772 -41.64 40.70 -120.35
N LYS O 773 -42.41 39.81 -120.95
CA LYS O 773 -43.64 39.34 -120.32
C LYS O 773 -43.33 38.52 -119.06
N ILE O 774 -42.26 37.73 -119.09
CA ILE O 774 -41.90 37.01 -117.87
C ILE O 774 -41.64 37.98 -116.73
N MET O 775 -40.83 39.01 -116.98
CA MET O 775 -40.55 39.98 -115.94
C MET O 775 -41.82 40.70 -115.50
N ARG O 776 -42.69 41.05 -116.45
CA ARG O 776 -43.90 41.78 -116.10
C ARG O 776 -44.81 40.94 -115.22
N PHE O 777 -45.00 39.66 -115.57
CA PHE O 777 -45.77 38.79 -114.68
C PHE O 777 -45.07 38.56 -113.36
N ASN O 778 -43.74 38.58 -113.32
CA ASN O 778 -43.06 38.46 -112.04
C ASN O 778 -43.41 39.63 -111.13
N VAL O 779 -43.30 40.85 -111.65
CA VAL O 779 -43.60 42.04 -110.85
C VAL O 779 -45.08 42.07 -110.49
N LEU O 780 -45.96 41.71 -111.42
CA LEU O 780 -47.39 41.73 -111.16
C LEU O 780 -47.81 40.66 -110.16
N ALA O 781 -47.15 39.50 -110.17
CA ALA O 781 -47.40 38.49 -109.14
C ALA O 781 -46.95 39.01 -107.79
N PHE O 782 -45.77 39.65 -107.75
CA PHE O 782 -45.40 40.42 -106.57
C PHE O 782 -46.56 41.27 -106.07
N LEU O 783 -47.05 42.16 -106.93
CA LEU O 783 -48.06 43.13 -106.52
C LEU O 783 -49.35 42.44 -106.10
N HIS O 784 -49.72 41.38 -106.82
CA HIS O 784 -50.95 40.64 -106.51
C HIS O 784 -50.87 40.01 -105.13
N ALA O 785 -49.78 39.29 -104.85
CA ALA O 785 -49.62 38.69 -103.54
C ALA O 785 -49.61 39.78 -102.47
N VAL O 786 -48.85 40.85 -102.71
CA VAL O 786 -48.84 41.96 -101.77
C VAL O 786 -50.26 42.40 -101.44
N LEU O 787 -51.00 42.81 -102.46
CA LEU O 787 -52.33 43.35 -102.27
C LEU O 787 -53.23 42.36 -101.53
N VAL O 788 -53.33 41.13 -102.03
CA VAL O 788 -54.29 40.18 -101.47
C VAL O 788 -53.93 39.85 -100.04
N GLU O 789 -52.67 39.44 -99.80
CA GLU O 789 -52.29 39.00 -98.47
C GLU O 789 -52.35 40.14 -97.47
N GLU O 790 -52.01 41.37 -97.86
CA GLU O 790 -52.14 42.48 -96.93
C GLU O 790 -53.60 42.77 -96.63
N SER O 791 -54.44 42.85 -97.65
CA SER O 791 -55.84 43.16 -97.42
C SER O 791 -56.49 42.13 -96.51
N LEU O 792 -56.12 40.87 -96.66
CA LEU O 792 -56.63 39.84 -95.78
C LEU O 792 -55.90 39.78 -94.45
N TYR O 793 -54.71 40.36 -94.36
CA TYR O 793 -53.84 40.10 -93.23
C TYR O 793 -53.07 41.29 -92.71
N HIS O 794 -53.29 42.50 -93.21
CA HIS O 794 -52.58 43.65 -92.67
C HIS O 794 -53.32 44.21 -91.47
N SER O 795 -52.59 44.41 -90.37
CA SER O 795 -53.18 44.92 -89.14
C SER O 795 -53.73 46.33 -89.28
N VAL O 796 -53.28 47.07 -90.29
CA VAL O 796 -53.75 48.45 -90.43
C VAL O 796 -55.25 48.48 -90.76
N SER O 797 -55.72 47.54 -91.56
CA SER O 797 -57.12 47.50 -91.98
C SER O 797 -57.92 46.62 -91.03
N ASP O 798 -59.10 47.12 -90.65
CA ASP O 798 -59.98 46.40 -89.74
C ASP O 798 -60.74 45.28 -90.42
N ARG O 799 -60.72 45.21 -91.74
CA ARG O 799 -61.43 44.18 -92.48
C ARG O 799 -60.76 43.96 -93.82
N GLU O 800 -61.42 43.20 -94.69
CA GLU O 800 -60.90 42.84 -96.00
C GLU O 800 -61.63 43.60 -97.09
N TYR O 801 -60.88 44.19 -98.01
CA TYR O 801 -61.43 44.82 -99.19
C TYR O 801 -61.33 43.95 -100.43
N ILE O 802 -60.77 42.74 -100.29
CA ILE O 802 -60.69 41.83 -101.42
C ILE O 802 -62.08 41.31 -101.80
N GLY O 803 -62.90 41.00 -100.81
CA GLY O 803 -64.21 40.43 -101.07
C GLY O 803 -64.16 38.91 -101.13
N GLU O 804 -65.27 38.25 -100.81
CA GLU O 804 -65.34 36.79 -100.81
C GLU O 804 -65.37 36.31 -102.25
N GLY O 805 -64.22 36.40 -102.92
CA GLY O 805 -64.09 35.93 -104.28
C GLY O 805 -62.95 34.94 -104.42
N LEU O 806 -62.94 34.19 -105.52
CA LEU O 806 -61.94 33.16 -105.74
C LEU O 806 -60.65 33.83 -106.18
N ARG O 807 -59.77 34.11 -105.22
CA ARG O 807 -58.52 34.80 -105.50
C ARG O 807 -57.58 33.93 -106.32
N LEU O 808 -57.32 34.32 -107.56
CA LEU O 808 -56.38 33.63 -108.44
C LEU O 808 -55.24 34.56 -108.82
N ASN O 809 -54.15 33.95 -109.28
CA ASN O 809 -53.00 34.78 -109.59
C ASN O 809 -52.84 34.98 -111.09
N PRO O 810 -52.51 36.19 -111.51
CA PRO O 810 -52.28 36.45 -112.94
C PRO O 810 -50.97 35.84 -113.42
N VAL O 811 -51.07 34.94 -114.40
CA VAL O 811 -49.91 34.26 -114.96
C VAL O 811 -49.80 34.46 -116.46
N THR O 812 -50.90 34.29 -117.20
CA THR O 812 -50.95 34.60 -118.62
C THR O 812 -51.68 35.89 -118.92
N SER O 813 -52.37 36.47 -117.94
CA SER O 813 -53.07 37.73 -118.11
C SER O 813 -53.11 38.44 -116.76
N VAL O 814 -53.45 39.72 -116.79
CA VAL O 814 -53.57 40.51 -115.58
C VAL O 814 -55.03 40.85 -115.28
N ASP O 815 -55.95 40.11 -115.90
CA ASP O 815 -57.37 40.41 -115.74
C ASP O 815 -57.79 40.30 -114.28
N GLU O 816 -57.35 39.25 -113.60
CA GLU O 816 -57.69 39.09 -112.19
C GLU O 816 -57.18 40.26 -111.37
N PHE O 817 -55.93 40.67 -111.63
CA PHE O 817 -55.34 41.78 -110.90
C PHE O 817 -56.13 43.06 -111.13
N GLU O 818 -56.50 43.33 -112.38
CA GLU O 818 -57.28 44.53 -112.68
C GLU O 818 -58.64 44.49 -112.00
N LYS O 819 -59.32 43.35 -112.06
CA LYS O 819 -60.63 43.24 -111.45
C LYS O 819 -60.55 43.48 -109.96
N LYS O 820 -59.57 42.85 -109.30
CA LYS O 820 -59.41 43.02 -107.87
C LYS O 820 -59.10 44.48 -107.53
N ILE O 821 -58.21 45.11 -108.30
CA ILE O 821 -57.87 46.50 -108.04
C ILE O 821 -59.10 47.38 -108.19
N LYS O 822 -59.87 47.17 -109.25
CA LYS O 822 -61.08 47.96 -109.46
C LYS O 822 -62.04 47.81 -108.30
N ILE O 823 -62.31 46.57 -107.89
CA ILE O 823 -63.27 46.32 -106.83
C ILE O 823 -62.80 46.94 -105.52
N ILE O 824 -61.51 46.80 -105.22
CA ILE O 824 -61.00 47.31 -103.96
C ILE O 824 -61.01 48.84 -103.94
N GLY O 825 -60.67 49.46 -105.08
CA GLY O 825 -60.80 50.91 -105.17
C GLY O 825 -62.25 51.35 -105.02
N GLU O 826 -63.18 50.55 -105.56
CA GLU O 826 -64.59 50.81 -105.34
C GLU O 826 -64.92 50.79 -103.85
N LYS O 827 -64.40 49.79 -103.14
CA LYS O 827 -64.59 49.72 -101.70
C LYS O 827 -64.03 50.95 -101.00
N LEU O 828 -62.82 51.36 -101.40
CA LEU O 828 -62.20 52.53 -100.80
C LEU O 828 -63.06 53.76 -101.01
N LYS O 829 -63.53 53.97 -102.23
CA LYS O 829 -64.37 55.14 -102.50
C LYS O 829 -65.67 55.07 -101.72
N ALA O 830 -66.30 53.90 -101.66
CA ALA O 830 -67.57 53.78 -100.96
C ALA O 830 -67.41 54.07 -99.47
N ASP O 831 -66.31 53.61 -98.87
CA ASP O 831 -66.03 53.85 -97.47
C ASP O 831 -65.26 55.15 -97.23
N ASN O 832 -65.07 55.95 -98.28
CA ASN O 832 -64.34 57.20 -98.17
C ASN O 832 -62.93 56.95 -97.63
N LYS O 833 -62.29 55.92 -98.17
CA LYS O 833 -61.01 55.44 -97.69
C LYS O 833 -59.96 55.57 -98.79
N THR O 834 -58.69 55.66 -98.39
CA THR O 834 -57.60 55.93 -99.31
C THR O 834 -56.56 54.82 -99.28
N TRP O 835 -55.97 54.58 -100.46
CA TRP O 835 -54.95 53.56 -100.64
C TRP O 835 -53.79 53.74 -99.67
N LYS O 836 -53.53 54.97 -99.24
CA LYS O 836 -52.60 55.21 -98.15
C LYS O 836 -53.21 54.84 -96.79
N ASN O 837 -54.52 55.02 -96.64
CA ASN O 837 -55.18 54.59 -95.41
C ASN O 837 -54.96 53.10 -95.17
N THR O 838 -55.23 52.29 -96.18
CA THR O 838 -54.79 50.90 -96.16
C THR O 838 -54.35 50.49 -97.55
N HIS O 839 -53.64 49.37 -97.62
CA HIS O 839 -52.76 49.09 -98.75
C HIS O 839 -51.70 50.18 -98.83
N PRO O 840 -51.09 50.56 -97.70
CA PRO O 840 -49.99 51.53 -97.76
C PRO O 840 -48.78 50.88 -98.40
N LEU O 841 -48.56 49.61 -98.07
CA LEU O 841 -47.52 48.84 -98.75
C LEU O 841 -47.85 48.64 -100.22
N PHE O 842 -49.12 48.34 -100.52
CA PHE O 842 -49.51 48.20 -101.92
C PHE O 842 -49.31 49.52 -102.65
N PHE O 843 -49.76 50.61 -102.04
CA PHE O 843 -49.57 51.93 -102.65
C PHE O 843 -48.10 52.20 -102.89
N LEU O 844 -47.26 51.91 -101.88
CA LEU O 844 -45.83 52.18 -101.99
C LEU O 844 -45.19 51.35 -103.08
N LEU O 845 -45.51 50.06 -103.15
CA LEU O 845 -44.96 49.19 -104.18
C LEU O 845 -45.43 49.57 -105.57
N ILE O 846 -46.71 49.93 -105.72
CA ILE O 846 -47.25 50.32 -107.01
C ILE O 846 -46.67 51.64 -107.48
N SER O 847 -46.34 52.54 -106.55
CA SER O 847 -45.74 53.81 -106.91
C SER O 847 -44.23 53.73 -107.06
N CYS O 848 -43.64 52.55 -106.90
CA CYS O 848 -42.20 52.43 -106.97
C CYS O 848 -41.70 52.80 -108.36
N PRO O 849 -40.85 53.82 -108.49
CA PRO O 849 -40.37 54.20 -109.83
C PRO O 849 -39.61 53.09 -110.54
N ILE O 850 -38.78 52.32 -109.83
CA ILE O 850 -38.03 51.26 -110.49
C ILE O 850 -38.94 50.15 -110.99
N LEU O 851 -40.03 49.86 -110.29
CA LEU O 851 -41.00 48.87 -110.75
C LEU O 851 -41.82 49.36 -111.93
N HIS O 852 -41.96 50.67 -112.08
CA HIS O 852 -42.76 51.27 -113.13
C HIS O 852 -42.35 50.78 -114.52
N PRO O 853 -41.05 50.69 -114.82
CA PRO O 853 -40.64 50.24 -116.16
C PRO O 853 -41.23 48.90 -116.57
N PHE O 854 -41.34 47.95 -115.65
CA PHE O 854 -41.84 46.62 -115.99
C PHE O 854 -43.34 46.58 -116.18
N ILE O 855 -44.07 47.60 -115.72
CA ILE O 855 -45.53 47.53 -115.73
C ILE O 855 -46.04 47.42 -117.17
N PHE O 856 -45.49 48.25 -118.06
CA PHE O 856 -45.93 48.28 -119.45
C PHE O 856 -44.70 48.32 -120.36
N PRO O 857 -43.93 47.25 -120.40
CA PRO O 857 -42.81 47.18 -121.34
C PRO O 857 -43.29 46.79 -122.74
N ILE O 858 -42.40 46.98 -123.71
CA ILE O 858 -42.67 46.63 -125.10
C ILE O 858 -42.63 45.10 -125.22
N GLY O 859 -43.72 44.51 -125.69
CA GLY O 859 -43.84 43.07 -125.72
C GLY O 859 -44.47 42.47 -124.49
N GLY O 860 -45.11 43.27 -123.64
CA GLY O 860 -45.71 42.76 -122.43
C GLY O 860 -47.17 43.13 -122.25
N ILE O 861 -47.76 43.76 -123.26
CA ILE O 861 -49.17 44.12 -123.22
C ILE O 861 -49.90 43.24 -124.23
N ASN O 862 -50.83 42.42 -123.77
CA ASN O 862 -51.61 41.58 -124.67
C ASN O 862 -52.55 42.45 -125.49
N CYS O 863 -52.39 42.41 -126.81
CA CYS O 863 -53.06 43.33 -127.71
C CYS O 863 -54.46 42.87 -128.11
N SER O 864 -54.93 41.75 -127.57
CA SER O 864 -56.32 41.35 -127.82
C SER O 864 -57.25 42.47 -127.40
N VAL O 865 -58.25 42.74 -128.24
CA VAL O 865 -59.15 43.86 -128.02
C VAL O 865 -59.76 43.73 -126.64
N LYS O 866 -60.27 42.54 -126.32
CA LYS O 866 -60.73 42.29 -124.96
C LYS O 866 -59.58 42.43 -123.99
N ALA O 867 -58.41 41.89 -124.35
CA ALA O 867 -57.22 42.08 -123.52
C ALA O 867 -56.81 43.54 -123.46
N LEU O 868 -56.89 44.24 -124.59
CA LEU O 868 -56.44 45.63 -124.63
C LEU O 868 -57.31 46.52 -123.75
N ASN O 869 -58.61 46.30 -123.74
CA ASN O 869 -59.49 47.11 -122.91
C ASN O 869 -59.16 46.92 -121.43
N LYS O 870 -58.96 45.68 -120.99
CA LYS O 870 -58.57 45.45 -119.61
C LYS O 870 -57.20 46.03 -119.30
N GLU O 871 -56.26 45.96 -120.25
CA GLU O 871 -54.96 46.58 -120.03
C GLU O 871 -55.08 48.09 -119.84
N THR O 872 -55.91 48.73 -120.65
CA THR O 872 -56.15 50.16 -120.50
C THR O 872 -56.80 50.47 -119.16
N SER O 873 -57.78 49.67 -118.75
CA SER O 873 -58.42 49.88 -117.46
C SER O 873 -57.42 49.73 -116.32
N PHE O 874 -56.54 48.74 -116.43
CA PHE O 874 -55.50 48.55 -115.42
C PHE O 874 -54.55 49.75 -115.38
N ASN O 875 -54.20 50.26 -116.55
CA ASN O 875 -53.36 51.46 -116.60
C ASN O 875 -54.05 52.63 -115.91
N LYS O 876 -55.35 52.81 -116.17
CA LYS O 876 -56.07 53.90 -115.51
C LYS O 876 -56.13 53.69 -114.00
N LEU O 877 -56.35 52.45 -113.57
CA LEU O 877 -56.39 52.16 -112.14
C LEU O 877 -55.06 52.49 -111.48
N ILE O 878 -53.95 52.06 -112.10
CA ILE O 878 -52.63 52.35 -111.53
C ILE O 878 -52.39 53.84 -111.49
N ASP O 879 -52.75 54.55 -112.57
CA ASP O 879 -52.56 56.00 -112.59
C ASP O 879 -53.35 56.66 -111.46
N GLU O 880 -54.60 56.24 -111.29
CA GLU O 880 -55.44 56.82 -110.25
C GLU O 880 -54.85 56.59 -108.87
N ILE O 881 -54.45 55.36 -108.58
CA ILE O 881 -53.95 55.04 -107.24
C ILE O 881 -52.63 55.77 -106.99
N VAL O 882 -51.71 55.70 -107.94
CA VAL O 882 -50.38 56.28 -107.74
C VAL O 882 -50.46 57.79 -107.63
N GLY O 883 -51.30 58.41 -108.45
CA GLY O 883 -51.44 59.84 -108.47
C GLY O 883 -50.60 60.56 -109.50
N ASP O 884 -50.04 59.84 -110.48
CA ASP O 884 -49.21 60.46 -111.51
C ASP O 884 -49.36 59.67 -112.80
N LYS O 885 -49.02 60.30 -113.92
CA LYS O 885 -49.10 59.63 -115.21
C LYS O 885 -47.79 58.93 -115.54
N LEU O 886 -47.75 57.62 -115.33
CA LEU O 886 -46.55 56.83 -115.62
C LEU O 886 -46.24 56.83 -117.10
N LEU O 887 -47.24 56.52 -117.93
CA LEU O 887 -47.03 56.41 -119.36
C LEU O 887 -47.85 57.45 -120.11
N SER O 888 -47.22 58.09 -121.09
CA SER O 888 -47.92 59.04 -121.94
C SER O 888 -48.84 58.30 -122.91
N ASP O 889 -49.79 59.05 -123.48
CA ASP O 889 -50.69 58.46 -124.47
C ASP O 889 -49.92 57.94 -125.67
N GLU O 890 -48.91 58.69 -126.13
CA GLU O 890 -48.09 58.23 -127.23
C GLU O 890 -47.40 56.91 -126.91
N GLU O 891 -46.85 56.80 -125.70
CA GLU O 891 -46.21 55.55 -125.31
C GLU O 891 -47.22 54.41 -125.23
N TRP O 892 -48.40 54.68 -124.67
CA TRP O 892 -49.42 53.65 -124.55
C TRP O 892 -49.83 53.12 -125.91
N ASP O 893 -50.15 54.03 -126.84
CA ASP O 893 -50.53 53.61 -128.18
C ASP O 893 -49.38 52.95 -128.92
N TYR O 894 -48.15 53.40 -128.72
CA TYR O 894 -47.00 52.75 -129.33
C TYR O 894 -46.87 51.31 -128.87
N LEU O 895 -47.00 51.07 -127.56
CA LEU O 895 -46.96 49.71 -127.04
C LEU O 895 -48.12 48.87 -127.53
N THR O 896 -49.33 49.42 -127.57
CA THR O 896 -50.53 48.68 -127.92
C THR O 896 -50.70 48.48 -129.42
N LYS O 897 -49.88 49.15 -130.23
CA LYS O 897 -49.95 48.96 -131.68
C LYS O 897 -48.98 47.87 -132.11
N ILE O 909 -36.82 56.72 -128.52
CA ILE O 909 -36.27 56.87 -127.18
C ILE O 909 -37.38 56.83 -126.16
N PHE O 910 -37.70 55.64 -125.66
CA PHE O 910 -38.73 55.45 -124.64
C PHE O 910 -38.06 55.16 -123.29
N GLN O 911 -37.79 56.23 -122.54
CA GLN O 911 -37.33 56.08 -121.17
C GLN O 911 -38.50 55.63 -120.30
N ASN O 912 -38.15 55.13 -119.11
CA ASN O 912 -39.12 54.70 -118.12
C ASN O 912 -39.90 53.46 -118.57
N THR O 913 -39.53 52.88 -119.71
CA THR O 913 -40.22 51.73 -120.25
C THR O 913 -39.22 50.86 -121.01
N ILE O 914 -39.30 49.55 -120.81
CA ILE O 914 -38.39 48.63 -121.47
C ILE O 914 -38.57 48.70 -122.97
N THR O 915 -37.48 48.54 -123.71
CA THR O 915 -37.50 48.63 -125.17
C THR O 915 -36.63 47.57 -125.83
N SER O 916 -35.99 46.72 -125.03
CA SER O 916 -35.08 45.71 -125.57
C SER O 916 -35.45 44.33 -125.06
N LEU O 917 -36.08 44.26 -123.89
CA LEU O 917 -36.39 42.95 -123.31
C LEU O 917 -37.41 42.20 -124.15
N ASN O 918 -38.15 42.90 -125.02
CA ASN O 918 -39.03 42.21 -125.96
C ASN O 918 -38.22 41.39 -126.96
N SER O 919 -37.08 41.93 -127.41
CA SER O 919 -36.23 41.29 -128.40
C SER O 919 -34.94 40.76 -127.80
N SER O 920 -34.96 40.42 -126.52
CA SER O 920 -33.80 39.86 -125.84
C SER O 920 -33.98 38.36 -125.71
N THR O 921 -33.03 37.60 -126.26
CA THR O 921 -33.13 36.16 -126.29
C THR O 921 -32.98 35.59 -124.89
N ILE O 922 -33.70 34.50 -124.61
CA ILE O 922 -33.58 33.76 -123.37
C ILE O 922 -32.81 32.49 -123.66
N VAL O 923 -31.62 32.35 -123.06
CA VAL O 923 -30.79 31.19 -123.33
C VAL O 923 -31.56 29.92 -122.99
N GLY O 924 -31.52 28.95 -123.91
CA GLY O 924 -32.29 27.74 -123.80
C GLY O 924 -33.54 27.73 -124.65
N ALA O 925 -34.00 28.90 -125.10
CA ALA O 925 -35.16 28.99 -125.97
C ALA O 925 -34.74 28.85 -127.42
N SER O 926 -35.13 27.74 -128.05
CA SER O 926 -34.76 27.50 -129.44
C SER O 926 -35.38 28.50 -130.39
N TYR O 927 -36.53 29.07 -130.06
CA TYR O 927 -37.23 29.99 -130.95
C TYR O 927 -37.41 29.34 -132.32
N ASP O 928 -37.80 28.07 -132.30
CA ASP O 928 -37.92 27.30 -133.54
C ASP O 928 -39.33 27.43 -134.12
N LYS O 929 -40.34 27.25 -133.30
CA LYS O 929 -41.71 27.26 -133.79
C LYS O 929 -42.37 28.59 -133.50
N ASP O 930 -43.42 28.89 -134.27
CA ASP O 930 -44.11 30.16 -134.19
C ASP O 930 -45.36 30.03 -133.34
N THR O 931 -46.15 31.08 -133.29
CA THR O 931 -47.36 31.02 -132.47
C THR O 931 -48.38 30.08 -133.12
N PRO O 932 -49.26 29.49 -132.31
CA PRO O 932 -50.29 28.62 -132.89
C PRO O 932 -51.24 29.39 -133.78
N ALA O 933 -51.93 28.67 -134.65
CA ALA O 933 -52.90 29.28 -135.55
C ALA O 933 -54.18 29.60 -134.82
N ARG O 934 -55.24 29.90 -135.56
CA ARG O 934 -56.56 30.20 -134.99
C ARG O 934 -56.48 31.02 -133.70
N LYS P 35 -25.98 54.48 -63.93
CA LYS P 35 -26.44 55.72 -63.33
C LYS P 35 -27.96 55.82 -63.39
N SER P 36 -28.49 56.14 -64.56
CA SER P 36 -29.93 56.22 -64.74
C SER P 36 -30.62 54.88 -64.49
N LEU P 37 -30.05 53.80 -65.01
CA LEU P 37 -30.61 52.49 -64.72
C LEU P 37 -30.54 52.19 -63.23
N ARG P 38 -29.42 52.56 -62.60
CA ARG P 38 -29.34 52.49 -61.14
C ARG P 38 -30.53 53.20 -60.50
N ASP P 39 -30.86 54.38 -61.01
CA ASP P 39 -31.96 55.14 -60.45
C ASP P 39 -33.29 54.40 -60.57
N GLN P 40 -33.68 54.08 -61.81
CA GLN P 40 -34.93 53.34 -62.01
C GLN P 40 -34.95 52.07 -61.18
N LEU P 41 -33.80 51.42 -61.05
CA LEU P 41 -33.70 50.23 -60.21
C LEU P 41 -34.04 50.57 -58.76
N VAL P 42 -33.50 51.67 -58.25
CA VAL P 42 -33.79 52.08 -56.88
C VAL P 42 -35.30 52.24 -56.70
N GLU P 43 -35.94 52.93 -57.64
CA GLU P 43 -37.38 53.10 -57.52
C GLU P 43 -38.08 51.75 -57.58
N SER P 44 -37.56 50.83 -58.39
CA SER P 44 -38.19 49.52 -58.51
C SER P 44 -38.18 48.77 -57.18
N ILE P 45 -37.04 48.78 -56.49
CA ILE P 45 -37.01 48.15 -55.17
C ILE P 45 -37.95 48.87 -54.23
N ARG P 46 -37.91 50.20 -54.23
CA ARG P 46 -38.72 50.93 -53.25
C ARG P 46 -40.20 50.64 -53.44
N ASN P 47 -40.67 50.64 -54.69
CA ASN P 47 -42.05 50.20 -54.96
C ASN P 47 -42.14 48.69 -55.10
N SER P 48 -41.62 47.96 -54.12
CA SER P 48 -41.65 46.51 -54.18
C SER P 48 -42.18 45.95 -52.87
N ILE P 49 -41.91 46.65 -51.78
CA ILE P 49 -42.29 46.17 -50.47
C ILE P 49 -43.72 46.57 -50.11
N ALA P 50 -44.28 47.55 -50.80
CA ALA P 50 -45.65 47.97 -50.53
C ALA P 50 -46.62 46.83 -50.79
N ARG P 69 -41.27 36.27 -56.83
CA ARG P 69 -40.59 36.37 -55.55
C ARG P 69 -40.26 37.80 -55.20
N ASN P 70 -39.29 37.98 -54.30
CA ASN P 70 -38.83 39.30 -53.92
C ASN P 70 -37.35 39.45 -54.25
N VAL P 71 -36.96 38.93 -55.41
CA VAL P 71 -35.56 38.95 -55.85
C VAL P 71 -35.48 39.73 -57.15
N PHE P 72 -34.61 40.74 -57.16
CA PHE P 72 -34.24 41.45 -58.38
C PHE P 72 -32.83 41.04 -58.79
N PHE P 73 -32.64 40.82 -60.08
CA PHE P 73 -31.36 40.36 -60.61
C PHE P 73 -30.86 41.32 -61.66
N VAL P 74 -29.54 41.37 -61.84
CA VAL P 74 -28.90 42.26 -62.78
C VAL P 74 -28.09 41.40 -63.75
N ASP P 75 -28.47 41.43 -65.02
CA ASP P 75 -27.68 40.78 -66.06
C ASP P 75 -26.47 41.62 -66.39
N GLY P 76 -25.35 40.97 -66.65
CA GLY P 76 -24.11 41.65 -66.98
C GLY P 76 -23.49 41.20 -68.28
N GLY P 81 -17.85 48.38 -63.46
CA GLY P 81 -18.37 47.10 -63.89
C GLY P 81 -19.70 46.75 -63.25
N LYS P 82 -20.06 45.46 -63.31
CA LYS P 82 -21.29 45.00 -62.69
C LYS P 82 -21.27 45.26 -61.19
N THR P 83 -20.15 44.96 -60.54
CA THR P 83 -19.98 45.28 -59.14
C THR P 83 -20.05 46.79 -58.93
N THR P 84 -19.47 47.57 -59.84
CA THR P 84 -19.58 49.02 -59.73
C THR P 84 -21.03 49.46 -59.69
N PHE P 85 -21.84 48.92 -60.61
CA PHE P 85 -23.24 49.32 -60.69
C PHE P 85 -24.00 48.89 -59.44
N ILE P 86 -23.71 47.68 -58.94
CA ILE P 86 -24.40 47.21 -57.75
C ILE P 86 -24.05 48.08 -56.55
N ASN P 87 -22.77 48.44 -56.41
CA ASN P 87 -22.38 49.34 -55.35
C ASN P 87 -23.07 50.69 -55.49
N SER P 88 -23.15 51.20 -56.71
CA SER P 88 -23.90 52.41 -56.96
C SER P 88 -25.31 52.28 -56.41
N VAL P 89 -25.99 51.20 -56.77
CA VAL P 89 -27.36 51.00 -56.32
C VAL P 89 -27.43 50.97 -54.81
N VAL P 90 -26.54 50.20 -54.17
CA VAL P 90 -26.61 50.05 -52.73
C VAL P 90 -26.40 51.38 -52.03
N LYS P 91 -25.35 52.11 -52.38
CA LYS P 91 -25.09 53.38 -51.69
C LYS P 91 -26.20 54.37 -51.99
N SER P 92 -26.81 54.27 -53.18
CA SER P 92 -27.96 55.10 -53.48
C SER P 92 -29.03 54.95 -52.40
N LEU P 93 -29.21 53.74 -51.88
CA LEU P 93 -30.09 53.51 -50.76
C LEU P 93 -29.40 53.75 -49.42
N ASN P 94 -28.09 53.92 -49.44
CA ASN P 94 -27.33 54.17 -48.23
C ASN P 94 -27.41 52.96 -47.28
N VAL P 102 -40.61 54.61 -46.50
CA VAL P 102 -39.63 54.28 -47.52
C VAL P 102 -38.31 53.93 -46.86
N ASN P 103 -38.39 53.46 -45.62
CA ASN P 103 -37.21 53.08 -44.85
C ASN P 103 -36.93 51.60 -45.07
N ILE P 104 -35.70 51.30 -45.49
CA ILE P 104 -35.23 49.92 -45.66
C ILE P 104 -33.75 49.89 -45.31
N LYS P 105 -33.33 48.85 -44.62
CA LYS P 105 -31.94 48.74 -44.19
C LYS P 105 -31.25 47.67 -45.04
N CYS P 106 -30.12 48.03 -45.63
CA CYS P 106 -29.45 47.18 -46.58
C CYS P 106 -28.16 46.62 -45.99
N LEU P 107 -27.67 45.61 -46.62
CA LEU P 107 -26.44 45.03 -46.13
C LEU P 107 -25.31 45.24 -47.12
N PRO P 108 -24.07 45.29 -46.65
CA PRO P 108 -22.94 45.27 -47.58
C PRO P 108 -23.02 44.06 -48.48
N THR P 109 -22.73 44.26 -49.76
CA THR P 109 -22.91 43.20 -50.72
C THR P 109 -22.05 42.00 -50.36
N ILE P 110 -22.59 40.81 -50.62
CA ILE P 110 -21.89 39.56 -50.35
C ILE P 110 -21.16 39.14 -51.61
N ASP P 111 -19.88 38.83 -51.47
CA ASP P 111 -19.13 38.21 -52.55
C ASP P 111 -19.11 36.71 -52.32
N PRO P 112 -20.04 35.95 -52.90
CA PRO P 112 -20.01 34.49 -52.71
C PRO P 112 -18.74 33.85 -53.22
N THR P 113 -18.03 34.51 -54.13
CA THR P 113 -16.77 34.01 -54.65
C THR P 113 -15.61 34.27 -53.71
N LYS P 114 -15.83 35.02 -52.64
CA LYS P 114 -14.79 35.34 -51.67
C LYS P 114 -15.23 34.96 -50.27
N LEU P 115 -15.74 33.74 -50.12
CA LEU P 115 -16.18 33.20 -48.85
C LEU P 115 -15.54 31.84 -48.64
N PRO P 116 -15.37 31.43 -47.38
CA PRO P 116 -14.80 30.11 -47.11
C PRO P 116 -15.52 29.03 -47.89
N ARG P 117 -14.76 28.12 -48.48
CA ARG P 117 -15.29 27.17 -49.46
C ARG P 117 -16.62 26.57 -49.01
N HIS P 118 -16.72 26.20 -47.73
CA HIS P 118 -17.97 25.68 -47.17
C HIS P 118 -18.47 26.64 -46.10
N GLU P 119 -19.60 27.26 -46.37
CA GLU P 119 -20.38 27.94 -45.35
C GLU P 119 -21.70 28.35 -45.99
N PRO P 120 -22.75 28.56 -45.21
CA PRO P 120 -24.01 29.01 -45.81
C PRO P 120 -24.14 30.51 -45.87
N ILE P 121 -24.63 31.00 -47.00
CA ILE P 121 -24.92 32.41 -47.17
C ILE P 121 -25.83 32.82 -46.03
N LEU P 122 -26.63 31.88 -45.52
CA LEU P 122 -27.41 32.18 -44.33
C LEU P 122 -26.52 32.55 -43.16
N VAL P 123 -25.44 31.79 -42.93
CA VAL P 123 -24.54 32.12 -41.83
C VAL P 123 -23.87 33.46 -42.06
N THR P 124 -23.42 33.71 -43.28
CA THR P 124 -22.76 34.99 -43.54
C THR P 124 -23.71 36.16 -43.34
N VAL P 125 -24.96 36.00 -43.80
CA VAL P 125 -25.97 37.04 -43.61
C VAL P 125 -26.26 37.22 -42.14
N THR P 126 -26.35 36.12 -41.39
CA THR P 126 -26.54 36.22 -39.96
C THR P 126 -25.40 36.99 -39.31
N ALA P 127 -24.17 36.78 -39.79
CA ALA P 127 -23.03 37.51 -39.24
C ALA P 127 -23.16 39.00 -39.51
N ARG P 128 -23.45 39.37 -40.75
CA ARG P 128 -23.64 40.79 -41.05
C ARG P 128 -24.78 41.37 -40.22
N LEU P 129 -25.86 40.61 -40.08
CA LEU P 129 -26.97 41.04 -39.24
C LEU P 129 -26.50 41.27 -37.82
N ASN P 130 -25.67 40.37 -37.31
CA ASN P 130 -25.16 40.49 -35.96
C ASN P 130 -24.39 41.79 -35.81
N LYS P 131 -23.46 42.05 -36.72
CA LYS P 131 -22.66 43.25 -36.65
C LYS P 131 -23.54 44.48 -36.68
N MET P 132 -24.47 44.54 -37.63
CA MET P 132 -25.31 45.72 -37.80
C MET P 132 -26.18 45.94 -36.58
N VAL P 133 -26.76 44.85 -36.04
CA VAL P 133 -27.59 44.95 -34.86
C VAL P 133 -26.81 45.42 -33.66
N SER P 134 -25.64 44.84 -33.41
CA SER P 134 -24.77 45.29 -32.33
C SER P 134 -24.39 46.74 -32.48
N ASP P 135 -24.16 47.19 -33.71
CA ASP P 135 -23.84 48.59 -33.96
C ASP P 135 -25.00 49.51 -33.62
N LYS P 136 -26.15 49.31 -34.24
CA LYS P 136 -27.33 50.10 -33.93
C LYS P 136 -27.77 49.92 -32.48
N LEU P 137 -27.59 48.74 -31.92
CA LEU P 137 -27.92 48.48 -30.52
C LEU P 137 -26.92 49.09 -29.55
N LYS P 138 -25.62 48.90 -29.77
CA LYS P 138 -24.64 49.62 -28.96
C LYS P 138 -24.89 51.12 -29.03
N GLY P 139 -25.43 51.58 -30.16
CA GLY P 139 -26.13 52.85 -30.11
C GLY P 139 -27.35 52.68 -29.23
N TYR P 140 -27.32 53.28 -28.05
CA TYR P 140 -28.36 53.04 -27.04
C TYR P 140 -28.36 51.59 -26.58
N ARG P 147 -30.94 46.63 -22.97
CA ARG P 147 -32.35 46.89 -23.18
C ARG P 147 -33.19 45.63 -23.05
N LYS P 148 -34.12 45.46 -23.98
CA LYS P 148 -34.93 44.25 -24.06
C LYS P 148 -34.96 43.65 -25.45
N GLN P 149 -34.91 44.47 -26.49
CA GLN P 149 -34.70 43.95 -27.83
C GLN P 149 -33.43 43.12 -27.88
N LYS P 150 -32.36 43.65 -27.29
CA LYS P 150 -31.08 42.94 -27.29
C LYS P 150 -31.24 41.50 -26.86
N GLU P 151 -31.63 41.28 -25.62
CA GLU P 151 -31.62 39.96 -25.02
C GLU P 151 -32.45 38.95 -25.81
N GLN P 152 -33.70 39.27 -26.11
CA GLN P 152 -34.50 38.38 -26.93
C GLN P 152 -33.86 38.14 -28.29
N TRP P 153 -33.10 39.09 -28.81
CA TRP P 153 -32.38 38.87 -30.05
C TRP P 153 -31.40 37.71 -29.95
N GLN P 154 -30.49 37.75 -28.98
CA GLN P 154 -29.59 36.64 -28.81
C GLN P 154 -30.32 35.34 -28.54
N ASN P 155 -31.56 35.41 -28.07
CA ASN P 155 -32.37 34.20 -27.96
C ASN P 155 -32.61 33.58 -29.33
N HIS P 156 -33.10 34.37 -30.29
CA HIS P 156 -33.23 33.87 -31.65
C HIS P 156 -31.88 33.40 -32.17
N LEU P 157 -30.83 34.13 -31.84
CA LEU P 157 -29.48 33.70 -32.16
C LEU P 157 -29.23 32.29 -31.68
N ALA P 158 -29.55 31.99 -30.43
CA ALA P 158 -29.31 30.69 -29.84
C ALA P 158 -30.12 29.60 -30.52
N GLN P 159 -31.40 29.84 -30.76
CA GLN P 159 -32.18 28.82 -31.47
C GLN P 159 -31.58 28.56 -32.85
N LEU P 160 -31.22 29.63 -33.56
CA LEU P 160 -30.66 29.45 -34.90
C LEU P 160 -29.37 28.65 -34.84
N GLN P 161 -28.47 28.99 -33.92
CA GLN P 161 -27.22 28.25 -33.81
C GLN P 161 -27.49 26.80 -33.48
N ARG P 162 -28.42 26.56 -32.56
CA ARG P 162 -28.73 25.21 -32.14
C ARG P 162 -29.29 24.35 -33.26
N GLY P 163 -30.21 24.88 -34.06
CA GLY P 163 -30.86 24.08 -35.07
C GLY P 163 -30.17 24.09 -36.41
N LEU P 164 -29.00 24.71 -36.48
CA LEU P 164 -28.33 24.93 -37.75
C LEU P 164 -27.66 23.70 -38.31
N HIS P 165 -27.15 22.79 -37.46
CA HIS P 165 -26.53 21.57 -37.95
C HIS P 165 -27.30 20.99 -39.12
N LEU P 166 -28.63 21.05 -39.03
CA LEU P 166 -29.51 20.42 -40.01
C LEU P 166 -29.01 20.59 -41.43
N LEU P 167 -28.39 21.73 -41.71
CA LEU P 167 -27.93 21.99 -43.07
C LEU P 167 -26.60 21.29 -43.34
N THR P 168 -25.57 21.61 -42.55
CA THR P 168 -24.24 21.09 -42.82
C THR P 168 -24.17 19.58 -42.68
N ASP P 169 -24.77 19.06 -41.61
CA ASP P 169 -24.68 17.64 -41.25
C ASP P 169 -24.81 16.72 -42.45
N LYS P 170 -23.82 15.84 -42.65
CA LYS P 170 -23.87 14.84 -43.70
C LYS P 170 -24.67 13.61 -43.30
N GLU P 171 -24.71 13.28 -42.02
CA GLU P 171 -25.51 12.17 -41.52
C GLU P 171 -26.58 12.73 -40.60
N TYR P 172 -27.71 12.04 -40.55
CA TYR P 172 -28.79 12.41 -39.63
C TYR P 172 -28.54 11.70 -38.31
N LYS P 173 -27.95 12.44 -37.36
CA LYS P 173 -27.86 11.71 -36.11
C LYS P 173 -29.24 11.60 -35.47
N PRO P 174 -29.67 10.37 -35.14
CA PRO P 174 -30.99 10.21 -34.51
C PRO P 174 -31.16 11.00 -33.23
N GLU P 175 -30.07 11.29 -32.52
CA GLU P 175 -30.16 12.11 -31.32
C GLU P 175 -30.78 13.47 -31.58
N TYR P 176 -30.70 13.96 -32.82
CA TYR P 176 -31.38 15.18 -33.21
C TYR P 176 -32.88 15.03 -33.21
N PHE P 177 -33.39 13.81 -33.08
CA PHE P 177 -34.82 13.58 -33.01
C PHE P 177 -35.49 14.30 -31.86
N SER P 178 -34.98 14.15 -30.64
CA SER P 178 -35.52 14.85 -29.50
C SER P 178 -35.40 16.36 -29.63
N ASP P 179 -34.28 16.85 -30.16
CA ASP P 179 -34.19 18.27 -30.50
C ASP P 179 -35.29 18.66 -31.47
N ALA P 180 -35.68 17.75 -32.35
CA ALA P 180 -36.87 17.90 -33.17
C ALA P 180 -38.14 17.85 -32.34
N LEU P 181 -38.03 17.83 -31.02
CA LEU P 181 -39.15 17.59 -30.13
C LEU P 181 -39.23 18.62 -29.01
N LYS P 182 -38.74 19.84 -29.27
CA LYS P 182 -38.74 20.91 -28.28
C LYS P 182 -39.37 22.15 -28.91
N LEU P 183 -40.30 22.78 -28.20
CA LEU P 183 -40.96 23.98 -28.71
C LEU P 183 -40.64 25.18 -27.83
N SER P 190 -45.27 27.35 -35.11
CA SER P 190 -46.68 27.13 -35.38
C SER P 190 -46.87 26.18 -36.57
N ILE P 191 -45.78 25.58 -37.01
CA ILE P 191 -45.82 24.62 -38.11
C ILE P 191 -45.29 23.28 -37.64
N GLY P 192 -44.51 23.29 -36.55
CA GLY P 192 -43.99 22.07 -35.99
C GLY P 192 -42.61 21.70 -36.50
N GLY P 193 -41.63 21.70 -35.62
CA GLY P 193 -40.28 21.32 -36.00
C GLY P 193 -39.23 22.38 -35.70
N GLN P 194 -38.15 22.37 -36.47
CA GLN P 194 -37.02 23.28 -36.28
C GLN P 194 -36.77 24.05 -37.56
N ASP P 195 -37.84 24.61 -38.13
CA ASP P 195 -37.72 25.18 -39.46
C ASP P 195 -36.76 26.35 -39.45
N LEU P 196 -35.54 26.10 -39.91
CA LEU P 196 -34.55 27.16 -39.94
C LEU P 196 -35.06 28.37 -40.71
N SER P 197 -35.93 28.14 -41.70
CA SER P 197 -36.63 29.23 -42.35
C SER P 197 -37.45 30.06 -41.38
N GLU P 198 -38.25 29.44 -40.51
CA GLU P 198 -39.05 30.21 -39.57
C GLU P 198 -38.17 30.89 -38.53
N ILE P 199 -37.12 30.21 -38.07
CA ILE P 199 -36.22 30.90 -37.15
C ILE P 199 -35.62 32.13 -37.82
N PHE P 200 -35.18 32.00 -39.07
CA PHE P 200 -34.58 33.12 -39.77
C PHE P 200 -35.58 34.23 -40.02
N GLU P 201 -36.83 33.89 -40.31
CA GLU P 201 -37.84 34.91 -40.56
C GLU P 201 -38.18 35.67 -39.29
N GLU P 202 -38.33 34.96 -38.17
CA GLU P 202 -38.49 35.64 -36.90
C GLU P 202 -37.28 36.51 -36.58
N LEU P 203 -36.08 36.03 -36.91
CA LEU P 203 -34.88 36.86 -36.88
C LEU P 203 -35.07 38.15 -37.66
N VAL P 204 -35.57 38.05 -38.88
CA VAL P 204 -35.75 39.21 -39.74
C VAL P 204 -36.75 40.19 -39.14
N LYS P 205 -37.86 39.66 -38.61
CA LYS P 205 -38.80 40.51 -37.92
C LYS P 205 -38.12 41.23 -36.76
N ARG P 206 -37.30 40.50 -36.02
CA ARG P 206 -36.58 41.12 -34.91
C ARG P 206 -35.71 42.25 -35.41
N ALA P 207 -34.98 42.01 -36.50
CA ALA P 207 -34.08 43.01 -37.04
C ALA P 207 -34.82 44.24 -37.53
N CYS P 208 -35.90 44.05 -38.28
CA CYS P 208 -36.69 45.20 -38.72
C CYS P 208 -37.23 45.98 -37.54
N GLU P 209 -37.77 45.27 -36.54
CA GLU P 209 -38.34 45.95 -35.39
C GLU P 209 -37.27 46.74 -34.64
N ILE P 210 -36.10 46.16 -34.46
CA ILE P 210 -35.03 46.81 -33.73
C ILE P 210 -34.49 48.00 -34.50
N LEU P 211 -34.36 47.90 -35.83
CA LEU P 211 -33.80 48.96 -36.64
C LEU P 211 -34.85 49.98 -37.06
N ASP P 212 -36.11 49.75 -36.75
CA ASP P 212 -37.21 50.57 -37.23
C ASP P 212 -37.16 50.67 -38.75
N CYS P 213 -37.12 49.51 -39.40
CA CYS P 213 -37.02 49.43 -40.84
C CYS P 213 -38.14 48.53 -41.38
N LYS P 214 -38.68 48.93 -42.52
CA LYS P 214 -39.68 48.14 -43.21
C LYS P 214 -39.15 46.77 -43.61
N ALA P 215 -37.93 46.69 -44.11
CA ALA P 215 -37.37 45.41 -44.53
C ALA P 215 -35.87 45.55 -44.70
N ILE P 216 -35.26 44.44 -45.13
CA ILE P 216 -33.82 44.32 -45.25
C ILE P 216 -33.48 44.03 -46.70
N LEU P 217 -32.61 44.85 -47.26
CA LEU P 217 -32.03 44.55 -48.56
C LEU P 217 -30.84 43.62 -48.38
N ILE P 218 -30.83 42.55 -49.16
CA ILE P 218 -29.77 41.56 -49.16
C ILE P 218 -29.14 41.57 -50.55
N THR P 219 -27.82 41.62 -50.58
CA THR P 219 -27.08 41.85 -51.82
C THR P 219 -26.15 40.68 -52.08
N PHE P 220 -26.03 40.31 -53.35
CA PHE P 220 -25.28 39.14 -53.75
C PHE P 220 -24.46 39.49 -54.98
N ASP P 221 -23.16 39.24 -54.92
CA ASP P 221 -22.26 39.62 -55.99
C ASP P 221 -22.26 38.56 -57.09
N ASP P 222 -21.64 38.91 -58.21
CA ASP P 222 -21.47 37.96 -59.30
C ASP P 222 -20.67 36.75 -58.81
N ILE P 223 -20.93 35.60 -59.43
CA ILE P 223 -20.15 34.39 -59.14
C ILE P 223 -19.36 34.04 -60.39
N ASP P 224 -18.96 35.08 -61.14
CA ASP P 224 -18.20 34.86 -62.37
C ASP P 224 -16.97 34.00 -62.12
N THR P 225 -16.15 34.33 -61.13
CA THR P 225 -14.94 33.58 -60.82
C THR P 225 -15.23 32.24 -60.17
N GLN P 226 -16.38 32.09 -59.53
CA GLN P 226 -16.80 30.80 -59.00
C GLN P 226 -18.31 30.67 -59.16
N PHE P 227 -18.74 30.02 -60.23
CA PHE P 227 -20.15 29.99 -60.55
C PHE P 227 -20.86 28.89 -59.78
N ASP P 228 -20.11 28.05 -59.09
CA ASP P 228 -20.69 26.88 -58.43
C ASP P 228 -21.25 27.20 -57.05
N ALA P 229 -20.80 28.28 -56.42
CA ALA P 229 -21.34 28.63 -55.11
C ALA P 229 -22.76 29.16 -55.21
N GLY P 230 -23.12 29.75 -56.35
CA GLY P 230 -24.43 30.39 -56.48
C GLY P 230 -25.57 29.45 -56.18
N TRP P 231 -25.34 28.14 -56.30
CA TRP P 231 -26.36 27.17 -55.92
C TRP P 231 -26.81 27.40 -54.49
N ASP P 232 -25.84 27.55 -53.58
CA ASP P 232 -26.16 27.72 -52.18
C ASP P 232 -26.99 28.97 -51.97
N VAL P 233 -26.65 30.04 -52.67
CA VAL P 233 -27.43 31.27 -52.56
C VAL P 233 -28.85 31.05 -53.05
N LEU P 234 -28.99 30.37 -54.18
CA LEU P 234 -30.32 30.12 -54.73
C LEU P 234 -31.15 29.30 -53.75
N GLU P 235 -30.53 28.28 -53.17
CA GLU P 235 -31.22 27.43 -52.22
C GLU P 235 -31.59 28.18 -50.95
N SER P 236 -30.70 29.05 -50.47
CA SER P 236 -31.02 29.91 -49.34
C SER P 236 -32.20 30.81 -49.65
N ILE P 237 -32.24 31.36 -50.86
CA ILE P 237 -33.38 32.16 -51.28
C ILE P 237 -34.66 31.34 -51.19
N ARG P 238 -34.64 30.16 -51.78
CA ARG P 238 -35.86 29.37 -51.84
C ARG P 238 -36.32 28.95 -50.45
N LYS P 239 -35.40 28.44 -49.62
CA LYS P 239 -35.77 27.83 -48.36
C LYS P 239 -35.79 28.80 -47.19
N PHE P 240 -35.28 30.01 -47.35
CA PHE P 240 -35.16 30.93 -46.23
C PHE P 240 -35.64 32.33 -46.53
N PHE P 241 -35.59 32.77 -47.78
CA PHE P 241 -35.90 34.15 -48.12
C PHE P 241 -37.25 34.30 -48.81
N ASN P 242 -38.13 33.32 -48.62
CA ASN P 242 -39.54 33.48 -48.99
C ASN P 242 -40.26 34.27 -47.89
N SER P 243 -39.74 35.46 -47.62
CA SER P 243 -40.22 36.30 -46.54
C SER P 243 -40.73 37.62 -47.12
N ARG P 244 -41.62 38.26 -46.36
CA ARG P 244 -42.20 39.53 -46.74
C ARG P 244 -41.34 40.70 -46.29
N LYS P 245 -40.18 40.44 -45.69
CA LYS P 245 -39.35 41.48 -45.09
C LYS P 245 -37.92 41.47 -45.61
N LEU P 246 -37.63 40.66 -46.61
CA LEU P 246 -36.29 40.56 -47.19
C LEU P 246 -36.37 40.76 -48.69
N VAL P 247 -35.36 41.44 -49.24
CA VAL P 247 -35.32 41.78 -50.65
C VAL P 247 -33.99 41.34 -51.23
N VAL P 248 -34.03 40.32 -52.09
CA VAL P 248 -32.83 39.77 -52.70
C VAL P 248 -32.43 40.64 -53.87
N VAL P 249 -31.14 40.84 -54.04
CA VAL P 249 -30.60 41.60 -55.16
C VAL P 249 -29.34 40.90 -55.63
N ALA P 250 -29.44 40.17 -56.73
CA ALA P 250 -28.35 39.36 -57.24
C ALA P 250 -27.85 39.90 -58.57
N THR P 251 -26.67 39.45 -58.96
CA THR P 251 -26.02 39.93 -60.18
C THR P 251 -25.33 38.78 -60.88
N GLY P 252 -25.22 38.90 -62.19
CA GLY P 252 -24.58 37.87 -62.99
C GLY P 252 -25.31 37.73 -64.33
N ASP P 253 -24.96 36.66 -65.04
CA ASP P 253 -25.59 36.30 -66.30
C ASP P 253 -26.45 35.06 -66.08
N LEU P 254 -27.70 35.12 -66.54
CA LEU P 254 -28.65 34.06 -66.26
C LEU P 254 -28.19 32.71 -66.79
N ARG P 255 -27.46 32.68 -67.90
CA ARG P 255 -26.90 31.42 -68.41
C ARG P 255 -26.00 30.74 -67.40
N LEU P 256 -25.20 31.50 -66.65
CA LEU P 256 -24.37 30.89 -65.63
C LEU P 256 -25.21 30.11 -64.64
N TYR P 257 -26.24 30.74 -64.08
CA TYR P 257 -27.13 30.06 -63.15
C TYR P 257 -27.82 28.89 -63.84
N SER P 258 -28.10 29.06 -65.13
CA SER P 258 -28.74 28.02 -65.91
C SER P 258 -27.89 26.76 -65.93
N GLN P 259 -26.57 26.89 -66.10
CA GLN P 259 -25.72 25.71 -65.98
C GLN P 259 -25.91 24.99 -64.67
N LEU P 260 -25.79 25.69 -63.54
CA LEU P 260 -25.91 25.05 -62.23
C LEU P 260 -27.24 24.33 -62.09
N ILE P 261 -28.32 24.97 -62.54
CA ILE P 261 -29.61 24.31 -62.54
C ILE P 261 -29.53 23.04 -63.38
N ARG P 262 -28.95 23.17 -64.58
CA ARG P 262 -28.71 22.02 -65.45
C ARG P 262 -27.98 20.93 -64.71
N GLY P 263 -26.84 21.27 -64.09
CA GLY P 263 -26.01 20.27 -63.46
C GLY P 263 -26.71 19.54 -62.33
N LYS P 264 -27.37 20.27 -61.44
CA LYS P 264 -27.91 19.59 -60.27
C LYS P 264 -29.33 19.11 -60.47
N GLN P 265 -29.95 19.40 -61.62
CA GLN P 265 -31.08 18.59 -62.05
C GLN P 265 -30.63 17.20 -62.45
N TYR P 266 -29.60 17.13 -63.30
CA TYR P 266 -29.03 15.87 -63.74
C TYR P 266 -28.56 15.01 -62.57
N GLU P 267 -28.00 15.63 -61.53
CA GLU P 267 -27.51 14.91 -60.37
C GLU P 267 -28.65 14.34 -59.53
N ASN P 268 -29.88 14.42 -60.04
CA ASN P 268 -31.03 13.86 -59.36
C ASN P 268 -31.36 12.44 -59.80
N TYR P 269 -31.02 12.07 -61.04
CA TYR P 269 -31.29 10.73 -61.52
C TYR P 269 -30.48 9.71 -60.74
N SER P 270 -30.68 8.44 -61.08
CA SER P 270 -29.86 7.37 -60.53
C SER P 270 -28.75 7.02 -61.51
N LYS P 271 -27.53 6.95 -60.99
CA LYS P 271 -26.38 6.61 -61.82
C LYS P 271 -26.65 5.36 -62.64
N THR P 272 -27.27 4.36 -62.03
CA THR P 272 -27.62 3.15 -62.76
C THR P 272 -28.57 3.46 -63.90
N LEU P 273 -29.62 4.23 -63.61
CA LEU P 273 -30.49 4.72 -64.68
C LEU P 273 -29.66 5.39 -65.77
N LEU P 274 -28.78 6.30 -65.37
CA LEU P 274 -28.03 7.07 -66.34
C LEU P 274 -27.19 6.19 -67.24
N GLU P 275 -26.55 5.17 -66.68
CA GLU P 275 -25.64 4.33 -67.45
C GLU P 275 -26.33 3.18 -68.16
N GLN P 276 -27.61 2.93 -67.87
CA GLN P 276 -28.32 1.92 -68.63
C GLN P 276 -29.34 2.47 -69.60
N GLU P 277 -30.31 3.23 -69.11
CA GLU P 277 -31.39 3.71 -69.97
C GLU P 277 -30.89 4.87 -70.82
N LYS P 278 -29.97 4.57 -71.73
CA LYS P 278 -29.25 5.60 -72.47
C LYS P 278 -29.46 5.49 -73.98
N GLU P 279 -30.69 5.31 -74.43
CA GLU P 279 -30.99 5.40 -75.84
C GLU P 279 -31.56 6.78 -76.17
N SER P 280 -31.68 7.04 -77.47
CA SER P 280 -32.05 8.36 -77.95
C SER P 280 -33.37 8.83 -77.34
N VAL P 281 -34.38 7.95 -77.35
CA VAL P 281 -35.70 8.35 -76.87
C VAL P 281 -35.64 8.75 -75.41
N ARG P 282 -35.01 7.91 -74.58
CA ARG P 282 -34.91 8.20 -73.16
C ARG P 282 -34.12 9.47 -72.90
N LEU P 283 -32.99 9.65 -73.58
CA LEU P 283 -32.23 10.87 -73.39
C LEU P 283 -33.05 12.09 -73.78
N ALA P 284 -33.79 12.02 -74.89
CA ALA P 284 -34.61 13.14 -75.31
C ALA P 284 -35.66 13.49 -74.27
N GLU P 285 -36.38 12.48 -73.78
CA GLU P 285 -37.38 12.75 -72.75
C GLU P 285 -36.76 13.31 -71.48
N ARG P 286 -35.64 12.74 -71.04
CA ARG P 286 -34.97 13.25 -69.86
C ARG P 286 -34.61 14.71 -70.02
N GLY P 287 -33.93 15.06 -71.11
CA GLY P 287 -33.51 16.43 -71.31
C GLY P 287 -34.69 17.38 -71.44
N TYR P 288 -35.75 16.93 -72.09
CA TYR P 288 -36.93 17.77 -72.21
C TYR P 288 -37.52 18.07 -70.83
N MET P 289 -37.60 17.07 -69.98
CA MET P 289 -38.05 17.31 -68.61
C MET P 289 -37.11 18.25 -67.89
N VAL P 290 -35.80 18.04 -68.03
CA VAL P 290 -34.83 18.84 -67.30
C VAL P 290 -34.89 20.29 -67.72
N GLU P 291 -35.01 20.55 -69.02
CA GLU P 291 -35.20 21.91 -69.50
C GLU P 291 -36.49 22.53 -69.01
N HIS P 292 -37.58 21.75 -68.99
CA HIS P 292 -38.80 22.28 -68.40
C HIS P 292 -38.58 22.72 -66.95
N LEU P 293 -37.87 21.92 -66.17
CA LEU P 293 -37.55 22.26 -64.80
C LEU P 293 -36.66 23.48 -64.68
N GLU P 294 -35.60 23.56 -65.50
CA GLU P 294 -34.87 24.82 -65.66
C GLU P 294 -35.84 25.99 -65.72
N GLN P 295 -36.72 25.97 -66.73
CA GLN P 295 -37.52 27.16 -66.99
C GLN P 295 -38.48 27.43 -65.86
N GLN P 296 -39.10 26.39 -65.30
CA GLN P 296 -40.04 26.54 -64.21
C GLN P 296 -39.39 27.06 -62.93
N TYR P 297 -38.15 26.65 -62.65
CA TYR P 297 -37.50 27.05 -61.41
C TYR P 297 -36.86 28.42 -61.53
N LEU P 298 -36.22 28.71 -62.66
CA LEU P 298 -35.60 30.02 -62.81
C LEU P 298 -36.64 31.12 -62.82
N LEU P 299 -37.80 30.86 -63.42
CA LEU P 299 -38.88 31.85 -63.35
C LEU P 299 -39.29 32.10 -61.91
N LYS P 300 -39.41 31.03 -61.12
CA LYS P 300 -39.76 31.19 -59.72
C LYS P 300 -38.73 32.03 -58.99
N LEU P 301 -37.45 31.75 -59.22
CA LEU P 301 -36.39 32.43 -58.50
C LEU P 301 -36.20 33.87 -58.93
N PHE P 302 -36.35 34.15 -60.23
CA PHE P 302 -36.02 35.45 -60.82
C PHE P 302 -37.22 35.95 -61.59
N PRO P 303 -38.16 36.62 -60.91
CA PRO P 303 -39.26 37.26 -61.64
C PRO P 303 -38.71 38.19 -62.72
N VAL P 304 -39.10 37.93 -63.97
CA VAL P 304 -38.57 38.70 -65.07
C VAL P 304 -38.92 40.17 -64.90
N GLN P 305 -40.12 40.47 -64.41
CA GLN P 305 -40.42 41.85 -64.05
C GLN P 305 -39.39 42.38 -63.06
N LYS P 306 -38.83 41.50 -62.24
CA LYS P 306 -37.76 41.86 -61.33
C LYS P 306 -36.40 41.83 -62.02
N ARG P 307 -36.37 41.93 -63.34
CA ARG P 307 -35.16 41.80 -64.13
C ARG P 307 -34.68 43.15 -64.65
N ILE P 308 -33.36 43.36 -64.63
CA ILE P 308 -32.76 44.59 -65.11
C ILE P 308 -31.85 44.25 -66.29
N GLN P 309 -31.79 45.16 -67.27
CA GLN P 309 -31.13 44.85 -68.54
C GLN P 309 -29.65 45.23 -68.56
N LEU P 310 -29.23 46.15 -67.70
CA LEU P 310 -27.83 46.57 -67.71
C LEU P 310 -27.46 47.15 -69.07
N LYS P 311 -27.93 48.36 -69.35
CA LYS P 311 -27.60 49.04 -70.59
C LYS P 311 -26.13 48.87 -70.95
N THR P 312 -25.86 48.75 -72.24
CA THR P 312 -24.49 48.56 -72.71
C THR P 312 -23.84 49.91 -72.98
N MET P 313 -22.53 49.91 -73.18
CA MET P 313 -21.83 51.17 -73.42
C MET P 313 -22.11 51.72 -74.81
N LEU P 314 -22.14 50.87 -75.84
CA LEU P 314 -22.52 51.37 -77.15
C LEU P 314 -23.95 51.87 -77.20
N GLN P 315 -24.88 51.21 -76.52
CA GLN P 315 -26.25 51.70 -76.45
C GLN P 315 -26.37 52.94 -75.58
N LEU P 316 -25.40 53.16 -74.69
CA LEU P 316 -25.28 54.45 -74.02
C LEU P 316 -24.38 55.39 -74.81
N VAL P 317 -24.24 55.18 -76.12
CA VAL P 317 -23.49 56.08 -76.98
C VAL P 317 -24.11 56.04 -78.37
N GLY P 318 -23.86 57.09 -79.16
CA GLY P 318 -24.36 57.11 -80.53
C GLY P 318 -23.90 55.92 -81.34
N GLU P 319 -24.84 55.23 -82.02
CA GLU P 319 -24.44 54.10 -82.84
C GLU P 319 -23.48 54.55 -83.94
N LYS P 320 -23.86 55.59 -84.68
CA LYS P 320 -23.02 56.16 -85.73
C LYS P 320 -23.12 57.67 -85.68
N GLY P 321 -23.43 58.21 -84.50
CA GLY P 321 -23.61 59.64 -84.32
C GLY P 321 -25.06 60.09 -84.23
N LYS P 322 -26.02 59.23 -84.58
CA LYS P 322 -27.44 59.57 -84.49
C LYS P 322 -27.99 59.20 -83.12
N ALA P 323 -27.09 59.07 -82.15
CA ALA P 323 -27.43 58.67 -80.78
C ALA P 323 -26.44 59.31 -79.81
N GLY P 324 -26.26 58.70 -78.64
CA GLY P 324 -25.42 59.29 -77.62
C GLY P 324 -26.09 59.50 -76.29
N LYS P 325 -26.99 58.58 -75.93
CA LYS P 325 -27.59 58.55 -74.60
C LYS P 325 -26.46 58.58 -73.57
N GLU P 326 -26.40 59.67 -72.82
CA GLU P 326 -25.39 59.84 -71.79
C GLU P 326 -23.97 59.77 -72.35
N GLU P 327 -23.59 60.78 -73.15
CA GLU P 327 -22.22 60.88 -73.63
C GLU P 327 -21.24 60.65 -72.48
N ILE P 328 -20.12 60.01 -72.80
CA ILE P 328 -19.13 59.68 -71.77
C ILE P 328 -18.00 60.70 -71.76
N LYS P 329 -17.23 60.74 -72.86
CA LYS P 329 -16.02 61.55 -72.88
C LYS P 329 -14.97 60.93 -71.96
N VAL P 330 -13.74 60.78 -72.42
CA VAL P 330 -12.70 60.17 -71.60
C VAL P 330 -11.42 61.01 -71.68
N LYS P 331 -10.59 60.87 -70.65
CA LYS P 331 -9.32 61.58 -70.60
C LYS P 331 -8.24 60.72 -71.26
N THR P 332 -7.49 61.33 -72.17
CA THR P 332 -6.47 60.61 -72.92
C THR P 332 -5.06 60.84 -72.38
N GLU P 333 -4.73 62.07 -71.99
CA GLU P 333 -3.40 62.31 -71.44
C GLU P 333 -3.56 62.61 -69.95
N PRO P 334 -2.46 62.74 -69.22
CA PRO P 334 -2.57 62.97 -67.77
C PRO P 334 -3.35 64.22 -67.42
N SER P 335 -3.26 65.28 -68.23
CA SER P 335 -3.83 66.56 -67.81
C SER P 335 -5.35 66.60 -67.95
N MET P 336 -5.86 66.61 -69.20
CA MET P 336 -7.30 66.56 -69.46
C MET P 336 -8.12 67.32 -68.42
N GLN P 337 -8.00 68.64 -68.42
CA GLN P 337 -8.58 69.50 -67.38
C GLN P 337 -10.09 69.60 -67.59
N ASP P 338 -10.73 68.43 -67.64
CA ASP P 338 -12.18 68.27 -67.70
C ASP P 338 -12.74 68.95 -68.94
N ILE P 339 -11.87 69.50 -69.78
CA ILE P 339 -12.31 70.12 -71.02
C ILE P 339 -11.68 69.47 -72.23
N ASP P 340 -10.47 68.93 -72.07
CA ASP P 340 -9.79 68.23 -73.16
C ASP P 340 -10.23 66.77 -73.27
N ALA P 341 -11.07 66.30 -72.35
CA ALA P 341 -11.49 64.90 -72.39
C ALA P 341 -12.05 64.58 -73.77
N ILE P 342 -11.33 63.72 -74.49
CA ILE P 342 -11.63 63.51 -75.90
C ILE P 342 -12.63 62.37 -76.05
N ASP P 343 -13.90 62.68 -75.84
CA ASP P 343 -15.03 61.76 -76.07
C ASP P 343 -14.67 60.35 -75.63
N VAL P 344 -15.38 59.37 -76.18
CA VAL P 344 -14.98 57.97 -76.12
C VAL P 344 -15.01 57.42 -77.54
N ARG P 345 -16.14 57.61 -78.22
CA ARG P 345 -16.30 57.10 -79.58
C ARG P 345 -15.25 57.68 -80.53
N GLN P 346 -15.09 58.99 -80.50
CA GLN P 346 -14.15 59.65 -81.40
C GLN P 346 -12.72 59.21 -81.18
N ALA P 347 -12.29 59.13 -79.92
CA ALA P 347 -10.95 58.64 -79.61
C ALA P 347 -10.77 57.18 -80.03
N ILE P 348 -11.83 56.39 -79.86
CA ILE P 348 -11.77 55.00 -80.30
C ILE P 348 -11.55 54.91 -81.80
N GLY P 349 -12.36 55.64 -82.57
CA GLY P 349 -12.18 55.65 -84.01
C GLY P 349 -10.82 56.17 -84.41
N ASP P 350 -10.33 57.17 -83.67
CA ASP P 350 -9.02 57.73 -83.95
C ASP P 350 -7.92 56.68 -83.77
N ALA P 351 -7.93 55.98 -82.65
CA ALA P 351 -6.94 54.94 -82.41
C ALA P 351 -7.07 53.83 -83.46
N VAL P 352 -8.30 53.43 -83.79
CA VAL P 352 -8.48 52.40 -84.79
C VAL P 352 -7.90 52.83 -86.14
N ARG P 353 -8.16 54.08 -86.53
CA ARG P 353 -7.65 54.57 -87.80
C ARG P 353 -6.13 54.61 -87.81
N GLU P 354 -5.52 55.25 -86.81
CA GLU P 354 -4.08 55.44 -86.83
C GLU P 354 -3.31 54.13 -86.64
N GLY P 355 -3.67 53.33 -85.64
CA GLY P 355 -2.93 52.12 -85.35
C GLY P 355 -3.24 51.04 -86.37
N LEU P 356 -4.27 51.29 -87.19
CA LEU P 356 -4.61 50.41 -88.29
C LEU P 356 -4.40 51.09 -89.63
N ASN P 357 -4.18 52.41 -89.64
CA ASN P 357 -3.97 53.14 -90.88
C ASN P 357 -5.18 52.93 -91.78
N LEU P 358 -6.33 53.42 -91.34
CA LEU P 358 -7.61 53.04 -91.92
C LEU P 358 -8.35 54.14 -92.65
N ARG P 359 -7.97 55.41 -92.48
CA ARG P 359 -8.78 56.51 -93.00
C ARG P 359 -10.04 56.61 -92.16
N GLU P 360 -10.87 57.62 -92.43
CA GLU P 360 -12.12 57.82 -91.70
C GLU P 360 -13.33 57.40 -92.52
N GLY P 361 -13.21 56.31 -93.27
CA GLY P 361 -14.30 55.83 -94.09
C GLY P 361 -15.36 55.08 -93.30
N SER P 362 -15.88 53.99 -93.87
CA SER P 362 -16.96 53.23 -93.26
C SER P 362 -16.49 51.95 -92.59
N ASP P 363 -15.30 51.45 -92.94
CA ASP P 363 -14.86 50.17 -92.39
C ASP P 363 -14.36 50.31 -90.96
N ALA P 364 -13.74 51.45 -90.62
CA ALA P 364 -13.25 51.62 -89.27
C ALA P 364 -14.40 51.89 -88.29
N ASP P 365 -15.44 52.58 -88.74
CA ASP P 365 -16.58 52.87 -87.88
C ASP P 365 -17.27 51.57 -87.47
N MET P 366 -17.45 50.66 -88.43
CA MET P 366 -18.05 49.37 -88.15
C MET P 366 -17.17 48.59 -87.18
N TYR P 367 -15.85 48.69 -87.37
CA TYR P 367 -14.93 47.98 -86.49
C TYR P 367 -15.06 48.46 -85.06
N VAL P 368 -15.03 49.78 -84.85
CA VAL P 368 -15.22 50.34 -83.52
C VAL P 368 -16.60 50.03 -82.97
N ASN P 369 -17.62 49.93 -83.82
CA ASN P 369 -18.90 49.41 -83.36
C ASN P 369 -18.75 48.01 -82.79
N GLU P 370 -17.97 47.18 -83.46
CA GLU P 370 -17.69 45.83 -82.98
C GLU P 370 -16.51 45.83 -82.01
N LEU P 371 -16.26 46.99 -81.41
CA LEU P 371 -15.35 47.09 -80.28
C LEU P 371 -16.15 47.62 -79.12
N LEU P 372 -17.27 48.27 -79.45
CA LEU P 372 -18.20 48.83 -78.48
C LEU P 372 -19.07 47.78 -77.81
N LYS P 373 -19.07 46.55 -78.32
CA LYS P 373 -19.85 45.48 -77.71
C LYS P 373 -19.00 44.53 -76.88
N GLN P 374 -17.70 44.80 -76.76
CA GLN P 374 -16.84 43.96 -75.95
C GLN P 374 -16.98 44.34 -74.47
N PRO P 375 -16.44 43.51 -73.57
CA PRO P 375 -16.57 43.80 -72.14
C PRO P 375 -16.06 45.18 -71.75
N VAL P 376 -16.78 45.85 -70.84
CA VAL P 376 -16.41 47.20 -70.45
C VAL P 376 -15.01 47.25 -69.87
N ARG P 377 -14.67 46.31 -69.01
CA ARG P 377 -13.30 46.24 -68.51
C ARG P 377 -12.31 46.01 -69.65
N LEU P 378 -12.65 45.12 -70.58
CA LEU P 378 -11.80 44.92 -71.75
C LEU P 378 -11.54 46.23 -72.49
N LEU P 379 -12.61 46.95 -72.85
CA LEU P 379 -12.44 48.19 -73.58
C LEU P 379 -11.71 49.25 -72.78
N MET P 380 -12.01 49.39 -71.49
CA MET P 380 -11.33 50.37 -70.67
C MET P 380 -9.84 50.11 -70.59
N GLN P 381 -9.43 48.87 -70.38
CA GLN P 381 -8.01 48.55 -70.41
C GLN P 381 -7.40 48.72 -71.79
N VAL P 382 -8.10 48.30 -72.85
CA VAL P 382 -7.56 48.44 -74.20
C VAL P 382 -7.36 49.90 -74.56
N LEU P 383 -8.11 50.81 -73.94
CA LEU P 383 -7.89 52.22 -74.25
C LEU P 383 -7.40 53.01 -73.05
N GLN P 384 -6.81 52.32 -72.06
CA GLN P 384 -6.07 53.00 -71.01
C GLN P 384 -4.66 52.43 -70.97
N ASP P 385 -4.39 51.44 -71.81
CA ASP P 385 -3.04 50.95 -72.03
C ASP P 385 -2.41 51.50 -73.30
N PHE P 386 -3.19 51.68 -74.35
CA PHE P 386 -2.68 52.16 -75.62
C PHE P 386 -2.20 53.61 -75.53
N TYR P 387 -3.11 54.51 -75.19
CA TYR P 387 -2.78 55.93 -75.16
C TYR P 387 -1.75 56.25 -74.08
N THR P 388 -1.77 55.50 -72.98
CA THR P 388 -0.80 55.76 -71.91
C THR P 388 0.62 55.48 -72.38
N LYS P 389 0.85 54.32 -72.98
CA LYS P 389 2.16 54.05 -73.53
C LYS P 389 2.48 54.93 -74.73
N LYS P 390 1.46 55.40 -75.44
CA LYS P 390 1.71 56.43 -76.45
C LYS P 390 2.28 57.70 -75.81
N TYR P 391 1.70 58.12 -74.69
CA TYR P 391 2.21 59.27 -73.95
C TYR P 391 3.63 59.00 -73.49
N HIS P 392 3.89 57.77 -73.04
CA HIS P 392 5.26 57.36 -72.72
C HIS P 392 6.20 57.58 -73.90
N ALA P 393 5.84 57.07 -75.07
CA ALA P 393 6.70 57.18 -76.23
C ALA P 393 6.90 58.62 -76.68
N THR P 394 5.87 59.45 -76.55
CA THR P 394 5.92 60.83 -77.01
C THR P 394 6.49 61.76 -75.95
N SER P 395 6.77 61.23 -74.76
CA SER P 395 7.36 62.02 -73.69
C SER P 395 6.37 63.05 -73.15
N SER P 412 5.69 53.71 -83.90
CA SER P 412 4.52 53.46 -84.73
C SER P 412 3.23 53.51 -83.92
N VAL P 413 2.14 53.88 -84.57
CA VAL P 413 0.82 53.83 -83.94
C VAL P 413 0.28 52.40 -84.03
N PRO P 414 0.38 51.75 -85.18
CA PRO P 414 -0.07 50.35 -85.29
C PRO P 414 0.64 49.40 -84.34
N ASN P 415 1.95 49.52 -84.15
CA ASN P 415 2.64 48.67 -83.20
C ASN P 415 2.25 48.99 -81.76
N LEU P 416 2.13 50.26 -81.42
CA LEU P 416 1.59 50.67 -80.13
C LEU P 416 0.25 50.01 -79.86
N LEU P 417 -0.67 50.07 -80.81
CA LEU P 417 -2.00 49.51 -80.63
C LEU P 417 -2.02 47.99 -80.75
N ARG P 418 -1.23 47.43 -81.67
CA ARG P 418 -1.15 45.98 -81.78
C ARG P 418 -0.61 45.33 -80.52
N ASN P 419 0.36 45.95 -79.86
CA ASN P 419 0.76 45.49 -78.53
C ASN P 419 -0.42 45.36 -77.58
N ALA P 420 -1.29 46.37 -77.53
CA ALA P 420 -2.46 46.33 -76.67
C ALA P 420 -3.40 45.19 -77.04
N LEU P 421 -3.75 45.10 -78.32
CA LEU P 421 -4.57 43.99 -78.78
C LEU P 421 -3.95 42.66 -78.41
N TYR P 422 -2.62 42.58 -78.42
CA TYR P 422 -1.94 41.34 -78.11
C TYR P 422 -2.39 40.79 -76.77
N GLY P 423 -2.28 41.59 -75.72
CA GLY P 423 -2.80 41.16 -74.44
C GLY P 423 -4.31 41.08 -74.38
N SER P 424 -5.01 42.03 -75.00
CA SER P 424 -6.47 42.11 -74.88
C SER P 424 -7.18 40.90 -75.44
N MET P 425 -6.89 40.53 -76.68
CA MET P 425 -7.37 39.30 -77.27
C MET P 425 -6.38 38.16 -77.07
N LEU P 426 -5.40 38.38 -76.19
CA LEU P 426 -4.32 37.41 -75.99
C LEU P 426 -4.87 36.02 -75.73
N SER P 427 -5.83 35.91 -74.82
CA SER P 427 -6.48 34.62 -74.62
C SER P 427 -7.16 34.16 -75.91
N ASN P 428 -7.82 35.09 -76.59
CA ASN P 428 -8.41 34.77 -77.89
C ASN P 428 -7.37 34.23 -78.85
N ILE P 429 -6.26 34.94 -79.02
CA ILE P 429 -5.27 34.53 -80.01
C ILE P 429 -4.68 33.17 -79.69
N TYR P 430 -4.26 32.93 -78.45
CA TYR P 430 -3.67 31.64 -78.14
C TYR P 430 -4.69 30.51 -78.27
N ARG P 431 -5.90 30.73 -77.76
CA ARG P 431 -6.95 29.74 -78.01
C ARG P 431 -7.19 29.51 -79.48
N ALA P 432 -6.87 30.49 -80.33
CA ALA P 432 -6.94 30.33 -81.76
C ALA P 432 -5.81 29.46 -82.32
N GLY P 433 -4.84 29.10 -81.48
CA GLY P 433 -3.68 28.38 -81.99
C GLY P 433 -2.79 29.20 -82.88
N LEU P 434 -2.61 30.47 -82.59
CA LEU P 434 -1.84 31.38 -83.42
C LEU P 434 -0.62 31.89 -82.66
N ASN P 435 0.26 32.61 -83.36
CA ASN P 435 1.52 33.06 -82.80
C ASN P 435 1.34 33.71 -81.43
N TYR P 436 1.89 33.07 -80.40
CA TYR P 436 1.93 33.61 -79.05
C TYR P 436 3.33 34.12 -78.70
N GLU P 437 4.32 33.69 -79.47
CA GLU P 437 5.70 34.10 -79.23
C GLU P 437 5.91 35.52 -79.77
N GLN P 438 6.22 36.45 -78.87
CA GLN P 438 6.33 37.85 -79.24
C GLN P 438 7.43 38.13 -80.24
N HIS P 439 8.59 37.49 -80.10
CA HIS P 439 9.71 37.71 -81.00
C HIS P 439 9.59 36.95 -82.30
N ARG P 440 8.38 36.52 -82.67
CA ARG P 440 8.16 35.75 -83.88
C ARG P 440 7.10 36.39 -84.78
N PHE P 441 6.94 37.71 -84.67
CA PHE P 441 5.80 38.34 -85.31
C PHE P 441 6.01 38.48 -86.81
N GLY P 442 7.00 39.29 -87.20
CA GLY P 442 7.48 39.33 -88.57
C GLY P 442 6.39 39.41 -89.63
N MET P 443 6.79 39.03 -90.84
CA MET P 443 5.87 38.78 -91.94
C MET P 443 5.60 37.29 -92.12
N ASP P 444 6.53 36.44 -91.71
CA ASP P 444 6.47 35.02 -92.04
C ASP P 444 5.45 34.32 -91.15
N SER P 445 5.55 34.56 -89.84
CA SER P 445 4.53 34.09 -88.92
C SER P 445 3.17 34.74 -89.18
N LEU P 446 3.16 36.02 -89.55
CA LEU P 446 1.90 36.72 -89.73
C LEU P 446 1.11 36.15 -90.91
N CYS P 447 1.79 35.76 -91.99
CA CYS P 447 1.09 35.15 -93.12
C CYS P 447 0.45 33.83 -92.75
N LYS P 448 1.19 32.93 -92.10
CA LYS P 448 0.60 31.68 -91.66
C LYS P 448 -0.54 31.93 -90.68
N ASP P 449 -0.38 32.92 -89.81
CA ASP P 449 -1.42 33.23 -88.83
C ASP P 449 -2.69 33.67 -89.54
N ILE P 450 -2.57 34.52 -90.56
CA ILE P 450 -3.75 34.95 -91.30
C ILE P 450 -4.40 33.76 -92.00
N PHE P 451 -3.57 32.90 -92.62
CA PHE P 451 -4.12 31.72 -93.28
C PHE P 451 -4.89 30.84 -92.30
N THR P 452 -4.32 30.62 -91.12
CA THR P 452 -5.00 29.80 -90.11
C THR P 452 -6.27 30.48 -89.62
N TYR P 453 -6.21 31.79 -89.38
CA TYR P 453 -7.38 32.53 -88.91
C TYR P 453 -8.53 32.38 -89.89
N VAL P 454 -8.26 32.54 -91.18
CA VAL P 454 -9.30 32.30 -92.16
C VAL P 454 -9.74 30.84 -92.16
N LYS P 455 -8.82 29.91 -91.96
CA LYS P 455 -9.16 28.50 -91.94
C LYS P 455 -10.17 28.15 -90.88
N GLN P 456 -10.17 28.85 -89.74
CA GLN P 456 -11.21 28.69 -88.75
C GLN P 456 -12.43 29.55 -89.05
N ASP P 457 -12.22 30.76 -89.55
CA ASP P 457 -13.29 31.65 -89.96
C ASP P 457 -14.06 31.13 -91.16
N ARG P 458 -13.68 29.97 -91.69
CA ARG P 458 -14.28 29.49 -92.92
C ARG P 458 -14.08 30.57 -93.98
N ASP P 459 -15.13 31.34 -94.27
CA ASP P 459 -15.01 32.42 -95.24
C ASP P 459 -14.33 31.94 -96.51
N PHE P 460 -13.05 32.27 -96.65
CA PHE P 460 -12.23 31.94 -97.79
C PHE P 460 -12.48 32.89 -98.95
N ASN P 461 -13.26 33.95 -98.74
CA ASN P 461 -13.58 34.91 -99.79
C ASN P 461 -13.15 36.32 -99.44
N THR P 462 -13.37 36.75 -98.19
CA THR P 462 -12.99 38.08 -97.75
C THR P 462 -12.38 38.05 -96.36
N GLY P 463 -11.87 36.89 -95.94
CA GLY P 463 -11.28 36.80 -94.62
C GLY P 463 -10.12 37.76 -94.44
N PHE P 464 -9.28 37.89 -95.48
CA PHE P 464 -8.17 38.84 -95.42
C PHE P 464 -8.64 40.24 -95.11
N TYR P 465 -9.94 40.53 -95.25
CA TYR P 465 -10.48 41.75 -94.69
C TYR P 465 -10.38 41.76 -93.17
N LEU P 466 -10.33 40.59 -92.53
CA LEU P 466 -10.23 40.45 -91.08
C LEU P 466 -11.21 41.37 -90.37
N ARG P 467 -12.34 41.65 -90.99
CA ARG P 467 -13.35 42.53 -90.43
C ARG P 467 -14.18 41.79 -89.38
N PRO P 468 -14.75 42.52 -88.43
CA PRO P 468 -15.55 41.87 -87.39
C PRO P 468 -16.89 41.41 -87.93
N GLN P 469 -16.90 40.22 -88.54
CA GLN P 469 -18.10 39.70 -89.19
C GLN P 469 -18.41 38.29 -88.73
N SER P 470 -17.56 37.71 -87.88
CA SER P 470 -17.70 36.33 -87.44
C SER P 470 -18.63 36.23 -86.24
N GLU P 471 -19.27 35.06 -86.12
CA GLU P 471 -20.10 34.80 -84.96
C GLU P 471 -19.28 34.61 -83.70
N SER P 472 -18.11 33.98 -83.82
CA SER P 472 -17.26 33.77 -82.66
C SER P 472 -16.79 35.11 -82.12
N GLU P 473 -17.12 35.35 -80.85
CA GLU P 473 -16.74 36.58 -80.18
C GLU P 473 -15.24 36.64 -79.87
N ALA P 474 -14.52 35.53 -80.07
CA ALA P 474 -13.08 35.54 -79.98
C ALA P 474 -12.41 35.78 -81.32
N LEU P 475 -12.89 35.15 -82.39
CA LEU P 475 -12.39 35.39 -83.74
C LEU P 475 -12.72 36.79 -84.23
N ARG P 476 -13.84 37.36 -83.79
CA ARG P 476 -14.21 38.72 -84.11
C ARG P 476 -13.16 39.72 -83.65
N ASN P 477 -12.33 39.35 -82.68
CA ASN P 477 -11.23 40.19 -82.22
C ASN P 477 -9.87 39.73 -82.76
N CYS P 478 -9.71 38.44 -82.98
CA CYS P 478 -8.48 37.97 -83.61
C CYS P 478 -8.31 38.59 -84.99
N SER P 479 -9.41 38.76 -85.72
CA SER P 479 -9.32 39.41 -87.02
C SER P 479 -8.68 40.78 -86.92
N ILE P 480 -9.18 41.60 -85.98
CA ILE P 480 -8.69 42.96 -85.87
C ILE P 480 -7.26 42.97 -85.37
N TYR P 481 -6.90 42.03 -84.49
CA TYR P 481 -5.51 41.95 -84.07
C TYR P 481 -4.60 41.58 -85.23
N LEU P 482 -5.05 40.67 -86.08
CA LEU P 482 -4.26 40.35 -87.26
C LEU P 482 -4.11 41.55 -88.16
N ALA P 483 -5.17 42.34 -88.32
CA ALA P 483 -5.07 43.59 -89.07
C ALA P 483 -4.03 44.50 -88.45
N SER P 484 -4.07 44.64 -87.13
CA SER P 484 -3.10 45.48 -86.42
C SER P 484 -1.68 45.02 -86.71
N GLN P 485 -1.43 43.71 -86.61
CA GLN P 485 -0.11 43.19 -86.94
C GLN P 485 0.26 43.46 -88.39
N VAL P 486 -0.68 43.30 -89.31
CA VAL P 486 -0.42 43.57 -90.72
C VAL P 486 -0.04 45.04 -90.92
N SER P 487 -0.83 45.96 -90.38
CA SER P 487 -0.54 47.37 -90.57
C SER P 487 0.80 47.74 -89.94
N GLU P 488 1.05 47.23 -88.74
CA GLU P 488 2.31 47.51 -88.06
C GLU P 488 3.50 47.00 -88.86
N ASN P 489 3.36 45.80 -89.43
CA ASN P 489 4.47 45.23 -90.17
C ASN P 489 4.65 45.89 -91.53
N CYS P 490 3.59 46.47 -92.08
CA CYS P 490 3.62 47.05 -93.41
C CYS P 490 3.98 48.53 -93.43
N GLN P 491 3.80 49.24 -92.32
CA GLN P 491 4.12 50.68 -92.31
C GLN P 491 5.49 50.92 -92.91
N GLY P 492 5.52 51.68 -94.02
CA GLY P 492 6.76 52.09 -94.63
C GLY P 492 7.50 51.03 -95.41
N SER P 493 6.88 49.87 -95.65
CA SER P 493 7.56 48.77 -96.34
C SER P 493 6.79 48.41 -97.60
N LEU P 494 7.29 48.87 -98.75
CA LEU P 494 6.64 48.54 -100.02
C LEU P 494 6.79 47.06 -100.35
N SER P 495 8.01 46.53 -100.26
CA SER P 495 8.18 45.12 -100.58
C SER P 495 7.59 44.22 -99.50
N LYS P 496 7.55 44.65 -98.25
CA LYS P 496 6.83 43.91 -97.23
C LYS P 496 5.33 43.91 -97.52
N PHE P 497 4.80 45.06 -97.96
CA PHE P 497 3.46 45.13 -98.53
C PHE P 497 3.27 44.09 -99.62
N LEU P 498 4.24 43.99 -100.52
CA LEU P 498 4.13 43.03 -101.62
C LEU P 498 4.12 41.60 -101.09
N GLN P 499 4.99 41.31 -100.13
CA GLN P 499 5.08 39.99 -99.54
C GLN P 499 3.77 39.57 -98.91
N MET P 500 3.16 40.44 -98.11
CA MET P 500 1.83 40.11 -97.60
C MET P 500 0.84 39.94 -98.74
N LEU P 501 0.74 40.95 -99.60
CA LEU P 501 -0.18 40.90 -100.74
C LEU P 501 -0.17 39.51 -101.37
N LEU P 502 1.02 38.98 -101.62
CA LEU P 502 1.11 37.71 -102.30
C LEU P 502 0.81 36.56 -101.35
N VAL P 503 1.64 36.41 -100.33
CA VAL P 503 1.56 35.24 -99.44
C VAL P 503 0.20 35.08 -98.79
N GLY P 504 -0.32 36.12 -98.14
CA GLY P 504 -1.59 35.99 -97.46
C GLY P 504 -2.75 35.81 -98.42
N CYS P 505 -2.76 36.59 -99.50
CA CYS P 505 -3.92 36.61 -100.37
C CYS P 505 -3.97 35.36 -101.26
N GLY P 506 -2.96 35.18 -102.10
CA GLY P 506 -3.00 34.06 -103.02
C GLY P 506 -3.03 32.71 -102.31
N SER P 507 -2.26 32.57 -101.23
CA SER P 507 -2.24 31.30 -100.50
C SER P 507 -3.65 30.86 -100.14
N VAL P 508 -4.49 31.79 -99.68
CA VAL P 508 -5.86 31.46 -99.35
C VAL P 508 -6.72 31.44 -100.61
N SER P 509 -6.82 32.60 -101.27
CA SER P 509 -7.72 32.74 -102.41
C SER P 509 -7.51 31.66 -103.46
N ILE P 510 -6.26 31.26 -103.69
CA ILE P 510 -6.00 30.27 -104.72
C ILE P 510 -6.54 28.90 -104.31
N PHE P 511 -6.30 28.49 -103.06
CA PHE P 511 -6.78 27.18 -102.61
C PHE P 511 -8.27 27.01 -102.92
N ASN P 512 -9.06 28.04 -102.63
CA ASN P 512 -10.50 27.96 -102.76
C ASN P 512 -10.91 27.59 -104.18
N GLN P 513 -10.66 28.51 -105.12
CA GLN P 513 -11.09 28.30 -106.49
C GLN P 513 -10.27 27.19 -107.15
N PHE P 514 -9.21 26.74 -106.48
CA PHE P 514 -8.25 25.85 -107.13
C PHE P 514 -7.94 24.60 -106.33
N VAL P 515 -7.98 24.67 -105.00
CA VAL P 515 -7.52 23.54 -104.19
C VAL P 515 -8.64 23.07 -103.28
N THR P 516 -9.86 23.51 -103.56
CA THR P 516 -11.03 23.07 -102.81
C THR P 516 -11.80 21.98 -103.54
N GLU P 517 -11.48 21.71 -104.79
CA GLU P 517 -12.23 20.78 -105.61
C GLU P 517 -12.07 19.33 -105.19
N LEU P 518 -11.11 19.04 -104.32
CA LEU P 518 -10.89 17.70 -103.81
C LEU P 518 -11.69 17.43 -102.54
N ALA P 519 -11.56 18.31 -101.55
CA ALA P 519 -12.33 18.19 -100.33
C ALA P 519 -13.83 18.21 -100.64
N ASP P 524 -16.09 14.91 -95.68
CA ASP P 524 -15.26 14.52 -94.54
C ASP P 524 -14.59 15.76 -93.96
N ARG P 525 -13.94 15.61 -92.80
CA ARG P 525 -13.28 16.74 -92.17
C ARG P 525 -11.80 16.46 -91.92
N GLU P 526 -11.47 15.24 -91.51
CA GLU P 526 -10.06 14.86 -91.44
C GLU P 526 -9.43 14.89 -92.82
N LYS P 527 -10.16 14.44 -93.84
CA LYS P 527 -9.68 14.54 -95.21
C LYS P 527 -9.42 16.00 -95.61
N PHE P 528 -10.33 16.90 -95.23
CA PHE P 528 -10.09 18.32 -95.51
C PHE P 528 -8.86 18.84 -94.78
N GLU P 529 -8.67 18.42 -93.53
CA GLU P 529 -7.51 18.89 -92.79
C GLU P 529 -6.20 18.35 -93.38
N GLN P 530 -6.19 17.11 -93.85
CA GLN P 530 -5.03 16.63 -94.58
C GLN P 530 -4.82 17.43 -95.85
N LEU P 531 -5.93 17.78 -96.53
CA LEU P 531 -5.84 18.63 -97.72
C LEU P 531 -5.13 19.94 -97.38
N ILE P 532 -5.56 20.59 -96.31
CA ILE P 532 -4.99 21.89 -95.95
C ILE P 532 -3.54 21.74 -95.50
N SER P 533 -3.23 20.66 -94.77
CA SER P 533 -1.85 20.44 -94.35
C SER P 533 -0.93 20.24 -95.54
N GLU P 534 -1.37 19.45 -96.52
CA GLU P 534 -0.56 19.25 -97.72
C GLU P 534 -0.45 20.53 -98.53
N TYR P 535 -1.53 21.30 -98.59
CA TYR P 535 -1.49 22.60 -99.26
C TYR P 535 -0.43 23.50 -98.63
N VAL P 536 -0.45 23.65 -97.31
CA VAL P 536 0.54 24.47 -96.63
C VAL P 536 1.93 23.89 -96.82
N ALA P 537 2.06 22.56 -96.84
CA ALA P 537 3.37 21.96 -97.04
C ALA P 537 3.94 22.33 -98.40
N TYR P 538 3.17 22.12 -99.47
CA TYR P 538 3.66 22.43 -100.80
C TYR P 538 3.84 23.93 -100.98
N MET P 539 3.09 24.74 -100.23
CA MET P 539 3.11 26.17 -100.38
C MET P 539 4.23 26.86 -99.60
N SER P 540 4.67 26.28 -98.49
CA SER P 540 5.62 26.94 -97.60
C SER P 540 5.05 28.27 -97.10
N VAL P 541 3.75 28.31 -96.87
CA VAL P 541 3.06 29.52 -96.48
C VAL P 541 3.33 29.80 -95.01
N GLY P 542 3.68 31.04 -94.69
CA GLY P 542 4.07 31.38 -93.34
C GLY P 542 5.51 30.98 -93.11
N ARG P 543 6.05 30.24 -94.07
CA ARG P 543 7.43 29.77 -94.03
C ARG P 543 8.09 29.97 -95.38
N ILE P 544 7.62 30.98 -96.11
CA ILE P 544 8.03 31.19 -97.50
C ILE P 544 9.53 31.42 -97.56
N GLU P 545 10.16 30.86 -98.59
CA GLU P 545 11.53 31.21 -98.90
C GLU P 545 11.55 32.47 -99.76
N SER P 546 10.72 32.49 -100.81
CA SER P 546 10.75 33.57 -101.78
C SER P 546 9.37 33.74 -102.41
N ALA P 547 9.07 34.98 -102.77
CA ALA P 547 7.87 35.25 -103.55
C ALA P 547 7.92 34.52 -104.88
N SER P 548 9.10 34.43 -105.49
CA SER P 548 9.24 33.59 -106.68
C SER P 548 8.98 32.13 -106.36
N HIS P 549 9.41 31.67 -105.18
CA HIS P 549 9.03 30.33 -104.74
C HIS P 549 7.53 30.14 -104.77
N TRP P 550 6.79 31.04 -104.12
CA TRP P 550 5.34 30.87 -104.11
C TRP P 550 4.78 30.94 -105.52
N ALA P 551 5.32 31.85 -106.34
CA ALA P 551 4.80 32.01 -107.68
C ALA P 551 4.96 30.73 -108.49
N ASN P 552 6.13 30.11 -108.42
CA ASN P 552 6.37 28.91 -109.22
C ASN P 552 5.62 27.71 -108.66
N ARG P 553 5.39 27.65 -107.35
CA ARG P 553 4.49 26.63 -106.83
C ARG P 553 3.05 26.85 -107.26
N CYS P 554 2.54 28.08 -107.13
CA CYS P 554 1.18 28.39 -107.49
C CYS P 554 0.92 28.21 -108.97
N CYS P 555 1.95 28.39 -109.80
CA CYS P 555 1.78 28.14 -111.23
C CYS P 555 1.40 26.69 -111.49
N ALA P 556 2.17 25.75 -110.93
CA ALA P 556 1.83 24.35 -111.05
C ALA P 556 0.48 24.06 -110.43
N VAL P 557 0.19 24.67 -109.29
CA VAL P 557 -1.08 24.45 -108.63
C VAL P 557 -2.23 24.82 -109.57
N VAL P 558 -2.17 26.03 -110.15
CA VAL P 558 -3.24 26.50 -111.00
C VAL P 558 -3.34 25.64 -112.25
N ALA P 559 -2.19 25.29 -112.84
CA ALA P 559 -2.23 24.45 -114.03
C ALA P 559 -2.78 23.06 -113.75
N ASN P 560 -2.75 22.63 -112.49
CA ASN P 560 -3.16 21.27 -112.12
C ASN P 560 -4.66 21.06 -112.14
N SER P 561 -5.31 21.27 -113.28
CA SER P 561 -6.76 21.16 -113.41
C SER P 561 -7.26 21.68 -114.75
N PRO P 562 -6.88 22.92 -115.12
CA PRO P 562 -7.61 23.66 -116.18
C PRO P 562 -8.16 22.86 -117.35
N ASN P 563 -9.41 23.17 -117.67
CA ASN P 563 -10.20 22.57 -118.74
C ASN P 563 -10.83 23.68 -119.56
N ASP P 564 -11.89 23.36 -120.31
CA ASP P 564 -12.66 24.25 -121.20
C ASP P 564 -11.86 24.72 -122.42
N GLU P 565 -11.49 23.76 -123.26
CA GLU P 565 -10.67 23.89 -124.45
C GLU P 565 -9.19 23.81 -124.10
N LYS P 566 -8.85 23.60 -122.83
CA LYS P 566 -7.48 23.32 -122.42
C LYS P 566 -6.52 24.36 -122.98
N ILE P 567 -6.95 25.62 -122.94
CA ILE P 567 -6.17 26.74 -123.46
C ILE P 567 -5.06 27.05 -122.47
N GLY P 568 -3.83 27.14 -122.97
CA GLY P 568 -2.70 27.43 -122.12
C GLY P 568 -2.60 28.90 -121.76
N VAL P 569 -3.74 29.50 -121.45
CA VAL P 569 -3.81 30.88 -120.99
C VAL P 569 -4.71 30.91 -119.78
N PHE P 570 -4.12 30.83 -118.59
CA PHE P 570 -4.87 30.60 -117.37
C PHE P 570 -5.27 31.94 -116.74
N LEU P 571 -5.71 31.89 -115.49
CA LEU P 571 -6.16 33.07 -114.77
C LEU P 571 -5.23 34.25 -114.98
N GLY P 572 -3.96 34.06 -114.63
CA GLY P 572 -2.98 35.12 -114.79
C GLY P 572 -1.71 34.67 -115.47
N MET P 573 -1.81 33.66 -116.34
CA MET P 573 -0.63 33.16 -117.05
C MET P 573 -0.98 32.38 -118.32
N VAL P 574 -0.01 32.27 -119.22
CA VAL P 574 -0.18 31.56 -120.48
C VAL P 574 0.97 30.56 -120.62
N GLN P 575 0.62 29.30 -120.89
CA GLN P 575 1.63 28.25 -121.06
C GLN P 575 2.26 28.37 -122.43
N LEU P 576 3.51 28.79 -122.46
CA LEU P 576 4.28 28.88 -123.69
C LEU P 576 4.52 27.50 -124.29
N ASN P 577 4.55 27.43 -125.62
CA ASN P 577 4.96 26.21 -126.30
C ASN P 577 6.48 26.09 -126.26
N ARG P 578 6.97 25.17 -125.44
CA ARG P 578 8.40 24.91 -125.36
C ARG P 578 8.88 23.96 -126.43
N LYS P 579 8.07 22.97 -126.82
CA LYS P 579 8.37 22.08 -127.93
C LYS P 579 7.87 22.77 -129.20
N SER P 580 8.76 23.49 -129.86
CA SER P 580 8.39 24.24 -131.05
C SER P 580 8.22 23.30 -132.24
N ARG P 581 7.28 22.36 -132.12
CA ARG P 581 7.02 21.39 -133.19
C ARG P 581 5.50 21.27 -133.33
N GLN P 582 4.94 22.11 -134.21
CA GLN P 582 3.49 22.17 -134.47
C GLN P 582 3.33 22.81 -135.84
N ASN P 583 2.79 22.06 -136.79
CA ASN P 583 2.61 22.61 -138.13
C ASN P 583 1.51 23.67 -138.07
N MET P 584 1.93 24.91 -137.89
CA MET P 584 1.09 26.01 -137.47
C MET P 584 1.37 27.27 -138.28
N PRO P 585 0.41 28.21 -138.30
CA PRO P 585 0.37 29.19 -139.40
C PRO P 585 1.17 30.45 -139.13
N GLU P 586 1.12 31.34 -140.12
CA GLU P 586 1.73 32.66 -140.12
C GLU P 586 3.10 32.69 -139.43
N GLY P 587 3.31 33.71 -138.60
CA GLY P 587 4.60 33.93 -137.98
C GLY P 587 4.66 33.44 -136.56
N TYR P 588 3.67 32.67 -136.16
CA TYR P 588 3.65 32.12 -134.81
C TYR P 588 4.65 30.97 -134.70
N LYS P 589 5.55 31.09 -133.72
CA LYS P 589 6.53 30.06 -133.41
C LYS P 589 6.46 29.78 -131.91
N LYS P 590 7.42 29.01 -131.43
CA LYS P 590 7.64 28.96 -129.99
C LYS P 590 8.25 30.27 -129.53
N PHE P 591 8.58 30.34 -128.24
CA PHE P 591 9.32 31.48 -127.71
C PHE P 591 10.75 31.05 -127.38
N ASN P 592 11.71 31.85 -127.84
CA ASN P 592 13.12 31.68 -127.48
C ASN P 592 13.58 32.93 -126.75
N ILE P 593 13.89 32.78 -125.46
CA ILE P 593 14.25 33.93 -124.64
C ILE P 593 15.39 34.73 -125.24
N ASP P 594 16.28 34.08 -125.99
CA ASP P 594 17.43 34.79 -126.56
C ASP P 594 17.02 35.83 -127.59
N THR P 595 15.78 35.79 -128.07
CA THR P 595 15.31 36.71 -129.09
C THR P 595 14.98 38.09 -128.54
N GLU P 596 14.95 38.25 -127.22
CA GLU P 596 14.72 39.56 -126.61
C GLU P 596 16.01 40.10 -126.02
N ASN P 597 16.02 41.40 -125.76
CA ASN P 597 17.24 42.14 -125.45
C ASN P 597 17.03 43.04 -124.23
N GLY P 598 18.15 43.35 -123.57
CA GLY P 598 18.19 44.37 -122.54
C GLY P 598 17.28 44.12 -121.35
N LEU P 599 16.43 45.11 -121.05
CA LEU P 599 15.55 45.08 -119.89
C LEU P 599 14.30 44.24 -120.11
N ALA P 600 14.15 43.64 -121.29
CA ALA P 600 12.98 42.81 -121.60
C ALA P 600 13.29 41.33 -121.67
N LYS P 601 14.46 40.94 -122.18
CA LYS P 601 14.79 39.52 -122.30
C LYS P 601 14.77 38.84 -120.94
N ALA P 602 15.51 39.40 -119.97
CA ALA P 602 15.50 38.83 -118.62
C ALA P 602 14.10 38.95 -118.01
N ALA P 603 13.37 40.01 -118.37
CA ALA P 603 12.04 40.21 -117.82
C ALA P 603 11.14 39.02 -118.13
N MET P 604 11.04 38.64 -119.42
CA MET P 604 10.16 37.51 -119.70
C MET P 604 10.82 36.18 -119.32
N ALA P 605 12.14 36.10 -119.39
CA ALA P 605 12.81 34.90 -118.91
C ALA P 605 12.47 34.59 -117.46
N SER P 606 12.33 35.61 -116.62
CA SER P 606 11.92 35.43 -115.24
C SER P 606 10.41 35.28 -115.07
N SER P 607 9.61 36.00 -115.87
CA SER P 607 8.16 35.80 -115.85
C SER P 607 7.78 34.39 -116.25
N LEU P 608 8.65 33.69 -116.97
CA LEU P 608 8.43 32.31 -117.33
C LEU P 608 8.17 31.46 -116.09
N SER P 609 7.51 30.32 -116.30
CA SER P 609 7.19 29.37 -115.23
C SER P 609 7.58 27.98 -115.71
N THR P 610 8.79 27.55 -115.34
CA THR P 610 9.32 26.26 -115.77
C THR P 610 8.97 25.21 -114.71
N VAL P 611 7.74 24.71 -114.78
CA VAL P 611 7.29 23.72 -113.82
C VAL P 611 7.95 22.39 -114.11
N ALA P 612 8.21 21.61 -113.05
CA ALA P 612 8.84 20.30 -113.16
C ALA P 612 7.82 19.18 -113.00
N SER P 613 6.62 19.38 -113.52
CA SER P 613 5.57 18.38 -113.42
C SER P 613 6.07 17.01 -113.85
N ASN P 614 6.45 16.93 -115.12
CA ASN P 614 6.85 15.69 -115.80
C ASN P 614 7.09 16.04 -117.25
N ASN P 615 6.07 16.61 -117.89
CA ASN P 615 6.21 17.17 -119.23
C ASN P 615 7.03 18.46 -119.15
N LEU P 616 7.16 19.02 -117.96
CA LEU P 616 7.90 20.25 -117.74
C LEU P 616 7.26 21.40 -118.53
N MET P 617 5.98 21.62 -118.24
CA MET P 617 5.18 22.55 -119.03
C MET P 617 5.52 23.98 -118.62
N ASP P 618 6.15 24.72 -119.53
CA ASP P 618 6.81 25.97 -119.19
C ASP P 618 5.86 27.15 -119.39
N PHE P 619 5.21 27.53 -118.31
CA PHE P 619 4.29 28.65 -118.31
C PHE P 619 5.05 29.96 -118.15
N CYS P 620 4.37 31.05 -118.50
CA CYS P 620 4.81 32.40 -118.15
C CYS P 620 3.64 33.12 -117.50
N SER P 621 3.86 33.66 -116.30
CA SER P 621 2.75 34.24 -115.57
C SER P 621 3.10 35.66 -115.15
N VAL P 622 2.11 36.54 -115.32
CA VAL P 622 2.18 37.83 -114.64
C VAL P 622 2.31 37.60 -113.15
N PHE P 623 1.73 36.51 -112.65
CA PHE P 623 1.93 36.12 -111.25
C PHE P 623 3.41 35.85 -110.98
N ASN P 624 4.07 35.12 -111.87
CA ASN P 624 5.50 34.87 -111.71
C ASN P 624 6.29 36.16 -111.74
N LEU P 625 5.98 37.05 -112.68
CA LEU P 625 6.68 38.33 -112.78
C LEU P 625 6.46 39.21 -111.56
N ILE P 626 5.24 39.29 -111.05
CA ILE P 626 5.00 40.06 -109.83
C ILE P 626 5.75 39.46 -108.67
N GLY P 627 5.78 38.12 -108.55
CA GLY P 627 6.59 37.51 -107.51
C GLY P 627 8.05 37.87 -107.63
N ALA P 628 8.59 37.84 -108.84
CA ALA P 628 9.97 38.25 -109.05
C ALA P 628 10.19 39.70 -108.63
N ILE P 629 9.26 40.58 -109.01
CA ILE P 629 9.40 41.99 -108.67
C ILE P 629 9.37 42.18 -107.17
N ALA P 630 8.49 41.47 -106.47
CA ALA P 630 8.46 41.55 -105.02
C ALA P 630 9.77 41.04 -104.43
N ASP P 631 10.29 39.95 -104.98
CA ASP P 631 11.58 39.43 -104.55
C ASP P 631 12.67 40.49 -104.69
N ILE P 632 12.61 41.26 -105.77
CA ILE P 632 13.71 42.13 -106.16
C ILE P 632 13.57 43.54 -105.61
N SER P 633 12.38 43.86 -105.08
CA SER P 633 12.08 45.23 -104.72
C SER P 633 12.61 45.66 -103.34
N ALA P 634 13.02 44.72 -102.51
CA ALA P 634 13.59 45.07 -101.21
C ALA P 634 14.81 44.21 -100.90
N CYS P 635 15.67 44.01 -101.90
CA CYS P 635 16.88 43.23 -101.63
C CYS P 635 17.91 44.10 -100.94
N ARG P 636 18.41 45.12 -101.64
CA ARG P 636 19.21 46.17 -101.04
C ARG P 636 19.68 47.10 -102.15
N CYS P 637 20.34 48.20 -101.78
CA CYS P 637 20.96 49.08 -102.76
C CYS P 637 22.14 48.43 -103.47
N GLU P 638 22.65 47.32 -102.95
CA GLU P 638 23.81 46.68 -103.56
C GLU P 638 23.48 46.23 -104.97
N ARG P 639 24.05 46.92 -105.95
CA ARG P 639 23.83 46.55 -107.35
C ARG P 639 24.36 45.15 -107.64
N SER P 640 25.54 44.80 -107.13
CA SER P 640 26.06 43.46 -107.33
C SER P 640 25.12 42.42 -106.75
N ALA P 641 24.70 42.59 -105.50
CA ALA P 641 23.64 41.73 -104.97
C ALA P 641 22.38 41.86 -105.82
N ILE P 642 22.13 43.04 -106.37
CA ILE P 642 21.02 43.19 -107.32
C ILE P 642 21.22 42.25 -108.50
N THR P 643 22.44 42.20 -109.04
CA THR P 643 22.70 41.32 -110.18
C THR P 643 22.60 39.84 -109.77
N ASN P 644 23.05 39.52 -108.56
CA ASN P 644 22.95 38.15 -108.09
C ASN P 644 21.49 37.71 -108.00
N ALA P 645 20.65 38.54 -107.38
CA ALA P 645 19.22 38.24 -107.34
C ALA P 645 18.64 38.25 -108.75
N PHE P 646 19.18 39.10 -109.62
CA PHE P 646 18.78 39.11 -111.02
C PHE P 646 18.93 37.72 -111.63
N ASN P 647 20.11 37.14 -111.49
CA ASN P 647 20.34 35.78 -111.96
C ASN P 647 19.39 34.80 -111.28
N LYS P 648 19.34 34.82 -109.95
CA LYS P 648 18.54 33.84 -109.23
C LYS P 648 17.08 33.85 -109.69
N VAL P 649 16.46 35.02 -109.74
CA VAL P 649 15.07 35.13 -110.14
C VAL P 649 14.86 34.86 -111.62
N ILE P 650 15.71 35.41 -112.50
CA ILE P 650 15.53 35.21 -113.93
C ILE P 650 16.11 33.90 -114.42
N ALA P 651 16.97 33.26 -113.64
CA ALA P 651 17.48 31.94 -113.97
C ALA P 651 16.33 30.95 -113.96
N GLN P 652 16.40 29.97 -114.84
CA GLN P 652 15.33 28.98 -114.94
C GLN P 652 15.13 28.29 -113.59
N THR P 653 13.87 28.10 -113.20
CA THR P 653 13.53 27.47 -111.94
C THR P 653 12.72 26.22 -112.22
N THR P 654 13.04 25.13 -111.55
CA THR P 654 12.35 23.88 -111.71
C THR P 654 11.69 23.47 -110.40
N CYS P 655 10.40 23.12 -110.49
CA CYS P 655 9.64 22.76 -109.30
C CYS P 655 8.65 21.66 -109.66
N ILE P 656 8.46 20.73 -108.72
CA ILE P 656 7.60 19.57 -108.95
C ILE P 656 6.16 19.94 -108.64
N VAL P 657 5.23 19.17 -109.19
CA VAL P 657 3.80 19.41 -109.01
C VAL P 657 3.43 19.20 -107.55
N PRO P 658 2.39 19.89 -107.06
CA PRO P 658 1.90 19.59 -105.73
C PRO P 658 1.35 18.18 -105.67
N PRO P 659 1.41 17.54 -104.50
CA PRO P 659 1.12 16.11 -104.43
C PRO P 659 -0.36 15.77 -104.51
N TRP P 660 -1.07 16.38 -105.46
CA TRP P 660 -2.46 16.01 -105.72
C TRP P 660 -2.81 15.99 -107.20
N SER P 661 -1.85 16.22 -108.10
CA SER P 661 -2.15 16.22 -109.53
C SER P 661 -2.48 14.82 -110.01
N THR P 704 27.43 42.24 -118.67
CA THR P 704 27.39 41.62 -120.00
C THR P 704 26.21 42.14 -120.82
N GLU P 705 25.19 41.30 -120.98
CA GLU P 705 24.01 41.67 -121.74
C GLU P 705 22.89 42.23 -120.87
N PHE P 706 23.14 42.46 -119.58
CA PHE P 706 22.15 42.97 -118.65
C PHE P 706 22.71 44.11 -117.82
N SER P 707 23.86 44.64 -118.21
CA SER P 707 24.49 45.73 -117.49
C SER P 707 23.64 46.98 -117.44
N ASP P 708 22.75 47.17 -118.41
CA ASP P 708 21.82 48.30 -118.42
C ASP P 708 20.54 48.03 -117.68
N ALA P 709 19.97 46.83 -117.84
CA ALA P 709 18.78 46.47 -117.08
C ALA P 709 19.07 46.50 -115.59
N ILE P 710 20.24 46.03 -115.19
CA ILE P 710 20.62 46.05 -113.78
C ILE P 710 20.69 47.48 -113.26
N THR P 711 21.31 48.38 -114.02
CA THR P 711 21.40 49.77 -113.58
C THR P 711 20.01 50.40 -113.49
N LYS P 712 19.15 50.14 -114.47
CA LYS P 712 17.80 50.71 -114.43
C LYS P 712 17.02 50.18 -113.23
N VAL P 713 17.19 48.89 -112.94
CA VAL P 713 16.52 48.30 -111.79
C VAL P 713 17.04 48.94 -110.50
N GLU P 714 18.35 49.16 -110.43
CA GLU P 714 18.92 49.80 -109.25
C GLU P 714 18.37 51.21 -109.09
N GLN P 715 18.15 51.91 -110.20
CA GLN P 715 17.54 53.24 -110.15
C GLN P 715 16.10 53.17 -109.62
N TRP P 716 15.30 52.25 -110.15
CA TRP P 716 13.95 52.09 -109.63
C TRP P 716 13.95 51.74 -108.15
N LEU P 717 14.93 50.96 -107.70
CA LEU P 717 15.05 50.65 -106.28
C LEU P 717 15.47 51.88 -105.47
N LYS P 718 16.41 52.67 -105.99
CA LYS P 718 16.82 53.88 -105.29
C LYS P 718 15.68 54.89 -105.20
N ASN P 719 14.68 54.76 -106.07
CA ASN P 719 13.46 55.54 -105.93
C ASN P 719 12.46 54.91 -104.96
N VAL P 720 12.27 53.60 -105.05
CA VAL P 720 11.28 52.92 -104.21
C VAL P 720 11.69 53.01 -102.75
N ASN P 721 12.97 52.79 -102.47
CA ASN P 721 13.47 52.68 -101.10
C ASN P 721 13.21 53.91 -100.29
N GLU P 722 13.01 55.08 -100.90
CA GLU P 722 12.66 56.28 -100.18
C GLU P 722 11.23 56.75 -100.41
N ILE P 723 10.61 56.41 -101.55
CA ILE P 723 9.20 56.75 -101.76
C ILE P 723 8.27 55.85 -100.96
N GLU P 724 8.71 54.66 -100.58
CA GLU P 724 7.89 53.71 -99.84
C GLU P 724 7.76 54.05 -98.36
N ILE P 725 8.73 54.75 -97.79
CA ILE P 725 8.68 55.08 -96.36
C ILE P 725 7.36 55.73 -95.97
N GLY P 726 6.63 56.29 -96.93
CA GLY P 726 5.32 56.84 -96.66
C GLY P 726 4.20 55.84 -96.74
N ILE P 727 4.48 54.59 -97.12
CA ILE P 727 3.45 53.57 -97.20
C ILE P 727 3.00 53.19 -95.80
N ARG P 728 1.69 53.08 -95.60
CA ARG P 728 1.11 52.64 -94.34
C ARG P 728 0.07 51.57 -94.67
N PRO P 729 0.50 50.42 -95.21
CA PRO P 729 -0.46 49.44 -95.73
C PRO P 729 -1.45 48.92 -94.69
N SER P 730 -2.72 48.81 -95.10
CA SER P 730 -3.76 48.21 -94.28
C SER P 730 -4.27 46.92 -94.92
N ALA P 731 -4.70 45.99 -94.08
CA ALA P 731 -5.21 44.72 -94.58
C ALA P 731 -6.45 44.91 -95.43
N LEU P 732 -7.28 45.91 -95.12
CA LEU P 732 -8.45 46.17 -95.94
C LEU P 732 -8.05 46.51 -97.36
N LEU P 733 -7.08 47.41 -97.51
CA LEU P 733 -6.60 47.76 -98.84
C LEU P 733 -5.95 46.55 -99.51
N ILE P 734 -5.18 45.77 -98.76
CA ILE P 734 -4.54 44.59 -99.30
C ILE P 734 -5.54 43.55 -99.78
N GLY P 735 -6.68 43.45 -99.12
CA GLY P 735 -7.70 42.50 -99.52
C GLY P 735 -8.50 42.99 -100.69
N LYS P 736 -8.83 44.28 -100.70
CA LYS P 736 -9.54 44.87 -101.83
C LYS P 736 -8.73 44.79 -103.11
N VAL P 737 -7.44 45.09 -103.04
CA VAL P 737 -6.58 44.99 -104.21
C VAL P 737 -6.57 43.55 -104.72
N TRP P 738 -6.41 42.60 -103.80
CA TRP P 738 -6.39 41.20 -104.20
C TRP P 738 -7.70 40.79 -104.85
N SER P 739 -8.82 41.16 -104.26
CA SER P 739 -10.11 40.83 -104.83
C SER P 739 -10.28 41.42 -106.23
N ARG P 740 -9.92 42.69 -106.42
CA ARG P 740 -10.02 43.28 -107.74
C ARG P 740 -9.13 42.57 -108.75
N PHE P 741 -7.87 42.35 -108.41
CA PHE P 741 -6.92 41.74 -109.33
C PHE P 741 -7.27 40.30 -109.68
N TYR P 742 -7.70 39.51 -108.69
CA TYR P 742 -8.01 38.11 -108.93
C TYR P 742 -9.08 37.96 -110.01
N PHE P 743 -10.13 38.75 -109.93
CA PHE P 743 -11.23 38.61 -110.87
C PHE P 743 -11.02 39.44 -112.12
N ASN P 744 -10.18 40.47 -112.08
CA ASN P 744 -9.74 41.08 -113.33
C ASN P 744 -8.98 40.07 -114.17
N LEU P 745 -8.13 39.26 -113.53
CA LEU P 745 -7.47 38.17 -114.25
C LEU P 745 -8.46 37.10 -114.67
N ASN P 746 -9.52 36.88 -113.89
CA ASN P 746 -10.57 35.98 -114.32
C ASN P 746 -11.21 36.46 -115.61
N ASN P 747 -11.51 37.75 -115.70
CA ASN P 747 -12.02 38.34 -116.93
C ASN P 747 -11.03 38.26 -118.08
N VAL P 748 -9.76 38.53 -117.81
CA VAL P 748 -8.74 38.53 -118.85
C VAL P 748 -8.50 37.09 -119.30
N ALA P 749 -8.82 36.13 -118.43
CA ALA P 749 -8.67 34.72 -118.75
C ALA P 749 -9.88 34.14 -119.45
N ASP P 750 -11.07 34.73 -119.25
CA ASP P 750 -12.26 34.21 -119.90
C ASP P 750 -12.56 34.92 -121.21
N GLN P 751 -12.69 36.26 -121.20
CA GLN P 751 -13.09 37.00 -122.38
C GLN P 751 -12.20 36.74 -123.59
N HIS P 752 -10.92 36.44 -123.36
CA HIS P 752 -9.95 36.35 -124.43
C HIS P 752 -9.55 34.91 -124.75
N LYS P 753 -10.21 33.92 -124.14
CA LYS P 753 -9.84 32.53 -124.38
C LYS P 753 -10.22 32.05 -125.77
N THR P 754 -11.09 32.78 -126.47
CA THR P 754 -11.52 32.36 -127.79
C THR P 754 -11.30 33.45 -128.83
N ARG P 755 -10.25 34.25 -128.65
CA ARG P 755 -9.94 35.30 -129.61
C ARG P 755 -8.61 35.05 -130.33
N LEU P 756 -7.92 33.95 -130.04
CA LEU P 756 -6.63 33.63 -130.65
C LEU P 756 -6.88 33.00 -132.01
N TYR P 757 -6.86 33.85 -133.04
CA TYR P 757 -7.06 33.40 -134.40
C TYR P 757 -5.69 33.26 -135.08
N ARG P 758 -5.68 32.84 -136.35
CA ARG P 758 -4.42 32.67 -137.05
C ARG P 758 -3.68 33.97 -137.27
N ASN P 759 -4.37 35.05 -137.60
CA ASN P 759 -3.77 36.36 -137.82
C ASN P 759 -3.90 37.26 -136.61
N ALA P 760 -4.29 36.70 -135.45
CA ALA P 760 -4.55 37.53 -134.28
C ALA P 760 -3.32 38.32 -133.85
N GLU P 761 -2.14 37.89 -134.27
CA GLU P 761 -0.92 38.57 -133.88
C GLU P 761 -0.88 39.98 -134.47
N HIS P 762 0.03 40.81 -133.95
CA HIS P 762 0.11 42.23 -134.24
C HIS P 762 -0.96 43.02 -133.50
N GLY P 763 -1.90 42.32 -132.87
CA GLY P 763 -2.86 42.91 -131.96
C GLY P 763 -3.34 44.31 -132.33
N ARG P 764 -3.56 44.56 -133.62
CA ARG P 764 -3.99 45.90 -134.03
C ARG P 764 -5.41 46.21 -133.55
N MET P 765 -6.30 45.23 -133.62
CA MET P 765 -7.68 45.42 -133.21
C MET P 765 -7.98 44.59 -131.96
N ALA P 766 -9.23 44.68 -131.49
CA ALA P 766 -9.64 44.10 -130.22
C ALA P 766 -9.83 42.59 -130.28
N SER P 767 -10.24 42.04 -131.43
CA SER P 767 -10.51 40.61 -131.54
C SER P 767 -9.26 39.81 -131.87
N GLN P 768 -8.13 40.49 -132.06
CA GLN P 768 -6.86 39.82 -132.30
C GLN P 768 -6.27 39.46 -130.95
N SER P 769 -5.93 38.19 -130.76
CA SER P 769 -5.46 37.68 -129.48
C SER P 769 -4.05 37.11 -129.61
N ASN P 770 -3.25 37.34 -128.58
CA ASN P 770 -1.91 36.78 -128.49
C ASN P 770 -1.50 36.79 -127.02
N ALA P 771 -0.53 35.93 -126.69
CA ALA P 771 -0.04 35.88 -125.31
C ALA P 771 0.62 37.20 -124.92
N ALA P 772 1.16 37.92 -125.90
CA ALA P 772 1.71 39.24 -125.61
C ALA P 772 0.64 40.17 -125.05
N LYS P 773 -0.49 40.30 -125.75
CA LYS P 773 -1.57 41.12 -125.21
C LYS P 773 -2.10 40.52 -123.92
N ILE P 774 -2.06 39.19 -123.81
CA ILE P 774 -2.53 38.54 -122.59
C ILE P 774 -1.75 39.05 -121.40
N MET P 775 -0.43 39.01 -121.49
CA MET P 775 0.42 39.51 -120.41
C MET P 775 0.23 41.00 -120.21
N ARG P 776 0.14 41.75 -121.31
CA ARG P 776 -0.02 43.20 -121.19
C ARG P 776 -1.29 43.54 -120.40
N PHE P 777 -2.40 42.90 -120.75
CA PHE P 777 -3.65 43.19 -120.09
C PHE P 777 -3.66 42.66 -118.68
N ASN P 778 -2.96 41.56 -118.42
CA ASN P 778 -2.83 41.08 -117.04
C ASN P 778 -2.15 42.14 -116.18
N VAL P 779 -1.01 42.65 -116.61
CA VAL P 779 -0.30 43.66 -115.85
C VAL P 779 -1.12 44.94 -115.76
N LEU P 780 -1.83 45.28 -116.85
CA LEU P 780 -2.66 46.49 -116.84
C LEU P 780 -3.76 46.39 -115.80
N ALA P 781 -4.43 45.23 -115.72
CA ALA P 781 -5.41 45.02 -114.65
C ALA P 781 -4.74 45.08 -113.29
N PHE P 782 -3.54 44.50 -113.19
CA PHE P 782 -2.76 44.62 -111.96
C PHE P 782 -2.70 46.06 -111.50
N LEU P 783 -2.08 46.92 -112.29
CA LEU P 783 -1.87 48.29 -111.86
C LEU P 783 -3.17 49.07 -111.80
N HIS P 784 -4.18 48.67 -112.58
CA HIS P 784 -5.47 49.33 -112.51
C HIS P 784 -6.11 49.12 -111.15
N ALA P 785 -6.21 47.86 -110.72
CA ALA P 785 -6.68 47.58 -109.37
C ALA P 785 -5.80 48.27 -108.34
N VAL P 786 -4.49 48.29 -108.60
CA VAL P 786 -3.56 49.00 -107.72
C VAL P 786 -4.06 50.42 -107.48
N LEU P 787 -4.19 51.19 -108.56
CA LEU P 787 -4.58 52.59 -108.44
C LEU P 787 -5.97 52.73 -107.84
N VAL P 788 -6.90 51.88 -108.27
CA VAL P 788 -8.27 51.99 -107.80
C VAL P 788 -8.34 51.82 -106.29
N GLU P 789 -7.74 50.74 -105.78
CA GLU P 789 -7.74 50.52 -104.34
C GLU P 789 -6.91 51.56 -103.61
N GLU P 790 -5.82 52.03 -104.19
CA GLU P 790 -5.06 53.09 -103.54
C GLU P 790 -5.94 54.30 -103.31
N SER P 791 -6.69 54.72 -104.33
CA SER P 791 -7.62 55.83 -104.16
C SER P 791 -8.69 55.50 -103.13
N LEU P 792 -9.26 54.30 -103.20
CA LEU P 792 -10.44 53.99 -102.41
C LEU P 792 -10.14 53.76 -100.94
N TYR P 793 -8.94 53.29 -100.61
CA TYR P 793 -8.69 52.77 -99.27
C TYR P 793 -7.39 53.24 -98.64
N HIS P 794 -6.51 53.90 -99.39
CA HIS P 794 -5.18 54.20 -98.86
C HIS P 794 -5.27 55.26 -97.78
N SER P 795 -4.80 54.91 -96.57
CA SER P 795 -4.84 55.82 -95.44
C SER P 795 -3.94 57.02 -95.63
N VAL P 796 -2.97 56.96 -96.54
CA VAL P 796 -2.11 58.12 -96.79
C VAL P 796 -2.94 59.27 -97.34
N SER P 797 -4.06 58.96 -97.99
CA SER P 797 -4.94 59.96 -98.57
C SER P 797 -6.25 60.02 -97.80
N ASP P 798 -6.74 61.24 -97.58
CA ASP P 798 -8.00 61.45 -96.87
C ASP P 798 -9.21 61.49 -97.80
N ARG P 799 -9.00 61.51 -99.11
CA ARG P 799 -10.09 61.59 -100.06
C ARG P 799 -9.73 60.78 -101.30
N GLU P 800 -10.76 60.38 -102.03
CA GLU P 800 -10.61 59.57 -103.24
C GLU P 800 -10.60 60.46 -104.46
N TYR P 801 -9.46 60.51 -105.14
CA TYR P 801 -9.34 61.18 -106.42
C TYR P 801 -9.91 60.35 -107.55
N ILE P 802 -10.35 59.12 -107.25
CA ILE P 802 -10.95 58.26 -108.27
C ILE P 802 -12.19 58.89 -108.85
N GLY P 803 -13.03 59.48 -108.00
CA GLY P 803 -14.30 59.98 -108.45
C GLY P 803 -15.38 58.92 -108.31
N GLU P 804 -16.62 59.35 -108.12
CA GLU P 804 -17.75 58.45 -107.93
C GLU P 804 -18.24 57.99 -109.29
N GLY P 805 -17.63 56.90 -109.79
CA GLY P 805 -17.96 56.40 -111.10
C GLY P 805 -18.04 54.89 -111.20
N LEU P 806 -18.51 54.40 -112.34
CA LEU P 806 -18.65 52.97 -112.59
C LEU P 806 -17.27 52.39 -112.84
N ARG P 807 -16.54 52.15 -111.75
CA ARG P 807 -15.20 51.56 -111.87
C ARG P 807 -15.30 50.18 -112.49
N LEU P 808 -14.84 50.04 -113.72
CA LEU P 808 -14.98 48.80 -114.48
C LEU P 808 -13.63 48.30 -114.93
N ASN P 809 -13.51 46.98 -114.97
CA ASN P 809 -12.23 46.43 -115.37
C ASN P 809 -12.11 46.42 -116.89
N PRO P 810 -11.08 47.07 -117.44
CA PRO P 810 -10.83 46.95 -118.88
C PRO P 810 -10.30 45.57 -119.21
N VAL P 811 -11.12 44.73 -119.85
CA VAL P 811 -10.77 43.35 -120.13
C VAL P 811 -10.23 43.18 -121.54
N THR P 812 -10.70 44.00 -122.48
CA THR P 812 -10.21 43.96 -123.85
C THR P 812 -9.66 45.29 -124.33
N SER P 813 -9.87 46.38 -123.59
CA SER P 813 -9.37 47.70 -123.94
C SER P 813 -8.70 48.31 -122.72
N VAL P 814 -8.16 49.51 -122.90
CA VAL P 814 -7.59 50.29 -121.81
C VAL P 814 -8.39 51.56 -121.54
N ASP P 815 -9.62 51.63 -122.05
CA ASP P 815 -10.41 52.86 -121.96
C ASP P 815 -10.66 53.24 -120.51
N GLU P 816 -11.09 52.27 -119.71
CA GLU P 816 -11.40 52.53 -118.31
C GLU P 816 -10.16 53.02 -117.56
N PHE P 817 -9.04 52.32 -117.74
CA PHE P 817 -7.81 52.68 -117.05
C PHE P 817 -7.36 54.09 -117.44
N GLU P 818 -7.37 54.38 -118.73
CA GLU P 818 -6.96 55.70 -119.19
C GLU P 818 -7.86 56.78 -118.62
N LYS P 819 -9.17 56.54 -118.64
CA LYS P 819 -10.10 57.56 -118.19
C LYS P 819 -9.91 57.84 -116.71
N LYS P 820 -9.76 56.78 -115.92
CA LYS P 820 -9.56 56.93 -114.50
C LYS P 820 -8.25 57.63 -114.19
N ILE P 821 -7.18 57.28 -114.90
CA ILE P 821 -5.90 57.92 -114.68
C ILE P 821 -6.00 59.41 -115.01
N LYS P 822 -6.72 59.74 -116.08
CA LYS P 822 -6.91 61.13 -116.43
C LYS P 822 -7.65 61.88 -115.33
N ILE P 823 -8.70 61.26 -114.79
CA ILE P 823 -9.40 61.85 -113.64
C ILE P 823 -8.42 62.12 -112.51
N ILE P 824 -7.62 61.11 -112.17
CA ILE P 824 -6.75 61.21 -111.01
C ILE P 824 -5.71 62.29 -111.22
N GLY P 825 -5.09 62.33 -112.40
CA GLY P 825 -4.09 63.35 -112.66
C GLY P 825 -4.70 64.74 -112.64
N GLU P 826 -5.87 64.90 -113.26
CA GLU P 826 -6.48 66.22 -113.33
C GLU P 826 -6.80 66.75 -111.95
N LYS P 827 -7.40 65.93 -111.08
CA LYS P 827 -7.70 66.42 -109.75
C LYS P 827 -6.49 66.49 -108.84
N LEU P 828 -5.47 65.64 -109.07
CA LEU P 828 -4.22 65.84 -108.35
C LEU P 828 -3.63 67.20 -108.66
N LYS P 829 -3.59 67.58 -109.94
CA LYS P 829 -3.12 68.91 -110.29
C LYS P 829 -4.03 69.99 -109.72
N ALA P 830 -5.35 69.77 -109.77
CA ALA P 830 -6.28 70.77 -109.25
C ALA P 830 -6.06 70.99 -107.76
N ASP P 831 -5.71 69.94 -107.02
CA ASP P 831 -5.49 70.02 -105.59
C ASP P 831 -4.02 70.12 -105.22
N ASN P 832 -3.15 70.36 -106.20
CA ASN P 832 -1.71 70.38 -105.97
C ASN P 832 -1.24 69.03 -105.43
N LYS P 833 -1.78 67.96 -106.01
CA LYS P 833 -1.49 66.61 -105.57
C LYS P 833 -0.58 65.92 -106.58
N THR P 834 0.44 65.24 -106.08
CA THR P 834 1.42 64.56 -106.90
C THR P 834 1.30 63.05 -106.72
N TRP P 835 1.77 62.32 -107.72
CA TRP P 835 1.67 60.87 -107.70
C TRP P 835 2.60 60.23 -106.67
N LYS P 836 3.50 61.00 -106.08
CA LYS P 836 4.30 60.49 -104.97
C LYS P 836 3.60 60.65 -103.63
N ASN P 837 3.09 61.85 -103.34
CA ASN P 837 2.33 62.03 -102.10
C ASN P 837 1.06 61.18 -102.10
N THR P 838 0.40 61.09 -103.25
CA THR P 838 -0.74 60.22 -103.43
C THR P 838 -0.44 59.22 -104.53
N HIS P 839 -0.84 57.97 -104.30
CA HIS P 839 -0.51 56.86 -105.21
C HIS P 839 0.99 56.62 -105.23
N PRO P 840 1.65 56.46 -104.07
CA PRO P 840 3.07 56.13 -104.07
C PRO P 840 3.29 54.70 -104.54
N LEU P 841 2.46 53.78 -104.06
CA LEU P 841 2.55 52.39 -104.51
C LEU P 841 2.28 52.28 -106.01
N PHE P 842 1.19 52.90 -106.48
CA PHE P 842 0.89 52.89 -107.90
C PHE P 842 2.00 53.58 -108.70
N PHE P 843 2.49 54.71 -108.20
CA PHE P 843 3.54 55.44 -108.89
C PHE P 843 4.78 54.57 -109.06
N LEU P 844 5.25 53.96 -107.98
CA LEU P 844 6.45 53.14 -108.07
C LEU P 844 6.22 51.88 -108.89
N LEU P 845 5.01 51.31 -108.84
CA LEU P 845 4.69 50.17 -109.68
C LEU P 845 4.76 50.50 -111.16
N ILE P 846 4.12 51.59 -111.58
CA ILE P 846 4.28 52.03 -112.96
C ILE P 846 5.73 52.40 -113.24
N SER P 847 6.50 52.73 -112.21
CA SER P 847 7.92 52.99 -112.36
C SER P 847 8.77 51.72 -112.33
N CYS P 848 8.15 50.56 -112.15
CA CYS P 848 8.92 49.32 -112.11
C CYS P 848 9.44 48.98 -113.50
N PRO P 849 10.75 48.88 -113.70
CA PRO P 849 11.29 48.70 -115.05
C PRO P 849 10.90 47.39 -115.72
N ILE P 850 10.83 46.27 -114.98
CA ILE P 850 10.50 45.00 -115.61
C ILE P 850 9.06 44.98 -116.12
N LEU P 851 8.17 45.74 -115.49
CA LEU P 851 6.79 45.87 -115.93
C LEU P 851 6.67 46.65 -117.23
N HIS P 852 7.53 47.63 -117.43
CA HIS P 852 7.41 48.60 -118.52
C HIS P 852 7.46 47.93 -119.88
N PRO P 853 8.43 47.05 -120.15
CA PRO P 853 8.45 46.38 -121.46
C PRO P 853 7.16 45.65 -121.75
N PHE P 854 6.56 45.04 -120.74
CA PHE P 854 5.24 44.45 -120.89
C PHE P 854 4.16 45.50 -121.12
N ILE P 855 4.43 46.76 -120.75
CA ILE P 855 3.41 47.79 -120.86
C ILE P 855 2.99 47.97 -122.32
N PHE P 856 3.96 48.07 -123.23
CA PHE P 856 3.69 48.30 -124.65
C PHE P 856 4.55 47.36 -125.48
N PRO P 857 4.16 46.10 -125.59
CA PRO P 857 4.86 45.17 -126.47
C PRO P 857 4.32 45.23 -127.89
N ILE P 858 4.99 44.50 -128.78
CA ILE P 858 4.60 44.46 -130.19
C ILE P 858 3.42 43.52 -130.33
N GLY P 859 2.33 44.01 -130.90
CA GLY P 859 1.13 43.21 -131.10
C GLY P 859 0.17 43.21 -129.93
N GLY P 860 0.43 43.98 -128.87
CA GLY P 860 -0.46 44.01 -127.73
C GLY P 860 -1.18 45.34 -127.57
N ILE P 861 -0.98 46.24 -128.53
CA ILE P 861 -1.59 47.57 -128.47
C ILE P 861 -2.67 47.64 -129.54
N ASN P 862 -3.90 47.98 -129.13
CA ASN P 862 -5.00 48.09 -130.07
C ASN P 862 -4.76 49.25 -131.03
N CYS P 863 -4.53 48.92 -132.29
CA CYS P 863 -4.15 49.91 -133.30
C CYS P 863 -5.35 50.60 -133.94
N SER P 864 -6.57 50.25 -133.53
CA SER P 864 -7.72 50.95 -134.06
C SER P 864 -7.58 52.44 -133.81
N VAL P 865 -7.92 53.23 -134.83
CA VAL P 865 -7.82 54.68 -134.77
C VAL P 865 -8.38 55.14 -133.42
N LYS P 866 -9.58 54.68 -133.09
CA LYS P 866 -10.12 54.91 -131.76
C LYS P 866 -9.20 54.31 -130.70
N ALA P 867 -8.74 53.09 -130.94
CA ALA P 867 -7.79 52.47 -130.02
C ALA P 867 -6.47 53.23 -130.00
N LEU P 868 -6.04 53.71 -131.16
CA LEU P 868 -4.74 54.38 -131.23
C LEU P 868 -4.72 55.69 -130.46
N ASN P 869 -5.78 56.49 -130.60
CA ASN P 869 -5.85 57.75 -129.83
C ASN P 869 -5.76 57.48 -128.34
N LYS P 870 -6.55 56.52 -127.85
CA LYS P 870 -6.59 56.20 -126.45
C LYS P 870 -5.24 55.65 -125.97
N GLU P 871 -4.61 54.79 -126.76
CA GLU P 871 -3.31 54.25 -126.41
C GLU P 871 -2.24 55.33 -126.35
N THR P 872 -2.28 56.28 -127.29
CA THR P 872 -1.31 57.38 -127.25
C THR P 872 -1.52 58.25 -126.02
N SER P 873 -2.77 58.56 -125.69
CA SER P 873 -3.02 59.34 -124.48
C SER P 873 -2.51 58.59 -123.25
N PHE P 874 -2.74 57.28 -123.21
CA PHE P 874 -2.24 56.45 -122.12
C PHE P 874 -0.72 56.51 -122.06
N ASN P 875 -0.08 56.45 -123.23
CA ASN P 875 1.37 56.58 -123.31
C ASN P 875 1.84 57.87 -122.67
N LYS P 876 1.24 58.99 -123.08
CA LYS P 876 1.67 60.30 -122.60
C LYS P 876 1.44 60.42 -121.10
N LEU P 877 0.29 59.92 -120.62
CA LEU P 877 0.02 59.97 -119.19
C LEU P 877 1.02 59.16 -118.40
N ILE P 878 1.37 57.98 -118.91
CA ILE P 878 2.38 57.15 -118.25
C ILE P 878 3.71 57.88 -118.20
N ASP P 879 4.10 58.51 -119.32
CA ASP P 879 5.36 59.23 -119.33
C ASP P 879 5.34 60.37 -118.32
N GLU P 880 4.25 61.12 -118.25
CA GLU P 880 4.19 62.23 -117.32
C GLU P 880 4.27 61.75 -115.88
N ILE P 881 3.57 60.64 -115.57
CA ILE P 881 3.63 60.11 -114.21
C ILE P 881 5.05 59.67 -113.88
N VAL P 882 5.64 58.86 -114.77
CA VAL P 882 6.94 58.26 -114.49
C VAL P 882 8.01 59.32 -114.37
N GLY P 883 8.01 60.28 -115.28
CA GLY P 883 9.01 61.32 -115.34
C GLY P 883 10.02 61.21 -116.48
N ASP P 884 9.85 60.26 -117.38
CA ASP P 884 10.75 60.09 -118.51
C ASP P 884 9.99 59.43 -119.65
N LYS P 885 10.56 59.51 -120.86
CA LYS P 885 9.95 58.90 -122.04
C LYS P 885 10.26 57.41 -122.11
N LEU P 886 9.28 56.57 -121.80
CA LEU P 886 9.48 55.13 -121.80
C LEU P 886 9.84 54.62 -123.19
N LEU P 887 8.92 54.78 -124.14
CA LEU P 887 9.14 54.34 -125.51
C LEU P 887 9.41 55.54 -126.41
N SER P 888 10.46 55.44 -127.21
CA SER P 888 10.81 56.51 -128.11
C SER P 888 9.68 56.74 -129.12
N ASP P 889 9.78 57.86 -129.85
CA ASP P 889 8.82 58.14 -130.90
C ASP P 889 8.90 57.09 -132.00
N GLU P 890 10.12 56.68 -132.35
CA GLU P 890 10.27 55.62 -133.35
C GLU P 890 9.65 54.31 -132.86
N GLU P 891 9.84 54.00 -131.58
CA GLU P 891 9.21 52.81 -131.02
C GLU P 891 7.69 52.91 -131.10
N TRP P 892 7.14 54.08 -130.74
CA TRP P 892 5.70 54.26 -130.74
C TRP P 892 5.13 54.09 -132.14
N ASP P 893 5.77 54.73 -133.13
CA ASP P 893 5.29 54.60 -134.50
C ASP P 893 5.44 53.19 -135.04
N TYR P 894 6.56 52.52 -134.75
CA TYR P 894 6.75 51.15 -135.18
C TYR P 894 5.69 50.23 -134.57
N LEU P 895 5.29 50.52 -133.33
CA LEU P 895 4.25 49.73 -132.68
C LEU P 895 2.87 50.04 -133.23
N THR P 896 2.61 51.29 -133.57
CA THR P 896 1.27 51.74 -133.96
C THR P 896 1.04 51.67 -135.46
N LYS P 897 2.05 51.31 -136.23
CA LYS P 897 1.89 51.22 -137.68
C LYS P 897 1.69 49.77 -138.11
N ILE P 909 16.23 45.74 -133.61
CA ILE P 909 16.66 45.73 -132.22
C ILE P 909 15.88 46.75 -131.40
N PHE P 910 14.90 46.28 -130.64
CA PHE P 910 14.07 47.12 -129.78
C PHE P 910 14.17 46.59 -128.35
N GLN P 911 15.00 47.25 -127.54
CA GLN P 911 15.14 46.88 -126.14
C GLN P 911 13.96 47.38 -125.32
N ASN P 912 13.92 46.93 -124.07
CA ASN P 912 12.92 47.36 -123.10
C ASN P 912 11.50 47.15 -123.59
N THR P 913 11.31 46.29 -124.59
CA THR P 913 9.98 46.08 -125.16
C THR P 913 9.88 44.66 -125.67
N ILE P 914 8.77 44.01 -125.38
CA ILE P 914 8.53 42.66 -125.88
C ILE P 914 8.43 42.71 -127.40
N THR P 915 9.20 41.85 -128.08
CA THR P 915 9.28 41.88 -129.53
C THR P 915 9.22 40.49 -130.14
N SER P 916 8.93 39.48 -129.33
CA SER P 916 8.82 38.12 -129.84
C SER P 916 7.59 37.41 -129.28
N LEU P 917 7.08 37.89 -128.14
CA LEU P 917 5.90 37.29 -127.56
C LEU P 917 4.71 37.37 -128.51
N ASN P 918 4.70 38.36 -129.40
CA ASN P 918 3.62 38.49 -130.37
C ASN P 918 3.50 37.23 -131.23
N SER P 919 4.64 36.69 -131.65
CA SER P 919 4.69 35.49 -132.47
C SER P 919 4.91 34.24 -131.63
N SER P 920 4.65 34.33 -130.33
CA SER P 920 4.78 33.19 -129.43
C SER P 920 3.45 32.44 -129.38
N THR P 921 3.51 31.14 -129.62
CA THR P 921 2.29 30.34 -129.74
C THR P 921 1.97 29.64 -128.42
N ILE P 922 0.68 29.59 -128.08
CA ILE P 922 0.21 29.01 -126.84
C ILE P 922 -0.03 27.52 -127.05
N VAL P 923 0.29 26.72 -126.02
CA VAL P 923 0.14 25.28 -126.13
C VAL P 923 -1.32 24.93 -126.32
N GLY P 924 -1.60 24.05 -127.28
CA GLY P 924 -2.94 23.62 -127.59
C GLY P 924 -3.67 24.54 -128.54
N ALA P 925 -3.13 25.74 -128.77
CA ALA P 925 -3.79 26.71 -129.65
C ALA P 925 -3.70 26.25 -131.10
N SER P 926 -4.80 25.72 -131.62
CA SER P 926 -4.83 25.26 -133.00
C SER P 926 -4.69 26.40 -134.00
N TYR P 927 -5.18 27.59 -133.66
CA TYR P 927 -5.12 28.74 -134.57
C TYR P 927 -5.68 28.38 -135.93
N ASP P 928 -6.88 27.82 -135.95
CA ASP P 928 -7.50 27.40 -137.21
C ASP P 928 -8.23 28.57 -137.88
N LYS P 929 -8.95 29.35 -137.09
CA LYS P 929 -9.73 30.46 -137.63
C LYS P 929 -8.98 31.77 -137.53
N ASP P 930 -9.50 32.78 -138.24
CA ASP P 930 -8.92 34.11 -138.27
C ASP P 930 -9.84 35.09 -137.53
N THR P 931 -9.44 36.36 -137.51
CA THR P 931 -10.21 37.38 -136.82
C THR P 931 -11.52 37.66 -137.56
N PRO P 932 -12.57 38.04 -136.85
CA PRO P 932 -13.84 38.32 -137.53
C PRO P 932 -13.72 39.52 -138.46
N ALA P 933 -14.50 39.48 -139.53
CA ALA P 933 -14.56 40.61 -140.47
C ALA P 933 -15.68 41.55 -140.06
N ARG P 934 -15.92 42.58 -140.87
CA ARG P 934 -16.96 43.56 -140.56
C ARG P 934 -16.68 44.25 -139.23
N LYS Q 35 18.14 44.01 -68.73
CA LYS Q 35 18.52 44.89 -67.64
C LYS Q 35 17.74 46.19 -67.72
N SER Q 36 17.74 46.81 -68.89
CA SER Q 36 16.87 47.96 -69.12
C SER Q 36 15.41 47.59 -68.92
N LEU Q 37 15.03 46.37 -69.29
CA LEU Q 37 13.67 45.92 -69.05
C LEU Q 37 13.36 45.85 -67.57
N ARG Q 38 14.28 45.31 -66.77
CA ARG Q 38 14.09 45.30 -65.32
C ARG Q 38 13.98 46.72 -64.79
N ASP Q 39 14.80 47.63 -65.33
CA ASP Q 39 14.71 49.02 -64.90
C ASP Q 39 13.33 49.59 -65.16
N GLN Q 40 12.86 49.48 -66.41
CA GLN Q 40 11.54 49.96 -66.75
C GLN Q 40 10.47 49.31 -65.87
N LEU Q 41 10.63 48.03 -65.58
CA LEU Q 41 9.71 47.35 -64.69
C LEU Q 41 9.68 48.02 -63.32
N VAL Q 42 10.87 48.36 -62.81
CA VAL Q 42 10.94 48.98 -61.50
C VAL Q 42 10.22 50.33 -61.52
N GLU Q 43 10.47 51.12 -62.56
CA GLU Q 43 9.82 52.43 -62.61
C GLU Q 43 8.31 52.28 -62.72
N SER Q 44 7.87 51.37 -63.58
CA SER Q 44 6.44 51.15 -63.74
C SER Q 44 5.79 50.74 -62.43
N ILE Q 45 6.37 49.78 -61.74
CA ILE Q 45 5.81 49.31 -60.48
C ILE Q 45 5.78 50.45 -59.47
N ARG Q 46 6.87 51.21 -59.38
CA ARG Q 46 6.92 52.29 -58.40
C ARG Q 46 5.86 53.35 -58.69
N ASN Q 47 5.68 53.68 -59.97
CA ASN Q 47 4.68 54.67 -60.36
C ASN Q 47 3.34 54.02 -60.67
N SER Q 48 2.82 53.24 -59.73
CA SER Q 48 1.50 52.62 -59.89
C SER Q 48 0.75 52.77 -58.57
N ILE Q 49 1.49 52.96 -57.50
CA ILE Q 49 0.92 53.04 -56.16
C ILE Q 49 0.49 54.45 -55.80
N ALA Q 50 0.92 55.44 -56.58
CA ALA Q 50 0.52 56.81 -56.34
C ALA Q 50 -0.98 56.99 -56.58
N ARG Q 69 -6.84 44.93 -60.45
CA ARG Q 69 -5.76 44.12 -59.89
C ARG Q 69 -4.45 44.89 -59.84
N ASN Q 70 -3.47 44.31 -59.15
CA ASN Q 70 -2.15 44.92 -59.00
C ASN Q 70 -1.05 43.91 -59.30
N VAL Q 71 -1.24 43.08 -60.31
CA VAL Q 71 -0.34 41.99 -60.62
C VAL Q 71 0.34 42.26 -61.95
N PHE Q 72 1.66 42.25 -61.93
CA PHE Q 72 2.48 42.25 -63.13
C PHE Q 72 2.85 40.81 -63.47
N PHE Q 73 3.13 40.56 -64.74
CA PHE Q 73 3.59 39.24 -65.16
C PHE Q 73 4.77 39.39 -66.10
N VAL Q 74 5.64 38.38 -66.10
CA VAL Q 74 6.80 38.34 -66.96
C VAL Q 74 6.69 37.10 -67.82
N ASP Q 75 6.32 37.28 -69.09
CA ASP Q 75 6.25 36.16 -70.02
C ASP Q 75 7.66 35.69 -70.36
N GLY Q 76 7.81 34.38 -70.52
CA GLY Q 76 9.09 33.81 -70.86
C GLY Q 76 9.03 32.75 -71.94
N GLY Q 81 17.53 33.44 -66.83
CA GLY Q 81 16.20 33.11 -67.26
C GLY Q 81 15.13 33.92 -66.55
N LYS Q 82 13.91 33.37 -66.52
CA LYS Q 82 12.81 34.05 -65.83
C LYS Q 82 13.17 34.30 -64.37
N THR Q 83 13.71 33.27 -63.72
CA THR Q 83 14.13 33.40 -62.33
C THR Q 83 15.21 34.46 -62.18
N THR Q 84 16.17 34.47 -63.11
CA THR Q 84 17.21 35.48 -63.05
C THR Q 84 16.62 36.87 -63.12
N PHE Q 85 15.69 37.10 -64.07
CA PHE Q 85 15.08 38.42 -64.19
C PHE Q 85 14.32 38.79 -62.92
N ILE Q 86 13.54 37.85 -62.39
CA ILE Q 86 12.73 38.17 -61.22
C ILE Q 86 13.63 38.53 -60.04
N ASN Q 87 14.65 37.72 -59.78
CA ASN Q 87 15.49 37.98 -58.62
C ASN Q 87 16.31 39.25 -58.82
N SER Q 88 16.73 39.52 -60.06
CA SER Q 88 17.44 40.76 -60.33
C SER Q 88 16.54 41.97 -60.07
N VAL Q 89 15.28 41.90 -60.53
CA VAL Q 89 14.34 42.96 -60.20
C VAL Q 89 14.23 43.09 -58.70
N VAL Q 90 14.21 41.96 -58.00
CA VAL Q 90 14.12 41.99 -56.54
C VAL Q 90 15.28 42.74 -55.92
N LYS Q 91 16.51 42.45 -56.35
CA LYS Q 91 17.64 43.21 -55.83
C LYS Q 91 17.49 44.68 -56.17
N SER Q 92 17.02 44.97 -57.38
CA SER Q 92 16.85 46.35 -57.82
C SER Q 92 16.02 47.15 -56.82
N LEU Q 93 14.98 46.56 -56.24
CA LEU Q 93 14.20 47.20 -55.21
C LEU Q 93 14.75 46.93 -53.81
N ASN Q 94 15.77 46.07 -53.69
CA ASN Q 94 16.41 45.80 -52.41
C ASN Q 94 15.48 44.99 -51.52
N VAL Q 102 7.67 56.43 -52.43
CA VAL Q 102 7.41 55.11 -52.99
C VAL Q 102 8.08 54.04 -52.12
N ASN Q 103 7.55 53.86 -50.92
CA ASN Q 103 8.08 52.89 -49.97
C ASN Q 103 7.42 51.54 -50.21
N ILE Q 104 8.15 50.63 -50.82
CA ILE Q 104 7.69 49.27 -51.07
C ILE Q 104 8.61 48.31 -50.35
N LYS Q 105 8.04 47.32 -49.68
CA LYS Q 105 8.82 46.27 -49.02
C LYS Q 105 8.80 45.02 -49.87
N CYS Q 106 9.99 44.50 -50.16
CA CYS Q 106 10.15 43.36 -51.07
C CYS Q 106 10.13 42.04 -50.30
N LEU Q 107 9.37 41.14 -50.82
CA LEU Q 107 9.12 39.78 -50.38
C LEU Q 107 9.84 38.79 -51.29
N PRO Q 108 10.85 38.10 -50.75
CA PRO Q 108 11.73 37.29 -51.61
C PRO Q 108 10.96 36.26 -52.40
N THR Q 109 10.99 36.40 -53.74
CA THR Q 109 10.01 35.77 -54.62
C THR Q 109 9.70 34.34 -54.22
N ILE Q 110 8.45 33.95 -54.40
CA ILE Q 110 7.94 32.64 -54.01
C ILE Q 110 8.19 31.65 -55.13
N ASP Q 111 8.76 30.50 -54.80
CA ASP Q 111 8.80 29.37 -55.72
C ASP Q 111 7.70 28.40 -55.34
N PRO Q 112 6.51 28.52 -55.91
CA PRO Q 112 5.44 27.57 -55.58
C PRO Q 112 5.82 26.12 -55.82
N THR Q 113 6.55 25.83 -56.90
CA THR Q 113 7.00 24.48 -57.18
C THR Q 113 8.03 23.99 -56.17
N LYS Q 114 8.43 24.83 -55.23
CA LYS Q 114 9.46 24.54 -54.26
C LYS Q 114 8.84 24.41 -52.87
N LEU Q 115 7.56 24.08 -52.82
CA LEU Q 115 6.77 24.14 -51.61
C LEU Q 115 5.87 22.92 -51.50
N PRO Q 116 5.69 22.39 -50.29
CA PRO Q 116 4.86 21.18 -50.12
C PRO Q 116 3.44 21.36 -50.65
N ARG Q 117 2.91 20.29 -51.25
CA ARG Q 117 1.65 20.29 -51.97
C ARG Q 117 0.46 20.75 -51.13
N HIS Q 118 0.26 20.14 -49.97
CA HIS Q 118 -0.91 20.45 -49.14
C HIS Q 118 -0.56 21.63 -48.24
N GLU Q 119 -0.13 22.72 -48.85
CA GLU Q 119 0.02 23.97 -48.11
C GLU Q 119 -0.79 25.05 -48.79
N PRO Q 120 -1.24 26.05 -48.05
CA PRO Q 120 -1.81 27.22 -48.70
C PRO Q 120 -0.76 28.29 -48.96
N ILE Q 121 -0.82 28.85 -50.17
CA ILE Q 121 0.01 29.99 -50.51
C ILE Q 121 -0.18 31.02 -49.41
N LEU Q 122 -1.41 31.08 -48.89
CA LEU Q 122 -1.69 32.00 -47.81
C LEU Q 122 -0.80 31.76 -46.61
N VAL Q 123 -0.75 30.52 -46.11
CA VAL Q 123 0.09 30.22 -44.96
C VAL Q 123 1.55 30.51 -45.26
N THR Q 124 2.02 30.12 -46.44
CA THR Q 124 3.40 30.42 -46.79
C THR Q 124 3.67 31.92 -46.66
N VAL Q 125 2.80 32.73 -47.27
CA VAL Q 125 2.96 34.18 -47.25
C VAL Q 125 2.93 34.69 -45.82
N THR Q 126 1.98 34.21 -45.03
CA THR Q 126 1.83 34.71 -43.68
C THR Q 126 3.05 34.41 -42.83
N ALA Q 127 3.58 33.20 -42.92
CA ALA Q 127 4.77 32.87 -42.12
C ALA Q 127 5.97 33.69 -42.56
N ARG Q 128 6.15 33.82 -43.87
CA ARG Q 128 7.26 34.60 -44.39
C ARG Q 128 7.15 36.07 -43.96
N LEU Q 129 5.95 36.64 -44.09
CA LEU Q 129 5.69 37.99 -43.59
C LEU Q 129 5.91 38.05 -42.09
N ASN Q 130 5.58 36.98 -41.38
CA ASN Q 130 5.89 36.89 -39.97
C ASN Q 130 7.37 37.09 -39.74
N LYS Q 131 8.20 36.42 -40.54
CA LYS Q 131 9.64 36.59 -40.38
C LYS Q 131 10.03 38.04 -40.59
N MET Q 132 9.60 38.65 -41.70
CA MET Q 132 10.02 40.02 -41.97
C MET Q 132 9.53 40.97 -40.88
N VAL Q 133 8.27 40.83 -40.46
CA VAL Q 133 7.72 41.70 -39.43
C VAL Q 133 8.43 41.53 -38.10
N SER Q 134 8.59 40.30 -37.62
CA SER Q 134 9.34 40.03 -36.41
C SER Q 134 10.73 40.63 -36.49
N ASP Q 135 11.35 40.59 -37.67
CA ASP Q 135 12.62 41.23 -37.87
C ASP Q 135 12.58 42.73 -37.65
N LYS Q 136 11.67 43.43 -38.33
CA LYS Q 136 11.54 44.86 -38.13
C LYS Q 136 11.10 45.21 -36.73
N LEU Q 137 10.38 44.32 -36.05
CA LEU Q 137 9.96 44.53 -34.68
C LEU Q 137 10.98 44.04 -33.68
N LYS Q 138 11.64 42.90 -33.94
CA LYS Q 138 12.75 42.52 -33.09
C LYS Q 138 13.80 43.62 -33.07
N GLY Q 139 13.97 44.32 -34.19
CA GLY Q 139 14.64 45.60 -34.13
C GLY Q 139 13.74 46.57 -33.39
N TYR Q 140 14.13 46.91 -32.16
CA TYR Q 140 13.26 47.71 -31.29
C TYR Q 140 12.02 46.93 -30.90
N ARG Q 147 6.67 45.63 -27.14
CA ARG Q 147 5.92 46.59 -27.93
C ARG Q 147 4.46 46.20 -28.03
N LYS Q 148 3.60 47.20 -28.24
CA LYS Q 148 2.18 46.98 -28.41
C LYS Q 148 1.83 46.46 -29.80
N GLN Q 149 2.61 46.83 -30.81
CA GLN Q 149 2.30 46.44 -32.18
C GLN Q 149 2.35 44.91 -32.33
N LYS Q 150 3.33 44.28 -31.68
CA LYS Q 150 3.45 42.83 -31.78
C LYS Q 150 2.17 42.14 -31.34
N GLU Q 151 1.64 42.50 -30.16
CA GLU Q 151 0.45 41.86 -29.68
C GLU Q 151 -0.74 42.07 -30.61
N GLN Q 152 -0.97 43.28 -31.10
CA GLN Q 152 -2.00 43.44 -32.11
C GLN Q 152 -1.75 42.54 -33.29
N TRP Q 153 -0.51 42.41 -33.71
CA TRP Q 153 -0.13 41.50 -34.77
C TRP Q 153 -0.49 40.07 -34.44
N GLN Q 154 -0.12 39.59 -33.26
CA GLN Q 154 -0.50 38.25 -32.87
C GLN Q 154 -2.00 38.08 -32.71
N ASN Q 155 -2.74 39.17 -32.45
CA ASN Q 155 -4.19 39.08 -32.46
C ASN Q 155 -4.72 38.65 -33.83
N HIS Q 156 -4.34 39.39 -34.88
CA HIS Q 156 -4.72 38.98 -36.22
C HIS Q 156 -4.17 37.60 -36.55
N LEU Q 157 -2.96 37.30 -36.06
CA LEU Q 157 -2.39 35.99 -36.30
C LEU Q 157 -3.26 34.87 -35.73
N ALA Q 158 -3.68 35.02 -34.47
CA ALA Q 158 -4.56 34.04 -33.85
C ALA Q 158 -5.89 33.93 -34.59
N GLN Q 159 -6.45 35.07 -34.97
CA GLN Q 159 -7.64 35.02 -35.81
C GLN Q 159 -7.38 34.19 -37.06
N LEU Q 160 -6.22 34.39 -37.68
CA LEU Q 160 -5.87 33.66 -38.89
C LEU Q 160 -5.82 32.17 -38.63
N GLN Q 161 -5.06 31.75 -37.62
CA GLN Q 161 -4.97 30.32 -37.32
C GLN Q 161 -6.35 29.75 -37.07
N ARG Q 162 -7.13 30.42 -36.23
CA ARG Q 162 -8.48 29.96 -35.93
C ARG Q 162 -9.33 29.83 -37.18
N GLY Q 163 -9.11 30.69 -38.18
CA GLY Q 163 -9.89 30.60 -39.40
C GLY Q 163 -9.17 29.90 -40.52
N LEU Q 164 -7.94 29.45 -40.26
CA LEU Q 164 -7.15 28.76 -41.28
C LEU Q 164 -7.83 27.52 -41.80
N HIS Q 165 -8.55 26.78 -40.95
CA HIS Q 165 -9.14 25.52 -41.38
C HIS Q 165 -9.99 25.71 -42.62
N LEU Q 166 -10.65 26.86 -42.74
CA LEU Q 166 -11.54 27.11 -43.86
C LEU Q 166 -10.92 26.64 -45.17
N LEU Q 167 -9.67 27.00 -45.40
CA LEU Q 167 -9.02 26.64 -46.66
C LEU Q 167 -8.80 25.13 -46.76
N THR Q 168 -8.42 24.50 -45.66
CA THR Q 168 -7.99 23.09 -45.69
C THR Q 168 -9.17 22.14 -45.69
N ASP Q 169 -10.00 22.23 -44.65
CA ASP Q 169 -11.06 21.26 -44.37
C ASP Q 169 -11.78 20.78 -45.62
N LYS Q 170 -11.81 19.47 -45.81
CA LYS Q 170 -12.54 18.87 -46.93
C LYS Q 170 -14.04 19.00 -46.77
N GLU Q 171 -14.52 19.40 -45.60
CA GLU Q 171 -15.93 19.48 -45.32
C GLU Q 171 -16.21 20.72 -44.49
N TYR Q 172 -17.47 20.89 -44.11
CA TYR Q 172 -17.87 21.91 -43.15
C TYR Q 172 -18.54 21.22 -41.98
N LYS Q 173 -18.36 21.79 -40.79
CA LYS Q 173 -18.92 21.30 -39.54
C LYS Q 173 -19.72 22.40 -38.85
N PRO Q 174 -20.95 22.09 -38.45
CA PRO Q 174 -21.83 23.12 -37.85
C PRO Q 174 -21.22 23.82 -36.66
N GLU Q 175 -20.50 23.12 -35.79
CA GLU Q 175 -19.86 23.81 -34.68
C GLU Q 175 -18.89 24.89 -35.15
N TYR Q 176 -18.42 24.81 -36.38
CA TYR Q 176 -17.78 25.96 -37.01
C TYR Q 176 -18.70 27.17 -37.07
N PHE Q 177 -20.02 26.95 -37.05
CA PHE Q 177 -20.93 28.07 -36.90
C PHE Q 177 -20.72 28.81 -35.59
N SER Q 178 -20.53 28.10 -34.50
CA SER Q 178 -20.18 28.74 -33.24
C SER Q 178 -18.94 29.62 -33.38
N ASP Q 179 -17.97 29.20 -34.19
CA ASP Q 179 -16.80 30.03 -34.46
C ASP Q 179 -17.15 31.26 -35.27
N ALA Q 180 -17.93 31.08 -36.34
CA ALA Q 180 -18.25 32.16 -37.26
C ALA Q 180 -19.06 33.28 -36.60
N LEU Q 181 -19.67 33.02 -35.45
CA LEU Q 181 -20.44 34.02 -34.73
C LEU Q 181 -19.65 34.62 -33.59
N LYS Q 182 -18.35 34.85 -33.81
CA LYS Q 182 -17.44 35.28 -32.77
C LYS Q 182 -16.69 36.50 -33.27
N LEU Q 183 -16.74 37.59 -32.50
CA LEU Q 183 -16.07 38.83 -32.88
C LEU Q 183 -15.27 39.41 -31.72
N SER Q 190 -14.93 43.54 -40.75
CA SER Q 190 -16.07 44.45 -40.75
C SER Q 190 -17.02 44.11 -41.89
N ILE Q 191 -17.17 42.82 -42.17
CA ILE Q 191 -18.07 42.36 -43.22
C ILE Q 191 -18.98 41.27 -42.68
N GLY Q 192 -18.67 40.76 -41.50
CA GLY Q 192 -19.52 39.76 -40.87
C GLY Q 192 -19.12 38.35 -41.25
N GLY Q 193 -18.74 37.54 -40.26
CA GLY Q 193 -18.41 36.16 -40.52
C GLY Q 193 -16.98 35.80 -40.22
N GLN Q 194 -16.40 34.93 -41.05
CA GLN Q 194 -15.03 34.44 -40.91
C GLN Q 194 -14.25 34.71 -42.19
N ASP Q 195 -14.30 35.95 -42.66
CA ASP Q 195 -13.60 36.29 -43.89
C ASP Q 195 -12.09 36.24 -43.69
N LEU Q 196 -11.50 35.13 -44.12
CA LEU Q 196 -10.06 35.01 -44.13
C LEU Q 196 -9.42 36.06 -45.01
N SER Q 197 -10.08 36.46 -46.09
CA SER Q 197 -9.57 37.52 -46.95
C SER Q 197 -9.50 38.87 -46.25
N GLU Q 198 -10.58 39.27 -45.57
CA GLU Q 198 -10.51 40.50 -44.80
C GLU Q 198 -9.50 40.39 -43.68
N ILE Q 199 -9.36 39.20 -43.10
CA ILE Q 199 -8.32 39.00 -42.09
C ILE Q 199 -6.95 39.26 -42.69
N PHE Q 200 -6.71 38.74 -43.90
CA PHE Q 200 -5.47 38.99 -44.61
C PHE Q 200 -5.26 40.48 -44.88
N GLU Q 201 -6.30 41.18 -45.30
CA GLU Q 201 -6.16 42.61 -45.57
C GLU Q 201 -5.87 43.38 -44.29
N GLU Q 202 -6.51 43.01 -43.17
CA GLU Q 202 -6.17 43.59 -41.88
C GLU Q 202 -4.72 43.32 -41.52
N LEU Q 203 -4.27 42.08 -41.72
CA LEU Q 203 -2.88 41.71 -41.58
C LEU Q 203 -1.99 42.65 -42.37
N VAL Q 204 -2.34 42.90 -43.62
CA VAL Q 204 -1.55 43.77 -44.49
C VAL Q 204 -1.53 45.18 -43.93
N LYS Q 205 -2.68 45.67 -43.49
CA LYS Q 205 -2.73 47.00 -42.89
C LYS Q 205 -1.71 47.09 -41.77
N ARG Q 206 -1.78 46.13 -40.84
CA ARG Q 206 -0.89 46.14 -39.69
C ARG Q 206 0.56 46.04 -40.12
N ALA Q 207 0.85 45.12 -41.04
CA ALA Q 207 2.24 44.88 -41.43
C ALA Q 207 2.84 46.08 -42.13
N CYS Q 208 2.08 46.71 -43.03
CA CYS Q 208 2.59 47.90 -43.69
C CYS Q 208 2.76 49.04 -42.68
N GLU Q 209 1.84 49.16 -41.73
CA GLU Q 209 2.04 50.13 -40.66
C GLU Q 209 3.37 49.91 -39.97
N ILE Q 210 3.62 48.67 -39.53
CA ILE Q 210 4.84 48.36 -38.82
C ILE Q 210 6.06 48.63 -39.67
N LEU Q 211 6.09 48.11 -40.90
CA LEU Q 211 7.20 48.30 -41.81
C LEU Q 211 7.37 49.75 -42.20
N ASP Q 212 6.37 50.58 -41.93
CA ASP Q 212 6.47 52.00 -42.20
C ASP Q 212 6.56 52.24 -43.70
N CYS Q 213 5.88 51.38 -44.45
CA CYS Q 213 5.92 51.38 -45.90
C CYS Q 213 4.50 51.52 -46.43
N LYS Q 214 4.40 52.00 -47.66
CA LYS Q 214 3.09 52.19 -48.28
C LYS Q 214 2.55 50.93 -48.94
N ALA Q 215 3.41 49.95 -49.24
CA ALA Q 215 2.94 48.74 -49.90
C ALA Q 215 3.98 47.63 -49.81
N ILE Q 216 3.53 46.43 -50.16
CA ILE Q 216 4.32 45.22 -50.11
C ILE Q 216 4.30 44.58 -51.48
N LEU Q 217 5.42 43.96 -51.86
CA LEU Q 217 5.51 43.24 -53.12
C LEU Q 217 5.59 41.74 -52.88
N ILE Q 218 4.74 41.00 -53.56
CA ILE Q 218 4.76 39.54 -53.55
C ILE Q 218 5.16 39.06 -54.95
N THR Q 219 6.11 38.14 -55.01
CA THR Q 219 6.67 37.72 -56.29
C THR Q 219 6.84 36.21 -56.30
N PHE Q 220 6.41 35.59 -57.39
CA PHE Q 220 6.34 34.14 -57.46
C PHE Q 220 7.23 33.60 -58.57
N ASP Q 221 7.80 32.42 -58.33
CA ASP Q 221 8.69 31.76 -59.26
C ASP Q 221 7.89 31.04 -60.35
N ASP Q 222 8.58 30.72 -61.43
CA ASP Q 222 7.97 29.91 -62.49
C ASP Q 222 7.63 28.53 -61.95
N ILE Q 223 6.51 27.99 -62.44
CA ILE Q 223 6.08 26.65 -62.04
C ILE Q 223 6.31 25.70 -63.21
N ASP Q 224 7.32 26.01 -64.03
CA ASP Q 224 7.65 25.13 -65.14
C ASP Q 224 7.90 23.71 -64.66
N THR Q 225 8.39 23.54 -63.44
CA THR Q 225 8.52 22.23 -62.83
C THR Q 225 7.19 21.70 -62.31
N GLN Q 226 6.22 22.56 -62.03
CA GLN Q 226 4.92 22.14 -61.51
C GLN Q 226 3.83 23.13 -61.89
N PHE Q 227 3.08 22.84 -62.95
CA PHE Q 227 2.15 23.84 -63.44
C PHE Q 227 0.85 23.86 -62.64
N ASP Q 228 0.66 22.90 -61.74
CA ASP Q 228 -0.56 22.86 -60.95
C ASP Q 228 -0.55 23.84 -59.79
N ALA Q 229 0.58 23.97 -59.11
CA ALA Q 229 0.65 24.88 -57.97
C ALA Q 229 0.23 26.28 -58.38
N GLY Q 230 0.45 26.65 -59.64
CA GLY Q 230 0.09 27.98 -60.08
C GLY Q 230 -1.36 28.33 -59.84
N TRP Q 231 -2.25 27.36 -60.04
CA TRP Q 231 -3.67 27.60 -59.77
C TRP Q 231 -3.86 28.08 -58.35
N ASP Q 232 -3.11 27.49 -57.42
CA ASP Q 232 -3.19 27.89 -56.02
C ASP Q 232 -2.84 29.36 -55.87
N VAL Q 233 -1.77 29.79 -56.55
CA VAL Q 233 -1.36 31.18 -56.46
C VAL Q 233 -2.41 32.10 -57.06
N LEU Q 234 -2.96 31.70 -58.20
CA LEU Q 234 -3.97 32.53 -58.86
C LEU Q 234 -5.20 32.70 -57.98
N GLU Q 235 -5.67 31.61 -57.39
CA GLU Q 235 -6.81 31.71 -56.48
C GLU Q 235 -6.49 32.53 -55.24
N SER Q 236 -5.29 32.38 -54.68
CA SER Q 236 -4.88 33.24 -53.58
C SER Q 236 -4.93 34.70 -54.00
N ILE Q 237 -4.47 34.98 -55.21
CA ILE Q 237 -4.50 36.35 -55.72
C ILE Q 237 -5.92 36.87 -55.77
N ARG Q 238 -6.80 36.09 -56.40
CA ARG Q 238 -8.17 36.57 -56.59
C ARG Q 238 -8.84 36.83 -55.26
N LYS Q 239 -8.67 35.91 -54.31
CA LYS Q 239 -9.41 36.00 -53.06
C LYS Q 239 -8.80 36.95 -52.05
N PHE Q 240 -7.49 36.90 -51.87
CA PHE Q 240 -6.84 37.59 -50.77
C PHE Q 240 -5.92 38.71 -51.21
N PHE Q 241 -5.49 38.72 -52.47
CA PHE Q 241 -4.50 39.67 -52.92
C PHE Q 241 -5.10 40.79 -53.77
N ASN Q 242 -6.39 41.05 -53.61
CA ASN Q 242 -7.00 42.23 -54.23
C ASN Q 242 -7.09 43.36 -53.22
N SER Q 243 -5.93 43.87 -52.81
CA SER Q 243 -5.85 44.95 -51.85
C SER Q 243 -5.04 46.10 -52.42
N ARG Q 244 -5.19 47.26 -51.80
CA ARG Q 244 -4.63 48.51 -52.30
C ARG Q 244 -3.21 48.79 -51.81
N LYS Q 245 -2.66 47.94 -50.95
CA LYS Q 245 -1.29 48.10 -50.48
C LYS Q 245 -0.37 46.99 -50.96
N LEU Q 246 -0.74 46.29 -52.03
CA LEU Q 246 0.00 45.15 -52.50
C LEU Q 246 0.24 45.24 -54.00
N VAL Q 247 1.44 44.84 -54.42
CA VAL Q 247 1.74 44.59 -55.83
C VAL Q 247 2.28 43.18 -55.93
N VAL Q 248 1.75 42.40 -56.86
CA VAL Q 248 2.16 41.02 -57.05
C VAL Q 248 2.81 40.89 -58.42
N VAL Q 249 3.64 39.87 -58.58
CA VAL Q 249 4.40 39.66 -59.81
C VAL Q 249 4.56 38.17 -60.06
N ALA Q 250 3.91 37.69 -61.12
CA ALA Q 250 4.05 36.33 -61.58
C ALA Q 250 4.98 36.27 -62.80
N THR Q 251 5.52 35.08 -63.06
CA THR Q 251 6.43 34.90 -64.19
C THR Q 251 6.20 33.54 -64.82
N GLY Q 252 6.58 33.42 -66.08
CA GLY Q 252 6.47 32.16 -66.78
C GLY Q 252 5.91 32.39 -68.18
N ASP Q 253 5.31 31.33 -68.72
CA ASP Q 253 4.62 31.38 -69.99
C ASP Q 253 3.12 31.26 -69.75
N LEU Q 254 2.38 32.27 -70.20
CA LEU Q 254 0.95 32.28 -69.94
C LEU Q 254 0.23 31.12 -70.61
N ARG Q 255 0.85 30.44 -71.56
CA ARG Q 255 0.28 29.21 -72.07
C ARG Q 255 -0.17 28.29 -70.94
N LEU Q 256 0.75 27.90 -70.07
CA LEU Q 256 0.43 26.99 -68.97
C LEU Q 256 -0.71 27.54 -68.13
N TYR Q 257 -0.66 28.81 -67.80
CA TYR Q 257 -1.72 29.42 -67.00
C TYR Q 257 -3.05 29.26 -67.71
N SER Q 258 -3.03 29.37 -69.03
CA SER Q 258 -4.23 29.14 -69.82
C SER Q 258 -4.73 27.72 -69.67
N GLN Q 259 -3.87 26.74 -69.87
CA GLN Q 259 -4.34 25.37 -69.68
C GLN Q 259 -4.78 25.13 -68.26
N LEU Q 260 -4.16 25.80 -67.30
CA LEU Q 260 -4.52 25.68 -65.90
C LEU Q 260 -5.93 26.17 -65.62
N ILE Q 261 -6.24 27.39 -66.06
CA ILE Q 261 -7.55 27.95 -65.79
C ILE Q 261 -8.61 27.25 -66.63
N ARG Q 262 -8.28 26.94 -67.89
CA ARG Q 262 -9.17 26.07 -68.66
C ARG Q 262 -9.52 24.83 -67.87
N GLY Q 263 -8.52 24.05 -67.47
CA GLY Q 263 -8.79 22.81 -66.75
C GLY Q 263 -9.62 23.02 -65.51
N LYS Q 264 -9.27 24.02 -64.68
CA LYS Q 264 -10.09 24.32 -63.52
C LYS Q 264 -11.50 24.70 -63.92
N GLN Q 265 -11.71 25.10 -65.17
CA GLN Q 265 -13.06 25.36 -65.65
C GLN Q 265 -13.80 24.07 -65.96
N TYR Q 266 -13.14 23.09 -66.56
CA TYR Q 266 -13.80 21.90 -67.06
C TYR Q 266 -14.46 21.06 -65.98
N GLU Q 267 -13.80 20.84 -64.84
CA GLU Q 267 -14.38 20.02 -63.78
C GLU Q 267 -15.59 20.70 -63.16
N ASN Q 268 -15.83 21.95 -63.53
CA ASN Q 268 -16.94 22.74 -63.02
C ASN Q 268 -18.29 22.23 -63.51
N TYR Q 269 -18.31 21.38 -64.53
CA TYR Q 269 -19.54 20.80 -65.03
C TYR Q 269 -19.97 19.60 -64.20
N SER Q 270 -21.16 19.10 -64.48
CA SER Q 270 -21.58 17.81 -63.94
C SER Q 270 -21.04 16.69 -64.83
N LYS Q 271 -20.35 15.75 -64.21
CA LYS Q 271 -19.76 14.66 -64.96
C LYS Q 271 -20.79 13.96 -65.82
N THR Q 272 -21.96 13.68 -65.26
CA THR Q 272 -23.03 13.05 -66.03
C THR Q 272 -23.31 13.82 -67.30
N LEU Q 273 -23.37 15.16 -67.21
CA LEU Q 273 -23.58 15.97 -68.40
C LEU Q 273 -22.53 15.70 -69.45
N LEU Q 274 -21.25 15.76 -69.08
CA LEU Q 274 -20.22 15.55 -70.08
C LEU Q 274 -20.26 14.13 -70.63
N GLU Q 275 -20.71 13.17 -69.84
CA GLU Q 275 -20.80 11.79 -70.28
C GLU Q 275 -21.97 11.54 -71.21
N GLN Q 276 -23.04 12.33 -71.07
CA GLN Q 276 -24.26 12.14 -71.84
C GLN Q 276 -24.33 13.03 -73.07
N GLU Q 277 -24.16 14.33 -72.90
CA GLU Q 277 -24.46 15.32 -73.92
C GLU Q 277 -23.29 15.41 -74.89
N LYS Q 278 -22.99 14.29 -75.54
CA LYS Q 278 -21.74 14.12 -76.28
C LYS Q 278 -21.91 14.36 -77.78
N GLU Q 279 -22.79 15.28 -78.15
CA GLU Q 279 -22.95 15.63 -79.55
C GLU Q 279 -22.21 16.94 -79.86
N SER Q 280 -21.86 17.09 -81.15
CA SER Q 280 -20.93 18.12 -81.58
C SER Q 280 -21.39 19.52 -81.25
N VAL Q 281 -22.67 19.82 -81.48
CA VAL Q 281 -23.14 21.18 -81.26
C VAL Q 281 -22.93 21.57 -79.82
N ARG Q 282 -23.31 20.70 -78.89
CA ARG Q 282 -23.21 21.04 -77.49
C ARG Q 282 -21.78 21.01 -77.00
N LEU Q 283 -20.96 20.08 -77.50
CA LEU Q 283 -19.55 20.15 -77.14
C LEU Q 283 -18.94 21.48 -77.58
N ALA Q 284 -19.28 21.94 -78.79
CA ALA Q 284 -18.76 23.21 -79.27
C ALA Q 284 -19.24 24.37 -78.41
N GLU Q 285 -20.52 24.38 -78.07
CA GLU Q 285 -21.03 25.46 -77.24
C GLU Q 285 -20.38 25.46 -75.86
N ARG Q 286 -20.19 24.27 -75.28
CA ARG Q 286 -19.44 24.16 -74.03
C ARG Q 286 -18.03 24.70 -74.16
N GLY Q 287 -17.33 24.32 -75.22
CA GLY Q 287 -15.98 24.81 -75.40
C GLY Q 287 -15.92 26.32 -75.53
N TYR Q 288 -16.86 26.89 -76.30
CA TYR Q 288 -16.88 28.34 -76.44
C TYR Q 288 -17.19 29.04 -75.13
N MET Q 289 -18.15 28.51 -74.37
CA MET Q 289 -18.45 29.11 -73.07
C MET Q 289 -17.23 29.08 -72.16
N VAL Q 290 -16.61 27.91 -72.04
CA VAL Q 290 -15.45 27.77 -71.18
C VAL Q 290 -14.30 28.66 -71.65
N GLU Q 291 -14.09 28.76 -72.96
CA GLU Q 291 -13.04 29.62 -73.47
C GLU Q 291 -13.32 31.10 -73.23
N HIS Q 292 -14.57 31.53 -73.33
CA HIS Q 292 -14.93 32.87 -72.90
C HIS Q 292 -14.63 33.11 -71.44
N LEU Q 293 -14.96 32.16 -70.58
CA LEU Q 293 -14.63 32.24 -69.17
C LEU Q 293 -13.13 32.30 -68.93
N GLU Q 294 -12.37 31.51 -69.69
CA GLU Q 294 -10.91 31.58 -69.64
C GLU Q 294 -10.44 32.98 -70.01
N GLN Q 295 -11.01 33.53 -71.08
CA GLN Q 295 -10.73 34.91 -71.44
C GLN Q 295 -10.91 35.82 -70.24
N GLN Q 296 -12.05 35.71 -69.60
CA GLN Q 296 -12.41 36.56 -68.47
C GLN Q 296 -11.42 36.41 -67.31
N TYR Q 297 -11.10 35.18 -66.93
CA TYR Q 297 -10.17 34.98 -65.83
C TYR Q 297 -8.79 35.50 -66.13
N LEU Q 298 -8.19 35.10 -67.26
CA LEU Q 298 -6.87 35.61 -67.59
C LEU Q 298 -6.86 37.13 -67.59
N LEU Q 299 -7.81 37.73 -68.30
CA LEU Q 299 -7.83 39.18 -68.41
C LEU Q 299 -8.07 39.82 -67.06
N LYS Q 300 -9.07 39.34 -66.32
CA LYS Q 300 -9.35 39.93 -65.02
C LYS Q 300 -8.13 39.88 -64.12
N LEU Q 301 -7.38 38.78 -64.17
CA LEU Q 301 -6.20 38.66 -63.32
C LEU Q 301 -5.03 39.49 -63.79
N PHE Q 302 -4.80 39.58 -65.09
CA PHE Q 302 -3.65 40.28 -65.65
C PHE Q 302 -4.11 41.36 -66.62
N PRO Q 303 -4.15 42.61 -66.17
CA PRO Q 303 -4.23 43.72 -67.14
C PRO Q 303 -2.98 43.75 -68.00
N VAL Q 304 -3.17 43.98 -69.30
CA VAL Q 304 -2.07 43.77 -70.23
C VAL Q 304 -0.91 44.70 -69.93
N GLN Q 305 -1.19 45.91 -69.45
CA GLN Q 305 -0.13 46.88 -69.21
C GLN Q 305 0.88 46.38 -68.19
N LYS Q 306 0.50 45.39 -67.38
CA LYS Q 306 1.32 45.00 -66.25
C LYS Q 306 2.22 43.80 -66.52
N ARG Q 307 2.24 43.25 -67.74
CA ARG Q 307 3.28 42.27 -68.05
C ARG Q 307 4.47 42.95 -68.69
N ILE Q 308 5.65 42.37 -68.50
CA ILE Q 308 6.82 42.71 -69.29
C ILE Q 308 6.97 41.67 -70.38
N GLN Q 309 6.88 42.11 -71.64
CA GLN Q 309 7.07 41.20 -72.76
C GLN Q 309 8.47 40.61 -72.74
N LEU Q 310 9.44 41.38 -72.26
CA LEU Q 310 10.81 40.91 -72.09
C LEU Q 310 11.53 40.75 -73.42
N LYS Q 311 12.78 41.19 -73.47
CA LYS Q 311 13.58 41.11 -74.68
C LYS Q 311 14.34 39.80 -74.71
N THR Q 312 14.39 39.19 -75.89
CA THR Q 312 15.02 37.89 -76.06
C THR Q 312 16.51 38.09 -76.32
N MET Q 313 17.26 36.99 -76.33
CA MET Q 313 18.67 37.06 -76.71
C MET Q 313 18.84 37.56 -78.13
N LEU Q 314 18.01 37.08 -79.07
CA LEU Q 314 18.09 37.58 -80.44
C LEU Q 314 17.76 39.06 -80.53
N GLN Q 315 16.69 39.50 -79.89
CA GLN Q 315 16.32 40.92 -79.91
C GLN Q 315 17.21 41.75 -79.02
N LEU Q 316 18.14 41.12 -78.31
CA LEU Q 316 19.14 41.82 -77.53
C LEU Q 316 20.44 41.96 -78.29
N VAL Q 317 20.44 41.63 -79.58
CA VAL Q 317 21.64 41.63 -80.41
C VAL Q 317 21.23 41.86 -81.86
N GLY Q 318 22.20 42.25 -82.69
CA GLY Q 318 21.95 42.50 -84.10
C GLY Q 318 21.40 41.31 -84.85
N GLU Q 319 20.31 41.53 -85.60
CA GLU Q 319 19.70 40.44 -86.35
C GLU Q 319 20.65 39.90 -87.42
N LYS Q 320 21.20 40.79 -88.26
CA LYS Q 320 22.24 40.39 -89.19
C LYS Q 320 23.26 41.52 -89.36
N GLY Q 321 23.42 42.34 -88.32
CA GLY Q 321 24.38 43.43 -88.34
C GLY Q 321 23.79 44.83 -88.41
N LYS Q 322 22.53 44.97 -88.81
CA LYS Q 322 21.86 46.28 -88.83
C LYS Q 322 21.26 46.59 -87.46
N ALA Q 323 21.73 45.88 -86.44
CA ALA Q 323 21.20 45.94 -85.08
C ALA Q 323 22.35 45.67 -84.12
N GLY Q 324 22.04 45.27 -82.90
CA GLY Q 324 23.09 45.02 -81.93
C GLY Q 324 22.94 45.83 -80.67
N LYS Q 325 21.70 46.11 -80.29
CA LYS Q 325 21.38 46.77 -79.03
C LYS Q 325 22.04 45.99 -77.89
N GLU Q 326 23.00 46.64 -77.23
CA GLU Q 326 23.71 46.03 -76.12
C GLU Q 326 24.42 44.75 -76.51
N GLU Q 327 25.44 44.87 -77.36
CA GLU Q 327 26.32 43.73 -77.61
C GLU Q 327 26.60 42.99 -76.31
N ILE Q 328 26.46 41.66 -76.35
CA ILE Q 328 26.58 40.85 -75.15
C ILE Q 328 28.05 40.58 -74.87
N LYS Q 329 28.71 39.88 -75.79
CA LYS Q 329 30.13 39.59 -75.68
C LYS Q 329 30.35 38.59 -74.55
N VAL Q 330 31.09 37.52 -74.83
CA VAL Q 330 31.33 36.47 -73.85
C VAL Q 330 32.74 35.95 -74.03
N LYS Q 331 33.14 35.04 -73.14
CA LYS Q 331 34.48 34.48 -73.17
C LYS Q 331 34.44 33.08 -73.77
N THR Q 332 35.24 32.86 -74.81
CA THR Q 332 35.46 31.53 -75.35
C THR Q 332 36.70 30.86 -74.77
N GLU Q 333 37.66 31.65 -74.29
CA GLU Q 333 38.84 31.18 -73.59
C GLU Q 333 38.69 31.46 -72.11
N PRO Q 334 39.24 30.62 -71.25
CA PRO Q 334 39.21 30.92 -69.81
C PRO Q 334 39.86 32.25 -69.49
N SER Q 335 40.88 32.65 -70.26
CA SER Q 335 41.56 33.90 -69.96
C SER Q 335 40.75 35.10 -70.41
N MET Q 336 40.61 35.29 -71.72
CA MET Q 336 39.66 36.24 -72.30
C MET Q 336 39.50 37.50 -71.46
N GLN Q 337 40.57 38.24 -71.24
CA GLN Q 337 40.58 39.32 -70.26
C GLN Q 337 39.85 40.54 -70.81
N ASP Q 338 38.59 40.31 -71.19
CA ASP Q 338 37.65 41.39 -71.45
C ASP Q 338 37.90 42.13 -72.75
N ILE Q 339 39.01 41.80 -73.43
CA ILE Q 339 39.26 42.36 -74.75
C ILE Q 339 39.13 41.31 -75.83
N ASP Q 340 39.36 40.05 -75.49
CA ASP Q 340 39.22 38.95 -76.44
C ASP Q 340 37.83 38.33 -76.43
N ALA Q 341 36.91 38.85 -75.62
CA ALA Q 341 35.55 38.33 -75.64
C ALA Q 341 34.98 38.48 -77.05
N ILE Q 342 34.79 37.35 -77.72
CA ILE Q 342 34.46 37.37 -79.14
C ILE Q 342 32.96 37.36 -79.34
N ASP Q 343 32.35 38.53 -79.23
CA ASP Q 343 30.92 38.74 -79.53
C ASP Q 343 30.11 37.58 -78.93
N VAL Q 344 28.91 37.38 -79.46
CA VAL Q 344 28.12 36.17 -79.24
C VAL Q 344 27.75 35.65 -80.62
N ARG Q 345 27.25 36.56 -81.46
CA ARG Q 345 26.88 36.23 -82.83
C ARG Q 345 28.03 35.55 -83.57
N GLN Q 346 29.20 36.17 -83.56
CA GLN Q 346 30.34 35.62 -84.27
C GLN Q 346 30.84 34.31 -83.69
N ALA Q 347 30.87 34.18 -82.36
CA ALA Q 347 31.26 32.92 -81.76
C ALA Q 347 30.33 31.80 -82.21
N ILE Q 348 29.03 32.07 -82.20
CA ILE Q 348 28.08 31.06 -82.65
C ILE Q 348 28.27 30.74 -84.12
N GLY Q 349 28.44 31.77 -84.95
CA GLY Q 349 28.62 31.53 -86.37
C GLY Q 349 29.86 30.70 -86.65
N ASP Q 350 30.96 31.01 -85.96
CA ASP Q 350 32.18 30.22 -86.12
C ASP Q 350 31.96 28.78 -85.67
N ALA Q 351 31.35 28.59 -84.50
CA ALA Q 351 31.12 27.23 -84.03
C ALA Q 351 30.32 26.43 -85.03
N VAL Q 352 29.22 27.00 -85.52
CA VAL Q 352 28.38 26.29 -86.49
C VAL Q 352 29.14 26.03 -87.77
N ARG Q 353 29.80 27.04 -88.32
CA ARG Q 353 30.45 26.91 -89.61
C ARG Q 353 31.55 25.86 -89.57
N GLU Q 354 32.38 25.88 -88.53
CA GLU Q 354 33.49 24.95 -88.46
C GLU Q 354 33.05 23.55 -88.04
N GLY Q 355 32.09 23.44 -87.13
CA GLY Q 355 31.62 22.13 -86.70
C GLY Q 355 30.65 21.55 -87.70
N LEU Q 356 30.35 22.32 -88.74
CA LEU Q 356 29.43 21.89 -89.78
C LEU Q 356 30.08 21.86 -91.16
N ASN Q 357 31.30 22.37 -91.29
CA ASN Q 357 31.90 22.54 -92.60
C ASN Q 357 30.92 23.30 -93.49
N LEU Q 358 30.53 24.49 -93.05
CA LEU Q 358 29.38 25.18 -93.62
C LEU Q 358 29.72 26.44 -94.40
N ARG Q 359 30.88 27.06 -94.19
CA ARG Q 359 31.22 28.29 -94.90
C ARG Q 359 30.39 29.45 -94.34
N GLU Q 360 30.74 30.68 -94.67
CA GLU Q 360 30.08 31.87 -94.11
C GLU Q 360 29.11 32.50 -95.09
N GLY Q 361 28.37 31.71 -95.84
CA GLY Q 361 27.30 32.24 -96.66
C GLY Q 361 26.13 32.68 -95.82
N SER Q 362 24.94 32.76 -96.42
CA SER Q 362 23.73 33.11 -95.70
C SER Q 362 23.09 31.92 -94.98
N ASP Q 363 23.47 30.70 -95.36
CA ASP Q 363 22.93 29.53 -94.69
C ASP Q 363 23.37 29.45 -93.24
N ALA Q 364 24.67 29.59 -92.99
CA ALA Q 364 25.15 29.64 -91.61
C ALA Q 364 24.58 30.84 -90.88
N ASP Q 365 24.44 31.96 -91.59
CA ASP Q 365 23.89 33.17 -90.99
C ASP Q 365 22.51 32.87 -90.43
N MET Q 366 21.63 32.31 -91.26
CA MET Q 366 20.31 31.96 -90.77
C MET Q 366 20.40 30.88 -89.70
N TYR Q 367 21.06 29.77 -89.98
CA TYR Q 367 21.18 28.71 -89.00
C TYR Q 367 21.49 29.25 -87.61
N VAL Q 368 22.46 30.16 -87.51
CA VAL Q 368 22.74 30.85 -86.26
C VAL Q 368 21.61 31.78 -85.84
N ASN Q 369 20.89 32.37 -86.78
CA ASN Q 369 19.74 33.18 -86.40
C ASN Q 369 18.71 32.37 -85.64
N GLU Q 370 18.38 31.18 -86.14
CA GLU Q 370 17.53 30.24 -85.40
C GLU Q 370 18.35 29.42 -84.41
N LEU Q 371 19.57 29.86 -84.14
CA LEU Q 371 20.33 29.32 -83.03
C LEU Q 371 20.16 30.28 -81.86
N LEU Q 372 19.94 31.54 -82.20
CA LEU Q 372 19.74 32.61 -81.25
C LEU Q 372 18.30 32.72 -80.79
N LYS Q 373 17.44 31.80 -81.22
CA LYS Q 373 16.03 31.83 -80.86
C LYS Q 373 15.74 31.01 -79.61
N GLN Q 374 16.57 30.02 -79.31
CA GLN Q 374 16.28 29.08 -78.24
C GLN Q 374 16.46 29.76 -76.88
N PRO Q 375 15.91 29.18 -75.82
CA PRO Q 375 16.08 29.77 -74.48
C PRO Q 375 17.55 29.96 -74.13
N VAL Q 376 17.84 30.99 -73.35
CA VAL Q 376 19.22 31.40 -73.11
C VAL Q 376 20.05 30.28 -72.52
N ARG Q 377 19.50 29.56 -71.55
CA ARG Q 377 20.23 28.48 -70.90
C ARG Q 377 20.76 27.48 -71.90
N LEU Q 378 19.96 27.14 -72.92
CA LEU Q 378 20.39 26.19 -73.94
C LEU Q 378 21.71 26.61 -74.56
N LEU Q 379 21.79 27.85 -75.05
CA LEU Q 379 23.01 28.33 -75.67
C LEU Q 379 24.15 28.50 -74.69
N MET Q 380 23.88 29.04 -73.49
CA MET Q 380 24.95 29.21 -72.52
C MET Q 380 25.58 27.88 -72.13
N GLN Q 381 24.82 26.79 -72.17
CA GLN Q 381 25.37 25.46 -71.99
C GLN Q 381 26.09 24.95 -73.21
N VAL Q 382 25.45 25.03 -74.38
CA VAL Q 382 25.99 24.38 -75.57
C VAL Q 382 27.24 25.06 -76.11
N LEU Q 383 27.43 26.35 -75.84
CA LEU Q 383 28.59 27.03 -76.37
C LEU Q 383 29.62 27.27 -75.27
N GLN Q 384 29.35 26.76 -74.07
CA GLN Q 384 30.34 26.80 -73.02
C GLN Q 384 30.94 25.42 -72.83
N ASP Q 385 30.19 24.39 -73.23
CA ASP Q 385 30.77 23.05 -73.32
C ASP Q 385 31.52 22.82 -74.62
N PHE Q 386 31.06 23.39 -75.72
CA PHE Q 386 31.81 23.31 -76.97
C PHE Q 386 33.20 23.90 -76.82
N TYR Q 387 33.28 25.15 -76.33
CA TYR Q 387 34.58 25.79 -76.17
C TYR Q 387 35.38 25.10 -75.08
N THR Q 388 34.70 24.63 -74.03
CA THR Q 388 35.38 23.92 -72.96
C THR Q 388 36.14 22.72 -73.50
N LYS Q 389 35.43 21.85 -74.25
CA LYS Q 389 36.08 20.69 -74.82
C LYS Q 389 37.10 21.06 -75.88
N LYS Q 390 36.83 22.11 -76.68
CA LYS Q 390 37.83 22.54 -77.65
C LYS Q 390 39.14 22.90 -76.96
N TYR Q 391 39.05 23.67 -75.87
CA TYR Q 391 40.26 24.02 -75.12
C TYR Q 391 40.93 22.78 -74.57
N HIS Q 392 40.15 21.88 -73.98
CA HIS Q 392 40.75 20.69 -73.39
C HIS Q 392 41.47 19.85 -74.44
N ALA Q 393 40.86 19.70 -75.61
CA ALA Q 393 41.48 18.94 -76.68
C ALA Q 393 42.73 19.62 -77.22
N THR Q 394 42.72 20.95 -77.33
CA THR Q 394 43.87 21.69 -77.83
C THR Q 394 44.92 21.87 -76.73
N SER Q 395 44.64 21.35 -75.54
CA SER Q 395 45.58 21.35 -74.43
C SER Q 395 45.51 22.67 -73.68
N SER Q 412 38.50 17.09 -83.82
CA SER Q 412 37.63 17.66 -84.83
C SER Q 412 36.71 18.71 -84.25
N VAL Q 413 36.33 19.68 -85.07
CA VAL Q 413 35.35 20.68 -84.65
C VAL Q 413 33.94 20.13 -84.78
N PRO Q 414 33.59 19.52 -85.92
CA PRO Q 414 32.24 18.98 -86.10
C PRO Q 414 31.86 17.92 -85.08
N ASN Q 415 32.76 17.03 -84.69
CA ASN Q 415 32.45 16.02 -83.69
C ASN Q 415 32.33 16.60 -82.29
N LEU Q 416 33.19 17.54 -81.92
CA LEU Q 416 33.00 18.24 -80.66
C LEU Q 416 31.66 18.97 -80.62
N LEU Q 417 31.33 19.72 -81.67
CA LEU Q 417 30.05 20.38 -81.78
C LEU Q 417 28.89 19.38 -81.74
N ARG Q 418 29.02 18.26 -82.45
CA ARG Q 418 28.05 17.18 -82.34
C ARG Q 418 27.84 16.73 -80.91
N ASN Q 419 28.91 16.55 -80.16
CA ASN Q 419 28.79 16.14 -78.77
C ASN Q 419 27.97 17.12 -77.95
N ALA Q 420 28.19 18.42 -78.12
CA ALA Q 420 27.44 19.41 -77.35
C ALA Q 420 25.96 19.39 -77.71
N LEU Q 421 25.64 19.44 -79.00
CA LEU Q 421 24.24 19.42 -79.40
C LEU Q 421 23.58 18.11 -79.02
N TYR Q 422 24.36 17.03 -78.91
CA TYR Q 422 23.78 15.75 -78.50
C TYR Q 422 23.05 15.89 -77.17
N GLY Q 423 23.72 16.43 -76.16
CA GLY Q 423 23.05 16.71 -74.92
C GLY Q 423 22.19 17.95 -74.93
N SER Q 424 22.44 18.86 -75.86
CA SER Q 424 21.61 20.05 -76.01
C SER Q 424 20.18 19.70 -76.40
N MET Q 425 20.00 18.72 -77.29
CA MET Q 425 18.70 18.36 -77.82
C MET Q 425 18.36 16.89 -77.60
N LEU Q 426 19.07 16.22 -76.68
CA LEU Q 426 18.82 14.81 -76.44
C LEU Q 426 17.34 14.53 -76.18
N SER Q 427 16.70 15.40 -75.40
CA SER Q 427 15.27 15.24 -75.17
C SER Q 427 14.50 15.26 -76.49
N ASN Q 428 14.73 16.30 -77.29
CA ASN Q 428 14.02 16.41 -78.56
C ASN Q 428 14.37 15.25 -79.48
N ILE Q 429 15.65 14.90 -79.55
CA ILE Q 429 16.04 13.75 -80.38
C ILE Q 429 15.44 12.46 -79.87
N TYR Q 430 15.47 12.23 -78.57
CA TYR Q 430 14.93 10.99 -78.01
C TYR Q 430 13.42 10.91 -78.24
N ARG Q 431 12.76 12.05 -78.31
CA ARG Q 431 11.35 12.07 -78.66
C ARG Q 431 11.12 11.89 -80.15
N ALA Q 432 12.04 12.36 -80.99
CA ALA Q 432 11.96 12.15 -82.41
C ALA Q 432 12.17 10.68 -82.79
N GLY Q 433 12.62 9.86 -81.85
CA GLY Q 433 12.85 8.46 -82.14
C GLY Q 433 14.14 8.17 -82.86
N LEU Q 434 14.96 9.18 -83.10
CA LEU Q 434 16.24 9.01 -83.78
C LEU Q 434 17.26 8.42 -82.82
N ASN Q 435 18.38 7.94 -83.36
CA ASN Q 435 19.35 7.16 -82.60
C ASN Q 435 19.69 7.81 -81.27
N TYR Q 436 19.37 7.12 -80.18
CA TYR Q 436 19.88 7.44 -78.85
C TYR Q 436 21.24 6.82 -78.62
N GLU Q 437 21.45 5.61 -79.14
CA GLU Q 437 22.66 4.86 -78.88
C GLU Q 437 23.84 5.56 -79.55
N GLN Q 438 24.72 6.11 -78.71
CA GLN Q 438 25.87 6.88 -79.19
C GLN Q 438 26.85 6.06 -80.00
N HIS Q 439 27.08 4.81 -79.61
CA HIS Q 439 28.06 3.96 -80.27
C HIS Q 439 27.53 3.29 -81.53
N ARG Q 440 26.29 3.57 -81.92
CA ARG Q 440 25.84 3.35 -83.30
C ARG Q 440 25.58 4.68 -84.02
N PHE Q 441 26.48 5.65 -83.82
CA PHE Q 441 26.38 6.86 -84.62
C PHE Q 441 26.74 6.52 -86.07
N GLY Q 442 28.00 6.14 -86.29
CA GLY Q 442 28.44 5.71 -87.60
C GLY Q 442 27.99 6.66 -88.69
N MET Q 443 28.00 6.13 -89.92
CA MET Q 443 27.32 6.75 -91.03
C MET Q 443 26.11 5.94 -91.47
N ASP Q 444 25.96 4.73 -90.95
CA ASP Q 444 24.81 3.89 -91.25
C ASP Q 444 23.57 4.38 -90.52
N SER Q 445 23.66 4.47 -89.19
CA SER Q 445 22.55 5.00 -88.42
C SER Q 445 22.18 6.42 -88.86
N LEU Q 446 23.16 7.20 -89.32
CA LEU Q 446 22.86 8.55 -89.78
C LEU Q 446 21.85 8.53 -90.91
N CYS Q 447 21.95 7.56 -91.81
CA CYS Q 447 20.98 7.48 -92.91
C CYS Q 447 19.57 7.29 -92.40
N LYS Q 448 19.35 6.32 -91.50
CA LYS Q 448 18.02 6.20 -90.91
C LYS Q 448 17.62 7.49 -90.23
N ASP Q 449 18.57 8.15 -89.57
CA ASP Q 449 18.25 9.33 -88.80
C ASP Q 449 17.69 10.43 -89.70
N ILE Q 450 18.37 10.70 -90.82
CA ILE Q 450 17.86 11.69 -91.75
C ILE Q 450 16.54 11.23 -92.37
N PHE Q 451 16.47 9.96 -92.78
CA PHE Q 451 15.25 9.50 -93.43
C PHE Q 451 14.05 9.63 -92.49
N THR Q 452 14.29 9.50 -91.19
CA THR Q 452 13.23 9.68 -90.21
C THR Q 452 12.91 11.15 -90.00
N TYR Q 453 13.92 11.97 -89.69
CA TYR Q 453 13.70 13.39 -89.50
C TYR Q 453 12.88 13.97 -90.63
N VAL Q 454 13.23 13.63 -91.88
CA VAL Q 454 12.52 14.18 -93.03
C VAL Q 454 11.06 13.75 -93.06
N LYS Q 455 10.76 12.48 -92.83
CA LYS Q 455 9.37 12.06 -92.87
C LYS Q 455 8.52 12.77 -91.82
N GLN Q 456 9.02 12.94 -90.60
CA GLN Q 456 8.31 13.73 -89.62
C GLN Q 456 8.19 15.20 -90.03
N ASP Q 457 9.24 15.77 -90.59
CA ASP Q 457 9.15 17.09 -91.20
C ASP Q 457 8.39 17.06 -92.51
N ARG Q 458 7.84 15.91 -92.88
CA ARG Q 458 7.11 15.78 -94.13
C ARG Q 458 8.05 16.03 -95.30
N ASP Q 459 7.97 17.21 -95.89
CA ASP Q 459 8.84 17.62 -96.99
C ASP Q 459 8.94 16.54 -98.06
N PHE Q 460 10.07 15.82 -98.08
CA PHE Q 460 10.45 14.86 -99.09
C PHE Q 460 11.06 15.54 -100.31
N ASN Q 461 11.31 16.85 -100.26
CA ASN Q 461 11.90 17.56 -101.40
C ASN Q 461 13.22 18.23 -101.06
N THR Q 462 13.35 18.84 -99.88
CA THR Q 462 14.60 19.46 -99.47
C THR Q 462 14.89 19.21 -97.99
N GLY Q 463 14.15 18.29 -97.36
CA GLY Q 463 14.33 18.08 -95.93
C GLY Q 463 15.76 17.71 -95.59
N PHE Q 464 16.38 16.90 -96.43
CA PHE Q 464 17.80 16.61 -96.30
C PHE Q 464 18.62 17.88 -96.07
N TYR Q 465 18.19 19.00 -96.65
CA TYR Q 465 18.84 20.27 -96.37
C TYR Q 465 18.85 20.58 -94.89
N LEU Q 466 17.85 20.12 -94.16
CA LEU Q 466 17.83 20.17 -92.70
C LEU Q 466 17.96 21.59 -92.17
N ARG Q 467 17.55 22.58 -92.95
CA ARG Q 467 17.57 23.94 -92.45
C ARG Q 467 16.55 24.10 -91.34
N PRO Q 468 16.95 24.72 -90.24
CA PRO Q 468 16.03 24.87 -89.11
C PRO Q 468 14.88 25.79 -89.46
N GLN Q 469 13.99 25.31 -90.32
CA GLN Q 469 12.85 26.09 -90.80
C GLN Q 469 11.53 25.49 -90.34
N SER Q 470 11.55 24.25 -89.85
CA SER Q 470 10.33 23.55 -89.46
C SER Q 470 9.57 24.34 -88.40
N GLU Q 471 8.34 23.91 -88.15
CA GLU Q 471 7.52 24.54 -87.13
C GLU Q 471 7.83 24.01 -85.73
N SER Q 472 8.10 22.72 -85.61
CA SER Q 472 8.39 22.15 -84.31
C SER Q 472 9.80 22.50 -83.89
N GLU Q 473 9.92 23.20 -82.77
CA GLU Q 473 11.18 23.70 -82.27
C GLU Q 473 12.19 22.58 -82.08
N ALA Q 474 11.73 21.37 -81.78
CA ALA Q 474 12.61 20.21 -81.72
C ALA Q 474 13.17 19.85 -83.08
N LEU Q 475 12.39 19.93 -84.15
CA LEU Q 475 12.92 19.77 -85.49
C LEU Q 475 13.87 20.89 -85.86
N ARG Q 476 13.59 22.12 -85.44
CA ARG Q 476 14.54 23.19 -85.66
C ARG Q 476 15.93 22.87 -85.14
N ASN Q 477 16.03 22.18 -84.01
CA ASN Q 477 17.31 21.77 -83.44
C ASN Q 477 17.74 20.39 -83.94
N CYS Q 478 16.79 19.52 -84.22
CA CYS Q 478 17.13 18.21 -84.75
C CYS Q 478 17.83 18.34 -86.10
N SER Q 479 17.37 19.27 -86.93
CA SER Q 479 17.98 19.48 -88.24
C SER Q 479 19.43 19.94 -88.10
N ILE Q 480 19.68 20.86 -87.17
CA ILE Q 480 21.04 21.33 -86.96
C ILE Q 480 21.91 20.20 -86.45
N TYR Q 481 21.39 19.41 -85.51
CA TYR Q 481 22.16 18.26 -85.05
C TYR Q 481 22.46 17.29 -86.18
N LEU Q 482 21.50 17.09 -87.08
CA LEU Q 482 21.72 16.17 -88.19
C LEU Q 482 22.75 16.71 -89.16
N ALA Q 483 22.74 18.02 -89.40
CA ALA Q 483 23.79 18.62 -90.22
C ALA Q 483 25.15 18.40 -89.58
N SER Q 484 25.24 18.57 -88.27
CA SER Q 484 26.50 18.29 -87.58
C SER Q 484 26.88 16.82 -87.74
N GLN Q 485 25.91 15.91 -87.57
CA GLN Q 485 26.14 14.49 -87.75
C GLN Q 485 26.72 14.18 -89.12
N VAL Q 486 26.16 14.75 -90.17
CA VAL Q 486 26.60 14.43 -91.52
C VAL Q 486 28.03 14.89 -91.72
N SER Q 487 28.36 16.12 -91.31
CA SER Q 487 29.73 16.60 -91.46
C SER Q 487 30.70 15.74 -90.67
N GLU Q 488 30.36 15.44 -89.42
CA GLU Q 488 31.18 14.58 -88.57
C GLU Q 488 31.44 13.25 -89.25
N ASN Q 489 30.39 12.64 -89.80
CA ASN Q 489 30.51 11.31 -90.36
C ASN Q 489 31.27 11.32 -91.68
N CYS Q 490 31.15 12.40 -92.45
CA CYS Q 490 31.64 12.43 -93.82
C CYS Q 490 33.02 13.03 -93.98
N GLN Q 491 33.50 13.82 -93.00
CA GLN Q 491 34.78 14.49 -93.16
C GLN Q 491 35.87 13.50 -93.53
N GLY Q 492 36.64 13.81 -94.56
CA GLY Q 492 37.80 13.03 -94.93
C GLY Q 492 37.52 11.69 -95.56
N SER Q 493 36.40 11.52 -96.26
CA SER Q 493 36.03 10.23 -96.82
C SER Q 493 35.23 10.43 -98.08
N LEU Q 494 35.85 10.17 -99.24
CA LEU Q 494 35.13 10.30 -100.50
C LEU Q 494 34.04 9.24 -100.63
N SER Q 495 34.39 7.99 -100.36
CA SER Q 495 33.39 6.92 -100.42
C SER Q 495 32.30 7.09 -99.38
N LYS Q 496 32.64 7.53 -98.17
CA LYS Q 496 31.62 7.83 -97.18
C LYS Q 496 30.73 8.99 -97.61
N PHE Q 497 31.30 10.02 -98.22
CA PHE Q 497 30.49 11.08 -98.80
C PHE Q 497 29.53 10.52 -99.83
N LEU Q 498 30.01 9.64 -100.69
CA LEU Q 498 29.15 9.03 -101.70
C LEU Q 498 28.03 8.25 -101.03
N GLN Q 499 28.38 7.43 -100.02
CA GLN Q 499 27.38 6.65 -99.31
C GLN Q 499 26.31 7.55 -98.71
N MET Q 500 26.71 8.62 -98.05
CA MET Q 500 25.72 9.52 -97.48
C MET Q 500 24.87 10.16 -98.56
N LEU Q 501 25.50 10.91 -99.47
CA LEU Q 501 24.77 11.59 -100.53
C LEU Q 501 23.78 10.64 -101.19
N LEU Q 502 24.15 9.36 -101.31
CA LEU Q 502 23.25 8.42 -101.96
C LEU Q 502 22.14 8.00 -101.01
N VAL Q 503 22.49 7.31 -99.93
CA VAL Q 503 21.51 6.69 -99.06
C VAL Q 503 20.57 7.68 -98.41
N GLY Q 504 21.04 8.86 -98.02
CA GLY Q 504 20.16 9.85 -97.45
C GLY Q 504 19.38 10.60 -98.50
N CYS Q 505 20.08 11.17 -99.49
CA CYS Q 505 19.40 12.02 -100.47
C CYS Q 505 18.50 11.20 -101.39
N GLY Q 506 19.09 10.29 -102.16
CA GLY Q 506 18.33 9.56 -103.15
C GLY Q 506 17.23 8.71 -102.55
N SER Q 507 17.45 8.17 -101.36
CA SER Q 507 16.41 7.36 -100.74
C SER Q 507 15.12 8.14 -100.59
N VAL Q 508 15.19 9.32 -99.96
CA VAL Q 508 14.00 10.15 -99.79
C VAL Q 508 13.51 10.65 -101.14
N SER Q 509 14.45 11.04 -102.01
CA SER Q 509 14.08 11.56 -103.31
C SER Q 509 13.25 10.57 -104.10
N ILE Q 510 13.60 9.29 -104.03
CA ILE Q 510 12.87 8.27 -104.76
C ILE Q 510 11.62 7.83 -104.02
N PHE Q 511 11.66 7.82 -102.68
CA PHE Q 511 10.44 7.54 -101.94
C PHE Q 511 9.35 8.53 -102.30
N ASN Q 512 9.68 9.82 -102.28
CA ASN Q 512 8.72 10.86 -102.60
C ASN Q 512 8.24 10.76 -104.03
N GLN Q 513 9.19 10.69 -104.97
CA GLN Q 513 8.82 10.79 -106.38
C GLN Q 513 8.14 9.52 -106.87
N PHE Q 514 8.52 8.37 -106.34
CA PHE Q 514 8.10 7.09 -106.87
C PHE Q 514 7.27 6.27 -105.88
N VAL Q 515 7.59 6.31 -104.59
CA VAL Q 515 6.97 5.41 -103.62
C VAL Q 515 5.82 6.11 -102.93
N THR Q 516 5.59 7.37 -103.28
CA THR Q 516 4.49 8.14 -102.73
C THR Q 516 3.19 7.94 -103.50
N GLU Q 517 3.14 6.92 -104.37
CA GLU Q 517 1.97 6.67 -105.20
C GLU Q 517 0.96 5.73 -104.54
N LEU Q 518 1.23 5.26 -103.33
CA LEU Q 518 0.38 4.27 -102.68
C LEU Q 518 -0.58 4.89 -101.67
N ALA Q 519 -0.06 5.72 -100.77
CA ALA Q 519 -0.89 6.33 -99.73
C ALA Q 519 -1.82 7.40 -100.30
N ASP Q 524 -4.18 6.82 -95.77
CA ASP Q 524 -3.98 6.33 -94.42
C ASP Q 524 -2.61 6.74 -93.89
N ARG Q 525 -2.41 6.57 -92.57
CA ARG Q 525 -1.14 6.97 -91.96
C ARG Q 525 -0.41 5.75 -91.40
N GLU Q 526 -1.13 4.83 -90.77
CA GLU Q 526 -0.49 3.57 -90.38
C GLU Q 526 -0.05 2.80 -91.61
N LYS Q 527 -0.88 2.80 -92.65
CA LYS Q 527 -0.47 2.21 -93.92
C LYS Q 527 0.78 2.89 -94.46
N PHE Q 528 0.83 4.22 -94.37
CA PHE Q 528 2.00 4.96 -94.81
C PHE Q 528 3.24 4.56 -94.03
N GLU Q 529 3.09 4.41 -92.72
CA GLU Q 529 4.23 3.99 -91.89
C GLU Q 529 4.69 2.59 -92.25
N GLN Q 530 3.77 1.67 -92.50
CA GLN Q 530 4.17 0.34 -92.93
C GLN Q 530 4.88 0.40 -94.27
N LEU Q 531 4.39 1.24 -95.18
CA LEU Q 531 5.04 1.39 -96.47
C LEU Q 531 6.46 1.92 -96.32
N ILE Q 532 6.64 2.94 -95.47
CA ILE Q 532 7.98 3.47 -95.28
C ILE Q 532 8.87 2.43 -94.64
N SER Q 533 8.33 1.61 -93.74
CA SER Q 533 9.12 0.54 -93.14
C SER Q 533 9.59 -0.46 -94.18
N GLU Q 534 8.67 -0.92 -95.04
CA GLU Q 534 9.06 -1.85 -96.09
C GLU Q 534 10.06 -1.21 -97.04
N TYR Q 535 9.87 0.07 -97.35
CA TYR Q 535 10.78 0.81 -98.21
C TYR Q 535 12.20 0.81 -97.63
N VAL Q 536 12.32 1.21 -96.36
CA VAL Q 536 13.61 1.24 -95.69
C VAL Q 536 14.23 -0.16 -95.64
N ALA Q 537 13.45 -1.17 -95.30
CA ALA Q 537 13.99 -2.52 -95.25
C ALA Q 537 14.50 -2.93 -96.63
N TYR Q 538 13.74 -2.61 -97.67
CA TYR Q 538 14.14 -3.01 -99.02
C TYR Q 538 15.47 -2.37 -99.40
N MET Q 539 15.64 -1.08 -99.11
CA MET Q 539 16.89 -0.45 -99.50
C MET Q 539 18.00 -0.57 -98.45
N SER Q 540 17.74 -1.24 -97.33
CA SER Q 540 18.77 -1.45 -96.32
C SER Q 540 19.39 -0.12 -95.89
N VAL Q 541 18.60 0.94 -96.02
CA VAL Q 541 19.05 2.29 -95.72
C VAL Q 541 19.59 2.32 -94.30
N GLY Q 542 20.88 2.66 -94.16
CA GLY Q 542 21.48 2.74 -92.86
C GLY Q 542 21.96 1.38 -92.37
N ARG Q 543 21.53 0.34 -93.04
CA ARG Q 543 22.04 -1.01 -92.77
C ARG Q 543 22.68 -1.53 -94.04
N ILE Q 544 23.05 -0.62 -94.92
CA ILE Q 544 23.45 -0.97 -96.28
C ILE Q 544 24.66 -1.90 -96.23
N GLU Q 545 24.62 -2.95 -97.04
CA GLU Q 545 25.79 -3.79 -97.22
C GLU Q 545 26.85 -3.01 -97.98
N SER Q 546 26.44 -2.32 -99.05
CA SER Q 546 27.36 -1.50 -99.81
C SER Q 546 26.58 -0.63 -100.79
N ALA Q 547 27.29 0.35 -101.35
CA ALA Q 547 26.69 1.26 -102.30
C ALA Q 547 26.19 0.53 -103.55
N SER Q 548 26.94 -0.48 -103.99
CA SER Q 548 26.51 -1.22 -105.18
C SER Q 548 25.18 -1.92 -104.93
N HIS Q 549 25.02 -2.56 -103.77
CA HIS Q 549 23.75 -3.19 -103.45
C HIS Q 549 22.64 -2.15 -103.30
N TRP Q 550 22.94 -1.01 -102.67
CA TRP Q 550 21.94 0.04 -102.59
C TRP Q 550 21.47 0.45 -103.98
N ALA Q 551 22.42 0.67 -104.89
CA ALA Q 551 22.07 1.07 -106.25
C ALA Q 551 21.27 -0.02 -106.95
N ASN Q 552 21.68 -1.28 -106.80
CA ASN Q 552 20.98 -2.35 -107.50
C ASN Q 552 19.54 -2.47 -107.03
N ARG Q 553 19.31 -2.37 -105.72
CA ARG Q 553 17.93 -2.34 -105.23
C ARG Q 553 17.17 -1.10 -105.67
N CYS Q 554 17.82 0.07 -105.67
CA CYS Q 554 17.18 1.27 -106.20
C CYS Q 554 16.82 1.10 -107.66
N CYS Q 555 17.58 0.30 -108.40
CA CYS Q 555 17.25 0.05 -109.79
C CYS Q 555 15.89 -0.64 -109.93
N ALA Q 556 15.65 -1.70 -109.15
CA ALA Q 556 14.34 -2.34 -109.17
C ALA Q 556 13.28 -1.38 -108.67
N VAL Q 557 13.61 -0.59 -107.64
CA VAL Q 557 12.65 0.38 -107.12
C VAL Q 557 12.18 1.30 -108.23
N VAL Q 558 13.12 1.84 -109.02
CA VAL Q 558 12.75 2.75 -110.10
C VAL Q 558 12.03 1.99 -111.20
N ALA Q 559 12.47 0.77 -111.48
CA ALA Q 559 11.83 -0.04 -112.51
C ALA Q 559 10.36 -0.27 -112.22
N ASN Q 560 9.98 -0.34 -110.96
CA ASN Q 560 8.59 -0.63 -110.60
C ASN Q 560 7.66 0.57 -110.72
N SER Q 561 7.58 1.20 -111.90
CA SER Q 561 6.68 2.34 -112.04
C SER Q 561 6.61 2.89 -113.46
N PRO Q 562 7.71 3.47 -113.96
CA PRO Q 562 7.64 4.38 -115.12
C PRO Q 562 6.62 4.05 -116.19
N ASN Q 563 5.94 5.10 -116.64
CA ASN Q 563 4.89 5.08 -117.64
C ASN Q 563 5.34 5.92 -118.83
N ASP Q 564 4.41 6.31 -119.70
CA ASP Q 564 4.63 7.21 -120.84
C ASP Q 564 5.54 6.64 -121.92
N GLU Q 565 5.09 5.57 -122.57
CA GLU Q 565 5.79 4.81 -123.60
C GLU Q 565 6.68 3.73 -123.00
N LYS Q 566 6.75 3.62 -121.68
CA LYS Q 566 7.43 2.50 -121.02
C LYS Q 566 8.86 2.35 -121.57
N ILE Q 567 9.46 3.48 -121.89
CA ILE Q 567 10.81 3.51 -122.48
C ILE Q 567 11.80 3.09 -121.41
N GLY Q 568 12.68 2.17 -121.76
CA GLY Q 568 13.65 1.66 -120.81
C GLY Q 568 14.80 2.62 -120.59
N VAL Q 569 14.48 3.89 -120.43
CA VAL Q 569 15.47 4.92 -120.11
C VAL Q 569 14.90 5.77 -118.98
N PHE Q 570 15.27 5.43 -117.75
CA PHE Q 570 14.64 6.01 -116.58
C PHE Q 570 15.35 7.29 -116.17
N LEU Q 571 15.07 7.76 -114.95
CA LEU Q 571 15.62 9.00 -114.43
C LEU Q 571 17.08 9.16 -114.80
N GLY Q 572 17.89 8.13 -114.55
CA GLY Q 572 19.28 8.14 -114.95
C GLY Q 572 19.79 6.80 -115.42
N MET Q 573 18.89 5.94 -115.89
CA MET Q 573 19.29 4.61 -116.31
C MET Q 573 18.73 4.26 -117.68
N VAL Q 574 19.12 3.10 -118.21
CA VAL Q 574 18.52 2.59 -119.43
C VAL Q 574 18.28 1.10 -119.28
N GLN Q 575 17.06 0.64 -119.60
CA GLN Q 575 16.68 -0.76 -119.53
C GLN Q 575 17.10 -1.44 -120.82
N LEU Q 576 18.40 -1.73 -120.95
CA LEU Q 576 18.94 -2.34 -122.15
C LEU Q 576 18.39 -3.74 -122.38
N ASN Q 577 18.03 -4.04 -123.62
CA ASN Q 577 17.50 -5.35 -123.95
C ASN Q 577 18.55 -6.44 -123.75
N ARG Q 578 18.19 -7.50 -123.02
CA ARG Q 578 19.06 -8.63 -122.82
C ARG Q 578 18.83 -9.75 -123.82
N LYS Q 579 17.57 -10.00 -124.17
CA LYS Q 579 17.20 -11.04 -125.14
C LYS Q 579 17.43 -10.44 -126.53
N SER Q 580 18.40 -11.02 -127.25
CA SER Q 580 18.70 -10.55 -128.60
C SER Q 580 17.80 -11.21 -129.62
N ARG Q 581 16.49 -11.16 -129.40
CA ARG Q 581 15.52 -11.70 -130.36
C ARG Q 581 14.43 -10.64 -130.54
N GLN Q 582 14.65 -9.76 -131.51
CA GLN Q 582 13.75 -8.65 -131.84
C GLN Q 582 14.11 -8.22 -133.25
N ASN Q 583 13.17 -8.35 -134.18
CA ASN Q 583 13.45 -8.02 -135.57
C ASN Q 583 13.65 -6.52 -135.72
N MET Q 584 14.90 -6.10 -135.65
CA MET Q 584 15.33 -4.73 -135.44
C MET Q 584 16.29 -4.26 -136.52
N PRO Q 585 16.36 -2.96 -136.76
CA PRO Q 585 17.07 -2.45 -137.95
C PRO Q 585 18.54 -2.18 -137.70
N GLU Q 586 19.19 -1.70 -138.77
CA GLU Q 586 20.58 -1.29 -138.80
C GLU Q 586 21.50 -2.16 -137.96
N GLY Q 587 22.37 -1.51 -137.19
CA GLY Q 587 23.38 -2.21 -136.41
C GLY Q 587 23.01 -2.30 -134.94
N TYR Q 588 21.76 -2.04 -134.62
CA TYR Q 588 21.29 -2.18 -133.25
C TYR Q 588 21.34 -3.66 -132.86
N LYS Q 589 21.77 -3.92 -131.63
CA LYS Q 589 21.87 -5.28 -131.12
C LYS Q 589 21.84 -5.23 -129.61
N LYS Q 590 21.54 -6.38 -128.99
CA LYS Q 590 21.52 -6.43 -127.55
C LYS Q 590 22.89 -6.09 -126.99
N PHE Q 591 22.94 -5.82 -125.69
CA PHE Q 591 24.17 -5.47 -125.02
C PHE Q 591 25.02 -6.72 -124.80
N ASN Q 592 26.19 -6.76 -125.44
CA ASN Q 592 27.13 -7.84 -125.26
C ASN Q 592 28.33 -7.35 -124.46
N ILE Q 593 28.44 -7.85 -123.23
CA ILE Q 593 29.54 -7.44 -122.35
C ILE Q 593 30.90 -7.88 -122.90
N ASP Q 594 30.97 -9.06 -123.49
CA ASP Q 594 32.25 -9.56 -123.99
C ASP Q 594 32.77 -8.71 -125.13
N THR Q 595 31.92 -7.95 -125.81
CA THR Q 595 32.34 -7.08 -126.89
C THR Q 595 33.23 -5.94 -126.42
N GLU Q 596 33.03 -5.45 -125.21
CA GLU Q 596 33.87 -4.39 -124.66
C GLU Q 596 35.12 -5.00 -124.05
N ASN Q 597 36.19 -4.22 -124.04
CA ASN Q 597 37.50 -4.71 -123.65
C ASN Q 597 38.19 -3.71 -122.74
N GLY Q 598 39.15 -4.20 -121.98
CA GLY Q 598 39.95 -3.37 -121.09
C GLY Q 598 39.13 -2.64 -120.05
N LEU Q 599 39.37 -1.35 -119.89
CA LEU Q 599 38.71 -0.54 -118.88
C LEU Q 599 37.26 -0.22 -119.24
N ALA Q 600 36.83 -0.56 -120.46
CA ALA Q 600 35.46 -0.31 -120.90
C ALA Q 600 34.50 -1.42 -120.52
N LYS Q 601 34.86 -2.68 -120.77
CA LYS Q 601 33.98 -3.79 -120.42
C LYS Q 601 33.73 -3.84 -118.92
N ALA Q 602 34.76 -3.58 -118.12
CA ALA Q 602 34.60 -3.61 -116.67
C ALA Q 602 33.64 -2.53 -116.20
N ALA Q 603 33.81 -1.30 -116.72
CA ALA Q 603 32.90 -0.22 -116.35
C ALA Q 603 31.48 -0.54 -116.78
N MET Q 604 31.33 -1.16 -117.95
CA MET Q 604 30.00 -1.56 -118.41
C MET Q 604 29.37 -2.56 -117.46
N ALA Q 605 30.09 -3.62 -117.12
CA ALA Q 605 29.58 -4.63 -116.20
C ALA Q 605 29.30 -4.06 -114.82
N SER Q 606 30.06 -3.05 -114.39
CA SER Q 606 29.80 -2.37 -113.13
C SER Q 606 28.54 -1.52 -113.15
N SER Q 607 28.31 -0.77 -114.23
CA SER Q 607 27.08 0.01 -114.37
C SER Q 607 25.87 -0.86 -114.65
N LEU Q 608 26.08 -2.11 -115.07
CA LEU Q 608 24.98 -3.01 -115.34
C LEU Q 608 24.11 -3.20 -114.11
N SER Q 609 22.81 -3.36 -114.34
CA SER Q 609 21.83 -3.53 -113.27
C SER Q 609 20.94 -4.72 -113.65
N THR Q 610 21.20 -5.87 -113.03
CA THR Q 610 20.45 -7.10 -113.31
C THR Q 610 19.44 -7.33 -112.19
N VAL Q 611 18.28 -6.69 -112.32
CA VAL Q 611 17.24 -6.85 -111.30
C VAL Q 611 16.70 -8.27 -111.33
N ALA Q 612 16.20 -8.73 -110.19
CA ALA Q 612 15.66 -10.07 -110.04
C ALA Q 612 14.13 -10.06 -110.05
N SER Q 613 13.53 -9.20 -110.88
CA SER Q 613 12.08 -9.06 -110.92
C SER Q 613 11.38 -10.38 -111.23
N ASN Q 614 11.62 -10.94 -112.41
CA ASN Q 614 10.94 -12.16 -112.84
C ASN Q 614 11.34 -12.49 -114.26
N ASN Q 615 11.16 -11.53 -115.17
CA ASN Q 615 11.63 -11.68 -116.53
C ASN Q 615 13.13 -11.42 -116.58
N LEU Q 616 13.69 -11.03 -115.43
CA LEU Q 616 15.13 -10.82 -115.28
C LEU Q 616 15.63 -9.78 -116.29
N MET Q 617 15.13 -8.57 -116.14
CA MET Q 617 15.55 -7.47 -117.01
C MET Q 617 16.84 -6.88 -116.48
N ASP Q 618 17.86 -6.83 -117.33
CA ASP Q 618 19.18 -6.37 -116.93
C ASP Q 618 19.35 -4.91 -117.34
N PHE Q 619 19.14 -4.04 -116.37
CA PHE Q 619 19.19 -2.61 -116.59
C PHE Q 619 20.60 -2.08 -116.43
N CYS Q 620 20.80 -0.84 -116.88
CA CYS Q 620 22.05 -0.12 -116.67
C CYS Q 620 21.75 1.25 -116.08
N SER Q 621 22.47 1.61 -115.03
CA SER Q 621 22.17 2.85 -114.32
C SER Q 621 23.44 3.54 -113.91
N VAL Q 622 23.47 4.86 -114.14
CA VAL Q 622 24.49 5.69 -113.52
C VAL Q 622 24.42 5.55 -112.01
N PHE Q 623 23.23 5.25 -111.49
CA PHE Q 623 23.12 4.91 -110.08
C PHE Q 623 23.98 3.70 -109.75
N ASN Q 624 23.86 2.63 -110.53
CA ASN Q 624 24.67 1.44 -110.28
C ASN Q 624 26.15 1.77 -110.40
N LEU Q 625 26.54 2.52 -111.42
CA LEU Q 625 27.93 2.91 -111.59
C LEU Q 625 28.47 3.73 -110.44
N ILE Q 626 27.72 4.74 -109.99
CA ILE Q 626 28.18 5.58 -108.90
C ILE Q 626 28.22 4.79 -107.60
N GLY Q 627 27.28 3.87 -107.38
CA GLY Q 627 27.35 3.01 -106.23
C GLY Q 627 28.57 2.13 -106.23
N ALA Q 628 28.90 1.56 -107.39
CA ALA Q 628 30.16 0.83 -107.52
C ALA Q 628 31.34 1.72 -107.16
N ILE Q 629 31.34 2.95 -107.69
CA ILE Q 629 32.42 3.89 -107.40
C ILE Q 629 32.55 4.11 -105.91
N ALA Q 630 31.43 4.36 -105.24
CA ALA Q 630 31.45 4.62 -103.80
C ALA Q 630 31.97 3.42 -103.04
N ASP Q 631 31.49 2.22 -103.39
CA ASP Q 631 31.95 1.02 -102.71
C ASP Q 631 33.45 0.83 -102.86
N ILE Q 632 33.97 1.12 -104.05
CA ILE Q 632 35.35 0.78 -104.35
C ILE Q 632 36.29 1.89 -103.86
N SER Q 633 35.73 3.07 -103.56
CA SER Q 633 36.55 4.25 -103.34
C SER Q 633 37.11 4.43 -101.94
N ALA Q 634 36.69 3.62 -100.96
CA ALA Q 634 37.25 3.73 -99.62
C ALA Q 634 37.51 2.34 -99.04
N CYS Q 635 38.09 1.46 -99.83
CA CYS Q 635 38.36 0.12 -99.31
C CYS Q 635 39.70 0.10 -98.57
N ARG Q 636 40.79 0.31 -99.28
CA ARG Q 636 42.11 0.46 -98.66
C ARG Q 636 43.12 0.80 -99.74
N CYS Q 637 44.40 0.86 -99.36
CA CYS Q 637 45.48 1.06 -100.31
C CYS Q 637 45.95 -0.24 -100.97
N GLU Q 638 45.39 -1.38 -100.58
CA GLU Q 638 45.81 -2.65 -101.14
C GLU Q 638 45.29 -2.86 -102.55
N ARG Q 639 46.21 -3.06 -103.51
CA ARG Q 639 45.81 -3.31 -104.89
C ARG Q 639 45.16 -4.68 -105.05
N SER Q 640 45.51 -5.64 -104.19
CA SER Q 640 44.89 -6.96 -104.27
C SER Q 640 43.41 -6.89 -103.90
N ALA Q 641 43.08 -6.27 -102.77
CA ALA Q 641 41.67 -6.04 -102.46
C ALA Q 641 41.02 -5.19 -103.53
N ILE Q 642 41.82 -4.41 -104.28
CA ILE Q 642 41.29 -3.68 -105.41
C ILE Q 642 40.62 -4.63 -106.39
N THR Q 643 41.31 -5.71 -106.76
CA THR Q 643 40.74 -6.67 -107.70
C THR Q 643 39.56 -7.40 -107.07
N ASN Q 644 39.64 -7.69 -105.78
CA ASN Q 644 38.55 -8.39 -105.11
C ASN Q 644 37.25 -7.59 -105.20
N ALA Q 645 37.31 -6.31 -104.79
CA ALA Q 645 36.13 -5.47 -104.87
C ALA Q 645 35.74 -5.19 -106.32
N PHE Q 646 36.73 -5.09 -107.20
CA PHE Q 646 36.47 -4.94 -108.62
C PHE Q 646 35.56 -6.05 -109.12
N ASN Q 647 35.92 -7.29 -108.82
CA ASN Q 647 35.08 -8.43 -109.21
C ASN Q 647 33.74 -8.37 -108.51
N LYS Q 648 33.75 -8.17 -107.18
CA LYS Q 648 32.50 -8.19 -106.43
C LYS Q 648 31.48 -7.21 -107.02
N VAL Q 649 31.89 -5.97 -107.25
CA VAL Q 649 30.99 -4.96 -107.79
C VAL Q 649 30.68 -5.16 -109.26
N ILE Q 650 31.69 -5.46 -110.09
CA ILE Q 650 31.44 -5.64 -111.51
C ILE Q 650 30.81 -7.00 -111.82
N ALA Q 651 30.90 -7.96 -110.90
CA ALA Q 651 30.18 -9.20 -111.04
C ALA Q 651 28.68 -8.90 -111.10
N GLN Q 652 27.98 -9.58 -112.01
CA GLN Q 652 26.56 -9.33 -112.18
C GLN Q 652 25.84 -9.49 -110.85
N THR Q 653 25.00 -8.51 -110.52
CA THR Q 653 24.26 -8.50 -109.26
C THR Q 653 22.79 -8.48 -109.57
N THR Q 654 22.04 -9.38 -108.94
CA THR Q 654 20.60 -9.45 -109.14
C THR Q 654 19.88 -9.25 -107.81
N CYS Q 655 18.86 -8.39 -107.84
CA CYS Q 655 18.12 -8.05 -106.64
C CYS Q 655 16.63 -8.22 -106.92
N ILE Q 656 15.92 -8.75 -105.93
CA ILE Q 656 14.48 -8.95 -106.06
C ILE Q 656 13.79 -7.59 -106.06
N VAL Q 657 12.64 -7.54 -106.74
CA VAL Q 657 11.81 -6.33 -106.78
C VAL Q 657 11.25 -6.05 -105.39
N PRO Q 658 11.07 -4.78 -105.01
CA PRO Q 658 10.41 -4.50 -103.74
C PRO Q 658 9.03 -5.10 -103.73
N PRO Q 659 8.61 -5.66 -102.60
CA PRO Q 659 7.30 -6.32 -102.56
C PRO Q 659 6.16 -5.34 -102.59
N TRP Q 660 6.21 -4.40 -103.53
CA TRP Q 660 5.13 -3.45 -103.76
C TRP Q 660 4.86 -3.28 -105.24
N SER Q 661 5.55 -4.03 -106.10
CA SER Q 661 5.35 -3.96 -107.54
C SER Q 661 3.99 -4.53 -107.93
N THR Q 704 44.95 -10.64 -115.01
CA THR Q 704 44.03 -11.24 -115.98
C THR Q 704 43.66 -10.23 -117.05
N GLU Q 705 42.42 -10.36 -117.56
CA GLU Q 705 41.91 -9.44 -118.56
C GLU Q 705 41.63 -8.06 -117.98
N PHE Q 706 41.88 -7.85 -116.70
CA PHE Q 706 41.44 -6.64 -116.00
C PHE Q 706 42.54 -6.08 -115.10
N SER Q 707 43.72 -6.69 -115.11
CA SER Q 707 44.80 -6.22 -114.25
C SER Q 707 45.19 -4.78 -114.53
N ASP Q 708 45.15 -4.35 -115.79
CA ASP Q 708 45.44 -2.96 -116.14
C ASP Q 708 44.41 -1.98 -115.58
N ALA Q 709 43.13 -2.28 -115.73
CA ALA Q 709 42.10 -1.46 -115.09
C ALA Q 709 42.29 -1.47 -113.59
N ILE Q 710 42.70 -2.62 -113.04
CA ILE Q 710 42.97 -2.72 -111.61
C ILE Q 710 44.07 -1.77 -111.21
N THR Q 711 45.17 -1.75 -111.98
CA THR Q 711 46.28 -0.87 -111.65
C THR Q 711 45.88 0.59 -111.77
N LYS Q 712 45.13 0.94 -112.81
CA LYS Q 712 44.70 2.33 -112.98
C LYS Q 712 43.81 2.77 -111.82
N VAL Q 713 42.87 1.91 -111.44
CA VAL Q 713 41.99 2.23 -110.31
C VAL Q 713 42.79 2.32 -109.02
N GLU Q 714 43.83 1.48 -108.91
CA GLU Q 714 44.71 1.54 -107.74
C GLU Q 714 45.39 2.90 -107.65
N GLN Q 715 45.93 3.38 -108.76
CA GLN Q 715 46.53 4.71 -108.78
C GLN Q 715 45.50 5.78 -108.43
N TRP Q 716 44.32 5.70 -109.02
CA TRP Q 716 43.27 6.68 -108.72
C TRP Q 716 42.89 6.67 -107.25
N LEU Q 717 42.75 5.49 -106.65
CA LEU Q 717 42.47 5.41 -105.24
C LEU Q 717 43.62 5.97 -104.41
N LYS Q 718 44.86 5.69 -104.82
CA LYS Q 718 45.99 6.26 -104.12
C LYS Q 718 45.91 7.77 -104.06
N ASN Q 719 45.72 8.43 -105.19
CA ASN Q 719 45.59 9.88 -105.18
C ASN Q 719 44.35 10.36 -104.44
N VAL Q 720 43.24 9.63 -104.56
CA VAL Q 720 42.00 10.03 -103.91
C VAL Q 720 42.18 10.03 -102.40
N ASN Q 721 42.78 8.97 -101.87
CA ASN Q 721 42.95 8.78 -100.44
C ASN Q 721 43.77 9.85 -99.82
N GLU Q 722 44.70 10.38 -100.60
CA GLU Q 722 45.61 11.41 -100.13
C GLU Q 722 45.11 12.82 -100.34
N ILE Q 723 44.31 13.08 -101.38
CA ILE Q 723 43.70 14.40 -101.54
C ILE Q 723 42.45 14.56 -100.70
N GLU Q 724 41.82 13.47 -100.28
CA GLU Q 724 40.58 13.53 -99.51
C GLU Q 724 40.79 14.05 -98.10
N ILE Q 725 42.05 14.18 -97.66
CA ILE Q 725 42.32 14.54 -96.27
C ILE Q 725 41.79 15.92 -95.92
N GLY Q 726 41.47 16.75 -96.90
CA GLY Q 726 40.93 18.07 -96.66
C GLY Q 726 39.46 18.26 -96.97
N ILE Q 727 38.79 17.24 -97.49
CA ILE Q 727 37.39 17.40 -97.87
C ILE Q 727 36.56 17.74 -96.65
N ARG Q 728 35.75 18.80 -96.76
CA ARG Q 728 34.91 19.26 -95.67
C ARG Q 728 33.48 19.38 -96.20
N PRO Q 729 32.83 18.26 -96.51
CA PRO Q 729 31.46 18.31 -97.03
C PRO Q 729 30.43 18.62 -95.96
N SER Q 730 29.46 19.45 -96.29
CA SER Q 730 28.36 19.75 -95.39
C SER Q 730 27.06 19.13 -95.92
N ALA Q 731 26.11 18.94 -95.03
CA ALA Q 731 24.81 18.40 -95.45
C ALA Q 731 24.17 19.30 -96.49
N LEU Q 732 24.36 20.61 -96.39
CA LEU Q 732 23.78 21.52 -97.39
C LEU Q 732 24.35 21.22 -98.76
N LEU Q 733 25.68 21.09 -98.86
CA LEU Q 733 26.28 20.76 -100.14
C LEU Q 733 25.82 19.40 -100.64
N ILE Q 734 25.74 18.43 -99.73
CA ILE Q 734 25.29 17.09 -100.10
C ILE Q 734 23.87 17.08 -100.63
N GLY Q 735 22.98 17.86 -100.04
CA GLY Q 735 21.62 17.93 -100.50
C GLY Q 735 21.50 18.73 -101.78
N LYS Q 736 22.28 19.79 -101.91
CA LYS Q 736 22.25 20.61 -103.12
C LYS Q 736 22.73 19.86 -104.34
N VAL Q 737 23.82 19.09 -104.20
CA VAL Q 737 24.27 18.26 -105.31
C VAL Q 737 23.17 17.30 -105.72
N TRP Q 738 22.54 16.63 -104.74
CA TRP Q 738 21.49 15.69 -105.07
C TRP Q 738 20.29 16.37 -105.69
N SER Q 739 19.94 17.55 -105.22
CA SER Q 739 18.83 18.31 -105.79
C SER Q 739 19.07 18.68 -107.24
N ARG Q 740 20.24 19.20 -107.57
CA ARG Q 740 20.57 19.47 -108.96
C ARG Q 740 20.58 18.17 -109.77
N PHE Q 741 21.14 17.10 -109.22
CA PHE Q 741 21.18 15.80 -109.87
C PHE Q 741 19.81 15.26 -110.23
N TYR Q 742 18.92 15.17 -109.26
CA TYR Q 742 17.66 14.49 -109.50
C TYR Q 742 16.89 15.20 -110.61
N PHE Q 743 16.84 16.53 -110.53
CA PHE Q 743 16.21 17.35 -111.55
C PHE Q 743 16.89 17.24 -112.91
N ASN Q 744 18.22 17.28 -112.96
CA ASN Q 744 18.92 17.16 -114.24
C ASN Q 744 18.66 15.81 -114.88
N LEU Q 745 18.66 14.75 -114.09
CA LEU Q 745 18.44 13.41 -114.62
C LEU Q 745 17.03 13.21 -115.12
N ASN Q 746 16.03 13.75 -114.40
CA ASN Q 746 14.67 13.72 -114.94
C ASN Q 746 14.57 14.54 -116.22
N ASN Q 747 15.22 15.70 -116.27
CA ASN Q 747 15.27 16.47 -117.50
C ASN Q 747 15.84 15.69 -118.66
N VAL Q 748 16.98 15.05 -118.45
CA VAL Q 748 17.68 14.34 -119.52
C VAL Q 748 16.92 13.07 -119.86
N ALA Q 749 16.17 12.55 -118.89
CA ALA Q 749 15.34 11.37 -119.12
C ALA Q 749 14.11 11.66 -119.95
N ASP Q 750 13.45 12.80 -119.72
CA ASP Q 750 12.37 13.21 -120.61
C ASP Q 750 12.89 13.65 -121.97
N GLN Q 751 14.01 14.37 -122.01
CA GLN Q 751 14.52 14.96 -123.24
C GLN Q 751 14.89 13.93 -124.29
N HIS Q 752 15.29 12.73 -123.89
CA HIS Q 752 15.91 11.78 -124.81
C HIS Q 752 15.12 10.50 -124.98
N LYS Q 753 13.91 10.40 -124.42
CA LYS Q 753 13.11 9.21 -124.63
C LYS Q 753 12.53 9.15 -126.03
N THR Q 754 12.36 10.30 -126.69
CA THR Q 754 11.77 10.33 -128.02
C THR Q 754 12.80 10.75 -129.08
N ARG Q 755 14.09 10.60 -128.76
CA ARG Q 755 15.12 10.83 -129.76
C ARG Q 755 15.74 9.50 -130.21
N LEU Q 756 15.04 8.39 -130.00
CA LEU Q 756 15.58 7.06 -130.24
C LEU Q 756 15.16 6.61 -131.63
N TYR Q 757 15.78 7.22 -132.64
CA TYR Q 757 15.46 6.93 -134.03
C TYR Q 757 16.14 5.63 -134.45
N ARG Q 758 15.63 5.03 -135.52
CA ARG Q 758 16.33 3.91 -136.14
C ARG Q 758 17.74 4.31 -136.55
N ASN Q 759 17.96 5.57 -136.88
CA ASN Q 759 19.26 6.09 -137.24
C ASN Q 759 19.85 7.00 -136.16
N ALA Q 760 19.15 7.13 -135.03
CA ALA Q 760 19.63 8.01 -133.97
C ALA Q 760 21.01 7.58 -133.48
N GLU Q 761 21.37 6.33 -133.70
CA GLU Q 761 22.67 5.84 -133.27
C GLU Q 761 23.80 6.63 -133.92
N HIS Q 762 25.03 6.41 -133.43
CA HIS Q 762 26.20 7.16 -133.83
C HIS Q 762 26.23 8.54 -133.18
N GLY Q 763 25.14 8.93 -132.52
CA GLY Q 763 25.08 10.16 -131.76
C GLY Q 763 25.82 11.34 -132.37
N ARG Q 764 25.68 11.53 -133.68
CA ARG Q 764 26.37 12.64 -134.34
C ARG Q 764 25.70 13.98 -134.06
N MET Q 765 24.39 14.00 -133.96
CA MET Q 765 23.65 15.22 -133.71
C MET Q 765 22.87 15.12 -132.40
N ALA Q 766 22.56 16.28 -131.83
CA ALA Q 766 21.78 16.35 -130.59
C ALA Q 766 20.36 15.85 -130.78
N SER Q 767 19.91 15.69 -132.03
CA SER Q 767 18.60 15.13 -132.31
C SER Q 767 18.65 13.60 -132.35
N GLN Q 768 19.84 13.02 -132.19
CA GLN Q 768 20.01 11.58 -132.18
C GLN Q 768 20.49 11.14 -130.81
N SER Q 769 19.81 10.16 -130.22
CA SER Q 769 20.14 9.65 -128.91
C SER Q 769 20.18 8.13 -128.93
N ASN Q 770 20.98 7.55 -128.03
CA ASN Q 770 21.05 6.11 -127.86
C ASN Q 770 21.25 5.82 -126.38
N ALA Q 771 21.44 4.55 -126.05
CA ALA Q 771 21.80 4.20 -124.68
C ALA Q 771 23.14 4.82 -124.31
N ALA Q 772 24.09 4.83 -125.25
CA ALA Q 772 25.36 5.49 -125.00
C ALA Q 772 25.17 6.98 -124.75
N LYS Q 773 24.35 7.65 -125.56
CA LYS Q 773 24.04 9.05 -125.31
C LYS Q 773 23.46 9.23 -123.91
N ILE Q 774 22.51 8.37 -123.55
CA ILE Q 774 21.82 8.51 -122.27
C ILE Q 774 22.81 8.40 -121.12
N MET Q 775 23.63 7.35 -121.13
CA MET Q 775 24.57 7.15 -120.04
C MET Q 775 25.64 8.23 -120.00
N ARG Q 776 26.15 8.63 -121.17
CA ARG Q 776 27.19 9.64 -121.20
C ARG Q 776 26.67 10.97 -120.67
N PHE Q 777 25.44 11.32 -121.03
CA PHE Q 777 24.87 12.57 -120.53
C PHE Q 777 24.50 12.45 -119.05
N ASN Q 778 24.16 11.25 -118.58
CA ASN Q 778 23.97 11.06 -117.15
C ASN Q 778 25.28 11.32 -116.39
N VAL Q 779 26.39 10.79 -116.91
CA VAL Q 779 27.69 11.07 -116.33
C VAL Q 779 28.00 12.57 -116.40
N LEU Q 780 27.66 13.19 -117.52
CA LEU Q 780 27.86 14.62 -117.68
C LEU Q 780 27.09 15.40 -116.61
N ALA Q 781 25.84 15.00 -116.37
CA ALA Q 781 25.03 15.66 -115.34
C ALA Q 781 25.65 15.46 -113.96
N PHE Q 782 26.11 14.25 -113.67
CA PHE Q 782 26.83 14.01 -112.42
C PHE Q 782 27.98 14.97 -112.25
N LEU Q 783 28.84 15.05 -113.25
CA LEU Q 783 30.05 15.85 -113.10
C LEU Q 783 29.70 17.33 -113.02
N HIS Q 784 28.72 17.76 -113.82
CA HIS Q 784 28.30 19.16 -113.79
C HIS Q 784 27.72 19.55 -112.45
N ALA Q 785 26.84 18.72 -111.88
CA ALA Q 785 26.26 19.02 -110.59
C ALA Q 785 27.34 19.06 -109.51
N VAL Q 786 28.24 18.08 -109.55
CA VAL Q 786 29.34 18.07 -108.57
C VAL Q 786 30.13 19.37 -108.67
N LEU Q 787 30.51 19.74 -109.88
CA LEU Q 787 31.30 20.95 -110.08
C LEU Q 787 30.57 22.18 -109.58
N VAL Q 788 29.29 22.30 -109.94
CA VAL Q 788 28.54 23.50 -109.58
C VAL Q 788 28.41 23.61 -108.06
N GLU Q 789 27.97 22.53 -107.42
CA GLU Q 789 27.79 22.58 -105.97
C GLU Q 789 29.10 22.79 -105.23
N GLU Q 790 30.20 22.18 -105.69
CA GLU Q 790 31.47 22.42 -105.02
C GLU Q 790 31.93 23.85 -105.20
N SER Q 791 31.83 24.39 -106.42
CA SER Q 791 32.23 25.76 -106.67
C SER Q 791 31.40 26.74 -105.85
N LEU Q 792 30.13 26.39 -105.59
CA LEU Q 792 29.25 27.36 -104.95
C LEU Q 792 29.21 27.25 -103.44
N TYR Q 793 29.38 26.05 -102.89
CA TYR Q 793 29.06 25.84 -101.48
C TYR Q 793 30.19 25.21 -100.67
N HIS Q 794 31.20 24.60 -101.29
CA HIS Q 794 32.21 23.90 -100.52
C HIS Q 794 32.96 24.88 -99.63
N SER Q 795 32.84 24.67 -98.32
CA SER Q 795 33.51 25.55 -97.37
C SER Q 795 35.03 25.45 -97.47
N VAL Q 796 35.55 24.44 -98.15
CA VAL Q 796 37.00 24.34 -98.32
C VAL Q 796 37.55 25.57 -99.03
N SER Q 797 36.71 26.26 -99.80
CA SER Q 797 37.10 27.47 -100.50
C SER Q 797 36.31 28.66 -99.97
N ASP Q 798 36.95 29.82 -99.98
CA ASP Q 798 36.35 31.04 -99.46
C ASP Q 798 35.64 31.87 -100.53
N ARG Q 799 35.61 31.41 -101.78
CA ARG Q 799 34.90 32.14 -102.84
C ARG Q 799 34.43 31.14 -103.89
N GLU Q 800 33.45 31.59 -104.67
CA GLU Q 800 32.93 30.81 -105.80
C GLU Q 800 33.71 31.18 -107.06
N TYR Q 801 33.73 30.25 -108.01
CA TYR Q 801 34.43 30.46 -109.27
C TYR Q 801 33.66 29.94 -110.48
N ILE Q 802 32.44 29.43 -110.27
CA ILE Q 802 31.65 28.99 -111.41
C ILE Q 802 31.27 30.17 -112.29
N GLY Q 803 31.27 31.38 -111.73
CA GLY Q 803 30.84 32.55 -112.47
C GLY Q 803 29.38 32.85 -112.25
N GLU Q 804 29.05 34.13 -112.05
CA GLU Q 804 27.67 34.55 -111.80
C GLU Q 804 26.90 34.49 -113.12
N GLY Q 805 26.39 33.31 -113.43
CA GLY Q 805 25.62 33.10 -114.64
C GLY Q 805 24.50 32.10 -114.46
N LEU Q 806 23.66 31.95 -115.48
CA LEU Q 806 22.55 31.01 -115.44
C LEU Q 806 23.13 29.60 -115.52
N ARG Q 807 23.34 28.98 -114.36
CA ARG Q 807 23.91 27.64 -114.32
C ARG Q 807 22.95 26.63 -114.91
N LEU Q 808 23.31 26.04 -116.05
CA LEU Q 808 22.46 25.09 -116.74
C LEU Q 808 23.11 23.71 -116.78
N ASN Q 809 22.28 22.72 -116.81
CA ASN Q 809 22.60 21.31 -116.81
C ASN Q 809 22.63 20.76 -118.23
N PRO Q 810 23.74 20.16 -118.64
CA PRO Q 810 23.81 19.56 -119.98
C PRO Q 810 22.91 18.34 -120.10
N VAL Q 811 21.86 18.46 -120.91
CA VAL Q 811 20.89 17.39 -121.11
C VAL Q 811 21.04 16.73 -122.48
N THR Q 812 21.03 17.53 -123.55
CA THR Q 812 21.27 17.01 -124.89
C THR Q 812 22.61 17.47 -125.47
N SER Q 813 23.27 18.44 -124.85
CA SER Q 813 24.59 18.90 -125.27
C SER Q 813 25.45 19.07 -124.03
N VAL Q 814 26.74 19.30 -124.24
CA VAL Q 814 27.68 19.49 -123.16
C VAL Q 814 28.21 20.93 -123.14
N ASP Q 815 27.51 21.83 -123.84
CA ASP Q 815 27.97 23.20 -123.94
C ASP Q 815 28.05 23.87 -122.57
N GLU Q 816 27.00 23.70 -121.77
CA GLU Q 816 26.97 24.33 -120.46
C GLU Q 816 28.15 23.90 -119.61
N PHE Q 817 28.34 22.58 -119.51
CA PHE Q 817 29.40 22.04 -118.68
C PHE Q 817 30.77 22.44 -119.20
N GLU Q 818 30.95 22.40 -120.52
CA GLU Q 818 32.26 22.77 -121.07
C GLU Q 818 32.59 24.22 -120.77
N LYS Q 819 31.64 25.13 -121.01
CA LYS Q 819 31.89 26.54 -120.74
C LYS Q 819 32.14 26.77 -119.26
N LYS Q 820 31.36 26.11 -118.40
CA LYS Q 820 31.57 26.27 -116.97
C LYS Q 820 32.96 25.79 -116.56
N ILE Q 821 33.38 24.62 -117.05
CA ILE Q 821 34.69 24.10 -116.71
C ILE Q 821 35.78 25.05 -117.16
N LYS Q 822 35.66 25.57 -118.39
CA LYS Q 822 36.64 26.55 -118.85
C LYS Q 822 36.68 27.73 -117.89
N ILE Q 823 35.57 28.46 -117.78
CA ILE Q 823 35.51 29.62 -116.90
C ILE Q 823 36.20 29.32 -115.58
N ILE Q 824 35.92 28.14 -115.00
CA ILE Q 824 36.51 27.81 -113.72
C ILE Q 824 38.02 27.65 -113.84
N GLY Q 825 38.49 27.02 -114.91
CA GLY Q 825 39.93 26.84 -115.08
C GLY Q 825 40.66 28.16 -115.21
N GLU Q 826 40.14 29.05 -116.05
CA GLU Q 826 40.75 30.37 -116.18
C GLU Q 826 40.69 31.15 -114.87
N LYS Q 827 39.58 31.04 -114.13
CA LYS Q 827 39.53 31.69 -112.82
C LYS Q 827 40.59 31.15 -111.89
N LEU Q 828 40.76 29.82 -111.87
CA LEU Q 828 41.78 29.20 -111.02
C LEU Q 828 43.16 29.70 -111.38
N LYS Q 829 43.47 29.75 -112.67
CA LYS Q 829 44.81 30.18 -113.09
C LYS Q 829 45.02 31.65 -112.80
N ALA Q 830 43.98 32.47 -112.95
CA ALA Q 830 44.09 33.89 -112.59
C ALA Q 830 44.33 34.06 -111.10
N ASP Q 831 43.65 33.26 -110.28
CA ASP Q 831 43.69 33.40 -108.83
C ASP Q 831 44.79 32.57 -108.19
N ASN Q 832 45.60 31.88 -108.99
CA ASN Q 832 46.75 31.14 -108.47
C ASN Q 832 46.30 29.93 -107.66
N LYS Q 833 45.38 29.15 -108.21
CA LYS Q 833 44.84 27.97 -107.54
C LYS Q 833 44.75 26.81 -108.51
N THR Q 834 44.66 25.61 -107.95
CA THR Q 834 44.59 24.37 -108.73
C THR Q 834 43.24 23.69 -108.50
N TRP Q 835 42.93 22.75 -109.41
CA TRP Q 835 41.69 22.01 -109.32
C TRP Q 835 41.69 20.96 -108.22
N LYS Q 836 42.83 20.70 -107.59
CA LYS Q 836 42.85 19.84 -106.41
C LYS Q 836 42.71 20.67 -105.13
N ASN Q 837 43.30 21.87 -105.11
CA ASN Q 837 43.05 22.79 -104.01
C ASN Q 837 41.58 23.20 -103.98
N THR Q 838 41.01 23.48 -105.15
CA THR Q 838 39.60 23.81 -105.28
C THR Q 838 38.94 22.81 -106.20
N HIS Q 839 37.74 22.37 -105.83
CA HIS Q 839 37.09 21.28 -106.53
C HIS Q 839 37.92 20.01 -106.40
N PRO Q 840 38.34 19.64 -105.18
CA PRO Q 840 39.09 18.39 -105.02
C PRO Q 840 38.19 17.20 -105.26
N LEU Q 841 36.94 17.28 -104.78
CA LEU Q 841 35.96 16.26 -105.12
C LEU Q 841 35.75 16.19 -106.62
N PHE Q 842 35.57 17.35 -107.26
CA PHE Q 842 35.42 17.38 -108.70
C PHE Q 842 36.65 16.80 -109.38
N PHE Q 843 37.84 17.17 -108.88
CA PHE Q 843 39.07 16.66 -109.45
C PHE Q 843 39.14 15.14 -109.39
N LEU Q 844 38.97 14.57 -108.20
CA LEU Q 844 39.08 13.12 -108.08
C LEU Q 844 37.97 12.42 -108.84
N LEU Q 845 36.76 12.98 -108.86
CA LEU Q 845 35.67 12.39 -109.60
C LEU Q 845 35.94 12.35 -111.09
N ILE Q 846 36.40 13.45 -111.68
CA ILE Q 846 36.85 13.39 -113.06
C ILE Q 846 38.01 12.41 -113.19
N SER Q 847 38.75 12.21 -112.11
CA SER Q 847 39.82 11.23 -112.06
C SER Q 847 39.31 9.79 -112.02
N CYS Q 848 38.02 9.59 -111.81
CA CYS Q 848 37.50 8.23 -111.66
C CYS Q 848 37.74 7.43 -112.93
N PRO Q 849 38.43 6.29 -112.86
CA PRO Q 849 38.68 5.50 -114.07
C PRO Q 849 37.42 4.92 -114.68
N ILE Q 850 36.51 4.37 -113.87
CA ILE Q 850 35.32 3.74 -114.44
C ILE Q 850 34.42 4.76 -115.14
N LEU Q 851 34.64 6.04 -114.91
CA LEU Q 851 33.78 7.07 -115.45
C LEU Q 851 34.27 7.61 -116.78
N HIS Q 852 35.59 7.66 -116.98
CA HIS Q 852 36.20 8.22 -118.18
C HIS Q 852 35.65 7.56 -119.44
N PRO Q 853 35.54 6.23 -119.46
CA PRO Q 853 34.97 5.57 -120.65
C PRO Q 853 33.60 6.10 -121.02
N PHE Q 854 32.76 6.38 -120.03
CA PHE Q 854 31.45 6.98 -120.28
C PHE Q 854 31.57 8.40 -120.82
N ILE Q 855 32.73 9.03 -120.64
CA ILE Q 855 32.91 10.42 -121.04
C ILE Q 855 32.79 10.56 -122.55
N PHE Q 856 33.42 9.65 -123.29
CA PHE Q 856 33.48 9.71 -124.75
C PHE Q 856 33.06 8.35 -125.31
N PRO Q 857 31.78 8.01 -125.21
CA PRO Q 857 31.30 6.73 -125.72
C PRO Q 857 31.24 6.71 -127.24
N ILE Q 858 31.20 5.48 -127.78
CA ILE Q 858 30.98 5.29 -129.20
C ILE Q 858 29.49 5.46 -129.46
N GLY Q 859 29.13 6.52 -130.17
CA GLY Q 859 27.74 6.88 -130.36
C GLY Q 859 27.22 7.95 -129.41
N GLY Q 860 28.06 8.49 -128.54
CA GLY Q 860 27.63 9.47 -127.57
C GLY Q 860 28.14 10.87 -127.82
N ILE Q 861 29.04 11.01 -128.79
CA ILE Q 861 29.64 12.30 -129.11
C ILE Q 861 28.99 12.83 -130.39
N ASN Q 862 28.26 13.94 -130.28
CA ASN Q 862 27.63 14.54 -131.44
C ASN Q 862 28.69 15.20 -132.31
N CYS Q 863 28.60 14.97 -133.62
CA CYS Q 863 29.65 15.35 -134.55
C CYS Q 863 29.38 16.68 -135.25
N SER Q 864 28.35 17.42 -134.83
CA SER Q 864 28.15 18.75 -135.39
C SER Q 864 29.40 19.61 -135.19
N VAL Q 865 29.78 20.33 -136.24
CA VAL Q 865 31.01 21.11 -136.22
C VAL Q 865 30.98 22.08 -135.05
N LYS Q 866 29.86 22.79 -134.90
CA LYS Q 866 29.68 23.61 -133.71
C LYS Q 866 29.69 22.73 -132.46
N ALA Q 867 29.13 21.53 -132.56
CA ALA Q 867 29.25 20.57 -131.48
C ALA Q 867 30.67 20.04 -131.37
N LEU Q 868 31.33 19.85 -132.52
CA LEU Q 868 32.65 19.23 -132.53
C LEU Q 868 33.68 20.10 -131.82
N ASN Q 869 33.64 21.41 -132.05
CA ASN Q 869 34.63 22.29 -131.42
C ASN Q 869 34.48 22.26 -129.90
N LYS Q 870 33.25 22.30 -129.40
CA LYS Q 870 33.03 22.18 -127.97
C LYS Q 870 33.46 20.82 -127.44
N GLU Q 871 33.19 19.76 -128.19
CA GLU Q 871 33.69 18.43 -127.80
C GLU Q 871 35.20 18.45 -127.65
N THR Q 872 35.91 19.03 -128.62
CA THR Q 872 37.35 19.10 -128.57
C THR Q 872 37.81 19.91 -127.37
N SER Q 873 37.20 21.08 -127.14
CA SER Q 873 37.59 21.91 -126.01
C SER Q 873 37.37 21.17 -124.69
N PHE Q 874 36.25 20.47 -124.57
CA PHE Q 874 35.98 19.70 -123.36
C PHE Q 874 37.03 18.61 -123.15
N ASN Q 875 37.37 17.89 -124.22
CA ASN Q 875 38.36 16.83 -124.11
C ASN Q 875 39.70 17.39 -123.65
N LYS Q 876 40.14 18.49 -124.29
CA LYS Q 876 41.42 19.09 -123.90
C LYS Q 876 41.39 19.58 -122.47
N LEU Q 877 40.31 20.24 -122.07
CA LEU Q 877 40.23 20.75 -120.70
C LEU Q 877 40.29 19.61 -119.69
N ILE Q 878 39.54 18.54 -119.93
CA ILE Q 878 39.53 17.42 -119.00
C ILE Q 878 40.89 16.75 -118.94
N ASP Q 879 41.50 16.51 -120.10
CA ASP Q 879 42.81 15.88 -120.11
C ASP Q 879 43.83 16.73 -119.37
N GLU Q 880 43.80 18.04 -119.59
CA GLU Q 880 44.72 18.93 -118.89
C GLU Q 880 44.50 18.85 -117.38
N ILE Q 881 43.27 19.03 -116.93
CA ILE Q 881 42.99 19.09 -115.50
C ILE Q 881 43.40 17.78 -114.84
N VAL Q 882 43.01 16.66 -115.44
CA VAL Q 882 43.37 15.36 -114.88
C VAL Q 882 44.87 15.18 -114.92
N GLY Q 883 45.52 15.85 -115.86
CA GLY Q 883 46.92 15.65 -116.10
C GLY Q 883 47.23 14.53 -117.08
N ASP Q 884 46.22 13.95 -117.72
CA ASP Q 884 46.44 12.86 -118.66
C ASP Q 884 45.40 12.96 -119.77
N LYS Q 885 45.75 12.41 -120.94
CA LYS Q 885 44.83 12.38 -122.07
C LYS Q 885 43.87 11.21 -121.94
N LEU Q 886 42.59 11.50 -121.76
CA LEU Q 886 41.58 10.45 -121.66
C LEU Q 886 41.54 9.62 -122.94
N LEU Q 887 41.58 10.29 -124.09
CA LEU Q 887 41.47 9.62 -125.38
C LEU Q 887 42.65 9.93 -126.27
N SER Q 888 43.24 8.87 -126.83
CA SER Q 888 44.27 9.05 -127.84
C SER Q 888 43.72 9.86 -129.00
N ASP Q 889 44.64 10.44 -129.77
CA ASP Q 889 44.22 11.18 -130.96
C ASP Q 889 43.55 10.27 -131.97
N GLU Q 890 44.09 9.07 -132.15
CA GLU Q 890 43.50 8.12 -133.10
C GLU Q 890 42.10 7.72 -132.66
N GLU Q 891 41.91 7.45 -131.37
CA GLU Q 891 40.58 7.09 -130.89
C GLU Q 891 39.64 8.28 -131.00
N TRP Q 892 40.15 9.48 -130.74
CA TRP Q 892 39.35 10.69 -130.91
C TRP Q 892 38.84 10.82 -132.34
N ASP Q 893 39.74 10.72 -133.31
CA ASP Q 893 39.32 10.84 -134.70
C ASP Q 893 38.40 9.69 -135.11
N TYR Q 894 38.64 8.49 -134.59
CA TYR Q 894 37.73 7.38 -134.85
C TYR Q 894 36.33 7.70 -134.38
N LEU Q 895 36.20 8.28 -133.19
CA LEU Q 895 34.88 8.68 -132.69
C LEU Q 895 34.30 9.85 -133.48
N THR Q 896 35.13 10.79 -133.93
CA THR Q 896 34.68 12.01 -134.57
C THR Q 896 34.50 11.86 -136.07
N LYS Q 897 34.77 10.68 -136.62
CA LYS Q 897 34.61 10.44 -138.05
C LYS Q 897 33.30 9.71 -138.35
N ILE Q 909 40.97 -2.23 -131.95
CA ILE Q 909 40.57 -2.37 -130.55
C ILE Q 909 40.73 -1.03 -129.84
N PHE Q 910 39.67 -0.61 -129.14
CA PHE Q 910 39.64 0.67 -128.45
C PHE Q 910 39.34 0.42 -126.98
N GLN Q 911 40.39 0.26 -126.18
CA GLN Q 911 40.22 0.05 -124.75
C GLN Q 911 39.82 1.34 -124.06
N ASN Q 912 39.24 1.19 -122.88
CA ASN Q 912 38.81 2.31 -122.04
C ASN Q 912 37.65 3.09 -122.65
N THR Q 913 36.94 2.49 -123.61
CA THR Q 913 35.84 3.19 -124.28
C THR Q 913 34.76 2.19 -124.66
N ILE Q 914 33.50 2.61 -124.63
CA ILE Q 914 32.40 1.74 -124.97
C ILE Q 914 32.21 1.73 -126.47
N THR Q 915 31.90 0.57 -127.02
CA THR Q 915 31.81 0.39 -128.47
C THR Q 915 30.55 -0.37 -128.87
N SER Q 916 29.87 -0.99 -127.90
CA SER Q 916 28.74 -1.85 -128.20
C SER Q 916 27.43 -1.15 -127.84
N LEU Q 917 27.51 -0.21 -126.90
CA LEU Q 917 26.30 0.51 -126.49
C LEU Q 917 25.67 1.24 -127.66
N ASN Q 918 26.48 1.76 -128.59
CA ASN Q 918 25.92 2.39 -129.77
C ASN Q 918 25.09 1.39 -130.58
N SER Q 919 25.57 0.15 -130.66
CA SER Q 919 24.85 -0.93 -131.31
C SER Q 919 23.98 -1.69 -130.32
N SER Q 920 23.54 -1.03 -129.25
CA SER Q 920 22.76 -1.64 -128.20
C SER Q 920 21.33 -1.13 -128.24
N THR Q 921 20.38 -2.06 -128.34
CA THR Q 921 18.97 -1.71 -128.38
C THR Q 921 18.40 -1.62 -126.97
N ILE Q 922 17.47 -0.71 -126.77
CA ILE Q 922 16.83 -0.52 -125.47
C ILE Q 922 15.41 -1.03 -125.55
N VAL Q 923 14.97 -1.73 -124.51
CA VAL Q 923 13.61 -2.29 -124.48
C VAL Q 923 12.60 -1.19 -124.71
N GLY Q 924 11.47 -1.54 -125.32
CA GLY Q 924 10.40 -0.63 -125.59
C GLY Q 924 10.59 0.21 -126.83
N ALA Q 925 11.81 0.69 -127.06
CA ALA Q 925 12.10 1.49 -128.25
C ALA Q 925 11.73 0.71 -129.50
N SER Q 926 10.72 1.18 -130.23
CA SER Q 926 10.25 0.48 -131.41
C SER Q 926 11.17 0.66 -132.61
N TYR Q 927 12.03 1.68 -132.60
CA TYR Q 927 12.89 1.98 -133.74
C TYR Q 927 12.05 2.02 -135.03
N ASP Q 928 10.95 2.76 -134.98
CA ASP Q 928 10.05 2.82 -136.13
C ASP Q 928 10.48 3.90 -137.13
N LYS Q 929 10.68 5.11 -136.65
CA LYS Q 929 11.01 6.23 -137.53
C LYS Q 929 12.50 6.56 -137.45
N ASP Q 930 12.91 7.47 -138.32
CA ASP Q 930 14.29 7.92 -138.39
C ASP Q 930 14.37 9.39 -137.98
N THR Q 931 15.58 9.94 -137.99
CA THR Q 931 15.76 11.32 -137.55
C THR Q 931 15.03 12.28 -138.48
N PRO Q 932 14.44 13.34 -137.96
CA PRO Q 932 13.76 14.32 -138.82
C PRO Q 932 14.75 15.00 -139.75
N ALA Q 933 14.25 15.38 -140.92
CA ALA Q 933 15.10 15.99 -141.93
C ALA Q 933 15.28 17.49 -141.69
N ARG Q 934 15.88 18.18 -142.64
CA ARG Q 934 16.14 19.62 -142.53
C ARG Q 934 17.05 19.91 -141.35
N LYS R 35 37.99 3.59 -65.00
CA LYS R 35 39.44 3.64 -64.87
C LYS R 35 39.93 5.03 -65.27
N SER R 36 40.35 5.16 -66.52
CA SER R 36 40.61 6.49 -67.03
C SER R 36 39.38 7.37 -66.93
N LEU R 37 38.22 6.83 -67.30
CA LEU R 37 36.97 7.59 -67.20
C LEU R 37 36.72 8.06 -65.78
N ARG R 38 36.81 7.14 -64.82
CA ARG R 38 36.60 7.53 -63.43
C ARG R 38 37.61 8.58 -63.01
N ASP R 39 38.82 8.53 -63.57
CA ASP R 39 39.82 9.50 -63.17
C ASP R 39 39.48 10.90 -63.70
N GLN R 40 39.07 10.98 -64.97
CA GLN R 40 38.64 12.28 -65.49
C GLN R 40 37.46 12.80 -64.69
N LEU R 41 36.54 11.89 -64.33
CA LEU R 41 35.40 12.29 -63.51
C LEU R 41 35.85 12.83 -62.16
N VAL R 42 36.80 12.16 -61.53
CA VAL R 42 37.34 12.64 -60.26
C VAL R 42 37.86 14.05 -60.42
N GLU R 43 38.64 14.27 -61.47
CA GLU R 43 39.17 15.60 -61.72
C GLU R 43 38.04 16.61 -61.90
N SER R 44 37.01 16.21 -62.65
CA SER R 44 35.90 17.12 -62.97
C SER R 44 35.15 17.56 -61.72
N ILE R 45 34.76 16.61 -60.88
CA ILE R 45 34.09 17.01 -59.64
C ILE R 45 35.03 17.81 -58.76
N ARG R 46 36.32 17.47 -58.75
CA ARG R 46 37.26 18.24 -57.95
C ARG R 46 37.27 19.69 -58.37
N ASN R 47 37.32 19.96 -59.68
CA ASN R 47 37.26 21.35 -60.12
C ASN R 47 35.82 21.81 -60.29
N SER R 48 35.01 21.60 -59.27
CA SER R 48 33.61 22.01 -59.31
C SER R 48 33.30 22.79 -58.05
N ILE R 49 33.96 22.39 -56.96
CA ILE R 49 33.87 23.17 -55.73
C ILE R 49 34.57 24.51 -55.89
N ALA R 50 35.61 24.56 -56.70
CA ALA R 50 36.31 25.80 -56.98
C ALA R 50 35.38 26.81 -57.65
N ARG R 69 23.17 22.86 -62.41
CA ARG R 69 23.28 22.48 -61.01
C ARG R 69 24.66 21.94 -60.68
N ASN R 70 24.76 21.23 -59.56
CA ASN R 70 26.02 20.67 -59.10
C ASN R 70 25.97 19.16 -59.11
N VAL R 71 25.42 18.59 -60.19
CA VAL R 71 25.15 17.16 -60.27
C VAL R 71 25.81 16.59 -61.51
N PHE R 72 26.87 15.83 -61.31
CA PHE R 72 27.43 15.00 -62.37
C PHE R 72 26.55 13.78 -62.55
N PHE R 73 26.45 13.29 -63.79
CA PHE R 73 25.67 12.10 -64.09
C PHE R 73 26.46 11.14 -64.95
N VAL R 74 26.21 9.85 -64.75
CA VAL R 74 26.91 8.79 -65.45
C VAL R 74 25.87 7.99 -66.23
N ASP R 75 25.98 8.04 -67.55
CA ASP R 75 25.19 7.20 -68.42
C ASP R 75 25.69 5.76 -68.37
N GLY R 76 24.92 4.84 -68.95
CA GLY R 76 25.35 3.46 -69.04
C GLY R 76 24.45 2.61 -69.93
N GLY R 81 29.54 -2.98 -63.69
CA GLY R 81 29.19 -1.98 -64.68
C GLY R 81 29.09 -0.58 -64.09
N LYS R 82 27.89 0.00 -64.17
CA LYS R 82 27.69 1.34 -63.63
C LYS R 82 28.05 1.39 -62.15
N THR R 83 27.50 0.45 -61.38
CA THR R 83 27.74 0.43 -59.94
C THR R 83 29.21 0.22 -59.63
N THR R 84 29.85 -0.69 -60.36
CA THR R 84 31.27 -0.92 -60.15
C THR R 84 32.07 0.34 -60.39
N PHE R 85 31.77 1.03 -61.50
CA PHE R 85 32.47 2.26 -61.83
C PHE R 85 32.28 3.30 -60.74
N ILE R 86 31.04 3.45 -60.26
CA ILE R 86 30.76 4.45 -59.24
C ILE R 86 31.47 4.12 -57.95
N ASN R 87 31.46 2.84 -57.56
CA ASN R 87 32.15 2.43 -56.36
C ASN R 87 33.64 2.74 -56.46
N SER R 88 34.23 2.42 -57.60
CA SER R 88 35.63 2.75 -57.83
C SER R 88 35.85 4.26 -57.70
N VAL R 89 34.95 5.04 -58.29
CA VAL R 89 35.06 6.49 -58.20
C VAL R 89 35.07 6.93 -56.75
N VAL R 90 34.14 6.42 -55.96
CA VAL R 90 34.07 6.82 -54.56
C VAL R 90 35.33 6.43 -53.82
N LYS R 91 35.84 5.22 -54.05
CA LYS R 91 37.12 4.84 -53.49
C LYS R 91 38.18 5.86 -53.87
N SER R 92 38.11 6.36 -55.11
CA SER R 92 39.11 7.31 -55.58
C SER R 92 39.19 8.55 -54.70
N LEU R 93 38.06 9.14 -54.34
CA LEU R 93 38.06 10.27 -53.41
C LEU R 93 38.12 9.82 -51.97
N ASN R 94 38.10 8.53 -51.71
CA ASN R 94 38.26 8.02 -50.36
C ASN R 94 37.03 8.34 -49.53
N VAL R 102 41.01 21.05 -51.25
CA VAL R 102 40.43 20.04 -52.12
C VAL R 102 39.79 18.96 -51.27
N ASN R 103 39.44 19.32 -50.05
CA ASN R 103 38.83 18.41 -49.08
C ASN R 103 37.35 18.25 -49.41
N ILE R 104 36.97 17.08 -49.89
CA ILE R 104 35.57 16.73 -50.12
C ILE R 104 35.34 15.35 -49.51
N LYS R 105 34.28 15.23 -48.72
CA LYS R 105 33.98 13.98 -48.04
C LYS R 105 32.85 13.28 -48.78
N CYS R 106 33.03 11.98 -49.00
CA CYS R 106 32.08 11.18 -49.77
C CYS R 106 31.05 10.56 -48.85
N LEU R 107 29.96 10.20 -49.44
CA LEU R 107 28.89 9.50 -48.77
C LEU R 107 28.87 8.04 -49.21
N PRO R 108 28.40 7.13 -48.35
CA PRO R 108 28.15 5.78 -48.83
C PRO R 108 27.17 5.84 -49.99
N THR R 109 27.39 4.98 -50.98
CA THR R 109 26.59 5.05 -52.20
C THR R 109 25.12 4.91 -51.87
N ILE R 110 24.29 5.70 -52.54
CA ILE R 110 22.85 5.65 -52.37
C ILE R 110 22.26 4.71 -53.40
N ASP R 111 21.64 3.63 -52.93
CA ASP R 111 20.90 2.71 -53.78
C ASP R 111 19.41 3.02 -53.63
N PRO R 112 18.86 3.92 -54.41
CA PRO R 112 17.45 4.29 -54.21
C PRO R 112 16.51 3.11 -54.29
N THR R 113 16.79 2.15 -55.15
CA THR R 113 15.95 0.98 -55.34
C THR R 113 15.96 0.07 -54.12
N LYS R 114 16.86 0.30 -53.17
CA LYS R 114 17.04 -0.58 -52.03
C LYS R 114 16.52 0.09 -50.77
N LEU R 115 15.45 0.86 -50.89
CA LEU R 115 14.89 1.62 -49.79
C LEU R 115 13.40 1.34 -49.68
N PRO R 116 12.89 1.21 -48.46
CA PRO R 116 11.45 1.07 -48.28
C PRO R 116 10.69 2.14 -49.02
N ARG R 117 9.42 1.86 -49.34
CA ARG R 117 8.67 2.77 -50.18
C ARG R 117 8.39 4.09 -49.46
N HIS R 118 8.56 4.10 -48.14
CA HIS R 118 8.37 5.31 -47.35
C HIS R 118 9.68 5.74 -46.73
N GLU R 119 10.50 6.42 -47.49
CA GLU R 119 11.53 7.29 -46.93
C GLU R 119 11.77 8.44 -47.90
N PRO R 120 12.17 9.59 -47.41
CA PRO R 120 12.68 10.62 -48.31
C PRO R 120 14.19 10.54 -48.44
N ILE R 121 14.67 10.78 -49.65
CA ILE R 121 16.09 10.82 -49.93
C ILE R 121 16.75 11.68 -48.87
N LEU R 122 16.06 12.74 -48.47
CA LEU R 122 16.63 13.62 -47.46
C LEU R 122 16.79 12.92 -46.12
N VAL R 123 15.81 12.14 -45.69
CA VAL R 123 15.97 11.39 -44.45
C VAL R 123 17.13 10.41 -44.56
N THR R 124 17.22 9.72 -45.69
CA THR R 124 18.35 8.79 -45.87
C THR R 124 19.68 9.52 -45.76
N VAL R 125 19.78 10.66 -46.44
CA VAL R 125 20.99 11.47 -46.38
C VAL R 125 21.26 11.90 -44.96
N THR R 126 20.22 12.34 -44.27
CA THR R 126 20.35 12.76 -42.88
C THR R 126 20.86 11.62 -42.02
N ALA R 127 20.43 10.40 -42.30
CA ALA R 127 20.89 9.25 -41.51
C ALA R 127 22.37 9.01 -41.72
N ARG R 128 22.80 8.94 -42.98
CA ARG R 128 24.22 8.72 -43.22
C ARG R 128 25.05 9.88 -42.66
N LEU R 129 24.55 11.09 -42.80
CA LEU R 129 25.21 12.27 -42.25
C LEU R 129 25.28 12.18 -40.74
N ASN R 130 24.20 11.73 -40.10
CA ASN R 130 24.19 11.53 -38.66
C ASN R 130 25.32 10.60 -38.26
N LYS R 131 25.42 9.44 -38.92
CA LYS R 131 26.49 8.50 -38.57
C LYS R 131 27.85 9.15 -38.73
N MET R 132 28.09 9.76 -39.89
CA MET R 132 29.41 10.33 -40.16
C MET R 132 29.76 11.43 -39.18
N VAL R 133 28.83 12.34 -38.93
CA VAL R 133 29.07 13.40 -37.97
C VAL R 133 29.33 12.82 -36.59
N SER R 134 28.45 11.96 -36.10
CA SER R 134 28.55 11.40 -34.76
C SER R 134 29.85 10.66 -34.53
N ASP R 135 30.26 9.82 -35.48
CA ASP R 135 31.48 9.06 -35.29
C ASP R 135 32.73 9.89 -35.48
N LYS R 136 32.75 10.83 -36.43
CA LYS R 136 33.82 11.82 -36.43
C LYS R 136 33.79 12.65 -35.17
N LEU R 137 32.64 12.72 -34.50
CA LEU R 137 32.50 13.41 -33.22
C LEU R 137 32.94 12.56 -32.04
N LYS R 138 32.47 11.31 -31.96
CA LYS R 138 33.01 10.43 -30.92
C LYS R 138 34.52 10.34 -31.03
N GLY R 139 35.05 10.44 -32.25
CA GLY R 139 36.45 10.74 -32.39
C GLY R 139 36.71 12.11 -31.79
N TYR R 140 37.37 12.15 -30.64
CA TYR R 140 37.54 13.38 -29.88
C TYR R 140 36.25 13.76 -29.18
N ARG R 147 31.72 17.76 -26.37
CA ARG R 147 31.96 19.05 -26.99
C ARG R 147 30.66 19.76 -27.34
N LYS R 148 30.78 21.03 -27.73
CA LYS R 148 29.63 21.86 -28.05
C LYS R 148 29.17 21.70 -29.48
N GLN R 149 30.08 21.35 -30.40
CA GLN R 149 29.67 21.04 -31.77
C GLN R 149 28.61 19.96 -31.78
N LYS R 150 28.84 18.89 -31.02
CA LYS R 150 27.77 17.92 -30.79
C LYS R 150 26.50 18.64 -30.34
N GLU R 151 26.59 19.38 -29.24
CA GLU R 151 25.46 20.09 -28.69
C GLU R 151 24.75 20.93 -29.73
N GLN R 152 25.49 21.68 -30.54
CA GLN R 152 24.90 22.43 -31.63
C GLN R 152 24.20 21.55 -32.65
N TRP R 153 24.76 20.37 -32.93
CA TRP R 153 24.21 19.48 -33.93
C TRP R 153 22.80 19.01 -33.60
N GLN R 154 22.54 18.62 -32.35
CA GLN R 154 21.22 18.15 -31.97
C GLN R 154 20.16 19.21 -32.18
N ASN R 155 20.50 20.48 -32.07
CA ASN R 155 19.52 21.52 -32.36
C ASN R 155 19.03 21.43 -33.79
N HIS R 156 19.95 21.36 -34.75
CA HIS R 156 19.57 21.19 -36.15
C HIS R 156 18.83 19.87 -36.35
N LEU R 157 19.28 18.82 -35.69
CA LEU R 157 18.63 17.52 -35.82
C LEU R 157 17.17 17.60 -35.40
N ALA R 158 16.90 18.22 -34.25
CA ALA R 158 15.54 18.40 -33.77
C ALA R 158 14.73 19.29 -34.68
N GLN R 159 15.34 20.34 -35.20
CA GLN R 159 14.62 21.19 -36.15
C GLN R 159 14.18 20.36 -37.36
N LEU R 160 15.07 19.51 -37.86
CA LEU R 160 14.71 18.65 -38.98
C LEU R 160 13.57 17.73 -38.60
N GLN R 161 13.69 17.04 -37.47
CA GLN R 161 12.62 16.16 -37.03
C GLN R 161 11.28 16.89 -37.02
N ARG R 162 11.24 18.06 -36.38
CA ARG R 162 9.99 18.78 -36.25
C ARG R 162 9.43 19.22 -37.59
N GLY R 163 10.28 19.74 -38.48
CA GLY R 163 9.78 20.22 -39.76
C GLY R 163 9.62 19.10 -40.76
N LEU R 164 9.94 17.88 -40.33
CA LEU R 164 9.94 16.73 -41.22
C LEU R 164 8.58 16.42 -41.80
N HIS R 165 7.50 16.70 -41.06
CA HIS R 165 6.17 16.29 -41.49
C HIS R 165 5.82 16.82 -42.88
N LEU R 166 6.29 18.02 -43.20
CA LEU R 166 5.88 18.69 -44.44
C LEU R 166 5.85 17.73 -45.61
N LEU R 167 6.88 16.88 -45.72
CA LEU R 167 6.94 15.97 -46.86
C LEU R 167 5.88 14.88 -46.77
N THR R 168 5.76 14.27 -45.60
CA THR R 168 4.90 13.10 -45.44
C THR R 168 3.43 13.45 -45.49
N ASP R 169 3.06 14.51 -44.78
CA ASP R 169 1.67 14.86 -44.54
C ASP R 169 0.83 14.83 -45.82
N LYS R 170 -0.18 13.96 -45.85
CA LYS R 170 -1.13 13.95 -46.95
C LYS R 170 -2.12 15.10 -46.89
N GLU R 171 -2.20 15.78 -45.75
CA GLU R 171 -3.04 16.95 -45.58
C GLU R 171 -2.26 17.96 -44.74
N TYR R 172 -2.69 19.21 -44.79
CA TYR R 172 -2.08 20.26 -43.99
C TYR R 172 -2.69 20.28 -42.60
N LYS R 173 -1.88 19.95 -41.60
CA LYS R 173 -2.63 20.27 -40.39
C LYS R 173 -2.38 21.72 -39.99
N PRO R 174 -3.44 22.41 -39.57
CA PRO R 174 -3.29 23.83 -39.20
C PRO R 174 -2.27 24.07 -38.11
N GLU R 175 -2.16 23.18 -37.12
CA GLU R 175 -1.19 23.36 -36.06
C GLU R 175 0.22 23.55 -36.59
N TYR R 176 0.53 22.99 -37.75
CA TYR R 176 1.79 23.27 -38.41
C TYR R 176 1.95 24.75 -38.72
N PHE R 177 0.85 25.50 -38.80
CA PHE R 177 0.96 26.93 -39.04
C PHE R 177 1.74 27.65 -37.95
N SER R 178 1.20 27.68 -36.74
CA SER R 178 1.91 28.28 -35.62
C SER R 178 3.29 27.68 -35.44
N ASP R 179 3.45 26.40 -35.77
CA ASP R 179 4.77 25.79 -35.80
C ASP R 179 5.69 26.56 -36.72
N ALA R 180 5.21 26.89 -37.92
CA ALA R 180 5.97 27.70 -38.86
C ALA R 180 6.19 29.12 -38.37
N LEU R 181 5.50 29.52 -37.31
CA LEU R 181 5.55 30.88 -36.81
C LEU R 181 6.67 31.07 -35.79
N LYS R 182 7.56 30.10 -35.70
CA LYS R 182 8.61 30.07 -34.68
C LYS R 182 9.94 30.37 -35.35
N LEU R 183 10.87 30.90 -34.56
CA LEU R 183 12.22 31.20 -35.05
C LEU R 183 13.28 30.77 -34.03
N SER R 190 16.15 31.71 -42.34
CA SER R 190 15.85 33.13 -42.23
C SER R 190 15.21 33.65 -43.51
N ILE R 191 14.12 33.02 -43.94
CA ILE R 191 13.40 33.42 -45.14
C ILE R 191 11.94 33.66 -44.83
N GLY R 192 11.45 33.06 -43.75
CA GLY R 192 10.05 33.19 -43.37
C GLY R 192 9.30 31.89 -43.57
N GLY R 193 9.01 31.20 -42.47
CA GLY R 193 8.35 29.91 -42.54
C GLY R 193 9.14 28.83 -41.84
N GLN R 194 9.15 27.62 -42.41
CA GLN R 194 9.90 26.49 -41.87
C GLN R 194 10.64 25.76 -42.99
N ASP R 195 11.32 26.51 -43.83
CA ASP R 195 11.90 25.92 -45.02
C ASP R 195 12.83 24.77 -44.65
N LEU R 196 12.38 23.56 -44.94
CA LEU R 196 13.19 22.38 -44.69
C LEU R 196 14.49 22.42 -45.49
N SER R 197 14.46 22.98 -46.70
CA SER R 197 15.67 23.11 -47.49
C SER R 197 16.70 24.00 -46.83
N GLU R 198 16.31 25.17 -46.32
CA GLU R 198 17.26 25.98 -45.59
C GLU R 198 17.73 25.27 -44.34
N ILE R 199 16.83 24.56 -43.66
CA ILE R 199 17.25 23.80 -42.49
C ILE R 199 18.36 22.84 -42.88
N PHE R 200 18.16 22.09 -43.96
CA PHE R 200 19.17 21.20 -44.51
C PHE R 200 20.45 21.94 -44.86
N GLU R 201 20.34 23.19 -45.31
CA GLU R 201 21.56 23.91 -45.65
C GLU R 201 22.35 24.28 -44.41
N GLU R 202 21.68 24.69 -43.32
CA GLU R 202 22.46 24.85 -42.09
C GLU R 202 23.03 23.53 -41.65
N LEU R 203 22.31 22.44 -41.91
CA LEU R 203 22.80 21.11 -41.60
C LEU R 203 24.13 20.84 -42.27
N VAL R 204 24.19 21.04 -43.59
CA VAL R 204 25.43 20.81 -44.32
C VAL R 204 26.49 21.81 -43.90
N LYS R 205 26.08 23.03 -43.58
CA LYS R 205 27.01 24.00 -43.02
C LYS R 205 27.71 23.44 -41.79
N ARG R 206 26.92 22.94 -40.85
CA ARG R 206 27.49 22.32 -39.65
C ARG R 206 28.35 21.13 -40.02
N ALA R 207 27.88 20.29 -40.93
CA ALA R 207 28.61 19.08 -41.28
C ALA R 207 30.00 19.39 -41.81
N CYS R 208 30.09 20.27 -42.81
CA CYS R 208 31.40 20.58 -43.38
C CYS R 208 32.24 21.41 -42.41
N GLU R 209 31.60 22.28 -41.63
CA GLU R 209 32.30 23.01 -40.60
C GLU R 209 32.99 22.07 -39.63
N ILE R 210 32.33 20.97 -39.27
CA ILE R 210 32.88 20.05 -38.29
C ILE R 210 33.87 19.07 -38.91
N LEU R 211 33.62 18.62 -40.13
CA LEU R 211 34.49 17.67 -40.80
C LEU R 211 35.67 18.35 -41.48
N ASP R 212 35.71 19.68 -41.46
CA ASP R 212 36.79 20.46 -42.07
C ASP R 212 36.98 20.06 -43.53
N CYS R 213 35.84 19.86 -44.21
CA CYS R 213 35.82 19.49 -45.61
C CYS R 213 35.14 20.58 -46.39
N LYS R 214 35.57 20.76 -47.64
CA LYS R 214 34.98 21.77 -48.50
C LYS R 214 33.55 21.44 -48.91
N ALA R 215 33.21 20.16 -49.04
CA ALA R 215 31.86 19.81 -49.45
C ALA R 215 31.61 18.32 -49.26
N ILE R 216 30.39 17.92 -49.56
CA ILE R 216 29.91 16.55 -49.40
C ILE R 216 29.43 16.03 -50.74
N LEU R 217 29.85 14.81 -51.07
CA LEU R 217 29.36 14.14 -52.26
C LEU R 217 28.22 13.20 -51.91
N ILE R 218 27.12 13.31 -52.64
CA ILE R 218 25.97 12.43 -52.49
C ILE R 218 25.88 11.54 -53.71
N THR R 219 26.08 10.24 -53.51
CA THR R 219 26.31 9.30 -54.60
C THR R 219 25.12 8.36 -54.73
N PHE R 220 24.43 8.41 -55.86
CA PHE R 220 23.15 7.78 -56.02
C PHE R 220 23.26 6.72 -57.11
N ASP R 221 22.71 5.54 -56.82
CA ASP R 221 22.78 4.44 -57.77
C ASP R 221 21.71 4.58 -58.85
N ASP R 222 21.95 3.92 -59.97
CA ASP R 222 20.95 3.79 -61.00
C ASP R 222 19.67 3.22 -60.40
N ILE R 223 18.55 3.52 -61.06
CA ILE R 223 17.23 3.07 -60.61
C ILE R 223 16.63 2.15 -61.65
N ASP R 224 17.47 1.38 -62.34
CA ASP R 224 16.93 0.44 -63.31
C ASP R 224 15.95 -0.55 -62.68
N THR R 225 16.29 -1.11 -61.51
CA THR R 225 15.38 -2.00 -60.81
C THR R 225 14.14 -1.28 -60.30
N GLN R 226 14.23 0.01 -60.02
CA GLN R 226 13.05 0.82 -59.73
C GLN R 226 13.26 2.23 -60.24
N PHE R 227 12.85 2.49 -61.47
CA PHE R 227 13.09 3.78 -62.09
C PHE R 227 12.14 4.83 -61.54
N ASP R 228 11.19 4.40 -60.72
CA ASP R 228 10.19 5.32 -60.21
C ASP R 228 10.65 6.08 -58.98
N ALA R 229 11.34 5.40 -58.07
CA ALA R 229 11.85 6.09 -56.88
C ALA R 229 12.79 7.22 -57.27
N GLY R 230 13.43 7.12 -58.43
CA GLY R 230 14.41 8.11 -58.81
C GLY R 230 13.85 9.52 -58.86
N TRP R 231 12.66 9.69 -59.44
CA TRP R 231 11.95 10.96 -59.40
C TRP R 231 12.15 11.63 -58.05
N ASP R 232 11.92 10.85 -57.00
CA ASP R 232 11.96 11.38 -55.63
C ASP R 232 13.33 11.96 -55.33
N VAL R 233 14.39 11.26 -55.73
CA VAL R 233 15.74 11.80 -55.55
C VAL R 233 15.88 13.08 -56.34
N LEU R 234 15.23 13.14 -57.50
CA LEU R 234 15.27 14.36 -58.29
C LEU R 234 14.71 15.54 -57.52
N GLU R 235 13.55 15.35 -56.88
CA GLU R 235 13.03 16.46 -56.08
C GLU R 235 13.87 16.72 -54.85
N SER R 236 14.40 15.67 -54.23
CA SER R 236 15.35 15.89 -53.14
C SER R 236 16.43 16.86 -53.59
N ILE R 237 17.00 16.59 -54.77
CA ILE R 237 17.98 17.47 -55.38
C ILE R 237 17.43 18.88 -55.50
N ARG R 238 16.34 19.03 -56.25
CA ARG R 238 15.85 20.35 -56.63
C ARG R 238 15.54 21.18 -55.40
N LYS R 239 14.86 20.60 -54.42
CA LYS R 239 14.38 21.37 -53.28
C LYS R 239 15.39 21.51 -52.16
N PHE R 240 16.36 20.61 -52.07
CA PHE R 240 17.24 20.60 -50.92
C PHE R 240 18.71 20.74 -51.27
N PHE R 241 19.12 20.37 -52.47
CA PHE R 241 20.52 20.30 -52.83
C PHE R 241 20.96 21.45 -53.73
N ASN R 242 20.23 22.57 -53.69
CA ASN R 242 20.67 23.77 -54.40
C ASN R 242 21.66 24.55 -53.53
N SER R 243 22.67 23.82 -53.07
CA SER R 243 23.72 24.37 -52.22
C SER R 243 25.08 24.14 -52.87
N ARG R 244 26.00 25.03 -52.53
CA ARG R 244 27.32 25.00 -53.14
C ARG R 244 28.30 24.13 -52.40
N LYS R 245 27.92 23.58 -51.25
CA LYS R 245 28.77 22.67 -50.50
C LYS R 245 28.32 21.23 -50.61
N LEU R 246 27.36 20.95 -51.49
CA LEU R 246 26.92 19.60 -51.79
C LEU R 246 27.02 19.37 -53.29
N VAL R 247 27.39 18.15 -53.68
CA VAL R 247 27.47 17.80 -55.09
C VAL R 247 26.86 16.42 -55.29
N VAL R 248 26.07 16.28 -56.34
CA VAL R 248 25.32 15.07 -56.62
C VAL R 248 26.05 14.24 -57.67
N VAL R 249 25.98 12.92 -57.54
CA VAL R 249 26.50 11.99 -58.52
C VAL R 249 25.40 11.01 -58.87
N ALA R 250 24.70 11.27 -59.97
CA ALA R 250 23.62 10.44 -60.45
C ALA R 250 24.14 9.43 -61.46
N THR R 251 23.42 8.32 -61.60
CA THR R 251 23.83 7.23 -62.47
C THR R 251 22.61 6.54 -63.05
N GLY R 252 22.64 6.28 -64.34
CA GLY R 252 21.56 5.54 -64.98
C GLY R 252 21.42 5.95 -66.44
N ASP R 253 20.21 5.74 -66.96
CA ASP R 253 19.85 6.11 -68.32
C ASP R 253 18.90 7.29 -68.28
N LEU R 254 19.29 8.39 -68.91
CA LEU R 254 18.46 9.57 -68.91
C LEU R 254 17.12 9.35 -69.61
N ARG R 255 16.99 8.28 -70.40
CA ARG R 255 15.71 8.00 -71.04
C ARG R 255 14.61 7.75 -70.02
N LEU R 256 14.88 6.94 -69.01
CA LEU R 256 13.91 6.73 -67.94
C LEU R 256 13.65 8.01 -67.17
N TYR R 257 14.69 8.80 -66.90
CA TYR R 257 14.49 10.10 -66.28
C TYR R 257 13.47 10.91 -67.04
N SER R 258 13.67 10.99 -68.36
CA SER R 258 12.74 11.71 -69.23
C SER R 258 11.33 11.15 -69.10
N GLN R 259 11.19 9.83 -69.21
CA GLN R 259 9.86 9.26 -69.11
C GLN R 259 9.18 9.58 -67.79
N LEU R 260 9.83 9.30 -66.67
CA LEU R 260 9.25 9.52 -65.36
C LEU R 260 8.89 10.99 -65.13
N ILE R 261 9.81 11.89 -65.49
CA ILE R 261 9.51 13.30 -65.35
C ILE R 261 8.34 13.67 -66.23
N ARG R 262 8.33 13.19 -67.46
CA ARG R 262 7.16 13.35 -68.31
C ARG R 262 5.92 12.76 -67.66
N GLY R 263 6.01 11.49 -67.25
CA GLY R 263 4.83 10.82 -66.72
C GLY R 263 4.13 11.62 -65.64
N LYS R 264 4.90 12.13 -64.68
CA LYS R 264 4.26 12.92 -63.64
C LYS R 264 4.15 14.40 -64.00
N GLN R 265 4.70 14.81 -65.13
CA GLN R 265 4.25 16.06 -65.74
C GLN R 265 2.81 15.93 -66.18
N TYR R 266 2.51 14.90 -66.95
CA TYR R 266 1.16 14.60 -67.39
C TYR R 266 0.21 14.51 -66.22
N GLU R 267 0.69 13.99 -65.08
CA GLU R 267 -0.13 13.80 -63.89
C GLU R 267 -0.56 15.14 -63.30
N ASN R 268 0.07 16.22 -63.71
CA ASN R 268 -0.31 17.54 -63.20
C ASN R 268 -1.59 18.07 -63.84
N TYR R 269 -1.89 17.68 -65.07
CA TYR R 269 -3.13 18.09 -65.70
C TYR R 269 -4.33 17.69 -64.85
N SER R 270 -5.50 18.20 -65.22
CA SER R 270 -6.74 17.79 -64.58
C SER R 270 -7.40 16.67 -65.38
N LYS R 271 -7.83 15.62 -64.66
CA LYS R 271 -8.37 14.46 -65.34
C LYS R 271 -9.50 14.83 -66.28
N THR R 272 -10.45 15.62 -65.80
CA THR R 272 -11.53 16.07 -66.66
C THR R 272 -10.99 16.74 -67.91
N LEU R 273 -9.90 17.48 -67.78
CA LEU R 273 -9.35 18.19 -68.93
C LEU R 273 -9.08 17.24 -70.08
N LEU R 274 -8.28 16.21 -69.84
CA LEU R 274 -7.95 15.27 -70.91
C LEU R 274 -9.15 14.40 -71.25
N GLU R 275 -9.96 14.06 -70.26
CA GLU R 275 -11.18 13.32 -70.47
C GLU R 275 -12.10 13.99 -71.46
N GLN R 276 -12.06 15.32 -71.54
CA GLN R 276 -12.89 16.08 -72.46
C GLN R 276 -12.19 16.42 -73.75
N GLU R 277 -10.92 16.81 -73.69
CA GLU R 277 -10.17 17.21 -74.87
C GLU R 277 -9.35 16.04 -75.40
N LYS R 278 -10.04 15.04 -75.95
CA LYS R 278 -9.42 13.85 -76.52
C LYS R 278 -9.29 13.95 -78.04
N GLU R 279 -9.02 15.15 -78.54
CA GLU R 279 -8.92 15.42 -79.97
C GLU R 279 -7.49 15.74 -80.37
N SER R 280 -7.13 15.32 -81.58
CA SER R 280 -5.75 15.37 -82.04
C SER R 280 -5.11 16.74 -81.83
N VAL R 281 -5.83 17.80 -82.16
CA VAL R 281 -5.24 19.14 -82.07
C VAL R 281 -4.73 19.41 -80.66
N ARG R 282 -5.65 19.46 -79.70
CA ARG R 282 -5.30 19.77 -78.32
C ARG R 282 -4.37 18.74 -77.70
N LEU R 283 -4.64 17.45 -77.93
CA LEU R 283 -3.62 16.46 -77.61
C LEU R 283 -2.25 16.93 -78.05
N ALA R 284 -2.15 17.43 -79.28
CA ALA R 284 -0.87 17.80 -79.84
C ALA R 284 -0.23 18.93 -79.04
N GLU R 285 -0.95 20.04 -78.83
CA GLU R 285 -0.22 21.15 -78.21
C GLU R 285 0.12 20.83 -76.77
N ARG R 286 -0.74 20.09 -76.07
CA ARG R 286 -0.33 19.72 -74.72
C ARG R 286 0.88 18.80 -74.74
N GLY R 287 0.96 17.91 -75.73
CA GLY R 287 2.17 17.12 -75.87
C GLY R 287 3.39 17.99 -76.09
N TYR R 288 3.26 18.99 -76.95
CA TYR R 288 4.37 19.91 -77.16
C TYR R 288 4.77 20.58 -75.85
N MET R 289 3.78 21.06 -75.10
CA MET R 289 4.07 21.77 -73.86
C MET R 289 4.77 20.87 -72.86
N VAL R 290 4.21 19.68 -72.63
CA VAL R 290 4.80 18.74 -71.68
C VAL R 290 6.20 18.34 -72.10
N GLU R 291 6.41 18.04 -73.38
CA GLU R 291 7.72 17.66 -73.87
C GLU R 291 8.73 18.78 -73.74
N HIS R 292 8.36 20.02 -74.07
CA HIS R 292 9.24 21.14 -73.85
C HIS R 292 9.60 21.34 -72.40
N LEU R 293 8.63 21.26 -71.50
CA LEU R 293 8.92 21.35 -70.08
C LEU R 293 9.82 20.23 -69.59
N GLU R 294 9.57 19.01 -70.04
CA GLU R 294 10.46 17.91 -69.70
C GLU R 294 11.88 18.21 -70.13
N GLN R 295 12.05 18.66 -71.37
CA GLN R 295 13.37 18.99 -71.87
C GLN R 295 14.03 20.07 -71.02
N GLN R 296 13.34 21.17 -70.79
CA GLN R 296 13.88 22.28 -70.04
C GLN R 296 14.23 21.88 -68.60
N TYR R 297 13.42 21.05 -67.98
CA TYR R 297 13.68 20.66 -66.60
C TYR R 297 14.85 19.69 -66.51
N LEU R 298 14.95 18.77 -67.47
CA LEU R 298 16.14 17.94 -67.54
C LEU R 298 17.37 18.80 -67.76
N LEU R 299 17.25 19.84 -68.58
CA LEU R 299 18.40 20.73 -68.77
C LEU R 299 18.90 21.24 -67.43
N LYS R 300 18.01 21.83 -66.63
CA LYS R 300 18.44 22.39 -65.35
C LYS R 300 18.94 21.32 -64.40
N LEU R 301 18.22 20.21 -64.27
CA LEU R 301 18.60 19.19 -63.30
C LEU R 301 19.89 18.49 -63.67
N PHE R 302 20.08 18.19 -64.94
CA PHE R 302 21.27 17.49 -65.44
C PHE R 302 21.89 18.36 -66.52
N PRO R 303 22.48 19.49 -66.14
CA PRO R 303 23.24 20.28 -67.11
C PRO R 303 24.29 19.41 -67.78
N VAL R 304 24.39 19.55 -69.11
CA VAL R 304 25.13 18.58 -69.90
C VAL R 304 26.61 18.57 -69.53
N GLN R 305 27.18 19.74 -69.20
CA GLN R 305 28.63 19.83 -69.07
C GLN R 305 29.17 18.74 -68.14
N LYS R 306 28.50 18.48 -67.03
CA LYS R 306 29.02 17.55 -66.04
C LYS R 306 28.48 16.14 -66.21
N ARG R 307 27.77 15.86 -67.29
CA ARG R 307 27.33 14.49 -67.55
C ARG R 307 28.52 13.69 -68.06
N ILE R 308 28.45 12.37 -67.90
CA ILE R 308 29.54 11.48 -68.31
C ILE R 308 29.00 10.50 -69.34
N GLN R 309 29.70 10.37 -70.47
CA GLN R 309 29.29 9.43 -71.50
C GLN R 309 29.80 8.03 -71.23
N LEU R 310 30.98 7.91 -70.64
CA LEU R 310 31.53 6.60 -70.32
C LEU R 310 31.95 5.84 -71.56
N LYS R 311 33.08 5.12 -71.47
CA LYS R 311 33.59 4.31 -72.56
C LYS R 311 33.04 2.90 -72.44
N THR R 312 32.65 2.33 -73.57
CA THR R 312 32.05 1.01 -73.58
C THR R 312 33.13 -0.05 -73.72
N MET R 313 32.76 -1.32 -73.58
CA MET R 313 33.73 -2.39 -73.69
C MET R 313 34.30 -2.49 -75.11
N LEU R 314 33.45 -2.52 -76.14
CA LEU R 314 33.97 -2.58 -77.49
C LEU R 314 34.72 -1.31 -77.87
N GLN R 315 34.24 -0.15 -77.43
CA GLN R 315 34.99 1.09 -77.55
C GLN R 315 36.34 0.99 -76.88
N LEU R 316 36.43 0.12 -75.86
CA LEU R 316 37.67 -0.14 -75.14
C LEU R 316 38.50 -1.20 -75.85
N VAL R 317 37.98 -1.78 -76.93
CA VAL R 317 38.65 -2.87 -77.63
C VAL R 317 38.74 -2.53 -79.11
N GLY R 318 39.85 -2.88 -79.73
CA GLY R 318 40.03 -2.66 -81.15
C GLY R 318 38.83 -3.09 -81.96
N GLU R 319 38.35 -2.20 -82.83
CA GLU R 319 37.18 -2.52 -83.64
C GLU R 319 37.43 -3.75 -84.50
N LYS R 320 38.54 -3.78 -85.22
CA LYS R 320 38.91 -4.94 -86.03
C LYS R 320 40.41 -5.18 -85.95
N GLY R 321 41.02 -4.69 -84.88
CA GLY R 321 42.46 -4.82 -84.69
C GLY R 321 43.26 -3.55 -84.93
N LYS R 322 42.64 -2.51 -85.50
CA LYS R 322 43.31 -1.24 -85.76
C LYS R 322 43.18 -0.30 -84.57
N ALA R 323 42.98 -0.88 -83.38
CA ALA R 323 42.73 -0.16 -82.15
C ALA R 323 43.27 -0.98 -80.98
N GLY R 324 42.77 -0.73 -79.78
CA GLY R 324 43.16 -1.55 -78.65
C GLY R 324 43.89 -0.83 -77.53
N LYS R 325 43.51 0.42 -77.26
CA LYS R 325 43.90 1.11 -76.04
C LYS R 325 43.53 0.23 -74.85
N GLU R 326 44.55 -0.13 -74.07
CA GLU R 326 44.36 -0.95 -72.88
C GLU R 326 43.71 -2.30 -73.17
N GLU R 327 44.45 -3.17 -73.86
CA GLU R 327 44.04 -4.56 -74.01
C GLU R 327 43.41 -5.07 -72.72
N ILE R 328 42.30 -5.81 -72.86
CA ILE R 328 41.59 -6.31 -71.69
C ILE R 328 42.14 -7.67 -71.30
N LYS R 329 42.00 -8.66 -72.19
CA LYS R 329 42.48 -10.01 -71.92
C LYS R 329 41.64 -10.65 -70.83
N VAL R 330 41.19 -11.88 -71.04
CA VAL R 330 40.32 -12.57 -70.10
C VAL R 330 40.90 -13.93 -69.77
N LYS R 331 40.42 -14.50 -68.66
CA LYS R 331 40.87 -15.83 -68.24
C LYS R 331 39.95 -16.89 -68.83
N THR R 332 40.56 -17.88 -69.50
CA THR R 332 39.83 -18.95 -70.14
C THR R 332 40.03 -20.30 -69.46
N GLU R 333 41.18 -20.52 -68.83
CA GLU R 333 41.45 -21.78 -68.15
C GLU R 333 41.71 -21.50 -66.68
N PRO R 334 41.42 -22.44 -65.79
CA PRO R 334 41.68 -22.21 -64.37
C PRO R 334 43.13 -21.88 -64.06
N SER R 335 44.07 -22.44 -64.84
CA SER R 335 45.47 -22.17 -64.58
C SER R 335 45.80 -20.72 -64.90
N MET R 336 45.68 -20.34 -66.17
CA MET R 336 45.65 -18.95 -66.60
C MET R 336 46.59 -18.06 -65.80
N GLN R 337 47.90 -18.35 -65.85
CA GLN R 337 48.85 -17.65 -64.99
C GLN R 337 49.22 -16.31 -65.64
N ASP R 338 48.20 -15.59 -66.09
CA ASP R 338 48.32 -14.21 -66.53
C ASP R 338 49.09 -14.13 -67.84
N ILE R 339 49.60 -15.28 -68.31
CA ILE R 339 50.26 -15.29 -69.61
C ILE R 339 49.46 -16.08 -70.63
N ASP R 340 48.50 -16.89 -70.18
CA ASP R 340 47.62 -17.64 -71.06
C ASP R 340 46.37 -16.85 -71.42
N ALA R 341 46.26 -15.61 -70.94
CA ALA R 341 45.08 -14.81 -71.23
C ALA R 341 44.86 -14.71 -72.74
N ILE R 342 43.77 -15.30 -73.21
CA ILE R 342 43.48 -15.27 -74.64
C ILE R 342 42.66 -14.04 -74.95
N ASP R 343 43.33 -12.89 -75.04
CA ASP R 343 42.74 -11.60 -75.36
C ASP R 343 41.33 -11.51 -74.77
N VAL R 344 40.47 -10.73 -75.41
CA VAL R 344 39.03 -10.80 -75.17
C VAL R 344 38.36 -11.00 -76.53
N ARG R 345 38.74 -10.16 -77.49
CA ARG R 345 38.23 -10.30 -78.84
C ARG R 345 38.55 -11.66 -79.42
N GLN R 346 39.79 -12.12 -79.23
CA GLN R 346 40.20 -13.43 -79.73
C GLN R 346 39.45 -14.57 -79.06
N ALA R 347 39.25 -14.51 -77.75
CA ALA R 347 38.46 -15.51 -77.05
C ALA R 347 37.04 -15.55 -77.58
N ILE R 348 36.43 -14.38 -77.79
CA ILE R 348 35.10 -14.32 -78.35
C ILE R 348 35.06 -14.91 -79.75
N GLY R 349 36.05 -14.59 -80.57
CA GLY R 349 36.08 -15.13 -81.92
C GLY R 349 36.21 -16.63 -81.95
N ASP R 350 37.07 -17.17 -81.09
CA ASP R 350 37.16 -18.63 -80.99
C ASP R 350 35.84 -19.23 -80.54
N ALA R 351 35.27 -18.70 -79.45
CA ALA R 351 33.99 -19.23 -78.97
C ALA R 351 32.97 -19.28 -80.09
N VAL R 352 32.81 -18.16 -80.82
CA VAL R 352 31.82 -18.13 -81.88
C VAL R 352 32.19 -19.09 -82.99
N ARG R 353 33.34 -18.88 -83.64
CA ARG R 353 33.70 -19.67 -84.80
C ARG R 353 33.59 -21.16 -84.53
N GLU R 354 34.18 -21.63 -83.44
CA GLU R 354 34.12 -23.05 -83.12
C GLU R 354 32.72 -23.48 -82.71
N GLY R 355 31.98 -22.65 -81.99
CA GLY R 355 30.61 -22.98 -81.67
C GLY R 355 29.71 -22.65 -82.84
N LEU R 356 30.21 -21.80 -83.73
CA LEU R 356 29.51 -21.46 -84.96
C LEU R 356 30.03 -22.24 -86.14
N ASN R 357 31.13 -22.97 -85.98
CA ASN R 357 31.80 -23.59 -87.12
C ASN R 357 31.84 -22.54 -88.21
N LEU R 358 32.48 -21.41 -87.92
CA LEU R 358 32.19 -20.16 -88.58
C LEU R 358 33.30 -19.66 -89.49
N ARG R 359 34.47 -20.31 -89.51
CA ARG R 359 35.61 -19.79 -90.26
C ARG R 359 36.06 -18.47 -89.64
N GLU R 360 37.23 -17.99 -90.04
CA GLU R 360 37.79 -16.75 -89.49
C GLU R 360 37.65 -15.59 -90.46
N GLY R 361 36.54 -15.53 -91.20
CA GLY R 361 36.34 -14.51 -92.20
C GLY R 361 35.85 -13.19 -91.65
N SER R 362 35.34 -12.33 -92.53
CA SER R 362 34.90 -10.99 -92.16
C SER R 362 33.59 -11.00 -91.39
N ASP R 363 32.61 -11.80 -91.78
CA ASP R 363 31.33 -11.79 -91.09
C ASP R 363 31.47 -12.24 -89.65
N ALA R 364 32.25 -13.30 -89.42
CA ALA R 364 32.48 -13.74 -88.04
C ALA R 364 33.07 -12.62 -87.20
N ASP R 365 34.03 -11.88 -87.75
CA ASP R 365 34.56 -10.72 -87.06
C ASP R 365 33.42 -9.80 -86.67
N MET R 366 32.68 -9.31 -87.65
CA MET R 366 31.57 -8.39 -87.42
C MET R 366 30.50 -9.03 -86.54
N TYR R 367 30.30 -10.34 -86.67
CA TYR R 367 29.47 -11.04 -85.70
C TYR R 367 29.92 -10.76 -84.27
N VAL R 368 31.22 -10.94 -84.00
CA VAL R 368 31.75 -10.70 -82.67
C VAL R 368 31.77 -9.23 -82.28
N ASN R 369 31.88 -8.33 -83.27
CA ASN R 369 31.67 -6.91 -82.97
C ASN R 369 30.26 -6.65 -82.48
N GLU R 370 29.27 -7.33 -83.04
CA GLU R 370 27.89 -7.23 -82.58
C GLU R 370 27.68 -8.10 -81.35
N LEU R 371 28.78 -8.50 -80.73
CA LEU R 371 28.74 -9.25 -79.50
C LEU R 371 29.38 -8.40 -78.41
N LEU R 372 30.45 -7.71 -78.80
CA LEU R 372 31.16 -6.78 -77.92
C LEU R 372 30.29 -5.62 -77.49
N LYS R 373 29.19 -5.35 -78.19
CA LYS R 373 28.22 -4.39 -77.68
C LYS R 373 27.60 -4.82 -76.36
N GLN R 374 27.28 -6.10 -76.22
CA GLN R 374 26.30 -6.50 -75.23
C GLN R 374 26.75 -6.07 -73.83
N PRO R 375 25.81 -5.79 -72.94
CA PRO R 375 26.18 -5.32 -71.60
C PRO R 375 27.17 -6.25 -70.93
N VAL R 376 28.11 -5.66 -70.18
CA VAL R 376 29.23 -6.44 -69.65
C VAL R 376 28.76 -7.63 -68.84
N ARG R 377 27.71 -7.45 -68.05
CA ARG R 377 27.20 -8.58 -67.27
C ARG R 377 26.80 -9.74 -68.18
N LEU R 378 25.99 -9.48 -69.20
CA LEU R 378 25.55 -10.54 -70.10
C LEU R 378 26.72 -11.21 -70.80
N LEU R 379 27.63 -10.42 -71.37
CA LEU R 379 28.78 -10.98 -72.06
C LEU R 379 29.67 -11.79 -71.15
N MET R 380 29.96 -11.29 -69.95
CA MET R 380 30.79 -12.00 -68.99
C MET R 380 30.17 -13.31 -68.55
N GLN R 381 28.87 -13.33 -68.28
CA GLN R 381 28.19 -14.58 -68.00
C GLN R 381 28.22 -15.55 -69.17
N VAL R 382 27.92 -15.06 -70.37
CA VAL R 382 27.86 -15.93 -71.54
C VAL R 382 29.25 -16.44 -71.94
N LEU R 383 30.31 -15.73 -71.58
CA LEU R 383 31.64 -16.20 -71.92
C LEU R 383 32.32 -16.82 -70.70
N GLN R 384 31.60 -16.88 -69.57
CA GLN R 384 32.14 -17.52 -68.38
C GLN R 384 31.53 -18.91 -68.26
N ASP R 385 30.29 -19.05 -68.73
CA ASP R 385 29.67 -20.35 -68.85
C ASP R 385 30.14 -21.13 -70.07
N PHE R 386 30.72 -20.44 -71.05
CA PHE R 386 31.23 -21.09 -72.25
C PHE R 386 32.44 -21.95 -71.93
N TYR R 387 33.53 -21.31 -71.52
CA TYR R 387 34.76 -22.06 -71.27
C TYR R 387 34.61 -22.94 -70.04
N THR R 388 33.77 -22.53 -69.09
CA THR R 388 33.48 -23.38 -67.94
C THR R 388 32.99 -24.75 -68.38
N LYS R 389 31.97 -24.78 -69.23
CA LYS R 389 31.42 -26.04 -69.67
C LYS R 389 32.31 -26.74 -70.68
N LYS R 390 33.06 -25.99 -71.49
CA LYS R 390 34.04 -26.64 -72.35
C LYS R 390 35.06 -27.42 -71.53
N TYR R 391 35.60 -26.80 -70.48
CA TYR R 391 36.55 -27.49 -69.61
C TYR R 391 35.87 -28.65 -68.89
N HIS R 392 34.62 -28.47 -68.47
CA HIS R 392 33.91 -29.56 -67.82
C HIS R 392 33.78 -30.77 -68.73
N ALA R 393 33.44 -30.55 -70.00
CA ALA R 393 33.27 -31.66 -70.93
C ALA R 393 34.60 -32.25 -71.36
N THR R 394 35.65 -31.44 -71.40
CA THR R 394 36.97 -31.88 -71.86
C THR R 394 37.85 -32.36 -70.71
N SER R 395 37.33 -32.35 -69.49
CA SER R 395 38.08 -32.82 -68.33
C SER R 395 39.21 -31.84 -68.00
N SER R 412 30.60 -31.18 -77.95
CA SER R 412 30.25 -30.26 -79.03
C SER R 412 30.42 -28.81 -78.61
N VAL R 413 31.07 -28.02 -79.44
CA VAL R 413 31.22 -26.60 -79.18
C VAL R 413 29.89 -25.92 -79.46
N PRO R 414 29.23 -26.23 -80.58
CA PRO R 414 27.96 -25.57 -80.91
C PRO R 414 26.86 -25.77 -79.89
N ASN R 415 26.79 -26.92 -79.20
CA ASN R 415 25.76 -27.12 -78.19
C ASN R 415 26.13 -26.57 -76.83
N LEU R 416 27.38 -26.69 -76.41
CA LEU R 416 27.81 -25.96 -75.23
C LEU R 416 27.60 -24.46 -75.38
N LEU R 417 27.83 -23.91 -76.56
CA LEU R 417 27.56 -22.50 -76.85
C LEU R 417 26.07 -22.21 -76.98
N ARG R 418 25.31 -23.11 -77.61
CA ARG R 418 23.87 -22.92 -77.72
C ARG R 418 23.19 -22.87 -76.37
N ASN R 419 23.57 -23.75 -75.44
CA ASN R 419 23.05 -23.69 -74.09
C ASN R 419 23.36 -22.36 -73.41
N ALA R 420 24.52 -21.78 -73.70
CA ALA R 420 24.89 -20.48 -73.17
C ALA R 420 24.07 -19.36 -73.78
N LEU R 421 23.91 -19.37 -75.10
CA LEU R 421 23.06 -18.37 -75.74
C LEU R 421 21.63 -18.45 -75.21
N TYR R 422 21.18 -19.67 -74.92
CA TYR R 422 19.83 -19.84 -74.37
C TYR R 422 19.68 -19.06 -73.08
N GLY R 423 20.59 -19.27 -72.12
CA GLY R 423 20.53 -18.50 -70.90
C GLY R 423 20.73 -17.02 -71.10
N SER R 424 21.59 -16.63 -72.03
CA SER R 424 21.86 -15.22 -72.30
C SER R 424 20.63 -14.49 -72.78
N MET R 425 19.85 -15.07 -73.69
CA MET R 425 18.75 -14.37 -74.34
C MET R 425 17.39 -14.94 -73.98
N LEU R 426 17.31 -15.73 -72.90
CA LEU R 426 16.10 -16.51 -72.64
C LEU R 426 14.85 -15.62 -72.64
N SER R 427 14.86 -14.55 -71.84
CA SER R 427 13.72 -13.66 -71.86
C SER R 427 13.67 -12.88 -73.15
N ASN R 428 14.82 -12.59 -73.74
CA ASN R 428 14.82 -12.14 -75.11
C ASN R 428 14.13 -13.14 -76.02
N ILE R 429 14.58 -14.39 -76.00
CA ILE R 429 13.91 -15.42 -76.78
C ILE R 429 12.49 -15.66 -76.29
N TYR R 430 12.27 -15.58 -74.98
CA TYR R 430 10.95 -15.81 -74.41
C TYR R 430 9.93 -14.80 -74.95
N ARG R 431 10.24 -13.52 -74.90
CA ARG R 431 9.43 -12.49 -75.53
C ARG R 431 9.44 -12.58 -77.05
N ALA R 432 10.43 -13.26 -77.61
CA ALA R 432 10.38 -13.56 -79.04
C ALA R 432 9.24 -14.50 -79.38
N GLY R 433 8.62 -15.13 -78.39
CA GLY R 433 7.52 -16.03 -78.65
C GLY R 433 7.92 -17.33 -79.31
N LEU R 434 9.17 -17.74 -79.16
CA LEU R 434 9.70 -18.91 -79.85
C LEU R 434 9.80 -20.08 -78.89
N ASN R 435 10.14 -21.25 -79.43
CA ASN R 435 10.20 -22.49 -78.66
C ASN R 435 10.90 -22.26 -77.32
N TYR R 436 10.30 -22.77 -76.25
CA TYR R 436 10.82 -22.59 -74.90
C TYR R 436 11.35 -23.87 -74.29
N GLU R 437 10.61 -24.96 -74.41
CA GLU R 437 11.03 -26.23 -73.84
C GLU R 437 12.32 -26.71 -74.48
N GLN R 438 13.18 -27.32 -73.68
CA GLN R 438 14.46 -27.83 -74.16
C GLN R 438 14.37 -29.27 -74.65
N HIS R 439 13.33 -29.99 -74.23
CA HIS R 439 13.10 -31.36 -74.67
C HIS R 439 12.48 -31.44 -76.06
N ARG R 440 12.11 -30.30 -76.65
CA ARG R 440 11.52 -30.26 -77.99
C ARG R 440 12.41 -29.49 -78.96
N PHE R 441 13.71 -29.75 -78.92
CA PHE R 441 14.65 -29.03 -79.78
C PHE R 441 14.57 -29.54 -81.22
N GLY R 442 14.99 -30.78 -81.44
CA GLY R 442 14.95 -31.37 -82.75
C GLY R 442 15.52 -30.44 -83.81
N MET R 443 15.17 -30.75 -85.06
CA MET R 443 15.30 -29.81 -86.15
C MET R 443 13.96 -29.37 -86.70
N ASP R 444 12.87 -30.01 -86.25
CA ASP R 444 11.53 -29.57 -86.61
C ASP R 444 11.28 -28.16 -86.09
N SER R 445 11.35 -27.98 -84.78
CA SER R 445 11.11 -26.66 -84.20
C SER R 445 12.04 -25.60 -84.75
N LEU R 446 13.26 -25.99 -85.15
CA LEU R 446 14.21 -24.99 -85.63
C LEU R 446 13.72 -24.29 -86.90
N CYS R 447 13.18 -25.05 -87.84
CA CYS R 447 12.70 -24.44 -89.08
C CYS R 447 11.56 -23.47 -88.83
N LYS R 448 10.56 -23.88 -88.04
CA LYS R 448 9.46 -22.99 -87.70
C LYS R 448 9.96 -21.75 -86.97
N ASP R 449 10.89 -21.92 -86.04
CA ASP R 449 11.39 -20.78 -85.28
C ASP R 449 12.16 -19.82 -86.19
N ILE R 450 12.89 -20.36 -87.15
CA ILE R 450 13.57 -19.53 -88.13
C ILE R 450 12.55 -18.75 -88.95
N PHE R 451 11.47 -19.42 -89.35
CA PHE R 451 10.39 -18.73 -90.04
C PHE R 451 9.85 -17.58 -89.21
N THR R 452 9.63 -17.83 -87.92
CA THR R 452 9.14 -16.78 -87.04
C THR R 452 10.13 -15.63 -86.94
N TYR R 453 11.42 -15.92 -86.81
CA TYR R 453 12.41 -14.86 -86.71
C TYR R 453 12.44 -14.03 -87.98
N VAL R 454 12.41 -14.68 -89.15
CA VAL R 454 12.48 -13.94 -90.39
C VAL R 454 11.26 -13.05 -90.61
N LYS R 455 10.06 -13.55 -90.30
CA LYS R 455 8.85 -12.74 -90.39
C LYS R 455 8.88 -11.54 -89.46
N GLN R 456 9.36 -11.71 -88.22
CA GLN R 456 9.46 -10.61 -87.28
C GLN R 456 10.52 -9.60 -87.66
N ASP R 457 11.66 -10.05 -88.18
CA ASP R 457 12.66 -9.16 -88.76
C ASP R 457 12.24 -8.65 -90.12
N ARG R 458 11.03 -8.98 -90.57
CA ARG R 458 10.61 -8.62 -91.91
C ARG R 458 11.58 -9.26 -92.89
N ASP R 459 12.55 -8.48 -93.38
CA ASP R 459 13.55 -9.01 -94.29
C ASP R 459 12.88 -9.74 -95.43
N PHE R 460 12.83 -11.07 -95.34
CA PHE R 460 12.24 -11.95 -96.33
C PHE R 460 13.17 -12.12 -97.52
N ASN R 461 14.38 -11.54 -97.47
CA ASN R 461 15.34 -11.59 -98.56
C ASN R 461 16.61 -12.34 -98.17
N THR R 462 17.15 -12.06 -96.98
CA THR R 462 18.28 -12.80 -96.45
C THR R 462 18.07 -13.15 -94.98
N GLY R 463 16.81 -13.22 -94.55
CA GLY R 463 16.52 -13.51 -93.16
C GLY R 463 17.14 -14.82 -92.71
N PHE R 464 17.12 -15.82 -93.57
CA PHE R 464 17.73 -17.10 -93.23
C PHE R 464 19.22 -16.96 -92.97
N TYR R 465 19.85 -15.89 -93.43
CA TYR R 465 21.20 -15.59 -92.99
C TYR R 465 21.30 -15.41 -91.49
N LEU R 466 20.18 -15.11 -90.83
CA LEU R 466 20.15 -14.91 -89.39
C LEU R 466 21.14 -13.87 -88.93
N ARG R 467 21.36 -12.82 -89.71
CA ARG R 467 22.29 -11.79 -89.32
C ARG R 467 21.80 -11.01 -88.10
N PRO R 468 22.64 -10.87 -87.09
CA PRO R 468 22.33 -9.93 -86.01
C PRO R 468 22.47 -8.50 -86.47
N GLN R 469 21.69 -8.13 -87.48
CA GLN R 469 21.74 -6.80 -88.07
C GLN R 469 20.45 -6.03 -87.77
N SER R 470 19.44 -6.70 -87.22
CA SER R 470 18.18 -6.07 -86.89
C SER R 470 18.40 -4.85 -85.99
N GLU R 471 17.45 -3.92 -86.06
CA GLU R 471 17.48 -2.78 -85.15
C GLU R 471 17.28 -3.20 -83.70
N SER R 472 16.33 -4.10 -83.44
CA SER R 472 16.07 -4.56 -82.09
C SER R 472 17.19 -5.50 -81.62
N GLU R 473 17.66 -5.28 -80.41
CA GLU R 473 18.63 -6.16 -79.79
C GLU R 473 18.03 -7.50 -79.41
N ALA R 474 16.70 -7.59 -79.38
CA ALA R 474 16.01 -8.86 -79.21
C ALA R 474 16.12 -9.74 -80.45
N LEU R 475 16.11 -9.17 -81.64
CA LEU R 475 16.33 -9.91 -82.87
C LEU R 475 17.80 -10.05 -83.21
N ARG R 476 18.62 -9.06 -82.87
CA ARG R 476 20.06 -9.17 -83.06
C ARG R 476 20.66 -10.36 -82.33
N ASN R 477 20.06 -10.75 -81.20
CA ASN R 477 20.49 -11.94 -80.47
C ASN R 477 19.73 -13.18 -80.88
N CYS R 478 18.46 -13.04 -81.26
CA CYS R 478 17.71 -14.18 -81.76
C CYS R 478 18.37 -14.76 -83.00
N SER R 479 18.87 -13.89 -83.88
CA SER R 479 19.54 -14.37 -85.09
C SER R 479 20.75 -15.22 -84.74
N ILE R 480 21.57 -14.76 -83.80
CA ILE R 480 22.75 -15.51 -83.41
C ILE R 480 22.35 -16.83 -82.76
N TYR R 481 21.30 -16.79 -81.93
CA TYR R 481 20.83 -18.03 -81.32
C TYR R 481 20.37 -19.03 -82.36
N LEU R 482 19.64 -18.55 -83.38
CA LEU R 482 19.17 -19.43 -84.42
C LEU R 482 20.32 -20.02 -85.23
N ALA R 483 21.32 -19.19 -85.54
CA ALA R 483 22.49 -19.70 -86.24
C ALA R 483 23.21 -20.76 -85.42
N SER R 484 23.35 -20.51 -84.12
CA SER R 484 23.94 -21.51 -83.24
C SER R 484 23.16 -22.81 -83.25
N GLN R 485 21.83 -22.72 -83.14
CA GLN R 485 21.00 -23.92 -83.15
C GLN R 485 21.13 -24.69 -84.46
N VAL R 486 21.09 -24.01 -85.59
CA VAL R 486 21.17 -24.70 -86.87
C VAL R 486 22.48 -25.46 -86.99
N SER R 487 23.59 -24.81 -86.65
CA SER R 487 24.89 -25.47 -86.70
C SER R 487 24.92 -26.66 -85.75
N GLU R 488 24.56 -26.42 -84.49
CA GLU R 488 24.58 -27.50 -83.49
C GLU R 488 23.79 -28.70 -83.99
N ASN R 489 22.67 -28.43 -84.66
CA ASN R 489 21.86 -29.52 -85.18
C ASN R 489 22.55 -30.24 -86.33
N CYS R 490 23.06 -29.50 -87.30
CA CYS R 490 23.47 -30.06 -88.57
C CYS R 490 24.92 -30.52 -88.61
N GLN R 491 25.68 -30.33 -87.53
CA GLN R 491 27.07 -30.78 -87.53
C GLN R 491 27.16 -32.27 -87.81
N GLY R 492 27.98 -32.64 -88.80
CA GLY R 492 28.25 -34.03 -89.09
C GLY R 492 27.09 -34.78 -89.71
N SER R 493 26.01 -34.10 -90.09
CA SER R 493 24.80 -34.77 -90.55
C SER R 493 24.41 -34.23 -91.92
N LEU R 494 24.57 -35.06 -92.95
CA LEU R 494 24.27 -34.62 -94.31
C LEU R 494 22.76 -34.51 -94.54
N SER R 495 22.01 -35.52 -94.13
CA SER R 495 20.56 -35.45 -94.24
C SER R 495 19.99 -34.30 -93.44
N LYS R 496 20.52 -34.05 -92.24
CA LYS R 496 20.07 -32.93 -91.44
C LYS R 496 20.43 -31.59 -92.06
N PHE R 497 21.63 -31.48 -92.65
CA PHE R 497 21.94 -30.31 -93.45
C PHE R 497 20.90 -30.09 -94.53
N LEU R 498 20.59 -31.14 -95.30
CA LEU R 498 19.64 -30.97 -96.39
C LEU R 498 18.28 -30.55 -95.85
N GLN R 499 17.79 -31.24 -94.82
CA GLN R 499 16.47 -30.93 -94.29
C GLN R 499 16.39 -29.48 -93.82
N MET R 500 17.39 -29.02 -93.06
CA MET R 500 17.36 -27.64 -92.61
C MET R 500 17.49 -26.68 -93.78
N LEU R 501 18.60 -26.80 -94.53
CA LEU R 501 18.82 -25.99 -95.72
C LEU R 501 17.54 -25.78 -96.51
N LEU R 502 16.76 -26.85 -96.69
CA LEU R 502 15.55 -26.72 -97.48
C LEU R 502 14.43 -26.10 -96.65
N VAL R 503 13.99 -26.77 -95.60
CA VAL R 503 12.81 -26.36 -94.85
C VAL R 503 12.91 -24.96 -94.29
N GLY R 504 14.02 -24.60 -93.64
CA GLY R 504 14.09 -23.30 -93.00
C GLY R 504 14.37 -22.15 -93.94
N CYS R 505 15.04 -22.44 -95.06
CA CYS R 505 15.55 -21.38 -95.90
C CYS R 505 14.74 -21.25 -97.20
N GLY R 506 14.66 -22.35 -97.96
CA GLY R 506 13.92 -22.30 -99.20
C GLY R 506 12.44 -22.09 -99.00
N SER R 507 11.88 -22.60 -97.90
CA SER R 507 10.48 -22.35 -97.61
C SER R 507 10.23 -20.86 -97.40
N VAL R 508 11.11 -20.20 -96.65
CA VAL R 508 10.97 -18.76 -96.45
C VAL R 508 11.07 -18.04 -97.80
N SER R 509 12.06 -18.42 -98.61
CA SER R 509 12.17 -17.79 -99.92
C SER R 509 10.93 -17.99 -100.77
N ILE R 510 10.37 -19.20 -100.78
CA ILE R 510 9.16 -19.46 -101.54
C ILE R 510 8.02 -18.61 -101.02
N PHE R 511 7.82 -18.56 -99.71
CA PHE R 511 6.83 -17.66 -99.15
C PHE R 511 7.03 -16.26 -99.70
N ASN R 512 8.30 -15.83 -99.78
CA ASN R 512 8.64 -14.51 -100.29
C ASN R 512 8.26 -14.33 -101.75
N GLN R 513 8.88 -15.09 -102.65
CA GLN R 513 8.72 -14.83 -104.06
C GLN R 513 7.33 -15.20 -104.56
N PHE R 514 6.81 -16.36 -104.15
CA PHE R 514 5.57 -16.90 -104.67
C PHE R 514 4.38 -16.69 -103.75
N VAL R 515 4.59 -16.64 -102.43
CA VAL R 515 3.48 -16.70 -101.49
C VAL R 515 3.14 -15.31 -100.99
N THR R 516 4.06 -14.37 -101.19
CA THR R 516 3.84 -12.98 -100.80
C THR R 516 2.83 -12.29 -101.72
N GLU R 517 2.40 -12.97 -102.78
CA GLU R 517 1.54 -12.37 -103.80
C GLU R 517 0.11 -12.17 -103.34
N LEU R 518 -0.30 -12.77 -102.21
CA LEU R 518 -1.64 -12.59 -101.67
C LEU R 518 -1.68 -11.46 -100.64
N ALA R 519 -0.72 -11.45 -99.71
CA ALA R 519 -0.68 -10.42 -98.69
C ALA R 519 -0.38 -9.05 -99.30
N ASP R 524 -3.07 -5.03 -94.73
CA ASP R 524 -3.47 -5.72 -93.51
C ASP R 524 -2.32 -6.55 -92.95
N ARG R 525 -2.35 -6.74 -91.63
CA ARG R 525 -1.33 -7.51 -90.94
C ARG R 525 -1.94 -8.79 -90.41
N GLU R 526 -3.20 -8.73 -89.98
CA GLU R 526 -3.90 -9.93 -89.58
C GLU R 526 -4.09 -10.88 -90.77
N LYS R 527 -4.36 -10.32 -91.94
CA LYS R 527 -4.41 -11.14 -93.14
C LYS R 527 -3.07 -11.83 -93.38
N PHE R 528 -1.97 -11.09 -93.22
CA PHE R 528 -0.65 -11.66 -93.46
C PHE R 528 -0.34 -12.75 -92.45
N GLU R 529 -0.72 -12.55 -91.19
CA GLU R 529 -0.49 -13.59 -90.18
C GLU R 529 -1.36 -14.82 -90.45
N GLN R 530 -2.61 -14.63 -90.88
CA GLN R 530 -3.41 -15.78 -91.28
C GLN R 530 -2.78 -16.51 -92.45
N LEU R 531 -2.24 -15.76 -93.41
CA LEU R 531 -1.57 -16.37 -94.56
C LEU R 531 -0.35 -17.17 -94.12
N ILE R 532 0.46 -16.60 -93.23
CA ILE R 532 1.66 -17.30 -92.77
C ILE R 532 1.29 -18.54 -91.97
N SER R 533 0.24 -18.44 -91.15
CA SER R 533 -0.23 -19.61 -90.41
C SER R 533 -0.68 -20.71 -91.35
N GLU R 534 -1.43 -20.34 -92.39
CA GLU R 534 -1.87 -21.34 -93.36
C GLU R 534 -0.68 -21.95 -94.09
N TYR R 535 0.29 -21.12 -94.45
CA TYR R 535 1.52 -21.58 -95.09
C TYR R 535 2.23 -22.62 -94.23
N VAL R 536 2.49 -22.26 -92.97
CA VAL R 536 3.20 -23.16 -92.05
C VAL R 536 2.39 -24.41 -91.80
N ALA R 537 1.07 -24.31 -91.70
CA ALA R 537 0.24 -25.48 -91.55
C ALA R 537 0.37 -26.39 -92.76
N TYR R 538 0.41 -25.79 -93.95
CA TYR R 538 0.53 -26.60 -95.16
C TYR R 538 1.84 -27.38 -95.18
N MET R 539 2.97 -26.69 -95.00
CA MET R 539 4.19 -27.48 -95.16
C MET R 539 4.63 -28.16 -93.88
N SER R 540 3.88 -28.00 -92.79
CA SER R 540 4.27 -28.53 -91.48
C SER R 540 5.65 -28.03 -91.08
N VAL R 541 5.93 -26.78 -91.42
CA VAL R 541 7.21 -26.16 -91.08
C VAL R 541 7.29 -26.07 -89.55
N GLY R 542 8.34 -26.64 -88.99
CA GLY R 542 8.46 -26.75 -87.55
C GLY R 542 8.03 -28.11 -87.06
N ARG R 543 7.22 -28.78 -87.89
CA ARG R 543 6.72 -30.11 -87.59
C ARG R 543 6.79 -30.98 -88.83
N ILE R 544 7.94 -30.94 -89.51
CA ILE R 544 8.09 -31.59 -90.82
C ILE R 544 8.11 -33.10 -90.64
N GLU R 545 7.31 -33.79 -91.45
CA GLU R 545 7.33 -35.24 -91.46
C GLU R 545 8.53 -35.76 -92.24
N SER R 546 8.69 -35.29 -93.48
CA SER R 546 9.78 -35.76 -94.32
C SER R 546 10.10 -34.71 -95.37
N ALA R 547 11.36 -34.74 -95.83
CA ALA R 547 11.76 -33.87 -96.93
C ALA R 547 10.95 -34.16 -98.18
N SER R 548 10.66 -35.44 -98.44
CA SER R 548 9.79 -35.78 -99.55
C SER R 548 8.39 -35.20 -99.37
N HIS R 549 7.88 -35.22 -98.14
CA HIS R 549 6.57 -34.63 -97.90
C HIS R 549 6.58 -33.13 -98.20
N TRP R 550 7.58 -32.41 -97.70
CA TRP R 550 7.63 -30.99 -97.99
C TRP R 550 7.87 -30.76 -99.48
N ALA R 551 8.58 -31.67 -100.14
CA ALA R 551 8.76 -31.57 -101.57
C ALA R 551 7.43 -31.68 -102.31
N ASN R 552 6.60 -32.64 -101.91
CA ASN R 552 5.31 -32.79 -102.56
C ASN R 552 4.43 -31.57 -102.31
N ARG R 553 4.41 -31.05 -101.09
CA ARG R 553 3.64 -29.84 -100.82
C ARG R 553 4.14 -28.63 -101.59
N CYS R 554 5.45 -28.41 -101.61
CA CYS R 554 6.01 -27.24 -102.25
C CYS R 554 5.89 -27.30 -103.77
N CYS R 555 5.88 -28.50 -104.34
CA CYS R 555 5.66 -28.59 -105.78
C CYS R 555 4.29 -28.01 -106.16
N ALA R 556 3.24 -28.41 -105.45
CA ALA R 556 1.92 -27.82 -105.70
C ALA R 556 1.92 -26.33 -105.39
N VAL R 557 2.58 -25.94 -104.30
CA VAL R 557 2.65 -24.52 -103.97
C VAL R 557 3.23 -23.73 -105.14
N VAL R 558 4.33 -24.23 -105.71
CA VAL R 558 4.95 -23.56 -106.86
C VAL R 558 4.00 -23.54 -108.04
N ALA R 559 3.36 -24.67 -108.31
CA ALA R 559 2.45 -24.76 -109.45
C ALA R 559 1.29 -23.78 -109.33
N ASN R 560 0.90 -23.41 -108.12
CA ASN R 560 -0.29 -22.58 -107.94
C ASN R 560 -0.06 -21.11 -108.26
N SER R 561 0.38 -20.79 -109.48
CA SER R 561 0.64 -19.38 -109.82
C SER R 561 1.09 -19.21 -111.26
N PRO R 562 2.20 -19.87 -111.67
CA PRO R 562 2.92 -19.45 -112.88
C PRO R 562 2.06 -18.98 -114.05
N ASN R 563 2.50 -17.87 -114.65
CA ASN R 563 1.88 -17.23 -115.80
C ASN R 563 2.86 -17.18 -116.96
N ASP R 564 2.57 -16.35 -117.97
CA ASP R 564 3.44 -16.03 -119.10
C ASP R 564 3.75 -17.22 -120.01
N GLU R 565 2.70 -17.71 -120.69
CA GLU R 565 2.71 -18.84 -121.60
C GLU R 565 2.55 -20.16 -120.86
N LYS R 566 2.44 -20.14 -119.54
CA LYS R 566 2.04 -21.32 -118.76
C LYS R 566 2.89 -22.53 -119.12
N ILE R 567 4.18 -22.30 -119.30
CA ILE R 567 5.13 -23.37 -119.61
C ILE R 567 5.25 -24.25 -118.38
N GLY R 568 5.08 -25.56 -118.57
CA GLY R 568 5.10 -26.48 -117.44
C GLY R 568 6.51 -26.78 -116.96
N VAL R 569 7.33 -25.74 -116.87
CA VAL R 569 8.68 -25.85 -116.31
C VAL R 569 8.83 -24.72 -115.30
N PHE R 570 8.70 -25.04 -114.03
CA PHE R 570 8.62 -24.04 -112.98
C PHE R 570 10.03 -23.67 -112.52
N LEU R 571 10.12 -23.02 -111.36
CA LEU R 571 11.40 -22.57 -110.81
C LEU R 571 12.48 -23.63 -110.95
N GLY R 572 12.25 -24.80 -110.39
CA GLY R 572 13.19 -25.89 -110.50
C GLY R 572 12.49 -27.20 -110.81
N MET R 573 11.33 -27.12 -111.46
CA MET R 573 10.57 -28.30 -111.80
C MET R 573 9.73 -28.12 -113.07
N VAL R 574 9.23 -29.23 -113.60
CA VAL R 574 8.54 -29.24 -114.88
C VAL R 574 7.24 -30.02 -114.74
N GLN R 575 6.14 -29.42 -115.19
CA GLN R 575 4.84 -30.08 -115.18
C GLN R 575 4.77 -31.05 -116.36
N LEU R 576 4.88 -32.34 -116.05
CA LEU R 576 4.75 -33.37 -117.07
C LEU R 576 3.30 -33.50 -117.53
N ASN R 577 3.12 -33.84 -118.80
CA ASN R 577 1.78 -34.17 -119.29
C ASN R 577 1.43 -35.61 -118.93
N ARG R 578 0.43 -35.78 -118.08
CA ARG R 578 -0.01 -37.11 -117.67
C ARG R 578 -1.07 -37.68 -118.59
N LYS R 579 -1.67 -36.85 -119.44
CA LYS R 579 -2.69 -37.27 -120.39
C LYS R 579 -2.07 -37.17 -121.78
N SER R 580 -1.74 -38.31 -122.37
CA SER R 580 -1.07 -38.33 -123.67
C SER R 580 -2.08 -38.32 -124.80
N ARG R 581 -3.02 -37.36 -124.77
CA ARG R 581 -3.90 -37.12 -125.92
C ARG R 581 -3.70 -35.65 -126.30
N GLN R 582 -2.66 -35.41 -127.10
CA GLN R 582 -2.24 -34.07 -127.49
C GLN R 582 -1.48 -34.23 -128.80
N ASN R 583 -2.14 -33.90 -129.92
CA ASN R 583 -1.56 -34.12 -131.23
C ASN R 583 -0.39 -33.16 -131.45
N MET R 584 0.81 -33.64 -131.18
CA MET R 584 2.05 -32.89 -131.15
C MET R 584 3.09 -33.51 -132.06
N PRO R 585 4.12 -32.75 -132.44
CA PRO R 585 4.98 -33.16 -133.54
C PRO R 585 6.00 -34.22 -133.15
N GLU R 586 6.79 -34.61 -134.15
CA GLU R 586 7.87 -35.60 -134.04
C GLU R 586 7.51 -36.80 -133.18
N GLY R 587 8.49 -37.28 -132.41
CA GLY R 587 8.32 -38.46 -131.60
C GLY R 587 8.09 -38.13 -130.15
N TYR R 588 7.70 -36.89 -129.88
CA TYR R 588 7.38 -36.48 -128.53
C TYR R 588 6.19 -37.28 -128.02
N LYS R 589 6.28 -37.72 -126.76
CA LYS R 589 5.20 -38.46 -126.13
C LYS R 589 5.15 -38.10 -124.65
N LYS R 590 4.30 -38.82 -123.92
CA LYS R 590 4.27 -38.74 -122.47
C LYS R 590 5.57 -39.29 -121.88
N PHE R 591 5.68 -39.18 -120.56
CA PHE R 591 6.75 -39.85 -119.83
C PHE R 591 6.21 -41.13 -119.23
N ASN R 592 6.72 -42.26 -119.69
CA ASN R 592 6.37 -43.56 -119.15
C ASN R 592 7.48 -44.04 -118.21
N ILE R 593 7.12 -44.23 -116.95
CA ILE R 593 8.08 -44.83 -116.02
C ILE R 593 8.33 -46.28 -116.36
N ASP R 594 7.44 -46.91 -117.13
CA ASP R 594 7.61 -48.30 -117.51
C ASP R 594 8.74 -48.50 -118.51
N THR R 595 8.97 -47.53 -119.40
CA THR R 595 10.07 -47.60 -120.35
C THR R 595 11.43 -47.45 -119.69
N GLU R 596 11.46 -47.06 -118.42
CA GLU R 596 12.69 -46.86 -117.68
C GLU R 596 12.87 -48.00 -116.69
N ASN R 597 14.12 -48.31 -116.35
CA ASN R 597 14.43 -49.48 -115.55
C ASN R 597 15.46 -49.15 -114.47
N GLY R 598 15.42 -49.94 -113.40
CA GLY R 598 16.45 -49.92 -112.38
C GLY R 598 16.70 -48.58 -111.71
N LEU R 599 17.97 -48.22 -111.59
CA LEU R 599 18.38 -47.06 -110.82
C LEU R 599 17.96 -45.74 -111.44
N ALA R 600 17.62 -45.73 -112.73
CA ALA R 600 17.09 -44.55 -113.39
C ALA R 600 15.57 -44.45 -113.31
N LYS R 601 14.88 -45.57 -113.54
CA LYS R 601 13.43 -45.58 -113.39
C LYS R 601 13.02 -45.11 -112.00
N ALA R 602 13.66 -45.65 -110.97
CA ALA R 602 13.29 -45.30 -109.60
C ALA R 602 13.57 -43.83 -109.31
N ALA R 603 14.73 -43.33 -109.75
CA ALA R 603 15.06 -41.93 -109.50
C ALA R 603 14.05 -41.01 -110.18
N MET R 604 13.70 -41.30 -111.43
CA MET R 604 12.73 -40.48 -112.14
C MET R 604 11.35 -40.58 -111.51
N ALA R 605 10.93 -41.77 -111.07
CA ALA R 605 9.65 -41.92 -110.40
C ALA R 605 9.59 -41.16 -109.08
N SER R 606 10.66 -41.16 -108.29
CA SER R 606 10.73 -40.33 -107.10
C SER R 606 10.72 -38.84 -107.43
N SER R 607 11.44 -38.42 -108.47
CA SER R 607 11.36 -37.04 -108.94
C SER R 607 9.95 -36.65 -109.36
N LEU R 608 9.16 -37.61 -109.82
CA LEU R 608 7.78 -37.33 -110.18
C LEU R 608 7.03 -36.72 -109.00
N SER R 609 6.31 -35.65 -109.30
CA SER R 609 5.52 -34.93 -108.30
C SER R 609 4.06 -35.07 -108.70
N THR R 610 3.34 -35.97 -108.02
CA THR R 610 1.96 -36.27 -108.36
C THR R 610 1.04 -35.45 -107.45
N VAL R 611 0.77 -34.21 -107.87
CA VAL R 611 -0.03 -33.31 -107.07
C VAL R 611 -1.50 -33.72 -107.13
N ALA R 612 -2.20 -33.57 -106.00
CA ALA R 612 -3.62 -33.86 -105.91
C ALA R 612 -4.44 -32.58 -106.09
N SER R 613 -3.92 -31.65 -106.90
CA SER R 613 -4.58 -30.38 -107.15
C SER R 613 -6.04 -30.56 -107.52
N ASN R 614 -6.29 -31.26 -108.62
CA ASN R 614 -7.62 -31.42 -109.17
C ASN R 614 -7.53 -32.15 -110.51
N ASN R 615 -6.74 -31.60 -111.43
CA ASN R 615 -6.51 -32.23 -112.71
C ASN R 615 -5.42 -33.29 -112.56
N LEU R 616 -4.88 -33.42 -111.35
CA LEU R 616 -3.88 -34.42 -111.03
C LEU R 616 -2.67 -34.29 -111.95
N MET R 617 -2.00 -33.14 -111.83
CA MET R 617 -0.85 -32.84 -112.66
C MET R 617 0.42 -33.38 -111.99
N ASP R 618 1.07 -34.35 -112.64
CA ASP R 618 2.28 -34.95 -112.12
C ASP R 618 3.50 -34.14 -112.58
N PHE R 619 3.92 -33.24 -111.72
CA PHE R 619 5.10 -32.44 -111.97
C PHE R 619 6.35 -33.22 -111.57
N CYS R 620 7.50 -32.70 -111.99
CA CYS R 620 8.78 -33.25 -111.59
C CYS R 620 9.72 -32.13 -111.21
N SER R 621 10.29 -32.22 -110.02
CA SER R 621 11.17 -31.15 -109.55
C SER R 621 12.50 -31.76 -109.11
N VAL R 622 13.58 -31.07 -109.51
CA VAL R 622 14.86 -31.30 -108.85
C VAL R 622 14.71 -31.03 -107.37
N PHE R 623 13.80 -30.14 -107.00
CA PHE R 623 13.44 -29.94 -105.60
C PHE R 623 12.82 -31.21 -105.01
N ASN R 624 11.89 -31.83 -105.74
CA ASN R 624 11.35 -33.12 -105.29
C ASN R 624 12.45 -34.15 -105.10
N LEU R 625 13.31 -34.29 -106.10
CA LEU R 625 14.42 -35.22 -106.00
C LEU R 625 15.30 -34.95 -104.79
N ILE R 626 15.76 -33.71 -104.63
CA ILE R 626 16.64 -33.39 -103.52
C ILE R 626 15.96 -33.65 -102.18
N GLY R 627 14.66 -33.38 -102.08
CA GLY R 627 13.93 -33.80 -100.90
C GLY R 627 14.02 -35.29 -100.69
N ALA R 628 13.89 -36.07 -101.76
CA ALA R 628 14.04 -37.51 -101.65
C ALA R 628 15.43 -37.89 -101.14
N ILE R 629 16.47 -37.25 -101.68
CA ILE R 629 17.83 -37.53 -101.21
C ILE R 629 17.96 -37.20 -99.74
N ALA R 630 17.43 -36.06 -99.31
CA ALA R 630 17.50 -35.72 -97.89
C ALA R 630 16.81 -36.79 -97.06
N ASP R 631 15.67 -37.26 -97.53
CA ASP R 631 14.95 -38.32 -96.83
C ASP R 631 15.81 -39.57 -96.68
N ILE R 632 16.47 -39.97 -97.77
CA ILE R 632 17.05 -41.30 -97.84
C ILE R 632 18.53 -41.28 -97.46
N SER R 633 19.07 -40.10 -97.18
CA SER R 633 20.49 -39.97 -96.95
C SER R 633 20.95 -40.36 -95.56
N ALA R 634 20.11 -40.23 -94.54
CA ALA R 634 20.52 -40.55 -93.18
C ALA R 634 19.44 -41.32 -92.44
N CYS R 635 18.86 -42.34 -93.10
CA CYS R 635 17.91 -43.19 -92.40
C CYS R 635 18.65 -44.17 -91.50
N ARG R 636 19.46 -45.04 -92.09
CA ARG R 636 20.37 -45.90 -91.34
C ARG R 636 21.22 -46.67 -92.37
N CYS R 637 22.07 -47.57 -91.89
CA CYS R 637 22.85 -48.41 -92.79
C CYS R 637 22.13 -49.70 -93.18
N GLU R 638 20.95 -49.96 -92.62
CA GLU R 638 20.22 -51.19 -92.93
C GLU R 638 19.92 -51.27 -94.41
N ARG R 639 20.29 -52.39 -95.03
CA ARG R 639 20.02 -52.60 -96.44
C ARG R 639 18.52 -52.65 -96.74
N SER R 640 17.74 -53.33 -95.88
CA SER R 640 16.33 -53.50 -96.15
C SER R 640 15.55 -52.20 -95.98
N ALA R 641 15.77 -51.47 -94.88
CA ALA R 641 15.10 -50.20 -94.71
C ALA R 641 15.39 -49.26 -95.87
N ILE R 642 16.54 -49.45 -96.52
CA ILE R 642 16.81 -48.73 -97.76
C ILE R 642 15.71 -48.99 -98.76
N THR R 643 15.33 -50.26 -98.94
CA THR R 643 14.27 -50.61 -99.87
C THR R 643 12.94 -50.01 -99.44
N ASN R 644 12.66 -50.06 -98.13
CA ASN R 644 11.40 -49.51 -97.64
C ASN R 644 11.29 -48.02 -97.97
N ALA R 645 12.30 -47.24 -97.59
CA ALA R 645 12.29 -45.82 -97.90
C ALA R 645 12.30 -45.59 -99.41
N PHE R 646 12.97 -46.47 -100.15
CA PHE R 646 13.00 -46.37 -101.61
C PHE R 646 11.59 -46.44 -102.17
N ASN R 647 10.81 -47.42 -101.71
CA ASN R 647 9.39 -47.48 -102.06
C ASN R 647 8.66 -46.21 -101.64
N LYS R 648 8.81 -45.84 -100.37
CA LYS R 648 7.99 -44.75 -99.83
C LYS R 648 8.22 -43.45 -100.58
N VAL R 649 9.45 -43.19 -101.00
CA VAL R 649 9.78 -41.97 -101.71
C VAL R 649 9.49 -42.06 -103.20
N ILE R 650 10.07 -43.04 -103.91
CA ILE R 650 9.88 -43.14 -105.34
C ILE R 650 8.44 -43.42 -105.72
N ALA R 651 7.65 -43.98 -104.81
CA ALA R 651 6.25 -44.28 -105.07
C ALA R 651 5.48 -42.99 -105.31
N GLN R 652 4.36 -43.11 -106.01
CA GLN R 652 3.52 -41.96 -106.26
C GLN R 652 3.16 -41.28 -104.95
N THR R 653 3.36 -39.96 -104.91
CA THR R 653 3.08 -39.16 -103.72
C THR R 653 1.95 -38.21 -104.07
N THR R 654 0.89 -38.24 -103.28
CA THR R 654 -0.29 -37.44 -103.55
C THR R 654 -0.48 -36.37 -102.47
N CYS R 655 -0.77 -35.15 -102.93
CA CYS R 655 -1.05 -34.04 -102.03
C CYS R 655 -1.93 -33.03 -102.75
N ILE R 656 -2.96 -32.57 -102.06
CA ILE R 656 -3.86 -31.56 -102.60
C ILE R 656 -3.14 -30.21 -102.62
N VAL R 657 -3.62 -29.30 -103.46
CA VAL R 657 -3.11 -27.94 -103.50
C VAL R 657 -3.43 -27.22 -102.19
N PRO R 658 -2.58 -26.29 -101.74
CA PRO R 658 -2.92 -25.50 -100.57
C PRO R 658 -4.17 -24.70 -100.80
N PRO R 659 -5.01 -24.51 -99.78
CA PRO R 659 -6.33 -23.93 -99.98
C PRO R 659 -6.31 -22.43 -100.20
N TRP R 660 -5.40 -21.98 -101.08
CA TRP R 660 -5.33 -20.57 -101.46
C TRP R 660 -5.12 -20.39 -102.95
N SER R 661 -4.83 -21.45 -103.69
CA SER R 661 -4.55 -21.36 -105.12
C SER R 661 -5.74 -20.80 -105.88
N THR R 704 14.71 -57.90 -106.74
CA THR R 704 13.79 -57.69 -107.86
C THR R 704 14.37 -56.77 -108.91
N GLU R 705 13.55 -55.85 -109.40
CA GLU R 705 13.96 -54.89 -110.42
C GLU R 705 14.63 -53.66 -109.85
N PHE R 706 14.91 -53.62 -108.55
CA PHE R 706 15.63 -52.52 -107.91
C PHE R 706 16.73 -53.06 -107.01
N SER R 707 17.02 -54.35 -107.10
CA SER R 707 18.03 -54.98 -106.26
C SER R 707 19.43 -54.44 -106.49
N ASP R 708 19.71 -53.88 -107.67
CA ASP R 708 21.00 -53.27 -107.95
C ASP R 708 21.04 -51.79 -107.57
N ALA R 709 19.97 -51.06 -107.85
CA ALA R 709 19.91 -49.66 -107.42
C ALA R 709 20.00 -49.57 -105.90
N ILE R 710 19.33 -50.49 -105.20
CA ILE R 710 19.40 -50.51 -103.74
C ILE R 710 20.83 -50.75 -103.27
N THR R 711 21.53 -51.70 -103.90
CA THR R 711 22.91 -51.97 -103.52
C THR R 711 23.79 -50.74 -103.73
N LYS R 712 23.66 -50.09 -104.89
CA LYS R 712 24.44 -48.90 -105.15
C LYS R 712 24.14 -47.82 -104.12
N VAL R 713 22.86 -47.62 -103.82
CA VAL R 713 22.47 -46.57 -102.88
C VAL R 713 23.04 -46.85 -101.50
N GLU R 714 22.99 -48.11 -101.07
CA GLU R 714 23.47 -48.42 -99.73
C GLU R 714 24.98 -48.38 -99.66
N GLN R 715 25.67 -48.68 -100.76
CA GLN R 715 27.10 -48.42 -100.77
C GLN R 715 27.40 -46.94 -100.65
N TRP R 716 26.64 -46.11 -101.37
CA TRP R 716 26.77 -44.67 -101.19
C TRP R 716 26.52 -44.27 -99.74
N LEU R 717 25.56 -44.93 -99.09
CA LEU R 717 25.31 -44.68 -97.67
C LEU R 717 26.51 -45.11 -96.82
N LYS R 718 27.08 -46.27 -97.12
CA LYS R 718 28.22 -46.77 -96.35
C LYS R 718 29.44 -45.88 -96.52
N ASN R 719 29.50 -45.11 -97.60
CA ASN R 719 30.52 -44.08 -97.76
C ASN R 719 30.16 -42.78 -97.05
N VAL R 720 28.90 -42.35 -97.16
CA VAL R 720 28.50 -41.05 -96.63
C VAL R 720 28.50 -41.07 -95.11
N ASN R 721 27.97 -42.12 -94.52
CA ASN R 721 27.80 -42.19 -93.08
C ASN R 721 29.09 -42.11 -92.35
N GLU R 722 30.17 -42.35 -93.09
CA GLU R 722 31.52 -42.36 -92.54
C GLU R 722 32.37 -41.19 -92.99
N ILE R 723 32.08 -40.58 -94.14
CA ILE R 723 32.84 -39.40 -94.55
C ILE R 723 32.12 -38.09 -94.22
N GLU R 724 30.91 -38.16 -93.67
CA GLU R 724 30.16 -36.96 -93.31
C GLU R 724 30.44 -36.48 -91.88
N ILE R 725 31.29 -37.19 -91.14
CA ILE R 725 31.53 -36.87 -89.74
C ILE R 725 32.17 -35.51 -89.52
N GLY R 726 32.88 -34.97 -90.52
CA GLY R 726 33.57 -33.72 -90.39
C GLY R 726 32.85 -32.49 -90.88
N ILE R 727 31.66 -32.65 -91.45
CA ILE R 727 30.93 -31.49 -91.98
C ILE R 727 30.55 -30.58 -90.81
N ARG R 728 30.87 -29.30 -90.95
CA ARG R 728 30.49 -28.28 -89.97
C ARG R 728 29.68 -27.22 -90.70
N PRO R 729 28.43 -27.51 -91.03
CA PRO R 729 27.62 -26.54 -91.78
C PRO R 729 27.18 -25.36 -90.93
N SER R 730 27.48 -24.15 -91.40
CA SER R 730 27.08 -22.94 -90.72
C SER R 730 25.78 -22.42 -91.33
N ALA R 731 25.02 -21.68 -90.51
CA ALA R 731 23.82 -21.04 -91.04
C ALA R 731 24.15 -20.07 -92.16
N LEU R 732 25.29 -19.37 -92.05
CA LEU R 732 25.68 -18.46 -93.11
C LEU R 732 25.88 -19.21 -94.43
N LEU R 733 26.62 -20.32 -94.38
CA LEU R 733 26.83 -21.10 -95.59
C LEU R 733 25.53 -21.68 -96.11
N ILE R 734 24.68 -22.15 -95.19
CA ILE R 734 23.36 -22.65 -95.58
C ILE R 734 22.53 -21.62 -96.31
N GLY R 735 22.48 -20.39 -95.80
CA GLY R 735 21.71 -19.34 -96.43
C GLY R 735 22.30 -18.90 -97.75
N LYS R 736 23.62 -18.77 -97.81
CA LYS R 736 24.29 -18.39 -99.05
C LYS R 736 24.10 -19.43 -100.14
N VAL R 737 24.16 -20.71 -99.79
CA VAL R 737 23.92 -21.76 -100.76
C VAL R 737 22.55 -21.60 -101.39
N TRP R 738 21.53 -21.42 -100.55
CA TRP R 738 20.18 -21.24 -101.08
C TRP R 738 20.10 -19.97 -101.91
N SER R 739 20.70 -18.88 -101.44
CA SER R 739 20.65 -17.62 -102.15
C SER R 739 21.23 -17.73 -103.56
N ARG R 740 22.37 -18.38 -103.72
CA ARG R 740 22.94 -18.57 -105.05
C ARG R 740 22.14 -19.57 -105.88
N PHE R 741 21.76 -20.71 -105.29
CA PHE R 741 21.13 -21.78 -106.05
C PHE R 741 19.72 -21.43 -106.50
N TYR R 742 18.95 -20.75 -105.66
CA TYR R 742 17.59 -20.37 -106.04
C TYR R 742 17.60 -19.40 -107.22
N PHE R 743 18.47 -18.39 -107.18
CA PHE R 743 18.61 -17.48 -108.31
C PHE R 743 19.17 -18.17 -109.55
N ASN R 744 20.08 -19.14 -109.36
CA ASN R 744 20.50 -19.94 -110.50
C ASN R 744 19.33 -20.70 -111.09
N LEU R 745 18.43 -21.21 -110.24
CA LEU R 745 17.20 -21.80 -110.74
C LEU R 745 16.34 -20.78 -111.47
N ASN R 746 16.22 -19.57 -110.92
CA ASN R 746 15.49 -18.52 -111.61
C ASN R 746 16.01 -18.31 -113.02
N ASN R 747 17.32 -18.19 -113.17
CA ASN R 747 17.90 -17.94 -114.48
C ASN R 747 17.81 -19.16 -115.39
N VAL R 748 17.95 -20.37 -114.85
CA VAL R 748 17.89 -21.59 -115.64
C VAL R 748 16.46 -21.83 -116.10
N ALA R 749 15.51 -21.22 -115.42
CA ALA R 749 14.13 -21.25 -115.88
C ALA R 749 13.83 -20.15 -116.88
N ASP R 750 14.30 -18.93 -116.65
CA ASP R 750 14.06 -17.84 -117.59
C ASP R 750 14.70 -18.10 -118.93
N GLN R 751 15.95 -18.58 -118.95
CA GLN R 751 16.69 -18.78 -120.18
C GLN R 751 16.11 -19.87 -121.06
N HIS R 752 15.27 -20.75 -120.50
CA HIS R 752 14.87 -21.96 -121.20
C HIS R 752 13.36 -22.08 -121.37
N LYS R 753 12.60 -21.00 -121.18
CA LYS R 753 11.19 -21.03 -121.56
C LYS R 753 11.00 -20.79 -123.05
N THR R 754 11.99 -20.21 -123.72
CA THR R 754 11.87 -19.90 -125.14
C THR R 754 12.88 -20.69 -125.95
N ARG R 755 13.26 -21.87 -125.47
CA ARG R 755 14.14 -22.73 -126.24
C ARG R 755 13.55 -24.12 -126.45
N LEU R 756 12.27 -24.32 -126.13
CA LEU R 756 11.60 -25.61 -126.30
C LEU R 756 11.00 -25.65 -127.70
N TYR R 757 11.87 -25.84 -128.68
CA TYR R 757 11.46 -25.91 -130.07
C TYR R 757 11.17 -27.35 -130.45
N ARG R 758 10.48 -27.54 -131.58
CA ARG R 758 10.18 -28.90 -132.04
C ARG R 758 11.43 -29.75 -132.17
N ASN R 759 12.56 -29.13 -132.53
CA ASN R 759 13.84 -29.83 -132.63
C ASN R 759 14.72 -29.59 -131.41
N ALA R 760 14.22 -28.84 -130.43
CA ALA R 760 15.05 -28.48 -129.27
C ALA R 760 15.54 -29.73 -128.54
N GLU R 761 14.79 -30.83 -128.65
CA GLU R 761 15.24 -32.08 -128.05
C GLU R 761 16.52 -32.56 -128.74
N HIS R 762 17.18 -33.53 -128.12
CA HIS R 762 18.50 -34.00 -128.52
C HIS R 762 19.59 -33.02 -128.08
N GLY R 763 19.19 -31.86 -127.57
CA GLY R 763 20.10 -30.91 -126.94
C GLY R 763 21.50 -30.84 -127.52
N ARG R 764 21.62 -30.72 -128.84
CA ARG R 764 22.93 -30.81 -129.46
C ARG R 764 23.73 -29.53 -129.33
N MET R 765 23.23 -28.41 -129.86
CA MET R 765 23.89 -27.14 -129.71
C MET R 765 23.41 -26.48 -128.42
N ALA R 766 23.93 -25.29 -128.15
CA ALA R 766 23.54 -24.53 -126.96
C ALA R 766 22.18 -23.89 -127.10
N SER R 767 21.56 -23.97 -128.28
CA SER R 767 20.30 -23.29 -128.56
C SER R 767 19.10 -24.24 -128.54
N GLN R 768 19.30 -25.51 -128.18
CA GLN R 768 18.21 -26.47 -128.09
C GLN R 768 18.09 -26.97 -126.66
N SER R 769 16.87 -26.98 -126.14
CA SER R 769 16.60 -27.38 -124.77
C SER R 769 15.37 -28.27 -124.72
N ASN R 770 15.27 -29.04 -123.64
CA ASN R 770 14.12 -29.92 -123.42
C ASN R 770 13.96 -30.11 -121.92
N ALA R 771 12.98 -30.92 -121.52
CA ALA R 771 12.75 -31.18 -120.10
C ALA R 771 13.95 -31.89 -119.48
N ALA R 772 14.59 -32.80 -120.23
CA ALA R 772 15.78 -33.45 -119.72
C ALA R 772 16.90 -32.46 -119.47
N LYS R 773 17.13 -31.55 -120.42
CA LYS R 773 18.10 -30.48 -120.18
C LYS R 773 17.71 -29.66 -118.97
N ILE R 774 16.41 -29.40 -118.80
CA ILE R 774 15.93 -28.63 -117.67
C ILE R 774 16.33 -29.31 -116.37
N MET R 775 16.06 -30.61 -116.26
CA MET R 775 16.39 -31.33 -115.04
C MET R 775 17.89 -31.39 -114.81
N ARG R 776 18.66 -31.69 -115.86
CA ARG R 776 20.10 -31.74 -115.72
C ARG R 776 20.64 -30.41 -115.22
N PHE R 777 20.16 -29.31 -115.79
CA PHE R 777 20.70 -28.00 -115.42
C PHE R 777 20.23 -27.57 -114.04
N ASN R 778 19.02 -27.95 -113.63
CA ASN R 778 18.61 -27.65 -112.26
C ASN R 778 19.51 -28.37 -111.26
N VAL R 779 19.77 -29.66 -111.49
CA VAL R 779 20.68 -30.38 -110.62
C VAL R 779 22.08 -29.77 -110.67
N LEU R 780 22.51 -29.38 -111.86
CA LEU R 780 23.84 -28.79 -112.02
C LEU R 780 23.95 -27.47 -111.27
N ALA R 781 22.92 -26.63 -111.31
CA ALA R 781 22.94 -25.40 -110.53
C ALA R 781 22.98 -25.71 -109.04
N PHE R 782 22.19 -26.68 -108.61
CA PHE R 782 22.29 -27.14 -107.22
C PHE R 782 23.73 -27.42 -106.85
N LEU R 783 24.38 -28.32 -107.58
CA LEU R 783 25.71 -28.75 -107.19
C LEU R 783 26.73 -27.64 -107.40
N HIS R 784 26.51 -26.77 -108.38
CA HIS R 784 27.42 -25.66 -108.60
C HIS R 784 27.42 -24.72 -107.42
N ALA R 785 26.23 -24.32 -106.96
CA ALA R 785 26.13 -23.55 -105.73
C ALA R 785 26.78 -24.31 -104.58
N VAL R 786 26.57 -25.62 -104.54
CA VAL R 786 27.14 -26.43 -103.47
C VAL R 786 28.66 -26.25 -103.43
N LEU R 787 29.31 -26.46 -104.57
CA LEU R 787 30.76 -26.37 -104.63
C LEU R 787 31.24 -24.96 -104.31
N VAL R 788 30.57 -23.96 -104.90
CA VAL R 788 31.00 -22.58 -104.71
C VAL R 788 30.97 -22.22 -103.23
N GLU R 789 29.83 -22.47 -102.58
CA GLU R 789 29.71 -22.11 -101.18
C GLU R 789 30.57 -22.97 -100.27
N GLU R 790 30.78 -24.25 -100.61
CA GLU R 790 31.68 -25.05 -99.79
C GLU R 790 33.10 -24.49 -99.85
N SER R 791 33.58 -24.14 -101.05
CA SER R 791 34.91 -23.54 -101.14
C SER R 791 34.95 -22.16 -100.49
N LEU R 792 33.80 -21.48 -100.43
CA LEU R 792 33.78 -20.11 -99.94
C LEU R 792 33.65 -19.99 -98.43
N TYR R 793 32.90 -20.88 -97.77
CA TYR R 793 32.44 -20.58 -96.42
C TYR R 793 32.64 -21.70 -95.41
N HIS R 794 32.81 -22.95 -95.85
CA HIS R 794 32.78 -24.06 -94.91
C HIS R 794 33.89 -23.91 -93.88
N SER R 795 33.53 -23.99 -92.60
CA SER R 795 34.49 -23.84 -91.54
C SER R 795 35.53 -24.96 -91.55
N VAL R 796 35.26 -26.06 -92.25
CA VAL R 796 36.21 -27.16 -92.27
C VAL R 796 37.54 -26.73 -92.87
N SER R 797 37.52 -25.84 -93.85
CA SER R 797 38.74 -25.35 -94.49
C SER R 797 38.94 -23.88 -94.18
N ASP R 798 40.22 -23.48 -94.08
CA ASP R 798 40.59 -22.11 -93.77
C ASP R 798 40.83 -21.26 -95.01
N ARG R 799 40.76 -21.84 -96.20
CA ARG R 799 41.07 -21.12 -97.43
C ARG R 799 40.07 -21.52 -98.51
N GLU R 800 40.01 -20.70 -99.56
CA GLU R 800 39.07 -20.91 -100.65
C GLU R 800 39.82 -21.36 -101.89
N TYR R 801 39.54 -22.58 -102.33
CA TYR R 801 40.10 -23.11 -103.56
C TYR R 801 39.26 -22.75 -104.78
N ILE R 802 38.13 -22.09 -104.57
CA ILE R 802 37.33 -21.62 -105.70
C ILE R 802 38.11 -20.58 -106.50
N GLY R 803 38.88 -19.73 -105.83
CA GLY R 803 39.71 -18.76 -106.51
C GLY R 803 39.08 -17.39 -106.67
N GLU R 804 39.92 -16.37 -106.87
CA GLU R 804 39.45 -15.00 -107.05
C GLU R 804 38.99 -14.84 -108.49
N GLY R 805 37.85 -15.46 -108.80
CA GLY R 805 37.33 -15.43 -110.15
C GLY R 805 35.89 -15.01 -110.23
N LEU R 806 35.44 -14.65 -111.43
CA LEU R 806 34.06 -14.19 -111.65
C LEU R 806 33.15 -15.41 -111.56
N ARG R 807 32.75 -15.73 -110.33
CA ARG R 807 31.93 -16.92 -110.09
C ARG R 807 30.56 -16.76 -110.73
N LEU R 808 30.29 -17.59 -111.73
CA LEU R 808 29.07 -17.50 -112.53
C LEU R 808 28.30 -18.81 -112.46
N ASN R 809 26.99 -18.69 -112.62
CA ASN R 809 26.11 -19.84 -112.58
C ASN R 809 25.98 -20.47 -113.95
N PRO R 810 26.40 -21.71 -114.12
CA PRO R 810 26.22 -22.39 -115.40
C PRO R 810 24.74 -22.62 -115.69
N VAL R 811 24.20 -21.93 -116.68
CA VAL R 811 22.77 -21.93 -116.96
C VAL R 811 22.43 -22.71 -118.21
N THR R 812 22.94 -22.29 -119.36
CA THR R 812 22.75 -23.01 -120.61
C THR R 812 23.93 -23.90 -120.97
N SER R 813 24.96 -23.94 -120.13
CA SER R 813 26.14 -24.76 -120.38
C SER R 813 26.74 -25.17 -119.06
N VAL R 814 27.77 -26.02 -119.13
CA VAL R 814 28.48 -26.51 -117.96
C VAL R 814 29.89 -25.92 -117.90
N ASP R 815 30.18 -24.92 -118.75
CA ASP R 815 31.55 -24.44 -118.89
C ASP R 815 32.05 -23.78 -117.61
N GLU R 816 31.25 -22.90 -117.03
CA GLU R 816 31.66 -22.23 -115.80
C GLU R 816 31.92 -23.23 -114.69
N PHE R 817 30.98 -24.15 -114.50
CA PHE R 817 31.10 -25.14 -113.44
C PHE R 817 32.32 -26.03 -113.66
N GLU R 818 32.59 -26.38 -114.92
CA GLU R 818 33.73 -27.25 -115.20
C GLU R 818 35.06 -26.52 -115.03
N LYS R 819 35.10 -25.24 -115.39
CA LYS R 819 36.30 -24.45 -115.09
C LYS R 819 36.55 -24.41 -113.60
N LYS R 820 35.48 -24.17 -112.83
CA LYS R 820 35.61 -24.17 -111.38
C LYS R 820 36.13 -25.51 -110.88
N ILE R 821 35.59 -26.60 -111.43
CA ILE R 821 36.01 -27.94 -111.02
C ILE R 821 37.50 -28.13 -111.29
N LYS R 822 37.94 -27.79 -112.50
CA LYS R 822 39.33 -28.02 -112.87
C LYS R 822 40.27 -27.20 -111.99
N ILE R 823 39.93 -25.93 -111.78
CA ILE R 823 40.79 -25.08 -110.94
C ILE R 823 40.85 -25.62 -109.53
N ILE R 824 39.69 -25.98 -108.96
CA ILE R 824 39.65 -26.46 -107.59
C ILE R 824 40.44 -27.75 -107.45
N GLY R 825 40.29 -28.66 -108.42
CA GLY R 825 41.03 -29.90 -108.35
C GLY R 825 42.53 -29.72 -108.48
N GLU R 826 42.95 -28.85 -109.41
CA GLU R 826 44.38 -28.61 -109.57
C GLU R 826 44.98 -28.01 -108.31
N LYS R 827 44.26 -27.08 -107.67
CA LYS R 827 44.78 -26.50 -106.43
C LYS R 827 44.73 -27.48 -105.28
N LEU R 828 43.71 -28.35 -105.24
CA LEU R 828 43.69 -29.42 -104.25
C LEU R 828 44.92 -30.30 -104.38
N LYS R 829 45.24 -30.71 -105.60
CA LYS R 829 46.42 -31.54 -105.82
C LYS R 829 47.70 -30.77 -105.47
N ALA R 830 47.74 -29.49 -105.81
CA ALA R 830 48.91 -28.68 -105.47
C ALA R 830 49.10 -28.58 -103.96
N ASP R 831 48.01 -28.48 -103.21
CA ASP R 831 48.06 -28.30 -101.76
C ASP R 831 48.01 -29.61 -101.01
N ASN R 832 47.94 -30.74 -101.72
CA ASN R 832 47.82 -32.06 -101.09
C ASN R 832 46.47 -32.24 -100.43
N LYS R 833 45.42 -31.74 -101.08
CA LYS R 833 44.07 -31.80 -100.56
C LYS R 833 43.23 -32.78 -101.39
N THR R 834 42.51 -33.65 -100.69
CA THR R 834 41.59 -34.58 -101.30
C THR R 834 40.19 -33.99 -101.29
N TRP R 835 39.36 -34.45 -102.21
CA TRP R 835 37.99 -33.96 -102.27
C TRP R 835 37.13 -34.49 -101.13
N LYS R 836 37.62 -35.48 -100.38
CA LYS R 836 36.95 -35.87 -99.14
C LYS R 836 37.27 -34.91 -98.01
N ASN R 837 38.54 -34.54 -97.87
CA ASN R 837 38.93 -33.55 -96.87
C ASN R 837 38.29 -32.20 -97.17
N THR R 838 38.31 -31.79 -98.43
CA THR R 838 37.75 -30.53 -98.87
C THR R 838 36.60 -30.80 -99.83
N HIS R 839 35.53 -30.03 -99.68
CA HIS R 839 34.29 -30.27 -100.40
C HIS R 839 33.74 -31.65 -100.04
N PRO R 840 33.68 -31.99 -98.75
CA PRO R 840 33.10 -33.29 -98.38
C PRO R 840 31.60 -33.28 -98.63
N LEU R 841 30.95 -32.17 -98.30
CA LEU R 841 29.54 -32.01 -98.64
C LEU R 841 29.33 -32.12 -100.14
N PHE R 842 30.08 -31.32 -100.90
CA PHE R 842 29.98 -31.36 -102.36
C PHE R 842 30.41 -32.72 -102.89
N PHE R 843 31.47 -33.29 -102.32
CA PHE R 843 31.91 -34.61 -102.73
C PHE R 843 30.79 -35.62 -102.62
N LEU R 844 30.15 -35.68 -101.45
CA LEU R 844 29.10 -36.67 -101.25
C LEU R 844 27.89 -36.38 -102.10
N LEU R 845 27.57 -35.10 -102.31
CA LEU R 845 26.47 -34.74 -103.19
C LEU R 845 26.70 -35.20 -104.62
N ILE R 846 27.90 -34.98 -105.16
CA ILE R 846 28.21 -35.47 -106.49
C ILE R 846 28.23 -36.99 -106.54
N SER R 847 28.66 -37.64 -105.46
CA SER R 847 28.70 -39.09 -105.40
C SER R 847 27.32 -39.71 -105.36
N CYS R 848 26.28 -38.93 -105.16
CA CYS R 848 24.94 -39.46 -104.99
C CYS R 848 24.52 -40.26 -106.22
N PRO R 849 24.13 -41.53 -106.07
CA PRO R 849 23.67 -42.31 -107.24
C PRO R 849 22.48 -41.69 -107.94
N ILE R 850 21.51 -41.13 -107.22
CA ILE R 850 20.32 -40.59 -107.87
C ILE R 850 20.61 -39.33 -108.65
N LEU R 851 21.58 -38.52 -108.21
CA LEU R 851 21.98 -37.34 -108.95
C LEU R 851 22.76 -37.69 -110.21
N HIS R 852 23.35 -38.89 -110.25
CA HIS R 852 24.16 -39.34 -111.37
C HIS R 852 23.36 -39.35 -112.68
N PRO R 853 22.15 -39.93 -112.70
CA PRO R 853 21.41 -40.04 -113.97
C PRO R 853 21.18 -38.71 -114.67
N PHE R 854 20.90 -37.65 -113.93
CA PHE R 854 20.63 -36.35 -114.54
C PHE R 854 21.90 -35.65 -115.00
N ILE R 855 23.07 -36.19 -114.65
CA ILE R 855 24.33 -35.53 -115.00
C ILE R 855 24.50 -35.48 -116.50
N PHE R 856 24.25 -36.60 -117.18
CA PHE R 856 24.52 -36.74 -118.61
C PHE R 856 23.28 -37.33 -119.27
N PRO R 857 22.23 -36.54 -119.42
CA PRO R 857 20.97 -37.06 -119.99
C PRO R 857 21.02 -37.13 -121.50
N ILE R 858 20.06 -37.87 -122.05
CA ILE R 858 19.90 -38.00 -123.50
C ILE R 858 19.17 -36.76 -124.00
N GLY R 859 19.84 -35.97 -124.83
CA GLY R 859 19.29 -34.71 -125.30
C GLY R 859 19.58 -33.53 -124.42
N GLY R 860 20.31 -33.71 -123.31
CA GLY R 860 20.67 -32.62 -122.44
C GLY R 860 22.16 -32.33 -122.46
N ILE R 861 22.87 -33.00 -123.35
CA ILE R 861 24.32 -32.86 -123.45
C ILE R 861 24.64 -32.06 -124.71
N ASN R 862 25.26 -30.90 -124.54
CA ASN R 862 25.61 -30.06 -125.68
C ASN R 862 26.71 -30.72 -126.50
N CYS R 863 26.43 -31.00 -127.77
CA CYS R 863 27.30 -31.81 -128.61
C CYS R 863 28.23 -30.98 -129.48
N SER R 864 28.25 -29.65 -129.30
CA SER R 864 29.14 -28.82 -130.10
C SER R 864 30.60 -29.21 -129.85
N VAL R 865 31.41 -29.09 -130.90
CA VAL R 865 32.81 -29.50 -130.83
C VAL R 865 33.43 -28.93 -129.57
N LYS R 866 33.38 -27.61 -129.43
CA LYS R 866 33.83 -26.98 -128.19
C LYS R 866 32.94 -27.41 -127.04
N ALA R 867 31.63 -27.41 -127.25
CA ALA R 867 30.73 -27.90 -126.20
C ALA R 867 31.05 -29.34 -125.85
N LEU R 868 31.29 -30.17 -126.86
CA LEU R 868 31.57 -31.58 -126.61
C LEU R 868 32.84 -31.76 -125.81
N ASN R 869 33.89 -30.99 -126.12
CA ASN R 869 35.16 -31.19 -125.42
C ASN R 869 35.05 -30.80 -123.95
N LYS R 870 34.42 -29.65 -123.66
CA LYS R 870 34.16 -29.32 -122.26
C LYS R 870 33.26 -30.34 -121.57
N GLU R 871 32.22 -30.83 -122.25
CA GLU R 871 31.36 -31.83 -121.62
C GLU R 871 32.15 -33.10 -121.31
N THR R 872 33.03 -33.52 -122.21
CA THR R 872 33.82 -34.72 -121.98
C THR R 872 34.79 -34.52 -120.82
N SER R 873 35.50 -33.39 -120.79
CA SER R 873 36.39 -33.13 -119.66
C SER R 873 35.61 -33.07 -118.36
N PHE R 874 34.40 -32.52 -118.40
CA PHE R 874 33.54 -32.46 -117.23
C PHE R 874 33.18 -33.87 -116.75
N ASN R 875 32.84 -34.75 -117.68
CA ASN R 875 32.60 -36.14 -117.34
C ASN R 875 33.81 -36.77 -116.69
N LYS R 876 34.99 -36.56 -117.29
CA LYS R 876 36.20 -37.17 -116.75
C LYS R 876 36.51 -36.66 -115.36
N LEU R 877 36.34 -35.35 -115.15
CA LEU R 877 36.60 -34.76 -113.85
C LEU R 877 35.65 -35.34 -112.80
N ILE R 878 34.36 -35.42 -113.13
CA ILE R 878 33.40 -36.01 -112.20
C ILE R 878 33.78 -37.44 -111.88
N ASP R 879 34.16 -38.20 -112.92
CA ASP R 879 34.52 -39.60 -112.71
C ASP R 879 35.70 -39.73 -111.77
N GLU R 880 36.74 -38.92 -111.98
CA GLU R 880 37.91 -38.98 -111.11
C GLU R 880 37.55 -38.58 -109.69
N ILE R 881 36.73 -37.54 -109.53
CA ILE R 881 36.34 -37.11 -108.19
C ILE R 881 35.62 -38.23 -107.48
N VAL R 882 34.66 -38.86 -108.16
CA VAL R 882 33.89 -39.93 -107.55
C VAL R 882 34.78 -41.12 -107.25
N GLY R 883 35.77 -41.35 -108.09
CA GLY R 883 36.60 -42.53 -108.02
C GLY R 883 36.08 -43.72 -108.82
N ASP R 884 34.99 -43.54 -109.57
CA ASP R 884 34.41 -44.63 -110.35
C ASP R 884 33.77 -44.06 -111.60
N LYS R 885 33.76 -44.84 -112.66
CA LYS R 885 33.19 -44.41 -113.94
C LYS R 885 31.68 -44.63 -113.97
N LEU R 886 30.92 -43.54 -113.91
CA LEU R 886 29.46 -43.64 -113.92
C LEU R 886 28.98 -44.29 -115.21
N LEU R 887 29.28 -43.68 -116.34
CA LEU R 887 28.77 -44.12 -117.63
C LEU R 887 29.82 -44.93 -118.38
N SER R 888 29.36 -45.93 -119.12
CA SER R 888 30.24 -46.65 -120.01
C SER R 888 30.64 -45.77 -121.19
N ASP R 889 31.74 -46.16 -121.85
CA ASP R 889 32.18 -45.41 -123.02
C ASP R 889 31.13 -45.47 -124.13
N GLU R 890 30.45 -46.61 -124.26
CA GLU R 890 29.34 -46.69 -125.22
C GLU R 890 28.24 -45.70 -124.85
N GLU R 891 27.95 -45.59 -123.55
CA GLU R 891 26.97 -44.59 -123.11
C GLU R 891 27.42 -43.19 -123.49
N TRP R 892 28.70 -42.89 -123.26
CA TRP R 892 29.22 -41.56 -123.55
C TRP R 892 29.10 -41.24 -125.04
N ASP R 893 29.55 -42.16 -125.90
CA ASP R 893 29.47 -41.92 -127.34
C ASP R 893 28.03 -41.85 -127.81
N TYR R 894 27.13 -42.68 -127.26
CA TYR R 894 25.72 -42.59 -127.64
C TYR R 894 25.13 -41.25 -127.26
N LEU R 895 25.42 -40.75 -126.06
CA LEU R 895 24.96 -39.43 -125.67
C LEU R 895 25.53 -38.35 -126.57
N THR R 896 26.79 -38.48 -126.97
CA THR R 896 27.43 -37.53 -127.87
C THR R 896 26.94 -37.68 -129.31
N LYS R 897 26.23 -38.75 -129.62
CA LYS R 897 25.73 -38.98 -130.97
C LYS R 897 24.21 -38.79 -131.04
N ILE R 909 19.14 -50.49 -123.97
CA ILE R 909 19.10 -50.57 -122.51
C ILE R 909 20.29 -49.83 -121.92
N PHE R 910 20.09 -48.55 -121.62
CA PHE R 910 21.13 -47.68 -121.05
C PHE R 910 20.70 -47.27 -119.66
N GLN R 911 21.10 -48.05 -118.67
CA GLN R 911 20.75 -47.76 -117.28
C GLN R 911 21.54 -46.58 -116.75
N ASN R 912 21.18 -46.15 -115.55
CA ASN R 912 21.77 -44.98 -114.91
C ASN R 912 21.64 -43.74 -115.78
N THR R 913 20.73 -43.75 -116.75
CA THR R 913 20.63 -42.69 -117.72
C THR R 913 19.18 -42.46 -118.06
N ILE R 914 18.77 -41.19 -118.04
CA ILE R 914 17.41 -40.82 -118.43
C ILE R 914 17.32 -40.79 -119.95
N THR R 915 16.30 -41.46 -120.50
CA THR R 915 16.22 -41.68 -121.93
C THR R 915 14.85 -41.31 -122.48
N SER R 916 13.92 -40.94 -121.60
CA SER R 916 12.56 -40.71 -122.03
C SER R 916 12.18 -39.24 -121.92
N LEU R 917 12.84 -38.52 -121.01
CA LEU R 917 12.52 -37.10 -120.84
C LEU R 917 12.89 -36.29 -122.08
N ASN R 918 13.85 -36.77 -122.88
CA ASN R 918 14.21 -36.07 -124.10
C ASN R 918 13.01 -35.94 -125.02
N SER R 919 12.17 -36.97 -125.07
CA SER R 919 10.93 -36.95 -125.85
C SER R 919 9.72 -36.74 -124.96
N SER R 920 9.91 -36.16 -123.77
CA SER R 920 8.82 -35.88 -122.85
C SER R 920 8.29 -34.48 -123.13
N THR R 921 7.04 -34.41 -123.59
CA THR R 921 6.44 -33.14 -123.95
C THR R 921 6.07 -32.36 -122.70
N ILE R 922 6.44 -31.08 -122.68
CA ILE R 922 6.22 -30.20 -121.55
C ILE R 922 4.88 -29.49 -121.74
N VAL R 923 4.02 -29.56 -120.72
CA VAL R 923 2.73 -28.88 -120.80
C VAL R 923 2.95 -27.39 -120.96
N GLY R 924 2.40 -26.82 -122.03
CA GLY R 924 2.50 -25.41 -122.31
C GLY R 924 3.43 -25.05 -123.47
N ALA R 925 4.51 -25.80 -123.65
CA ALA R 925 5.43 -25.53 -124.75
C ALA R 925 4.75 -25.82 -126.07
N SER R 926 4.60 -24.78 -126.90
CA SER R 926 3.88 -24.93 -128.15
C SER R 926 4.55 -25.89 -129.11
N TYR R 927 5.88 -25.95 -129.12
CA TYR R 927 6.60 -26.80 -130.06
C TYR R 927 6.17 -26.51 -131.49
N ASP R 928 6.07 -25.22 -131.81
CA ASP R 928 5.67 -24.81 -133.16
C ASP R 928 6.90 -24.50 -134.02
N LYS R 929 7.84 -23.73 -133.46
CA LYS R 929 9.02 -23.31 -134.19
C LYS R 929 10.19 -24.26 -133.94
N ASP R 930 11.30 -23.99 -134.63
CA ASP R 930 12.53 -24.75 -134.49
C ASP R 930 13.72 -23.81 -134.31
N THR R 931 14.92 -24.38 -134.34
CA THR R 931 16.14 -23.60 -134.09
C THR R 931 16.37 -22.62 -135.23
N PRO R 932 16.76 -21.38 -134.91
CA PRO R 932 17.16 -20.44 -135.96
C PRO R 932 18.41 -20.94 -136.67
N ALA R 933 18.52 -20.59 -137.95
CA ALA R 933 19.64 -21.06 -138.76
C ALA R 933 20.86 -20.16 -138.62
N ARG R 934 21.87 -20.39 -139.46
CA ARG R 934 23.10 -19.60 -139.42
C ARG R 934 23.91 -19.89 -138.17
N LYS S 35 18.80 -37.70 -60.21
CA LYS S 35 19.69 -38.27 -59.20
C LYS S 35 21.10 -37.74 -59.40
N SER S 36 21.72 -38.08 -60.53
CA SER S 36 22.94 -37.38 -60.90
C SER S 36 22.71 -35.88 -60.94
N LEU S 37 21.49 -35.47 -61.27
CA LEU S 37 21.15 -34.05 -61.25
C LEU S 37 21.45 -33.43 -59.89
N ARG S 38 20.75 -33.86 -58.84
CA ARG S 38 20.94 -33.24 -57.53
C ARG S 38 22.33 -33.54 -56.98
N ASP S 39 22.95 -34.64 -57.42
CA ASP S 39 24.31 -34.91 -57.00
C ASP S 39 25.25 -33.82 -57.50
N GLN S 40 25.30 -33.62 -58.82
CA GLN S 40 26.07 -32.53 -59.38
C GLN S 40 25.67 -31.21 -58.75
N LEU S 41 24.38 -31.07 -58.42
CA LEU S 41 23.93 -29.88 -57.73
C LEU S 41 24.70 -29.68 -56.44
N VAL S 42 24.74 -30.72 -55.61
CA VAL S 42 25.41 -30.62 -54.31
C VAL S 42 26.86 -30.26 -54.49
N GLU S 43 27.53 -30.90 -55.45
CA GLU S 43 28.92 -30.55 -55.69
C GLU S 43 29.03 -29.08 -56.09
N SER S 44 28.10 -28.61 -56.92
CA SER S 44 28.13 -27.22 -57.35
C SER S 44 28.01 -26.26 -56.17
N ILE S 45 27.05 -26.50 -55.28
CA ILE S 45 26.93 -25.66 -54.11
C ILE S 45 28.21 -25.71 -53.29
N ARG S 46 28.71 -26.92 -53.03
CA ARG S 46 29.87 -27.04 -52.16
C ARG S 46 31.06 -26.29 -52.74
N ASN S 47 31.29 -26.42 -54.03
CA ASN S 47 32.36 -25.69 -54.70
C ASN S 47 31.88 -24.33 -55.21
N SER S 48 31.28 -23.55 -54.34
CA SER S 48 30.84 -22.21 -54.71
C SER S 48 31.31 -21.23 -53.64
N ILE S 49 31.43 -21.73 -52.41
CA ILE S 49 31.87 -20.90 -51.30
C ILE S 49 33.34 -20.52 -51.43
N ALA S 50 34.20 -21.45 -51.86
CA ALA S 50 35.62 -21.20 -51.95
C ALA S 50 35.92 -19.96 -52.79
N ARG S 69 25.71 -13.57 -58.47
CA ARG S 69 24.86 -13.87 -57.33
C ARG S 69 25.11 -15.28 -56.82
N ASN S 70 24.47 -15.62 -55.71
CA ASN S 70 24.54 -16.97 -55.17
C ASN S 70 23.18 -17.63 -55.27
N VAL S 71 22.48 -17.34 -56.37
CA VAL S 71 21.12 -17.81 -56.60
C VAL S 71 21.17 -18.97 -57.57
N PHE S 72 20.47 -20.05 -57.23
CA PHE S 72 20.38 -21.21 -58.10
C PHE S 72 18.92 -21.54 -58.33
N PHE S 73 18.58 -21.89 -59.57
CA PHE S 73 17.19 -22.16 -59.93
C PHE S 73 17.04 -23.52 -60.59
N VAL S 74 15.99 -24.23 -60.20
CA VAL S 74 15.62 -25.49 -60.81
C VAL S 74 14.36 -25.24 -61.63
N ASP S 75 14.50 -25.39 -62.95
CA ASP S 75 13.36 -25.29 -63.85
C ASP S 75 12.52 -26.56 -63.79
N GLY S 76 11.21 -26.38 -63.73
CA GLY S 76 10.29 -27.51 -63.64
C GLY S 76 9.01 -27.32 -64.43
N GLY S 81 9.00 -34.54 -59.15
CA GLY S 81 8.50 -33.32 -58.54
C GLY S 81 9.60 -32.32 -58.25
N LYS S 82 9.36 -31.06 -58.61
CA LYS S 82 10.35 -30.02 -58.35
C LYS S 82 10.64 -29.93 -56.85
N THR S 83 9.58 -29.95 -56.05
CA THR S 83 9.74 -29.98 -54.60
C THR S 83 10.50 -31.22 -54.17
N THR S 84 10.23 -32.35 -54.83
CA THR S 84 10.95 -33.57 -54.52
C THR S 84 12.44 -33.37 -54.72
N PHE S 85 12.85 -32.81 -55.86
CA PHE S 85 14.26 -32.60 -56.10
C PHE S 85 14.85 -31.66 -55.06
N ILE S 86 14.15 -30.56 -54.80
CA ILE S 86 14.68 -29.55 -53.90
C ILE S 86 14.86 -30.13 -52.51
N ASN S 87 13.87 -30.86 -52.02
CA ASN S 87 13.95 -31.41 -50.67
C ASN S 87 14.97 -32.52 -50.59
N SER S 88 15.07 -33.33 -51.65
CA SER S 88 16.12 -34.34 -51.69
C SER S 88 17.48 -33.68 -51.56
N VAL S 89 17.70 -32.61 -52.32
CA VAL S 89 18.93 -31.83 -52.15
C VAL S 89 19.03 -31.35 -50.71
N VAL S 90 17.91 -30.94 -50.13
CA VAL S 90 17.91 -30.43 -48.77
C VAL S 90 18.54 -31.44 -47.82
N LYS S 91 18.04 -32.68 -47.85
CA LYS S 91 18.61 -33.71 -47.00
C LYS S 91 20.04 -34.02 -47.41
N SER S 92 20.32 -33.98 -48.71
CA SER S 92 21.68 -34.23 -49.17
C SER S 92 22.69 -33.38 -48.42
N LEU S 93 22.40 -32.10 -48.23
CA LEU S 93 23.21 -31.26 -47.37
C LEU S 93 22.82 -31.39 -45.91
N ASN S 94 21.76 -32.14 -45.62
CA ASN S 94 21.39 -32.43 -44.25
C ASN S 94 20.86 -31.18 -43.57
N VAL S 102 33.35 -25.97 -46.39
CA VAL S 102 32.15 -26.39 -47.10
C VAL S 102 31.03 -26.62 -46.10
N ASN S 103 31.26 -26.23 -44.85
CA ASN S 103 30.25 -26.38 -43.80
C ASN S 103 29.20 -25.28 -43.98
N ILE S 104 28.01 -25.69 -44.39
CA ILE S 104 26.90 -24.77 -44.61
C ILE S 104 25.69 -25.31 -43.84
N LYS S 105 24.84 -24.41 -43.39
CA LYS S 105 23.61 -24.78 -42.70
C LYS S 105 22.43 -24.60 -43.63
N CYS S 106 21.61 -25.63 -43.74
CA CYS S 106 20.46 -25.62 -44.62
C CYS S 106 19.27 -24.97 -43.94
N LEU S 107 18.45 -24.35 -44.71
CA LEU S 107 17.35 -23.77 -43.99
C LEU S 107 16.04 -24.47 -44.34
N PRO S 108 15.12 -24.54 -43.38
CA PRO S 108 13.84 -25.20 -43.65
C PRO S 108 13.19 -24.65 -44.90
N THR S 109 12.71 -25.55 -45.75
CA THR S 109 12.17 -25.14 -47.04
C THR S 109 11.12 -24.07 -46.87
N ILE S 110 11.08 -23.15 -47.83
CA ILE S 110 10.16 -22.01 -47.78
C ILE S 110 9.24 -22.08 -48.99
N ASP S 111 7.94 -22.32 -48.74
CA ASP S 111 6.94 -22.21 -49.78
C ASP S 111 6.10 -20.97 -49.55
N PRO S 112 6.20 -19.95 -50.40
CA PRO S 112 5.35 -18.77 -50.20
C PRO S 112 3.88 -19.10 -50.17
N THR S 113 3.43 -20.04 -51.00
CA THR S 113 2.04 -20.43 -51.06
C THR S 113 1.59 -21.15 -49.79
N LYS S 114 2.53 -21.58 -48.96
CA LYS S 114 2.22 -22.17 -47.66
C LYS S 114 2.36 -21.13 -46.57
N LEU S 115 2.29 -19.86 -46.93
CA LEU S 115 2.59 -18.76 -46.03
C LEU S 115 1.48 -17.72 -46.09
N PRO S 116 1.32 -16.95 -45.02
CA PRO S 116 0.23 -15.97 -44.99
C PRO S 116 0.32 -14.98 -46.13
N ARG S 117 -0.82 -14.60 -46.67
CA ARG S 117 -0.87 -13.72 -47.83
C ARG S 117 -0.09 -12.44 -47.61
N HIS S 118 0.01 -12.00 -46.35
CA HIS S 118 0.79 -10.81 -46.01
C HIS S 118 1.85 -11.21 -45.01
N GLU S 119 2.99 -11.65 -45.52
CA GLU S 119 4.14 -11.93 -44.66
C GLU S 119 5.42 -11.52 -45.37
N PRO S 120 6.42 -11.05 -44.65
CA PRO S 120 7.75 -10.92 -45.25
C PRO S 120 8.55 -12.19 -45.10
N ILE S 121 9.07 -12.67 -46.22
CA ILE S 121 9.96 -13.82 -46.20
C ILE S 121 11.06 -13.48 -45.21
N LEU S 122 11.33 -12.19 -45.05
CA LEU S 122 12.25 -11.77 -44.01
C LEU S 122 11.83 -12.29 -42.65
N VAL S 123 10.59 -12.03 -42.24
CA VAL S 123 10.15 -12.48 -40.93
C VAL S 123 10.14 -13.99 -40.85
N THR S 124 9.68 -14.64 -41.92
CA THR S 124 9.67 -16.10 -41.91
C THR S 124 11.06 -16.66 -41.67
N VAL S 125 12.03 -16.19 -42.45
CA VAL S 125 13.40 -16.62 -42.30
C VAL S 125 13.92 -16.28 -40.93
N THR S 126 13.53 -15.12 -40.41
CA THR S 126 14.00 -14.71 -39.10
C THR S 126 13.53 -15.67 -38.04
N ALA S 127 12.26 -16.07 -38.09
CA ALA S 127 11.75 -17.02 -37.10
C ALA S 127 12.45 -18.37 -37.22
N ARG S 128 12.63 -18.84 -38.45
CA ARG S 128 13.34 -20.11 -38.60
C ARG S 128 14.78 -20.02 -38.09
N LEU S 129 15.48 -18.94 -38.44
CA LEU S 129 16.80 -18.70 -37.92
C LEU S 129 16.76 -18.68 -36.40
N ASN S 130 15.70 -18.12 -35.84
CA ASN S 130 15.53 -18.13 -34.40
C ASN S 130 15.55 -19.56 -33.88
N LYS S 131 14.76 -20.44 -34.50
CA LYS S 131 14.70 -21.78 -33.93
C LYS S 131 16.08 -22.43 -34.01
N MET S 132 16.75 -22.31 -35.16
CA MET S 132 18.05 -22.95 -35.30
C MET S 132 19.06 -22.39 -34.31
N VAL S 133 19.20 -21.07 -34.26
CA VAL S 133 20.18 -20.51 -33.34
C VAL S 133 19.85 -20.88 -31.90
N SER S 134 18.59 -20.76 -31.49
CA SER S 134 18.17 -21.08 -30.15
C SER S 134 18.45 -22.52 -29.77
N ASP S 135 18.01 -23.49 -30.58
CA ASP S 135 18.22 -24.88 -30.23
C ASP S 135 19.69 -25.27 -30.27
N LYS S 136 20.45 -24.80 -31.26
CA LYS S 136 21.89 -24.95 -31.18
C LYS S 136 22.46 -24.31 -29.94
N LEU S 137 21.74 -23.34 -29.37
CA LEU S 137 22.18 -22.67 -28.15
C LEU S 137 21.54 -23.22 -26.90
N LYS S 138 20.28 -23.64 -26.95
CA LYS S 138 19.75 -24.40 -25.84
C LYS S 138 20.61 -25.63 -25.59
N GLY S 139 21.20 -26.18 -26.64
CA GLY S 139 22.33 -27.07 -26.46
C GLY S 139 23.47 -26.28 -25.84
N TYR S 140 23.98 -26.75 -24.70
CA TYR S 140 24.99 -26.00 -23.97
C TYR S 140 24.49 -24.62 -23.58
N ARG S 147 25.30 -17.48 -21.49
CA ARG S 147 26.36 -17.53 -22.48
C ARG S 147 26.25 -16.33 -23.41
N LYS S 148 27.39 -15.81 -23.86
CA LYS S 148 27.44 -14.51 -24.52
C LYS S 148 26.69 -14.43 -25.84
N GLN S 149 26.75 -15.48 -26.66
CA GLN S 149 26.18 -15.38 -28.00
C GLN S 149 24.69 -15.04 -27.92
N LYS S 150 23.99 -15.67 -26.98
CA LYS S 150 22.54 -15.55 -26.93
C LYS S 150 22.07 -14.11 -26.83
N GLU S 151 22.50 -13.38 -25.80
CA GLU S 151 21.97 -12.04 -25.58
C GLU S 151 22.31 -11.10 -26.71
N GLN S 152 23.53 -11.14 -27.24
CA GLN S 152 23.82 -10.32 -28.40
C GLN S 152 22.95 -10.69 -29.59
N TRP S 153 22.71 -11.98 -29.79
CA TRP S 153 21.76 -12.40 -30.81
C TRP S 153 20.39 -11.76 -30.61
N GLN S 154 19.87 -11.76 -29.40
CA GLN S 154 18.63 -11.05 -29.12
C GLN S 154 18.75 -9.56 -29.35
N ASN S 155 19.94 -9.00 -29.18
CA ASN S 155 20.16 -7.60 -29.56
C ASN S 155 19.91 -7.40 -31.04
N HIS S 156 20.51 -8.25 -31.87
CA HIS S 156 20.27 -8.21 -33.30
C HIS S 156 18.79 -8.42 -33.61
N LEU S 157 18.18 -9.36 -32.89
CA LEU S 157 16.78 -9.69 -33.07
C LEU S 157 15.88 -8.49 -32.83
N ALA S 158 16.09 -7.79 -31.71
CA ALA S 158 15.32 -6.60 -31.40
C ALA S 158 15.57 -5.49 -32.40
N GLN S 159 16.83 -5.31 -32.83
CA GLN S 159 17.08 -4.33 -33.88
C GLN S 159 16.25 -4.63 -35.11
N LEU S 160 16.31 -5.88 -35.56
CA LEU S 160 15.42 -6.32 -36.63
C LEU S 160 13.99 -5.91 -36.34
N GLN S 161 13.45 -6.36 -35.20
CA GLN S 161 12.03 -6.20 -34.96
C GLN S 161 11.61 -4.75 -35.03
N ARG S 162 12.32 -3.87 -34.33
CA ARG S 162 11.85 -2.51 -34.31
C ARG S 162 12.11 -1.82 -35.63
N GLY S 163 13.09 -2.27 -36.42
CA GLY S 163 13.24 -1.70 -37.73
C GLY S 163 12.34 -2.38 -38.74
N LEU S 164 11.63 -3.41 -38.29
CA LEU S 164 10.86 -4.25 -39.18
C LEU S 164 9.66 -3.56 -39.79
N HIS S 165 8.95 -2.71 -39.04
CA HIS S 165 7.73 -2.10 -39.56
C HIS S 165 7.94 -1.53 -40.95
N LEU S 166 9.15 -1.02 -41.22
CA LEU S 166 9.46 -0.48 -42.53
C LEU S 166 8.91 -1.34 -43.65
N LEU S 167 9.01 -2.66 -43.49
CA LEU S 167 8.49 -3.56 -44.51
C LEU S 167 6.98 -3.42 -44.65
N THR S 168 6.27 -3.35 -43.53
CA THR S 168 4.81 -3.46 -43.53
C THR S 168 4.12 -2.13 -43.80
N ASP S 169 4.50 -1.10 -43.05
CA ASP S 169 3.83 0.18 -43.04
C ASP S 169 3.37 0.64 -44.42
N LYS S 170 2.09 1.00 -44.52
CA LYS S 170 1.54 1.56 -45.74
C LYS S 170 1.76 3.06 -45.84
N GLU S 171 2.37 3.66 -44.82
CA GLU S 171 2.63 5.09 -44.79
C GLU S 171 3.99 5.31 -44.15
N TYR S 172 4.36 6.58 -44.05
CA TYR S 172 5.62 6.98 -43.41
C TYR S 172 5.30 7.80 -42.16
N LYS S 173 5.61 7.25 -40.99
CA LYS S 173 5.26 8.20 -39.96
C LYS S 173 6.50 8.92 -39.44
N PRO S 174 6.41 10.23 -39.24
CA PRO S 174 7.60 11.02 -38.86
C PRO S 174 8.24 10.58 -37.57
N GLU S 175 7.48 9.98 -36.65
CA GLU S 175 8.03 9.57 -35.37
C GLU S 175 9.20 8.61 -35.53
N TYR S 176 9.27 7.86 -36.63
CA TYR S 176 10.34 6.90 -36.81
C TYR S 176 11.65 7.56 -37.25
N PHE S 177 11.63 8.84 -37.62
CA PHE S 177 12.87 9.50 -37.97
C PHE S 177 13.86 9.51 -36.83
N SER S 178 13.43 9.83 -35.63
CA SER S 178 14.27 9.75 -34.45
C SER S 178 14.70 8.34 -34.15
N ASP S 179 13.78 7.37 -34.26
CA ASP S 179 14.15 5.97 -34.11
C ASP S 179 15.30 5.62 -35.02
N ALA S 180 15.26 6.10 -36.26
CA ALA S 180 16.37 6.01 -37.18
C ALA S 180 17.54 6.86 -36.73
N LEU S 181 17.32 7.74 -35.76
CA LEU S 181 18.34 8.65 -35.27
C LEU S 181 19.02 8.11 -34.01
N LYS S 182 18.99 6.80 -33.82
CA LYS S 182 19.42 6.17 -32.58
C LYS S 182 20.40 5.05 -32.89
N LEU S 183 21.55 5.06 -32.21
CA LEU S 183 22.53 3.99 -32.35
C LEU S 183 23.05 3.56 -30.99
N SER S 190 26.48 0.07 -40.41
CA SER S 190 27.80 0.63 -40.63
C SER S 190 27.82 1.55 -41.85
N ILE S 191 26.63 1.95 -42.29
CA ILE S 191 26.50 2.75 -43.51
C ILE S 191 25.72 4.03 -43.24
N GLY S 192 24.92 4.04 -42.18
CA GLY S 192 24.10 5.20 -41.88
C GLY S 192 22.63 4.99 -42.15
N GLY S 193 21.85 4.79 -41.10
CA GLY S 193 20.42 4.61 -41.26
C GLY S 193 19.88 3.40 -40.51
N GLN S 194 18.75 2.88 -40.95
CA GLN S 194 18.07 1.76 -40.33
C GLN S 194 17.82 0.66 -41.34
N ASP S 195 18.85 0.34 -42.11
CA ASP S 195 18.67 -0.62 -43.20
C ASP S 195 18.62 -2.05 -42.69
N LEU S 196 17.42 -2.61 -42.71
CA LEU S 196 17.22 -4.00 -42.36
C LEU S 196 18.05 -4.94 -43.22
N SER S 197 18.43 -4.52 -44.43
CA SER S 197 19.37 -5.30 -45.21
C SER S 197 20.65 -5.60 -44.45
N GLU S 198 21.41 -4.58 -44.09
CA GLU S 198 22.56 -4.80 -43.23
C GLU S 198 22.16 -5.50 -41.95
N ILE S 199 21.16 -4.98 -41.25
CA ILE S 199 20.72 -5.65 -40.03
C ILE S 199 20.72 -7.16 -40.26
N PHE S 200 20.14 -7.60 -41.37
CA PHE S 200 20.11 -8.98 -41.81
C PHE S 200 21.50 -9.56 -42.00
N GLU S 201 22.40 -8.81 -42.63
CA GLU S 201 23.71 -9.40 -42.89
C GLU S 201 24.52 -9.62 -41.61
N GLU S 202 24.52 -8.65 -40.69
CA GLU S 202 25.15 -9.01 -39.42
C GLU S 202 24.37 -10.07 -38.68
N LEU S 203 23.05 -10.15 -38.86
CA LEU S 203 22.28 -11.24 -38.29
C LEU S 203 22.84 -12.59 -38.74
N VAL S 204 22.98 -12.76 -40.04
CA VAL S 204 23.50 -13.99 -40.59
C VAL S 204 24.95 -14.19 -40.18
N LYS S 205 25.70 -13.09 -40.04
CA LYS S 205 27.04 -13.18 -39.52
C LYS S 205 27.07 -13.86 -38.16
N ARG S 206 26.26 -13.36 -37.23
CA ARG S 206 26.19 -13.95 -35.91
C ARG S 206 25.67 -15.38 -35.98
N ALA S 207 24.72 -15.63 -36.87
CA ALA S 207 24.19 -16.97 -37.03
C ALA S 207 25.28 -17.94 -37.46
N CYS S 208 26.11 -17.56 -38.43
CA CYS S 208 27.24 -18.39 -38.81
C CYS S 208 28.20 -18.55 -37.64
N GLU S 209 28.47 -17.47 -36.93
CA GLU S 209 29.33 -17.54 -35.75
C GLU S 209 28.89 -18.65 -34.82
N ILE S 210 27.58 -18.69 -34.55
CA ILE S 210 27.05 -19.72 -33.67
C ILE S 210 27.05 -21.10 -34.31
N LEU S 211 26.54 -21.22 -35.53
CA LEU S 211 26.24 -22.49 -36.16
C LEU S 211 27.49 -23.22 -36.66
N ASP S 212 28.57 -22.49 -36.89
CA ASP S 212 29.82 -23.10 -37.34
C ASP S 212 29.68 -23.62 -38.77
N CYS S 213 29.11 -22.78 -39.62
CA CYS S 213 29.02 -23.06 -41.04
C CYS S 213 29.54 -21.85 -41.81
N LYS S 214 30.19 -22.12 -42.94
CA LYS S 214 30.72 -21.06 -43.77
C LYS S 214 29.63 -20.22 -44.41
N ALA S 215 28.41 -20.75 -44.46
CA ALA S 215 27.28 -20.03 -45.04
C ALA S 215 26.02 -20.83 -44.79
N ILE S 216 24.92 -20.35 -45.35
CA ILE S 216 23.61 -20.97 -45.16
C ILE S 216 22.85 -20.96 -46.47
N LEU S 217 22.09 -22.02 -46.72
CA LEU S 217 21.19 -22.07 -47.85
C LEU S 217 19.76 -21.76 -47.45
N ILE S 218 19.13 -20.91 -48.22
CA ILE S 218 17.71 -20.63 -48.12
C ILE S 218 17.03 -21.26 -49.32
N THR S 219 15.83 -21.79 -49.10
CA THR S 219 15.12 -22.56 -50.10
C THR S 219 13.74 -21.95 -50.32
N PHE S 220 13.25 -22.05 -51.54
CA PHE S 220 11.97 -21.43 -51.87
C PHE S 220 11.22 -22.30 -52.87
N ASP S 221 10.01 -22.70 -52.47
CA ASP S 221 9.25 -23.70 -53.19
C ASP S 221 8.58 -23.11 -54.42
N ASP S 222 8.12 -24.00 -55.29
CA ASP S 222 7.41 -23.58 -56.49
C ASP S 222 6.15 -22.80 -56.12
N ILE S 223 5.85 -21.77 -56.90
CA ILE S 223 4.75 -20.86 -56.61
C ILE S 223 3.64 -21.07 -57.63
N ASP S 224 3.56 -22.27 -58.20
CA ASP S 224 2.53 -22.55 -59.20
C ASP S 224 1.13 -22.30 -58.66
N THR S 225 0.83 -22.77 -57.45
CA THR S 225 -0.47 -22.56 -56.85
C THR S 225 -0.80 -21.08 -56.68
N GLN S 226 0.15 -20.27 -56.24
CA GLN S 226 -0.03 -18.83 -56.20
C GLN S 226 1.30 -18.17 -56.53
N PHE S 227 1.47 -17.79 -57.80
CA PHE S 227 2.77 -17.35 -58.27
C PHE S 227 3.07 -15.90 -57.89
N ASP S 228 2.08 -15.17 -57.42
CA ASP S 228 2.32 -13.79 -57.02
C ASP S 228 3.16 -13.69 -55.75
N ALA S 229 3.18 -14.76 -54.95
CA ALA S 229 3.95 -14.74 -53.71
C ALA S 229 5.45 -14.60 -53.96
N GLY S 230 5.98 -15.33 -54.95
CA GLY S 230 7.42 -15.33 -55.16
C GLY S 230 7.99 -13.95 -55.35
N TRP S 231 7.15 -12.98 -55.71
CA TRP S 231 7.62 -11.62 -55.90
C TRP S 231 8.29 -11.10 -54.63
N ASP S 232 7.65 -11.31 -53.48
CA ASP S 232 8.22 -10.85 -52.21
C ASP S 232 9.56 -11.52 -51.93
N VAL S 233 9.63 -12.84 -52.18
CA VAL S 233 10.91 -13.53 -52.08
C VAL S 233 11.93 -12.83 -52.96
N LEU S 234 11.48 -12.35 -54.12
CA LEU S 234 12.36 -11.65 -55.02
C LEU S 234 12.92 -10.38 -54.39
N GLU S 235 12.05 -9.55 -53.82
CA GLU S 235 12.57 -8.35 -53.18
C GLU S 235 13.55 -8.71 -52.09
N SER S 236 13.19 -9.67 -51.24
CA SER S 236 14.12 -10.13 -50.22
C SER S 236 15.45 -10.55 -50.84
N ILE S 237 15.37 -11.14 -52.04
CA ILE S 237 16.57 -11.45 -52.79
C ILE S 237 17.43 -10.22 -52.95
N ARG S 238 16.87 -9.21 -53.59
CA ARG S 238 17.66 -8.01 -53.88
C ARG S 238 18.03 -7.26 -52.61
N LYS S 239 17.29 -7.49 -51.53
CA LYS S 239 17.28 -6.56 -50.42
C LYS S 239 18.01 -7.09 -49.19
N PHE S 240 18.17 -8.40 -49.10
CA PHE S 240 18.74 -9.03 -47.93
C PHE S 240 19.72 -10.12 -48.27
N PHE S 241 19.50 -10.83 -49.37
CA PHE S 241 20.32 -11.95 -49.77
C PHE S 241 21.52 -11.51 -50.57
N ASN S 242 21.76 -10.20 -50.63
CA ASN S 242 22.95 -9.65 -51.27
C ASN S 242 24.13 -9.73 -50.29
N SER S 243 24.34 -10.94 -49.79
CA SER S 243 25.35 -11.21 -48.77
C SER S 243 26.21 -12.40 -49.20
N ARG S 244 27.42 -12.44 -48.66
CA ARG S 244 28.41 -13.43 -49.06
C ARG S 244 28.14 -14.81 -48.48
N LYS S 245 27.68 -14.91 -47.23
CA LYS S 245 27.50 -16.18 -46.57
C LYS S 245 26.15 -16.82 -46.89
N LEU S 246 25.54 -16.41 -48.00
CA LEU S 246 24.19 -16.84 -48.33
C LEU S 246 24.17 -17.52 -49.68
N VAL S 247 23.45 -18.62 -49.75
CA VAL S 247 23.15 -19.31 -51.00
C VAL S 247 21.65 -19.49 -51.07
N VAL S 248 21.07 -19.23 -52.23
CA VAL S 248 19.63 -19.27 -52.42
C VAL S 248 19.30 -20.33 -53.44
N VAL S 249 18.16 -21.00 -53.23
CA VAL S 249 17.68 -22.02 -54.14
C VAL S 249 16.20 -21.78 -54.40
N ALA S 250 15.83 -21.70 -55.67
CA ALA S 250 14.46 -21.44 -56.09
C ALA S 250 14.02 -22.50 -57.10
N THR S 251 12.71 -22.68 -57.21
CA THR S 251 12.15 -23.74 -58.02
C THR S 251 10.99 -23.19 -58.84
N GLY S 252 10.82 -23.72 -60.05
CA GLY S 252 9.60 -23.45 -60.79
C GLY S 252 9.87 -23.34 -62.27
N ASP S 253 9.01 -22.57 -62.93
CA ASP S 253 9.11 -22.28 -64.35
C ASP S 253 9.34 -20.78 -64.51
N LEU S 254 10.55 -20.41 -64.94
CA LEU S 254 10.91 -19.01 -65.03
C LEU S 254 10.02 -18.22 -65.97
N ARG S 255 9.32 -18.89 -66.88
CA ARG S 255 8.32 -18.20 -67.68
C ARG S 255 7.31 -17.49 -66.80
N LEU S 256 6.80 -18.16 -65.77
CA LEU S 256 5.87 -17.50 -64.87
C LEU S 256 6.49 -16.27 -64.22
N TYR S 257 7.68 -16.43 -63.65
CA TYR S 257 8.38 -15.31 -63.06
C TYR S 257 8.50 -14.17 -64.04
N SER S 258 8.72 -14.49 -65.31
CA SER S 258 8.71 -13.48 -66.36
C SER S 258 7.34 -12.80 -66.42
N GLN S 259 6.28 -13.59 -66.44
CA GLN S 259 4.95 -13.01 -66.34
C GLN S 259 4.80 -12.10 -65.14
N LEU S 260 5.29 -12.54 -63.98
CA LEU S 260 5.20 -11.75 -62.77
C LEU S 260 5.84 -10.38 -62.94
N ILE S 261 7.10 -10.38 -63.36
CA ILE S 261 7.87 -9.13 -63.40
C ILE S 261 7.34 -8.22 -64.50
N ARG S 262 6.96 -8.80 -65.64
CA ARG S 262 6.43 -7.98 -66.72
C ARG S 262 5.26 -7.16 -66.26
N GLY S 263 4.31 -7.78 -65.55
CA GLY S 263 3.24 -7.00 -64.95
C GLY S 263 3.73 -6.04 -63.89
N LYS S 264 4.52 -6.52 -62.93
CA LYS S 264 4.92 -5.70 -61.81
C LYS S 264 5.59 -4.42 -62.24
N GLN S 265 6.35 -4.45 -63.33
CA GLN S 265 6.92 -3.22 -63.85
C GLN S 265 5.83 -2.26 -64.28
N TYR S 266 4.74 -2.78 -64.86
CA TYR S 266 3.69 -1.93 -65.38
C TYR S 266 3.13 -0.98 -64.34
N GLU S 267 3.08 -1.39 -63.08
CA GLU S 267 2.67 -0.51 -61.99
C GLU S 267 3.66 0.61 -61.77
N ASN S 268 4.84 0.51 -62.38
CA ASN S 268 5.79 1.60 -62.39
C ASN S 268 5.34 2.78 -63.22
N TYR S 269 4.24 2.63 -63.95
CA TYR S 269 3.81 3.66 -64.87
C TYR S 269 2.71 4.50 -64.25
N SER S 270 2.63 5.75 -64.68
CA SER S 270 1.51 6.60 -64.30
C SER S 270 0.32 6.27 -65.21
N LYS S 271 -0.80 5.91 -64.59
CA LYS S 271 -1.96 5.50 -65.37
C LYS S 271 -2.32 6.54 -66.41
N THR S 272 -2.42 7.81 -66.00
CA THR S 272 -2.76 8.86 -66.95
C THR S 272 -1.87 8.80 -68.17
N LEU S 273 -0.56 8.68 -67.96
CA LEU S 273 0.36 8.37 -69.05
C LEU S 273 -0.21 7.27 -69.95
N LEU S 274 -0.69 6.20 -69.33
CA LEU S 274 -1.06 5.02 -70.09
C LEU S 274 -2.31 5.24 -70.93
N GLU S 275 -3.32 5.91 -70.39
CA GLU S 275 -4.49 6.21 -71.20
C GLU S 275 -4.30 7.40 -72.10
N GLN S 276 -3.22 8.17 -71.93
CA GLN S 276 -2.96 9.28 -72.82
C GLN S 276 -2.16 8.88 -74.04
N GLU S 277 -0.96 8.34 -73.86
CA GLU S 277 -0.14 7.95 -74.99
C GLU S 277 -0.38 6.50 -75.38
N LYS S 278 -1.59 6.17 -75.80
CA LYS S 278 -1.93 4.81 -76.18
C LYS S 278 -1.83 4.57 -77.68
N GLU S 279 -0.91 5.27 -78.35
CA GLU S 279 -0.70 5.04 -79.77
C GLU S 279 0.34 3.94 -79.98
N SER S 280 0.18 3.23 -81.10
CA SER S 280 0.89 1.98 -81.34
C SER S 280 2.39 2.12 -81.16
N VAL S 281 2.97 3.16 -81.75
CA VAL S 281 4.41 3.35 -81.63
C VAL S 281 4.82 3.50 -80.17
N ARG S 282 4.06 4.30 -79.42
CA ARG S 282 4.34 4.52 -78.02
C ARG S 282 4.27 3.23 -77.21
N LEU S 283 3.21 2.46 -77.41
CA LEU S 283 3.17 1.12 -76.82
C LEU S 283 4.39 0.33 -77.22
N ALA S 284 4.88 0.52 -78.45
CA ALA S 284 6.02 -0.24 -78.92
C ALA S 284 7.25 0.06 -78.07
N GLU S 285 7.61 1.33 -77.92
CA GLU S 285 8.82 1.61 -77.16
C GLU S 285 8.61 1.26 -75.69
N ARG S 286 7.39 1.47 -75.20
CA ARG S 286 7.10 1.15 -73.82
C ARG S 286 7.37 -0.32 -73.53
N GLY S 287 6.79 -1.22 -74.35
CA GLY S 287 7.11 -2.62 -74.22
C GLY S 287 8.60 -2.85 -74.32
N TYR S 288 9.22 -2.37 -75.41
CA TYR S 288 10.63 -2.65 -75.62
C TYR S 288 11.45 -2.35 -74.36
N MET S 289 11.22 -1.20 -73.74
CA MET S 289 11.86 -0.89 -72.47
C MET S 289 11.48 -1.92 -71.41
N VAL S 290 10.21 -2.31 -71.37
CA VAL S 290 9.77 -3.24 -70.35
C VAL S 290 10.50 -4.57 -70.45
N GLU S 291 10.54 -5.17 -71.64
CA GLU S 291 11.30 -6.41 -71.81
C GLU S 291 12.79 -6.21 -71.56
N HIS S 292 13.34 -5.08 -71.97
CA HIS S 292 14.73 -4.81 -71.61
C HIS S 292 14.95 -4.94 -70.12
N LEU S 293 14.14 -4.25 -69.32
CA LEU S 293 14.21 -4.36 -67.88
C LEU S 293 13.95 -5.76 -67.37
N GLU S 294 13.01 -6.47 -67.99
CA GLU S 294 12.69 -7.82 -67.57
C GLU S 294 13.93 -8.70 -67.63
N GLN S 295 14.59 -8.69 -68.79
CA GLN S 295 15.82 -9.46 -68.90
C GLN S 295 16.88 -8.93 -67.96
N GLN S 296 16.98 -7.60 -67.83
CA GLN S 296 17.96 -6.99 -66.96
C GLN S 296 17.85 -7.53 -65.54
N TYR S 297 16.63 -7.67 -65.04
CA TYR S 297 16.40 -8.32 -63.76
C TYR S 297 16.78 -9.78 -63.80
N LEU S 298 16.14 -10.55 -64.68
CA LEU S 298 16.23 -12.00 -64.57
C LEU S 298 17.69 -12.46 -64.60
N LEU S 299 18.54 -11.74 -65.31
CA LEU S 299 19.97 -12.05 -65.25
C LEU S 299 20.48 -11.95 -63.83
N LYS S 300 20.23 -10.81 -63.18
CA LYS S 300 20.78 -10.58 -61.86
C LYS S 300 20.19 -11.55 -60.84
N LEU S 301 18.88 -11.76 -60.88
CA LEU S 301 18.28 -12.75 -60.00
C LEU S 301 18.80 -14.17 -60.24
N PHE S 302 18.85 -14.59 -61.49
CA PHE S 302 19.15 -15.98 -61.85
C PHE S 302 20.25 -15.98 -62.90
N PRO S 303 21.50 -15.84 -62.48
CA PRO S 303 22.59 -16.07 -63.41
C PRO S 303 22.48 -17.45 -64.03
N VAL S 304 22.71 -17.52 -65.33
CA VAL S 304 22.45 -18.76 -66.05
C VAL S 304 23.35 -19.89 -65.57
N GLN S 305 24.60 -19.58 -65.22
CA GLN S 305 25.48 -20.65 -64.76
C GLN S 305 24.89 -21.38 -63.57
N LYS S 306 24.04 -20.70 -62.79
CA LYS S 306 23.48 -21.25 -61.57
C LYS S 306 22.11 -21.89 -61.78
N ARG S 307 21.57 -21.83 -63.00
CA ARG S 307 20.26 -22.42 -63.28
C ARG S 307 20.41 -23.91 -63.54
N ILE S 308 19.41 -24.68 -63.11
CA ILE S 308 19.47 -26.14 -63.14
C ILE S 308 18.58 -26.64 -64.25
N GLN S 309 19.08 -27.63 -65.00
CA GLN S 309 18.40 -28.11 -66.20
C GLN S 309 17.20 -28.98 -65.86
N LEU S 310 17.34 -29.88 -64.89
CA LEU S 310 16.26 -30.80 -64.54
C LEU S 310 15.85 -31.69 -65.71
N LYS S 311 16.72 -32.61 -66.12
CA LYS S 311 16.39 -33.58 -67.15
C LYS S 311 15.00 -34.16 -66.92
N THR S 312 14.31 -34.48 -68.00
CA THR S 312 12.96 -34.99 -67.93
C THR S 312 12.98 -36.52 -67.95
N MET S 313 11.81 -37.14 -67.81
CA MET S 313 11.75 -38.59 -67.89
C MET S 313 12.18 -39.10 -69.26
N LEU S 314 11.67 -38.48 -70.32
CA LEU S 314 12.15 -38.80 -71.66
C LEU S 314 13.66 -38.64 -71.76
N GLN S 315 14.22 -37.71 -70.98
CA GLN S 315 15.65 -37.50 -70.88
C GLN S 315 16.30 -38.47 -69.90
N LEU S 316 15.48 -39.30 -69.25
CA LEU S 316 15.96 -40.33 -68.34
C LEU S 316 15.59 -41.72 -68.83
N VAL S 317 14.88 -41.81 -69.96
CA VAL S 317 14.39 -43.08 -70.47
C VAL S 317 14.69 -43.16 -71.97
N GLY S 318 15.05 -44.35 -72.44
CA GLY S 318 15.38 -44.57 -73.83
C GLY S 318 14.36 -43.98 -74.78
N GLU S 319 14.81 -43.14 -75.71
CA GLU S 319 13.88 -42.51 -76.64
C GLU S 319 13.19 -43.55 -77.50
N LYS S 320 13.96 -44.41 -78.17
CA LYS S 320 13.39 -45.51 -78.94
C LYS S 320 14.24 -46.76 -78.82
N GLY S 321 14.97 -46.89 -77.72
CA GLY S 321 15.82 -48.04 -77.48
C GLY S 321 17.30 -47.78 -77.61
N LYS S 322 17.72 -46.69 -78.25
CA LYS S 322 19.13 -46.32 -78.33
C LYS S 322 19.54 -45.51 -77.09
N ALA S 323 18.74 -45.64 -76.04
CA ALA S 323 18.89 -44.88 -74.81
C ALA S 323 18.44 -45.73 -73.64
N GLY S 324 18.09 -45.11 -72.52
CA GLY S 324 17.78 -45.87 -71.33
C GLY S 324 18.76 -45.63 -70.20
N LYS S 325 19.19 -44.38 -70.05
CA LYS S 325 20.17 -44.01 -69.04
C LYS S 325 19.55 -44.26 -67.67
N GLU S 326 20.00 -45.34 -67.04
CA GLU S 326 19.55 -45.70 -65.70
C GLU S 326 18.04 -45.86 -65.64
N GLU S 327 17.50 -46.84 -66.35
CA GLU S 327 16.07 -47.10 -66.34
C GLU S 327 15.56 -47.21 -64.90
N ILE S 328 14.28 -46.88 -64.72
CA ILE S 328 13.69 -46.77 -63.39
C ILE S 328 12.98 -48.07 -62.98
N LYS S 329 11.98 -48.46 -63.76
CA LYS S 329 11.09 -49.58 -63.42
C LYS S 329 10.04 -49.12 -62.41
N VAL S 330 8.77 -49.41 -62.70
CA VAL S 330 7.65 -49.09 -61.83
C VAL S 330 6.73 -50.30 -61.77
N LYS S 331 5.93 -50.37 -60.71
CA LYS S 331 5.11 -51.54 -60.45
C LYS S 331 3.73 -51.38 -61.08
N THR S 332 3.11 -52.50 -61.43
CA THR S 332 1.78 -52.55 -62.03
C THR S 332 0.76 -53.34 -61.20
N GLU S 333 1.14 -54.52 -60.71
CA GLU S 333 0.30 -55.28 -59.80
C GLU S 333 0.97 -55.29 -58.43
N PRO S 334 0.31 -55.80 -57.42
CA PRO S 334 0.86 -55.67 -56.07
C PRO S 334 2.26 -56.24 -55.90
N SER S 335 2.56 -57.40 -56.49
CA SER S 335 3.71 -58.14 -55.98
C SER S 335 5.07 -57.67 -56.52
N MET S 336 5.41 -58.05 -57.77
CA MET S 336 6.67 -57.63 -58.37
C MET S 336 7.79 -57.35 -57.37
N GLN S 337 8.29 -58.42 -56.74
CA GLN S 337 9.26 -58.30 -55.67
C GLN S 337 10.60 -57.83 -56.25
N ASP S 338 10.57 -56.62 -56.82
CA ASP S 338 11.76 -55.94 -57.31
C ASP S 338 12.34 -56.58 -58.56
N ILE S 339 11.76 -57.71 -59.01
CA ILE S 339 12.24 -58.32 -60.23
C ILE S 339 11.20 -58.28 -61.33
N ASP S 340 9.92 -58.29 -60.99
CA ASP S 340 8.85 -58.28 -61.96
C ASP S 340 8.50 -56.88 -62.45
N ALA S 341 9.15 -55.85 -61.90
CA ALA S 341 8.94 -54.50 -62.40
C ALA S 341 9.12 -54.45 -63.90
N ILE S 342 8.05 -54.15 -64.62
CA ILE S 342 8.05 -54.21 -66.07
C ILE S 342 8.42 -52.85 -66.65
N ASP S 343 9.71 -52.57 -66.72
CA ASP S 343 10.26 -51.38 -67.37
C ASP S 343 9.44 -50.15 -66.98
N VAL S 344 9.54 -49.10 -67.79
CA VAL S 344 8.62 -47.96 -67.75
C VAL S 344 8.13 -47.75 -69.17
N ARG S 345 9.07 -47.66 -70.11
CA ARG S 345 8.73 -47.57 -71.52
C ARG S 345 7.90 -48.77 -71.96
N GLN S 346 8.30 -49.96 -71.56
CA GLN S 346 7.57 -51.18 -71.89
C GLN S 346 6.16 -51.19 -71.33
N ALA S 347 5.97 -50.79 -70.07
CA ALA S 347 4.66 -50.73 -69.45
C ALA S 347 3.75 -49.70 -70.13
N ILE S 348 4.30 -48.53 -70.45
CA ILE S 348 3.51 -47.52 -71.15
C ILE S 348 3.13 -48.02 -72.53
N GLY S 349 4.06 -48.70 -73.23
CA GLY S 349 3.72 -49.26 -74.52
C GLY S 349 2.59 -50.28 -74.42
N ASP S 350 2.65 -51.15 -73.41
CA ASP S 350 1.54 -52.07 -73.18
C ASP S 350 0.24 -51.31 -72.97
N ALA S 351 0.23 -50.38 -72.03
CA ALA S 351 -1.00 -49.65 -71.75
C ALA S 351 -1.58 -49.04 -73.01
N VAL S 352 -0.75 -48.30 -73.76
CA VAL S 352 -1.24 -47.62 -74.95
C VAL S 352 -1.72 -48.62 -75.99
N ARG S 353 -0.89 -49.61 -76.32
CA ARG S 353 -1.19 -50.48 -77.45
C ARG S 353 -2.44 -51.30 -77.20
N GLU S 354 -2.49 -52.02 -76.08
CA GLU S 354 -3.66 -52.86 -75.83
C GLU S 354 -4.85 -52.09 -75.28
N GLY S 355 -4.66 -50.87 -74.81
CA GLY S 355 -5.79 -50.05 -74.44
C GLY S 355 -6.27 -49.22 -75.60
N LEU S 356 -5.64 -49.41 -76.77
CA LEU S 356 -5.93 -48.60 -77.95
C LEU S 356 -5.97 -49.44 -79.23
N ASN S 357 -5.78 -50.75 -79.13
CA ASN S 357 -5.72 -51.61 -80.30
C ASN S 357 -4.71 -51.06 -81.30
N LEU S 358 -3.50 -50.77 -80.84
CA LEU S 358 -2.54 -50.03 -81.64
C LEU S 358 -1.47 -50.86 -82.31
N ARG S 359 -1.35 -52.15 -82.00
CA ARG S 359 -0.28 -53.00 -82.49
C ARG S 359 1.06 -52.38 -82.10
N GLU S 360 2.15 -53.09 -82.34
CA GLU S 360 3.47 -52.60 -81.97
C GLU S 360 4.18 -51.96 -83.16
N GLY S 361 3.41 -51.28 -84.01
CA GLY S 361 3.98 -50.60 -85.16
C GLY S 361 4.79 -49.38 -84.77
N SER S 362 5.03 -48.50 -85.73
CA SER S 362 5.87 -47.32 -85.52
C SER S 362 5.12 -46.15 -84.90
N ASP S 363 3.78 -46.21 -84.83
CA ASP S 363 3.03 -45.13 -84.20
C ASP S 363 3.00 -45.29 -82.68
N ALA S 364 2.73 -46.50 -82.20
CA ALA S 364 2.61 -46.71 -80.76
C ALA S 364 3.79 -46.15 -80.01
N ASP S 365 5.00 -46.32 -80.53
CA ASP S 365 6.19 -45.78 -79.89
C ASP S 365 6.16 -44.26 -79.86
N MET S 366 5.79 -43.64 -80.97
CA MET S 366 5.78 -42.18 -81.00
C MET S 366 4.72 -41.66 -80.04
N TYR S 367 3.57 -42.33 -79.99
CA TYR S 367 2.54 -41.93 -79.05
C TYR S 367 3.02 -42.07 -77.61
N VAL S 368 3.63 -43.19 -77.27
CA VAL S 368 4.14 -43.39 -75.91
C VAL S 368 5.22 -42.38 -75.56
N ASN S 369 6.04 -41.98 -76.53
CA ASN S 369 6.98 -40.90 -76.30
C ASN S 369 6.27 -39.58 -76.05
N GLU S 370 5.19 -39.32 -76.79
CA GLU S 370 4.39 -38.12 -76.58
C GLU S 370 3.50 -38.30 -75.38
N LEU S 371 3.69 -39.42 -74.66
CA LEU S 371 3.00 -39.65 -73.41
C LEU S 371 3.99 -39.47 -72.27
N LEU S 372 5.24 -39.81 -72.55
CA LEU S 372 6.35 -39.58 -71.64
C LEU S 372 6.71 -38.11 -71.54
N LYS S 373 6.54 -37.34 -72.61
CA LYS S 373 6.86 -35.92 -72.56
C LYS S 373 6.03 -35.15 -71.54
N GLN S 374 4.85 -35.65 -71.20
CA GLN S 374 4.01 -34.93 -70.25
C GLN S 374 4.59 -35.05 -68.84
N PRO S 375 4.21 -34.15 -67.94
CA PRO S 375 4.84 -34.11 -66.62
C PRO S 375 4.81 -35.44 -65.89
N VAL S 376 5.80 -35.65 -65.03
CA VAL S 376 5.94 -36.92 -64.33
C VAL S 376 4.68 -37.27 -63.58
N ARG S 377 4.07 -36.31 -62.89
CA ARG S 377 2.89 -36.60 -62.11
C ARG S 377 1.74 -37.11 -62.96
N LEU S 378 1.39 -36.41 -64.04
CA LEU S 378 0.28 -36.84 -64.87
C LEU S 378 0.53 -38.24 -65.43
N LEU S 379 1.68 -38.43 -66.05
CA LEU S 379 2.02 -39.72 -66.63
C LEU S 379 2.00 -40.83 -65.59
N MET S 380 2.61 -40.63 -64.43
CA MET S 380 2.64 -41.64 -63.39
C MET S 380 1.26 -41.98 -62.85
N GLN S 381 0.45 -40.98 -62.55
CA GLN S 381 -0.91 -41.20 -62.07
C GLN S 381 -1.76 -41.91 -63.08
N VAL S 382 -1.66 -41.53 -64.35
CA VAL S 382 -2.39 -42.25 -65.39
C VAL S 382 -1.82 -43.64 -65.64
N LEU S 383 -0.58 -43.89 -65.24
CA LEU S 383 -0.01 -45.22 -65.41
C LEU S 383 -0.03 -45.98 -64.08
N GLN S 384 -0.63 -45.38 -63.06
CA GLN S 384 -0.75 -46.05 -61.77
C GLN S 384 -2.21 -46.33 -61.48
N ASP S 385 -3.09 -45.62 -62.17
CA ASP S 385 -4.52 -45.87 -62.08
C ASP S 385 -4.99 -46.96 -63.01
N PHE S 386 -4.50 -46.98 -64.25
CA PHE S 386 -4.97 -47.96 -65.23
C PHE S 386 -4.72 -49.38 -64.76
N TYR S 387 -3.48 -49.67 -64.35
CA TYR S 387 -3.14 -51.04 -64.02
C TYR S 387 -3.79 -51.48 -62.71
N THR S 388 -3.93 -50.56 -61.77
CA THR S 388 -4.62 -50.88 -60.52
C THR S 388 -6.08 -51.24 -60.77
N LYS S 389 -6.76 -50.48 -61.62
CA LYS S 389 -8.14 -50.83 -61.92
C LYS S 389 -8.23 -52.06 -62.82
N LYS S 390 -7.23 -52.32 -63.65
CA LYS S 390 -7.13 -53.61 -64.29
C LYS S 390 -7.13 -54.74 -63.26
N TYR S 391 -6.30 -54.60 -62.23
CA TYR S 391 -6.22 -55.59 -61.18
C TYR S 391 -7.57 -55.75 -60.47
N HIS S 392 -8.22 -54.63 -60.17
CA HIS S 392 -9.53 -54.68 -59.51
C HIS S 392 -10.54 -55.41 -60.37
N ALA S 393 -10.62 -55.06 -61.65
CA ALA S 393 -11.61 -55.67 -62.53
C ALA S 393 -11.35 -57.15 -62.76
N THR S 394 -10.09 -57.54 -62.91
CA THR S 394 -9.72 -58.92 -63.18
C THR S 394 -9.65 -59.75 -61.90
N SER S 395 -9.82 -59.10 -60.76
CA SER S 395 -9.84 -59.78 -59.47
C SER S 395 -8.44 -60.24 -59.08
N SER S 412 -12.45 -54.78 -70.47
CA SER S 412 -11.87 -54.20 -71.67
C SER S 412 -10.63 -53.35 -71.35
N VAL S 413 -9.62 -53.47 -72.19
CA VAL S 413 -8.43 -52.65 -72.06
C VAL S 413 -8.68 -51.29 -72.68
N PRO S 414 -9.27 -51.21 -73.88
CA PRO S 414 -9.54 -49.91 -74.49
C PRO S 414 -10.41 -48.99 -73.65
N ASN S 415 -11.43 -49.52 -72.97
CA ASN S 415 -12.27 -48.71 -72.11
C ASN S 415 -11.60 -48.35 -70.80
N LEU S 416 -10.90 -49.28 -70.17
CA LEU S 416 -10.17 -48.95 -68.96
C LEU S 416 -9.10 -47.90 -69.22
N LEU S 417 -8.44 -47.96 -70.38
CA LEU S 417 -7.48 -46.95 -70.76
C LEU S 417 -8.12 -45.57 -70.93
N ARG S 418 -9.24 -45.48 -71.64
CA ARG S 418 -9.92 -44.21 -71.76
C ARG S 418 -10.41 -43.70 -70.41
N ASN S 419 -10.76 -44.60 -69.49
CA ASN S 419 -11.11 -44.17 -68.15
C ASN S 419 -10.04 -43.30 -67.53
N ALA S 420 -8.79 -43.75 -67.52
CA ALA S 420 -7.70 -42.99 -66.92
C ALA S 420 -7.48 -41.66 -67.65
N LEU S 421 -7.37 -41.72 -68.98
CA LEU S 421 -7.18 -40.49 -69.76
C LEU S 421 -8.31 -39.50 -69.49
N TYR S 422 -9.49 -40.00 -69.18
CA TYR S 422 -10.64 -39.12 -68.97
C TYR S 422 -10.34 -38.12 -67.87
N GLY S 423 -9.96 -38.60 -66.69
CA GLY S 423 -9.49 -37.71 -65.65
C GLY S 423 -8.17 -37.03 -65.93
N SER S 424 -7.22 -37.75 -66.53
CA SER S 424 -5.89 -37.21 -66.77
C SER S 424 -5.91 -35.96 -67.63
N MET S 425 -6.85 -35.86 -68.56
CA MET S 425 -6.96 -34.74 -69.48
C MET S 425 -8.29 -34.03 -69.38
N LEU S 426 -9.06 -34.31 -68.31
CA LEU S 426 -10.37 -33.70 -68.17
C LEU S 426 -10.30 -32.19 -68.35
N SER S 427 -9.39 -31.53 -67.63
CA SER S 427 -9.25 -30.09 -67.80
C SER S 427 -8.88 -29.76 -69.23
N ASN S 428 -7.95 -30.52 -69.80
CA ASN S 428 -7.72 -30.43 -71.24
C ASN S 428 -9.03 -30.53 -72.00
N ILE S 429 -9.74 -31.66 -71.86
CA ILE S 429 -11.01 -31.83 -72.54
C ILE S 429 -12.02 -30.77 -72.15
N TYR S 430 -12.15 -30.48 -70.85
CA TYR S 430 -13.12 -29.52 -70.40
C TYR S 430 -12.95 -28.17 -71.10
N ARG S 431 -11.73 -27.66 -71.13
CA ARG S 431 -11.47 -26.46 -71.91
C ARG S 431 -11.68 -26.71 -73.40
N ALA S 432 -11.50 -27.94 -73.86
CA ALA S 432 -11.81 -28.30 -75.23
C ALA S 432 -13.30 -28.25 -75.52
N GLY S 433 -14.15 -28.14 -74.50
CA GLY S 433 -15.57 -28.13 -74.72
C GLY S 433 -16.13 -29.43 -75.23
N LEU S 434 -15.48 -30.55 -74.93
CA LEU S 434 -15.84 -31.85 -75.46
C LEU S 434 -16.84 -32.52 -74.52
N ASN S 435 -17.40 -33.65 -74.98
CA ASN S 435 -18.35 -34.39 -74.16
C ASN S 435 -17.78 -34.65 -72.78
N TYR S 436 -18.40 -34.04 -71.76
CA TYR S 436 -18.06 -34.30 -70.37
C TYR S 436 -18.99 -35.33 -69.75
N GLU S 437 -20.20 -35.43 -70.28
CA GLU S 437 -21.19 -36.33 -69.73
C GLU S 437 -20.81 -37.77 -70.03
N GLN S 438 -20.26 -38.44 -69.02
CA GLN S 438 -19.94 -39.86 -69.13
C GLN S 438 -21.15 -40.68 -69.49
N HIS S 439 -22.35 -40.19 -69.17
CA HIS S 439 -23.60 -40.81 -69.59
C HIS S 439 -23.98 -40.45 -71.01
N ARG S 440 -23.24 -39.55 -71.65
CA ARG S 440 -23.48 -39.16 -73.04
C ARG S 440 -22.28 -39.48 -73.92
N PHE S 441 -21.61 -40.60 -73.65
CA PHE S 441 -20.44 -40.95 -74.45
C PHE S 441 -20.85 -41.60 -75.76
N GLY S 442 -21.45 -42.78 -75.68
CA GLY S 442 -21.99 -43.44 -76.85
C GLY S 442 -21.01 -43.50 -78.00
N MET S 443 -21.56 -43.82 -79.18
CA MET S 443 -20.88 -43.62 -80.44
C MET S 443 -21.37 -42.37 -81.15
N ASP S 444 -22.48 -41.80 -80.69
CA ASP S 444 -23.01 -40.57 -81.26
C ASP S 444 -22.09 -39.40 -80.93
N SER S 445 -21.90 -39.13 -79.64
CA SER S 445 -21.04 -38.05 -79.24
C SER S 445 -19.62 -38.24 -79.74
N LEU S 446 -19.20 -39.49 -79.94
CA LEU S 446 -17.83 -39.73 -80.35
C LEU S 446 -17.50 -39.05 -81.67
N CYS S 447 -18.30 -39.30 -82.71
CA CYS S 447 -18.00 -38.76 -84.03
C CYS S 447 -17.93 -37.24 -84.03
N LYS S 448 -18.90 -36.58 -83.40
CA LYS S 448 -18.81 -35.12 -83.33
C LYS S 448 -17.63 -34.68 -82.48
N ASP S 449 -17.20 -35.50 -81.52
CA ASP S 449 -15.98 -35.19 -80.79
C ASP S 449 -14.78 -35.19 -81.72
N ILE S 450 -14.69 -36.19 -82.59
CA ILE S 450 -13.61 -36.20 -83.57
C ILE S 450 -13.70 -34.96 -84.46
N PHE S 451 -14.89 -34.64 -84.94
CA PHE S 451 -15.02 -33.45 -85.78
C PHE S 451 -14.57 -32.19 -85.05
N THR S 452 -15.05 -32.00 -83.82
CA THR S 452 -14.65 -30.81 -83.08
C THR S 452 -13.15 -30.75 -82.94
N TYR S 453 -12.53 -31.83 -82.48
CA TYR S 453 -11.07 -31.81 -82.38
C TYR S 453 -10.43 -31.44 -83.70
N VAL S 454 -10.99 -31.92 -84.80
CA VAL S 454 -10.44 -31.62 -86.12
C VAL S 454 -10.76 -30.20 -86.55
N LYS S 455 -11.47 -29.42 -85.72
CA LYS S 455 -11.59 -28.00 -86.00
C LYS S 455 -10.59 -27.16 -85.23
N GLN S 456 -10.31 -27.48 -83.97
CA GLN S 456 -9.24 -26.76 -83.28
C GLN S 456 -7.86 -27.13 -83.77
N ASP S 457 -7.64 -28.38 -84.17
CA ASP S 457 -6.35 -28.79 -84.70
C ASP S 457 -6.16 -28.30 -86.14
N ARG S 458 -7.17 -27.65 -86.71
CA ARG S 458 -7.15 -27.28 -88.12
C ARG S 458 -7.20 -28.55 -88.98
N ASP S 459 -6.04 -28.93 -89.53
CA ASP S 459 -5.94 -30.12 -90.36
C ASP S 459 -7.04 -30.19 -91.40
N PHE S 460 -8.01 -31.08 -91.17
CA PHE S 460 -9.06 -31.46 -92.11
C PHE S 460 -8.51 -32.40 -93.18
N ASN S 461 -7.24 -32.80 -93.10
CA ASN S 461 -6.63 -33.70 -94.06
C ASN S 461 -6.47 -35.11 -93.52
N THR S 462 -5.96 -35.25 -92.30
CA THR S 462 -5.85 -36.53 -91.63
C THR S 462 -6.21 -36.41 -90.16
N GLY S 463 -6.93 -35.36 -89.79
CA GLY S 463 -7.29 -35.18 -88.39
C GLY S 463 -7.96 -36.40 -87.82
N PHE S 464 -8.68 -37.14 -88.68
CA PHE S 464 -9.21 -38.43 -88.27
C PHE S 464 -8.13 -39.42 -87.87
N TYR S 465 -6.88 -39.18 -88.27
CA TYR S 465 -5.78 -39.96 -87.72
C TYR S 465 -5.62 -39.73 -86.22
N LEU S 466 -5.98 -38.55 -85.72
CA LEU S 466 -6.06 -38.27 -84.30
C LEU S 466 -4.71 -38.35 -83.61
N ARG S 467 -3.63 -38.35 -84.38
CA ARG S 467 -2.30 -38.37 -83.80
C ARG S 467 -1.95 -37.00 -83.22
N PRO S 468 -1.18 -36.97 -82.15
CA PRO S 468 -0.84 -35.68 -81.54
C PRO S 468 0.14 -34.91 -82.39
N GLN S 469 -0.37 -34.30 -83.46
CA GLN S 469 0.46 -33.49 -84.35
C GLN S 469 0.39 -32.01 -83.99
N SER S 470 -0.68 -31.60 -83.32
CA SER S 470 -0.90 -30.21 -82.97
C SER S 470 0.13 -29.73 -81.96
N GLU S 471 0.49 -28.44 -82.07
CA GLU S 471 1.30 -27.82 -81.03
C GLU S 471 0.55 -27.77 -79.70
N SER S 472 -0.75 -27.53 -79.74
CA SER S 472 -1.52 -27.46 -78.51
C SER S 472 -1.26 -28.68 -77.65
N GLU S 473 -0.62 -28.46 -76.51
CA GLU S 473 -0.37 -29.51 -75.54
C GLU S 473 -1.65 -30.01 -74.89
N ALA S 474 -2.74 -29.27 -75.05
CA ALA S 474 -4.05 -29.72 -74.65
C ALA S 474 -4.75 -30.52 -75.74
N LEU S 475 -4.51 -30.20 -77.01
CA LEU S 475 -5.06 -30.98 -78.11
C LEU S 475 -4.33 -32.29 -78.34
N ARG S 476 -3.01 -32.32 -78.15
CA ARG S 476 -2.25 -33.54 -78.38
C ARG S 476 -2.71 -34.71 -77.53
N ASN S 477 -3.10 -34.47 -76.29
CA ASN S 477 -3.58 -35.50 -75.39
C ASN S 477 -5.07 -35.74 -75.50
N CYS S 478 -5.84 -34.71 -75.87
CA CYS S 478 -7.23 -34.94 -76.25
C CYS S 478 -7.29 -35.90 -77.43
N SER S 479 -6.34 -35.81 -78.35
CA SER S 479 -6.27 -36.76 -79.46
C SER S 479 -6.14 -38.18 -78.94
N ILE S 480 -5.26 -38.38 -77.96
CA ILE S 480 -5.06 -39.71 -77.41
C ILE S 480 -6.34 -40.21 -76.74
N TYR S 481 -6.96 -39.35 -75.93
CA TYR S 481 -8.19 -39.75 -75.26
C TYR S 481 -9.28 -40.11 -76.25
N LEU S 482 -9.44 -39.30 -77.29
CA LEU S 482 -10.45 -39.56 -78.30
C LEU S 482 -10.16 -40.84 -79.07
N ALA S 483 -8.89 -41.12 -79.36
CA ALA S 483 -8.54 -42.40 -79.98
C ALA S 483 -8.89 -43.56 -79.06
N SER S 484 -8.62 -43.42 -77.77
CA SER S 484 -8.99 -44.48 -76.84
C SER S 484 -10.50 -44.70 -76.81
N GLN S 485 -11.26 -43.61 -76.77
CA GLN S 485 -12.71 -43.73 -76.74
C GLN S 485 -13.27 -44.34 -78.02
N VAL S 486 -12.72 -43.98 -79.18
CA VAL S 486 -13.19 -44.56 -80.42
C VAL S 486 -12.98 -46.06 -80.41
N SER S 487 -11.80 -46.50 -79.98
CA SER S 487 -11.54 -47.94 -79.87
C SER S 487 -12.51 -48.59 -78.89
N GLU S 488 -12.71 -47.95 -77.74
CA GLU S 488 -13.66 -48.47 -76.76
C GLU S 488 -15.02 -48.68 -77.40
N ASN S 489 -15.48 -47.70 -78.16
CA ASN S 489 -16.80 -47.79 -78.77
C ASN S 489 -16.85 -48.87 -79.84
N CYS S 490 -15.77 -49.04 -80.60
CA CYS S 490 -15.75 -49.96 -81.72
C CYS S 490 -15.33 -51.36 -81.35
N GLN S 491 -15.03 -51.63 -80.07
CA GLN S 491 -14.61 -52.97 -79.68
C GLN S 491 -15.69 -54.00 -80.04
N GLY S 492 -15.36 -54.90 -80.97
CA GLY S 492 -16.21 -56.02 -81.29
C GLY S 492 -17.47 -55.68 -82.06
N SER S 493 -17.50 -54.57 -82.79
CA SER S 493 -18.73 -54.10 -83.44
C SER S 493 -18.45 -53.77 -84.90
N LEU S 494 -18.89 -54.63 -85.81
CA LEU S 494 -18.70 -54.36 -87.24
C LEU S 494 -19.48 -53.13 -87.68
N SER S 495 -20.77 -53.08 -87.38
CA SER S 495 -21.55 -51.94 -87.84
C SER S 495 -21.21 -50.67 -87.09
N LYS S 496 -20.85 -50.76 -85.81
CA LYS S 496 -20.36 -49.57 -85.11
C LYS S 496 -19.05 -49.07 -85.70
N PHE S 497 -18.14 -49.97 -86.07
CA PHE S 497 -16.95 -49.59 -86.81
C PHE S 497 -17.33 -48.90 -88.12
N LEU S 498 -18.31 -49.45 -88.82
CA LEU S 498 -18.79 -48.83 -90.05
C LEU S 498 -19.30 -47.41 -89.80
N GLN S 499 -20.12 -47.26 -88.76
CA GLN S 499 -20.67 -45.96 -88.41
C GLN S 499 -19.57 -44.97 -88.09
N MET S 500 -18.59 -45.38 -87.31
CA MET S 500 -17.49 -44.48 -86.98
C MET S 500 -16.73 -44.07 -88.23
N LEU S 501 -16.27 -45.05 -89.01
CA LEU S 501 -15.53 -44.75 -90.22
C LEU S 501 -16.31 -43.78 -91.11
N LEU S 502 -17.62 -43.98 -91.21
CA LEU S 502 -18.40 -43.10 -92.05
C LEU S 502 -18.47 -41.70 -91.45
N VAL S 503 -19.12 -41.57 -90.30
CA VAL S 503 -19.39 -40.25 -89.72
C VAL S 503 -18.13 -39.50 -89.33
N GLY S 504 -17.27 -40.08 -88.49
CA GLY S 504 -16.09 -39.35 -88.07
C GLY S 504 -15.12 -39.09 -89.20
N CYS S 505 -14.89 -40.10 -90.03
CA CYS S 505 -13.84 -39.98 -91.04
C CYS S 505 -14.31 -39.21 -92.26
N GLY S 506 -15.33 -39.72 -92.95
CA GLY S 506 -15.69 -39.13 -94.23
C GLY S 506 -16.30 -37.77 -94.11
N SER S 507 -16.86 -37.43 -92.94
CA SER S 507 -17.46 -36.12 -92.78
C SER S 507 -16.43 -35.02 -92.98
N VAL S 508 -15.24 -35.17 -92.41
CA VAL S 508 -14.18 -34.17 -92.56
C VAL S 508 -13.64 -34.21 -93.99
N SER S 509 -13.51 -35.41 -94.55
CA SER S 509 -12.97 -35.56 -95.90
C SER S 509 -13.85 -34.82 -96.88
N ILE S 510 -15.16 -34.96 -96.72
CA ILE S 510 -16.10 -34.28 -97.59
C ILE S 510 -16.11 -32.78 -97.33
N PHE S 511 -16.01 -32.36 -96.08
CA PHE S 511 -15.96 -30.92 -95.79
C PHE S 511 -14.79 -30.27 -96.48
N ASN S 512 -13.57 -30.70 -96.15
CA ASN S 512 -12.38 -29.97 -96.55
C ASN S 512 -12.30 -29.89 -98.07
N GLN S 513 -12.65 -30.97 -98.74
CA GLN S 513 -12.55 -30.99 -100.19
C GLN S 513 -13.80 -30.41 -100.86
N PHE S 514 -14.89 -30.25 -100.11
CA PHE S 514 -16.17 -29.93 -100.71
C PHE S 514 -16.97 -28.88 -99.96
N VAL S 515 -16.56 -28.50 -98.75
CA VAL S 515 -17.33 -27.53 -97.99
C VAL S 515 -16.43 -26.37 -97.60
N THR S 516 -15.15 -26.46 -97.94
CA THR S 516 -14.18 -25.43 -97.64
C THR S 516 -14.11 -24.34 -98.70
N GLU S 517 -14.86 -24.47 -99.80
CA GLU S 517 -14.90 -23.44 -100.82
C GLU S 517 -15.81 -22.28 -100.46
N LEU S 518 -16.56 -22.40 -99.37
CA LEU S 518 -17.46 -21.35 -98.92
C LEU S 518 -16.75 -20.42 -97.94
N ALA S 519 -16.22 -20.96 -96.86
CA ALA S 519 -15.53 -20.17 -95.85
C ALA S 519 -14.10 -19.87 -96.28
N ASP S 524 -12.67 -15.25 -93.73
CA ASP S 524 -13.27 -14.95 -92.44
C ASP S 524 -13.05 -16.07 -91.44
N ARG S 525 -13.22 -15.75 -90.17
CA ARG S 525 -13.18 -16.74 -89.11
C ARG S 525 -14.56 -17.01 -88.51
N GLU S 526 -15.29 -15.98 -88.09
CA GLU S 526 -16.63 -16.19 -87.55
C GLU S 526 -17.54 -16.82 -88.59
N LYS S 527 -17.50 -16.32 -89.83
CA LYS S 527 -18.19 -16.98 -90.92
C LYS S 527 -17.71 -18.42 -91.08
N PHE S 528 -16.43 -18.67 -90.80
CA PHE S 528 -15.90 -20.03 -90.86
C PHE S 528 -16.58 -20.95 -89.86
N GLU S 529 -16.63 -20.54 -88.59
CA GLU S 529 -17.33 -21.39 -87.62
C GLU S 529 -18.82 -21.48 -87.93
N GLN S 530 -19.44 -20.41 -88.42
CA GLN S 530 -20.84 -20.54 -88.82
C GLN S 530 -21.00 -21.64 -89.86
N LEU S 531 -20.23 -21.55 -90.95
CA LEU S 531 -20.33 -22.53 -92.03
C LEU S 531 -20.16 -23.94 -91.48
N ILE S 532 -19.16 -24.15 -90.62
CA ILE S 532 -18.99 -25.48 -90.04
C ILE S 532 -20.21 -25.86 -89.21
N SER S 533 -20.84 -24.88 -88.56
CA SER S 533 -22.02 -25.16 -87.74
C SER S 533 -23.18 -25.68 -88.59
N GLU S 534 -23.50 -24.98 -89.67
CA GLU S 534 -24.60 -25.48 -90.51
C GLU S 534 -24.20 -26.77 -91.23
N TYR S 535 -22.92 -26.97 -91.50
CA TYR S 535 -22.45 -28.25 -92.01
C TYR S 535 -22.76 -29.38 -91.04
N VAL S 536 -22.40 -29.20 -89.77
CA VAL S 536 -22.74 -30.14 -88.72
C VAL S 536 -24.24 -30.33 -88.64
N ALA S 537 -25.00 -29.25 -88.73
CA ALA S 537 -26.46 -29.36 -88.61
C ALA S 537 -27.01 -30.22 -89.74
N TYR S 538 -26.56 -29.98 -90.97
CA TYR S 538 -27.04 -30.78 -92.09
C TYR S 538 -26.72 -32.25 -91.89
N MET S 539 -25.53 -32.55 -91.41
CA MET S 539 -25.15 -33.96 -91.28
C MET S 539 -25.67 -34.62 -90.01
N SER S 540 -26.11 -33.86 -89.02
CA SER S 540 -26.43 -34.41 -87.70
C SER S 540 -25.25 -35.23 -87.17
N VAL S 541 -24.04 -34.70 -87.35
CA VAL S 541 -22.83 -35.38 -86.90
C VAL S 541 -22.78 -35.36 -85.38
N GLY S 542 -22.43 -36.49 -84.78
CA GLY S 542 -22.47 -36.62 -83.33
C GLY S 542 -23.88 -36.92 -82.88
N ARG S 543 -24.85 -36.38 -83.62
CA ARG S 543 -26.26 -36.63 -83.40
C ARG S 543 -26.78 -37.50 -84.54
N ILE S 544 -25.97 -38.45 -84.97
CA ILE S 544 -26.20 -39.20 -86.18
C ILE S 544 -27.52 -39.95 -86.08
N GLU S 545 -28.32 -39.86 -87.14
CA GLU S 545 -29.57 -40.62 -87.20
C GLU S 545 -29.32 -42.05 -87.66
N SER S 546 -28.82 -42.21 -88.88
CA SER S 546 -28.54 -43.52 -89.44
C SER S 546 -27.47 -43.40 -90.52
N ALA S 547 -26.84 -44.53 -90.82
CA ALA S 547 -25.80 -44.54 -91.85
C ALA S 547 -26.38 -44.16 -93.21
N SER S 548 -27.56 -44.67 -93.54
CA SER S 548 -28.21 -44.26 -94.78
C SER S 548 -28.53 -42.77 -94.76
N HIS S 549 -28.96 -42.24 -93.61
CA HIS S 549 -29.17 -40.81 -93.47
C HIS S 549 -27.91 -40.02 -93.81
N TRP S 550 -26.79 -40.38 -93.20
CA TRP S 550 -25.54 -39.66 -93.43
C TRP S 550 -25.09 -39.81 -94.88
N ALA S 551 -25.27 -41.00 -95.45
CA ALA S 551 -24.90 -41.22 -96.84
C ALA S 551 -25.73 -40.34 -97.77
N ASN S 552 -27.04 -40.27 -97.55
CA ASN S 552 -27.89 -39.51 -98.45
C ASN S 552 -27.66 -38.01 -98.31
N ARG S 553 -27.34 -37.53 -97.11
CA ARG S 553 -26.84 -36.16 -97.01
C ARG S 553 -25.53 -35.97 -97.75
N CYS S 554 -24.60 -36.91 -97.60
CA CYS S 554 -23.32 -36.81 -98.29
C CYS S 554 -23.49 -36.86 -99.81
N CYS S 555 -24.48 -37.61 -100.29
CA CYS S 555 -24.72 -37.62 -101.73
C CYS S 555 -25.09 -36.24 -102.25
N ALA S 556 -26.00 -35.55 -101.57
CA ALA S 556 -26.35 -34.19 -101.96
C ALA S 556 -25.14 -33.27 -101.86
N VAL S 557 -24.36 -33.42 -100.79
CA VAL S 557 -23.17 -32.59 -100.64
C VAL S 557 -22.24 -32.80 -101.82
N VAL S 558 -22.02 -34.06 -102.20
CA VAL S 558 -21.14 -34.36 -103.33
C VAL S 558 -21.68 -33.73 -104.61
N ALA S 559 -23.00 -33.87 -104.83
CA ALA S 559 -23.61 -33.30 -106.02
C ALA S 559 -23.50 -31.78 -106.04
N ASN S 560 -23.39 -31.14 -104.87
CA ASN S 560 -23.41 -29.68 -104.79
C ASN S 560 -22.05 -29.03 -105.07
N SER S 561 -21.41 -29.33 -106.21
CA SER S 561 -20.17 -28.64 -106.56
C SER S 561 -19.60 -29.09 -107.90
N PRO S 562 -19.09 -30.32 -108.00
CA PRO S 562 -18.23 -30.71 -109.13
C PRO S 562 -18.62 -30.17 -110.50
N ASN S 563 -17.60 -29.76 -111.24
CA ASN S 563 -17.68 -29.23 -112.60
C ASN S 563 -16.64 -29.95 -113.46
N ASP S 564 -16.25 -29.35 -114.60
CA ASP S 564 -15.35 -30.02 -115.52
C ASP S 564 -16.02 -31.17 -116.24
N GLU S 565 -16.97 -30.84 -117.12
CA GLU S 565 -17.81 -31.72 -117.92
C GLU S 565 -19.05 -32.17 -117.17
N LYS S 566 -19.29 -31.68 -115.94
CA LYS S 566 -20.57 -31.84 -115.25
C LYS S 566 -21.04 -33.30 -115.30
N ILE S 567 -20.09 -34.22 -115.21
CA ILE S 567 -20.35 -35.64 -115.32
C ILE S 567 -20.93 -36.12 -113.99
N GLY S 568 -22.05 -36.84 -114.07
CA GLY S 568 -22.66 -37.39 -112.87
C GLY S 568 -21.93 -38.63 -112.41
N VAL S 569 -20.59 -38.56 -112.42
CA VAL S 569 -19.74 -39.66 -112.01
C VAL S 569 -18.69 -39.11 -111.05
N PHE S 570 -18.97 -39.22 -109.77
CA PHE S 570 -18.22 -38.55 -108.74
C PHE S 570 -17.29 -39.53 -108.02
N LEU S 571 -16.72 -39.09 -106.90
CA LEU S 571 -15.77 -39.88 -106.13
C LEU S 571 -16.15 -41.35 -106.08
N GLY S 572 -17.34 -41.65 -105.57
CA GLY S 572 -17.80 -43.02 -105.47
C GLY S 572 -19.26 -43.19 -105.85
N MET S 573 -19.74 -42.32 -106.72
CA MET S 573 -21.15 -42.35 -107.12
C MET S 573 -21.29 -42.28 -108.63
N VAL S 574 -22.48 -42.61 -109.14
CA VAL S 574 -22.77 -42.50 -110.55
C VAL S 574 -24.16 -41.91 -110.73
N GLN S 575 -24.23 -40.68 -111.25
CA GLN S 575 -25.50 -39.98 -111.42
C GLN S 575 -26.17 -40.46 -112.70
N LEU S 576 -27.02 -41.47 -112.57
CA LEU S 576 -27.80 -42.00 -113.68
C LEU S 576 -29.00 -41.11 -113.97
N ASN S 577 -29.50 -41.18 -115.21
CA ASN S 577 -30.67 -40.40 -115.58
C ASN S 577 -31.95 -41.06 -115.09
N ARG S 578 -32.80 -40.29 -114.41
CA ARG S 578 -34.12 -40.73 -113.98
C ARG S 578 -35.20 -40.41 -114.99
N LYS S 579 -35.24 -39.19 -115.49
CA LYS S 579 -36.15 -38.80 -116.57
C LYS S 579 -35.58 -39.39 -117.84
N SER S 580 -36.09 -40.56 -118.23
CA SER S 580 -35.58 -41.26 -119.39
C SER S 580 -36.09 -40.63 -120.68
N ARG S 581 -35.73 -39.36 -120.92
CA ARG S 581 -36.10 -38.68 -122.15
C ARG S 581 -34.89 -37.85 -122.61
N GLN S 582 -34.05 -38.47 -123.44
CA GLN S 582 -32.83 -37.86 -123.94
C GLN S 582 -32.40 -38.64 -125.18
N ASN S 583 -32.31 -37.97 -126.32
CA ASN S 583 -32.00 -38.62 -127.59
C ASN S 583 -30.57 -39.17 -127.58
N MET S 584 -30.45 -40.46 -127.30
CA MET S 584 -29.22 -41.14 -126.92
C MET S 584 -29.11 -42.55 -127.51
N PRO S 585 -27.90 -43.05 -127.69
CA PRO S 585 -27.68 -44.19 -128.59
C PRO S 585 -27.70 -45.54 -127.91
N GLU S 586 -27.48 -46.57 -128.73
CA GLU S 586 -27.49 -47.99 -128.39
C GLU S 586 -28.54 -48.37 -127.35
N GLY S 587 -28.14 -49.19 -126.38
CA GLY S 587 -29.04 -49.74 -125.40
C GLY S 587 -28.95 -49.03 -124.07
N TYR S 588 -28.13 -47.98 -124.02
CA TYR S 588 -28.08 -47.14 -122.84
C TYR S 588 -29.47 -46.59 -122.58
N LYS S 589 -29.87 -46.61 -121.32
CA LYS S 589 -31.19 -46.15 -120.93
C LYS S 589 -31.12 -45.63 -119.51
N LYS S 590 -32.28 -45.25 -118.97
CA LYS S 590 -32.35 -44.92 -117.56
C LYS S 590 -32.21 -46.19 -116.73
N PHE S 591 -32.10 -46.01 -115.42
CA PHE S 591 -32.05 -47.13 -114.50
C PHE S 591 -33.47 -47.47 -114.05
N ASN S 592 -33.90 -48.69 -114.36
CA ASN S 592 -35.19 -49.21 -113.92
C ASN S 592 -34.95 -50.30 -112.89
N ILE S 593 -35.27 -50.00 -111.62
CA ILE S 593 -35.06 -50.97 -110.56
C ILE S 593 -35.89 -52.22 -110.75
N ASP S 594 -37.09 -52.10 -111.34
CA ASP S 594 -37.94 -53.25 -111.58
C ASP S 594 -37.28 -54.30 -112.46
N THR S 595 -36.33 -53.90 -113.30
CA THR S 595 -35.60 -54.82 -114.15
C THR S 595 -34.64 -55.72 -113.37
N GLU S 596 -34.37 -55.38 -112.11
CA GLU S 596 -33.50 -56.18 -111.26
C GLU S 596 -34.36 -57.00 -110.31
N ASN S 597 -33.80 -58.09 -109.80
CA ASN S 597 -34.56 -59.05 -109.01
C ASN S 597 -33.72 -59.60 -107.86
N GLY S 598 -34.42 -60.14 -106.87
CA GLY S 598 -33.77 -60.81 -105.75
C GLY S 598 -32.89 -59.92 -104.90
N LEU S 599 -31.64 -60.34 -104.71
CA LEU S 599 -30.70 -59.65 -103.85
C LEU S 599 -29.90 -58.56 -104.58
N ALA S 600 -30.13 -58.40 -105.88
CA ALA S 600 -29.45 -57.37 -106.65
C ALA S 600 -30.28 -56.11 -106.85
N LYS S 601 -31.57 -56.27 -107.16
CA LYS S 601 -32.44 -55.10 -107.29
C LYS S 601 -32.42 -54.27 -106.01
N ALA S 602 -32.62 -54.92 -104.87
CA ALA S 602 -32.56 -54.20 -103.59
C ALA S 602 -31.16 -53.64 -103.35
N ALA S 603 -30.13 -54.36 -103.80
CA ALA S 603 -28.77 -53.89 -103.58
C ALA S 603 -28.53 -52.54 -104.25
N MET S 604 -28.86 -52.42 -105.53
CA MET S 604 -28.59 -51.13 -106.16
C MET S 604 -29.63 -50.09 -105.76
N ALA S 605 -30.86 -50.51 -105.43
CA ALA S 605 -31.82 -49.57 -104.89
C ALA S 605 -31.37 -48.96 -103.57
N SER S 606 -30.66 -49.73 -102.73
CA SER S 606 -30.07 -49.21 -101.50
C SER S 606 -28.84 -48.36 -101.74
N SER S 607 -27.96 -48.76 -102.65
CA SER S 607 -26.87 -47.88 -103.07
C SER S 607 -27.39 -46.60 -103.69
N LEU S 608 -28.64 -46.60 -104.14
CA LEU S 608 -29.29 -45.44 -104.74
C LEU S 608 -29.39 -44.28 -103.75
N SER S 609 -29.43 -43.07 -104.30
CA SER S 609 -29.57 -41.83 -103.53
C SER S 609 -30.47 -40.87 -104.31
N THR S 610 -31.67 -40.62 -103.80
CA THR S 610 -32.64 -39.74 -104.45
C THR S 610 -32.81 -38.48 -103.62
N VAL S 611 -32.00 -37.47 -103.93
CA VAL S 611 -32.05 -36.23 -103.16
C VAL S 611 -33.17 -35.34 -103.67
N ALA S 612 -33.65 -34.44 -102.82
CA ALA S 612 -34.76 -33.55 -103.12
C ALA S 612 -34.32 -32.10 -103.27
N SER S 613 -33.18 -31.87 -103.93
CA SER S 613 -32.71 -30.51 -104.15
C SER S 613 -33.80 -29.65 -104.78
N ASN S 614 -34.39 -30.14 -105.87
CA ASN S 614 -35.43 -29.44 -106.61
C ASN S 614 -35.63 -30.23 -107.89
N ASN S 615 -34.51 -30.54 -108.55
CA ASN S 615 -34.48 -31.50 -109.65
C ASN S 615 -34.80 -32.89 -109.11
N LEU S 616 -34.57 -33.09 -107.82
CA LEU S 616 -34.73 -34.39 -107.18
C LEU S 616 -33.94 -35.45 -107.96
N MET S 617 -32.67 -35.15 -108.18
CA MET S 617 -31.82 -36.06 -108.93
C MET S 617 -31.58 -37.34 -108.13
N ASP S 618 -31.66 -38.48 -108.80
CA ASP S 618 -31.43 -39.76 -108.15
C ASP S 618 -29.97 -40.17 -108.33
N PHE S 619 -29.26 -40.13 -107.21
CA PHE S 619 -27.84 -40.46 -107.21
C PHE S 619 -27.63 -41.91 -106.79
N CYS S 620 -26.55 -42.51 -107.30
CA CYS S 620 -26.12 -43.84 -106.92
C CYS S 620 -24.69 -43.76 -106.39
N SER S 621 -24.51 -44.09 -105.11
CA SER S 621 -23.24 -43.85 -104.48
C SER S 621 -22.82 -45.05 -103.65
N VAL S 622 -21.54 -45.40 -103.79
CA VAL S 622 -20.94 -46.34 -102.85
C VAL S 622 -21.12 -45.84 -101.43
N PHE S 623 -21.15 -44.51 -101.25
CA PHE S 623 -21.41 -43.96 -99.93
C PHE S 623 -22.78 -44.37 -99.42
N ASN S 624 -23.81 -44.22 -100.25
CA ASN S 624 -25.15 -44.61 -99.84
C ASN S 624 -25.26 -46.09 -99.57
N LEU S 625 -24.67 -46.92 -100.43
CA LEU S 625 -24.72 -48.36 -100.20
C LEU S 625 -23.95 -48.77 -98.95
N ILE S 626 -22.79 -48.15 -98.68
CA ILE S 626 -22.05 -48.40 -97.46
C ILE S 626 -22.85 -47.97 -96.25
N GLY S 627 -23.55 -46.85 -96.33
CA GLY S 627 -24.42 -46.45 -95.23
C GLY S 627 -25.52 -47.45 -94.97
N ALA S 628 -26.15 -47.96 -96.03
CA ALA S 628 -27.15 -48.99 -95.86
C ALA S 628 -26.55 -50.24 -95.21
N ILE S 629 -25.36 -50.64 -95.65
CA ILE S 629 -24.73 -51.83 -95.10
C ILE S 629 -24.40 -51.63 -93.63
N ALA S 630 -23.87 -50.46 -93.27
CA ALA S 630 -23.57 -50.17 -91.87
C ALA S 630 -24.85 -50.17 -91.04
N ASP S 631 -25.93 -49.63 -91.61
CA ASP S 631 -27.21 -49.63 -90.91
C ASP S 631 -27.70 -51.04 -90.64
N ILE S 632 -27.51 -51.94 -91.61
CA ILE S 632 -28.13 -53.26 -91.52
C ILE S 632 -27.19 -54.31 -90.92
N SER S 633 -25.93 -53.95 -90.70
CA SER S 633 -24.93 -54.93 -90.28
C SER S 633 -24.88 -55.18 -88.78
N ALA S 634 -25.52 -54.36 -87.95
CA ALA S 634 -25.59 -54.65 -86.53
C ALA S 634 -26.99 -54.33 -85.99
N CYS S 635 -28.02 -54.74 -86.72
CA CYS S 635 -29.36 -54.50 -86.21
C CYS S 635 -29.67 -55.52 -85.12
N ARG S 636 -29.79 -56.79 -85.51
CA ARG S 636 -29.84 -57.90 -84.57
C ARG S 636 -29.88 -59.18 -85.38
N CYS S 637 -30.04 -60.32 -84.69
CA CYS S 637 -30.20 -61.61 -85.36
C CYS S 637 -31.63 -61.90 -85.77
N GLU S 638 -32.56 -61.00 -85.48
CA GLU S 638 -33.97 -61.22 -85.80
C GLU S 638 -34.18 -61.30 -87.31
N ARG S 639 -35.17 -62.09 -87.72
CA ARG S 639 -35.52 -62.15 -89.13
C ARG S 639 -36.44 -61.00 -89.55
N SER S 640 -37.33 -60.56 -88.65
CA SER S 640 -38.32 -59.57 -89.03
C SER S 640 -37.74 -58.17 -89.10
N ALA S 641 -37.18 -57.67 -88.01
CA ALA S 641 -36.62 -56.32 -88.01
C ALA S 641 -35.56 -56.17 -89.08
N ILE S 642 -34.89 -57.26 -89.44
CA ILE S 642 -33.98 -57.22 -90.58
C ILE S 642 -34.74 -56.83 -91.83
N THR S 643 -35.92 -57.41 -92.04
CA THR S 643 -36.75 -57.02 -93.18
C THR S 643 -37.18 -55.56 -93.07
N ASN S 644 -37.51 -55.11 -91.87
CA ASN S 644 -37.91 -53.71 -91.69
C ASN S 644 -36.80 -52.77 -92.12
N ALA S 645 -35.58 -52.99 -91.60
CA ALA S 645 -34.45 -52.17 -92.01
C ALA S 645 -34.16 -52.33 -93.49
N PHE S 646 -34.32 -53.55 -94.02
CA PHE S 646 -34.19 -53.80 -95.43
C PHE S 646 -35.05 -52.84 -96.24
N ASN S 647 -36.33 -52.76 -95.88
CA ASN S 647 -37.24 -51.87 -96.60
C ASN S 647 -36.86 -50.41 -96.38
N LYS S 648 -36.60 -50.02 -95.14
CA LYS S 648 -36.29 -48.62 -94.87
C LYS S 648 -35.11 -48.15 -95.69
N VAL S 649 -34.02 -48.91 -95.67
CA VAL S 649 -32.85 -48.59 -96.48
C VAL S 649 -33.16 -48.64 -97.97
N ILE S 650 -33.89 -49.65 -98.44
CA ILE S 650 -34.25 -49.73 -99.85
C ILE S 650 -35.39 -48.78 -100.20
N ALA S 651 -36.23 -48.43 -99.24
CA ALA S 651 -37.29 -47.47 -99.47
C ALA S 651 -36.67 -46.16 -99.90
N GLN S 652 -37.18 -45.62 -101.01
CA GLN S 652 -36.68 -44.34 -101.50
C GLN S 652 -36.88 -43.27 -100.45
N THR S 653 -35.78 -42.83 -99.85
CA THR S 653 -35.81 -41.79 -98.83
C THR S 653 -35.29 -40.51 -99.47
N THR S 654 -35.98 -39.41 -99.26
CA THR S 654 -35.67 -38.18 -99.95
C THR S 654 -35.23 -37.10 -98.96
N CYS S 655 -34.12 -36.44 -99.31
CA CYS S 655 -33.52 -35.44 -98.43
C CYS S 655 -33.27 -34.17 -99.23
N ILE S 656 -33.19 -33.06 -98.51
CA ILE S 656 -32.98 -31.75 -99.14
C ILE S 656 -31.49 -31.44 -99.18
N VAL S 657 -31.09 -30.60 -100.14
CA VAL S 657 -29.73 -30.11 -100.23
C VAL S 657 -29.43 -29.21 -99.05
N PRO S 658 -28.18 -29.18 -98.59
CA PRO S 658 -27.82 -28.21 -97.56
C PRO S 658 -28.04 -26.80 -98.06
N PRO S 659 -28.46 -25.89 -97.20
CA PRO S 659 -28.83 -24.54 -97.66
C PRO S 659 -27.64 -23.65 -97.97
N TRP S 660 -26.68 -24.16 -98.75
CA TRP S 660 -25.62 -23.33 -99.28
C TRP S 660 -25.31 -23.62 -100.74
N SER S 661 -25.93 -24.65 -101.33
CA SER S 661 -25.70 -24.99 -102.72
C SER S 661 -26.15 -23.87 -103.64
N THR S 704 -42.30 -61.95 -100.57
CA THR S 704 -42.92 -62.00 -101.88
C THR S 704 -41.87 -62.05 -102.98
N GLU S 705 -40.87 -61.18 -102.88
CA GLU S 705 -39.76 -61.15 -103.81
C GLU S 705 -38.42 -60.92 -103.13
N PHE S 706 -38.40 -60.77 -101.81
CA PHE S 706 -37.19 -60.41 -101.08
C PHE S 706 -36.91 -61.40 -99.95
N SER S 707 -37.75 -62.41 -99.80
CA SER S 707 -37.55 -63.39 -98.74
C SER S 707 -36.25 -64.18 -98.91
N ASP S 708 -35.70 -64.21 -100.12
CA ASP S 708 -34.43 -64.85 -100.41
C ASP S 708 -33.23 -63.98 -100.04
N ALA S 709 -33.23 -62.73 -100.51
CA ALA S 709 -32.17 -61.80 -100.14
C ALA S 709 -32.15 -61.59 -98.63
N ILE S 710 -33.34 -61.57 -98.00
CA ILE S 710 -33.41 -61.42 -96.55
C ILE S 710 -32.72 -62.59 -95.86
N THR S 711 -32.99 -63.81 -96.29
CA THR S 711 -32.35 -64.96 -95.69
C THR S 711 -30.83 -64.92 -95.89
N LYS S 712 -30.39 -64.60 -97.10
CA LYS S 712 -28.95 -64.53 -97.35
C LYS S 712 -28.29 -63.48 -96.47
N VAL S 713 -28.89 -62.29 -96.40
CA VAL S 713 -28.32 -61.20 -95.61
C VAL S 713 -28.30 -61.59 -94.14
N GLU S 714 -29.36 -62.25 -93.68
CA GLU S 714 -29.45 -62.58 -92.26
C GLU S 714 -28.44 -63.67 -91.89
N GLN S 715 -28.17 -64.58 -92.82
CA GLN S 715 -27.07 -65.52 -92.61
C GLN S 715 -25.73 -64.80 -92.54
N TRP S 716 -25.51 -63.83 -93.44
CA TRP S 716 -24.31 -63.01 -93.34
C TRP S 716 -24.23 -62.29 -92.00
N LEU S 717 -25.36 -61.81 -91.48
CA LEU S 717 -25.37 -61.18 -90.16
C LEU S 717 -25.08 -62.17 -89.05
N LYS S 718 -25.65 -63.38 -89.12
CA LYS S 718 -25.34 -64.36 -88.09
C LYS S 718 -23.87 -64.70 -88.09
N ASN S 719 -23.22 -64.67 -89.25
CA ASN S 719 -21.77 -64.76 -89.32
C ASN S 719 -21.07 -63.54 -88.72
N VAL S 720 -21.53 -62.35 -89.09
CA VAL S 720 -20.83 -61.12 -88.72
C VAL S 720 -20.90 -60.88 -87.22
N ASN S 721 -22.08 -61.01 -86.64
CA ASN S 721 -22.28 -60.72 -85.23
C ASN S 721 -21.52 -61.65 -84.33
N GLU S 722 -21.12 -62.82 -84.84
CA GLU S 722 -20.30 -63.74 -84.07
C GLU S 722 -18.81 -63.63 -84.35
N ILE S 723 -18.40 -63.27 -85.57
CA ILE S 723 -16.98 -63.13 -85.87
C ILE S 723 -16.46 -61.72 -85.64
N GLU S 724 -17.34 -60.76 -85.35
CA GLU S 724 -16.95 -59.38 -85.09
C GLU S 724 -16.56 -59.14 -83.64
N ILE S 725 -16.91 -60.06 -82.73
CA ILE S 725 -16.60 -59.88 -81.33
C ILE S 725 -15.11 -59.71 -81.09
N GLY S 726 -14.27 -60.09 -82.04
CA GLY S 726 -12.84 -59.91 -81.96
C GLY S 726 -12.30 -58.71 -82.71
N ILE S 727 -13.15 -57.95 -83.40
CA ILE S 727 -12.70 -56.75 -84.08
C ILE S 727 -12.13 -55.77 -83.06
N ARG S 728 -10.91 -55.30 -83.30
CA ARG S 728 -10.28 -54.30 -82.46
C ARG S 728 -9.65 -53.24 -83.36
N PRO S 729 -10.45 -52.52 -84.14
CA PRO S 729 -9.89 -51.48 -85.00
C PRO S 729 -9.39 -50.29 -84.20
N SER S 730 -8.22 -49.77 -84.54
CA SER S 730 -7.69 -48.59 -83.88
C SER S 730 -8.08 -47.34 -84.67
N ALA S 731 -8.10 -46.21 -83.98
CA ALA S 731 -8.41 -44.95 -84.66
C ALA S 731 -7.48 -44.73 -85.84
N LEU S 732 -6.19 -45.04 -85.69
CA LEU S 732 -5.27 -44.94 -86.81
C LEU S 732 -5.66 -45.91 -87.93
N LEU S 733 -6.09 -47.11 -87.56
CA LEU S 733 -6.54 -48.07 -88.56
C LEU S 733 -7.67 -47.51 -89.40
N ILE S 734 -8.73 -47.00 -88.74
CA ILE S 734 -9.85 -46.42 -89.46
C ILE S 734 -9.49 -45.13 -90.19
N GLY S 735 -8.48 -44.41 -89.71
CA GLY S 735 -8.03 -43.23 -90.41
C GLY S 735 -7.38 -43.61 -91.72
N LYS S 736 -6.49 -44.61 -91.68
CA LYS S 736 -5.87 -45.11 -92.90
C LYS S 736 -6.89 -45.69 -93.87
N VAL S 737 -7.84 -46.47 -93.37
CA VAL S 737 -8.83 -47.08 -94.25
C VAL S 737 -9.61 -45.99 -94.99
N TRP S 738 -10.12 -45.00 -94.24
CA TRP S 738 -10.83 -43.91 -94.89
C TRP S 738 -9.94 -43.12 -95.83
N SER S 739 -8.73 -42.78 -95.42
CA SER S 739 -7.88 -42.05 -96.34
C SER S 739 -7.66 -42.80 -97.63
N ARG S 740 -7.28 -44.07 -97.57
CA ARG S 740 -7.01 -44.82 -98.78
C ARG S 740 -8.25 -44.94 -99.67
N PHE S 741 -9.40 -45.31 -99.08
CA PHE S 741 -10.59 -45.47 -99.93
C PHE S 741 -11.06 -44.15 -100.51
N TYR S 742 -11.01 -43.07 -99.74
CA TYR S 742 -11.43 -41.77 -100.25
C TYR S 742 -10.60 -41.35 -101.44
N PHE S 743 -9.29 -41.58 -101.40
CA PHE S 743 -8.41 -41.20 -102.50
C PHE S 743 -8.52 -42.15 -103.67
N ASN S 744 -8.73 -43.45 -103.42
CA ASN S 744 -9.06 -44.36 -104.51
C ASN S 744 -10.34 -43.91 -105.21
N LEU S 745 -11.27 -43.35 -104.44
CA LEU S 745 -12.47 -42.76 -105.03
C LEU S 745 -12.14 -41.56 -105.90
N ASN S 746 -11.18 -40.73 -105.49
CA ASN S 746 -10.71 -39.66 -106.36
C ASN S 746 -10.12 -40.20 -107.64
N ASN S 747 -9.32 -41.26 -107.55
CA ASN S 747 -8.76 -41.90 -108.73
C ASN S 747 -9.83 -42.45 -109.67
N VAL S 748 -10.85 -43.11 -109.11
CA VAL S 748 -11.88 -43.76 -109.90
C VAL S 748 -12.85 -42.72 -110.43
N ALA S 749 -12.91 -41.57 -109.78
CA ALA S 749 -13.69 -40.45 -110.28
C ALA S 749 -12.99 -39.70 -111.40
N ASP S 750 -11.66 -39.58 -111.34
CA ASP S 750 -10.92 -38.93 -112.42
C ASP S 750 -10.79 -39.83 -113.65
N GLN S 751 -10.50 -41.12 -113.45
CA GLN S 751 -10.14 -41.98 -114.57
C GLN S 751 -11.33 -42.50 -115.36
N HIS S 752 -12.55 -42.40 -114.81
CA HIS S 752 -13.71 -43.01 -115.43
C HIS S 752 -14.63 -42.01 -116.11
N LYS S 753 -14.38 -40.71 -115.97
CA LYS S 753 -15.24 -39.72 -116.61
C LYS S 753 -15.02 -39.62 -118.10
N THR S 754 -13.78 -39.86 -118.56
CA THR S 754 -13.48 -39.71 -119.98
C THR S 754 -13.48 -41.07 -120.67
N ARG S 755 -14.16 -42.04 -120.06
CA ARG S 755 -14.22 -43.37 -120.65
C ARG S 755 -15.64 -43.74 -121.07
N LEU S 756 -16.56 -42.78 -121.06
CA LEU S 756 -17.98 -43.03 -121.35
C LEU S 756 -18.20 -42.83 -122.85
N TYR S 757 -18.34 -43.95 -123.56
CA TYR S 757 -18.57 -43.93 -124.99
C TYR S 757 -19.85 -44.68 -125.31
N ARG S 758 -20.36 -44.52 -126.54
CA ARG S 758 -21.59 -45.19 -126.92
C ARG S 758 -21.47 -46.71 -126.85
N ASN S 759 -20.28 -47.25 -127.00
CA ASN S 759 -20.05 -48.69 -126.89
C ASN S 759 -19.28 -49.06 -125.62
N ALA S 760 -18.99 -48.07 -124.77
CA ALA S 760 -18.28 -48.35 -123.52
C ALA S 760 -19.06 -49.37 -122.70
N GLU S 761 -20.37 -49.44 -122.90
CA GLU S 761 -21.19 -50.47 -122.28
C GLU S 761 -20.63 -51.85 -122.59
N HIS S 762 -21.04 -52.84 -121.79
CA HIS S 762 -20.52 -54.19 -121.84
C HIS S 762 -19.12 -54.27 -121.24
N GLY S 763 -18.53 -53.11 -120.97
CA GLY S 763 -17.28 -53.01 -120.24
C GLY S 763 -16.27 -54.11 -120.48
N ARG S 764 -16.11 -54.55 -121.74
CA ARG S 764 -15.21 -55.66 -122.00
C ARG S 764 -13.75 -55.25 -121.81
N MET S 765 -13.40 -54.06 -122.27
CA MET S 765 -12.03 -53.57 -122.21
C MET S 765 -11.89 -52.63 -121.00
N ALA S 766 -10.68 -52.14 -120.78
CA ALA S 766 -10.43 -51.10 -119.80
C ALA S 766 -10.72 -49.71 -120.35
N SER S 767 -10.99 -49.60 -121.65
CA SER S 767 -11.33 -48.33 -122.28
C SER S 767 -12.84 -48.17 -122.46
N GLN S 768 -13.63 -49.11 -121.96
CA GLN S 768 -15.09 -49.02 -121.99
C GLN S 768 -15.59 -48.85 -120.57
N SER S 769 -16.38 -47.81 -120.35
CA SER S 769 -16.89 -47.47 -119.03
C SER S 769 -18.40 -47.34 -119.05
N ASN S 770 -19.03 -47.74 -117.95
CA ASN S 770 -20.46 -47.52 -117.75
C ASN S 770 -20.68 -47.28 -116.26
N ALA S 771 -21.91 -46.91 -115.90
CA ALA S 771 -22.21 -46.70 -114.49
C ALA S 771 -21.95 -47.96 -113.69
N ALA S 772 -22.29 -49.12 -114.25
CA ALA S 772 -22.05 -50.38 -113.55
C ALA S 772 -20.57 -50.60 -113.28
N LYS S 773 -19.72 -50.40 -114.29
CA LYS S 773 -18.29 -50.62 -114.09
C LYS S 773 -17.70 -49.58 -113.14
N ILE S 774 -18.19 -48.35 -113.22
CA ILE S 774 -17.72 -47.31 -112.31
C ILE S 774 -18.02 -47.68 -110.87
N MET S 775 -19.26 -48.09 -110.60
CA MET S 775 -19.61 -48.46 -109.23
C MET S 775 -18.89 -49.74 -108.79
N ARG S 776 -18.68 -50.67 -109.71
CA ARG S 776 -17.94 -51.88 -109.37
C ARG S 776 -16.52 -51.53 -108.96
N PHE S 777 -15.87 -50.62 -109.70
CA PHE S 777 -14.54 -50.19 -109.30
C PHE S 777 -14.56 -49.40 -108.01
N ASN S 778 -15.64 -48.65 -107.75
CA ASN S 778 -15.75 -47.96 -106.47
C ASN S 778 -15.74 -48.95 -105.32
N VAL S 779 -16.58 -49.98 -105.40
CA VAL S 779 -16.63 -51.00 -104.36
C VAL S 779 -15.29 -51.74 -104.29
N LEU S 780 -14.67 -51.95 -105.44
CA LEU S 780 -13.36 -52.60 -105.45
C LEU S 780 -12.33 -51.78 -104.70
N ALA S 781 -12.32 -50.47 -104.91
CA ALA S 781 -11.43 -49.60 -104.13
C ALA S 781 -11.76 -49.70 -102.65
N PHE S 782 -13.05 -49.69 -102.32
CA PHE S 782 -13.46 -49.82 -100.93
C PHE S 782 -12.83 -51.07 -100.31
N LEU S 783 -13.03 -52.23 -100.95
CA LEU S 783 -12.60 -53.48 -100.35
C LEU S 783 -11.08 -53.64 -100.38
N HIS S 784 -10.44 -53.10 -101.42
CA HIS S 784 -8.99 -53.17 -101.50
C HIS S 784 -8.36 -52.34 -100.39
N ALA S 785 -8.86 -51.12 -100.17
CA ALA S 785 -8.39 -50.34 -99.03
C ALA S 785 -8.67 -51.06 -97.73
N VAL S 786 -9.86 -51.64 -97.61
CA VAL S 786 -10.19 -52.43 -96.44
C VAL S 786 -9.09 -53.45 -96.16
N LEU S 787 -8.84 -54.33 -97.12
CA LEU S 787 -7.90 -55.42 -96.90
C LEU S 787 -6.50 -54.89 -96.64
N VAL S 788 -6.06 -53.89 -97.41
CA VAL S 788 -4.71 -53.39 -97.27
C VAL S 788 -4.50 -52.81 -95.89
N GLU S 789 -5.37 -51.87 -95.49
CA GLU S 789 -5.22 -51.23 -94.20
C GLU S 789 -5.42 -52.20 -93.05
N GLU S 790 -6.27 -53.22 -93.21
CA GLU S 790 -6.48 -54.17 -92.13
C GLU S 790 -5.28 -55.08 -91.94
N SER S 791 -4.73 -55.59 -93.05
CA SER S 791 -3.49 -56.35 -92.95
C SER S 791 -2.37 -55.50 -92.38
N LEU S 792 -2.36 -54.21 -92.69
CA LEU S 792 -1.29 -53.34 -92.23
C LEU S 792 -1.41 -52.96 -90.76
N TYR S 793 -2.61 -52.69 -90.27
CA TYR S 793 -2.72 -51.92 -89.04
C TYR S 793 -3.71 -52.45 -88.02
N HIS S 794 -4.51 -53.46 -88.35
CA HIS S 794 -5.45 -53.98 -87.36
C HIS S 794 -4.66 -54.57 -86.19
N SER S 795 -5.08 -54.21 -84.98
CA SER S 795 -4.35 -54.62 -83.78
C SER S 795 -4.30 -56.13 -83.60
N VAL S 796 -5.27 -56.86 -84.16
CA VAL S 796 -5.24 -58.31 -84.01
C VAL S 796 -4.04 -58.90 -84.74
N SER S 797 -3.45 -58.16 -85.67
CA SER S 797 -2.35 -58.65 -86.48
C SER S 797 -1.02 -58.13 -85.96
N ASP S 798 -0.11 -59.07 -85.67
CA ASP S 798 1.21 -58.75 -85.16
C ASP S 798 2.26 -58.64 -86.26
N ARG S 799 1.98 -59.13 -87.46
CA ARG S 799 2.91 -59.04 -88.58
C ARG S 799 2.11 -58.83 -89.85
N GLU S 800 2.80 -58.40 -90.90
CA GLU S 800 2.15 -58.00 -92.14
C GLU S 800 2.14 -59.16 -93.13
N TYR S 801 0.98 -59.43 -93.71
CA TYR S 801 0.87 -60.38 -94.81
C TYR S 801 0.56 -59.70 -96.14
N ILE S 802 0.38 -58.38 -96.14
CA ILE S 802 0.23 -57.65 -97.39
C ILE S 802 1.52 -57.70 -98.20
N GLY S 803 2.66 -57.69 -97.52
CA GLY S 803 3.94 -57.75 -98.20
C GLY S 803 4.58 -56.39 -98.38
N GLU S 804 5.91 -56.37 -98.51
CA GLU S 804 6.67 -55.13 -98.65
C GLU S 804 6.74 -54.78 -100.14
N GLY S 805 5.78 -53.98 -100.57
CA GLY S 805 5.74 -53.59 -101.97
C GLY S 805 5.04 -52.27 -102.24
N LEU S 806 5.06 -51.85 -103.51
CA LEU S 806 4.37 -50.63 -103.94
C LEU S 806 2.88 -50.90 -103.97
N ARG S 807 2.22 -50.67 -102.84
CA ARG S 807 0.78 -50.87 -102.78
C ARG S 807 0.08 -49.84 -103.67
N LEU S 808 -0.48 -50.29 -104.78
CA LEU S 808 -1.18 -49.43 -105.72
C LEU S 808 -2.62 -49.91 -105.88
N ASN S 809 -3.44 -49.04 -106.49
CA ASN S 809 -4.86 -49.38 -106.46
C ASN S 809 -5.37 -49.83 -107.82
N PRO S 810 -6.22 -50.86 -107.84
CA PRO S 810 -6.93 -51.19 -109.07
C PRO S 810 -7.96 -50.14 -109.43
N VAL S 811 -7.69 -49.36 -110.49
CA VAL S 811 -8.57 -48.28 -110.92
C VAL S 811 -9.34 -48.63 -112.19
N THR S 812 -8.63 -49.06 -113.24
CA THR S 812 -9.26 -49.57 -114.43
C THR S 812 -9.07 -51.06 -114.62
N SER S 813 -8.25 -51.69 -113.78
CA SER S 813 -8.07 -53.14 -113.78
C SER S 813 -8.00 -53.61 -112.33
N VAL S 814 -8.26 -54.89 -112.12
CA VAL S 814 -8.27 -55.46 -110.78
C VAL S 814 -7.00 -56.26 -110.51
N ASP S 815 -5.96 -56.04 -111.31
CA ASP S 815 -4.73 -56.81 -111.16
C ASP S 815 -4.13 -56.62 -109.77
N GLU S 816 -4.08 -55.37 -109.30
CA GLU S 816 -3.52 -55.09 -107.99
C GLU S 816 -4.26 -55.85 -106.90
N PHE S 817 -5.59 -55.71 -106.89
CA PHE S 817 -6.39 -56.37 -105.86
C PHE S 817 -6.23 -57.88 -105.92
N GLU S 818 -6.28 -58.45 -107.12
CA GLU S 818 -6.19 -59.90 -107.25
C GLU S 818 -4.83 -60.42 -106.81
N LYS S 819 -3.75 -59.75 -107.22
CA LYS S 819 -2.42 -60.18 -106.84
C LYS S 819 -2.23 -60.09 -105.33
N LYS S 820 -2.68 -58.98 -104.73
CA LYS S 820 -2.56 -58.84 -103.28
C LYS S 820 -3.36 -59.91 -102.56
N ILE S 821 -4.56 -60.22 -103.07
CA ILE S 821 -5.36 -61.29 -102.46
C ILE S 821 -4.62 -62.61 -102.55
N LYS S 822 -4.02 -62.90 -103.71
CA LYS S 822 -3.30 -64.16 -103.87
C LYS S 822 -2.14 -64.25 -102.88
N ILE S 823 -1.38 -63.17 -102.75
CA ILE S 823 -0.24 -63.18 -101.83
C ILE S 823 -0.71 -63.34 -100.39
N ILE S 824 -1.77 -62.61 -100.02
CA ILE S 824 -2.26 -62.70 -98.65
C ILE S 824 -2.77 -64.10 -98.36
N GLY S 825 -3.50 -64.70 -99.30
CA GLY S 825 -3.99 -66.04 -99.10
C GLY S 825 -2.87 -67.05 -98.97
N GLU S 826 -1.84 -66.93 -99.82
CA GLU S 826 -0.71 -67.84 -99.71
C GLU S 826 0.00 -67.67 -98.37
N LYS S 827 0.13 -66.43 -97.91
CA LYS S 827 0.73 -66.20 -96.59
C LYS S 827 -0.11 -66.82 -95.49
N LEU S 828 -1.43 -66.66 -95.56
CA LEU S 828 -2.30 -67.25 -94.56
C LEU S 828 -2.18 -68.77 -94.55
N LYS S 829 -2.13 -69.38 -95.73
CA LYS S 829 -1.97 -70.82 -95.79
C LYS S 829 -0.63 -71.24 -95.19
N ALA S 830 0.45 -70.52 -95.54
CA ALA S 830 1.77 -70.89 -95.05
C ALA S 830 1.85 -70.80 -93.54
N ASP S 831 1.29 -69.73 -92.96
CA ASP S 831 1.33 -69.53 -91.51
C ASP S 831 0.17 -70.19 -90.80
N ASN S 832 -0.66 -70.94 -91.53
CA ASN S 832 -1.69 -71.77 -90.92
C ASN S 832 -2.80 -70.92 -90.31
N LYS S 833 -3.21 -69.89 -91.03
CA LYS S 833 -4.23 -68.96 -90.57
C LYS S 833 -5.33 -68.82 -91.61
N THR S 834 -6.50 -68.40 -91.15
CA THR S 834 -7.67 -68.23 -91.99
C THR S 834 -7.96 -66.74 -92.19
N TRP S 835 -8.79 -66.45 -93.19
CA TRP S 835 -9.25 -65.09 -93.38
C TRP S 835 -10.20 -64.63 -92.29
N LYS S 836 -10.73 -65.55 -91.49
CA LYS S 836 -11.50 -65.18 -90.31
C LYS S 836 -10.59 -64.79 -89.15
N ASN S 837 -9.55 -65.57 -88.91
CA ASN S 837 -8.54 -65.20 -87.91
C ASN S 837 -7.89 -63.88 -88.28
N THR S 838 -7.38 -63.80 -89.50
CA THR S 838 -6.79 -62.58 -90.04
C THR S 838 -7.65 -62.07 -91.19
N HIS S 839 -7.86 -60.78 -91.22
CA HIS S 839 -8.76 -60.14 -92.17
C HIS S 839 -10.19 -60.62 -91.96
N PRO S 840 -10.71 -60.59 -90.73
CA PRO S 840 -12.12 -60.90 -90.54
C PRO S 840 -13.04 -59.81 -91.06
N LEU S 841 -12.64 -58.54 -90.96
CA LEU S 841 -13.46 -57.46 -91.49
C LEU S 841 -13.52 -57.50 -93.00
N PHE S 842 -12.38 -57.63 -93.66
CA PHE S 842 -12.37 -57.81 -95.11
C PHE S 842 -13.18 -59.04 -95.51
N PHE S 843 -13.02 -60.12 -94.75
CA PHE S 843 -13.78 -61.34 -95.00
C PHE S 843 -15.28 -61.07 -94.98
N LEU S 844 -15.77 -60.45 -93.90
CA LEU S 844 -17.20 -60.19 -93.80
C LEU S 844 -17.66 -59.21 -94.87
N LEU S 845 -16.84 -58.22 -95.20
CA LEU S 845 -17.19 -57.25 -96.23
C LEU S 845 -17.35 -57.90 -97.59
N ILE S 846 -16.45 -58.80 -97.97
CA ILE S 846 -16.68 -59.58 -99.17
C ILE S 846 -17.85 -60.54 -98.98
N SER S 847 -18.19 -60.86 -97.74
CA SER S 847 -19.29 -61.77 -97.43
C SER S 847 -20.64 -61.07 -97.33
N CYS S 848 -20.69 -59.77 -97.54
CA CYS S 848 -21.98 -59.07 -97.47
C CYS S 848 -22.83 -59.41 -98.67
N PRO S 849 -24.04 -59.97 -98.49
CA PRO S 849 -24.89 -60.26 -99.64
C PRO S 849 -25.31 -59.04 -100.43
N ILE S 850 -25.36 -57.86 -99.80
CA ILE S 850 -25.79 -56.66 -100.51
C ILE S 850 -24.70 -56.15 -101.45
N LEU S 851 -23.46 -56.60 -101.28
CA LEU S 851 -22.34 -56.14 -102.09
C LEU S 851 -22.05 -57.02 -103.28
N HIS S 852 -22.38 -58.31 -103.21
CA HIS S 852 -21.98 -59.30 -104.20
C HIS S 852 -22.46 -58.95 -105.61
N PRO S 853 -23.71 -58.51 -105.78
CA PRO S 853 -24.18 -58.17 -107.13
C PRO S 853 -23.33 -57.13 -107.82
N PHE S 854 -22.69 -56.24 -107.05
CA PHE S 854 -21.88 -55.17 -107.62
C PHE S 854 -20.49 -55.64 -108.03
N ILE S 855 -19.99 -56.73 -107.46
CA ILE S 855 -18.61 -57.16 -107.71
C ILE S 855 -18.42 -57.47 -109.19
N PHE S 856 -19.37 -58.20 -109.78
CA PHE S 856 -19.29 -58.64 -111.16
C PHE S 856 -20.56 -58.18 -111.87
N PRO S 857 -20.74 -56.88 -112.04
CA PRO S 857 -21.95 -56.38 -112.70
C PRO S 857 -21.82 -56.45 -114.22
N ILE S 858 -22.98 -56.36 -114.88
CA ILE S 858 -23.04 -56.39 -116.33
C ILE S 858 -22.43 -55.10 -116.86
N GLY S 859 -21.47 -55.23 -117.77
CA GLY S 859 -20.81 -54.09 -118.37
C GLY S 859 -19.60 -53.58 -117.62
N GLY S 860 -19.15 -54.25 -116.57
CA GLY S 860 -18.03 -53.76 -115.79
C GLY S 860 -16.91 -54.77 -115.59
N ILE S 861 -16.95 -55.86 -116.35
CA ILE S 861 -15.95 -56.92 -116.22
C ILE S 861 -15.07 -56.89 -117.46
N ASN S 862 -13.77 -56.72 -117.25
CA ASN S 862 -12.84 -56.55 -118.36
C ASN S 862 -12.67 -57.86 -119.12
N CYS S 863 -13.17 -57.90 -120.35
CA CYS S 863 -13.26 -59.12 -121.14
C CYS S 863 -12.00 -59.41 -121.92
N SER S 864 -10.97 -58.57 -121.81
CA SER S 864 -9.71 -58.91 -122.45
C SER S 864 -9.15 -60.20 -121.85
N VAL S 865 -8.49 -60.99 -122.70
CA VAL S 865 -8.01 -62.31 -122.30
C VAL S 865 -7.09 -62.18 -121.09
N LYS S 866 -6.12 -61.29 -121.17
CA LYS S 866 -5.29 -60.99 -120.01
C LYS S 866 -6.16 -60.48 -118.87
N ALA S 867 -7.24 -59.77 -119.20
CA ALA S 867 -8.19 -59.35 -118.18
C ALA S 867 -9.08 -60.51 -117.74
N LEU S 868 -9.45 -61.39 -118.68
CA LEU S 868 -10.36 -62.48 -118.34
C LEU S 868 -9.74 -63.46 -117.36
N ASN S 869 -8.47 -63.83 -117.57
CA ASN S 869 -7.84 -64.78 -116.66
C ASN S 869 -7.75 -64.22 -115.25
N LYS S 870 -7.33 -62.95 -115.13
CA LYS S 870 -7.25 -62.31 -113.83
C LYS S 870 -8.61 -62.19 -113.16
N GLU S 871 -9.65 -61.82 -113.91
CA GLU S 871 -10.98 -61.72 -113.34
C GLU S 871 -11.50 -63.09 -112.92
N THR S 872 -11.20 -64.13 -113.70
CA THR S 872 -11.58 -65.49 -113.31
C THR S 872 -10.88 -65.90 -112.01
N SER S 873 -9.58 -65.64 -111.91
CA SER S 873 -8.87 -65.94 -110.68
C SER S 873 -9.44 -65.13 -109.52
N PHE S 874 -9.83 -63.89 -109.77
CA PHE S 874 -10.42 -63.04 -108.74
C PHE S 874 -11.74 -63.63 -108.26
N ASN S 875 -12.57 -64.11 -109.18
CA ASN S 875 -13.82 -64.74 -108.79
C ASN S 875 -13.57 -66.01 -107.99
N LYS S 876 -12.57 -66.80 -108.41
CA LYS S 876 -12.23 -67.99 -107.65
C LYS S 876 -11.78 -67.64 -106.23
N LEU S 877 -10.97 -66.59 -106.10
CA LEU S 877 -10.52 -66.16 -104.79
C LEU S 877 -11.69 -65.69 -103.94
N ILE S 878 -12.62 -64.95 -104.55
CA ILE S 878 -13.81 -64.52 -103.81
C ILE S 878 -14.56 -65.72 -103.29
N ASP S 879 -14.82 -66.70 -104.16
CA ASP S 879 -15.58 -67.87 -103.76
C ASP S 879 -14.86 -68.63 -102.65
N GLU S 880 -13.55 -68.80 -102.79
CA GLU S 880 -12.77 -69.49 -101.77
C GLU S 880 -12.86 -68.76 -100.43
N ILE S 881 -12.56 -67.46 -100.41
CA ILE S 881 -12.54 -66.72 -99.16
C ILE S 881 -13.92 -66.75 -98.50
N VAL S 882 -14.95 -66.41 -99.27
CA VAL S 882 -16.31 -66.41 -98.72
C VAL S 882 -16.69 -67.82 -98.27
N GLY S 883 -16.08 -68.83 -98.87
CA GLY S 883 -16.48 -70.19 -98.66
C GLY S 883 -17.59 -70.65 -99.57
N ASP S 884 -18.01 -69.83 -100.52
CA ASP S 884 -19.17 -70.13 -101.36
C ASP S 884 -18.92 -69.58 -102.75
N LYS S 885 -19.57 -70.19 -103.74
CA LYS S 885 -19.50 -69.71 -105.12
C LYS S 885 -20.55 -68.62 -105.35
N LEU S 886 -20.12 -67.36 -105.46
CA LEU S 886 -21.05 -66.26 -105.61
C LEU S 886 -21.84 -66.38 -106.91
N LEU S 887 -21.13 -66.59 -108.02
CA LEU S 887 -21.77 -66.62 -109.33
C LEU S 887 -21.60 -68.00 -109.96
N SER S 888 -22.66 -68.47 -110.61
CA SER S 888 -22.61 -69.74 -111.30
C SER S 888 -21.69 -69.66 -112.51
N ASP S 889 -21.23 -70.83 -112.97
CA ASP S 889 -20.40 -70.87 -114.16
C ASP S 889 -21.14 -70.33 -115.38
N GLU S 890 -22.43 -70.65 -115.49
CA GLU S 890 -23.23 -70.10 -116.58
C GLU S 890 -23.31 -68.59 -116.49
N GLU S 891 -23.53 -68.05 -115.28
CA GLU S 891 -23.55 -66.60 -115.13
C GLU S 891 -22.21 -65.99 -115.53
N TRP S 892 -21.11 -66.61 -115.09
CA TRP S 892 -19.79 -66.07 -115.39
C TRP S 892 -19.53 -66.07 -116.89
N ASP S 893 -19.86 -67.17 -117.57
CA ASP S 893 -19.64 -67.21 -119.01
C ASP S 893 -20.56 -66.26 -119.75
N TYR S 894 -21.82 -66.14 -119.34
CA TYR S 894 -22.70 -65.14 -119.92
C TYR S 894 -22.10 -63.75 -119.80
N LEU S 895 -21.58 -63.42 -118.62
CA LEU S 895 -20.97 -62.12 -118.40
C LEU S 895 -19.71 -61.93 -119.24
N THR S 896 -18.88 -62.96 -119.35
CA THR S 896 -17.60 -62.88 -120.02
C THR S 896 -17.71 -62.99 -121.53
N LYS S 897 -18.90 -63.28 -122.05
CA LYS S 897 -19.10 -63.29 -123.49
C LYS S 897 -19.51 -61.90 -123.98
N ILE S 909 -33.08 -63.95 -116.51
CA ILE S 909 -33.14 -63.72 -115.06
C ILE S 909 -31.81 -64.07 -114.42
N PHE S 910 -31.06 -63.04 -114.02
CA PHE S 910 -29.75 -63.21 -113.41
C PHE S 910 -29.76 -62.52 -112.05
N GLN S 911 -30.13 -63.26 -111.01
CA GLN S 911 -30.08 -62.73 -109.67
C GLN S 911 -28.67 -62.90 -109.10
N ASN S 912 -28.40 -62.15 -108.02
CA ASN S 912 -27.08 -62.07 -107.41
C ASN S 912 -26.12 -61.22 -108.24
N THR S 913 -26.64 -60.48 -109.23
CA THR S 913 -25.79 -59.71 -110.14
C THR S 913 -26.58 -58.55 -110.71
N ILE S 914 -25.88 -57.48 -111.07
CA ILE S 914 -26.53 -56.32 -111.69
C ILE S 914 -26.64 -56.54 -113.19
N THR S 915 -27.81 -56.22 -113.74
CA THR S 915 -28.10 -56.52 -115.14
C THR S 915 -28.70 -55.32 -115.87
N SER S 916 -28.86 -54.19 -115.17
CA SER S 916 -29.55 -53.06 -115.77
C SER S 916 -28.63 -51.84 -115.86
N LEU S 917 -27.66 -51.75 -114.96
CA LEU S 917 -26.84 -50.55 -114.87
C LEU S 917 -25.90 -50.41 -116.06
N ASN S 918 -25.56 -51.51 -116.73
CA ASN S 918 -24.66 -51.42 -117.87
C ASN S 918 -25.28 -50.56 -118.97
N SER S 919 -26.58 -50.72 -119.19
CA SER S 919 -27.32 -49.94 -120.20
C SER S 919 -28.02 -48.75 -119.57
N SER S 920 -27.69 -48.43 -118.33
CA SER S 920 -28.26 -47.28 -117.65
C SER S 920 -27.46 -46.04 -118.01
N THR S 921 -28.17 -45.01 -118.49
CA THR S 921 -27.52 -43.81 -118.99
C THR S 921 -27.19 -42.87 -117.84
N ILE S 922 -25.96 -42.36 -117.84
CA ILE S 922 -25.50 -41.44 -116.80
C ILE S 922 -25.69 -40.01 -117.31
N VAL S 923 -26.36 -39.18 -116.51
CA VAL S 923 -26.62 -37.81 -116.89
C VAL S 923 -25.30 -37.11 -117.19
N GLY S 924 -25.32 -36.21 -118.17
CA GLY S 924 -24.17 -35.42 -118.54
C GLY S 924 -23.23 -36.08 -119.52
N ALA S 925 -23.06 -37.40 -119.43
CA ALA S 925 -22.18 -38.11 -120.33
C ALA S 925 -22.68 -37.96 -121.76
N SER S 926 -21.88 -37.34 -122.62
CA SER S 926 -22.30 -37.07 -123.99
C SER S 926 -22.57 -38.34 -124.78
N TYR S 927 -21.75 -39.37 -124.62
CA TYR S 927 -21.90 -40.59 -125.41
C TYR S 927 -21.93 -40.26 -126.89
N ASP S 928 -21.13 -39.26 -127.28
CA ASP S 928 -21.07 -38.82 -128.67
C ASP S 928 -20.10 -39.70 -129.45
N LYS S 929 -18.83 -39.69 -129.04
CA LYS S 929 -17.79 -40.44 -129.72
C LYS S 929 -17.79 -41.89 -129.24
N ASP S 930 -17.08 -42.73 -129.98
CA ASP S 930 -16.97 -44.14 -129.66
C ASP S 930 -15.57 -44.45 -129.16
N THR S 931 -15.36 -45.68 -128.71
CA THR S 931 -14.03 -46.05 -128.23
C THR S 931 -13.03 -45.99 -129.39
N PRO S 932 -11.84 -45.45 -129.14
CA PRO S 932 -10.84 -45.38 -130.22
C PRO S 932 -10.43 -46.77 -130.69
N ALA S 933 -10.05 -46.84 -131.98
CA ALA S 933 -9.62 -48.10 -132.56
C ALA S 933 -8.20 -48.44 -132.14
N ARG S 934 -7.65 -49.51 -132.69
CA ARG S 934 -6.31 -49.96 -132.33
C ARG S 934 -6.22 -50.31 -130.85
ZN ZN T . 30.31 46.37 70.66
ZN ZN U . -17.57 28.29 88.36
ZN ZN V . -41.78 2.01 30.06
ZN ZN W . -5.83 7.81 -2.50
ZN ZN X . -34.06 -17.16 79.66
ZN ZN Y . -19.35 -45.97 37.11
ZN ZN Z . 22.45 -52.97 64.39
ZN ZN AA . 27.81 2.98 102.94
ZN ZN BA . 59.60 -15.37 70.85
ZN ZN CA . 46.17 -31.01 20.98
ZN ZN DA . 45.45 17.55 11.47
ZN ZN EA . 6.75 50.23 27.74
#